data_7KZV
#
_entry.id   7KZV
#
_cell.length_a   1.00
_cell.length_b   1.00
_cell.length_c   1.00
_cell.angle_alpha   90.00
_cell.angle_beta   90.00
_cell.angle_gamma   90.00
#
_symmetry.space_group_name_H-M   'P 1'
#
loop_
_entity.id
_entity.type
_entity.pdbx_description
1 polymer 'Fanconi anemia group A protein'
2 polymer 'Fanconi anemia group B protein'
3 polymer 'Fanconi anemia group C protein'
4 polymer 'Fanconi anemia group E protein'
5 polymer 'Fanconi anemia group F protein'
6 polymer 'Fanconi anemia group G protein'
7 polymer 'E3 ubiquitin-protein ligase FANCL'
8 polymer 'Fanconi anemia core complex-associated protein 100'
9 polymer 'Fanconi anemia core complex-associated protein 20'
10 polymer 'Ubiquitin-conjugating enzyme E2 T'
11 polymer 'Fanconi anemia, complementation group I'
12 polymer 'Fanconi anemia group D2 protein'
13 polymer 'DNA (29-MER)'
14 polymer 'DNA (29-MER)'
15 non-polymer 'ZINC ION'
#
loop_
_entity_poly.entity_id
_entity_poly.type
_entity_poly.pdbx_seq_one_letter_code
_entity_poly.pdbx_strand_id
1 'polypeptide(L)'
;MSDSWVPNSASGQDPGGRRRAWAELLAGRVKREKYNPERAQKLKESAVRLLRSHQDLNALLLEVEGPLCKKLSLSKVIDC
DSSEAYANHSSSFIGSALQDQASRLGVPVGILSAGMVASSVGQICTAPAETSHPVLLTVEQRKKLSSLLEFAQYLLAHSM
FSRLSFCQELWKIQSSLLLEAVWHLHVQGIVSLQELLESHPDMHAVGSWLFRNLCCLCEQMEASCQHADVARAMLSDFVQ
MFVLRGFQKNSDLRRTVEPEKMPQVTVDVLQRMLIFALDALAAGVQEESSTHKIVRCWFGVFSGHTLGSVISTDPLKRFF
SHTLTQILTHSPVLKASDAVQMQREWSFARTHPLLTSLYRRLFVMLSAEELVGHLQEVLETQEVHWQRVLSFVSALVVCF
PEAQQLLEDWVARLMAQAFESCQLDSMVTAFLVVRQAALEGPSAFLSYADWFKASFGSTRGYHGCSKKALVFLFTFLSEL
VPFESPRYLQVHILHPPLVPGKYRSLLTDYISLAKTRLADLKVSIENMGLYEDLSSAGDITEPHSQALQDVEKAIMVFEH
TGNIPVTVMEASIFRRPYYVSHFLPALLTPRVLPKVPDSRVAFIESLKRADKIPPSLYSTYCQACSAAEEKPEDAALGVR
AEPNSAEEPLGQLTAALGELRASMTDPSQRDVISAQVAVISERLRAVLGHNEDDSSVEISKIQLSINTPRLEPREHMAVD
LLLTSFCQNLMAASSVAPPERQGPWAALFVRTMCGRVLPAVLTRLCQLLRHQGPSLSAPHVLGLAALAVHLGESRSALPE
VDVGPPAPGAGLPVPALFDSLLTCRTRDSLFFCLKFCTAAISYSLCKFSSQSRDTLCSCLSPGLIKKFQFLMFRLFSEAR
QPLSEEDVASLSWRPLHLPSADWQRAALSLWTHRTFREVLKEEDVHLTYQDWLHLELEIQPEADALSDTERQDFHQWAIH
EHFLPESSASGGCDGDLQAACTILVNALMDFHQSSRSYDHSENSDLVFGGRTGNEDIISRLQEMVADLELQQDLIVPLGH
TPSQEHFLFEIFRRRLQALTSGWSVAASLQRQRELLMYKRILLRLPSSVLCGSSFQAEQPITARCEQFFHLVNSEMRNFC
SHGGALTQDITAHFFRGLLNACLRSRDPSLMVDFILAKCQTKCPLILTSALVWWPSLEPVLLCRWRRHCQSPLPRELQKL
QEGRQFASDFLSPEAASPAPNPDWLSAAALHFAIQQVREENIRKQLKKLDCEREELLVFLFFFSLMGLLSSHLTSNSTTD
LPKAFHVCAAILECLEKRKISWLALFQLTESDLRLGRLLLRVAPDQHTRLLPFAFYSLLSYFHEDAAIREEAFLHVAVDM
YLKLVQLFVAGDTSTVSPPAGRSLELKGQGNPVELITKARLFLLQLIPRCPKKSFSHVAELLADRGDCDPEVSAALQSRQ
QAAPDADLSQEPHLFAAAKLVDEDLYFQSDYKDDDDK
;
A,S
2 'polypeptide(L)'
;MDYKDDDDKENLYFQGGGRKLGTGSMTSKQAMSSNEQERLLCYNGEVLVFQLSKGNFADKEPTKTPILHVRRMVFDRGTK
VFVQKSTGFFTIKEENSHLKIMCCNCVSDFRTGINLPYIVIEKNKKNNVFEYFLLILHSTNKFEMRLSFKLGYEMKDGLR
VLNGPLILWRHVKAFFFISSQTGKVVSVSGNFSSIQWAGEIENLGMVLLGLKECCLSEEECTQEPSKSDYAIWNTKFCVY
SLESQEVLSDIYIIPPAYSSVVTYVHICATEIIKNQLRISLIALTRKNQLISFQNGTPKNVCQLPFGDPCAVQLMDSGGG
NLFFVVSFISNNACAVWKESFQVAAKWEKLSLVLIDDFIGSGTEQVLLLFKDSLNSDCLTSFKITDLGKINYSSEPSDCN
EDDLFEDKQENRYLVVPPLETGLKVCFSSFRELRQHLLLKEKIISKSYKALINLVQGKDDNTSSAEEKECLVPLCGEEEN
SVHILDEKLSDNFQDSEQLVEKIWYRVIDDSLVVGVKTTSSLKLSLNDVTLSLLMDQAHDSRFRLLKCQNRVIKLSTNPF
PAPYLMPCEIGLEAKRVTLTPDSKKEESFVCEHPSKKECVQIITAVTSLSPLLTFSKFCCTVLLQIMERESGNCPKDRYV
VCGRVFLSLEDLSTGKYLLTFPKKKPIEHMEDLFALLAAFHKSCFQITSPGYALNSMKVWLLEHMKCEIIKEFPEVYFCE
RPGSFYGTLFTWKQRTPFEGILIIYSRNQTVMFQCLHNLIRILPINCFLKNLKSGSENFLIDNMAFTLEKELVTLSSLSS
AIAKHESNFMQRCEVSKGKSSVVAAALSDRRENIHPYRKELQREKKKMLQTNLKVSGALYREITLKVAEVQLKSDFAAQK
LSNL
;
B,O
3 'polypeptide(L)'
;MDYKDDDDKENLYFQGGGRKLGTGSMAQDSVDLSCDYQFWMQKLSVWDQASTLETQQDTCLHVAQFQEFLRKMYEALKEM
DSNTVIERFPTIGQLLAKACWNPFILAYDESQKILIWCLCCLINKEPQNSGQSKLNSWIQGVLSHILSALRFDKEVALFT
QGLGYAPIDYYPGLLKNMVLSLASELRENHLNGFNTQRRMAPERVASLSRVCVPLITLTDVDPLVEALLICHGREPQEIL
QPEFFEAVNEAILLKKISLPMSAVVCLWLRHLPSLEKAMLHLFEKLISSERNCLRRIECFIKDSSLPQAACHPAIFRVVD
EMFRCALLETDGALEIIATIQVFTQCFVEALEKASKQLRFALKTYFPYTSPSLAMVLLQDPQDIPRGHWLQTLKHISELL
REAVEDQTHGSCGGPFESWFLFIHFGGWAEMVAEQLLMSAAEPPTALLWLLAFYYGPRDGRQQRAQTMVQVKAVLGHLLA
MSRSSSLSAQDLQTVAGQGTDTDLRAPAQQLIRHLLLNFLLWAPGGHTIAWDVITLMAHTAEITHEIIGFLDQTLYRWNR
LGIESPRSEKLARELLKELRTQV
;
C
4 'polypeptide(L)'
;MDYKDDDDKENLYFQGGGRMATPDAGLPGAEGVEPAPWAQLEAPARLLLQALQAGPEGARRGLGVLRALGSRGWEPFDWG
RLLEALCREEPVVQGPDGRLELKPLLLRLPRICQRNLMSLLMAVRPSLPESGLLSVLQIAQQDLAPDPDAWLRALGELLR
RDLGVGTSMEGASPLSERCQRQLQSLCRGLGLGGRRLKSPQAPDPEEEENRDSQQPGKRRKDSEEEAASPEGKRVPKRLR
CWEEEEDHEKERPEHKSLESLADGGSASPIKDQPVMAVKTGEDGSNLDDAKGLAESLELPKAIQDQLPRLQQLLKTLEEG
LEGLEDAPPVELQLLHECSPSQMDLLCAQLQLPQLSDLGLLRLCTWLLALSPDLSLSNATVLTRSLFLGRILSLTSSASR
LLTTALTSFCAKYTYPVCSALLDPVLQAPGTGPAQTELLCCLVKMESLEPDAQVLMLGQILELPWKEETFLVLQSLLERQ
VEMTPEKFSVLMEKLCKKGLAATTSMAYAKLMLTVMTKYQANITETQRLGLAMALEPNTTFLRKSLKAALKHLGP
;
E
5 'polypeptide(L)'
;MDYKDDDDKENLYFQGGGRKLGTGSMESLLQHLDRFSELLAVSSTTYVSTWDPATVRRALQWARYLRHIHRRFGRHGPIR
TALERRLHNQWRQEGGFGRGPVPGLANFQALGHCDVLLSLRLLENRALGDAARYHLVQQLFPGPGVRDADEETLQESLAR
LARRRSAVHMLRFNGYRENPNLQEDSLMKTQAELLLERLQEVGKAEAERPARFLSSLWERLPQNNFLKVIAVALLQPPLS
RRPQEELEPGIHKSPGEGSQVLVHWLLGNSEVFAAFCRALPAGLLTLVTSRHPALSPVYLGLLTDWGQRLHYDLQKGIWV
GTESQDVPWEELHNRFQSLCQAPPPLKDKVLTALETCKAQDGDFEVPGLSIWTDLLLALRSGAFRKRQVLGLSAGLSSV
;
F
6 'polypeptide(L)'
;MDYKDDDDKENLYFQGGGRMSRQTTSVGSSCLDLWREKNDRLVRQAKVAQNSGLTLRRQQLAQDALEGLRGLLHSLQGLP
AAVPVLPLELTVTCNFIILRASLAQGFTEDQAQDIQRSLERVLETQEQQGPRLEQGLRELWDSVLRASCLLPELLSALHR
LVGLQAALWLSADRLGDLALLLETLNGSQSGASKDLLLLLKTWSPPAEELDAPLTLQDAQGLKDVLLTAFAYRQGLQELI
TGNPDKALSSLHEAASGLCPRPVLVQVYTALGSCHRKMGNPQRALLYLVAALKEGSAWGPPLLEASRLYQQLGDTTAELE
SLELLVEALNVPCSSKAPQFLIEVELLLPPPDLASPLHCGTQSQTKHILASRCLQTGRAGDAAEHYLDLLALLLDSSEPR
FSPPPSPPGPCMPEVFLEAAVALIQAGRAQDALTLCEELLSRTSSLLPKMSRLWEDARKGTKELPYCPLWVSATHLLQGQ
AWVQLGAQKVAISEFSRCLELLFRATPEEKEQGAAFNCEQGCKSDAALQQLRAAALISRGLEWVASGQDTKALQDFLLSV
QMCPGNRDTYFHLLQTLKRLDRRDEATALWWRLEAQTKGSHEDALWSLPLYLESYLSWIRPSDRDAFLEEFRTSLPKSCD
L
;
G,H
7 'polypeptide(L)'
;MDYKDDDDKENLYFQGGGRMAVTEASLLRQCPLLLPQNRSKTVYEGFISAQGRDFHLRIVLPEDLQLKNARLLCSWQLRT
ILSGYHRIVQQRMQHSPDLMSFMMELKMLLEVALKNRQELYALPPPPQFYSSLIEEIGTLGWDKLVYADTCFSTIKLKAE
DASGREHLITLKLKAKYPAESPDYFVDFPVPFCASWTPQSSLISIYSQFLAAIESLKAFWDVMDEIDEKTWVLEPEKPPR
SATARRIALGNNVSINIEVDPRHPTMLPECFFLGADHVVKPLGIKLSRNIHLWDPENSVLQNLKDVLEIDFPARAILEKS
DFTMDCGICYAYQLDGTIPDQVCDNSQCGQPFHQICLYEWLRGLLTSRQSFNIIFGECPYCSKPITLKMSGRKH
;
L,M
8 'polypeptide(L)'
;MDYKDHDGDYKDHDIDYKDDDDKGSMAGAAPRVRYLAGFCCPLGGLAAGKPRVLCHEAEVFLSTGSELVYVYDQEGGLLT
AAFRFPDQVWHLELLAPRRLLYALCARRGLYCLSLDHPGRSRSTSQDDRDSEDGDQPSPVIPVDPDACILPDAALCAFTL
LDSVLVTLVQGPARWKMQLFEQPCPGEDPRPGGQIGEVELSSYTPPAGVPGKPAAPHFLPVLCSVSPSGSRVPHDLLGGS
GGFTLEDALFGLLFGADATLLQSPVVLCGLPDGQLCCVILKALVTSRSAPGDPNALVKILHHLEEPVIFIGALKTEPQAA
EAAENFLPDEDVHCDCLVAFGHHGRMLAIKASWDESGKLVPELREYCLPGPVLCAACGGGGRVYHSTPSDLCVVDLSRGS
TPLGPEQPEEGPGGLPPMLCPASLNICSVVSLSASPRTHEGGTKLLALSAKGRLMTCSLDLDSEMPGPARMTTESAGQKI
KELLSGIGNISERVSFLKKAVDQRNKALTSLNEAMNVSCALLSSGTGPRPISCTTSTTWSRLQTQDVLMATCVLENSSSF
SLDQGWTLCIQVLTSSCALDLDSACSAITYTIPVDQLGPGARREVTLPLGPGENGGLDLPVTVSCTLFYSLREVVGGALA
PSDSEDPFLDECPSDVLPEQEGVCLPLSRHTVDMLQCLRFPGLAPPHTRAPSPLGPTRDPVATFLETCREPGSQPAGPAS
LRAEYLPPSVASIKVSAELLRAALKDGHSGVPLCCATLQWLLAENAAVDVVRARALSSIQGVAPDGANVHLIVREVAMTD
LCPAGPIQAVEIQVESSSLADICRAHHAVVGRMQTMVTEQATQGSSAPDLRVQYLRQIHANHETLLREVQTLRDRLCTED
EASSCATAQRLLQVYRQLRHPSLILL
;
P,Q
9 'polypeptide(L)'
;(UNK)(UNK)(UNK)(UNK)(UNK)(UNK)(UNK)(UNK)(UNK)EPTEVFTVGPKTFSWTPFPPDLW(UNK)(UNK)
(UNK)(UNK)(UNK)(UNK)(UNK)
;
W
10 'polypeptide(L)'
;MQRASRLKRELHMLATEPPPGITCWQDKDQMDDLRAQILGGANTPYEKGVFKLEVIIPERYPFEPPQIRFLTPIYHPNID
SAGRICLDVLKLPPKGAWRPSLNIATVLTSIQLLMSEPNPDDPLMADISSEFKYNKPAFLKNARQWTEKHARQKQKADEE
EMLDNLPEAGDSRVHNSTQKRKASQLVGIEKKFHPDV
;
X
11 'polypeptide(L)'
;MDQKILSLAAEKTADKLQEFLQTLREGDLTNLLQNQAVKGKVAGALLRAIFKGSPCSEEAGTLRRRKIYTCCIQLVESGD
LQKEIVSEIIGLLMLEAHHFPGPLLVELANEFISAVREGSLVNGKSLELLPIILTALATKKENLAYGKGVLSGEECKKQL
INTLCSGRWDQQYVIQLTSMFKDVPLTAEEVEFVVEKALSMFSKMNLQEIPPLVYQLLVLSSKGSRKSVLEGIIAFFSAL
DKQHNEEQSGDELLDVVTVPSGELRHVEGTIILHIVFAIKLDYELGRELVKHLKVGQQGDSNNNLSPFSIALLLSVTRIQ
RFQDQVLDLLKTSVVKSFKDLQLLQGSKFLQNLVPHRSYVSTMILEVVKNSVHSWDHVTQGLVELGFILMDSYGPKKVLD
GKTIETSPSLSRMPNQHACKLGANILLETFKIHEMIRQEILEQVLNRVVTRASSPISHFLDLLSNIVMYAPLVLQSCSSK
VTEAFDYLSFLPLQTVQRLLKAVQPLLKVSMSMRDCLILVLRKAMFANQLDARKSAVAGFLLLLKNFKVLGSLSSSQCSQ
SLSVSQVHVDVHSHYNSVANETFCLEIMDSLRRCLSQQADVRLMLYEGFYDVLRRNSQLANSVMQTLLSQLKQFYEPKPD
LLPPLKLEACILTQGDKISLQEPLDYLLCCIQHCLAWYKNTVIPLQQGEEEEEEEEAFYEDLDDILESITNRMIKSELED
FELDKSADFSQSTSIGIKNNISAFLVMGVCEVLIEYNFSISSFSKNRFEDILSLFMCYKKLSDILNEKAGKAKTKMANKT
SDSLLSMKFVSSLLTALFRDSIQSHQESLSVLRSSNEFMRYAVNVALQKVQQLKETGHVSGPDGQNPEKIFQNLCDLTRV
LLWRYTSIPTSVEESGKKEKGKSISLLCLEGLQKIFSAVQQFYQPKIQQFLRALDVTDKEGEEREDADVSVTQRTAFQIR
QFQRSLLNLLSSQEEDFNSKEALLLVTVLTSLSKLLEPSSPQFVQMLSWTSKICKENSREDALFCKSLMNLLFSLHVSYK
SPVILLRDLSQDIHGHLGDIDQDVEVEKTNHFAIVNLRTAAPTVCLLVLSQAEKVLEEVDWLITKLKGQVSQETLSEEAS
SQATLPNQPVEKAIIMQLGTLLTFFHELVQTALPSGSCVDTLLKDLCKMYTTLTALVRYYLQVCQSSGGIPKNMEKLVKL
SGSHLTPLCYSFISYVQNKSKSLNYTGEKKEKPAVVATAMARVLRETKPIPNLIFAIEQYEKFLIHLSKKSKVSLMQHMK
LSTSRDFKIKGNILDMVLREDGEDENEEGTASEHGGQNKEPAKKKRKK
;
U
12 'polypeptide(L)'
;MVSKRRLSKSEDKESLTEDASKTRKQPLSKKTKKSHIANEVEENDSIFVKLLKISGIILKTGESQNQLAVDQIAFQKKLF
QTLRRHPSYPKIIEEFVSGLESYIEDEDSFRNCLLSCERLQDEEASMGASYSKSLIKLLLGIDILQPAIIKTLFEKLPEY
FFENKNSDEINIPRLIVSQLKWLDRVVDGKDLTTKIMQLISIAPENLQHDIITSLPEILGDSQHADVGKELSDLLIENTS
LTVPILDVLSSLRLDPNFLLKVRQLVMDKLSSIRLEDLPVIIKFILHSVTAMDTLEVISELREKLDLQHCVLPSRLQASQ
VKLKSKGRASSSGNQESSGQSCIILLFDVIKSAIRYEKTISEAWIKAIENTASVSEHKVFDLVMLFIIYSTNTQTKKYID
RVLRNKIRSGCIQEQLLQSTFSVHYLVLKDMCSSILSLAQSLLHSLDQSIISFGSLLYKYAFKFFDTYCQQEVVGALVTH
ICSGNEAEVDTALDVLLELVVLNPSAMMMNAVFVKGILDYLDNISPQQIRKLFYVLSTLAFSKQNEASSHIQDDMHLVIR
KQLSSTVFKYKLIGIIGAVTMAGIMAADRSESPSLTQERANLSDEQCTQVTSLLQLVHSCSEQSPQASALYYDEFANLIQ
HEKLDPKALEWVGHTICNDFQDAFVVDSCVVPEGDFPFPVKALYGLEEYDTQDGIAINLLPLLFSQDFAKDGGPVTSQES
GQKLVSPLCLAPYFRLLRLCVERQHNGNLEEIDGLLDCPIFLTDLEPGEKLESMSAKERSFMCSLIFLTLNWFREIVNAF
CQETSPEMKGKVLTRLKHIVELQIILEKYLAVTPDYVPPLGNFDVETLDITPHTVTAISAKIRKKGKIERKQKTDGSKTS
SSDTLSEEKNSECDPTPSHRGQLNKEFTGKEEKTSLLLHNSHAFFRELDIEVFSILHCGLVTKFILDTEMHTEATEVVQL
GPPELLFLLEDLSQKLESMLTPPIARRVPFLKNKGSRNIGFSHLQQRSAQEIVHCVFQLLTPMCNHLENIHNYFQCLAAE
NHGVVDGPGVKVQEYHIMSSCYQRLLQIFHGLFAWSGFSQPENQNLLYSALHVLSSRLKQGEHSQPLEELLSQSVHYLQN
FHQSIPSFQCALYLIRLLMVILEKSTASAQNKEKIASLARQFLCRVWPSGDKEKSNISNDQLHALLCIYLEHTESILKAI
EEIAGVGVPELINSPKDASSSTFPTLTRHTFVVFFRVMMAELEKTVKKIEPGTAADSQQIHEEKLLYWNMAVRDFSILIN
LIKVFDSHPVLHVCLKYGRLFVEAFLKQCMPLLDFSFRKHREDVLSLLETFQLDTRLLHHLCGHSKIHQDTRLTQHVPLL
KKTLELLVCRVKAMLTLNNCREAFWLGNLKNRDLQGEEIKSQNSQESTADESEDDMSSQASKSKATEDGEEDEVSAGEKE
QDSDESYDDSD
;
V
13 'polydeoxyribonucleotide'
;(DG)(DG)(DC)(DA)(DC)(DA)(DG)(DG)(DT)(DT)(DC)(DA)(DG)(DA)(DG)(DC)(DA)(DG)(DG)(DC)
(DG)(DT)(DT)(DC)(DC)(DG)(DT)(DT)(DC)(DG)(DG)(DA)(DT)(DA)(DG)(DC)(DG)(DG)(DT)(DT)
(DA)(DG)(DC)(DA)(DC)(DA)(DG)(DG)(DT)(DA)(DG)(DC)(DA)(DG)(DT)(DT)(DG)(DC)
;
Y
14 'polydeoxyribonucleotide'
;(DG)(DC)(DA)(DA)(DC)(DT)(DG)(DC)(DT)(DA)(DC)(DC)(DT)(DG)(DT)(DG)(DC)(DT)(DA)(DA)
(DC)(DC)(DG)(DC)(DT)(DA)(DT)(DC)(DC)(DG)(DA)(DA)(DC)(DG)(DG)(DA)(DA)(DC)(DG)(DC)
(DC)(DT)(DG)(DC)(DT)(DC)(DT)(DG)(DA)(DA)(DC)(DC)(DT)(DG)(DT)(DG)(DC)(DC)
;
Z
#
loop_
_chem_comp.id
_chem_comp.type
_chem_comp.name
_chem_comp.formula
DA DNA linking 2'-DEOXYADENOSINE-5'-MONOPHOSPHATE 'C10 H14 N5 O6 P'
DC DNA linking 2'-DEOXYCYTIDINE-5'-MONOPHOSPHATE 'C9 H14 N3 O7 P'
DG DNA linking 2'-DEOXYGUANOSINE-5'-MONOPHOSPHATE 'C10 H14 N5 O7 P'
DT DNA linking THYMIDINE-5'-MONOPHOSPHATE 'C10 H15 N2 O8 P'
ZN non-polymer 'ZINC ION' 'Zn 2'
#
# COMPACT_ATOMS: atom_id res chain seq x y z
N ARG A 19 -52.49 -5.35 -21.02
CA ARG A 19 -52.10 -4.14 -20.20
C ARG A 19 -51.31 -4.59 -18.96
N ARG A 20 -51.87 -5.50 -18.16
CA ARG A 20 -51.18 -6.20 -17.03
C ARG A 20 -49.92 -6.90 -17.58
N ALA A 21 -50.06 -7.49 -18.77
CA ALA A 21 -48.97 -8.12 -19.56
C ALA A 21 -47.77 -7.18 -19.69
N TRP A 22 -48.03 -5.96 -20.16
CA TRP A 22 -47.00 -4.88 -20.29
C TRP A 22 -46.23 -4.71 -18.97
N ALA A 23 -46.93 -4.25 -17.92
CA ALA A 23 -46.38 -3.91 -16.59
C ALA A 23 -45.48 -5.05 -16.07
N GLU A 24 -45.91 -6.31 -16.29
CA GLU A 24 -45.16 -7.53 -15.90
C GLU A 24 -43.92 -7.72 -16.80
N LEU A 25 -44.03 -7.55 -18.13
CA LEU A 25 -42.89 -7.67 -19.09
C LEU A 25 -41.83 -6.58 -18.84
N LEU A 26 -42.27 -5.35 -18.51
CA LEU A 26 -41.41 -4.13 -18.40
C LEU A 26 -40.17 -4.45 -17.55
N ALA A 27 -39.04 -4.72 -18.22
CA ALA A 27 -37.78 -5.06 -17.51
C ALA A 27 -37.19 -3.81 -16.87
N GLY A 28 -37.01 -3.84 -15.54
CA GLY A 28 -36.44 -2.69 -14.82
C GLY A 28 -35.01 -2.39 -15.26
N ARG A 29 -34.19 -3.44 -15.42
CA ARG A 29 -32.75 -3.27 -15.75
C ARG A 29 -32.56 -3.20 -17.27
N VAL A 30 -33.16 -2.21 -17.93
CA VAL A 30 -33.01 -2.03 -19.41
C VAL A 30 -32.02 -0.89 -19.67
N LYS A 31 -31.54 -0.25 -18.60
CA LYS A 31 -30.61 0.90 -18.74
C LYS A 31 -29.19 0.50 -18.31
N ARG A 32 -28.25 0.59 -19.26
CA ARG A 32 -26.81 0.35 -19.05
C ARG A 32 -26.06 1.60 -19.53
N GLU A 33 -25.58 2.41 -18.58
CA GLU A 33 -24.88 3.71 -18.88
C GLU A 33 -23.47 3.44 -19.42
N LYS A 34 -22.88 4.45 -20.07
CA LYS A 34 -21.45 4.38 -20.48
C LYS A 34 -20.63 4.14 -19.20
N TYR A 35 -19.67 3.22 -19.27
CA TYR A 35 -18.89 2.83 -18.06
C TYR A 35 -17.70 3.77 -17.79
N ASN A 36 -17.24 3.70 -16.54
CA ASN A 36 -16.09 4.40 -15.95
C ASN A 36 -14.84 3.69 -16.48
N PRO A 37 -13.77 4.38 -16.90
CA PRO A 37 -12.73 3.72 -17.72
C PRO A 37 -11.94 2.66 -16.92
N GLU A 38 -11.97 2.76 -15.57
CA GLU A 38 -11.59 1.76 -14.52
C GLU A 38 -12.28 0.38 -14.70
N ARG A 39 -13.59 0.41 -14.96
CA ARG A 39 -14.46 -0.78 -15.18
C ARG A 39 -14.02 -1.48 -16.47
N ALA A 40 -13.63 -0.71 -17.49
CA ALA A 40 -13.08 -1.21 -18.77
C ALA A 40 -11.79 -2.01 -18.53
N GLN A 41 -10.86 -1.55 -17.69
CA GLN A 41 -9.64 -2.36 -17.37
C GLN A 41 -10.04 -3.60 -16.58
N LYS A 42 -10.96 -3.49 -15.62
CA LYS A 42 -11.43 -4.66 -14.82
C LYS A 42 -11.99 -5.72 -15.77
N LEU A 43 -12.78 -5.25 -16.73
CA LEU A 43 -13.34 -6.04 -17.86
C LEU A 43 -12.22 -6.73 -18.66
N LYS A 44 -11.25 -5.97 -19.17
CA LYS A 44 -10.12 -6.50 -19.99
C LYS A 44 -9.29 -7.50 -19.17
N GLU A 45 -9.11 -7.30 -17.85
CA GLU A 45 -8.43 -8.25 -16.90
C GLU A 45 -9.20 -9.57 -16.72
N SER A 46 -10.51 -9.52 -16.43
CA SER A 46 -11.38 -10.72 -16.29
C SER A 46 -11.46 -11.46 -17.64
N ALA A 47 -11.39 -10.74 -18.76
CA ALA A 47 -11.28 -11.31 -20.13
C ALA A 47 -9.95 -12.07 -20.35
N VAL A 48 -8.78 -11.48 -20.06
CA VAL A 48 -7.45 -12.14 -20.24
C VAL A 48 -7.34 -13.33 -19.26
N ARG A 49 -7.85 -13.18 -18.01
CA ARG A 49 -8.01 -14.27 -17.00
C ARG A 49 -8.74 -15.46 -17.61
N LEU A 50 -9.92 -15.20 -18.17
CA LEU A 50 -10.72 -16.22 -18.89
C LEU A 50 -9.90 -16.87 -20.04
N LEU A 51 -9.32 -16.12 -21.00
CA LEU A 51 -8.65 -16.72 -22.21
C LEU A 51 -7.43 -17.55 -21.81
N ARG A 52 -6.84 -17.29 -20.64
CA ARG A 52 -5.68 -18.07 -20.13
C ARG A 52 -6.13 -19.25 -19.27
N SER A 53 -7.23 -19.16 -18.51
CA SER A 53 -7.73 -20.27 -17.66
C SER A 53 -7.99 -21.52 -18.52
N HIS A 54 -8.28 -21.34 -19.81
CA HIS A 54 -8.54 -22.39 -20.84
C HIS A 54 -7.33 -22.61 -21.77
N GLN A 55 -6.18 -22.12 -21.37
CA GLN A 55 -4.90 -22.30 -22.09
C GLN A 55 -4.27 -23.60 -21.58
N ASP A 56 -3.56 -24.28 -22.47
CA ASP A 56 -2.63 -25.39 -22.16
C ASP A 56 -1.38 -25.18 -23.01
N LEU A 57 -0.27 -25.70 -22.48
CA LEU A 57 1.06 -25.56 -23.09
C LEU A 57 1.46 -26.82 -23.85
N ASN A 58 1.08 -27.99 -23.34
CA ASN A 58 1.46 -29.24 -24.03
C ASN A 58 1.00 -29.13 -25.48
N ALA A 59 -0.28 -28.75 -25.68
CA ALA A 59 -0.91 -28.54 -27.01
C ALA A 59 -0.10 -27.55 -27.85
N LEU A 60 0.32 -26.43 -27.25
CA LEU A 60 1.16 -25.39 -27.91
C LEU A 60 2.45 -25.98 -28.47
N LEU A 61 3.12 -26.81 -27.67
CA LEU A 61 4.40 -27.44 -28.06
C LEU A 61 4.16 -28.41 -29.20
N LEU A 62 2.98 -29.06 -29.26
CA LEU A 62 2.66 -29.99 -30.38
C LEU A 62 2.23 -29.17 -31.60
N GLU A 63 1.75 -27.92 -31.40
CA GLU A 63 1.33 -26.99 -32.48
C GLU A 63 2.55 -26.35 -33.14
N VAL A 64 3.31 -25.55 -32.38
CA VAL A 64 4.39 -24.71 -32.96
C VAL A 64 5.54 -25.66 -33.29
N GLU A 65 6.02 -26.40 -32.29
CA GLU A 65 7.00 -27.48 -32.48
C GLU A 65 6.22 -28.73 -32.93
N GLY A 66 6.78 -29.60 -33.77
CA GLY A 66 6.12 -30.85 -34.21
C GLY A 66 6.22 -31.96 -33.15
N PRO A 67 5.30 -32.97 -33.11
CA PRO A 67 5.54 -34.17 -32.29
C PRO A 67 6.71 -35.01 -32.84
N VAL A 77 5.57 -31.77 -21.42
CA VAL A 77 6.79 -30.97 -21.08
C VAL A 77 7.19 -31.25 -19.62
N ILE A 78 8.49 -31.46 -19.37
CA ILE A 78 9.11 -31.70 -18.03
C ILE A 78 10.42 -30.90 -18.00
N ASP A 79 11.09 -30.78 -16.84
CA ASP A 79 12.51 -30.32 -16.76
C ASP A 79 13.33 -31.00 -17.87
N CYS A 80 13.15 -32.33 -18.06
CA CYS A 80 13.75 -33.18 -19.12
C CYS A 80 13.66 -32.49 -20.49
N ASP A 81 12.46 -32.08 -20.88
CA ASP A 81 12.14 -31.51 -22.22
C ASP A 81 12.95 -30.22 -22.39
N SER A 82 12.77 -29.26 -21.48
CA SER A 82 13.39 -27.92 -21.59
C SER A 82 14.91 -28.01 -21.40
N SER A 83 15.40 -28.80 -20.43
CA SER A 83 16.86 -28.95 -20.13
C SER A 83 17.55 -29.90 -21.12
N GLU A 84 16.79 -30.65 -21.94
CA GLU A 84 17.25 -31.56 -23.03
C GLU A 84 17.84 -32.84 -22.40
N ALA A 85 16.96 -33.64 -21.76
CA ALA A 85 17.13 -35.06 -21.31
C ALA A 85 18.28 -35.21 -20.30
N TYR A 86 18.21 -34.49 -19.17
CA TYR A 86 19.13 -34.52 -17.99
C TYR A 86 20.54 -33.93 -18.32
N ALA A 87 20.68 -32.76 -18.99
CA ALA A 87 21.98 -32.20 -19.52
C ALA A 87 22.94 -31.89 -18.36
N ASN A 88 22.51 -31.05 -17.40
CA ASN A 88 23.04 -30.89 -16.01
C ASN A 88 21.84 -30.43 -15.10
N HIS A 89 22.05 -30.07 -13.81
CA HIS A 89 21.02 -29.53 -12.85
C HIS A 89 21.39 -28.13 -12.33
N SER A 90 22.36 -27.41 -12.98
CA SER A 90 22.82 -26.00 -12.70
C SER A 90 21.68 -24.99 -12.95
N SER A 91 21.49 -24.06 -12.02
CA SER A 91 20.25 -23.24 -11.89
C SER A 91 20.16 -22.24 -13.05
N SER A 92 21.22 -21.44 -13.29
CA SER A 92 21.34 -20.42 -14.37
C SER A 92 21.07 -21.06 -15.74
N PHE A 93 21.67 -22.24 -15.93
CA PHE A 93 21.53 -23.12 -17.12
C PHE A 93 20.07 -23.48 -17.40
N ILE A 94 19.31 -23.95 -16.39
CA ILE A 94 17.87 -24.34 -16.54
C ILE A 94 17.03 -23.07 -16.77
N GLY A 95 17.41 -21.95 -16.16
CA GLY A 95 16.77 -20.65 -16.43
C GLY A 95 16.88 -20.23 -17.89
N SER A 96 18.10 -20.25 -18.45
CA SER A 96 18.38 -19.94 -19.88
C SER A 96 17.63 -20.94 -20.79
N ALA A 97 17.40 -22.18 -20.32
CA ALA A 97 16.58 -23.20 -21.03
C ALA A 97 15.11 -22.75 -21.08
N LEU A 98 14.56 -22.24 -19.98
CA LEU A 98 13.17 -21.69 -20.00
C LEU A 98 13.08 -20.46 -20.91
N GLN A 99 14.11 -19.61 -20.94
CA GLN A 99 14.15 -18.46 -21.89
C GLN A 99 14.02 -18.97 -23.33
N ASP A 100 14.78 -20.01 -23.72
CA ASP A 100 14.79 -20.55 -25.11
C ASP A 100 13.42 -21.14 -25.46
N GLN A 101 12.84 -21.97 -24.56
CA GLN A 101 11.45 -22.55 -24.64
C GLN A 101 10.44 -21.41 -24.91
N ALA A 102 10.46 -20.35 -24.10
CA ALA A 102 9.51 -19.21 -24.15
C ALA A 102 9.67 -18.46 -25.47
N SER A 103 10.93 -18.35 -25.96
CA SER A 103 11.32 -17.72 -27.27
C SER A 103 10.66 -18.48 -28.43
N ARG A 104 10.67 -19.82 -28.40
CA ARG A 104 9.97 -20.66 -29.42
C ARG A 104 8.47 -20.37 -29.38
N LEU A 105 7.90 -20.41 -28.19
CA LEU A 105 6.44 -20.35 -28.01
C LEU A 105 5.94 -18.92 -28.17
N GLY A 106 6.68 -17.94 -27.68
CA GLY A 106 6.18 -16.57 -27.51
C GLY A 106 5.17 -16.45 -26.37
N VAL A 107 5.27 -17.32 -25.36
CA VAL A 107 4.59 -17.21 -24.03
C VAL A 107 5.61 -16.58 -23.09
N PRO A 108 5.24 -15.81 -22.03
CA PRO A 108 6.23 -15.31 -21.06
C PRO A 108 6.85 -16.44 -20.25
N VAL A 109 8.08 -16.23 -19.79
CA VAL A 109 8.89 -17.29 -19.17
C VAL A 109 8.23 -17.75 -17.88
N GLY A 110 7.68 -16.79 -17.11
CA GLY A 110 6.91 -17.04 -15.87
C GLY A 110 5.86 -18.11 -16.06
N ILE A 111 5.16 -18.04 -17.18
CA ILE A 111 4.02 -18.96 -17.46
C ILE A 111 4.56 -20.39 -17.68
N LEU A 112 5.62 -20.53 -18.48
CA LEU A 112 6.25 -21.84 -18.70
C LEU A 112 6.64 -22.41 -17.37
N SER A 113 7.40 -21.63 -16.61
CA SER A 113 8.02 -22.12 -15.35
C SER A 113 6.92 -22.60 -14.39
N ALA A 114 5.84 -21.82 -14.24
CA ALA A 114 4.67 -22.17 -13.40
C ALA A 114 4.14 -23.55 -13.80
N GLY A 115 3.77 -23.69 -15.06
CA GLY A 115 3.30 -24.97 -15.63
C GLY A 115 4.27 -26.13 -15.42
N MET A 116 5.56 -25.94 -15.69
CA MET A 116 6.58 -27.01 -15.68
C MET A 116 6.81 -27.49 -14.25
N VAL A 117 6.78 -26.58 -13.28
CA VAL A 117 6.80 -26.93 -11.84
C VAL A 117 5.52 -27.66 -11.43
N ALA A 118 4.34 -27.16 -11.79
CA ALA A 118 3.02 -27.79 -11.44
C ALA A 118 2.94 -29.21 -12.00
N SER A 119 3.51 -29.41 -13.20
CA SER A 119 3.71 -30.71 -13.89
C SER A 119 4.70 -31.61 -13.12
N SER A 120 5.92 -31.15 -12.84
CA SER A 120 6.91 -31.88 -12.01
C SER A 120 6.36 -32.09 -10.57
N VAL A 121 5.46 -31.23 -10.07
CA VAL A 121 4.68 -31.45 -8.80
C VAL A 121 3.75 -32.68 -8.91
N GLY A 122 2.92 -32.75 -9.96
CA GLY A 122 2.08 -33.91 -10.29
C GLY A 122 2.88 -35.21 -10.26
N GLN A 123 4.06 -35.23 -10.93
CA GLN A 123 5.04 -36.37 -11.01
C GLN A 123 5.33 -36.90 -9.59
N ILE A 124 5.84 -36.02 -8.73
CA ILE A 124 6.35 -36.37 -7.37
C ILE A 124 5.20 -36.96 -6.56
N CYS A 125 4.09 -36.23 -6.50
CA CYS A 125 2.95 -36.53 -5.60
C CYS A 125 2.15 -37.75 -6.09
N THR A 126 2.25 -38.16 -7.36
CA THR A 126 1.57 -39.37 -7.88
C THR A 126 2.35 -40.63 -7.45
N ALA A 127 3.67 -40.68 -7.71
CA ALA A 127 4.54 -41.88 -7.54
C ALA A 127 4.48 -42.39 -6.10
N PRO A 128 3.79 -43.53 -5.75
CA PRO A 128 3.73 -44.06 -4.37
C PRO A 128 4.79 -45.13 -4.06
N PRO A 134 -4.24 -41.63 3.87
CA PRO A 134 -2.92 -41.23 3.39
C PRO A 134 -2.98 -39.76 2.96
N VAL A 135 -2.23 -38.90 3.65
CA VAL A 135 -2.04 -37.45 3.30
C VAL A 135 -0.56 -37.12 3.22
N LEU A 136 0.31 -37.67 4.07
CA LEU A 136 1.77 -37.39 4.06
C LEU A 136 2.45 -38.23 2.97
N LEU A 137 3.51 -37.66 2.37
CA LEU A 137 4.50 -38.36 1.50
C LEU A 137 5.88 -38.11 2.12
N THR A 138 6.38 -39.09 2.89
CA THR A 138 7.52 -38.90 3.83
C THR A 138 8.53 -39.99 3.57
N VAL A 139 9.22 -39.82 2.44
CA VAL A 139 10.65 -40.19 2.23
C VAL A 139 11.01 -39.76 0.82
N GLU A 140 12.20 -39.26 0.59
CA GLU A 140 12.78 -39.10 -0.78
C GLU A 140 11.90 -38.18 -1.65
N GLN A 141 10.57 -38.25 -1.49
CA GLN A 141 9.60 -37.22 -1.93
C GLN A 141 10.05 -35.87 -1.40
N ARG A 142 10.36 -35.86 -0.12
CA ARG A 142 10.90 -34.69 0.61
C ARG A 142 12.20 -34.18 -0.06
N LYS A 143 13.11 -35.07 -0.48
CA LYS A 143 14.44 -34.77 -1.10
C LYS A 143 14.34 -34.17 -2.51
N LYS A 144 13.63 -34.86 -3.42
CA LYS A 144 13.38 -34.34 -4.79
C LYS A 144 12.65 -33.01 -4.71
N LEU A 145 11.63 -32.93 -3.84
CA LEU A 145 10.77 -31.72 -3.62
C LEU A 145 11.63 -30.56 -3.12
N SER A 146 12.52 -30.77 -2.15
CA SER A 146 13.46 -29.73 -1.65
C SER A 146 14.41 -29.25 -2.76
N SER A 147 14.98 -30.13 -3.58
CA SER A 147 15.88 -29.76 -4.71
C SER A 147 15.10 -28.89 -5.72
N LEU A 148 13.90 -29.35 -6.06
CA LEU A 148 12.86 -28.65 -6.86
C LEU A 148 12.55 -27.25 -6.29
N LEU A 149 12.25 -27.18 -5.00
CA LEU A 149 11.79 -25.92 -4.35
C LEU A 149 12.97 -24.96 -4.20
N GLU A 150 14.20 -25.45 -4.00
CA GLU A 150 15.44 -24.61 -3.99
C GLU A 150 15.72 -24.09 -5.41
N PHE A 151 15.19 -24.75 -6.43
CA PHE A 151 15.23 -24.17 -7.77
C PHE A 151 14.10 -23.14 -7.94
N ALA A 152 12.92 -23.41 -7.38
CA ALA A 152 11.76 -22.51 -7.43
C ALA A 152 12.09 -21.14 -6.82
N GLN A 153 12.81 -21.14 -5.70
CA GLN A 153 13.26 -19.86 -5.05
C GLN A 153 14.25 -19.12 -5.98
N TYR A 154 15.15 -19.81 -6.68
CA TYR A 154 16.05 -19.20 -7.71
C TYR A 154 15.21 -18.50 -8.75
N LEU A 155 14.21 -19.24 -9.24
CA LEU A 155 13.20 -18.69 -10.17
C LEU A 155 12.59 -17.42 -9.58
N LEU A 156 12.12 -17.48 -8.34
CA LEU A 156 11.37 -16.37 -7.68
C LEU A 156 12.27 -15.16 -7.48
N ALA A 157 13.56 -15.37 -7.27
CA ALA A 157 14.58 -14.31 -7.08
C ALA A 157 14.90 -13.56 -8.39
N HIS A 158 14.96 -14.26 -9.52
CA HIS A 158 15.11 -13.59 -10.85
C HIS A 158 13.75 -13.12 -11.40
N SER A 159 12.64 -13.37 -10.67
CA SER A 159 11.18 -13.09 -10.97
C SER A 159 10.69 -13.83 -12.23
N MET A 160 11.11 -15.09 -12.41
CA MET A 160 10.89 -15.90 -13.62
C MET A 160 9.77 -16.85 -13.31
N PHE A 161 8.69 -16.31 -12.79
CA PHE A 161 7.71 -17.15 -12.10
C PHE A 161 6.46 -16.33 -11.78
N SER A 162 5.47 -16.43 -12.65
CA SER A 162 4.11 -15.95 -12.36
C SER A 162 3.52 -16.85 -11.25
N ARG A 163 3.47 -16.36 -10.01
CA ARG A 163 2.79 -17.01 -8.85
C ARG A 163 1.36 -17.46 -9.21
N LEU A 164 0.56 -16.62 -9.87
CA LEU A 164 -0.89 -16.89 -10.00
C LEU A 164 -1.16 -17.77 -11.22
N SER A 165 -0.35 -17.73 -12.29
CA SER A 165 -0.35 -18.83 -13.30
C SER A 165 -0.02 -20.15 -12.58
N PHE A 166 0.82 -20.12 -11.55
CA PHE A 166 1.11 -21.30 -10.71
C PHE A 166 -0.08 -21.77 -9.88
N CYS A 167 -0.76 -20.87 -9.16
CA CYS A 167 -2.00 -21.19 -8.37
C CYS A 167 -3.06 -21.90 -9.24
N GLN A 168 -3.35 -21.29 -10.38
CA GLN A 168 -4.32 -21.84 -11.36
C GLN A 168 -3.83 -23.22 -11.86
N GLU A 169 -2.54 -23.39 -12.20
CA GLU A 169 -2.01 -24.70 -12.71
C GLU A 169 -1.91 -25.76 -11.61
N LEU A 170 -1.99 -25.38 -10.34
CA LEU A 170 -2.18 -26.37 -9.25
C LEU A 170 -3.62 -26.84 -9.23
N TRP A 171 -4.60 -25.93 -9.22
CA TRP A 171 -6.02 -26.35 -9.17
C TRP A 171 -6.48 -27.02 -10.48
N LYS A 172 -5.69 -26.93 -11.54
CA LYS A 172 -5.80 -27.87 -12.69
C LYS A 172 -5.35 -29.28 -12.30
N ILE A 173 -4.36 -29.47 -11.42
CA ILE A 173 -3.98 -30.83 -10.90
C ILE A 173 -5.03 -31.25 -9.83
N GLN A 174 -5.08 -30.58 -8.65
CA GLN A 174 -6.14 -30.58 -7.59
C GLN A 174 -6.32 -31.94 -6.88
N SER A 175 -5.89 -33.09 -7.42
CA SER A 175 -6.28 -34.43 -6.94
C SER A 175 -5.04 -35.26 -6.53
N SER A 176 -4.04 -35.33 -7.42
CA SER A 176 -2.66 -35.84 -7.19
C SER A 176 -2.07 -35.22 -5.92
N LEU A 177 -2.42 -33.95 -5.64
CA LEU A 177 -1.85 -33.11 -4.55
C LEU A 177 -2.19 -33.69 -3.16
N LEU A 178 -1.23 -33.55 -2.24
CA LEU A 178 -1.33 -33.91 -0.80
C LEU A 178 -1.07 -32.70 0.07
N LEU A 179 -1.62 -32.72 1.27
CA LEU A 179 -1.53 -31.57 2.20
C LEU A 179 -0.06 -31.34 2.60
N GLU A 180 0.77 -32.38 2.61
CA GLU A 180 2.22 -32.26 2.92
C GLU A 180 2.94 -31.35 1.92
N ALA A 181 2.75 -31.63 0.63
CA ALA A 181 3.28 -30.82 -0.48
C ALA A 181 2.89 -29.34 -0.27
N VAL A 182 1.60 -29.06 -0.09
CA VAL A 182 1.06 -27.67 -0.01
C VAL A 182 1.67 -26.96 1.23
N TRP A 183 1.84 -27.68 2.35
CA TRP A 183 2.42 -27.10 3.60
C TRP A 183 3.92 -26.75 3.40
N HIS A 184 4.67 -27.54 2.62
CA HIS A 184 6.08 -27.19 2.22
C HIS A 184 6.09 -25.95 1.32
N LEU A 185 5.16 -25.86 0.37
CA LEU A 185 4.90 -24.63 -0.43
C LEU A 185 4.85 -23.43 0.53
N HIS A 186 3.93 -23.50 1.52
CA HIS A 186 3.63 -22.41 2.50
C HIS A 186 4.91 -22.03 3.22
N VAL A 187 5.57 -23.01 3.82
CA VAL A 187 6.68 -22.74 4.79
C VAL A 187 7.96 -22.31 4.03
N GLN A 188 8.22 -22.85 2.84
CA GLN A 188 9.38 -22.49 2.01
C GLN A 188 9.13 -21.19 1.25
N GLY A 189 7.91 -20.65 1.37
CA GLY A 189 7.53 -19.35 0.82
C GLY A 189 7.60 -19.43 -0.68
N ILE A 190 6.76 -20.28 -1.26
CA ILE A 190 6.57 -20.37 -2.74
C ILE A 190 5.17 -19.86 -3.07
N VAL A 191 4.20 -20.36 -2.34
CA VAL A 191 2.87 -19.73 -2.22
C VAL A 191 2.59 -19.65 -0.74
N SER A 192 1.45 -19.08 -0.39
CA SER A 192 0.82 -19.14 0.95
C SER A 192 -0.55 -19.77 0.77
N LEU A 193 -0.96 -20.62 1.71
CA LEU A 193 -2.34 -21.19 1.85
C LEU A 193 -3.37 -20.23 1.26
N GLN A 194 -3.38 -19.02 1.80
CA GLN A 194 -4.36 -17.95 1.46
C GLN A 194 -4.27 -17.57 -0.03
N GLU A 195 -3.07 -17.42 -0.64
CA GLU A 195 -2.87 -17.03 -2.09
C GLU A 195 -3.35 -18.15 -3.04
N LEU A 196 -3.11 -19.42 -2.68
CA LEU A 196 -3.64 -20.57 -3.48
C LEU A 196 -5.16 -20.57 -3.36
N LEU A 197 -5.69 -20.76 -2.16
CA LEU A 197 -7.12 -21.10 -1.99
C LEU A 197 -8.02 -19.95 -2.48
N GLU A 198 -7.53 -18.71 -2.46
CA GLU A 198 -8.18 -17.49 -3.05
C GLU A 198 -7.77 -17.30 -4.54
N SER A 199 -7.39 -18.35 -5.27
CA SER A 199 -7.34 -18.36 -6.77
C SER A 199 -7.91 -19.68 -7.31
N HIS A 200 -8.84 -20.31 -6.56
CA HIS A 200 -9.62 -21.53 -6.92
C HIS A 200 -11.01 -21.08 -7.35
N PRO A 201 -11.52 -21.54 -8.52
CA PRO A 201 -12.83 -21.11 -8.98
C PRO A 201 -13.97 -21.54 -8.02
N ASP A 202 -14.14 -22.85 -7.77
CA ASP A 202 -15.23 -23.45 -6.94
C ASP A 202 -14.81 -23.46 -5.47
N MET A 203 -15.37 -22.56 -4.65
CA MET A 203 -15.09 -22.46 -3.17
C MET A 203 -15.53 -23.75 -2.47
N HIS A 204 -16.61 -24.40 -2.94
CA HIS A 204 -17.04 -25.73 -2.46
C HIS A 204 -15.94 -26.78 -2.68
N ALA A 205 -15.28 -26.80 -3.85
CA ALA A 205 -14.29 -27.85 -4.20
C ALA A 205 -13.09 -27.73 -3.24
N VAL A 206 -12.63 -26.51 -2.97
CA VAL A 206 -11.57 -26.20 -1.95
C VAL A 206 -12.04 -26.71 -0.59
N GLY A 207 -13.28 -26.37 -0.17
CA GLY A 207 -13.84 -26.73 1.14
C GLY A 207 -13.81 -28.23 1.35
N SER A 208 -14.38 -28.96 0.40
CA SER A 208 -14.45 -30.45 0.41
C SER A 208 -13.03 -31.02 0.34
N TRP A 209 -12.15 -30.44 -0.49
CA TRP A 209 -10.75 -30.90 -0.69
C TRP A 209 -10.00 -30.83 0.64
N LEU A 210 -10.06 -29.69 1.31
CA LEU A 210 -9.40 -29.51 2.62
C LEU A 210 -10.05 -30.44 3.64
N PHE A 211 -11.38 -30.43 3.72
CA PHE A 211 -12.18 -31.24 4.67
C PHE A 211 -11.67 -32.69 4.66
N ARG A 212 -11.50 -33.27 3.45
CA ARG A 212 -10.95 -34.64 3.26
C ARG A 212 -9.54 -34.74 3.85
N ASN A 213 -8.65 -33.81 3.47
CA ASN A 213 -7.21 -33.82 3.88
C ASN A 213 -7.10 -33.69 5.41
N LEU A 214 -7.84 -32.76 6.04
CA LEU A 214 -7.87 -32.56 7.52
C LEU A 214 -8.40 -33.81 8.24
N CYS A 215 -9.47 -34.42 7.73
CA CYS A 215 -10.05 -35.66 8.32
C CYS A 215 -9.02 -36.79 8.32
N CYS A 216 -8.38 -37.04 7.17
CA CYS A 216 -7.33 -38.09 7.02
C CYS A 216 -6.12 -37.75 7.92
N LEU A 217 -5.84 -36.46 8.12
CA LEU A 217 -4.71 -36.02 8.99
C LEU A 217 -5.01 -36.33 10.45
N CYS A 218 -6.16 -35.88 10.94
CA CYS A 218 -6.56 -36.11 12.36
C CYS A 218 -6.74 -37.63 12.59
N GLU A 219 -7.07 -38.42 11.55
CA GLU A 219 -6.95 -39.92 11.59
C GLU A 219 -5.49 -40.32 11.79
N GLN A 220 -4.61 -39.69 11.03
CA GLN A 220 -3.15 -39.85 11.13
C GLN A 220 -2.75 -39.14 12.44
N MET A 221 -1.47 -38.85 12.64
CA MET A 221 -0.97 -38.23 13.90
C MET A 221 -1.40 -39.01 15.15
N GLU A 222 -1.67 -40.32 15.04
CA GLU A 222 -1.49 -41.34 16.11
C GLU A 222 -0.72 -42.57 15.55
N ALA A 223 -0.35 -42.58 14.25
CA ALA A 223 0.29 -43.69 13.50
C ALA A 223 1.74 -43.86 13.98
N SER A 224 2.41 -42.74 14.25
CA SER A 224 3.75 -42.67 14.90
C SER A 224 3.92 -41.28 15.52
N CYS A 225 4.80 -41.15 16.51
CA CYS A 225 5.17 -39.84 17.13
C CYS A 225 6.04 -38.98 16.18
N GLN A 226 6.73 -39.57 15.17
CA GLN A 226 7.55 -38.83 14.17
C GLN A 226 6.62 -38.12 13.17
N HIS A 227 5.71 -38.89 12.56
CA HIS A 227 4.69 -38.42 11.59
C HIS A 227 3.73 -37.45 12.29
N ALA A 228 3.38 -37.72 13.56
CA ALA A 228 2.50 -36.86 14.40
C ALA A 228 3.14 -35.50 14.70
N ASP A 229 4.46 -35.41 14.84
CA ASP A 229 5.18 -34.13 15.07
C ASP A 229 4.97 -33.20 13.87
N VAL A 230 5.27 -33.69 12.66
CA VAL A 230 5.17 -32.94 11.37
C VAL A 230 3.68 -32.60 11.11
N ALA A 231 2.77 -33.54 11.37
CA ALA A 231 1.29 -33.42 11.23
C ALA A 231 0.74 -32.37 12.20
N ARG A 232 1.13 -32.42 13.48
CA ARG A 232 0.74 -31.42 14.53
C ARG A 232 1.29 -30.03 14.12
N ALA A 233 2.51 -29.98 13.55
CA ALA A 233 3.15 -28.72 13.08
C ALA A 233 2.28 -28.07 11.99
N MET A 234 2.01 -28.82 10.92
CA MET A 234 1.22 -28.28 9.78
C MET A 234 -0.24 -28.04 10.21
N LEU A 235 -0.81 -28.82 11.14
CA LEU A 235 -2.22 -28.66 11.63
C LEU A 235 -2.33 -27.35 12.41
N SER A 236 -1.38 -27.07 13.30
CA SER A 236 -1.29 -25.77 14.04
C SER A 236 -1.09 -24.62 13.04
N ASP A 237 -0.20 -24.79 12.04
CA ASP A 237 0.08 -23.83 10.94
C ASP A 237 -1.24 -23.48 10.25
N PHE A 238 -1.97 -24.51 9.80
CA PHE A 238 -3.23 -24.40 9.02
C PHE A 238 -4.27 -23.64 9.86
N VAL A 239 -4.45 -24.04 11.11
CA VAL A 239 -5.49 -23.45 12.01
C VAL A 239 -5.09 -21.99 12.34
N GLN A 240 -3.80 -21.68 12.47
CA GLN A 240 -3.32 -20.28 12.67
C GLN A 240 -3.82 -19.41 11.51
N MET A 241 -3.52 -19.81 10.25
CA MET A 241 -3.87 -19.05 9.02
C MET A 241 -5.41 -18.88 8.96
N PHE A 242 -6.17 -19.96 9.21
CA PHE A 242 -7.66 -19.95 9.20
C PHE A 242 -8.22 -18.92 10.21
N VAL A 243 -7.86 -19.03 11.49
CA VAL A 243 -8.41 -18.16 12.56
C VAL A 243 -7.97 -16.70 12.29
N LEU A 244 -6.77 -16.49 11.73
CA LEU A 244 -6.29 -15.12 11.40
C LEU A 244 -7.20 -14.50 10.32
N ARG A 245 -7.34 -15.20 9.20
CA ARG A 245 -8.10 -14.76 8.01
C ARG A 245 -9.56 -14.47 8.36
N GLY A 246 -10.25 -15.50 8.91
CA GLY A 246 -11.72 -15.64 8.99
C GLY A 246 -12.44 -14.60 9.84
N PHE A 247 -11.74 -13.78 10.63
CA PHE A 247 -12.34 -12.92 11.69
C PHE A 247 -11.76 -11.49 11.72
N GLN A 248 -10.69 -11.16 10.98
CA GLN A 248 -10.15 -9.78 10.86
C GLN A 248 -10.74 -9.11 9.63
N MET A 262 -12.72 -16.55 -0.41
CA MET A 262 -12.99 -15.48 0.59
C MET A 262 -12.91 -16.09 2.00
N PRO A 263 -12.94 -15.33 3.15
CA PRO A 263 -12.93 -15.97 4.48
C PRO A 263 -14.13 -16.88 4.75
N GLN A 264 -15.20 -16.73 3.93
CA GLN A 264 -16.37 -17.63 3.76
C GLN A 264 -15.84 -19.08 3.63
N VAL A 265 -14.83 -19.27 2.76
CA VAL A 265 -14.08 -20.54 2.53
C VAL A 265 -13.70 -21.13 3.87
N THR A 266 -12.92 -20.33 4.59
CA THR A 266 -12.25 -20.67 5.86
C THR A 266 -13.33 -21.10 6.86
N VAL A 267 -14.30 -20.22 7.16
CA VAL A 267 -15.36 -20.46 8.21
C VAL A 267 -16.22 -21.66 7.80
N ASP A 268 -16.47 -21.81 6.50
CA ASP A 268 -17.22 -22.96 5.92
C ASP A 268 -16.50 -24.28 6.25
N VAL A 269 -15.17 -24.31 6.07
CA VAL A 269 -14.32 -25.51 6.38
C VAL A 269 -14.40 -25.81 7.87
N LEU A 270 -14.23 -24.77 8.71
CA LEU A 270 -14.27 -24.87 10.20
C LEU A 270 -15.65 -25.39 10.62
N GLN A 271 -16.71 -24.77 10.09
CA GLN A 271 -18.13 -25.15 10.37
C GLN A 271 -18.34 -26.61 9.97
N ARG A 272 -17.82 -27.03 8.83
CA ARG A 272 -17.93 -28.42 8.32
C ARG A 272 -17.32 -29.39 9.33
N MET A 273 -16.11 -29.08 9.79
CA MET A 273 -15.36 -29.90 10.79
C MET A 273 -16.17 -29.98 12.09
N LEU A 274 -16.63 -28.81 12.60
CA LEU A 274 -17.57 -28.67 13.75
C LEU A 274 -18.69 -29.70 13.59
N ILE A 275 -19.40 -29.60 12.46
CA ILE A 275 -20.69 -30.28 12.18
C ILE A 275 -20.44 -31.79 12.16
N PHE A 276 -19.39 -32.23 11.46
CA PHE A 276 -18.91 -33.63 11.44
C PHE A 276 -18.82 -34.16 12.87
N ALA A 277 -18.07 -33.43 13.70
CA ALA A 277 -17.71 -33.85 15.08
C ALA A 277 -18.99 -33.91 15.93
N LEU A 278 -19.87 -32.90 15.83
CA LEU A 278 -21.12 -32.79 16.64
C LEU A 278 -22.07 -33.95 16.29
N ASP A 279 -22.20 -34.27 15.01
CA ASP A 279 -23.08 -35.39 14.58
C ASP A 279 -22.40 -36.73 14.89
N ALA A 280 -21.06 -36.80 15.04
CA ALA A 280 -20.33 -38.03 15.49
C ALA A 280 -20.55 -38.32 16.99
N LEU A 281 -20.69 -37.27 17.82
CA LEU A 281 -20.81 -37.39 19.32
C LEU A 281 -22.30 -37.46 19.72
N ALA A 282 -23.11 -36.47 19.31
CA ALA A 282 -24.55 -36.26 19.67
C ALA A 282 -25.39 -37.41 19.12
N ALA A 283 -25.26 -37.69 17.82
CA ALA A 283 -25.90 -38.85 17.13
C ALA A 283 -24.96 -40.05 17.23
N GLY A 284 -24.78 -40.55 18.45
CA GLY A 284 -24.18 -41.86 18.78
C GLY A 284 -22.68 -41.82 19.01
N VAL A 285 -21.93 -42.40 18.08
CA VAL A 285 -20.85 -43.38 18.40
C VAL A 285 -19.47 -42.90 17.97
N GLN A 286 -18.50 -43.36 18.75
CA GLN A 286 -17.06 -43.15 18.55
C GLN A 286 -16.39 -44.54 18.35
N GLU A 287 -16.70 -45.58 19.18
CA GLU A 287 -15.85 -46.80 19.49
C GLU A 287 -14.33 -46.53 19.44
N GLU A 288 -13.98 -45.29 19.13
CA GLU A 288 -12.71 -44.60 19.49
C GLU A 288 -11.58 -45.45 18.97
N SER A 289 -11.79 -45.77 17.71
CA SER A 289 -10.83 -46.32 16.74
C SER A 289 -10.64 -45.30 15.60
N SER A 290 -11.74 -44.87 14.96
CA SER A 290 -11.83 -43.77 13.96
C SER A 290 -13.03 -42.88 14.29
N THR A 291 -13.14 -41.73 13.63
CA THR A 291 -14.10 -40.62 13.89
C THR A 291 -13.81 -39.96 15.24
N HIS A 292 -13.64 -40.73 16.32
CA HIS A 292 -13.17 -40.22 17.64
C HIS A 292 -11.73 -39.70 17.57
N LYS A 293 -10.78 -40.40 16.91
CA LYS A 293 -9.39 -39.88 16.69
C LYS A 293 -9.46 -38.51 15.99
N ILE A 294 -10.36 -38.36 15.00
CA ILE A 294 -10.54 -37.12 14.17
C ILE A 294 -11.00 -35.98 15.11
N VAL A 295 -12.09 -36.20 15.84
CA VAL A 295 -12.72 -35.21 16.78
C VAL A 295 -11.73 -34.90 17.92
N ARG A 296 -10.98 -35.90 18.39
CA ARG A 296 -9.91 -35.76 19.44
C ARG A 296 -8.83 -34.76 18.98
N CYS A 297 -8.13 -35.08 17.90
CA CYS A 297 -7.01 -34.24 17.35
C CYS A 297 -7.53 -32.86 16.94
N TRP A 298 -8.76 -32.78 16.40
CA TRP A 298 -9.45 -31.52 16.02
C TRP A 298 -9.65 -30.63 17.29
N PHE A 299 -10.17 -31.16 18.42
CA PHE A 299 -10.30 -30.42 19.72
C PHE A 299 -8.92 -30.13 20.35
N GLY A 300 -7.95 -31.02 20.09
CA GLY A 300 -6.55 -30.86 20.51
C GLY A 300 -5.94 -29.59 19.95
N VAL A 301 -6.05 -29.36 18.64
CA VAL A 301 -5.51 -28.13 17.98
C VAL A 301 -6.33 -26.92 18.45
N PHE A 302 -7.65 -27.08 18.61
CA PHE A 302 -8.56 -26.05 19.17
C PHE A 302 -7.99 -25.57 20.51
N SER A 303 -7.45 -26.50 21.29
CA SER A 303 -6.78 -26.12 22.55
C SER A 303 -5.70 -25.10 22.21
N GLY A 304 -5.98 -23.83 22.49
CA GLY A 304 -5.12 -22.70 22.09
C GLY A 304 -3.92 -22.53 23.02
N HIS A 305 -3.06 -23.55 23.10
CA HIS A 305 -1.69 -23.49 23.68
C HIS A 305 -0.68 -23.33 22.54
N THR A 306 -0.82 -24.10 21.45
CA THR A 306 -0.07 -23.89 20.19
C THR A 306 -0.65 -22.67 19.43
N LEU A 307 -1.94 -22.33 19.58
CA LEU A 307 -2.63 -21.22 18.84
C LEU A 307 -2.51 -19.88 19.56
N GLY A 308 -3.07 -19.77 20.78
CA GLY A 308 -3.13 -18.55 21.61
C GLY A 308 -1.76 -17.93 21.85
N SER A 309 -0.73 -18.78 21.96
CA SER A 309 0.71 -18.39 21.99
C SER A 309 1.06 -17.55 20.76
N VAL A 310 0.74 -18.07 19.57
CA VAL A 310 1.10 -17.44 18.28
C VAL A 310 0.11 -16.30 17.96
N ILE A 311 -1.20 -16.53 18.13
CA ILE A 311 -2.29 -15.63 17.63
C ILE A 311 -2.67 -14.63 18.74
N SER A 312 -2.67 -13.34 18.43
CA SER A 312 -3.21 -12.25 19.29
C SER A 312 -4.69 -12.55 19.57
N THR A 313 -5.13 -12.39 20.81
CA THR A 313 -6.48 -12.79 21.28
C THR A 313 -7.49 -11.65 21.00
N ASP A 314 -7.41 -10.99 19.83
CA ASP A 314 -8.50 -10.11 19.31
C ASP A 314 -9.40 -10.92 18.38
N PRO A 315 -8.95 -11.28 17.15
CA PRO A 315 -9.80 -12.03 16.23
C PRO A 315 -10.01 -13.49 16.69
N LEU A 316 -9.07 -14.03 17.47
CA LEU A 316 -9.19 -15.32 18.18
C LEU A 316 -10.41 -15.29 19.11
N LYS A 317 -10.68 -14.19 19.83
CA LYS A 317 -11.85 -14.12 20.73
C LYS A 317 -13.18 -14.15 19.97
N ARG A 318 -13.30 -13.38 18.89
CA ARG A 318 -14.52 -13.41 18.01
C ARG A 318 -14.67 -14.82 17.42
N PHE A 319 -13.56 -15.48 17.05
CA PHE A 319 -13.58 -16.89 16.57
C PHE A 319 -14.22 -17.78 17.65
N PHE A 320 -13.78 -17.68 18.90
CA PHE A 320 -14.27 -18.54 20.01
C PHE A 320 -15.74 -18.22 20.29
N SER A 321 -16.14 -16.94 20.21
CA SER A 321 -17.53 -16.49 20.47
C SER A 321 -18.46 -17.05 19.39
N HIS A 322 -18.11 -16.84 18.10
CA HIS A 322 -18.76 -17.44 16.90
C HIS A 322 -18.83 -18.97 17.07
N THR A 323 -17.75 -19.60 17.56
CA THR A 323 -17.66 -21.08 17.74
C THR A 323 -18.68 -21.49 18.81
N LEU A 324 -18.77 -20.76 19.93
CA LEU A 324 -19.75 -21.06 21.01
C LEU A 324 -21.17 -20.91 20.45
N THR A 325 -21.45 -19.80 19.77
CA THR A 325 -22.80 -19.51 19.20
C THR A 325 -23.16 -20.61 18.18
N GLN A 326 -22.20 -21.05 17.37
CA GLN A 326 -22.43 -22.07 16.31
C GLN A 326 -22.52 -23.47 16.90
N ILE A 327 -21.92 -23.74 18.07
CA ILE A 327 -22.16 -24.99 18.87
C ILE A 327 -23.60 -24.95 19.43
N LEU A 328 -24.05 -23.84 20.03
CA LEU A 328 -25.37 -23.75 20.72
C LEU A 328 -26.51 -23.76 19.67
N THR A 329 -26.46 -22.84 18.71
CA THR A 329 -27.52 -22.51 17.70
C THR A 329 -27.82 -23.71 16.80
N HIS A 330 -26.78 -24.30 16.20
CA HIS A 330 -26.85 -25.26 15.06
C HIS A 330 -27.56 -26.55 15.51
N SER A 331 -28.54 -27.03 14.72
CA SER A 331 -29.39 -28.23 14.96
C SER A 331 -30.09 -28.09 16.31
N PRO A 332 -31.05 -27.14 16.45
CA PRO A 332 -31.80 -26.97 17.70
C PRO A 332 -32.94 -27.99 17.79
N VAL A 333 -32.57 -29.29 17.75
CA VAL A 333 -33.48 -30.47 17.91
C VAL A 333 -33.48 -30.77 19.42
N LEU A 334 -34.49 -31.50 19.93
CA LEU A 334 -34.83 -31.55 21.38
C LEU A 334 -35.13 -30.12 21.88
N LYS A 335 -35.91 -29.34 21.12
CA LYS A 335 -36.45 -28.02 21.53
C LYS A 335 -37.67 -28.20 22.46
N ALA A 336 -38.13 -29.44 22.67
CA ALA A 336 -39.17 -29.82 23.66
C ALA A 336 -38.93 -29.10 24.99
N SER A 337 -39.84 -28.21 25.38
CA SER A 337 -39.98 -27.64 26.76
C SER A 337 -39.96 -28.76 27.80
N ASP A 338 -40.54 -29.92 27.46
CA ASP A 338 -40.32 -31.21 28.17
C ASP A 338 -38.97 -31.79 27.73
N ALA A 339 -37.87 -31.20 28.20
CA ALA A 339 -36.50 -31.76 28.13
C ALA A 339 -35.92 -31.76 29.54
N VAL A 340 -36.75 -32.20 30.50
CA VAL A 340 -36.58 -32.08 31.97
C VAL A 340 -35.77 -33.29 32.47
N GLN A 341 -36.25 -34.54 32.25
CA GLN A 341 -35.55 -35.81 32.64
C GLN A 341 -34.18 -35.88 31.95
N MET A 342 -34.07 -35.30 30.75
CA MET A 342 -32.83 -35.28 29.93
C MET A 342 -31.70 -34.47 30.60
N GLN A 343 -31.98 -33.59 31.58
CA GLN A 343 -30.95 -32.91 32.44
C GLN A 343 -30.04 -33.94 33.14
N ARG A 344 -30.61 -35.03 33.64
CA ARG A 344 -29.89 -36.16 34.28
C ARG A 344 -28.89 -36.78 33.31
N GLU A 345 -29.24 -36.91 32.02
CA GLU A 345 -28.40 -37.48 30.94
C GLU A 345 -27.37 -36.45 30.47
N TRP A 346 -27.71 -35.15 30.51
CA TRP A 346 -26.79 -34.01 30.23
C TRP A 346 -25.97 -33.64 31.48
N SER A 347 -26.06 -34.43 32.58
CA SER A 347 -25.15 -34.34 33.75
C SER A 347 -23.69 -34.35 33.28
N PHE A 348 -22.82 -33.66 34.02
CA PHE A 348 -21.42 -33.36 33.62
C PHE A 348 -20.63 -34.65 33.33
N ALA A 349 -20.74 -35.70 34.17
CA ALA A 349 -20.01 -36.98 34.02
C ALA A 349 -20.51 -37.78 32.80
N ARG A 350 -21.77 -37.61 32.37
CA ARG A 350 -22.36 -38.32 31.19
C ARG A 350 -22.07 -37.56 29.89
N THR A 351 -22.03 -36.22 29.91
CA THR A 351 -21.63 -35.38 28.74
C THR A 351 -20.18 -35.71 28.40
N HIS A 352 -19.91 -35.91 27.11
CA HIS A 352 -18.67 -36.61 26.67
C HIS A 352 -17.47 -35.79 27.11
N PRO A 353 -16.31 -36.42 27.47
CA PRO A 353 -15.17 -35.71 28.04
C PRO A 353 -14.55 -34.70 27.06
N LEU A 354 -14.71 -34.93 25.76
CA LEU A 354 -14.26 -34.07 24.62
C LEU A 354 -15.09 -32.76 24.58
N LEU A 355 -16.43 -32.84 24.73
CA LEU A 355 -17.33 -31.66 24.91
C LEU A 355 -16.85 -30.86 26.11
N THR A 356 -16.66 -31.54 27.25
CA THR A 356 -16.17 -30.96 28.52
C THR A 356 -14.82 -30.26 28.31
N SER A 357 -13.89 -30.90 27.59
CA SER A 357 -12.53 -30.36 27.33
C SER A 357 -12.60 -29.11 26.46
N LEU A 358 -13.43 -29.13 25.40
CA LEU A 358 -13.70 -27.97 24.50
C LEU A 358 -14.22 -26.79 25.34
N TYR A 359 -15.19 -27.06 26.22
CA TYR A 359 -15.79 -26.06 27.13
C TYR A 359 -14.68 -25.49 28.02
N ARG A 360 -13.86 -26.34 28.64
CA ARG A 360 -12.68 -25.92 29.46
C ARG A 360 -11.76 -24.99 28.65
N ARG A 361 -11.43 -25.34 27.40
CA ARG A 361 -10.51 -24.58 26.49
C ARG A 361 -11.10 -23.19 26.21
N LEU A 362 -12.37 -23.15 25.80
CA LEU A 362 -13.15 -21.89 25.54
C LEU A 362 -13.18 -21.03 26.82
N PHE A 363 -13.21 -21.64 28.01
CA PHE A 363 -13.19 -20.92 29.31
C PHE A 363 -11.79 -20.36 29.58
N VAL A 364 -10.73 -21.11 29.23
CA VAL A 364 -9.30 -20.67 29.42
C VAL A 364 -9.06 -19.38 28.64
N MET A 365 -9.32 -19.41 27.33
CA MET A 365 -8.94 -18.32 26.39
C MET A 365 -9.90 -17.11 26.51
N LEU A 366 -11.05 -17.25 27.19
CA LEU A 366 -12.06 -16.17 27.41
C LEU A 366 -12.24 -15.95 28.92
N SER A 367 -13.11 -15.00 29.28
CA SER A 367 -13.41 -14.57 30.67
C SER A 367 -14.82 -14.99 31.05
N ALA A 368 -15.13 -14.92 32.35
CA ALA A 368 -16.38 -15.40 32.99
C ALA A 368 -17.57 -14.48 32.68
N GLU A 369 -17.51 -13.21 33.10
CA GLU A 369 -18.70 -12.30 33.11
C GLU A 369 -19.07 -11.91 31.66
N GLU A 370 -18.08 -11.74 30.77
CA GLU A 370 -18.22 -11.72 29.29
C GLU A 370 -19.10 -12.86 28.79
N LEU A 371 -18.74 -14.08 29.22
CA LEU A 371 -19.38 -15.35 28.81
C LEU A 371 -20.83 -15.35 29.32
N VAL A 372 -21.05 -14.91 30.56
CA VAL A 372 -22.41 -14.86 31.21
C VAL A 372 -23.31 -13.88 30.44
N GLY A 373 -22.80 -12.68 30.15
CA GLY A 373 -23.48 -11.66 29.33
C GLY A 373 -23.85 -12.23 27.96
N HIS A 374 -22.87 -12.84 27.28
CA HIS A 374 -23.03 -13.50 25.96
C HIS A 374 -24.14 -14.56 26.01
N LEU A 375 -24.18 -15.40 27.05
CA LEU A 375 -25.24 -16.45 27.22
C LEU A 375 -26.61 -15.80 27.40
N GLN A 376 -26.71 -14.79 28.27
CA GLN A 376 -27.97 -14.05 28.52
C GLN A 376 -28.51 -13.56 27.16
N GLU A 377 -27.64 -12.89 26.39
CA GLU A 377 -27.89 -12.30 25.04
C GLU A 377 -28.39 -13.41 24.09
N VAL A 378 -27.64 -14.51 23.96
CA VAL A 378 -27.93 -15.66 23.03
C VAL A 378 -29.30 -16.27 23.37
N LEU A 379 -29.48 -16.72 24.63
CA LEU A 379 -30.66 -17.49 25.10
C LEU A 379 -31.92 -16.61 25.03
N GLU A 380 -31.77 -15.30 25.22
CA GLU A 380 -32.88 -14.31 25.03
C GLU A 380 -33.19 -14.13 23.53
N THR A 381 -32.17 -14.12 22.65
CA THR A 381 -32.31 -13.70 21.23
C THR A 381 -33.02 -14.79 20.40
N GLN A 382 -32.45 -16.00 20.38
CA GLN A 382 -32.60 -16.99 19.28
C GLN A 382 -32.82 -18.39 19.87
N GLU A 383 -33.16 -19.36 19.02
CA GLU A 383 -33.31 -20.80 19.35
C GLU A 383 -31.99 -21.37 19.88
N VAL A 384 -32.10 -22.52 20.55
CA VAL A 384 -31.02 -23.15 21.36
C VAL A 384 -31.05 -24.65 21.07
N HIS A 385 -29.89 -25.30 21.12
CA HIS A 385 -29.78 -26.76 21.35
C HIS A 385 -29.65 -27.00 22.84
N TRP A 386 -30.69 -27.55 23.47
CA TRP A 386 -30.81 -27.65 24.95
C TRP A 386 -29.77 -28.64 25.51
N GLN A 387 -29.43 -29.70 24.74
CA GLN A 387 -28.32 -30.67 25.07
C GLN A 387 -27.06 -29.88 25.43
N ARG A 388 -26.61 -29.01 24.52
CA ARG A 388 -25.35 -28.24 24.66
C ARG A 388 -25.49 -27.18 25.76
N VAL A 389 -26.60 -26.43 25.87
CA VAL A 389 -26.77 -25.36 26.92
C VAL A 389 -26.77 -25.98 28.32
N LEU A 390 -27.43 -27.13 28.53
CA LEU A 390 -27.53 -27.75 29.88
C LEU A 390 -26.18 -28.37 30.29
N SER A 391 -25.52 -29.16 29.42
CA SER A 391 -24.11 -29.62 29.60
C SER A 391 -23.20 -28.41 29.88
N PHE A 392 -23.46 -27.30 29.18
CA PHE A 392 -22.64 -26.05 29.19
C PHE A 392 -22.73 -25.39 30.58
N VAL A 393 -23.95 -25.20 31.10
CA VAL A 393 -24.18 -24.63 32.47
C VAL A 393 -23.63 -25.62 33.51
N SER A 394 -23.79 -26.93 33.29
CA SER A 394 -23.26 -28.01 34.17
C SER A 394 -21.74 -27.88 34.31
N ALA A 395 -21.02 -27.62 33.21
CA ALA A 395 -19.57 -27.28 33.20
C ALA A 395 -19.32 -25.90 33.80
N LEU A 396 -20.18 -24.90 33.54
CA LEU A 396 -20.00 -23.46 33.95
C LEU A 396 -19.83 -23.35 35.47
N VAL A 397 -20.80 -23.87 36.20
CA VAL A 397 -20.97 -23.70 37.68
C VAL A 397 -19.71 -24.20 38.39
N VAL A 398 -19.16 -25.36 37.98
CA VAL A 398 -17.98 -26.01 38.62
C VAL A 398 -16.68 -25.40 38.08
N CYS A 399 -16.58 -25.09 36.77
CA CYS A 399 -15.27 -24.70 36.15
C CYS A 399 -14.92 -23.28 36.58
N PHE A 400 -15.87 -22.34 36.46
CA PHE A 400 -15.72 -20.90 36.80
C PHE A 400 -15.70 -20.69 38.32
N PRO A 401 -14.97 -19.65 38.82
CA PRO A 401 -14.78 -19.46 40.25
C PRO A 401 -16.07 -18.87 40.86
N GLU A 402 -16.95 -19.73 41.38
CA GLU A 402 -18.25 -19.33 41.95
C GLU A 402 -18.98 -18.41 40.97
N ALA A 403 -19.53 -18.99 39.91
CA ALA A 403 -20.45 -18.34 38.96
C ALA A 403 -21.89 -18.88 39.11
N GLN A 404 -22.22 -19.61 40.20
CA GLN A 404 -23.62 -20.00 40.57
C GLN A 404 -24.43 -18.76 40.96
N GLN A 405 -23.82 -17.70 41.54
CA GLN A 405 -24.47 -16.40 41.92
C GLN A 405 -24.60 -15.43 40.72
N LEU A 406 -23.59 -15.32 39.84
CA LEU A 406 -23.67 -14.54 38.56
C LEU A 406 -24.67 -15.20 37.59
N LEU A 407 -24.85 -16.52 37.70
CA LEU A 407 -25.89 -17.33 37.01
C LEU A 407 -27.28 -17.00 37.56
N GLU A 408 -27.50 -17.13 38.88
CA GLU A 408 -28.81 -16.83 39.55
C GLU A 408 -29.16 -15.33 39.37
N ASP A 409 -28.16 -14.46 39.10
CA ASP A 409 -28.35 -13.01 38.74
C ASP A 409 -29.23 -12.86 37.48
N TRP A 410 -28.77 -13.36 36.33
CA TRP A 410 -29.54 -13.27 35.06
C TRP A 410 -30.76 -14.20 35.11
N VAL A 411 -30.76 -15.28 35.92
CA VAL A 411 -31.97 -16.14 36.20
C VAL A 411 -33.06 -15.23 36.81
N ALA A 412 -32.72 -14.45 37.84
CA ALA A 412 -33.65 -13.51 38.51
C ALA A 412 -34.15 -12.43 37.52
N ARG A 413 -33.25 -11.87 36.70
CA ARG A 413 -33.60 -10.87 35.66
C ARG A 413 -34.61 -11.45 34.67
N LEU A 414 -34.34 -12.67 34.20
CA LEU A 414 -35.20 -13.40 33.22
C LEU A 414 -36.57 -13.68 33.85
N MET A 415 -36.61 -14.14 35.10
CA MET A 415 -37.87 -14.37 35.87
C MET A 415 -38.67 -13.05 35.97
N ALA A 416 -38.00 -11.95 36.32
CA ALA A 416 -38.62 -10.61 36.43
C ALA A 416 -39.24 -10.19 35.08
N GLN A 417 -38.47 -10.26 33.98
CA GLN A 417 -38.94 -9.94 32.60
C GLN A 417 -40.10 -10.89 32.20
N ALA A 418 -40.01 -12.17 32.57
CA ALA A 418 -41.02 -13.22 32.26
C ALA A 418 -42.36 -12.91 32.94
N PHE A 419 -42.36 -12.54 34.22
CA PHE A 419 -43.59 -12.23 34.99
C PHE A 419 -44.14 -10.86 34.60
N GLU A 420 -43.28 -9.93 34.16
CA GLU A 420 -43.71 -8.58 33.69
C GLU A 420 -44.45 -8.73 32.34
N SER A 421 -43.91 -9.53 31.42
CA SER A 421 -44.47 -9.75 30.05
C SER A 421 -45.55 -10.86 30.05
N CYS A 422 -45.65 -11.68 31.12
CA CYS A 422 -46.52 -12.89 31.29
C CYS A 422 -46.17 -13.89 30.16
N GLN A 423 -44.90 -14.30 30.16
CA GLN A 423 -44.19 -15.16 29.17
C GLN A 423 -43.70 -16.40 29.91
N LEU A 424 -44.11 -17.59 29.49
CA LEU A 424 -43.76 -18.86 30.19
C LEU A 424 -42.47 -19.46 29.64
N ASP A 425 -42.04 -19.16 28.41
CA ASP A 425 -40.84 -19.77 27.77
C ASP A 425 -39.58 -19.43 28.59
N SER A 426 -39.40 -18.15 28.90
CA SER A 426 -38.28 -17.60 29.72
C SER A 426 -38.33 -18.19 31.14
N MET A 427 -39.54 -18.34 31.71
CA MET A 427 -39.74 -19.01 33.03
C MET A 427 -39.15 -20.43 32.95
N VAL A 428 -39.50 -21.20 31.91
CA VAL A 428 -39.08 -22.63 31.75
C VAL A 428 -37.56 -22.66 31.67
N THR A 429 -36.95 -21.73 30.91
CA THR A 429 -35.47 -21.58 30.78
C THR A 429 -34.86 -21.38 32.17
N ALA A 430 -35.32 -20.35 32.90
CA ALA A 430 -34.83 -20.00 34.27
C ALA A 430 -34.94 -21.21 35.22
N PHE A 431 -36.12 -21.86 35.29
CA PHE A 431 -36.44 -23.00 36.21
C PHE A 431 -35.46 -24.16 35.95
N LEU A 432 -35.34 -24.59 34.69
CA LEU A 432 -34.47 -25.75 34.33
C LEU A 432 -32.99 -25.35 34.51
N VAL A 433 -32.64 -24.06 34.34
CA VAL A 433 -31.25 -23.55 34.58
C VAL A 433 -30.91 -23.72 36.08
N VAL A 434 -31.78 -23.32 37.02
CA VAL A 434 -31.50 -23.52 38.49
C VAL A 434 -31.50 -25.02 38.84
N ARG A 435 -32.32 -25.83 38.16
CA ARG A 435 -32.36 -27.31 38.37
C ARG A 435 -30.99 -27.92 38.01
N GLN A 436 -30.40 -27.53 36.87
CA GLN A 436 -29.04 -28.00 36.45
C GLN A 436 -27.95 -27.40 37.36
N ALA A 437 -28.15 -26.18 37.88
CA ALA A 437 -27.24 -25.54 38.87
C ALA A 437 -27.21 -26.34 40.18
N ALA A 438 -28.34 -26.93 40.58
CA ALA A 438 -28.44 -27.82 41.77
C ALA A 438 -27.55 -29.07 41.61
N LEU A 439 -27.65 -29.81 40.49
CA LEU A 439 -26.99 -31.14 40.28
C LEU A 439 -25.48 -30.95 40.07
N LEU A 446 -29.81 -29.11 47.31
CA LEU A 446 -31.17 -28.50 47.27
C LEU A 446 -31.08 -27.02 46.85
N SER A 447 -30.36 -26.70 45.77
CA SER A 447 -30.27 -25.32 45.19
C SER A 447 -31.62 -24.94 44.55
N TYR A 448 -32.34 -25.92 43.98
CA TYR A 448 -33.75 -25.77 43.53
C TYR A 448 -34.58 -25.21 44.68
N ALA A 449 -34.55 -25.87 45.84
CA ALA A 449 -35.37 -25.54 47.03
C ALA A 449 -34.98 -24.16 47.56
N ASP A 450 -33.67 -23.84 47.56
CA ASP A 450 -33.09 -22.52 47.96
C ASP A 450 -33.72 -21.43 47.09
N TRP A 451 -33.60 -21.58 45.76
CA TRP A 451 -34.16 -20.63 44.77
C TRP A 451 -35.70 -20.55 44.90
N PHE A 452 -36.38 -21.66 45.24
CA PHE A 452 -37.87 -21.72 45.36
C PHE A 452 -38.33 -20.93 46.60
N LYS A 453 -37.63 -21.08 47.75
CA LYS A 453 -37.94 -20.30 48.98
C LYS A 453 -37.51 -18.83 48.79
N ALA A 454 -36.49 -18.57 47.97
CA ALA A 454 -36.11 -17.21 47.54
C ALA A 454 -37.24 -16.61 46.69
N SER A 455 -37.88 -17.41 45.83
CA SER A 455 -39.08 -16.99 45.07
C SER A 455 -40.21 -16.67 46.05
N PHE A 456 -40.47 -17.53 47.03
CA PHE A 456 -41.53 -17.36 48.08
C PHE A 456 -41.35 -16.05 48.88
N GLY A 457 -40.13 -15.50 48.98
CA GLY A 457 -39.86 -14.16 49.53
C GLY A 457 -39.85 -13.07 48.46
N SER A 458 -40.97 -12.36 48.27
CA SER A 458 -41.12 -11.11 47.46
C SER A 458 -41.00 -11.38 45.93
N THR A 459 -41.12 -12.62 45.46
CA THR A 459 -41.30 -12.98 44.03
C THR A 459 -42.61 -13.77 43.85
N ARG A 460 -42.82 -14.88 44.58
CA ARG A 460 -43.94 -15.85 44.37
C ARG A 460 -45.24 -15.37 45.05
N GLY A 461 -45.15 -14.46 46.03
CA GLY A 461 -46.33 -13.77 46.61
C GLY A 461 -47.05 -12.95 45.54
N TYR A 462 -46.29 -12.16 44.79
CA TYR A 462 -46.74 -11.36 43.61
C TYR A 462 -45.65 -11.42 42.53
N HIS A 463 -45.76 -12.41 41.64
CA HIS A 463 -44.91 -12.60 40.44
C HIS A 463 -45.06 -11.38 39.51
N GLY A 464 -46.31 -11.07 39.12
CA GLY A 464 -46.71 -9.87 38.35
C GLY A 464 -47.66 -8.98 39.15
N CYS A 465 -47.99 -7.82 38.60
CA CYS A 465 -48.95 -6.82 39.20
C CYS A 465 -50.31 -7.48 39.42
N SER A 466 -50.76 -8.22 38.42
CA SER A 466 -51.95 -9.11 38.47
C SER A 466 -51.54 -10.46 39.09
N LYS A 467 -52.42 -11.03 39.94
CA LYS A 467 -52.23 -12.36 40.61
C LYS A 467 -52.55 -13.54 39.65
N LYS A 468 -52.78 -13.29 38.35
CA LYS A 468 -52.83 -14.36 37.30
C LYS A 468 -51.41 -14.89 37.01
N ALA A 469 -50.33 -14.21 37.43
CA ALA A 469 -48.95 -14.72 37.31
C ALA A 469 -48.79 -16.01 38.14
N LEU A 470 -49.48 -16.12 39.29
CA LEU A 470 -49.55 -17.40 40.07
C LEU A 470 -50.28 -18.46 39.24
N VAL A 471 -51.36 -18.10 38.52
CA VAL A 471 -52.20 -19.02 37.68
C VAL A 471 -51.35 -19.48 36.47
N PHE A 472 -50.49 -18.63 35.89
CA PHE A 472 -49.54 -19.00 34.80
C PHE A 472 -48.39 -19.86 35.37
N LEU A 473 -47.90 -19.55 36.57
CA LEU A 473 -46.89 -20.38 37.30
C LEU A 473 -47.43 -21.82 37.42
N PHE A 474 -48.66 -21.99 37.88
CA PHE A 474 -49.23 -23.34 38.14
C PHE A 474 -49.77 -23.98 36.87
N THR A 475 -50.08 -23.19 35.83
CA THR A 475 -50.24 -23.69 34.43
C THR A 475 -48.93 -24.37 34.03
N PHE A 476 -47.79 -23.68 34.21
CA PHE A 476 -46.44 -24.24 33.90
C PHE A 476 -46.18 -25.48 34.79
N LEU A 477 -46.57 -25.47 36.08
CA LEU A 477 -46.32 -26.61 37.00
C LEU A 477 -47.23 -27.80 36.62
N SER A 478 -48.44 -27.56 36.09
CA SER A 478 -49.31 -28.61 35.49
C SER A 478 -48.72 -29.09 34.15
N GLU A 479 -47.92 -28.25 33.47
CA GLU A 479 -47.12 -28.61 32.26
C GLU A 479 -45.77 -29.28 32.65
N LEU A 480 -45.37 -29.33 33.94
CA LEU A 480 -44.07 -29.92 34.42
C LEU A 480 -44.32 -31.25 35.13
N VAL A 481 -45.08 -31.22 36.24
CA VAL A 481 -45.15 -32.31 37.26
C VAL A 481 -45.71 -33.60 36.66
N PRO A 482 -46.76 -33.62 35.80
CA PRO A 482 -47.09 -34.85 35.07
C PRO A 482 -46.10 -35.30 33.98
N PHE A 483 -45.24 -34.40 33.46
CA PHE A 483 -44.37 -34.61 32.27
C PHE A 483 -42.90 -34.62 32.69
N GLU A 484 -42.38 -35.80 33.00
CA GLU A 484 -40.93 -36.11 33.24
C GLU A 484 -40.59 -35.95 34.72
N SER A 485 -41.27 -35.04 35.41
CA SER A 485 -41.60 -35.19 36.85
C SER A 485 -40.37 -35.64 37.66
N PRO A 486 -39.32 -34.80 37.80
CA PRO A 486 -38.15 -35.21 38.58
C PRO A 486 -38.47 -35.46 40.06
N ARG A 487 -38.02 -36.59 40.62
CA ARG A 487 -38.50 -37.22 41.89
C ARG A 487 -38.51 -36.22 43.05
N TYR A 488 -37.35 -35.61 43.33
CA TYR A 488 -37.08 -34.69 44.48
C TYR A 488 -37.84 -33.37 44.23
N LEU A 489 -37.90 -32.92 42.96
CA LEU A 489 -38.52 -31.63 42.57
C LEU A 489 -40.05 -31.71 42.64
N GLN A 490 -40.66 -32.91 42.52
CA GLN A 490 -42.13 -33.13 42.78
C GLN A 490 -42.47 -32.69 44.21
N VAL A 491 -41.69 -33.18 45.19
CA VAL A 491 -41.90 -32.85 46.63
C VAL A 491 -41.42 -31.42 46.93
N HIS A 492 -40.44 -30.87 46.18
CA HIS A 492 -40.03 -29.45 46.31
C HIS A 492 -41.17 -28.52 45.80
N ILE A 493 -41.92 -28.91 44.76
CA ILE A 493 -43.15 -28.21 44.28
C ILE A 493 -44.24 -28.36 45.36
N LEU A 494 -44.35 -29.52 46.01
CA LEU A 494 -45.44 -29.82 46.99
C LEU A 494 -45.20 -29.07 48.32
N HIS A 495 -43.97 -28.99 48.83
CA HIS A 495 -43.66 -28.65 50.25
C HIS A 495 -44.05 -27.19 50.56
N PRO A 496 -43.52 -26.14 49.88
CA PRO A 496 -44.18 -24.84 49.81
C PRO A 496 -45.01 -24.69 48.53
N PRO A 497 -46.21 -24.05 48.53
CA PRO A 497 -46.95 -23.85 47.30
C PRO A 497 -46.26 -22.80 46.43
N TYR A 503 -55.80 -15.85 44.58
CA TYR A 503 -56.59 -15.91 45.85
C TYR A 503 -56.29 -17.20 46.62
N ARG A 504 -56.81 -17.32 47.86
CA ARG A 504 -56.64 -18.51 48.75
C ARG A 504 -57.35 -19.70 48.09
N SER A 505 -58.48 -19.47 47.41
CA SER A 505 -59.18 -20.46 46.55
C SER A 505 -58.24 -21.00 45.45
N LEU A 506 -57.55 -20.11 44.70
CA LEU A 506 -56.61 -20.49 43.59
C LEU A 506 -55.44 -21.30 44.20
N LEU A 507 -54.87 -20.86 45.33
CA LEU A 507 -53.70 -21.51 46.01
C LEU A 507 -54.09 -22.93 46.48
N THR A 508 -55.29 -23.11 47.07
CA THR A 508 -55.79 -24.44 47.53
C THR A 508 -56.11 -25.34 46.32
N ASP A 509 -56.67 -24.77 45.23
CA ASP A 509 -56.90 -25.49 43.95
C ASP A 509 -55.56 -26.00 43.39
N TYR A 510 -54.48 -25.21 43.45
CA TYR A 510 -53.13 -25.65 42.99
C TYR A 510 -52.56 -26.73 43.89
N ILE A 511 -52.72 -26.61 45.21
CA ILE A 511 -52.26 -27.67 46.16
C ILE A 511 -52.97 -28.96 45.77
N SER A 512 -54.28 -28.92 45.52
CA SER A 512 -55.09 -30.10 45.10
C SER A 512 -54.62 -30.65 43.74
N LEU A 513 -54.43 -29.79 42.73
CA LEU A 513 -53.87 -30.16 41.40
C LEU A 513 -52.48 -30.83 41.58
N ALA A 514 -51.60 -30.25 42.42
CA ALA A 514 -50.24 -30.78 42.68
C ALA A 514 -50.33 -32.19 43.25
N LYS A 515 -51.27 -32.43 44.18
CA LYS A 515 -51.47 -33.76 44.83
C LYS A 515 -52.11 -34.73 43.81
N THR A 516 -52.98 -34.28 42.90
CA THR A 516 -53.55 -35.15 41.81
C THR A 516 -52.41 -35.63 40.90
N ARG A 517 -51.52 -34.72 40.51
CA ARG A 517 -50.29 -35.03 39.71
C ARG A 517 -49.40 -36.01 40.51
N LEU A 518 -49.25 -35.79 41.82
CA LEU A 518 -48.38 -36.62 42.71
C LEU A 518 -48.92 -38.06 42.77
N ALA A 519 -50.25 -38.24 42.82
CA ALA A 519 -50.92 -39.58 42.80
C ALA A 519 -50.57 -40.32 41.52
N ASP A 520 -50.72 -39.64 40.37
CA ASP A 520 -50.39 -40.19 39.02
C ASP A 520 -48.91 -40.61 38.99
N LEU A 521 -48.02 -39.78 39.56
CA LEU A 521 -46.56 -40.06 39.58
C LEU A 521 -46.27 -41.28 40.46
N LYS A 522 -46.90 -41.38 41.64
CA LYS A 522 -46.76 -42.54 42.56
C LYS A 522 -47.23 -43.82 41.87
N VAL A 523 -48.26 -43.73 41.02
CA VAL A 523 -48.69 -44.85 40.12
C VAL A 523 -47.54 -45.14 39.11
N SER A 524 -46.95 -44.11 38.50
CA SER A 524 -45.81 -44.23 37.53
C SER A 524 -44.52 -44.58 38.28
N GLU A 648 -40.08 -69.99 26.52
CA GLU A 648 -40.43 -69.36 27.83
C GLU A 648 -41.91 -68.98 27.87
N PRO A 649 -42.43 -68.07 27.01
CA PRO A 649 -43.86 -67.71 27.05
C PRO A 649 -44.84 -68.87 26.77
N LEU A 650 -44.48 -69.80 25.87
CA LEU A 650 -45.34 -70.95 25.47
C LEU A 650 -45.36 -71.96 26.62
N GLY A 651 -44.19 -72.30 27.19
CA GLY A 651 -44.05 -73.14 28.39
C GLY A 651 -44.84 -72.58 29.57
N GLN A 652 -44.78 -71.26 29.78
CA GLN A 652 -45.56 -70.56 30.85
C GLN A 652 -47.06 -70.63 30.50
N LEU A 653 -47.45 -70.45 29.23
CA LEU A 653 -48.86 -70.50 28.76
C LEU A 653 -49.44 -71.90 29.03
N THR A 654 -48.65 -72.97 28.85
CA THR A 654 -49.07 -74.36 29.14
C THR A 654 -49.39 -74.52 30.62
N ALA A 655 -48.80 -73.70 31.52
CA ALA A 655 -49.01 -73.79 32.98
C ALA A 655 -50.49 -73.60 33.36
N ALA A 656 -51.08 -72.41 33.14
CA ALA A 656 -52.49 -72.10 33.51
C ALA A 656 -53.46 -72.91 32.64
N LEU A 657 -53.04 -73.33 31.44
CA LEU A 657 -53.76 -74.33 30.62
C LEU A 657 -53.91 -75.64 31.43
N GLY A 658 -52.82 -76.15 31.98
CA GLY A 658 -52.81 -77.34 32.88
C GLY A 658 -53.67 -77.10 34.12
N GLU A 659 -53.57 -75.91 34.72
CA GLU A 659 -54.35 -75.52 35.94
C GLU A 659 -55.85 -75.58 35.59
N LEU A 660 -56.23 -75.11 34.40
CA LEU A 660 -57.66 -75.10 33.96
C LEU A 660 -58.11 -76.52 33.67
N ARG A 661 -57.23 -77.39 33.13
CA ARG A 661 -57.51 -78.83 32.96
C ARG A 661 -57.84 -79.45 34.33
N ALA A 662 -57.07 -79.08 35.36
CA ALA A 662 -57.31 -79.54 36.75
C ALA A 662 -58.65 -78.98 37.25
N SER A 663 -58.94 -77.70 36.99
CA SER A 663 -60.18 -77.00 37.45
C SER A 663 -61.43 -77.56 36.76
N MET A 664 -61.25 -78.17 35.58
CA MET A 664 -62.30 -78.86 34.81
C MET A 664 -62.87 -80.07 35.59
N THR A 665 -62.23 -80.52 36.69
CA THR A 665 -62.75 -81.53 37.67
C THR A 665 -64.25 -81.32 37.97
N ASP A 666 -64.64 -80.10 38.33
CA ASP A 666 -66.04 -79.72 38.67
C ASP A 666 -66.27 -78.33 38.06
N PRO A 667 -66.85 -78.22 36.83
CA PRO A 667 -67.04 -76.92 36.18
C PRO A 667 -68.24 -76.07 36.66
N SER A 668 -68.90 -76.46 37.77
CA SER A 668 -69.98 -75.70 38.47
C SER A 668 -69.44 -74.51 39.29
N GLN A 669 -68.13 -74.43 39.54
CA GLN A 669 -67.50 -73.39 40.40
C GLN A 669 -67.64 -71.97 39.80
N ARG A 670 -67.10 -71.70 38.61
CA ARG A 670 -67.13 -70.39 37.90
C ARG A 670 -65.92 -69.53 38.29
N ASP A 671 -65.51 -69.61 39.54
CA ASP A 671 -64.69 -68.56 40.16
C ASP A 671 -63.21 -68.86 39.86
N VAL A 672 -62.82 -70.14 39.88
CA VAL A 672 -61.50 -70.68 39.43
C VAL A 672 -61.34 -70.46 37.92
N ILE A 673 -62.42 -70.68 37.16
CA ILE A 673 -62.37 -70.78 35.67
C ILE A 673 -62.26 -69.35 35.12
N SER A 674 -63.05 -68.40 35.65
CA SER A 674 -63.00 -66.96 35.21
C SER A 674 -61.56 -66.43 35.36
N ALA A 675 -60.97 -66.69 36.52
CA ALA A 675 -59.60 -66.25 36.91
C ALA A 675 -58.55 -66.88 35.99
N GLN A 676 -58.59 -68.20 35.82
CA GLN A 676 -57.63 -68.94 34.95
C GLN A 676 -57.74 -68.45 33.52
N VAL A 677 -58.96 -68.20 33.04
CA VAL A 677 -59.19 -67.79 31.63
C VAL A 677 -58.63 -66.37 31.44
N ALA A 678 -58.92 -65.44 32.36
CA ALA A 678 -58.35 -64.08 32.40
C ALA A 678 -56.82 -64.16 32.34
N VAL A 679 -56.23 -65.01 33.19
CA VAL A 679 -54.76 -65.28 33.27
C VAL A 679 -54.25 -65.70 31.88
N ILE A 680 -54.88 -66.72 31.30
CA ILE A 680 -54.46 -67.34 30.01
C ILE A 680 -54.50 -66.25 28.93
N SER A 681 -55.56 -65.44 28.89
CA SER A 681 -55.75 -64.36 27.88
C SER A 681 -54.64 -63.33 28.01
N GLU A 682 -54.42 -62.79 29.20
CA GLU A 682 -53.42 -61.70 29.38
C GLU A 682 -51.99 -62.24 29.23
N ARG A 683 -51.78 -63.55 29.32
CA ARG A 683 -50.49 -64.19 28.96
C ARG A 683 -50.40 -64.46 27.47
N LEU A 684 -51.50 -64.78 26.79
CA LEU A 684 -51.53 -64.87 25.29
C LEU A 684 -51.13 -63.51 24.69
N ARG A 685 -51.53 -62.39 25.33
CA ARG A 685 -51.07 -61.03 24.94
C ARG A 685 -49.53 -60.94 24.98
N ALA A 686 -48.89 -61.57 25.96
CA ALA A 686 -47.41 -61.56 26.11
C ALA A 686 -46.75 -62.26 24.91
N VAL A 687 -47.20 -63.47 24.53
CA VAL A 687 -46.65 -64.22 23.33
C VAL A 687 -46.99 -63.44 22.05
N LEU A 688 -48.18 -62.84 21.96
CA LEU A 688 -48.61 -61.99 20.81
C LEU A 688 -47.73 -60.72 20.69
N GLY A 689 -47.22 -60.18 21.80
CA GLY A 689 -46.70 -58.80 21.91
C GLY A 689 -47.82 -57.83 22.20
N HIS A 690 -47.50 -56.58 22.54
CA HIS A 690 -48.44 -55.49 22.94
C HIS A 690 -48.87 -55.69 24.41
N GLU A 712 -46.65 -68.26 9.89
CA GLU A 712 -45.77 -68.04 11.08
C GLU A 712 -45.59 -69.35 11.84
N PRO A 713 -44.34 -69.78 12.17
CA PRO A 713 -44.14 -70.99 12.97
C PRO A 713 -44.55 -70.79 14.45
N ARG A 714 -44.21 -69.64 15.05
CA ARG A 714 -44.52 -69.27 16.46
C ARG A 714 -46.05 -69.18 16.69
N GLU A 715 -46.77 -68.45 15.84
CA GLU A 715 -48.25 -68.33 15.96
C GLU A 715 -48.88 -69.69 15.61
N HIS A 716 -48.27 -70.52 14.72
CA HIS A 716 -48.70 -71.92 14.47
C HIS A 716 -48.62 -72.74 15.77
N MET A 717 -47.52 -72.60 16.51
CA MET A 717 -47.32 -73.28 17.82
C MET A 717 -48.38 -72.80 18.83
N ALA A 718 -48.61 -71.48 18.95
CA ALA A 718 -49.60 -70.87 19.88
C ALA A 718 -51.01 -71.41 19.58
N VAL A 719 -51.43 -71.38 18.31
CA VAL A 719 -52.79 -71.84 17.87
C VAL A 719 -52.91 -73.35 18.09
N ASP A 720 -51.88 -74.12 17.73
CA ASP A 720 -51.87 -75.61 17.92
C ASP A 720 -52.05 -75.91 19.41
N LEU A 721 -51.32 -75.20 20.29
CA LEU A 721 -51.40 -75.35 21.77
C LEU A 721 -52.83 -75.08 22.23
N LEU A 722 -53.39 -73.92 21.86
CA LEU A 722 -54.77 -73.48 22.25
C LEU A 722 -55.78 -74.56 21.87
N LEU A 723 -55.74 -74.98 20.59
CA LEU A 723 -56.67 -75.94 19.95
C LEU A 723 -56.60 -77.29 20.69
N THR A 724 -55.39 -77.86 20.80
CA THR A 724 -55.15 -79.19 21.40
C THR A 724 -55.55 -79.15 22.88
N SER A 725 -55.17 -78.08 23.59
CA SER A 725 -55.52 -77.83 25.02
C SER A 725 -57.03 -77.91 25.16
N PHE A 726 -57.75 -77.24 24.26
CA PHE A 726 -59.22 -77.17 24.31
C PHE A 726 -59.85 -78.50 23.91
N CYS A 727 -59.22 -79.27 23.00
CA CYS A 727 -59.65 -80.64 22.63
C CYS A 727 -59.66 -81.53 23.89
N GLN A 728 -58.57 -81.47 24.66
CA GLN A 728 -58.41 -82.31 25.87
C GLN A 728 -59.27 -81.73 27.01
N ASN A 729 -59.49 -80.41 27.03
CA ASN A 729 -60.49 -79.70 27.89
C ASN A 729 -61.87 -80.33 27.67
N LEU A 730 -62.27 -80.47 26.41
CA LEU A 730 -63.59 -81.09 26.08
C LEU A 730 -63.56 -82.60 26.38
N MET A 731 -62.40 -83.30 26.25
CA MET A 731 -62.20 -84.73 26.67
C MET A 731 -62.68 -84.87 28.12
N ALA A 732 -62.08 -84.06 29.02
CA ALA A 732 -62.43 -84.01 30.45
C ALA A 732 -63.93 -83.67 30.63
N ALA A 733 -64.44 -82.71 29.85
CA ALA A 733 -65.85 -82.24 29.90
C ALA A 733 -66.80 -83.40 29.55
N SER A 734 -66.50 -84.14 28.48
CA SER A 734 -67.26 -85.34 28.07
C SER A 734 -67.18 -86.42 29.15
N SER A 735 -66.05 -86.52 29.86
CA SER A 735 -65.90 -87.39 31.06
C SER A 735 -66.88 -86.91 32.16
N VAL A 736 -67.19 -85.60 32.20
CA VAL A 736 -68.22 -84.93 33.06
C VAL A 736 -69.39 -84.48 32.15
N ALA A 737 -69.72 -85.42 31.29
CA ALA A 737 -70.72 -85.38 30.22
C ALA A 737 -71.67 -84.20 30.23
N PRO A 738 -72.66 -84.02 31.15
CA PRO A 738 -73.78 -83.19 30.75
C PRO A 738 -73.44 -81.74 30.31
N PRO A 739 -73.67 -81.38 29.01
CA PRO A 739 -73.29 -80.06 28.48
C PRO A 739 -74.19 -78.87 28.86
N GLU A 740 -75.48 -79.12 29.14
CA GLU A 740 -76.48 -78.15 29.69
C GLU A 740 -76.00 -77.55 31.03
N ARG A 741 -75.30 -78.34 31.86
CA ARG A 741 -74.80 -77.97 33.22
C ARG A 741 -73.25 -77.94 33.29
N GLN A 742 -72.51 -78.24 32.20
CA GLN A 742 -71.03 -78.03 32.10
C GLN A 742 -70.72 -76.54 32.35
N GLY A 743 -71.33 -75.64 31.55
CA GLY A 743 -71.31 -74.17 31.74
C GLY A 743 -70.63 -73.47 30.56
N PRO A 744 -70.59 -72.11 30.55
CA PRO A 744 -69.85 -71.39 29.50
C PRO A 744 -68.34 -71.29 29.79
N TRP A 745 -67.67 -72.34 30.30
CA TRP A 745 -66.18 -72.48 30.40
C TRP A 745 -65.55 -72.35 29.00
N ALA A 746 -66.18 -73.03 28.05
CA ALA A 746 -65.85 -73.03 26.61
C ALA A 746 -66.09 -71.63 26.04
N ALA A 747 -67.20 -70.97 26.41
CA ALA A 747 -67.56 -69.59 26.01
C ALA A 747 -66.45 -68.62 26.46
N LEU A 748 -65.98 -68.75 27.71
CA LEU A 748 -64.89 -67.89 28.24
C LEU A 748 -63.56 -68.25 27.55
N PHE A 749 -63.32 -69.52 27.22
CA PHE A 749 -62.13 -69.94 26.41
C PHE A 749 -62.17 -69.20 25.04
N VAL A 750 -63.30 -69.20 24.35
CA VAL A 750 -63.45 -68.53 23.01
C VAL A 750 -63.21 -67.01 23.18
N ARG A 751 -63.58 -66.44 24.32
CA ARG A 751 -63.28 -65.02 24.65
C ARG A 751 -61.77 -64.78 24.76
N THR A 752 -60.94 -65.83 24.82
CA THR A 752 -59.46 -65.77 24.63
C THR A 752 -59.11 -65.73 23.13
N MET A 753 -59.89 -66.43 22.30
CA MET A 753 -59.70 -66.52 20.83
C MET A 753 -60.26 -65.26 20.13
N CYS A 754 -60.98 -64.39 20.85
CA CYS A 754 -61.68 -63.18 20.31
C CYS A 754 -60.76 -62.27 19.49
N GLY A 755 -59.76 -61.66 20.13
CA GLY A 755 -58.97 -60.51 19.60
C GLY A 755 -57.52 -60.87 19.31
N ARG A 756 -57.09 -60.73 18.05
CA ARG A 756 -55.73 -61.03 17.51
C ARG A 756 -55.33 -62.51 17.66
N VAL A 757 -56.24 -63.39 18.07
CA VAL A 757 -56.03 -64.87 18.01
C VAL A 757 -56.98 -65.46 16.96
N LEU A 758 -58.22 -64.94 16.86
CA LEU A 758 -59.24 -65.22 15.79
C LEU A 758 -58.63 -65.50 14.42
N PRO A 759 -57.87 -64.58 13.75
CA PRO A 759 -57.43 -64.81 12.37
C PRO A 759 -56.53 -66.05 12.21
N ALA A 760 -55.58 -66.23 13.13
CA ALA A 760 -54.65 -67.38 13.16
C ALA A 760 -55.45 -68.67 13.38
N VAL A 761 -56.45 -68.64 14.28
CA VAL A 761 -57.40 -69.78 14.55
C VAL A 761 -58.09 -70.14 13.22
N LEU A 762 -58.58 -69.15 12.47
CA LEU A 762 -59.31 -69.41 11.19
C LEU A 762 -58.32 -69.96 10.14
N THR A 763 -57.08 -69.46 10.07
CA THR A 763 -56.04 -69.97 9.13
C THR A 763 -55.75 -71.45 9.46
N ARG A 764 -55.64 -71.83 10.76
CA ARG A 764 -55.35 -73.24 11.18
C ARG A 764 -56.56 -74.15 10.90
N LEU A 765 -57.79 -73.70 11.17
CA LEU A 765 -59.03 -74.49 10.93
C LEU A 765 -59.21 -74.74 9.42
N CYS A 766 -58.86 -73.77 8.54
CA CYS A 766 -58.78 -73.93 7.05
C CYS A 766 -57.76 -75.03 6.70
N GLN A 767 -56.55 -74.94 7.24
CA GLN A 767 -55.47 -75.97 7.08
C GLN A 767 -55.94 -77.35 7.59
N LEU A 768 -56.80 -77.42 8.64
CA LEU A 768 -57.35 -78.70 9.22
C LEU A 768 -58.40 -79.35 8.30
N LEU A 769 -59.56 -78.72 8.15
CA LEU A 769 -60.81 -79.41 7.70
C LEU A 769 -60.87 -79.43 6.17
N ARG A 770 -60.35 -78.38 5.49
CA ARG A 770 -59.79 -78.43 4.09
C ARG A 770 -58.41 -79.09 4.16
N HIS A 771 -58.08 -80.02 3.27
CA HIS A 771 -56.74 -80.69 3.13
C HIS A 771 -56.58 -81.81 4.18
N GLN A 772 -56.73 -81.53 5.50
CA GLN A 772 -56.37 -82.46 6.64
C GLN A 772 -57.64 -82.88 7.44
N GLY A 773 -58.79 -83.02 6.77
CA GLY A 773 -60.04 -83.49 7.38
C GLY A 773 -59.91 -84.93 7.92
N PRO A 774 -59.73 -85.97 7.06
CA PRO A 774 -60.03 -87.37 7.41
C PRO A 774 -59.26 -88.01 8.58
N SER A 775 -58.01 -87.59 8.82
CA SER A 775 -57.11 -88.09 9.89
C SER A 775 -57.71 -87.86 11.29
N LEU A 776 -58.40 -86.71 11.48
CA LEU A 776 -58.96 -86.27 12.80
C LEU A 776 -59.89 -87.38 13.34
N SER A 777 -59.53 -87.98 14.47
CA SER A 777 -60.31 -89.03 15.17
C SER A 777 -61.43 -88.41 16.03
N ALA A 778 -62.32 -89.27 16.58
CA ALA A 778 -63.61 -88.96 17.25
C ALA A 778 -63.52 -87.78 18.22
N PRO A 779 -62.62 -87.77 19.23
CA PRO A 779 -62.56 -86.66 20.18
C PRO A 779 -62.10 -85.31 19.59
N HIS A 780 -61.04 -85.34 18.75
CA HIS A 780 -60.51 -84.18 17.96
C HIS A 780 -61.70 -83.56 17.21
N VAL A 781 -62.53 -84.41 16.61
CA VAL A 781 -63.65 -83.96 15.74
C VAL A 781 -64.78 -83.38 16.60
N LEU A 782 -65.18 -84.02 17.72
CA LEU A 782 -66.24 -83.48 18.64
C LEU A 782 -65.79 -82.10 19.15
N GLY A 783 -64.48 -81.95 19.44
CA GLY A 783 -63.81 -80.69 19.76
C GLY A 783 -63.95 -79.59 18.71
N LEU A 784 -63.54 -79.85 17.46
CA LEU A 784 -63.63 -78.86 16.33
C LEU A 784 -65.10 -78.43 16.12
N ALA A 785 -66.06 -79.37 16.27
CA ALA A 785 -67.51 -79.10 16.10
C ALA A 785 -68.03 -78.18 17.22
N ALA A 786 -67.75 -78.51 18.49
CA ALA A 786 -68.17 -77.69 19.65
C ALA A 786 -67.56 -76.27 19.54
N LEU A 787 -66.29 -76.17 19.12
CA LEU A 787 -65.61 -74.89 18.79
C LEU A 787 -66.47 -74.08 17.81
N ALA A 788 -66.78 -74.67 16.65
CA ALA A 788 -67.49 -74.00 15.54
C ALA A 788 -68.85 -73.49 16.03
N VAL A 789 -69.57 -74.28 16.85
CA VAL A 789 -70.87 -73.88 17.48
C VAL A 789 -70.62 -72.60 18.29
N HIS A 790 -69.58 -72.62 19.12
CA HIS A 790 -69.28 -71.49 20.04
C HIS A 790 -68.88 -70.25 19.24
N LEU A 791 -68.14 -70.41 18.12
CA LEU A 791 -67.75 -69.28 17.23
C LEU A 791 -69.01 -68.65 16.64
N GLY A 792 -69.89 -69.49 16.08
CA GLY A 792 -71.19 -69.08 15.51
C GLY A 792 -72.09 -68.40 16.52
N GLU A 793 -71.96 -68.74 17.82
CA GLU A 793 -72.77 -68.13 18.92
C GLU A 793 -72.39 -66.67 19.08
N SER A 794 -71.10 -66.41 19.30
CA SER A 794 -70.54 -65.05 19.54
C SER A 794 -70.15 -64.34 18.22
N ARG A 795 -70.55 -64.88 17.05
CA ARG A 795 -70.45 -64.26 15.69
C ARG A 795 -70.84 -62.76 15.74
N SER A 796 -71.93 -62.43 16.46
CA SER A 796 -72.51 -61.06 16.68
C SER A 796 -71.43 -59.98 16.90
N ALA A 797 -70.34 -60.27 17.62
CA ALA A 797 -69.22 -59.35 17.93
C ALA A 797 -68.11 -59.34 16.84
N LEU A 798 -67.95 -60.44 16.08
CA LEU A 798 -66.71 -60.75 15.29
C LEU A 798 -66.76 -60.02 13.93
N PRO A 799 -65.63 -59.85 13.21
CA PRO A 799 -65.66 -59.24 11.87
C PRO A 799 -66.09 -60.21 10.74
N GLU A 800 -66.69 -59.68 9.66
CA GLU A 800 -67.17 -60.44 8.45
C GLU A 800 -65.94 -60.98 7.71
N VAL A 801 -65.99 -62.26 7.30
CA VAL A 801 -64.84 -63.00 6.70
C VAL A 801 -65.23 -63.46 5.29
N ASP A 802 -64.28 -63.27 4.36
CA ASP A 802 -64.36 -63.57 2.92
C ASP A 802 -63.02 -64.25 2.54
N VAL A 803 -62.92 -64.89 1.36
CA VAL A 803 -61.76 -65.74 0.93
C VAL A 803 -60.87 -64.94 -0.03
N PRO A 813 -69.31 -65.20 8.15
CA PRO A 813 -68.00 -65.45 8.75
C PRO A 813 -67.76 -66.91 9.16
N VAL A 814 -68.37 -67.35 10.28
CA VAL A 814 -68.42 -68.78 10.71
C VAL A 814 -69.30 -69.55 9.74
N PRO A 815 -70.48 -68.99 9.34
CA PRO A 815 -71.22 -69.54 8.20
C PRO A 815 -70.37 -69.79 6.93
N ALA A 816 -69.58 -68.80 6.51
CA ALA A 816 -68.66 -68.86 5.36
C ALA A 816 -67.59 -69.96 5.58
N LEU A 817 -67.06 -70.11 6.81
CA LEU A 817 -65.97 -71.09 7.14
C LEU A 817 -66.33 -72.48 6.60
N PHE A 818 -67.41 -73.06 7.12
CA PHE A 818 -67.73 -74.50 6.88
C PHE A 818 -68.21 -74.68 5.42
N ASP A 819 -68.97 -73.73 4.84
CA ASP A 819 -69.50 -73.90 3.45
C ASP A 819 -68.33 -73.84 2.46
N SER A 820 -67.31 -73.02 2.75
CA SER A 820 -65.98 -73.08 2.07
C SER A 820 -65.32 -74.45 2.37
N LEU A 821 -65.24 -74.84 3.64
CA LEU A 821 -64.62 -76.09 4.19
C LEU A 821 -65.13 -77.35 3.46
N LEU A 822 -66.42 -77.37 3.12
CA LEU A 822 -67.25 -78.57 2.81
C LEU A 822 -66.57 -79.51 1.80
N THR A 823 -66.50 -80.79 2.17
CA THR A 823 -66.19 -81.94 1.30
C THR A 823 -67.41 -82.45 0.54
N CYS A 824 -67.39 -82.12 -0.73
CA CYS A 824 -68.34 -82.58 -1.75
C CYS A 824 -68.00 -83.99 -2.21
N ARG A 825 -66.75 -84.22 -2.65
CA ARG A 825 -66.42 -85.13 -3.78
C ARG A 825 -66.06 -86.53 -3.25
N THR A 826 -65.24 -86.65 -2.20
CA THR A 826 -64.84 -87.97 -1.63
C THR A 826 -65.95 -88.49 -0.70
N ARG A 827 -66.21 -89.79 -0.73
CA ARG A 827 -67.27 -90.49 0.06
C ARG A 827 -66.78 -90.68 1.50
N ASP A 828 -65.48 -90.99 1.63
CA ASP A 828 -64.66 -90.96 2.87
C ASP A 828 -65.01 -89.67 3.61
N SER A 829 -64.90 -88.58 2.87
CA SER A 829 -65.10 -87.21 3.37
C SER A 829 -66.57 -86.97 3.62
N LEU A 830 -67.48 -87.61 2.88
CA LEU A 830 -68.94 -87.50 3.13
C LEU A 830 -69.29 -88.16 4.47
N PHE A 831 -68.72 -89.32 4.79
CA PHE A 831 -68.91 -89.95 6.13
C PHE A 831 -68.49 -88.94 7.20
N PHE A 832 -67.34 -88.32 6.98
CA PHE A 832 -66.76 -87.35 7.93
C PHE A 832 -67.67 -86.13 8.01
N CYS A 833 -68.09 -85.62 6.84
CA CYS A 833 -69.02 -84.47 6.73
C CYS A 833 -70.27 -84.75 7.54
N LEU A 834 -70.79 -85.98 7.44
CA LEU A 834 -71.97 -86.40 8.24
C LEU A 834 -71.61 -86.33 9.71
N LYS A 835 -70.50 -86.96 10.09
CA LYS A 835 -69.91 -86.97 11.46
C LYS A 835 -69.85 -85.56 12.01
N PHE A 836 -69.24 -84.67 11.22
CA PHE A 836 -68.90 -83.27 11.58
C PHE A 836 -70.20 -82.52 11.84
N CYS A 837 -71.11 -82.58 10.87
CA CYS A 837 -72.42 -81.88 10.91
C CYS A 837 -73.30 -82.48 11.99
N THR A 838 -73.25 -83.80 12.17
CA THR A 838 -74.00 -84.50 13.23
C THR A 838 -73.54 -83.99 14.59
N ALA A 839 -72.23 -84.03 14.85
CA ALA A 839 -71.62 -83.64 16.15
C ALA A 839 -71.90 -82.15 16.40
N ALA A 840 -71.73 -81.31 15.35
CA ALA A 840 -71.98 -79.85 15.36
C ALA A 840 -73.42 -79.59 15.77
N ILE A 841 -74.36 -80.14 15.00
CA ILE A 841 -75.82 -79.95 15.21
C ILE A 841 -76.17 -80.48 16.61
N SER A 842 -75.72 -81.69 16.99
CA SER A 842 -76.06 -82.35 18.28
C SER A 842 -75.55 -81.54 19.47
N TYR A 843 -74.32 -81.01 19.43
CA TYR A 843 -73.78 -80.19 20.55
C TYR A 843 -74.55 -78.87 20.63
N SER A 844 -74.89 -78.24 19.50
CA SER A 844 -75.73 -77.01 19.47
C SER A 844 -77.09 -77.32 20.12
N LEU A 845 -77.70 -78.45 19.76
CA LEU A 845 -79.00 -78.91 20.32
C LEU A 845 -78.84 -79.20 21.83
N CYS A 846 -77.75 -79.83 22.27
CA CYS A 846 -77.43 -80.10 23.71
C CYS A 846 -77.31 -78.76 24.47
N LYS A 847 -76.59 -77.80 23.91
CA LYS A 847 -76.32 -76.46 24.52
C LYS A 847 -77.64 -75.66 24.63
N PHE A 848 -78.47 -75.65 23.58
CA PHE A 848 -79.72 -74.87 23.46
C PHE A 848 -80.97 -75.71 23.82
N SER A 849 -80.82 -76.90 24.41
CA SER A 849 -81.94 -77.63 25.11
C SER A 849 -82.26 -76.92 26.43
N SER A 850 -81.29 -76.21 27.03
CA SER A 850 -81.52 -75.30 28.18
C SER A 850 -82.33 -74.06 27.75
N GLN A 851 -82.18 -73.55 26.51
CA GLN A 851 -82.92 -72.38 25.98
C GLN A 851 -84.16 -72.85 25.19
N SER A 852 -85.36 -72.40 25.60
CA SER A 852 -86.65 -72.55 24.86
C SER A 852 -86.59 -71.82 23.50
N ARG A 853 -85.64 -70.90 23.34
CA ARG A 853 -85.31 -70.11 22.11
C ARG A 853 -85.08 -71.03 20.90
N ASP A 854 -85.47 -70.55 19.71
CA ASP A 854 -85.01 -71.04 18.37
C ASP A 854 -83.80 -70.19 17.93
N THR A 855 -82.67 -70.27 18.65
CA THR A 855 -81.36 -69.62 18.34
C THR A 855 -80.51 -70.51 17.41
N LEU A 856 -80.87 -71.80 17.22
CA LEU A 856 -80.03 -72.79 16.47
C LEU A 856 -79.80 -72.30 15.04
N CYS A 857 -80.85 -71.86 14.34
CA CYS A 857 -80.78 -71.36 12.94
C CYS A 857 -80.01 -70.03 12.84
N SER A 858 -79.85 -69.26 13.94
CA SER A 858 -78.98 -68.06 14.01
C SER A 858 -77.52 -68.46 14.31
N CYS A 859 -77.29 -69.17 15.42
CA CYS A 859 -75.96 -69.65 15.92
C CYS A 859 -75.26 -70.49 14.83
N LEU A 860 -75.83 -71.65 14.46
CA LEU A 860 -75.43 -72.44 13.26
C LEU A 860 -75.92 -71.67 12.02
N SER A 861 -75.38 -71.97 10.85
CA SER A 861 -75.94 -71.52 9.55
C SER A 861 -76.93 -72.57 9.05
N PRO A 862 -77.77 -72.26 8.02
CA PRO A 862 -78.69 -73.26 7.49
C PRO A 862 -78.02 -74.32 6.59
N GLY A 863 -76.98 -73.93 5.82
CA GLY A 863 -76.27 -74.75 4.81
C GLY A 863 -75.89 -76.13 5.31
N LEU A 864 -75.28 -76.18 6.49
CA LEU A 864 -74.87 -77.46 7.14
C LEU A 864 -76.11 -78.32 7.45
N ILE A 865 -77.22 -77.75 7.93
CA ILE A 865 -78.44 -78.55 8.26
C ILE A 865 -79.03 -79.08 6.94
N LYS A 866 -78.94 -78.30 5.86
CA LYS A 866 -79.34 -78.74 4.48
C LYS A 866 -78.52 -79.95 4.04
N LYS A 867 -77.19 -79.87 4.19
CA LYS A 867 -76.26 -80.98 3.81
C LYS A 867 -76.56 -82.23 4.66
N PHE A 868 -76.87 -82.06 5.96
CA PHE A 868 -77.21 -83.19 6.87
C PHE A 868 -78.48 -83.89 6.36
N GLN A 869 -79.55 -83.13 6.08
CA GLN A 869 -80.81 -83.70 5.50
C GLN A 869 -80.51 -84.42 4.18
N PHE A 870 -79.73 -83.80 3.27
CA PHE A 870 -79.31 -84.35 1.95
C PHE A 870 -78.66 -85.72 2.13
N LEU A 871 -77.69 -85.82 3.04
CA LEU A 871 -76.89 -87.07 3.22
C LEU A 871 -77.74 -88.13 3.93
N MET A 872 -78.62 -87.73 4.86
CA MET A 872 -79.58 -88.67 5.51
C MET A 872 -80.45 -89.31 4.41
N PHE A 873 -81.04 -88.50 3.54
CA PHE A 873 -81.89 -88.97 2.41
C PHE A 873 -81.07 -89.86 1.49
N ARG A 874 -79.82 -89.49 1.21
CA ARG A 874 -78.95 -90.16 0.21
C ARG A 874 -78.59 -91.57 0.68
N LEU A 875 -78.19 -91.73 1.95
CA LEU A 875 -77.50 -92.95 2.49
C LEU A 875 -78.49 -93.89 3.21
N PHE A 876 -79.52 -93.37 3.91
CA PHE A 876 -80.56 -94.15 4.63
C PHE A 876 -81.91 -94.04 3.90
N SER A 877 -82.41 -95.16 3.37
CA SER A 877 -83.80 -95.30 2.83
C SER A 877 -84.85 -95.03 3.93
N GLU A 878 -84.54 -95.45 5.16
CA GLU A 878 -85.41 -95.21 6.35
C GLU A 878 -85.38 -93.74 6.80
N ALA A 879 -84.70 -92.85 6.07
CA ALA A 879 -84.77 -91.37 6.24
C ALA A 879 -85.73 -90.74 5.21
N ARG A 880 -85.81 -91.30 4.00
CA ARG A 880 -86.76 -90.86 2.94
C ARG A 880 -88.19 -91.31 3.31
N GLN A 881 -88.32 -92.55 3.80
CA GLN A 881 -89.63 -93.22 4.02
C GLN A 881 -90.43 -92.51 5.12
N PRO A 882 -89.99 -92.40 6.39
CA PRO A 882 -90.83 -91.93 7.48
C PRO A 882 -91.05 -90.41 7.49
N LEU A 883 -92.03 -89.95 8.27
CA LEU A 883 -92.39 -88.52 8.43
C LEU A 883 -92.68 -88.22 9.91
N HIS A 897 -74.38 -102.08 6.40
CA HIS A 897 -73.62 -101.80 5.15
C HIS A 897 -72.30 -101.08 5.48
N LEU A 898 -72.43 -99.87 6.03
CA LEU A 898 -71.54 -98.70 5.87
C LEU A 898 -70.83 -98.42 7.20
N PRO A 899 -69.91 -97.41 7.32
CA PRO A 899 -69.17 -97.09 8.54
C PRO A 899 -69.97 -96.95 9.83
N SER A 900 -69.17 -96.88 10.88
CA SER A 900 -69.45 -97.30 12.28
C SER A 900 -70.92 -97.17 12.69
N ALA A 901 -71.42 -98.27 13.22
CA ALA A 901 -72.80 -98.42 13.76
C ALA A 901 -73.10 -97.32 14.79
N ASP A 902 -72.08 -96.81 15.49
CA ASP A 902 -72.26 -95.70 16.45
C ASP A 902 -72.64 -94.40 15.73
N TRP A 903 -72.01 -94.13 14.59
CA TRP A 903 -72.29 -92.95 13.74
C TRP A 903 -73.71 -93.12 13.21
N GLN A 904 -74.03 -94.35 12.76
CA GLN A 904 -75.39 -94.77 12.27
C GLN A 904 -76.44 -94.42 13.35
N ARG A 905 -76.22 -94.93 14.56
CA ARG A 905 -77.11 -94.76 15.75
C ARG A 905 -77.28 -93.29 16.10
N ALA A 906 -76.17 -92.56 16.09
CA ALA A 906 -76.13 -91.11 16.35
C ALA A 906 -77.09 -90.44 15.36
N ALA A 907 -76.94 -90.72 14.06
CA ALA A 907 -77.77 -90.13 12.98
C ALA A 907 -79.25 -90.46 13.21
N LEU A 908 -79.57 -91.72 13.49
CA LEU A 908 -80.98 -92.17 13.68
C LEU A 908 -81.58 -91.54 14.94
N SER A 909 -80.82 -91.45 16.04
CA SER A 909 -81.28 -90.83 17.31
C SER A 909 -81.60 -89.35 17.07
N LEU A 910 -80.74 -88.63 16.35
CA LEU A 910 -80.95 -87.21 15.95
C LEU A 910 -82.21 -87.10 15.09
N TRP A 911 -82.36 -88.00 14.13
CA TRP A 911 -83.44 -87.95 13.11
C TRP A 911 -84.79 -88.13 13.81
N THR A 912 -84.86 -89.07 14.75
CA THR A 912 -86.06 -89.31 15.58
C THR A 912 -86.29 -88.16 16.57
N HIS A 913 -85.23 -87.52 17.10
CA HIS A 913 -85.33 -86.48 18.18
C HIS A 913 -86.29 -85.37 17.75
N ARG A 914 -87.12 -84.91 18.69
CA ARG A 914 -88.30 -84.02 18.45
C ARG A 914 -87.83 -82.66 17.96
N THR A 915 -86.97 -82.00 18.73
CA THR A 915 -86.57 -80.57 18.55
C THR A 915 -85.91 -80.36 17.17
N PHE A 916 -85.32 -81.39 16.56
CA PHE A 916 -84.88 -81.39 15.12
C PHE A 916 -86.09 -81.28 14.16
N ARG A 917 -87.17 -82.01 14.44
CA ARG A 917 -88.45 -81.96 13.64
C ARG A 917 -89.10 -80.58 13.78
N GLU A 918 -89.20 -80.04 15.01
CA GLU A 918 -89.71 -78.67 15.31
C GLU A 918 -88.81 -77.57 14.71
N VAL A 919 -87.48 -77.77 14.58
CA VAL A 919 -86.55 -76.85 13.85
C VAL A 919 -86.87 -76.89 12.35
N LEU A 920 -87.10 -78.08 11.76
CA LEU A 920 -87.26 -78.31 10.27
C LEU A 920 -88.50 -77.63 9.66
N LYS A 921 -89.37 -76.95 10.44
CA LYS A 921 -90.71 -76.49 9.96
C LYS A 921 -90.64 -75.08 9.34
N GLU A 922 -89.93 -74.11 9.95
CA GLU A 922 -90.12 -72.64 9.67
C GLU A 922 -89.23 -72.13 8.51
N GLU A 923 -89.28 -72.75 7.32
CA GLU A 923 -87.99 -73.12 6.69
C GLU A 923 -87.57 -72.54 5.33
N ASP A 924 -86.51 -71.75 5.46
CA ASP A 924 -85.30 -71.70 4.59
C ASP A 924 -84.51 -73.04 4.70
N VAL A 925 -84.56 -73.78 5.83
CA VAL A 925 -83.74 -75.01 6.09
C VAL A 925 -84.30 -76.25 5.36
N HIS A 926 -85.49 -76.20 4.74
CA HIS A 926 -86.23 -77.42 4.29
C HIS A 926 -85.70 -77.95 2.95
N LEU A 927 -84.46 -77.63 2.59
CA LEU A 927 -83.76 -78.15 1.39
C LEU A 927 -84.66 -78.03 0.16
N THR A 928 -84.69 -76.82 -0.39
CA THR A 928 -85.07 -76.52 -1.80
C THR A 928 -84.55 -77.60 -2.75
N TYR A 929 -85.39 -78.01 -3.71
CA TYR A 929 -85.00 -78.80 -4.89
C TYR A 929 -83.69 -78.26 -5.46
N GLN A 930 -83.55 -76.95 -5.61
CA GLN A 930 -82.32 -76.37 -6.24
C GLN A 930 -81.12 -76.56 -5.31
N ASP A 931 -81.32 -76.50 -3.99
CA ASP A 931 -80.22 -76.68 -3.00
C ASP A 931 -79.73 -78.14 -3.07
N TRP A 932 -80.70 -79.05 -3.02
CA TRP A 932 -80.50 -80.51 -3.20
C TRP A 932 -79.71 -80.73 -4.49
N LEU A 933 -80.05 -80.05 -5.57
CA LEU A 933 -79.34 -80.20 -6.87
C LEU A 933 -77.91 -79.78 -6.70
N HIS A 934 -77.66 -78.65 -6.06
CA HIS A 934 -76.27 -78.16 -5.85
C HIS A 934 -75.43 -79.21 -5.12
N LEU A 935 -75.97 -79.90 -4.10
CA LEU A 935 -75.20 -80.91 -3.31
C LEU A 935 -75.02 -82.20 -4.12
N GLU A 936 -76.06 -82.64 -4.84
CA GLU A 936 -75.99 -83.86 -5.69
C GLU A 936 -75.08 -83.63 -6.89
N LEU A 937 -74.92 -82.39 -7.36
CA LEU A 937 -73.97 -82.06 -8.44
C LEU A 937 -72.55 -82.01 -7.85
N GLU A 938 -72.41 -81.51 -6.62
CA GLU A 938 -71.12 -81.43 -5.88
C GLU A 938 -70.39 -82.78 -5.92
N ILE A 939 -71.12 -83.86 -5.58
CA ILE A 939 -70.59 -85.25 -5.48
C ILE A 939 -70.23 -85.75 -6.89
N GLN A 940 -69.35 -86.77 -6.95
CA GLN A 940 -68.74 -87.32 -8.20
C GLN A 940 -69.25 -88.74 -8.45
N PRO A 941 -69.05 -89.32 -9.67
CA PRO A 941 -69.30 -90.74 -9.95
C PRO A 941 -68.11 -91.66 -9.64
N GLU A 942 -67.19 -91.13 -8.85
CA GLU A 942 -65.80 -91.60 -8.60
C GLU A 942 -65.80 -92.21 -7.18
N ALA A 943 -66.14 -91.40 -6.16
CA ALA A 943 -66.35 -91.77 -4.73
C ALA A 943 -67.84 -91.62 -4.37
N ASP A 944 -68.54 -92.75 -4.22
CA ASP A 944 -70.01 -92.79 -4.29
C ASP A 944 -70.61 -92.95 -2.89
N ALA A 945 -70.24 -93.97 -2.13
CA ALA A 945 -70.86 -94.45 -0.86
C ALA A 945 -72.12 -95.30 -1.10
N LEU A 946 -72.67 -95.27 -2.32
CA LEU A 946 -73.78 -96.13 -2.81
C LEU A 946 -73.45 -96.61 -4.23
N SER A 947 -74.00 -97.76 -4.60
CA SER A 947 -73.93 -98.31 -5.97
C SER A 947 -74.73 -97.42 -6.92
N ASP A 948 -74.59 -97.66 -8.23
CA ASP A 948 -75.34 -96.93 -9.28
C ASP A 948 -76.85 -97.16 -9.08
N THR A 949 -77.27 -98.38 -8.71
CA THR A 949 -78.71 -98.75 -8.48
C THR A 949 -79.33 -97.89 -7.37
N GLU A 950 -78.69 -97.86 -6.20
CA GLU A 950 -79.17 -97.05 -5.05
C GLU A 950 -79.08 -95.56 -5.42
N ARG A 951 -78.09 -95.17 -6.23
CA ARG A 951 -77.96 -93.79 -6.80
C ARG A 951 -79.23 -93.43 -7.59
N GLN A 952 -79.59 -94.23 -8.59
CA GLN A 952 -80.79 -94.04 -9.45
C GLN A 952 -82.05 -94.06 -8.57
N ASP A 953 -82.12 -94.96 -7.59
CA ASP A 953 -83.28 -95.09 -6.66
C ASP A 953 -83.45 -93.79 -5.88
N PHE A 954 -82.36 -93.30 -5.28
CA PHE A 954 -82.32 -92.02 -4.53
C PHE A 954 -82.76 -90.87 -5.45
N HIS A 955 -82.21 -90.78 -6.66
CA HIS A 955 -82.54 -89.73 -7.67
C HIS A 955 -84.05 -89.72 -7.94
N GLN A 956 -84.62 -90.88 -8.22
CA GLN A 956 -86.06 -91.02 -8.58
C GLN A 956 -86.92 -90.75 -7.34
N TRP A 957 -86.53 -91.22 -6.14
CA TRP A 957 -87.22 -90.84 -4.87
C TRP A 957 -87.30 -89.32 -4.79
N ALA A 958 -86.15 -88.66 -4.83
CA ALA A 958 -86.02 -87.22 -4.56
C ALA A 958 -86.74 -86.40 -5.65
N ILE A 959 -86.62 -86.76 -6.93
CA ILE A 959 -87.31 -86.08 -8.07
C ILE A 959 -88.84 -86.23 -7.86
N HIS A 960 -89.31 -87.44 -7.50
CA HIS A 960 -90.75 -87.82 -7.31
C HIS A 960 -91.17 -87.70 -5.82
N GLU A 961 -90.41 -86.94 -5.00
CA GLU A 961 -90.81 -86.27 -3.72
C GLU A 961 -90.79 -84.73 -3.90
N HIS A 962 -90.02 -84.17 -4.85
CA HIS A 962 -89.91 -82.69 -5.11
C HIS A 962 -90.96 -82.18 -6.11
N PHE A 963 -91.44 -83.00 -7.06
CA PHE A 963 -92.59 -82.66 -7.94
C PHE A 963 -93.85 -82.33 -7.11
N LEU A 964 -94.06 -83.06 -6.03
CA LEU A 964 -95.35 -83.16 -5.31
C LEU A 964 -95.65 -81.81 -4.63
N PRO A 965 -94.77 -81.27 -3.74
CA PRO A 965 -95.11 -80.04 -3.02
C PRO A 965 -95.02 -78.81 -3.94
N GLU A 966 -95.77 -77.80 -3.53
CA GLU A 966 -95.79 -76.42 -4.07
C GLU A 966 -94.38 -75.79 -4.10
N SER A 967 -94.27 -74.66 -4.78
CA SER A 967 -93.04 -73.82 -4.79
C SER A 967 -92.88 -73.03 -3.47
N SER A 968 -93.88 -73.04 -2.55
CA SER A 968 -93.92 -72.22 -1.30
C SER A 968 -93.23 -72.93 -0.11
N ALA A 969 -93.74 -74.10 0.30
CA ALA A 969 -93.29 -74.87 1.49
C ALA A 969 -91.79 -75.22 1.35
N SER A 970 -91.44 -75.99 0.31
CA SER A 970 -90.08 -76.08 -0.28
C SER A 970 -90.10 -75.34 -1.62
N GLY A 971 -88.96 -74.77 -2.04
CA GLY A 971 -88.83 -74.04 -3.33
C GLY A 971 -89.24 -74.90 -4.49
N GLY A 972 -88.92 -76.19 -4.40
CA GLY A 972 -89.54 -77.29 -5.16
C GLY A 972 -89.88 -76.95 -6.59
N CYS A 973 -90.78 -77.76 -7.13
CA CYS A 973 -91.44 -77.59 -8.44
C CYS A 973 -92.71 -78.44 -8.41
N ASP A 974 -93.86 -77.92 -8.86
CA ASP A 974 -95.13 -78.70 -8.90
C ASP A 974 -94.99 -79.80 -9.96
N GLY A 975 -96.06 -80.52 -10.32
CA GLY A 975 -96.05 -81.62 -11.29
C GLY A 975 -95.42 -81.28 -12.64
N ASP A 976 -95.34 -79.99 -12.99
CA ASP A 976 -94.71 -79.43 -14.23
C ASP A 976 -93.28 -79.94 -14.36
N LEU A 977 -93.06 -80.76 -15.39
CA LEU A 977 -91.71 -81.28 -15.71
C LEU A 977 -90.91 -80.13 -16.32
N GLN A 978 -91.58 -79.18 -16.98
CA GLN A 978 -90.96 -77.93 -17.46
C GLN A 978 -90.31 -77.18 -16.29
N ALA A 979 -90.99 -77.10 -15.14
CA ALA A 979 -90.51 -76.43 -13.91
C ALA A 979 -89.22 -77.07 -13.40
N ALA A 980 -89.27 -78.38 -13.21
CA ALA A 980 -88.14 -79.21 -12.74
C ALA A 980 -86.96 -79.02 -13.70
N CYS A 981 -87.20 -79.25 -14.99
CA CYS A 981 -86.24 -79.06 -16.13
C CYS A 981 -85.62 -77.67 -16.13
N THR A 982 -86.44 -76.63 -15.96
CA THR A 982 -85.98 -75.22 -15.95
C THR A 982 -84.95 -75.05 -14.83
N ILE A 983 -85.35 -75.38 -13.59
CA ILE A 983 -84.49 -75.26 -12.37
C ILE A 983 -83.23 -76.13 -12.57
N LEU A 984 -83.37 -77.29 -13.17
CA LEU A 984 -82.28 -78.28 -13.36
C LEU A 984 -81.21 -77.71 -14.30
N VAL A 985 -81.61 -77.17 -15.45
CA VAL A 985 -80.66 -76.56 -16.42
C VAL A 985 -80.01 -75.36 -15.74
N ASN A 986 -80.81 -74.61 -14.99
CA ASN A 986 -80.34 -73.39 -14.28
C ASN A 986 -79.23 -73.81 -13.29
N ALA A 987 -79.44 -74.88 -12.51
CA ALA A 987 -78.47 -75.44 -11.52
C ALA A 987 -77.20 -75.90 -12.23
N LEU A 988 -77.35 -76.54 -13.39
CA LEU A 988 -76.18 -76.97 -14.21
C LEU A 988 -75.35 -75.74 -14.60
N MET A 989 -75.98 -74.67 -15.11
CA MET A 989 -75.24 -73.43 -15.51
C MET A 989 -74.49 -72.86 -14.30
N ASP A 990 -75.23 -72.66 -13.20
CA ASP A 990 -74.78 -72.07 -11.90
C ASP A 990 -73.54 -72.81 -11.39
N PHE A 991 -73.65 -74.13 -11.33
CA PHE A 991 -72.59 -75.04 -10.84
C PHE A 991 -71.37 -74.92 -11.76
N HIS A 992 -71.58 -75.05 -13.08
CA HIS A 992 -70.48 -75.22 -14.07
C HIS A 992 -69.72 -73.91 -14.22
N GLN A 993 -70.44 -72.79 -14.23
CA GLN A 993 -69.84 -71.43 -14.32
C GLN A 993 -69.59 -70.85 -12.91
N SER A 994 -69.35 -71.67 -11.87
CA SER A 994 -68.86 -71.29 -10.50
C SER A 994 -67.51 -71.95 -10.18
N SER A 995 -67.38 -73.26 -10.41
CA SER A 995 -66.29 -74.14 -9.91
C SER A 995 -65.22 -74.38 -11.00
N ARG A 996 -64.33 -75.37 -10.77
CA ARG A 996 -63.22 -75.86 -11.65
C ARG A 996 -62.05 -74.87 -11.61
N THR A 1012 -67.70 -83.89 -14.41
CA THR A 1012 -67.09 -84.85 -13.45
C THR A 1012 -67.67 -84.46 -12.07
N GLY A 1013 -68.84 -85.05 -11.80
CA GLY A 1013 -69.90 -84.51 -10.91
C GLY A 1013 -71.32 -84.90 -11.36
N ASN A 1014 -71.61 -84.96 -12.66
CA ASN A 1014 -72.97 -84.62 -13.21
C ASN A 1014 -73.71 -85.75 -13.94
N GLU A 1015 -73.06 -86.85 -14.32
CA GLU A 1015 -73.50 -87.67 -15.48
C GLU A 1015 -74.60 -88.67 -15.07
N ASP A 1016 -75.03 -88.67 -13.80
CA ASP A 1016 -76.33 -89.26 -13.37
C ASP A 1016 -77.47 -88.27 -13.64
N ILE A 1017 -77.28 -87.03 -13.23
CA ILE A 1017 -78.29 -85.95 -13.34
C ILE A 1017 -78.57 -85.65 -14.82
N ILE A 1018 -77.56 -85.68 -15.69
CA ILE A 1018 -77.83 -85.40 -17.13
C ILE A 1018 -78.63 -86.61 -17.71
N SER A 1019 -78.50 -87.80 -17.13
CA SER A 1019 -79.37 -88.95 -17.52
C SER A 1019 -80.81 -88.76 -17.00
N ARG A 1020 -81.01 -88.21 -15.78
CA ARG A 1020 -82.37 -87.85 -15.28
C ARG A 1020 -83.01 -86.84 -16.25
N LEU A 1021 -82.22 -85.92 -16.80
CA LEU A 1021 -82.73 -84.95 -17.81
C LEU A 1021 -83.24 -85.68 -19.07
N GLN A 1022 -82.49 -86.67 -19.59
CA GLN A 1022 -82.90 -87.45 -20.79
C GLN A 1022 -84.28 -88.07 -20.56
N GLU A 1023 -84.50 -88.71 -19.39
CA GLU A 1023 -85.77 -89.28 -18.84
C GLU A 1023 -86.93 -88.32 -19.15
N MET A 1024 -86.84 -87.12 -18.57
CA MET A 1024 -87.93 -86.13 -18.54
C MET A 1024 -88.10 -85.47 -19.92
N VAL A 1025 -87.01 -85.33 -20.73
CA VAL A 1025 -87.09 -84.74 -22.10
C VAL A 1025 -87.91 -85.66 -23.02
N ALA A 1026 -87.58 -86.95 -23.01
CA ALA A 1026 -88.35 -87.98 -23.75
C ALA A 1026 -89.81 -88.03 -23.25
N ASP A 1027 -90.07 -87.88 -21.93
CA ASP A 1027 -91.47 -87.82 -21.38
C ASP A 1027 -92.26 -86.72 -22.06
N LEU A 1028 -91.68 -85.51 -22.06
CA LEU A 1028 -92.36 -84.31 -22.61
C LEU A 1028 -92.47 -84.44 -24.15
N GLU A 1029 -91.52 -85.11 -24.82
CA GLU A 1029 -91.62 -85.45 -26.28
C GLU A 1029 -92.92 -86.23 -26.54
N LEU A 1030 -93.18 -87.27 -25.75
CA LEU A 1030 -94.38 -88.18 -25.87
C LEU A 1030 -95.68 -87.44 -25.51
N GLN A 1031 -95.70 -86.69 -24.40
CA GLN A 1031 -96.89 -85.89 -23.96
C GLN A 1031 -97.29 -84.86 -25.06
N GLN A 1032 -96.34 -84.27 -25.79
CA GLN A 1032 -96.62 -83.30 -26.90
C GLN A 1032 -97.04 -84.08 -28.16
N ASP A 1033 -96.35 -85.19 -28.46
CA ASP A 1033 -96.66 -86.08 -29.62
C ASP A 1033 -98.11 -86.58 -29.53
N LEU A 1034 -98.65 -86.76 -28.31
CA LEU A 1034 -100.12 -86.87 -28.08
C LEU A 1034 -100.81 -85.59 -28.59
N SER A 1043 -96.84 -78.93 -32.78
CA SER A 1043 -97.18 -77.51 -33.12
C SER A 1043 -96.43 -76.55 -32.17
N GLN A 1044 -96.54 -76.81 -30.86
CA GLN A 1044 -95.99 -75.95 -29.78
C GLN A 1044 -94.46 -76.05 -29.72
N GLU A 1045 -93.84 -75.00 -29.15
CA GLU A 1045 -92.38 -74.77 -29.11
C GLU A 1045 -91.85 -75.13 -27.72
N HIS A 1046 -90.53 -75.30 -27.61
CA HIS A 1046 -89.87 -75.84 -26.41
C HIS A 1046 -89.51 -74.70 -25.46
N PHE A 1047 -89.57 -74.95 -24.16
CA PHE A 1047 -89.11 -74.00 -23.10
C PHE A 1047 -87.59 -73.76 -23.13
N LEU A 1048 -86.81 -74.75 -23.60
CA LEU A 1048 -85.32 -74.71 -23.61
C LEU A 1048 -84.85 -73.38 -24.19
N PHE A 1049 -85.38 -73.03 -25.34
CA PHE A 1049 -84.85 -71.94 -26.19
C PHE A 1049 -85.11 -70.62 -25.45
N GLU A 1050 -86.21 -70.56 -24.69
CA GLU A 1050 -86.53 -69.41 -23.81
C GLU A 1050 -85.51 -69.31 -22.68
N ILE A 1051 -85.16 -70.43 -22.03
CA ILE A 1051 -84.11 -70.45 -20.97
C ILE A 1051 -82.80 -69.93 -21.58
N PHE A 1052 -82.44 -70.39 -22.78
CA PHE A 1052 -81.20 -70.00 -23.51
C PHE A 1052 -81.20 -68.48 -23.70
N ARG A 1053 -82.31 -67.96 -24.22
CA ARG A 1053 -82.42 -66.52 -24.54
C ARG A 1053 -82.36 -65.73 -23.23
N ARG A 1054 -82.95 -66.21 -22.11
CA ARG A 1054 -82.93 -65.52 -20.79
C ARG A 1054 -81.51 -65.39 -20.25
N ARG A 1055 -80.71 -66.44 -20.32
CA ARG A 1055 -79.34 -66.39 -19.78
C ARG A 1055 -78.45 -65.53 -20.67
N LEU A 1056 -78.60 -65.61 -22.00
CA LEU A 1056 -77.89 -64.72 -22.97
C LEU A 1056 -78.23 -63.26 -22.72
N GLN A 1057 -79.51 -62.98 -22.46
CA GLN A 1057 -80.04 -61.63 -22.14
C GLN A 1057 -79.43 -61.12 -20.83
N ALA A 1058 -79.46 -61.93 -19.75
CA ALA A 1058 -78.99 -61.57 -18.39
C ALA A 1058 -77.45 -61.51 -18.30
N LEU A 1059 -76.72 -61.98 -19.30
CA LEU A 1059 -75.26 -61.66 -19.46
C LEU A 1059 -75.11 -60.19 -19.83
N THR A 1060 -73.92 -59.64 -19.57
CA THR A 1060 -73.46 -58.34 -20.12
C THR A 1060 -73.54 -58.41 -21.65
N SER A 1061 -74.25 -57.45 -22.25
CA SER A 1061 -74.13 -57.11 -23.70
C SER A 1061 -72.76 -56.47 -23.95
N GLY A 1062 -72.04 -56.03 -22.89
CA GLY A 1062 -70.66 -55.54 -22.99
C GLY A 1062 -69.83 -56.45 -23.86
N TRP A 1063 -68.89 -55.85 -24.58
CA TRP A 1063 -68.06 -56.53 -25.60
C TRP A 1063 -66.73 -57.04 -25.02
N SER A 1064 -66.51 -56.73 -23.75
CA SER A 1064 -65.35 -57.18 -22.94
C SER A 1064 -65.06 -58.65 -23.15
N VAL A 1065 -63.79 -58.95 -23.23
CA VAL A 1065 -63.24 -60.30 -23.46
C VAL A 1065 -63.80 -61.25 -22.37
N ALA A 1066 -63.97 -60.75 -21.13
CA ALA A 1066 -64.62 -61.46 -20.00
C ALA A 1066 -66.01 -61.94 -20.43
N ALA A 1067 -66.82 -61.03 -20.94
CA ALA A 1067 -68.23 -61.30 -21.35
C ALA A 1067 -68.24 -62.26 -22.55
N SER A 1068 -67.36 -62.03 -23.55
CA SER A 1068 -67.23 -62.86 -24.79
C SER A 1068 -66.89 -64.30 -24.40
N LEU A 1069 -65.95 -64.47 -23.48
CA LEU A 1069 -65.55 -65.83 -23.01
C LEU A 1069 -66.68 -66.48 -22.22
N GLN A 1070 -67.34 -65.72 -21.34
CA GLN A 1070 -68.47 -66.19 -20.49
C GLN A 1070 -69.63 -66.71 -21.36
N ARG A 1071 -69.97 -65.97 -22.42
CA ARG A 1071 -71.00 -66.35 -23.44
C ARG A 1071 -70.51 -67.53 -24.30
N GLN A 1072 -69.23 -67.59 -24.68
CA GLN A 1072 -68.68 -68.76 -25.41
C GLN A 1072 -68.84 -70.01 -24.55
N ARG A 1073 -68.43 -69.92 -23.27
CA ARG A 1073 -68.61 -70.97 -22.22
C ARG A 1073 -70.06 -71.46 -22.22
N GLU A 1074 -70.98 -70.51 -22.06
CA GLU A 1074 -72.42 -70.83 -21.90
C GLU A 1074 -72.94 -71.49 -23.20
N LEU A 1075 -72.46 -71.11 -24.39
CA LEU A 1075 -72.95 -71.71 -25.67
C LEU A 1075 -72.35 -73.08 -25.95
N LEU A 1076 -71.09 -73.31 -25.60
CA LEU A 1076 -70.54 -74.69 -25.72
C LEU A 1076 -71.37 -75.59 -24.81
N MET A 1077 -71.77 -75.12 -23.61
CA MET A 1077 -72.60 -75.91 -22.65
C MET A 1077 -73.99 -76.20 -23.24
N TYR A 1078 -74.55 -75.24 -23.97
CA TYR A 1078 -75.82 -75.43 -24.71
C TYR A 1078 -75.63 -76.48 -25.81
N LYS A 1079 -74.62 -76.34 -26.68
CA LYS A 1079 -74.29 -77.33 -27.72
C LYS A 1079 -74.19 -78.75 -27.11
N ARG A 1080 -73.44 -78.91 -26.01
CA ARG A 1080 -73.31 -80.17 -25.20
C ARG A 1080 -74.69 -80.74 -24.86
N ILE A 1081 -75.55 -79.94 -24.20
CA ILE A 1081 -76.85 -80.46 -23.65
C ILE A 1081 -77.72 -80.85 -24.85
N LEU A 1082 -77.61 -80.18 -25.99
CA LEU A 1082 -78.40 -80.55 -27.20
C LEU A 1082 -77.90 -81.84 -27.83
N LEU A 1083 -76.58 -82.06 -27.87
CA LEU A 1083 -75.99 -83.35 -28.34
C LEU A 1083 -76.47 -84.50 -27.45
N ARG A 1084 -76.54 -84.30 -26.14
CA ARG A 1084 -77.00 -85.33 -25.17
C ARG A 1084 -78.44 -85.72 -25.48
N LEU A 1085 -79.29 -84.72 -25.57
CA LEU A 1085 -80.75 -84.91 -25.64
C LEU A 1085 -81.11 -85.27 -27.07
N PRO A 1086 -82.29 -85.89 -27.26
CA PRO A 1086 -82.73 -86.29 -28.60
C PRO A 1086 -82.71 -85.12 -29.61
N SER A 1087 -82.45 -85.42 -30.90
CA SER A 1087 -82.60 -84.53 -32.08
C SER A 1087 -84.07 -84.18 -32.37
N SER A 1088 -85.02 -84.83 -31.68
CA SER A 1088 -86.48 -84.57 -31.74
C SER A 1088 -86.85 -83.24 -31.08
N VAL A 1089 -86.06 -82.72 -30.14
CA VAL A 1089 -86.31 -81.40 -29.49
C VAL A 1089 -86.16 -80.29 -30.52
N LEU A 1090 -85.27 -80.47 -31.51
CA LEU A 1090 -84.99 -79.48 -32.57
C LEU A 1090 -86.17 -79.39 -33.56
N CYS A 1091 -86.49 -80.47 -34.29
CA CYS A 1091 -87.44 -80.50 -35.44
C CYS A 1091 -88.81 -81.05 -35.05
N GLY A 1092 -89.12 -81.09 -33.75
CA GLY A 1092 -90.23 -81.89 -33.20
C GLY A 1092 -90.19 -83.31 -33.74
N SER A 1093 -91.36 -83.95 -33.77
CA SER A 1093 -91.58 -85.29 -34.36
C SER A 1093 -92.95 -85.31 -35.03
N SER A 1094 -93.05 -85.92 -36.20
CA SER A 1094 -94.32 -86.06 -36.96
C SER A 1094 -94.86 -84.67 -37.33
N PHE A 1095 -94.15 -83.97 -38.23
CA PHE A 1095 -94.65 -82.79 -38.97
C PHE A 1095 -96.02 -83.12 -39.60
N GLN A 1096 -97.13 -82.55 -39.09
CA GLN A 1096 -98.53 -83.01 -39.37
C GLN A 1096 -98.96 -82.60 -40.80
N ALA A 1097 -98.60 -81.41 -41.30
CA ALA A 1097 -98.80 -80.98 -42.71
C ALA A 1097 -97.88 -79.78 -43.04
N GLU A 1098 -97.94 -79.26 -44.28
CA GLU A 1098 -97.28 -78.01 -44.76
C GLU A 1098 -97.76 -76.78 -43.98
N GLN A 1099 -99.03 -76.76 -43.56
CA GLN A 1099 -99.62 -75.61 -42.83
C GLN A 1099 -99.00 -75.49 -41.43
N PRO A 1100 -99.16 -76.48 -40.52
CA PRO A 1100 -98.35 -76.53 -39.28
C PRO A 1100 -96.92 -77.00 -39.57
N ILE A 1101 -96.06 -76.08 -40.01
CA ILE A 1101 -94.64 -76.38 -40.42
C ILE A 1101 -93.69 -75.32 -39.82
N THR A 1102 -92.41 -75.69 -39.62
CA THR A 1102 -91.29 -74.83 -39.13
C THR A 1102 -91.62 -74.37 -37.69
N ALA A 1103 -92.02 -75.31 -36.84
CA ALA A 1103 -92.29 -75.11 -35.40
C ALA A 1103 -91.10 -75.65 -34.63
N ARG A 1104 -90.40 -74.77 -33.88
CA ARG A 1104 -89.17 -75.07 -33.12
C ARG A 1104 -87.95 -74.95 -34.03
N CYS A 1105 -88.12 -75.14 -35.32
CA CYS A 1105 -86.96 -74.99 -36.22
C CYS A 1105 -86.60 -73.52 -36.32
N GLU A 1106 -87.60 -72.63 -36.45
CA GLU A 1106 -87.39 -71.17 -36.40
C GLU A 1106 -86.74 -70.79 -35.06
N GLN A 1107 -87.22 -71.40 -33.97
CA GLN A 1107 -86.63 -71.27 -32.60
C GLN A 1107 -85.12 -71.55 -32.62
N PHE A 1108 -84.74 -72.68 -33.21
CA PHE A 1108 -83.32 -73.10 -33.38
C PHE A 1108 -82.59 -72.13 -34.29
N PHE A 1109 -83.23 -71.66 -35.37
CA PHE A 1109 -82.56 -70.84 -36.41
C PHE A 1109 -82.14 -69.47 -35.85
N HIS A 1110 -83.02 -68.82 -35.06
CA HIS A 1110 -82.68 -67.58 -34.34
C HIS A 1110 -81.42 -67.83 -33.49
N LEU A 1111 -81.34 -68.97 -32.75
CA LEU A 1111 -80.21 -69.34 -31.85
C LEU A 1111 -78.93 -69.46 -32.67
N VAL A 1112 -79.01 -70.19 -33.78
CA VAL A 1112 -77.84 -70.45 -34.65
C VAL A 1112 -77.36 -69.13 -35.31
N ASN A 1113 -78.27 -68.28 -35.81
CA ASN A 1113 -77.91 -66.98 -36.43
C ASN A 1113 -77.31 -66.09 -35.36
N SER A 1114 -78.06 -65.87 -34.29
CA SER A 1114 -77.76 -64.84 -33.27
C SER A 1114 -76.43 -65.14 -32.58
N GLU A 1115 -76.22 -66.37 -32.13
CA GLU A 1115 -75.24 -66.69 -31.06
C GLU A 1115 -74.19 -67.67 -31.57
N MET A 1116 -74.62 -68.86 -32.00
CA MET A 1116 -73.70 -70.01 -32.18
C MET A 1116 -72.72 -69.68 -33.31
N ARG A 1117 -73.16 -68.91 -34.30
CA ARG A 1117 -72.31 -68.56 -35.45
C ARG A 1117 -71.14 -67.71 -35.01
N ASN A 1118 -71.35 -66.94 -33.95
CA ASN A 1118 -70.26 -66.22 -33.25
C ASN A 1118 -69.24 -67.24 -32.72
N PHE A 1119 -69.68 -68.23 -31.94
CA PHE A 1119 -68.84 -69.01 -30.98
C PHE A 1119 -68.58 -70.45 -31.42
N CYS A 1120 -69.60 -71.31 -31.46
CA CYS A 1120 -69.45 -72.76 -31.76
C CYS A 1120 -69.31 -72.97 -33.28
N SER A 1121 -68.46 -72.20 -33.98
CA SER A 1121 -68.25 -72.26 -35.46
C SER A 1121 -66.78 -72.60 -35.80
N HIS A 1122 -66.55 -72.94 -37.06
CA HIS A 1122 -65.27 -72.59 -37.73
C HIS A 1122 -65.43 -72.41 -39.25
N GLY A 1123 -64.84 -71.33 -39.79
CA GLY A 1123 -64.33 -71.19 -41.16
C GLY A 1123 -65.42 -70.79 -42.13
N GLY A 1124 -66.33 -69.94 -41.68
CA GLY A 1124 -67.68 -69.82 -42.29
C GLY A 1124 -68.46 -71.12 -42.19
N ALA A 1125 -68.41 -71.84 -41.06
CA ALA A 1125 -69.18 -73.09 -40.85
C ALA A 1125 -69.24 -73.54 -39.41
N LEU A 1126 -70.13 -74.49 -39.17
CA LEU A 1126 -70.56 -74.95 -37.84
C LEU A 1126 -69.68 -76.15 -37.44
N THR A 1127 -70.17 -77.03 -36.56
CA THR A 1127 -69.52 -78.25 -36.02
C THR A 1127 -70.10 -79.51 -36.64
N GLN A 1128 -69.21 -80.47 -36.93
CA GLN A 1128 -69.54 -81.87 -37.36
C GLN A 1128 -70.72 -82.34 -36.51
N ASP A 1129 -70.54 -82.35 -35.17
CA ASP A 1129 -71.49 -82.84 -34.14
C ASP A 1129 -72.89 -82.28 -34.33
N ILE A 1130 -73.09 -80.98 -34.22
CA ILE A 1130 -74.47 -80.41 -34.22
C ILE A 1130 -75.07 -80.58 -35.62
N THR A 1131 -74.27 -80.50 -36.69
CA THR A 1131 -74.75 -80.71 -38.07
C THR A 1131 -75.42 -82.09 -38.14
N ALA A 1132 -74.74 -83.15 -37.69
CA ALA A 1132 -75.26 -84.55 -37.70
C ALA A 1132 -76.47 -84.68 -36.78
N HIS A 1133 -76.38 -84.10 -35.58
CA HIS A 1133 -77.49 -84.04 -34.60
C HIS A 1133 -78.75 -83.47 -35.28
N PHE A 1134 -78.62 -82.40 -36.05
CA PHE A 1134 -79.74 -81.76 -36.80
C PHE A 1134 -80.29 -82.73 -37.85
N PHE A 1135 -79.43 -83.14 -38.77
CA PHE A 1135 -79.85 -83.92 -39.96
C PHE A 1135 -80.50 -85.23 -39.53
N ARG A 1136 -80.03 -85.84 -38.42
CA ARG A 1136 -80.68 -87.02 -37.80
C ARG A 1136 -82.16 -86.72 -37.47
N GLY A 1137 -82.44 -85.72 -36.61
CA GLY A 1137 -83.80 -85.28 -36.23
C GLY A 1137 -84.68 -84.95 -37.44
N LEU A 1138 -84.09 -84.27 -38.44
CA LEU A 1138 -84.75 -83.83 -39.72
C LEU A 1138 -85.30 -85.05 -40.45
N LEU A 1139 -84.41 -85.97 -40.81
CA LEU A 1139 -84.80 -87.15 -41.62
C LEU A 1139 -85.70 -88.06 -40.79
N ASN A 1140 -85.51 -88.09 -39.46
CA ASN A 1140 -86.37 -88.87 -38.53
C ASN A 1140 -87.82 -88.38 -38.67
N ALA A 1141 -88.10 -87.11 -38.38
CA ALA A 1141 -89.49 -86.58 -38.39
C ALA A 1141 -90.05 -86.64 -39.83
N CYS A 1142 -89.25 -86.31 -40.86
CA CYS A 1142 -89.68 -86.26 -42.28
C CYS A 1142 -90.13 -87.64 -42.75
N LEU A 1143 -89.27 -88.64 -42.55
CA LEU A 1143 -89.55 -90.05 -42.95
C LEU A 1143 -90.74 -90.61 -42.13
N ARG A 1144 -90.90 -90.19 -40.88
CA ARG A 1144 -92.06 -90.61 -40.05
C ARG A 1144 -93.35 -90.00 -40.60
N SER A 1145 -93.24 -88.79 -41.18
CA SER A 1145 -94.36 -88.07 -41.80
C SER A 1145 -94.49 -88.43 -43.29
N ARG A 1146 -95.61 -88.05 -43.87
CA ARG A 1146 -95.92 -88.27 -45.30
C ARG A 1146 -95.16 -87.25 -46.15
N ASP A 1147 -95.05 -87.57 -47.44
CA ASP A 1147 -94.44 -86.71 -48.48
C ASP A 1147 -93.05 -86.32 -48.00
N PRO A 1148 -92.23 -87.30 -47.55
CA PRO A 1148 -90.99 -87.01 -46.85
C PRO A 1148 -89.98 -86.25 -47.72
N SER A 1149 -89.74 -86.69 -48.97
CA SER A 1149 -88.76 -86.07 -49.91
C SER A 1149 -89.15 -84.60 -50.16
N LEU A 1150 -90.45 -84.36 -50.36
CA LEU A 1150 -90.99 -83.01 -50.67
C LEU A 1150 -90.87 -82.11 -49.45
N MET A 1151 -91.17 -82.61 -48.25
CA MET A 1151 -91.09 -81.81 -46.98
C MET A 1151 -89.64 -81.51 -46.63
N VAL A 1152 -88.72 -82.46 -46.83
CA VAL A 1152 -87.26 -82.23 -46.67
C VAL A 1152 -86.84 -81.10 -47.65
N ASP A 1153 -87.23 -81.21 -48.93
CA ASP A 1153 -86.93 -80.21 -49.99
C ASP A 1153 -87.45 -78.83 -49.53
N PHE A 1154 -88.65 -78.79 -48.91
CA PHE A 1154 -89.33 -77.59 -48.34
C PHE A 1154 -88.45 -76.94 -47.24
N ILE A 1155 -88.08 -77.68 -46.19
CA ILE A 1155 -87.31 -77.11 -45.03
C ILE A 1155 -85.92 -76.67 -45.48
N LEU A 1156 -85.27 -77.42 -46.40
CA LEU A 1156 -83.90 -77.08 -46.93
C LEU A 1156 -83.93 -75.99 -48.02
N ALA A 1157 -85.09 -75.67 -48.59
CA ALA A 1157 -85.29 -74.43 -49.38
C ALA A 1157 -85.48 -73.24 -48.41
N LYS A 1158 -86.21 -73.42 -47.28
CA LYS A 1158 -86.38 -72.42 -46.17
C LYS A 1158 -85.00 -71.98 -45.67
N CYS A 1159 -84.07 -72.93 -45.58
CA CYS A 1159 -82.72 -72.72 -45.01
C CYS A 1159 -81.82 -71.90 -45.94
N GLN A 1160 -82.08 -71.84 -47.25
CA GLN A 1160 -81.40 -70.87 -48.16
C GLN A 1160 -81.68 -69.43 -47.70
N THR A 1161 -82.79 -69.20 -46.98
CA THR A 1161 -83.24 -67.87 -46.48
C THR A 1161 -82.99 -67.66 -44.98
N LYS A 1162 -83.22 -68.64 -44.09
CA LYS A 1162 -83.40 -68.44 -42.62
C LYS A 1162 -82.18 -68.84 -41.77
N CYS A 1163 -81.47 -69.91 -42.15
CA CYS A 1163 -80.24 -70.42 -41.48
C CYS A 1163 -79.27 -71.01 -42.50
N PRO A 1164 -78.61 -70.17 -43.34
CA PRO A 1164 -77.78 -70.69 -44.43
C PRO A 1164 -76.52 -71.44 -43.94
N LEU A 1165 -76.20 -71.25 -42.65
CA LEU A 1165 -75.12 -71.98 -41.94
C LEU A 1165 -75.25 -73.48 -42.05
N ILE A 1166 -76.42 -73.99 -41.71
CA ILE A 1166 -76.67 -75.45 -41.71
C ILE A 1166 -76.27 -76.02 -43.07
N LEU A 1167 -76.53 -75.30 -44.15
CA LEU A 1167 -76.13 -75.72 -45.52
C LEU A 1167 -74.63 -75.55 -45.71
N THR A 1168 -74.06 -74.38 -45.40
CA THR A 1168 -72.61 -74.09 -45.51
C THR A 1168 -71.82 -75.08 -44.63
N SER A 1169 -72.43 -75.57 -43.53
CA SER A 1169 -71.87 -76.64 -42.65
C SER A 1169 -71.97 -77.99 -43.38
N ALA A 1170 -73.16 -78.29 -43.88
CA ALA A 1170 -73.48 -79.52 -44.61
C ALA A 1170 -72.62 -79.68 -45.87
N LEU A 1171 -72.05 -78.60 -46.44
CA LEU A 1171 -71.05 -78.70 -47.54
C LEU A 1171 -69.75 -79.33 -47.05
N VAL A 1172 -69.29 -78.90 -45.88
CA VAL A 1172 -68.04 -79.41 -45.25
C VAL A 1172 -68.24 -80.84 -44.77
N TRP A 1173 -69.27 -81.04 -43.95
CA TRP A 1173 -69.54 -82.31 -43.20
C TRP A 1173 -70.43 -83.26 -44.01
N TRP A 1174 -70.44 -83.20 -45.35
CA TRP A 1174 -71.20 -84.12 -46.22
C TRP A 1174 -70.62 -85.53 -46.21
N PRO A 1175 -69.28 -85.70 -46.32
CA PRO A 1175 -68.67 -87.03 -46.32
C PRO A 1175 -69.14 -87.87 -45.12
N SER A 1176 -69.30 -87.19 -43.98
CA SER A 1176 -69.84 -87.75 -42.71
C SER A 1176 -71.29 -88.15 -42.86
N LEU A 1177 -72.13 -87.23 -43.31
CA LEU A 1177 -73.60 -87.40 -43.18
C LEU A 1177 -74.10 -88.44 -44.19
N GLU A 1178 -73.63 -88.32 -45.43
CA GLU A 1178 -74.14 -89.08 -46.59
C GLU A 1178 -74.35 -90.56 -46.28
N PRO A 1179 -73.35 -91.31 -45.73
CA PRO A 1179 -73.57 -92.67 -45.22
C PRO A 1179 -74.80 -92.85 -44.32
N VAL A 1180 -74.85 -92.06 -43.25
CA VAL A 1180 -75.92 -92.16 -42.22
C VAL A 1180 -77.27 -91.86 -42.87
N LEU A 1181 -77.33 -90.80 -43.67
CA LEU A 1181 -78.55 -90.32 -44.38
C LEU A 1181 -79.07 -91.40 -45.33
N LEU A 1182 -78.17 -91.93 -46.15
CA LEU A 1182 -78.53 -92.94 -47.18
C LEU A 1182 -79.11 -94.17 -46.51
N CYS A 1183 -78.45 -94.65 -45.46
CA CYS A 1183 -78.87 -95.84 -44.67
C CYS A 1183 -80.26 -95.58 -44.10
N ARG A 1184 -80.41 -94.49 -43.34
CA ARG A 1184 -81.66 -94.09 -42.64
C ARG A 1184 -82.81 -93.92 -43.63
N TRP A 1185 -82.50 -93.48 -44.87
CA TRP A 1185 -83.46 -93.33 -45.98
C TRP A 1185 -83.89 -94.72 -46.50
N ARG A 1186 -82.94 -95.43 -47.11
CA ARG A 1186 -83.17 -96.71 -47.83
C ARG A 1186 -83.86 -97.74 -46.96
N ARG A 1187 -83.50 -97.80 -45.67
CA ARG A 1187 -84.12 -98.71 -44.67
C ARG A 1187 -85.64 -98.57 -44.73
N HIS A 1188 -86.14 -97.41 -44.34
CA HIS A 1188 -87.58 -97.20 -44.07
C HIS A 1188 -88.33 -96.97 -45.39
N CYS A 1189 -87.75 -96.20 -46.32
CA CYS A 1189 -88.36 -95.81 -47.61
C CYS A 1189 -87.38 -95.97 -48.77
N GLN A 1190 -87.84 -96.59 -49.84
CA GLN A 1190 -86.97 -97.13 -50.92
C GLN A 1190 -86.67 -96.08 -51.99
N SER A 1191 -87.32 -94.91 -51.96
CA SER A 1191 -87.16 -93.80 -52.93
C SER A 1191 -85.68 -93.37 -53.00
N PRO A 1192 -85.19 -92.64 -54.04
CA PRO A 1192 -83.88 -91.99 -53.99
C PRO A 1192 -83.91 -90.74 -53.10
N LEU A 1193 -82.75 -90.17 -52.77
CA LEU A 1193 -82.66 -89.02 -51.81
C LEU A 1193 -83.37 -87.82 -52.44
N PRO A 1194 -84.04 -86.96 -51.66
CA PRO A 1194 -84.60 -85.71 -52.20
C PRO A 1194 -83.57 -84.79 -52.90
N ARG A 1195 -84.10 -83.88 -53.71
CA ARG A 1195 -83.33 -83.18 -54.77
C ARG A 1195 -82.37 -82.17 -54.16
N GLU A 1196 -82.75 -81.58 -53.02
CA GLU A 1196 -81.88 -80.60 -52.30
C GLU A 1196 -80.60 -81.32 -51.82
N LEU A 1197 -80.68 -82.55 -51.29
CA LEU A 1197 -79.48 -83.30 -50.83
C LEU A 1197 -78.65 -83.73 -52.04
N GLN A 1198 -79.32 -84.04 -53.14
CA GLN A 1198 -78.61 -84.28 -54.43
C GLN A 1198 -77.90 -83.00 -54.86
N LYS A 1199 -78.47 -81.82 -54.62
CA LYS A 1199 -77.81 -80.52 -54.94
C LYS A 1199 -76.54 -80.33 -54.11
N LEU A 1200 -76.52 -80.76 -52.84
CA LEU A 1200 -75.33 -80.66 -51.95
C LEU A 1200 -74.20 -81.46 -52.59
N GLN A 1201 -74.52 -82.71 -52.90
CA GLN A 1201 -73.63 -83.66 -53.60
C GLN A 1201 -73.17 -83.00 -54.92
N GLU A 1202 -74.07 -82.31 -55.61
CA GLU A 1202 -73.78 -81.68 -56.94
C GLU A 1202 -72.80 -80.51 -56.76
N GLY A 1203 -73.01 -79.67 -55.76
CA GLY A 1203 -72.04 -78.61 -55.42
C GLY A 1203 -70.67 -79.21 -55.13
N ARG A 1204 -70.62 -80.32 -54.37
CA ARG A 1204 -69.36 -81.04 -54.01
C ARG A 1204 -68.65 -81.42 -55.30
N GLN A 1205 -69.38 -82.11 -56.19
CA GLN A 1205 -68.87 -82.59 -57.50
C GLN A 1205 -68.40 -81.39 -58.33
N PHE A 1206 -69.14 -80.27 -58.32
CA PHE A 1206 -68.83 -79.00 -59.03
C PHE A 1206 -67.42 -78.53 -58.66
N ALA A 1207 -67.22 -78.41 -57.35
CA ALA A 1207 -65.96 -77.89 -56.77
C ALA A 1207 -64.82 -78.81 -57.19
N SER A 1208 -65.02 -80.12 -57.04
CA SER A 1208 -63.99 -81.15 -57.33
C SER A 1208 -63.68 -81.17 -58.83
N ASP A 1209 -64.68 -80.90 -59.68
CA ASP A 1209 -64.52 -80.84 -61.17
C ASP A 1209 -63.81 -79.53 -61.54
N PHE A 1210 -64.15 -78.44 -60.85
CA PHE A 1210 -63.49 -77.12 -61.03
C PHE A 1210 -62.00 -77.28 -60.72
N LEU A 1211 -61.67 -77.85 -59.56
CA LEU A 1211 -60.27 -78.06 -59.11
C LEU A 1211 -59.73 -79.38 -59.66
N SER A 1212 -59.71 -79.48 -60.99
CA SER A 1212 -59.29 -80.68 -61.75
C SER A 1212 -59.00 -80.25 -63.19
N PRO A 1213 -58.40 -81.12 -64.04
CA PRO A 1213 -58.38 -80.88 -65.49
C PRO A 1213 -59.81 -80.64 -66.02
N GLU A 1214 -60.04 -79.53 -66.75
CA GLU A 1214 -61.38 -78.99 -67.11
C GLU A 1214 -62.16 -80.02 -67.92
N ALA A 1215 -62.67 -81.03 -67.22
CA ALA A 1215 -63.48 -82.10 -67.82
C ALA A 1215 -64.90 -81.55 -68.03
N ALA A 1216 -65.44 -80.80 -67.07
CA ALA A 1216 -66.78 -80.21 -67.15
C ALA A 1216 -66.80 -78.76 -66.66
N SER A 1217 -67.81 -78.02 -67.10
CA SER A 1217 -68.14 -76.64 -66.63
C SER A 1217 -69.66 -76.54 -66.35
N PRO A 1218 -70.22 -77.31 -65.37
CA PRO A 1218 -71.64 -77.20 -65.02
C PRO A 1218 -71.93 -76.01 -64.07
N ALA A 1219 -73.08 -75.36 -64.22
CA ALA A 1219 -73.52 -74.23 -63.35
C ALA A 1219 -74.51 -74.75 -62.30
N PRO A 1220 -74.15 -74.83 -60.99
CA PRO A 1220 -75.12 -75.10 -59.93
C PRO A 1220 -75.80 -73.80 -59.47
N ASN A 1221 -77.01 -73.91 -58.95
CA ASN A 1221 -78.03 -72.83 -59.10
C ASN A 1221 -77.89 -71.72 -58.06
N PRO A 1222 -77.99 -71.97 -56.74
CA PRO A 1222 -77.76 -70.91 -55.75
C PRO A 1222 -76.26 -70.61 -55.57
N ASP A 1223 -75.82 -69.43 -56.05
CA ASP A 1223 -74.39 -69.14 -56.37
C ASP A 1223 -73.57 -69.12 -55.07
N TRP A 1224 -74.07 -68.44 -54.02
CA TRP A 1224 -73.51 -68.32 -52.64
C TRP A 1224 -73.17 -69.70 -52.04
N LEU A 1225 -73.96 -70.74 -52.29
CA LEU A 1225 -73.75 -72.08 -51.70
C LEU A 1225 -72.77 -72.89 -52.53
N SER A 1226 -72.89 -72.86 -53.86
CA SER A 1226 -71.92 -73.52 -54.79
C SER A 1226 -70.54 -72.86 -54.74
N ALA A 1227 -70.45 -71.59 -54.33
CA ALA A 1227 -69.16 -70.89 -54.08
C ALA A 1227 -68.56 -71.39 -52.75
N ALA A 1228 -69.37 -71.51 -51.68
CA ALA A 1228 -68.94 -71.96 -50.33
C ALA A 1228 -68.29 -73.33 -50.43
N ALA A 1229 -68.93 -74.21 -51.19
CA ALA A 1229 -68.39 -75.54 -51.51
C ALA A 1229 -67.01 -75.40 -52.17
N LEU A 1230 -66.90 -74.52 -53.17
CA LEU A 1230 -65.66 -74.26 -53.94
C LEU A 1230 -64.56 -73.76 -52.99
N HIS A 1231 -64.95 -72.98 -51.99
CA HIS A 1231 -64.04 -72.48 -50.93
C HIS A 1231 -63.47 -73.65 -50.12
N PHE A 1232 -64.31 -74.56 -49.60
CA PHE A 1232 -63.86 -75.70 -48.76
C PHE A 1232 -62.96 -76.63 -49.56
N ALA A 1233 -63.15 -76.69 -50.88
CA ALA A 1233 -62.27 -77.43 -51.80
C ALA A 1233 -60.92 -76.72 -51.93
N ILE A 1234 -60.96 -75.41 -52.16
CA ILE A 1234 -59.70 -74.63 -52.35
C ILE A 1234 -58.96 -74.62 -51.00
N GLN A 1235 -59.68 -74.77 -49.89
CA GLN A 1235 -59.08 -74.81 -48.53
C GLN A 1235 -58.03 -75.93 -48.41
N GLN A 1236 -58.04 -77.00 -49.24
CA GLN A 1236 -57.02 -78.08 -49.16
C GLN A 1236 -56.31 -78.23 -50.49
N VAL A 1237 -55.67 -77.15 -50.94
CA VAL A 1237 -54.93 -77.08 -52.23
C VAL A 1237 -53.53 -76.54 -51.93
N ARG A 1238 -52.56 -76.93 -52.75
CA ARG A 1238 -51.16 -76.46 -52.69
C ARG A 1238 -51.08 -75.05 -53.30
N GLU A 1239 -50.15 -74.21 -52.82
CA GLU A 1239 -49.97 -72.78 -53.26
C GLU A 1239 -49.56 -72.68 -54.74
N GLU A 1240 -48.89 -73.72 -55.24
CA GLU A 1240 -48.42 -73.86 -56.63
C GLU A 1240 -49.63 -73.83 -57.58
N ASN A 1241 -50.60 -74.72 -57.33
CA ASN A 1241 -51.64 -75.17 -58.30
C ASN A 1241 -52.83 -74.18 -58.33
N ILE A 1242 -52.95 -73.29 -57.34
CA ILE A 1242 -54.15 -72.41 -57.17
C ILE A 1242 -54.21 -71.46 -58.37
N ARG A 1243 -53.06 -70.86 -58.74
CA ARG A 1243 -52.89 -70.03 -59.98
C ARG A 1243 -53.37 -70.80 -61.22
N LYS A 1244 -52.86 -72.02 -61.41
CA LYS A 1244 -53.13 -72.88 -62.61
C LYS A 1244 -54.62 -73.23 -62.70
N GLN A 1245 -55.26 -73.55 -61.56
CA GLN A 1245 -56.71 -73.94 -61.45
C GLN A 1245 -57.60 -72.75 -61.79
N LEU A 1246 -57.45 -71.67 -61.03
CA LEU A 1246 -58.40 -70.52 -61.05
C LEU A 1246 -57.99 -69.48 -62.11
N LYS A 1247 -57.00 -69.78 -62.97
CA LYS A 1247 -56.88 -69.14 -64.32
C LYS A 1247 -58.00 -69.67 -65.22
N LYS A 1248 -58.58 -70.82 -64.86
CA LYS A 1248 -59.80 -71.41 -65.46
C LYS A 1248 -61.06 -70.89 -64.75
N LEU A 1249 -60.96 -69.82 -63.95
CA LEU A 1249 -62.12 -69.17 -63.31
C LEU A 1249 -62.51 -67.88 -64.05
N ASP A 1250 -61.83 -67.54 -65.16
CA ASP A 1250 -62.16 -66.38 -66.04
C ASP A 1250 -63.46 -66.61 -66.83
N CYS A 1251 -64.08 -67.80 -66.76
CA CYS A 1251 -65.41 -68.14 -67.36
C CYS A 1251 -66.43 -68.58 -66.29
N GLU A 1252 -66.51 -67.87 -65.16
CA GLU A 1252 -67.59 -68.04 -64.15
C GLU A 1252 -68.42 -66.77 -64.00
N ARG A 1253 -69.46 -66.83 -63.17
CA ARG A 1253 -70.44 -65.73 -63.04
C ARG A 1253 -70.11 -64.88 -61.82
N GLU A 1254 -70.78 -63.74 -61.76
CA GLU A 1254 -70.39 -62.56 -60.97
C GLU A 1254 -70.64 -62.87 -59.50
N GLU A 1255 -71.90 -63.20 -59.18
CA GLU A 1255 -72.38 -63.38 -57.79
C GLU A 1255 -71.61 -64.54 -57.16
N LEU A 1256 -71.43 -65.64 -57.90
CA LEU A 1256 -70.58 -66.78 -57.49
C LEU A 1256 -69.20 -66.27 -57.04
N LEU A 1257 -68.51 -65.57 -57.94
CA LEU A 1257 -67.13 -65.06 -57.71
C LEU A 1257 -67.10 -64.13 -56.49
N VAL A 1258 -68.13 -63.30 -56.31
CA VAL A 1258 -68.24 -62.32 -55.20
C VAL A 1258 -68.39 -63.07 -53.87
N PHE A 1259 -69.25 -64.09 -53.81
CA PHE A 1259 -69.44 -64.89 -52.57
C PHE A 1259 -68.16 -65.67 -52.25
N LEU A 1260 -67.51 -66.21 -53.28
CA LEU A 1260 -66.20 -66.93 -53.18
C LEU A 1260 -65.14 -65.96 -52.60
N PHE A 1261 -65.13 -64.70 -53.05
CA PHE A 1261 -64.19 -63.65 -52.57
C PHE A 1261 -64.43 -63.37 -51.09
N PHE A 1262 -65.68 -63.11 -50.71
CA PHE A 1262 -66.08 -62.91 -49.29
C PHE A 1262 -65.64 -64.13 -48.50
N PHE A 1263 -65.93 -65.33 -48.98
CA PHE A 1263 -65.69 -66.54 -48.16
C PHE A 1263 -64.17 -66.79 -48.08
N SER A 1264 -63.37 -66.50 -49.13
CA SER A 1264 -61.88 -66.59 -49.11
C SER A 1264 -61.29 -65.54 -48.15
N LEU A 1265 -61.96 -64.40 -48.06
CA LEU A 1265 -61.61 -63.27 -47.18
C LEU A 1265 -61.99 -63.53 -45.70
N MET A 1266 -63.16 -64.11 -45.44
CA MET A 1266 -63.58 -64.73 -44.16
C MET A 1266 -62.50 -65.66 -43.62
N GLY A 1267 -61.89 -66.41 -44.54
CA GLY A 1267 -60.75 -67.30 -44.26
C GLY A 1267 -59.49 -66.53 -43.94
N LEU A 1268 -59.14 -65.47 -44.70
CA LEU A 1268 -57.94 -64.63 -44.41
C LEU A 1268 -57.96 -64.27 -42.93
N LEU A 1269 -59.14 -63.93 -42.49
CA LEU A 1269 -59.38 -63.39 -41.14
C LEU A 1269 -59.49 -64.52 -40.10
N SER A 1270 -60.16 -65.65 -40.40
CA SER A 1270 -60.10 -66.86 -39.57
C SER A 1270 -58.64 -67.24 -39.33
N SER A 1271 -57.84 -67.30 -40.41
CA SER A 1271 -56.40 -67.70 -40.45
C SER A 1271 -55.53 -66.75 -39.63
N HIS A 1272 -55.63 -65.47 -39.93
CA HIS A 1272 -54.89 -64.37 -39.28
C HIS A 1272 -55.24 -64.37 -37.78
N LEU A 1273 -56.43 -64.85 -37.43
CA LEU A 1273 -56.93 -64.92 -36.03
C LEU A 1273 -56.55 -66.21 -35.33
N THR A 1274 -56.94 -67.36 -35.89
CA THR A 1274 -56.87 -68.72 -35.26
C THR A 1274 -55.41 -69.13 -34.96
N SER A 1275 -55.19 -70.35 -34.46
CA SER A 1275 -53.84 -71.00 -34.37
C SER A 1275 -53.27 -71.15 -35.78
N ASN A 1276 -52.17 -70.42 -36.06
CA ASN A 1276 -51.47 -70.37 -37.38
C ASN A 1276 -50.42 -71.51 -37.42
N SER A 1277 -50.52 -72.51 -36.53
CA SER A 1277 -50.00 -73.90 -36.72
C SER A 1277 -50.48 -74.45 -38.07
N THR A 1278 -51.67 -74.02 -38.52
CA THR A 1278 -52.20 -74.22 -39.89
C THR A 1278 -51.29 -73.54 -40.94
N THR A 1279 -50.85 -72.28 -40.74
CA THR A 1279 -50.00 -71.47 -41.68
C THR A 1279 -50.68 -71.41 -43.05
N ASP A 1280 -51.93 -70.98 -43.05
CA ASP A 1280 -52.77 -70.86 -44.26
C ASP A 1280 -52.93 -69.39 -44.60
N LEU A 1281 -52.28 -68.51 -43.84
CA LEU A 1281 -52.30 -67.05 -44.08
C LEU A 1281 -51.74 -66.77 -45.48
N PRO A 1282 -50.56 -67.34 -45.88
CA PRO A 1282 -50.06 -67.13 -47.23
C PRO A 1282 -51.08 -67.55 -48.31
N LYS A 1283 -51.73 -68.69 -48.08
CA LYS A 1283 -52.66 -69.32 -49.04
C LYS A 1283 -53.93 -68.50 -49.13
N ALA A 1284 -54.52 -68.11 -48.00
CA ALA A 1284 -55.79 -67.33 -47.96
C ALA A 1284 -55.53 -65.98 -48.64
N PHE A 1285 -54.40 -65.32 -48.35
CA PHE A 1285 -54.01 -64.05 -49.01
C PHE A 1285 -53.82 -64.27 -50.51
N HIS A 1286 -53.12 -65.35 -50.89
CA HIS A 1286 -52.89 -65.73 -52.31
C HIS A 1286 -54.24 -65.88 -53.03
N VAL A 1287 -55.21 -66.55 -52.37
CA VAL A 1287 -56.57 -66.85 -52.93
C VAL A 1287 -57.29 -65.52 -53.16
N CYS A 1288 -57.41 -64.71 -52.12
CA CYS A 1288 -58.17 -63.43 -52.20
C CYS A 1288 -57.50 -62.53 -53.26
N ALA A 1289 -56.16 -62.50 -53.37
CA ALA A 1289 -55.40 -61.72 -54.39
C ALA A 1289 -55.79 -62.18 -55.81
N ALA A 1290 -55.73 -63.49 -56.01
CA ALA A 1290 -56.11 -64.16 -57.28
C ALA A 1290 -57.59 -63.92 -57.62
N ILE A 1291 -58.49 -63.83 -56.62
CA ILE A 1291 -59.94 -63.52 -56.83
C ILE A 1291 -60.05 -62.07 -57.33
N LEU A 1292 -59.35 -61.14 -56.66
CA LEU A 1292 -59.46 -59.69 -56.98
C LEU A 1292 -58.91 -59.42 -58.38
N GLU A 1293 -57.80 -60.06 -58.77
CA GLU A 1293 -57.19 -59.91 -60.12
C GLU A 1293 -58.25 -60.11 -61.21
N CYS A 1294 -59.05 -61.16 -61.07
CA CYS A 1294 -60.11 -61.52 -62.05
C CYS A 1294 -61.36 -60.65 -61.86
N LEU A 1295 -61.75 -60.34 -60.61
CA LEU A 1295 -62.82 -59.34 -60.31
C LEU A 1295 -62.49 -57.97 -60.92
N GLU A 1296 -61.20 -57.69 -61.20
CA GLU A 1296 -60.71 -56.46 -61.87
C GLU A 1296 -60.78 -56.60 -63.39
N LYS A 1297 -60.30 -57.74 -63.94
CA LYS A 1297 -60.28 -58.02 -65.40
C LYS A 1297 -61.67 -57.77 -66.00
N ARG A 1298 -62.70 -58.25 -65.32
CA ARG A 1298 -64.15 -57.98 -65.57
C ARG A 1298 -64.70 -57.26 -64.35
N LYS A 1299 -64.91 -55.95 -64.46
CA LYS A 1299 -65.12 -55.09 -63.27
C LYS A 1299 -66.42 -55.46 -62.59
N ILE A 1300 -66.30 -55.88 -61.33
CA ILE A 1300 -67.42 -56.37 -60.49
C ILE A 1300 -67.43 -55.58 -59.18
N SER A 1301 -68.65 -55.25 -58.71
CA SER A 1301 -68.89 -54.45 -57.49
C SER A 1301 -68.71 -55.35 -56.27
N TRP A 1302 -67.56 -55.28 -55.63
CA TRP A 1302 -67.32 -55.94 -54.32
C TRP A 1302 -67.57 -54.97 -53.16
N LEU A 1303 -68.16 -53.80 -53.38
CA LEU A 1303 -68.22 -52.74 -52.34
C LEU A 1303 -69.50 -52.83 -51.53
N ALA A 1304 -70.55 -53.46 -52.08
CA ALA A 1304 -71.83 -53.72 -51.39
C ALA A 1304 -71.60 -54.62 -50.15
N LEU A 1305 -70.63 -55.54 -50.23
CA LEU A 1305 -70.27 -56.44 -49.11
C LEU A 1305 -69.22 -55.81 -48.18
N PHE A 1306 -69.03 -54.50 -48.21
CA PHE A 1306 -68.49 -53.73 -47.05
C PHE A 1306 -69.60 -52.85 -46.47
N GLN A 1307 -70.49 -52.36 -47.34
CA GLN A 1307 -71.75 -51.69 -46.97
C GLN A 1307 -72.77 -52.76 -46.60
N LEU A 1308 -72.57 -53.46 -45.49
CA LEU A 1308 -73.50 -54.53 -45.05
C LEU A 1308 -74.58 -53.92 -44.14
N THR A 1309 -75.82 -54.30 -44.41
CA THR A 1309 -77.04 -53.97 -43.62
C THR A 1309 -77.66 -55.30 -43.19
N GLU A 1310 -78.46 -55.31 -42.13
CA GLU A 1310 -79.15 -56.54 -41.62
C GLU A 1310 -80.34 -56.92 -42.54
N SER A 1311 -80.91 -55.97 -43.31
CA SER A 1311 -82.07 -56.18 -44.23
C SER A 1311 -81.82 -55.66 -45.66
N ASP A 1312 -80.60 -55.75 -46.19
CA ASP A 1312 -80.35 -55.81 -47.67
C ASP A 1312 -80.65 -57.24 -48.12
N LEU A 1313 -81.88 -57.51 -48.56
CA LEU A 1313 -82.34 -58.90 -48.79
C LEU A 1313 -81.67 -59.51 -50.02
N ARG A 1314 -80.84 -58.77 -50.78
CA ARG A 1314 -79.95 -59.42 -51.76
C ARG A 1314 -78.80 -60.15 -51.06
N LEU A 1315 -77.98 -59.46 -50.25
CA LEU A 1315 -76.73 -60.02 -49.62
C LEU A 1315 -76.75 -59.97 -48.09
N GLY A 1316 -77.02 -58.79 -47.53
CA GLY A 1316 -76.93 -58.50 -46.10
C GLY A 1316 -77.81 -59.38 -45.20
N ARG A 1317 -78.86 -60.01 -45.73
CA ARG A 1317 -79.73 -60.94 -44.99
C ARG A 1317 -79.03 -62.29 -44.79
N LEU A 1318 -78.27 -62.72 -45.81
CA LEU A 1318 -77.43 -63.95 -45.78
C LEU A 1318 -76.15 -63.71 -44.97
N LEU A 1319 -75.29 -62.78 -45.38
CA LEU A 1319 -73.84 -62.87 -45.03
C LEU A 1319 -73.55 -62.35 -43.63
N LEU A 1320 -74.38 -61.43 -43.12
CA LEU A 1320 -74.39 -61.06 -41.67
C LEU A 1320 -74.93 -62.20 -40.80
N ARG A 1321 -75.62 -63.20 -41.37
CA ARG A 1321 -76.10 -64.41 -40.66
C ARG A 1321 -75.27 -65.64 -40.99
N VAL A 1322 -74.39 -65.61 -42.01
CA VAL A 1322 -73.28 -66.61 -42.19
C VAL A 1322 -72.20 -66.24 -41.17
N ALA A 1323 -71.44 -65.18 -41.44
CA ALA A 1323 -70.16 -64.87 -40.77
C ALA A 1323 -70.40 -64.30 -39.36
N PRO A 1324 -69.59 -64.66 -38.32
CA PRO A 1324 -69.71 -64.07 -36.99
C PRO A 1324 -69.17 -62.63 -36.84
N ASP A 1325 -69.51 -62.04 -35.70
CA ASP A 1325 -69.36 -60.58 -35.45
C ASP A 1325 -67.89 -60.25 -35.27
N GLN A 1326 -67.20 -61.15 -34.59
CA GLN A 1326 -65.75 -61.01 -34.43
C GLN A 1326 -65.13 -61.03 -35.81
N HIS A 1327 -65.87 -61.39 -36.88
CA HIS A 1327 -65.34 -61.44 -38.26
C HIS A 1327 -65.85 -60.25 -39.10
N THR A 1328 -67.14 -59.93 -38.98
CA THR A 1328 -67.73 -58.69 -39.56
C THR A 1328 -66.84 -57.50 -39.25
N ARG A 1329 -66.26 -57.54 -38.07
CA ARG A 1329 -65.67 -56.36 -37.42
C ARG A 1329 -64.50 -55.88 -38.23
N LEU A 1330 -63.60 -56.83 -38.42
CA LEU A 1330 -62.24 -56.57 -38.90
C LEU A 1330 -62.21 -56.71 -40.37
N LEU A 1331 -63.37 -56.70 -41.02
CA LEU A 1331 -63.44 -56.58 -42.49
C LEU A 1331 -62.51 -55.47 -42.97
N PRO A 1332 -62.48 -54.33 -42.29
CA PRO A 1332 -61.65 -53.23 -42.77
C PRO A 1332 -60.18 -53.59 -42.91
N PHE A 1333 -59.72 -54.33 -41.90
CA PHE A 1333 -58.35 -54.85 -41.82
C PHE A 1333 -58.00 -55.39 -43.20
N ALA A 1334 -58.88 -56.29 -43.63
CA ALA A 1334 -58.68 -57.04 -44.87
C ALA A 1334 -58.77 -56.07 -46.04
N PHE A 1335 -59.80 -55.20 -46.03
CA PHE A 1335 -60.07 -54.26 -47.15
C PHE A 1335 -58.73 -53.64 -47.51
N TYR A 1336 -58.08 -53.06 -46.49
CA TYR A 1336 -56.87 -52.25 -46.67
C TYR A 1336 -55.70 -53.15 -47.06
N SER A 1337 -55.48 -54.19 -46.26
CA SER A 1337 -54.36 -55.14 -46.43
C SER A 1337 -54.27 -55.59 -47.88
N LEU A 1338 -55.42 -55.70 -48.57
CA LEU A 1338 -55.47 -56.24 -49.95
C LEU A 1338 -55.38 -55.12 -50.97
N LEU A 1339 -56.29 -54.17 -50.90
CA LEU A 1339 -56.51 -53.23 -52.02
C LEU A 1339 -55.36 -52.24 -52.08
N SER A 1340 -54.70 -51.94 -50.96
CA SER A 1340 -53.41 -51.20 -50.88
C SER A 1340 -52.36 -51.78 -51.84
N TYR A 1341 -52.47 -53.07 -52.18
CA TYR A 1341 -51.64 -53.78 -53.18
C TYR A 1341 -52.41 -53.90 -54.52
N PHE A 1342 -53.58 -54.55 -54.50
CA PHE A 1342 -54.29 -55.08 -55.69
C PHE A 1342 -55.54 -54.22 -56.00
N HIS A 1343 -55.45 -53.39 -57.03
CA HIS A 1343 -56.56 -52.56 -57.59
C HIS A 1343 -56.15 -52.02 -58.96
N GLU A 1344 -57.08 -51.99 -59.95
CA GLU A 1344 -56.86 -51.36 -61.29
C GLU A 1344 -57.63 -50.05 -61.39
N ASP A 1345 -56.91 -49.07 -61.86
CA ASP A 1345 -57.13 -47.65 -61.52
C ASP A 1345 -58.14 -47.10 -62.52
N ALA A 1346 -58.95 -46.13 -62.08
CA ALA A 1346 -59.90 -45.30 -62.86
C ALA A 1346 -61.14 -46.12 -63.29
N ALA A 1347 -61.09 -47.45 -63.20
CA ALA A 1347 -62.16 -48.38 -63.61
C ALA A 1347 -63.06 -48.75 -62.41
N ILE A 1348 -62.50 -48.91 -61.20
CA ILE A 1348 -63.17 -49.43 -59.97
C ILE A 1348 -63.25 -48.37 -58.86
N ARG A 1349 -62.35 -47.40 -58.88
CA ARG A 1349 -62.41 -46.18 -58.04
C ARG A 1349 -63.65 -45.40 -58.49
N GLU A 1350 -64.81 -45.80 -57.96
CA GLU A 1350 -66.15 -45.35 -58.42
C GLU A 1350 -66.97 -44.94 -57.20
N GLU A 1351 -68.20 -44.47 -57.43
CA GLU A 1351 -68.86 -43.39 -56.64
C GLU A 1351 -68.78 -43.64 -55.13
N ALA A 1352 -69.05 -44.86 -54.67
CA ALA A 1352 -69.13 -45.19 -53.23
C ALA A 1352 -67.74 -45.51 -52.64
N PHE A 1353 -66.69 -45.59 -53.46
CA PHE A 1353 -65.33 -46.05 -53.06
C PHE A 1353 -64.80 -45.16 -51.94
N LEU A 1354 -64.79 -43.84 -52.14
CA LEU A 1354 -64.22 -42.84 -51.17
C LEU A 1354 -64.99 -42.87 -49.86
N HIS A 1355 -66.32 -42.91 -49.94
CA HIS A 1355 -67.17 -43.02 -48.73
C HIS A 1355 -66.73 -44.26 -47.95
N VAL A 1356 -66.67 -45.40 -48.63
CA VAL A 1356 -66.33 -46.72 -48.03
C VAL A 1356 -64.91 -46.65 -47.46
N ALA A 1357 -63.89 -46.32 -48.28
CA ALA A 1357 -62.45 -46.26 -47.88
C ALA A 1357 -62.27 -45.34 -46.65
N VAL A 1358 -62.99 -44.22 -46.59
CA VAL A 1358 -62.95 -43.25 -45.45
C VAL A 1358 -63.53 -43.89 -44.19
N ASP A 1359 -64.74 -44.45 -44.28
CA ASP A 1359 -65.40 -45.16 -43.16
C ASP A 1359 -64.49 -46.25 -42.62
N MET A 1360 -63.85 -46.98 -43.54
CA MET A 1360 -62.94 -48.10 -43.24
C MET A 1360 -61.68 -47.58 -42.52
N TYR A 1361 -61.06 -46.51 -43.03
CA TYR A 1361 -59.93 -45.80 -42.38
C TYR A 1361 -60.23 -45.58 -40.90
N LEU A 1362 -61.33 -44.87 -40.68
CA LEU A 1362 -61.74 -44.39 -39.34
C LEU A 1362 -61.97 -45.59 -38.43
N LYS A 1363 -62.70 -46.60 -38.92
CA LYS A 1363 -63.01 -47.80 -38.12
C LYS A 1363 -61.75 -48.56 -37.74
N LEU A 1364 -60.83 -48.72 -38.70
CA LEU A 1364 -59.51 -49.37 -38.50
C LEU A 1364 -58.86 -48.73 -37.26
N VAL A 1365 -58.83 -47.40 -37.30
CA VAL A 1365 -58.14 -46.56 -36.29
C VAL A 1365 -58.82 -46.73 -34.93
N GLN A 1366 -60.15 -46.65 -34.88
CA GLN A 1366 -60.96 -46.79 -33.64
C GLN A 1366 -60.70 -48.18 -33.04
N LEU A 1367 -60.62 -49.17 -33.92
CA LEU A 1367 -60.42 -50.57 -33.52
C LEU A 1367 -59.07 -50.75 -32.84
N PHE A 1368 -58.04 -50.25 -33.51
CA PHE A 1368 -56.62 -50.22 -33.09
C PHE A 1368 -56.50 -49.88 -31.61
N VAL A 1369 -57.29 -48.88 -31.27
CA VAL A 1369 -57.42 -48.27 -29.92
C VAL A 1369 -58.21 -49.20 -28.97
N ALA A 1370 -59.39 -49.70 -29.36
CA ALA A 1370 -60.35 -50.41 -28.46
C ALA A 1370 -59.84 -51.79 -28.01
N GLY A 1371 -59.22 -52.55 -28.92
CA GLY A 1371 -58.69 -53.90 -28.66
C GLY A 1371 -58.71 -54.78 -29.91
N ASP A 1372 -57.52 -55.03 -30.51
CA ASP A 1372 -57.23 -55.94 -31.66
C ASP A 1372 -55.97 -56.78 -31.39
N THR A 1373 -55.93 -57.44 -30.23
CA THR A 1373 -54.96 -58.49 -29.84
C THR A 1373 -55.12 -59.69 -30.78
N SER A 1374 -56.38 -60.06 -30.98
CA SER A 1374 -56.82 -61.32 -31.60
C SER A 1374 -56.27 -61.40 -33.04
N THR A 1375 -56.08 -60.26 -33.73
CA THR A 1375 -55.50 -60.20 -35.12
C THR A 1375 -54.00 -60.55 -35.09
N VAL A 1376 -53.23 -59.63 -34.54
CA VAL A 1376 -51.83 -59.36 -34.95
C VAL A 1376 -50.93 -60.45 -34.34
N SER A 1377 -50.16 -61.21 -35.15
CA SER A 1377 -49.41 -62.43 -34.70
C SER A 1377 -48.51 -63.07 -35.78
N PRO A 1378 -47.27 -62.59 -36.03
CA PRO A 1378 -46.21 -63.42 -36.66
C PRO A 1378 -45.40 -64.31 -35.68
N ASN A 1391 -47.46 -54.67 -37.92
CA ASN A 1391 -48.45 -54.83 -39.04
C ASN A 1391 -49.49 -53.69 -38.99
N PRO A 1392 -50.47 -53.71 -38.05
CA PRO A 1392 -51.69 -52.89 -38.21
C PRO A 1392 -51.49 -51.37 -38.37
N VAL A 1393 -50.35 -50.82 -37.93
CA VAL A 1393 -50.04 -49.35 -38.02
C VAL A 1393 -49.58 -49.03 -39.44
N GLU A 1394 -48.69 -49.85 -39.99
CA GLU A 1394 -48.24 -49.80 -41.41
C GLU A 1394 -49.45 -49.58 -42.33
N LEU A 1395 -50.52 -50.34 -42.05
CA LEU A 1395 -51.82 -50.34 -42.76
C LEU A 1395 -52.43 -48.94 -42.69
N ILE A 1396 -52.57 -48.44 -41.47
CA ILE A 1396 -53.28 -47.16 -41.24
C ILE A 1396 -52.48 -46.07 -41.98
N THR A 1397 -51.14 -46.12 -41.94
CA THR A 1397 -50.27 -45.16 -42.66
C THR A 1397 -50.56 -45.20 -44.15
N LYS A 1398 -50.43 -46.38 -44.74
CA LYS A 1398 -50.64 -46.55 -46.20
C LYS A 1398 -52.06 -46.12 -46.60
N ALA A 1399 -53.07 -46.41 -45.77
CA ALA A 1399 -54.48 -46.02 -46.01
C ALA A 1399 -54.57 -44.50 -46.09
N ARG A 1400 -53.95 -43.85 -45.11
CA ARG A 1400 -53.86 -42.38 -44.98
C ARG A 1400 -53.34 -41.79 -46.30
N LEU A 1401 -52.18 -42.28 -46.76
CA LEU A 1401 -51.44 -41.76 -47.95
C LEU A 1401 -52.31 -41.97 -49.20
N PHE A 1402 -52.92 -43.15 -49.30
CA PHE A 1402 -53.93 -43.55 -50.32
C PHE A 1402 -55.05 -42.50 -50.43
N LEU A 1403 -55.73 -42.24 -49.30
CA LEU A 1403 -56.90 -41.31 -49.22
C LEU A 1403 -56.48 -39.90 -49.66
N LEU A 1404 -55.34 -39.40 -49.16
CA LEU A 1404 -54.80 -38.05 -49.47
C LEU A 1404 -54.34 -37.95 -50.93
N GLN A 1405 -53.90 -39.04 -51.55
CA GLN A 1405 -53.60 -39.08 -53.00
C GLN A 1405 -54.89 -38.95 -53.81
N LEU A 1406 -55.96 -39.62 -53.36
CA LEU A 1406 -57.26 -39.67 -54.10
C LEU A 1406 -57.95 -38.31 -54.11
N ILE A 1407 -58.28 -37.80 -52.92
CA ILE A 1407 -59.33 -36.76 -52.65
C ILE A 1407 -59.20 -35.59 -53.61
N PRO A 1408 -57.98 -35.07 -53.96
CA PRO A 1408 -57.84 -34.09 -55.05
C PRO A 1408 -58.44 -34.49 -56.41
N ARG A 1409 -58.18 -35.74 -56.82
CA ARG A 1409 -58.53 -36.29 -58.16
C ARG A 1409 -60.05 -36.44 -58.30
N CYS A 1410 -60.76 -36.68 -57.18
CA CYS A 1410 -62.17 -37.15 -57.16
C CYS A 1410 -63.10 -36.12 -57.81
N PRO A 1411 -64.10 -36.55 -58.64
CA PRO A 1411 -65.25 -35.69 -58.95
C PRO A 1411 -66.26 -35.53 -57.81
N LYS A 1412 -67.22 -34.62 -57.99
CA LYS A 1412 -67.98 -33.89 -56.93
C LYS A 1412 -69.14 -34.69 -56.34
N LYS A 1413 -69.50 -35.80 -56.99
CA LYS A 1413 -70.71 -36.60 -56.69
C LYS A 1413 -70.43 -37.45 -55.45
N SER A 1414 -69.24 -38.06 -55.43
CA SER A 1414 -68.84 -39.13 -54.48
C SER A 1414 -68.49 -38.50 -53.13
N PHE A 1415 -69.30 -37.55 -52.68
CA PHE A 1415 -69.13 -36.78 -51.42
C PHE A 1415 -70.46 -36.64 -50.68
N SER A 1416 -71.54 -37.14 -51.25
CA SER A 1416 -72.93 -36.89 -50.83
C SER A 1416 -73.06 -37.04 -49.31
N HIS A 1417 -72.67 -38.19 -48.75
CA HIS A 1417 -72.85 -38.54 -47.32
C HIS A 1417 -71.53 -38.46 -46.54
N VAL A 1418 -70.52 -37.84 -47.13
CA VAL A 1418 -69.21 -37.65 -46.46
C VAL A 1418 -69.40 -36.69 -45.27
N ALA A 1419 -70.23 -35.66 -45.44
CA ALA A 1419 -70.64 -34.76 -44.33
C ALA A 1419 -71.25 -35.59 -43.18
N GLU A 1420 -72.14 -36.55 -43.49
CA GLU A 1420 -72.76 -37.47 -42.49
C GLU A 1420 -71.68 -38.22 -41.73
N LEU A 1421 -70.81 -38.91 -42.46
CA LEU A 1421 -69.68 -39.70 -41.89
C LEU A 1421 -68.92 -38.86 -40.87
N LEU A 1422 -68.34 -37.76 -41.37
CA LEU A 1422 -67.34 -36.96 -40.61
C LEU A 1422 -68.06 -36.28 -39.44
N ALA A 1423 -69.34 -35.94 -39.61
CA ALA A 1423 -70.19 -35.35 -38.54
C ALA A 1423 -70.46 -36.38 -37.44
N ASP A 1424 -70.61 -37.66 -37.81
CA ASP A 1424 -70.84 -38.75 -36.84
C ASP A 1424 -69.53 -38.94 -36.05
N ARG A 1425 -68.47 -39.42 -36.71
CA ARG A 1425 -67.26 -39.97 -36.05
C ARG A 1425 -65.94 -39.34 -36.48
N GLY A 1426 -65.96 -38.36 -37.39
CA GLY A 1426 -64.77 -37.94 -38.14
C GLY A 1426 -63.77 -37.21 -37.28
N ASP A 1427 -62.72 -36.70 -37.93
CA ASP A 1427 -61.71 -35.78 -37.34
C ASP A 1427 -60.92 -36.49 -36.23
N CYS A 1428 -60.90 -37.82 -36.23
CA CYS A 1428 -59.91 -38.60 -35.46
C CYS A 1428 -58.65 -38.68 -36.33
N ASP A 1429 -58.84 -38.60 -37.66
CA ASP A 1429 -57.87 -38.02 -38.64
C ASP A 1429 -58.39 -36.65 -39.07
N PRO A 1430 -58.01 -35.58 -38.34
CA PRO A 1430 -58.43 -34.24 -38.74
C PRO A 1430 -57.94 -33.79 -40.14
N GLU A 1431 -56.74 -34.19 -40.59
CA GLU A 1431 -56.18 -33.74 -41.91
C GLU A 1431 -57.11 -34.17 -43.05
N VAL A 1432 -57.43 -35.46 -43.04
CA VAL A 1432 -58.27 -36.08 -44.10
C VAL A 1432 -59.66 -35.45 -44.01
N SER A 1433 -60.24 -35.31 -42.81
CA SER A 1433 -61.60 -34.72 -42.62
C SER A 1433 -61.64 -33.31 -43.22
N ALA A 1434 -60.66 -32.46 -42.91
CA ALA A 1434 -60.57 -31.09 -43.45
C ALA A 1434 -60.38 -31.10 -44.98
N ALA A 1435 -59.55 -32.01 -45.51
CA ALA A 1435 -59.30 -32.12 -46.97
C ALA A 1435 -60.62 -32.48 -47.70
N LEU A 1436 -61.40 -33.39 -47.12
CA LEU A 1436 -62.71 -33.83 -47.68
C LEU A 1436 -63.74 -32.69 -47.63
N GLN A 1437 -63.80 -31.99 -46.51
CA GLN A 1437 -64.69 -30.81 -46.34
C GLN A 1437 -64.29 -29.76 -47.39
N SER A 1438 -62.99 -29.55 -47.63
CA SER A 1438 -62.45 -28.57 -48.63
C SER A 1438 -62.90 -28.96 -50.05
N ARG A 1439 -62.65 -30.20 -50.45
CA ARG A 1439 -63.07 -30.72 -51.78
C ARG A 1439 -64.61 -30.72 -51.90
N GLN A 1440 -65.34 -30.85 -50.78
CA GLN A 1440 -66.83 -30.78 -50.75
C GLN A 1440 -67.30 -29.35 -51.03
N GLN A 1441 -66.65 -28.33 -50.45
CA GLN A 1441 -66.95 -26.91 -50.78
C GLN A 1441 -66.59 -26.63 -52.24
N ALA A 1442 -65.48 -27.21 -52.75
CA ALA A 1442 -65.09 -27.18 -54.18
C ALA A 1442 -66.19 -27.85 -55.03
N ALA A 1443 -66.85 -28.87 -54.48
CA ALA A 1443 -68.00 -29.57 -55.12
C ALA A 1443 -69.30 -28.74 -54.96
N MET B 32 97.62 -5.55 -49.49
CA MET B 32 97.83 -4.67 -50.68
C MET B 32 97.53 -5.50 -51.94
N SER B 33 97.44 -4.87 -53.10
CA SER B 33 96.87 -5.45 -54.36
C SER B 33 97.69 -5.00 -55.59
N SER B 34 98.71 -5.78 -55.96
CA SER B 34 99.58 -5.51 -57.15
C SER B 34 100.42 -6.76 -57.53
N ASN B 35 101.18 -6.64 -58.64
CA ASN B 35 102.08 -7.63 -59.35
C ASN B 35 103.19 -8.15 -58.41
N GLU B 36 103.74 -7.32 -57.51
CA GLU B 36 104.74 -7.67 -56.47
C GLU B 36 104.08 -7.70 -55.08
N GLN B 37 102.91 -7.05 -54.93
CA GLN B 37 102.30 -6.76 -53.60
C GLN B 37 101.47 -7.94 -53.12
N GLU B 38 101.43 -8.04 -51.79
CA GLU B 38 101.17 -9.28 -51.06
C GLU B 38 99.78 -9.15 -50.45
N ARG B 39 99.38 -10.15 -49.70
CA ARG B 39 98.38 -9.96 -48.65
C ARG B 39 98.69 -11.01 -47.61
N LEU B 40 98.09 -10.87 -46.42
CA LEU B 40 98.19 -11.80 -45.27
C LEU B 40 96.83 -12.35 -44.90
N LEU B 41 96.81 -13.09 -43.81
CA LEU B 41 95.71 -13.95 -43.44
C LEU B 41 96.09 -14.82 -42.28
N CYS B 42 95.12 -15.46 -41.70
CA CYS B 42 95.40 -16.37 -40.61
C CYS B 42 94.60 -17.66 -40.75
N TYR B 43 95.17 -18.70 -40.15
CA TYR B 43 94.85 -20.11 -40.38
C TYR B 43 95.53 -20.96 -39.32
N ASN B 44 94.82 -21.23 -38.25
CA ASN B 44 95.15 -22.34 -37.34
C ASN B 44 96.51 -21.99 -36.74
N GLY B 45 96.53 -20.81 -36.16
CA GLY B 45 97.66 -20.24 -35.43
C GLY B 45 98.60 -19.47 -36.33
N GLU B 46 98.47 -19.64 -37.62
CA GLU B 46 99.60 -19.21 -38.41
C GLU B 46 99.09 -18.32 -39.51
N VAL B 47 100.04 -17.53 -39.95
CA VAL B 47 99.96 -16.22 -40.63
C VAL B 47 100.62 -16.46 -42.01
N LEU B 48 99.81 -16.52 -43.06
CA LEU B 48 100.17 -17.07 -44.40
C LEU B 48 100.32 -15.87 -45.34
N VAL B 49 101.36 -15.88 -46.10
CA VAL B 49 101.83 -14.65 -46.77
C VAL B 49 101.84 -14.92 -48.28
N PHE B 50 100.92 -14.30 -49.02
CA PHE B 50 100.71 -14.57 -50.47
C PHE B 50 101.36 -13.41 -51.22
N GLN B 51 102.34 -13.75 -52.07
CA GLN B 51 103.23 -12.78 -52.75
C GLN B 51 103.46 -13.17 -54.21
N LEU B 52 102.87 -12.40 -55.13
CA LEU B 52 103.17 -12.43 -56.57
C LEU B 52 104.55 -11.85 -56.82
N SER B 53 105.35 -12.52 -57.65
CA SER B 53 106.79 -12.23 -57.85
C SER B 53 107.11 -12.38 -59.34
N LYS B 54 107.52 -11.27 -60.00
CA LYS B 54 107.94 -11.18 -61.44
C LYS B 54 109.22 -12.02 -61.63
N GLY B 55 109.11 -13.14 -62.37
CA GLY B 55 110.06 -14.28 -62.44
C GLY B 55 111.05 -14.19 -63.58
N ASN B 56 110.77 -13.32 -64.58
CA ASN B 56 111.68 -12.64 -65.55
C ASN B 56 111.04 -12.73 -66.94
N THR B 63 112.55 -15.85 -67.47
CA THR B 63 111.96 -16.95 -68.26
C THR B 63 110.44 -16.76 -68.54
N LYS B 64 109.71 -15.75 -67.99
CA LYS B 64 108.24 -15.88 -67.77
C LYS B 64 107.53 -14.69 -67.09
N THR B 65 106.23 -14.90 -66.83
CA THR B 65 105.29 -14.07 -66.01
C THR B 65 105.35 -14.37 -64.51
N PRO B 66 104.81 -13.45 -63.67
CA PRO B 66 104.77 -13.63 -62.23
C PRO B 66 104.10 -14.91 -61.70
N ILE B 67 104.56 -15.31 -60.51
CA ILE B 67 104.26 -16.57 -59.81
C ILE B 67 103.72 -16.20 -58.44
N LEU B 68 102.75 -16.95 -57.94
CA LEU B 68 102.37 -16.87 -56.52
C LEU B 68 103.45 -17.58 -55.71
N HIS B 69 104.01 -16.93 -54.67
CA HIS B 69 104.85 -17.55 -53.62
C HIS B 69 104.20 -17.42 -52.26
N VAL B 70 103.97 -18.54 -51.63
CA VAL B 70 103.45 -18.58 -50.25
C VAL B 70 104.66 -18.77 -49.33
N ARG B 71 104.65 -17.96 -48.26
CA ARG B 71 105.29 -18.16 -46.93
C ARG B 71 104.21 -18.43 -45.86
N ARG B 72 104.32 -19.58 -45.24
CA ARG B 72 103.47 -19.93 -44.11
C ARG B 72 104.42 -19.81 -42.92
N MET B 73 104.19 -18.81 -42.07
CA MET B 73 105.11 -18.37 -40.99
C MET B 73 104.47 -18.68 -39.65
N VAL B 74 105.24 -18.79 -38.57
CA VAL B 74 104.66 -19.11 -37.23
C VAL B 74 105.53 -18.53 -36.11
N PHE B 75 104.89 -18.22 -34.99
CA PHE B 75 105.45 -17.48 -33.84
C PHE B 75 106.22 -18.43 -32.92
N ASP B 76 107.49 -18.13 -32.63
CA ASP B 76 108.38 -19.08 -31.91
C ASP B 76 108.08 -19.08 -30.42
N ARG B 77 107.90 -17.92 -29.79
CA ARG B 77 107.64 -17.78 -28.34
C ARG B 77 108.96 -17.85 -27.58
N GLY B 78 109.88 -18.74 -27.95
CA GLY B 78 111.27 -18.72 -27.47
C GLY B 78 111.95 -17.45 -27.93
N THR B 79 111.96 -17.20 -29.24
CA THR B 79 112.76 -16.13 -29.89
C THR B 79 111.96 -14.84 -30.03
N LYS B 80 110.64 -14.87 -29.76
CA LYS B 80 109.73 -13.71 -29.93
C LYS B 80 109.83 -13.15 -31.36
N VAL B 81 109.75 -14.02 -32.38
CA VAL B 81 109.63 -13.60 -33.82
C VAL B 81 108.78 -14.62 -34.57
N PHE B 82 108.54 -14.33 -35.85
CA PHE B 82 107.92 -15.26 -36.83
C PHE B 82 109.03 -15.94 -37.66
N VAL B 83 109.03 -17.28 -37.63
CA VAL B 83 109.98 -18.23 -38.29
C VAL B 83 109.25 -18.90 -39.47
N GLN B 84 109.79 -18.88 -40.71
CA GLN B 84 109.16 -19.59 -41.86
C GLN B 84 109.05 -21.08 -41.47
N LYS B 85 107.87 -21.68 -41.63
CA LYS B 85 107.67 -23.11 -41.31
C LYS B 85 107.52 -23.88 -42.63
N SER B 86 106.94 -23.32 -43.70
CA SER B 86 106.94 -23.96 -45.05
C SER B 86 106.62 -22.95 -46.14
N THR B 87 106.81 -23.32 -47.42
CA THR B 87 106.53 -22.45 -48.60
C THR B 87 105.73 -23.25 -49.63
N GLY B 88 104.97 -22.54 -50.47
CA GLY B 88 104.28 -23.05 -51.67
C GLY B 88 104.38 -22.05 -52.81
N PHE B 89 104.49 -22.51 -54.07
CA PHE B 89 104.49 -21.67 -55.31
C PHE B 89 103.41 -22.18 -56.27
N PHE B 90 102.98 -21.28 -57.17
CA PHE B 90 102.10 -21.58 -58.33
C PHE B 90 102.54 -20.73 -59.50
N THR B 91 102.90 -21.45 -60.56
CA THR B 91 103.45 -20.98 -61.85
C THR B 91 102.27 -20.47 -62.70
N ILE B 92 102.24 -19.19 -63.09
CA ILE B 92 101.14 -18.59 -63.93
C ILE B 92 101.60 -18.56 -65.39
N LYS B 93 100.67 -18.70 -66.34
CA LYS B 93 100.98 -19.08 -67.75
C LYS B 93 101.32 -17.87 -68.62
N GLU B 94 100.32 -17.01 -68.85
CA GLU B 94 100.15 -16.15 -70.05
C GLU B 94 101.01 -14.89 -69.87
N GLU B 95 101.81 -14.45 -70.88
CA GLU B 95 102.67 -13.22 -70.82
C GLU B 95 101.79 -11.97 -71.05
N ASN B 96 101.03 -11.66 -70.00
CA ASN B 96 100.08 -10.51 -69.84
C ASN B 96 100.31 -9.91 -68.46
N SER B 97 100.06 -8.62 -68.35
CA SER B 97 100.26 -7.83 -67.11
C SER B 97 98.98 -7.84 -66.28
N HIS B 98 98.91 -6.93 -65.30
CA HIS B 98 97.72 -6.58 -64.48
C HIS B 98 97.20 -7.84 -63.78
N LEU B 99 98.10 -8.42 -63.01
CA LEU B 99 97.84 -9.60 -62.15
C LEU B 99 97.67 -9.03 -60.76
N LYS B 100 96.76 -9.57 -59.97
CA LYS B 100 96.23 -8.79 -58.84
C LYS B 100 95.54 -9.75 -57.87
N ILE B 101 95.92 -9.70 -56.61
CA ILE B 101 95.12 -10.33 -55.53
C ILE B 101 93.91 -9.42 -55.35
N MET B 102 92.76 -10.04 -55.10
CA MET B 102 91.48 -9.35 -54.83
C MET B 102 91.04 -9.54 -53.37
N CYS B 103 91.25 -10.72 -52.82
CA CYS B 103 91.14 -10.88 -51.36
C CYS B 103 91.66 -12.24 -51.00
N CYS B 104 91.69 -12.48 -49.69
CA CYS B 104 92.16 -13.73 -49.05
C CYS B 104 91.33 -13.98 -47.80
N ASN B 105 90.87 -15.20 -47.63
CA ASN B 105 90.30 -15.64 -46.34
C ASN B 105 90.16 -17.13 -46.34
N CYS B 106 89.63 -17.65 -45.27
CA CYS B 106 89.28 -19.03 -45.18
C CYS B 106 87.90 -19.10 -45.76
N VAL B 107 87.43 -20.31 -45.81
CA VAL B 107 86.12 -20.55 -46.44
C VAL B 107 85.37 -21.77 -45.89
N SER B 108 86.01 -22.92 -45.86
CA SER B 108 85.33 -24.24 -45.84
C SER B 108 84.79 -24.61 -47.24
N ASP B 109 85.51 -25.48 -47.97
CA ASP B 109 85.09 -26.17 -49.24
C ASP B 109 83.88 -27.11 -48.99
N PHE B 110 82.93 -27.20 -49.95
CA PHE B 110 81.62 -27.91 -49.84
C PHE B 110 81.76 -29.43 -50.02
N ARG B 111 82.84 -29.87 -50.68
CA ARG B 111 83.16 -31.30 -50.91
C ARG B 111 83.58 -31.91 -49.59
N THR B 112 84.61 -31.34 -48.98
CA THR B 112 85.27 -31.88 -47.76
C THR B 112 84.56 -31.40 -46.47
N GLY B 113 84.54 -30.06 -46.26
CA GLY B 113 84.10 -29.30 -45.07
C GLY B 113 85.20 -28.44 -44.41
N ILE B 114 86.39 -28.35 -45.02
CA ILE B 114 87.64 -28.06 -44.28
C ILE B 114 88.09 -26.65 -44.53
N ASN B 115 88.21 -25.85 -43.47
CA ASN B 115 88.61 -24.42 -43.62
C ASN B 115 89.89 -24.60 -44.49
N LEU B 116 89.89 -23.92 -45.64
CA LEU B 116 91.05 -23.66 -46.53
C LEU B 116 91.24 -22.19 -46.74
N PRO B 117 92.47 -21.75 -46.60
CA PRO B 117 92.86 -20.47 -47.20
C PRO B 117 92.63 -20.42 -48.74
N TYR B 118 91.81 -19.49 -49.30
CA TYR B 118 91.67 -19.22 -50.76
C TYR B 118 92.56 -18.05 -51.13
N ILE B 119 92.57 -17.72 -52.41
CA ILE B 119 93.03 -16.41 -52.94
C ILE B 119 92.21 -16.18 -54.21
N VAL B 120 91.81 -14.94 -54.45
CA VAL B 120 91.16 -14.57 -55.73
C VAL B 120 92.15 -13.75 -56.55
N ILE B 121 92.53 -14.25 -57.71
CA ILE B 121 93.42 -13.51 -58.63
C ILE B 121 92.58 -12.97 -59.77
N GLU B 122 92.80 -11.68 -60.07
CA GLU B 122 92.47 -11.06 -61.38
C GLU B 122 93.67 -11.25 -62.29
N LYS B 123 93.36 -11.63 -63.52
CA LYS B 123 94.25 -11.52 -64.69
C LYS B 123 93.55 -10.56 -65.64
N ASN B 124 94.19 -9.44 -65.97
CA ASN B 124 93.70 -8.48 -66.98
C ASN B 124 94.68 -8.48 -68.16
N LYS B 125 94.17 -8.78 -69.35
CA LYS B 125 94.98 -8.89 -70.59
C LYS B 125 95.10 -7.55 -71.32
N LYS B 126 94.60 -6.44 -70.72
CA LYS B 126 94.33 -5.14 -71.40
C LYS B 126 93.30 -5.35 -72.52
N ASN B 127 92.45 -6.38 -72.41
CA ASN B 127 91.53 -6.83 -73.49
C ASN B 127 90.11 -6.36 -73.21
N ASN B 128 89.93 -5.48 -72.21
CA ASN B 128 88.64 -5.19 -71.53
C ASN B 128 88.05 -6.54 -71.10
N VAL B 129 88.92 -7.32 -70.46
CA VAL B 129 88.70 -8.73 -70.03
C VAL B 129 89.45 -8.92 -68.73
N PHE B 130 88.77 -9.48 -67.73
CA PHE B 130 89.29 -9.73 -66.37
C PHE B 130 88.88 -11.15 -65.96
N GLU B 131 89.84 -12.00 -65.61
CA GLU B 131 89.63 -13.46 -65.50
C GLU B 131 88.93 -13.74 -64.17
N TYR B 132 89.61 -13.42 -63.07
CA TYR B 132 89.15 -13.68 -61.67
C TYR B 132 89.12 -15.18 -61.31
N PHE B 133 90.30 -15.75 -61.06
CA PHE B 133 90.51 -17.16 -60.61
C PHE B 133 90.15 -17.28 -59.13
N LEU B 134 89.40 -18.31 -58.66
CA LEU B 134 89.41 -18.73 -57.21
C LEU B 134 90.32 -19.96 -57.08
N LEU B 135 91.48 -19.77 -56.43
CA LEU B 135 92.55 -20.79 -56.27
C LEU B 135 92.61 -21.18 -54.79
N ILE B 136 92.71 -22.45 -54.54
CA ILE B 136 92.71 -22.98 -53.17
C ILE B 136 94.07 -23.69 -52.99
N LEU B 137 94.66 -23.54 -51.83
CA LEU B 137 95.85 -24.26 -51.35
C LEU B 137 95.44 -25.28 -50.28
N HIS B 138 96.00 -26.49 -50.33
CA HIS B 138 95.69 -27.61 -49.39
C HIS B 138 96.76 -27.68 -48.29
N SER B 139 96.72 -28.73 -47.47
CA SER B 139 97.81 -29.19 -46.56
C SER B 139 99.22 -29.09 -47.20
N THR B 140 99.26 -29.32 -48.48
CA THR B 140 100.41 -29.83 -49.22
C THR B 140 101.29 -28.70 -49.73
N ASN B 141 101.01 -27.45 -49.36
CA ASN B 141 101.67 -26.24 -49.91
C ASN B 141 101.57 -26.24 -51.44
N LYS B 142 100.42 -26.66 -51.90
CA LYS B 142 100.12 -26.82 -53.32
C LYS B 142 98.66 -26.52 -53.49
N PHE B 143 98.32 -26.15 -54.70
CA PHE B 143 97.09 -25.43 -55.05
C PHE B 143 96.11 -26.31 -55.79
N GLU B 144 94.99 -25.70 -56.11
CA GLU B 144 93.95 -26.25 -57.01
C GLU B 144 93.10 -25.07 -57.52
N MET B 145 93.18 -24.72 -58.81
CA MET B 145 92.20 -23.81 -59.47
C MET B 145 90.77 -24.41 -59.39
N ARG B 146 89.70 -23.61 -59.28
CA ARG B 146 88.27 -24.09 -59.25
C ARG B 146 87.32 -23.25 -60.11
N LEU B 147 87.37 -21.92 -60.06
CA LEU B 147 86.60 -21.03 -60.97
C LEU B 147 87.54 -20.03 -61.61
N SER B 148 87.52 -19.96 -62.96
CA SER B 148 88.19 -18.97 -63.85
C SER B 148 87.26 -17.76 -64.00
N PHE B 149 85.98 -17.99 -64.32
CA PHE B 149 84.82 -17.09 -64.09
C PHE B 149 84.76 -15.95 -65.12
N LYS B 150 85.92 -15.43 -65.61
CA LYS B 150 86.14 -14.81 -66.95
C LYS B 150 85.08 -13.73 -67.32
N LEU B 151 85.11 -12.55 -66.69
CA LEU B 151 84.25 -11.40 -67.11
C LEU B 151 85.02 -10.49 -68.08
N GLY B 152 84.30 -9.53 -68.67
CA GLY B 152 84.77 -8.45 -69.55
C GLY B 152 84.90 -7.13 -68.81
N TYR B 153 84.06 -6.88 -67.80
CA TYR B 153 84.04 -5.61 -67.01
C TYR B 153 84.69 -5.81 -65.64
N GLU B 154 85.39 -4.76 -65.17
CA GLU B 154 86.24 -4.76 -63.94
C GLU B 154 85.33 -4.97 -62.70
N MET B 155 85.77 -5.77 -61.69
CA MET B 155 85.03 -6.10 -60.41
C MET B 155 85.68 -5.39 -59.23
N LYS B 156 84.87 -4.96 -58.26
CA LYS B 156 85.26 -3.93 -57.28
C LYS B 156 84.60 -4.26 -55.94
N ASP B 157 83.79 -3.33 -55.50
CA ASP B 157 82.72 -3.45 -54.48
C ASP B 157 82.14 -4.87 -54.36
N GLY B 158 81.24 -4.98 -53.38
CA GLY B 158 81.21 -5.96 -52.28
C GLY B 158 81.64 -7.36 -52.65
N LEU B 159 82.86 -7.56 -53.12
CA LEU B 159 83.39 -8.91 -53.29
C LEU B 159 83.50 -9.55 -51.90
N ARG B 160 82.79 -10.65 -51.62
CA ARG B 160 82.89 -11.42 -50.34
C ARG B 160 82.66 -12.89 -50.63
N VAL B 161 83.69 -13.67 -50.39
CA VAL B 161 83.75 -15.11 -50.71
C VAL B 161 83.16 -15.83 -49.48
N LEU B 162 82.48 -16.95 -49.68
CA LEU B 162 81.60 -17.58 -48.67
C LEU B 162 81.68 -19.07 -48.80
N ASN B 163 81.05 -19.79 -47.85
CA ASN B 163 81.16 -21.29 -47.68
C ASN B 163 81.46 -22.10 -48.95
N GLY B 164 80.47 -22.59 -49.69
CA GLY B 164 80.77 -23.57 -50.75
C GLY B 164 81.53 -22.85 -51.84
N PRO B 165 82.86 -22.90 -51.87
CA PRO B 165 83.67 -21.72 -52.22
C PRO B 165 83.07 -20.75 -53.25
N LEU B 166 82.51 -19.60 -52.83
CA LEU B 166 81.33 -18.95 -53.47
C LEU B 166 81.52 -17.44 -53.60
N ILE B 167 81.81 -16.92 -54.83
CA ILE B 167 82.16 -15.48 -55.15
C ILE B 167 80.93 -14.67 -55.55
N LEU B 168 80.66 -13.60 -54.81
CA LEU B 168 79.46 -12.74 -54.97
C LEU B 168 79.95 -11.31 -55.03
N TRP B 169 79.57 -10.57 -56.07
CA TRP B 169 80.06 -9.20 -56.39
C TRP B 169 78.94 -8.29 -56.88
N ARG B 170 79.31 -7.08 -57.27
CA ARG B 170 78.33 -6.09 -57.81
C ARG B 170 79.06 -5.13 -58.77
N HIS B 171 78.33 -4.66 -59.78
CA HIS B 171 78.35 -3.25 -60.21
C HIS B 171 76.90 -2.74 -60.06
N VAL B 172 76.60 -1.65 -60.73
CA VAL B 172 75.52 -0.61 -60.58
C VAL B 172 74.19 -1.08 -59.92
N LYS B 173 74.20 -1.82 -58.81
CA LYS B 173 73.01 -2.36 -58.05
C LYS B 173 72.51 -3.66 -58.67
N ALA B 174 73.45 -4.41 -59.26
CA ALA B 174 73.25 -5.70 -59.91
C ALA B 174 74.19 -6.66 -59.21
N PHE B 175 73.63 -7.51 -58.37
CA PHE B 175 74.36 -8.61 -57.72
C PHE B 175 74.33 -9.83 -58.65
N PHE B 176 75.49 -10.49 -58.70
CA PHE B 176 75.72 -11.80 -59.38
C PHE B 176 76.56 -12.70 -58.48
N PHE B 177 76.43 -14.01 -58.68
CA PHE B 177 77.26 -15.00 -57.95
C PHE B 177 77.63 -16.18 -58.87
N ILE B 178 78.84 -16.73 -58.66
CA ILE B 178 79.41 -17.96 -59.31
C ILE B 178 79.77 -18.96 -58.18
N SER B 179 78.87 -19.88 -57.81
CA SER B 179 79.19 -21.04 -56.93
C SER B 179 80.25 -21.89 -57.65
N SER B 180 81.06 -22.67 -56.93
CA SER B 180 82.05 -23.66 -57.46
C SER B 180 81.37 -25.02 -57.74
N GLN B 181 80.14 -25.31 -57.26
CA GLN B 181 79.30 -26.43 -57.76
C GLN B 181 78.92 -26.19 -59.23
N THR B 182 78.19 -25.09 -59.46
CA THR B 182 77.49 -24.69 -60.71
C THR B 182 78.55 -24.47 -61.81
N GLY B 183 79.48 -23.52 -61.63
CA GLY B 183 80.56 -23.16 -62.58
C GLY B 183 80.20 -21.99 -63.49
N LYS B 184 79.00 -21.43 -63.31
CA LYS B 184 78.28 -20.54 -64.27
C LYS B 184 77.91 -19.23 -63.57
N VAL B 185 78.00 -18.10 -64.30
CA VAL B 185 77.60 -16.75 -63.79
C VAL B 185 76.06 -16.78 -63.60
N VAL B 186 75.53 -16.26 -62.49
CA VAL B 186 74.06 -16.18 -62.16
C VAL B 186 73.79 -14.76 -61.61
N SER B 187 72.58 -14.23 -61.76
CA SER B 187 72.12 -12.94 -61.19
C SER B 187 71.20 -13.15 -59.98
N VAL B 188 71.20 -12.20 -59.03
CA VAL B 188 70.33 -12.21 -57.80
C VAL B 188 69.00 -11.57 -58.21
N SER B 189 67.89 -12.31 -58.02
CA SER B 189 66.51 -11.93 -58.44
C SER B 189 66.09 -10.56 -57.88
N GLY B 190 66.09 -10.43 -56.55
CA GLY B 190 65.71 -9.20 -55.82
C GLY B 190 66.62 -8.03 -56.19
N ASN B 191 66.17 -6.82 -55.86
CA ASN B 191 66.88 -5.54 -56.15
C ASN B 191 67.15 -4.83 -54.83
N PHE B 192 68.43 -4.80 -54.45
CA PHE B 192 68.90 -4.33 -53.13
C PHE B 192 70.03 -3.33 -53.32
N SER B 193 70.19 -2.48 -52.30
CA SER B 193 71.06 -1.29 -52.36
C SER B 193 72.48 -1.71 -51.95
N SER B 194 72.58 -2.15 -50.71
CA SER B 194 73.84 -2.57 -50.03
C SER B 194 73.54 -3.91 -49.37
N ILE B 195 74.54 -4.78 -49.25
CA ILE B 195 74.38 -6.26 -49.09
C ILE B 195 75.12 -6.70 -47.82
N GLN B 196 74.95 -5.93 -46.75
CA GLN B 196 75.87 -5.83 -45.58
C GLN B 196 76.44 -7.18 -45.11
N TRP B 197 75.56 -8.17 -44.86
CA TRP B 197 75.90 -9.56 -44.38
C TRP B 197 75.87 -10.53 -45.55
N ALA B 198 76.70 -11.56 -45.48
CA ALA B 198 76.44 -12.81 -46.20
C ALA B 198 76.88 -13.99 -45.37
N GLY B 199 76.07 -15.02 -45.23
CA GLY B 199 76.63 -16.30 -44.78
C GLY B 199 75.62 -17.30 -44.28
N GLU B 200 76.02 -18.57 -44.36
CA GLU B 200 75.25 -19.83 -44.11
C GLU B 200 74.55 -19.76 -42.74
N ILE B 201 73.35 -20.31 -42.65
CA ILE B 201 72.66 -20.56 -41.36
C ILE B 201 71.99 -21.92 -41.45
N GLU B 202 71.71 -22.44 -40.26
CA GLU B 202 70.76 -23.55 -39.98
C GLU B 202 69.45 -23.38 -40.77
N ASN B 203 69.10 -24.48 -41.47
CA ASN B 203 67.81 -24.81 -42.14
C ASN B 203 67.79 -24.22 -43.57
N LEU B 204 68.69 -23.30 -43.91
CA LEU B 204 68.56 -22.42 -45.11
C LEU B 204 69.64 -22.82 -46.10
N GLY B 205 70.87 -22.87 -45.62
CA GLY B 205 72.03 -23.25 -46.42
C GLY B 205 72.85 -22.02 -46.66
N MET B 206 72.26 -21.00 -47.28
CA MET B 206 72.92 -19.69 -47.54
C MET B 206 71.81 -18.62 -47.40
N VAL B 207 72.19 -17.34 -47.25
CA VAL B 207 71.30 -16.14 -47.01
C VAL B 207 72.06 -14.85 -47.43
N LEU B 208 71.32 -13.79 -47.83
CA LEU B 208 71.80 -12.37 -47.94
C LEU B 208 70.92 -11.43 -47.13
N LEU B 209 71.51 -10.59 -46.29
CA LEU B 209 70.80 -9.46 -45.64
C LEU B 209 71.46 -8.19 -46.16
N GLY B 210 70.71 -7.48 -46.99
CA GLY B 210 71.11 -6.18 -47.52
C GLY B 210 70.10 -5.09 -47.23
N LEU B 211 68.80 -5.42 -47.34
CA LEU B 211 67.67 -4.63 -46.78
C LEU B 211 67.00 -5.52 -45.71
N LYS B 212 66.85 -5.02 -44.47
CA LYS B 212 66.77 -5.83 -43.21
C LYS B 212 65.44 -6.58 -43.11
N GLU B 213 64.39 -5.96 -43.68
CA GLU B 213 63.12 -6.63 -44.03
C GLU B 213 63.60 -7.86 -44.84
N CYS B 214 64.10 -7.59 -46.06
CA CYS B 214 64.45 -8.58 -47.13
C CYS B 214 65.40 -9.66 -46.54
N CYS B 215 65.04 -10.94 -46.75
CA CYS B 215 65.71 -12.11 -46.16
C CYS B 215 65.70 -13.27 -47.17
N LEU B 216 66.64 -13.24 -48.11
CA LEU B 216 66.73 -14.03 -49.38
C LEU B 216 66.96 -15.53 -49.09
N SER B 217 67.11 -16.31 -50.18
CA SER B 217 68.01 -17.47 -50.38
C SER B 217 69.06 -17.15 -51.48
N GLU B 218 70.17 -17.90 -51.52
CA GLU B 218 71.16 -17.90 -52.64
C GLU B 218 71.13 -19.28 -53.33
N GLU B 219 69.97 -19.93 -53.29
CA GLU B 219 69.52 -21.00 -54.22
C GLU B 219 68.40 -20.42 -55.12
N GLU B 220 67.19 -20.26 -54.51
CA GLU B 220 65.91 -19.90 -55.18
C GLU B 220 65.59 -18.43 -54.87
N CYS B 221 66.26 -17.51 -55.57
CA CYS B 221 66.53 -16.12 -55.12
C CYS B 221 65.21 -15.54 -54.52
N THR B 222 65.04 -15.57 -53.16
CA THR B 222 63.87 -15.40 -52.16
C THR B 222 63.22 -16.75 -51.81
N SER B 249 61.48 -15.98 -43.73
CA SER B 249 61.10 -15.15 -42.56
C SER B 249 61.95 -13.87 -42.54
N ASP B 250 61.29 -12.74 -42.36
CA ASP B 250 61.85 -11.36 -42.44
C ASP B 250 61.54 -10.64 -41.15
N ILE B 251 61.08 -11.43 -40.19
CA ILE B 251 60.00 -11.09 -39.23
C ILE B 251 60.64 -10.27 -38.11
N TYR B 252 61.76 -10.77 -37.58
CA TYR B 252 62.34 -10.41 -36.25
C TYR B 252 63.79 -9.93 -36.50
N ILE B 253 63.96 -8.98 -37.42
CA ILE B 253 65.27 -8.39 -37.78
C ILE B 253 65.33 -7.05 -37.04
N ILE B 254 66.36 -6.25 -37.29
CA ILE B 254 66.52 -4.87 -36.74
C ILE B 254 65.44 -3.96 -37.33
N PRO B 255 64.92 -2.92 -36.63
CA PRO B 255 63.98 -1.97 -37.21
C PRO B 255 64.48 -1.21 -38.44
N PRO B 256 63.57 -0.88 -39.41
CA PRO B 256 63.96 0.00 -40.51
C PRO B 256 64.36 1.40 -40.00
N ALA B 257 63.98 1.77 -38.77
CA ALA B 257 64.52 2.96 -38.07
C ALA B 257 66.06 2.91 -38.13
N TYR B 258 66.64 1.73 -37.90
CA TYR B 258 68.11 1.52 -38.02
C TYR B 258 68.50 1.55 -39.47
N SER B 259 67.65 1.09 -40.37
CA SER B 259 67.95 0.97 -41.81
C SER B 259 68.54 2.24 -42.44
N SER B 260 68.25 3.42 -41.90
CA SER B 260 68.89 4.68 -42.34
C SER B 260 70.42 4.64 -42.13
N VAL B 261 70.86 4.15 -40.97
CA VAL B 261 72.18 4.53 -40.35
C VAL B 261 73.15 3.35 -40.27
N VAL B 262 72.64 2.10 -40.21
CA VAL B 262 73.47 0.86 -40.25
C VAL B 262 74.26 0.81 -41.59
N THR B 263 75.56 0.49 -41.53
CA THR B 263 76.47 0.38 -42.69
C THR B 263 77.27 -0.92 -42.69
N TYR B 264 77.23 -1.69 -41.58
CA TYR B 264 77.75 -3.08 -41.48
C TYR B 264 77.12 -3.83 -40.26
N VAL B 265 76.96 -5.15 -40.44
CA VAL B 265 76.22 -6.07 -39.54
C VAL B 265 77.13 -7.24 -39.22
N HIS B 266 76.74 -8.02 -38.23
CA HIS B 266 77.51 -9.22 -37.82
C HIS B 266 76.64 -10.00 -36.86
N ILE B 267 75.99 -10.99 -37.38
CA ILE B 267 75.23 -11.90 -36.51
C ILE B 267 76.19 -12.58 -35.61
N CYS B 268 75.65 -13.26 -34.65
CA CYS B 268 76.44 -14.19 -33.89
C CYS B 268 75.64 -15.36 -33.35
N ALA B 269 74.34 -15.27 -33.06
CA ALA B 269 73.59 -16.48 -32.61
C ALA B 269 72.16 -16.46 -33.15
N THR B 270 71.59 -17.65 -33.32
CA THR B 270 70.33 -17.85 -34.09
C THR B 270 69.53 -19.01 -33.50
N GLU B 271 68.22 -18.82 -33.25
CA GLU B 271 67.27 -19.87 -32.74
C GLU B 271 65.83 -19.60 -33.21
N ILE B 272 64.84 -20.42 -32.77
CA ILE B 272 63.43 -20.48 -33.33
C ILE B 272 62.43 -20.69 -32.17
N LEU B 277 61.59 -17.14 -35.83
CA LEU B 277 63.08 -17.03 -35.95
C LEU B 277 63.58 -15.84 -35.09
N ARG B 278 64.75 -15.99 -34.47
CA ARG B 278 65.42 -15.05 -33.52
C ARG B 278 66.94 -14.96 -33.82
N ILE B 279 67.49 -13.76 -34.15
CA ILE B 279 68.95 -13.47 -34.48
C ILE B 279 69.57 -12.48 -33.49
N SER B 280 70.23 -13.02 -32.47
CA SER B 280 70.97 -12.20 -31.49
C SER B 280 72.17 -11.68 -32.24
N LEU B 281 72.14 -10.38 -32.55
CA LEU B 281 73.02 -9.79 -33.58
C LEU B 281 73.57 -8.44 -33.18
N ILE B 282 74.61 -8.08 -33.87
CA ILE B 282 75.26 -6.77 -33.70
C ILE B 282 75.17 -6.01 -34.98
N ALA B 283 75.39 -4.73 -34.81
CA ALA B 283 75.63 -3.80 -35.91
C ALA B 283 76.85 -2.98 -35.60
N LEU B 284 77.05 -2.01 -36.45
CA LEU B 284 77.53 -0.67 -36.04
C LEU B 284 77.13 0.30 -37.15
N THR B 285 77.17 1.63 -36.89
CA THR B 285 76.46 2.72 -37.64
C THR B 285 77.46 3.71 -38.31
N ARG B 286 76.96 4.65 -39.12
CA ARG B 286 77.73 5.77 -39.71
C ARG B 286 78.12 6.77 -38.63
N LYS B 287 77.32 6.79 -37.58
CA LYS B 287 77.43 7.69 -36.41
C LYS B 287 78.49 7.19 -35.41
N ASN B 288 79.31 6.20 -35.75
CA ASN B 288 80.33 5.64 -34.82
C ASN B 288 79.65 5.14 -33.52
N GLN B 289 78.60 4.32 -33.62
CA GLN B 289 77.98 3.61 -32.46
C GLN B 289 78.37 2.15 -32.47
N LEU B 290 77.88 1.40 -31.51
CA LEU B 290 77.87 -0.09 -31.64
C LEU B 290 76.84 -0.69 -30.68
N ILE B 291 76.06 -1.63 -31.20
CA ILE B 291 74.69 -1.91 -30.71
C ILE B 291 74.57 -3.41 -30.55
N SER B 292 73.74 -3.84 -29.62
CA SER B 292 73.22 -5.21 -29.60
C SER B 292 71.80 -5.22 -30.12
N PHE B 293 71.30 -6.41 -30.41
CA PHE B 293 69.88 -6.71 -30.72
C PHE B 293 69.58 -8.15 -30.36
N GLN B 294 68.51 -8.45 -29.62
CA GLN B 294 68.00 -9.83 -29.42
C GLN B 294 66.55 -9.84 -29.93
N ASN B 295 66.40 -10.20 -31.21
CA ASN B 295 65.13 -10.14 -31.98
C ASN B 295 64.91 -8.67 -32.37
N GLY B 296 65.96 -7.99 -32.86
CA GLY B 296 65.91 -6.55 -33.14
C GLY B 296 65.44 -5.71 -31.96
N THR B 297 66.00 -5.90 -30.75
CA THR B 297 65.74 -5.16 -29.47
C THR B 297 67.03 -4.43 -29.07
N PRO B 298 67.29 -3.20 -29.55
CA PRO B 298 68.59 -2.55 -29.39
C PRO B 298 69.17 -2.37 -27.97
N LYS B 299 69.81 -3.41 -27.41
CA LYS B 299 70.38 -3.32 -26.05
C LYS B 299 71.81 -2.78 -26.15
N ASN B 300 72.24 -2.23 -25.04
CA ASN B 300 73.66 -2.20 -24.63
C ASN B 300 74.44 -1.51 -25.74
N VAL B 301 74.24 -0.23 -25.94
CA VAL B 301 75.04 0.53 -26.95
C VAL B 301 76.34 0.98 -26.31
N CYS B 302 77.41 0.90 -27.07
CA CYS B 302 78.74 1.44 -26.77
C CYS B 302 78.85 2.78 -27.47
N GLN B 303 80.07 3.31 -27.60
CA GLN B 303 80.39 4.40 -28.54
C GLN B 303 81.83 4.21 -28.97
N LEU B 304 82.11 4.53 -30.21
CA LEU B 304 83.41 4.23 -30.83
C LEU B 304 84.17 5.52 -30.98
N PRO B 305 85.50 5.48 -30.78
CA PRO B 305 86.29 6.69 -30.64
C PRO B 305 86.68 7.39 -31.95
N PHE B 306 86.79 6.62 -33.01
CA PHE B 306 87.24 7.12 -34.32
C PHE B 306 86.00 7.10 -35.18
N GLY B 307 86.14 7.57 -36.42
CA GLY B 307 85.06 7.59 -37.42
C GLY B 307 85.23 6.51 -38.44
N ASP B 308 84.19 6.26 -39.22
CA ASP B 308 84.27 5.37 -40.40
C ASP B 308 84.47 3.94 -39.92
N PRO B 309 83.54 3.36 -39.12
CA PRO B 309 83.70 1.99 -38.60
C PRO B 309 83.24 0.83 -39.49
N CYS B 310 84.26 0.20 -40.08
CA CYS B 310 84.20 -0.67 -41.29
C CYS B 310 83.45 -1.95 -40.88
N ALA B 311 84.06 -2.66 -39.94
CA ALA B 311 83.78 -4.08 -39.67
C ALA B 311 84.12 -4.43 -38.25
N VAL B 312 83.60 -5.56 -37.86
CA VAL B 312 83.92 -6.16 -36.54
C VAL B 312 84.48 -7.49 -36.94
N GLN B 313 85.20 -8.13 -35.98
CA GLN B 313 85.37 -9.60 -35.79
C GLN B 313 84.82 -9.96 -34.41
N LEU B 314 84.91 -11.22 -34.08
CA LEU B 314 84.87 -11.59 -32.66
C LEU B 314 86.25 -12.15 -32.27
N MET B 315 86.61 -12.04 -30.97
CA MET B 315 87.69 -12.76 -30.22
C MET B 315 87.17 -13.24 -28.82
N ASP B 316 87.70 -14.32 -28.28
CA ASP B 316 87.10 -14.96 -27.10
C ASP B 316 88.01 -14.75 -25.91
N SER B 317 89.27 -15.14 -26.00
CA SER B 317 90.34 -14.78 -25.02
C SER B 317 90.28 -15.42 -23.60
N GLY B 318 89.71 -16.62 -23.46
CA GLY B 318 89.60 -17.27 -22.15
C GLY B 318 88.24 -16.96 -21.67
N GLY B 319 87.95 -17.28 -20.43
CA GLY B 319 86.55 -17.29 -19.89
C GLY B 319 85.85 -15.95 -20.04
N GLY B 320 84.73 -15.85 -20.77
CA GLY B 320 83.95 -14.60 -20.74
C GLY B 320 84.67 -13.36 -21.28
N ASN B 321 85.95 -13.33 -21.63
CA ASN B 321 86.62 -12.05 -22.00
C ASN B 321 86.28 -11.65 -23.46
N LEU B 322 85.04 -11.69 -23.90
CA LEU B 322 84.74 -11.74 -25.36
C LEU B 322 84.66 -10.35 -25.93
N PHE B 323 85.40 -10.08 -26.96
CA PHE B 323 85.54 -8.69 -27.48
C PHE B 323 85.17 -8.60 -28.96
N PHE B 324 84.92 -7.38 -29.43
CA PHE B 324 84.46 -7.07 -30.79
C PHE B 324 85.46 -6.06 -31.17
N VAL B 325 86.17 -6.54 -32.10
CA VAL B 325 87.46 -5.99 -32.47
C VAL B 325 87.19 -5.34 -33.80
N VAL B 326 87.16 -4.03 -33.83
CA VAL B 326 86.50 -3.27 -34.92
C VAL B 326 87.57 -2.54 -35.70
N SER B 327 87.54 -2.72 -37.00
CA SER B 327 88.47 -2.08 -37.96
C SER B 327 87.81 -0.84 -38.55
N PHE B 328 88.56 0.24 -38.68
CA PHE B 328 88.05 1.54 -39.13
C PHE B 328 88.83 1.95 -40.35
N ILE B 329 88.17 2.75 -41.17
CA ILE B 329 88.67 3.14 -42.51
C ILE B 329 89.84 4.13 -42.34
N SER B 330 89.91 4.83 -41.21
CA SER B 330 90.96 5.85 -40.94
C SER B 330 92.34 5.23 -40.54
N ASN B 331 92.66 3.98 -40.94
CA ASN B 331 93.83 3.14 -40.52
C ASN B 331 93.95 3.21 -39.00
N ASN B 332 92.93 2.67 -38.33
CA ASN B 332 92.85 2.48 -36.85
C ASN B 332 91.86 1.36 -36.55
N ALA B 333 91.84 0.96 -35.27
CA ALA B 333 90.98 -0.13 -34.78
C ALA B 333 90.76 -0.03 -33.28
N CYS B 334 89.71 -0.69 -32.83
CA CYS B 334 89.41 -0.85 -31.40
C CYS B 334 89.15 -2.29 -31.11
N ALA B 335 89.19 -2.56 -29.84
CA ALA B 335 88.47 -3.67 -29.23
C ALA B 335 87.48 -3.05 -28.33
N VAL B 336 86.41 -3.77 -28.18
CA VAL B 336 85.40 -3.41 -27.16
C VAL B 336 84.98 -4.66 -26.41
N TRP B 337 84.67 -4.45 -25.16
CA TRP B 337 84.56 -5.50 -24.18
C TRP B 337 83.09 -5.77 -24.14
N LYS B 338 82.68 -6.76 -24.84
CA LYS B 338 81.39 -7.31 -24.48
C LYS B 338 81.41 -7.66 -22.95
N GLU B 339 80.28 -7.88 -22.31
CA GLU B 339 80.03 -8.00 -20.81
C GLU B 339 79.67 -6.60 -20.28
N SER B 340 80.33 -5.57 -20.80
CA SER B 340 79.88 -4.18 -20.56
C SER B 340 80.41 -3.37 -21.69
N PHE B 341 79.54 -2.98 -22.59
CA PHE B 341 79.95 -2.42 -23.91
C PHE B 341 80.82 -1.18 -23.68
N GLN B 342 82.12 -1.37 -23.66
CA GLN B 342 83.04 -0.37 -23.10
C GLN B 342 84.27 -0.38 -23.96
N VAL B 343 84.81 0.74 -24.41
CA VAL B 343 86.07 0.51 -25.17
C VAL B 343 87.15 0.17 -24.16
N ALA B 344 87.74 -1.03 -24.27
CA ALA B 344 88.88 -1.48 -23.43
C ALA B 344 90.16 -0.98 -24.08
N ALA B 345 90.21 -0.82 -25.40
CA ALA B 345 91.48 -0.42 -26.00
C ALA B 345 91.32 0.00 -27.44
N LYS B 346 92.30 0.83 -27.81
CA LYS B 346 92.41 1.68 -29.01
C LYS B 346 93.84 1.55 -29.51
N TRP B 347 93.97 1.30 -30.79
CA TRP B 347 95.27 1.34 -31.45
C TRP B 347 95.18 2.17 -32.71
N GLU B 348 96.35 2.48 -33.21
CA GLU B 348 96.47 3.41 -34.35
C GLU B 348 97.43 2.87 -35.41
N LYS B 349 97.03 3.13 -36.67
CA LYS B 349 97.88 3.05 -37.87
C LYS B 349 97.99 1.63 -38.40
N LEU B 350 97.93 0.63 -37.53
CA LEU B 350 97.34 -0.71 -37.86
C LEU B 350 97.30 -0.90 -39.37
N SER B 351 98.48 -1.12 -39.95
CA SER B 351 98.58 -1.70 -41.31
C SER B 351 97.54 -2.85 -41.48
N LEU B 352 97.33 -3.77 -40.50
CA LEU B 352 96.38 -4.94 -40.54
C LEU B 352 96.05 -5.44 -39.14
N VAL B 353 95.10 -6.36 -39.08
CA VAL B 353 94.72 -7.04 -37.82
C VAL B 353 94.20 -8.41 -38.10
N LEU B 354 94.55 -9.41 -37.30
CA LEU B 354 94.05 -10.80 -37.43
C LEU B 354 93.92 -11.37 -36.05
N ILE B 355 93.12 -12.39 -36.01
CA ILE B 355 92.57 -12.82 -34.72
C ILE B 355 92.71 -14.31 -34.74
N ASP B 356 93.78 -14.79 -34.13
CA ASP B 356 94.00 -16.24 -33.85
C ASP B 356 94.90 -16.43 -32.63
N ASP B 357 94.79 -17.63 -32.08
CA ASP B 357 95.70 -18.17 -31.06
C ASP B 357 97.02 -18.40 -31.74
N PHE B 358 97.87 -17.41 -31.64
CA PHE B 358 99.20 -17.51 -32.27
C PHE B 358 100.18 -18.22 -31.37
N ILE B 359 99.75 -18.60 -30.17
CA ILE B 359 100.66 -19.07 -29.09
C ILE B 359 100.54 -20.58 -28.88
N GLY B 360 99.38 -21.14 -29.16
CA GLY B 360 99.05 -22.38 -28.52
C GLY B 360 98.97 -22.06 -27.05
N SER B 361 97.98 -21.25 -26.66
CA SER B 361 97.32 -21.33 -25.32
C SER B 361 95.98 -22.09 -25.36
N GLY B 362 95.20 -21.86 -26.43
CA GLY B 362 93.77 -22.15 -26.54
C GLY B 362 92.90 -20.93 -26.19
N THR B 363 93.30 -19.72 -26.51
CA THR B 363 92.38 -18.57 -26.37
C THR B 363 92.76 -17.57 -27.43
N GLU B 364 91.81 -16.94 -28.05
CA GLU B 364 92.21 -16.07 -29.17
C GLU B 364 93.03 -14.93 -28.59
N GLN B 365 93.93 -14.40 -29.40
CA GLN B 365 94.76 -13.19 -29.17
C GLN B 365 94.44 -12.25 -30.30
N VAL B 366 95.20 -11.21 -30.45
CA VAL B 366 95.04 -10.33 -31.63
C VAL B 366 96.40 -9.82 -31.99
N LEU B 367 96.56 -9.67 -33.29
CA LEU B 367 97.80 -9.15 -33.90
C LEU B 367 97.53 -7.77 -34.48
N LEU B 368 98.41 -6.84 -34.18
CA LEU B 368 98.42 -5.48 -34.72
C LEU B 368 99.74 -5.30 -35.47
N LEU B 369 99.62 -4.99 -36.74
CA LEU B 369 100.76 -4.68 -37.64
C LEU B 369 100.86 -3.15 -37.75
N PHE B 370 102.04 -2.59 -37.59
CA PHE B 370 102.25 -1.13 -37.66
C PHE B 370 103.04 -0.79 -38.91
N LYS B 371 103.07 0.49 -39.24
CA LYS B 371 103.17 0.93 -40.65
C LYS B 371 104.49 0.53 -41.33
N ASP B 372 104.41 0.49 -42.66
CA ASP B 372 105.43 -0.03 -43.63
C ASP B 372 106.48 1.05 -43.97
N SER B 373 106.33 2.30 -43.49
CA SER B 373 107.36 3.39 -43.54
C SER B 373 108.63 2.94 -42.81
N LEU B 374 108.46 2.24 -41.67
CA LEU B 374 109.54 1.75 -40.74
C LEU B 374 110.59 0.98 -41.55
N ASN B 375 110.15 -0.13 -42.15
CA ASN B 375 110.91 -1.02 -43.06
C ASN B 375 109.99 -1.32 -44.25
N SER B 376 110.54 -1.60 -45.44
CA SER B 376 109.77 -2.17 -46.59
C SER B 376 109.65 -3.71 -46.43
N ASP B 377 109.08 -4.13 -45.30
CA ASP B 377 108.97 -5.53 -44.76
C ASP B 377 107.68 -5.64 -43.94
N CYS B 378 107.04 -6.81 -44.00
CA CYS B 378 105.71 -7.05 -43.40
C CYS B 378 105.83 -7.15 -41.88
N LEU B 379 106.37 -8.23 -41.32
CA LEU B 379 106.10 -8.62 -39.90
C LEU B 379 107.21 -8.16 -38.94
N THR B 380 107.72 -6.98 -39.22
CA THR B 380 108.38 -6.07 -38.26
C THR B 380 107.29 -5.14 -37.76
N SER B 381 107.45 -4.60 -36.57
CA SER B 381 106.51 -3.60 -35.99
C SER B 381 105.19 -4.28 -35.66
N PHE B 382 105.26 -5.35 -34.92
CA PHE B 382 104.06 -6.16 -34.67
C PHE B 382 103.86 -6.19 -33.15
N LYS B 383 102.78 -6.83 -32.69
CA LYS B 383 102.30 -6.68 -31.30
C LYS B 383 101.05 -7.55 -31.06
N ILE B 384 101.13 -8.46 -30.10
CA ILE B 384 100.25 -9.65 -29.98
C ILE B 384 99.69 -9.74 -28.59
N THR B 385 98.42 -9.83 -28.41
CA THR B 385 97.96 -9.65 -27.04
C THR B 385 96.59 -10.20 -26.83
N ASP B 386 96.28 -10.36 -25.54
CA ASP B 386 95.01 -10.90 -25.04
C ASP B 386 94.14 -9.76 -24.55
N LEU B 387 94.74 -8.65 -24.15
CA LEU B 387 94.01 -7.70 -23.29
C LEU B 387 93.52 -8.52 -22.08
N GLY B 388 94.54 -8.97 -21.35
CA GLY B 388 94.60 -9.83 -20.14
C GLY B 388 96.07 -10.24 -19.99
N LYS B 389 96.35 -11.52 -19.82
CA LYS B 389 97.66 -11.96 -19.26
C LYS B 389 98.82 -11.73 -20.22
N ILE B 390 98.55 -11.68 -21.48
CA ILE B 390 99.63 -11.76 -22.46
C ILE B 390 99.71 -10.39 -23.05
N ASN B 391 100.94 -9.94 -23.21
CA ASN B 391 101.33 -8.73 -23.96
C ASN B 391 102.73 -9.07 -24.49
N TYR B 392 102.93 -9.36 -25.77
CA TYR B 392 104.27 -9.62 -26.32
C TYR B 392 104.51 -8.87 -27.64
N SER B 393 105.75 -8.63 -28.00
CA SER B 393 105.98 -7.47 -28.89
C SER B 393 107.44 -7.43 -29.38
N SER B 394 107.85 -6.29 -30.06
CA SER B 394 109.12 -5.91 -30.81
C SER B 394 109.79 -4.64 -30.25
N GLU B 410 121.88 -4.51 -10.53
CA GLU B 410 120.92 -4.57 -11.67
C GLU B 410 120.47 -6.03 -11.85
N ASN B 411 119.89 -6.57 -10.77
CA ASN B 411 119.37 -7.96 -10.64
C ASN B 411 117.95 -7.97 -11.25
N ARG B 412 116.97 -7.35 -10.57
CA ARG B 412 115.53 -7.23 -10.97
C ARG B 412 114.80 -8.59 -10.85
N TYR B 413 115.51 -9.69 -10.68
CA TYR B 413 114.93 -11.03 -10.91
C TYR B 413 114.20 -11.51 -9.67
N LEU B 414 114.62 -11.10 -8.48
CA LEU B 414 113.95 -11.61 -7.26
C LEU B 414 112.57 -11.03 -7.20
N VAL B 415 112.34 -10.00 -8.01
CA VAL B 415 111.07 -9.24 -8.04
C VAL B 415 110.03 -10.03 -8.85
N VAL B 416 110.41 -10.83 -9.83
CA VAL B 416 109.45 -11.37 -10.85
C VAL B 416 108.45 -12.33 -10.21
N PRO B 417 108.86 -13.43 -9.54
CA PRO B 417 107.91 -14.40 -8.97
C PRO B 417 106.91 -13.78 -8.02
N PRO B 418 107.22 -12.71 -7.28
CA PRO B 418 106.17 -11.85 -6.75
C PRO B 418 105.08 -11.38 -7.71
N LEU B 419 105.52 -10.69 -8.76
CA LEU B 419 104.65 -9.96 -9.69
C LEU B 419 103.78 -10.95 -10.45
N GLU B 420 104.43 -11.89 -11.12
CA GLU B 420 103.73 -12.91 -11.94
C GLU B 420 102.64 -13.52 -11.06
N THR B 421 103.05 -14.01 -9.88
CA THR B 421 102.16 -14.63 -8.88
C THR B 421 101.05 -13.67 -8.56
N GLY B 422 101.39 -12.39 -8.39
CA GLY B 422 100.47 -11.25 -8.30
C GLY B 422 99.40 -11.13 -9.40
N LEU B 423 99.79 -10.94 -10.67
CA LEU B 423 98.89 -10.98 -11.85
C LEU B 423 97.91 -12.14 -11.70
N LYS B 424 98.43 -13.32 -11.39
CA LYS B 424 97.67 -14.57 -11.37
C LYS B 424 96.61 -14.51 -10.28
N VAL B 425 96.91 -13.92 -9.15
CA VAL B 425 95.89 -13.78 -8.07
C VAL B 425 94.73 -12.87 -8.56
N CYS B 426 94.99 -11.72 -9.16
CA CYS B 426 93.90 -10.82 -9.64
C CYS B 426 92.98 -11.53 -10.65
N PHE B 427 93.59 -12.40 -11.43
CA PHE B 427 92.93 -13.27 -12.41
C PHE B 427 91.94 -14.13 -11.66
N SER B 428 92.40 -14.76 -10.56
CA SER B 428 91.56 -15.57 -9.64
C SER B 428 90.47 -14.68 -9.09
N SER B 429 90.81 -13.44 -8.79
CA SER B 429 89.84 -12.46 -8.29
C SER B 429 88.78 -12.09 -9.36
N PHE B 430 89.18 -11.85 -10.61
CA PHE B 430 88.23 -11.53 -11.71
C PHE B 430 87.18 -12.65 -11.82
N ARG B 431 87.75 -13.81 -12.02
CA ARG B 431 87.03 -15.07 -12.28
C ARG B 431 86.16 -15.42 -11.08
N GLU B 432 86.49 -14.99 -9.90
CA GLU B 432 85.74 -15.34 -8.69
C GLU B 432 84.65 -14.30 -8.47
N LEU B 433 84.95 -13.02 -8.68
CA LEU B 433 83.92 -11.94 -8.59
C LEU B 433 82.88 -12.23 -9.63
N ARG B 434 83.35 -12.66 -10.80
CA ARG B 434 82.44 -12.96 -11.90
C ARG B 434 81.41 -13.93 -11.38
N GLN B 435 81.81 -15.02 -10.76
CA GLN B 435 80.85 -15.98 -10.19
C GLN B 435 79.98 -15.28 -9.14
N HIS B 436 80.66 -14.51 -8.30
CA HIS B 436 80.08 -13.83 -7.11
C HIS B 436 78.83 -13.04 -7.53
N LEU B 437 79.02 -12.23 -8.55
CA LEU B 437 78.02 -11.26 -9.07
C LEU B 437 76.75 -12.01 -9.46
N LEU B 438 76.95 -13.12 -10.15
CA LEU B 438 75.89 -13.94 -10.75
C LEU B 438 75.13 -14.57 -9.60
N LEU B 439 75.85 -15.00 -8.58
CA LEU B 439 75.22 -15.52 -7.37
C LEU B 439 74.29 -14.48 -6.79
N LYS B 440 74.74 -13.24 -6.75
CA LYS B 440 73.95 -12.13 -6.18
C LYS B 440 72.65 -11.98 -6.95
N GLU B 441 72.80 -11.88 -8.26
CA GLU B 441 71.69 -11.76 -9.21
C GLU B 441 70.65 -12.80 -8.87
N LYS B 442 71.11 -14.03 -8.76
CA LYS B 442 70.24 -15.20 -8.57
C LYS B 442 69.42 -15.07 -7.27
N ILE B 443 70.03 -14.62 -6.19
CA ILE B 443 69.31 -14.43 -4.90
C ILE B 443 68.26 -13.33 -5.05
N ILE B 444 68.66 -12.24 -5.69
CA ILE B 444 67.78 -11.07 -5.99
C ILE B 444 66.51 -11.57 -6.63
N SER B 445 66.70 -12.30 -7.72
CA SER B 445 65.59 -12.95 -8.46
C SER B 445 64.84 -13.85 -7.48
N LYS B 446 65.58 -14.70 -6.77
CA LYS B 446 65.01 -15.57 -5.73
C LYS B 446 64.08 -14.72 -4.87
N SER B 447 64.53 -13.53 -4.48
CA SER B 447 63.81 -12.65 -3.54
C SER B 447 62.54 -11.97 -4.13
N TYR B 448 62.48 -11.59 -5.41
CA TYR B 448 61.20 -11.07 -5.96
C TYR B 448 60.16 -12.18 -5.88
N LYS B 449 60.54 -13.37 -6.36
CA LYS B 449 59.65 -14.57 -6.39
C LYS B 449 59.25 -14.92 -4.96
N ALA B 450 60.19 -14.77 -4.04
CA ALA B 450 59.89 -14.83 -2.61
C ALA B 450 58.91 -13.69 -2.30
N LEU B 451 59.20 -12.47 -2.76
CA LEU B 451 58.31 -11.29 -2.58
C LEU B 451 56.93 -11.59 -3.17
N ILE B 452 56.89 -12.19 -4.35
CA ILE B 452 55.59 -12.41 -5.04
C ILE B 452 54.78 -13.48 -4.28
N ASN B 453 55.37 -14.60 -3.83
CA ASN B 453 54.66 -15.62 -2.97
C ASN B 453 54.43 -15.09 -1.56
N LEU B 454 55.15 -14.05 -1.13
CA LEU B 454 54.99 -13.34 0.18
C LEU B 454 53.59 -12.71 0.23
N VAL B 455 53.23 -11.96 -0.81
CA VAL B 455 51.88 -11.36 -0.97
C VAL B 455 50.79 -12.46 -1.01
N GLN B 456 51.05 -13.59 -1.70
CA GLN B 456 50.16 -14.79 -1.88
C GLN B 456 50.73 -15.99 -1.10
N SER B 496 47.28 -18.55 -10.34
CA SER B 496 47.20 -19.82 -11.12
C SER B 496 46.10 -19.77 -12.19
N GLU B 497 44.84 -19.47 -11.80
CA GLU B 497 43.64 -19.43 -12.69
C GLU B 497 43.70 -18.18 -13.58
N GLN B 498 43.74 -18.34 -14.91
CA GLN B 498 43.77 -17.18 -15.87
C GLN B 498 42.38 -16.52 -15.86
N LEU B 499 42.32 -15.42 -15.10
CA LEU B 499 41.15 -14.55 -14.89
C LEU B 499 40.87 -13.68 -16.11
N VAL B 500 41.95 -13.25 -16.82
CA VAL B 500 41.96 -12.32 -17.98
C VAL B 500 42.68 -12.98 -19.13
N GLU B 501 42.00 -13.01 -20.28
CA GLU B 501 42.65 -13.48 -21.49
C GLU B 501 43.75 -12.47 -21.73
N LYS B 502 43.39 -11.32 -22.24
CA LYS B 502 44.38 -10.66 -23.07
C LYS B 502 44.06 -9.19 -23.26
N ILE B 503 45.17 -8.47 -23.16
CA ILE B 503 45.43 -7.01 -23.25
C ILE B 503 45.52 -6.61 -24.71
N TRP B 504 45.06 -5.41 -24.99
CA TRP B 504 45.21 -4.78 -26.31
C TRP B 504 45.01 -3.33 -26.05
N TYR B 505 45.24 -2.54 -27.07
CA TYR B 505 45.10 -1.09 -26.89
C TYR B 505 45.02 -0.48 -28.27
N ARG B 506 44.33 0.63 -28.33
CA ARG B 506 44.32 1.46 -29.53
C ARG B 506 44.49 2.92 -29.16
N VAL B 507 44.89 3.66 -30.16
CA VAL B 507 44.94 5.13 -30.11
C VAL B 507 43.77 5.62 -30.94
N ILE B 508 42.91 6.47 -30.35
CA ILE B 508 41.71 7.05 -31.04
C ILE B 508 41.96 8.46 -31.59
N ASP B 509 42.46 9.43 -30.85
CA ASP B 509 43.08 10.59 -31.52
C ASP B 509 44.10 11.24 -30.60
N ASP B 510 43.62 11.80 -29.49
CA ASP B 510 44.39 12.28 -28.31
C ASP B 510 43.91 11.45 -27.10
N SER B 511 43.55 10.20 -27.33
CA SER B 511 42.92 9.30 -26.37
C SER B 511 43.66 7.95 -26.45
N LEU B 512 44.30 7.51 -25.37
CA LEU B 512 44.79 6.11 -25.21
C LEU B 512 43.73 5.22 -24.55
N VAL B 513 43.47 4.17 -25.25
CA VAL B 513 42.30 3.37 -24.97
C VAL B 513 42.88 2.04 -24.72
N VAL B 514 42.79 1.63 -23.50
CA VAL B 514 43.31 0.32 -23.15
C VAL B 514 42.17 -0.59 -22.83
N GLY B 515 42.32 -1.84 -23.20
CA GLY B 515 41.27 -2.80 -22.89
C GLY B 515 41.79 -4.19 -22.77
N VAL B 516 40.87 -5.03 -22.37
CA VAL B 516 41.14 -6.44 -22.08
C VAL B 516 39.85 -7.20 -22.24
N LYS B 517 40.03 -8.49 -22.31
CA LYS B 517 38.97 -9.51 -22.40
C LYS B 517 39.03 -10.35 -21.12
N THR B 518 37.88 -10.54 -20.48
CA THR B 518 37.73 -11.43 -19.31
C THR B 518 37.42 -12.85 -19.77
N THR B 519 37.35 -13.75 -18.79
CA THR B 519 36.77 -15.11 -18.88
C THR B 519 35.60 -15.18 -17.91
N SER B 520 34.87 -16.28 -18.01
CA SER B 520 33.85 -16.80 -17.05
C SER B 520 34.21 -16.51 -15.58
N SER B 521 35.46 -16.79 -15.19
CA SER B 521 35.96 -16.74 -13.79
C SER B 521 35.59 -15.42 -13.10
N LEU B 522 35.62 -14.32 -13.86
CA LEU B 522 35.49 -12.95 -13.33
C LEU B 522 34.04 -12.48 -13.41
N LYS B 523 33.34 -12.42 -12.28
CA LYS B 523 31.90 -12.06 -12.31
C LYS B 523 31.74 -10.61 -11.87
N LEU B 524 31.38 -9.79 -12.85
CA LEU B 524 31.21 -8.32 -12.76
C LEU B 524 29.95 -8.02 -11.98
N SER B 525 29.05 -9.02 -11.89
CA SER B 525 27.93 -9.08 -10.90
C SER B 525 28.47 -8.92 -9.48
N LEU B 526 29.58 -9.57 -9.14
CA LEU B 526 30.04 -9.72 -7.73
C LEU B 526 31.23 -8.81 -7.42
N ASN B 527 31.89 -8.31 -8.46
CA ASN B 527 33.17 -7.61 -8.31
C ASN B 527 33.14 -6.34 -9.19
N ASP B 528 33.08 -5.21 -8.50
CA ASP B 528 33.47 -3.86 -9.01
C ASP B 528 34.91 -3.98 -9.45
N VAL B 529 35.23 -3.70 -10.68
CA VAL B 529 36.66 -3.84 -11.05
C VAL B 529 37.08 -2.63 -11.84
N THR B 530 38.37 -2.42 -11.90
CA THR B 530 38.91 -1.23 -12.54
C THR B 530 40.10 -1.66 -13.36
N LEU B 531 40.72 -0.66 -13.92
CA LEU B 531 41.85 -0.87 -14.81
C LEU B 531 42.69 0.40 -14.90
N SER B 532 43.73 0.43 -14.11
CA SER B 532 44.65 1.57 -14.03
C SER B 532 45.75 1.35 -15.02
N LEU B 533 46.39 2.43 -15.31
CA LEU B 533 47.71 2.44 -15.96
C LEU B 533 48.71 2.96 -14.92
N LEU B 534 49.99 2.59 -15.06
CA LEU B 534 51.14 3.09 -14.24
C LEU B 534 52.31 3.39 -15.19
N MET B 535 52.88 4.60 -15.13
CA MET B 535 54.01 4.96 -16.01
C MET B 535 55.32 4.49 -15.36
N ASP B 536 56.39 4.36 -16.18
CA ASP B 536 57.78 4.03 -15.75
C ASP B 536 58.58 5.33 -15.43
N GLN B 537 59.06 5.48 -14.19
CA GLN B 537 59.70 6.71 -13.61
C GLN B 537 61.06 7.03 -14.28
N ALA B 538 61.79 6.05 -14.86
CA ALA B 538 63.09 6.24 -15.54
C ALA B 538 62.94 7.23 -16.71
N HIS B 539 61.86 7.09 -17.46
CA HIS B 539 61.33 8.13 -18.39
C HIS B 539 60.81 9.30 -17.54
N ASP B 540 59.69 9.09 -16.81
CA ASP B 540 58.86 10.15 -16.14
C ASP B 540 59.57 10.61 -14.86
N SER B 541 60.54 11.52 -15.04
CA SER B 541 61.29 12.28 -14.01
C SER B 541 60.35 13.10 -13.09
N ARG B 542 59.06 13.28 -13.46
CA ARG B 542 58.11 14.29 -12.91
C ARG B 542 56.84 13.62 -12.35
N PHE B 543 56.27 14.26 -11.34
CA PHE B 543 54.89 14.04 -10.84
C PHE B 543 53.87 14.78 -11.68
N ARG B 544 53.47 14.07 -12.72
CA ARG B 544 52.16 14.25 -13.35
C ARG B 544 51.31 13.12 -12.75
N LEU B 545 50.15 13.38 -12.12
CA LEU B 545 49.19 12.30 -11.73
C LEU B 545 48.56 11.76 -13.03
N LEU B 546 48.38 10.44 -13.15
CA LEU B 546 47.82 9.77 -14.35
C LEU B 546 46.42 9.22 -14.05
N LYS B 547 45.44 9.71 -14.80
CA LYS B 547 44.02 9.34 -14.65
C LYS B 547 43.62 8.45 -15.82
N CYS B 548 42.49 7.79 -15.67
CA CYS B 548 41.94 6.89 -16.69
C CYS B 548 40.44 6.67 -16.45
N GLN B 549 39.64 6.49 -17.50
CA GLN B 549 38.20 6.21 -17.31
C GLN B 549 37.88 4.81 -17.75
N ASN B 550 37.08 4.20 -16.88
CA ASN B 550 36.75 2.76 -16.86
C ASN B 550 35.30 2.55 -17.33
N ARG B 551 35.13 1.72 -18.36
CA ARG B 551 33.85 1.27 -18.91
C ARG B 551 33.79 -0.23 -18.95
N VAL B 552 32.60 -0.73 -18.80
CA VAL B 552 32.29 -2.14 -19.10
C VAL B 552 31.48 -2.16 -20.40
N ILE B 553 31.82 -3.09 -21.28
CA ILE B 553 31.19 -3.27 -22.61
C ILE B 553 30.79 -4.77 -22.67
N LYS B 554 29.50 -5.08 -22.59
CA LYS B 554 28.98 -6.46 -22.77
C LYS B 554 28.28 -6.53 -24.13
N LEU B 555 28.80 -7.36 -25.05
CA LEU B 555 28.26 -7.59 -26.42
C LEU B 555 27.81 -9.05 -26.58
N SER B 556 26.58 -9.20 -27.09
CA SER B 556 25.94 -10.50 -27.39
C SER B 556 26.29 -10.92 -28.82
N THR B 557 26.67 -12.19 -28.90
CA THR B 557 27.53 -12.79 -29.94
C THR B 557 26.73 -13.90 -30.62
N ASN B 558 26.14 -13.56 -31.77
CA ASN B 558 25.32 -14.48 -32.59
C ASN B 558 24.17 -14.98 -31.72
N PRO B 559 23.31 -14.05 -31.23
CA PRO B 559 22.10 -14.44 -30.54
C PRO B 559 21.06 -15.05 -31.52
N PHE B 560 21.22 -14.82 -32.83
CA PHE B 560 20.43 -15.41 -33.94
C PHE B 560 21.31 -16.43 -34.68
N LYS B 596 26.89 -21.90 -22.54
CA LYS B 596 25.59 -21.63 -23.22
C LYS B 596 25.87 -20.78 -24.49
N LYS B 597 25.00 -19.81 -24.83
CA LYS B 597 25.27 -18.74 -25.84
C LYS B 597 26.23 -17.67 -25.28
N GLU B 598 27.05 -17.13 -26.17
CA GLU B 598 28.25 -16.33 -25.80
C GLU B 598 27.78 -14.90 -25.53
N CYS B 599 28.02 -14.42 -24.31
CA CYS B 599 28.25 -12.98 -23.96
C CYS B 599 29.76 -12.69 -23.99
N VAL B 600 30.17 -11.48 -24.41
CA VAL B 600 31.59 -10.99 -24.44
C VAL B 600 31.65 -9.81 -23.43
N GLN B 601 32.18 -10.00 -22.20
CA GLN B 601 32.41 -8.91 -21.21
C GLN B 601 33.83 -8.42 -21.34
N ILE B 602 33.99 -7.15 -21.59
CA ILE B 602 35.35 -6.57 -21.79
C ILE B 602 35.44 -5.30 -20.94
N ILE B 603 36.58 -5.08 -20.29
CA ILE B 603 36.82 -3.90 -19.41
C ILE B 603 38.05 -3.24 -19.98
N THR B 604 38.05 -1.95 -19.88
CA THR B 604 38.78 -1.09 -20.81
C THR B 604 38.83 0.27 -20.17
N ALA B 605 39.71 1.10 -20.62
CA ALA B 605 40.02 2.34 -19.92
C ALA B 605 40.41 3.38 -20.94
N VAL B 606 40.65 4.59 -20.48
CA VAL B 606 41.03 5.67 -21.42
C VAL B 606 41.75 6.72 -20.63
N THR B 607 42.53 7.52 -21.30
CA THR B 607 43.12 8.70 -20.69
C THR B 607 43.72 9.48 -21.85
N SER B 608 44.57 10.50 -21.65
CA SER B 608 45.09 11.33 -22.78
C SER B 608 46.48 10.92 -23.21
N LEU B 609 46.75 11.20 -24.46
CA LEU B 609 48.03 10.85 -25.06
C LEU B 609 49.07 11.88 -24.72
N SER B 610 48.98 13.10 -25.26
CA SER B 610 50.11 14.07 -25.30
C SER B 610 50.78 14.30 -23.93
N PRO B 611 50.14 14.01 -22.75
CA PRO B 611 50.89 13.85 -21.49
C PRO B 611 52.05 12.83 -21.40
N LEU B 612 51.88 11.68 -22.06
CA LEU B 612 52.80 10.51 -21.99
C LEU B 612 53.89 10.68 -23.05
N LEU B 613 53.55 11.32 -24.17
CA LEU B 613 54.40 11.37 -25.38
C LEU B 613 55.44 12.45 -25.19
N THR B 614 55.98 12.48 -23.99
CA THR B 614 56.94 13.52 -23.55
C THR B 614 58.33 13.10 -24.04
N PHE B 615 58.61 11.78 -24.14
CA PHE B 615 59.97 11.18 -24.28
C PHE B 615 60.03 10.28 -25.51
N SER B 616 59.30 10.68 -26.55
CA SER B 616 59.08 9.98 -27.85
C SER B 616 58.36 8.64 -27.65
N LYS B 617 58.20 8.22 -26.41
CA LYS B 617 57.98 6.82 -26.01
C LYS B 617 57.89 6.78 -24.48
N PHE B 618 57.25 5.72 -24.06
CA PHE B 618 57.19 5.20 -22.69
C PHE B 618 56.75 3.76 -22.80
N CYS B 619 56.74 3.14 -21.65
CA CYS B 619 56.13 1.83 -21.36
C CYS B 619 55.11 2.05 -20.22
N CYS B 620 53.81 1.79 -20.46
CA CYS B 620 52.71 1.76 -19.44
C CYS B 620 52.48 0.30 -19.00
N THR B 621 52.60 0.05 -17.70
CA THR B 621 52.20 -1.19 -17.00
C THR B 621 50.69 -1.11 -16.79
N VAL B 622 50.00 -2.27 -16.68
CA VAL B 622 48.52 -2.39 -16.85
C VAL B 622 47.91 -3.30 -15.79
N LEU B 623 47.11 -2.72 -14.96
CA LEU B 623 46.88 -3.26 -13.63
C LEU B 623 45.38 -3.35 -13.46
N LEU B 624 44.84 -4.55 -13.31
CA LEU B 624 43.39 -4.71 -13.10
C LEU B 624 43.12 -5.00 -11.64
N GLN B 625 42.38 -4.13 -10.98
CA GLN B 625 42.10 -4.34 -9.54
C GLN B 625 40.68 -4.88 -9.46
N ILE B 626 40.39 -5.63 -8.39
CA ILE B 626 39.10 -6.35 -8.10
C ILE B 626 38.79 -6.24 -6.63
N MET B 627 37.63 -5.71 -6.30
CA MET B 627 37.09 -5.78 -4.92
C MET B 627 35.70 -6.40 -4.95
N GLU B 628 35.41 -7.05 -3.84
CA GLU B 628 34.11 -7.69 -3.60
C GLU B 628 33.23 -6.64 -2.96
N ARG B 629 31.95 -6.76 -3.26
CA ARG B 629 30.89 -5.84 -2.82
C ARG B 629 29.91 -6.57 -1.91
N GLU B 630 29.66 -7.88 -2.12
CA GLU B 630 28.90 -8.73 -1.17
C GLU B 630 29.48 -8.50 0.25
N SER B 631 30.77 -8.82 0.41
CA SER B 631 31.52 -8.76 1.68
C SER B 631 31.87 -7.28 1.98
N GLY B 632 31.34 -6.78 3.10
CA GLY B 632 31.76 -5.52 3.76
C GLY B 632 32.99 -5.67 4.66
N ASN B 633 33.78 -6.76 4.52
CA ASN B 633 35.14 -6.94 5.14
C ASN B 633 36.25 -6.48 4.18
N CYS B 634 35.91 -6.12 2.92
CA CYS B 634 36.68 -6.24 1.64
C CYS B 634 37.79 -7.27 1.76
N PRO B 635 37.40 -8.55 1.95
CA PRO B 635 38.34 -9.62 2.26
C PRO B 635 39.22 -9.88 1.02
N LYS B 636 38.65 -9.73 -0.18
CA LYS B 636 39.24 -10.19 -1.45
C LYS B 636 39.63 -9.01 -2.33
N ASP B 637 40.70 -8.32 -1.99
CA ASP B 637 41.32 -7.33 -2.89
C ASP B 637 42.41 -8.11 -3.63
N ARG B 638 42.02 -8.86 -4.66
CA ARG B 638 43.03 -9.34 -5.65
C ARG B 638 43.40 -8.19 -6.57
N TYR B 639 44.49 -8.36 -7.28
CA TYR B 639 44.87 -7.51 -8.41
C TYR B 639 45.33 -8.48 -9.48
N VAL B 640 45.68 -8.00 -10.64
CA VAL B 640 46.43 -8.81 -11.61
C VAL B 640 47.07 -7.83 -12.55
N VAL B 641 48.40 -7.84 -12.62
CA VAL B 641 49.13 -7.12 -13.70
C VAL B 641 48.91 -8.01 -14.93
N CYS B 642 48.05 -7.54 -15.80
CA CYS B 642 47.64 -8.28 -17.01
C CYS B 642 48.48 -7.81 -18.21
N GLY B 643 49.74 -7.39 -18.03
CA GLY B 643 50.71 -7.12 -19.11
C GLY B 643 51.16 -5.69 -19.13
N ARG B 644 51.49 -5.15 -20.30
CA ARG B 644 52.28 -3.90 -20.45
C ARG B 644 52.21 -3.46 -21.91
N VAL B 645 52.06 -2.17 -22.14
CA VAL B 645 51.93 -1.65 -23.52
C VAL B 645 53.03 -0.62 -23.73
N PHE B 646 53.92 -0.90 -24.65
CA PHE B 646 55.03 0.01 -25.07
C PHE B 646 54.52 0.79 -26.28
N LEU B 647 54.67 2.09 -26.30
CA LEU B 647 54.32 2.77 -27.55
C LEU B 647 55.16 4.00 -27.71
N SER B 648 55.13 4.50 -28.91
CA SER B 648 56.11 5.46 -29.43
C SER B 648 55.53 6.17 -30.64
N LEU B 649 56.28 7.14 -31.11
CA LEU B 649 55.94 7.82 -32.36
C LEU B 649 56.28 6.96 -33.56
N GLU B 650 57.31 6.14 -33.47
CA GLU B 650 57.70 5.30 -34.64
C GLU B 650 56.67 4.18 -34.85
N ASP B 651 55.94 3.72 -33.81
CA ASP B 651 54.78 2.77 -33.88
C ASP B 651 53.64 3.37 -34.71
N LEU B 652 53.29 4.59 -34.33
CA LEU B 652 52.24 5.40 -34.98
C LEU B 652 52.72 6.08 -36.27
N SER B 653 54.00 6.43 -36.47
CA SER B 653 54.47 7.07 -37.73
C SER B 653 53.99 6.23 -38.93
N THR B 654 53.84 4.92 -38.73
CA THR B 654 53.43 3.88 -39.71
C THR B 654 52.00 3.36 -39.45
N GLY B 655 51.11 4.19 -38.89
CA GLY B 655 49.73 3.83 -38.44
C GLY B 655 49.74 2.77 -37.35
N LYS B 656 49.25 1.59 -37.67
CA LYS B 656 49.54 0.35 -36.89
C LYS B 656 48.62 0.30 -35.68
N TYR B 657 48.29 1.42 -35.07
CA TYR B 657 47.42 1.42 -33.86
C TYR B 657 46.32 2.47 -33.92
N LEU B 658 46.51 3.51 -34.73
CA LEU B 658 45.47 4.53 -34.93
C LEU B 658 44.23 3.83 -35.44
N LEU B 659 43.11 4.49 -35.28
CA LEU B 659 41.94 4.32 -36.18
C LEU B 659 41.74 5.67 -36.85
N THR B 660 41.84 5.75 -38.19
CA THR B 660 41.55 6.97 -39.01
C THR B 660 40.48 6.59 -40.05
N PHE B 661 39.42 7.39 -40.11
CA PHE B 661 38.13 6.96 -40.70
C PHE B 661 38.01 7.28 -42.18
N PRO B 662 36.79 7.13 -42.75
CA PRO B 662 36.50 6.04 -43.68
C PRO B 662 37.57 5.69 -44.70
N LYS B 663 38.39 4.77 -44.25
CA LYS B 663 39.04 3.67 -44.99
C LYS B 663 38.80 2.40 -44.19
N LYS B 664 38.94 2.52 -42.86
CA LYS B 664 38.56 1.52 -41.83
C LYS B 664 37.05 1.54 -41.64
N LYS B 665 36.33 1.45 -42.76
CA LYS B 665 34.92 0.98 -42.78
C LYS B 665 34.90 -0.52 -42.49
N PRO B 666 35.58 -1.42 -43.27
CA PRO B 666 35.37 -2.86 -43.10
C PRO B 666 36.08 -3.32 -41.80
N ILE B 667 35.29 -3.45 -40.72
CA ILE B 667 35.77 -3.53 -39.30
C ILE B 667 35.79 -5.02 -38.90
N GLU B 668 37.02 -5.57 -38.86
CA GLU B 668 37.35 -7.02 -38.89
C GLU B 668 38.45 -7.38 -37.87
N HIS B 669 39.06 -6.41 -37.19
CA HIS B 669 39.80 -6.63 -35.92
C HIS B 669 38.95 -6.02 -34.84
N MET B 670 38.37 -6.86 -33.99
CA MET B 670 37.26 -6.46 -33.08
C MET B 670 37.74 -5.45 -32.04
N GLU B 671 39.05 -5.40 -31.79
CA GLU B 671 39.75 -4.37 -30.96
C GLU B 671 39.27 -2.99 -31.39
N ASP B 672 39.16 -2.79 -32.69
CA ASP B 672 38.89 -1.46 -33.27
C ASP B 672 37.46 -1.05 -32.92
N LEU B 673 36.53 -2.00 -33.01
CA LEU B 673 35.12 -1.77 -32.58
C LEU B 673 35.09 -1.45 -31.08
N PHE B 674 35.78 -2.22 -30.23
CA PHE B 674 35.71 -2.02 -28.76
C PHE B 674 36.37 -0.69 -28.35
N ALA B 675 37.39 -0.21 -29.08
CA ALA B 675 38.06 1.12 -28.94
C ALA B 675 37.00 2.23 -29.03
N LEU B 676 36.21 2.13 -30.08
CA LEU B 676 35.10 3.05 -30.31
C LEU B 676 34.03 2.80 -29.24
N LEU B 677 33.83 1.62 -28.70
CA LEU B 677 32.88 1.52 -27.57
C LEU B 677 33.40 1.97 -26.21
N ALA B 678 34.65 2.35 -26.08
CA ALA B 678 35.12 2.93 -24.81
C ALA B 678 35.31 4.43 -24.93
N ALA B 679 35.91 4.90 -26.05
CA ALA B 679 36.46 6.27 -26.32
C ALA B 679 35.34 7.27 -26.61
N PHE B 680 34.26 6.78 -27.17
CA PHE B 680 33.09 7.56 -27.62
C PHE B 680 32.13 7.76 -26.46
N HIS B 681 31.29 8.73 -26.65
CA HIS B 681 30.46 9.33 -25.61
C HIS B 681 29.11 8.64 -25.67
N LYS B 682 28.84 7.85 -24.68
CA LYS B 682 27.68 7.00 -24.81
C LYS B 682 26.46 7.71 -24.24
N SER B 683 25.36 7.82 -24.98
CA SER B 683 24.03 8.38 -24.60
C SER B 683 22.90 7.37 -24.88
N CYS B 684 22.11 7.04 -23.87
CA CYS B 684 21.03 6.02 -23.94
C CYS B 684 19.65 6.65 -24.03
N PHE B 685 18.70 5.88 -24.54
CA PHE B 685 17.35 6.37 -24.85
C PHE B 685 16.33 5.29 -24.80
N GLN B 686 15.27 5.61 -24.08
CA GLN B 686 13.98 4.95 -24.23
C GLN B 686 13.11 5.72 -25.21
N ILE B 687 12.47 4.98 -26.13
CA ILE B 687 11.55 5.44 -27.18
C ILE B 687 10.22 4.69 -26.99
N THR B 688 9.14 5.35 -26.54
CA THR B 688 7.73 4.81 -26.48
C THR B 688 6.87 5.59 -27.52
N SER B 689 6.39 4.97 -28.62
CA SER B 689 5.38 5.53 -29.56
C SER B 689 4.00 4.97 -29.23
N PRO B 690 3.15 5.61 -28.39
CA PRO B 690 2.10 4.89 -27.67
C PRO B 690 0.73 4.76 -28.38
N GLY B 691 0.52 5.44 -29.52
CA GLY B 691 -0.65 5.25 -30.41
C GLY B 691 -0.22 4.65 -31.74
N TYR B 692 0.85 3.88 -31.75
CA TYR B 692 1.48 3.25 -32.94
C TYR B 692 2.30 2.09 -32.42
N ALA B 693 2.95 1.31 -33.27
CA ALA B 693 4.19 0.54 -33.01
C ALA B 693 5.24 1.05 -33.99
N LEU B 694 6.41 0.45 -33.91
CA LEU B 694 7.65 1.24 -33.97
C LEU B 694 8.70 0.55 -34.83
N ASN B 695 8.63 0.78 -36.10
CA ASN B 695 9.41 -0.05 -37.04
C ASN B 695 10.20 0.84 -38.01
N SER B 696 9.79 2.10 -38.12
CA SER B 696 10.56 3.22 -38.72
C SER B 696 12.07 3.21 -38.32
N MET B 697 12.42 2.70 -37.12
CA MET B 697 13.80 2.60 -36.59
C MET B 697 14.62 1.82 -37.58
N LYS B 698 14.18 0.64 -37.93
CA LYS B 698 14.99 -0.22 -38.81
C LYS B 698 15.25 0.45 -40.14
N VAL B 699 14.28 1.23 -40.58
CA VAL B 699 14.38 1.90 -41.90
C VAL B 699 15.40 3.01 -41.77
N TRP B 700 15.15 3.93 -40.83
CA TRP B 700 16.08 5.03 -40.51
C TRP B 700 17.49 4.44 -40.41
N LEU B 701 17.65 3.36 -39.64
CA LEU B 701 18.98 2.83 -39.23
C LEU B 701 19.66 2.35 -40.48
N LEU B 702 18.95 1.48 -41.18
CA LEU B 702 19.49 0.83 -42.39
C LEU B 702 19.42 1.81 -43.54
N GLU B 703 18.34 2.60 -43.66
CA GLU B 703 18.21 3.47 -44.84
C GLU B 703 18.85 4.83 -44.58
N HIS B 704 18.21 5.71 -43.81
CA HIS B 704 18.52 7.18 -43.80
C HIS B 704 19.96 7.37 -43.32
N MET B 705 20.42 6.49 -42.43
CA MET B 705 21.78 6.49 -41.86
C MET B 705 22.70 5.52 -42.60
N LYS B 706 22.16 4.53 -43.29
CA LYS B 706 22.98 3.54 -44.04
C LYS B 706 23.96 2.94 -43.05
N CYS B 707 23.40 2.13 -42.16
CA CYS B 707 24.13 1.28 -41.18
C CYS B 707 24.59 -0.04 -41.83
N GLU B 708 25.86 -0.43 -41.65
CA GLU B 708 26.35 -1.82 -41.83
C GLU B 708 26.15 -2.51 -40.48
N ILE B 709 25.43 -3.63 -40.44
CA ILE B 709 25.40 -4.51 -39.24
C ILE B 709 26.78 -5.20 -39.16
N ILE B 710 27.33 -5.38 -37.95
CA ILE B 710 28.50 -6.26 -37.69
C ILE B 710 27.95 -7.66 -37.46
N LYS B 711 28.49 -8.68 -38.11
CA LYS B 711 27.86 -10.03 -38.17
C LYS B 711 27.96 -10.73 -36.82
N GLU B 712 29.17 -10.61 -36.27
CA GLU B 712 29.66 -11.20 -35.00
C GLU B 712 28.81 -10.67 -33.86
N PHE B 713 28.32 -9.43 -33.98
CA PHE B 713 27.52 -8.72 -32.97
C PHE B 713 26.47 -7.97 -33.75
N PRO B 714 25.35 -8.63 -34.06
CA PRO B 714 24.40 -8.11 -35.03
C PRO B 714 23.23 -7.44 -34.29
N GLU B 715 23.50 -7.01 -33.07
CA GLU B 715 22.64 -6.16 -32.21
C GLU B 715 23.16 -4.71 -32.25
N VAL B 716 24.20 -4.46 -33.10
CA VAL B 716 25.04 -3.23 -33.27
C VAL B 716 24.99 -2.79 -34.72
N TYR B 717 25.06 -1.51 -34.98
CA TYR B 717 25.17 -1.04 -36.37
C TYR B 717 26.09 0.12 -36.38
N PHE B 718 26.72 0.28 -37.51
CA PHE B 718 27.72 1.32 -37.70
C PHE B 718 27.15 2.19 -38.82
N CYS B 719 27.13 3.50 -38.62
CA CYS B 719 26.73 4.49 -39.66
C CYS B 719 27.82 4.65 -40.73
N GLU B 720 27.42 4.53 -41.99
CA GLU B 720 28.32 4.72 -43.17
C GLU B 720 27.84 5.94 -43.98
N ARG B 721 26.90 6.71 -43.46
CA ARG B 721 26.44 7.90 -44.18
C ARG B 721 27.55 8.94 -44.16
N PRO B 722 27.91 9.49 -45.33
CA PRO B 722 29.27 9.98 -45.57
C PRO B 722 29.63 11.42 -45.10
N GLY B 723 28.77 11.99 -44.24
CA GLY B 723 28.95 13.34 -43.65
C GLY B 723 29.35 13.35 -42.17
N SER B 724 28.49 13.88 -41.32
CA SER B 724 28.83 14.33 -39.95
C SER B 724 28.53 13.21 -38.92
N PHE B 725 27.73 12.22 -39.27
CA PHE B 725 27.48 11.07 -38.40
C PHE B 725 28.50 9.97 -38.64
N TYR B 726 29.49 10.11 -39.53
CA TYR B 726 30.19 8.90 -40.05
C TYR B 726 30.86 8.20 -38.88
N GLY B 727 30.58 6.90 -38.70
CA GLY B 727 31.25 6.05 -37.69
C GLY B 727 30.61 6.10 -36.31
N THR B 728 29.57 6.84 -36.25
CA THR B 728 28.67 6.78 -35.13
C THR B 728 28.15 5.39 -35.03
N LEU B 729 28.01 4.89 -33.82
CA LEU B 729 27.47 3.54 -33.58
C LEU B 729 26.18 3.57 -32.86
N PHE B 730 25.24 2.77 -33.28
CA PHE B 730 23.96 2.64 -32.57
C PHE B 730 23.80 1.22 -32.14
N THR B 731 22.82 1.02 -31.32
CA THR B 731 22.23 -0.32 -31.14
C THR B 731 20.76 -0.14 -30.94
N TRP B 732 19.99 -1.15 -31.30
CA TRP B 732 18.54 -1.07 -31.07
C TRP B 732 18.10 -2.42 -30.53
N LYS B 733 17.44 -2.39 -29.38
CA LYS B 733 16.62 -3.52 -28.87
C LYS B 733 15.17 -3.06 -28.81
N GLN B 734 14.29 -3.81 -29.48
CA GLN B 734 12.82 -3.68 -29.36
C GLN B 734 12.35 -4.59 -28.22
N ARG B 735 11.35 -4.12 -27.51
CA ARG B 735 10.62 -4.96 -26.56
C ARG B 735 9.23 -4.34 -26.45
N THR B 736 8.18 -5.08 -26.78
CA THR B 736 6.77 -4.60 -26.88
C THR B 736 6.75 -3.54 -27.96
N PRO B 737 6.42 -3.93 -29.21
CA PRO B 737 7.00 -3.27 -30.39
C PRO B 737 6.55 -1.80 -30.51
N PHE B 738 5.77 -1.37 -29.55
CA PHE B 738 5.65 0.03 -29.09
C PHE B 738 6.98 0.56 -28.50
N GLU B 739 7.38 0.07 -27.29
CA GLU B 739 8.55 0.55 -26.46
C GLU B 739 9.85 0.03 -27.11
N GLY B 740 10.92 0.82 -27.16
CA GLY B 740 12.25 0.26 -27.55
C GLY B 740 13.40 1.10 -27.03
N ILE B 741 14.61 0.53 -26.86
CA ILE B 741 15.79 1.20 -26.21
C ILE B 741 16.90 1.40 -27.23
N LEU B 742 17.25 2.65 -27.50
CA LEU B 742 18.29 2.99 -28.47
C LEU B 742 19.45 3.31 -27.57
N ILE B 743 20.66 3.04 -28.00
CA ILE B 743 21.88 3.49 -27.28
C ILE B 743 22.66 4.20 -28.33
N ILE B 744 23.26 5.35 -28.07
CA ILE B 744 24.06 6.00 -29.14
C ILE B 744 25.50 6.22 -28.69
N TYR B 745 26.42 5.65 -29.36
CA TYR B 745 27.81 5.91 -29.02
C TYR B 745 28.35 6.89 -30.05
N SER B 746 28.58 8.15 -29.75
CA SER B 746 28.91 9.18 -30.77
C SER B 746 30.33 9.66 -30.61
N ARG B 747 30.84 10.51 -31.49
CA ARG B 747 32.26 10.94 -31.40
C ARG B 747 32.40 12.22 -30.59
N ASN B 748 31.32 12.96 -30.35
CA ASN B 748 31.31 14.17 -29.47
C ASN B 748 29.91 14.25 -28.85
N GLN B 749 29.48 15.35 -28.23
CA GLN B 749 28.05 15.43 -27.84
C GLN B 749 27.21 16.22 -28.83
N THR B 750 27.83 16.98 -29.74
CA THR B 750 27.08 17.63 -30.87
C THR B 750 26.33 16.52 -31.59
N VAL B 751 27.10 15.52 -31.97
CA VAL B 751 26.69 14.59 -33.05
C VAL B 751 25.61 13.72 -32.39
N MET B 752 25.68 13.60 -31.08
CA MET B 752 24.58 12.99 -30.37
C MET B 752 23.36 13.85 -30.58
N PHE B 753 23.45 15.18 -30.52
CA PHE B 753 22.20 15.96 -30.75
C PHE B 753 21.71 15.73 -32.20
N GLN B 754 22.58 15.95 -33.19
CA GLN B 754 22.17 16.05 -34.61
C GLN B 754 21.36 14.81 -34.95
N CYS B 755 21.80 13.70 -34.37
CA CYS B 755 21.13 12.39 -34.43
C CYS B 755 19.70 12.56 -33.93
N LEU B 756 19.41 12.83 -32.65
CA LEU B 756 18.00 12.75 -32.10
C LEU B 756 17.00 13.66 -32.81
N HIS B 757 17.51 14.81 -33.28
CA HIS B 757 16.80 15.76 -34.18
C HIS B 757 16.41 15.06 -35.49
N ASN B 758 17.39 14.53 -36.25
CA ASN B 758 17.13 13.80 -37.52
C ASN B 758 16.07 12.73 -37.30
N LEU B 759 16.03 12.12 -36.10
CA LEU B 759 15.17 10.98 -35.74
C LEU B 759 13.88 11.34 -35.02
N ILE B 760 13.77 12.40 -34.27
CA ILE B 760 12.43 12.79 -33.70
C ILE B 760 11.44 13.35 -34.78
N ARG B 761 12.01 13.66 -35.99
CA ARG B 761 11.47 14.16 -37.33
C ARG B 761 10.88 13.04 -38.24
N ILE B 762 11.32 11.77 -38.06
CA ILE B 762 10.93 10.49 -38.75
C ILE B 762 10.22 9.53 -37.80
N LEU B 763 10.18 9.85 -36.52
CA LEU B 763 9.34 9.02 -35.64
C LEU B 763 7.91 9.35 -35.89
N PRO B 764 7.03 8.51 -35.35
CA PRO B 764 5.63 8.91 -35.18
C PRO B 764 5.42 10.05 -34.19
N ILE B 765 4.17 10.36 -33.94
CA ILE B 765 3.77 11.69 -33.43
C ILE B 765 3.82 11.76 -31.90
N ASN B 766 3.50 10.67 -31.20
CA ASN B 766 3.39 10.67 -29.71
C ASN B 766 4.66 10.10 -29.08
N CYS B 767 5.73 10.08 -29.87
CA CYS B 767 6.95 9.31 -29.61
C CYS B 767 7.74 10.08 -28.55
N PHE B 768 7.58 9.55 -27.36
CA PHE B 768 7.89 10.09 -26.02
C PHE B 768 9.36 9.72 -25.80
N LEU B 769 10.36 10.40 -26.37
CA LEU B 769 11.79 10.04 -26.08
C LEU B 769 11.98 10.25 -24.59
N LYS B 770 12.98 9.68 -23.94
CA LYS B 770 13.32 10.17 -22.59
C LYS B 770 14.50 9.45 -22.01
N ASN B 771 15.35 10.22 -21.34
CA ASN B 771 16.78 9.89 -21.22
C ASN B 771 16.99 8.96 -20.04
N LEU B 772 17.74 7.88 -20.25
CA LEU B 772 18.19 6.97 -19.18
C LEU B 772 19.65 7.21 -18.83
N LYS B 773 19.92 7.57 -17.59
CA LYS B 773 21.30 7.44 -17.02
C LYS B 773 21.46 5.99 -16.54
N SER B 774 20.47 5.53 -15.73
CA SER B 774 20.63 4.62 -14.57
C SER B 774 19.76 3.35 -14.65
N GLY B 775 19.67 2.70 -15.80
CA GLY B 775 18.93 1.44 -15.93
C GLY B 775 17.53 1.67 -16.47
N SER B 776 17.07 0.76 -17.34
CA SER B 776 15.75 0.85 -18.04
C SER B 776 14.70 0.90 -16.99
N GLU B 777 13.62 1.54 -17.38
CA GLU B 777 12.53 1.79 -16.43
C GLU B 777 12.05 0.40 -15.93
N ASN B 778 11.86 -0.57 -16.83
CA ASN B 778 11.36 -1.92 -16.46
C ASN B 778 12.25 -2.53 -15.36
N PHE B 779 13.55 -2.54 -15.62
CA PHE B 779 14.55 -3.26 -14.78
C PHE B 779 14.61 -2.66 -13.40
N LEU B 780 14.69 -1.35 -13.36
CA LEU B 780 14.75 -0.64 -12.09
C LEU B 780 13.61 -1.10 -11.24
N ILE B 781 12.47 -1.28 -11.86
CA ILE B 781 11.24 -1.51 -11.07
C ILE B 781 11.31 -2.89 -10.40
N ASP B 782 11.80 -3.89 -11.13
CA ASP B 782 12.07 -5.22 -10.56
C ASP B 782 13.14 -5.11 -9.48
N ASN B 783 14.25 -4.43 -9.77
CA ASN B 783 15.38 -4.26 -8.83
C ASN B 783 14.85 -3.65 -7.52
N MET B 784 13.89 -2.73 -7.62
CA MET B 784 13.28 -2.10 -6.44
C MET B 784 12.49 -3.18 -5.75
N ALA B 785 11.50 -3.73 -6.45
CA ALA B 785 10.48 -4.63 -5.87
C ALA B 785 11.17 -5.77 -5.14
N PHE B 786 12.21 -6.29 -5.78
CA PHE B 786 13.10 -7.35 -5.26
C PHE B 786 13.54 -6.99 -3.82
N THR B 787 14.13 -5.81 -3.72
CA THR B 787 14.82 -5.36 -2.51
C THR B 787 13.81 -5.00 -1.46
N LEU B 788 12.55 -4.90 -1.83
CA LEU B 788 11.48 -5.06 -0.83
C LEU B 788 11.14 -6.51 -0.64
N GLU B 789 10.94 -7.29 -1.70
CA GLU B 789 10.48 -8.68 -1.45
C GLU B 789 11.43 -9.18 -0.34
N LYS B 790 12.73 -8.89 -0.40
CA LYS B 790 13.65 -9.42 0.60
C LYS B 790 13.54 -8.70 1.92
N GLU B 791 13.41 -7.40 1.88
CA GLU B 791 13.33 -6.57 3.09
C GLU B 791 12.18 -7.01 3.94
N LEU B 792 11.00 -7.09 3.35
CA LEU B 792 9.74 -7.31 4.10
C LEU B 792 9.73 -8.73 4.68
N VAL B 793 10.29 -9.66 3.92
CA VAL B 793 10.50 -11.06 4.35
C VAL B 793 11.43 -11.08 5.57
N THR B 794 12.53 -10.32 5.49
CA THR B 794 13.50 -10.16 6.59
C THR B 794 12.78 -9.46 7.76
N LEU B 795 11.97 -8.45 7.50
CA LEU B 795 11.16 -7.77 8.55
C LEU B 795 10.06 -8.67 9.10
N SER B 796 9.64 -9.67 8.36
CA SER B 796 8.76 -10.74 8.89
C SER B 796 9.59 -11.79 9.65
N SER B 797 10.81 -12.16 9.19
CA SER B 797 11.78 -13.08 9.87
C SER B 797 12.10 -12.58 11.28
N LEU B 798 12.06 -11.26 11.44
CA LEU B 798 12.00 -10.58 12.75
C LEU B 798 10.90 -11.20 13.64
N SER B 799 9.63 -11.00 13.32
CA SER B 799 8.47 -11.36 14.18
C SER B 799 8.36 -12.88 14.38
N SER B 800 8.67 -13.66 13.34
CA SER B 800 8.73 -15.15 13.35
C SER B 800 9.84 -15.65 14.30
N ALA B 801 11.08 -15.14 14.19
CA ALA B 801 12.22 -15.53 15.07
C ALA B 801 11.86 -15.19 16.53
N ILE B 802 11.18 -14.05 16.76
CA ILE B 802 10.68 -13.61 18.10
C ILE B 802 9.62 -14.61 18.59
N ALA B 803 8.63 -14.93 17.75
CA ALA B 803 7.50 -15.86 18.03
C ALA B 803 7.97 -17.30 18.35
N LYS B 804 9.22 -17.69 18.04
CA LYS B 804 9.89 -18.94 18.52
C LYS B 804 10.51 -18.73 19.91
N HIS B 805 11.01 -17.52 20.21
CA HIS B 805 11.62 -17.11 21.52
C HIS B 805 10.56 -16.98 22.63
N GLU B 806 9.28 -16.75 22.26
CA GLU B 806 8.10 -16.68 23.19
C GLU B 806 7.65 -18.11 23.60
N SER B 807 7.64 -19.08 22.66
CA SER B 807 7.30 -20.54 22.85
C SER B 807 8.20 -21.18 23.93
N ASN B 808 9.48 -20.80 23.94
CA ASN B 808 10.52 -21.12 24.97
C ASN B 808 10.07 -20.54 26.32
N PRO B 836 -14.27 -28.34 41.56
CA PRO B 836 -12.95 -28.22 42.20
C PRO B 836 -11.77 -28.87 41.44
N TYR B 837 -11.98 -30.09 40.88
CA TYR B 837 -10.99 -30.85 40.05
C TYR B 837 -10.70 -30.08 38.74
N ARG B 838 -11.77 -29.61 38.06
CA ARG B 838 -11.73 -28.88 36.77
C ARG B 838 -11.22 -27.43 36.95
N LYS B 839 -11.51 -26.81 38.10
CA LYS B 839 -10.87 -25.53 38.55
C LYS B 839 -9.35 -25.74 38.64
N GLU B 840 -8.91 -26.85 39.26
CA GLU B 840 -7.47 -27.22 39.49
C GLU B 840 -6.74 -27.62 38.19
N LEU B 841 -7.45 -27.88 37.08
CA LEU B 841 -6.88 -28.06 35.70
C LEU B 841 -7.02 -26.77 34.88
N GLN B 842 -8.15 -26.07 35.00
CA GLN B 842 -8.45 -24.76 34.33
C GLN B 842 -7.35 -23.73 34.67
N ARG B 843 -7.10 -23.57 35.97
CA ARG B 843 -6.08 -22.65 36.52
C ARG B 843 -4.68 -23.07 36.07
N GLU B 844 -4.36 -24.38 36.08
CA GLU B 844 -3.06 -24.94 35.60
C GLU B 844 -2.85 -24.55 34.12
N LYS B 845 -3.86 -24.71 33.25
CA LYS B 845 -3.75 -24.39 31.80
C LYS B 845 -3.69 -22.86 31.60
N LYS B 846 -4.37 -22.07 32.44
CA LYS B 846 -4.18 -20.59 32.45
C LYS B 846 -2.72 -20.26 32.76
N LYS B 847 -2.13 -20.90 33.79
CA LYS B 847 -0.69 -20.78 34.19
C LYS B 847 0.26 -21.05 33.00
N MET B 848 0.02 -22.08 32.16
CA MET B 848 0.92 -22.47 31.00
C MET B 848 0.92 -21.37 29.91
N LEU B 849 -0.25 -20.71 29.73
CA LEU B 849 -0.58 -19.71 28.69
C LEU B 849 -0.67 -18.28 29.28
N GLN B 850 -0.09 -18.04 30.47
CA GLN B 850 0.10 -16.66 31.00
C GLN B 850 0.97 -15.91 30.01
N THR B 851 0.35 -15.01 29.24
CA THR B 851 0.94 -14.28 28.09
C THR B 851 2.42 -14.01 28.41
N ASN B 852 3.36 -14.66 27.70
CA ASN B 852 4.79 -14.25 27.65
C ASN B 852 4.83 -12.92 26.87
N LEU B 853 4.73 -11.82 27.63
CA LEU B 853 4.79 -10.40 27.17
C LEU B 853 6.20 -10.06 26.64
N LYS B 854 7.21 -10.96 26.75
CA LYS B 854 8.65 -10.63 26.77
C LYS B 854 9.39 -11.32 25.60
N VAL B 855 10.43 -10.65 25.09
CA VAL B 855 11.19 -10.94 23.84
C VAL B 855 12.67 -10.58 24.01
N SER B 856 13.60 -11.51 23.76
CA SER B 856 15.07 -11.26 23.80
C SER B 856 15.38 -9.99 23.02
N GLY B 857 15.82 -8.94 23.72
CA GLY B 857 16.46 -7.77 23.10
C GLY B 857 17.59 -8.20 22.16
N ALA B 858 18.42 -9.18 22.58
CA ALA B 858 19.64 -9.64 21.85
C ALA B 858 19.27 -10.15 20.47
N LEU B 859 18.26 -11.02 20.45
CA LEU B 859 17.68 -11.60 19.22
C LEU B 859 17.19 -10.48 18.29
N TYR B 860 16.28 -9.66 18.81
CA TYR B 860 15.70 -8.48 18.12
C TYR B 860 16.83 -7.69 17.48
N ARG B 861 17.91 -7.48 18.25
CA ARG B 861 19.09 -6.71 17.79
C ARG B 861 19.74 -7.43 16.61
N GLU B 862 20.00 -8.73 16.75
CA GLU B 862 20.55 -9.59 15.66
C GLU B 862 19.82 -9.31 14.35
N ILE B 863 18.49 -9.37 14.45
CA ILE B 863 17.60 -9.29 13.27
C ILE B 863 17.66 -7.85 12.74
N THR B 864 17.64 -6.84 13.60
CA THR B 864 17.69 -5.43 13.14
C THR B 864 18.96 -5.19 12.32
N LEU B 865 20.06 -5.85 12.67
CA LEU B 865 21.27 -5.74 11.83
C LEU B 865 21.02 -6.36 10.48
N LYS B 866 20.54 -7.60 10.47
CA LYS B 866 20.22 -8.29 9.19
C LYS B 866 19.33 -7.39 8.35
N VAL B 867 18.37 -6.73 8.97
CA VAL B 867 17.38 -5.87 8.27
C VAL B 867 18.11 -4.63 7.74
N ALA B 868 18.88 -4.01 8.62
CA ALA B 868 19.64 -2.79 8.25
C ALA B 868 20.34 -3.12 6.93
N GLU B 869 20.98 -4.28 6.89
CA GLU B 869 21.71 -4.74 5.70
C GLU B 869 20.88 -4.53 4.45
N VAL B 870 19.66 -4.97 4.53
CA VAL B 870 18.78 -5.01 3.34
C VAL B 870 18.33 -3.58 3.06
N GLN B 871 17.96 -2.85 4.11
CA GLN B 871 17.48 -1.45 3.99
C GLN B 871 18.44 -0.71 3.07
N LEU B 872 19.73 -0.95 3.27
CA LEU B 872 20.81 -0.24 2.55
C LEU B 872 20.65 -0.44 1.04
N LYS B 873 20.38 -1.67 0.62
CA LYS B 873 20.23 -1.94 -0.84
C LYS B 873 18.97 -1.28 -1.34
N SER B 874 17.87 -1.46 -0.62
CA SER B 874 16.52 -1.00 -1.02
C SER B 874 16.51 0.52 -1.19
N ASP B 875 17.23 1.19 -0.31
CA ASP B 875 17.34 2.67 -0.23
C ASP B 875 18.27 3.11 -1.36
N PHE B 876 19.35 2.39 -1.49
CA PHE B 876 20.17 2.50 -2.67
C PHE B 876 19.26 2.40 -3.91
N ALA B 877 18.32 1.46 -3.96
CA ALA B 877 17.45 1.24 -5.15
C ALA B 877 16.47 2.39 -5.39
N ALA B 878 15.86 2.85 -4.33
CA ALA B 878 14.93 3.96 -4.46
C ALA B 878 15.68 5.13 -5.09
N GLN B 879 16.95 5.35 -4.80
CA GLN B 879 17.60 6.59 -5.27
C GLN B 879 17.82 6.55 -6.78
N LYS B 880 18.05 5.38 -7.38
CA LYS B 880 18.23 5.27 -8.86
C LYS B 880 16.92 5.64 -9.60
N LEU B 881 15.77 5.41 -8.91
CA LEU B 881 14.33 5.33 -9.34
C LEU B 881 13.76 6.74 -9.23
N SER B 882 13.97 7.36 -8.08
CA SER B 882 13.52 8.74 -7.82
C SER B 882 14.59 9.69 -8.38
N ASN B 883 15.64 9.19 -9.03
CA ASN B 883 16.27 9.92 -10.18
C ASN B 883 15.18 10.02 -11.28
N LEU B 884 14.90 8.87 -11.90
CA LEU B 884 14.27 8.72 -13.25
C LEU B 884 12.78 9.10 -13.19
N MET C 26 86.91 3.96 80.72
CA MET C 26 85.76 4.14 81.69
C MET C 26 84.83 5.26 81.17
N ALA C 27 83.77 4.87 80.44
CA ALA C 27 82.84 5.76 79.70
C ALA C 27 81.56 5.04 79.20
N GLN C 28 81.64 3.83 78.62
CA GLN C 28 80.55 3.12 77.86
C GLN C 28 79.97 1.90 78.65
N ASP C 29 80.70 0.77 78.75
CA ASP C 29 80.46 -0.46 79.61
C ASP C 29 79.79 -1.58 78.81
N SER C 30 78.55 -1.34 78.39
CA SER C 30 77.67 -2.27 77.64
C SER C 30 77.37 -1.75 76.24
N VAL C 31 77.39 -0.42 75.96
CA VAL C 31 76.73 0.23 74.77
C VAL C 31 77.41 -0.25 73.47
N ASP C 32 78.72 0.00 73.25
CA ASP C 32 79.43 -0.33 71.98
C ASP C 32 79.38 -1.85 71.76
N LEU C 33 79.58 -2.59 72.85
CA LEU C 33 79.54 -4.07 72.93
C LEU C 33 78.12 -4.60 72.63
N SER C 34 77.07 -4.00 73.22
CA SER C 34 75.66 -4.42 73.02
C SER C 34 75.18 -4.11 71.60
N CYS C 35 75.78 -3.13 70.91
CA CYS C 35 75.56 -2.82 69.46
C CYS C 35 76.28 -3.86 68.59
N ASP C 36 77.59 -4.05 68.83
CA ASP C 36 78.41 -4.96 68.00
C ASP C 36 77.86 -6.39 68.21
N TYR C 37 77.27 -6.73 69.38
CA TYR C 37 76.57 -8.02 69.69
C TYR C 37 75.48 -8.29 68.66
N GLN C 38 74.61 -7.30 68.43
CA GLN C 38 73.47 -7.42 67.50
C GLN C 38 74.01 -7.51 66.06
N PHE C 39 75.04 -6.70 65.71
CA PHE C 39 75.78 -6.82 64.43
C PHE C 39 76.18 -8.29 64.23
N TRP C 40 76.93 -8.82 65.20
CA TRP C 40 77.57 -10.16 65.11
C TRP C 40 76.49 -11.25 65.15
N MET C 41 75.52 -11.16 66.06
CA MET C 41 74.48 -12.21 66.25
C MET C 41 73.67 -12.32 64.96
N GLN C 42 73.32 -11.17 64.38
CA GLN C 42 72.67 -11.10 63.05
C GLN C 42 73.60 -11.69 61.98
N LYS C 43 74.91 -11.58 62.13
CA LYS C 43 75.85 -12.06 61.08
C LYS C 43 76.13 -13.55 61.26
N LEU C 44 76.13 -14.07 62.49
CA LEU C 44 76.36 -15.52 62.74
C LEU C 44 75.20 -16.35 62.22
N SER C 45 73.97 -15.91 62.49
CA SER C 45 72.74 -16.45 61.87
C SER C 45 72.79 -16.44 60.30
N VAL C 46 73.51 -15.49 59.63
CA VAL C 46 73.82 -15.46 58.14
C VAL C 46 74.71 -16.66 57.78
N TRP C 47 75.86 -16.77 58.47
CA TRP C 47 76.99 -17.65 58.07
C TRP C 47 76.58 -19.09 58.33
N ASP C 48 76.32 -19.45 59.61
CA ASP C 48 75.73 -20.74 60.08
C ASP C 48 76.38 -21.95 59.42
N GLN C 49 77.55 -22.30 59.95
CA GLN C 49 78.29 -23.51 59.57
C GLN C 49 78.92 -23.37 58.16
N ALA C 50 78.68 -22.26 57.44
CA ALA C 50 79.43 -21.85 56.25
C ALA C 50 79.81 -23.12 55.48
N SER C 51 78.78 -23.77 54.98
CA SER C 51 78.87 -24.89 54.02
C SER C 51 78.66 -24.36 52.58
N THR C 52 78.77 -23.05 52.36
CA THR C 52 78.78 -22.45 51.01
C THR C 52 80.04 -21.62 50.85
N LEU C 53 80.24 -21.08 49.66
CA LEU C 53 81.37 -20.21 49.25
C LEU C 53 81.34 -18.86 49.97
N GLU C 54 80.22 -18.16 49.92
CA GLU C 54 80.14 -16.74 50.35
C GLU C 54 79.96 -16.63 51.87
N THR C 55 79.15 -17.49 52.49
CA THR C 55 79.14 -17.63 53.97
C THR C 55 80.58 -17.69 54.48
N GLN C 56 81.40 -18.48 53.80
CA GLN C 56 82.86 -18.65 54.07
C GLN C 56 83.66 -17.35 53.79
N GLN C 57 83.68 -16.76 52.60
CA GLN C 57 84.45 -15.48 52.39
C GLN C 57 84.16 -14.46 53.47
N ASP C 58 82.88 -14.31 53.80
CA ASP C 58 82.38 -13.33 54.79
C ASP C 58 82.98 -13.66 56.16
N THR C 59 82.77 -14.90 56.61
CA THR C 59 83.36 -15.45 57.87
C THR C 59 84.88 -15.16 57.77
N CYS C 60 85.49 -15.59 56.63
CA CYS C 60 86.93 -15.55 56.34
C CYS C 60 87.42 -14.16 56.78
N LEU C 61 86.80 -13.07 56.29
CA LEU C 61 87.28 -11.68 56.56
C LEU C 61 87.00 -11.27 58.01
N HIS C 62 85.74 -11.25 58.44
CA HIS C 62 85.31 -10.47 59.62
C HIS C 62 85.78 -11.12 60.93
N VAL C 63 86.33 -12.32 60.81
CA VAL C 63 86.70 -13.20 61.94
C VAL C 63 87.56 -12.45 62.96
N ALA C 64 88.52 -11.66 62.47
CA ALA C 64 89.53 -11.04 63.34
C ALA C 64 88.79 -10.18 64.37
N GLN C 65 87.92 -9.28 63.89
CA GLN C 65 87.13 -8.35 64.73
C GLN C 65 86.25 -9.16 65.68
N PHE C 66 85.73 -10.30 65.21
CA PHE C 66 84.99 -11.27 66.05
C PHE C 66 85.88 -11.63 67.24
N GLN C 67 87.14 -11.92 66.97
CA GLN C 67 88.11 -12.31 68.03
C GLN C 67 88.24 -11.19 69.08
N GLU C 68 88.38 -9.94 68.64
CA GLU C 68 88.56 -8.81 69.58
C GLU C 68 87.28 -8.62 70.37
N PHE C 69 86.15 -8.72 69.70
CA PHE C 69 84.81 -8.65 70.34
C PHE C 69 84.80 -9.63 71.50
N LEU C 70 85.32 -10.83 71.23
CA LEU C 70 85.30 -11.94 72.20
C LEU C 70 86.26 -11.63 73.35
N ARG C 71 87.38 -10.93 73.11
CA ARG C 71 88.30 -10.57 74.22
C ARG C 71 87.58 -9.61 75.16
N LYS C 72 86.93 -8.60 74.60
CA LYS C 72 86.11 -7.61 75.35
C LYS C 72 84.99 -8.35 76.08
N MET C 73 84.31 -9.25 75.37
CA MET C 73 83.27 -10.15 75.91
C MET C 73 83.83 -11.00 77.06
N TYR C 74 85.05 -11.53 76.99
CA TYR C 74 85.61 -12.35 78.10
C TYR C 74 85.80 -11.45 79.32
N GLU C 75 86.40 -10.27 79.13
CA GLU C 75 86.66 -9.29 80.22
C GLU C 75 85.34 -9.00 80.94
N ALA C 76 84.30 -8.72 80.15
CA ALA C 76 82.92 -8.47 80.63
C ALA C 76 82.40 -9.69 81.41
N LEU C 77 82.59 -10.90 80.87
CA LEU C 77 82.12 -12.15 81.55
C LEU C 77 83.04 -12.55 82.72
N LYS C 78 84.34 -12.24 82.64
CA LYS C 78 85.37 -12.58 83.66
C LYS C 78 85.06 -11.86 84.99
N GLU C 79 84.95 -10.53 84.92
CA GLU C 79 84.71 -9.61 86.07
C GLU C 79 83.46 -10.05 86.87
N MET C 80 82.39 -10.47 86.18
CA MET C 80 81.10 -10.87 86.80
C MET C 80 80.99 -12.40 86.82
N ASP C 81 79.86 -12.89 87.31
CA ASP C 81 79.56 -14.33 87.50
C ASP C 81 78.24 -14.67 86.78
N SER C 82 77.95 -15.97 86.74
CA SER C 82 76.98 -16.60 85.80
C SER C 82 75.60 -16.69 86.39
N ASN C 83 74.65 -16.91 85.49
CA ASN C 83 73.23 -17.22 85.75
C ASN C 83 72.54 -16.07 86.46
N THR C 84 73.33 -15.14 87.01
CA THR C 84 72.92 -14.10 87.97
C THR C 84 72.51 -12.85 87.19
N VAL C 85 73.31 -12.55 86.18
CA VAL C 85 73.19 -11.34 85.33
C VAL C 85 72.48 -11.78 84.04
N ILE C 86 71.82 -10.85 83.34
CA ILE C 86 71.05 -11.11 82.09
C ILE C 86 71.52 -10.14 81.01
N GLU C 87 72.80 -9.74 81.09
CA GLU C 87 73.38 -8.63 80.29
C GLU C 87 73.17 -8.94 78.80
N ARG C 88 73.77 -10.01 78.31
CA ARG C 88 73.44 -10.59 76.97
C ARG C 88 73.17 -12.09 77.10
N PHE C 89 72.99 -12.60 78.32
CA PHE C 89 72.62 -14.00 78.68
C PHE C 89 71.35 -14.48 77.97
N PRO C 90 70.38 -13.61 77.60
CA PRO C 90 69.36 -13.92 76.59
C PRO C 90 69.74 -14.90 75.46
N THR C 91 70.74 -14.56 74.64
CA THR C 91 71.08 -15.23 73.36
C THR C 91 72.55 -15.65 73.31
N ILE C 92 73.32 -15.47 74.38
CA ILE C 92 74.77 -15.81 74.38
C ILE C 92 74.93 -17.28 74.00
N GLY C 93 74.05 -18.15 74.54
CA GLY C 93 73.97 -19.57 74.17
C GLY C 93 74.05 -19.72 72.67
N GLN C 94 73.05 -19.15 71.97
CA GLN C 94 72.87 -19.21 70.49
C GLN C 94 74.03 -18.51 69.74
N LEU C 95 74.62 -17.41 70.29
CA LEU C 95 75.80 -16.73 69.70
C LEU C 95 76.96 -17.72 69.66
N LEU C 96 77.23 -18.36 70.80
CA LEU C 96 78.38 -19.27 70.94
C LEU C 96 78.07 -20.60 70.26
N ALA C 97 76.81 -21.06 70.23
CA ALA C 97 76.40 -22.17 69.34
C ALA C 97 76.85 -21.82 67.93
N LYS C 98 76.23 -20.80 67.31
CA LYS C 98 76.50 -20.45 65.88
C LYS C 98 78.01 -20.39 65.67
N ALA C 99 78.71 -19.64 66.54
CA ALA C 99 80.18 -19.49 66.49
C ALA C 99 80.79 -20.87 66.37
N CYS C 100 80.44 -21.73 67.31
CA CYS C 100 81.11 -23.03 67.51
C CYS C 100 80.86 -23.93 66.29
N TRP C 101 79.59 -24.12 65.93
CA TRP C 101 79.18 -25.12 64.89
C TRP C 101 79.82 -24.71 63.58
N ASN C 102 80.12 -23.40 63.46
CA ASN C 102 80.96 -22.81 62.41
C ASN C 102 82.41 -23.15 62.66
N PRO C 103 83.06 -23.93 61.75
CA PRO C 103 84.48 -24.28 61.88
C PRO C 103 85.50 -23.29 61.32
N PHE C 104 85.05 -22.40 60.44
CA PHE C 104 85.88 -21.31 59.87
C PHE C 104 86.31 -20.36 60.94
N ILE C 105 85.48 -20.23 61.96
CA ILE C 105 85.81 -19.49 63.22
C ILE C 105 86.84 -20.33 63.99
N LEU C 106 86.57 -21.63 64.19
CA LEU C 106 87.28 -22.45 65.21
C LEU C 106 88.71 -22.69 64.77
N ALA C 107 89.08 -22.32 63.55
CA ALA C 107 90.48 -22.41 63.09
C ALA C 107 91.27 -21.14 63.37
N TYR C 108 90.66 -20.06 63.81
CA TYR C 108 91.44 -18.82 63.97
C TYR C 108 92.11 -18.70 65.31
N ASP C 109 93.30 -18.09 65.29
CA ASP C 109 94.35 -18.15 66.34
C ASP C 109 93.91 -18.77 67.68
N GLU C 110 93.29 -18.04 68.61
CA GLU C 110 92.98 -18.61 69.97
C GLU C 110 91.48 -18.56 70.26
N SER C 111 90.70 -18.16 69.25
CA SER C 111 89.23 -18.07 69.27
C SER C 111 88.61 -19.22 70.08
N GLN C 112 89.19 -20.41 70.04
CA GLN C 112 88.61 -21.66 70.60
C GLN C 112 88.87 -21.72 72.10
N LYS C 113 90.11 -21.49 72.49
CA LYS C 113 90.49 -21.24 73.88
C LYS C 113 89.64 -20.13 74.52
N ILE C 114 89.37 -19.07 73.79
CA ILE C 114 88.61 -17.90 74.28
C ILE C 114 87.16 -18.28 74.53
N LEU C 115 86.57 -18.88 73.53
CA LEU C 115 85.16 -19.28 73.60
C LEU C 115 85.01 -20.24 74.77
N ILE C 116 86.03 -21.05 75.03
CA ILE C 116 86.12 -21.93 76.24
C ILE C 116 86.12 -21.04 77.50
N TRP C 117 86.98 -20.03 77.54
CA TRP C 117 87.09 -19.10 78.69
C TRP C 117 85.73 -18.46 78.97
N CYS C 118 85.02 -18.03 77.91
CA CYS C 118 83.61 -17.54 77.95
C CYS C 118 82.72 -18.57 78.68
N LEU C 119 82.75 -19.81 78.23
CA LEU C 119 81.84 -20.87 78.72
C LEU C 119 82.15 -21.18 80.18
N CYS C 120 83.43 -21.21 80.52
CA CYS C 120 83.94 -21.42 81.90
C CYS C 120 83.31 -20.42 82.88
N CYS C 121 83.11 -19.19 82.41
CA CYS C 121 82.40 -18.16 83.22
C CYS C 121 80.93 -18.55 83.29
N LEU C 122 80.36 -19.01 82.16
CA LEU C 122 78.89 -19.21 81.98
C LEU C 122 78.35 -20.47 82.67
N ILE C 123 79.19 -21.44 83.01
CA ILE C 123 78.79 -22.57 83.90
C ILE C 123 78.53 -22.03 85.31
N ASN C 124 77.83 -22.84 86.10
CA ASN C 124 77.68 -22.73 87.57
C ASN C 124 78.16 -24.05 88.21
N LYS C 125 78.85 -23.94 89.36
CA LYS C 125 79.25 -25.10 90.20
C LYS C 125 78.00 -25.77 90.83
N GLU C 126 77.09 -24.97 91.43
CA GLU C 126 75.84 -25.43 92.10
C GLU C 126 74.64 -24.78 91.39
N PRO C 127 74.08 -25.39 90.31
CA PRO C 127 72.84 -24.91 89.70
C PRO C 127 71.63 -25.29 90.57
N GLN C 128 70.71 -24.34 90.76
CA GLN C 128 69.66 -24.39 91.82
C GLN C 128 68.28 -24.41 91.15
N ASN C 129 67.98 -23.41 90.31
CA ASN C 129 66.90 -23.47 89.29
C ASN C 129 67.40 -24.33 88.11
N SER C 130 66.51 -25.12 87.53
CA SER C 130 66.84 -26.13 86.50
C SER C 130 67.38 -25.45 85.20
N GLY C 131 67.07 -24.17 84.93
CA GLY C 131 67.64 -23.39 83.80
C GLY C 131 69.16 -23.40 83.76
N GLN C 132 69.81 -23.25 84.92
CA GLN C 132 71.29 -23.19 85.09
C GLN C 132 71.87 -24.58 84.75
N SER C 133 71.22 -25.64 85.25
CA SER C 133 71.58 -27.08 85.03
C SER C 133 71.45 -27.38 83.55
N LYS C 134 70.33 -26.96 82.94
CA LYS C 134 70.03 -27.11 81.49
C LYS C 134 71.12 -26.41 80.66
N LEU C 135 71.48 -25.18 81.01
CA LEU C 135 72.63 -24.49 80.36
C LEU C 135 73.89 -25.36 80.48
N ASN C 136 74.25 -25.79 81.69
CA ASN C 136 75.49 -26.57 81.99
C ASN C 136 75.51 -27.83 81.11
N SER C 137 74.38 -28.55 81.02
CA SER C 137 74.19 -29.73 80.15
C SER C 137 74.43 -29.33 78.70
N TRP C 138 73.79 -28.24 78.28
CA TRP C 138 73.91 -27.71 76.91
C TRP C 138 75.38 -27.37 76.63
N ILE C 139 76.13 -26.88 77.62
CA ILE C 139 77.57 -26.54 77.50
C ILE C 139 78.42 -27.84 77.41
N GLN C 140 78.10 -28.89 78.16
CA GLN C 140 78.81 -30.22 78.06
C GLN C 140 78.63 -30.80 76.66
N GLY C 141 77.38 -30.79 76.18
CA GLY C 141 76.99 -31.00 74.76
C GLY C 141 77.88 -30.24 73.77
N VAL C 142 78.02 -28.93 73.94
CA VAL C 142 78.78 -28.06 73.00
C VAL C 142 80.26 -28.40 73.07
N LEU C 143 80.77 -28.59 74.27
CA LEU C 143 82.19 -28.90 74.47
C LEU C 143 82.54 -30.21 73.80
N SER C 144 81.73 -31.23 74.04
CA SER C 144 81.86 -32.56 73.39
C SER C 144 81.77 -32.41 71.87
N HIS C 145 80.88 -31.54 71.38
CA HIS C 145 80.69 -31.26 69.94
C HIS C 145 81.99 -30.74 69.35
N ILE C 146 82.60 -29.81 70.07
CA ILE C 146 83.92 -29.30 69.66
C ILE C 146 84.82 -30.52 69.76
N LEU C 147 85.05 -30.94 70.99
CA LEU C 147 86.29 -31.65 71.35
C LEU C 147 86.27 -33.06 70.80
N SER C 148 85.18 -33.80 71.03
CA SER C 148 85.10 -35.27 70.87
C SER C 148 83.80 -35.67 70.17
N ALA C 149 83.68 -35.31 68.89
CA ALA C 149 82.50 -35.55 68.03
C ALA C 149 82.91 -36.20 66.72
N LEU C 150 82.05 -37.08 66.18
CA LEU C 150 82.36 -38.01 65.06
C LEU C 150 81.70 -37.50 63.76
N ARG C 151 81.80 -36.19 63.49
CA ARG C 151 81.23 -35.53 62.28
C ARG C 151 82.22 -35.75 61.13
N PHE C 152 82.73 -36.96 61.06
CA PHE C 152 83.64 -37.42 60.00
C PHE C 152 83.23 -38.87 59.64
N ASP C 153 83.63 -39.30 58.41
CA ASP C 153 83.41 -40.54 57.58
C ASP C 153 83.04 -41.71 58.48
N LYS C 154 81.99 -42.47 58.15
CA LYS C 154 81.46 -43.48 59.07
C LYS C 154 82.41 -44.67 59.14
N GLU C 155 82.91 -45.10 57.99
CA GLU C 155 83.71 -46.34 57.89
C GLU C 155 84.95 -46.25 58.76
N VAL C 156 85.59 -45.09 58.74
CA VAL C 156 86.89 -44.88 59.43
C VAL C 156 86.63 -44.97 60.93
N ALA C 157 85.51 -44.42 61.42
CA ALA C 157 85.11 -44.47 62.88
C ALA C 157 84.98 -45.91 63.37
N LEU C 158 84.20 -46.68 62.62
CA LEU C 158 83.92 -48.11 62.92
C LEU C 158 85.26 -48.82 63.02
N PHE C 159 86.09 -48.63 61.99
CA PHE C 159 87.37 -49.34 61.80
C PHE C 159 88.24 -49.09 63.04
N THR C 160 88.41 -47.82 63.35
CA THR C 160 89.33 -47.39 64.41
C THR C 160 88.76 -47.87 65.76
N GLN C 161 87.47 -47.63 66.03
CA GLN C 161 86.82 -48.00 67.32
C GLN C 161 87.07 -49.50 67.59
N GLY C 162 86.85 -50.31 66.55
CA GLY C 162 87.12 -51.76 66.58
C GLY C 162 88.60 -52.06 66.79
N LEU C 163 89.45 -51.37 66.02
CA LEU C 163 90.94 -51.46 66.14
C LEU C 163 91.35 -51.15 67.60
N GLY C 164 90.61 -50.26 68.27
CA GLY C 164 90.84 -49.79 69.65
C GLY C 164 91.71 -48.53 69.66
N TYR C 165 91.32 -47.52 68.89
CA TYR C 165 91.81 -46.14 68.98
C TYR C 165 90.60 -45.27 69.41
N ALA C 166 90.84 -44.22 70.18
CA ALA C 166 89.93 -43.06 70.31
C ALA C 166 90.45 -41.90 69.44
N PRO C 167 89.56 -41.11 68.78
CA PRO C 167 89.92 -40.21 67.66
C PRO C 167 91.27 -39.49 67.79
N ILE C 168 91.50 -39.00 69.00
CA ILE C 168 92.67 -38.18 69.40
C ILE C 168 93.96 -38.68 68.74
N ASP C 169 94.23 -39.99 68.80
CA ASP C 169 95.63 -40.49 68.79
C ASP C 169 96.15 -40.65 67.34
N TYR C 170 95.31 -40.41 66.33
CA TYR C 170 95.65 -40.51 64.90
C TYR C 170 95.13 -39.29 64.15
N TYR C 171 94.07 -38.59 64.63
CA TYR C 171 93.63 -37.27 64.08
C TYR C 171 94.82 -36.60 63.43
N PRO C 172 95.94 -36.52 64.15
CA PRO C 172 97.16 -35.91 63.61
C PRO C 172 97.72 -36.48 62.30
N GLY C 173 98.14 -37.74 62.34
CA GLY C 173 98.72 -38.39 61.17
C GLY C 173 97.71 -38.41 60.05
N LEU C 174 96.46 -38.59 60.44
CA LEU C 174 95.31 -38.59 59.52
C LEU C 174 95.39 -37.31 58.73
N LEU C 175 95.32 -36.24 59.47
CA LEU C 175 95.33 -34.89 58.93
C LEU C 175 96.48 -34.77 57.96
N LYS C 176 97.66 -34.92 58.53
CA LYS C 176 98.88 -34.76 57.73
C LYS C 176 98.72 -35.55 56.44
N ASN C 177 98.09 -36.71 56.52
CA ASN C 177 97.93 -37.54 55.32
C ASN C 177 97.03 -36.80 54.35
N MET C 178 95.87 -36.35 54.82
CA MET C 178 94.87 -35.71 53.94
C MET C 178 95.59 -34.69 53.11
N VAL C 179 96.35 -33.90 53.86
CA VAL C 179 97.16 -32.80 53.32
C VAL C 179 98.08 -33.37 52.27
N LEU C 180 98.90 -34.34 52.66
CA LEU C 180 99.96 -34.71 51.73
C LEU C 180 99.36 -35.31 50.50
N SER C 181 98.16 -35.88 50.61
CA SER C 181 97.38 -36.22 49.39
C SER C 181 97.20 -34.93 48.56
N LEU C 182 96.65 -33.87 49.11
CA LEU C 182 96.32 -32.67 48.31
C LEU C 182 97.60 -32.06 47.84
N ALA C 183 98.50 -31.87 48.78
CA ALA C 183 99.83 -31.32 48.56
C ALA C 183 100.37 -31.95 47.30
N SER C 184 100.52 -33.28 47.35
CA SER C 184 101.14 -34.05 46.26
C SER C 184 100.25 -33.90 45.00
N GLU C 185 98.96 -34.09 45.18
CA GLU C 185 97.97 -34.08 44.08
C GLU C 185 98.02 -32.73 43.34
N LEU C 186 98.14 -31.65 44.10
CA LEU C 186 98.12 -30.28 43.53
C LEU C 186 99.43 -29.99 42.85
N ARG C 187 100.48 -30.55 43.42
CA ARG C 187 101.76 -30.63 42.72
C ARG C 187 101.64 -31.32 41.38
N GLU C 188 100.86 -32.38 41.30
CA GLU C 188 100.73 -33.06 40.01
C GLU C 188 99.99 -32.14 39.06
N ASN C 189 98.90 -31.55 39.52
CA ASN C 189 98.14 -30.65 38.64
C ASN C 189 99.13 -29.73 37.94
N HIS C 190 100.19 -29.31 38.64
CA HIS C 190 101.23 -28.44 38.04
C HIS C 190 101.90 -29.15 36.89
N LEU C 191 102.38 -30.36 37.16
CA LEU C 191 103.34 -31.01 36.26
C LEU C 191 102.66 -31.22 34.91
N ASN C 192 101.34 -31.48 34.95
CA ASN C 192 100.47 -31.60 33.74
C ASN C 192 100.15 -30.21 33.18
N GLY C 193 101.20 -29.46 32.80
CA GLY C 193 101.10 -28.22 32.03
C GLY C 193 100.68 -28.50 30.59
N PHE C 194 99.36 -28.63 30.32
CA PHE C 194 98.71 -28.93 29.01
C PHE C 194 98.89 -30.42 28.71
N ASN C 195 98.32 -31.25 29.60
CA ASN C 195 98.16 -32.70 29.34
C ASN C 195 96.69 -33.07 29.45
N THR C 196 96.32 -33.98 28.56
CA THR C 196 94.99 -34.58 28.39
C THR C 196 94.69 -35.43 29.62
N GLN C 197 94.59 -34.79 30.77
CA GLN C 197 94.41 -35.54 32.04
C GLN C 197 93.42 -34.78 32.89
N ARG C 198 93.04 -35.47 33.95
CA ARG C 198 92.25 -34.91 35.06
C ARG C 198 92.87 -33.56 35.38
N ARG C 199 92.24 -32.49 34.91
CA ARG C 199 92.54 -31.12 35.39
C ARG C 199 91.76 -30.96 36.68
N MET C 200 92.46 -30.92 37.81
CA MET C 200 91.79 -30.86 39.12
C MET C 200 91.06 -29.53 39.10
N ALA C 201 89.74 -29.59 39.27
CA ALA C 201 88.90 -28.42 38.96
C ALA C 201 89.16 -27.34 39.99
N PRO C 202 89.49 -26.11 39.56
CA PRO C 202 89.94 -25.08 40.50
C PRO C 202 89.01 -24.69 41.65
N GLU C 203 87.81 -25.20 41.59
CA GLU C 203 86.78 -24.90 42.60
C GLU C 203 87.20 -25.56 43.92
N ARG C 204 87.71 -26.79 43.87
CA ARG C 204 88.44 -27.45 45.00
C ARG C 204 89.63 -26.57 45.49
N VAL C 205 90.45 -26.03 44.57
CA VAL C 205 91.66 -25.18 44.87
C VAL C 205 91.24 -23.98 45.72
N ALA C 206 90.29 -23.25 45.12
CA ALA C 206 89.50 -22.17 45.73
C ALA C 206 89.11 -22.59 47.14
N SER C 207 88.41 -23.72 47.25
CA SER C 207 87.87 -24.31 48.51
C SER C 207 88.96 -24.28 49.59
N LEU C 208 90.06 -24.95 49.28
CA LEU C 208 91.15 -25.14 50.26
C LEU C 208 91.61 -23.78 50.71
N SER C 209 91.90 -22.94 49.72
CA SER C 209 92.52 -21.64 49.97
C SER C 209 91.69 -20.89 51.02
N ARG C 210 90.36 -21.12 51.08
CA ARG C 210 89.45 -20.59 52.15
C ARG C 210 89.66 -21.33 53.43
N VAL C 211 89.97 -22.61 53.31
CA VAL C 211 90.30 -23.44 54.50
C VAL C 211 91.67 -23.04 55.08
N CYS C 212 92.70 -22.56 54.32
CA CYS C 212 94.11 -22.29 54.82
C CYS C 212 94.28 -20.99 55.62
N VAL C 213 93.41 -20.04 55.36
CA VAL C 213 93.36 -18.70 56.00
C VAL C 213 92.99 -18.84 57.45
N PRO C 214 91.85 -19.45 57.83
CA PRO C 214 91.54 -19.78 59.22
C PRO C 214 92.70 -20.38 60.01
N LEU C 215 93.48 -21.27 59.36
CA LEU C 215 94.56 -22.10 59.96
C LEU C 215 95.87 -22.02 59.15
N ILE C 216 96.34 -20.81 58.96
CA ILE C 216 97.72 -20.56 58.48
C ILE C 216 98.68 -20.83 59.66
N THR C 217 98.20 -20.56 60.88
CA THR C 217 98.96 -20.64 62.17
C THR C 217 99.14 -22.09 62.63
N LEU C 218 98.44 -23.06 62.02
CA LEU C 218 98.43 -24.49 62.44
C LEU C 218 99.53 -25.19 61.65
N THR C 219 100.44 -25.71 62.42
CA THR C 219 101.77 -26.16 62.00
C THR C 219 101.55 -27.27 60.94
N ASP C 220 100.53 -28.07 61.14
CA ASP C 220 100.36 -29.34 60.42
C ASP C 220 99.68 -29.00 59.10
N VAL C 221 99.92 -27.83 58.51
CA VAL C 221 99.38 -27.50 57.16
C VAL C 221 100.35 -26.80 56.24
N ASP C 222 101.43 -26.37 56.80
CA ASP C 222 102.49 -25.64 56.07
C ASP C 222 102.67 -26.15 54.64
N PRO C 223 102.89 -27.47 54.49
CA PRO C 223 103.16 -28.02 53.17
C PRO C 223 102.06 -27.70 52.17
N LEU C 224 100.83 -27.78 52.65
CA LEU C 224 99.69 -27.57 51.75
C LEU C 224 99.92 -26.20 51.14
N VAL C 225 100.12 -25.27 52.06
CA VAL C 225 100.22 -23.83 51.73
C VAL C 225 101.28 -23.76 50.67
N GLU C 226 102.44 -24.22 51.09
CA GLU C 226 103.58 -24.26 50.20
C GLU C 226 103.10 -24.67 48.82
N ALA C 227 102.37 -25.78 48.64
CA ALA C 227 102.12 -26.29 47.27
C ALA C 227 100.97 -25.58 46.58
N LEU C 228 100.20 -24.74 47.27
CA LEU C 228 99.31 -23.80 46.55
C LEU C 228 100.06 -22.57 46.01
N LEU C 229 101.00 -22.03 46.79
CA LEU C 229 101.74 -20.81 46.43
C LEU C 229 102.87 -21.23 45.56
N ILE C 230 103.08 -22.47 45.13
CA ILE C 230 104.11 -22.59 44.07
C ILE C 230 103.53 -22.99 42.74
N CYS C 231 102.33 -23.53 42.69
CA CYS C 231 101.92 -24.25 41.46
C CYS C 231 100.69 -23.59 40.87
N HIS C 232 100.85 -22.29 40.69
CA HIS C 232 100.03 -21.41 39.85
C HIS C 232 99.46 -22.17 38.64
N GLY C 233 100.32 -22.85 37.90
CA GLY C 233 100.03 -23.32 36.54
C GLY C 233 99.56 -22.21 35.61
N ARG C 234 98.45 -22.44 34.95
CA ARG C 234 98.34 -22.05 33.53
C ARG C 234 97.21 -21.10 33.25
N GLU C 235 96.40 -20.70 34.23
CA GLU C 235 95.10 -20.09 33.88
C GLU C 235 95.38 -18.65 33.50
N PRO C 236 94.57 -18.03 32.62
CA PRO C 236 94.77 -16.62 32.35
C PRO C 236 94.71 -15.91 33.69
N GLN C 237 93.70 -16.29 34.46
CA GLN C 237 93.25 -15.52 35.62
C GLN C 237 93.81 -16.14 36.87
N GLU C 238 93.95 -15.33 37.90
CA GLU C 238 94.02 -15.85 39.26
C GLU C 238 92.85 -16.80 39.51
N ILE C 239 93.04 -17.68 40.49
CA ILE C 239 92.00 -18.63 40.96
C ILE C 239 91.91 -18.61 42.48
N LEU C 240 92.91 -18.14 43.19
CA LEU C 240 92.77 -17.87 44.64
C LEU C 240 92.20 -16.48 44.86
N GLN C 241 91.83 -16.27 46.12
CA GLN C 241 91.30 -14.99 46.61
C GLN C 241 92.32 -14.34 47.51
N PRO C 242 92.37 -13.02 47.48
CA PRO C 242 93.39 -12.31 48.22
C PRO C 242 93.17 -12.29 49.75
N GLU C 243 91.99 -12.66 50.29
CA GLU C 243 91.79 -13.03 51.74
C GLU C 243 92.91 -13.97 52.24
N PHE C 244 93.24 -14.95 51.39
CA PHE C 244 94.41 -15.86 51.39
C PHE C 244 95.75 -15.13 51.21
N PHE C 245 95.95 -14.28 50.20
CA PHE C 245 97.23 -13.58 49.97
C PHE C 245 97.58 -12.64 51.13
N GLU C 246 96.59 -11.96 51.69
CA GLU C 246 96.70 -11.13 52.92
C GLU C 246 96.88 -11.93 54.20
N ALA C 247 96.23 -13.08 54.35
CA ALA C 247 96.44 -13.98 55.51
C ALA C 247 97.89 -14.42 55.55
N VAL C 248 98.39 -14.86 54.40
CA VAL C 248 99.79 -15.34 54.26
C VAL C 248 100.67 -14.18 54.69
N ASN C 249 100.48 -13.04 54.07
CA ASN C 249 101.35 -11.89 54.38
C ASN C 249 101.54 -11.77 55.90
N GLU C 250 100.45 -11.76 56.65
CA GLU C 250 100.48 -11.31 58.06
C GLU C 250 101.27 -12.30 58.91
N ALA C 251 100.94 -13.59 58.81
CA ALA C 251 101.67 -14.64 59.55
C ALA C 251 103.13 -14.69 59.07
N ILE C 252 103.56 -14.33 57.81
CA ILE C 252 105.03 -14.19 57.40
C ILE C 252 105.69 -13.10 58.27
N LEU C 253 105.13 -11.88 58.28
CA LEU C 253 105.87 -10.68 58.76
C LEU C 253 105.72 -10.52 60.28
N LEU C 254 104.78 -11.24 60.87
CA LEU C 254 104.80 -11.54 62.31
C LEU C 254 105.64 -12.79 62.59
N LYS C 255 106.12 -13.52 61.57
CA LYS C 255 106.94 -14.78 61.61
C LYS C 255 106.20 -15.87 62.40
N LYS C 256 104.96 -16.16 62.01
CA LYS C 256 104.10 -17.22 62.60
C LYS C 256 103.75 -18.26 61.53
N ILE C 257 104.59 -18.42 60.54
CA ILE C 257 104.52 -19.61 59.66
C ILE C 257 105.91 -20.03 59.22
N SER C 258 106.81 -19.10 58.88
CA SER C 258 108.20 -19.38 58.43
C SER C 258 108.21 -20.35 57.25
N LEU C 259 107.95 -19.83 56.08
CA LEU C 259 107.99 -20.64 54.85
C LEU C 259 109.37 -20.70 54.26
N PRO C 260 109.53 -21.63 53.32
CA PRO C 260 110.65 -21.62 52.42
C PRO C 260 110.54 -20.43 51.49
N MET C 261 111.72 -20.00 51.10
CA MET C 261 111.96 -18.71 50.44
C MET C 261 111.24 -18.75 49.07
N SER C 262 111.44 -19.82 48.30
CA SER C 262 110.74 -19.99 47.00
C SER C 262 109.25 -19.68 47.21
N ALA C 263 108.62 -20.15 48.30
CA ALA C 263 107.16 -19.97 48.52
C ALA C 263 106.84 -18.49 48.42
N VAL C 264 107.60 -17.69 49.17
CA VAL C 264 107.15 -16.30 49.43
C VAL C 264 107.55 -15.46 48.23
N VAL C 265 108.56 -15.80 47.47
CA VAL C 265 108.78 -14.95 46.28
C VAL C 265 107.62 -15.08 45.33
N CYS C 266 107.15 -16.31 45.07
CA CYS C 266 106.01 -16.57 44.14
C CYS C 266 104.69 -16.02 44.70
N LEU C 267 104.60 -15.92 46.04
CA LEU C 267 103.49 -15.17 46.66
C LEU C 267 103.56 -13.69 46.22
N TRP C 268 104.65 -12.95 46.51
CA TRP C 268 104.75 -11.53 46.07
C TRP C 268 104.42 -11.46 44.60
N LEU C 269 105.02 -12.36 43.89
CA LEU C 269 105.05 -12.22 42.48
C LEU C 269 103.68 -12.41 41.92
N ARG C 270 102.69 -12.85 42.66
CA ARG C 270 101.39 -12.99 42.02
C ARG C 270 100.28 -12.26 42.83
N HIS C 271 100.55 -11.47 43.87
CA HIS C 271 99.48 -10.57 44.44
C HIS C 271 100.07 -9.27 44.94
N LEU C 272 100.23 -8.33 44.03
CA LEU C 272 101.23 -7.28 44.17
C LEU C 272 100.99 -6.50 45.43
N PRO C 273 99.75 -6.26 45.83
CA PRO C 273 99.48 -5.58 47.12
C PRO C 273 99.83 -6.16 48.51
N SER C 274 100.06 -7.46 48.56
CA SER C 274 100.87 -8.08 49.61
C SER C 274 102.31 -7.50 49.65
N LEU C 275 103.08 -7.32 48.51
CA LEU C 275 104.54 -6.77 48.33
C LEU C 275 104.66 -5.29 48.69
N GLU C 276 103.79 -4.47 48.14
CA GLU C 276 103.57 -3.15 48.71
C GLU C 276 103.42 -3.31 50.24
N LYS C 277 102.53 -4.20 50.70
CA LYS C 277 102.08 -4.26 52.11
C LYS C 277 103.10 -4.90 53.06
N ALA C 278 104.13 -5.53 52.55
CA ALA C 278 105.30 -5.93 53.36
C ALA C 278 106.25 -4.76 53.54
N MET C 279 106.27 -3.88 52.57
CA MET C 279 107.18 -2.73 52.53
C MET C 279 106.70 -1.66 53.51
N LEU C 280 105.39 -1.51 53.61
CA LEU C 280 104.82 -0.63 54.65
C LEU C 280 105.26 -1.17 56.00
N HIS C 281 105.07 -2.47 56.22
CA HIS C 281 105.39 -3.20 57.47
C HIS C 281 106.89 -3.11 57.80
N LEU C 282 107.75 -2.79 56.81
CA LEU C 282 109.17 -2.35 57.00
C LEU C 282 109.22 -0.87 57.42
N PHE C 283 108.45 -0.02 56.76
CA PHE C 283 108.52 1.43 57.06
C PHE C 283 108.19 1.67 58.54
N GLU C 284 107.14 1.06 59.04
CA GLU C 284 106.64 1.38 60.40
C GLU C 284 107.68 0.98 61.43
N LYS C 285 108.52 0.00 61.12
CA LYS C 285 109.65 -0.44 61.97
C LYS C 285 110.65 0.69 62.16
N LEU C 286 110.98 1.37 61.05
CA LEU C 286 112.03 2.42 60.94
C LEU C 286 111.46 3.77 61.39
N ILE C 287 110.15 3.96 61.28
CA ILE C 287 109.47 5.25 61.60
C ILE C 287 109.00 5.24 63.07
N SER C 288 108.25 4.22 63.52
CA SER C 288 107.55 4.27 64.84
C SER C 288 108.40 3.61 65.93
N SER C 289 108.60 2.30 65.83
CA SER C 289 109.01 1.44 66.96
C SER C 289 110.51 1.61 67.22
N GLU C 290 111.32 1.35 66.20
CA GLU C 290 112.77 1.10 66.37
C GLU C 290 113.55 2.19 65.64
N ARG C 291 113.25 3.43 65.96
CA ARG C 291 114.06 4.56 65.44
C ARG C 291 115.51 4.33 65.86
N ASN C 292 116.33 4.12 64.83
CA ASN C 292 117.80 4.19 64.78
C ASN C 292 118.39 3.04 65.61
N CYS C 293 117.97 1.80 65.34
CA CYS C 293 118.59 0.55 65.86
C CYS C 293 118.97 -0.32 64.65
N LEU C 294 119.97 0.15 63.90
CA LEU C 294 120.14 -0.31 62.50
C LEU C 294 120.62 -1.77 62.50
N ARG C 295 121.13 -2.28 63.61
CA ARG C 295 121.32 -3.76 63.73
C ARG C 295 119.98 -4.48 63.68
N ARG C 296 118.94 -3.99 64.36
CA ARG C 296 117.57 -4.60 64.31
C ARG C 296 116.98 -4.43 62.93
N ILE C 297 117.35 -3.38 62.20
CA ILE C 297 116.84 -3.12 60.83
C ILE C 297 117.58 -4.02 59.83
N GLU C 298 118.88 -4.28 60.01
CA GLU C 298 119.58 -5.27 59.14
C GLU C 298 118.99 -6.65 59.44
N CYS C 299 118.77 -6.95 60.73
CA CYS C 299 118.01 -8.15 61.22
C CYS C 299 116.70 -8.26 60.43
N PHE C 300 115.86 -7.21 60.42
CA PHE C 300 114.51 -7.29 59.81
C PHE C 300 114.66 -7.47 58.29
N ILE C 301 115.60 -6.79 57.62
CA ILE C 301 115.75 -6.93 56.13
C ILE C 301 116.14 -8.38 55.85
N LYS C 302 117.13 -8.92 56.55
CA LYS C 302 117.65 -10.28 56.25
C LYS C 302 116.62 -11.35 56.57
N ASP C 303 115.81 -11.23 57.66
CA ASP C 303 114.78 -12.23 58.13
C ASP C 303 113.42 -12.03 57.42
N SER C 304 113.14 -10.85 56.82
CA SER C 304 112.27 -10.75 55.60
C SER C 304 113.03 -11.41 54.46
N SER C 305 112.36 -11.96 53.46
CA SER C 305 113.21 -12.48 52.38
C SER C 305 113.41 -11.41 51.34
N LEU C 306 113.17 -10.14 51.65
CA LEU C 306 113.11 -9.09 50.60
C LEU C 306 114.33 -8.99 49.70
N PRO C 307 115.58 -8.93 50.22
CA PRO C 307 116.77 -8.94 49.38
C PRO C 307 116.74 -10.02 48.32
N GLN C 308 116.38 -11.18 48.81
CA GLN C 308 116.14 -12.39 48.00
C GLN C 308 115.12 -11.93 46.92
N ALA C 309 113.83 -11.70 47.25
CA ALA C 309 112.77 -11.44 46.26
C ALA C 309 113.29 -10.45 45.27
N ALA C 310 114.00 -9.50 45.83
CA ALA C 310 114.65 -8.43 45.07
C ALA C 310 115.69 -8.96 44.08
N CYS C 311 116.01 -10.24 43.95
CA CYS C 311 116.88 -10.65 42.81
C CYS C 311 116.15 -10.47 41.45
N HIS C 312 114.84 -10.28 41.51
CA HIS C 312 113.83 -10.45 40.45
C HIS C 312 113.45 -9.10 39.85
N PRO C 313 113.74 -8.72 38.57
CA PRO C 313 113.72 -7.32 38.16
C PRO C 313 112.41 -6.58 38.43
N ALA C 314 111.27 -7.30 38.46
CA ALA C 314 109.96 -6.78 38.93
C ALA C 314 110.03 -6.19 40.33
N ILE C 315 110.40 -7.05 41.24
CA ILE C 315 110.06 -6.82 42.65
C ILE C 315 110.87 -5.62 43.09
N PHE C 316 112.15 -5.59 42.81
CA PHE C 316 113.02 -4.44 43.15
C PHE C 316 112.53 -3.15 42.49
N ARG C 317 111.95 -3.16 41.28
CA ARG C 317 111.54 -1.89 40.60
C ARG C 317 110.42 -1.20 41.38
N VAL C 318 109.54 -2.04 41.94
CA VAL C 318 108.35 -1.68 42.75
C VAL C 318 108.70 -1.25 44.16
N VAL C 319 109.57 -2.00 44.78
CA VAL C 319 110.23 -1.57 46.01
C VAL C 319 110.76 -0.15 45.86
N ASP C 320 111.66 0.10 44.91
CA ASP C 320 112.45 1.36 44.78
C ASP C 320 111.53 2.57 44.65
N GLU C 321 110.39 2.36 43.99
CA GLU C 321 109.33 3.36 43.73
C GLU C 321 108.55 3.70 45.01
N MET C 322 108.31 2.76 45.95
CA MET C 322 107.74 3.15 47.27
C MET C 322 108.80 3.84 48.12
N PHE C 323 110.03 3.37 48.06
CA PHE C 323 111.24 4.10 48.54
C PHE C 323 111.30 5.52 47.93
N ARG C 324 111.06 5.69 46.62
CA ARG C 324 111.07 7.03 45.96
C ARG C 324 109.96 7.94 46.51
N CYS C 325 108.74 7.43 46.74
CA CYS C 325 107.56 8.22 47.20
C CYS C 325 107.73 8.68 48.66
N ALA C 326 108.39 7.89 49.51
CA ALA C 326 108.84 8.34 50.84
C ALA C 326 109.98 9.39 50.77
N LEU C 327 110.96 9.30 49.85
CA LEU C 327 112.12 10.26 49.68
C LEU C 327 111.58 11.67 49.39
N LEU C 328 110.39 11.77 48.80
CA LEU C 328 109.74 13.05 48.36
C LEU C 328 108.85 13.64 49.48
N GLU C 329 107.98 12.85 50.11
CA GLU C 329 106.97 13.31 51.13
C GLU C 329 107.66 13.84 52.38
N THR C 330 108.67 13.11 52.85
CA THR C 330 109.81 13.64 53.65
C THR C 330 110.80 14.16 52.60
N ASP C 331 111.36 15.38 52.68
CA ASP C 331 112.32 15.88 51.65
C ASP C 331 113.71 15.41 52.09
N GLY C 332 113.88 14.09 52.12
CA GLY C 332 115.13 13.40 52.45
C GLY C 332 115.34 13.24 53.93
N ALA C 333 114.42 12.57 54.61
CA ALA C 333 114.68 12.00 55.96
C ALA C 333 116.00 11.21 55.94
N LEU C 334 116.96 11.56 56.81
CA LEU C 334 118.20 10.76 56.95
C LEU C 334 117.87 9.33 57.39
N GLU C 335 116.78 9.11 58.12
CA GLU C 335 116.44 7.76 58.66
C GLU C 335 115.90 6.86 57.56
N ILE C 336 115.09 7.42 56.67
CA ILE C 336 114.66 6.67 55.46
C ILE C 336 115.89 6.34 54.58
N ILE C 337 116.82 7.28 54.37
CA ILE C 337 118.09 7.09 53.59
C ILE C 337 118.88 5.93 54.20
N ALA C 338 118.99 5.85 55.53
CA ALA C 338 119.76 4.78 56.22
C ALA C 338 119.18 3.40 55.91
N THR C 339 117.85 3.25 55.98
CA THR C 339 117.15 1.99 55.66
C THR C 339 117.39 1.61 54.16
N ILE C 340 117.50 2.53 53.17
CA ILE C 340 117.92 2.25 51.73
C ILE C 340 119.36 1.70 51.68
N GLN C 341 120.25 2.28 52.48
CA GLN C 341 121.67 1.90 52.49
C GLN C 341 121.76 0.46 53.01
N VAL C 342 120.90 0.10 53.99
CA VAL C 342 120.77 -1.30 54.50
C VAL C 342 120.18 -2.19 53.40
N PHE C 343 119.16 -1.74 52.64
CA PHE C 343 118.47 -2.56 51.59
C PHE C 343 119.39 -2.90 50.43
N THR C 344 120.02 -1.88 49.89
CA THR C 344 121.06 -2.07 48.87
C THR C 344 122.04 -3.06 49.47
N GLN C 345 122.58 -2.75 50.63
CA GLN C 345 123.66 -3.57 51.21
C GLN C 345 123.31 -5.02 50.97
N CYS C 346 122.13 -5.42 51.45
CA CYS C 346 121.74 -6.83 51.58
C CYS C 346 121.24 -7.32 50.23
N PHE C 347 120.63 -6.43 49.46
CA PHE C 347 120.30 -6.78 48.06
C PHE C 347 121.59 -7.25 47.38
N VAL C 348 122.64 -6.44 47.41
CA VAL C 348 123.81 -6.69 46.55
C VAL C 348 124.29 -8.09 46.87
N GLU C 349 124.36 -8.38 48.14
CA GLU C 349 125.10 -9.56 48.59
C GLU C 349 124.10 -10.74 48.73
N ALA C 350 122.85 -10.62 48.27
CA ALA C 350 121.97 -11.78 47.95
C ALA C 350 121.89 -11.94 46.41
N LEU C 351 121.92 -10.84 45.64
CA LEU C 351 122.21 -10.74 44.17
C LEU C 351 123.51 -11.46 43.85
N GLU C 352 124.61 -10.99 44.44
CA GLU C 352 125.98 -11.57 44.31
C GLU C 352 125.88 -13.10 44.35
N LYS C 353 125.41 -13.58 45.50
CA LYS C 353 125.33 -15.01 45.89
C LYS C 353 124.79 -15.88 44.75
N ALA C 354 123.58 -15.61 44.27
CA ALA C 354 122.71 -16.62 43.60
C ALA C 354 122.65 -16.40 42.07
N SER C 355 123.77 -15.99 41.48
CA SER C 355 123.80 -15.15 40.25
C SER C 355 125.11 -15.32 39.50
N LYS C 356 125.59 -16.54 39.40
CA LYS C 356 126.93 -16.73 38.84
C LYS C 356 126.72 -16.84 37.34
N GLN C 357 125.92 -17.82 36.97
CA GLN C 357 125.17 -17.82 35.70
C GLN C 357 123.89 -17.03 35.92
N LEU C 358 123.50 -16.24 34.92
CA LEU C 358 122.09 -15.78 34.73
C LEU C 358 121.64 -14.89 35.89
N ARG C 359 122.01 -13.61 35.79
CA ARG C 359 121.52 -12.44 36.58
C ARG C 359 121.22 -11.29 35.61
N PHE C 360 120.43 -10.35 36.07
CA PHE C 360 119.85 -9.30 35.23
C PHE C 360 120.70 -8.05 35.42
N ALA C 361 121.11 -7.43 34.30
CA ALA C 361 122.19 -6.41 34.16
C ALA C 361 121.73 -5.05 34.70
N LEU C 362 122.58 -4.36 35.45
CA LEU C 362 122.13 -3.32 36.41
C LEU C 362 121.42 -2.17 35.69
N LYS C 363 121.64 -1.98 34.39
CA LYS C 363 120.71 -1.15 33.58
C LYS C 363 119.26 -1.68 33.63
N THR C 364 119.02 -2.87 34.18
CA THR C 364 117.68 -3.45 34.37
C THR C 364 117.12 -3.09 35.73
N TYR C 365 117.95 -3.04 36.73
CA TYR C 365 117.45 -2.72 38.07
C TYR C 365 117.28 -1.21 38.23
N PHE C 366 118.29 -0.40 37.87
CA PHE C 366 118.31 1.07 38.09
C PHE C 366 118.38 1.83 36.76
N PRO C 367 117.40 1.63 35.86
CA PRO C 367 117.58 1.87 34.43
C PRO C 367 117.74 3.32 33.95
N TYR C 368 117.68 4.20 34.91
CA TYR C 368 117.42 5.63 34.70
C TYR C 368 118.78 6.35 34.76
N THR C 369 119.90 5.64 34.97
CA THR C 369 121.29 6.17 35.08
C THR C 369 122.33 5.25 34.44
N SER C 370 123.55 5.79 34.28
CA SER C 370 124.76 5.19 33.65
C SER C 370 125.04 3.85 34.28
N PRO C 371 125.21 2.76 33.50
CA PRO C 371 125.67 1.50 34.10
C PRO C 371 127.05 1.61 34.74
N SER C 372 127.92 2.38 34.09
CA SER C 372 129.28 2.73 34.56
C SER C 372 129.27 3.08 36.06
N LEU C 373 128.42 4.01 36.45
CA LEU C 373 128.46 4.67 37.78
C LEU C 373 128.07 3.69 38.87
N ALA C 374 126.96 2.99 38.67
CA ALA C 374 126.58 1.85 39.52
C ALA C 374 127.79 0.89 39.65
N MET C 375 128.34 0.35 38.54
CA MET C 375 129.50 -0.61 38.50
C MET C 375 130.68 -0.08 39.37
N VAL C 376 130.87 1.23 39.45
CA VAL C 376 131.88 1.82 40.37
C VAL C 376 131.35 1.58 41.79
N LEU C 377 130.13 2.08 42.05
CA LEU C 377 129.58 2.26 43.42
C LEU C 377 129.20 0.91 44.03
N LEU C 378 128.98 -0.16 43.26
CA LEU C 378 128.87 -1.54 43.83
C LEU C 378 130.16 -1.96 44.57
N GLN C 379 131.35 -1.50 44.14
CA GLN C 379 132.67 -1.91 44.72
C GLN C 379 132.81 -1.45 46.19
N ASP C 380 132.64 -2.36 47.17
CA ASP C 380 132.45 -2.11 48.63
C ASP C 380 133.77 -1.60 49.24
N PRO C 381 133.75 -0.68 50.22
CA PRO C 381 134.97 -0.14 50.81
C PRO C 381 135.77 -0.98 51.82
N GLN C 382 135.19 -2.05 52.40
CA GLN C 382 135.95 -3.05 53.22
C GLN C 382 137.18 -3.53 52.43
N ASP C 383 136.95 -3.75 51.15
CA ASP C 383 137.85 -4.44 50.20
C ASP C 383 138.57 -3.37 49.38
N ILE C 384 138.83 -2.22 49.99
CA ILE C 384 139.66 -1.10 49.49
C ILE C 384 140.54 -0.63 50.67
N PRO C 385 141.78 -0.11 50.48
CA PRO C 385 142.54 0.51 51.57
C PRO C 385 141.85 1.78 52.10
N ARG C 386 141.96 2.03 53.41
CA ARG C 386 141.45 3.29 54.01
C ARG C 386 142.06 4.51 53.27
N GLY C 387 143.28 4.39 52.72
CA GLY C 387 144.01 5.44 51.98
C GLY C 387 143.48 5.73 50.56
N HIS C 388 142.87 4.74 49.90
CA HIS C 388 142.39 4.87 48.49
C HIS C 388 140.89 5.20 48.43
N TRP C 389 140.29 5.65 49.54
CA TRP C 389 138.89 6.12 49.61
C TRP C 389 138.77 7.53 49.04
N LEU C 390 139.73 8.42 49.30
CA LEU C 390 139.74 9.78 48.67
C LEU C 390 139.73 9.65 47.14
N GLN C 391 140.64 8.84 46.58
CA GLN C 391 140.77 8.61 45.12
C GLN C 391 139.39 8.35 44.53
N THR C 392 138.78 7.32 45.12
CA THR C 392 137.51 6.69 44.69
C THR C 392 136.40 7.74 44.69
N LEU C 393 136.24 8.40 45.82
CA LEU C 393 135.20 9.43 46.03
C LEU C 393 135.39 10.54 45.00
N LYS C 394 136.64 11.02 44.89
CA LYS C 394 137.00 12.19 44.05
C LYS C 394 136.68 11.88 42.58
N HIS C 395 136.78 10.62 42.17
CA HIS C 395 136.45 10.19 40.78
C HIS C 395 134.92 10.14 40.57
N ILE C 396 134.20 9.55 41.55
CA ILE C 396 132.72 9.38 41.58
C ILE C 396 132.12 10.75 41.31
N SER C 397 132.48 11.73 42.13
CA SER C 397 132.03 13.14 42.08
C SER C 397 132.24 13.73 40.68
N GLU C 398 133.37 13.44 40.04
CA GLU C 398 133.74 14.04 38.74
C GLU C 398 132.78 13.51 37.66
N LEU C 399 132.56 12.21 37.61
CA LEU C 399 131.57 11.63 36.67
C LEU C 399 130.13 12.09 36.99
N LEU C 400 129.72 12.19 38.28
CA LEU C 400 128.39 12.75 38.74
C LEU C 400 128.20 14.16 38.15
N ARG C 401 129.23 15.01 38.31
CA ARG C 401 129.34 16.38 37.75
C ARG C 401 128.99 16.35 36.24
N GLU C 402 129.50 15.37 35.48
CA GLU C 402 129.16 15.20 34.05
C GLU C 402 127.73 14.72 33.85
N ALA C 403 127.22 13.77 34.65
CA ALA C 403 125.86 13.19 34.48
C ALA C 403 124.75 14.17 34.84
N VAL C 404 124.94 14.96 35.89
CA VAL C 404 123.99 16.03 36.34
C VAL C 404 124.18 17.29 35.49
N GLU C 405 125.33 17.97 35.57
CA GLU C 405 125.57 19.33 34.99
C GLU C 405 125.52 19.30 33.45
N ASP C 406 126.21 18.34 32.80
CA ASP C 406 126.06 18.09 31.34
C ASP C 406 124.91 17.10 31.16
N GLN C 407 123.73 17.48 31.68
CA GLN C 407 122.44 16.79 31.37
C GLN C 407 122.21 17.00 29.86
N THR C 408 122.79 16.13 29.05
CA THR C 408 122.64 16.14 27.57
C THR C 408 121.86 14.87 27.17
N HIS C 409 121.54 14.73 25.88
CA HIS C 409 121.00 13.49 25.27
C HIS C 409 122.05 12.37 25.40
N GLY C 410 121.63 11.15 25.78
CA GLY C 410 122.54 10.08 26.24
C GLY C 410 123.12 10.40 27.60
N SER C 411 122.23 10.57 28.60
CA SER C 411 122.56 10.69 30.03
C SER C 411 121.29 10.38 30.84
N CYS C 412 121.26 10.73 32.13
CA CYS C 412 120.08 10.60 33.03
C CYS C 412 118.89 11.39 32.46
N GLY C 413 117.67 11.14 32.94
CA GLY C 413 116.56 12.08 32.76
C GLY C 413 116.86 13.45 33.37
N GLY C 414 117.48 13.43 34.57
CA GLY C 414 117.68 14.58 35.48
C GLY C 414 118.62 14.25 36.65
N PRO C 415 118.89 15.23 37.54
CA PRO C 415 119.86 15.02 38.60
C PRO C 415 119.34 13.96 39.56
N PHE C 416 118.04 14.04 39.84
CA PHE C 416 117.30 13.35 40.92
C PHE C 416 117.70 11.89 40.95
N GLU C 417 117.77 11.36 39.74
CA GLU C 417 117.94 9.93 39.49
C GLU C 417 119.40 9.60 39.80
N SER C 418 120.35 10.47 39.42
CA SER C 418 121.80 10.31 39.72
C SER C 418 122.09 10.47 41.22
N TRP C 419 121.30 11.26 41.96
CA TRP C 419 121.36 11.35 43.44
C TRP C 419 120.81 10.08 44.07
N PHE C 420 119.62 9.68 43.61
CA PHE C 420 118.93 8.43 44.03
C PHE C 420 119.91 7.25 43.90
N LEU C 421 120.76 7.23 42.84
CA LEU C 421 121.90 6.27 42.71
C LEU C 421 122.77 6.43 43.95
N PHE C 422 123.36 7.59 44.13
CA PHE C 422 124.30 7.84 45.25
C PHE C 422 123.72 7.43 46.63
N ILE C 423 122.40 7.61 46.92
CA ILE C 423 121.77 7.36 48.27
C ILE C 423 122.05 5.92 48.62
N HIS C 424 121.57 5.03 47.75
CA HIS C 424 121.47 3.57 47.96
C HIS C 424 122.79 3.05 48.52
N PHE C 425 123.90 3.72 48.19
CA PHE C 425 125.29 3.33 48.54
C PHE C 425 125.72 4.06 49.82
N GLY C 426 125.48 3.38 50.95
CA GLY C 426 126.09 3.65 52.26
C GLY C 426 127.58 3.37 52.18
N GLY C 427 128.36 4.07 53.00
CA GLY C 427 129.83 4.20 52.86
C GLY C 427 130.19 5.48 52.12
N TRP C 428 129.85 5.56 50.82
CA TRP C 428 130.35 6.60 49.88
C TRP C 428 129.79 7.98 50.29
N ALA C 429 128.47 8.14 50.33
CA ALA C 429 127.79 9.40 50.70
C ALA C 429 128.30 10.03 52.01
N GLU C 430 128.59 9.19 53.01
CA GLU C 430 128.87 9.60 54.42
C GLU C 430 130.38 9.90 54.57
N MET C 431 131.24 9.21 53.80
CA MET C 431 132.72 9.22 53.92
C MET C 431 133.33 10.51 53.36
N VAL C 432 132.59 11.31 52.59
CA VAL C 432 133.06 12.59 51.97
C VAL C 432 133.52 13.51 53.10
N ALA C 433 132.61 13.82 54.04
CA ALA C 433 132.76 14.72 55.21
C ALA C 433 134.00 14.34 56.02
N GLU C 434 134.02 13.09 56.50
CA GLU C 434 135.10 12.60 57.38
C GLU C 434 136.43 12.61 56.62
N GLN C 435 136.42 12.53 55.28
CA GLN C 435 137.63 12.69 54.42
C GLN C 435 137.93 14.19 54.16
N LEU C 436 136.94 15.10 54.16
CA LEU C 436 137.20 16.57 54.07
C LEU C 436 137.97 17.06 55.28
N LEU C 437 137.60 16.58 56.47
CA LEU C 437 138.30 16.90 57.74
C LEU C 437 139.76 16.44 57.64
N MET C 438 139.98 15.24 57.08
CA MET C 438 141.32 14.65 56.92
C MET C 438 142.09 15.31 55.75
N SER C 439 141.43 16.08 54.87
CA SER C 439 142.09 16.94 53.84
C SER C 439 141.66 18.40 54.00
N ALA C 440 141.46 18.88 55.24
CA ALA C 440 141.04 20.28 55.55
C ALA C 440 142.06 21.29 55.01
N ALA C 441 143.36 20.99 55.18
CA ALA C 441 144.47 21.61 54.42
C ALA C 441 144.24 21.33 52.94
N GLU C 442 143.89 22.39 52.16
CA GLU C 442 143.50 22.36 50.72
C GLU C 442 142.34 21.38 50.50
N PRO C 443 141.05 21.74 50.76
CA PRO C 443 139.94 20.83 50.46
C PRO C 443 139.76 20.61 48.96
N PRO C 444 139.65 19.35 48.44
CA PRO C 444 139.36 19.12 47.03
C PRO C 444 137.96 19.59 46.60
N THR C 445 137.91 20.40 45.53
CA THR C 445 136.68 21.04 44.98
C THR C 445 135.66 19.95 44.61
N ALA C 446 136.15 18.82 44.09
CA ALA C 446 135.36 17.61 43.74
C ALA C 446 134.49 17.16 44.92
N LEU C 447 135.09 17.04 46.11
CA LEU C 447 134.40 16.62 47.35
C LEU C 447 133.47 17.70 47.86
N LEU C 448 133.89 18.97 47.86
CA LEU C 448 133.03 20.13 48.25
C LEU C 448 131.73 20.03 47.44
N TRP C 449 131.87 19.92 46.10
CA TRP C 449 130.72 19.94 45.15
C TRP C 449 129.83 18.72 45.44
N LEU C 450 130.47 17.56 45.55
CA LEU C 450 129.82 16.28 45.88
C LEU C 450 128.94 16.46 47.10
N LEU C 451 129.55 16.97 48.16
CA LEU C 451 128.89 17.01 49.48
C LEU C 451 127.72 17.98 49.41
N ALA C 452 127.90 19.15 48.82
CA ALA C 452 126.80 20.14 48.67
C ALA C 452 125.71 19.54 47.79
N PHE C 453 126.08 18.70 46.82
CA PHE C 453 125.13 17.94 45.95
C PHE C 453 124.27 17.00 46.84
N TYR C 454 124.93 16.28 47.79
CA TYR C 454 124.28 15.30 48.70
C TYR C 454 123.25 16.04 49.54
N TYR C 455 123.73 17.05 50.26
CA TYR C 455 122.90 17.77 51.26
C TYR C 455 121.94 18.72 50.53
N GLY C 456 122.16 19.00 49.24
CA GLY C 456 121.25 19.77 48.39
C GLY C 456 121.47 19.42 46.93
N PRO C 457 120.62 18.58 46.32
CA PRO C 457 120.61 18.47 44.86
C PRO C 457 119.66 19.54 44.32
N ARG C 458 119.55 19.74 43.00
CA ARG C 458 118.66 20.80 42.45
C ARG C 458 118.93 22.17 43.09
N ASP C 459 120.06 22.83 42.76
CA ASP C 459 120.50 24.10 43.40
C ASP C 459 120.63 25.27 42.38
N GLY C 460 121.11 25.02 41.15
CA GLY C 460 121.72 26.04 40.27
C GLY C 460 123.18 26.24 40.62
N ARG C 461 124.09 26.41 39.65
CA ARG C 461 125.56 26.26 39.88
C ARG C 461 126.08 27.43 40.70
N GLN C 462 125.46 28.61 40.49
CA GLN C 462 125.51 29.83 41.36
C GLN C 462 125.37 29.49 42.87
N GLN C 463 124.36 28.69 43.25
CA GLN C 463 124.07 28.31 44.65
C GLN C 463 125.16 27.32 45.09
N ARG C 464 125.58 26.39 44.23
CA ARG C 464 126.54 25.31 44.60
C ARG C 464 127.92 25.93 44.89
N ALA C 465 128.37 26.88 44.05
CA ALA C 465 129.61 27.67 44.25
C ALA C 465 129.60 28.34 45.63
N GLN C 466 128.51 29.05 45.97
CA GLN C 466 128.29 29.74 47.28
C GLN C 466 128.35 28.74 48.44
N THR C 467 127.66 27.60 48.34
CA THR C 467 127.65 26.49 49.34
C THR C 467 129.11 26.02 49.58
N MET C 468 129.85 25.65 48.51
CA MET C 468 131.27 25.16 48.53
C MET C 468 132.17 26.12 49.32
N VAL C 469 132.08 27.42 49.00
CA VAL C 469 132.99 28.48 49.55
C VAL C 469 132.58 28.87 51.00
N GLN C 470 131.28 28.84 51.38
CA GLN C 470 130.81 28.97 52.82
C GLN C 470 131.46 27.87 53.66
N VAL C 471 131.40 26.64 53.12
CA VAL C 471 132.03 25.42 53.71
C VAL C 471 133.55 25.61 53.80
N LYS C 472 134.19 26.17 52.77
CA LYS C 472 135.67 26.38 52.69
C LYS C 472 136.09 27.36 53.81
N ALA C 473 135.32 28.45 54.01
CA ALA C 473 135.53 29.44 55.12
C ALA C 473 135.48 28.72 56.47
N VAL C 474 134.43 27.92 56.64
CA VAL C 474 134.20 27.14 57.89
C VAL C 474 135.32 26.07 58.05
N LEU C 475 135.91 25.51 56.96
CA LEU C 475 137.10 24.58 57.01
C LEU C 475 138.31 25.31 57.56
N GLY C 476 138.57 26.54 57.11
CA GLY C 476 139.59 27.43 57.69
C GLY C 476 139.41 27.61 59.20
N HIS C 477 138.21 28.00 59.65
CA HIS C 477 137.87 28.31 61.07
C HIS C 477 138.07 27.06 61.93
N LEU C 478 137.46 25.95 61.51
CA LEU C 478 137.53 24.63 62.18
C LEU C 478 138.97 24.11 62.23
N LEU C 479 139.75 24.22 61.15
CA LEU C 479 141.15 23.72 61.15
C LEU C 479 141.98 24.55 62.16
N ALA C 480 141.77 25.88 62.18
CA ALA C 480 142.37 26.80 63.18
C ALA C 480 142.00 26.33 64.60
N MET C 481 140.73 25.99 64.82
CA MET C 481 140.17 25.57 66.14
C MET C 481 140.69 24.17 66.56
N SER C 482 140.84 23.21 65.63
CA SER C 482 141.41 21.85 65.88
C SER C 482 142.90 21.98 66.26
N ARG C 483 143.68 22.77 65.50
CA ARG C 483 145.13 22.98 65.74
C ARG C 483 145.38 23.85 66.97
N SER C 484 144.37 24.60 67.41
CA SER C 484 144.34 25.23 68.76
C SER C 484 144.07 24.16 69.84
N SER C 485 144.03 24.58 71.11
CA SER C 485 143.72 23.74 72.31
C SER C 485 142.23 23.35 72.30
N SER C 486 141.75 22.72 73.38
CA SER C 486 140.29 22.47 73.60
C SER C 486 139.65 23.79 74.03
N LEU C 487 138.83 24.38 73.14
CA LEU C 487 138.28 25.77 73.23
C LEU C 487 136.79 25.73 73.61
N SER C 488 136.06 26.86 73.56
CA SER C 488 134.63 26.94 73.95
C SER C 488 133.75 26.27 72.90
N ALA C 489 132.43 26.40 73.03
CA ALA C 489 131.42 25.98 72.03
C ALA C 489 130.79 27.18 71.30
N GLN C 490 130.92 28.39 71.85
CA GLN C 490 130.28 29.61 71.28
C GLN C 490 131.03 30.00 70.00
N ASP C 491 132.37 29.92 70.01
CA ASP C 491 133.26 30.06 68.82
C ASP C 491 132.77 29.19 67.64
N LEU C 492 132.27 27.98 67.91
CA LEU C 492 131.72 27.07 66.88
C LEU C 492 130.30 27.50 66.49
N GLN C 493 129.47 27.90 67.46
CA GLN C 493 128.05 28.27 67.15
C GLN C 493 128.04 29.61 66.38
N THR C 494 129.09 30.45 66.45
CA THR C 494 129.24 31.70 65.64
C THR C 494 129.23 31.33 64.15
N VAL C 495 130.17 30.45 63.73
CA VAL C 495 130.32 29.95 62.33
C VAL C 495 129.01 29.25 61.90
N ALA C 496 128.31 28.58 62.84
CA ALA C 496 126.99 27.91 62.59
C ALA C 496 125.90 28.91 62.21
N GLY C 497 125.92 30.13 62.78
CA GLY C 497 124.86 31.14 62.60
C GLY C 497 124.95 31.82 61.25
N ALA C 506 118.80 29.71 57.94
CA ALA C 506 119.66 29.58 56.73
C ALA C 506 119.41 28.24 56.02
N PRO C 507 119.58 28.15 54.68
CA PRO C 507 119.24 26.94 53.92
C PRO C 507 120.32 25.84 53.89
N ALA C 508 121.58 26.21 54.12
CA ALA C 508 122.70 25.30 54.50
C ALA C 508 122.87 25.35 56.02
N GLN C 509 122.06 24.55 56.72
CA GLN C 509 122.14 24.30 58.18
C GLN C 509 122.52 22.82 58.38
N GLN C 510 121.81 21.89 57.72
CA GLN C 510 122.04 20.43 57.94
C GLN C 510 123.43 20.04 57.39
N LEU C 511 123.86 20.63 56.26
CA LEU C 511 125.26 20.55 55.69
C LEU C 511 126.26 20.78 56.85
N ILE C 512 126.13 21.96 57.44
CA ILE C 512 127.10 22.51 58.44
C ILE C 512 127.00 21.72 59.76
N ARG C 513 125.78 21.38 60.21
CA ARG C 513 125.63 20.70 61.52
C ARG C 513 126.26 19.32 61.41
N HIS C 514 125.99 18.60 60.33
CA HIS C 514 126.43 17.19 60.19
C HIS C 514 127.96 17.19 60.05
N LEU C 515 128.50 18.12 59.26
CA LEU C 515 129.97 18.32 59.15
C LEU C 515 130.58 18.60 60.53
N LEU C 516 129.94 19.44 61.34
CA LEU C 516 130.47 19.87 62.67
C LEU C 516 130.42 18.71 63.67
N LEU C 517 129.38 17.88 63.62
CA LEU C 517 129.32 16.67 64.47
C LEU C 517 130.49 15.76 64.09
N ASN C 518 130.69 15.54 62.78
CA ASN C 518 131.86 14.83 62.19
C ASN C 518 133.13 15.35 62.86
N PHE C 519 133.27 16.68 62.93
CA PHE C 519 134.44 17.38 63.52
C PHE C 519 134.61 16.96 64.98
N LEU C 520 133.53 17.06 65.76
CA LEU C 520 133.52 16.69 67.20
C LEU C 520 134.03 15.25 67.38
N LEU C 521 133.46 14.29 66.64
CA LEU C 521 133.77 12.85 66.82
C LEU C 521 135.19 12.51 66.30
N TRP C 522 135.67 13.17 65.23
CA TRP C 522 136.98 12.93 64.57
C TRP C 522 138.13 13.49 65.43
N ALA C 523 138.11 14.80 65.75
CA ALA C 523 139.24 15.51 66.40
C ALA C 523 139.42 14.99 67.83
N PRO C 524 140.67 14.83 68.33
CA PRO C 524 140.89 14.47 69.73
C PRO C 524 140.53 15.57 70.75
N GLY C 525 140.42 16.83 70.30
CA GLY C 525 139.91 17.97 71.08
C GLY C 525 138.45 17.78 71.50
N GLY C 526 137.68 16.94 70.78
CA GLY C 526 136.31 16.54 71.13
C GLY C 526 136.30 15.73 72.40
N HIS C 527 135.22 14.99 72.67
CA HIS C 527 134.98 14.24 73.94
C HIS C 527 135.05 15.16 75.19
N THR C 528 135.05 16.49 75.03
CA THR C 528 135.29 17.48 76.12
C THR C 528 134.21 18.57 76.08
N ILE C 529 133.97 19.12 74.90
CA ILE C 529 133.04 20.27 74.67
C ILE C 529 131.97 19.85 73.67
N ALA C 530 131.80 18.53 73.53
CA ALA C 530 130.69 17.88 72.81
C ALA C 530 129.34 18.41 73.33
N TRP C 531 129.07 18.22 74.61
CA TRP C 531 127.76 18.49 75.27
C TRP C 531 127.34 19.95 75.08
N ASP C 532 128.33 20.85 75.19
CA ASP C 532 128.19 22.32 75.04
C ASP C 532 127.54 22.67 73.69
N VAL C 533 127.93 21.97 72.62
CA VAL C 533 127.47 22.20 71.21
C VAL C 533 126.13 21.50 71.00
N ILE C 534 126.00 20.30 71.56
CA ILE C 534 124.82 19.43 71.34
C ILE C 534 123.59 20.13 71.89
N THR C 535 123.69 20.56 73.16
CA THR C 535 122.59 21.22 73.90
C THR C 535 122.15 22.48 73.12
N LEU C 536 123.08 23.27 72.54
CA LEU C 536 122.83 24.51 71.71
C LEU C 536 122.07 24.14 70.43
N MET C 537 122.56 23.10 69.74
CA MET C 537 122.07 22.71 68.39
C MET C 537 120.72 22.01 68.52
N ALA C 538 120.51 21.21 69.57
CA ALA C 538 119.21 20.55 69.88
C ALA C 538 118.26 21.61 70.43
N HIS C 539 117.84 22.53 69.56
CA HIS C 539 116.71 23.46 69.79
C HIS C 539 115.48 22.59 70.10
N THR C 540 115.11 21.77 69.11
CA THR C 540 113.86 20.99 69.07
C THR C 540 114.16 19.54 69.46
N ALA C 541 113.15 18.66 69.32
CA ALA C 541 113.25 17.18 69.35
C ALA C 541 113.70 16.64 67.97
N GLU C 542 113.34 17.33 66.88
CA GLU C 542 113.55 16.93 65.46
C GLU C 542 115.05 16.76 65.22
N ILE C 543 115.78 17.80 65.65
CA ILE C 543 117.26 17.92 65.52
C ILE C 543 117.89 16.78 66.33
N THR C 544 117.34 16.47 67.50
CA THR C 544 117.89 15.41 68.40
C THR C 544 117.72 14.05 67.70
N HIS C 545 116.51 13.77 67.23
CA HIS C 545 116.18 12.50 66.52
C HIS C 545 117.08 12.36 65.29
N GLU C 546 117.25 13.47 64.55
CA GLU C 546 118.13 13.54 63.35
C GLU C 546 119.55 13.11 63.74
N ILE C 547 120.07 13.67 64.82
CA ILE C 547 121.48 13.41 65.21
C ILE C 547 121.59 11.99 65.79
N ILE C 548 120.57 11.47 66.48
CA ILE C 548 120.54 10.04 66.93
C ILE C 548 120.73 9.11 65.72
N GLY C 549 119.98 9.35 64.64
CA GLY C 549 120.07 8.57 63.38
C GLY C 549 121.44 8.68 62.76
N PHE C 550 121.95 9.91 62.67
CA PHE C 550 123.34 10.25 62.29
C PHE C 550 124.33 9.32 63.02
N LEU C 551 124.21 9.21 64.34
CA LEU C 551 125.22 8.54 65.19
C LEU C 551 125.13 7.04 64.98
N ASP C 552 123.91 6.51 64.99
CA ASP C 552 123.69 5.06 64.81
C ASP C 552 124.26 4.65 63.45
N GLN C 553 123.99 5.44 62.39
CA GLN C 553 124.52 5.26 61.01
C GLN C 553 126.05 5.28 61.02
N THR C 554 126.64 6.31 61.63
CA THR C 554 128.09 6.49 61.74
C THR C 554 128.69 5.21 62.37
N LEU C 555 128.07 4.72 63.44
CA LEU C 555 128.62 3.59 64.22
C LEU C 555 128.41 2.26 63.49
N TYR C 556 127.22 2.01 62.93
CA TYR C 556 126.97 0.82 62.06
C TYR C 556 128.01 0.84 60.90
N ARG C 557 128.26 2.01 60.28
CA ARG C 557 129.23 2.19 59.17
C ARG C 557 130.63 1.78 59.64
N TRP C 558 131.07 2.28 60.80
CA TRP C 558 132.41 2.00 61.36
C TRP C 558 132.58 0.52 61.70
N ASN C 559 131.65 -0.02 62.48
CA ASN C 559 131.69 -1.43 62.98
C ASN C 559 131.68 -2.38 61.77
N ARG C 560 130.99 -1.98 60.70
CA ARG C 560 130.93 -2.77 59.46
C ARG C 560 132.30 -2.76 58.77
N LEU C 561 132.79 -1.57 58.45
CA LEU C 561 134.09 -1.38 57.76
C LEU C 561 135.22 -1.66 58.78
N GLY C 562 134.90 -1.75 60.07
CA GLY C 562 135.76 -2.19 61.20
C GLY C 562 136.67 -1.07 61.73
N ILE C 563 136.49 0.16 61.24
CA ILE C 563 137.45 1.31 61.32
C ILE C 563 137.04 2.14 62.53
N GLU C 564 138.00 2.47 63.40
CA GLU C 564 137.74 2.99 64.77
C GLU C 564 138.93 3.82 65.29
N SER C 565 138.62 4.91 66.00
CA SER C 565 139.36 5.43 67.18
C SER C 565 138.49 5.15 68.40
N PRO C 566 138.90 4.29 69.38
CA PRO C 566 138.01 3.92 70.50
C PRO C 566 137.44 5.11 71.30
N ARG C 567 138.17 6.24 71.34
CA ARG C 567 137.69 7.58 71.78
C ARG C 567 136.30 7.87 71.23
N SER C 568 136.21 7.96 69.91
CA SER C 568 135.00 8.34 69.15
C SER C 568 133.92 7.27 69.34
N GLU C 569 134.28 5.98 69.40
CA GLU C 569 133.32 4.85 69.67
C GLU C 569 132.62 5.06 71.00
N LYS C 570 133.40 5.11 72.09
CA LYS C 570 132.83 5.19 73.47
C LYS C 570 132.08 6.51 73.60
N LEU C 571 132.64 7.60 73.05
CA LEU C 571 132.04 8.96 73.11
C LEU C 571 130.65 8.89 72.47
N ALA C 572 130.57 8.39 71.23
CA ALA C 572 129.33 8.34 70.43
C ALA C 572 128.28 7.50 71.15
N ARG C 573 128.70 6.37 71.71
CA ARG C 573 127.83 5.45 72.47
C ARG C 573 127.23 6.16 73.69
N GLU C 574 128.07 6.81 74.48
CA GLU C 574 127.68 7.61 75.67
C GLU C 574 126.64 8.67 75.27
N LEU C 575 126.97 9.48 74.26
CA LEU C 575 126.12 10.62 73.81
C LEU C 575 124.81 10.08 73.26
N LEU C 576 124.86 9.04 72.42
CA LEU C 576 123.66 8.35 71.90
C LEU C 576 122.78 7.90 73.09
N LYS C 577 123.37 7.23 74.10
CA LYS C 577 122.67 6.68 75.29
C LYS C 577 121.94 7.79 76.05
N GLU C 578 122.65 8.89 76.32
CA GLU C 578 122.19 10.01 77.18
C GLU C 578 121.14 10.86 76.44
N LEU C 579 121.32 11.06 75.13
CA LEU C 579 120.40 11.85 74.26
C LEU C 579 119.07 11.13 74.05
N ARG C 580 119.04 9.80 74.09
CA ARG C 580 117.78 9.04 73.79
C ARG C 580 116.81 9.13 74.97
N THR C 581 117.27 9.58 76.13
CA THR C 581 116.40 9.96 77.29
C THR C 581 115.83 11.37 77.05
N GLN C 582 116.66 12.34 76.63
CA GLN C 582 116.30 13.78 76.37
C GLN C 582 115.29 13.87 75.22
N VAL C 583 115.61 13.23 74.10
CA VAL C 583 114.80 13.16 72.83
C VAL C 583 114.76 14.55 72.20
N GLU D 31 88.06 -34.67 25.88
CA GLU D 31 86.76 -34.04 26.38
C GLU D 31 87.00 -32.56 26.74
N GLY D 32 87.83 -32.30 27.77
CA GLY D 32 88.36 -30.98 28.14
C GLY D 32 89.87 -30.87 27.96
N VAL D 33 90.46 -31.44 26.88
CA VAL D 33 91.81 -31.03 26.41
C VAL D 33 91.67 -29.65 25.77
N GLU D 34 92.53 -28.74 26.17
CA GLU D 34 92.93 -27.52 25.43
C GLU D 34 94.45 -27.63 25.27
N PRO D 35 95.05 -27.34 24.09
CA PRO D 35 96.49 -27.20 23.99
C PRO D 35 96.77 -25.76 24.42
N ALA D 36 97.99 -25.53 24.86
CA ALA D 36 98.39 -24.18 25.24
C ALA D 36 98.19 -23.21 24.08
N PRO D 37 97.72 -21.99 24.35
CA PRO D 37 97.78 -20.89 23.38
C PRO D 37 98.98 -20.63 22.48
N TRP D 38 100.13 -21.04 22.90
CA TRP D 38 101.30 -20.85 22.05
C TRP D 38 101.56 -22.11 21.25
N ALA D 39 100.59 -23.00 21.10
CA ALA D 39 100.88 -24.33 20.50
C ALA D 39 101.24 -24.18 19.03
N GLN D 40 100.44 -23.38 18.34
CA GLN D 40 100.51 -23.04 16.90
C GLN D 40 101.74 -22.16 16.54
N LEU D 41 102.51 -21.65 17.49
CA LEU D 41 103.51 -20.62 17.18
C LEU D 41 104.77 -21.23 16.63
N GLU D 42 105.63 -20.39 16.04
CA GLU D 42 106.99 -20.81 15.57
C GLU D 42 107.81 -21.24 16.82
N ALA D 43 108.50 -22.39 16.69
CA ALA D 43 109.05 -23.23 17.79
C ALA D 43 109.81 -22.42 18.86
N PRO D 44 110.80 -21.55 18.52
CA PRO D 44 111.52 -20.79 19.56
C PRO D 44 110.67 -19.90 20.51
N ALA D 45 109.60 -19.28 20.02
CA ALA D 45 108.60 -18.67 20.91
C ALA D 45 108.23 -19.75 21.87
N ARG D 46 107.84 -20.88 21.31
CA ARG D 46 107.29 -21.96 22.10
C ARG D 46 108.28 -22.35 23.17
N LEU D 47 109.57 -22.23 22.96
CA LEU D 47 110.51 -22.40 24.10
C LEU D 47 110.36 -21.25 25.08
N LEU D 48 110.38 -20.03 24.55
CA LEU D 48 110.54 -18.79 25.37
C LEU D 48 109.43 -18.87 26.42
N LEU D 49 108.22 -19.04 25.95
CA LEU D 49 107.01 -18.95 26.77
C LEU D 49 106.78 -20.29 27.45
N GLN D 50 107.28 -21.40 26.90
CA GLN D 50 107.24 -22.71 27.60
C GLN D 50 108.08 -22.49 28.85
N ALA D 51 109.22 -21.77 28.70
CA ALA D 51 110.26 -21.60 29.76
C ALA D 51 109.71 -20.71 30.89
N LEU D 52 109.08 -19.61 30.49
CA LEU D 52 108.63 -18.52 31.41
C LEU D 52 107.40 -18.99 32.19
N GLN D 53 106.84 -20.16 31.87
CA GLN D 53 105.75 -20.78 32.65
C GLN D 53 106.15 -21.07 34.08
N ALA D 54 107.44 -21.27 34.35
CA ALA D 54 107.96 -22.02 35.52
C ALA D 54 108.48 -21.17 36.71
N GLY D 55 107.54 -20.68 37.51
CA GLY D 55 107.81 -20.09 38.83
C GLY D 55 108.85 -18.99 38.69
N PRO D 56 109.17 -18.34 39.81
CA PRO D 56 109.73 -16.99 39.75
C PRO D 56 111.08 -16.82 38.99
N GLU D 57 111.86 -17.89 38.79
CA GLU D 57 113.16 -17.88 38.04
C GLU D 57 112.86 -18.05 36.56
N GLY D 58 111.58 -17.97 36.23
CA GLY D 58 111.16 -17.87 34.85
C GLY D 58 112.03 -16.89 34.11
N ALA D 59 112.38 -15.78 34.73
CA ALA D 59 112.92 -14.67 33.91
C ALA D 59 114.33 -15.02 33.41
N ARG D 60 115.19 -15.55 34.27
CA ARG D 60 116.53 -16.05 33.84
C ARG D 60 116.28 -17.05 32.73
N ARG D 61 115.38 -18.00 32.98
CA ARG D 61 115.23 -19.08 32.01
C ARG D 61 114.91 -18.43 30.67
N GLY D 62 114.16 -17.34 30.67
CA GLY D 62 113.93 -16.58 29.42
C GLY D 62 115.24 -16.09 28.84
N LEU D 63 116.06 -15.54 29.70
CA LEU D 63 117.39 -15.10 29.26
C LEU D 63 118.17 -16.30 28.76
N GLY D 64 118.16 -17.36 29.54
CA GLY D 64 118.92 -18.57 29.20
C GLY D 64 118.60 -18.94 27.78
N VAL D 65 117.34 -18.83 27.47
CA VAL D 65 116.91 -19.16 26.12
C VAL D 65 117.50 -18.19 25.15
N LEU D 66 117.46 -16.91 25.43
CA LEU D 66 118.01 -15.98 24.42
C LEU D 66 119.47 -16.35 24.08
N ARG D 67 120.33 -16.61 25.08
CA ARG D 67 121.76 -16.95 24.79
C ARG D 67 121.84 -18.31 24.05
N ALA D 68 120.97 -19.27 24.38
CA ALA D 68 120.85 -20.61 23.73
C ALA D 68 120.25 -20.56 22.32
N LEU D 69 119.88 -19.38 21.80
CA LEU D 69 119.38 -19.27 20.42
C LEU D 69 120.19 -18.28 19.62
N GLY D 70 120.98 -17.43 20.25
CA GLY D 70 122.23 -16.90 19.65
C GLY D 70 123.24 -18.01 19.31
N SER D 71 123.22 -19.16 20.02
CA SER D 71 124.12 -20.35 19.85
C SER D 71 123.57 -21.41 18.88
N ARG D 72 122.26 -21.43 18.63
CA ARG D 72 121.64 -22.25 17.55
C ARG D 72 121.49 -21.41 16.28
N GLY D 73 121.19 -22.07 15.15
CA GLY D 73 121.49 -21.62 13.77
C GLY D 73 120.74 -20.37 13.33
N TRP D 74 119.51 -20.16 13.82
CA TRP D 74 118.80 -18.85 13.78
C TRP D 74 119.32 -18.04 14.97
N GLU D 75 120.52 -17.50 14.77
CA GLU D 75 121.23 -16.55 15.66
C GLU D 75 120.27 -15.38 16.00
N PRO D 76 119.48 -14.82 15.04
CA PRO D 76 118.37 -13.91 15.39
C PRO D 76 117.09 -14.59 15.94
N PHE D 77 116.29 -13.82 16.67
CA PHE D 77 114.92 -14.17 17.10
C PHE D 77 113.96 -12.99 16.78
N ASP D 78 113.00 -13.19 15.86
CA ASP D 78 112.17 -12.13 15.20
C ASP D 78 111.12 -11.62 16.19
N TRP D 79 111.52 -10.67 17.03
CA TRP D 79 110.62 -10.17 18.10
C TRP D 79 109.32 -9.58 17.49
N GLY D 80 109.35 -9.09 16.28
CA GLY D 80 108.16 -8.57 15.60
C GLY D 80 107.19 -9.65 15.23
N ARG D 81 107.62 -10.91 15.18
CA ARG D 81 106.68 -12.07 15.06
C ARG D 81 105.91 -12.17 16.36
N LEU D 82 106.66 -12.36 17.43
CA LEU D 82 106.10 -12.61 18.76
C LEU D 82 105.26 -11.41 19.25
N LEU D 83 105.67 -10.18 18.96
CA LEU D 83 104.97 -8.96 19.44
C LEU D 83 103.60 -8.73 18.76
N GLU D 84 103.40 -9.23 17.52
CA GLU D 84 102.08 -9.31 16.85
C GLU D 84 101.25 -10.37 17.55
N ALA D 85 101.86 -11.54 17.60
CA ALA D 85 101.16 -12.72 18.06
C ALA D 85 100.54 -12.35 19.40
N LEU D 86 101.25 -11.62 20.25
CA LEU D 86 100.74 -11.35 21.61
C LEU D 86 99.41 -10.57 21.58
N CYS D 87 99.31 -9.57 20.70
CA CYS D 87 98.19 -8.59 20.73
C CYS D 87 96.97 -9.23 20.07
N ARG D 88 97.19 -10.08 19.04
CA ARG D 88 96.11 -10.69 18.23
C ARG D 88 95.17 -11.41 19.16
N GLU D 89 93.89 -11.27 18.85
CA GLU D 89 92.83 -11.71 19.77
C GLU D 89 92.20 -12.93 19.16
N GLU D 90 91.55 -13.65 20.02
CA GLU D 90 90.95 -14.96 19.73
C GLU D 90 89.72 -14.97 20.58
N PRO D 91 88.86 -16.00 20.52
CA PRO D 91 87.59 -15.93 21.24
C PRO D 91 87.64 -16.68 22.56
N VAL D 92 86.95 -16.17 23.58
CA VAL D 92 86.77 -16.93 24.84
C VAL D 92 85.35 -16.76 25.33
N VAL D 93 84.84 -17.77 26.03
CA VAL D 93 83.46 -17.79 26.60
C VAL D 93 83.57 -18.09 28.09
N GLN D 94 83.60 -17.06 28.94
CA GLN D 94 83.80 -17.23 30.41
C GLN D 94 82.91 -16.27 31.19
N GLY D 95 82.85 -16.55 32.51
CA GLY D 95 82.10 -15.81 33.55
C GLY D 95 80.86 -16.57 33.96
N PRO D 96 79.70 -16.37 33.27
CA PRO D 96 78.74 -17.46 33.06
C PRO D 96 79.27 -18.53 32.09
N ASP D 97 78.43 -19.52 31.76
CA ASP D 97 78.62 -20.44 30.60
C ASP D 97 78.53 -19.61 29.31
N GLY D 98 77.71 -18.54 29.29
CA GLY D 98 77.42 -17.70 28.12
C GLY D 98 77.80 -16.22 28.28
N ARG D 99 78.98 -15.86 27.76
CA ARG D 99 79.32 -14.47 27.36
C ARG D 99 80.51 -14.50 26.39
N LEU D 100 80.32 -14.10 25.11
CA LEU D 100 81.40 -14.09 24.08
C LEU D 100 82.27 -12.87 24.30
N GLU D 101 83.57 -13.09 24.31
CA GLU D 101 84.59 -12.02 24.36
C GLU D 101 85.71 -12.38 23.41
N LEU D 102 86.44 -11.33 23.07
CA LEU D 102 87.69 -11.31 22.27
C LEU D 102 88.86 -10.94 23.20
N LYS D 103 89.73 -11.88 23.56
CA LYS D 103 90.89 -11.62 24.44
C LYS D 103 92.11 -11.59 23.57
N PRO D 104 93.10 -10.73 23.84
CA PRO D 104 94.42 -10.86 23.20
C PRO D 104 95.27 -11.96 23.82
N LEU D 105 96.42 -12.28 23.21
CA LEU D 105 97.26 -13.40 23.72
C LEU D 105 97.66 -13.06 25.15
N LEU D 106 98.31 -11.93 25.32
CA LEU D 106 98.85 -11.45 26.60
C LEU D 106 97.93 -11.78 27.79
N LEU D 107 96.60 -11.56 27.71
CA LEU D 107 95.78 -11.84 28.94
C LEU D 107 95.37 -13.30 29.00
N ARG D 108 95.60 -14.04 27.92
CA ARG D 108 95.03 -15.37 27.71
C ARG D 108 96.03 -16.39 28.20
N LEU D 109 97.30 -16.06 28.13
CA LEU D 109 98.32 -17.07 28.40
C LEU D 109 98.62 -17.02 29.89
N PRO D 110 99.25 -18.07 30.41
CA PRO D 110 99.60 -18.18 31.80
C PRO D 110 100.21 -17.00 32.56
N ARG D 111 99.64 -16.78 33.73
CA ARG D 111 99.77 -15.49 34.41
C ARG D 111 101.21 -15.38 34.86
N ILE D 112 101.87 -16.50 35.11
CA ILE D 112 103.26 -16.31 35.53
C ILE D 112 104.10 -15.98 34.30
N CYS D 113 103.76 -16.54 33.13
CA CYS D 113 104.42 -16.17 31.86
C CYS D 113 104.22 -14.65 31.62
N GLN D 114 103.05 -14.09 31.93
CA GLN D 114 102.93 -12.62 31.86
C GLN D 114 104.03 -12.04 32.69
N ARG D 115 103.99 -12.29 33.96
CA ARG D 115 104.74 -11.42 34.88
C ARG D 115 106.24 -11.48 34.48
N ASN D 116 106.72 -12.63 34.07
CA ASN D 116 108.15 -12.73 33.71
C ASN D 116 108.39 -12.10 32.35
N LEU D 117 107.49 -12.32 31.39
CA LEU D 117 107.70 -11.68 30.07
C LEU D 117 108.09 -10.30 30.43
N MET D 118 107.18 -9.68 31.13
CA MET D 118 107.25 -8.24 31.31
C MET D 118 108.58 -7.89 31.98
N SER D 119 109.01 -8.70 32.93
CA SER D 119 110.37 -8.58 33.48
C SER D 119 111.39 -8.54 32.32
N LEU D 120 111.42 -9.59 31.49
CA LEU D 120 112.41 -9.78 30.39
C LEU D 120 112.41 -8.57 29.46
N LEU D 121 111.26 -7.94 29.27
CA LEU D 121 111.17 -6.85 28.30
C LEU D 121 111.79 -5.60 28.93
N MET D 122 111.74 -5.40 30.25
CA MET D 122 112.62 -4.34 30.80
C MET D 122 114.07 -4.74 30.58
N ALA D 123 114.35 -6.05 30.57
CA ALA D 123 115.70 -6.60 30.40
C ALA D 123 116.24 -6.48 28.98
N VAL D 124 115.43 -6.33 27.92
CA VAL D 124 115.92 -6.11 26.52
C VAL D 124 115.15 -5.00 25.79
N ARG D 125 114.55 -4.06 26.54
CA ARG D 125 113.74 -2.93 26.00
C ARG D 125 114.43 -2.31 24.78
N PRO D 126 115.73 -1.96 24.88
CA PRO D 126 116.35 -1.20 23.79
C PRO D 126 116.06 -1.93 22.48
N SER D 127 116.41 -3.21 22.52
CA SER D 127 116.32 -4.19 21.43
C SER D 127 114.89 -4.72 21.41
N LEU D 128 113.92 -3.83 21.07
CA LEU D 128 112.63 -4.11 20.35
C LEU D 128 112.22 -2.86 19.57
N PRO D 129 111.55 -3.01 18.40
CA PRO D 129 110.87 -1.88 17.76
C PRO D 129 109.63 -1.38 18.50
N GLU D 130 109.45 -0.05 18.49
CA GLU D 130 108.46 0.73 19.28
C GLU D 130 107.03 0.31 18.91
N SER D 131 106.81 0.16 17.60
CA SER D 131 105.52 -0.18 16.94
C SER D 131 104.76 -1.27 17.73
N GLY D 132 105.47 -2.37 18.00
CA GLY D 132 104.98 -3.52 18.76
C GLY D 132 104.77 -3.18 20.20
N LEU D 133 105.81 -2.65 20.87
CA LEU D 133 105.78 -2.37 22.33
C LEU D 133 104.51 -1.63 22.68
N LEU D 134 104.20 -0.61 21.89
CA LEU D 134 103.13 0.32 22.29
C LEU D 134 101.79 -0.42 22.24
N SER D 135 101.62 -1.27 21.22
CA SER D 135 100.44 -2.15 21.05
C SER D 135 100.27 -3.06 22.27
N VAL D 136 101.39 -3.53 22.81
CA VAL D 136 101.43 -4.44 23.99
C VAL D 136 100.89 -3.68 25.20
N LEU D 137 101.55 -2.57 25.48
CA LEU D 137 101.35 -1.74 26.69
C LEU D 137 99.88 -1.35 26.76
N GLN D 138 99.35 -0.96 25.61
CA GLN D 138 97.99 -0.36 25.59
C GLN D 138 97.05 -1.37 26.20
N ILE D 139 97.29 -2.62 25.85
CA ILE D 139 96.56 -3.78 26.39
C ILE D 139 96.81 -3.84 27.88
N ALA D 140 98.09 -3.77 28.22
CA ALA D 140 98.62 -3.96 29.57
C ALA D 140 97.89 -3.02 30.51
N GLN D 141 97.83 -1.77 30.06
CA GLN D 141 97.14 -0.71 30.80
C GLN D 141 95.86 -1.31 31.36
N GLN D 142 95.23 -2.23 30.63
CA GLN D 142 94.00 -2.95 31.05
C GLN D 142 92.93 -1.89 31.33
N ASP D 143 93.00 -0.77 30.59
CA ASP D 143 92.02 0.35 30.65
C ASP D 143 90.64 -0.30 30.52
N LEU D 144 89.70 0.10 31.38
CA LEU D 144 88.27 -0.19 31.12
C LEU D 144 88.05 -1.70 31.30
N ALA D 145 88.63 -2.26 32.34
CA ALA D 145 88.36 -3.63 32.79
C ALA D 145 87.77 -3.51 34.18
N PRO D 146 86.91 -4.46 34.59
CA PRO D 146 86.83 -4.82 36.01
C PRO D 146 88.01 -5.76 36.29
N ASP D 147 88.51 -5.78 37.54
CA ASP D 147 89.66 -6.62 38.03
C ASP D 147 90.80 -6.50 37.02
N PRO D 148 91.49 -5.35 36.94
CA PRO D 148 92.62 -5.27 36.02
C PRO D 148 93.69 -6.14 36.70
N ASP D 149 94.81 -6.47 36.05
CA ASP D 149 95.90 -7.15 36.78
C ASP D 149 96.91 -6.10 37.18
N ALA D 150 97.00 -5.89 38.48
CA ALA D 150 97.86 -4.88 39.10
C ALA D 150 99.19 -4.91 38.37
N TRP D 151 99.80 -6.09 38.44
CA TRP D 151 101.22 -6.34 38.12
C TRP D 151 101.52 -5.86 36.71
N LEU D 152 100.69 -6.35 35.82
CA LEU D 152 100.83 -6.09 34.40
C LEU D 152 100.79 -4.59 34.27
N ARG D 153 99.72 -3.97 34.74
CA ARG D 153 99.60 -2.50 34.63
C ARG D 153 100.92 -1.86 35.04
N ALA D 154 101.47 -2.34 36.12
CA ALA D 154 102.64 -1.70 36.74
C ALA D 154 103.82 -1.75 35.82
N LEU D 155 104.06 -2.93 35.29
CA LEU D 155 105.22 -3.24 34.41
C LEU D 155 105.01 -2.57 33.03
N GLY D 156 103.75 -2.42 32.64
CA GLY D 156 103.30 -1.46 31.63
C GLY D 156 103.85 -0.11 31.97
N GLU D 157 103.52 0.41 33.13
CA GLU D 157 104.02 1.74 33.57
C GLU D 157 105.54 1.79 33.50
N LEU D 158 106.17 0.73 33.93
CA LEU D 158 107.62 0.73 34.10
C LEU D 158 108.26 0.54 32.74
N LEU D 159 107.53 0.13 31.71
CA LEU D 159 108.08 0.19 30.33
C LEU D 159 107.83 1.56 29.68
N ARG D 160 106.64 2.14 29.87
CA ARG D 160 106.30 3.54 29.45
C ARG D 160 107.41 4.44 30.00
N ARG D 161 107.71 4.34 31.29
CA ARG D 161 108.65 5.25 31.97
C ARG D 161 110.11 5.01 31.50
N ASP D 162 110.39 3.86 30.91
CA ASP D 162 111.71 3.61 30.33
C ASP D 162 111.81 4.09 28.90
N LEU D 163 110.73 4.06 28.11
CA LEU D 163 110.72 4.53 26.69
C LEU D 163 110.92 6.06 26.63
N GLY D 164 110.34 6.81 27.58
CA GLY D 164 110.28 8.29 27.66
C GLY D 164 109.07 8.86 26.93
N VAL D 165 107.94 8.14 26.92
CA VAL D 165 106.68 8.50 26.20
C VAL D 165 105.45 8.39 27.13
N GLY D 166 105.64 8.00 28.40
CA GLY D 166 104.58 7.73 29.39
C GLY D 166 104.92 8.33 30.73
N THR D 167 105.60 9.49 30.69
CA THR D 167 105.46 10.56 31.71
C THR D 167 103.94 10.60 32.00
N SER D 168 103.12 10.57 30.95
CA SER D 168 101.65 10.33 31.01
C SER D 168 100.89 11.53 31.62
N MET D 169 101.59 12.54 32.22
CA MET D 169 101.12 13.77 32.95
C MET D 169 99.89 13.46 33.88
N GLU D 170 99.87 12.28 34.52
CA GLU D 170 98.75 11.72 35.36
C GLU D 170 99.19 11.72 36.84
N GLY D 171 98.61 10.84 37.68
CA GLY D 171 99.25 10.24 38.88
C GLY D 171 99.75 8.82 38.60
N ALA D 172 100.37 8.62 37.43
CA ALA D 172 100.71 7.30 36.83
C ALA D 172 102.06 6.81 37.36
N SER D 173 102.07 6.25 38.57
CA SER D 173 103.17 5.49 39.23
C SER D 173 102.69 4.06 39.38
N PRO D 174 103.57 3.02 39.30
CA PRO D 174 103.20 1.62 39.37
C PRO D 174 102.11 1.24 40.39
N LEU D 175 102.00 2.05 41.42
CA LEU D 175 101.37 1.61 42.65
C LEU D 175 99.86 1.78 42.64
N SER D 176 99.26 1.12 43.66
CA SER D 176 97.88 1.25 44.21
C SER D 176 97.70 2.64 44.88
N GLU D 177 96.46 3.16 44.85
CA GLU D 177 96.09 4.36 45.64
C GLU D 177 96.26 4.04 47.12
N ARG D 178 95.87 2.83 47.54
CA ARG D 178 95.65 2.46 48.97
C ARG D 178 97.00 2.42 49.68
N CYS D 179 98.01 1.86 49.02
CA CYS D 179 99.47 2.14 49.22
C CYS D 179 99.80 3.65 49.29
N GLN D 180 99.67 4.39 48.17
CA GLN D 180 100.13 5.80 47.99
C GLN D 180 99.90 6.61 49.27
N ARG D 181 98.66 6.50 49.77
CA ARG D 181 98.06 7.23 50.90
C ARG D 181 98.62 6.75 52.23
N GLN D 182 98.66 5.43 52.46
CA GLN D 182 99.21 4.85 53.72
C GLN D 182 100.69 5.19 53.87
N LEU D 183 101.39 5.52 52.77
CA LEU D 183 102.84 5.91 52.75
C LEU D 183 103.04 7.41 53.03
N GLN D 184 102.23 8.26 52.40
CA GLN D 184 102.10 9.70 52.79
C GLN D 184 101.81 9.78 54.30
N SER D 185 100.87 8.96 54.83
CA SER D 185 100.33 8.94 56.24
C SER D 185 101.43 8.70 57.28
N LEU D 186 102.48 7.97 56.90
CA LEU D 186 103.60 7.60 57.80
C LEU D 186 104.81 8.51 57.59
N CYS D 187 105.16 8.89 56.35
CA CYS D 187 106.13 9.99 56.02
C CYS D 187 105.79 11.24 56.87
N ARG D 188 104.48 11.53 57.02
CA ARG D 188 103.93 12.69 57.77
C ARG D 188 104.31 12.62 59.26
N GLY D 189 104.46 11.41 59.82
CA GLY D 189 104.98 11.20 61.19
C GLY D 189 106.49 11.32 61.30
N LEU D 190 107.11 12.24 60.54
CA LEU D 190 108.57 12.50 60.54
C LEU D 190 108.81 13.94 60.07
N GLY D 191 109.89 14.54 60.60
CA GLY D 191 110.31 15.93 60.40
C GLY D 191 111.09 16.08 59.11
N LEU D 192 110.42 16.61 58.09
CA LEU D 192 110.87 16.76 56.67
C LEU D 192 112.35 17.13 56.57
N GLY D 193 113.02 16.60 55.57
CA GLY D 193 114.42 16.93 55.25
C GLY D 193 114.54 18.27 54.56
N GLY D 194 115.56 19.05 54.95
CA GLY D 194 115.90 20.35 54.36
C GLY D 194 116.31 20.24 52.91
N ARG D 195 116.46 19.01 52.41
CA ARG D 195 116.72 18.76 50.98
C ARG D 195 115.59 19.35 50.14
N ARG D 196 115.93 19.71 48.90
CA ARG D 196 114.99 20.32 47.93
C ARG D 196 115.03 19.45 46.67
N LEU D 197 113.88 18.87 46.38
CA LEU D 197 113.67 17.79 45.40
C LEU D 197 112.48 18.12 44.51
N LYS D 198 111.45 18.80 45.03
CA LYS D 198 110.41 19.49 44.20
C LYS D 198 110.83 20.94 43.90
N SER D 199 110.68 21.38 42.63
CA SER D 199 111.12 22.69 42.05
C SER D 199 109.91 23.39 41.42
N PRO D 200 109.05 24.09 42.21
CA PRO D 200 107.77 24.62 41.70
C PRO D 200 107.88 25.75 40.68
N ALA D 294 9.99 74.93 19.57
CA ALA D 294 11.43 74.51 19.42
C ALA D 294 11.98 74.74 18.00
N GLU D 295 11.17 74.55 16.94
CA GLU D 295 11.63 74.31 15.53
C GLU D 295 11.86 75.62 14.70
N SER D 296 11.37 76.81 15.12
CA SER D 296 11.51 78.17 14.50
C SER D 296 10.64 78.35 13.23
N LEU D 297 9.66 77.48 12.99
CA LEU D 297 8.76 77.54 11.80
C LEU D 297 7.77 78.68 12.04
N GLU D 298 7.51 79.43 10.97
CA GLU D 298 6.45 80.46 10.93
C GLU D 298 5.22 79.89 10.26
N LEU D 299 4.06 79.99 10.93
CA LEU D 299 2.71 79.75 10.34
C LEU D 299 2.50 80.81 9.26
N PRO D 300 1.73 80.57 8.15
CA PRO D 300 1.44 81.64 7.19
C PRO D 300 0.85 82.85 7.94
N LYS D 301 1.07 84.05 7.43
CA LYS D 301 0.95 85.27 8.28
C LYS D 301 -0.54 85.53 8.51
N ALA D 302 -1.37 85.29 7.48
CA ALA D 302 -2.85 85.16 7.57
C ALA D 302 -3.28 84.14 8.66
N ILE D 303 -2.64 82.96 8.84
CA ILE D 303 -3.00 81.97 9.94
C ILE D 303 -2.55 82.54 11.31
N GLN D 304 -1.35 83.15 11.46
CA GLN D 304 -0.83 83.82 12.71
C GLN D 304 -1.77 84.96 13.11
N ASP D 305 -2.21 85.76 12.10
CA ASP D 305 -3.32 86.77 12.13
C ASP D 305 -4.67 86.14 12.58
N GLN D 306 -5.19 85.12 11.86
CA GLN D 306 -6.52 84.47 12.08
C GLN D 306 -6.34 83.28 13.03
N LEU D 307 -5.14 83.06 13.62
CA LEU D 307 -4.81 82.03 14.65
C LEU D 307 -5.74 82.16 15.87
N PRO D 308 -6.01 83.37 16.45
CA PRO D 308 -7.06 83.52 17.49
C PRO D 308 -8.54 83.53 17.04
N ARG D 309 -8.86 83.98 15.82
CA ARG D 309 -10.20 83.79 15.16
C ARG D 309 -10.48 82.30 14.96
N LEU D 310 -9.51 81.57 14.40
CA LEU D 310 -9.48 80.09 14.34
C LEU D 310 -9.72 79.49 15.74
N GLN D 311 -9.07 79.98 16.80
CA GLN D 311 -9.19 79.47 18.20
C GLN D 311 -10.59 79.79 18.77
N GLN D 312 -11.11 80.98 18.50
CA GLN D 312 -12.56 81.36 18.62
C GLN D 312 -13.45 80.27 18.01
N LEU D 313 -13.37 80.08 16.69
CA LEU D 313 -14.28 79.24 15.85
C LEU D 313 -14.35 77.82 16.41
N LEU D 314 -13.22 77.25 16.85
CA LEU D 314 -13.16 75.85 17.36
C LEU D 314 -13.96 75.75 18.65
N LYS D 315 -13.72 76.73 19.52
CA LYS D 315 -14.47 76.94 20.77
C LYS D 315 -15.96 77.07 20.42
N THR D 316 -16.30 77.87 19.40
CA THR D 316 -17.70 78.09 18.88
C THR D 316 -18.37 76.74 18.62
N LEU D 317 -17.60 75.80 18.05
CA LEU D 317 -18.08 74.47 17.65
C LEU D 317 -18.24 73.54 18.85
N GLU D 318 -18.11 74.02 20.10
CA GLU D 318 -18.49 73.28 21.32
C GLU D 318 -19.79 73.83 21.96
N GLU D 319 -20.43 74.84 21.32
CA GLU D 319 -21.54 75.67 21.86
C GLU D 319 -22.80 75.57 20.99
N ALA D 327 -22.75 75.61 7.46
CA ALA D 327 -21.89 76.14 6.36
C ALA D 327 -20.63 76.82 6.92
N PRO D 328 -19.39 76.51 6.43
CA PRO D 328 -18.13 76.98 7.05
C PRO D 328 -17.60 78.36 6.66
N PRO D 329 -16.66 78.93 7.46
CA PRO D 329 -16.05 80.23 7.14
C PRO D 329 -14.89 80.08 6.14
N VAL D 330 -14.26 81.23 5.83
CA VAL D 330 -12.95 81.39 5.12
C VAL D 330 -11.75 80.94 5.98
N GLU D 331 -11.80 81.09 7.31
CA GLU D 331 -10.71 80.72 8.26
C GLU D 331 -10.23 79.28 7.98
N LEU D 332 -11.15 78.38 7.62
CA LEU D 332 -10.90 76.94 7.29
C LEU D 332 -10.23 76.80 5.89
N GLN D 333 -10.44 77.77 4.96
CA GLN D 333 -9.82 77.89 3.59
C GLN D 333 -8.32 78.29 3.68
N LEU D 334 -7.86 78.81 4.82
CA LEU D 334 -6.45 79.23 5.11
C LEU D 334 -5.54 78.00 5.33
N LEU D 335 -6.11 76.81 5.61
CA LEU D 335 -5.41 75.50 5.77
C LEU D 335 -4.78 75.08 4.41
N HIS D 336 -5.36 75.49 3.27
CA HIS D 336 -4.77 75.37 1.91
C HIS D 336 -3.44 76.14 1.77
N GLU D 337 -3.20 77.13 2.63
CA GLU D 337 -1.97 77.98 2.64
C GLU D 337 -0.90 77.32 3.55
N CYS D 338 -1.28 76.37 4.43
CA CYS D 338 -0.36 75.47 5.21
C CYS D 338 0.16 74.32 4.31
N SER D 339 1.50 74.17 4.22
CA SER D 339 2.21 72.90 3.92
C SER D 339 1.96 71.94 5.09
N PRO D 340 2.02 70.59 4.91
CA PRO D 340 1.93 69.65 6.03
C PRO D 340 2.94 69.90 7.19
N SER D 341 4.13 70.44 6.89
CA SER D 341 5.20 70.90 7.82
C SER D 341 4.70 72.02 8.75
N GLN D 342 4.10 73.04 8.16
CA GLN D 342 3.46 74.19 8.87
C GLN D 342 2.14 73.79 9.53
N MET D 343 1.32 73.06 8.76
CA MET D 343 0.11 72.33 9.22
C MET D 343 0.42 71.54 10.49
N ASP D 344 1.58 70.88 10.58
CA ASP D 344 1.93 70.03 11.74
C ASP D 344 2.05 70.89 13.01
N LEU D 345 2.80 72.00 12.93
CA LEU D 345 2.78 73.04 14.00
C LEU D 345 1.32 73.45 14.24
N LEU D 346 0.57 73.73 13.17
CA LEU D 346 -0.83 74.26 13.20
C LEU D 346 -1.81 73.32 13.95
N CYS D 347 -1.78 71.99 13.73
CA CYS D 347 -2.64 70.98 14.43
C CYS D 347 -2.44 71.03 15.95
N ALA D 348 -1.17 70.92 16.34
CA ALA D 348 -0.64 71.12 17.71
C ALA D 348 -1.09 72.51 18.24
N GLN D 349 -0.97 73.59 17.43
CA GLN D 349 -1.27 75.04 17.73
C GLN D 349 -2.77 75.38 17.85
N LEU D 350 -3.66 74.59 17.23
CA LEU D 350 -5.14 74.75 17.36
C LEU D 350 -5.63 73.91 18.54
N GLN D 351 -4.88 72.85 18.90
CA GLN D 351 -5.09 72.01 20.11
C GLN D 351 -6.46 71.30 19.91
N LEU D 352 -6.65 70.93 18.63
CA LEU D 352 -7.67 70.03 18.04
C LEU D 352 -7.78 68.81 18.93
N PRO D 353 -6.64 68.26 19.42
CA PRO D 353 -6.70 67.08 20.26
C PRO D 353 -7.71 67.09 21.43
N GLN D 354 -8.06 68.25 22.02
CA GLN D 354 -8.90 68.28 23.26
C GLN D 354 -10.37 68.58 22.96
N LEU D 355 -10.75 68.75 21.69
CA LEU D 355 -12.15 69.00 21.23
C LEU D 355 -13.10 67.93 21.80
N SER D 356 -14.36 68.32 22.05
CA SER D 356 -15.38 67.43 22.64
C SER D 356 -15.82 66.41 21.57
N ASP D 357 -16.57 65.40 22.03
CA ASP D 357 -17.27 64.38 21.21
C ASP D 357 -18.22 65.10 20.23
N LEU D 358 -19.03 65.98 20.80
CA LEU D 358 -19.85 67.00 20.10
C LEU D 358 -18.94 67.90 19.21
N GLY D 359 -17.87 68.48 19.79
CA GLY D 359 -17.07 69.59 19.25
C GLY D 359 -16.31 69.20 18.00
N LEU D 360 -15.63 68.06 18.10
CA LEU D 360 -14.96 67.37 16.97
C LEU D 360 -15.96 67.09 15.83
N LEU D 361 -17.11 66.50 16.15
CA LEU D 361 -18.11 65.99 15.18
C LEU D 361 -18.59 67.13 14.23
N ARG D 362 -19.02 68.27 14.78
CA ARG D 362 -19.53 69.44 13.99
C ARG D 362 -18.43 69.89 13.02
N LEU D 363 -17.25 70.06 13.60
CA LEU D 363 -16.00 70.39 12.91
C LEU D 363 -15.87 69.48 11.70
N CYS D 364 -15.81 68.17 11.90
CA CYS D 364 -15.53 67.21 10.80
C CYS D 364 -16.44 67.51 9.62
N THR D 365 -17.69 67.82 9.93
CA THR D 365 -18.77 68.21 8.98
C THR D 365 -18.26 69.40 8.11
N TRP D 366 -17.67 70.42 8.73
CA TRP D 366 -17.10 71.61 8.05
C TRP D 366 -16.00 71.27 7.02
N LEU D 367 -15.00 70.44 7.39
CA LEU D 367 -13.79 70.12 6.56
C LEU D 367 -14.21 69.42 5.28
N LEU D 368 -15.32 68.67 5.39
CA LEU D 368 -15.97 67.86 4.33
C LEU D 368 -16.78 68.74 3.37
N ALA D 369 -17.13 69.95 3.77
CA ALA D 369 -17.68 70.98 2.86
C ALA D 369 -16.60 71.55 1.93
N LEU D 370 -15.31 71.52 2.32
CA LEU D 370 -14.24 72.27 1.62
C LEU D 370 -14.13 71.83 0.16
N SER D 371 -13.94 72.83 -0.72
CA SER D 371 -14.14 72.79 -2.20
C SER D 371 -12.86 72.37 -2.94
N PRO D 372 -11.71 73.06 -2.79
CA PRO D 372 -10.43 72.49 -3.21
C PRO D 372 -10.16 71.42 -2.15
N ASP D 373 -10.00 70.18 -2.59
CA ASP D 373 -9.76 69.04 -1.65
C ASP D 373 -8.41 69.26 -0.95
N LEU D 374 -8.30 68.80 0.30
CA LEU D 374 -7.01 68.79 1.07
C LEU D 374 -6.07 67.73 0.45
N SER D 375 -4.84 68.16 0.07
CA SER D 375 -3.62 67.37 -0.25
C SER D 375 -3.51 66.13 0.66
N LEU D 376 -3.08 65.01 0.05
CA LEU D 376 -2.84 63.69 0.69
C LEU D 376 -2.21 63.88 2.09
N SER D 377 -1.02 64.48 2.13
CA SER D 377 -0.16 64.59 3.33
C SER D 377 -0.81 65.48 4.39
N ASN D 378 -1.36 66.62 3.95
CA ASN D 378 -2.04 67.63 4.80
C ASN D 378 -3.22 66.97 5.50
N ALA D 379 -4.05 66.26 4.72
CA ALA D 379 -5.26 65.51 5.15
C ALA D 379 -4.93 64.48 6.25
N THR D 380 -3.75 63.89 6.13
CA THR D 380 -3.21 62.83 7.04
C THR D 380 -2.75 63.48 8.35
N VAL D 381 -2.01 64.59 8.27
CA VAL D 381 -1.44 65.28 9.47
C VAL D 381 -2.60 65.53 10.43
N LEU D 382 -3.70 66.04 9.87
CA LEU D 382 -4.99 66.36 10.53
C LEU D 382 -5.47 65.17 11.34
N THR D 383 -5.84 64.13 10.62
CA THR D 383 -6.36 62.84 11.15
C THR D 383 -5.76 62.54 12.53
N ARG D 384 -4.46 62.67 12.60
CA ARG D 384 -3.64 62.16 13.71
C ARG D 384 -3.77 63.06 14.94
N SER D 385 -4.11 64.33 14.75
CA SER D 385 -4.45 65.32 15.82
C SER D 385 -5.94 65.20 16.16
N LEU D 386 -6.77 64.95 15.15
CA LEU D 386 -8.26 64.94 15.27
C LEU D 386 -8.71 63.72 16.09
N PHE D 387 -8.38 62.54 15.58
CA PHE D 387 -8.94 61.22 15.98
C PHE D 387 -7.96 60.46 16.84
N LEU D 388 -6.77 60.31 16.26
CA LEU D 388 -5.83 59.22 16.51
C LEU D 388 -5.56 59.11 18.01
N GLY D 389 -5.33 60.23 18.68
CA GLY D 389 -5.37 60.32 20.16
C GLY D 389 -6.59 59.60 20.75
N ARG D 390 -7.79 59.99 20.36
CA ARG D 390 -9.07 59.44 20.91
C ARG D 390 -9.18 57.95 20.57
N ILE D 391 -8.80 57.58 19.35
CA ILE D 391 -8.85 56.19 18.83
C ILE D 391 -7.95 55.33 19.72
N LEU D 392 -6.68 55.75 19.83
CA LEU D 392 -5.65 55.06 20.65
C LEU D 392 -6.15 55.03 22.10
N SER D 393 -6.56 56.21 22.60
CA SER D 393 -7.11 56.45 23.96
C SER D 393 -8.37 55.64 24.22
N LEU D 394 -9.06 55.19 23.17
CA LEU D 394 -10.29 54.38 23.35
C LEU D 394 -10.03 53.20 24.27
N THR D 395 -11.05 52.98 25.07
CA THR D 395 -11.14 52.01 26.16
C THR D 395 -12.45 51.23 25.95
N SER D 396 -13.59 51.95 25.93
CA SER D 396 -14.94 51.50 25.52
C SER D 396 -15.27 51.99 24.09
N SER D 397 -16.11 51.23 23.36
CA SER D 397 -16.46 51.44 21.93
C SER D 397 -16.70 52.91 21.67
N ALA D 398 -16.20 53.41 20.54
CA ALA D 398 -16.24 54.85 20.20
C ALA D 398 -17.67 55.35 20.17
N SER D 399 -17.86 56.57 20.69
CA SER D 399 -19.13 57.34 20.61
C SER D 399 -19.70 57.21 19.20
N ARG D 400 -21.02 57.00 19.09
CA ARG D 400 -21.76 57.03 17.82
C ARG D 400 -21.21 58.19 16.99
N LEU D 401 -20.83 59.24 17.69
CA LEU D 401 -20.29 60.51 17.16
C LEU D 401 -18.95 60.21 16.47
N LEU D 402 -17.96 59.61 17.16
CA LEU D 402 -16.61 59.39 16.58
C LEU D 402 -16.74 58.33 15.48
N THR D 403 -17.51 57.26 15.70
CA THR D 403 -17.88 56.32 14.59
C THR D 403 -18.36 57.17 13.41
N THR D 404 -19.45 57.91 13.61
CA THR D 404 -20.09 58.78 12.60
C THR D 404 -19.03 59.75 12.05
N ALA D 405 -18.46 60.56 12.93
CA ALA D 405 -17.45 61.60 12.60
C ALA D 405 -16.32 60.99 11.79
N LEU D 406 -15.68 59.95 12.34
CA LEU D 406 -14.57 59.22 11.66
C LEU D 406 -15.10 58.68 10.31
N THR D 407 -16.27 58.02 10.30
CA THR D 407 -16.79 57.26 9.14
C THR D 407 -17.14 58.21 8.00
N SER D 408 -17.87 59.25 8.38
CA SER D 408 -18.22 60.37 7.48
C SER D 408 -16.95 60.99 6.90
N PHE D 409 -15.95 61.29 7.75
CA PHE D 409 -14.67 61.93 7.33
C PHE D 409 -13.95 60.95 6.41
N CYS D 410 -13.83 59.72 6.88
CA CYS D 410 -13.26 58.57 6.15
C CYS D 410 -13.95 58.47 4.80
N ALA D 411 -15.28 58.60 4.73
CA ALA D 411 -16.05 58.55 3.47
C ALA D 411 -15.39 59.42 2.37
N LYS D 412 -15.06 60.70 2.58
CA LYS D 412 -14.43 61.54 1.50
C LYS D 412 -12.98 61.13 1.34
N TYR D 413 -12.27 61.35 2.45
CA TYR D 413 -10.81 61.37 2.57
C TYR D 413 -10.34 59.99 3.04
N THR D 414 -10.86 58.88 2.51
CA THR D 414 -10.60 57.50 3.04
C THR D 414 -9.12 57.09 2.87
N TYR D 415 -8.46 57.26 1.68
CA TYR D 415 -7.02 56.90 1.45
C TYR D 415 -6.11 57.67 2.41
N PRO D 416 -6.13 59.02 2.46
CA PRO D 416 -5.38 59.75 3.49
C PRO D 416 -5.68 59.31 4.95
N VAL D 417 -6.98 59.23 5.33
CA VAL D 417 -7.57 58.70 6.64
C VAL D 417 -6.93 57.34 6.96
N CYS D 418 -7.20 56.38 6.09
CA CYS D 418 -6.91 54.95 6.30
C CYS D 418 -5.40 54.70 6.00
N SER D 419 -4.76 55.37 4.99
CA SER D 419 -3.30 55.29 4.69
C SER D 419 -2.47 55.79 5.87
N ALA D 420 -2.92 56.88 6.49
CA ALA D 420 -2.39 57.37 7.78
C ALA D 420 -2.68 56.39 8.93
N LEU D 421 -3.95 56.29 9.35
CA LEU D 421 -4.36 55.89 10.72
C LEU D 421 -4.38 54.36 10.87
N LEU D 422 -4.67 53.57 9.84
CA LEU D 422 -4.99 52.11 10.04
C LEU D 422 -3.79 51.41 10.67
N ASP D 423 -2.65 51.58 9.99
CA ASP D 423 -1.29 51.12 10.37
C ASP D 423 -1.06 51.38 11.86
N PRO D 424 -0.95 52.65 12.33
CA PRO D 424 -0.67 52.93 13.74
C PRO D 424 -1.66 52.34 14.76
N VAL D 425 -2.97 52.39 14.49
CA VAL D 425 -4.03 51.78 15.36
C VAL D 425 -3.61 50.33 15.60
N LEU D 426 -3.15 49.68 14.55
CA LEU D 426 -2.78 48.24 14.49
C LEU D 426 -1.30 48.03 14.81
N GLN D 427 -0.45 48.98 14.43
CA GLN D 427 0.99 49.03 14.80
C GLN D 427 1.15 49.67 16.19
N ALA D 428 0.05 50.05 16.84
CA ALA D 428 -0.02 50.20 18.32
C ALA D 428 -0.13 48.82 18.96
N PRO D 429 0.54 48.62 20.12
CA PRO D 429 0.25 47.50 21.01
C PRO D 429 -0.95 47.84 21.92
N GLY D 430 -1.56 46.83 22.55
CA GLY D 430 -2.77 46.99 23.39
C GLY D 430 -3.95 47.56 22.61
N THR D 431 -3.99 47.33 21.28
CA THR D 431 -5.15 47.50 20.36
C THR D 431 -6.24 46.49 20.83
N GLY D 432 -7.39 46.94 21.36
CA GLY D 432 -8.51 46.10 21.87
C GLY D 432 -9.80 46.22 21.04
N PRO D 433 -10.89 45.51 21.45
CA PRO D 433 -12.21 45.61 20.81
C PRO D 433 -12.64 47.03 20.44
N ALA D 434 -12.45 47.95 21.38
CA ALA D 434 -12.72 49.40 21.25
C ALA D 434 -12.14 50.00 19.96
N GLN D 435 -10.93 49.58 19.53
CA GLN D 435 -10.17 50.16 18.39
C GLN D 435 -10.65 49.54 17.07
N THR D 436 -10.75 48.23 17.07
CA THR D 436 -11.08 47.38 15.91
C THR D 436 -12.50 47.71 15.38
N GLU D 437 -13.46 48.00 16.28
CA GLU D 437 -14.93 48.13 15.99
C GLU D 437 -15.21 49.27 15.00
N LEU D 438 -14.31 50.25 14.89
CA LEU D 438 -14.46 51.45 14.03
C LEU D 438 -13.79 51.22 12.66
N LEU D 439 -12.66 50.52 12.64
CA LEU D 439 -11.99 50.04 11.40
C LEU D 439 -12.89 48.95 10.76
N CYS D 440 -13.69 48.23 11.61
CA CYS D 440 -14.84 47.32 11.24
C CYS D 440 -15.92 48.12 10.54
N CYS D 441 -16.37 49.16 11.19
CA CYS D 441 -17.31 50.10 10.58
C CYS D 441 -16.66 50.77 9.36
N LEU D 442 -15.35 51.13 9.33
CA LEU D 442 -14.65 51.75 8.16
C LEU D 442 -14.90 50.91 6.91
N VAL D 443 -14.52 49.63 6.99
CA VAL D 443 -14.63 48.67 5.86
C VAL D 443 -16.10 48.41 5.47
N LYS D 444 -17.08 48.56 6.38
CA LYS D 444 -18.48 48.07 6.25
C LYS D 444 -19.42 49.13 5.68
N MET D 445 -19.11 50.40 5.87
CA MET D 445 -19.74 51.54 5.16
C MET D 445 -19.92 51.23 3.65
N GLU D 446 -21.15 51.34 3.14
CA GLU D 446 -21.47 51.48 1.69
C GLU D 446 -20.53 52.47 0.96
N SER D 447 -20.31 53.62 1.60
CA SER D 447 -19.48 54.77 1.15
C SER D 447 -18.09 54.24 0.83
N LEU D 448 -17.54 53.30 1.61
CA LEU D 448 -16.23 52.72 1.28
C LEU D 448 -16.43 51.91 -0.02
N GLU D 449 -16.36 52.62 -1.16
CA GLU D 449 -16.59 52.18 -2.55
C GLU D 449 -15.59 51.11 -2.90
N PRO D 450 -15.88 50.33 -3.95
CA PRO D 450 -14.98 49.23 -4.35
C PRO D 450 -13.50 49.59 -4.51
N ASP D 451 -13.29 50.58 -5.36
CA ASP D 451 -12.01 51.28 -5.60
C ASP D 451 -11.25 51.54 -4.29
N ALA D 452 -11.94 52.10 -3.29
CA ALA D 452 -11.38 52.41 -1.95
C ALA D 452 -11.14 51.14 -1.11
N GLN D 453 -11.99 50.10 -1.21
CA GLN D 453 -11.78 48.78 -0.55
C GLN D 453 -10.53 48.12 -1.12
N VAL D 454 -10.30 48.35 -2.42
CA VAL D 454 -9.07 47.93 -3.15
C VAL D 454 -7.84 48.68 -2.60
N LEU D 455 -7.98 49.98 -2.34
CA LEU D 455 -6.87 50.82 -1.85
C LEU D 455 -6.59 50.44 -0.40
N MET D 456 -7.66 50.21 0.41
CA MET D 456 -7.64 49.58 1.78
C MET D 456 -6.81 48.28 1.71
N LEU D 457 -7.01 47.50 0.64
CA LEU D 457 -6.34 46.20 0.44
C LEU D 457 -4.83 46.42 0.29
N GLY D 458 -4.39 47.25 -0.66
CA GLY D 458 -2.99 47.69 -0.82
C GLY D 458 -2.38 48.09 0.52
N GLN D 459 -3.17 48.68 1.42
CA GLN D 459 -2.75 49.06 2.80
C GLN D 459 -2.87 47.88 3.81
N ILE D 460 -4.03 47.18 3.99
CA ILE D 460 -4.22 46.06 5.00
C ILE D 460 -3.10 45.01 4.78
N LEU D 461 -2.84 44.68 3.51
CA LEU D 461 -1.86 43.66 3.04
C LEU D 461 -0.39 44.07 3.28
N GLU D 462 -0.02 45.36 3.35
CA GLU D 462 1.38 45.85 3.50
C GLU D 462 1.82 45.79 4.97
N LEU D 463 0.86 45.62 5.87
CA LEU D 463 1.08 45.57 7.33
C LEU D 463 1.54 44.18 7.74
N PRO D 464 2.29 44.05 8.85
CA PRO D 464 2.45 42.76 9.53
C PRO D 464 1.09 42.19 9.92
N TRP D 465 0.89 40.92 9.58
CA TRP D 465 -0.38 40.23 9.84
C TRP D 465 -0.34 39.67 11.24
N LYS D 466 -1.35 40.07 12.00
CA LYS D 466 -1.69 39.48 13.30
C LYS D 466 -3.21 39.31 13.26
N GLU D 467 -3.76 38.78 14.35
CA GLU D 467 -5.21 38.57 14.54
C GLU D 467 -6.03 39.83 14.24
N GLU D 468 -5.51 41.02 14.57
CA GLU D 468 -6.24 42.31 14.47
C GLU D 468 -6.42 42.67 12.98
N THR D 469 -5.40 42.41 12.13
CA THR D 469 -5.45 42.60 10.65
C THR D 469 -6.51 41.71 10.00
N PHE D 470 -6.53 40.42 10.35
CA PHE D 470 -7.41 39.37 9.75
C PHE D 470 -8.90 39.75 9.87
N LEU D 471 -9.38 40.09 11.10
CA LEU D 471 -10.82 40.23 11.50
C LEU D 471 -11.46 41.33 10.65
N VAL D 472 -10.77 42.48 10.61
CA VAL D 472 -11.09 43.63 9.73
C VAL D 472 -11.01 43.15 8.29
N LEU D 473 -9.94 42.42 7.92
CA LEU D 473 -9.73 42.07 6.51
C LEU D 473 -10.83 41.09 6.06
N GLN D 474 -11.28 40.13 6.89
CA GLN D 474 -12.38 39.19 6.52
C GLN D 474 -13.60 40.01 6.05
N SER D 475 -13.89 41.11 6.77
CA SER D 475 -15.08 42.00 6.63
C SER D 475 -14.95 42.90 5.39
N LEU D 476 -13.73 43.29 4.99
CA LEU D 476 -13.39 43.91 3.68
C LEU D 476 -13.61 42.86 2.56
N LEU D 477 -13.00 41.67 2.70
CA LEU D 477 -13.11 40.53 1.74
C LEU D 477 -14.53 39.95 1.70
N GLU D 478 -15.33 40.11 2.78
CA GLU D 478 -16.77 39.73 2.91
C GLU D 478 -17.61 40.39 1.79
N ARG D 479 -17.23 41.56 1.28
CA ARG D 479 -18.01 42.23 0.20
C ARG D 479 -17.93 41.46 -1.13
N GLN D 480 -16.82 40.74 -1.37
CA GLN D 480 -16.22 40.45 -2.70
C GLN D 480 -15.66 41.76 -3.28
N VAL D 481 -14.62 42.25 -2.60
CA VAL D 481 -13.70 43.30 -3.11
C VAL D 481 -12.90 42.70 -4.29
N GLU D 482 -12.90 43.35 -5.46
CA GLU D 482 -12.16 42.88 -6.69
C GLU D 482 -10.67 42.66 -6.42
N MET D 483 -10.07 41.64 -7.04
CA MET D 483 -8.61 41.42 -6.92
C MET D 483 -7.98 41.15 -8.29
N THR D 484 -6.94 41.95 -8.61
CA THR D 484 -5.79 41.54 -9.47
C THR D 484 -5.21 40.29 -8.82
N PRO D 485 -4.99 39.20 -9.60
CA PRO D 485 -4.44 37.97 -9.02
C PRO D 485 -3.07 38.17 -8.33
N GLU D 486 -2.34 39.22 -8.76
CA GLU D 486 -1.09 39.79 -8.17
C GLU D 486 -1.23 39.91 -6.65
N LYS D 487 -2.27 40.61 -6.21
CA LYS D 487 -2.58 40.83 -4.78
C LYS D 487 -3.25 39.59 -4.16
N PHE D 488 -4.17 38.91 -4.86
CA PHE D 488 -4.91 37.72 -4.34
C PHE D 488 -3.91 36.65 -3.90
N SER D 489 -2.96 36.34 -4.76
CA SER D 489 -1.85 35.38 -4.53
C SER D 489 -1.09 35.76 -3.26
N VAL D 490 -0.76 37.04 -3.13
CA VAL D 490 0.01 37.60 -1.97
C VAL D 490 -0.86 37.40 -0.72
N LEU D 491 -2.16 37.76 -0.80
CA LEU D 491 -3.19 37.51 0.26
C LEU D 491 -3.13 36.03 0.63
N MET D 492 -3.11 35.16 -0.38
CA MET D 492 -3.06 33.69 -0.22
C MET D 492 -1.70 33.22 0.30
N GLU D 493 -0.59 33.58 -0.34
CA GLU D 493 0.80 33.47 0.20
C GLU D 493 0.81 33.87 1.69
N LYS D 494 0.41 35.12 1.98
CA LYS D 494 0.39 35.77 3.32
C LYS D 494 -0.54 35.00 4.26
N LEU D 495 -1.75 34.69 3.77
CA LEU D 495 -2.71 33.83 4.48
C LEU D 495 -1.97 32.54 4.84
N CYS D 496 -1.30 31.91 3.87
CA CYS D 496 -0.61 30.59 3.96
C CYS D 496 0.67 30.60 4.85
N LYS D 497 1.03 31.75 5.45
CA LYS D 497 2.09 31.91 6.48
C LYS D 497 1.49 32.42 7.80
N THR D 503 -1.52 31.37 12.44
CA THR D 503 -1.91 30.25 11.52
C THR D 503 -2.78 29.23 12.31
N THR D 504 -2.54 29.06 13.62
CA THR D 504 -3.40 28.27 14.55
C THR D 504 -4.82 28.85 14.78
N SER D 505 -5.18 30.07 14.30
CA SER D 505 -6.22 31.00 14.90
C SER D 505 -7.66 30.78 14.36
N MET D 506 -8.67 30.92 15.25
CA MET D 506 -10.14 30.84 14.94
C MET D 506 -10.51 31.92 13.92
N ALA D 507 -10.03 33.13 14.17
CA ALA D 507 -10.17 34.28 13.26
C ALA D 507 -9.74 33.86 11.85
N TYR D 508 -8.50 33.39 11.77
CA TYR D 508 -7.80 33.03 10.51
C TYR D 508 -8.57 31.88 9.85
N ALA D 509 -9.13 30.95 10.64
CA ALA D 509 -9.89 29.79 10.13
C ALA D 509 -11.02 30.32 9.25
N LYS D 510 -11.84 31.16 9.87
CA LYS D 510 -13.04 31.77 9.26
C LYS D 510 -12.59 32.63 8.07
N LEU D 511 -11.50 33.41 8.22
CA LEU D 511 -10.91 34.26 7.12
C LEU D 511 -10.68 33.37 5.90
N MET D 512 -9.88 32.31 6.06
CA MET D 512 -9.52 31.39 4.95
C MET D 512 -10.76 30.82 4.27
N LEU D 513 -11.69 30.34 5.10
CA LEU D 513 -13.01 29.76 4.72
C LEU D 513 -13.78 30.70 3.80
N THR D 514 -13.93 31.95 4.25
CA THR D 514 -14.72 33.01 3.56
C THR D 514 -14.04 33.38 2.22
N VAL D 515 -12.69 33.43 2.19
CA VAL D 515 -11.89 33.67 0.95
C VAL D 515 -12.26 32.59 -0.07
N MET D 516 -12.12 31.33 0.36
CA MET D 516 -12.30 30.15 -0.50
C MET D 516 -13.74 29.96 -0.97
N THR D 517 -14.77 30.62 -0.37
CA THR D 517 -16.18 30.60 -0.91
C THR D 517 -16.38 31.74 -1.92
N LYS D 518 -15.83 32.92 -1.65
CA LYS D 518 -16.06 34.09 -2.53
C LYS D 518 -15.03 34.09 -3.67
N TYR D 519 -13.81 33.67 -3.39
CA TYR D 519 -12.68 33.68 -4.35
C TYR D 519 -12.12 32.28 -4.54
N GLN D 520 -12.99 31.26 -4.37
CA GLN D 520 -13.04 30.00 -5.17
C GLN D 520 -12.64 30.27 -6.63
N ALA D 521 -13.27 31.33 -7.14
CA ALA D 521 -13.23 31.82 -8.52
C ALA D 521 -11.77 32.17 -8.81
N ASN D 522 -11.06 32.69 -7.81
CA ASN D 522 -9.65 33.15 -7.91
C ASN D 522 -8.69 32.03 -7.45
N ILE D 523 -9.18 30.88 -7.01
CA ILE D 523 -8.28 29.80 -6.51
C ILE D 523 -7.75 29.00 -7.71
N THR D 524 -6.43 29.12 -7.92
CA THR D 524 -5.59 28.33 -8.87
C THR D 524 -5.34 26.96 -8.23
N GLU D 525 -4.78 26.06 -9.02
CA GLU D 525 -4.22 24.82 -8.48
C GLU D 525 -3.19 25.12 -7.37
N THR D 526 -2.21 26.00 -7.63
CA THR D 526 -1.06 26.34 -6.72
C THR D 526 -1.58 26.98 -5.42
N GLN D 527 -2.66 27.75 -5.50
CA GLN D 527 -3.20 28.49 -4.33
C GLN D 527 -3.93 27.46 -3.44
N ARG D 528 -4.61 26.48 -4.06
CA ARG D 528 -5.29 25.33 -3.40
C ARG D 528 -4.28 24.42 -2.67
N LEU D 529 -3.04 24.32 -3.18
CA LEU D 529 -1.87 23.69 -2.50
C LEU D 529 -1.48 24.49 -1.27
N GLY D 530 -1.31 25.81 -1.44
CA GLY D 530 -1.13 26.75 -0.32
C GLY D 530 -2.22 26.55 0.75
N LEU D 531 -3.47 26.35 0.35
CA LEU D 531 -4.62 26.17 1.29
C LEU D 531 -4.55 24.78 1.95
N ALA D 532 -4.17 23.74 1.20
CA ALA D 532 -3.81 22.41 1.74
C ALA D 532 -2.71 22.53 2.83
N MET D 533 -1.67 23.34 2.56
CA MET D 533 -0.60 23.70 3.54
C MET D 533 -1.23 24.40 4.74
N ALA D 534 -2.05 25.41 4.49
CA ALA D 534 -2.53 26.34 5.52
C ALA D 534 -3.51 25.63 6.48
N LEU D 535 -4.16 24.54 6.02
CA LEU D 535 -5.17 23.74 6.77
C LEU D 535 -4.56 22.55 7.46
N GLU D 536 -3.34 22.18 7.06
CA GLU D 536 -2.51 21.21 7.82
C GLU D 536 -2.85 21.22 9.31
N PRO D 537 -2.90 22.39 10.01
CA PRO D 537 -3.21 22.36 11.43
C PRO D 537 -4.50 21.60 11.81
N ASN D 538 -4.42 21.02 13.00
CA ASN D 538 -5.43 20.22 13.73
C ASN D 538 -5.95 21.00 14.98
N THR D 539 -5.32 22.16 15.31
CA THR D 539 -5.83 23.30 16.15
C THR D 539 -6.96 23.99 15.41
N THR D 540 -6.85 24.05 14.08
CA THR D 540 -7.90 24.55 13.17
C THR D 540 -9.24 23.98 13.67
N PHE D 541 -10.19 24.83 14.07
CA PHE D 541 -11.58 24.44 14.42
C PHE D 541 -12.27 24.39 13.06
N LEU D 542 -13.41 23.71 12.92
CA LEU D 542 -14.21 23.79 11.68
C LEU D 542 -13.39 23.22 10.49
N ARG D 543 -12.40 22.37 10.78
CA ARG D 543 -11.45 21.83 9.76
C ARG D 543 -12.26 21.13 8.68
N LYS D 544 -13.31 20.39 9.09
CA LYS D 544 -14.17 19.56 8.22
C LYS D 544 -14.78 20.42 7.12
N SER D 545 -15.41 21.51 7.54
CA SER D 545 -15.85 22.68 6.72
C SER D 545 -14.77 23.14 5.74
N LEU D 546 -13.59 23.48 6.26
CA LEU D 546 -12.48 24.13 5.49
C LEU D 546 -11.95 23.19 4.42
N LYS D 547 -11.71 21.94 4.82
CA LYS D 547 -11.19 20.88 3.94
C LYS D 547 -12.32 20.46 2.99
N ALA D 548 -13.59 20.37 3.43
CA ALA D 548 -14.78 20.10 2.56
C ALA D 548 -14.87 21.16 1.45
N ALA D 549 -14.80 22.46 1.80
CA ALA D 549 -14.67 23.60 0.86
C ALA D 549 -13.42 23.42 -0.02
N LEU D 550 -12.25 23.13 0.58
CA LEU D 550 -10.97 22.90 -0.16
C LEU D 550 -11.16 21.73 -1.14
N LYS D 551 -11.56 20.57 -0.63
CA LYS D 551 -11.71 19.34 -1.44
C LYS D 551 -12.71 19.60 -2.58
N HIS D 552 -13.73 20.40 -2.30
CA HIS D 552 -14.81 20.82 -3.24
C HIS D 552 -14.22 21.66 -4.40
N LEU D 553 -13.09 22.37 -4.22
CA LEU D 553 -12.36 23.11 -5.30
C LEU D 553 -11.58 22.15 -6.22
N GLY D 554 -11.18 20.96 -5.73
CA GLY D 554 -10.13 20.10 -6.30
C GLY D 554 -10.53 19.43 -7.60
N MET E 26 111.86 -48.81 88.21
CA MET E 26 111.32 -49.62 87.06
C MET E 26 109.99 -50.31 87.45
N GLU E 27 110.01 -51.20 88.47
CA GLU E 27 108.80 -51.83 89.12
C GLU E 27 107.93 -50.76 89.80
N SER E 28 108.51 -49.64 90.28
CA SER E 28 107.80 -48.45 90.82
C SER E 28 106.73 -47.92 89.84
N LEU E 29 106.94 -48.06 88.52
CA LEU E 29 106.09 -47.53 87.42
C LEU E 29 104.94 -48.48 87.07
N LEU E 30 105.14 -49.80 87.15
CA LEU E 30 104.09 -50.85 86.94
C LEU E 30 102.90 -50.55 87.85
N GLN E 31 103.11 -50.53 89.17
CA GLN E 31 102.03 -50.35 90.19
C GLN E 31 101.28 -49.02 89.93
N HIS E 32 102.02 -47.99 89.50
CA HIS E 32 101.49 -46.64 89.17
C HIS E 32 100.58 -46.74 87.94
N LEU E 33 101.12 -47.33 86.88
CA LEU E 33 100.55 -47.29 85.52
C LEU E 33 99.32 -48.18 85.41
N ASP E 34 99.40 -49.40 85.94
CA ASP E 34 98.29 -50.39 85.92
C ASP E 34 97.10 -49.85 86.74
N ARG E 35 97.33 -49.26 87.92
CA ARG E 35 96.24 -48.67 88.76
C ARG E 35 95.65 -47.46 87.99
N PHE E 36 96.51 -46.66 87.34
CA PHE E 36 96.07 -45.57 86.43
C PHE E 36 95.25 -46.14 85.27
N SER E 37 95.69 -47.23 84.67
CA SER E 37 94.95 -47.91 83.57
C SER E 37 93.53 -48.23 84.05
N GLU E 38 93.38 -48.80 85.26
CA GLU E 38 92.06 -49.19 85.87
C GLU E 38 91.21 -47.94 86.00
N LEU E 39 91.77 -46.91 86.61
CA LEU E 39 91.14 -45.57 86.81
C LEU E 39 90.65 -45.03 85.47
N LEU E 40 91.51 -45.05 84.45
CA LEU E 40 91.21 -44.56 83.07
C LEU E 40 90.01 -45.36 82.53
N ALA E 41 90.04 -46.70 82.62
CA ALA E 41 89.04 -47.65 82.07
C ALA E 41 87.65 -47.39 82.67
N VAL E 42 87.62 -47.16 83.97
CA VAL E 42 86.37 -46.89 84.72
C VAL E 42 85.94 -45.44 84.52
N SER E 43 86.82 -44.55 84.06
CA SER E 43 86.53 -43.10 83.88
C SER E 43 85.26 -42.88 83.05
N SER E 44 85.18 -43.51 81.88
CA SER E 44 84.08 -43.31 80.90
C SER E 44 82.84 -44.11 81.30
N THR E 45 82.95 -45.00 82.32
CA THR E 45 81.85 -45.85 82.89
C THR E 45 81.09 -45.03 83.95
N THR E 46 79.75 -45.14 84.01
CA THR E 46 78.83 -44.08 84.52
C THR E 46 78.58 -44.19 86.03
N TYR E 47 79.47 -44.86 86.79
CA TYR E 47 79.41 -45.05 88.25
C TYR E 47 79.98 -43.80 88.97
N VAL E 48 80.38 -42.79 88.21
CA VAL E 48 80.93 -41.50 88.72
C VAL E 48 79.86 -40.82 89.59
N SER E 49 79.90 -41.08 90.88
CA SER E 49 79.17 -40.35 91.94
C SER E 49 80.15 -39.99 93.05
N THR E 50 80.92 -41.00 93.53
CA THR E 50 82.03 -40.97 94.52
C THR E 50 83.11 -39.92 94.23
N TRP E 51 83.28 -39.57 92.96
CA TRP E 51 84.44 -38.76 92.50
C TRP E 51 84.34 -37.35 93.10
N ASP E 52 85.48 -36.69 93.25
CA ASP E 52 85.62 -35.32 93.77
C ASP E 52 86.85 -34.65 93.13
N PRO E 53 87.07 -33.34 93.38
CA PRO E 53 88.36 -32.69 93.09
C PRO E 53 89.65 -33.47 93.45
N ALA E 54 89.64 -34.21 94.56
CA ALA E 54 90.78 -35.07 94.99
C ALA E 54 91.10 -36.10 93.91
N THR E 55 90.08 -36.84 93.45
CA THR E 55 90.23 -37.86 92.39
C THR E 55 90.77 -37.19 91.12
N VAL E 56 90.23 -36.04 90.74
CA VAL E 56 90.60 -35.34 89.47
C VAL E 56 92.07 -34.91 89.57
N ARG E 57 92.45 -34.28 90.68
CA ARG E 57 93.82 -33.82 90.97
C ARG E 57 94.79 -34.99 90.88
N ARG E 58 94.44 -36.08 91.58
CA ARG E 58 95.24 -37.33 91.64
C ARG E 58 95.45 -37.85 90.20
N ALA E 59 94.37 -37.93 89.42
CA ALA E 59 94.38 -38.44 88.02
C ALA E 59 95.42 -37.64 87.26
N LEU E 60 95.26 -36.33 87.29
CA LEU E 60 96.00 -35.42 86.40
C LEU E 60 97.47 -35.39 86.83
N GLN E 61 97.78 -35.50 88.13
CA GLN E 61 99.20 -35.48 88.56
C GLN E 61 99.85 -36.82 88.14
N TRP E 62 99.12 -37.95 88.21
CA TRP E 62 99.62 -39.26 87.73
C TRP E 62 99.94 -39.12 86.24
N ALA E 63 99.04 -38.51 85.48
CA ALA E 63 99.15 -38.31 84.02
C ALA E 63 100.34 -37.41 83.67
N ARG E 64 100.53 -36.32 84.41
CA ARG E 64 101.74 -35.47 84.26
C ARG E 64 102.98 -36.33 84.46
N TYR E 65 102.96 -37.22 85.45
CA TYR E 65 104.14 -38.07 85.77
C TYR E 65 104.47 -38.96 84.57
N LEU E 66 103.45 -39.57 83.98
CA LEU E 66 103.56 -40.46 82.79
C LEU E 66 104.12 -39.66 81.63
N ARG E 67 103.55 -38.48 81.41
CA ARG E 67 103.97 -37.52 80.37
C ARG E 67 105.46 -37.15 80.56
N HIS E 68 105.92 -37.06 81.81
CA HIS E 68 107.35 -36.79 82.13
C HIS E 68 108.17 -38.05 81.88
N ILE E 69 107.65 -39.24 82.23
CA ILE E 69 108.25 -40.57 81.94
C ILE E 69 108.50 -40.68 80.44
N HIS E 70 107.42 -40.55 79.65
CA HIS E 70 107.41 -40.54 78.16
C HIS E 70 108.54 -39.65 77.62
N ARG E 71 108.75 -38.49 78.25
CA ARG E 71 109.75 -37.47 77.87
C ARG E 71 111.17 -37.95 78.18
N ARG E 72 111.39 -38.36 79.42
CA ARG E 72 112.74 -38.45 80.08
C ARG E 72 113.45 -39.69 79.54
N PHE E 73 112.89 -40.85 79.90
CA PHE E 73 113.48 -42.21 79.77
C PHE E 73 112.51 -43.09 78.96
N GLY E 74 111.78 -42.46 78.02
CA GLY E 74 110.91 -43.14 77.06
C GLY E 74 111.73 -43.76 75.94
N ARG E 75 112.77 -43.07 75.48
CA ARG E 75 113.55 -43.57 74.32
C ARG E 75 114.78 -44.33 74.80
N HIS E 76 114.99 -45.51 74.18
CA HIS E 76 116.12 -46.46 74.31
C HIS E 76 116.25 -46.83 75.78
N GLY E 77 115.21 -47.54 76.25
CA GLY E 77 115.12 -48.15 77.58
C GLY E 77 114.75 -49.62 77.44
N PRO E 78 115.23 -50.51 78.35
CA PRO E 78 114.56 -51.77 78.61
C PRO E 78 113.23 -51.56 79.35
N ILE E 79 113.15 -50.43 80.07
CA ILE E 79 111.91 -49.91 80.74
C ILE E 79 110.86 -49.71 79.64
N ARG E 80 111.24 -49.09 78.50
CA ARG E 80 110.42 -48.90 77.27
C ARG E 80 109.69 -50.20 76.88
N THR E 81 110.48 -51.24 76.65
CA THR E 81 110.02 -52.56 76.13
C THR E 81 109.19 -53.26 77.23
N ALA E 82 109.59 -53.14 78.51
CA ALA E 82 108.85 -53.71 79.67
C ALA E 82 107.44 -53.11 79.73
N LEU E 83 107.33 -51.79 79.59
CA LEU E 83 106.03 -51.07 79.63
C LEU E 83 105.14 -51.57 78.49
N GLU E 84 105.69 -51.68 77.27
CA GLU E 84 104.93 -52.18 76.10
C GLU E 84 104.41 -53.58 76.39
N ARG E 85 105.25 -54.46 76.94
CA ARG E 85 104.86 -55.85 77.30
C ARG E 85 103.65 -55.81 78.23
N ARG E 86 103.69 -54.96 79.26
CA ARG E 86 102.55 -54.80 80.20
C ARG E 86 101.32 -54.31 79.41
N LEU E 87 101.50 -53.27 78.57
CA LEU E 87 100.45 -52.67 77.68
C LEU E 87 99.80 -53.75 76.81
N HIS E 88 100.58 -54.40 75.96
CA HIS E 88 100.07 -55.28 74.87
C HIS E 88 99.52 -56.54 75.52
N ASN E 89 100.12 -57.00 76.62
CA ASN E 89 99.58 -58.13 77.42
C ASN E 89 98.23 -57.72 78.02
N GLN E 90 98.08 -56.47 78.51
CA GLN E 90 96.77 -55.90 78.94
C GLN E 90 95.78 -56.03 77.79
N TRP E 91 96.15 -55.55 76.59
CA TRP E 91 95.22 -55.46 75.43
C TRP E 91 94.85 -56.84 74.88
N ARG E 92 95.63 -57.91 75.18
CA ARG E 92 95.31 -59.31 74.76
C ARG E 92 94.53 -60.09 75.83
N GLN E 93 94.80 -59.86 77.13
CA GLN E 93 94.06 -60.52 78.25
C GLN E 93 92.63 -59.97 78.33
N GLU E 94 92.40 -58.68 78.03
CA GLU E 94 91.05 -58.10 77.84
C GLU E 94 90.44 -58.61 76.53
N GLY E 95 91.20 -58.65 75.42
CA GLY E 95 90.82 -59.31 74.14
C GLY E 95 90.28 -58.37 73.06
N GLY E 96 89.34 -57.48 73.39
CA GLY E 96 88.32 -56.93 72.46
C GLY E 96 87.09 -57.82 72.45
N PHE E 97 86.92 -58.60 73.53
CA PHE E 97 86.00 -59.75 73.69
C PHE E 97 85.41 -59.79 75.12
N GLY E 98 84.07 -59.83 75.21
CA GLY E 98 83.29 -60.39 76.35
C GLY E 98 82.75 -59.33 77.30
N ARG E 99 83.45 -59.11 78.41
CA ARG E 99 83.13 -58.13 79.51
C ARG E 99 82.96 -56.71 78.96
N GLY E 100 83.86 -56.28 78.06
CA GLY E 100 83.79 -54.99 77.35
C GLY E 100 84.93 -54.83 76.32
N PRO E 101 84.67 -54.27 75.10
CA PRO E 101 85.75 -53.96 74.16
C PRO E 101 86.31 -52.54 74.44
N VAL E 102 86.91 -52.37 75.62
CA VAL E 102 87.49 -51.06 76.08
C VAL E 102 88.65 -50.72 75.17
N PRO E 103 88.76 -49.49 74.58
CA PRO E 103 89.99 -49.09 73.90
C PRO E 103 91.19 -49.16 74.86
N GLY E 104 91.17 -48.33 75.90
CA GLY E 104 92.35 -48.00 76.71
C GLY E 104 93.29 -47.09 75.93
N LEU E 105 94.34 -46.62 76.61
CA LEU E 105 95.44 -45.86 75.98
C LEU E 105 96.25 -46.85 75.12
N ALA E 106 96.40 -46.54 73.84
CA ALA E 106 96.58 -47.54 72.77
C ALA E 106 97.97 -48.18 72.78
N ASN E 107 98.98 -47.50 73.33
CA ASN E 107 100.37 -47.82 72.95
C ASN E 107 101.36 -46.83 73.54
N PHE E 108 102.64 -47.09 73.31
CA PHE E 108 103.78 -46.28 73.78
C PHE E 108 103.56 -44.77 73.61
N GLN E 109 102.99 -44.32 72.50
CA GLN E 109 102.84 -42.85 72.27
C GLN E 109 101.73 -42.31 73.16
N ALA E 110 100.73 -43.14 73.52
CA ALA E 110 99.51 -42.72 74.27
C ALA E 110 99.83 -42.35 75.73
N LEU E 111 101.01 -42.70 76.24
CA LEU E 111 101.54 -42.22 77.54
C LEU E 111 101.65 -40.69 77.51
N GLY E 112 102.11 -40.12 76.38
CA GLY E 112 102.34 -38.68 76.17
C GLY E 112 101.10 -37.78 76.25
N HIS E 113 99.88 -38.31 76.07
CA HIS E 113 98.64 -37.49 76.05
C HIS E 113 97.48 -38.23 76.73
N CYS E 114 97.80 -39.07 77.73
CA CYS E 114 96.86 -39.87 78.57
C CYS E 114 95.82 -38.96 79.24
N ASP E 115 96.35 -37.95 79.91
CA ASP E 115 95.70 -36.73 80.46
C ASP E 115 94.46 -36.34 79.63
N VAL E 116 94.70 -36.10 78.34
CA VAL E 116 93.71 -35.49 77.43
C VAL E 116 92.63 -36.51 77.14
N LEU E 117 93.03 -37.77 76.95
CA LEU E 117 92.07 -38.89 76.73
C LEU E 117 91.12 -38.88 77.91
N LEU E 118 91.71 -38.91 79.10
CA LEU E 118 91.02 -38.83 80.39
C LEU E 118 90.07 -37.61 80.39
N SER E 119 90.61 -36.44 80.09
CA SER E 119 89.87 -35.15 80.07
C SER E 119 88.62 -35.27 79.19
N LEU E 120 88.80 -35.65 77.92
CA LEU E 120 87.74 -35.81 76.89
C LEU E 120 86.63 -36.73 77.44
N ARG E 121 87.02 -37.91 77.94
CA ARG E 121 86.07 -38.97 78.40
C ARG E 121 85.21 -38.45 79.57
N LEU E 122 85.80 -37.77 80.58
CA LEU E 122 85.07 -37.32 81.82
C LEU E 122 83.95 -36.32 81.49
N LEU E 123 84.12 -35.59 80.39
CA LEU E 123 83.19 -34.54 79.93
C LEU E 123 81.97 -35.21 79.28
N GLU E 124 82.24 -36.23 78.48
CA GLU E 124 81.18 -37.06 77.85
C GLU E 124 80.33 -37.67 78.95
N ASN E 125 80.98 -38.12 80.03
CA ASN E 125 80.34 -38.78 81.20
C ASN E 125 79.37 -37.80 81.87
N ARG E 126 78.07 -38.04 81.69
CA ARG E 126 76.94 -37.22 82.23
C ARG E 126 76.84 -37.34 83.76
N ALA E 127 77.20 -38.49 84.38
CA ALA E 127 77.13 -38.80 85.84
C ALA E 127 78.11 -37.94 86.67
N LEU E 128 79.11 -37.30 86.03
CA LEU E 128 80.05 -36.25 86.56
C LEU E 128 79.23 -35.29 87.46
N GLY E 129 79.49 -35.33 88.78
CA GLY E 129 78.97 -34.35 89.76
C GLY E 129 79.49 -32.95 89.48
N ASP E 130 78.71 -31.95 89.90
CA ASP E 130 78.74 -30.59 89.33
C ASP E 130 79.98 -29.85 89.86
N ALA E 131 80.27 -30.00 91.16
CA ALA E 131 81.46 -29.46 91.87
C ALA E 131 82.75 -29.94 91.20
N ALA E 132 82.87 -31.25 90.91
CA ALA E 132 84.04 -31.84 90.23
C ALA E 132 84.21 -31.22 88.83
N ARG E 133 83.12 -31.07 88.06
CA ARG E 133 83.14 -30.48 86.68
C ARG E 133 83.68 -29.04 86.73
N TYR E 134 83.21 -28.20 87.66
CA TYR E 134 83.70 -26.80 87.80
C TYR E 134 85.21 -26.81 88.10
N HIS E 135 85.65 -27.56 89.11
CA HIS E 135 87.08 -27.57 89.55
C HIS E 135 87.93 -28.11 88.41
N LEU E 136 87.48 -29.19 87.79
CA LEU E 136 88.08 -29.79 86.58
C LEU E 136 88.33 -28.67 85.57
N VAL E 137 87.27 -28.10 85.01
CA VAL E 137 87.34 -27.13 83.88
C VAL E 137 88.23 -25.95 84.27
N GLN E 138 88.14 -25.53 85.53
CA GLN E 138 88.99 -24.46 86.11
C GLN E 138 90.47 -24.89 86.04
N GLN E 139 90.78 -26.17 86.24
CA GLN E 139 92.16 -26.71 86.30
C GLN E 139 92.69 -26.94 84.88
N LEU E 140 91.80 -27.28 83.96
CA LEU E 140 92.11 -27.51 82.53
C LEU E 140 92.41 -26.17 81.86
N PHE E 141 91.47 -25.24 81.99
CA PHE E 141 91.52 -23.87 81.39
C PHE E 141 91.41 -22.89 82.53
N PRO E 142 92.53 -22.65 83.27
CA PRO E 142 92.63 -21.44 84.08
C PRO E 142 92.07 -20.19 83.36
N GLY E 143 92.56 -19.91 82.16
CA GLY E 143 92.57 -18.54 81.65
C GLY E 143 93.89 -18.30 80.93
N PRO E 144 94.19 -17.02 80.66
CA PRO E 144 95.55 -16.52 80.43
C PRO E 144 96.34 -16.00 81.64
N GLY E 145 95.99 -16.48 82.84
CA GLY E 145 96.71 -16.22 84.11
C GLY E 145 98.08 -16.89 84.16
N VAL E 146 98.21 -18.05 83.51
CA VAL E 146 99.50 -18.77 83.27
C VAL E 146 99.76 -18.84 81.75
N ARG E 147 99.56 -17.72 81.03
CA ARG E 147 99.90 -17.52 79.58
C ARG E 147 101.39 -17.80 79.37
N ASP E 148 102.20 -17.39 80.34
CA ASP E 148 103.63 -17.75 80.49
C ASP E 148 103.68 -19.12 81.20
N ALA E 149 103.74 -20.19 80.40
CA ALA E 149 103.90 -21.60 80.83
C ALA E 149 104.96 -22.24 79.94
N ASP E 150 106.01 -22.79 80.57
CA ASP E 150 107.29 -23.21 79.93
C ASP E 150 107.04 -24.55 79.23
N GLU E 151 106.38 -25.50 79.93
CA GLU E 151 105.80 -26.76 79.40
C GLU E 151 104.46 -26.43 78.70
N GLU E 152 104.22 -27.03 77.55
CA GLU E 152 102.89 -26.99 76.89
C GLU E 152 101.89 -27.66 77.88
N THR E 153 101.09 -26.86 78.60
CA THR E 153 100.04 -27.35 79.54
C THR E 153 98.85 -27.94 78.76
N LEU E 154 97.86 -28.38 79.51
CA LEU E 154 96.79 -29.25 78.97
C LEU E 154 95.86 -28.41 78.12
N GLN E 155 95.52 -27.25 78.67
CA GLN E 155 94.85 -26.12 77.97
C GLN E 155 95.25 -26.08 76.47
N GLU E 156 96.56 -26.09 76.09
CA GLU E 156 97.09 -25.73 74.73
C GLU E 156 96.97 -26.88 73.73
N SER E 157 97.32 -28.08 74.17
CA SER E 157 96.97 -29.35 73.51
C SER E 157 95.48 -29.38 73.19
N LEU E 158 94.58 -29.03 74.12
CA LEU E 158 93.12 -29.09 73.86
C LEU E 158 92.67 -28.11 72.79
N ALA E 159 93.24 -26.91 72.77
CA ALA E 159 93.02 -25.96 71.66
C ALA E 159 93.46 -26.59 70.34
N ARG E 160 94.69 -27.07 70.34
CA ARG E 160 95.35 -27.68 69.17
C ARG E 160 94.46 -28.77 68.55
N LEU E 161 93.95 -29.61 69.40
CA LEU E 161 93.01 -30.66 69.02
C LEU E 161 91.91 -30.04 68.18
N ALA E 162 91.08 -29.20 68.80
CA ALA E 162 89.79 -28.71 68.23
C ALA E 162 90.12 -28.13 66.88
N ARG E 163 91.28 -27.48 66.85
CA ARG E 163 91.85 -26.80 65.66
C ARG E 163 92.12 -27.78 64.52
N ARG E 164 93.03 -28.74 64.70
CA ARG E 164 93.28 -29.82 63.70
C ARG E 164 91.93 -30.39 63.33
N ARG E 165 91.14 -30.58 64.38
CA ARG E 165 89.86 -31.32 64.35
C ARG E 165 88.91 -30.56 63.43
N SER E 166 88.65 -29.29 63.73
CA SER E 166 87.81 -28.46 62.84
C SER E 166 88.51 -28.36 61.49
N ALA E 167 89.83 -28.29 61.50
CA ALA E 167 90.66 -28.31 60.28
C ALA E 167 90.29 -29.49 59.40
N VAL E 168 90.25 -30.68 59.97
CA VAL E 168 90.01 -31.91 59.19
C VAL E 168 88.58 -31.90 58.64
N HIS E 169 87.60 -31.42 59.37
CA HIS E 169 86.26 -31.16 58.82
C HIS E 169 86.33 -30.45 57.45
N MET E 170 87.07 -29.37 57.45
CA MET E 170 86.99 -28.38 56.36
C MET E 170 87.63 -28.92 55.10
N LEU E 171 88.75 -29.59 55.25
CA LEU E 171 89.41 -30.24 54.09
C LEU E 171 88.45 -31.27 53.49
N ARG E 172 87.95 -32.16 54.35
CA ARG E 172 87.06 -33.31 53.99
C ARG E 172 85.90 -32.78 53.14
N PHE E 173 85.27 -31.66 53.50
CA PHE E 173 84.04 -31.22 52.81
C PHE E 173 84.30 -30.06 51.86
N ASN E 174 85.55 -29.77 51.52
CA ASN E 174 85.91 -28.62 50.65
C ASN E 174 87.25 -28.93 50.04
N GLY E 175 87.33 -30.03 49.31
CA GLY E 175 88.58 -30.36 48.61
C GLY E 175 89.07 -31.77 48.82
N TYR E 176 88.39 -32.58 49.62
CA TYR E 176 88.71 -34.03 49.64
C TYR E 176 87.92 -34.71 48.53
N ARG E 177 88.58 -35.67 47.86
CA ARG E 177 87.93 -36.63 46.94
C ARG E 177 88.59 -38.00 47.12
N GLU E 178 87.77 -39.07 47.00
CA GLU E 178 88.25 -40.45 46.79
C GLU E 178 89.01 -40.44 45.47
N ASN E 179 90.31 -40.42 45.58
CA ASN E 179 91.19 -40.94 44.52
C ASN E 179 90.61 -42.29 44.10
N PRO E 180 90.64 -42.65 42.79
CA PRO E 180 90.24 -43.98 42.36
C PRO E 180 91.27 -45.07 42.70
N ASN E 181 92.55 -44.70 42.58
CA ASN E 181 93.71 -45.57 42.91
C ASN E 181 93.83 -45.59 44.43
N LEU E 182 92.96 -46.36 45.14
CA LEU E 182 92.79 -46.45 46.64
C LEU E 182 94.16 -46.31 47.37
N GLN E 183 95.23 -46.91 46.81
CA GLN E 183 96.67 -46.71 47.14
C GLN E 183 97.04 -45.25 47.34
N GLU E 184 96.49 -44.34 46.50
CA GLU E 184 96.74 -42.85 46.50
C GLU E 184 95.58 -42.01 47.10
N ASP E 185 94.75 -42.68 47.90
CA ASP E 185 93.86 -42.08 48.92
C ASP E 185 94.57 -42.11 50.26
N SER E 186 93.90 -41.48 51.16
CA SER E 186 94.43 -40.89 52.37
C SER E 186 93.83 -41.65 53.53
N LEU E 187 92.51 -41.86 53.56
CA LEU E 187 91.79 -42.50 54.71
C LEU E 187 92.27 -43.93 54.76
N MET E 188 92.10 -44.60 53.63
CA MET E 188 92.51 -45.99 53.42
C MET E 188 93.99 -46.11 53.81
N LYS E 189 94.76 -45.15 53.27
CA LYS E 189 96.23 -45.19 53.29
C LYS E 189 96.69 -45.09 54.71
N THR E 190 95.91 -44.35 55.48
CA THR E 190 96.14 -44.15 56.92
C THR E 190 95.63 -45.32 57.77
N GLN E 191 94.38 -45.78 57.59
CA GLN E 191 93.81 -46.97 58.30
C GLN E 191 94.69 -48.19 58.17
N ALA E 192 95.27 -48.39 56.98
CA ALA E 192 96.33 -49.40 56.74
C ALA E 192 97.45 -49.28 57.77
N GLU E 193 97.97 -48.08 57.89
CA GLU E 193 99.13 -47.78 58.74
C GLU E 193 98.73 -48.04 60.19
N LEU E 194 97.47 -47.81 60.60
CA LEU E 194 96.98 -48.15 61.99
C LEU E 194 97.04 -49.68 62.20
N LEU E 195 96.58 -50.43 61.20
CA LEU E 195 96.67 -51.92 61.10
C LEU E 195 98.13 -52.40 61.13
N LEU E 196 99.02 -51.86 60.29
CA LEU E 196 100.46 -52.27 60.25
C LEU E 196 101.11 -52.09 61.62
N GLU E 197 100.88 -50.96 62.27
CA GLU E 197 101.48 -50.68 63.60
C GLU E 197 100.92 -51.68 64.61
N ARG E 198 99.62 -51.93 64.53
CA ARG E 198 98.88 -52.81 65.44
C ARG E 198 99.24 -54.30 65.28
N LEU E 199 99.86 -54.71 64.15
CA LEU E 199 100.45 -56.06 63.95
C LEU E 199 101.96 -56.10 64.22
N GLN E 200 102.71 -55.02 63.96
CA GLN E 200 104.15 -54.90 64.32
C GLN E 200 104.34 -55.18 65.81
N GLU E 201 103.45 -54.63 66.67
CA GLU E 201 103.40 -54.86 68.17
C GLU E 201 103.08 -56.32 68.52
N VAL E 202 102.04 -56.90 67.91
CA VAL E 202 101.61 -58.31 68.14
C VAL E 202 102.73 -59.27 67.70
N GLY E 203 103.46 -58.97 66.61
CA GLY E 203 104.61 -59.74 66.12
C GLY E 203 105.74 -59.82 67.13
N LYS E 204 106.18 -58.66 67.63
CA LYS E 204 107.17 -58.56 68.73
C LYS E 204 106.68 -59.36 69.95
N ALA E 205 105.39 -59.24 70.31
CA ALA E 205 104.80 -59.88 71.51
C ALA E 205 104.90 -61.42 71.36
N GLU E 206 104.48 -61.95 70.21
CA GLU E 206 104.49 -63.40 69.81
C GLU E 206 103.60 -64.25 70.74
N ALA E 207 102.66 -63.63 71.48
CA ALA E 207 101.72 -64.31 72.41
C ALA E 207 100.63 -65.01 71.58
N GLU E 208 99.90 -64.25 70.72
CA GLU E 208 98.92 -64.74 69.71
C GLU E 208 99.47 -64.42 68.29
N ARG E 209 99.16 -65.28 67.33
CA ARG E 209 99.61 -65.12 65.92
C ARG E 209 98.65 -64.12 65.26
N PRO E 210 99.10 -63.33 64.25
CA PRO E 210 98.24 -62.36 63.57
C PRO E 210 96.93 -62.96 63.06
N ALA E 211 96.96 -64.21 62.61
CA ALA E 211 95.82 -65.08 62.22
C ALA E 211 94.57 -64.91 63.07
N ARG E 212 94.73 -65.06 64.39
CA ARG E 212 93.63 -65.07 65.38
C ARG E 212 92.97 -63.69 65.42
N PHE E 213 93.83 -62.69 65.50
CA PHE E 213 93.46 -61.26 65.43
C PHE E 213 92.60 -61.00 64.17
N LEU E 214 93.08 -61.46 63.01
CA LEU E 214 92.48 -61.12 61.70
C LEU E 214 91.21 -61.95 61.51
N SER E 215 91.12 -63.14 62.11
CA SER E 215 89.88 -63.95 62.18
C SER E 215 88.78 -63.20 62.93
N SER E 216 89.12 -62.74 64.14
CA SER E 216 88.19 -61.97 65.00
C SER E 216 87.75 -60.68 64.26
N LEU E 217 88.71 -59.97 63.63
CA LEU E 217 88.45 -58.74 62.82
C LEU E 217 87.32 -59.04 61.85
N TRP E 218 87.50 -60.17 61.15
CA TRP E 218 86.72 -60.56 59.98
C TRP E 218 85.26 -60.63 60.37
N GLU E 219 84.98 -61.23 61.53
CA GLU E 219 83.62 -61.23 62.10
C GLU E 219 83.21 -59.76 62.35
N ARG E 220 84.08 -58.99 63.02
CA ARG E 220 83.64 -57.82 63.81
C ARG E 220 83.29 -56.68 62.85
N LEU E 221 84.19 -56.29 61.95
CA LEU E 221 84.07 -54.99 61.25
C LEU E 221 83.53 -55.15 59.82
N PRO E 222 83.02 -54.05 59.18
CA PRO E 222 82.55 -54.07 57.78
C PRO E 222 83.55 -54.39 56.67
N GLN E 223 83.16 -55.40 55.89
CA GLN E 223 84.09 -56.28 55.13
C GLN E 223 84.58 -55.48 53.94
N ASN E 224 83.66 -54.78 53.27
CA ASN E 224 84.09 -54.09 52.05
C ASN E 224 85.22 -53.12 52.40
N ASN E 225 84.96 -52.26 53.38
CA ASN E 225 85.95 -51.34 54.01
C ASN E 225 87.27 -52.06 54.26
N PHE E 226 87.16 -53.13 55.03
CA PHE E 226 88.28 -53.91 55.63
C PHE E 226 89.27 -54.29 54.52
N LEU E 227 88.70 -54.81 53.43
CA LEU E 227 89.45 -55.51 52.36
C LEU E 227 90.35 -54.49 51.67
N LYS E 228 89.73 -53.38 51.30
CA LYS E 228 90.39 -52.22 50.66
C LYS E 228 91.55 -51.81 51.53
N VAL E 229 91.32 -51.73 52.83
CA VAL E 229 92.42 -51.41 53.76
C VAL E 229 93.52 -52.42 53.42
N ILE E 230 93.22 -53.71 53.57
CA ILE E 230 94.21 -54.83 53.51
C ILE E 230 94.93 -54.74 52.17
N ALA E 231 94.13 -54.54 51.14
CA ALA E 231 94.64 -54.41 49.75
C ALA E 231 95.72 -53.34 49.71
N VAL E 232 95.42 -52.21 50.31
CA VAL E 232 96.33 -51.07 50.17
C VAL E 232 97.53 -51.33 51.08
N ALA E 233 97.30 -52.00 52.23
CA ALA E 233 98.31 -52.41 53.25
C ALA E 233 99.43 -53.23 52.62
N LEU E 234 99.05 -54.17 51.76
CA LEU E 234 99.98 -54.97 50.92
C LEU E 234 101.00 -54.13 50.09
N LEU E 235 100.83 -52.81 49.95
CA LEU E 235 101.55 -51.97 48.97
C LEU E 235 102.45 -50.94 49.63
N GLN E 236 102.17 -50.56 50.89
CA GLN E 236 102.85 -49.42 51.54
C GLN E 236 104.30 -49.79 51.82
N PRO E 237 105.29 -49.08 51.24
CA PRO E 237 106.69 -49.51 51.35
C PRO E 237 107.22 -49.42 52.79
N PRO E 238 108.18 -50.26 53.23
CA PRO E 238 108.32 -50.66 54.64
C PRO E 238 108.72 -49.53 55.63
N LEU E 239 108.23 -49.59 56.90
CA LEU E 239 108.19 -48.49 57.94
C LEU E 239 109.13 -48.70 59.17
N SER E 240 109.56 -49.94 59.51
CA SER E 240 110.54 -50.24 60.60
C SER E 240 111.98 -49.98 60.13
N GLY E 256 109.27 -55.71 54.66
CA GLY E 256 107.79 -55.75 54.74
C GLY E 256 107.25 -57.04 55.34
N GLU E 257 107.62 -57.32 56.62
CA GLU E 257 107.08 -58.45 57.44
C GLU E 257 105.54 -58.32 57.47
N GLY E 258 105.01 -57.09 57.62
CA GLY E 258 103.58 -56.78 57.61
C GLY E 258 102.86 -57.40 56.42
N SER E 259 103.24 -56.97 55.20
CA SER E 259 102.71 -57.48 53.92
C SER E 259 102.90 -59.00 53.85
N GLN E 260 104.08 -59.46 54.28
CA GLN E 260 104.45 -60.89 54.20
C GLN E 260 103.49 -61.71 55.09
N VAL E 261 102.97 -61.13 56.17
CA VAL E 261 102.02 -61.82 57.09
C VAL E 261 100.66 -61.92 56.42
N LEU E 262 100.20 -60.84 55.80
CA LEU E 262 98.84 -60.79 55.22
C LEU E 262 98.69 -61.83 54.09
N VAL E 263 99.72 -61.99 53.25
CA VAL E 263 99.66 -62.99 52.14
C VAL E 263 99.47 -64.39 52.76
N HIS E 264 100.17 -64.74 53.87
CA HIS E 264 100.05 -66.07 54.55
C HIS E 264 98.64 -66.27 55.11
N TRP E 265 98.09 -65.25 55.80
CA TRP E 265 96.68 -65.24 56.25
C TRP E 265 95.70 -65.55 55.10
N LEU E 266 95.84 -64.82 53.97
CA LEU E 266 94.93 -64.88 52.76
C LEU E 266 94.99 -66.25 52.10
N LEU E 267 96.19 -66.64 51.69
CA LEU E 267 96.39 -67.94 51.01
C LEU E 267 95.94 -69.05 51.97
N GLY E 268 96.09 -68.88 53.30
CA GLY E 268 95.60 -69.83 54.32
C GLY E 268 94.09 -69.98 54.32
N ASN E 269 93.39 -68.84 54.35
CA ASN E 269 91.90 -68.81 54.36
C ASN E 269 91.39 -68.42 52.97
N SER E 270 90.89 -69.40 52.21
CA SER E 270 90.44 -69.27 50.80
C SER E 270 89.18 -68.39 50.67
N GLU E 271 88.19 -68.63 51.54
CA GLU E 271 86.80 -68.07 51.51
C GLU E 271 86.82 -66.53 51.44
N VAL E 272 87.67 -65.86 52.25
CA VAL E 272 87.80 -64.37 52.27
C VAL E 272 88.42 -63.91 50.94
N PHE E 273 89.45 -64.62 50.49
CA PHE E 273 90.21 -64.22 49.29
C PHE E 273 89.32 -64.27 48.04
N ALA E 274 88.31 -65.13 48.07
CA ALA E 274 87.28 -65.23 47.00
C ALA E 274 86.47 -63.95 46.92
N ALA E 275 86.15 -63.36 48.07
CA ALA E 275 85.38 -62.12 48.19
C ALA E 275 86.27 -60.93 47.75
N PHE E 276 87.57 -61.00 48.03
CA PHE E 276 88.57 -59.93 47.76
C PHE E 276 88.59 -59.60 46.27
N CYS E 277 89.02 -60.58 45.49
CA CYS E 277 89.09 -60.54 44.01
C CYS E 277 87.76 -60.07 43.41
N ARG E 278 86.68 -60.30 44.13
CA ARG E 278 85.28 -60.07 43.71
C ARG E 278 84.90 -58.62 44.00
N ALA E 279 85.40 -58.05 45.10
CA ALA E 279 85.05 -56.72 45.68
C ALA E 279 85.84 -55.52 45.11
N LEU E 280 87.08 -55.76 44.71
CA LEU E 280 87.97 -54.62 44.42
C LEU E 280 87.81 -54.18 42.99
N PRO E 281 88.60 -53.20 42.55
CA PRO E 281 88.83 -52.93 41.14
C PRO E 281 89.94 -53.78 40.53
N ALA E 282 90.15 -53.63 39.24
CA ALA E 282 91.13 -54.45 38.50
C ALA E 282 92.59 -54.04 38.76
N GLY E 283 92.97 -52.77 38.50
CA GLY E 283 94.32 -52.20 38.72
C GLY E 283 94.89 -52.52 40.10
N LEU E 284 94.02 -52.55 41.15
CA LEU E 284 94.35 -52.88 42.57
C LEU E 284 94.87 -54.33 42.60
N LEU E 285 94.20 -55.26 41.93
CA LEU E 285 94.61 -56.67 41.96
C LEU E 285 95.82 -56.87 41.08
N THR E 286 95.88 -56.13 40.00
CA THR E 286 97.10 -56.10 39.14
C THR E 286 98.33 -55.77 39.99
N LEU E 287 98.28 -54.69 40.75
CA LEU E 287 99.46 -54.25 41.52
C LEU E 287 99.69 -55.19 42.69
N VAL E 288 98.63 -55.70 43.31
CA VAL E 288 98.72 -56.78 44.33
C VAL E 288 99.66 -57.84 43.75
N THR E 289 99.34 -58.31 42.57
CA THR E 289 100.01 -59.48 41.98
C THR E 289 101.48 -59.22 41.67
N SER E 290 101.82 -58.10 41.02
CA SER E 290 103.18 -57.82 40.46
C SER E 290 104.20 -57.65 41.61
N ARG E 291 103.74 -57.01 42.69
CA ARG E 291 104.40 -56.95 44.01
C ARG E 291 104.57 -58.35 44.60
N HIS E 292 103.47 -59.09 44.90
CA HIS E 292 103.43 -60.38 45.64
C HIS E 292 103.10 -61.53 44.69
N PRO E 293 104.08 -62.24 44.08
CA PRO E 293 103.75 -63.28 43.10
C PRO E 293 103.01 -64.49 43.69
N ALA E 294 103.03 -64.63 45.02
CA ALA E 294 102.28 -65.65 45.78
C ALA E 294 100.77 -65.57 45.50
N LEU E 295 100.28 -64.43 45.00
CA LEU E 295 98.83 -64.19 44.65
C LEU E 295 98.53 -64.51 43.16
N SER E 296 99.49 -64.41 42.23
CA SER E 296 99.22 -64.66 40.78
C SER E 296 98.45 -65.95 40.60
N PRO E 297 99.01 -67.12 40.98
CA PRO E 297 98.50 -68.38 40.49
C PRO E 297 97.12 -68.72 41.07
N VAL E 298 96.75 -68.29 42.29
CA VAL E 298 95.41 -68.67 42.85
C VAL E 298 94.33 -67.70 42.32
N TYR E 299 94.67 -66.44 42.09
CA TYR E 299 93.75 -65.41 41.52
C TYR E 299 93.27 -65.91 40.15
N LEU E 300 94.25 -66.24 39.29
CA LEU E 300 94.05 -66.81 37.92
C LEU E 300 93.16 -68.05 38.08
N GLY E 301 93.49 -68.89 39.06
CA GLY E 301 92.69 -70.05 39.47
C GLY E 301 91.24 -69.67 39.65
N LEU E 302 90.92 -68.55 40.33
CA LEU E 302 89.50 -68.13 40.59
C LEU E 302 88.80 -67.71 39.28
N LEU E 303 89.53 -67.10 38.34
CA LEU E 303 88.94 -66.66 37.03
C LEU E 303 88.63 -67.87 36.17
N THR E 304 89.63 -68.73 36.07
CA THR E 304 89.47 -70.02 35.40
C THR E 304 88.11 -70.54 35.90
N ASP E 305 87.89 -70.59 37.22
CA ASP E 305 86.72 -71.26 37.88
C ASP E 305 85.41 -70.51 37.69
N TRP E 306 85.47 -69.20 37.48
CA TRP E 306 84.28 -68.41 37.14
C TRP E 306 83.94 -68.56 35.65
N GLY E 307 84.94 -68.53 34.74
CA GLY E 307 84.66 -68.62 33.29
C GLY E 307 83.89 -69.89 32.99
N GLN E 308 84.25 -70.99 33.67
CA GLN E 308 83.66 -72.35 33.49
C GLN E 308 82.33 -72.50 34.26
N ARG E 309 81.53 -71.44 34.46
CA ARG E 309 80.10 -71.55 34.91
C ARG E 309 79.24 -70.47 34.26
N LEU E 310 79.58 -70.19 33.01
CA LEU E 310 78.89 -69.27 32.08
C LEU E 310 77.79 -70.05 31.32
N HIS E 311 77.45 -69.56 30.11
CA HIS E 311 77.10 -70.26 28.83
C HIS E 311 76.76 -69.16 27.81
N TYR E 312 76.97 -69.45 26.56
CA TYR E 312 76.57 -68.55 25.45
C TYR E 312 75.07 -68.74 25.20
N ASP E 313 74.35 -67.66 24.89
CA ASP E 313 73.14 -67.72 24.03
C ASP E 313 73.53 -67.07 22.68
N LEU E 314 73.00 -67.63 21.60
CA LEU E 314 73.30 -67.15 20.22
C LEU E 314 72.57 -65.83 19.95
N GLN E 315 71.41 -65.57 20.56
CA GLN E 315 70.44 -64.57 20.04
C GLN E 315 70.91 -63.16 20.48
N LYS E 316 71.44 -63.05 21.70
CA LYS E 316 72.25 -61.91 22.16
C LYS E 316 73.68 -62.42 22.08
N GLY E 317 74.53 -61.78 21.31
CA GLY E 317 75.88 -62.34 21.03
C GLY E 317 76.84 -62.20 22.20
N ILE E 318 76.52 -62.78 23.36
CA ILE E 318 77.23 -62.44 24.62
C ILE E 318 77.24 -63.61 25.55
N TRP E 319 78.38 -63.78 26.20
CA TRP E 319 78.56 -64.69 27.35
C TRP E 319 77.77 -64.17 28.51
N VAL E 320 77.00 -65.01 29.16
CA VAL E 320 76.34 -64.60 30.43
C VAL E 320 76.28 -65.84 31.33
N GLY E 321 76.14 -65.57 32.62
CA GLY E 321 76.11 -66.58 33.66
C GLY E 321 74.71 -67.00 33.81
N THR E 322 74.62 -68.12 34.43
CA THR E 322 73.35 -68.76 34.79
C THR E 322 72.78 -67.99 36.00
N GLU E 323 73.52 -68.08 37.11
CA GLU E 323 73.17 -67.52 38.43
C GLU E 323 73.39 -66.00 38.35
N SER E 324 72.68 -65.24 39.20
CA SER E 324 72.62 -63.75 39.21
C SER E 324 73.93 -63.10 39.69
N GLN E 325 74.64 -63.76 40.59
CA GLN E 325 75.87 -63.28 41.29
C GLN E 325 77.12 -63.64 40.49
N ASP E 326 76.98 -64.38 39.37
CA ASP E 326 78.11 -64.97 38.62
C ASP E 326 78.75 -63.87 37.79
N VAL E 327 80.00 -63.58 38.12
CA VAL E 327 80.69 -62.37 37.66
C VAL E 327 80.44 -62.41 36.19
N PRO E 328 79.75 -61.40 35.70
CA PRO E 328 79.65 -61.21 34.27
C PRO E 328 80.92 -60.98 33.47
N TRP E 329 80.67 -61.24 32.20
CA TRP E 329 81.58 -61.12 31.05
C TRP E 329 82.26 -59.79 31.15
N GLU E 330 81.42 -58.80 31.38
CA GLU E 330 81.92 -57.43 31.51
C GLU E 330 83.09 -57.51 32.45
N GLU E 331 82.81 -58.01 33.64
CA GLU E 331 83.79 -57.90 34.73
C GLU E 331 85.02 -58.74 34.46
N LEU E 332 84.79 -59.96 34.01
CA LEU E 332 85.86 -60.93 33.71
C LEU E 332 86.77 -60.41 32.56
N HIS E 333 86.21 -59.91 31.45
CA HIS E 333 87.01 -59.26 30.39
C HIS E 333 87.99 -58.37 31.08
N ASN E 334 87.46 -57.47 31.89
CA ASN E 334 88.20 -56.30 32.41
C ASN E 334 89.42 -56.77 33.19
N ARG E 335 89.24 -57.75 34.07
CA ARG E 335 90.30 -58.11 35.03
C ARG E 335 91.48 -58.73 34.29
N PHE E 336 91.17 -59.57 33.30
CA PHE E 336 92.20 -60.19 32.40
C PHE E 336 92.81 -59.09 31.53
N GLN E 337 92.01 -58.23 30.90
CA GLN E 337 92.43 -56.92 30.32
C GLN E 337 93.62 -56.34 31.09
N SER E 338 93.36 -56.09 32.37
CA SER E 338 94.33 -55.51 33.35
C SER E 338 95.54 -56.44 33.50
N LEU E 339 95.29 -57.65 33.98
CA LEU E 339 96.37 -58.62 34.35
C LEU E 339 97.37 -58.67 33.19
N CYS E 340 96.86 -58.68 31.97
CA CYS E 340 97.72 -58.63 30.79
C CYS E 340 98.40 -57.27 30.83
N GLN E 341 97.65 -56.17 30.98
CA GLN E 341 98.20 -54.79 31.02
C GLN E 341 99.02 -54.61 32.31
N ALA E 342 100.18 -55.27 32.37
CA ALA E 342 101.01 -55.48 33.59
C ALA E 342 102.46 -55.66 33.18
N PRO E 343 103.39 -55.83 34.14
CA PRO E 343 104.79 -56.03 33.79
C PRO E 343 104.99 -57.35 33.07
N PRO E 344 106.15 -57.58 32.44
CA PRO E 344 106.43 -58.85 31.78
C PRO E 344 106.35 -60.16 32.60
N PRO E 345 106.86 -60.28 33.86
CA PRO E 345 106.81 -61.54 34.62
C PRO E 345 105.43 -62.17 34.93
N LEU E 346 104.35 -61.38 34.85
CA LEU E 346 102.95 -61.85 34.98
C LEU E 346 102.27 -62.05 33.61
N LYS E 347 102.55 -61.21 32.61
CA LYS E 347 101.82 -61.23 31.30
C LYS E 347 101.97 -62.59 30.64
N ASP E 348 103.21 -63.06 30.53
CA ASP E 348 103.56 -64.41 30.01
C ASP E 348 102.83 -65.50 30.81
N LYS E 349 102.87 -65.41 32.15
CA LYS E 349 102.26 -66.40 33.05
C LYS E 349 100.80 -66.55 32.65
N VAL E 350 100.07 -65.44 32.72
CA VAL E 350 98.59 -65.42 32.53
C VAL E 350 98.28 -65.85 31.09
N LEU E 351 99.05 -65.38 30.12
CA LEU E 351 98.74 -65.61 28.70
C LEU E 351 98.85 -67.10 28.41
N THR E 352 99.88 -67.73 28.97
CA THR E 352 100.06 -69.20 28.92
C THR E 352 98.93 -69.90 29.68
N ALA E 353 98.49 -69.40 30.84
CA ALA E 353 97.36 -70.00 31.60
C ALA E 353 96.07 -69.93 30.77
N LEU E 354 95.96 -69.01 29.80
CA LEU E 354 94.81 -68.96 28.82
C LEU E 354 94.95 -70.04 27.75
N GLU E 355 96.10 -70.12 27.08
CA GLU E 355 96.29 -71.07 25.97
C GLU E 355 96.06 -72.50 26.46
N THR E 356 96.44 -72.80 27.72
CA THR E 356 96.27 -74.12 28.38
C THR E 356 94.80 -74.43 28.68
N CYS E 357 94.03 -73.49 29.23
CA CYS E 357 92.61 -73.76 29.51
C CYS E 357 91.78 -73.72 28.22
N LYS E 358 92.31 -73.12 27.13
CA LYS E 358 91.70 -73.10 25.76
C LYS E 358 91.76 -74.50 25.17
N ALA E 359 92.96 -75.03 25.04
CA ALA E 359 93.21 -76.40 24.52
C ALA E 359 92.42 -77.45 25.30
N GLN E 360 92.23 -77.27 26.61
CA GLN E 360 91.46 -78.21 27.48
C GLN E 360 89.98 -78.27 27.06
N ASP E 361 89.46 -77.17 26.48
CA ASP E 361 88.05 -76.94 26.08
C ASP E 361 88.04 -76.82 24.54
N GLY E 362 88.83 -77.66 23.83
CA GLY E 362 88.83 -77.77 22.37
C GLY E 362 89.55 -76.60 21.76
N ASP E 363 90.54 -76.81 20.89
CA ASP E 363 91.19 -75.66 20.19
C ASP E 363 90.35 -75.28 18.97
N PHE E 364 89.24 -74.59 19.25
CA PHE E 364 88.46 -73.87 18.23
C PHE E 364 89.22 -72.57 17.97
N GLU E 365 89.08 -71.98 16.79
CA GLU E 365 89.66 -70.64 16.46
C GLU E 365 88.54 -69.75 15.92
N VAL E 366 87.36 -69.97 16.52
CA VAL E 366 86.10 -69.30 16.15
C VAL E 366 85.30 -69.06 17.42
N PRO E 367 84.64 -67.90 17.50
CA PRO E 367 83.83 -67.63 18.67
C PRO E 367 82.54 -68.40 18.79
N GLY E 368 82.10 -68.52 20.02
CA GLY E 368 80.87 -69.23 20.31
C GLY E 368 81.13 -70.65 20.73
N LEU E 369 82.33 -70.94 21.18
CA LEU E 369 82.61 -72.30 21.68
C LEU E 369 83.39 -72.24 22.98
N SER E 370 84.61 -71.72 22.89
CA SER E 370 85.60 -71.67 24.00
C SER E 370 85.67 -70.26 24.56
N ILE E 371 85.05 -70.05 25.71
CA ILE E 371 85.13 -68.79 26.48
C ILE E 371 86.56 -68.22 26.31
N TRP E 372 87.55 -69.08 26.40
CA TRP E 372 88.96 -68.64 26.53
C TRP E 372 89.53 -68.21 25.16
N THR E 373 89.12 -68.85 24.07
CA THR E 373 89.40 -68.37 22.70
C THR E 373 88.88 -66.96 22.55
N ASP E 374 87.64 -66.83 23.00
CA ASP E 374 86.91 -65.56 22.96
C ASP E 374 87.87 -64.52 23.52
N LEU E 375 88.33 -64.76 24.75
CA LEU E 375 89.08 -63.73 25.52
C LEU E 375 90.32 -63.38 24.75
N LEU E 376 91.13 -64.40 24.50
CA LEU E 376 92.43 -64.24 23.80
C LEU E 376 92.19 -63.40 22.52
N LEU E 377 91.08 -63.61 21.82
CA LEU E 377 90.77 -62.79 20.61
C LEU E 377 90.43 -61.37 20.99
N ALA E 378 89.52 -61.24 21.95
CA ALA E 378 89.07 -59.95 22.49
C ALA E 378 90.26 -59.11 23.00
N LEU E 379 91.51 -59.64 23.15
CA LEU E 379 92.71 -58.82 23.58
C LEU E 379 93.50 -58.18 22.39
N ARG E 380 92.88 -58.04 21.22
CA ARG E 380 93.39 -57.35 20.00
C ARG E 380 92.26 -56.65 19.26
N CYS F 31 49.52 -36.43 -64.87
CA CYS F 31 50.26 -36.49 -63.58
C CYS F 31 49.84 -37.72 -62.75
N LEU F 32 48.53 -38.04 -62.65
CA LEU F 32 48.03 -39.29 -61.98
C LEU F 32 48.54 -40.55 -62.69
N ASP F 33 48.71 -40.51 -64.03
CA ASP F 33 49.46 -41.52 -64.85
C ASP F 33 50.84 -41.82 -64.24
N LEU F 34 51.66 -40.78 -64.02
CA LEU F 34 53.05 -40.84 -63.47
C LEU F 34 53.04 -41.32 -62.01
N TRP F 35 52.14 -40.80 -61.16
CA TRP F 35 52.05 -41.19 -59.73
C TRP F 35 51.70 -42.68 -59.60
N ARG F 36 50.73 -43.15 -60.40
CA ARG F 36 50.30 -44.58 -60.43
C ARG F 36 51.43 -45.47 -60.97
N GLU F 37 52.09 -45.07 -62.06
CA GLU F 37 53.31 -45.71 -62.64
C GLU F 37 54.40 -45.86 -61.55
N LYS F 38 54.57 -44.84 -60.71
CA LYS F 38 55.57 -44.81 -59.60
C LYS F 38 55.17 -45.81 -58.49
N ASN F 39 53.90 -45.79 -58.01
CA ASN F 39 53.36 -46.74 -56.99
C ASN F 39 53.57 -48.19 -57.48
N ASP F 40 53.19 -48.48 -58.73
CA ASP F 40 53.31 -49.82 -59.36
C ASP F 40 54.79 -50.25 -59.44
N ARG F 41 55.68 -49.34 -59.86
CA ARG F 41 57.16 -49.51 -59.92
C ARG F 41 57.71 -49.94 -58.54
N LEU F 42 57.40 -49.17 -57.50
CA LEU F 42 57.92 -49.40 -56.11
C LEU F 42 57.31 -50.70 -55.52
N VAL F 43 56.03 -51.00 -55.81
CA VAL F 43 55.35 -52.27 -55.39
C VAL F 43 56.05 -53.47 -56.07
N ARG F 44 56.42 -53.37 -57.37
CA ARG F 44 57.21 -54.42 -58.09
C ARG F 44 58.61 -54.58 -57.49
N GLN F 45 59.31 -53.47 -57.17
CA GLN F 45 60.61 -53.45 -56.46
C GLN F 45 60.49 -54.24 -55.13
N ALA F 46 59.49 -53.93 -54.28
CA ALA F 46 59.21 -54.55 -52.94
C ALA F 46 59.04 -56.07 -53.06
N LYS F 47 58.22 -56.50 -54.00
CA LYS F 47 57.91 -57.94 -54.21
C LYS F 47 59.11 -58.67 -54.80
N VAL F 48 59.85 -58.06 -55.75
CA VAL F 48 61.12 -58.64 -56.27
C VAL F 48 62.07 -58.87 -55.08
N ALA F 49 62.19 -57.89 -54.18
CA ALA F 49 63.06 -57.95 -52.98
C ALA F 49 62.61 -59.07 -52.02
N GLN F 50 61.30 -59.17 -51.77
CA GLN F 50 60.70 -60.21 -50.90
C GLN F 50 61.05 -61.59 -51.46
N ASN F 51 60.84 -61.81 -52.75
CA ASN F 51 61.01 -63.15 -53.38
C ASN F 51 62.49 -63.53 -53.42
N SER F 52 63.35 -62.59 -53.85
CA SER F 52 64.78 -62.83 -54.20
C SER F 52 65.71 -62.39 -53.07
N GLY F 53 67.01 -62.40 -53.35
CA GLY F 53 68.01 -61.53 -52.72
C GLY F 53 68.60 -62.09 -51.44
N LEU F 54 69.51 -61.28 -50.89
CA LEU F 54 70.31 -61.53 -49.68
C LEU F 54 69.87 -60.55 -48.58
N THR F 55 70.24 -60.86 -47.33
CA THR F 55 69.68 -60.28 -46.08
C THR F 55 69.76 -58.74 -46.06
N LEU F 56 70.83 -58.16 -46.61
CA LEU F 56 71.08 -56.68 -46.68
C LEU F 56 70.24 -56.11 -47.81
N ARG F 57 70.58 -56.53 -49.03
CA ARG F 57 70.10 -55.98 -50.32
C ARG F 57 68.57 -55.95 -50.28
N ARG F 58 67.97 -56.97 -49.65
CA ARG F 58 66.52 -57.06 -49.28
C ARG F 58 66.08 -55.79 -48.57
N GLN F 59 66.61 -55.53 -47.37
CA GLN F 59 66.14 -54.42 -46.50
C GLN F 59 66.58 -53.06 -47.09
N GLN F 60 67.66 -53.02 -47.90
CA GLN F 60 68.14 -51.80 -48.65
C GLN F 60 67.11 -51.40 -49.73
N LEU F 61 66.74 -52.32 -50.63
CA LEU F 61 65.66 -52.09 -51.65
C LEU F 61 64.29 -51.85 -50.98
N ALA F 62 64.01 -52.46 -49.82
CA ALA F 62 62.71 -52.36 -49.10
C ALA F 62 62.55 -50.96 -48.52
N GLN F 63 63.54 -50.48 -47.80
CA GLN F 63 63.48 -49.11 -47.23
C GLN F 63 63.62 -48.09 -48.38
N ASP F 64 64.31 -48.40 -49.52
CA ASP F 64 64.32 -47.60 -50.78
C ASP F 64 62.87 -47.33 -51.19
N ALA F 65 62.13 -48.43 -51.39
CA ALA F 65 60.71 -48.42 -51.78
C ALA F 65 59.86 -47.72 -50.71
N LEU F 66 60.12 -47.93 -49.40
CA LEU F 66 59.40 -47.27 -48.28
C LEU F 66 59.53 -45.75 -48.40
N GLU F 67 60.73 -45.23 -48.72
CA GLU F 67 61.00 -43.77 -48.90
C GLU F 67 60.38 -43.24 -50.21
N GLY F 68 60.39 -44.04 -51.29
CA GLY F 68 59.64 -43.74 -52.53
C GLY F 68 58.15 -43.53 -52.22
N LEU F 69 57.54 -44.47 -51.47
CA LEU F 69 56.11 -44.47 -51.06
C LEU F 69 55.85 -43.26 -50.14
N ARG F 70 56.78 -42.95 -49.23
CA ARG F 70 56.75 -41.76 -48.34
C ARG F 70 56.60 -40.49 -49.19
N GLY F 71 57.53 -40.29 -50.15
CA GLY F 71 57.57 -39.12 -51.03
C GLY F 71 56.32 -39.01 -51.88
N LEU F 72 55.86 -40.15 -52.42
CA LEU F 72 54.64 -40.22 -53.28
C LEU F 72 53.41 -39.87 -52.44
N LEU F 73 53.32 -40.39 -51.21
CA LEU F 73 52.21 -40.07 -50.27
C LEU F 73 52.24 -38.56 -49.97
N HIS F 74 53.41 -37.97 -49.75
CA HIS F 74 53.57 -36.49 -49.51
C HIS F 74 53.05 -35.70 -50.72
N SER F 75 53.43 -36.12 -51.93
CA SER F 75 53.01 -35.47 -53.19
C SER F 75 51.47 -35.52 -53.33
N LEU F 76 50.84 -36.67 -53.09
CA LEU F 76 49.37 -36.84 -53.25
C LEU F 76 48.62 -36.13 -52.11
N GLN F 77 49.15 -36.15 -50.88
CA GLN F 77 48.55 -35.51 -49.66
C GLN F 77 48.74 -33.98 -49.73
N GLY F 78 49.63 -33.46 -50.57
CA GLY F 78 49.70 -32.03 -50.89
C GLY F 78 48.41 -31.48 -51.50
N LEU F 79 47.64 -32.28 -52.25
CA LEU F 79 46.41 -31.87 -53.00
C LEU F 79 45.19 -32.00 -52.09
N PRO F 80 44.12 -31.16 -52.27
CA PRO F 80 42.91 -31.21 -51.44
C PRO F 80 41.91 -32.21 -52.04
N ALA F 81 42.19 -33.50 -51.85
CA ALA F 81 41.95 -34.62 -52.79
C ALA F 81 40.63 -34.55 -53.56
N ALA F 82 40.76 -34.77 -54.86
CA ALA F 82 39.72 -35.09 -55.86
C ALA F 82 39.25 -36.54 -55.68
N VAL F 83 38.09 -36.88 -56.25
CA VAL F 83 37.54 -38.28 -56.28
C VAL F 83 38.48 -39.20 -57.09
N PRO F 84 38.94 -38.85 -58.33
CA PRO F 84 39.85 -39.73 -59.08
C PRO F 84 41.29 -39.85 -58.55
N VAL F 85 41.76 -38.89 -57.75
CA VAL F 85 43.04 -38.94 -56.99
C VAL F 85 42.89 -39.86 -55.74
N LEU F 86 41.67 -40.09 -55.23
CA LEU F 86 41.39 -40.83 -53.96
C LEU F 86 41.83 -42.31 -54.03
N PRO F 87 41.38 -43.14 -55.02
CA PRO F 87 41.73 -44.58 -55.04
C PRO F 87 43.21 -44.88 -55.25
N LEU F 88 44.02 -43.92 -55.75
CA LEU F 88 45.51 -44.05 -55.79
C LEU F 88 46.10 -43.67 -54.41
N GLU F 89 45.64 -42.58 -53.77
CA GLU F 89 46.08 -42.11 -52.43
C GLU F 89 45.91 -43.22 -51.39
N LEU F 90 44.76 -43.90 -51.40
CA LEU F 90 44.45 -44.99 -50.43
C LEU F 90 45.27 -46.24 -50.79
N THR F 91 45.43 -46.55 -52.08
CA THR F 91 46.37 -47.60 -52.59
C THR F 91 47.78 -47.36 -52.07
N VAL F 92 48.24 -46.12 -52.14
CA VAL F 92 49.58 -45.69 -51.64
C VAL F 92 49.62 -45.87 -50.11
N THR F 93 48.58 -45.43 -49.37
CA THR F 93 48.47 -45.51 -47.88
C THR F 93 48.59 -46.98 -47.44
N CYS F 94 47.86 -47.88 -48.11
CA CYS F 94 47.92 -49.37 -47.91
C CYS F 94 49.33 -49.91 -48.18
N ASN F 95 49.89 -49.71 -49.39
CA ASN F 95 51.24 -50.20 -49.82
C ASN F 95 52.35 -49.70 -48.88
N PHE F 96 52.20 -48.50 -48.27
CA PHE F 96 53.14 -47.87 -47.30
C PHE F 96 53.04 -48.55 -45.94
N ILE F 97 51.83 -48.63 -45.38
CA ILE F 97 51.58 -49.16 -44.00
C ILE F 97 52.02 -50.63 -43.99
N ILE F 98 51.70 -51.41 -45.05
CA ILE F 98 52.06 -52.86 -45.14
C ILE F 98 53.59 -52.98 -45.05
N LEU F 99 54.31 -52.29 -45.93
CA LEU F 99 55.78 -52.46 -46.02
C LEU F 99 56.48 -51.79 -44.83
N ARG F 100 55.83 -50.83 -44.19
CA ARG F 100 56.32 -50.21 -42.92
C ARG F 100 56.31 -51.25 -41.79
N ALA F 101 55.15 -51.84 -41.48
CA ALA F 101 54.96 -52.71 -40.29
C ALA F 101 55.54 -54.12 -40.54
N SER F 102 55.63 -54.60 -41.80
CA SER F 102 56.30 -55.90 -42.14
C SER F 102 57.81 -55.84 -41.95
N LEU F 103 58.42 -54.66 -42.08
CA LEU F 103 59.88 -54.42 -41.87
C LEU F 103 60.16 -54.26 -40.36
N ALA F 104 59.44 -53.33 -39.72
CA ALA F 104 59.48 -53.06 -38.26
C ALA F 104 59.18 -54.34 -37.48
N GLN F 105 58.33 -55.22 -38.04
CA GLN F 105 57.91 -56.55 -37.51
C GLN F 105 56.96 -56.33 -36.32
N GLY F 106 56.12 -55.30 -36.46
CA GLY F 106 55.17 -54.78 -35.46
C GLY F 106 54.48 -53.56 -36.04
N PHE F 107 53.20 -53.40 -35.73
CA PHE F 107 52.45 -52.17 -35.99
C PHE F 107 52.71 -51.21 -34.83
N THR F 108 52.38 -49.94 -35.02
CA THR F 108 52.32 -48.89 -33.96
C THR F 108 51.21 -47.89 -34.31
N GLU F 109 51.25 -46.69 -33.71
CA GLU F 109 50.17 -45.66 -33.78
C GLU F 109 50.46 -44.60 -34.87
N ASP F 110 51.69 -44.52 -35.38
CA ASP F 110 52.01 -43.71 -36.61
C ASP F 110 51.13 -44.18 -37.78
N GLN F 111 51.01 -45.49 -37.97
CA GLN F 111 50.17 -46.09 -39.05
C GLN F 111 48.69 -45.68 -38.80
N ALA F 112 48.19 -45.64 -37.55
CA ALA F 112 46.79 -45.24 -37.20
C ALA F 112 46.55 -43.76 -37.49
N GLN F 113 47.53 -42.89 -37.20
CA GLN F 113 47.44 -41.44 -37.57
C GLN F 113 47.41 -41.28 -39.10
N ASP F 114 48.17 -42.12 -39.85
CA ASP F 114 48.19 -42.10 -41.34
C ASP F 114 46.83 -42.56 -41.88
N ILE F 115 46.20 -43.54 -41.21
CA ILE F 115 44.80 -44.00 -41.48
C ILE F 115 43.86 -42.81 -41.25
N GLN F 116 43.96 -42.10 -40.11
CA GLN F 116 43.11 -40.92 -39.79
C GLN F 116 43.25 -39.87 -40.89
N ARG F 117 44.50 -39.56 -41.29
CA ARG F 117 44.85 -38.61 -42.40
C ARG F 117 44.08 -39.00 -43.66
N SER F 118 44.29 -40.21 -44.18
CA SER F 118 43.63 -40.71 -45.41
C SER F 118 42.10 -40.70 -45.24
N LEU F 119 41.56 -41.04 -44.06
CA LEU F 119 40.09 -41.09 -43.81
C LEU F 119 39.47 -39.70 -43.87
N GLU F 120 40.05 -38.71 -43.18
CA GLU F 120 39.49 -37.33 -43.21
C GLU F 120 39.78 -36.71 -44.59
N ARG F 121 40.76 -37.22 -45.36
CA ARG F 121 40.98 -36.82 -46.78
C ARG F 121 39.84 -37.32 -47.67
N VAL F 122 39.31 -38.52 -47.39
CA VAL F 122 38.10 -39.08 -48.07
C VAL F 122 36.87 -38.26 -47.63
N LEU F 123 36.80 -37.84 -46.35
CA LEU F 123 35.64 -37.10 -45.76
C LEU F 123 35.53 -35.67 -46.30
N GLU F 124 36.65 -34.95 -46.43
CA GLU F 124 36.75 -33.54 -46.93
C GLU F 124 36.39 -33.39 -48.43
N THR F 125 36.52 -34.45 -49.24
CA THR F 125 36.22 -34.49 -50.70
C THR F 125 34.72 -34.29 -50.91
N GLN F 126 33.87 -35.15 -50.31
CA GLN F 126 32.39 -35.09 -50.44
C GLN F 126 31.80 -34.24 -49.31
N GLU F 127 31.99 -34.62 -48.05
CA GLU F 127 31.21 -34.12 -46.87
C GLU F 127 32.13 -33.27 -45.97
N GLU F 134 37.78 -36.33 -38.71
CA GLU F 134 37.96 -35.13 -37.87
C GLU F 134 38.38 -35.56 -36.45
N GLN F 135 37.41 -36.02 -35.65
CA GLN F 135 37.47 -36.09 -34.17
C GLN F 135 38.37 -37.25 -33.74
N GLY F 136 38.07 -38.47 -34.19
CA GLY F 136 38.80 -39.70 -33.87
C GLY F 136 38.43 -40.84 -34.80
N LEU F 137 39.20 -41.92 -34.81
CA LEU F 137 39.18 -43.03 -35.82
C LEU F 137 37.79 -43.70 -35.85
N ARG F 138 37.17 -43.94 -34.69
CA ARG F 138 35.95 -44.75 -34.55
C ARG F 138 34.77 -44.06 -35.25
N GLU F 139 34.43 -42.84 -34.84
CA GLU F 139 33.36 -42.02 -35.47
C GLU F 139 33.76 -41.64 -36.90
N LEU F 140 35.05 -41.38 -37.16
CA LEU F 140 35.59 -41.10 -38.53
C LEU F 140 35.28 -42.29 -39.45
N TRP F 141 35.57 -43.51 -38.98
CA TRP F 141 35.24 -44.77 -39.70
C TRP F 141 33.73 -44.89 -39.94
N ASP F 142 32.90 -44.59 -38.93
CA ASP F 142 31.41 -44.66 -39.02
C ASP F 142 30.94 -43.77 -40.18
N SER F 143 31.40 -42.52 -40.16
CA SER F 143 31.04 -41.50 -41.17
C SER F 143 31.62 -41.87 -42.55
N VAL F 144 32.86 -42.38 -42.63
CA VAL F 144 33.52 -42.80 -43.90
C VAL F 144 32.76 -44.00 -44.49
N LEU F 145 32.29 -44.93 -43.66
CA LEU F 145 31.51 -46.11 -44.15
C LEU F 145 30.11 -45.66 -44.56
N ARG F 146 29.54 -44.63 -43.93
CA ARG F 146 28.28 -44.00 -44.44
C ARG F 146 28.52 -43.40 -45.82
N ALA F 147 29.64 -42.71 -46.00
CA ALA F 147 30.07 -42.16 -47.31
C ALA F 147 30.32 -43.29 -48.32
N SER F 148 30.88 -44.44 -47.89
CA SER F 148 31.12 -45.61 -48.77
C SER F 148 29.79 -46.30 -49.13
N CYS F 149 28.78 -46.21 -48.26
CA CYS F 149 27.39 -46.70 -48.50
C CYS F 149 26.71 -45.88 -49.61
N LEU F 150 27.24 -44.70 -49.95
CA LEU F 150 26.88 -43.94 -51.18
C LEU F 150 27.49 -44.60 -52.44
N LEU F 151 28.43 -45.55 -52.27
CA LEU F 151 29.16 -46.31 -53.33
C LEU F 151 29.92 -45.35 -54.23
N PRO F 152 30.95 -44.65 -53.70
CA PRO F 152 32.13 -44.32 -54.50
C PRO F 152 32.98 -45.60 -54.65
N GLU F 153 33.56 -45.79 -55.85
CA GLU F 153 34.12 -47.08 -56.35
C GLU F 153 35.59 -47.20 -55.92
N LEU F 154 35.81 -47.16 -54.60
CA LEU F 154 37.11 -47.32 -53.88
C LEU F 154 36.93 -48.28 -52.68
N LEU F 155 35.86 -49.09 -52.66
CA LEU F 155 35.51 -50.00 -51.54
C LEU F 155 36.51 -51.17 -51.47
N SER F 156 37.08 -51.58 -52.61
CA SER F 156 38.31 -52.44 -52.76
C SER F 156 39.40 -52.00 -51.77
N ALA F 157 39.74 -50.70 -51.76
CA ALA F 157 40.78 -50.07 -50.91
C ALA F 157 40.27 -49.80 -49.49
N LEU F 158 38.98 -49.50 -49.27
CA LEU F 158 38.43 -49.21 -47.90
C LEU F 158 38.43 -50.49 -47.08
N HIS F 159 38.02 -51.62 -47.66
CA HIS F 159 38.03 -52.94 -46.98
C HIS F 159 39.49 -53.34 -46.64
N ARG F 160 40.44 -53.07 -47.54
CA ARG F 160 41.91 -53.31 -47.34
C ARG F 160 42.40 -52.45 -46.18
N LEU F 161 42.02 -51.17 -46.13
CA LEU F 161 42.32 -50.23 -45.02
C LEU F 161 41.71 -50.76 -43.70
N VAL F 162 40.50 -51.32 -43.71
CA VAL F 162 39.87 -51.90 -42.48
C VAL F 162 40.70 -53.10 -42.01
N GLY F 163 41.19 -53.95 -42.93
CA GLY F 163 42.11 -55.07 -42.63
C GLY F 163 43.38 -54.62 -41.93
N LEU F 164 44.06 -53.59 -42.45
CA LEU F 164 45.27 -52.98 -41.83
C LEU F 164 44.95 -52.46 -40.43
N GLN F 165 43.92 -51.64 -40.33
CA GLN F 165 43.52 -50.95 -39.08
C GLN F 165 43.04 -51.99 -38.06
N ALA F 166 42.34 -53.02 -38.54
CA ALA F 166 41.89 -54.16 -37.73
C ALA F 166 43.09 -54.91 -37.15
N ALA F 167 44.12 -55.18 -37.97
CA ALA F 167 45.42 -55.80 -37.58
C ALA F 167 46.10 -54.96 -36.49
N LEU F 168 46.05 -53.63 -36.65
CA LEU F 168 46.67 -52.63 -35.74
C LEU F 168 46.03 -52.74 -34.35
N TRP F 169 44.70 -52.65 -34.33
CA TRP F 169 43.88 -52.75 -33.12
C TRP F 169 43.98 -54.16 -32.55
N LEU F 170 44.23 -55.17 -33.39
CA LEU F 170 44.45 -56.56 -32.93
C LEU F 170 45.81 -56.65 -32.22
N SER F 171 46.88 -56.11 -32.81
CA SER F 171 48.24 -56.07 -32.20
C SER F 171 48.26 -55.14 -30.98
N ALA F 172 47.36 -54.16 -30.91
CA ALA F 172 47.18 -53.23 -29.77
C ALA F 172 46.17 -53.79 -28.74
N ASP F 173 45.47 -54.90 -29.02
CA ASP F 173 44.50 -55.56 -28.10
C ASP F 173 43.29 -54.64 -27.85
N ARG F 174 42.60 -54.20 -28.91
CA ARG F 174 41.55 -53.14 -28.87
C ARG F 174 40.27 -53.75 -29.44
N LEU F 175 39.86 -54.88 -28.86
CA LEU F 175 38.93 -55.82 -29.54
C LEU F 175 37.48 -55.34 -29.39
N GLY F 176 37.17 -54.47 -28.42
CA GLY F 176 35.84 -53.87 -28.24
C GLY F 176 35.44 -53.01 -29.41
N ASP F 177 36.28 -52.05 -29.81
CA ASP F 177 35.97 -51.06 -30.89
C ASP F 177 36.16 -51.69 -32.28
N LEU F 178 37.03 -52.70 -32.43
CA LEU F 178 37.11 -53.50 -33.69
C LEU F 178 35.74 -54.10 -34.00
N ALA F 179 35.05 -54.66 -32.99
CA ALA F 179 33.65 -55.15 -33.10
C ALA F 179 32.75 -54.03 -33.66
N LEU F 180 32.87 -52.81 -33.12
CA LEU F 180 32.06 -51.64 -33.55
C LEU F 180 32.35 -51.27 -35.01
N LEU F 181 33.62 -51.29 -35.46
CA LEU F 181 34.01 -50.96 -36.87
C LEU F 181 33.36 -51.94 -37.84
N LEU F 182 33.65 -53.23 -37.65
CA LEU F 182 33.16 -54.34 -38.52
C LEU F 182 31.63 -54.44 -38.41
N GLU F 183 31.07 -54.05 -37.25
CA GLU F 183 29.61 -53.96 -36.99
C GLU F 183 28.97 -52.90 -37.90
N THR F 184 29.64 -51.76 -38.06
CA THR F 184 29.22 -50.65 -38.95
C THR F 184 29.39 -51.07 -40.41
N LEU F 185 30.45 -51.83 -40.73
CA LEU F 185 30.73 -52.40 -42.08
C LEU F 185 29.55 -53.26 -42.54
N ASN F 186 29.21 -54.26 -41.75
CA ASN F 186 28.07 -55.18 -41.99
C ASN F 186 26.81 -54.46 -41.50
N GLY F 187 25.66 -55.14 -41.45
CA GLY F 187 24.41 -54.62 -40.86
C GLY F 187 24.60 -54.24 -39.40
N SER F 188 23.96 -53.15 -38.95
CA SER F 188 23.92 -52.73 -37.51
C SER F 188 23.05 -53.71 -36.72
N GLN F 189 22.22 -54.52 -37.42
CA GLN F 189 21.48 -55.68 -36.84
C GLN F 189 22.45 -56.77 -36.36
N SER F 190 23.69 -56.83 -36.86
CA SER F 190 24.73 -57.75 -36.34
C SER F 190 25.42 -57.17 -35.09
N GLY F 191 24.77 -56.26 -34.34
CA GLY F 191 25.30 -55.53 -33.16
C GLY F 191 25.47 -56.41 -31.94
N ALA F 192 24.55 -57.35 -31.74
CA ALA F 192 24.59 -58.35 -30.64
C ALA F 192 25.80 -59.32 -30.80
N SER F 193 26.33 -59.52 -32.02
CA SER F 193 27.55 -60.35 -32.31
C SER F 193 28.80 -59.59 -31.83
N LYS F 194 29.06 -59.64 -30.52
CA LYS F 194 30.26 -59.09 -29.84
C LYS F 194 31.46 -59.97 -30.15
N ASP F 195 31.25 -61.27 -30.41
CA ASP F 195 32.33 -62.19 -30.82
C ASP F 195 32.79 -61.78 -32.24
N LEU F 196 34.10 -61.66 -32.39
CA LEU F 196 34.83 -61.06 -33.54
C LEU F 196 34.82 -62.03 -34.71
N LEU F 197 34.92 -63.32 -34.42
CA LEU F 197 35.21 -64.39 -35.42
C LEU F 197 34.05 -64.48 -36.40
N LEU F 198 32.83 -64.60 -35.89
CA LEU F 198 31.56 -64.60 -36.68
C LEU F 198 31.50 -63.36 -37.55
N LEU F 199 31.76 -62.23 -36.90
CA LEU F 199 31.65 -60.88 -37.48
C LEU F 199 32.67 -60.74 -38.64
N LEU F 200 33.92 -61.19 -38.45
CA LEU F 200 34.99 -61.21 -39.49
C LEU F 200 34.61 -62.16 -40.64
N LYS F 201 33.99 -63.31 -40.34
CA LYS F 201 33.57 -64.29 -41.38
C LYS F 201 32.48 -63.68 -42.26
N THR F 202 31.49 -63.02 -41.64
CA THR F 202 30.35 -62.35 -42.34
C THR F 202 30.85 -61.18 -43.17
N TRP F 203 31.80 -60.41 -42.63
CA TRP F 203 32.52 -59.37 -43.40
C TRP F 203 33.15 -60.05 -44.61
N SER F 204 32.54 -59.82 -45.76
CA SER F 204 33.06 -60.29 -47.07
C SER F 204 34.04 -59.22 -47.54
N PRO F 205 35.12 -59.60 -48.27
CA PRO F 205 35.88 -58.63 -49.07
C PRO F 205 35.05 -58.24 -50.28
N PRO F 206 35.11 -56.98 -50.74
CA PRO F 206 34.00 -56.39 -51.48
C PRO F 206 33.96 -56.93 -52.91
N ALA F 207 35.13 -57.23 -53.47
CA ALA F 207 35.33 -57.31 -54.93
C ALA F 207 36.39 -58.37 -55.24
N GLU F 208 36.44 -58.71 -56.52
CA GLU F 208 37.53 -59.48 -57.15
C GLU F 208 38.73 -58.52 -57.38
N GLU F 209 38.59 -57.22 -57.07
CA GLU F 209 39.70 -56.23 -57.10
C GLU F 209 40.14 -56.04 -58.56
N LEU F 210 39.30 -55.33 -59.31
CA LEU F 210 39.45 -55.01 -60.75
C LEU F 210 40.71 -54.17 -61.00
N ASP F 211 41.08 -53.97 -62.27
CA ASP F 211 42.33 -53.31 -62.76
C ASP F 211 42.41 -51.88 -62.20
N ALA F 212 42.88 -51.78 -60.96
CA ALA F 212 43.15 -50.52 -60.21
C ALA F 212 44.66 -50.25 -60.24
N PRO F 213 45.16 -49.17 -59.60
CA PRO F 213 46.58 -49.08 -59.22
C PRO F 213 47.08 -50.25 -58.35
N LEU F 214 48.23 -50.86 -58.67
CA LEU F 214 48.73 -52.13 -58.05
C LEU F 214 48.85 -52.00 -56.52
N THR F 215 48.55 -53.12 -55.82
CA THR F 215 48.60 -53.33 -54.34
C THR F 215 49.56 -54.49 -54.01
N LEU F 216 50.17 -54.46 -52.81
CA LEU F 216 51.05 -55.56 -52.32
C LEU F 216 50.20 -56.73 -51.76
N GLN F 217 49.00 -56.48 -51.20
CA GLN F 217 48.14 -57.56 -50.62
C GLN F 217 46.65 -57.23 -50.75
N ASP F 218 45.82 -58.26 -50.95
CA ASP F 218 44.33 -58.19 -51.07
C ASP F 218 43.69 -58.31 -49.67
N ALA F 219 42.50 -57.71 -49.50
CA ALA F 219 41.68 -57.69 -48.26
C ALA F 219 41.32 -59.12 -47.79
N GLN F 220 41.11 -60.05 -48.73
CA GLN F 220 40.77 -61.46 -48.36
C GLN F 220 42.01 -62.15 -47.77
N GLY F 221 43.17 -61.96 -48.39
CA GLY F 221 44.49 -62.42 -47.89
C GLY F 221 44.73 -61.94 -46.48
N LEU F 222 44.30 -60.71 -46.17
CA LEU F 222 44.35 -60.12 -44.81
C LEU F 222 43.25 -60.73 -43.92
N LYS F 223 42.04 -60.99 -44.46
CA LYS F 223 40.90 -61.58 -43.69
C LYS F 223 41.32 -62.95 -43.13
N ASP F 224 41.90 -63.82 -43.97
CA ASP F 224 42.45 -65.18 -43.64
C ASP F 224 43.37 -65.10 -42.41
N VAL F 225 44.34 -64.19 -42.51
CA VAL F 225 45.37 -63.92 -41.50
C VAL F 225 44.68 -63.50 -40.19
N LEU F 226 43.82 -62.49 -40.27
CA LEU F 226 43.02 -61.95 -39.12
C LEU F 226 42.31 -63.09 -38.39
N LEU F 227 41.67 -63.98 -39.18
CA LEU F 227 40.84 -65.09 -38.67
C LEU F 227 41.71 -66.03 -37.83
N THR F 228 42.74 -66.63 -38.44
CA THR F 228 43.65 -67.63 -37.78
C THR F 228 44.32 -66.96 -36.57
N ALA F 229 44.77 -65.72 -36.71
CA ALA F 229 45.49 -64.97 -35.66
C ALA F 229 44.57 -64.75 -34.47
N PHE F 230 43.34 -64.28 -34.70
CA PHE F 230 42.42 -63.98 -33.60
C PHE F 230 41.98 -65.29 -32.94
N ALA F 231 41.67 -66.29 -33.76
CA ALA F 231 41.34 -67.64 -33.27
C ALA F 231 42.40 -68.01 -32.26
N TYR F 232 43.64 -67.90 -32.71
CA TYR F 232 44.86 -68.24 -31.95
C TYR F 232 44.85 -67.50 -30.60
N ARG F 233 44.72 -66.18 -30.61
CA ARG F 233 44.87 -65.38 -29.36
C ARG F 233 43.73 -65.66 -28.41
N GLN F 234 42.51 -65.80 -28.91
CA GLN F 234 41.36 -66.17 -28.04
C GLN F 234 41.64 -67.51 -27.36
N GLY F 235 42.08 -68.50 -28.15
CA GLY F 235 42.41 -69.87 -27.67
C GLY F 235 43.39 -69.83 -26.51
N LEU F 236 44.54 -69.15 -26.69
CA LEU F 236 45.62 -69.02 -25.66
C LEU F 236 45.07 -68.42 -24.37
N GLN F 237 44.36 -67.30 -24.46
CA GLN F 237 43.76 -66.62 -23.29
C GLN F 237 42.83 -67.59 -22.55
N GLU F 238 41.97 -68.30 -23.30
CA GLU F 238 40.97 -69.25 -22.74
C GLU F 238 41.70 -70.41 -22.05
N LEU F 239 42.80 -70.86 -22.66
CA LEU F 239 43.65 -71.95 -22.11
C LEU F 239 44.25 -71.48 -20.77
N ILE F 240 44.87 -70.30 -20.74
CA ILE F 240 45.62 -69.77 -19.56
C ILE F 240 44.63 -69.47 -18.41
N THR F 241 43.40 -69.06 -18.74
CA THR F 241 42.28 -68.80 -17.79
C THR F 241 41.49 -70.09 -17.43
N GLY F 242 42.03 -71.29 -17.71
CA GLY F 242 41.47 -72.58 -17.25
C GLY F 242 40.18 -72.94 -17.95
N ASN F 243 40.09 -72.62 -19.26
CA ASN F 243 38.96 -72.97 -20.16
C ASN F 243 39.54 -73.61 -21.43
N PRO F 244 40.31 -74.72 -21.30
CA PRO F 244 40.77 -75.49 -22.45
C PRO F 244 39.67 -76.36 -23.11
N ASP F 245 38.40 -76.07 -22.84
CA ASP F 245 37.24 -76.62 -23.57
C ASP F 245 37.00 -75.65 -24.74
N LYS F 246 36.83 -74.37 -24.39
CA LYS F 246 36.59 -73.23 -25.32
C LYS F 246 37.74 -73.13 -26.32
N ALA F 247 38.96 -73.35 -25.82
CA ALA F 247 40.18 -73.12 -26.60
C ALA F 247 40.11 -74.01 -27.84
N LEU F 248 39.68 -75.28 -27.71
CA LEU F 248 39.80 -76.34 -28.75
C LEU F 248 39.15 -75.87 -30.04
N SER F 249 37.96 -75.34 -29.90
CA SER F 249 37.14 -74.82 -31.03
C SER F 249 37.94 -73.77 -31.83
N SER F 250 38.33 -72.69 -31.15
CA SER F 250 39.05 -71.54 -31.75
C SER F 250 40.33 -72.03 -32.42
N LEU F 251 41.03 -72.90 -31.73
CA LEU F 251 42.35 -73.37 -32.21
C LEU F 251 42.16 -74.27 -33.43
N HIS F 252 41.16 -75.18 -33.41
CA HIS F 252 40.86 -76.03 -34.59
C HIS F 252 40.59 -75.09 -35.78
N GLU F 253 39.91 -73.97 -35.51
CA GLU F 253 39.69 -72.88 -36.49
C GLU F 253 41.06 -72.38 -36.94
N ALA F 254 42.00 -72.24 -36.01
CA ALA F 254 43.37 -71.83 -36.33
C ALA F 254 44.06 -72.89 -37.21
N ALA F 255 43.76 -74.19 -37.03
CA ALA F 255 44.26 -75.28 -37.90
C ALA F 255 43.64 -75.17 -39.29
N SER F 256 42.32 -75.08 -39.33
CA SER F 256 41.53 -75.06 -40.60
C SER F 256 41.73 -73.70 -41.29
N GLY F 257 42.38 -73.72 -42.47
CA GLY F 257 42.55 -72.57 -43.37
C GLY F 257 44.02 -72.26 -43.64
N LEU F 258 44.33 -70.99 -43.91
CA LEU F 258 45.72 -70.47 -43.87
C LEU F 258 46.16 -70.43 -42.40
N CYS F 259 47.11 -71.29 -42.02
CA CYS F 259 47.98 -71.11 -40.82
C CYS F 259 49.36 -71.68 -41.16
N PRO F 260 50.37 -70.84 -41.52
CA PRO F 260 51.73 -71.30 -41.80
C PRO F 260 52.27 -72.36 -40.82
N ARG F 261 52.82 -73.44 -41.38
CA ARG F 261 53.55 -74.55 -40.71
C ARG F 261 54.10 -74.12 -39.34
N PRO F 262 54.98 -73.10 -39.22
CA PRO F 262 55.46 -72.63 -37.91
C PRO F 262 54.40 -72.44 -36.80
N VAL F 263 53.22 -71.92 -37.17
CA VAL F 263 52.11 -71.62 -36.21
C VAL F 263 51.39 -72.92 -35.91
N LEU F 264 51.07 -73.63 -36.97
CA LEU F 264 50.40 -74.93 -36.91
C LEU F 264 50.95 -75.69 -35.69
N VAL F 265 52.27 -75.79 -35.68
CA VAL F 265 53.04 -76.46 -34.61
C VAL F 265 52.51 -75.91 -33.28
N GLN F 266 52.57 -74.60 -33.14
CA GLN F 266 52.34 -73.87 -31.87
C GLN F 266 50.94 -74.20 -31.35
N VAL F 267 50.01 -74.25 -32.27
CA VAL F 267 48.58 -74.45 -31.98
C VAL F 267 48.40 -75.83 -31.36
N TYR F 268 48.88 -76.81 -32.12
CA TYR F 268 48.79 -78.23 -31.72
C TYR F 268 49.33 -78.32 -30.29
N THR F 269 50.41 -77.58 -30.05
CA THR F 269 51.15 -77.62 -28.77
C THR F 269 50.25 -77.12 -27.66
N ALA F 270 49.60 -76.01 -27.90
CA ALA F 270 48.54 -75.58 -26.99
C ALA F 270 47.65 -76.78 -26.70
N LEU F 271 47.30 -77.53 -27.73
CA LEU F 271 46.34 -78.66 -27.56
C LEU F 271 46.90 -79.70 -26.63
N GLY F 272 48.19 -80.00 -26.78
CA GLY F 272 48.92 -80.84 -25.82
C GLY F 272 48.52 -80.45 -24.41
N SER F 273 48.67 -79.19 -24.09
CA SER F 273 48.38 -78.67 -22.73
C SER F 273 46.89 -78.81 -22.41
N CYS F 274 46.02 -78.52 -23.35
CA CYS F 274 44.55 -78.51 -23.14
C CYS F 274 44.04 -79.88 -22.71
N HIS F 275 44.39 -80.88 -23.50
CA HIS F 275 44.02 -82.28 -23.20
C HIS F 275 44.75 -82.67 -21.92
N ARG F 276 45.96 -82.13 -21.72
CA ARG F 276 46.76 -82.34 -20.48
C ARG F 276 46.01 -81.81 -19.24
N LYS F 277 45.34 -80.67 -19.36
CA LYS F 277 44.60 -80.08 -18.22
C LYS F 277 43.35 -80.88 -17.98
N MET F 278 42.72 -81.28 -19.07
CA MET F 278 41.54 -82.19 -19.09
C MET F 278 41.79 -83.50 -18.30
N GLY F 279 42.89 -84.21 -18.59
CA GLY F 279 43.21 -85.57 -18.12
C GLY F 279 43.51 -86.49 -19.29
N ASN F 280 42.96 -86.18 -20.46
CA ASN F 280 43.06 -86.96 -21.72
C ASN F 280 44.50 -86.92 -22.21
N PRO F 281 45.32 -87.94 -21.89
CA PRO F 281 46.73 -87.84 -22.18
C PRO F 281 47.04 -88.07 -23.66
N GLN F 282 46.25 -88.92 -24.29
CA GLN F 282 46.66 -89.59 -25.55
C GLN F 282 46.38 -88.61 -26.68
N ARG F 283 45.19 -88.02 -26.71
CA ARG F 283 44.88 -86.94 -27.66
C ARG F 283 46.08 -85.99 -27.65
N ALA F 284 46.51 -85.62 -26.43
CA ALA F 284 47.64 -84.71 -26.17
C ALA F 284 48.87 -85.22 -26.92
N LEU F 285 49.27 -86.44 -26.58
CA LEU F 285 50.43 -87.12 -27.20
C LEU F 285 50.38 -87.00 -28.71
N LEU F 286 49.21 -87.29 -29.25
CA LEU F 286 49.01 -87.35 -30.71
C LEU F 286 49.35 -86.00 -31.33
N TYR F 287 48.77 -84.93 -30.77
CA TYR F 287 48.99 -83.53 -31.24
C TYR F 287 50.48 -83.22 -31.14
N LEU F 288 51.07 -83.61 -30.01
CA LEU F 288 52.50 -83.34 -29.70
C LEU F 288 53.36 -83.97 -30.77
N VAL F 289 53.04 -85.21 -31.11
CA VAL F 289 53.77 -86.01 -32.11
C VAL F 289 53.75 -85.23 -33.43
N ALA F 290 52.57 -84.74 -33.80
CA ALA F 290 52.44 -84.01 -35.07
C ALA F 290 53.35 -82.80 -35.01
N ALA F 291 53.19 -82.06 -33.92
CA ALA F 291 53.93 -80.82 -33.67
C ALA F 291 55.38 -81.11 -33.96
N LEU F 292 55.88 -82.20 -33.39
CA LEU F 292 57.27 -82.65 -33.62
C LEU F 292 57.45 -82.68 -35.12
N LYS F 293 56.64 -83.52 -35.75
CA LYS F 293 56.83 -83.89 -37.17
C LYS F 293 56.85 -82.63 -38.02
N GLU F 294 55.80 -81.83 -37.90
CA GLU F 294 55.61 -80.59 -38.70
C GLU F 294 56.72 -79.57 -38.34
N GLY F 295 57.32 -79.69 -37.14
CA GLY F 295 58.36 -78.81 -36.57
C GLY F 295 59.70 -78.77 -37.30
N SER F 296 60.23 -77.56 -37.50
CA SER F 296 61.68 -77.18 -37.60
C SER F 296 62.18 -76.68 -36.22
N ALA F 297 61.25 -76.46 -35.24
CA ALA F 297 61.42 -75.79 -33.91
C ALA F 297 60.58 -76.48 -32.80
N TRP F 298 61.07 -77.63 -32.33
CA TRP F 298 60.28 -78.53 -31.47
C TRP F 298 60.82 -78.46 -30.06
N GLY F 299 61.34 -77.32 -29.65
CA GLY F 299 61.63 -77.06 -28.24
C GLY F 299 60.35 -77.18 -27.44
N PRO F 300 59.38 -76.33 -27.77
CA PRO F 300 58.23 -76.20 -26.87
C PRO F 300 57.41 -77.49 -26.65
N PRO F 301 57.22 -78.33 -27.70
CA PRO F 301 56.47 -79.57 -27.51
C PRO F 301 56.99 -80.36 -26.32
N LEU F 302 58.26 -80.77 -26.42
CA LEU F 302 58.90 -81.77 -25.54
C LEU F 302 58.82 -81.24 -24.12
N LEU F 303 58.85 -79.91 -24.02
CA LEU F 303 58.59 -79.23 -22.74
C LEU F 303 57.19 -79.62 -22.26
N GLU F 304 56.18 -79.57 -23.12
CA GLU F 304 54.85 -80.06 -22.66
C GLU F 304 54.95 -81.57 -22.37
N ALA F 305 55.64 -82.33 -23.23
CA ALA F 305 55.86 -83.78 -23.03
C ALA F 305 56.24 -84.02 -21.57
N SER F 306 57.22 -83.25 -21.13
CA SER F 306 57.81 -83.33 -19.78
C SER F 306 56.75 -83.13 -18.73
N ARG F 307 56.03 -82.05 -18.88
CA ARG F 307 55.02 -81.69 -17.87
C ARG F 307 54.04 -82.85 -17.79
N LEU F 308 53.73 -83.46 -18.94
CA LEU F 308 52.70 -84.51 -19.06
C LEU F 308 53.18 -85.72 -18.28
N TYR F 309 54.36 -86.15 -18.65
CA TYR F 309 54.97 -87.33 -18.02
C TYR F 309 55.12 -87.07 -16.52
N GLN F 310 55.27 -85.83 -16.08
CA GLN F 310 55.24 -85.56 -14.62
C GLN F 310 53.87 -85.90 -14.07
N GLN F 311 52.83 -85.43 -14.76
CA GLN F 311 51.43 -85.61 -14.31
C GLN F 311 51.14 -87.11 -14.13
N LEU F 312 51.74 -87.97 -14.97
CA LEU F 312 51.69 -89.44 -14.78
C LEU F 312 52.64 -89.88 -13.65
N GLY F 313 53.80 -89.21 -13.50
CA GLY F 313 54.88 -89.54 -12.55
C GLY F 313 55.90 -90.50 -13.15
N ASP F 314 55.90 -90.61 -14.49
CA ASP F 314 56.74 -91.52 -15.32
C ASP F 314 58.12 -90.87 -15.42
N THR F 315 58.84 -90.87 -14.29
CA THR F 315 60.04 -90.02 -14.03
C THR F 315 61.08 -90.28 -15.11
N THR F 316 61.28 -91.56 -15.40
CA THR F 316 62.23 -92.10 -16.42
C THR F 316 62.04 -91.34 -17.74
N ALA F 317 60.81 -91.37 -18.23
CA ALA F 317 60.46 -90.71 -19.49
C ALA F 317 60.69 -89.21 -19.32
N GLU F 318 60.19 -88.66 -18.19
CA GLU F 318 60.31 -87.22 -17.85
C GLU F 318 61.70 -86.78 -18.21
N LEU F 319 62.66 -87.37 -17.55
CA LEU F 319 64.03 -86.84 -17.62
C LEU F 319 64.51 -86.93 -19.07
N GLU F 320 64.11 -88.01 -19.72
CA GLU F 320 64.63 -88.30 -21.06
C GLU F 320 64.25 -87.11 -21.93
N SER F 321 62.96 -86.85 -22.01
CA SER F 321 62.39 -85.78 -22.87
C SER F 321 63.25 -84.53 -22.72
N LEU F 322 63.56 -84.19 -21.49
CA LEU F 322 64.30 -82.96 -21.16
C LEU F 322 65.71 -83.07 -21.69
N GLU F 323 66.33 -84.22 -21.47
CA GLU F 323 67.70 -84.38 -22.00
C GLU F 323 67.67 -83.94 -23.46
N LEU F 324 66.72 -84.53 -24.17
CA LEU F 324 66.59 -84.40 -25.63
C LEU F 324 66.41 -82.93 -25.96
N LEU F 325 65.53 -82.35 -25.16
CA LEU F 325 65.26 -80.91 -25.15
C LEU F 325 66.55 -80.15 -25.34
N VAL F 326 67.55 -80.47 -24.54
CA VAL F 326 68.75 -79.60 -24.45
C VAL F 326 69.47 -79.58 -25.79
N GLU F 327 69.69 -80.75 -26.35
CA GLU F 327 70.34 -80.88 -27.68
C GLU F 327 69.48 -80.19 -28.72
N ALA F 328 68.16 -80.30 -28.57
CA ALA F 328 67.21 -79.65 -29.47
C ALA F 328 67.57 -78.18 -29.53
N LEU F 329 67.64 -77.57 -28.36
CA LEU F 329 67.84 -76.11 -28.25
C LEU F 329 69.27 -75.74 -28.65
N ASN F 330 70.17 -76.71 -28.75
CA ASN F 330 71.54 -76.54 -29.32
C ASN F 330 71.50 -75.89 -30.73
N VAL F 331 70.73 -76.45 -31.68
CA VAL F 331 70.60 -76.01 -33.12
C VAL F 331 69.69 -74.77 -33.17
N PRO F 332 69.93 -73.75 -34.05
CA PRO F 332 68.95 -72.69 -34.34
C PRO F 332 67.78 -73.00 -35.30
N ALA F 337 62.25 -66.79 -42.95
CA ALA F 337 62.82 -65.53 -43.49
C ALA F 337 61.71 -64.47 -43.61
N PRO F 338 62.02 -63.19 -43.27
CA PRO F 338 60.99 -62.15 -43.13
C PRO F 338 60.45 -61.54 -44.44
N GLN F 339 59.22 -61.90 -44.85
CA GLN F 339 58.58 -61.37 -46.09
C GLN F 339 58.10 -59.92 -45.88
N PHE F 340 58.19 -59.08 -46.91
CA PHE F 340 57.64 -57.69 -46.93
C PHE F 340 56.18 -57.84 -47.34
N LEU F 341 55.39 -58.36 -46.38
CA LEU F 341 53.96 -58.74 -46.47
C LEU F 341 53.45 -58.81 -45.03
N ILE F 342 52.13 -58.79 -44.82
CA ILE F 342 51.59 -59.09 -43.46
C ILE F 342 51.27 -60.58 -43.39
N GLU F 343 52.12 -61.28 -42.65
CA GLU F 343 51.98 -62.69 -42.22
C GLU F 343 51.39 -62.70 -40.81
N VAL F 344 51.24 -63.88 -40.24
CA VAL F 344 50.49 -64.10 -38.97
C VAL F 344 51.38 -63.65 -37.82
N GLU F 345 52.66 -64.05 -37.81
CA GLU F 345 53.56 -63.98 -36.62
C GLU F 345 53.69 -62.51 -36.18
N LEU F 346 53.68 -61.58 -37.14
CA LEU F 346 53.57 -60.10 -36.98
C LEU F 346 52.48 -59.74 -35.94
N LEU F 347 51.33 -60.40 -36.07
CA LEU F 347 50.13 -60.14 -35.24
C LEU F 347 50.13 -61.04 -34.04
N LEU F 348 50.87 -62.13 -34.06
CA LEU F 348 51.01 -62.99 -32.87
C LEU F 348 51.74 -62.18 -31.80
N PRO F 349 51.43 -62.42 -30.48
CA PRO F 349 52.16 -61.74 -29.38
C PRO F 349 53.51 -62.40 -29.06
N PRO F 350 54.42 -61.80 -28.26
CA PRO F 350 55.41 -62.59 -27.52
C PRO F 350 54.74 -63.25 -26.31
N PRO F 351 54.94 -64.57 -26.11
CA PRO F 351 54.21 -65.33 -25.13
C PRO F 351 54.78 -64.95 -23.77
N ASP F 352 54.08 -65.38 -22.75
CA ASP F 352 54.39 -65.10 -21.34
C ASP F 352 55.25 -66.24 -20.83
N LEU F 353 55.40 -66.30 -19.51
CA LEU F 353 55.98 -67.45 -18.77
C LEU F 353 54.87 -68.44 -18.40
N ALA F 354 53.60 -68.02 -18.28
CA ALA F 354 52.46 -68.92 -17.99
C ALA F 354 52.02 -69.75 -19.22
N SER F 355 52.51 -69.42 -20.42
CA SER F 355 52.16 -70.09 -21.70
C SER F 355 52.71 -71.51 -21.68
N PRO F 356 52.07 -72.48 -22.34
CA PRO F 356 52.77 -73.68 -22.78
C PRO F 356 53.59 -73.45 -24.07
N LEU F 357 53.70 -72.24 -24.61
CA LEU F 357 54.72 -71.93 -25.65
C LEU F 357 55.88 -71.18 -25.07
N HIS F 358 55.98 -71.11 -23.75
CA HIS F 358 57.20 -70.62 -23.07
C HIS F 358 58.26 -71.71 -23.02
N CYS F 359 59.29 -71.54 -23.83
CA CYS F 359 60.51 -72.37 -23.82
C CYS F 359 61.69 -71.43 -23.66
N GLY F 360 62.45 -71.65 -22.60
CA GLY F 360 63.64 -70.85 -22.33
C GLY F 360 64.76 -71.13 -23.31
N THR F 361 65.98 -71.03 -22.78
CA THR F 361 67.23 -71.35 -23.51
C THR F 361 67.91 -72.54 -22.88
N GLN F 362 68.75 -73.12 -23.72
CA GLN F 362 69.67 -74.21 -23.39
C GLN F 362 69.98 -74.25 -21.89
N SER F 363 70.55 -73.17 -21.41
CA SER F 363 71.17 -73.13 -20.08
C SER F 363 70.04 -73.23 -19.08
N GLN F 364 69.00 -72.46 -19.36
CA GLN F 364 67.83 -72.32 -18.47
C GLN F 364 67.21 -73.72 -18.28
N THR F 365 67.31 -74.51 -19.31
CA THR F 365 66.63 -75.80 -19.30
C THR F 365 67.49 -76.80 -18.60
N LYS F 366 68.71 -76.84 -19.07
CA LYS F 366 69.66 -77.76 -18.45
C LYS F 366 69.41 -77.61 -16.97
N HIS F 367 69.21 -76.39 -16.51
CA HIS F 367 68.97 -76.16 -15.07
C HIS F 367 67.75 -76.95 -14.66
N ILE F 368 66.69 -76.97 -15.46
CA ILE F 368 65.41 -77.63 -15.08
C ILE F 368 65.70 -79.10 -14.77
N LEU F 369 66.36 -79.70 -15.77
CA LEU F 369 66.77 -81.13 -15.87
C LEU F 369 67.45 -81.52 -14.56
N ALA F 370 68.50 -80.78 -14.24
CA ALA F 370 69.29 -80.94 -13.03
C ALA F 370 68.36 -80.70 -11.85
N SER F 371 67.57 -79.64 -11.89
CA SER F 371 66.65 -79.32 -10.78
C SER F 371 65.78 -80.57 -10.55
N ARG F 372 65.09 -80.97 -11.60
CA ARG F 372 63.98 -81.98 -11.56
C ARG F 372 64.61 -83.27 -10.99
N CYS F 373 65.76 -83.61 -11.57
CA CYS F 373 66.61 -84.76 -11.24
C CYS F 373 66.93 -84.74 -9.76
N LEU F 374 67.21 -83.56 -9.23
CA LEU F 374 67.72 -83.43 -7.86
C LEU F 374 66.57 -83.75 -6.95
N GLN F 375 65.36 -83.35 -7.32
CA GLN F 375 64.21 -83.57 -6.42
C GLN F 375 63.88 -85.08 -6.31
N THR F 376 64.19 -85.85 -7.37
CA THR F 376 63.86 -87.30 -7.51
C THR F 376 64.75 -88.17 -6.61
N GLY F 377 66.02 -87.77 -6.42
CA GLY F 377 67.09 -88.54 -5.76
C GLY F 377 67.91 -89.37 -6.75
N ARG F 378 68.41 -88.72 -7.81
CA ARG F 378 69.40 -89.29 -8.77
C ARG F 378 70.60 -88.37 -8.67
N ALA F 379 71.06 -88.30 -7.44
CA ALA F 379 71.98 -87.25 -7.00
C ALA F 379 73.19 -87.18 -7.95
N GLY F 380 73.91 -88.30 -8.13
CA GLY F 380 75.11 -88.35 -8.98
C GLY F 380 74.84 -87.68 -10.31
N ASP F 381 73.93 -88.27 -11.07
CA ASP F 381 73.46 -87.75 -12.38
C ASP F 381 73.21 -86.26 -12.23
N ALA F 382 72.47 -85.93 -11.17
CA ALA F 382 72.07 -84.56 -10.90
C ALA F 382 73.33 -83.73 -10.95
N ALA F 383 74.34 -84.19 -10.25
CA ALA F 383 75.57 -83.41 -10.09
C ALA F 383 76.09 -83.00 -11.47
N GLU F 384 76.34 -84.04 -12.24
CA GLU F 384 76.96 -83.99 -13.58
C GLU F 384 76.18 -83.01 -14.42
N HIS F 385 74.87 -83.16 -14.39
CA HIS F 385 74.00 -82.14 -14.98
C HIS F 385 74.53 -80.87 -14.32
N TYR F 386 74.44 -80.68 -13.01
CA TYR F 386 74.71 -79.32 -12.50
C TYR F 386 76.09 -78.84 -12.88
N LEU F 387 77.07 -79.70 -12.96
CA LEU F 387 78.42 -79.20 -13.32
C LEU F 387 78.44 -78.69 -14.75
N ASP F 388 77.77 -79.44 -15.63
CA ASP F 388 77.59 -79.10 -17.06
C ASP F 388 76.89 -77.76 -17.13
N LEU F 389 75.84 -77.62 -16.33
CA LEU F 389 75.21 -76.31 -16.14
C LEU F 389 76.33 -75.30 -15.96
N LEU F 390 77.15 -75.54 -14.93
CA LEU F 390 78.03 -74.46 -14.45
C LEU F 390 79.08 -74.24 -15.51
N ALA F 391 79.63 -75.31 -16.02
CA ALA F 391 80.56 -75.19 -17.16
C ALA F 391 79.99 -74.19 -18.13
N LEU F 392 78.80 -74.49 -18.62
CA LEU F 392 78.20 -73.66 -19.65
C LEU F 392 78.32 -72.21 -19.14
N LEU F 393 77.75 -71.91 -17.96
CA LEU F 393 77.38 -70.50 -17.59
C LEU F 393 78.61 -69.60 -17.55
N LEU F 394 79.72 -70.15 -17.08
CA LEU F 394 80.87 -69.36 -16.60
C LEU F 394 81.95 -69.32 -17.66
N ASP F 395 82.07 -70.45 -18.34
CA ASP F 395 83.19 -70.73 -19.27
C ASP F 395 82.94 -70.04 -20.62
N SER F 396 81.69 -69.60 -20.86
CA SER F 396 81.18 -69.01 -22.11
C SER F 396 81.68 -67.55 -22.17
N SER F 397 82.93 -67.47 -22.65
CA SER F 397 83.66 -66.24 -23.05
C SER F 397 83.73 -66.16 -24.61
N GLU F 398 84.08 -67.28 -25.28
CA GLU F 398 84.36 -67.42 -26.73
C GLU F 398 83.08 -67.28 -27.56
N PRO F 399 82.09 -68.21 -27.47
CA PRO F 399 80.98 -68.22 -28.41
C PRO F 399 79.88 -67.19 -28.06
N ARG F 400 78.70 -67.35 -28.66
CA ARG F 400 77.40 -66.82 -28.12
C ARG F 400 77.22 -67.15 -26.63
N PHE F 401 76.83 -66.13 -25.88
CA PHE F 401 76.49 -66.28 -24.44
C PHE F 401 75.31 -67.22 -24.32
N SER F 402 75.43 -67.87 -23.20
CA SER F 402 74.63 -68.99 -22.71
C SER F 402 74.19 -68.50 -21.33
N PRO F 403 72.92 -68.14 -21.10
CA PRO F 403 72.51 -67.29 -19.99
C PRO F 403 72.20 -68.04 -18.72
N PRO F 404 71.96 -67.34 -17.61
CA PRO F 404 71.66 -67.99 -16.37
C PRO F 404 70.17 -68.14 -16.31
N PRO F 405 69.70 -68.82 -15.29
CA PRO F 405 68.26 -68.92 -15.06
C PRO F 405 67.73 -67.55 -14.65
N SER F 406 66.54 -67.20 -15.20
CA SER F 406 65.62 -66.03 -14.97
C SER F 406 65.05 -65.91 -13.52
N PRO F 407 64.73 -64.69 -12.94
CA PRO F 407 64.45 -64.46 -11.50
C PRO F 407 63.02 -64.48 -10.90
N PRO F 408 62.05 -65.18 -11.54
CA PRO F 408 61.10 -66.02 -10.81
C PRO F 408 61.76 -67.32 -10.31
N GLY F 409 62.70 -67.88 -11.11
CA GLY F 409 63.65 -68.96 -10.75
C GLY F 409 64.77 -68.54 -9.78
N PRO F 410 65.75 -69.42 -9.46
CA PRO F 410 66.89 -69.01 -8.63
C PRO F 410 68.04 -68.28 -9.37
N CYS F 411 68.64 -67.36 -8.59
CA CYS F 411 69.79 -66.43 -8.84
C CYS F 411 71.06 -67.23 -8.96
N MET F 412 72.13 -66.59 -9.38
CA MET F 412 73.33 -67.38 -9.72
C MET F 412 73.99 -68.08 -8.52
N PRO F 413 74.03 -67.51 -7.30
CA PRO F 413 74.36 -68.27 -6.09
C PRO F 413 73.40 -69.28 -5.50
N GLU F 414 72.10 -69.09 -5.48
CA GLU F 414 71.26 -70.23 -5.10
C GLU F 414 71.68 -71.45 -5.92
N VAL F 415 71.92 -71.32 -7.21
CA VAL F 415 72.36 -72.45 -8.09
C VAL F 415 73.62 -73.15 -7.58
N PHE F 416 74.77 -72.48 -7.47
CA PHE F 416 76.06 -73.09 -7.07
C PHE F 416 75.92 -73.98 -5.86
N LEU F 417 75.17 -73.46 -4.90
CA LEU F 417 74.69 -74.26 -3.76
C LEU F 417 74.09 -75.56 -4.32
N GLU F 418 73.00 -75.51 -5.09
CA GLU F 418 72.36 -76.76 -5.63
C GLU F 418 73.47 -77.64 -6.26
N ALA F 419 74.47 -77.05 -6.93
CA ALA F 419 75.67 -77.75 -7.44
C ALA F 419 76.31 -78.49 -6.29
N ALA F 420 76.81 -77.74 -5.35
CA ALA F 420 77.49 -78.39 -4.22
C ALA F 420 76.51 -79.41 -3.53
N VAL F 421 75.17 -79.22 -3.39
CA VAL F 421 74.26 -80.16 -2.63
C VAL F 421 74.19 -81.54 -3.29
N ALA F 422 74.09 -81.55 -4.59
CA ALA F 422 74.21 -82.79 -5.39
C ALA F 422 75.57 -83.43 -5.15
N LEU F 423 76.62 -82.66 -5.28
CA LEU F 423 77.97 -83.20 -5.08
C LEU F 423 78.06 -83.88 -3.72
N ILE F 424 77.32 -83.41 -2.70
CA ILE F 424 77.24 -84.06 -1.35
C ILE F 424 76.40 -85.34 -1.38
N GLN F 425 75.35 -85.42 -2.18
CA GLN F 425 74.53 -86.67 -2.25
C GLN F 425 75.19 -87.73 -3.15
N ALA F 426 76.15 -87.35 -4.02
CA ALA F 426 77.14 -88.28 -4.65
C ALA F 426 78.05 -88.92 -3.57
N GLY F 427 78.48 -88.15 -2.56
CA GLY F 427 79.65 -88.41 -1.70
C GLY F 427 80.85 -87.94 -2.48
N ARG F 428 80.82 -86.72 -3.03
CA ARG F 428 81.92 -86.09 -3.80
C ARG F 428 82.38 -84.85 -3.01
N ALA F 429 82.50 -85.03 -1.70
CA ALA F 429 82.65 -83.96 -0.73
C ALA F 429 83.89 -83.09 -1.02
N GLN F 430 85.03 -83.64 -1.51
CA GLN F 430 86.29 -82.85 -1.88
C GLN F 430 86.09 -82.02 -3.17
N ASP F 431 85.04 -82.30 -3.91
CA ASP F 431 84.62 -81.40 -5.01
C ASP F 431 83.80 -80.29 -4.34
N ALA F 432 82.77 -80.70 -3.57
CA ALA F 432 81.70 -79.84 -2.97
C ALA F 432 82.36 -78.65 -2.31
N LEU F 433 83.58 -78.90 -1.83
CA LEU F 433 84.47 -77.87 -1.26
C LEU F 433 85.23 -77.12 -2.39
N THR F 434 85.69 -77.67 -3.52
CA THR F 434 86.36 -76.82 -4.56
C THR F 434 85.39 -75.82 -5.19
N LEU F 435 84.08 -76.13 -5.12
CA LEU F 435 82.89 -75.23 -5.37
C LEU F 435 82.73 -74.13 -4.29
N CYS F 436 82.35 -74.45 -3.03
CA CYS F 436 82.16 -73.44 -1.94
C CYS F 436 83.42 -72.60 -1.75
N GLU F 437 84.65 -73.05 -2.16
CA GLU F 437 85.96 -72.28 -2.28
C GLU F 437 85.92 -71.28 -3.44
N GLU F 438 85.62 -71.79 -4.63
CA GLU F 438 85.52 -70.90 -5.79
C GLU F 438 84.42 -69.85 -5.52
N LEU F 439 83.30 -70.24 -4.92
CA LEU F 439 82.23 -69.26 -4.61
C LEU F 439 82.77 -68.09 -3.76
N LEU F 440 83.18 -68.39 -2.53
CA LEU F 440 83.49 -67.35 -1.53
C LEU F 440 84.77 -66.65 -1.97
N SER F 441 85.57 -67.19 -2.95
CA SER F 441 86.74 -66.54 -3.67
C SER F 441 86.36 -65.39 -4.64
N ARG F 442 85.28 -65.57 -5.41
CA ARG F 442 84.77 -64.52 -6.32
C ARG F 442 84.09 -63.41 -5.55
N THR F 443 83.53 -63.75 -4.41
CA THR F 443 82.54 -62.90 -3.73
C THR F 443 83.03 -62.43 -2.36
N SER F 444 84.28 -62.68 -1.97
CA SER F 444 85.11 -61.86 -1.02
C SER F 444 84.66 -60.39 -0.96
N SER F 445 84.91 -59.76 -2.13
CA SER F 445 84.77 -58.36 -2.62
C SER F 445 83.30 -57.87 -2.49
N LEU F 446 82.40 -58.72 -1.96
CA LEU F 446 81.15 -58.28 -1.32
C LEU F 446 81.38 -58.25 0.17
N LEU F 447 81.78 -59.36 0.72
CA LEU F 447 81.06 -59.93 1.88
C LEU F 447 81.05 -59.05 3.12
N PRO F 448 80.19 -59.36 4.14
CA PRO F 448 80.34 -58.72 5.47
C PRO F 448 81.67 -59.02 6.23
N LYS F 449 82.61 -58.02 6.39
CA LYS F 449 84.02 -58.20 6.89
C LYS F 449 84.06 -58.38 8.43
N MET F 450 82.93 -58.66 9.11
CA MET F 450 82.84 -59.45 10.38
C MET F 450 83.80 -58.90 11.47
N SER F 451 83.72 -57.59 11.74
CA SER F 451 84.38 -56.89 12.88
C SER F 451 83.44 -56.93 14.10
N ARG F 452 82.12 -57.07 13.90
CA ARG F 452 81.08 -57.43 14.92
C ARG F 452 81.53 -58.68 15.71
N LEU F 453 82.33 -59.56 15.07
CA LEU F 453 83.14 -60.64 15.70
C LEU F 453 83.90 -60.13 16.94
N TRP F 454 84.54 -58.96 16.87
CA TRP F 454 85.24 -58.38 18.04
C TRP F 454 84.26 -57.65 18.98
N GLU F 455 83.22 -56.95 18.46
CA GLU F 455 82.35 -56.04 19.29
C GLU F 455 81.30 -56.80 20.13
N ASP F 456 81.07 -58.12 19.92
CA ASP F 456 79.96 -58.95 20.48
C ASP F 456 80.12 -59.19 21.99
N GLU F 463 71.65 -58.49 13.37
CA GLU F 463 70.70 -57.54 14.03
C GLU F 463 70.77 -56.21 13.28
N LEU F 464 72.01 -55.68 13.23
CA LEU F 464 72.45 -54.48 12.48
C LEU F 464 73.12 -54.94 11.14
N PRO F 465 74.37 -55.51 10.98
CA PRO F 465 74.89 -55.82 9.64
C PRO F 465 74.06 -56.86 8.90
N TYR F 466 74.33 -56.92 7.64
CA TYR F 466 73.51 -57.57 6.63
C TYR F 466 74.31 -58.79 6.22
N CYS F 467 73.76 -60.00 6.21
CA CYS F 467 74.35 -61.20 5.50
C CYS F 467 73.29 -61.78 4.56
N PRO F 468 73.48 -61.75 3.21
CA PRO F 468 72.49 -62.41 2.34
C PRO F 468 72.31 -63.89 2.77
N LEU F 469 71.12 -64.44 2.88
CA LEU F 469 71.05 -65.83 3.37
C LEU F 469 72.13 -66.66 2.73
N TRP F 470 72.34 -66.61 1.40
CA TRP F 470 73.23 -67.59 0.71
C TRP F 470 74.64 -67.63 1.33
N VAL F 471 75.21 -66.53 1.84
CA VAL F 471 76.59 -66.58 2.39
C VAL F 471 76.59 -67.36 3.71
N SER F 472 75.63 -67.14 4.60
CA SER F 472 75.44 -68.01 5.79
C SER F 472 75.43 -69.49 5.36
N ALA F 473 74.60 -69.87 4.39
CA ALA F 473 74.50 -71.25 3.89
C ALA F 473 75.81 -71.79 3.26
N THR F 474 76.48 -71.05 2.40
CA THR F 474 77.70 -71.64 1.85
C THR F 474 78.43 -72.29 2.99
N HIS F 475 78.54 -71.58 4.12
CA HIS F 475 79.30 -72.04 5.31
C HIS F 475 78.64 -73.29 5.86
N LEU F 476 77.34 -73.35 6.02
CA LEU F 476 76.64 -74.59 6.47
C LEU F 476 77.10 -75.84 5.69
N LEU F 477 77.09 -75.77 4.36
CA LEU F 477 77.44 -76.90 3.40
C LEU F 477 78.96 -77.18 3.28
N GLN F 478 79.83 -76.16 3.17
CA GLN F 478 81.28 -76.36 3.42
C GLN F 478 81.38 -77.38 4.54
N GLY F 479 80.54 -77.25 5.60
CA GLY F 479 80.50 -77.99 6.89
C GLY F 479 80.05 -79.44 6.80
N GLN F 480 78.87 -79.62 6.23
CA GLN F 480 78.36 -80.97 5.93
C GLN F 480 79.39 -81.74 5.07
N ALA F 481 80.08 -81.05 4.11
CA ALA F 481 81.18 -81.55 3.21
C ALA F 481 82.33 -82.17 4.02
N TRP F 482 82.91 -81.38 4.93
CA TRP F 482 83.85 -81.87 5.97
C TRP F 482 83.28 -83.03 6.77
N VAL F 483 81.98 -83.10 7.06
CA VAL F 483 81.45 -84.28 7.77
C VAL F 483 81.66 -85.55 6.98
N GLN F 484 81.34 -85.54 5.70
CA GLN F 484 81.52 -86.75 4.85
C GLN F 484 83.00 -87.17 4.78
N LEU F 485 83.93 -86.21 4.85
CA LEU F 485 85.40 -86.45 4.97
C LEU F 485 85.86 -86.64 6.42
N GLY F 486 84.92 -86.62 7.40
CA GLY F 486 85.03 -87.00 8.84
C GLY F 486 86.05 -86.18 9.63
N ALA F 487 85.72 -84.94 10.07
CA ALA F 487 86.68 -83.96 10.69
C ALA F 487 85.95 -83.04 11.67
N GLN F 488 85.50 -83.62 12.80
CA GLN F 488 84.66 -82.93 13.82
C GLN F 488 85.02 -81.45 13.85
N LYS F 489 86.31 -81.15 14.07
CA LYS F 489 86.78 -79.77 14.38
C LYS F 489 86.29 -78.88 13.26
N VAL F 490 86.95 -79.07 12.13
CA VAL F 490 86.96 -78.03 11.10
C VAL F 490 85.52 -77.94 10.58
N ALA F 491 84.75 -79.02 10.76
CA ALA F 491 83.29 -79.02 10.53
C ALA F 491 82.54 -78.06 11.47
N ILE F 492 82.69 -78.27 12.77
CA ILE F 492 81.98 -77.50 13.81
C ILE F 492 82.47 -76.06 13.83
N SER F 493 83.66 -75.77 13.26
CA SER F 493 84.01 -74.42 12.72
C SER F 493 82.82 -73.89 11.92
N GLU F 494 82.38 -74.67 10.96
CA GLU F 494 81.51 -74.13 9.92
C GLU F 494 80.07 -74.15 10.37
N PHE F 495 79.67 -75.03 11.26
CA PHE F 495 78.32 -74.90 11.85
C PHE F 495 78.18 -73.71 12.76
N SER F 496 79.16 -73.48 13.59
CA SER F 496 79.19 -72.23 14.37
C SER F 496 79.33 -70.99 13.46
N ARG F 497 80.08 -71.05 12.34
CA ARG F 497 80.34 -69.83 11.54
C ARG F 497 79.13 -69.40 10.70
N CYS F 498 78.41 -70.32 10.07
CA CYS F 498 76.96 -70.15 9.70
C CYS F 498 76.22 -69.48 10.85
N LEU F 499 76.03 -70.16 11.99
CA LEU F 499 75.08 -69.72 13.03
C LEU F 499 75.34 -68.30 13.43
N GLU F 500 76.60 -67.88 13.46
CA GLU F 500 76.86 -66.45 13.77
C GLU F 500 76.34 -65.59 12.59
N LEU F 501 76.58 -65.93 11.34
CA LEU F 501 76.06 -65.03 10.31
C LEU F 501 74.54 -65.13 10.16
N LEU F 502 73.81 -65.93 10.97
CA LEU F 502 72.29 -65.95 11.11
C LEU F 502 71.79 -65.23 12.37
N PHE F 503 72.66 -64.61 13.12
CA PHE F 503 72.23 -64.00 14.39
C PHE F 503 72.89 -62.65 14.62
N ARG F 504 74.21 -62.52 14.53
CA ARG F 504 74.85 -61.16 14.53
C ARG F 504 74.78 -60.63 13.13
N ALA F 505 73.97 -61.28 12.30
CA ALA F 505 73.31 -60.62 11.17
C ALA F 505 71.84 -61.05 11.03
N THR F 506 71.10 -60.12 10.47
CA THR F 506 69.82 -60.28 9.79
C THR F 506 70.21 -60.20 8.31
N PRO F 507 69.58 -61.00 7.44
CA PRO F 507 69.67 -60.71 6.01
C PRO F 507 68.87 -59.48 5.55
N GLU F 508 67.71 -59.20 6.16
CA GLU F 508 66.60 -58.38 5.57
C GLU F 508 66.94 -56.88 5.59
N GLU F 509 67.97 -56.50 4.81
CA GLU F 509 68.70 -55.20 4.89
C GLU F 509 68.96 -54.62 3.48
N LYS F 510 67.96 -53.93 2.93
CA LYS F 510 67.96 -53.25 1.60
C LYS F 510 67.91 -51.75 1.85
N GLU F 511 68.37 -51.26 3.01
CA GLU F 511 68.17 -49.85 3.46
C GLU F 511 68.36 -48.91 2.24
N GLN F 512 69.34 -49.24 1.41
CA GLN F 512 69.71 -48.61 0.11
C GLN F 512 69.30 -49.57 -1.03
N GLY F 513 68.60 -49.08 -2.06
CA GLY F 513 68.58 -49.73 -3.38
C GLY F 513 69.92 -49.57 -4.07
N ALA F 514 70.93 -50.40 -3.69
CA ALA F 514 72.36 -50.28 -4.05
C ALA F 514 72.71 -51.15 -5.27
N ALA F 515 71.84 -52.11 -5.64
CA ALA F 515 72.14 -53.21 -6.58
C ALA F 515 70.89 -53.94 -7.10
N PHE F 516 71.21 -55.06 -7.68
CA PHE F 516 70.35 -56.18 -8.06
C PHE F 516 70.50 -57.22 -6.95
N ASN F 517 69.41 -57.92 -6.65
CA ASN F 517 69.31 -58.82 -5.47
C ASN F 517 68.52 -60.06 -5.81
N CYS F 518 68.72 -61.10 -5.00
CA CYS F 518 67.76 -62.22 -4.82
C CYS F 518 66.53 -61.66 -4.12
N GLU F 519 65.39 -61.68 -4.81
CA GLU F 519 64.12 -61.04 -4.37
C GLU F 519 63.42 -61.91 -3.31
N GLN F 520 63.62 -63.20 -3.43
CA GLN F 520 62.56 -64.21 -3.22
C GLN F 520 63.19 -65.29 -2.37
N GLY F 521 64.14 -65.98 -3.02
CA GLY F 521 64.92 -67.08 -2.47
C GLY F 521 65.54 -66.61 -1.18
N CYS F 522 66.27 -65.50 -1.20
CA CYS F 522 67.23 -65.15 -0.11
C CYS F 522 66.71 -63.97 0.75
N LYS F 523 65.40 -63.93 1.01
CA LYS F 523 64.76 -62.96 1.94
C LYS F 523 63.74 -63.59 2.84
N SER F 524 63.01 -64.57 2.32
CA SER F 524 61.95 -65.29 3.08
C SER F 524 62.42 -65.50 4.50
N ASP F 525 61.65 -64.95 5.45
CA ASP F 525 61.69 -65.35 6.89
C ASP F 525 61.50 -66.88 7.01
N ALA F 526 60.72 -67.53 6.13
CA ALA F 526 60.64 -69.01 6.08
C ALA F 526 62.02 -69.64 5.75
N ALA F 527 62.75 -69.09 4.76
CA ALA F 527 64.12 -69.48 4.34
C ALA F 527 65.11 -69.35 5.50
N LEU F 528 65.05 -68.21 6.19
CA LEU F 528 65.84 -67.97 7.42
C LEU F 528 65.46 -68.95 8.57
N GLN F 529 64.21 -69.08 9.03
CA GLN F 529 63.93 -69.93 10.22
C GLN F 529 64.14 -71.40 9.90
N GLN F 530 64.14 -71.78 8.62
CA GLN F 530 64.47 -73.17 8.22
C GLN F 530 65.98 -73.41 8.16
N LEU F 531 66.76 -72.43 7.68
CA LEU F 531 68.24 -72.46 7.55
C LEU F 531 68.93 -72.48 8.93
N ARG F 532 68.52 -71.62 9.85
CA ARG F 532 68.89 -71.72 11.29
C ARG F 532 68.61 -73.15 11.69
N ALA F 533 67.33 -73.53 11.79
CA ALA F 533 66.90 -74.83 12.34
C ALA F 533 67.85 -75.92 11.81
N ALA F 534 68.26 -75.83 10.55
CA ALA F 534 69.27 -76.74 9.98
C ALA F 534 70.66 -76.64 10.61
N ALA F 535 71.37 -75.53 10.45
CA ALA F 535 72.75 -75.39 10.96
C ALA F 535 72.80 -75.91 12.38
N LEU F 536 71.78 -75.64 13.23
CA LEU F 536 71.69 -76.11 14.66
C LEU F 536 71.51 -77.63 14.72
N ILE F 537 70.63 -78.15 13.87
CA ILE F 537 70.48 -79.62 13.75
C ILE F 537 71.83 -80.18 13.31
N SER F 538 72.45 -79.63 12.27
CA SER F 538 73.76 -80.12 11.77
C SER F 538 74.76 -80.20 12.93
N ARG F 539 74.82 -79.15 13.75
CA ARG F 539 75.77 -79.07 14.88
C ARG F 539 75.40 -80.11 15.93
N GLY F 540 74.13 -80.22 16.35
CA GLY F 540 73.69 -81.11 17.47
C GLY F 540 74.13 -82.56 17.33
N LEU F 541 74.07 -83.06 16.11
CA LEU F 541 74.65 -84.35 15.70
C LEU F 541 76.12 -84.42 16.06
N GLU F 542 76.93 -83.45 15.63
CA GLU F 542 78.42 -83.48 15.79
C GLU F 542 78.74 -83.42 17.27
N TRP F 543 77.92 -82.69 18.03
CA TRP F 543 78.00 -82.68 19.52
C TRP F 543 77.66 -84.06 20.07
N VAL F 544 76.76 -84.85 19.49
CA VAL F 544 76.59 -86.27 19.97
C VAL F 544 77.73 -87.17 19.41
N ALA F 545 78.32 -86.94 18.23
CA ALA F 545 79.48 -87.73 17.68
C ALA F 545 80.72 -87.60 18.56
N SER F 546 80.86 -86.47 19.29
CA SER F 546 81.91 -86.18 20.30
C SER F 546 81.41 -86.36 21.75
N GLY F 547 80.10 -86.45 22.04
CA GLY F 547 79.52 -86.96 23.31
C GLY F 547 79.23 -85.88 24.34
N GLN F 548 78.68 -84.74 23.90
CA GLN F 548 78.43 -83.51 24.67
C GLN F 548 76.94 -83.19 24.57
N ASP F 549 76.15 -84.12 25.11
CA ASP F 549 74.66 -84.18 25.01
C ASP F 549 74.03 -82.92 25.63
N THR F 550 74.72 -82.28 26.59
CA THR F 550 74.44 -80.90 27.10
C THR F 550 74.44 -79.87 25.93
N LYS F 551 75.48 -79.85 25.10
CA LYS F 551 75.62 -78.81 24.04
C LYS F 551 74.62 -79.07 22.93
N ALA F 552 74.56 -80.32 22.51
CA ALA F 552 73.62 -80.80 21.49
C ALA F 552 72.19 -80.44 21.90
N LEU F 553 71.84 -80.71 23.16
CA LEU F 553 70.53 -80.38 23.77
C LEU F 553 70.26 -78.89 23.57
N GLN F 554 71.23 -78.06 23.94
CA GLN F 554 71.08 -76.60 23.80
C GLN F 554 70.67 -76.31 22.35
N ASP F 555 71.49 -76.77 21.40
CA ASP F 555 71.36 -76.33 19.97
C ASP F 555 70.05 -76.86 19.38
N PHE F 556 69.67 -78.10 19.66
CA PHE F 556 68.36 -78.65 19.21
C PHE F 556 67.21 -77.87 19.85
N LEU F 557 67.22 -77.69 21.18
CA LEU F 557 66.15 -76.95 21.91
C LEU F 557 65.99 -75.55 21.29
N LEU F 558 67.08 -74.95 20.80
CA LEU F 558 67.09 -73.62 20.13
C LEU F 558 66.36 -73.62 18.77
N SER F 559 66.62 -74.60 17.89
CA SER F 559 65.91 -74.74 16.59
C SER F 559 64.39 -74.88 16.80
N VAL F 560 63.94 -75.66 17.83
CA VAL F 560 62.51 -75.96 18.23
C VAL F 560 61.80 -74.64 18.52
N GLN F 561 62.37 -73.95 19.50
CA GLN F 561 61.91 -72.63 19.98
C GLN F 561 61.80 -71.69 18.77
N MET F 562 62.70 -71.86 17.81
CA MET F 562 62.77 -71.05 16.57
C MET F 562 61.71 -71.45 15.55
N CYS F 563 61.79 -72.66 15.01
CA CYS F 563 60.97 -73.05 13.84
C CYS F 563 60.23 -74.34 14.16
N PRO F 564 59.02 -74.27 14.76
CA PRO F 564 58.33 -75.46 15.27
C PRO F 564 57.72 -76.46 14.26
N GLY F 565 57.77 -76.12 12.96
CA GLY F 565 57.14 -76.87 11.86
C GLY F 565 58.14 -77.36 10.83
N ASN F 566 59.31 -77.80 11.29
CA ASN F 566 60.24 -78.72 10.59
C ASN F 566 59.99 -80.14 11.12
N ARG F 567 59.79 -80.29 12.45
CA ARG F 567 59.43 -81.54 13.16
C ARG F 567 60.62 -82.50 13.27
N ASP F 568 61.58 -82.47 12.34
CA ASP F 568 62.86 -83.19 12.51
C ASP F 568 63.62 -82.61 13.71
N THR F 569 63.46 -81.31 13.96
CA THR F 569 63.90 -80.65 15.22
C THR F 569 63.38 -81.42 16.45
N TYR F 570 62.07 -81.62 16.57
CA TYR F 570 61.43 -82.30 17.74
C TYR F 570 61.93 -83.74 17.83
N PHE F 571 62.04 -84.46 16.70
CA PHE F 571 62.57 -85.85 16.65
C PHE F 571 63.94 -85.91 17.37
N HIS F 572 64.89 -85.04 17.04
CA HIS F 572 66.29 -85.13 17.56
C HIS F 572 66.33 -84.83 19.06
N LEU F 573 65.60 -83.80 19.47
CA LEU F 573 65.47 -83.44 20.89
C LEU F 573 64.84 -84.60 21.67
N LEU F 574 63.73 -85.19 21.20
CA LEU F 574 63.00 -86.29 21.91
C LEU F 574 63.84 -87.57 21.94
N GLN F 575 64.68 -87.80 20.92
CA GLN F 575 65.69 -88.89 20.90
C GLN F 575 66.68 -88.65 22.05
N THR F 576 67.19 -87.43 22.16
CA THR F 576 68.06 -86.95 23.27
C THR F 576 67.35 -87.16 24.63
N LEU F 577 66.08 -86.76 24.80
CA LEU F 577 65.27 -86.87 26.06
C LEU F 577 65.00 -88.34 26.45
N LYS F 578 64.75 -89.24 25.47
CA LYS F 578 64.42 -90.69 25.73
C LYS F 578 65.64 -91.40 26.34
N ARG F 579 66.83 -90.97 25.92
CA ARG F 579 68.17 -91.36 26.46
C ARG F 579 68.22 -91.04 27.96
N LEU F 580 67.93 -89.78 28.31
CA LEU F 580 68.32 -89.16 29.60
C LEU F 580 67.09 -89.09 30.50
N ASP F 581 66.13 -88.23 30.15
CA ASP F 581 65.08 -87.72 31.07
C ASP F 581 63.72 -87.78 30.36
N ARG F 582 63.17 -88.99 30.27
CA ARG F 582 62.09 -89.39 29.33
C ARG F 582 60.83 -88.60 29.64
N ARG F 583 60.21 -88.94 30.77
CA ARG F 583 58.73 -88.94 30.95
C ARG F 583 58.18 -87.56 30.60
N ASP F 584 58.47 -86.64 31.50
CA ASP F 584 57.67 -85.42 31.71
C ASP F 584 57.87 -84.53 30.47
N GLU F 585 59.15 -84.36 30.11
CA GLU F 585 59.65 -83.48 29.01
C GLU F 585 59.03 -83.97 27.70
N ALA F 586 59.22 -85.26 27.45
CA ALA F 586 58.75 -85.95 26.23
C ALA F 586 57.24 -85.73 26.06
N THR F 587 56.43 -86.10 27.06
CA THR F 587 54.94 -85.99 26.98
C THR F 587 54.54 -84.53 26.76
N ALA F 588 55.16 -83.59 27.50
CA ALA F 588 54.89 -82.15 27.38
C ALA F 588 55.07 -81.69 25.93
N LEU F 589 56.06 -82.24 25.22
CA LEU F 589 56.33 -81.92 23.78
C LEU F 589 55.45 -82.74 22.83
N TRP F 590 55.08 -84.00 23.15
CA TRP F 590 54.03 -84.75 22.38
C TRP F 590 52.82 -83.83 22.21
N TRP F 591 52.25 -83.42 23.36
CA TRP F 591 51.00 -82.60 23.45
C TRP F 591 51.18 -81.31 22.65
N ARG F 592 52.38 -80.74 22.67
CA ARG F 592 52.70 -79.51 21.90
C ARG F 592 52.65 -79.80 20.40
N LEU F 593 53.26 -80.89 19.96
CA LEU F 593 53.25 -81.31 18.53
C LEU F 593 51.80 -81.48 18.08
N GLU F 594 51.00 -82.25 18.83
CA GLU F 594 49.61 -82.59 18.46
C GLU F 594 48.72 -81.33 18.57
N ALA F 595 49.11 -80.33 19.36
CA ALA F 595 48.49 -78.99 19.39
C ALA F 595 48.82 -78.21 18.10
N GLN F 596 50.06 -78.33 17.58
CA GLN F 596 50.59 -77.62 16.36
C GLN F 596 49.75 -78.02 15.13
N THR F 597 49.56 -79.31 14.86
CA THR F 597 48.85 -79.80 13.63
C THR F 597 47.36 -79.47 13.72
N LEU F 605 57.46 -75.30 3.70
CA LEU F 605 56.90 -75.88 2.43
C LEU F 605 56.43 -74.81 1.43
N TRP F 606 56.46 -73.52 1.78
CA TRP F 606 55.65 -72.44 1.14
C TRP F 606 56.42 -71.95 -0.10
N SER F 607 57.66 -71.49 0.10
CA SER F 607 58.65 -71.20 -0.98
C SER F 607 60.07 -71.44 -0.44
N LEU F 608 60.43 -72.65 -0.08
CA LEU F 608 61.82 -72.89 0.36
C LEU F 608 62.62 -73.12 -0.87
N PRO F 609 63.79 -72.51 -0.92
CA PRO F 609 64.66 -72.71 -2.08
C PRO F 609 65.30 -74.10 -2.09
N LEU F 610 65.87 -74.51 -3.21
CA LEU F 610 66.04 -75.94 -3.58
C LEU F 610 67.19 -76.55 -2.84
N TYR F 611 68.27 -75.78 -2.73
CA TYR F 611 69.48 -76.28 -2.07
C TYR F 611 69.16 -76.65 -0.62
N LEU F 612 68.21 -75.95 0.01
CA LEU F 612 67.87 -76.25 1.42
C LEU F 612 66.86 -77.41 1.54
N GLU F 613 65.72 -77.37 0.83
CA GLU F 613 64.74 -78.49 0.77
C GLU F 613 65.52 -79.79 0.80
N SER F 614 66.42 -79.91 -0.16
CA SER F 614 67.06 -81.19 -0.55
C SER F 614 67.96 -81.60 0.59
N TYR F 615 68.71 -80.61 1.08
CA TYR F 615 69.61 -80.72 2.25
C TYR F 615 68.77 -81.16 3.47
N LEU F 616 67.54 -80.67 3.71
CA LEU F 616 66.71 -81.13 4.87
C LEU F 616 66.33 -82.61 4.70
N SER F 617 65.75 -82.92 3.55
CA SER F 617 65.45 -84.31 3.11
C SER F 617 66.68 -85.23 3.29
N TRP F 618 67.89 -84.73 2.97
CA TRP F 618 69.19 -85.49 2.90
C TRP F 618 69.67 -85.85 4.30
N ILE F 619 69.47 -84.97 5.24
CA ILE F 619 69.86 -85.27 6.63
C ILE F 619 68.75 -85.99 7.34
N ARG F 620 67.53 -85.89 6.88
CA ARG F 620 66.45 -86.22 7.80
C ARG F 620 66.33 -87.74 7.88
N PRO F 621 65.80 -88.28 9.00
CA PRO F 621 65.74 -89.72 9.24
C PRO F 621 64.37 -90.35 8.93
N SER F 622 64.41 -91.65 8.68
CA SER F 622 63.31 -92.44 8.07
C SER F 622 62.26 -92.83 9.12
N ASP F 623 62.68 -93.29 10.30
CA ASP F 623 61.80 -93.71 11.43
C ASP F 623 61.41 -92.49 12.26
N ARG F 624 61.01 -91.39 11.62
CA ARG F 624 60.87 -90.05 12.24
C ARG F 624 59.47 -90.00 12.86
N ASP F 625 58.50 -90.30 12.02
CA ASP F 625 57.08 -90.56 12.40
C ASP F 625 57.01 -91.78 13.34
N ALA F 626 57.77 -92.83 13.03
CA ALA F 626 57.90 -94.07 13.84
C ALA F 626 58.23 -93.73 15.29
N PHE F 627 59.16 -92.80 15.49
CA PHE F 627 59.61 -92.32 16.82
C PHE F 627 58.52 -91.48 17.50
N LEU F 628 57.81 -90.70 16.70
CA LEU F 628 56.76 -89.75 17.20
C LEU F 628 55.47 -90.48 17.61
N GLU F 629 55.26 -91.75 17.23
CA GLU F 629 54.08 -92.60 17.60
C GLU F 629 54.32 -93.45 18.86
N GLU F 630 55.53 -93.45 19.42
CA GLU F 630 55.88 -94.27 20.62
C GLU F 630 55.28 -93.67 21.89
N CYS G 31 5.72 36.48 -58.03
CA CYS G 31 4.31 35.97 -57.85
C CYS G 31 4.30 34.48 -57.42
N LEU G 32 5.08 33.61 -58.09
CA LEU G 32 5.30 32.17 -57.73
C LEU G 32 5.63 32.09 -56.24
N ASP G 33 6.49 33.02 -55.79
CA ASP G 33 6.92 33.31 -54.41
C ASP G 33 5.70 33.34 -53.53
N LEU G 34 4.77 34.23 -53.90
CA LEU G 34 3.62 34.53 -53.04
C LEU G 34 2.77 33.28 -52.90
N TRP G 35 2.54 32.60 -54.00
CA TRP G 35 1.68 31.42 -54.01
C TRP G 35 2.30 30.33 -53.17
N ARG G 36 3.58 30.06 -53.43
CA ARG G 36 4.38 29.12 -52.64
C ARG G 36 4.17 29.46 -51.18
N GLU G 37 4.39 30.74 -50.88
CA GLU G 37 4.27 31.34 -49.53
C GLU G 37 2.88 31.08 -48.93
N LYS G 38 1.83 31.33 -49.70
CA LYS G 38 0.45 31.20 -49.20
C LYS G 38 0.20 29.73 -48.90
N ASN G 39 0.56 28.84 -49.80
CA ASN G 39 0.43 27.39 -49.56
C ASN G 39 1.03 27.06 -48.19
N ASP G 40 2.32 27.31 -48.10
CA ASP G 40 3.18 26.92 -46.96
C ASP G 40 2.49 27.43 -45.70
N ARG G 41 2.10 28.69 -45.76
CA ARG G 41 1.37 29.34 -44.67
C ARG G 41 0.20 28.43 -44.31
N LEU G 42 -0.59 28.03 -45.31
CA LEU G 42 -1.88 27.34 -45.10
C LEU G 42 -1.63 25.95 -44.56
N VAL G 43 -0.62 25.30 -45.12
CA VAL G 43 -0.13 24.00 -44.62
C VAL G 43 0.15 24.08 -43.11
N ARG G 44 0.90 25.09 -42.67
CA ARG G 44 1.27 25.22 -41.23
C ARG G 44 0.01 25.47 -40.41
N GLN G 45 -0.88 26.31 -40.92
CA GLN G 45 -2.22 26.60 -40.34
C GLN G 45 -2.97 25.29 -40.10
N ALA G 46 -2.99 24.45 -41.14
CA ALA G 46 -3.68 23.14 -41.15
C ALA G 46 -3.14 22.30 -40.01
N LYS G 47 -1.82 22.14 -40.02
CA LYS G 47 -1.08 21.31 -39.04
C LYS G 47 -1.37 21.81 -37.63
N VAL G 48 -1.41 23.13 -37.45
CA VAL G 48 -1.59 23.72 -36.11
C VAL G 48 -2.97 23.38 -35.60
N ALA G 49 -3.97 23.54 -36.46
CA ALA G 49 -5.33 23.13 -36.11
C ALA G 49 -5.30 21.67 -35.65
N GLN G 50 -4.66 20.77 -36.44
CA GLN G 50 -4.53 19.29 -36.20
C GLN G 50 -4.00 19.02 -34.80
N ASN G 51 -2.83 19.60 -34.49
CA ASN G 51 -2.04 19.30 -33.26
C ASN G 51 -2.87 19.80 -32.08
N SER G 52 -3.21 21.08 -32.17
CA SER G 52 -3.83 21.84 -31.08
C SER G 52 -5.29 21.45 -30.96
N GLY G 53 -5.96 22.13 -30.05
CA GLY G 53 -7.24 22.80 -30.37
C GLY G 53 -8.45 22.08 -29.85
N LEU G 54 -9.58 22.75 -30.07
CA LEU G 54 -10.96 22.32 -29.75
C LEU G 54 -11.53 21.66 -30.99
N THR G 55 -12.56 20.83 -30.77
CA THR G 55 -13.35 20.14 -31.82
C THR G 55 -13.89 21.15 -32.85
N LEU G 56 -14.26 22.35 -32.41
CA LEU G 56 -14.85 23.43 -33.26
C LEU G 56 -13.74 24.17 -34.00
N ARG G 57 -12.79 24.71 -33.24
CA ARG G 57 -11.76 25.66 -33.70
C ARG G 57 -10.84 24.96 -34.70
N ARG G 58 -10.54 23.70 -34.45
CA ARG G 58 -9.89 22.79 -35.44
C ARG G 58 -10.58 22.91 -36.79
N GLN G 59 -11.89 22.65 -36.82
CA GLN G 59 -12.71 22.59 -38.06
C GLN G 59 -12.73 23.97 -38.69
N GLN G 60 -12.78 25.00 -37.84
CA GLN G 60 -12.81 26.40 -38.31
C GLN G 60 -11.57 26.60 -39.18
N LEU G 61 -10.37 26.45 -38.59
CA LEU G 61 -9.08 26.70 -39.28
C LEU G 61 -8.88 25.73 -40.43
N ALA G 62 -9.41 24.53 -40.32
CA ALA G 62 -9.28 23.50 -41.35
C ALA G 62 -9.95 23.96 -42.64
N GLN G 63 -11.25 24.22 -42.58
CA GLN G 63 -12.04 24.57 -43.79
C GLN G 63 -11.67 25.97 -44.25
N ASP G 64 -11.16 26.78 -43.32
CA ASP G 64 -10.48 28.06 -43.62
C ASP G 64 -9.37 27.75 -44.64
N ALA G 65 -8.41 26.92 -44.24
CA ALA G 65 -7.23 26.64 -45.07
C ALA G 65 -7.65 25.94 -46.36
N LEU G 66 -8.66 25.08 -46.28
CA LEU G 66 -9.27 24.35 -47.42
C LEU G 66 -9.62 25.34 -48.52
N GLU G 67 -10.38 26.36 -48.15
CA GLU G 67 -10.92 27.39 -49.09
C GLU G 67 -9.75 28.21 -49.61
N GLY G 68 -8.77 28.48 -48.74
CA GLY G 68 -7.51 29.11 -49.14
C GLY G 68 -6.88 28.35 -50.29
N LEU G 69 -6.81 27.04 -50.13
CA LEU G 69 -6.17 26.15 -51.12
C LEU G 69 -7.01 26.13 -52.39
N ARG G 70 -8.34 26.10 -52.25
CA ARG G 70 -9.29 26.27 -53.36
C ARG G 70 -8.88 27.45 -54.23
N GLY G 71 -8.81 28.60 -53.58
CA GLY G 71 -8.63 29.91 -54.24
C GLY G 71 -7.27 29.97 -54.88
N LEU G 72 -6.26 29.42 -54.21
CA LEU G 72 -4.92 29.31 -54.80
C LEU G 72 -4.99 28.31 -55.96
N LEU G 73 -5.74 27.24 -55.77
CA LEU G 73 -6.03 26.30 -56.87
C LEU G 73 -6.58 27.11 -58.05
N HIS G 74 -7.67 27.84 -57.85
CA HIS G 74 -8.44 28.56 -58.92
C HIS G 74 -7.52 29.57 -59.64
N SER G 75 -6.76 30.35 -58.86
CA SER G 75 -5.75 31.34 -59.30
C SER G 75 -4.78 30.71 -60.30
N LEU G 76 -4.27 29.51 -60.03
CA LEU G 76 -3.28 28.84 -60.93
C LEU G 76 -3.99 28.10 -62.03
N GLN G 77 -5.15 27.53 -61.69
CA GLN G 77 -6.05 26.88 -62.68
C GLN G 77 -6.37 27.91 -63.79
N GLY G 78 -6.26 29.22 -63.49
CA GLY G 78 -6.43 30.35 -64.44
C GLY G 78 -5.23 30.67 -65.34
N LEU G 79 -4.07 30.00 -65.23
CA LEU G 79 -2.93 30.24 -66.15
C LEU G 79 -2.77 29.03 -67.02
N PRO G 80 -2.24 29.24 -68.24
CA PRO G 80 -2.26 28.21 -69.28
C PRO G 80 -1.65 26.86 -68.90
N ALA G 81 -0.34 26.76 -68.76
CA ALA G 81 0.30 25.45 -68.47
C ALA G 81 1.37 25.64 -67.44
N ALA G 82 2.48 26.28 -67.87
CA ALA G 82 3.54 26.84 -67.03
C ALA G 82 4.30 25.70 -66.35
N VAL G 83 5.39 25.34 -67.03
CA VAL G 83 6.37 24.34 -66.53
C VAL G 83 6.80 24.69 -65.11
N PRO G 84 7.32 25.92 -64.83
CA PRO G 84 7.70 26.26 -63.45
C PRO G 84 6.57 26.18 -62.38
N VAL G 85 5.30 26.32 -62.76
CA VAL G 85 4.14 26.39 -61.82
C VAL G 85 3.64 24.97 -61.51
N LEU G 86 3.64 24.14 -62.55
CA LEU G 86 3.24 22.71 -62.42
C LEU G 86 3.63 22.19 -61.06
N PRO G 87 4.94 22.18 -60.67
CA PRO G 87 5.33 21.49 -59.45
C PRO G 87 4.38 21.91 -58.33
N LEU G 88 4.10 23.20 -58.24
CA LEU G 88 3.31 23.72 -57.11
C LEU G 88 1.85 23.31 -57.28
N GLU G 89 1.33 23.53 -58.48
CA GLU G 89 -0.04 23.16 -58.92
C GLU G 89 -0.38 21.79 -58.28
N LEU G 90 0.42 20.80 -58.64
CA LEU G 90 0.17 19.37 -58.35
C LEU G 90 0.29 19.21 -56.85
N THR G 91 1.35 19.80 -56.33
CA THR G 91 1.64 19.89 -54.89
C THR G 91 0.37 20.33 -54.16
N VAL G 92 -0.12 21.50 -54.59
CA VAL G 92 -1.26 22.25 -54.00
C VAL G 92 -2.49 21.34 -53.91
N THR G 93 -2.87 20.79 -55.06
CA THR G 93 -4.13 20.02 -55.25
C THR G 93 -4.05 18.81 -54.35
N CYS G 94 -2.90 18.19 -54.29
CA CYS G 94 -2.68 17.12 -53.33
C CYS G 94 -3.07 17.62 -51.96
N ASN G 95 -2.51 18.76 -51.57
CA ASN G 95 -2.64 19.28 -50.17
C ASN G 95 -4.14 19.37 -49.81
N PHE G 96 -4.90 19.85 -50.80
CA PHE G 96 -6.39 19.99 -50.85
C PHE G 96 -7.05 18.65 -50.57
N ILE G 97 -6.86 17.73 -51.52
CA ILE G 97 -7.60 16.44 -51.63
C ILE G 97 -7.42 15.79 -50.29
N ILE G 98 -6.19 15.86 -49.85
CA ILE G 98 -5.79 15.25 -48.57
C ILE G 98 -6.67 15.89 -47.52
N LEU G 99 -6.64 17.21 -47.47
CA LEU G 99 -7.30 17.93 -46.37
C LEU G 99 -8.81 17.75 -46.50
N ARG G 100 -9.29 18.01 -47.71
CA ARG G 100 -10.69 17.79 -48.15
C ARG G 100 -11.21 16.45 -47.64
N ALA G 101 -10.57 15.36 -48.10
CA ALA G 101 -10.98 13.95 -47.93
C ALA G 101 -10.88 13.59 -46.45
N SER G 102 -9.84 14.07 -45.79
CA SER G 102 -9.56 13.79 -44.36
C SER G 102 -10.65 14.41 -43.49
N LEU G 103 -11.09 15.61 -43.83
CA LEU G 103 -12.15 16.27 -43.04
C LEU G 103 -13.47 15.58 -43.28
N ALA G 104 -13.74 15.32 -44.55
CA ALA G 104 -14.83 14.44 -45.04
C ALA G 104 -14.76 13.01 -44.43
N GLN G 105 -13.56 12.50 -44.11
CA GLN G 105 -13.32 11.16 -43.49
C GLN G 105 -13.71 10.06 -44.48
N GLY G 106 -13.28 10.23 -45.72
CA GLY G 106 -13.75 9.45 -46.88
C GLY G 106 -13.39 10.16 -48.14
N PHE G 107 -13.14 9.41 -49.19
CA PHE G 107 -12.90 10.00 -50.54
C PHE G 107 -14.27 10.22 -51.23
N THR G 108 -14.19 10.86 -52.41
CA THR G 108 -15.27 11.05 -53.43
C THR G 108 -14.57 11.08 -54.81
N GLU G 109 -15.33 11.28 -55.87
CA GLU G 109 -14.82 11.26 -57.26
C GLU G 109 -14.54 12.68 -57.75
N ASP G 110 -15.01 13.72 -57.06
CA ASP G 110 -14.58 15.12 -57.31
C ASP G 110 -13.04 15.17 -57.29
N GLN G 111 -12.45 14.40 -56.38
CA GLN G 111 -10.98 14.36 -56.20
C GLN G 111 -10.35 13.71 -57.43
N ALA G 112 -10.96 12.66 -57.99
CA ALA G 112 -10.51 12.02 -59.25
C ALA G 112 -10.55 13.04 -60.39
N GLN G 113 -11.58 13.87 -60.43
CA GLN G 113 -11.69 14.93 -61.45
C GLN G 113 -10.57 15.94 -61.24
N ASP G 114 -10.25 16.29 -59.99
CA ASP G 114 -9.16 17.25 -59.69
C ASP G 114 -7.85 16.70 -60.22
N ILE G 115 -7.64 15.41 -60.00
CA ILE G 115 -6.45 14.70 -60.51
C ILE G 115 -6.49 14.74 -62.04
N GLN G 116 -7.64 14.44 -62.65
CA GLN G 116 -7.85 14.44 -64.13
C GLN G 116 -7.41 15.79 -64.73
N ARG G 117 -7.90 16.86 -64.12
CA ARG G 117 -7.64 18.26 -64.54
C ARG G 117 -6.14 18.52 -64.57
N SER G 118 -5.50 18.34 -63.42
CA SER G 118 -4.07 18.65 -63.22
C SER G 118 -3.26 17.81 -64.22
N LEU G 119 -3.63 16.55 -64.39
CA LEU G 119 -2.96 15.67 -65.36
C LEU G 119 -3.06 16.22 -66.78
N GLU G 120 -4.28 16.60 -67.15
CA GLU G 120 -4.54 17.14 -68.51
C GLU G 120 -3.63 18.36 -68.76
N ARG G 121 -3.44 19.18 -67.71
CA ARG G 121 -2.59 20.40 -67.75
C ARG G 121 -1.15 19.98 -68.04
N VAL G 122 -0.67 19.01 -67.28
CA VAL G 122 0.70 18.43 -67.40
C VAL G 122 0.94 18.08 -68.87
N LEU G 123 -0.04 17.44 -69.49
CA LEU G 123 0.10 16.95 -70.88
C LEU G 123 0.05 18.13 -71.86
N GLU G 124 -0.84 19.11 -71.57
CA GLU G 124 -1.05 20.31 -72.42
C GLU G 124 0.27 21.07 -72.58
N THR G 125 1.14 21.02 -71.57
CA THR G 125 2.54 21.51 -71.66
C THR G 125 3.27 20.86 -72.84
N GLN G 126 3.11 19.54 -73.05
CA GLN G 126 3.92 18.75 -74.03
C GLN G 126 3.03 18.03 -75.05
N GLU G 134 -6.77 13.37 -72.53
CA GLU G 134 -7.79 13.53 -73.62
C GLU G 134 -8.91 12.50 -73.42
N GLN G 135 -8.52 11.22 -73.28
CA GLN G 135 -9.36 10.02 -73.48
C GLN G 135 -9.90 9.53 -72.10
N GLY G 136 -9.00 9.02 -71.24
CA GLY G 136 -9.30 8.48 -69.89
C GLY G 136 -8.05 8.41 -69.01
N LEU G 137 -8.26 8.13 -67.72
CA LEU G 137 -7.21 8.24 -66.67
C LEU G 137 -6.03 7.33 -67.02
N ARG G 138 -6.33 6.16 -67.54
CA ARG G 138 -5.32 5.12 -67.75
C ARG G 138 -4.31 5.57 -68.84
N GLU G 139 -4.77 6.06 -70.02
CA GLU G 139 -3.87 6.52 -71.15
C GLU G 139 -3.14 7.79 -70.74
N LEU G 140 -3.87 8.70 -70.10
CA LEU G 140 -3.30 9.91 -69.49
C LEU G 140 -2.06 9.55 -68.68
N TRP G 141 -2.21 8.69 -67.67
CA TRP G 141 -1.09 8.24 -66.80
C TRP G 141 0.05 7.69 -67.64
N ASP G 142 -0.24 6.81 -68.62
CA ASP G 142 0.79 6.15 -69.47
C ASP G 142 1.61 7.22 -70.21
N SER G 143 0.91 8.11 -70.91
CA SER G 143 1.46 9.30 -71.63
C SER G 143 2.20 10.22 -70.63
N VAL G 144 1.63 10.42 -69.43
CA VAL G 144 2.15 11.24 -68.28
C VAL G 144 3.52 10.73 -67.83
N LEU G 145 3.60 9.44 -67.54
CA LEU G 145 4.82 8.84 -66.98
C LEU G 145 5.91 8.78 -68.06
N ARG G 146 5.57 8.74 -69.35
CA ARG G 146 6.56 8.90 -70.46
C ARG G 146 7.05 10.35 -70.56
N ALA G 147 6.13 11.33 -70.46
CA ALA G 147 6.48 12.76 -70.38
C ALA G 147 7.33 13.09 -69.14
N SER G 148 7.23 12.31 -68.05
CA SER G 148 8.03 12.51 -66.80
C SER G 148 9.36 11.79 -66.92
N CYS G 149 9.40 10.66 -67.65
CA CYS G 149 10.65 9.91 -68.01
C CYS G 149 11.52 10.74 -68.97
N LEU G 150 10.97 11.83 -69.57
CA LEU G 150 11.77 12.95 -70.14
C LEU G 150 12.54 13.71 -69.05
N LEU G 151 12.21 13.50 -67.76
CA LEU G 151 12.79 14.10 -66.53
C LEU G 151 12.67 15.62 -66.53
N PRO G 152 11.43 16.17 -66.66
CA PRO G 152 11.09 17.38 -65.92
C PRO G 152 10.97 17.11 -64.40
N GLU G 153 11.59 17.98 -63.59
CA GLU G 153 11.82 17.81 -62.11
C GLU G 153 10.59 18.26 -61.34
N LEU G 154 9.69 17.31 -61.23
CA LEU G 154 8.39 17.43 -60.55
C LEU G 154 7.95 16.05 -60.03
N LEU G 155 8.86 15.07 -60.10
CA LEU G 155 8.54 13.62 -59.99
C LEU G 155 8.09 13.39 -58.55
N SER G 156 8.67 14.17 -57.64
CA SER G 156 8.38 14.27 -56.19
C SER G 156 6.87 14.40 -55.92
N ALA G 157 6.19 15.15 -56.78
CA ALA G 157 4.71 15.35 -56.72
C ALA G 157 4.03 14.17 -57.37
N LEU G 158 4.55 13.75 -58.52
CA LEU G 158 3.89 12.77 -59.41
C LEU G 158 3.68 11.44 -58.71
N HIS G 159 4.75 10.87 -58.16
CA HIS G 159 4.66 9.64 -57.34
C HIS G 159 3.71 9.94 -56.20
N ARG G 160 3.71 11.19 -55.74
CA ARG G 160 2.76 11.56 -54.68
C ARG G 160 1.34 11.42 -55.21
N LEU G 161 1.09 11.97 -56.38
CA LEU G 161 -0.23 11.87 -57.06
C LEU G 161 -0.61 10.42 -57.23
N VAL G 162 0.35 9.59 -57.62
CA VAL G 162 0.12 8.13 -57.85
C VAL G 162 -0.35 7.48 -56.56
N GLY G 163 0.28 7.81 -55.44
CA GLY G 163 -0.19 7.33 -54.13
C GLY G 163 -1.64 7.71 -53.93
N LEU G 164 -1.94 8.98 -54.19
CA LEU G 164 -3.32 9.47 -54.07
C LEU G 164 -4.27 8.66 -54.98
N GLN G 165 -4.02 8.71 -56.30
CA GLN G 165 -4.75 7.98 -57.38
C GLN G 165 -5.05 6.58 -56.83
N ALA G 166 -3.99 5.99 -56.23
CA ALA G 166 -3.94 4.63 -55.66
C ALA G 166 -4.86 4.54 -54.43
N ALA G 167 -4.88 5.56 -53.58
CA ALA G 167 -5.78 5.61 -52.40
C ALA G 167 -7.25 5.57 -52.83
N LEU G 168 -7.59 6.34 -53.85
CA LEU G 168 -8.95 6.39 -54.48
C LEU G 168 -9.39 5.01 -54.98
N TRP G 169 -8.63 4.53 -55.97
CA TRP G 169 -8.84 3.26 -56.70
C TRP G 169 -8.87 2.12 -55.67
N LEU G 170 -8.11 2.20 -54.57
CA LEU G 170 -8.12 1.13 -53.55
C LEU G 170 -9.31 1.33 -52.61
N SER G 171 -9.82 2.54 -52.47
CA SER G 171 -11.15 2.75 -51.86
C SER G 171 -12.24 2.20 -52.80
N ALA G 172 -12.01 2.29 -54.14
CA ALA G 172 -12.90 1.92 -55.28
C ALA G 172 -12.73 0.47 -55.80
N ASP G 173 -11.78 -0.33 -55.30
CA ASP G 173 -11.47 -1.75 -55.68
C ASP G 173 -11.14 -1.80 -57.19
N ARG G 174 -10.10 -1.09 -57.66
CA ARG G 174 -9.72 -0.89 -59.11
C ARG G 174 -8.27 -1.31 -59.31
N LEU G 175 -8.03 -2.48 -58.78
CA LEU G 175 -6.70 -2.96 -58.41
C LEU G 175 -6.03 -3.41 -59.72
N GLY G 176 -6.82 -3.90 -60.69
CA GLY G 176 -6.33 -4.23 -62.04
C GLY G 176 -5.65 -3.03 -62.69
N ASP G 177 -6.30 -1.87 -62.62
CA ASP G 177 -5.77 -0.60 -63.21
C ASP G 177 -4.59 -0.13 -62.35
N LEU G 178 -4.68 -0.27 -61.02
CA LEU G 178 -3.64 0.21 -60.06
C LEU G 178 -2.31 -0.48 -60.36
N ALA G 179 -2.37 -1.82 -60.40
CA ALA G 179 -1.28 -2.72 -60.85
C ALA G 179 -0.75 -2.20 -62.16
N LEU G 180 -1.67 -1.93 -63.09
CA LEU G 180 -1.35 -1.48 -64.47
C LEU G 180 -0.52 -0.19 -64.40
N LEU G 181 -0.95 0.77 -63.59
CA LEU G 181 -0.25 2.07 -63.44
C LEU G 181 1.17 1.85 -62.92
N LEU G 182 1.31 1.03 -61.88
CA LEU G 182 2.58 0.71 -61.20
C LEU G 182 3.52 -0.04 -62.15
N GLU G 183 2.95 -0.85 -63.05
CA GLU G 183 3.71 -1.62 -64.08
C GLU G 183 4.36 -0.64 -65.07
N THR G 184 3.63 0.38 -65.55
CA THR G 184 4.16 1.45 -66.45
C THR G 184 5.11 2.37 -65.66
N LEU G 185 4.83 2.54 -64.37
CA LEU G 185 5.61 3.37 -63.40
C LEU G 185 7.03 2.81 -63.28
N ASN G 186 7.12 1.55 -62.81
CA ASN G 186 8.35 0.69 -62.77
C ASN G 186 8.70 0.39 -64.25
N GLY G 187 9.67 -0.48 -64.52
CA GLY G 187 9.78 -1.13 -65.84
C GLY G 187 8.51 -1.94 -66.14
N SER G 188 7.98 -1.87 -67.38
CA SER G 188 6.89 -2.77 -67.87
C SER G 188 7.32 -4.25 -67.90
N GLN G 189 8.65 -4.52 -67.79
CA GLN G 189 9.27 -5.82 -67.38
C GLN G 189 8.58 -6.36 -66.12
N SER G 190 8.19 -5.50 -65.17
CA SER G 190 7.34 -5.85 -64.01
C SER G 190 5.88 -5.89 -64.49
N GLY G 191 5.60 -6.70 -65.53
CA GLY G 191 4.33 -6.82 -66.28
C GLY G 191 3.66 -8.15 -66.05
N ALA G 192 4.46 -9.22 -65.95
CA ALA G 192 4.11 -10.54 -65.37
C ALA G 192 3.77 -10.41 -63.87
N SER G 193 4.40 -9.50 -63.11
CA SER G 193 4.31 -9.42 -61.62
C SER G 193 2.98 -8.78 -61.21
N LYS G 194 1.87 -9.52 -61.34
CA LYS G 194 0.49 -9.00 -61.16
C LYS G 194 0.11 -8.98 -59.68
N ASP G 195 0.97 -9.44 -58.76
CA ASP G 195 0.79 -9.11 -57.32
C ASP G 195 1.06 -7.61 -57.14
N LEU G 196 0.28 -6.99 -56.24
CA LEU G 196 0.37 -5.56 -55.81
C LEU G 196 1.49 -5.41 -54.80
N LEU G 197 1.42 -6.25 -53.76
CA LEU G 197 2.30 -6.16 -52.56
C LEU G 197 3.78 -6.14 -53.02
N LEU G 198 4.13 -6.67 -54.20
CA LEU G 198 5.50 -6.58 -54.83
C LEU G 198 5.74 -5.23 -55.47
N LEU G 199 4.78 -4.81 -56.30
CA LEU G 199 4.86 -3.55 -57.09
C LEU G 199 4.96 -2.34 -56.16
N LEU G 200 4.15 -2.33 -55.09
CA LEU G 200 4.10 -1.22 -54.09
C LEU G 200 5.50 -1.05 -53.47
N LYS G 201 6.18 -2.17 -53.17
CA LYS G 201 7.55 -2.21 -52.61
C LYS G 201 8.56 -1.82 -53.68
N THR G 202 8.47 -2.41 -54.86
CA THR G 202 9.36 -2.15 -56.02
C THR G 202 9.29 -0.65 -56.43
N TRP G 203 8.13 -0.02 -56.28
CA TRP G 203 7.94 1.45 -56.44
C TRP G 203 8.83 2.17 -55.42
N SER G 204 9.74 2.98 -55.93
CA SER G 204 10.64 3.84 -55.14
C SER G 204 10.15 5.30 -55.21
N PRO G 205 9.69 5.95 -54.12
CA PRO G 205 9.50 7.40 -54.12
C PRO G 205 10.83 8.12 -54.33
N PRO G 206 10.85 9.13 -55.21
CA PRO G 206 11.95 9.31 -56.16
C PRO G 206 13.17 10.06 -55.65
N ALA G 207 12.90 11.00 -54.75
CA ALA G 207 13.79 12.04 -54.21
C ALA G 207 13.62 11.98 -52.69
N GLU G 208 14.59 12.53 -51.94
CA GLU G 208 14.46 12.92 -50.51
C GLU G 208 13.54 14.15 -50.45
N GLU G 209 13.08 14.65 -51.61
CA GLU G 209 12.02 15.67 -51.70
C GLU G 209 12.73 16.92 -51.20
N LEU G 210 13.55 17.51 -52.07
CA LEU G 210 14.46 18.60 -51.66
C LEU G 210 13.59 19.81 -51.34
N ASP G 211 14.19 20.90 -50.84
CA ASP G 211 13.53 22.16 -50.41
C ASP G 211 12.47 22.66 -51.41
N ALA G 212 11.24 22.15 -51.26
CA ALA G 212 10.09 22.47 -52.15
C ALA G 212 9.07 23.29 -51.38
N PRO G 213 8.04 23.79 -52.09
CA PRO G 213 6.79 24.10 -51.41
C PRO G 213 6.47 22.96 -50.45
N LEU G 214 5.96 23.35 -49.31
CA LEU G 214 5.56 22.37 -48.30
C LEU G 214 4.50 21.48 -48.87
N THR G 215 4.24 20.36 -48.16
CA THR G 215 3.03 19.50 -48.26
C THR G 215 2.54 19.19 -46.85
N LEU G 216 1.46 18.45 -46.83
CA LEU G 216 1.04 17.68 -45.63
C LEU G 216 1.55 16.23 -45.67
N GLN G 217 1.83 15.61 -46.83
CA GLN G 217 2.18 14.16 -46.85
C GLN G 217 2.94 13.87 -48.13
N ASP G 218 3.85 12.89 -48.07
CA ASP G 218 4.76 12.45 -49.17
C ASP G 218 4.47 11.00 -49.60
N ALA G 219 5.00 10.62 -50.77
CA ALA G 219 4.89 9.27 -51.36
C ALA G 219 5.26 8.19 -50.36
N GLN G 220 6.37 8.35 -49.64
CA GLN G 220 6.83 7.37 -48.62
C GLN G 220 5.71 7.18 -47.60
N GLY G 221 5.30 8.28 -46.97
CA GLY G 221 4.31 8.29 -45.87
C GLY G 221 2.95 7.82 -46.32
N LEU G 222 2.71 7.84 -47.63
CA LEU G 222 1.54 7.21 -48.28
C LEU G 222 1.88 5.76 -48.65
N LYS G 223 2.94 5.54 -49.44
CA LYS G 223 3.38 4.20 -49.91
C LYS G 223 3.24 3.25 -48.74
N ASP G 224 3.62 3.77 -47.60
CA ASP G 224 3.63 3.03 -46.32
C ASP G 224 2.19 2.81 -45.83
N VAL G 225 1.22 3.70 -46.05
CA VAL G 225 -0.22 3.47 -45.72
C VAL G 225 -0.81 2.37 -46.63
N LEU G 226 -0.37 2.34 -47.89
CA LEU G 226 -0.91 1.47 -48.96
C LEU G 226 -0.53 0.02 -48.70
N LEU G 227 0.75 -0.20 -48.42
CA LEU G 227 1.30 -1.54 -48.18
C LEU G 227 0.45 -2.12 -47.06
N THR G 228 0.37 -1.40 -45.95
CA THR G 228 -0.40 -1.87 -44.77
C THR G 228 -1.89 -2.01 -45.12
N ALA G 229 -2.47 -1.05 -45.82
CA ALA G 229 -3.92 -1.14 -46.14
C ALA G 229 -4.16 -2.36 -47.06
N PHE G 230 -3.52 -2.41 -48.26
CA PHE G 230 -3.76 -3.43 -49.32
C PHE G 230 -3.58 -4.82 -48.72
N ALA G 231 -2.47 -4.98 -48.03
CA ALA G 231 -2.13 -6.21 -47.31
C ALA G 231 -3.26 -6.59 -46.36
N TYR G 232 -3.77 -5.64 -45.58
CA TYR G 232 -4.86 -5.90 -44.63
C TYR G 232 -6.07 -6.46 -45.37
N ARG G 233 -6.45 -5.81 -46.47
CA ARG G 233 -7.63 -6.21 -47.30
C ARG G 233 -7.43 -7.60 -47.94
N GLN G 234 -6.30 -7.86 -48.63
CA GLN G 234 -5.89 -9.18 -49.19
C GLN G 234 -6.08 -10.27 -48.12
N GLY G 235 -5.67 -9.97 -46.88
CA GLY G 235 -5.78 -10.87 -45.71
C GLY G 235 -7.21 -11.25 -45.34
N LEU G 236 -8.10 -10.29 -45.05
CA LEU G 236 -9.52 -10.60 -44.69
C LEU G 236 -10.19 -11.36 -45.86
N GLN G 237 -9.94 -10.95 -47.13
CA GLN G 237 -10.41 -11.63 -48.39
C GLN G 237 -10.13 -13.12 -48.25
N GLU G 238 -8.83 -13.45 -48.14
CA GLU G 238 -8.31 -14.84 -48.19
C GLU G 238 -8.87 -15.66 -46.99
N LEU G 239 -9.02 -15.05 -45.80
CA LEU G 239 -9.61 -15.70 -44.58
C LEU G 239 -11.06 -16.14 -44.84
N ILE G 240 -11.95 -15.19 -45.14
CA ILE G 240 -13.42 -15.42 -45.36
C ILE G 240 -13.61 -16.41 -46.52
N THR G 241 -12.84 -16.23 -47.60
CA THR G 241 -12.82 -17.07 -48.83
C THR G 241 -12.15 -18.42 -48.55
N GLY G 242 -11.64 -18.65 -47.33
CA GLY G 242 -11.35 -20.01 -46.81
C GLY G 242 -9.99 -20.47 -47.26
N ASN G 243 -9.01 -19.61 -47.07
CA ASN G 243 -7.58 -19.86 -47.31
C ASN G 243 -6.81 -19.35 -46.08
N PRO G 244 -7.13 -19.78 -44.81
CA PRO G 244 -6.36 -19.34 -43.64
C PRO G 244 -4.92 -19.92 -43.59
N ASP G 245 -4.20 -19.80 -44.71
CA ASP G 245 -2.75 -20.06 -44.96
C ASP G 245 -2.14 -18.97 -45.87
N LYS G 246 -2.88 -18.45 -46.85
CA LYS G 246 -2.49 -17.26 -47.65
C LYS G 246 -2.56 -16.03 -46.74
N ALA G 247 -3.57 -16.04 -45.85
CA ALA G 247 -3.92 -14.97 -44.88
C ALA G 247 -2.71 -14.59 -44.04
N LEU G 248 -2.20 -15.54 -43.27
CA LEU G 248 -1.21 -15.25 -42.20
C LEU G 248 -0.02 -14.46 -42.79
N SER G 249 0.39 -14.68 -44.05
CA SER G 249 1.48 -13.90 -44.74
C SER G 249 1.16 -12.39 -44.69
N SER G 250 0.01 -12.00 -45.25
CA SER G 250 -0.45 -10.60 -45.33
C SER G 250 -0.81 -10.06 -43.92
N LEU G 251 -1.35 -10.87 -43.00
CA LEU G 251 -1.74 -10.38 -41.63
C LEU G 251 -0.53 -10.15 -40.73
N HIS G 252 0.62 -10.72 -41.06
CA HIS G 252 1.89 -10.33 -40.38
C HIS G 252 2.56 -9.21 -41.21
N GLU G 253 2.37 -9.08 -42.54
CA GLU G 253 2.81 -7.87 -43.33
C GLU G 253 2.06 -6.61 -42.83
N ALA G 254 0.88 -6.78 -42.22
CA ALA G 254 0.00 -5.77 -41.56
C ALA G 254 0.56 -5.21 -40.26
N ALA G 255 0.90 -6.03 -39.28
CA ALA G 255 1.60 -5.59 -38.05
C ALA G 255 2.97 -4.93 -38.37
N SER G 256 3.65 -5.25 -39.51
CA SER G 256 5.04 -4.84 -39.94
C SER G 256 5.05 -3.78 -41.09
N GLY G 257 5.71 -2.62 -40.87
CA GLY G 257 5.39 -1.36 -41.58
C GLY G 257 4.15 -0.76 -40.92
N LEU G 258 3.77 0.48 -41.21
CA LEU G 258 2.98 1.31 -40.27
C LEU G 258 1.67 0.63 -39.79
N CYS G 259 1.34 0.58 -38.49
CA CYS G 259 0.15 -0.20 -38.02
C CYS G 259 -0.44 0.33 -36.73
N PRO G 260 -1.02 1.51 -36.77
CA PRO G 260 -1.51 2.26 -35.64
C PRO G 260 -2.14 1.72 -34.37
N ARG G 261 -2.29 0.44 -34.16
CA ARG G 261 -2.77 -0.12 -32.85
C ARG G 261 -4.26 -0.49 -32.91
N PRO G 262 -5.15 0.43 -33.31
CA PRO G 262 -6.44 -0.02 -33.79
C PRO G 262 -6.33 -0.90 -35.03
N VAL G 263 -5.38 -0.63 -35.93
CA VAL G 263 -5.14 -1.52 -37.09
C VAL G 263 -4.63 -2.86 -36.58
N LEU G 264 -3.82 -2.82 -35.54
CA LEU G 264 -3.29 -4.07 -34.97
C LEU G 264 -4.39 -4.89 -34.30
N VAL G 265 -5.19 -4.30 -33.40
CA VAL G 265 -6.21 -5.13 -32.69
C VAL G 265 -7.01 -5.99 -33.68
N GLN G 266 -7.25 -5.44 -34.88
CA GLN G 266 -7.91 -6.09 -36.04
C GLN G 266 -7.02 -7.22 -36.55
N VAL G 267 -5.77 -6.92 -36.90
CA VAL G 267 -4.82 -7.94 -37.42
C VAL G 267 -4.90 -9.17 -36.49
N TYR G 268 -5.08 -8.94 -35.17
CA TYR G 268 -4.94 -9.97 -34.09
C TYR G 268 -6.23 -10.77 -33.84
N THR G 269 -7.40 -10.14 -33.68
CA THR G 269 -8.69 -10.87 -33.71
C THR G 269 -8.66 -11.76 -34.95
N ALA G 270 -8.18 -11.23 -36.09
CA ALA G 270 -8.23 -11.89 -37.43
C ALA G 270 -7.36 -13.15 -37.43
N LEU G 271 -6.15 -13.05 -36.93
CA LEU G 271 -5.27 -14.24 -36.87
C LEU G 271 -5.83 -15.26 -35.86
N GLY G 272 -6.66 -14.83 -34.89
CA GLY G 272 -7.43 -15.69 -33.94
C GLY G 272 -8.45 -16.59 -34.61
N SER G 273 -9.14 -16.04 -35.60
CA SER G 273 -9.92 -16.82 -36.58
C SER G 273 -9.01 -17.71 -37.45
N CYS G 274 -7.99 -17.15 -38.15
CA CYS G 274 -7.08 -17.86 -39.12
C CYS G 274 -6.73 -19.24 -38.52
N HIS G 275 -6.25 -19.20 -37.28
CA HIS G 275 -5.75 -20.38 -36.50
C HIS G 275 -6.94 -21.20 -35.95
N ARG G 276 -8.02 -20.58 -35.42
CA ARG G 276 -9.28 -21.31 -35.07
C ARG G 276 -9.73 -22.16 -36.29
N LYS G 277 -9.71 -21.57 -37.50
CA LYS G 277 -10.07 -22.25 -38.79
C LYS G 277 -9.08 -23.36 -39.14
N MET G 278 -7.79 -23.18 -38.92
CA MET G 278 -6.79 -24.24 -39.16
C MET G 278 -6.83 -25.33 -38.07
N GLY G 279 -7.45 -25.06 -36.90
CA GLY G 279 -7.50 -26.00 -35.75
C GLY G 279 -6.27 -25.87 -34.86
N ASN G 280 -5.92 -24.63 -34.51
CA ASN G 280 -4.79 -24.24 -33.64
C ASN G 280 -5.37 -23.34 -32.54
N PRO G 281 -6.15 -23.88 -31.57
CA PRO G 281 -6.88 -23.06 -30.59
C PRO G 281 -5.93 -22.24 -29.70
N GLN G 282 -4.75 -22.79 -29.43
CA GLN G 282 -3.74 -22.21 -28.52
C GLN G 282 -3.02 -21.05 -29.19
N ARG G 283 -2.66 -21.18 -30.47
CA ARG G 283 -2.02 -20.08 -31.24
C ARG G 283 -3.00 -18.93 -31.39
N ALA G 284 -4.23 -19.24 -31.77
CA ALA G 284 -5.34 -18.29 -31.80
C ALA G 284 -5.42 -17.50 -30.48
N LEU G 285 -5.61 -18.21 -29.34
CA LEU G 285 -5.86 -17.64 -27.96
C LEU G 285 -4.91 -16.50 -27.61
N LEU G 286 -3.63 -16.68 -27.92
CA LEU G 286 -2.54 -15.70 -27.66
C LEU G 286 -2.82 -14.43 -28.47
N TYR G 287 -2.99 -14.55 -29.78
CA TYR G 287 -3.28 -13.39 -30.64
C TYR G 287 -4.52 -12.65 -30.15
N LEU G 288 -5.51 -13.35 -29.59
CA LEU G 288 -6.76 -12.79 -28.97
C LEU G 288 -6.51 -12.09 -27.63
N VAL G 289 -5.64 -12.64 -26.79
CA VAL G 289 -5.27 -11.97 -25.52
C VAL G 289 -4.50 -10.68 -25.86
N ALA G 290 -3.61 -10.71 -26.85
CA ALA G 290 -2.83 -9.53 -27.29
C ALA G 290 -3.78 -8.45 -27.78
N ALA G 291 -4.74 -8.84 -28.60
CA ALA G 291 -5.75 -7.93 -29.15
C ALA G 291 -6.53 -7.31 -27.99
N LEU G 292 -6.77 -8.07 -26.91
CA LEU G 292 -7.41 -7.55 -25.69
C LEU G 292 -6.65 -6.34 -25.14
N LYS G 293 -5.36 -6.53 -24.86
CA LYS G 293 -4.56 -5.54 -24.06
C LYS G 293 -4.33 -4.27 -24.87
N GLU G 294 -3.69 -4.40 -26.05
CA GLU G 294 -3.42 -3.29 -27.00
C GLU G 294 -4.73 -2.76 -27.59
N GLY G 295 -5.82 -3.50 -27.34
CA GLY G 295 -7.23 -3.09 -27.39
C GLY G 295 -7.55 -1.82 -26.65
N SER G 296 -8.02 -0.86 -27.45
CA SER G 296 -9.13 0.05 -27.13
C SER G 296 -10.48 -0.53 -27.63
N ALA G 297 -10.49 -1.53 -28.57
CA ALA G 297 -11.70 -2.05 -29.25
C ALA G 297 -11.86 -3.57 -29.06
N TRP G 298 -12.54 -3.97 -27.96
CA TRP G 298 -12.65 -5.37 -27.43
C TRP G 298 -14.12 -5.87 -27.22
N GLY G 299 -14.97 -5.62 -28.22
CA GLY G 299 -16.03 -6.53 -28.71
C GLY G 299 -15.49 -7.67 -29.60
N PRO G 300 -14.89 -7.40 -30.83
CA PRO G 300 -14.54 -8.43 -31.83
C PRO G 300 -13.65 -9.61 -31.37
N PRO G 301 -12.65 -9.37 -30.50
CA PRO G 301 -11.94 -10.48 -29.87
C PRO G 301 -12.82 -11.37 -28.99
N LEU G 302 -13.64 -10.80 -28.11
CA LEU G 302 -14.52 -11.56 -27.18
C LEU G 302 -15.52 -12.40 -28.01
N LEU G 303 -15.90 -11.87 -29.19
CA LEU G 303 -16.71 -12.58 -30.19
C LEU G 303 -15.92 -13.77 -30.74
N GLU G 304 -14.69 -13.56 -31.19
CA GLU G 304 -13.83 -14.63 -31.76
C GLU G 304 -13.63 -15.74 -30.72
N ALA G 305 -13.59 -15.40 -29.40
CA ALA G 305 -13.49 -16.32 -28.22
C ALA G 305 -14.77 -17.16 -28.04
N SER G 306 -15.93 -16.52 -28.04
CA SER G 306 -17.24 -17.21 -28.06
C SER G 306 -17.26 -18.26 -29.18
N ARG G 307 -16.92 -17.90 -30.42
CA ARG G 307 -16.88 -18.79 -31.63
C ARG G 307 -15.83 -19.90 -31.47
N LEU G 308 -14.76 -19.63 -30.76
CA LEU G 308 -13.74 -20.63 -30.42
C LEU G 308 -14.27 -21.61 -29.36
N TYR G 309 -15.01 -21.16 -28.32
CA TYR G 309 -15.49 -22.00 -27.18
C TYR G 309 -16.73 -22.84 -27.49
N GLN G 310 -17.52 -22.48 -28.50
CA GLN G 310 -18.43 -23.43 -29.22
C GLN G 310 -17.64 -24.54 -29.92
N GLN G 311 -16.63 -24.18 -30.75
CA GLN G 311 -15.76 -25.04 -31.66
C GLN G 311 -14.99 -26.11 -30.86
N LEU G 312 -14.66 -25.81 -29.60
CA LEU G 312 -14.17 -26.76 -28.55
C LEU G 312 -15.35 -27.24 -27.68
N GLY G 313 -16.41 -26.45 -27.58
CA GLY G 313 -17.68 -26.77 -26.88
C GLY G 313 -17.68 -26.30 -25.44
N ASP G 314 -16.69 -25.48 -25.07
CA ASP G 314 -16.40 -25.05 -23.67
C ASP G 314 -17.50 -24.10 -23.21
N THR G 315 -18.67 -24.59 -22.84
CA THR G 315 -19.95 -23.83 -22.96
C THR G 315 -20.04 -22.69 -21.93
N THR G 316 -19.65 -22.95 -20.68
CA THR G 316 -19.60 -21.93 -19.60
C THR G 316 -18.72 -20.75 -20.05
N ALA G 317 -17.56 -21.07 -20.64
CA ALA G 317 -16.56 -20.10 -21.17
C ALA G 317 -17.16 -19.30 -22.32
N GLU G 318 -17.75 -19.99 -23.30
CA GLU G 318 -18.45 -19.38 -24.47
C GLU G 318 -19.41 -18.30 -23.95
N LEU G 319 -20.30 -18.66 -23.01
CA LEU G 319 -21.38 -17.79 -22.52
C LEU G 319 -20.81 -16.59 -21.79
N GLU G 320 -19.81 -16.86 -20.94
CA GLU G 320 -19.06 -15.81 -20.22
C GLU G 320 -18.40 -14.82 -21.23
N SER G 321 -17.69 -15.28 -22.29
CA SER G 321 -16.95 -14.43 -23.29
C SER G 321 -17.94 -13.43 -23.93
N LEU G 322 -19.18 -13.88 -24.18
CA LEU G 322 -20.31 -13.07 -24.71
C LEU G 322 -20.98 -12.16 -23.65
N GLU G 323 -21.18 -12.60 -22.38
CA GLU G 323 -21.69 -11.71 -21.28
C GLU G 323 -20.81 -10.48 -21.14
N LEU G 324 -19.48 -10.72 -21.07
CA LEU G 324 -18.42 -9.69 -21.01
C LEU G 324 -18.54 -8.79 -22.26
N LEU G 325 -18.78 -9.38 -23.44
CA LEU G 325 -18.96 -8.69 -24.75
C LEU G 325 -20.06 -7.61 -24.68
N VAL G 326 -21.21 -7.92 -24.05
CA VAL G 326 -22.35 -6.97 -23.84
C VAL G 326 -21.84 -5.70 -23.16
N GLU G 327 -21.07 -5.88 -22.09
CA GLU G 327 -20.50 -4.80 -21.24
C GLU G 327 -19.38 -4.10 -22.04
N ALA G 328 -18.67 -4.79 -22.97
CA ALA G 328 -17.54 -4.23 -23.80
C ALA G 328 -18.06 -3.30 -24.90
N LEU G 329 -19.31 -3.52 -25.33
CA LEU G 329 -20.05 -2.69 -26.31
C LEU G 329 -20.93 -1.63 -25.61
N ASN G 330 -20.87 -1.47 -24.28
CA ASN G 330 -21.36 -0.26 -23.57
C ASN G 330 -20.41 0.93 -23.80
N VAL G 331 -19.16 0.87 -23.32
CA VAL G 331 -18.19 2.02 -23.29
C VAL G 331 -17.71 2.37 -24.72
N PRO G 332 -17.49 3.66 -25.07
CA PRO G 332 -17.14 4.03 -26.46
C PRO G 332 -15.69 3.79 -26.92
N ALA G 337 -9.61 10.21 -32.38
CA ALA G 337 -9.68 11.61 -32.89
C ALA G 337 -8.82 11.79 -34.15
N PRO G 338 -9.24 12.65 -35.10
CA PRO G 338 -8.79 12.54 -36.48
C PRO G 338 -7.56 13.38 -36.79
N GLN G 339 -7.13 13.28 -38.05
CA GLN G 339 -5.97 14.04 -38.58
C GLN G 339 -6.13 14.39 -40.04
N PHE G 340 -5.48 15.50 -40.39
CA PHE G 340 -5.55 16.22 -41.68
C PHE G 340 -4.39 15.71 -42.51
N LEU G 341 -4.60 14.44 -42.82
CA LEU G 341 -3.60 13.56 -43.44
C LEU G 341 -4.20 12.18 -43.70
N ILE G 342 -3.83 11.52 -44.79
CA ILE G 342 -4.43 10.19 -45.12
C ILE G 342 -3.96 9.17 -44.09
N GLU G 343 -4.87 8.81 -43.18
CA GLU G 343 -4.67 7.76 -42.15
C GLU G 343 -4.65 6.40 -42.83
N VAL G 344 -4.60 5.31 -42.09
CA VAL G 344 -4.89 3.98 -42.65
C VAL G 344 -6.41 3.74 -42.55
N GLU G 345 -7.17 4.43 -41.67
CA GLU G 345 -8.63 4.13 -41.47
C GLU G 345 -9.51 4.69 -42.60
N LEU G 346 -8.97 5.53 -43.48
CA LEU G 346 -9.63 5.90 -44.77
C LEU G 346 -9.77 4.66 -45.66
N LEU G 347 -8.68 3.92 -45.86
CA LEU G 347 -8.60 2.82 -46.85
C LEU G 347 -8.88 1.45 -46.18
N LEU G 348 -9.64 1.44 -45.06
CA LEU G 348 -10.30 0.24 -44.46
C LEU G 348 -11.77 0.15 -44.89
N PRO G 349 -12.31 -1.06 -45.16
CA PRO G 349 -13.70 -1.16 -45.56
C PRO G 349 -14.56 -1.11 -44.31
N PRO G 350 -15.86 -0.85 -44.51
CA PRO G 350 -16.85 -1.22 -43.53
C PRO G 350 -16.96 -2.75 -43.55
N PRO G 351 -17.23 -3.40 -42.39
CA PRO G 351 -17.20 -4.86 -42.33
C PRO G 351 -18.43 -5.59 -42.90
N ASP G 352 -18.18 -6.71 -43.60
CA ASP G 352 -19.22 -7.68 -44.04
C ASP G 352 -19.81 -8.37 -42.78
N LEU G 353 -20.91 -9.11 -42.93
CA LEU G 353 -21.49 -9.94 -41.84
C LEU G 353 -20.61 -11.18 -41.59
N ALA G 354 -20.01 -11.75 -42.64
CA ALA G 354 -19.24 -13.01 -42.66
C ALA G 354 -17.85 -12.90 -41.98
N SER G 355 -17.33 -11.69 -41.73
CA SER G 355 -15.96 -11.45 -41.22
C SER G 355 -15.89 -11.78 -39.71
N PRO G 356 -14.68 -12.10 -39.17
CA PRO G 356 -14.50 -12.23 -37.72
C PRO G 356 -14.50 -10.89 -36.94
N LEU G 357 -14.35 -9.79 -37.68
CA LEU G 357 -14.25 -8.40 -37.18
C LEU G 357 -15.66 -7.82 -36.99
N HIS G 358 -16.68 -8.42 -37.63
CA HIS G 358 -18.06 -7.91 -37.54
C HIS G 358 -18.58 -8.21 -36.13
N CYS G 359 -18.95 -7.14 -35.44
CA CYS G 359 -19.74 -7.16 -34.19
C CYS G 359 -21.01 -6.35 -34.45
N GLY G 360 -22.17 -6.92 -34.11
CA GLY G 360 -23.46 -6.21 -34.10
C GLY G 360 -23.49 -5.16 -33.01
N THR G 361 -24.69 -4.88 -32.49
CA THR G 361 -24.96 -3.88 -31.43
C THR G 361 -25.60 -4.58 -30.24
N GLN G 362 -25.45 -3.99 -29.06
CA GLN G 362 -25.94 -4.47 -27.71
C GLN G 362 -27.15 -5.37 -27.86
N SER G 363 -28.16 -4.87 -28.53
CA SER G 363 -29.44 -5.60 -28.70
C SER G 363 -29.19 -6.92 -29.45
N GLN G 364 -28.55 -6.87 -30.62
CA GLN G 364 -28.30 -8.07 -31.48
C GLN G 364 -27.50 -9.08 -30.68
N THR G 365 -26.43 -8.61 -30.05
CA THR G 365 -25.46 -9.45 -29.30
C THR G 365 -26.15 -10.09 -28.08
N LYS G 366 -27.01 -9.32 -27.40
CA LYS G 366 -27.73 -9.79 -26.20
C LYS G 366 -28.70 -10.89 -26.61
N HIS G 367 -29.32 -10.77 -27.80
CA HIS G 367 -30.12 -11.86 -28.43
C HIS G 367 -29.21 -13.08 -28.72
N ILE G 368 -27.99 -12.90 -29.25
CA ILE G 368 -27.07 -14.04 -29.60
C ILE G 368 -26.76 -14.79 -28.29
N LEU G 369 -26.49 -14.04 -27.22
CA LEU G 369 -26.20 -14.57 -25.85
C LEU G 369 -27.39 -15.39 -25.34
N ALA G 370 -28.59 -14.84 -25.36
CA ALA G 370 -29.85 -15.51 -24.95
C ALA G 370 -30.15 -16.71 -25.86
N SER G 371 -29.97 -16.57 -27.18
CA SER G 371 -30.04 -17.63 -28.25
C SER G 371 -29.06 -18.76 -27.92
N ARG G 372 -27.78 -18.43 -27.75
CA ARG G 372 -26.67 -19.39 -27.49
C ARG G 372 -26.83 -20.02 -26.08
N CYS G 373 -27.52 -19.34 -25.15
CA CYS G 373 -27.92 -19.78 -23.78
C CYS G 373 -29.07 -20.81 -23.86
N LEU G 374 -30.06 -20.51 -24.70
CA LEU G 374 -31.32 -21.31 -24.87
C LEU G 374 -31.02 -22.63 -25.59
N GLN G 375 -30.18 -22.60 -26.63
CA GLN G 375 -29.72 -23.81 -27.38
C GLN G 375 -29.00 -24.75 -26.41
N THR G 376 -28.35 -24.20 -25.39
CA THR G 376 -27.62 -24.95 -24.34
C THR G 376 -28.58 -25.60 -23.32
N GLY G 377 -29.66 -24.91 -22.98
CA GLY G 377 -30.63 -25.33 -21.94
C GLY G 377 -30.19 -24.87 -20.57
N ARG G 378 -29.92 -23.57 -20.41
CA ARG G 378 -29.79 -22.83 -19.11
C ARG G 378 -30.85 -21.74 -19.19
N ALA G 379 -32.06 -22.24 -19.39
CA ALA G 379 -33.20 -21.50 -19.96
C ALA G 379 -33.69 -20.40 -18.99
N GLY G 380 -33.61 -20.61 -17.67
CA GLY G 380 -33.90 -19.58 -16.64
C GLY G 380 -33.10 -18.32 -16.90
N ASP G 381 -31.83 -18.53 -17.23
CA ASP G 381 -30.79 -17.50 -17.45
C ASP G 381 -30.96 -16.92 -18.87
N ALA G 382 -31.16 -17.79 -19.89
CA ALA G 382 -31.54 -17.42 -21.27
C ALA G 382 -32.79 -16.52 -21.25
N ALA G 383 -33.81 -16.85 -20.44
CA ALA G 383 -35.08 -16.08 -20.28
C ALA G 383 -34.79 -14.68 -19.72
N GLU G 384 -33.95 -14.60 -18.68
CA GLU G 384 -33.51 -13.31 -18.07
C GLU G 384 -32.89 -12.45 -19.18
N HIS G 385 -31.97 -13.02 -19.97
CA HIS G 385 -31.33 -12.36 -21.13
C HIS G 385 -32.39 -11.88 -22.13
N TYR G 386 -33.41 -12.70 -22.38
CA TYR G 386 -34.48 -12.43 -23.37
C TYR G 386 -35.40 -11.30 -22.89
N LEU G 387 -35.72 -11.21 -21.59
CA LEU G 387 -36.60 -10.14 -21.02
C LEU G 387 -35.84 -8.79 -20.96
N ASP G 388 -34.50 -8.81 -20.86
CA ASP G 388 -33.62 -7.62 -21.04
C ASP G 388 -33.45 -7.24 -22.50
N LEU G 389 -33.49 -8.23 -23.41
CA LEU G 389 -33.55 -8.02 -24.89
C LEU G 389 -34.86 -7.30 -25.22
N LEU G 390 -35.98 -7.93 -24.85
CA LEU G 390 -37.35 -7.52 -25.26
C LEU G 390 -37.67 -6.14 -24.69
N ALA G 391 -37.23 -5.85 -23.45
CA ALA G 391 -37.33 -4.51 -22.83
C ALA G 391 -36.56 -3.47 -23.66
N LEU G 392 -35.34 -3.81 -24.11
CA LEU G 392 -34.48 -2.86 -24.88
C LEU G 392 -35.02 -2.63 -26.31
N LEU G 393 -35.92 -3.49 -26.81
CA LEU G 393 -36.55 -3.39 -28.16
C LEU G 393 -37.86 -2.59 -28.12
N LEU G 394 -38.68 -2.77 -27.07
CA LEU G 394 -40.07 -2.25 -26.98
C LEU G 394 -40.17 -1.09 -25.98
N ASP G 395 -39.65 -1.26 -24.76
CA ASP G 395 -39.67 -0.21 -23.69
C ASP G 395 -38.82 0.97 -24.17
N SER G 396 -37.83 0.72 -25.02
CA SER G 396 -36.95 1.79 -25.53
C SER G 396 -37.79 2.78 -26.35
N SER G 397 -38.20 3.86 -25.68
CA SER G 397 -38.92 5.04 -26.23
C SER G 397 -38.05 6.29 -26.02
N GLU G 398 -37.53 6.47 -24.79
CA GLU G 398 -36.75 7.64 -24.34
C GLU G 398 -35.35 7.67 -24.99
N PRO G 399 -34.48 6.62 -24.89
CA PRO G 399 -33.08 6.76 -25.35
C PRO G 399 -32.96 6.64 -26.88
N ARG G 400 -31.72 6.54 -27.39
CA ARG G 400 -31.43 6.13 -28.79
C ARG G 400 -32.15 4.80 -29.05
N PHE G 401 -32.77 4.64 -30.22
CA PHE G 401 -33.59 3.46 -30.58
C PHE G 401 -32.68 2.24 -30.75
N SER G 402 -32.97 1.15 -30.03
CA SER G 402 -32.20 -0.10 -30.16
C SER G 402 -32.23 -0.56 -31.62
N PRO G 403 -31.10 -1.05 -32.19
CA PRO G 403 -31.07 -1.45 -33.61
C PRO G 403 -32.04 -2.61 -33.91
N PRO G 404 -32.80 -2.55 -35.03
CA PRO G 404 -33.75 -3.60 -35.40
C PRO G 404 -33.07 -4.88 -35.91
N PRO G 405 -33.71 -6.06 -35.81
CA PRO G 405 -33.12 -7.31 -36.29
C PRO G 405 -32.93 -7.27 -37.81
N SER G 406 -31.86 -7.93 -38.30
CA SER G 406 -31.53 -7.97 -39.76
C SER G 406 -32.52 -8.85 -40.52
N PRO G 407 -32.69 -8.67 -41.85
CA PRO G 407 -33.65 -9.46 -42.64
C PRO G 407 -33.34 -10.97 -42.62
N PRO G 408 -32.06 -11.40 -42.73
CA PRO G 408 -31.72 -12.82 -42.71
C PRO G 408 -32.13 -13.44 -41.35
N GLY G 409 -31.92 -12.69 -40.27
CA GLY G 409 -32.27 -13.13 -38.91
C GLY G 409 -33.78 -13.11 -38.67
N PRO G 410 -34.30 -13.87 -37.68
CA PRO G 410 -35.74 -13.91 -37.40
C PRO G 410 -36.35 -12.54 -37.04
N CYS G 411 -37.64 -12.35 -37.33
CA CYS G 411 -38.36 -11.08 -37.05
C CYS G 411 -38.82 -11.00 -35.58
N MET G 412 -39.45 -9.87 -35.22
CA MET G 412 -39.91 -9.63 -33.82
C MET G 412 -40.70 -10.83 -33.28
N PRO G 413 -41.83 -11.27 -33.88
CA PRO G 413 -42.66 -12.34 -33.30
C PRO G 413 -41.92 -13.63 -32.91
N GLU G 414 -41.02 -14.14 -33.77
CA GLU G 414 -40.19 -15.35 -33.48
C GLU G 414 -39.53 -15.16 -32.10
N VAL G 415 -39.04 -13.95 -31.86
CA VAL G 415 -38.32 -13.57 -30.62
C VAL G 415 -39.28 -13.62 -29.42
N PHE G 416 -40.52 -13.10 -29.50
CA PHE G 416 -41.52 -13.15 -28.41
C PHE G 416 -41.77 -14.58 -27.97
N LEU G 417 -41.87 -15.44 -28.97
CA LEU G 417 -42.12 -16.87 -28.73
C LEU G 417 -40.92 -17.50 -28.05
N GLU G 418 -39.70 -17.24 -28.53
CA GLU G 418 -38.43 -17.72 -27.91
C GLU G 418 -38.44 -17.31 -26.42
N ALA G 419 -38.84 -16.07 -26.14
CA ALA G 419 -38.92 -15.50 -24.77
C ALA G 419 -39.89 -16.33 -23.93
N ALA G 420 -41.09 -16.55 -24.47
CA ALA G 420 -42.15 -17.33 -23.83
C ALA G 420 -41.65 -18.76 -23.53
N VAL G 421 -40.94 -19.36 -24.46
CA VAL G 421 -40.41 -20.75 -24.33
C VAL G 421 -39.44 -20.79 -23.16
N ALA G 422 -38.47 -19.87 -23.17
CA ALA G 422 -37.46 -19.73 -22.10
C ALA G 422 -38.19 -19.63 -20.75
N LEU G 423 -39.25 -18.84 -20.73
CA LEU G 423 -40.11 -18.64 -19.55
C LEU G 423 -40.74 -19.94 -19.05
N ILE G 424 -41.24 -20.74 -19.98
CA ILE G 424 -41.85 -22.08 -19.68
C ILE G 424 -40.77 -22.91 -18.98
N GLN G 425 -39.62 -23.02 -19.66
CA GLN G 425 -38.47 -23.84 -19.20
C GLN G 425 -38.06 -23.38 -17.80
N ALA G 426 -38.11 -22.08 -17.53
CA ALA G 426 -37.83 -21.51 -16.18
C ALA G 426 -38.86 -22.02 -15.19
N GLY G 427 -40.12 -22.12 -15.63
CA GLY G 427 -41.30 -22.38 -14.78
C GLY G 427 -41.89 -21.07 -14.30
N ARG G 428 -42.15 -20.17 -15.26
CA ARG G 428 -42.65 -18.78 -15.04
C ARG G 428 -43.93 -18.63 -15.88
N ALA G 429 -44.89 -19.52 -15.65
CA ALA G 429 -45.94 -19.85 -16.64
C ALA G 429 -46.97 -18.72 -16.72
N GLN G 430 -47.38 -18.19 -15.56
CA GLN G 430 -48.34 -17.07 -15.54
C GLN G 430 -47.76 -15.93 -16.38
N ASP G 431 -46.44 -15.81 -16.33
CA ASP G 431 -45.69 -14.71 -16.95
C ASP G 431 -45.61 -14.96 -18.47
N ALA G 432 -45.40 -16.20 -18.89
CA ALA G 432 -45.52 -16.60 -20.31
C ALA G 432 -46.93 -16.28 -20.83
N LEU G 433 -47.99 -16.51 -20.04
CA LEU G 433 -49.38 -16.18 -20.45
C LEU G 433 -49.49 -14.70 -20.75
N THR G 434 -48.95 -13.87 -19.85
CA THR G 434 -48.97 -12.39 -20.01
C THR G 434 -48.30 -12.00 -21.35
N LEU G 435 -47.14 -12.58 -21.66
CA LEU G 435 -46.35 -12.35 -22.92
C LEU G 435 -47.24 -12.62 -24.14
N CYS G 436 -47.85 -13.80 -24.15
CA CYS G 436 -48.68 -14.29 -25.28
C CYS G 436 -49.95 -13.44 -25.44
N GLU G 437 -50.63 -13.12 -24.33
CA GLU G 437 -51.84 -12.25 -24.31
C GLU G 437 -51.49 -10.88 -24.90
N GLU G 438 -50.36 -10.30 -24.49
CA GLU G 438 -49.84 -9.01 -25.02
C GLU G 438 -49.68 -9.10 -26.53
N LEU G 439 -49.00 -10.16 -27.00
CA LEU G 439 -48.71 -10.36 -28.44
C LEU G 439 -50.03 -10.41 -29.24
N LEU G 440 -51.03 -11.15 -28.73
CA LEU G 440 -52.34 -11.32 -29.42
C LEU G 440 -53.11 -10.00 -29.41
N SER G 441 -53.10 -9.30 -28.27
CA SER G 441 -53.66 -7.93 -28.11
C SER G 441 -53.05 -7.01 -29.19
N ARG G 442 -51.74 -7.19 -29.51
CA ARG G 442 -50.95 -6.35 -30.48
C ARG G 442 -51.31 -6.61 -31.96
N THR G 443 -51.72 -7.84 -32.32
CA THR G 443 -51.84 -8.30 -33.73
C THR G 443 -53.20 -8.96 -33.92
N PRO G 468 -51.39 -17.37 -38.94
CA PRO G 468 -50.07 -17.90 -39.29
C PRO G 468 -49.50 -18.85 -38.21
N LEU G 469 -48.31 -19.40 -38.53
CA LEU G 469 -47.58 -20.42 -37.71
C LEU G 469 -47.49 -19.95 -36.27
N TRP G 470 -47.06 -18.71 -36.10
CA TRP G 470 -46.82 -18.07 -34.78
C TRP G 470 -48.10 -17.98 -33.91
N VAL G 471 -49.29 -17.89 -34.50
CA VAL G 471 -50.57 -17.81 -33.73
C VAL G 471 -50.91 -19.19 -33.17
N SER G 472 -50.88 -20.18 -34.05
CA SER G 472 -51.07 -21.60 -33.67
C SER G 472 -50.10 -21.92 -32.52
N ALA G 473 -48.83 -21.56 -32.71
CA ALA G 473 -47.77 -21.80 -31.71
C ALA G 473 -48.09 -21.01 -30.44
N THR G 474 -48.57 -19.80 -30.61
CA THR G 474 -48.95 -18.96 -29.46
C THR G 474 -49.89 -19.77 -28.57
N HIS G 475 -50.96 -20.28 -29.18
CA HIS G 475 -52.00 -21.07 -28.49
C HIS G 475 -51.34 -22.26 -27.79
N LEU G 476 -50.42 -22.90 -28.50
CA LEU G 476 -49.73 -24.11 -28.01
C LEU G 476 -48.99 -23.78 -26.70
N LEU G 477 -48.16 -22.75 -26.72
CA LEU G 477 -47.34 -22.43 -25.54
C LEU G 477 -48.27 -21.94 -24.43
N GLN G 478 -49.36 -21.26 -24.80
CA GLN G 478 -50.42 -20.85 -23.82
C GLN G 478 -50.97 -22.11 -23.14
N GLY G 479 -51.16 -23.18 -23.90
CA GLY G 479 -51.58 -24.48 -23.35
C GLY G 479 -50.55 -25.07 -22.41
N GLN G 480 -49.29 -25.15 -22.85
CA GLN G 480 -48.14 -25.72 -22.08
C GLN G 480 -48.00 -24.99 -20.75
N ALA G 481 -48.26 -23.68 -20.77
CA ALA G 481 -48.29 -22.85 -19.55
C ALA G 481 -49.29 -23.41 -18.53
N TRP G 482 -50.55 -23.52 -18.94
CA TRP G 482 -51.67 -24.02 -18.11
C TRP G 482 -51.40 -25.45 -17.66
N VAL G 483 -50.60 -26.18 -18.44
CA VAL G 483 -50.11 -27.52 -18.06
C VAL G 483 -49.21 -27.39 -16.84
N GLN G 484 -48.16 -26.56 -16.90
CA GLN G 484 -47.16 -26.40 -15.82
C GLN G 484 -47.86 -25.98 -14.51
N LEU G 485 -48.90 -25.17 -14.61
CA LEU G 485 -49.73 -24.72 -13.46
C LEU G 485 -50.65 -25.84 -13.03
N GLY G 486 -51.22 -26.57 -14.01
CA GLY G 486 -52.22 -27.60 -13.78
C GLY G 486 -53.61 -27.03 -14.05
N ALA G 487 -54.06 -27.14 -15.30
CA ALA G 487 -55.45 -26.85 -15.72
C ALA G 487 -55.75 -27.59 -17.04
N GLN G 488 -56.23 -28.84 -16.90
CA GLN G 488 -56.27 -29.86 -17.99
C GLN G 488 -57.16 -29.36 -19.12
N LYS G 489 -58.39 -29.00 -18.77
CA LYS G 489 -59.44 -28.60 -19.72
C LYS G 489 -58.96 -27.46 -20.60
N VAL G 490 -58.54 -26.36 -19.98
CA VAL G 490 -58.08 -25.12 -20.69
C VAL G 490 -56.83 -25.43 -21.52
N ALA G 491 -55.90 -26.25 -21.01
CA ALA G 491 -54.70 -26.70 -21.76
C ALA G 491 -55.14 -27.43 -23.04
N ILE G 492 -56.02 -28.41 -22.89
CA ILE G 492 -56.58 -29.23 -24.02
C ILE G 492 -57.32 -28.31 -24.98
N SER G 493 -58.09 -27.36 -24.46
CA SER G 493 -58.81 -26.34 -25.27
C SER G 493 -57.81 -25.60 -26.16
N GLU G 494 -56.69 -25.16 -25.59
CA GLU G 494 -55.65 -24.36 -26.30
C GLU G 494 -55.00 -25.22 -27.39
N PHE G 495 -54.66 -26.47 -27.09
CA PHE G 495 -54.08 -27.41 -28.07
C PHE G 495 -55.07 -27.70 -29.18
N SER G 496 -56.33 -27.94 -28.82
CA SER G 496 -57.44 -28.17 -29.79
C SER G 496 -57.55 -26.96 -30.73
N ARG G 497 -57.49 -25.74 -30.18
CA ARG G 497 -57.67 -24.49 -30.95
C ARG G 497 -56.48 -24.32 -31.89
N CYS G 498 -55.28 -24.58 -31.37
CA CYS G 498 -54.01 -24.67 -32.14
C CYS G 498 -54.25 -25.55 -33.37
N LEU G 499 -54.72 -26.78 -33.14
CA LEU G 499 -54.92 -27.81 -34.20
C LEU G 499 -55.92 -27.31 -35.23
N GLU G 500 -57.03 -26.71 -34.80
CA GLU G 500 -58.07 -26.31 -35.77
C GLU G 500 -57.58 -25.10 -36.60
N LEU G 501 -56.78 -24.17 -36.05
CA LEU G 501 -56.20 -23.02 -36.83
C LEU G 501 -55.03 -23.49 -37.71
N LEU G 502 -54.48 -24.67 -37.40
CA LEU G 502 -53.39 -25.39 -38.09
C LEU G 502 -53.95 -26.13 -39.33
N PHE G 503 -55.25 -26.44 -39.34
CA PHE G 503 -55.96 -27.21 -40.38
C PHE G 503 -57.04 -26.32 -41.01
N CYS G 518 -44.55 -13.61 -42.18
CA CYS G 518 -43.29 -13.95 -41.47
C CYS G 518 -42.24 -14.52 -42.44
N GLU G 519 -40.97 -14.53 -42.01
CA GLU G 519 -39.79 -15.11 -42.71
C GLU G 519 -39.96 -16.63 -42.86
N GLN G 520 -39.10 -17.27 -43.66
CA GLN G 520 -39.24 -18.69 -44.09
C GLN G 520 -38.94 -19.69 -42.94
N GLY G 521 -38.36 -19.26 -41.80
CA GLY G 521 -38.19 -20.03 -40.55
C GLY G 521 -39.40 -20.85 -40.13
N CYS G 522 -40.58 -20.21 -40.11
CA CYS G 522 -41.88 -20.79 -39.70
C CYS G 522 -42.51 -21.63 -40.84
N LYS G 523 -42.27 -21.28 -42.11
CA LYS G 523 -42.95 -21.84 -43.33
C LYS G 523 -42.70 -23.37 -43.48
N SER G 524 -41.53 -23.86 -43.06
CA SER G 524 -41.04 -25.26 -43.31
C SER G 524 -42.12 -26.27 -42.88
N ASP G 525 -42.55 -27.13 -43.82
CA ASP G 525 -43.54 -28.21 -43.56
C ASP G 525 -42.99 -29.18 -42.50
N ALA G 526 -41.66 -29.35 -42.42
CA ALA G 526 -40.99 -30.13 -41.35
C ALA G 526 -41.38 -29.55 -39.97
N ALA G 527 -41.29 -28.22 -39.81
CA ALA G 527 -41.73 -27.47 -38.60
C ALA G 527 -43.19 -27.76 -38.32
N LEU G 528 -44.00 -27.70 -39.36
CA LEU G 528 -45.46 -27.96 -39.27
C LEU G 528 -45.71 -29.34 -38.69
N GLN G 529 -45.14 -30.38 -39.30
CA GLN G 529 -45.36 -31.80 -38.91
C GLN G 529 -44.92 -31.97 -37.46
N GLN G 530 -43.70 -31.51 -37.17
CA GLN G 530 -43.07 -31.63 -35.84
C GLN G 530 -43.95 -30.94 -34.81
N LEU G 531 -44.51 -29.80 -35.18
CA LEU G 531 -45.31 -28.96 -34.26
C LEU G 531 -46.60 -29.67 -33.93
N ARG G 532 -47.28 -30.14 -34.98
CA ARG G 532 -48.51 -30.93 -34.83
C ARG G 532 -48.18 -32.00 -33.82
N ALA G 533 -47.15 -32.78 -34.13
CA ALA G 533 -46.68 -33.87 -33.27
C ALA G 533 -46.62 -33.36 -31.85
N ALA G 534 -45.85 -32.29 -31.66
CA ALA G 534 -45.60 -31.69 -30.34
C ALA G 534 -46.95 -31.60 -29.64
N ALA G 535 -47.84 -30.83 -30.25
CA ALA G 535 -49.16 -30.49 -29.70
C ALA G 535 -49.89 -31.76 -29.25
N LEU G 536 -49.86 -32.75 -30.12
CA LEU G 536 -50.62 -34.00 -29.96
C LEU G 536 -50.13 -34.71 -28.71
N ILE G 537 -48.82 -34.74 -28.56
CA ILE G 537 -48.17 -35.47 -27.45
C ILE G 537 -48.59 -34.82 -26.16
N SER G 538 -48.43 -33.50 -26.14
CA SER G 538 -48.71 -32.67 -24.96
C SER G 538 -50.10 -33.09 -24.52
N ARG G 539 -51.03 -32.94 -25.45
CA ARG G 539 -52.45 -33.32 -25.26
C ARG G 539 -52.51 -34.73 -24.69
N GLY G 540 -51.75 -35.64 -25.28
CA GLY G 540 -51.75 -37.05 -24.88
C GLY G 540 -51.39 -37.24 -23.43
N LEU G 541 -50.40 -36.49 -22.96
CA LEU G 541 -49.91 -36.63 -21.59
C LEU G 541 -50.94 -36.05 -20.64
N GLU G 542 -51.60 -34.99 -21.08
CA GLU G 542 -52.75 -34.40 -20.37
C GLU G 542 -53.80 -35.50 -20.19
N TRP G 543 -54.11 -36.19 -21.28
CA TRP G 543 -55.12 -37.26 -21.29
C TRP G 543 -54.65 -38.36 -20.31
N VAL G 544 -53.33 -38.61 -20.24
CA VAL G 544 -52.66 -39.57 -19.30
C VAL G 544 -53.04 -39.18 -17.87
N ALA G 545 -52.76 -37.93 -17.53
CA ALA G 545 -52.95 -37.36 -16.19
C ALA G 545 -54.41 -37.54 -15.74
N SER G 546 -55.37 -37.29 -16.64
CA SER G 546 -56.83 -37.50 -16.41
C SER G 546 -57.13 -39.02 -16.32
N GLY G 547 -56.43 -39.82 -17.14
CA GLY G 547 -56.58 -41.29 -17.20
C GLY G 547 -57.18 -41.79 -18.52
N GLN G 548 -57.49 -40.91 -19.49
CA GLN G 548 -58.19 -41.27 -20.76
C GLN G 548 -57.17 -41.84 -21.76
N ASP G 549 -56.63 -43.03 -21.48
CA ASP G 549 -55.48 -43.63 -22.23
C ASP G 549 -55.86 -43.90 -23.69
N THR G 550 -57.16 -44.11 -23.92
CA THR G 550 -57.83 -44.29 -25.23
C THR G 550 -57.47 -43.14 -26.17
N LYS G 551 -57.88 -41.95 -25.75
CA LYS G 551 -57.77 -40.70 -26.54
C LYS G 551 -56.30 -40.35 -26.65
N ALA G 552 -55.58 -40.59 -25.55
CA ALA G 552 -54.12 -40.36 -25.47
C ALA G 552 -53.47 -41.17 -26.58
N LEU G 553 -53.77 -42.45 -26.59
CA LEU G 553 -53.25 -43.35 -27.61
C LEU G 553 -53.56 -42.76 -28.97
N GLN G 554 -54.83 -42.45 -29.21
CA GLN G 554 -55.31 -41.91 -30.52
C GLN G 554 -54.36 -40.79 -30.96
N ASP G 555 -54.13 -39.84 -30.07
CA ASP G 555 -53.30 -38.66 -30.38
C ASP G 555 -51.86 -39.12 -30.59
N PHE G 556 -51.33 -39.97 -29.73
CA PHE G 556 -49.94 -40.44 -29.86
C PHE G 556 -49.80 -41.19 -31.16
N LEU G 557 -50.76 -42.07 -31.39
CA LEU G 557 -50.85 -42.88 -32.61
C LEU G 557 -50.84 -41.92 -33.81
N LEU G 558 -51.66 -40.90 -33.72
CA LEU G 558 -51.81 -39.88 -34.79
C LEU G 558 -50.46 -39.21 -35.06
N SER G 559 -49.75 -38.85 -33.99
CA SER G 559 -48.44 -38.17 -34.05
C SER G 559 -47.42 -39.07 -34.74
N VAL G 560 -47.51 -40.37 -34.50
CA VAL G 560 -46.63 -41.37 -35.16
C VAL G 560 -46.85 -41.25 -36.66
N GLN G 561 -48.11 -41.17 -37.11
CA GLN G 561 -48.42 -41.07 -38.55
C GLN G 561 -47.90 -39.75 -39.13
N MET G 562 -47.91 -38.69 -38.31
CA MET G 562 -47.52 -37.33 -38.77
C MET G 562 -46.01 -37.27 -39.01
N CYS G 563 -45.24 -37.44 -37.95
CA CYS G 563 -43.76 -37.39 -38.00
C CYS G 563 -43.19 -38.74 -37.59
N PRO G 564 -42.60 -39.53 -38.51
CA PRO G 564 -41.91 -40.76 -38.11
C PRO G 564 -40.62 -40.50 -37.32
N GLY G 565 -39.72 -39.65 -37.83
CA GLY G 565 -38.34 -39.48 -37.34
C GLY G 565 -38.21 -38.49 -36.19
N ASN G 566 -39.07 -38.58 -35.17
CA ASN G 566 -38.88 -37.93 -33.85
C ASN G 566 -38.62 -39.02 -32.81
N ARG G 567 -39.39 -40.11 -32.83
CA ARG G 567 -39.16 -41.38 -32.08
C ARG G 567 -39.72 -41.29 -30.65
N ASP G 568 -39.80 -40.08 -30.11
CA ASP G 568 -40.28 -39.82 -28.74
C ASP G 568 -41.75 -40.17 -28.72
N THR G 569 -42.43 -39.70 -29.75
CA THR G 569 -43.78 -40.13 -30.19
C THR G 569 -43.89 -41.64 -29.94
N TYR G 570 -43.03 -42.42 -30.57
CA TYR G 570 -43.05 -43.89 -30.48
C TYR G 570 -42.89 -44.31 -29.04
N PHE G 571 -41.91 -43.71 -28.37
CA PHE G 571 -41.61 -44.00 -26.97
C PHE G 571 -42.90 -43.94 -26.14
N HIS G 572 -43.65 -42.86 -26.26
CA HIS G 572 -44.84 -42.58 -25.42
C HIS G 572 -45.87 -43.68 -25.64
N LEU G 573 -46.11 -43.90 -26.93
CA LEU G 573 -47.07 -44.87 -27.48
C LEU G 573 -46.73 -46.22 -26.88
N LEU G 574 -45.48 -46.60 -27.05
CA LEU G 574 -44.96 -47.91 -26.64
C LEU G 574 -45.01 -48.03 -25.13
N GLN G 575 -44.80 -46.94 -24.39
CA GLN G 575 -44.91 -46.98 -22.91
C GLN G 575 -46.34 -47.36 -22.52
N THR G 576 -47.31 -46.73 -23.18
CA THR G 576 -48.75 -47.00 -23.01
C THR G 576 -49.06 -48.45 -23.37
N LEU G 577 -48.54 -48.91 -24.50
CA LEU G 577 -48.75 -50.29 -24.99
C LEU G 577 -48.14 -51.31 -24.03
N LYS G 578 -46.99 -50.97 -23.41
CA LYS G 578 -46.34 -51.83 -22.38
C LYS G 578 -47.23 -51.83 -21.14
N ARG G 579 -47.90 -50.72 -20.84
CA ARG G 579 -48.86 -50.65 -19.72
C ARG G 579 -50.06 -51.60 -19.97
N LEU G 580 -50.53 -51.76 -21.21
CA LEU G 580 -51.86 -52.36 -21.51
C LEU G 580 -51.71 -53.73 -22.21
N ASP G 581 -51.26 -53.74 -23.47
CA ASP G 581 -51.43 -54.85 -24.44
C ASP G 581 -50.12 -55.01 -25.22
N ARG G 582 -49.17 -55.63 -24.55
CA ARG G 582 -47.73 -55.38 -24.78
C ARG G 582 -47.39 -55.86 -26.18
N ARG G 583 -47.45 -57.17 -26.33
CA ARG G 583 -46.42 -57.94 -27.03
C ARG G 583 -46.40 -57.48 -28.46
N ASP G 584 -47.45 -57.90 -29.18
CA ASP G 584 -47.47 -57.98 -30.65
C ASP G 584 -47.28 -56.53 -31.14
N GLU G 585 -48.03 -55.59 -30.55
CA GLU G 585 -48.09 -54.18 -31.01
C GLU G 585 -46.71 -53.58 -30.76
N ALA G 586 -46.18 -53.80 -29.55
CA ALA G 586 -44.87 -53.29 -29.14
C ALA G 586 -43.88 -53.73 -30.19
N THR G 587 -43.67 -55.03 -30.26
CA THR G 587 -42.62 -55.67 -31.06
C THR G 587 -42.71 -55.27 -32.52
N ALA G 588 -43.93 -55.21 -33.04
CA ALA G 588 -44.18 -54.77 -34.44
C ALA G 588 -43.48 -53.42 -34.60
N LEU G 589 -43.75 -52.53 -33.65
CA LEU G 589 -43.26 -51.13 -33.73
C LEU G 589 -41.77 -51.06 -33.41
N TRP G 590 -41.25 -51.95 -32.57
CA TRP G 590 -39.78 -52.15 -32.41
C TRP G 590 -39.15 -52.32 -33.78
N TRP G 591 -39.64 -53.34 -34.51
CA TRP G 591 -39.13 -53.69 -35.85
C TRP G 591 -39.28 -52.47 -36.78
N ARG G 592 -40.37 -51.72 -36.65
CA ARG G 592 -40.61 -50.51 -37.48
C ARG G 592 -39.52 -49.48 -37.20
N LEU G 593 -39.23 -49.25 -35.92
CA LEU G 593 -38.19 -48.27 -35.48
C LEU G 593 -36.85 -48.67 -36.09
N GLU G 594 -36.53 -49.96 -36.02
CA GLU G 594 -35.22 -50.50 -36.46
C GLU G 594 -35.14 -50.50 -37.99
N ALA G 595 -36.28 -50.58 -38.67
CA ALA G 595 -36.41 -50.43 -40.15
C ALA G 595 -36.14 -48.96 -40.53
N GLN G 596 -36.77 -48.03 -39.83
CA GLN G 596 -36.55 -46.56 -39.99
C GLN G 596 -35.05 -46.25 -39.87
N THR G 597 -34.43 -46.68 -38.75
CA THR G 597 -32.98 -46.55 -38.45
C THR G 597 -32.25 -47.77 -39.05
N LEU G 605 -34.28 -32.55 -38.39
CA LEU G 605 -33.20 -31.71 -37.77
C LEU G 605 -32.63 -30.72 -38.80
N TRP G 606 -33.41 -30.34 -39.82
CA TRP G 606 -32.97 -29.63 -41.04
C TRP G 606 -32.90 -28.13 -40.72
N SER G 607 -34.02 -27.49 -40.35
CA SER G 607 -34.06 -26.06 -39.91
C SER G 607 -34.57 -25.96 -38.46
N LEU G 608 -35.79 -26.40 -38.15
CA LEU G 608 -36.42 -26.55 -36.80
C LEU G 608 -36.18 -25.33 -35.92
N PRO G 609 -37.04 -24.30 -35.99
CA PRO G 609 -36.86 -23.12 -35.15
C PRO G 609 -36.70 -23.43 -33.65
N LEU G 610 -35.96 -22.52 -33.03
CA LEU G 610 -35.21 -22.70 -31.76
C LEU G 610 -36.17 -22.95 -30.61
N TYR G 611 -37.19 -22.09 -30.55
CA TYR G 611 -38.36 -22.18 -29.64
C TYR G 611 -38.84 -23.63 -29.57
N LEU G 612 -39.01 -24.20 -30.75
CA LEU G 612 -39.68 -25.49 -30.91
C LEU G 612 -38.72 -26.55 -30.42
N GLU G 613 -37.49 -26.54 -30.95
CA GLU G 613 -36.44 -27.53 -30.57
C GLU G 613 -36.28 -27.57 -29.05
N SER G 614 -36.22 -26.41 -28.42
CA SER G 614 -36.06 -26.29 -26.95
C SER G 614 -37.29 -26.87 -26.25
N TYR G 615 -38.46 -26.58 -26.80
CA TYR G 615 -39.75 -27.10 -26.30
C TYR G 615 -39.75 -28.62 -26.32
N LEU G 616 -39.36 -29.20 -27.45
CA LEU G 616 -39.33 -30.66 -27.67
C LEU G 616 -38.39 -31.30 -26.65
N SER G 617 -37.19 -30.76 -26.55
CA SER G 617 -36.15 -31.23 -25.61
C SER G 617 -36.68 -31.14 -24.18
N TRP G 618 -37.48 -30.11 -23.88
CA TRP G 618 -38.11 -29.90 -22.55
C TRP G 618 -39.06 -31.05 -22.24
N ILE G 619 -39.91 -31.43 -23.19
CA ILE G 619 -40.99 -32.46 -23.04
C ILE G 619 -40.44 -33.81 -23.50
N ARG G 620 -39.38 -34.27 -22.86
CA ARG G 620 -38.61 -35.42 -23.35
C ARG G 620 -38.10 -36.17 -22.13
N PRO G 621 -38.54 -37.43 -21.88
CA PRO G 621 -38.08 -38.20 -20.72
C PRO G 621 -36.76 -38.89 -21.07
N SER G 622 -35.86 -38.87 -20.09
CA SER G 622 -34.44 -39.31 -20.17
C SER G 622 -34.33 -40.79 -20.62
N ASP G 623 -35.22 -41.66 -20.13
CA ASP G 623 -35.12 -43.14 -20.24
C ASP G 623 -35.77 -43.62 -21.54
N ARG G 624 -35.72 -42.81 -22.61
CA ARG G 624 -36.43 -43.04 -23.89
C ARG G 624 -35.68 -44.18 -24.61
N ASP G 625 -34.36 -44.01 -24.76
CA ASP G 625 -33.45 -44.98 -25.42
C ASP G 625 -33.39 -46.25 -24.57
N ALA G 626 -33.35 -46.11 -23.23
CA ALA G 626 -33.36 -47.20 -22.23
C ALA G 626 -34.57 -48.12 -22.47
N PHE G 627 -35.75 -47.52 -22.66
CA PHE G 627 -37.00 -48.25 -23.00
C PHE G 627 -36.90 -48.85 -24.41
N LEU G 628 -36.35 -48.10 -25.39
CA LEU G 628 -36.21 -48.55 -26.81
C LEU G 628 -35.16 -49.68 -26.95
N GLU G 629 -34.50 -50.16 -25.88
CA GLU G 629 -33.57 -51.34 -25.89
C GLU G 629 -34.17 -52.61 -25.23
N GLU G 630 -35.17 -52.48 -24.34
CA GLU G 630 -35.88 -53.57 -23.60
C GLU G 630 -36.47 -54.65 -24.52
N MET H 20 69.11 1.16 15.44
CA MET H 20 67.94 1.38 16.36
C MET H 20 68.05 0.48 17.60
N ALA H 21 67.11 0.64 18.53
CA ALA H 21 66.93 -0.24 19.71
C ALA H 21 66.44 -1.62 19.21
N VAL H 22 65.26 -1.64 18.59
CA VAL H 22 64.57 -2.85 18.05
C VAL H 22 65.40 -3.39 16.87
N THR H 23 65.29 -4.71 16.62
CA THR H 23 65.97 -5.44 15.51
C THR H 23 65.00 -5.52 14.29
N GLU H 24 64.05 -4.56 14.20
CA GLU H 24 63.23 -4.14 13.02
C GLU H 24 64.13 -3.28 12.12
N ALA H 25 64.75 -2.24 12.71
CA ALA H 25 65.57 -1.20 12.04
C ALA H 25 67.08 -1.45 12.29
N SER H 26 67.52 -1.76 13.53
CA SER H 26 68.94 -2.08 13.91
C SER H 26 69.51 -3.20 13.04
N LEU H 27 68.73 -4.27 12.83
CA LEU H 27 69.00 -5.43 11.93
C LEU H 27 69.28 -4.99 10.50
N LEU H 28 68.37 -4.20 9.94
CA LEU H 28 68.45 -3.67 8.56
C LEU H 28 69.67 -2.80 8.43
N ARG H 29 69.83 -1.90 9.39
CA ARG H 29 70.96 -0.98 9.47
C ARG H 29 72.28 -1.76 9.69
N GLN H 30 72.28 -2.92 10.35
CA GLN H 30 73.52 -3.67 10.69
C GLN H 30 73.71 -4.91 9.79
N CYS H 31 72.67 -5.39 9.11
CA CYS H 31 72.72 -6.56 8.19
C CYS H 31 71.89 -6.28 6.94
N PRO H 32 72.35 -5.33 6.08
CA PRO H 32 71.52 -4.84 4.99
C PRO H 32 71.03 -5.98 4.08
N LEU H 33 71.89 -6.97 3.86
CA LEU H 33 71.91 -7.87 2.68
C LEU H 33 71.32 -9.21 3.08
N LEU H 34 70.58 -9.22 4.18
CA LEU H 34 69.87 -10.40 4.71
C LEU H 34 68.39 -10.18 4.53
N LEU H 35 67.79 -10.92 3.62
CA LEU H 35 66.43 -10.61 3.20
C LEU H 35 65.59 -11.67 3.87
N PRO H 36 64.50 -11.29 4.54
CA PRO H 36 63.44 -12.22 4.91
C PRO H 36 62.74 -12.63 3.63
N GLN H 37 62.94 -13.86 3.20
CA GLN H 37 62.14 -14.50 2.13
C GLN H 37 60.69 -14.57 2.63
N ASN H 38 60.52 -15.13 3.82
CA ASN H 38 59.18 -15.47 4.36
C ASN H 38 58.55 -14.24 5.02
N ARG H 39 57.22 -14.19 4.97
CA ARG H 39 56.35 -13.15 5.59
C ARG H 39 56.49 -13.19 7.10
N SER H 40 56.19 -14.35 7.73
CA SER H 40 56.64 -14.72 9.10
C SER H 40 58.17 -14.68 9.05
N LYS H 41 58.81 -13.66 9.62
CA LYS H 41 60.23 -13.38 9.32
C LYS H 41 61.05 -14.46 10.04
N THR H 42 61.19 -15.59 9.33
CA THR H 42 61.68 -16.88 9.85
C THR H 42 62.83 -17.36 8.97
N VAL H 43 62.73 -17.21 7.65
CA VAL H 43 63.85 -17.56 6.73
C VAL H 43 64.51 -16.28 6.24
N TYR H 44 65.78 -16.05 6.60
CA TYR H 44 66.64 -15.05 5.93
C TYR H 44 67.72 -15.77 5.16
N GLU H 45 68.10 -15.08 4.10
CA GLU H 45 69.03 -15.54 3.05
C GLU H 45 69.57 -14.31 2.36
N GLY H 46 70.75 -14.50 1.79
CA GLY H 46 71.53 -13.50 1.06
C GLY H 46 72.96 -13.45 1.55
N PHE H 47 73.42 -12.25 1.83
CA PHE H 47 74.84 -12.01 2.09
C PHE H 47 74.99 -11.41 3.48
N ILE H 48 76.16 -11.60 4.10
CA ILE H 48 76.61 -10.89 5.32
C ILE H 48 77.93 -10.24 4.97
N SER H 49 78.16 -9.06 5.50
CA SER H 49 79.28 -8.18 5.11
C SER H 49 80.38 -8.35 6.15
N ALA H 50 81.64 -8.19 5.73
CA ALA H 50 82.80 -8.31 6.61
C ALA H 50 84.06 -7.87 5.89
N GLN H 51 84.60 -6.71 6.24
CA GLN H 51 85.98 -6.37 5.83
C GLN H 51 86.07 -6.24 4.26
N GLY H 52 85.11 -5.55 3.59
CA GLY H 52 85.16 -5.22 2.14
C GLY H 52 84.82 -6.41 1.27
N ARG H 53 84.00 -7.31 1.80
CA ARG H 53 83.85 -8.71 1.35
C ARG H 53 82.55 -9.26 1.96
N ASP H 54 81.67 -9.75 1.10
CA ASP H 54 80.25 -10.08 1.33
C ASP H 54 80.06 -11.58 1.07
N PHE H 55 79.38 -12.33 1.90
CA PHE H 55 79.50 -13.80 1.81
C PHE H 55 78.13 -14.45 2.04
N HIS H 56 77.88 -15.57 1.38
CA HIS H 56 76.57 -16.28 1.36
C HIS H 56 76.22 -16.86 2.74
N LEU H 57 74.94 -16.85 3.07
CA LEU H 57 74.45 -17.22 4.39
C LEU H 57 73.00 -17.58 4.28
N ARG H 58 72.62 -18.66 4.93
CA ARG H 58 71.26 -19.25 4.77
C ARG H 58 70.80 -19.73 6.13
N ILE H 59 69.88 -18.97 6.71
CA ILE H 59 69.62 -18.93 8.18
C ILE H 59 68.13 -19.16 8.38
N VAL H 60 67.79 -20.40 8.66
CA VAL H 60 66.40 -20.87 8.89
C VAL H 60 66.11 -20.74 10.38
N LEU H 61 64.91 -20.25 10.71
CA LEU H 61 64.29 -20.40 12.05
C LEU H 61 63.20 -21.47 12.05
N PRO H 62 62.83 -21.98 13.24
CA PRO H 62 61.63 -22.80 13.38
C PRO H 62 60.36 -21.93 13.26
N GLU H 63 59.22 -22.53 13.63
CA GLU H 63 57.86 -21.92 13.73
C GLU H 63 57.85 -20.73 14.73
N ASP H 64 58.71 -20.74 15.76
CA ASP H 64 58.91 -19.62 16.73
C ASP H 64 60.29 -18.97 16.49
N LEU H 65 60.54 -17.80 17.07
CA LEU H 65 61.78 -17.00 16.86
C LEU H 65 62.78 -17.34 17.96
N GLN H 66 63.30 -18.57 17.86
CA GLN H 66 64.11 -19.25 18.89
C GLN H 66 65.36 -19.76 18.20
N LEU H 67 66.53 -19.34 18.65
CA LEU H 67 67.82 -19.82 18.11
C LEU H 67 68.26 -21.09 18.84
N LYS H 68 67.56 -21.49 19.91
CA LYS H 68 67.83 -22.77 20.63
C LYS H 68 67.75 -23.93 19.63
N ASN H 69 66.79 -23.88 18.70
CA ASN H 69 66.82 -24.67 17.44
C ASN H 69 66.80 -23.67 16.29
N ALA H 70 67.85 -23.66 15.47
CA ALA H 70 67.87 -22.90 14.18
C ALA H 70 68.83 -23.60 13.21
N ARG H 71 68.53 -23.53 11.91
CA ARG H 71 69.48 -24.04 10.90
C ARG H 71 70.30 -22.86 10.39
N LEU H 72 71.55 -23.15 10.11
CA LEU H 72 72.42 -22.16 9.47
C LEU H 72 73.43 -22.92 8.64
N LEU H 73 73.39 -22.69 7.34
CA LEU H 73 74.45 -23.20 6.46
C LEU H 73 75.15 -22.04 5.78
N CYS H 74 76.33 -22.38 5.27
CA CYS H 74 77.25 -21.46 4.59
C CYS H 74 77.38 -21.93 3.15
N SER H 75 77.99 -21.09 2.35
CA SER H 75 78.90 -21.55 1.27
C SER H 75 80.12 -22.19 1.91
N TRP H 76 80.78 -23.08 1.18
CA TRP H 76 82.07 -23.69 1.59
C TRP H 76 83.13 -22.61 1.78
N GLN H 77 83.05 -21.52 1.03
CA GLN H 77 83.94 -20.35 1.20
C GLN H 77 83.84 -19.83 2.64
N LEU H 78 82.67 -19.71 3.24
CA LEU H 78 82.59 -19.24 4.66
C LEU H 78 83.04 -20.33 5.66
N ARG H 79 82.58 -21.61 5.58
CA ARG H 79 82.91 -22.71 6.55
C ARG H 79 84.43 -22.84 6.67
N THR H 80 85.16 -22.81 5.54
CA THR H 80 86.66 -22.76 5.50
C THR H 80 87.17 -21.59 6.33
N ILE H 81 86.46 -20.48 6.25
CA ILE H 81 86.90 -19.25 6.94
C ILE H 81 86.37 -19.30 8.37
N LEU H 82 85.45 -20.17 8.75
CA LEU H 82 85.16 -20.33 10.19
C LEU H 82 85.56 -21.72 10.65
N SER H 83 86.60 -22.24 10.01
CA SER H 83 87.57 -23.23 10.56
C SER H 83 87.85 -23.00 12.02
N GLY H 84 87.65 -24.05 12.84
CA GLY H 84 87.76 -24.09 14.31
C GLY H 84 87.15 -22.90 15.04
N TYR H 85 85.99 -22.41 14.61
CA TYR H 85 85.10 -21.56 15.42
C TYR H 85 83.70 -22.16 15.33
N HIS H 86 83.65 -23.39 14.81
CA HIS H 86 82.41 -24.11 14.47
C HIS H 86 81.64 -24.36 15.77
N ARG H 87 82.34 -24.95 16.73
CA ARG H 87 81.80 -25.25 18.07
C ARG H 87 81.46 -23.93 18.77
N ILE H 88 82.29 -22.90 18.54
CA ILE H 88 82.11 -21.52 19.09
C ILE H 88 80.70 -21.06 18.73
N VAL H 89 80.42 -21.15 17.45
CA VAL H 89 79.23 -20.51 16.88
C VAL H 89 78.01 -21.35 17.23
N GLN H 90 78.12 -22.67 17.36
CA GLN H 90 77.00 -23.54 17.87
C GLN H 90 76.62 -23.08 19.26
N GLN H 91 77.63 -22.92 20.14
CA GLN H 91 77.45 -22.40 21.52
C GLN H 91 76.75 -21.03 21.49
N ARG H 92 77.23 -20.15 20.62
CA ARG H 92 76.68 -18.78 20.46
C ARG H 92 75.19 -18.87 20.10
N MET H 93 74.82 -19.79 19.21
CA MET H 93 73.43 -19.96 18.77
C MET H 93 72.54 -20.36 19.94
N GLN H 94 73.00 -21.23 20.83
CA GLN H 94 72.21 -21.73 21.99
C GLN H 94 72.13 -20.65 23.08
N HIS H 95 73.14 -19.79 23.20
CA HIS H 95 73.28 -18.81 24.32
C HIS H 95 73.24 -17.35 23.82
N SER H 96 72.99 -17.08 22.55
CA SER H 96 72.64 -15.71 22.09
C SER H 96 71.14 -15.52 22.25
N PRO H 97 70.66 -14.36 22.76
CA PRO H 97 69.22 -14.14 22.92
C PRO H 97 68.49 -13.95 21.59
N ASP H 98 69.01 -13.01 20.78
CA ASP H 98 68.33 -12.39 19.62
C ASP H 98 69.06 -12.82 18.36
N LEU H 99 68.39 -12.71 17.21
CA LEU H 99 69.05 -12.81 15.89
C LEU H 99 70.04 -11.65 15.71
N MET H 100 69.64 -10.41 16.02
CA MET H 100 70.48 -9.20 15.87
C MET H 100 71.85 -9.36 16.53
N SER H 101 71.86 -9.65 17.83
CA SER H 101 73.10 -9.80 18.63
C SER H 101 73.92 -10.96 18.06
N PHE H 102 73.25 -12.02 17.61
CA PHE H 102 73.91 -13.19 16.99
C PHE H 102 74.69 -12.76 15.74
N MET H 103 74.11 -11.87 14.93
CA MET H 103 74.79 -11.34 13.71
C MET H 103 75.98 -10.50 14.11
N MET H 104 75.77 -9.63 15.09
CA MET H 104 76.87 -8.82 15.64
C MET H 104 78.03 -9.77 15.96
N GLU H 105 77.79 -10.74 16.84
CA GLU H 105 78.81 -11.73 17.26
C GLU H 105 79.43 -12.37 16.03
N LEU H 106 78.63 -12.74 15.05
CA LEU H 106 79.17 -13.44 13.87
C LEU H 106 80.14 -12.49 13.15
N LYS H 107 79.78 -11.22 12.92
CA LYS H 107 80.61 -10.28 12.12
C LYS H 107 81.94 -10.02 12.84
N MET H 108 81.84 -9.75 14.13
CA MET H 108 82.99 -9.71 15.05
C MET H 108 83.81 -10.97 14.80
N LEU H 109 83.15 -12.12 14.75
CA LEU H 109 83.86 -13.40 14.67
C LEU H 109 84.56 -13.51 13.32
N LEU H 110 83.98 -13.05 12.22
CA LEU H 110 84.67 -13.01 10.88
C LEU H 110 85.90 -12.13 10.92
N GLU H 111 85.67 -10.91 11.41
CA GLU H 111 86.74 -9.90 11.47
C GLU H 111 87.97 -10.57 12.09
N VAL H 112 87.77 -11.31 13.15
CA VAL H 112 88.86 -12.07 13.82
C VAL H 112 89.49 -13.01 12.81
N ALA H 113 88.69 -13.80 12.13
CA ALA H 113 89.17 -14.90 11.31
C ALA H 113 90.11 -14.38 10.26
N LEU H 114 89.67 -13.30 9.62
CA LEU H 114 90.41 -12.70 8.49
C LEU H 114 91.66 -11.94 8.97
N LYS H 115 91.53 -11.21 10.08
CA LYS H 115 92.68 -10.51 10.70
C LYS H 115 93.76 -11.50 11.15
N ASN H 116 93.37 -12.71 11.56
CA ASN H 116 94.35 -13.78 11.84
C ASN H 116 94.95 -14.21 10.49
N ARG H 117 94.14 -14.71 9.58
CA ARG H 117 94.64 -15.25 8.30
C ARG H 117 94.86 -14.15 7.27
N GLN H 118 95.50 -13.07 7.65
CA GLN H 118 95.70 -11.91 6.74
C GLN H 118 96.65 -12.29 5.57
N GLU H 119 97.22 -13.51 5.50
CA GLU H 119 98.20 -13.96 4.47
C GLU H 119 97.52 -14.36 3.16
N LEU H 120 96.22 -14.66 3.22
CA LEU H 120 95.41 -15.14 2.08
C LEU H 120 94.69 -13.97 1.38
N TYR H 121 94.39 -12.85 2.07
CA TYR H 121 93.24 -11.92 1.79
C TYR H 121 93.71 -10.51 1.47
N ALA H 122 94.35 -10.40 0.32
CA ALA H 122 94.67 -9.14 -0.36
C ALA H 122 94.15 -9.36 -1.75
N LEU H 123 93.24 -8.50 -2.10
CA LEU H 123 93.53 -7.88 -3.38
C LEU H 123 94.16 -6.51 -3.14
N PRO H 124 95.46 -6.30 -3.44
CA PRO H 124 96.04 -4.95 -3.49
C PRO H 124 95.47 -4.09 -4.61
N PRO H 125 95.75 -2.77 -4.61
CA PRO H 125 95.30 -1.85 -5.66
C PRO H 125 96.45 -1.71 -6.61
N PRO H 126 96.57 -2.67 -7.55
CA PRO H 126 97.72 -2.74 -8.44
C PRO H 126 98.17 -1.42 -9.05
N PRO H 127 97.22 -0.60 -9.58
CA PRO H 127 97.62 0.58 -10.35
C PRO H 127 98.65 1.42 -9.60
N GLN H 128 98.39 1.62 -8.31
CA GLN H 128 99.36 2.26 -7.42
C GLN H 128 100.48 1.23 -7.22
N PHE H 129 100.11 0.12 -6.57
CA PHE H 129 100.95 -0.66 -5.65
C PHE H 129 102.19 -1.15 -6.36
N TYR H 130 102.00 -2.12 -7.25
CA TYR H 130 103.12 -2.94 -7.75
C TYR H 130 104.06 -2.03 -8.57
N SER H 131 103.47 -1.08 -9.32
CA SER H 131 104.17 -0.07 -10.16
C SER H 131 105.02 0.89 -9.32
N SER H 132 104.39 1.51 -8.33
CA SER H 132 105.04 2.42 -7.36
C SER H 132 106.21 1.74 -6.67
N LEU H 133 106.06 0.48 -6.32
CA LEU H 133 107.16 -0.24 -5.66
C LEU H 133 108.36 -0.31 -6.59
N ILE H 134 108.15 -0.54 -7.89
CA ILE H 134 109.25 -0.61 -8.92
C ILE H 134 109.92 0.76 -9.11
N GLU H 135 109.08 1.78 -9.25
CA GLU H 135 109.45 3.22 -9.21
C GLU H 135 110.44 3.50 -8.06
N GLU H 136 110.00 3.20 -6.82
CA GLU H 136 110.71 3.58 -5.57
C GLU H 136 111.99 2.75 -5.41
N ILE H 137 111.93 1.47 -5.72
CA ILE H 137 113.12 0.58 -5.70
C ILE H 137 114.12 1.02 -6.78
N GLY H 138 113.62 1.51 -7.92
CA GLY H 138 114.44 2.11 -8.98
C GLY H 138 115.18 3.35 -8.49
N THR H 139 114.45 4.19 -7.76
CA THR H 139 114.99 5.41 -7.11
C THR H 139 116.13 5.01 -6.16
N LEU H 140 115.94 3.95 -5.36
CA LEU H 140 117.04 3.43 -4.48
C LEU H 140 118.22 2.99 -5.36
N GLY H 141 117.99 2.02 -6.24
CA GLY H 141 119.05 1.31 -6.97
C GLY H 141 119.03 -0.17 -6.64
N TRP H 142 119.37 -0.99 -7.63
CA TRP H 142 118.89 -2.40 -7.80
C TRP H 142 119.77 -3.43 -7.06
N ASP H 143 120.98 -3.00 -6.72
CA ASP H 143 121.98 -3.66 -5.83
C ASP H 143 121.42 -3.90 -4.42
N LYS H 144 120.56 -3.01 -3.92
CA LYS H 144 120.24 -2.93 -2.47
C LYS H 144 119.32 -4.07 -2.10
N LEU H 145 118.24 -4.29 -2.86
CA LEU H 145 117.25 -5.33 -2.53
C LEU H 145 117.94 -6.67 -2.51
N VAL H 146 117.56 -7.49 -1.53
CA VAL H 146 118.06 -8.87 -1.40
C VAL H 146 116.94 -9.87 -1.38
N TYR H 147 115.88 -9.66 -0.68
CA TYR H 147 114.85 -10.70 -0.71
C TYR H 147 113.64 -9.87 -0.97
N ALA H 148 112.71 -10.40 -1.75
CA ALA H 148 111.28 -10.03 -1.66
C ALA H 148 110.44 -11.31 -1.59
N ASP H 149 109.51 -11.42 -0.65
CA ASP H 149 108.57 -12.57 -0.70
C ASP H 149 107.61 -12.30 -1.85
N THR H 150 107.13 -13.37 -2.51
CA THR H 150 106.32 -13.32 -3.76
C THR H 150 104.94 -12.67 -3.54
N CYS H 151 104.42 -12.57 -2.30
CA CYS H 151 103.25 -11.71 -1.92
C CYS H 151 103.67 -10.23 -1.91
N PHE H 152 104.97 -10.00 -2.04
CA PHE H 152 105.58 -8.69 -2.26
C PHE H 152 105.31 -7.91 -1.02
N SER H 153 105.20 -8.64 0.07
CA SER H 153 104.85 -8.09 1.40
C SER H 153 106.18 -7.61 2.02
N THR H 154 107.02 -8.60 2.25
CA THR H 154 108.35 -8.43 2.87
C THR H 154 109.23 -8.03 1.74
N ILE H 155 109.98 -6.97 1.94
CA ILE H 155 111.24 -6.74 1.18
C ILE H 155 112.35 -6.50 2.21
N LYS H 156 113.56 -6.91 1.87
CA LYS H 156 114.73 -6.78 2.76
C LYS H 156 115.87 -6.16 1.99
N LEU H 157 116.50 -5.20 2.63
CA LEU H 157 117.49 -4.34 1.99
C LEU H 157 118.76 -4.36 2.82
N LYS H 158 119.78 -3.90 2.14
CA LYS H 158 121.20 -4.08 2.46
C LYS H 158 121.78 -2.69 2.59
N ALA H 159 122.52 -2.47 3.65
CA ALA H 159 123.31 -1.24 3.75
C ALA H 159 124.71 -1.53 4.28
N GLU H 160 125.61 -0.71 3.74
CA GLU H 160 127.06 -0.73 3.94
C GLU H 160 127.43 0.41 4.88
N ASP H 161 128.22 0.06 5.91
CA ASP H 161 128.93 1.00 6.82
C ASP H 161 130.10 1.61 6.03
N ALA H 162 130.58 2.75 6.51
CA ALA H 162 131.94 3.26 6.23
C ALA H 162 132.97 2.14 6.48
N SER H 163 132.77 1.36 7.57
CA SER H 163 133.60 0.21 8.03
C SER H 163 133.44 -1.07 7.18
N GLY H 164 132.55 -1.06 6.18
CA GLY H 164 132.39 -2.18 5.23
C GLY H 164 131.75 -3.38 5.90
N ARG H 165 130.73 -3.11 6.72
CA ARG H 165 129.92 -4.11 7.46
C ARG H 165 128.48 -4.04 6.97
N GLU H 166 127.92 -5.19 6.66
CA GLU H 166 126.55 -5.32 6.11
C GLU H 166 125.57 -5.29 7.26
N HIS H 167 124.54 -4.47 7.12
CA HIS H 167 123.38 -4.47 8.04
C HIS H 167 122.14 -4.63 7.17
N LEU H 168 121.21 -5.47 7.63
CA LEU H 168 119.95 -5.70 6.90
C LEU H 168 118.80 -4.98 7.60
N ILE H 169 117.80 -4.64 6.77
CA ILE H 169 116.50 -4.03 7.15
C ILE H 169 115.41 -4.87 6.49
N THR H 170 114.51 -5.41 7.29
CA THR H 170 113.19 -5.91 6.84
C THR H 170 112.25 -4.70 6.80
N LEU H 171 111.52 -4.52 5.69
CA LEU H 171 110.18 -3.86 5.68
C LEU H 171 109.09 -4.88 5.42
N LYS H 172 108.07 -4.81 6.27
CA LYS H 172 106.72 -5.37 6.05
C LYS H 172 105.93 -4.20 5.44
N LEU H 173 105.22 -4.44 4.34
CA LEU H 173 104.31 -3.49 3.67
C LEU H 173 102.87 -3.91 3.89
N LYS H 174 101.98 -2.93 3.98
CA LYS H 174 100.53 -3.18 4.17
C LYS H 174 99.90 -3.13 2.79
N ALA H 175 98.60 -3.37 2.74
CA ALA H 175 97.77 -3.24 1.54
C ALA H 175 98.09 -1.92 0.83
N LYS H 176 98.13 -0.80 1.55
CA LYS H 176 98.52 0.51 0.98
C LYS H 176 99.83 0.89 1.61
N TYR H 177 100.91 0.63 0.90
CA TYR H 177 102.25 1.02 1.39
C TYR H 177 102.29 2.52 1.55
N PRO H 178 101.97 3.33 0.52
CA PRO H 178 102.31 4.74 0.56
C PRO H 178 101.45 5.54 1.51
N ALA H 179 100.26 5.05 1.80
CA ALA H 179 99.39 5.63 2.84
C ALA H 179 100.04 5.51 4.22
N GLU H 180 100.16 4.27 4.74
CA GLU H 180 100.54 3.97 6.16
C GLU H 180 102.05 3.68 6.22
N SER H 181 102.60 3.68 7.43
CA SER H 181 104.00 3.31 7.70
C SER H 181 104.22 1.88 7.24
N PRO H 182 105.35 1.57 6.58
CA PRO H 182 105.86 0.20 6.62
C PRO H 182 106.37 -0.14 8.04
N ASP H 183 106.16 -1.38 8.50
CA ASP H 183 106.80 -1.89 9.73
C ASP H 183 108.26 -2.16 9.40
N TYR H 184 109.21 -1.62 10.17
CA TYR H 184 110.66 -1.74 9.88
C TYR H 184 111.30 -2.60 10.98
N PHE H 185 111.98 -3.71 10.64
CA PHE H 185 112.71 -4.62 11.59
C PHE H 185 114.17 -4.65 11.20
N VAL H 186 115.00 -4.35 12.17
CA VAL H 186 116.45 -4.12 11.98
C VAL H 186 117.17 -4.60 13.23
N ASP H 187 118.49 -4.75 13.09
CA ASP H 187 119.35 -5.48 14.06
C ASP H 187 119.73 -4.54 15.22
N PHE H 188 120.31 -3.38 14.91
CA PHE H 188 121.23 -2.63 15.81
C PHE H 188 120.49 -2.22 17.07
N PRO H 189 121.19 -2.02 18.21
CA PRO H 189 120.59 -2.24 19.54
C PRO H 189 119.70 -1.17 20.19
N VAL H 190 119.76 0.10 19.75
CA VAL H 190 118.90 1.26 20.20
C VAL H 190 117.65 1.36 19.33
N PRO H 191 116.51 1.89 19.83
CA PRO H 191 115.24 1.71 19.14
C PRO H 191 115.18 2.54 17.86
N PHE H 192 114.96 1.91 16.70
CA PHE H 192 114.98 2.65 15.41
C PHE H 192 113.71 3.52 15.35
N CYS H 193 113.92 4.73 14.79
CA CYS H 193 112.95 5.84 14.54
C CYS H 193 112.91 6.18 13.05
N ALA H 194 111.73 6.05 12.45
CA ALA H 194 111.48 6.41 11.05
C ALA H 194 110.33 7.43 11.01
N SER H 195 110.64 8.69 10.71
CA SER H 195 109.65 9.76 10.39
C SER H 195 108.87 9.38 9.12
N TRP H 196 107.71 8.74 9.29
CA TRP H 196 106.83 8.37 8.16
C TRP H 196 105.76 9.45 7.94
N THR H 197 105.74 9.98 6.72
CA THR H 197 104.67 10.82 6.13
C THR H 197 104.07 9.98 4.99
N PRO H 198 102.84 10.26 4.49
CA PRO H 198 102.41 9.73 3.19
C PRO H 198 103.28 10.18 2.01
N GLN H 199 104.05 11.26 2.19
CA GLN H 199 104.99 11.82 1.17
C GLN H 199 106.32 11.08 1.25
N SER H 200 106.72 10.62 2.44
CA SER H 200 107.96 9.85 2.66
C SER H 200 107.84 8.50 1.94
N SER H 201 109.00 7.95 1.58
CA SER H 201 109.18 6.78 0.70
C SER H 201 110.40 6.01 1.18
N LEU H 202 110.81 5.08 0.34
CA LEU H 202 111.86 4.12 0.69
C LEU H 202 113.19 4.84 0.84
N ILE H 203 113.47 5.77 -0.04
CA ILE H 203 114.73 6.53 0.06
C ILE H 203 114.79 7.28 1.39
N SER H 204 113.67 7.82 1.86
CA SER H 204 113.64 8.59 3.13
C SER H 204 114.03 7.67 4.31
N ILE H 205 113.31 6.54 4.46
CA ILE H 205 113.61 5.52 5.52
C ILE H 205 115.06 5.02 5.29
N TYR H 206 115.59 4.95 4.04
CA TYR H 206 116.99 4.53 3.68
C TYR H 206 118.03 5.46 4.31
N SER H 207 117.79 6.75 4.13
CA SER H 207 118.64 7.84 4.68
C SER H 207 118.68 7.73 6.19
N GLN H 208 117.51 7.57 6.80
CA GLN H 208 117.37 7.44 8.28
C GLN H 208 118.22 6.26 8.73
N PHE H 209 118.18 5.18 7.97
CA PHE H 209 118.86 3.91 8.32
C PHE H 209 120.36 4.13 8.26
N LEU H 210 120.85 4.80 7.22
CA LEU H 210 122.29 5.15 7.11
C LEU H 210 122.72 6.03 8.31
N ALA H 211 121.85 6.95 8.73
CA ALA H 211 122.11 7.85 9.88
C ALA H 211 122.31 7.00 11.15
N ALA H 212 121.41 6.07 11.39
CA ALA H 212 121.53 5.14 12.54
C ALA H 212 122.85 4.34 12.46
N ILE H 213 123.29 3.92 11.27
CA ILE H 213 124.58 3.14 11.11
C ILE H 213 125.73 3.98 11.61
N GLU H 214 125.89 5.15 11.01
CA GLU H 214 127.04 6.02 11.30
C GLU H 214 127.03 6.42 12.79
N SER H 215 125.86 6.52 13.42
CA SER H 215 125.73 6.96 14.83
C SER H 215 126.37 5.94 15.80
N LEU H 216 125.99 4.67 15.68
CA LEU H 216 126.51 3.58 16.56
C LEU H 216 127.87 3.05 16.05
N LYS H 217 128.49 3.71 15.05
CA LYS H 217 129.80 3.40 14.41
C LYS H 217 130.86 3.00 15.46
N ALA H 218 131.07 3.81 16.52
CA ALA H 218 132.03 3.56 17.63
C ALA H 218 131.76 2.23 18.37
N PHE H 219 130.49 1.97 18.75
CA PHE H 219 130.03 0.72 19.40
C PHE H 219 130.49 -0.50 18.57
N TRP H 220 130.31 -0.43 17.25
CA TRP H 220 130.72 -1.52 16.32
C TRP H 220 132.24 -1.65 16.25
N ASP H 221 132.98 -0.55 16.22
CA ASP H 221 134.46 -0.61 16.17
C ASP H 221 134.96 -1.29 17.43
N VAL H 222 134.33 -0.94 18.56
CA VAL H 222 134.61 -1.55 19.88
C VAL H 222 134.30 -3.04 19.85
N MET H 223 133.10 -3.43 19.43
CA MET H 223 132.73 -4.87 19.38
C MET H 223 133.61 -5.68 18.39
N ASP H 224 134.00 -5.07 17.23
CA ASP H 224 134.95 -5.62 16.19
C ASP H 224 136.28 -5.95 16.87
N GLU H 225 136.81 -4.95 17.58
CA GLU H 225 138.13 -4.97 18.26
C GLU H 225 138.11 -6.15 19.24
N ILE H 226 137.05 -6.25 20.05
CA ILE H 226 136.89 -7.34 21.06
C ILE H 226 136.92 -8.67 20.32
N ASP H 227 136.03 -8.82 19.35
CA ASP H 227 135.82 -10.13 18.68
C ASP H 227 137.07 -10.53 17.86
N GLU H 228 137.93 -9.57 17.50
CA GLU H 228 139.24 -9.91 16.87
C GLU H 228 140.24 -10.36 17.93
N LYS H 229 140.55 -9.51 18.90
CA LYS H 229 141.78 -9.66 19.73
C LYS H 229 141.63 -10.74 20.82
N THR H 230 140.43 -11.32 21.00
CA THR H 230 140.05 -12.02 22.26
C THR H 230 139.18 -13.24 22.02
N TRP H 231 139.13 -14.05 23.07
CA TRP H 231 138.37 -15.31 23.13
C TRP H 231 136.98 -14.96 23.63
N VAL H 232 136.26 -14.20 22.82
CA VAL H 232 134.77 -14.14 22.85
C VAL H 232 134.25 -15.59 22.86
N LEU H 233 133.35 -15.89 23.77
CA LEU H 233 132.93 -17.28 24.01
C LEU H 233 131.43 -17.40 23.76
N GLU H 234 130.57 -16.67 24.48
CA GLU H 234 129.15 -17.11 24.66
C GLU H 234 128.24 -16.70 23.51
N PRO H 235 128.47 -15.63 22.72
CA PRO H 235 127.81 -15.50 21.43
C PRO H 235 128.74 -15.98 20.33
N GLU H 236 128.18 -16.76 19.41
CA GLU H 236 129.01 -17.45 18.40
C GLU H 236 128.43 -17.13 17.02
N LYS H 237 129.28 -16.60 16.15
CA LYS H 237 128.85 -15.72 15.06
C LYS H 237 127.90 -14.71 15.70
N PRO H 238 128.38 -13.73 16.51
CA PRO H 238 127.46 -12.88 17.25
C PRO H 238 126.72 -11.99 16.25
N PRO H 239 125.43 -11.68 16.50
CA PRO H 239 124.70 -10.76 15.64
C PRO H 239 125.29 -9.35 15.79
N ARG H 240 124.70 -8.38 15.14
CA ARG H 240 124.97 -6.95 15.43
C ARG H 240 124.12 -6.49 16.61
N SER H 241 123.15 -7.28 17.02
CA SER H 241 122.24 -6.93 18.13
C SER H 241 123.03 -6.85 19.43
N ALA H 242 124.00 -7.72 19.64
CA ALA H 242 124.45 -8.10 20.99
C ALA H 242 125.31 -7.00 21.61
N THR H 243 125.06 -6.76 22.88
CA THR H 243 125.76 -5.79 23.72
C THR H 243 126.73 -6.52 24.65
N ALA H 244 126.61 -7.86 24.67
CA ALA H 244 127.19 -8.82 25.64
C ALA H 244 128.29 -9.64 24.98
N ARG H 245 129.38 -9.86 25.72
CA ARG H 245 130.60 -10.53 25.26
C ARG H 245 131.27 -11.23 26.44
N ARG H 246 130.78 -12.42 26.80
CA ARG H 246 131.41 -13.35 27.80
C ARG H 246 132.80 -13.76 27.31
N ILE H 247 133.82 -13.03 27.75
CA ILE H 247 135.26 -13.35 27.49
C ILE H 247 135.66 -14.39 28.54
N ALA H 248 136.22 -15.54 28.15
CA ALA H 248 137.11 -16.38 28.99
C ALA H 248 138.53 -15.81 28.91
N LEU H 249 139.35 -15.98 29.95
CA LEU H 249 140.72 -15.37 29.99
C LEU H 249 141.58 -16.24 30.89
N GLY H 250 142.88 -16.36 30.60
CA GLY H 250 143.64 -17.58 30.95
C GLY H 250 142.81 -18.80 30.57
N ASN H 251 142.51 -19.68 31.56
CA ASN H 251 141.59 -20.83 31.43
C ASN H 251 140.78 -21.05 32.73
N ASN H 252 139.59 -21.64 32.55
CA ASN H 252 138.51 -21.93 33.53
C ASN H 252 138.18 -20.71 34.41
N VAL H 253 138.28 -19.50 33.85
CA VAL H 253 137.68 -18.26 34.43
C VAL H 253 137.22 -17.35 33.26
N SER H 254 136.11 -16.61 33.45
CA SER H 254 135.44 -15.77 32.41
C SER H 254 134.72 -14.54 33.02
N ILE H 255 134.67 -13.46 32.23
CA ILE H 255 134.12 -12.11 32.55
C ILE H 255 133.04 -11.84 31.51
N ASN H 256 131.79 -11.50 31.91
CA ASN H 256 130.76 -10.94 30.96
C ASN H 256 130.83 -9.38 31.06
N ILE H 257 130.94 -8.70 29.89
CA ILE H 257 131.15 -7.22 29.61
C ILE H 257 129.93 -6.70 28.84
N GLU H 258 129.08 -5.86 29.43
CA GLU H 258 127.86 -5.32 28.74
C GLU H 258 128.04 -3.83 28.49
N VAL H 259 128.01 -3.39 27.24
CA VAL H 259 128.50 -2.01 26.96
C VAL H 259 127.34 -1.15 26.51
N ASP H 260 127.31 0.08 27.01
CA ASP H 260 126.22 1.02 26.68
C ASP H 260 126.55 1.62 25.33
N PRO H 261 125.65 1.51 24.34
CA PRO H 261 126.01 1.86 22.96
C PRO H 261 126.40 3.32 22.68
N ARG H 262 125.73 4.28 23.33
CA ARG H 262 125.90 5.75 23.12
C ARG H 262 127.26 6.22 23.67
N HIS H 263 127.79 5.50 24.66
CA HIS H 263 129.03 5.83 25.40
C HIS H 263 129.83 4.54 25.50
N PRO H 264 130.29 3.96 24.36
CA PRO H 264 130.77 2.58 24.36
C PRO H 264 132.08 2.44 25.14
N THR H 265 133.00 3.29 24.70
CA THR H 265 134.34 3.55 25.28
C THR H 265 134.26 3.74 26.80
N MET H 266 133.15 4.26 27.34
CA MET H 266 132.92 4.44 28.79
C MET H 266 133.08 3.10 29.49
N LEU H 267 133.31 3.16 30.79
CA LEU H 267 133.44 1.90 31.55
C LEU H 267 132.14 1.14 31.41
N PRO H 268 132.25 -0.16 31.10
CA PRO H 268 131.12 -1.07 31.24
C PRO H 268 130.97 -1.70 32.64
N GLU H 269 129.72 -2.09 32.95
CA GLU H 269 129.43 -3.11 33.98
C GLU H 269 130.01 -4.42 33.45
N CYS H 270 130.80 -5.04 34.31
CA CYS H 270 131.55 -6.28 34.04
C CYS H 270 131.51 -7.12 35.33
N PHE H 271 131.34 -8.44 35.24
CA PHE H 271 131.43 -9.33 36.43
C PHE H 271 131.80 -10.78 36.04
N PHE H 272 132.20 -11.60 37.04
CA PHE H 272 133.18 -12.71 36.89
C PHE H 272 132.60 -14.05 37.33
N LEU H 273 132.86 -15.06 36.51
CA LEU H 273 132.46 -16.47 36.71
C LEU H 273 133.71 -17.31 36.78
N GLY H 274 133.73 -18.33 37.63
CA GLY H 274 134.82 -19.32 37.72
C GLY H 274 135.10 -19.68 39.16
N ALA H 275 136.38 -19.81 39.53
CA ALA H 275 136.81 -20.29 40.87
C ALA H 275 136.75 -19.13 41.87
N ASP H 276 136.05 -19.31 42.98
CA ASP H 276 135.77 -18.23 43.98
C ASP H 276 137.10 -17.71 44.55
N HIS H 277 138.09 -18.58 44.65
CA HIS H 277 139.50 -18.27 45.06
C HIS H 277 140.21 -17.34 44.04
N VAL H 278 139.99 -17.56 42.71
CA VAL H 278 140.65 -16.85 41.55
C VAL H 278 139.93 -15.53 41.27
N VAL H 279 138.62 -15.49 41.52
CA VAL H 279 137.73 -14.32 41.32
C VAL H 279 138.11 -13.18 42.28
N LYS H 280 138.45 -13.47 43.53
CA LYS H 280 138.74 -12.42 44.55
C LYS H 280 139.72 -11.36 44.05
N PRO H 281 141.03 -11.67 43.77
CA PRO H 281 142.09 -10.65 43.56
C PRO H 281 141.88 -9.73 42.37
N LEU H 282 141.35 -10.34 41.32
CA LEU H 282 140.88 -9.68 40.10
C LEU H 282 139.76 -8.68 40.49
N GLY H 283 138.74 -9.11 41.29
CA GLY H 283 137.57 -8.33 41.78
C GLY H 283 137.99 -7.17 42.68
N ILE H 284 139.06 -7.41 43.42
CA ILE H 284 139.75 -6.41 44.27
C ILE H 284 140.54 -5.39 43.41
N LYS H 285 141.40 -5.84 42.50
CA LYS H 285 142.29 -5.00 41.65
C LYS H 285 141.45 -4.11 40.73
N LEU H 286 140.34 -4.64 40.22
CA LEU H 286 139.28 -3.86 39.53
C LEU H 286 138.85 -2.69 40.42
N SER H 287 138.42 -2.98 41.64
CA SER H 287 138.02 -1.97 42.65
C SER H 287 139.12 -0.89 42.73
N ARG H 288 140.40 -1.28 42.83
CA ARG H 288 141.55 -0.36 42.95
C ARG H 288 141.72 0.53 41.73
N ASN H 289 141.63 -0.09 40.54
CA ASN H 289 142.16 0.45 39.26
C ASN H 289 141.04 1.07 38.42
N ILE H 290 139.79 1.01 38.90
CA ILE H 290 138.58 1.47 38.16
C ILE H 290 138.71 2.97 37.83
N HIS H 291 139.24 3.80 38.75
CA HIS H 291 139.45 5.26 38.49
C HIS H 291 140.52 5.52 37.43
N LEU H 292 141.28 4.50 37.05
CA LEU H 292 142.26 4.51 35.93
C LEU H 292 141.60 4.04 34.62
N TRP H 293 140.28 4.07 34.53
CA TRP H 293 139.54 4.01 33.23
C TRP H 293 139.69 5.33 32.50
N ASP H 294 139.68 5.25 31.18
CA ASP H 294 139.88 6.40 30.27
C ASP H 294 139.11 6.14 28.98
N PRO H 295 138.23 7.06 28.51
CA PRO H 295 137.56 6.88 27.21
C PRO H 295 138.26 7.37 25.92
N GLU H 296 139.59 7.54 25.86
CA GLU H 296 140.36 7.83 24.60
C GLU H 296 141.00 6.56 24.03
N ASN H 297 141.51 5.73 24.93
CA ASN H 297 141.96 4.35 24.63
C ASN H 297 140.71 3.47 24.53
N SER H 298 140.86 2.31 23.89
CA SER H 298 139.81 1.27 23.67
C SER H 298 139.41 0.61 25.00
N VAL H 299 138.36 -0.19 24.96
CA VAL H 299 137.90 -1.06 26.09
C VAL H 299 139.05 -2.00 26.51
N LEU H 300 139.67 -2.71 25.57
CA LEU H 300 140.79 -3.65 25.86
C LEU H 300 142.02 -2.89 26.34
N GLN H 301 142.34 -1.74 25.74
CA GLN H 301 143.55 -0.95 26.10
C GLN H 301 143.33 -0.26 27.47
N ASN H 302 142.09 -0.15 27.96
CA ASN H 302 141.77 0.23 29.36
C ASN H 302 141.80 -1.02 30.25
N LEU H 303 141.25 -2.16 29.80
CA LEU H 303 141.12 -3.41 30.61
C LEU H 303 142.48 -4.04 30.91
N LYS H 304 143.35 -4.17 29.91
CA LYS H 304 144.72 -4.75 30.06
C LYS H 304 145.50 -3.98 31.13
N ASP H 305 145.45 -2.64 31.14
CA ASP H 305 146.18 -1.79 32.14
C ASP H 305 145.34 -1.60 33.43
N VAL H 306 144.02 -1.85 33.46
CA VAL H 306 143.18 -1.77 34.71
C VAL H 306 143.38 -3.05 35.53
N LEU H 307 143.10 -4.21 34.92
CA LEU H 307 143.25 -5.53 35.58
C LEU H 307 144.71 -6.00 35.54
N GLU H 308 145.61 -5.29 34.82
CA GLU H 308 147.09 -5.50 34.81
C GLU H 308 147.42 -6.91 34.28
N ILE H 309 146.69 -7.36 33.26
CA ILE H 309 146.76 -8.74 32.70
C ILE H 309 146.78 -8.66 31.17
N ASP H 310 147.11 -9.79 30.56
CA ASP H 310 146.67 -10.09 29.19
C ASP H 310 145.59 -11.17 29.23
N PHE H 311 144.83 -11.18 28.14
CA PHE H 311 143.80 -12.19 27.82
C PHE H 311 144.48 -13.19 26.87
N PRO H 312 143.97 -14.45 26.75
CA PRO H 312 144.46 -15.40 25.73
C PRO H 312 143.73 -15.24 24.39
N ALA H 313 144.43 -15.27 23.24
CA ALA H 313 143.86 -15.06 21.88
C ALA H 313 143.34 -16.40 21.33
N ARG H 314 142.10 -16.76 21.71
CA ARG H 314 141.39 -18.07 21.50
C ARG H 314 142.20 -19.23 22.12
N ALA H 315 142.25 -19.32 23.46
CA ALA H 315 143.03 -20.34 24.21
C ALA H 315 142.64 -21.76 23.83
N ILE H 316 141.34 -21.99 23.59
CA ILE H 316 140.84 -23.19 22.85
C ILE H 316 139.70 -22.70 21.93
N LEU H 317 139.90 -22.81 20.60
CA LEU H 317 138.95 -22.29 19.56
C LEU H 317 137.90 -23.37 19.17
N GLU H 318 138.20 -24.69 19.26
CA GLU H 318 137.26 -25.84 18.99
C GLU H 318 136.34 -26.12 20.21
N LYS H 319 136.85 -26.72 21.29
CA LYS H 319 136.11 -26.92 22.60
C LYS H 319 136.32 -25.68 23.47
N SER H 320 135.97 -24.52 22.93
CA SER H 320 135.93 -23.25 23.68
C SER H 320 135.21 -23.50 25.01
N ASP H 321 133.94 -23.82 24.84
CA ASP H 321 133.03 -24.22 25.91
C ASP H 321 131.78 -24.73 25.18
N PHE H 322 131.29 -25.90 25.60
CA PHE H 322 129.92 -26.43 25.34
C PHE H 322 129.17 -26.19 26.65
N THR H 323 128.19 -25.28 26.65
CA THR H 323 127.26 -25.18 27.78
C THR H 323 126.90 -26.63 28.10
N MET H 324 127.55 -27.15 29.13
CA MET H 324 127.41 -28.55 29.57
C MET H 324 126.46 -28.55 30.76
N ASP H 325 125.31 -27.77 30.19
CA ASP H 325 124.38 -27.44 31.29
C ASP H 325 122.99 -27.94 30.93
N CYS H 326 122.06 -27.83 31.88
CA CYS H 326 120.79 -28.59 31.88
C CYS H 326 119.93 -28.24 30.66
N GLY H 327 120.10 -27.10 30.03
CA GLY H 327 119.24 -26.75 28.89
C GLY H 327 117.77 -26.59 29.26
N ILE H 328 117.47 -26.51 30.54
CA ILE H 328 116.19 -26.09 31.09
C ILE H 328 116.52 -25.06 32.16
N CYS H 329 117.32 -25.46 33.15
CA CYS H 329 117.73 -24.62 34.28
C CYS H 329 119.06 -23.93 34.05
N TYR H 330 119.80 -24.34 33.03
CA TYR H 330 121.08 -23.71 32.62
C TYR H 330 122.13 -23.75 33.73
N ALA H 331 121.98 -24.70 34.65
CA ALA H 331 122.91 -24.95 35.75
C ALA H 331 123.47 -26.37 35.64
N TYR H 332 124.74 -26.48 36.00
CA TYR H 332 125.37 -27.74 36.44
C TYR H 332 125.18 -27.84 37.95
N GLN H 333 125.14 -29.28 38.20
CA GLN H 333 124.83 -29.68 39.60
C GLN H 333 123.47 -29.11 40.00
N LEU H 334 122.41 -29.81 39.59
CA LEU H 334 121.08 -29.75 40.24
C LEU H 334 120.96 -30.94 41.18
N ASP H 335 121.25 -30.71 42.48
CA ASP H 335 121.00 -31.65 43.62
C ASP H 335 121.79 -32.95 43.40
N GLY H 336 123.08 -32.86 43.04
CA GLY H 336 123.92 -34.04 42.74
C GLY H 336 123.74 -34.58 41.31
N THR H 337 122.53 -34.49 40.72
CA THR H 337 122.32 -34.71 39.26
C THR H 337 123.25 -33.78 38.48
N ILE H 338 123.87 -34.31 37.42
CA ILE H 338 124.76 -33.57 36.49
C ILE H 338 123.92 -33.48 35.23
N PRO H 339 124.24 -32.61 34.28
CA PRO H 339 123.70 -32.81 32.94
C PRO H 339 124.20 -34.10 32.28
N ASP H 340 123.30 -35.10 32.34
CA ASP H 340 123.55 -36.56 32.22
C ASP H 340 122.69 -37.06 31.06
N GLN H 341 121.36 -36.94 31.25
CA GLN H 341 120.25 -37.21 30.29
C GLN H 341 120.54 -36.38 29.04
N VAL H 342 120.59 -37.05 27.71
CA VAL H 342 120.98 -36.33 26.48
C VAL H 342 119.97 -36.66 25.39
N CYS H 343 120.20 -36.08 24.22
CA CYS H 343 119.39 -36.32 23.03
C CYS H 343 120.06 -37.39 22.18
N ASP H 344 119.25 -38.27 21.60
CA ASP H 344 119.72 -39.27 20.62
C ASP H 344 119.72 -38.60 19.24
N ASN H 345 120.56 -37.59 19.09
CA ASN H 345 120.58 -36.73 17.89
C ASN H 345 121.97 -36.11 17.75
N SER H 346 122.47 -36.09 16.52
CA SER H 346 123.81 -35.52 16.23
C SER H 346 123.75 -33.99 16.28
N GLN H 347 122.59 -33.39 16.02
CA GLN H 347 122.47 -31.93 15.78
C GLN H 347 122.12 -31.17 17.05
N CYS H 348 121.62 -31.87 18.08
CA CYS H 348 121.23 -31.26 19.37
C CYS H 348 122.31 -31.61 20.39
N GLY H 349 122.41 -32.89 20.76
CA GLY H 349 123.32 -33.37 21.79
C GLY H 349 123.19 -32.65 23.12
N GLN H 350 122.01 -32.10 23.42
CA GLN H 350 121.86 -31.15 24.53
C GLN H 350 121.64 -31.96 25.80
N PRO H 351 122.51 -31.89 26.81
CA PRO H 351 122.21 -32.55 28.07
C PRO H 351 121.06 -31.89 28.84
N PHE H 352 120.67 -32.56 29.69
CA PHE H 352 119.54 -32.17 30.55
C PHE H 352 119.80 -32.74 31.93
N HIS H 353 118.86 -32.53 32.83
CA HIS H 353 118.70 -33.36 34.05
C HIS H 353 117.44 -34.22 33.97
N GLN H 354 117.46 -35.34 34.71
CA GLN H 354 116.28 -36.22 34.91
C GLN H 354 115.08 -35.38 35.35
N ILE H 355 115.28 -34.49 36.32
CA ILE H 355 114.16 -33.82 37.00
C ILE H 355 113.60 -32.78 36.04
N CYS H 356 114.47 -31.94 35.52
CA CYS H 356 114.08 -30.90 34.56
C CYS H 356 113.35 -31.52 33.36
N LEU H 357 113.95 -32.54 32.76
CA LEU H 357 113.38 -33.14 31.55
C LEU H 357 112.07 -33.86 31.85
N TYR H 358 111.93 -34.42 33.05
CA TYR H 358 110.66 -35.06 33.46
C TYR H 358 109.58 -33.99 33.61
N GLU H 359 109.79 -32.96 34.14
CA GLU H 359 108.79 -31.91 34.47
C GLU H 359 108.49 -31.14 33.19
N TRP H 360 109.41 -31.12 32.22
CA TRP H 360 109.19 -30.59 30.85
C TRP H 360 108.23 -31.47 30.07
N LEU H 361 108.59 -32.75 29.88
CA LEU H 361 107.94 -33.62 28.85
C LEU H 361 106.56 -34.06 29.37
N ARG H 362 106.45 -34.29 30.68
CA ARG H 362 105.18 -34.63 31.38
C ARG H 362 104.15 -33.51 31.22
N GLY H 363 104.58 -32.24 31.15
CA GLY H 363 103.71 -31.08 30.91
C GLY H 363 103.23 -30.98 29.48
N LEU H 364 104.12 -31.18 28.51
CA LEU H 364 103.76 -31.20 27.08
C LEU H 364 102.63 -32.22 26.85
N LEU H 365 101.78 -31.96 25.84
CA LEU H 365 100.70 -32.85 25.31
C LEU H 365 101.28 -33.98 24.42
N THR H 366 102.37 -33.74 23.65
CA THR H 366 102.99 -34.66 22.63
C THR H 366 103.51 -35.96 23.24
N SER H 367 104.16 -35.86 24.40
CA SER H 367 104.91 -36.95 25.06
C SER H 367 103.89 -38.01 25.55
N ARG H 368 104.33 -39.28 25.56
CA ARG H 368 103.52 -40.45 26.04
C ARG H 368 104.35 -41.27 27.03
N GLN H 369 103.68 -41.80 28.07
CA GLN H 369 104.36 -42.38 29.27
C GLN H 369 104.08 -43.89 29.33
N SER H 370 105.14 -44.67 29.15
CA SER H 370 105.25 -46.12 29.47
C SER H 370 105.42 -46.28 30.99
N PHE H 371 105.89 -47.45 31.46
CA PHE H 371 105.72 -47.92 32.87
C PHE H 371 106.54 -47.02 33.81
N ASN H 372 107.86 -46.99 33.60
CA ASN H 372 108.82 -46.11 34.32
C ASN H 372 109.76 -45.42 33.30
N ILE H 373 109.23 -45.12 32.10
CA ILE H 373 109.90 -44.46 30.94
C ILE H 373 108.97 -43.37 30.37
N ILE H 374 109.52 -42.23 29.90
CA ILE H 374 108.78 -41.21 29.07
C ILE H 374 109.49 -41.09 27.72
N PHE H 375 108.75 -41.39 26.67
CA PHE H 375 109.12 -41.08 25.28
C PHE H 375 108.36 -39.82 24.91
N GLY H 376 109.07 -38.87 24.31
CA GLY H 376 108.60 -37.47 24.19
C GLY H 376 109.67 -36.58 23.60
N GLU H 377 109.35 -35.39 23.17
CA GLU H 377 110.15 -34.61 22.22
C GLU H 377 111.24 -33.88 22.99
N CYS H 378 112.46 -33.90 22.48
CA CYS H 378 113.54 -33.07 23.03
C CYS H 378 113.09 -31.63 22.90
N PRO H 379 113.19 -30.85 23.98
CA PRO H 379 112.82 -29.43 23.92
C PRO H 379 113.44 -28.65 22.76
N TYR H 380 114.72 -28.84 22.45
CA TYR H 380 115.40 -27.95 21.50
C TYR H 380 115.08 -28.36 20.07
N CYS H 381 115.08 -29.66 19.75
CA CYS H 381 115.05 -30.16 18.37
C CYS H 381 113.77 -30.93 18.02
N SER H 382 112.92 -31.25 18.99
CA SER H 382 111.64 -31.96 18.80
C SER H 382 111.86 -33.32 18.10
N LYS H 383 112.74 -34.13 18.67
CA LYS H 383 113.00 -35.51 18.24
C LYS H 383 112.70 -36.45 19.40
N PRO H 384 112.40 -37.73 19.12
CA PRO H 384 112.06 -38.66 20.19
C PRO H 384 113.19 -38.82 21.20
N ILE H 385 112.89 -38.56 22.46
CA ILE H 385 113.83 -38.71 23.59
C ILE H 385 113.14 -39.52 24.67
N THR H 386 113.90 -40.40 25.31
CA THR H 386 113.36 -41.36 26.29
C THR H 386 113.97 -41.07 27.65
N LEU H 387 113.13 -41.07 28.67
CA LEU H 387 113.55 -40.88 30.06
C LEU H 387 113.09 -42.07 30.89
N LYS H 388 114.07 -42.81 31.51
CA LYS H 388 113.82 -43.93 32.44
C LYS H 388 114.14 -43.45 33.85
N MET H 389 113.10 -43.31 34.67
CA MET H 389 113.26 -42.90 36.07
C MET H 389 113.94 -44.03 36.85
N MET I 32 -30.27 48.28 -79.75
CA MET I 32 -30.32 47.67 -81.15
C MET I 32 -30.00 48.75 -82.23
N SER I 33 -29.35 48.31 -83.32
CA SER I 33 -28.63 49.16 -84.31
C SER I 33 -29.29 48.96 -85.68
N SER I 34 -30.31 49.77 -85.97
CA SER I 34 -31.05 49.70 -87.27
C SER I 34 -32.00 50.91 -87.42
N ASN I 35 -32.50 51.17 -88.64
CA ASN I 35 -33.79 51.87 -88.91
C ASN I 35 -34.92 51.05 -88.25
N GLU I 36 -35.81 51.68 -87.46
CA GLU I 36 -36.90 51.04 -86.66
C GLU I 36 -36.36 50.19 -85.48
N GLN I 37 -35.16 50.47 -84.99
CA GLN I 37 -34.67 49.91 -83.70
C GLN I 37 -34.14 51.04 -82.80
N GLU I 38 -34.06 50.68 -81.52
CA GLU I 38 -33.93 51.60 -80.38
C GLU I 38 -32.73 51.18 -79.52
N ARG I 39 -32.26 52.10 -78.68
CA ARG I 39 -31.22 51.82 -77.66
C ARG I 39 -31.55 52.59 -76.37
N LEU I 40 -31.31 51.94 -75.22
CA LEU I 40 -31.56 52.48 -73.85
C LEU I 40 -30.25 53.04 -73.27
N LEU I 41 -30.35 53.75 -72.13
CA LEU I 41 -29.24 54.52 -71.50
C LEU I 41 -29.70 54.98 -70.11
N CYS I 42 -28.77 55.38 -69.23
CA CYS I 42 -29.08 55.86 -67.86
C CYS I 42 -28.39 57.20 -67.57
N TYR I 43 -29.13 58.14 -66.95
CA TYR I 43 -28.69 59.53 -66.66
C TYR I 43 -29.48 60.12 -65.49
N ASN I 44 -28.85 60.28 -64.31
CA ASN I 44 -29.31 61.02 -63.10
C ASN I 44 -30.64 60.41 -62.61
N GLY I 45 -30.65 59.11 -62.42
CA GLY I 45 -31.80 58.37 -61.87
C GLY I 45 -32.96 58.27 -62.83
N GLU I 46 -32.83 58.67 -64.10
CA GLU I 46 -33.94 58.64 -65.08
C GLU I 46 -33.43 57.98 -66.37
N VAL I 47 -34.26 57.07 -66.89
CA VAL I 47 -33.95 56.15 -68.01
C VAL I 47 -34.18 56.95 -69.30
N LEU I 48 -33.32 56.79 -70.30
CA LEU I 48 -33.47 57.46 -71.61
C LEU I 48 -33.69 56.38 -72.67
N VAL I 49 -34.49 56.73 -73.68
CA VAL I 49 -34.88 55.85 -74.81
C VAL I 49 -34.60 56.63 -76.09
N PHE I 50 -33.88 56.04 -77.03
CA PHE I 50 -33.59 56.64 -78.35
C PHE I 50 -34.16 55.72 -79.42
N GLN I 51 -35.04 56.22 -80.30
CA GLN I 51 -35.68 55.47 -81.44
C GLN I 51 -35.39 56.22 -82.75
N LEU I 52 -34.77 55.58 -83.75
CA LEU I 52 -34.86 56.02 -85.18
C LEU I 52 -36.25 55.62 -85.70
N SER I 53 -37.04 56.57 -86.22
CA SER I 53 -38.47 56.40 -86.63
C SER I 53 -38.65 56.97 -88.03
N LYS I 54 -39.05 56.15 -89.02
CA LYS I 54 -39.18 56.58 -90.44
C LYS I 54 -40.34 57.59 -90.55
N GLY I 55 -40.06 58.78 -91.10
CA GLY I 55 -40.97 59.94 -91.08
C GLY I 55 -42.07 59.80 -92.12
N ASN I 56 -41.68 59.47 -93.36
CA ASN I 56 -42.58 59.20 -94.52
C ASN I 56 -43.12 60.50 -95.16
N PHE I 57 -43.07 61.66 -94.48
CA PHE I 57 -43.62 62.97 -94.96
C PHE I 57 -42.85 64.14 -94.33
N LYS I 64 -39.68 61.50 -96.64
CA LYS I 64 -38.78 62.18 -95.66
C LYS I 64 -38.03 61.10 -94.87
N THR I 65 -36.74 61.34 -94.61
CA THR I 65 -35.79 60.42 -93.91
C THR I 65 -36.25 60.20 -92.47
N PRO I 66 -35.97 59.04 -91.81
CA PRO I 66 -36.23 58.88 -90.36
C PRO I 66 -35.71 59.99 -89.43
N ILE I 67 -36.37 60.14 -88.28
CA ILE I 67 -36.16 61.22 -87.26
C ILE I 67 -35.77 60.55 -85.96
N LEU I 68 -34.74 61.05 -85.28
CA LEU I 68 -34.36 60.52 -83.94
C LEU I 68 -35.33 61.09 -82.88
N HIS I 69 -36.13 60.23 -82.23
CA HIS I 69 -37.01 60.58 -81.07
C HIS I 69 -36.36 60.12 -79.75
N VAL I 70 -36.34 61.01 -78.75
CA VAL I 70 -35.93 60.71 -77.36
C VAL I 70 -37.18 60.63 -76.50
N ARG I 71 -37.24 59.63 -75.63
CA ARG I 71 -38.26 59.47 -74.56
C ARG I 71 -37.49 59.29 -73.25
N ARG I 72 -37.53 60.28 -72.37
CA ARG I 72 -36.82 60.24 -71.06
C ARG I 72 -37.86 59.87 -70.01
N MET I 73 -37.72 58.70 -69.40
CA MET I 73 -38.74 58.06 -68.54
C MET I 73 -38.15 57.97 -67.14
N VAL I 74 -38.99 58.14 -66.15
CA VAL I 74 -38.59 58.27 -64.72
C VAL I 74 -39.46 57.31 -63.92
N PHE I 75 -38.86 56.64 -62.92
CA PHE I 75 -39.57 55.67 -62.06
C PHE I 75 -40.53 56.42 -61.14
N ASP I 76 -41.75 55.93 -61.04
CA ASP I 76 -42.87 56.66 -60.40
C ASP I 76 -42.79 56.47 -58.88
N ARG I 77 -42.62 55.22 -58.43
CA ARG I 77 -42.47 54.80 -56.99
C ARG I 77 -43.84 54.60 -56.30
N GLY I 78 -44.90 55.33 -56.69
CA GLY I 78 -46.30 55.06 -56.34
C GLY I 78 -46.92 53.99 -57.22
N THR I 79 -46.76 54.12 -58.55
CA THR I 79 -47.35 53.22 -59.59
C THR I 79 -46.42 52.05 -59.94
N LYS I 80 -45.16 52.03 -59.45
CA LYS I 80 -44.16 50.95 -59.71
C LYS I 80 -43.95 50.81 -61.23
N VAL I 81 -43.87 51.91 -61.97
CA VAL I 81 -43.73 51.89 -63.45
C VAL I 81 -42.95 53.13 -63.89
N PHE I 82 -42.43 53.09 -65.12
CA PHE I 82 -41.72 54.22 -65.77
C PHE I 82 -42.73 55.09 -66.52
N VAL I 83 -42.81 56.36 -66.10
CA VAL I 83 -43.70 57.40 -66.69
C VAL I 83 -42.83 58.30 -67.58
N GLN I 84 -43.33 58.71 -68.74
CA GLN I 84 -42.63 59.71 -69.60
C GLN I 84 -42.71 61.06 -68.88
N LYS I 85 -41.58 61.76 -68.84
CA LYS I 85 -41.46 63.09 -68.20
C LYS I 85 -41.15 64.17 -69.25
N SER I 86 -40.39 63.84 -70.32
CA SER I 86 -40.13 64.70 -71.51
C SER I 86 -39.79 63.86 -72.74
N THR I 87 -39.61 64.54 -73.88
CA THR I 87 -39.16 63.94 -75.16
C THR I 87 -38.26 64.95 -75.89
N GLY I 88 -37.59 64.50 -76.97
CA GLY I 88 -36.77 65.36 -77.85
C GLY I 88 -36.49 64.71 -79.19
N PHE I 89 -36.91 65.33 -80.31
CA PHE I 89 -36.67 64.80 -81.67
C PHE I 89 -35.46 65.50 -82.28
N PHE I 90 -34.82 64.86 -83.26
CA PHE I 90 -33.89 65.49 -84.21
C PHE I 90 -34.23 65.03 -85.62
N THR I 91 -34.52 65.98 -86.53
CA THR I 91 -34.80 65.76 -87.98
C THR I 91 -33.52 65.33 -88.68
N ILE I 92 -33.62 64.37 -89.59
CA ILE I 92 -32.47 63.93 -90.43
C ILE I 92 -32.77 64.33 -91.89
N LYS I 93 -31.70 64.70 -92.60
CA LYS I 93 -31.69 65.16 -94.00
C LYS I 93 -31.39 63.93 -94.87
N GLU I 94 -31.17 64.14 -96.18
CA GLU I 94 -30.53 63.21 -97.14
C GLU I 94 -31.31 61.89 -97.14
N GLU I 95 -32.41 61.84 -97.90
CA GLU I 95 -33.33 60.68 -98.00
C GLU I 95 -32.53 59.43 -98.43
N ASN I 96 -31.73 58.86 -97.52
CA ASN I 96 -30.84 57.69 -97.76
C ASN I 96 -31.11 56.66 -96.67
N SER I 97 -30.88 55.39 -96.99
CA SER I 97 -31.21 54.23 -96.13
C SER I 97 -30.04 53.95 -95.17
N HIS I 98 -30.16 52.86 -94.41
CA HIS I 98 -29.11 52.28 -93.53
C HIS I 98 -28.71 53.27 -92.43
N LEU I 99 -29.68 53.70 -91.60
CA LEU I 99 -29.47 54.57 -90.41
C LEU I 99 -29.42 53.66 -89.20
N LYS I 100 -28.43 53.83 -88.35
CA LYS I 100 -27.96 52.77 -87.42
C LYS I 100 -27.45 53.42 -86.14
N ILE I 101 -27.98 53.04 -84.96
CA ILE I 101 -27.49 53.50 -83.64
C ILE I 101 -26.31 52.61 -83.23
N MET I 102 -25.08 53.12 -83.36
CA MET I 102 -23.83 52.40 -83.04
C MET I 102 -23.69 52.25 -81.52
N CYS I 103 -23.65 53.38 -80.80
CA CYS I 103 -23.53 53.42 -79.32
C CYS I 103 -24.21 54.65 -78.74
N CYS I 104 -24.47 54.56 -77.44
CA CYS I 104 -24.97 55.65 -76.57
C CYS I 104 -24.41 55.46 -75.16
N ASN I 105 -24.01 56.55 -74.50
CA ASN I 105 -23.74 56.56 -73.04
C ASN I 105 -23.77 58.01 -72.54
N CYS I 106 -23.34 58.25 -71.30
CA CYS I 106 -23.07 59.58 -70.71
C CYS I 106 -21.56 59.76 -70.60
N VAL I 107 -21.04 60.90 -71.04
CA VAL I 107 -19.60 61.07 -71.33
C VAL I 107 -19.06 62.18 -70.43
N SER I 108 -19.41 63.42 -70.78
CA SER I 108 -18.81 64.72 -70.38
C SER I 108 -18.49 65.56 -71.63
N ASP I 109 -18.45 66.89 -71.47
CA ASP I 109 -17.98 67.85 -72.49
C ASP I 109 -16.66 68.46 -72.01
N PHE I 110 -15.67 68.58 -72.88
CA PHE I 110 -14.35 69.19 -72.55
C PHE I 110 -14.51 70.68 -72.30
N ARG I 111 -15.49 71.33 -72.91
CA ARG I 111 -15.75 72.78 -72.72
C ARG I 111 -16.33 73.02 -71.32
N THR I 112 -17.35 72.25 -70.92
CA THR I 112 -18.19 72.47 -69.71
C THR I 112 -17.79 71.55 -68.54
N GLY I 113 -17.22 70.38 -68.84
CA GLY I 113 -16.92 69.34 -67.84
C GLY I 113 -18.19 68.74 -67.27
N ILE I 114 -19.26 68.65 -68.05
CA ILE I 114 -20.60 68.16 -67.60
C ILE I 114 -20.89 66.84 -68.30
N ASN I 115 -21.23 65.80 -67.51
CA ASN I 115 -21.78 64.51 -68.01
C ASN I 115 -23.06 64.80 -68.79
N LEU I 116 -23.04 64.46 -70.08
CA LEU I 116 -24.18 64.61 -71.00
C LEU I 116 -24.27 63.34 -71.83
N PRO I 117 -25.51 62.92 -72.19
CA PRO I 117 -25.68 61.83 -73.13
C PRO I 117 -25.36 62.22 -74.58
N TYR I 118 -24.77 61.23 -75.25
CA TYR I 118 -24.31 61.28 -76.66
C TYR I 118 -25.00 60.13 -77.41
N ILE I 119 -25.07 60.27 -78.73
CA ILE I 119 -25.44 59.19 -79.70
C ILE I 119 -24.43 59.21 -80.84
N VAL I 120 -24.01 58.03 -81.31
CA VAL I 120 -23.27 57.86 -82.61
C VAL I 120 -24.28 57.30 -83.62
N ILE I 121 -24.35 57.91 -84.81
CA ILE I 121 -25.31 57.51 -85.90
C ILE I 121 -24.53 57.24 -87.18
N GLU I 122 -24.57 56.00 -87.68
CA GLU I 122 -24.05 55.64 -89.02
C GLU I 122 -25.09 56.02 -90.08
N LYS I 123 -24.71 56.90 -91.01
CA LYS I 123 -25.47 57.22 -92.24
C LYS I 123 -24.72 56.61 -93.43
N ASN I 124 -25.27 55.53 -93.99
CA ASN I 124 -24.67 54.78 -95.12
C ASN I 124 -25.52 55.03 -96.37
N LYS I 125 -24.95 55.73 -97.35
CA LYS I 125 -25.58 56.03 -98.65
C LYS I 125 -25.41 54.87 -99.66
N LYS I 126 -24.88 53.72 -99.24
CA LYS I 126 -24.56 52.53 -100.08
C LYS I 126 -23.46 52.87 -101.11
N ASN I 127 -22.72 53.98 -100.92
CA ASN I 127 -21.72 54.51 -101.88
C ASN I 127 -20.31 54.04 -101.47
N ASN I 128 -20.21 53.11 -100.51
CA ASN I 128 -18.97 52.84 -99.73
C ASN I 128 -18.53 54.16 -99.09
N VAL I 129 -19.48 54.73 -98.33
CA VAL I 129 -19.34 56.00 -97.55
C VAL I 129 -20.21 55.86 -96.29
N PHE I 130 -19.67 56.22 -95.13
CA PHE I 130 -20.34 56.13 -93.81
C PHE I 130 -19.98 57.38 -93.01
N GLU I 131 -21.01 58.13 -92.60
CA GLU I 131 -20.81 59.47 -91.97
C GLU I 131 -20.29 59.24 -90.54
N TYR I 132 -21.06 58.51 -89.71
CA TYR I 132 -20.86 58.31 -88.25
C TYR I 132 -20.90 59.66 -87.52
N PHE I 133 -22.09 60.23 -87.44
CA PHE I 133 -22.35 61.52 -86.74
C PHE I 133 -22.21 61.28 -85.24
N LEU I 134 -21.60 62.21 -84.49
CA LEU I 134 -21.76 62.32 -83.01
C LEU I 134 -22.70 63.47 -82.67
N LEU I 135 -23.73 63.18 -81.87
CA LEU I 135 -24.71 64.19 -81.39
C LEU I 135 -24.69 64.17 -79.86
N ILE I 136 -24.85 65.34 -79.25
CA ILE I 136 -24.92 65.51 -77.78
C ILE I 136 -26.28 66.13 -77.46
N LEU I 137 -26.93 65.68 -76.39
CA LEU I 137 -28.18 66.28 -75.89
C LEU I 137 -27.86 67.24 -74.74
N HIS I 138 -28.54 68.39 -74.67
CA HIS I 138 -28.49 69.36 -73.55
C HIS I 138 -29.72 69.17 -72.65
N SER I 139 -29.80 69.91 -71.53
CA SER I 139 -30.93 69.92 -70.56
C SER I 139 -32.27 70.33 -71.22
N THR I 140 -32.21 71.04 -72.37
CA THR I 140 -33.34 71.59 -73.17
C THR I 140 -34.04 70.49 -74.00
N ASN I 141 -33.64 69.21 -73.85
CA ASN I 141 -34.07 68.07 -74.70
C ASN I 141 -33.82 68.44 -76.17
N LYS I 142 -32.72 69.17 -76.42
CA LYS I 142 -32.29 69.70 -77.73
C LYS I 142 -30.89 69.17 -78.02
N PHE I 143 -30.64 68.84 -79.28
CA PHE I 143 -29.42 68.15 -79.75
C PHE I 143 -28.41 69.19 -80.24
N GLU I 144 -27.21 68.68 -80.46
CA GLU I 144 -26.09 69.44 -81.06
C GLU I 144 -25.18 68.41 -81.74
N MET I 145 -25.11 68.47 -83.06
CA MET I 145 -24.05 67.76 -83.83
C MET I 145 -22.69 68.33 -83.39
N ARG I 146 -21.67 67.49 -83.33
CA ARG I 146 -20.27 67.92 -83.03
C ARG I 146 -19.30 67.48 -84.13
N LEU I 147 -19.39 66.22 -84.59
CA LEU I 147 -18.44 65.62 -85.58
C LEU I 147 -19.23 64.85 -86.64
N SER I 148 -19.03 65.22 -87.90
CA SER I 148 -19.65 64.59 -89.09
C SER I 148 -18.87 63.32 -89.44
N PHE I 149 -17.54 63.40 -89.50
CA PHE I 149 -16.57 62.30 -89.31
C PHE I 149 -16.38 61.44 -90.58
N LYS I 150 -17.37 61.36 -91.48
CA LYS I 150 -17.24 61.10 -92.96
C LYS I 150 -16.10 60.12 -93.35
N LEU I 151 -16.26 58.82 -93.10
CA LEU I 151 -15.30 57.79 -93.59
C LEU I 151 -15.76 57.19 -94.92
N GLY I 152 -14.86 56.43 -95.56
CA GLY I 152 -15.13 55.61 -96.76
C GLY I 152 -15.51 54.18 -96.38
N TYR I 153 -14.70 53.51 -95.56
CA TYR I 153 -14.91 52.09 -95.14
C TYR I 153 -15.83 52.05 -93.90
N GLU I 154 -16.27 50.84 -93.52
CA GLU I 154 -17.23 50.61 -92.42
C GLU I 154 -16.48 50.34 -91.11
N MET I 155 -16.93 51.00 -90.06
CA MET I 155 -16.34 50.94 -88.69
C MET I 155 -17.06 49.84 -87.92
N LYS I 156 -16.33 49.21 -87.01
CA LYS I 156 -16.69 47.90 -86.41
C LYS I 156 -16.16 47.84 -84.97
N ASP I 157 -15.62 46.69 -84.53
CA ASP I 157 -15.39 46.27 -83.12
C ASP I 157 -15.00 47.45 -82.21
N GLY I 158 -13.81 48.02 -82.37
CA GLY I 158 -13.13 48.74 -81.28
C GLY I 158 -13.52 50.20 -81.18
N LEU I 159 -14.83 50.51 -81.22
CA LEU I 159 -15.39 51.89 -81.04
C LEU I 159 -15.50 52.16 -79.54
N ARG I 160 -14.88 53.24 -79.06
CA ARG I 160 -15.13 53.83 -77.72
C ARG I 160 -15.26 55.35 -77.83
N VAL I 161 -16.10 55.93 -76.99
CA VAL I 161 -16.30 57.40 -76.83
C VAL I 161 -15.85 57.79 -75.41
N LEU I 162 -15.25 58.98 -75.29
CA LEU I 162 -14.40 59.36 -74.12
C LEU I 162 -14.68 60.80 -73.72
N ASN I 163 -14.23 61.13 -72.51
CA ASN I 163 -14.64 62.30 -71.69
C ASN I 163 -14.82 63.55 -72.55
N GLY I 164 -13.73 64.20 -72.95
CA GLY I 164 -13.84 65.19 -74.01
C GLY I 164 -14.38 64.47 -75.23
N PRO I 165 -15.58 64.81 -75.79
CA PRO I 165 -16.34 63.84 -76.59
C PRO I 165 -15.51 63.32 -77.77
N LEU I 166 -14.75 62.27 -77.50
CA LEU I 166 -13.65 61.79 -78.38
C LEU I 166 -13.99 60.36 -78.78
N ILE I 167 -13.93 60.05 -80.07
CA ILE I 167 -14.19 58.69 -80.61
C ILE I 167 -12.82 58.04 -80.91
N LEU I 168 -12.69 56.77 -80.57
CA LEU I 168 -11.47 55.95 -80.77
C LEU I 168 -11.92 54.62 -81.35
N TRP I 169 -11.54 54.33 -82.60
CA TRP I 169 -12.03 53.15 -83.37
C TRP I 169 -10.87 52.36 -83.95
N ARG I 170 -11.23 51.27 -84.62
CA ARG I 170 -10.29 50.18 -84.98
C ARG I 170 -10.80 49.40 -86.18
N HIS I 171 -9.94 49.25 -87.19
CA HIS I 171 -9.91 48.12 -88.17
C HIS I 171 -8.55 47.41 -88.02
N VAL I 172 -8.05 46.78 -89.09
CA VAL I 172 -7.06 45.66 -89.21
C VAL I 172 -5.79 45.81 -88.36
N LYS I 173 -5.90 46.26 -87.11
CA LYS I 173 -4.80 46.77 -86.24
C LYS I 173 -4.29 48.10 -86.81
N ALA I 174 -5.22 48.96 -87.22
CA ALA I 174 -4.99 50.39 -87.52
C ALA I 174 -5.97 51.17 -86.63
N PHE I 175 -5.55 51.41 -85.37
CA PHE I 175 -6.29 52.25 -84.39
C PHE I 175 -6.19 53.72 -84.79
N PHE I 176 -7.34 54.38 -84.84
CA PHE I 176 -7.45 55.83 -85.12
C PHE I 176 -8.31 56.48 -84.02
N PHE I 177 -8.27 57.82 -83.93
CA PHE I 177 -9.17 58.61 -83.04
C PHE I 177 -9.42 60.01 -83.61
N ILE I 178 -10.61 60.56 -83.33
CA ILE I 178 -11.04 61.96 -83.62
C ILE I 178 -11.65 62.53 -82.35
N SER I 179 -11.17 63.69 -81.89
CA SER I 179 -11.72 64.38 -80.69
C SER I 179 -12.65 65.49 -81.15
N SER I 180 -13.62 65.84 -80.31
CA SER I 180 -14.14 67.23 -80.23
C SER I 180 -12.97 68.10 -79.77
N GLN I 181 -12.84 69.33 -80.26
CA GLN I 181 -11.65 70.16 -79.98
C GLN I 181 -10.62 69.91 -81.10
N THR I 182 -10.63 68.80 -81.84
CA THR I 182 -9.71 68.59 -83.00
C THR I 182 -10.52 68.61 -84.31
N GLY I 183 -11.44 67.65 -84.45
CA GLY I 183 -12.27 67.47 -85.65
C GLY I 183 -11.55 66.75 -86.78
N LYS I 184 -10.39 66.12 -86.50
CA LYS I 184 -9.49 65.56 -87.54
C LYS I 184 -9.25 64.07 -87.31
N VAL I 185 -9.07 63.30 -88.38
CA VAL I 185 -8.75 61.85 -88.33
C VAL I 185 -7.25 61.69 -88.06
N VAL I 186 -6.90 61.39 -86.81
CA VAL I 186 -5.49 61.10 -86.35
C VAL I 186 -5.32 59.58 -86.34
N SER I 187 -4.12 59.11 -86.70
CA SER I 187 -3.66 57.70 -86.53
C SER I 187 -2.87 57.55 -85.23
N VAL I 188 -3.09 56.46 -84.48
CA VAL I 188 -2.34 56.11 -83.24
C VAL I 188 -0.94 55.62 -83.68
N SER I 189 0.13 56.32 -83.30
CA SER I 189 1.53 56.05 -83.75
C SER I 189 1.99 54.63 -83.39
N GLY I 190 1.86 54.24 -82.11
CA GLY I 190 2.21 52.92 -81.54
C GLY I 190 1.32 51.80 -82.05
N ASN I 191 1.87 50.58 -82.22
CA ASN I 191 1.31 49.43 -83.00
C ASN I 191 0.75 48.35 -82.07
N PHE I 192 -0.55 48.42 -81.73
CA PHE I 192 -1.20 47.70 -80.61
C PHE I 192 -2.00 46.50 -81.15
N SER I 193 -2.29 45.52 -80.29
CA SER I 193 -3.15 44.35 -80.60
C SER I 193 -4.59 44.62 -80.11
N SER I 194 -4.75 44.80 -78.80
CA SER I 194 -6.04 45.08 -78.11
C SER I 194 -5.87 46.26 -77.16
N ILE I 195 -6.97 46.93 -76.82
CA ILE I 195 -7.02 48.27 -76.16
C ILE I 195 -7.85 48.17 -74.87
N GLN I 196 -7.65 47.09 -74.10
CA GLN I 196 -8.55 46.65 -73.00
C GLN I 196 -9.26 47.87 -72.39
N TRP I 197 -8.48 48.81 -71.86
CA TRP I 197 -8.95 50.01 -71.13
C TRP I 197 -8.40 51.29 -71.74
N ALA I 198 -9.13 52.37 -71.54
CA ALA I 198 -8.78 53.74 -71.98
C ALA I 198 -9.48 54.73 -71.05
N GLY I 199 -9.05 55.98 -71.04
CA GLY I 199 -9.73 57.05 -70.30
C GLY I 199 -8.76 58.03 -69.70
N GLU I 200 -9.31 59.14 -69.21
CA GLU I 200 -8.55 60.28 -68.67
C GLU I 200 -8.16 59.92 -67.23
N ILE I 201 -6.98 60.33 -66.80
CA ILE I 201 -6.52 60.24 -65.39
C ILE I 201 -5.93 61.60 -65.03
N GLU I 202 -5.92 61.90 -63.72
CA GLU I 202 -5.19 63.01 -63.08
C GLU I 202 -3.75 63.10 -63.60
N ASN I 203 -3.37 64.30 -64.07
CA ASN I 203 -1.99 64.69 -64.44
C ASN I 203 -1.61 64.21 -65.85
N LEU I 204 -2.43 63.40 -66.53
CA LEU I 204 -2.02 62.70 -67.78
C LEU I 204 -2.83 63.16 -69.00
N GLY I 205 -4.13 63.42 -68.83
CA GLY I 205 -4.98 64.12 -69.81
C GLY I 205 -5.72 63.15 -70.70
N MET I 206 -5.02 62.14 -71.22
CA MET I 206 -5.68 61.01 -71.87
C MET I 206 -4.72 59.82 -71.99
N VAL I 207 -5.25 58.60 -71.85
CA VAL I 207 -4.48 57.32 -71.65
C VAL I 207 -5.17 56.13 -72.34
N LEU I 208 -4.40 55.17 -72.86
CA LEU I 208 -4.86 53.82 -73.31
C LEU I 208 -4.06 52.70 -72.62
N LEU I 209 -4.71 51.56 -72.32
CA LEU I 209 -4.05 50.24 -72.02
C LEU I 209 -4.04 49.33 -73.25
N GLY I 210 -3.30 48.21 -73.17
CA GLY I 210 -3.08 47.29 -74.32
C GLY I 210 -1.66 46.75 -74.36
N LEU I 211 -1.24 46.25 -75.52
CA LEU I 211 0.11 45.65 -75.76
C LEU I 211 0.57 46.05 -77.16
N LYS I 212 1.76 45.62 -77.60
CA LYS I 212 2.31 45.92 -78.95
C LYS I 212 2.28 44.64 -79.82
N GLU I 213 3.09 43.62 -79.47
CA GLU I 213 3.22 42.31 -80.19
C GLU I 213 3.69 41.20 -79.23
N ASP I 229 9.32 35.66 -67.14
CA ASP I 229 7.92 35.34 -67.57
C ASP I 229 6.94 35.66 -66.40
N TYR I 230 7.41 35.61 -65.14
CA TYR I 230 6.59 35.89 -63.93
C TYR I 230 7.08 37.14 -63.20
N ALA I 231 7.81 38.02 -63.90
CA ALA I 231 8.37 39.25 -63.29
C ALA I 231 7.26 40.30 -63.16
N ILE I 232 6.96 40.76 -61.93
CA ILE I 232 5.86 41.75 -61.66
C ILE I 232 6.22 43.05 -62.42
N TRP I 233 7.46 43.53 -62.39
CA TRP I 233 7.86 44.78 -63.10
C TRP I 233 7.91 44.60 -64.64
N ASN I 234 7.87 43.39 -65.22
CA ASN I 234 8.02 43.20 -66.70
C ASN I 234 6.69 43.49 -67.40
N THR I 235 5.61 42.77 -67.05
CA THR I 235 4.16 43.09 -67.28
C THR I 235 3.63 42.90 -68.72
N LYS I 236 4.37 43.31 -69.79
CA LYS I 236 4.00 43.24 -71.24
C LYS I 236 2.83 44.18 -71.62
N PHE I 237 2.17 44.83 -70.66
CA PHE I 237 0.97 45.69 -70.90
C PHE I 237 1.40 47.16 -70.78
N CYS I 238 1.62 47.80 -71.94
CA CYS I 238 2.04 49.22 -72.05
C CYS I 238 0.81 50.12 -71.83
N VAL I 239 0.93 51.03 -70.84
CA VAL I 239 0.18 52.32 -70.79
C VAL I 239 0.55 53.07 -72.09
N TYR I 240 -0.25 54.03 -72.54
CA TYR I 240 0.13 54.90 -73.68
C TYR I 240 -0.51 56.26 -73.48
N SER I 241 0.34 57.28 -73.29
CA SER I 241 -0.08 58.70 -73.25
C SER I 241 -0.61 59.08 -74.63
N LEU I 242 -1.88 59.51 -74.69
CA LEU I 242 -2.56 59.74 -75.98
C LEU I 242 -1.92 60.96 -76.66
N GLU I 243 -2.20 61.09 -77.95
CA GLU I 243 -1.64 62.11 -78.88
C GLU I 243 -0.20 61.71 -79.21
N SER I 244 0.00 60.47 -79.69
CA SER I 244 1.28 59.89 -80.20
C SER I 244 2.45 60.21 -79.25
N GLN I 245 2.21 60.23 -77.93
CA GLN I 245 3.20 60.64 -76.89
C GLN I 245 3.91 59.38 -76.40
N GLU I 246 4.77 59.51 -75.39
CA GLU I 246 5.52 58.39 -74.77
C GLU I 246 4.54 57.33 -74.22
N VAL I 247 4.99 56.07 -74.26
CA VAL I 247 4.37 54.89 -73.60
C VAL I 247 3.96 55.28 -72.18
N LEU I 248 4.80 56.03 -71.45
CA LEU I 248 4.47 56.72 -70.18
C LEU I 248 4.73 55.75 -69.01
N SER I 249 4.56 54.43 -69.19
CA SER I 249 4.76 53.40 -68.13
C SER I 249 4.89 52.01 -68.79
N ASP I 250 5.87 51.23 -68.36
CA ASP I 250 5.97 49.79 -68.68
C ASP I 250 6.35 49.05 -67.39
N ILE I 251 5.83 49.49 -66.23
CA ILE I 251 6.45 49.23 -64.90
C ILE I 251 5.58 48.32 -63.99
N TYR I 252 4.33 48.65 -63.61
CA TYR I 252 3.61 47.95 -62.49
C TYR I 252 2.15 47.68 -62.85
N ILE I 253 1.98 47.07 -64.02
CA ILE I 253 0.69 46.63 -64.62
C ILE I 253 0.63 45.12 -64.34
N ILE I 254 -0.32 44.41 -64.92
CA ILE I 254 -0.57 42.95 -64.75
C ILE I 254 0.60 42.14 -65.34
N PRO I 255 1.01 40.97 -64.75
CA PRO I 255 2.03 40.10 -65.36
C PRO I 255 1.80 39.65 -66.82
N PRO I 256 2.84 39.28 -67.63
CA PRO I 256 2.63 38.74 -68.99
C PRO I 256 2.01 37.33 -69.05
N ALA I 257 2.14 36.62 -67.91
CA ALA I 257 1.45 35.37 -67.48
C ALA I 257 -0.07 35.42 -67.69
N TYR I 258 -0.68 36.53 -67.28
CA TYR I 258 -2.11 36.84 -67.50
C TYR I 258 -2.35 37.40 -68.92
N SER I 259 -1.35 37.98 -69.62
CA SER I 259 -1.49 38.65 -70.97
C SER I 259 -2.09 37.73 -72.03
N SER I 260 -1.91 36.41 -71.91
CA SER I 260 -2.49 35.37 -72.82
C SER I 260 -3.98 35.09 -72.52
N VAL I 261 -4.57 35.41 -71.34
CA VAL I 261 -5.97 35.02 -70.92
C VAL I 261 -6.91 36.20 -70.66
N VAL I 262 -6.44 37.38 -70.26
CA VAL I 262 -7.35 38.56 -70.04
C VAL I 262 -7.89 39.09 -71.36
N THR I 263 -9.15 39.52 -71.33
CA THR I 263 -9.89 40.06 -72.50
C THR I 263 -10.34 41.51 -72.25
N TYR I 264 -10.69 41.88 -71.00
CA TYR I 264 -11.22 43.21 -70.61
C TYR I 264 -10.65 43.61 -69.25
N VAL I 265 -10.52 44.92 -69.03
CA VAL I 265 -9.95 45.54 -67.80
C VAL I 265 -10.77 46.76 -67.39
N HIS I 266 -10.78 47.08 -66.11
CA HIS I 266 -11.55 48.20 -65.49
C HIS I 266 -10.80 48.70 -64.27
N ILE I 267 -10.19 49.89 -64.33
CA ILE I 267 -9.41 50.47 -63.19
C ILE I 267 -10.37 50.92 -62.03
N CYS I 268 -9.92 50.98 -60.74
CA CYS I 268 -10.74 51.41 -59.53
C CYS I 268 -10.06 52.44 -58.58
N ALA I 269 -8.75 52.65 -58.71
CA ALA I 269 -7.98 53.82 -58.20
C ALA I 269 -6.59 53.89 -58.89
N THR I 270 -6.03 55.11 -59.06
CA THR I 270 -4.68 55.43 -59.65
C THR I 270 -3.91 56.37 -58.70
N GLU I 271 -2.80 55.91 -58.10
CA GLU I 271 -1.86 56.71 -57.25
C GLU I 271 -0.60 57.05 -58.04
N ILE I 272 0.06 58.15 -57.66
CA ILE I 272 1.43 58.54 -58.11
C ILE I 272 2.29 58.84 -56.88
N ILE I 273 2.90 57.78 -56.37
CA ILE I 273 4.33 57.73 -55.91
C ILE I 273 5.14 58.02 -57.18
N LYS I 274 6.39 58.48 -57.07
CA LYS I 274 7.19 59.33 -57.98
C LYS I 274 6.78 59.24 -59.47
N ASN I 275 7.68 59.61 -60.41
CA ASN I 275 7.55 59.30 -61.86
C ASN I 275 6.85 57.94 -62.10
N GLN I 276 7.13 56.90 -61.28
CA GLN I 276 6.38 55.60 -61.21
C GLN I 276 4.88 55.88 -60.95
N LEU I 277 4.07 54.84 -60.79
CA LEU I 277 2.64 54.96 -60.40
C LEU I 277 2.09 53.56 -60.07
N ARG I 278 0.95 53.57 -59.39
CA ARG I 278 0.38 52.45 -58.61
C ARG I 278 -1.12 52.35 -58.97
N ILE I 279 -1.59 51.24 -59.55
CA ILE I 279 -3.04 51.08 -59.94
C ILE I 279 -3.58 49.85 -59.23
N SER I 280 -4.71 50.01 -58.55
CA SER I 280 -5.62 48.90 -58.15
C SER I 280 -6.63 48.74 -59.28
N LEU I 281 -6.56 47.61 -59.99
CA LEU I 281 -7.30 47.42 -61.25
C LEU I 281 -7.86 46.00 -61.29
N ILE I 282 -9.09 45.92 -61.79
CA ILE I 282 -9.80 44.65 -62.04
C ILE I 282 -9.60 44.28 -63.51
N ALA I 283 -9.34 43.00 -63.73
CA ALA I 283 -9.35 42.32 -65.04
C ALA I 283 -10.42 41.24 -65.02
N LEU I 284 -10.62 40.61 -66.16
CA LEU I 284 -11.33 39.32 -66.19
C LEU I 284 -10.92 38.53 -67.42
N THR I 285 -11.09 37.21 -67.28
CA THR I 285 -10.38 36.14 -68.03
C THR I 285 -11.37 35.38 -68.91
N ARG I 286 -10.81 34.74 -69.93
CA ARG I 286 -11.52 33.78 -70.80
C ARG I 286 -11.95 32.57 -69.97
N LYS I 287 -11.31 32.35 -68.83
CA LYS I 287 -11.52 31.18 -67.95
C LYS I 287 -12.45 31.49 -66.79
N ASN I 288 -13.32 32.49 -66.93
CA ASN I 288 -14.41 32.78 -65.96
C ASN I 288 -13.81 33.02 -64.59
N GLN I 289 -12.88 33.96 -64.53
CA GLN I 289 -12.38 34.49 -63.25
C GLN I 289 -12.59 36.01 -63.26
N LEU I 290 -12.78 36.59 -62.08
CA LEU I 290 -12.64 38.05 -61.81
C LEU I 290 -11.54 38.25 -60.77
N ILE I 291 -10.60 39.17 -61.00
CA ILE I 291 -9.34 39.26 -60.22
C ILE I 291 -9.26 40.64 -59.55
N SER I 292 -8.53 40.77 -58.44
CA SER I 292 -8.00 42.05 -57.90
C SER I 292 -6.48 42.10 -58.18
N PHE I 293 -5.96 43.29 -58.51
CA PHE I 293 -4.51 43.60 -58.70
C PHE I 293 -4.16 44.86 -57.85
N GLN I 294 -2.94 45.00 -57.27
CA GLN I 294 -2.44 46.28 -56.69
C GLN I 294 -0.95 46.38 -56.95
N ASN I 295 -0.57 47.15 -57.97
CA ASN I 295 0.82 47.22 -58.48
C ASN I 295 1.14 45.93 -59.26
N GLY I 296 0.15 45.37 -59.95
CA GLY I 296 0.27 44.04 -60.60
C GLY I 296 0.54 42.93 -59.60
N THR I 297 -0.11 43.02 -58.42
CA THR I 297 -0.12 42.02 -57.33
C THR I 297 -1.49 41.33 -57.27
N PRO I 298 -1.64 40.12 -57.85
CA PRO I 298 -2.94 39.49 -57.89
C PRO I 298 -3.47 39.08 -56.52
N LYS I 299 -4.63 39.59 -56.12
CA LYS I 299 -5.31 39.20 -54.85
C LYS I 299 -6.78 38.97 -55.09
N ASN I 300 -7.45 38.39 -54.08
CA ASN I 300 -8.93 38.19 -53.94
C ASN I 300 -9.55 37.81 -55.30
N VAL I 301 -9.33 36.58 -55.80
CA VAL I 301 -9.92 36.09 -57.08
C VAL I 301 -11.29 35.49 -56.79
N CYS I 302 -12.26 35.71 -57.69
CA CYS I 302 -13.59 35.06 -57.75
C CYS I 302 -13.66 34.15 -59.00
N GLN I 303 -14.51 33.14 -58.92
CA GLN I 303 -14.77 32.20 -60.04
C GLN I 303 -16.20 32.50 -60.54
N LEU I 304 -16.30 33.03 -61.78
CA LEU I 304 -17.60 33.38 -62.41
C LEU I 304 -18.40 32.11 -62.69
N PRO I 305 -19.73 32.13 -62.47
CA PRO I 305 -20.57 31.00 -62.87
C PRO I 305 -20.59 30.83 -64.41
N PHE I 306 -20.89 31.90 -65.11
CA PHE I 306 -21.35 31.82 -66.52
C PHE I 306 -20.15 31.96 -67.41
N GLY I 307 -20.37 31.65 -68.68
CA GLY I 307 -19.32 31.60 -69.70
C GLY I 307 -19.21 32.92 -70.43
N ASP I 308 -17.97 33.33 -70.70
CA ASP I 308 -17.59 34.44 -71.60
C ASP I 308 -18.14 35.74 -71.05
N PRO I 309 -17.56 36.26 -69.94
CA PRO I 309 -17.87 37.60 -69.46
C PRO I 309 -17.26 38.71 -70.34
N CYS I 310 -17.99 39.84 -70.39
CA CYS I 310 -17.97 40.87 -71.45
C CYS I 310 -17.48 42.21 -70.89
N ALA I 311 -18.04 42.67 -69.77
CA ALA I 311 -17.70 43.97 -69.15
C ALA I 311 -18.09 43.99 -67.68
N VAL I 312 -17.67 45.02 -66.97
CA VAL I 312 -17.98 45.22 -65.51
C VAL I 312 -18.12 46.72 -65.24
N GLN I 313 -19.09 47.06 -64.38
CA GLN I 313 -19.29 48.39 -63.75
C GLN I 313 -19.04 48.23 -62.27
N LEU I 314 -19.15 49.32 -61.53
CA LEU I 314 -19.16 49.31 -60.06
C LEU I 314 -20.51 49.83 -59.56
N MET I 315 -21.09 49.14 -58.59
CA MET I 315 -22.27 49.62 -57.84
C MET I 315 -21.83 49.97 -56.42
N ASP I 316 -22.13 51.19 -55.96
CA ASP I 316 -21.78 51.67 -54.59
C ASP I 316 -22.75 51.01 -53.58
N SER I 317 -24.04 51.37 -53.65
CA SER I 317 -25.16 50.96 -52.76
C SER I 317 -24.79 51.06 -51.26
N GLY I 318 -24.19 52.19 -50.88
CA GLY I 318 -24.13 52.69 -49.49
C GLY I 318 -22.96 52.13 -48.69
N GLY I 319 -23.25 51.82 -47.41
CA GLY I 319 -22.32 51.49 -46.31
C GLY I 319 -21.99 50.01 -46.28
N GLY I 320 -20.84 49.66 -46.85
CA GLY I 320 -20.20 48.33 -46.73
C GLY I 320 -20.81 47.26 -47.61
N ASN I 321 -21.68 47.64 -48.57
CA ASN I 321 -22.40 46.72 -49.50
C ASN I 321 -21.96 47.11 -50.94
N LEU I 322 -20.66 47.06 -51.27
CA LEU I 322 -20.12 47.51 -52.57
C LEU I 322 -19.94 46.31 -53.50
N PHE I 323 -20.23 46.47 -54.81
CA PHE I 323 -20.34 45.39 -55.84
C PHE I 323 -19.75 45.77 -57.19
N PHE I 324 -19.03 44.82 -57.78
CA PHE I 324 -18.69 44.81 -59.22
C PHE I 324 -19.86 44.11 -59.88
N VAL I 325 -20.38 44.70 -60.96
CA VAL I 325 -21.54 44.11 -61.69
C VAL I 325 -21.03 43.80 -63.11
N VAL I 326 -21.01 42.50 -63.42
CA VAL I 326 -20.27 41.89 -64.55
C VAL I 326 -21.31 41.41 -65.57
N SER I 327 -21.12 41.78 -66.84
CA SER I 327 -21.94 41.36 -68.01
C SER I 327 -21.30 40.17 -68.74
N PHE I 328 -22.11 39.46 -69.49
CA PHE I 328 -21.65 38.38 -70.40
C PHE I 328 -22.33 38.57 -71.77
N ILE I 329 -21.73 37.96 -72.80
CA ILE I 329 -22.21 37.84 -74.21
C ILE I 329 -23.41 36.89 -74.25
N SER I 330 -23.45 35.96 -73.30
CA SER I 330 -24.49 34.93 -73.19
C SER I 330 -25.83 35.53 -72.70
N ASN I 331 -26.02 36.86 -72.65
CA ASN I 331 -27.25 37.51 -72.10
C ASN I 331 -27.53 36.92 -70.71
N ASN I 332 -26.55 37.06 -69.82
CA ASN I 332 -26.63 36.79 -68.36
C ASN I 332 -25.64 37.75 -67.65
N ALA I 333 -25.78 37.95 -66.34
CA ALA I 333 -25.00 38.96 -65.59
C ALA I 333 -24.85 38.53 -64.15
N CYS I 334 -23.72 38.94 -63.57
CA CYS I 334 -23.35 38.69 -62.15
C CYS I 334 -23.29 40.01 -61.42
N ALA I 335 -23.53 39.95 -60.12
CA ALA I 335 -23.08 40.98 -59.17
C ALA I 335 -22.30 40.28 -58.06
N VAL I 336 -20.99 40.57 -57.97
CA VAL I 336 -20.04 39.99 -56.98
C VAL I 336 -19.83 41.02 -55.86
N TRP I 337 -19.99 40.60 -54.58
CA TRP I 337 -19.55 41.34 -53.37
C TRP I 337 -18.12 41.82 -53.62
N LYS I 338 -17.83 43.09 -53.35
CA LYS I 338 -16.47 43.57 -53.04
C LYS I 338 -16.31 43.39 -51.54
N GLU I 339 -15.08 43.48 -51.03
CA GLU I 339 -14.65 42.98 -49.70
C GLU I 339 -14.11 41.54 -49.91
N SER I 340 -15.02 40.69 -50.39
CA SER I 340 -14.95 39.21 -50.40
C SER I 340 -15.39 38.78 -51.78
N PHE I 341 -14.44 38.43 -52.64
CA PHE I 341 -14.76 38.17 -54.07
C PHE I 341 -15.56 36.88 -54.13
N GLN I 342 -16.89 37.05 -54.18
CA GLN I 342 -17.94 36.20 -53.57
C GLN I 342 -19.25 36.56 -54.26
N VAL I 343 -19.83 35.67 -55.07
CA VAL I 343 -20.99 36.02 -55.94
C VAL I 343 -22.18 36.35 -55.01
N ALA I 344 -22.94 37.40 -55.32
CA ALA I 344 -24.17 37.83 -54.60
C ALA I 344 -25.43 37.54 -55.41
N ALA I 345 -25.38 37.58 -56.74
CA ALA I 345 -26.52 37.23 -57.62
C ALA I 345 -26.10 37.01 -59.08
N LYS I 346 -26.88 36.18 -59.78
CA LYS I 346 -26.53 35.50 -61.06
C LYS I 346 -27.78 35.41 -61.93
N TRP I 347 -28.29 36.54 -62.36
CA TRP I 347 -29.55 36.58 -63.16
C TRP I 347 -29.23 36.20 -64.60
N GLU I 348 -30.26 35.95 -65.40
CA GLU I 348 -30.13 35.32 -66.74
C GLU I 348 -31.09 35.94 -67.77
N LYS I 349 -30.64 36.02 -69.04
CA LYS I 349 -31.42 36.38 -70.25
C LYS I 349 -31.31 37.88 -70.52
N LEU I 350 -31.54 38.71 -69.51
CA LEU I 350 -30.97 40.07 -69.36
C LEU I 350 -30.68 40.70 -70.72
N SER I 351 -31.74 41.14 -71.39
CA SER I 351 -31.64 41.98 -72.61
C SER I 351 -30.63 43.11 -72.36
N LEU I 352 -30.79 43.84 -71.25
CA LEU I 352 -29.83 44.93 -70.86
C LEU I 352 -29.76 45.12 -69.34
N VAL I 353 -28.66 45.76 -68.93
CA VAL I 353 -28.29 46.08 -67.52
C VAL I 353 -27.93 47.56 -67.42
N LEU I 354 -28.49 48.27 -66.42
CA LEU I 354 -28.07 49.64 -66.04
C LEU I 354 -28.09 49.78 -64.51
N ILE I 355 -27.23 50.65 -63.98
CA ILE I 355 -27.04 50.88 -62.52
C ILE I 355 -27.06 52.39 -62.28
N ASP I 356 -28.01 52.85 -61.47
CA ASP I 356 -28.07 54.23 -60.95
C ASP I 356 -29.11 54.25 -59.81
N ASP I 357 -29.21 55.38 -59.10
CA ASP I 357 -30.27 55.66 -58.09
C ASP I 357 -31.49 56.24 -58.81
N PHE I 358 -32.41 55.37 -59.23
CA PHE I 358 -33.66 55.76 -59.91
C PHE I 358 -34.66 56.27 -58.85
N ILE I 359 -34.51 55.82 -57.61
CA ILE I 359 -35.50 56.04 -56.52
C ILE I 359 -35.41 57.49 -56.05
N GLY I 360 -34.20 58.08 -56.01
CA GLY I 360 -33.92 59.29 -55.23
C GLY I 360 -33.89 59.00 -53.73
N SER I 361 -33.16 57.95 -53.35
CA SER I 361 -32.77 57.59 -51.95
C SER I 361 -31.38 58.18 -51.63
N GLY I 362 -30.44 58.14 -52.59
CA GLY I 362 -29.00 58.40 -52.40
C GLY I 362 -28.17 57.22 -52.87
N THR I 363 -28.62 56.01 -52.57
CA THR I 363 -27.92 54.73 -52.85
C THR I 363 -28.15 54.33 -54.32
N GLU I 364 -27.13 53.85 -55.04
CA GLU I 364 -27.31 53.26 -56.40
C GLU I 364 -28.15 51.98 -56.30
N GLN I 365 -28.90 51.66 -57.35
CA GLN I 365 -29.55 50.33 -57.55
C GLN I 365 -29.16 49.80 -58.93
N VAL I 366 -29.43 48.54 -59.18
CA VAL I 366 -29.18 47.87 -60.48
C VAL I 366 -30.55 47.61 -61.12
N LEU I 367 -30.67 47.92 -62.41
CA LEU I 367 -31.89 47.72 -63.24
C LEU I 367 -31.60 46.60 -64.25
N LEU I 368 -32.50 45.61 -64.31
CA LEU I 368 -32.42 44.41 -65.19
C LEU I 368 -33.68 44.34 -66.06
N LEU I 369 -33.49 44.26 -67.38
CA LEU I 369 -34.57 44.18 -68.38
C LEU I 369 -34.58 42.76 -68.94
N PHE I 370 -35.69 42.05 -68.77
CA PHE I 370 -35.89 40.66 -69.28
C PHE I 370 -36.40 40.76 -70.73
N LYS I 371 -36.54 39.63 -71.44
CA LYS I 371 -36.44 39.55 -72.94
C LYS I 371 -37.60 40.23 -73.68
N ASP I 372 -37.37 40.55 -74.96
CA ASP I 372 -38.30 41.24 -75.89
C ASP I 372 -39.41 40.31 -76.43
N SER I 373 -39.34 38.99 -76.18
CA SER I 373 -40.41 38.00 -76.55
C SER I 373 -41.72 38.26 -75.78
N LEU I 374 -41.63 38.76 -74.54
CA LEU I 374 -42.79 39.05 -73.64
C LEU I 374 -43.71 40.09 -74.31
N ASN I 375 -43.16 41.26 -74.70
CA ASN I 375 -43.87 42.38 -75.40
C ASN I 375 -42.87 43.05 -76.39
N SER I 376 -43.30 43.60 -77.54
CA SER I 376 -42.44 44.40 -78.47
C SER I 376 -42.39 45.86 -78.00
N ASP I 377 -41.81 46.06 -76.82
CA ASP I 377 -41.83 47.29 -75.99
C ASP I 377 -40.59 47.29 -75.09
N CYS I 378 -39.94 48.44 -74.90
CA CYS I 378 -38.91 48.62 -73.85
C CYS I 378 -39.56 48.70 -72.45
N LEU I 379 -38.72 48.55 -71.44
CA LEU I 379 -38.94 48.51 -69.97
C LEU I 379 -40.31 47.97 -69.56
N THR I 380 -40.89 47.02 -70.29
CA THR I 380 -41.80 46.03 -69.67
C THR I 380 -40.89 44.93 -69.08
N SER I 381 -41.33 44.20 -68.06
CA SER I 381 -40.65 43.00 -67.45
C SER I 381 -39.30 43.39 -66.85
N PHE I 382 -39.32 44.31 -65.89
CA PHE I 382 -38.10 44.92 -65.32
C PHE I 382 -37.78 44.24 -64.00
N LYS I 383 -36.66 44.63 -63.39
CA LYS I 383 -36.28 44.28 -62.00
C LYS I 383 -35.29 45.31 -61.45
N ILE I 384 -35.71 46.11 -60.48
CA ILE I 384 -34.85 47.11 -59.77
C ILE I 384 -34.50 46.53 -58.41
N THR I 385 -33.21 46.54 -58.05
CA THR I 385 -32.76 45.99 -56.74
C THR I 385 -31.48 46.68 -56.27
N ASP I 386 -31.34 46.75 -54.95
CA ASP I 386 -30.14 47.23 -54.22
C ASP I 386 -29.36 46.05 -53.62
N LEU I 387 -29.97 44.86 -53.54
CA LEU I 387 -29.44 43.58 -52.96
C LEU I 387 -29.46 43.61 -51.42
N GLY I 388 -30.23 44.52 -50.82
CA GLY I 388 -30.36 44.65 -49.35
C GLY I 388 -31.80 44.61 -48.94
N LYS I 389 -32.39 45.79 -48.88
CA LYS I 389 -33.79 46.06 -48.51
C LYS I 389 -34.63 46.24 -49.79
N ILE I 390 -34.14 47.09 -50.68
CA ILE I 390 -34.91 47.69 -51.81
C ILE I 390 -35.04 46.62 -52.89
N ASN I 391 -36.27 46.23 -53.20
CA ASN I 391 -36.55 45.25 -54.28
C ASN I 391 -37.91 45.56 -54.90
N TYR I 392 -37.91 46.10 -56.13
CA TYR I 392 -39.11 46.51 -56.91
C TYR I 392 -39.13 45.76 -58.26
N SER I 393 -40.33 45.51 -58.82
CA SER I 393 -40.61 44.47 -59.86
C SER I 393 -42.03 44.59 -60.48
N SER I 394 -42.32 43.70 -61.44
CA SER I 394 -43.49 43.66 -62.36
C SER I 394 -44.24 42.33 -62.21
N GLU I 410 -40.78 40.84 -37.85
CA GLU I 410 -40.02 42.04 -37.38
C GLU I 410 -39.04 41.71 -36.22
N ASN I 411 -38.35 40.54 -36.23
CA ASN I 411 -37.23 40.15 -35.30
C ASN I 411 -35.91 39.85 -36.08
N ARG I 412 -36.00 39.42 -37.35
CA ARG I 412 -34.99 39.54 -38.46
C ARG I 412 -34.51 41.01 -38.53
N TYR I 413 -35.42 41.91 -38.97
CA TYR I 413 -35.23 43.35 -39.34
C TYR I 413 -35.54 44.22 -38.10
N LEU I 414 -34.92 43.90 -36.93
CA LEU I 414 -35.09 44.60 -35.62
C LEU I 414 -33.74 44.94 -34.95
N VAL I 415 -32.71 44.08 -35.09
CA VAL I 415 -31.55 43.98 -34.15
C VAL I 415 -30.22 44.19 -34.91
N VAL I 416 -30.19 44.97 -36.01
CA VAL I 416 -28.98 45.19 -36.87
C VAL I 416 -28.20 46.46 -36.46
N PRO I 417 -28.83 47.67 -36.39
CA PRO I 417 -28.13 48.87 -35.94
C PRO I 417 -27.36 48.74 -34.63
N PRO I 418 -27.88 48.13 -33.52
CA PRO I 418 -27.08 47.95 -32.31
C PRO I 418 -25.76 47.21 -32.57
N LEU I 419 -25.88 46.09 -33.28
CA LEU I 419 -24.74 45.21 -33.64
C LEU I 419 -23.74 46.00 -34.49
N GLU I 420 -24.23 46.77 -35.45
CA GLU I 420 -23.37 47.57 -36.37
C GLU I 420 -22.66 48.68 -35.58
N THR I 421 -23.36 49.36 -34.66
CA THR I 421 -22.75 50.42 -33.82
C THR I 421 -21.73 49.78 -32.88
N GLY I 422 -22.00 48.57 -32.38
CA GLY I 422 -21.06 47.78 -31.57
C GLY I 422 -19.77 47.53 -32.33
N LEU I 423 -19.89 47.12 -33.61
CA LEU I 423 -18.75 47.00 -34.57
C LEU I 423 -18.00 48.33 -34.67
N LYS I 424 -18.70 49.44 -34.89
CA LYS I 424 -18.05 50.78 -35.09
C LYS I 424 -17.32 51.24 -33.80
N VAL I 425 -17.93 51.04 -32.62
CA VAL I 425 -17.32 51.43 -31.30
C VAL I 425 -16.07 50.56 -31.07
N CYS I 426 -16.17 49.26 -31.31
CA CYS I 426 -15.01 48.33 -31.20
C CYS I 426 -13.93 48.78 -32.21
N PHE I 427 -14.31 49.26 -33.41
CA PHE I 427 -13.41 49.82 -34.46
C PHE I 427 -12.69 51.07 -33.94
N SER I 428 -13.42 51.99 -33.30
CA SER I 428 -12.82 53.22 -32.72
C SER I 428 -11.83 52.83 -31.61
N SER I 429 -12.16 51.84 -30.74
CA SER I 429 -11.25 51.32 -29.67
C SER I 429 -9.98 50.72 -30.29
N PHE I 430 -10.14 49.91 -31.33
CA PHE I 430 -9.04 49.32 -32.14
C PHE I 430 -8.11 50.44 -32.61
N ARG I 431 -8.70 51.41 -33.32
CA ARG I 431 -8.04 52.59 -33.93
C ARG I 431 -7.26 53.36 -32.85
N GLU I 432 -7.91 53.53 -31.69
CA GLU I 432 -7.34 54.22 -30.50
C GLU I 432 -6.08 53.51 -30.02
N LEU I 433 -6.18 52.21 -29.80
CA LEU I 433 -5.05 51.43 -29.23
C LEU I 433 -3.89 51.41 -30.20
N ARG I 434 -4.18 51.32 -31.49
CA ARG I 434 -3.16 51.44 -32.56
C ARG I 434 -2.32 52.71 -32.37
N GLN I 435 -3.01 53.84 -32.27
CA GLN I 435 -2.34 55.14 -32.13
C GLN I 435 -1.49 55.18 -30.84
N HIS I 436 -2.08 54.79 -29.70
CA HIS I 436 -1.44 54.65 -28.36
C HIS I 436 -0.09 53.91 -28.46
N LEU I 437 -0.10 52.80 -29.18
CA LEU I 437 1.06 51.89 -29.26
C LEU I 437 2.17 52.59 -30.01
N LEU I 438 1.85 53.28 -31.10
CA LEU I 438 2.81 54.06 -31.93
C LEU I 438 3.54 55.09 -31.07
N LEU I 439 2.77 55.79 -30.27
CA LEU I 439 3.31 56.77 -29.30
C LEU I 439 4.28 56.09 -28.34
N LYS I 440 3.89 54.93 -27.78
CA LYS I 440 4.68 54.18 -26.76
C LYS I 440 6.02 53.83 -27.35
N GLU I 441 5.99 53.27 -28.56
CA GLU I 441 7.21 52.91 -29.31
C GLU I 441 8.10 54.16 -29.44
N LYS I 442 7.50 55.30 -29.77
CA LYS I 442 8.28 56.54 -30.00
C LYS I 442 8.92 56.99 -28.68
N ILE I 443 8.15 56.93 -27.58
CA ILE I 443 8.62 57.28 -26.20
C ILE I 443 9.85 56.47 -25.86
N ILE I 444 9.69 55.17 -26.05
CA ILE I 444 10.71 54.14 -25.72
C ILE I 444 11.96 54.47 -26.54
N SER I 445 11.82 54.69 -27.86
CA SER I 445 12.95 54.99 -28.79
C SER I 445 13.79 56.12 -28.23
N LYS I 446 13.16 57.25 -27.91
CA LYS I 446 13.89 58.42 -27.34
C LYS I 446 14.49 58.06 -25.97
N SER I 447 13.72 57.43 -25.06
CA SER I 447 14.07 57.24 -23.63
C SER I 447 15.27 56.30 -23.49
N TYR I 448 15.30 55.29 -24.33
CA TYR I 448 16.51 54.49 -24.63
C TYR I 448 17.64 55.34 -25.23
N LYS I 449 17.38 56.03 -26.34
CA LYS I 449 18.41 56.85 -27.02
C LYS I 449 19.17 57.65 -25.96
N ALA I 450 18.46 58.10 -24.94
CA ALA I 450 19.02 58.92 -23.85
C ALA I 450 20.03 58.12 -23.03
N LEU I 451 19.74 56.85 -22.80
CA LEU I 451 20.70 55.95 -22.14
C LEU I 451 22.05 56.08 -22.82
N ILE I 452 22.05 56.03 -24.15
CA ILE I 452 23.30 56.00 -24.98
C ILE I 452 24.05 57.32 -24.78
N ASN I 453 23.31 58.43 -24.65
CA ASN I 453 23.82 59.79 -24.39
C ASN I 453 24.37 59.86 -22.95
N LEU I 454 23.81 59.13 -21.96
CA LEU I 454 24.37 59.00 -20.57
C LEU I 454 25.80 58.54 -20.67
N VAL I 455 25.94 57.44 -21.37
CA VAL I 455 27.17 56.62 -21.37
C VAL I 455 28.19 57.25 -22.34
N GLN I 456 27.81 57.57 -23.58
CA GLN I 456 28.72 58.26 -24.56
C GLN I 456 29.04 59.69 -24.06
N GLY I 457 28.01 60.55 -23.90
CA GLY I 457 28.08 62.01 -23.67
C GLY I 457 28.13 62.39 -22.20
N SER I 496 29.86 56.42 -34.77
CA SER I 496 30.03 57.03 -36.14
C SER I 496 30.95 56.15 -36.99
N GLU I 497 32.23 56.03 -36.60
CA GLU I 497 33.30 55.25 -37.32
C GLU I 497 33.09 53.74 -37.11
N GLN I 498 32.79 52.99 -38.18
CA GLN I 498 32.71 51.52 -38.18
C GLN I 498 34.11 50.98 -37.94
N LEU I 499 34.33 50.49 -36.73
CA LEU I 499 35.61 49.93 -36.28
C LEU I 499 35.78 48.47 -36.74
N VAL I 500 34.68 47.74 -36.99
CA VAL I 500 34.68 46.28 -37.26
C VAL I 500 33.86 45.97 -38.51
N GLU I 501 34.49 45.38 -39.53
CA GLU I 501 33.90 45.24 -40.88
C GLU I 501 32.75 44.26 -40.76
N LYS I 502 33.07 43.05 -40.39
CA LYS I 502 32.04 42.02 -40.47
C LYS I 502 32.36 40.75 -39.68
N ILE I 503 31.24 40.22 -39.21
CA ILE I 503 30.99 39.07 -38.30
C ILE I 503 30.50 37.87 -39.11
N TRP I 504 31.05 36.68 -38.82
CA TRP I 504 30.76 35.38 -39.47
C TRP I 504 31.04 34.29 -38.46
N TYR I 505 30.51 33.11 -38.71
CA TYR I 505 30.70 32.00 -37.75
C TYR I 505 30.48 30.66 -38.42
N ARG I 506 31.40 29.78 -38.10
CA ARG I 506 31.53 28.42 -38.63
C ARG I 506 31.51 27.49 -37.46
N VAL I 507 31.58 26.22 -37.73
CA VAL I 507 31.64 25.23 -36.66
C VAL I 507 32.68 24.18 -37.03
N ILE I 508 33.65 23.95 -36.18
CA ILE I 508 34.48 22.72 -36.24
C ILE I 508 33.81 21.83 -35.19
N ASP I 509 34.35 20.72 -34.74
CA ASP I 509 33.48 19.60 -34.34
C ASP I 509 32.41 20.03 -33.36
N ASP I 510 32.87 20.41 -32.17
CA ASP I 510 32.00 20.64 -30.99
C ASP I 510 32.23 22.11 -30.58
N SER I 511 32.63 22.90 -31.57
CA SER I 511 33.57 24.04 -31.38
C SER I 511 33.05 25.25 -32.16
N LEU I 512 32.26 26.13 -31.53
CA LEU I 512 31.70 27.29 -32.24
C LEU I 512 32.83 28.25 -32.40
N VAL I 513 32.92 28.90 -33.55
CA VAL I 513 34.06 29.77 -33.84
C VAL I 513 33.56 31.04 -34.47
N VAL I 514 33.39 32.02 -33.63
CA VAL I 514 32.96 33.35 -34.06
C VAL I 514 34.23 34.08 -34.43
N GLY I 515 34.16 34.98 -35.39
CA GLY I 515 35.34 35.74 -35.80
C GLY I 515 34.96 37.00 -36.51
N VAL I 516 35.92 37.90 -36.66
CA VAL I 516 35.65 39.27 -37.16
C VAL I 516 36.91 39.86 -37.70
N LYS I 517 36.78 40.52 -38.83
CA LYS I 517 37.89 41.32 -39.39
C LYS I 517 37.77 42.76 -38.87
N THR I 518 38.90 43.45 -38.74
CA THR I 518 38.98 44.87 -38.28
C THR I 518 38.92 45.85 -39.46
N THR I 519 38.79 47.13 -39.16
CA THR I 519 39.15 48.24 -40.09
C THR I 519 40.48 48.85 -39.59
N SER I 520 41.31 49.42 -40.50
CA SER I 520 42.63 50.11 -40.29
C SER I 520 42.57 50.98 -39.01
N SER I 521 41.35 51.45 -38.62
CA SER I 521 40.97 52.11 -37.34
C SER I 521 41.53 51.38 -36.11
N LEU I 522 41.05 50.17 -35.82
CA LEU I 522 41.41 49.45 -34.57
C LEU I 522 42.84 48.92 -34.67
N LYS I 523 43.78 49.65 -34.09
CA LYS I 523 45.20 49.21 -33.99
C LYS I 523 45.34 48.39 -32.71
N LEU I 524 45.94 47.20 -32.87
CA LEU I 524 46.19 46.23 -31.77
C LEU I 524 47.59 46.44 -31.18
N SER I 525 48.48 47.21 -31.83
CA SER I 525 49.75 47.71 -31.25
C SER I 525 49.50 48.59 -30.00
N LEU I 526 48.33 49.26 -29.93
CA LEU I 526 47.91 50.26 -28.90
C LEU I 526 46.71 49.82 -28.05
N ASN I 527 45.85 48.90 -28.55
CA ASN I 527 44.60 48.50 -27.89
C ASN I 527 44.52 46.98 -27.75
N ASP I 528 43.85 46.57 -26.70
CA ASP I 528 43.82 45.16 -26.25
C ASP I 528 42.38 44.64 -26.34
N VAL I 529 42.04 44.10 -27.49
CA VAL I 529 40.63 43.83 -27.78
C VAL I 529 40.36 42.41 -27.29
N THR I 530 39.17 42.21 -26.74
CA THR I 530 38.59 40.89 -26.37
C THR I 530 37.31 40.71 -27.19
N LEU I 531 36.68 39.55 -27.01
CA LEU I 531 35.43 39.23 -27.69
C LEU I 531 34.71 38.15 -26.90
N SER I 532 33.49 38.42 -26.52
CA SER I 532 32.73 37.59 -25.57
C SER I 532 31.36 37.40 -26.18
N LEU I 533 30.66 36.39 -25.72
CA LEU I 533 29.49 35.89 -26.46
C LEU I 533 28.35 35.68 -25.50
N LEU I 534 27.22 36.33 -25.70
CA LEU I 534 26.20 36.48 -24.63
C LEU I 534 24.89 35.91 -25.15
N MET I 535 24.26 35.02 -24.43
CA MET I 535 23.07 34.40 -25.04
C MET I 535 21.88 35.34 -24.87
N ASP I 536 20.67 34.90 -25.20
CA ASP I 536 19.40 35.51 -24.71
C ASP I 536 18.85 34.69 -23.53
N GLN I 537 18.59 35.37 -22.41
CA GLN I 537 18.07 34.77 -21.14
C GLN I 537 16.66 34.16 -21.35
N ALA I 538 15.80 34.73 -22.20
CA ALA I 538 14.43 34.21 -22.45
C ALA I 538 14.50 32.76 -22.98
N HIS I 539 15.52 32.45 -23.80
CA HIS I 539 15.91 31.05 -24.12
C HIS I 539 16.37 30.42 -22.79
N ASP I 540 17.56 30.83 -22.31
CA ASP I 540 18.28 30.19 -21.17
C ASP I 540 17.74 30.82 -19.88
N SER I 541 16.62 30.28 -19.42
CA SER I 541 16.16 30.24 -18.01
C SER I 541 17.35 30.06 -17.06
N ARG I 542 18.18 29.09 -17.40
CA ARG I 542 19.36 28.64 -16.64
C ARG I 542 20.59 29.54 -16.82
N PHE I 543 21.17 29.94 -15.71
CA PHE I 543 22.46 30.66 -15.60
C PHE I 543 23.54 29.60 -15.31
N ARG I 544 24.30 29.30 -16.35
CA ARG I 544 25.65 28.70 -16.26
C ARG I 544 26.65 29.81 -16.58
N LEU I 545 27.91 29.49 -16.90
CA LEU I 545 28.90 30.45 -17.45
C LEU I 545 28.91 30.37 -18.98
N LEU I 546 29.85 31.00 -19.66
CA LEU I 546 30.09 30.74 -21.10
C LEU I 546 31.51 31.21 -21.46
N LYS I 547 32.47 30.30 -21.51
CA LYS I 547 33.84 30.68 -21.83
C LYS I 547 33.99 30.69 -23.32
N CYS I 548 34.99 31.48 -23.76
CA CYS I 548 35.32 31.95 -25.14
C CYS I 548 36.74 32.51 -25.27
N GLN I 549 37.51 31.76 -25.96
CA GLN I 549 38.93 31.93 -25.92
C GLN I 549 39.31 32.70 -27.15
N ASN I 550 40.25 33.59 -27.00
CA ASN I 550 40.52 34.57 -28.05
C ASN I 550 41.65 34.02 -28.88
N ARG I 551 41.65 34.40 -30.14
CA ARG I 551 42.91 34.61 -30.85
C ARG I 551 42.81 35.88 -31.64
N VAL I 552 43.95 36.50 -31.84
CA VAL I 552 44.28 37.46 -32.94
C VAL I 552 45.02 36.68 -34.04
N ILE I 553 44.81 37.01 -35.31
CA ILE I 553 45.40 36.23 -36.44
C ILE I 553 45.89 37.22 -37.50
N LYS I 554 47.20 37.31 -37.72
CA LYS I 554 47.80 38.22 -38.73
C LYS I 554 48.32 37.41 -39.91
N LEU I 555 47.77 37.66 -41.09
CA LEU I 555 48.15 36.97 -42.35
C LEU I 555 48.47 38.03 -43.40
N SER I 556 49.66 37.98 -43.96
CA SER I 556 50.02 38.81 -45.13
C SER I 556 49.40 38.15 -46.37
N THR I 557 48.89 38.99 -47.25
CA THR I 557 48.09 38.65 -48.44
C THR I 557 48.90 39.14 -49.67
N ASN I 558 49.46 38.20 -50.44
CA ASN I 558 50.31 38.44 -51.65
C ASN I 558 51.54 39.30 -51.30
N PRO I 559 52.48 38.81 -50.44
CA PRO I 559 53.70 39.56 -50.11
C PRO I 559 54.70 39.72 -51.28
N PHE I 560 54.54 38.96 -52.37
CA PHE I 560 55.38 39.05 -53.60
C PHE I 560 54.62 39.85 -54.68
N LYS I 596 48.96 50.26 -47.43
CA LYS I 596 50.22 49.60 -47.88
C LYS I 596 49.91 48.16 -48.35
N LYS I 597 50.96 47.33 -48.44
CA LYS I 597 50.93 45.84 -48.55
C LYS I 597 49.91 45.31 -47.55
N GLU I 598 48.88 44.63 -48.08
CA GLU I 598 47.61 44.38 -47.35
C GLU I 598 47.85 43.22 -46.37
N CYS I 599 47.89 43.51 -45.06
CA CYS I 599 47.84 42.52 -43.96
C CYS I 599 46.37 42.42 -43.55
N VAL I 600 46.01 41.29 -42.95
CA VAL I 600 44.63 40.91 -42.51
C VAL I 600 44.75 40.56 -41.02
N GLN I 601 44.36 41.49 -40.14
CA GLN I 601 44.29 41.34 -38.67
C GLN I 601 42.84 40.97 -38.30
N ILE I 602 42.63 39.79 -37.70
CA ILE I 602 41.25 39.37 -37.33
C ILE I 602 41.29 38.77 -35.94
N ILE I 603 40.12 38.88 -35.29
CA ILE I 603 39.85 38.55 -33.85
C ILE I 603 38.66 37.63 -33.76
N THR I 604 38.74 36.70 -32.84
CA THR I 604 38.05 35.45 -33.10
C THR I 604 38.13 34.61 -31.81
N ALA I 605 36.95 34.15 -31.43
CA ALA I 605 36.60 33.51 -30.15
C ALA I 605 36.06 32.16 -30.49
N VAL I 606 35.86 31.36 -29.46
CA VAL I 606 35.96 29.91 -29.64
C VAL I 606 35.55 29.31 -28.30
N THR I 607 35.03 28.09 -28.30
CA THR I 607 33.75 27.81 -27.63
C THR I 607 33.24 26.39 -27.83
N SER I 608 32.39 25.95 -26.91
CA SER I 608 31.73 24.61 -26.77
C SER I 608 30.34 24.64 -27.37
N LEU I 609 29.95 23.73 -28.24
CA LEU I 609 28.59 23.86 -28.78
C LEU I 609 27.60 23.29 -27.84
N SER I 610 27.82 22.07 -27.39
CA SER I 610 26.79 21.23 -26.71
C SER I 610 26.26 21.77 -25.38
N PRO I 611 26.88 22.79 -24.81
CA PRO I 611 26.13 23.67 -23.93
C PRO I 611 24.84 24.32 -24.50
N LEU I 612 24.92 24.79 -25.76
CA LEU I 612 24.12 25.95 -26.32
C LEU I 612 22.79 25.49 -26.95
N LEU I 613 22.86 24.30 -27.50
CA LEU I 613 21.88 23.71 -28.41
C LEU I 613 21.01 22.86 -27.53
N THR I 614 20.94 23.14 -26.24
CA THR I 614 20.11 22.38 -25.30
C THR I 614 18.70 22.97 -25.32
N PHE I 615 18.39 23.88 -26.26
CA PHE I 615 17.00 24.31 -26.61
C PHE I 615 16.84 24.34 -28.12
N SER I 616 17.46 23.37 -28.75
CA SER I 616 17.52 23.23 -30.21
C SER I 616 18.08 24.46 -30.86
N LYS I 617 18.47 25.48 -30.11
CA LYS I 617 18.76 26.77 -30.75
C LYS I 617 19.15 27.80 -29.72
N PHE I 618 19.60 28.89 -30.30
CA PHE I 618 19.88 30.17 -29.65
C PHE I 618 19.88 31.29 -30.69
N CYS I 619 19.96 32.53 -30.17
CA CYS I 619 20.73 33.69 -30.74
C CYS I 619 21.84 34.17 -29.76
N CYS I 620 23.07 34.34 -30.23
CA CYS I 620 24.18 34.90 -29.41
C CYS I 620 24.28 36.35 -29.84
N THR I 621 24.68 37.21 -28.91
CA THR I 621 25.13 38.59 -29.19
C THR I 621 26.62 38.61 -29.03
N VAL I 622 27.20 39.48 -29.84
CA VAL I 622 28.65 39.48 -30.11
C VAL I 622 29.21 40.88 -29.84
N LEU I 623 30.10 40.89 -28.86
CA LEU I 623 30.50 42.06 -28.07
C LEU I 623 32.01 42.11 -28.10
N LEU I 624 32.56 43.17 -28.67
CA LEU I 624 34.01 43.37 -28.85
C LEU I 624 34.49 44.48 -27.91
N GLN I 625 35.16 44.20 -26.77
CA GLN I 625 35.61 45.27 -25.83
C GLN I 625 37.02 45.73 -26.24
N ILE I 626 37.34 47.01 -25.96
CA ILE I 626 38.59 47.73 -26.37
C ILE I 626 39.14 48.55 -25.20
N MET I 627 40.30 48.15 -24.61
CA MET I 627 41.16 48.95 -23.67
C MET I 627 42.37 49.51 -24.44
N GLU I 628 42.79 50.72 -24.07
CA GLU I 628 44.10 51.29 -24.46
C GLU I 628 45.15 50.93 -23.41
N ARG I 629 46.40 50.72 -23.86
CA ARG I 629 47.54 50.34 -23.00
C ARG I 629 48.28 51.60 -22.55
N GLU I 630 48.67 52.44 -23.51
CA GLU I 630 49.49 53.67 -23.33
C GLU I 630 49.08 54.44 -22.07
N SER I 631 47.78 54.71 -21.94
CA SER I 631 47.17 55.54 -20.86
C SER I 631 46.89 54.62 -19.66
N GLY I 632 47.51 54.92 -18.50
CA GLY I 632 47.23 54.26 -17.20
C GLY I 632 46.06 54.87 -16.44
N ASN I 633 45.16 55.60 -17.11
CA ASN I 633 43.95 56.24 -16.51
C ASN I 633 42.71 55.33 -16.70
N CYS I 634 42.85 54.24 -17.49
CA CYS I 634 41.75 53.54 -18.23
C CYS I 634 40.81 54.54 -18.93
N PRO I 635 41.30 55.49 -19.79
CA PRO I 635 40.43 56.51 -20.39
C PRO I 635 39.65 56.08 -21.65
N LYS I 636 40.09 55.02 -22.37
CA LYS I 636 39.34 54.43 -23.52
C LYS I 636 38.87 53.00 -23.22
N ASP I 637 37.64 52.85 -22.69
CA ASP I 637 36.81 51.60 -22.54
C ASP I 637 35.74 51.67 -23.67
N ARG I 638 36.16 51.77 -24.94
CA ARG I 638 35.20 51.77 -26.06
C ARG I 638 34.68 50.36 -26.30
N TYR I 639 33.35 50.18 -26.26
CA TYR I 639 32.67 48.90 -26.58
C TYR I 639 31.95 49.11 -27.93
N VAL I 640 31.80 48.00 -28.65
CA VAL I 640 31.08 47.88 -29.95
C VAL I 640 30.22 46.62 -29.84
N VAL I 641 29.00 46.65 -30.37
CA VAL I 641 28.19 45.42 -30.51
C VAL I 641 28.13 45.08 -31.99
N CYS I 642 28.93 44.09 -32.43
CA CYS I 642 29.37 43.87 -33.87
C CYS I 642 28.52 42.80 -34.56
N GLY I 643 27.31 42.56 -34.01
CA GLY I 643 26.20 41.82 -34.63
C GLY I 643 25.74 40.67 -33.76
N ARG I 644 24.98 39.81 -34.38
CA ARG I 644 24.43 38.64 -33.68
C ARG I 644 24.71 37.45 -34.59
N VAL I 645 24.66 36.26 -33.99
CA VAL I 645 24.65 34.94 -34.70
C VAL I 645 23.51 34.07 -34.13
N PHE I 646 22.55 33.78 -35.00
CA PHE I 646 21.50 32.78 -34.81
C PHE I 646 22.14 31.48 -35.20
N LEU I 647 22.02 30.47 -34.32
CA LEU I 647 22.22 29.03 -34.70
C LEU I 647 21.25 28.14 -33.91
N SER I 648 21.05 26.98 -34.48
CA SER I 648 19.84 26.14 -34.33
C SER I 648 20.25 24.76 -34.85
N LEU I 649 19.40 23.77 -34.74
CA LEU I 649 19.87 22.43 -35.10
C LEU I 649 19.77 22.22 -36.60
N GLU I 650 18.81 22.88 -37.22
CA GLU I 650 18.40 22.59 -38.62
C GLU I 650 19.38 23.21 -39.61
N ASP I 651 19.94 24.38 -39.32
CA ASP I 651 21.01 24.98 -40.18
C ASP I 651 22.10 23.94 -40.39
N LEU I 652 22.51 23.27 -39.32
CA LEU I 652 23.61 22.28 -39.38
C LEU I 652 23.11 20.96 -39.94
N SER I 653 21.90 20.52 -39.60
CA SER I 653 21.34 19.22 -40.11
C SER I 653 21.50 19.21 -41.65
N THR I 654 21.65 20.39 -42.28
CA THR I 654 21.85 20.58 -43.74
C THR I 654 23.28 21.04 -44.04
N GLY I 655 24.25 20.68 -43.22
CA GLY I 655 25.60 21.25 -43.27
C GLY I 655 25.57 22.77 -43.19
N LYS I 656 26.01 23.47 -44.26
CA LYS I 656 25.68 24.90 -44.54
C LYS I 656 26.80 25.77 -43.96
N TYR I 657 27.29 25.41 -42.79
CA TYR I 657 28.30 26.15 -42.02
C TYR I 657 29.48 25.31 -41.61
N LEU I 658 29.21 24.02 -41.41
CA LEU I 658 30.14 23.01 -40.87
C LEU I 658 31.39 22.92 -41.75
N LEU I 659 32.51 22.59 -41.12
CA LEU I 659 33.73 22.13 -41.80
C LEU I 659 33.97 20.68 -41.37
N THR I 660 33.60 19.70 -42.25
CA THR I 660 33.86 18.23 -42.13
C THR I 660 34.55 17.77 -43.43
N PHE I 661 35.64 16.99 -43.29
CA PHE I 661 36.78 17.00 -44.23
C PHE I 661 36.68 15.86 -45.27
N PRO I 662 37.83 15.39 -45.84
CA PRO I 662 38.17 15.69 -47.24
C PRO I 662 37.00 15.72 -48.24
N LYS I 663 36.38 16.89 -48.31
CA LYS I 663 35.73 17.50 -49.50
C LYS I 663 36.18 18.97 -49.61
N LYS I 664 36.21 19.66 -48.45
CA LYS I 664 36.70 21.05 -48.19
C LYS I 664 38.24 21.05 -48.24
N LYS I 665 38.74 20.61 -49.39
CA LYS I 665 40.11 20.81 -49.90
C LYS I 665 40.20 22.13 -50.68
N PRO I 666 39.51 22.36 -51.84
CA PRO I 666 39.83 23.54 -52.68
C PRO I 666 39.32 24.82 -52.01
N ILE I 667 40.15 25.48 -51.17
CA ILE I 667 39.70 26.39 -50.06
C ILE I 667 39.44 27.79 -50.66
N GLU I 668 38.16 28.16 -50.75
CA GLU I 668 37.61 29.35 -51.48
C GLU I 668 36.39 29.97 -50.74
N HIS I 669 36.32 29.86 -49.40
CA HIS I 669 35.63 30.81 -48.49
C HIS I 669 36.54 31.09 -47.31
N MET I 670 37.33 32.15 -47.35
CA MET I 670 38.49 32.32 -46.42
C MET I 670 38.08 32.25 -44.95
N GLU I 671 36.80 32.53 -44.67
CA GLU I 671 36.15 32.33 -43.35
C GLU I 671 36.38 30.88 -42.86
N ASP I 672 36.44 29.91 -43.77
CA ASP I 672 36.73 28.49 -43.44
C ASP I 672 38.15 28.39 -42.84
N LEU I 673 39.16 28.93 -43.55
CA LEU I 673 40.60 28.91 -43.14
C LEU I 673 40.75 29.44 -41.71
N PHE I 674 40.20 30.63 -41.48
CA PHE I 674 40.28 31.36 -40.19
C PHE I 674 39.65 30.55 -39.07
N ALA I 675 38.52 29.89 -39.34
CA ALA I 675 37.76 29.10 -38.35
C ALA I 675 38.65 27.98 -37.82
N LEU I 676 39.59 27.50 -38.65
CA LEU I 676 40.55 26.46 -38.22
C LEU I 676 41.68 27.10 -37.43
N LEU I 677 42.29 28.12 -38.00
CA LEU I 677 43.43 28.84 -37.36
C LEU I 677 43.04 29.19 -35.93
N ALA I 678 41.74 29.30 -35.71
CA ALA I 678 41.12 29.54 -34.39
C ALA I 678 40.91 28.25 -33.54
N ALA I 679 40.07 27.27 -33.93
CA ALA I 679 39.69 26.07 -33.14
C ALA I 679 40.92 25.18 -32.84
N PHE I 680 41.96 25.27 -33.71
CA PHE I 680 43.24 24.49 -33.75
C PHE I 680 44.21 24.91 -32.65
N HIS I 681 44.72 23.90 -31.90
CA HIS I 681 45.92 23.98 -31.02
C HIS I 681 47.09 24.51 -31.86
N LYS I 682 47.73 25.58 -31.39
CA LYS I 682 48.82 26.30 -32.07
C LYS I 682 50.16 26.00 -31.41
N SER I 683 51.21 25.67 -32.18
CA SER I 683 52.62 25.46 -31.73
C SER I 683 53.57 26.20 -32.64
N CYS I 684 54.46 27.01 -32.06
CA CYS I 684 55.36 28.00 -32.75
C CYS I 684 56.85 27.66 -32.47
N PHE I 685 57.68 27.52 -33.52
CA PHE I 685 59.04 26.95 -33.37
C PHE I 685 60.02 27.78 -34.14
N GLN I 686 61.14 28.04 -33.50
CA GLN I 686 62.35 28.57 -34.16
C GLN I 686 63.17 27.42 -34.72
N ILE I 687 63.71 27.65 -35.92
CA ILE I 687 64.64 26.73 -36.63
C ILE I 687 65.81 27.59 -37.15
N THR I 688 67.03 27.22 -36.76
CA THR I 688 68.33 27.73 -37.27
C THR I 688 69.19 26.53 -37.68
N SER I 689 69.62 26.44 -38.95
CA SER I 689 70.71 25.56 -39.47
C SER I 689 71.95 26.42 -39.70
N PRO I 690 72.88 26.48 -38.72
CA PRO I 690 73.78 27.63 -38.57
C PRO I 690 74.81 27.74 -39.71
N GLY I 691 75.42 26.60 -40.08
CA GLY I 691 76.45 26.49 -41.11
C GLY I 691 75.87 25.92 -42.38
N TYR I 692 74.61 26.23 -42.72
CA TYR I 692 73.94 25.55 -43.85
C TYR I 692 72.61 26.20 -44.19
N ALA I 693 72.39 26.64 -45.43
CA ALA I 693 71.06 27.17 -45.85
C ALA I 693 70.03 26.01 -45.83
N LEU I 694 68.74 26.37 -45.74
CA LEU I 694 67.61 25.49 -45.30
C LEU I 694 66.45 25.62 -46.29
N ASN I 695 66.29 24.64 -47.19
CA ASN I 695 65.16 24.55 -48.13
C ASN I 695 64.56 23.15 -48.20
N SER I 696 65.10 22.17 -47.46
CA SER I 696 64.47 20.85 -47.25
C SER I 696 63.06 21.02 -46.66
N MET I 697 62.77 22.16 -46.01
CA MET I 697 61.39 22.63 -45.66
C MET I 697 60.48 22.59 -46.88
N LYS I 698 60.88 23.26 -47.97
CA LYS I 698 60.05 23.45 -49.18
C LYS I 698 59.80 22.09 -49.86
N VAL I 699 60.65 21.10 -49.62
CA VAL I 699 60.46 19.70 -50.12
C VAL I 699 59.55 18.95 -49.13
N TRP I 700 59.87 19.05 -47.83
CA TRP I 700 59.12 18.38 -46.73
C TRP I 700 57.66 18.81 -46.79
N LEU I 701 57.46 20.11 -47.02
CA LEU I 701 56.12 20.71 -47.00
C LEU I 701 55.30 20.15 -48.16
N LEU I 702 55.83 20.26 -49.38
CA LEU I 702 55.02 20.09 -50.61
C LEU I 702 55.01 18.62 -51.02
N GLU I 703 55.96 17.82 -50.52
CA GLU I 703 56.17 16.42 -50.99
C GLU I 703 55.95 15.40 -49.86
N HIS I 704 56.57 15.56 -48.69
CA HIS I 704 56.51 14.52 -47.63
C HIS I 704 55.11 14.56 -47.03
N MET I 705 54.68 15.77 -46.68
CA MET I 705 53.36 16.05 -46.07
C MET I 705 52.28 16.38 -47.09
N LYS I 706 52.64 16.67 -48.35
CA LYS I 706 51.67 16.88 -49.47
C LYS I 706 50.84 18.11 -49.11
N CYS I 707 51.45 19.29 -49.11
CA CYS I 707 50.76 20.57 -48.82
C CYS I 707 50.05 21.08 -50.07
N GLU I 708 48.92 21.74 -49.84
CA GLU I 708 48.30 22.73 -50.76
C GLU I 708 48.58 24.10 -50.13
N ILE I 709 49.24 24.96 -50.91
CA ILE I 709 49.32 26.43 -50.62
C ILE I 709 47.93 27.01 -50.92
N ILE I 710 47.38 27.78 -49.97
CA ILE I 710 46.15 28.62 -50.18
C ILE I 710 46.61 29.86 -50.98
N LYS I 711 46.07 30.07 -52.20
CA LYS I 711 46.54 31.10 -53.19
C LYS I 711 46.52 32.48 -52.52
N GLU I 712 45.34 32.79 -51.97
CA GLU I 712 44.97 34.08 -51.34
C GLU I 712 46.05 34.50 -50.34
N PHE I 713 46.48 33.56 -49.47
CA PHE I 713 47.54 33.77 -48.42
C PHE I 713 48.67 32.75 -48.63
N PRO I 714 49.71 33.07 -49.43
CA PRO I 714 50.56 32.05 -50.02
C PRO I 714 51.68 31.61 -49.06
N GLU I 715 51.61 32.08 -47.81
CA GLU I 715 52.52 31.75 -46.68
C GLU I 715 51.87 30.72 -45.73
N VAL I 716 50.73 30.12 -46.13
CA VAL I 716 49.91 29.13 -45.35
C VAL I 716 49.91 27.80 -46.12
N TYR I 717 50.09 26.68 -45.39
CA TYR I 717 50.13 25.32 -45.96
C TYR I 717 49.13 24.46 -45.17
N PHE I 718 48.24 23.82 -45.91
CA PHE I 718 47.20 22.91 -45.44
C PHE I 718 47.65 21.50 -45.84
N CYS I 719 47.80 20.59 -44.90
CA CYS I 719 48.38 19.25 -45.18
C CYS I 719 47.35 18.30 -45.79
N GLU I 720 47.68 17.65 -46.91
CA GLU I 720 46.81 16.65 -47.63
C GLU I 720 47.39 15.23 -47.63
N ARG I 721 48.42 14.91 -46.83
CA ARG I 721 48.81 13.50 -46.57
C ARG I 721 47.62 12.76 -45.98
N PRO I 722 47.20 11.60 -46.54
CA PRO I 722 45.82 11.12 -46.37
C PRO I 722 45.46 10.28 -45.11
N GLY I 723 46.39 10.11 -44.16
CA GLY I 723 46.13 9.47 -42.85
C GLY I 723 46.75 10.24 -41.70
N SER I 724 45.96 10.79 -40.77
CA SER I 724 46.40 11.29 -39.44
C SER I 724 47.23 12.58 -39.51
N PHE I 725 47.38 13.19 -40.66
CA PHE I 725 47.98 14.54 -40.82
C PHE I 725 47.00 15.44 -41.59
N TYR I 726 45.87 14.89 -42.03
CA TYR I 726 44.96 15.56 -42.98
C TYR I 726 44.26 16.66 -42.18
N GLY I 727 44.27 17.89 -42.66
CA GLY I 727 43.66 19.04 -41.97
C GLY I 727 44.47 19.43 -40.75
N THR I 728 45.76 19.62 -40.97
CA THR I 728 46.74 20.20 -40.03
C THR I 728 47.46 21.31 -40.80
N LEU I 729 47.52 22.53 -40.27
CA LEU I 729 47.97 23.71 -41.08
C LEU I 729 49.36 24.14 -40.64
N PHE I 730 50.27 24.43 -41.57
CA PHE I 730 51.57 25.02 -41.22
C PHE I 730 51.60 26.45 -41.71
N THR I 731 52.64 27.16 -41.28
CA THR I 731 53.16 28.36 -41.98
C THR I 731 54.65 28.55 -41.69
N TRP I 732 55.33 29.15 -42.65
CA TRP I 732 56.81 29.17 -42.73
C TRP I 732 57.29 30.54 -43.25
N LYS I 733 57.95 31.32 -42.40
CA LYS I 733 58.78 32.51 -42.77
C LYS I 733 60.27 32.17 -42.75
N GLN I 734 60.92 32.17 -43.92
CA GLN I 734 62.37 31.97 -44.12
C GLN I 734 63.04 33.33 -44.37
N ARG I 735 63.24 34.12 -43.31
CA ARG I 735 64.09 35.34 -43.34
C ARG I 735 65.54 34.91 -43.04
N THR I 736 66.52 35.32 -43.85
CA THR I 736 67.96 34.91 -43.73
C THR I 736 68.07 33.38 -43.78
N PRO I 737 68.35 32.78 -44.96
CA PRO I 737 67.88 31.42 -45.24
C PRO I 737 68.35 30.35 -44.25
N PHE I 738 69.26 30.67 -43.31
CA PHE I 738 69.53 29.86 -42.09
C PHE I 738 68.28 29.85 -41.18
N GLU I 739 67.79 31.02 -40.78
CA GLU I 739 66.83 31.16 -39.65
C GLU I 739 65.39 31.27 -40.17
N GLY I 740 64.68 30.16 -40.26
CA GLY I 740 63.23 30.26 -40.49
C GLY I 740 62.45 30.39 -39.18
N ILE I 741 61.12 30.52 -39.27
CA ILE I 741 60.14 30.34 -38.13
C ILE I 741 58.88 29.60 -38.60
N LEU I 742 58.53 28.54 -37.85
CA LEU I 742 57.43 27.64 -38.20
C LEU I 742 56.38 27.69 -37.10
N ILE I 743 55.13 27.71 -37.53
CA ILE I 743 53.91 27.74 -36.69
C ILE I 743 53.01 26.57 -37.09
N ILE I 744 52.66 25.71 -36.12
CA ILE I 744 51.92 24.44 -36.33
C ILE I 744 50.57 24.56 -35.70
N TYR I 745 49.58 24.53 -36.57
CA TYR I 745 48.17 24.33 -36.21
C TYR I 745 47.90 22.82 -36.36
N SER I 746 47.42 22.20 -35.27
CA SER I 746 47.19 20.74 -35.09
C SER I 746 45.81 20.50 -34.55
N ARG I 747 45.26 19.32 -34.77
CA ARG I 747 43.90 18.97 -34.30
C ARG I 747 43.87 18.31 -32.91
N ASN I 748 45.02 18.14 -32.33
CA ASN I 748 45.25 17.90 -30.89
C ASN I 748 46.78 17.87 -30.78
N GLN I 749 47.41 17.40 -29.70
CA GLN I 749 48.88 17.54 -29.51
C GLN I 749 49.65 16.34 -30.04
N THR I 750 49.00 15.18 -30.08
CA THR I 750 49.64 13.97 -30.62
C THR I 750 50.09 14.28 -32.03
N VAL I 751 49.30 15.07 -32.74
CA VAL I 751 49.54 15.38 -34.17
C VAL I 751 50.73 16.33 -34.31
N MET I 752 50.88 17.28 -33.42
CA MET I 752 52.02 18.22 -33.46
C MET I 752 53.33 17.44 -33.18
N PHE I 753 53.30 16.45 -32.26
CA PHE I 753 54.46 15.55 -32.00
C PHE I 753 54.84 14.76 -33.25
N GLN I 754 53.85 14.17 -33.90
CA GLN I 754 54.10 13.22 -35.01
C GLN I 754 54.68 13.98 -36.18
N CYS I 755 54.45 15.30 -36.28
CA CYS I 755 55.01 16.22 -37.32
C CYS I 755 56.51 16.50 -37.11
N LEU I 756 56.92 16.91 -35.91
CA LEU I 756 58.34 17.26 -35.53
C LEU I 756 59.24 16.04 -35.64
N HIS I 757 58.75 14.92 -35.12
CA HIS I 757 59.33 13.58 -35.27
C HIS I 757 59.62 13.32 -36.74
N ASN I 758 58.59 13.43 -37.59
CA ASN I 758 58.68 13.24 -39.06
C ASN I 758 59.59 14.31 -39.68
N LEU I 759 59.63 15.54 -39.14
CA LEU I 759 60.57 16.62 -39.60
C LEU I 759 62.02 16.37 -39.11
N ILE I 760 62.25 15.94 -37.87
CA ILE I 760 63.63 15.77 -37.27
C ILE I 760 64.45 14.76 -38.09
N ARG I 761 63.80 13.70 -38.57
CA ARG I 761 64.34 12.71 -39.54
C ARG I 761 64.87 13.41 -40.79
N ILE I 762 64.18 14.45 -41.29
CA ILE I 762 64.36 15.14 -42.62
C ILE I 762 65.21 16.43 -42.48
N LEU I 763 65.51 16.88 -41.27
CA LEU I 763 66.28 18.13 -41.04
C LEU I 763 67.79 17.88 -41.18
N PRO I 764 68.62 18.95 -41.31
CA PRO I 764 70.07 18.84 -41.07
C PRO I 764 70.45 18.39 -39.65
N ILE I 765 71.73 18.18 -39.41
CA ILE I 765 72.25 17.55 -38.15
C ILE I 765 72.33 18.63 -37.07
N ASN I 766 72.59 19.88 -37.47
CA ASN I 766 72.84 21.03 -36.57
C ASN I 766 71.58 21.89 -36.41
N CYS I 767 70.56 21.65 -37.24
CA CYS I 767 69.31 22.44 -37.28
C CYS I 767 68.66 22.40 -35.89
N PHE I 768 68.68 23.54 -35.21
CA PHE I 768 68.40 23.69 -33.77
C PHE I 768 66.94 24.10 -33.56
N LEU I 769 66.08 23.16 -33.10
CA LEU I 769 64.64 23.42 -32.76
C LEU I 769 64.59 24.13 -31.40
N LYS I 770 63.57 24.96 -31.23
CA LYS I 770 63.28 25.58 -29.93
C LYS I 770 61.86 26.10 -29.93
N ASN I 771 61.25 25.88 -28.76
CA ASN I 771 59.87 26.19 -28.37
C ASN I 771 59.79 27.68 -28.00
N LEU I 772 58.79 28.40 -28.49
CA LEU I 772 58.66 29.88 -28.36
C LEU I 772 57.27 30.17 -27.84
N LYS I 773 57.14 30.67 -26.62
CA LYS I 773 55.79 30.96 -26.08
C LYS I 773 55.27 32.24 -26.72
N SER I 774 56.03 33.31 -26.52
CA SER I 774 55.56 34.71 -26.59
C SER I 774 56.53 35.52 -27.45
N GLY I 775 56.43 35.37 -28.78
CA GLY I 775 57.23 36.09 -29.78
C GLY I 775 58.55 35.40 -30.09
N SER I 776 59.20 35.82 -31.17
CA SER I 776 60.51 35.29 -31.65
C SER I 776 61.68 36.00 -30.91
N GLU I 777 62.80 35.28 -30.74
CA GLU I 777 64.05 35.76 -30.06
C GLU I 777 64.56 37.11 -30.66
N ASN I 778 64.62 37.28 -31.99
CA ASN I 778 65.16 38.50 -32.69
C ASN I 778 64.38 39.76 -32.28
N PHE I 779 63.06 39.66 -32.45
CA PHE I 779 62.08 40.71 -32.07
C PHE I 779 62.13 40.97 -30.55
N LEU I 780 62.23 39.98 -29.64
CA LEU I 780 62.28 40.22 -28.14
C LEU I 780 63.57 40.97 -27.77
N ILE I 781 64.70 40.67 -28.44
CA ILE I 781 66.00 41.35 -28.21
C ILE I 781 65.91 42.80 -28.73
N ASP I 782 65.30 43.01 -29.90
CA ASP I 782 65.00 44.36 -30.46
C ASP I 782 64.11 45.18 -29.48
N ASN I 783 63.06 44.56 -28.90
CA ASN I 783 62.03 45.15 -27.98
C ASN I 783 62.65 45.56 -26.63
N MET I 784 63.31 44.60 -25.97
CA MET I 784 64.21 44.77 -24.78
C MET I 784 65.21 45.92 -25.02
N ALA I 785 65.96 45.86 -26.15
CA ALA I 785 67.03 46.83 -26.55
C ALA I 785 66.42 48.24 -26.64
N PHE I 786 65.25 48.40 -27.28
CA PHE I 786 64.57 49.71 -27.43
C PHE I 786 64.02 50.24 -26.08
N THR I 787 63.38 49.42 -25.23
CA THR I 787 62.79 49.83 -23.90
C THR I 787 63.88 50.27 -22.90
N LEU I 788 65.06 49.62 -22.93
CA LEU I 788 66.32 50.07 -22.25
C LEU I 788 66.96 51.32 -22.91
N GLU I 789 67.15 51.39 -24.26
CA GLU I 789 67.84 52.53 -24.95
C GLU I 789 67.05 53.84 -24.68
N LYS I 790 65.71 53.79 -24.68
CA LYS I 790 64.78 54.91 -24.30
C LYS I 790 64.91 55.26 -22.80
N GLU I 791 64.94 54.24 -21.94
CA GLU I 791 65.12 54.36 -20.46
C GLU I 791 66.43 55.09 -20.08
N LEU I 792 67.59 54.66 -20.63
CA LEU I 792 68.98 55.21 -20.44
C LEU I 792 69.03 56.67 -20.92
N VAL I 793 68.40 56.93 -22.06
CA VAL I 793 68.18 58.29 -22.60
C VAL I 793 67.34 59.12 -21.61
N THR I 794 66.24 58.58 -21.02
CA THR I 794 65.34 59.32 -20.07
C THR I 794 66.04 59.60 -18.72
N LEU I 795 66.95 58.73 -18.29
CA LEU I 795 67.81 58.89 -17.06
C LEU I 795 69.02 59.82 -17.33
N SER I 796 69.63 59.73 -18.51
CA SER I 796 70.62 60.72 -19.00
C SER I 796 69.93 62.09 -19.19
N SER I 797 68.65 62.11 -19.59
CA SER I 797 67.79 63.34 -19.66
C SER I 797 67.54 63.89 -18.26
N LEU I 798 67.31 63.04 -17.26
CA LEU I 798 67.24 63.41 -15.82
C LEU I 798 68.48 64.24 -15.45
N SER I 799 69.66 63.65 -15.63
CA SER I 799 70.99 64.26 -15.29
C SER I 799 71.24 65.54 -16.10
N SER I 800 70.82 65.58 -17.37
CA SER I 800 71.01 66.75 -18.27
C SER I 800 70.07 67.89 -17.86
N ALA I 801 68.83 67.57 -17.43
CA ALA I 801 67.79 68.51 -16.92
C ALA I 801 68.24 69.12 -15.58
N ILE I 802 68.97 68.32 -14.78
CA ILE I 802 69.67 68.81 -13.56
C ILE I 802 70.89 69.66 -13.97
N ALA I 803 71.67 69.25 -14.99
CA ALA I 803 72.95 69.91 -15.39
C ALA I 803 72.74 71.30 -16.03
N LYS I 804 71.53 71.63 -16.52
CA LYS I 804 71.13 73.00 -16.93
C LYS I 804 70.68 73.82 -15.72
N HIS I 805 69.98 73.20 -14.76
CA HIS I 805 69.62 73.74 -13.41
C HIS I 805 70.89 74.24 -12.67
N GLU I 806 72.08 73.63 -12.92
CA GLU I 806 73.42 74.05 -12.41
C GLU I 806 73.82 75.43 -12.95
N SER I 807 73.63 75.66 -14.26
CA SER I 807 73.94 76.94 -14.97
C SER I 807 73.06 78.09 -14.45
N ASN I 808 71.77 77.82 -14.16
CA ASN I 808 70.79 78.79 -13.58
C ASN I 808 71.32 79.29 -12.22
N LYS I 854 70.56 71.85 -4.01
CA LYS I 854 70.28 72.97 -4.96
C LYS I 854 69.16 72.61 -5.98
N VAL I 855 68.99 71.33 -6.40
CA VAL I 855 68.01 70.93 -7.46
C VAL I 855 66.59 70.92 -6.84
N SER I 856 65.61 71.28 -7.66
CA SER I 856 64.17 71.07 -7.39
C SER I 856 63.92 69.57 -7.22
N GLY I 857 63.72 69.11 -5.98
CA GLY I 857 63.17 67.77 -5.66
C GLY I 857 61.89 67.49 -6.42
N ALA I 858 61.07 68.52 -6.63
CA ALA I 858 59.85 68.46 -7.48
C ALA I 858 60.22 68.05 -8.92
N LEU I 859 61.24 68.67 -9.53
CA LEU I 859 61.75 68.29 -10.89
C LEU I 859 62.25 66.84 -10.85
N TYR I 860 63.02 66.47 -9.83
CA TYR I 860 63.61 65.11 -9.69
C TYR I 860 62.47 64.07 -9.65
N ARG I 861 61.44 64.35 -8.85
CA ARG I 861 60.25 63.46 -8.72
C ARG I 861 59.51 63.39 -10.07
N GLU I 862 59.27 64.54 -10.71
CA GLU I 862 58.66 64.69 -12.07
C GLU I 862 59.29 63.71 -13.06
N ILE I 863 60.64 63.67 -13.10
CA ILE I 863 61.42 62.89 -14.10
C ILE I 863 61.45 61.42 -13.66
N THR I 864 61.51 61.12 -12.36
CA THR I 864 61.47 59.71 -11.86
C THR I 864 60.14 59.06 -12.26
N LEU I 865 59.03 59.81 -12.34
CA LEU I 865 57.74 59.25 -12.85
C LEU I 865 57.89 58.78 -14.31
N LYS I 866 58.45 59.62 -15.19
CA LYS I 866 58.65 59.35 -16.65
C LYS I 866 59.60 58.16 -16.85
N VAL I 867 60.73 58.17 -16.11
CA VAL I 867 61.71 57.04 -16.07
C VAL I 867 61.01 55.76 -15.54
N ALA I 868 60.15 55.80 -14.48
CA ALA I 868 59.38 54.64 -13.91
C ALA I 868 58.48 54.02 -14.99
N GLU I 869 57.73 54.89 -15.68
CA GLU I 869 56.88 54.57 -16.87
C GLU I 869 57.66 53.79 -17.96
N VAL I 870 58.96 54.07 -18.20
CA VAL I 870 59.82 53.34 -19.18
C VAL I 870 60.46 52.10 -18.53
N GLN I 871 60.78 52.14 -17.22
CA GLN I 871 61.36 50.99 -16.44
C GLN I 871 60.42 49.79 -16.45
N LEU I 872 59.14 50.05 -16.19
CA LEU I 872 58.01 49.09 -16.35
C LEU I 872 58.05 48.41 -17.73
N LYS I 873 58.46 49.08 -18.83
CA LYS I 873 58.56 48.50 -20.20
C LYS I 873 59.80 47.61 -20.33
N SER I 874 60.95 48.04 -19.82
CA SER I 874 62.20 47.22 -19.82
C SER I 874 62.03 45.95 -18.97
N ASP I 875 61.33 46.02 -17.81
CA ASP I 875 60.97 44.88 -16.90
C ASP I 875 60.20 43.79 -17.66
N PHE I 876 59.19 44.24 -18.40
CA PHE I 876 58.32 43.34 -19.21
C PHE I 876 59.14 42.66 -20.32
N ALA I 877 59.94 43.40 -21.09
CA ALA I 877 60.82 42.85 -22.15
C ALA I 877 61.88 41.88 -21.57
N ALA I 878 62.33 42.12 -20.31
CA ALA I 878 63.31 41.30 -19.56
C ALA I 878 62.72 39.98 -19.03
N GLN I 879 61.49 39.96 -18.48
CA GLN I 879 60.81 38.68 -18.13
C GLN I 879 60.58 37.86 -19.41
N LYS I 880 60.36 38.51 -20.57
CA LYS I 880 60.13 37.88 -21.91
C LYS I 880 61.39 37.20 -22.47
N LEU I 881 62.53 37.88 -22.36
CA LEU I 881 63.87 37.38 -22.79
C LEU I 881 64.49 36.47 -21.70
N SER I 882 64.08 36.58 -20.40
CA SER I 882 64.55 35.78 -19.22
C SER I 882 63.59 34.63 -18.86
N ASN I 883 62.48 34.48 -19.58
CA ASN I 883 61.88 33.15 -19.91
C ASN I 883 62.78 32.46 -20.94
N LEU I 884 63.17 33.19 -22.02
CA LEU I 884 63.85 32.73 -23.28
C LEU I 884 65.39 32.80 -23.16
N ALA J 30 107.32 -26.51 -27.09
CA ALA J 30 107.26 -24.99 -26.95
C ALA J 30 105.91 -24.36 -27.37
N PRO J 31 105.05 -24.96 -28.27
CA PRO J 31 103.63 -24.59 -28.31
C PRO J 31 102.81 -25.61 -27.50
N ARG J 32 102.37 -25.29 -26.28
CA ARG J 32 101.67 -26.31 -25.46
C ARG J 32 100.36 -26.69 -26.14
N VAL J 33 99.84 -25.84 -27.05
CA VAL J 33 98.71 -26.13 -28.00
C VAL J 33 99.08 -25.82 -29.50
N ARG J 34 98.64 -26.69 -30.40
CA ARG J 34 98.97 -26.68 -31.84
C ARG J 34 97.72 -26.98 -32.63
N TYR J 35 97.57 -26.39 -33.83
CA TYR J 35 96.46 -26.66 -34.79
C TYR J 35 96.87 -27.52 -36.02
N LEU J 36 95.90 -28.31 -36.53
CA LEU J 36 95.98 -29.41 -37.56
C LEU J 36 95.13 -29.06 -38.77
N ALA J 37 93.86 -28.71 -38.49
CA ALA J 37 92.79 -28.36 -39.46
C ALA J 37 91.48 -28.01 -38.79
N GLY J 38 90.85 -26.98 -39.35
CA GLY J 38 89.58 -26.44 -38.88
C GLY J 38 88.51 -26.51 -39.95
N PHE J 39 87.22 -26.48 -39.58
CA PHE J 39 86.13 -26.91 -40.48
C PHE J 39 85.01 -25.90 -40.60
N CYS J 40 84.23 -26.14 -41.64
CA CYS J 40 82.93 -25.54 -41.92
C CYS J 40 82.04 -25.76 -40.71
N CYS J 41 81.97 -24.70 -39.95
CA CYS J 41 81.01 -24.57 -38.84
C CYS J 41 79.78 -23.88 -39.39
N PRO J 42 78.70 -23.98 -38.59
CA PRO J 42 77.64 -23.01 -38.62
C PRO J 42 77.93 -21.90 -37.60
N LEU J 43 76.98 -21.00 -37.60
CA LEU J 43 76.88 -19.95 -36.60
C LEU J 43 76.53 -20.60 -35.28
N GLY J 44 76.97 -19.96 -34.21
CA GLY J 44 77.21 -20.58 -32.91
C GLY J 44 78.47 -21.39 -33.05
N GLY J 45 78.32 -22.57 -33.66
CA GLY J 45 79.36 -23.62 -33.78
C GLY J 45 78.70 -24.97 -33.54
N LEU J 46 79.47 -26.00 -33.27
CA LEU J 46 78.93 -27.37 -33.42
C LEU J 46 78.24 -27.75 -32.09
N ALA J 47 77.06 -28.30 -32.21
CA ALA J 47 76.24 -28.60 -31.03
C ALA J 47 76.82 -29.83 -30.38
N ALA J 48 76.20 -30.21 -29.27
CA ALA J 48 76.60 -31.29 -28.34
C ALA J 48 75.65 -32.50 -28.36
N GLY J 49 76.13 -33.56 -27.70
CA GLY J 49 75.96 -34.96 -28.10
C GLY J 49 76.96 -35.26 -29.21
N LYS J 50 76.82 -34.70 -30.40
CA LYS J 50 76.93 -35.54 -31.63
C LYS J 50 78.37 -35.81 -32.06
N PRO J 51 79.16 -34.77 -32.31
CA PRO J 51 80.50 -34.96 -32.84
C PRO J 51 81.37 -35.87 -31.98
N ARG J 52 82.23 -36.67 -32.62
CA ARG J 52 83.23 -37.55 -31.93
C ARG J 52 84.64 -37.46 -32.52
N VAL J 53 85.61 -37.49 -31.63
CA VAL J 53 87.04 -37.67 -31.95
C VAL J 53 87.44 -38.94 -31.22
N LEU J 54 88.32 -39.69 -31.92
CA LEU J 54 88.94 -41.02 -31.62
C LEU J 54 90.35 -41.10 -32.23
N CYS J 55 91.34 -41.33 -31.37
CA CYS J 55 92.78 -41.46 -31.70
C CYS J 55 93.18 -42.93 -31.59
N HIS J 56 93.87 -43.45 -32.61
CA HIS J 56 94.27 -44.88 -32.69
C HIS J 56 95.70 -45.07 -32.16
N GLU J 57 96.72 -44.70 -32.93
CA GLU J 57 98.11 -44.58 -32.42
C GLU J 57 98.57 -43.17 -32.72
N ALA J 58 98.69 -42.91 -34.02
CA ALA J 58 98.71 -41.58 -34.63
C ALA J 58 97.63 -41.50 -35.71
N GLU J 59 96.87 -42.59 -35.85
CA GLU J 59 95.62 -42.59 -36.61
C GLU J 59 94.53 -42.03 -35.69
N VAL J 60 93.73 -41.15 -36.27
CA VAL J 60 92.75 -40.33 -35.54
C VAL J 60 91.50 -40.26 -36.40
N PHE J 61 90.39 -40.23 -35.68
CA PHE J 61 89.03 -40.26 -36.24
C PHE J 61 88.05 -39.39 -35.49
N LEU J 62 87.06 -38.95 -36.24
CA LEU J 62 86.48 -37.62 -36.05
C LEU J 62 85.15 -37.64 -36.70
N SER J 63 84.12 -37.24 -35.98
CA SER J 63 82.83 -36.92 -36.60
C SER J 63 82.54 -35.48 -36.30
N THR J 64 82.30 -34.69 -37.30
CA THR J 64 81.87 -33.34 -36.98
C THR J 64 80.36 -33.35 -36.87
N GLY J 65 79.68 -34.48 -36.66
CA GLY J 65 78.21 -34.42 -36.72
C GLY J 65 77.74 -33.64 -37.97
N SER J 66 78.37 -33.85 -39.14
CA SER J 66 77.77 -33.68 -40.49
C SER J 66 77.66 -35.10 -41.04
N GLU J 67 77.68 -35.32 -42.34
CA GLU J 67 77.62 -36.72 -42.87
C GLU J 67 79.03 -37.33 -42.92
N LEU J 68 80.06 -36.58 -42.54
CA LEU J 68 81.44 -36.85 -42.96
C LEU J 68 82.22 -37.29 -41.73
N VAL J 69 82.95 -38.41 -41.82
CA VAL J 69 83.97 -38.91 -40.82
C VAL J 69 85.39 -38.66 -41.40
N TYR J 70 86.33 -38.11 -40.63
CA TYR J 70 87.65 -37.70 -41.16
C TYR J 70 88.76 -38.55 -40.52
N VAL J 71 89.91 -38.63 -41.16
CA VAL J 71 91.03 -39.51 -40.72
C VAL J 71 92.30 -38.72 -40.78
N TYR J 72 93.02 -38.59 -39.67
CA TYR J 72 94.24 -37.74 -39.74
C TYR J 72 95.46 -38.47 -39.26
N ASP J 73 96.52 -38.23 -40.06
CA ASP J 73 97.94 -38.43 -39.69
C ASP J 73 98.22 -37.48 -38.53
N GLN J 74 98.45 -38.03 -37.34
CA GLN J 74 98.53 -37.23 -36.09
C GLN J 74 99.94 -36.67 -35.94
N GLU J 75 100.93 -37.23 -36.65
CA GLU J 75 102.27 -36.63 -36.84
C GLU J 75 102.05 -35.31 -37.57
N GLY J 76 101.57 -35.41 -38.81
CA GLY J 76 101.35 -34.27 -39.73
C GLY J 76 99.88 -34.10 -39.93
N GLY J 77 99.33 -32.99 -39.51
CA GLY J 77 97.88 -32.81 -39.57
C GLY J 77 97.36 -32.71 -40.99
N LEU J 78 97.95 -33.41 -41.97
CA LEU J 78 97.26 -33.70 -43.25
C LEU J 78 96.34 -34.92 -43.10
N LEU J 79 95.31 -34.88 -43.94
CA LEU J 79 94.28 -35.93 -44.06
C LEU J 79 94.91 -37.08 -44.84
N THR J 80 94.76 -38.28 -44.32
CA THR J 80 94.84 -39.52 -45.13
C THR J 80 93.52 -39.68 -45.92
N ALA J 81 92.41 -39.86 -45.19
CA ALA J 81 91.19 -40.56 -45.65
C ALA J 81 89.94 -39.82 -45.21
N ALA J 82 89.06 -39.58 -46.18
CA ALA J 82 87.83 -38.79 -46.02
C ALA J 82 86.68 -39.60 -46.54
N PHE J 83 85.59 -39.62 -45.80
CA PHE J 83 84.44 -40.47 -46.15
C PHE J 83 83.14 -39.67 -46.15
N ARG J 84 82.37 -39.81 -47.23
CA ARG J 84 80.93 -39.41 -47.28
C ARG J 84 80.02 -40.60 -47.01
N PHE J 85 79.18 -40.44 -45.99
CA PHE J 85 78.01 -41.28 -45.70
C PHE J 85 76.82 -40.50 -46.22
N PRO J 86 75.61 -41.10 -46.22
CA PRO J 86 74.37 -40.33 -46.25
C PRO J 86 74.00 -40.01 -44.81
N ASP J 87 73.42 -38.83 -44.63
CA ASP J 87 72.80 -38.40 -43.37
C ASP J 87 73.74 -38.54 -42.14
N GLN J 88 74.47 -37.49 -41.80
CA GLN J 88 74.72 -37.06 -40.39
C GLN J 88 75.17 -38.20 -39.45
N VAL J 89 76.47 -38.38 -39.36
CA VAL J 89 77.10 -39.40 -38.48
C VAL J 89 76.99 -39.07 -36.98
N TRP J 90 76.54 -40.05 -36.24
CA TRP J 90 76.08 -39.88 -34.86
C TRP J 90 76.93 -40.58 -33.86
N HIS J 91 77.92 -41.32 -34.30
CA HIS J 91 78.76 -41.98 -33.27
C HIS J 91 79.72 -42.94 -33.89
N LEU J 92 80.87 -43.10 -33.28
CA LEU J 92 81.84 -44.07 -33.79
C LEU J 92 82.30 -44.96 -32.67
N GLU J 93 82.87 -46.08 -33.05
CA GLU J 93 83.77 -46.87 -32.19
C GLU J 93 84.77 -47.55 -33.10
N LEU J 94 85.69 -48.27 -32.49
CA LEU J 94 86.80 -48.79 -33.29
C LEU J 94 87.30 -50.05 -32.64
N LEU J 95 87.46 -51.08 -33.48
CA LEU J 95 88.16 -52.35 -33.17
C LEU J 95 89.52 -52.31 -33.92
N ALA J 96 90.61 -52.10 -33.15
CA ALA J 96 92.03 -52.16 -33.55
C ALA J 96 92.42 -53.57 -34.01
N PRO J 97 92.11 -54.67 -33.25
CA PRO J 97 92.47 -56.02 -33.67
C PRO J 97 91.99 -56.23 -35.10
N ARG J 98 90.73 -55.90 -35.34
CA ARG J 98 90.01 -56.26 -36.58
C ARG J 98 90.27 -55.20 -37.67
N ARG J 99 90.85 -54.04 -37.34
CA ARG J 99 91.25 -53.05 -38.34
C ARG J 99 89.98 -52.60 -39.09
N LEU J 100 89.01 -52.20 -38.27
CA LEU J 100 87.65 -51.84 -38.71
C LEU J 100 87.13 -50.65 -37.94
N LEU J 101 86.20 -49.94 -38.58
CA LEU J 101 85.48 -48.82 -37.94
C LEU J 101 83.99 -48.88 -38.24
N TYR J 102 83.23 -48.77 -37.18
CA TYR J 102 81.76 -48.84 -37.21
C TYR J 102 81.24 -47.40 -37.19
N ALA J 103 80.32 -46.98 -38.09
CA ALA J 103 79.89 -45.57 -38.30
C ALA J 103 78.39 -45.44 -38.48
N LEU J 104 77.67 -45.02 -37.41
CA LEU J 104 76.18 -44.84 -37.38
C LEU J 104 75.71 -43.56 -38.16
N CYS J 105 75.14 -43.73 -39.39
CA CYS J 105 74.19 -42.81 -40.13
C CYS J 105 72.83 -42.74 -39.47
N ALA J 106 72.15 -41.60 -39.53
CA ALA J 106 71.15 -41.22 -38.51
C ALA J 106 69.87 -42.06 -38.65
N ARG J 107 69.22 -41.93 -39.79
CA ARG J 107 67.95 -42.64 -40.04
C ARG J 107 68.28 -43.92 -40.76
N ARG J 108 69.43 -44.10 -41.38
CA ARG J 108 69.82 -45.46 -41.81
C ARG J 108 70.26 -46.27 -40.59
N GLY J 109 70.87 -47.43 -40.80
CA GLY J 109 71.32 -48.34 -39.73
C GLY J 109 72.76 -48.15 -39.25
N LEU J 110 73.78 -48.80 -39.83
CA LEU J 110 75.17 -48.82 -39.30
C LEU J 110 76.14 -49.33 -40.37
N TYR J 111 77.17 -48.57 -40.77
CA TYR J 111 78.09 -48.90 -41.91
C TYR J 111 79.52 -49.16 -41.46
N CYS J 112 80.11 -50.27 -41.84
CA CYS J 112 81.40 -50.73 -41.29
C CYS J 112 82.45 -50.67 -42.39
N LEU J 113 83.65 -50.22 -42.04
CA LEU J 113 84.73 -49.91 -43.01
C LEU J 113 86.05 -50.63 -42.66
N SER J 114 86.59 -51.35 -43.64
CA SER J 114 87.99 -51.87 -43.67
C SER J 114 88.91 -50.66 -43.80
N LEU J 115 89.90 -50.51 -42.92
CA LEU J 115 90.63 -49.21 -42.76
C LEU J 115 91.65 -48.98 -43.89
N ASP J 116 92.18 -50.05 -44.50
CA ASP J 116 93.10 -50.00 -45.67
C ASP J 116 92.33 -49.42 -46.86
N HIS J 117 91.19 -50.05 -47.18
CA HIS J 117 90.17 -49.53 -48.12
C HIS J 117 90.81 -49.19 -49.46
N PRO J 118 90.89 -50.18 -50.37
CA PRO J 118 91.73 -50.05 -51.56
C PRO J 118 91.57 -48.75 -52.39
N SER J 138 90.23 -37.70 -56.00
CA SER J 138 90.13 -36.92 -54.72
C SER J 138 90.30 -37.84 -53.52
N PRO J 139 90.82 -37.35 -52.36
CA PRO J 139 90.88 -38.18 -51.15
C PRO J 139 89.49 -38.41 -50.48
N VAL J 140 88.42 -37.86 -51.06
CA VAL J 140 87.00 -38.14 -50.68
C VAL J 140 86.51 -39.50 -51.21
N ILE J 141 85.72 -40.19 -50.39
CA ILE J 141 85.18 -41.54 -50.67
C ILE J 141 83.75 -41.62 -50.19
N PRO J 142 82.79 -41.98 -51.07
CA PRO J 142 81.49 -42.41 -50.59
C PRO J 142 81.72 -43.84 -50.15
N VAL J 143 81.03 -44.15 -49.09
CA VAL J 143 80.63 -45.54 -48.79
C VAL J 143 79.66 -45.94 -49.91
N ASP J 144 79.71 -47.21 -50.32
CA ASP J 144 78.60 -47.92 -51.03
C ASP J 144 77.66 -48.52 -49.97
N PRO J 145 76.33 -48.64 -50.22
CA PRO J 145 75.44 -49.31 -49.26
C PRO J 145 75.75 -50.79 -49.00
N ASP J 146 76.65 -51.41 -49.75
CA ASP J 146 77.23 -52.73 -49.39
C ASP J 146 77.60 -52.74 -47.91
N ALA J 147 78.36 -51.73 -47.49
CA ALA J 147 79.07 -51.70 -46.19
C ALA J 147 78.05 -51.55 -45.09
N CYS J 148 76.85 -51.18 -45.50
CA CYS J 148 75.66 -51.37 -44.68
C CYS J 148 75.59 -52.79 -44.11
N ILE J 149 75.20 -52.86 -42.83
CA ILE J 149 74.82 -54.02 -41.96
C ILE J 149 73.75 -53.49 -41.03
N LEU J 150 72.81 -54.31 -40.65
CA LEU J 150 71.64 -53.88 -39.85
C LEU J 150 71.30 -52.44 -40.19
N PRO J 151 70.69 -52.22 -41.34
CA PRO J 151 69.92 -51.01 -41.56
C PRO J 151 68.66 -50.81 -40.72
N ASP J 152 68.68 -50.98 -39.38
CA ASP J 152 67.48 -50.96 -38.47
C ASP J 152 66.81 -49.58 -38.52
N ALA J 153 67.63 -48.55 -38.75
CA ALA J 153 67.16 -47.20 -39.14
C ALA J 153 66.66 -46.44 -37.91
N ALA J 154 65.94 -47.17 -37.05
CA ALA J 154 65.31 -46.69 -35.80
C ALA J 154 66.29 -46.68 -34.63
N LEU J 155 67.60 -46.89 -34.88
CA LEU J 155 68.63 -47.02 -33.82
C LEU J 155 69.42 -45.70 -33.65
N CYS J 156 69.41 -45.26 -32.40
CA CYS J 156 70.15 -44.11 -31.90
C CYS J 156 71.58 -44.57 -31.76
N ALA J 157 71.85 -45.33 -30.69
CA ALA J 157 73.16 -45.35 -30.02
C ALA J 157 73.73 -46.76 -30.03
N PHE J 158 75.03 -46.91 -30.25
CA PHE J 158 75.63 -48.24 -30.06
C PHE J 158 77.05 -48.18 -29.56
N THR J 159 77.48 -49.30 -28.98
CA THR J 159 78.84 -49.58 -28.41
C THR J 159 79.46 -50.84 -29.01
N LEU J 160 80.70 -51.16 -28.66
CA LEU J 160 81.24 -52.53 -28.89
C LEU J 160 81.83 -53.12 -27.61
N LEU J 161 81.71 -54.43 -27.53
CA LEU J 161 82.64 -55.31 -26.80
C LEU J 161 83.39 -56.19 -27.84
N ASP J 162 84.17 -57.14 -27.31
CA ASP J 162 84.99 -58.19 -27.98
C ASP J 162 84.48 -58.48 -29.41
N SER J 163 83.43 -59.26 -29.37
CA SER J 163 82.86 -60.11 -30.44
C SER J 163 81.35 -59.83 -30.46
N VAL J 164 80.90 -58.80 -29.72
CA VAL J 164 79.47 -58.51 -29.31
C VAL J 164 79.24 -57.08 -29.89
N LEU J 165 77.99 -56.78 -30.24
CA LEU J 165 77.51 -55.44 -30.64
C LEU J 165 76.32 -55.11 -29.77
N VAL J 166 76.27 -53.96 -29.12
CA VAL J 166 75.09 -53.54 -28.34
C VAL J 166 74.60 -52.27 -29.00
N THR J 167 73.38 -52.34 -29.53
CA THR J 167 72.60 -51.18 -30.01
C THR J 167 71.51 -50.85 -28.99
N LEU J 168 71.03 -49.64 -29.22
CA LEU J 168 69.92 -49.08 -28.49
C LEU J 168 69.00 -48.46 -29.50
N VAL J 169 67.77 -48.98 -29.52
CA VAL J 169 66.80 -48.71 -30.60
C VAL J 169 65.62 -47.93 -30.02
N GLN J 170 65.42 -46.78 -30.67
CA GLN J 170 64.27 -45.87 -30.57
C GLN J 170 63.07 -46.64 -31.13
N GLY J 171 61.88 -46.41 -30.56
CA GLY J 171 60.65 -46.82 -31.24
C GLY J 171 59.56 -45.75 -31.11
N PRO J 172 58.30 -46.22 -30.98
CA PRO J 172 57.35 -45.58 -30.08
C PRO J 172 57.92 -45.53 -28.66
N ALA J 173 57.18 -44.89 -27.76
CA ALA J 173 57.56 -44.56 -26.36
C ALA J 173 58.63 -45.49 -25.79
N ARG J 174 58.44 -46.80 -25.93
CA ARG J 174 59.35 -47.78 -25.29
C ARG J 174 60.54 -48.03 -26.18
N TRP J 175 61.67 -47.58 -25.66
CA TRP J 175 63.01 -47.87 -26.19
C TRP J 175 63.31 -49.26 -25.71
N LYS J 176 63.94 -50.03 -26.59
CA LYS J 176 64.37 -51.37 -26.21
C LYS J 176 65.83 -51.46 -26.57
N MET J 177 66.56 -52.19 -25.77
CA MET J 177 67.97 -52.44 -26.08
C MET J 177 68.08 -53.75 -26.82
N GLN J 178 68.78 -53.75 -27.97
CA GLN J 178 69.03 -54.95 -28.80
C GLN J 178 70.45 -55.35 -28.56
N LEU J 179 70.75 -56.56 -28.98
CA LEU J 179 72.09 -57.16 -28.89
C LEU J 179 72.28 -58.20 -29.97
N PHE J 180 73.39 -58.16 -30.66
CA PHE J 180 73.66 -59.03 -31.81
C PHE J 180 74.97 -59.74 -31.52
N GLU J 181 75.26 -60.87 -32.18
CA GLU J 181 76.62 -61.47 -32.19
C GLU J 181 77.46 -60.53 -32.99
N GLN J 182 78.75 -60.72 -33.04
CA GLN J 182 79.58 -60.03 -34.07
C GLN J 182 80.60 -61.11 -34.41
N PRO J 183 80.88 -61.41 -35.71
CA PRO J 183 81.66 -62.62 -36.06
C PRO J 183 83.15 -62.48 -35.66
N CYS J 184 83.62 -63.29 -34.67
CA CYS J 184 85.03 -63.32 -34.13
C CYS J 184 86.05 -63.71 -35.22
N PRO J 185 85.79 -64.64 -36.17
CA PRO J 185 86.71 -64.87 -37.29
C PRO J 185 86.66 -63.68 -38.26
N GLY J 186 87.81 -63.31 -38.80
CA GLY J 186 87.83 -62.50 -40.03
C GLY J 186 86.90 -63.13 -41.04
N GLU J 187 85.69 -62.60 -41.19
CA GLU J 187 84.75 -63.06 -42.24
C GLU J 187 84.26 -61.87 -43.09
N ASP J 188 83.11 -62.03 -43.76
CA ASP J 188 82.21 -60.91 -44.16
C ASP J 188 81.79 -60.21 -42.85
N PRO J 189 81.97 -58.87 -42.69
CA PRO J 189 81.77 -58.23 -41.39
C PRO J 189 80.29 -58.17 -40.99
N ARG J 190 79.80 -59.24 -40.33
CA ARG J 190 78.35 -59.59 -40.19
C ARG J 190 77.81 -59.06 -38.86
N PRO J 191 76.49 -58.92 -38.77
CA PRO J 191 75.84 -58.78 -37.48
C PRO J 191 75.69 -60.15 -36.82
N GLY J 192 75.07 -61.08 -37.55
CA GLY J 192 74.42 -62.28 -37.00
C GLY J 192 72.97 -62.05 -36.65
N GLY J 193 72.44 -63.04 -35.93
CA GLY J 193 71.12 -62.98 -35.32
C GLY J 193 71.19 -62.36 -33.94
N GLN J 194 70.15 -61.60 -33.61
CA GLN J 194 69.92 -60.96 -32.28
C GLN J 194 69.79 -62.05 -31.21
N ILE J 195 70.55 -61.89 -30.17
CA ILE J 195 70.46 -62.76 -28.99
C ILE J 195 69.32 -62.29 -28.13
N GLY J 196 69.26 -60.97 -28.02
CA GLY J 196 68.77 -60.23 -26.86
C GLY J 196 68.11 -58.90 -27.24
N GLU J 197 66.88 -58.69 -26.75
CA GLU J 197 66.20 -57.39 -26.67
C GLU J 197 65.43 -57.28 -25.38
N VAL J 198 65.44 -56.08 -24.84
CA VAL J 198 64.54 -55.73 -23.72
C VAL J 198 64.02 -54.32 -23.91
N GLU J 199 62.96 -54.03 -23.14
CA GLU J 199 62.36 -52.69 -22.99
C GLU J 199 62.89 -51.99 -21.77
N LEU J 200 63.48 -50.84 -22.07
CA LEU J 200 63.74 -49.78 -21.07
C LEU J 200 62.36 -49.18 -20.80
N SER J 201 61.56 -49.90 -20.01
CA SER J 201 60.21 -49.51 -19.52
C SER J 201 60.27 -48.17 -18.77
N SER J 202 61.40 -47.93 -18.07
CA SER J 202 61.80 -46.69 -17.34
C SER J 202 61.77 -45.49 -18.31
N TYR J 203 62.07 -45.76 -19.57
CA TYR J 203 62.29 -44.72 -20.58
C TYR J 203 61.07 -44.58 -21.50
N THR J 204 60.49 -43.37 -21.49
CA THR J 204 59.28 -42.93 -22.25
C THR J 204 59.47 -41.46 -22.69
N PRO J 205 59.80 -41.19 -23.98
CA PRO J 205 59.94 -39.82 -24.49
C PRO J 205 58.65 -39.00 -24.42
N HIS J 217 67.63 -34.84 -30.46
CA HIS J 217 68.51 -33.74 -29.97
C HIS J 217 69.59 -34.28 -29.05
N PHE J 218 69.13 -34.96 -27.98
CA PHE J 218 70.00 -35.58 -26.95
C PHE J 218 70.05 -37.09 -27.18
N LEU J 219 71.23 -37.53 -27.62
CA LEU J 219 71.49 -38.93 -28.04
C LEU J 219 71.84 -39.69 -26.79
N PRO J 220 71.11 -40.73 -26.38
CA PRO J 220 71.41 -41.40 -25.12
C PRO J 220 72.79 -42.06 -25.31
N VAL J 221 73.45 -42.52 -24.22
CA VAL J 221 74.77 -43.22 -24.29
C VAL J 221 74.82 -44.39 -23.31
N LEU J 222 75.68 -45.31 -23.71
CA LEU J 222 75.75 -46.70 -23.21
C LEU J 222 77.14 -46.95 -22.66
N CYS J 223 77.36 -47.72 -21.58
CA CYS J 223 78.75 -48.19 -21.38
C CYS J 223 78.93 -49.56 -20.82
N SER J 224 80.06 -50.09 -21.29
CA SER J 224 80.73 -51.37 -21.03
C SER J 224 81.54 -51.25 -19.74
N VAL J 225 81.40 -52.23 -18.89
CA VAL J 225 82.08 -52.26 -17.60
C VAL J 225 82.44 -53.73 -17.37
N SER J 226 83.68 -54.25 -17.59
CA SER J 226 84.04 -55.70 -17.36
C SER J 226 84.79 -55.86 -16.03
N PRO J 227 84.62 -56.86 -15.13
CA PRO J 227 85.38 -56.97 -13.88
C PRO J 227 86.66 -57.75 -14.16
N SER J 228 87.56 -57.83 -13.17
CA SER J 228 88.98 -58.22 -13.39
C SER J 228 89.07 -59.71 -13.78
N GLY J 229 89.88 -60.00 -14.80
CA GLY J 229 90.17 -61.36 -15.30
C GLY J 229 89.69 -61.56 -16.74
N SER J 230 88.54 -60.98 -17.06
CA SER J 230 87.79 -61.27 -18.31
C SER J 230 88.23 -60.30 -19.42
N SER J 240 88.65 -54.74 -27.05
CA SER J 240 87.94 -54.25 -25.82
C SER J 240 87.94 -52.69 -25.82
N GLY J 241 86.74 -52.04 -25.73
CA GLY J 241 86.50 -50.58 -25.83
C GLY J 241 85.75 -49.94 -24.64
N GLY J 242 86.01 -50.39 -23.40
CA GLY J 242 85.22 -50.09 -22.18
C GLY J 242 86.05 -49.78 -20.93
N PHE J 243 85.55 -50.18 -19.74
CA PHE J 243 86.08 -49.87 -18.38
C PHE J 243 86.04 -51.09 -17.47
N THR J 244 87.16 -51.50 -16.90
CA THR J 244 87.18 -52.43 -15.76
C THR J 244 87.20 -51.67 -14.45
N LEU J 245 86.34 -52.09 -13.54
CA LEU J 245 86.31 -51.65 -12.11
C LEU J 245 87.24 -52.51 -11.23
N GLU J 246 87.28 -52.25 -9.91
CA GLU J 246 87.92 -53.14 -8.91
C GLU J 246 86.78 -53.87 -8.33
N ASP J 247 87.16 -55.09 -8.11
CA ASP J 247 86.14 -56.12 -7.98
C ASP J 247 85.25 -55.65 -6.82
N ALA J 248 85.72 -54.79 -5.89
CA ALA J 248 84.95 -54.41 -4.67
C ALA J 248 83.72 -53.59 -5.03
N LEU J 249 84.02 -52.65 -5.90
CA LEU J 249 83.04 -51.73 -6.47
C LEU J 249 82.08 -52.52 -7.32
N PHE J 250 82.65 -53.22 -8.31
CA PHE J 250 81.88 -54.01 -9.32
C PHE J 250 80.77 -54.76 -8.58
N GLY J 251 81.22 -55.38 -7.50
CA GLY J 251 80.39 -56.16 -6.59
C GLY J 251 79.42 -55.27 -5.89
N LEU J 252 79.88 -54.11 -5.47
CA LEU J 252 78.95 -53.23 -4.74
C LEU J 252 77.77 -52.72 -5.63
N LEU J 253 78.01 -52.36 -6.90
CA LEU J 253 77.02 -51.65 -7.78
C LEU J 253 75.91 -52.56 -8.28
N PHE J 254 76.35 -53.63 -8.95
CA PHE J 254 75.58 -54.57 -9.76
C PHE J 254 75.22 -55.76 -8.88
N GLY J 255 76.21 -56.32 -8.17
CA GLY J 255 76.01 -57.43 -7.22
C GLY J 255 76.62 -58.73 -7.72
N ALA J 256 76.17 -59.84 -7.14
CA ALA J 256 76.84 -61.15 -7.06
C ALA J 256 76.80 -61.87 -8.40
N ASP J 257 75.61 -61.79 -8.97
CA ASP J 257 75.25 -62.39 -10.26
C ASP J 257 76.35 -61.92 -11.17
N ALA J 258 76.37 -60.62 -11.32
CA ALA J 258 77.26 -59.94 -12.26
C ALA J 258 78.73 -60.35 -12.01
N THR J 259 79.11 -60.35 -10.73
CA THR J 259 80.50 -60.61 -10.28
C THR J 259 80.88 -62.05 -10.59
N LEU J 260 79.94 -62.95 -10.23
CA LEU J 260 80.13 -64.40 -10.39
C LEU J 260 80.38 -64.65 -11.85
N LEU J 261 79.39 -64.30 -12.63
CA LEU J 261 79.41 -64.58 -14.08
C LEU J 261 80.54 -63.84 -14.78
N GLN J 262 81.30 -62.98 -14.11
CA GLN J 262 82.28 -62.10 -14.81
C GLN J 262 81.55 -61.60 -16.08
N SER J 263 80.34 -61.10 -15.86
CA SER J 263 79.45 -60.51 -16.89
C SER J 263 79.94 -59.10 -17.26
N PRO J 264 80.36 -58.71 -18.50
CA PRO J 264 80.55 -57.31 -18.81
C PRO J 264 79.13 -56.73 -18.79
N VAL J 265 78.98 -55.54 -18.19
CA VAL J 265 77.69 -54.86 -17.87
C VAL J 265 77.62 -53.56 -18.65
N VAL J 266 76.41 -53.24 -19.05
CA VAL J 266 76.24 -52.07 -19.93
C VAL J 266 75.31 -51.10 -19.23
N LEU J 267 75.83 -49.88 -19.12
CA LEU J 267 75.20 -48.67 -18.54
C LEU J 267 74.68 -47.85 -19.72
N CYS J 268 73.38 -47.58 -19.76
CA CYS J 268 72.69 -46.56 -20.58
C CYS J 268 72.29 -45.37 -19.69
N GLY J 269 72.95 -44.22 -19.87
CA GLY J 269 72.33 -42.92 -19.58
C GLY J 269 71.33 -42.60 -20.71
N LEU J 270 70.29 -41.82 -20.39
CA LEU J 270 69.18 -41.47 -21.30
C LEU J 270 68.83 -40.01 -21.17
N PRO J 271 68.34 -39.34 -22.22
CA PRO J 271 67.96 -37.92 -22.15
C PRO J 271 67.31 -37.33 -20.90
N ASP J 272 66.45 -38.10 -20.26
CA ASP J 272 65.96 -37.74 -18.90
C ASP J 272 67.13 -37.39 -17.97
N GLY J 273 68.21 -38.15 -18.08
CA GLY J 273 69.31 -38.22 -17.12
C GLY J 273 69.42 -39.59 -16.52
N GLN J 274 68.47 -40.52 -16.81
CA GLN J 274 68.40 -41.86 -16.13
C GLN J 274 69.47 -42.80 -16.71
N LEU J 275 70.11 -43.46 -15.75
CA LEU J 275 71.42 -44.13 -15.83
C LEU J 275 71.09 -45.54 -15.40
N CYS J 276 70.87 -46.37 -16.42
CA CYS J 276 70.48 -47.79 -16.30
C CYS J 276 71.57 -48.69 -16.85
N CYS J 277 71.84 -49.79 -16.14
CA CYS J 277 72.91 -50.78 -16.37
C CYS J 277 72.23 -52.10 -16.77
N VAL J 278 72.90 -52.90 -17.59
CA VAL J 278 72.32 -54.21 -17.98
C VAL J 278 73.45 -55.23 -18.16
N ILE J 279 73.14 -56.45 -17.72
CA ILE J 279 74.05 -57.58 -17.40
C ILE J 279 74.18 -58.58 -18.60
N LEU J 280 75.17 -58.56 -19.51
CA LEU J 280 74.97 -59.20 -20.86
C LEU J 280 74.97 -60.71 -20.90
N LYS J 281 75.49 -61.35 -19.86
CA LYS J 281 75.20 -62.79 -19.67
C LYS J 281 73.70 -62.94 -19.65
N ALA J 282 72.93 -62.08 -18.99
CA ALA J 282 71.50 -62.30 -18.70
C ALA J 282 70.52 -61.95 -19.83
N LEU J 283 70.96 -61.17 -20.78
CA LEU J 283 70.20 -60.76 -21.99
C LEU J 283 70.35 -61.76 -23.14
N VAL J 284 69.69 -62.92 -22.97
CA VAL J 284 69.50 -63.96 -24.04
C VAL J 284 68.07 -64.49 -23.86
N THR J 285 67.39 -64.39 -24.99
CA THR J 285 65.93 -64.33 -25.17
C THR J 285 65.62 -64.80 -26.60
N SER J 286 64.36 -65.17 -26.83
CA SER J 286 63.78 -65.60 -28.13
C SER J 286 62.30 -65.27 -28.14
N ARG J 287 61.62 -65.65 -29.22
CA ARG J 287 60.18 -65.38 -29.32
C ARG J 287 59.52 -66.05 -28.13
N SER J 288 59.97 -67.25 -27.74
CA SER J 288 59.39 -68.14 -26.69
C SER J 288 59.96 -67.83 -25.31
N ALA J 289 60.54 -66.65 -25.16
CA ALA J 289 61.54 -66.37 -24.14
C ALA J 289 61.85 -64.90 -24.23
N PRO J 290 60.91 -64.02 -23.86
CA PRO J 290 61.09 -62.59 -24.10
C PRO J 290 61.95 -61.96 -22.97
N GLY J 291 62.58 -60.82 -23.22
CA GLY J 291 63.13 -60.03 -22.11
C GLY J 291 62.00 -59.66 -21.14
N ASP J 292 62.12 -59.97 -19.85
CA ASP J 292 61.44 -59.13 -18.85
C ASP J 292 62.28 -57.86 -18.71
N PRO J 293 61.66 -56.66 -18.72
CA PRO J 293 62.36 -55.46 -18.30
C PRO J 293 62.94 -55.56 -16.86
N ASN J 294 62.10 -55.84 -15.87
CA ASN J 294 62.41 -55.54 -14.44
C ASN J 294 63.51 -56.45 -13.88
N ALA J 295 63.65 -57.62 -14.47
CA ALA J 295 64.77 -58.54 -14.24
C ALA J 295 66.05 -57.79 -14.44
N LEU J 296 66.12 -57.27 -15.65
CA LEU J 296 67.30 -57.48 -16.53
C LEU J 296 68.10 -56.15 -16.71
N VAL J 297 67.33 -55.08 -16.94
CA VAL J 297 67.76 -53.67 -16.82
C VAL J 297 67.40 -53.16 -15.43
N LYS J 298 68.37 -52.49 -14.81
CA LYS J 298 68.19 -51.80 -13.52
C LYS J 298 68.84 -50.42 -13.55
N ILE J 299 68.39 -49.63 -12.59
CA ILE J 299 68.39 -48.16 -12.64
C ILE J 299 69.10 -47.71 -11.38
N LEU J 300 70.17 -46.95 -11.58
CA LEU J 300 71.18 -46.69 -10.52
C LEU J 300 70.95 -45.38 -9.80
N HIS J 301 71.16 -44.29 -10.52
CA HIS J 301 70.79 -42.95 -9.99
C HIS J 301 70.18 -42.13 -11.10
N HIS J 302 69.20 -41.33 -10.73
CA HIS J 302 68.51 -40.45 -11.66
C HIS J 302 68.98 -39.01 -11.44
N LEU J 303 70.01 -38.58 -12.19
CA LEU J 303 70.31 -37.16 -12.56
C LEU J 303 69.08 -36.64 -13.25
N GLU J 304 68.72 -35.40 -13.04
CA GLU J 304 67.45 -34.90 -13.63
C GLU J 304 67.71 -34.11 -14.90
N GLU J 305 68.83 -34.39 -15.53
CA GLU J 305 69.22 -33.68 -16.76
C GLU J 305 69.95 -34.68 -17.62
N PRO J 306 70.03 -34.44 -18.95
CA PRO J 306 70.59 -35.39 -19.91
C PRO J 306 72.08 -35.60 -19.61
N VAL J 307 72.58 -36.69 -20.15
CA VAL J 307 73.83 -37.31 -19.70
C VAL J 307 74.71 -37.19 -20.88
N ILE J 308 75.87 -36.81 -20.58
CA ILE J 308 76.86 -36.38 -21.57
C ILE J 308 77.86 -37.50 -21.77
N PHE J 309 78.17 -38.16 -20.62
CA PHE J 309 79.45 -38.81 -20.25
C PHE J 309 79.31 -39.74 -19.04
N ILE J 310 79.81 -40.94 -19.22
CA ILE J 310 80.15 -41.88 -18.14
C ILE J 310 81.60 -42.33 -18.34
N GLY J 311 82.24 -42.60 -17.20
CA GLY J 311 83.50 -43.33 -17.08
C GLY J 311 83.65 -43.99 -15.72
N ALA J 312 84.89 -44.34 -15.43
CA ALA J 312 85.34 -44.84 -14.13
C ALA J 312 86.75 -44.30 -13.84
N LEU J 313 87.07 -44.13 -12.57
CA LEU J 313 88.27 -43.36 -12.18
C LEU J 313 89.08 -44.03 -11.10
N LYS J 314 90.38 -44.02 -11.31
CA LYS J 314 91.34 -44.62 -10.39
C LYS J 314 91.74 -43.49 -9.49
N THR J 315 90.95 -43.34 -8.48
CA THR J 315 91.40 -42.63 -7.31
C THR J 315 92.21 -43.60 -6.47
N GLU J 316 93.00 -43.04 -5.53
CA GLU J 316 93.98 -43.70 -4.61
C GLU J 316 95.17 -44.25 -5.43
N PRO J 317 95.96 -43.41 -6.17
CA PRO J 317 96.83 -43.93 -7.24
C PRO J 317 98.23 -44.48 -6.84
N GLN J 318 98.20 -45.47 -5.94
CA GLN J 318 99.24 -45.65 -4.92
C GLN J 318 99.95 -46.99 -5.18
N GLU J 330 98.02 -50.93 -19.11
CA GLU J 330 96.92 -50.18 -19.81
C GLU J 330 95.54 -50.47 -19.14
N ASP J 331 95.21 -51.74 -18.81
CA ASP J 331 93.95 -52.15 -18.09
C ASP J 331 94.03 -51.75 -16.62
N VAL J 332 93.57 -50.54 -16.33
CA VAL J 332 93.66 -49.97 -14.97
C VAL J 332 92.37 -50.27 -14.25
N HIS J 333 92.52 -50.66 -13.01
CA HIS J 333 91.43 -51.24 -12.22
C HIS J 333 90.84 -50.10 -11.42
N CYS J 334 89.82 -49.46 -11.99
CA CYS J 334 89.24 -48.23 -11.43
C CYS J 334 88.43 -48.51 -10.18
N ASP J 335 88.17 -47.47 -9.41
CA ASP J 335 87.51 -47.56 -8.10
C ASP J 335 86.32 -46.66 -8.05
N CYS J 336 85.96 -45.95 -9.08
CA CYS J 336 85.06 -44.82 -8.87
C CYS J 336 84.36 -44.52 -10.16
N LEU J 337 83.04 -44.54 -10.10
CA LEU J 337 82.21 -44.49 -11.30
C LEU J 337 81.74 -43.06 -11.51
N VAL J 338 81.94 -42.51 -12.70
CA VAL J 338 81.73 -41.07 -12.97
C VAL J 338 80.60 -40.93 -13.99
N ALA J 339 79.55 -40.12 -13.68
CA ALA J 339 78.45 -39.65 -14.56
C ALA J 339 78.51 -38.12 -14.70
N PHE J 340 77.94 -37.63 -15.77
CA PHE J 340 77.69 -36.19 -15.93
C PHE J 340 76.28 -35.94 -16.46
N GLY J 341 75.67 -34.90 -15.91
CA GLY J 341 74.65 -34.05 -16.58
C GLY J 341 75.18 -32.90 -17.49
N HIS J 342 74.21 -32.18 -18.03
CA HIS J 342 74.35 -31.20 -19.11
C HIS J 342 74.51 -29.85 -18.47
N HIS J 343 73.55 -29.49 -17.62
CA HIS J 343 73.62 -28.31 -16.71
C HIS J 343 74.67 -28.51 -15.62
N GLY J 344 75.17 -29.73 -15.39
CA GLY J 344 76.35 -30.00 -14.53
C GLY J 344 76.05 -30.48 -13.13
N ARG J 345 75.05 -31.33 -12.90
CA ARG J 345 75.18 -32.28 -11.79
C ARG J 345 76.03 -33.40 -12.32
N MET J 346 77.23 -33.51 -11.81
CA MET J 346 78.11 -34.70 -11.95
C MET J 346 77.88 -35.63 -10.71
N LEU J 347 78.25 -36.88 -10.88
CA LEU J 347 77.96 -37.94 -9.92
C LEU J 347 79.18 -38.80 -9.92
N ALA J 348 79.98 -38.68 -8.91
CA ALA J 348 81.04 -39.67 -8.68
C ALA J 348 80.45 -40.74 -7.77
N ILE J 349 80.94 -41.97 -7.91
CA ILE J 349 80.60 -43.09 -7.01
C ILE J 349 81.85 -43.83 -6.58
N LYS J 350 81.90 -44.21 -5.30
CA LYS J 350 82.98 -45.07 -4.73
C LYS J 350 82.47 -46.13 -3.72
N ALA J 351 83.38 -47.03 -3.48
CA ALA J 351 83.41 -47.98 -2.38
C ALA J 351 83.71 -47.28 -1.07
N SER J 352 82.94 -47.59 -0.04
CA SER J 352 83.17 -47.08 1.33
C SER J 352 83.75 -48.18 2.24
N TRP J 353 82.97 -49.26 2.51
CA TRP J 353 83.10 -50.35 3.53
C TRP J 353 83.22 -49.79 4.96
N ASP J 354 82.33 -48.88 5.33
CA ASP J 354 82.49 -48.03 6.55
C ASP J 354 81.39 -48.26 7.57
N GLU J 355 81.82 -48.32 8.84
CA GLU J 355 81.05 -47.95 10.06
C GLU J 355 80.12 -49.06 10.48
N SER J 356 79.97 -50.08 9.66
CA SER J 356 79.15 -51.27 9.95
C SER J 356 79.97 -52.55 9.72
N GLY J 357 81.31 -52.40 9.61
CA GLY J 357 82.18 -53.21 8.75
C GLY J 357 81.33 -53.78 7.63
N LYS J 358 80.76 -52.93 6.76
CA LYS J 358 79.86 -53.33 5.64
C LYS J 358 80.02 -52.38 4.45
N LEU J 359 80.00 -52.96 3.23
CA LEU J 359 80.19 -52.19 1.97
C LEU J 359 78.91 -51.37 1.75
N VAL J 360 79.13 -50.03 1.60
CA VAL J 360 78.15 -48.98 1.17
C VAL J 360 78.84 -48.10 0.12
N PRO J 361 78.10 -47.61 -0.88
CA PRO J 361 78.68 -46.82 -1.93
C PRO J 361 78.69 -45.34 -1.59
N GLU J 362 79.86 -44.71 -1.57
CA GLU J 362 79.91 -43.26 -1.29
C GLU J 362 79.26 -42.57 -2.51
N LEU J 363 78.06 -42.00 -2.36
CA LEU J 363 77.47 -41.07 -3.35
C LEU J 363 77.80 -39.65 -2.99
N ARG J 364 78.05 -38.83 -4.00
CA ARG J 364 77.82 -37.37 -3.93
C ARG J 364 77.09 -37.00 -5.19
N GLU J 365 76.48 -35.84 -5.26
CA GLU J 365 75.96 -35.38 -6.58
C GLU J 365 76.46 -33.96 -6.79
N TYR J 366 77.74 -33.71 -7.05
CA TYR J 366 78.26 -32.32 -6.95
C TYR J 366 77.49 -31.46 -7.90
N CYS J 367 77.65 -30.15 -7.88
CA CYS J 367 76.82 -29.32 -8.77
C CYS J 367 77.58 -28.16 -9.39
N LEU J 368 78.11 -28.48 -10.57
CA LEU J 368 79.18 -27.72 -11.19
C LEU J 368 78.56 -26.64 -11.99
N PRO J 369 79.44 -25.72 -12.39
CA PRO J 369 79.22 -24.86 -13.56
C PRO J 369 78.95 -25.40 -14.97
N GLY J 370 77.94 -24.73 -15.49
CA GLY J 370 77.80 -24.39 -16.89
C GLY J 370 76.84 -25.38 -17.47
N PRO J 371 76.56 -25.25 -18.76
CA PRO J 371 76.24 -26.40 -19.54
C PRO J 371 77.66 -26.97 -19.70
N VAL J 372 77.64 -28.26 -19.58
CA VAL J 372 78.74 -29.20 -19.82
C VAL J 372 78.47 -29.88 -21.15
N LEU J 373 79.50 -30.09 -21.92
CA LEU J 373 79.29 -30.29 -23.36
C LEU J 373 80.13 -31.35 -24.02
N CYS J 374 81.04 -31.88 -23.26
CA CYS J 374 81.71 -33.15 -23.56
C CYS J 374 82.54 -33.37 -22.29
N ALA J 375 82.94 -34.60 -22.03
CA ALA J 375 83.86 -34.94 -20.93
C ALA J 375 84.92 -35.97 -21.41
N ALA J 376 85.92 -36.27 -20.58
CA ALA J 376 86.87 -37.41 -20.79
C ALA J 376 87.49 -37.79 -19.44
N CYS J 377 88.22 -38.92 -19.39
CA CYS J 377 89.07 -39.36 -18.24
C CYS J 377 90.52 -39.41 -18.72
N GLY J 378 91.47 -38.89 -17.92
CA GLY J 378 92.93 -38.95 -18.22
C GLY J 378 93.75 -39.30 -17.01
N GLY J 379 95.01 -39.66 -17.24
CA GLY J 379 95.89 -40.23 -16.20
C GLY J 379 95.53 -39.74 -14.80
N GLY J 380 95.03 -40.64 -13.94
CA GLY J 380 95.09 -40.46 -12.48
C GLY J 380 94.05 -39.49 -11.96
N GLY J 381 92.78 -39.87 -12.06
CA GLY J 381 91.72 -39.22 -11.27
C GLY J 381 91.42 -37.82 -11.77
N ARG J 382 91.79 -37.51 -13.01
CA ARG J 382 91.50 -36.19 -13.56
C ARG J 382 90.57 -36.30 -14.75
N VAL J 383 89.40 -35.66 -14.67
CA VAL J 383 88.35 -35.54 -15.72
C VAL J 383 88.72 -34.28 -16.47
N TYR J 384 88.76 -34.26 -17.80
CA TYR J 384 88.93 -33.00 -18.60
C TYR J 384 87.58 -32.61 -19.28
N HIS J 385 86.79 -31.59 -18.83
CA HIS J 385 85.41 -31.27 -19.34
C HIS J 385 85.37 -29.91 -19.96
N SER J 386 84.34 -29.66 -20.76
CA SER J 386 84.01 -28.33 -21.38
C SER J 386 82.81 -27.71 -20.58
N THR J 387 82.91 -26.38 -20.43
CA THR J 387 81.83 -25.36 -20.43
C THR J 387 81.86 -24.75 -21.82
N PRO J 388 80.89 -23.89 -22.10
CA PRO J 388 80.89 -23.14 -23.36
C PRO J 388 81.74 -21.87 -23.33
N SER J 389 82.12 -21.49 -22.11
CA SER J 389 83.12 -20.46 -21.75
C SER J 389 84.53 -20.95 -22.11
N ASP J 390 84.92 -22.08 -21.45
CA ASP J 390 86.33 -22.58 -21.25
C ASP J 390 86.36 -24.13 -21.04
N LEU J 391 87.47 -24.75 -21.47
CA LEU J 391 87.90 -26.14 -21.15
C LEU J 391 88.47 -26.20 -19.73
N CYS J 392 87.75 -26.91 -18.86
CA CYS J 392 87.93 -27.03 -17.38
C CYS J 392 88.29 -28.45 -17.02
N VAL J 393 88.87 -28.62 -15.85
CA VAL J 393 89.40 -29.93 -15.44
C VAL J 393 89.04 -30.10 -13.98
N VAL J 394 88.93 -31.34 -13.49
CA VAL J 394 88.58 -31.68 -12.09
C VAL J 394 89.59 -32.70 -11.64
N ASP J 395 89.87 -32.70 -10.35
CA ASP J 395 90.53 -33.81 -9.63
C ASP J 395 89.57 -34.50 -8.65
N LEU J 396 89.70 -35.82 -8.52
CA LEU J 396 89.00 -36.67 -7.54
C LEU J 396 89.99 -37.40 -6.61
N SER J 397 91.24 -37.66 -7.10
CA SER J 397 92.45 -38.17 -6.37
C SER J 397 92.57 -37.50 -4.96
N ARG J 398 93.22 -38.20 -4.02
CA ARG J 398 93.78 -37.62 -2.76
C ARG J 398 95.03 -38.41 -2.32
N GLN J 407 87.69 -39.50 5.33
CA GLN J 407 86.49 -40.19 4.77
C GLN J 407 86.94 -40.97 3.50
N PRO J 408 86.03 -41.24 2.51
CA PRO J 408 86.39 -41.35 1.07
C PRO J 408 86.41 -40.07 0.19
N GLU J 409 85.68 -39.92 -0.94
CA GLU J 409 86.18 -39.12 -2.11
C GLU J 409 86.39 -37.62 -1.87
N GLU J 410 85.43 -36.77 -1.41
CA GLU J 410 85.61 -35.27 -1.33
C GLU J 410 84.38 -34.43 -1.05
N GLY J 411 84.52 -33.24 -0.43
CA GLY J 411 83.38 -32.43 0.01
C GLY J 411 82.73 -31.78 -1.20
N PRO J 412 83.44 -30.86 -1.89
CA PRO J 412 83.18 -30.36 -3.28
C PRO J 412 84.22 -30.66 -4.42
N GLY J 413 83.92 -30.55 -5.72
CA GLY J 413 84.92 -30.57 -6.80
C GLY J 413 84.94 -29.14 -7.27
N GLY J 414 85.53 -28.21 -6.54
CA GLY J 414 85.85 -26.88 -7.07
C GLY J 414 87.00 -27.08 -8.07
N LEU J 415 87.03 -26.36 -9.21
CA LEU J 415 87.60 -26.84 -10.52
C LEU J 415 88.21 -25.77 -11.44
N PRO J 416 89.42 -26.04 -11.96
CA PRO J 416 90.05 -25.15 -12.92
C PRO J 416 89.75 -25.42 -14.39
N PRO J 417 89.85 -24.35 -15.20
CA PRO J 417 90.27 -24.38 -16.56
C PRO J 417 91.74 -24.44 -16.69
N MET J 418 92.02 -24.61 -17.92
CA MET J 418 93.39 -24.56 -18.38
C MET J 418 93.53 -23.45 -19.39
N LEU J 419 92.45 -22.65 -19.55
CA LEU J 419 92.41 -21.56 -20.53
C LEU J 419 92.64 -22.21 -21.87
N CYS J 420 91.68 -23.02 -22.24
CA CYS J 420 91.49 -23.45 -23.62
C CYS J 420 90.03 -23.19 -23.84
N PRO J 421 89.56 -22.93 -25.06
CA PRO J 421 88.30 -22.26 -25.26
C PRO J 421 87.33 -23.43 -25.14
N ALA J 422 86.09 -23.18 -25.50
CA ALA J 422 85.17 -24.31 -25.68
C ALA J 422 85.69 -25.11 -26.91
N SER J 423 86.38 -26.22 -26.63
CA SER J 423 86.26 -27.48 -27.38
C SER J 423 85.12 -28.24 -26.69
N LEU J 424 84.14 -28.61 -27.51
CA LEU J 424 83.34 -29.86 -27.34
C LEU J 424 84.06 -30.99 -28.08
N ASN J 425 83.83 -32.26 -27.73
CA ASN J 425 84.51 -33.37 -28.44
C ASN J 425 86.01 -33.45 -28.08
N ILE J 426 86.29 -34.23 -27.08
CA ILE J 426 87.58 -34.25 -26.38
C ILE J 426 87.97 -35.70 -26.36
N CYS J 427 89.20 -36.06 -26.10
CA CYS J 427 89.54 -37.48 -25.77
C CYS J 427 90.78 -37.54 -24.90
N SER J 428 91.15 -38.66 -24.30
CA SER J 428 92.44 -38.73 -23.58
C SER J 428 93.23 -39.99 -23.91
N VAL J 429 94.40 -39.87 -24.60
CA VAL J 429 95.47 -40.94 -24.75
C VAL J 429 96.51 -40.75 -23.62
N VAL J 430 97.06 -41.82 -22.98
CA VAL J 430 97.91 -41.78 -21.72
C VAL J 430 99.38 -42.25 -22.07
N SER J 431 100.44 -41.46 -21.66
CA SER J 431 101.91 -41.45 -22.04
C SER J 431 102.80 -42.13 -20.98
N THR J 443 99.24 -35.33 -19.18
CA THR J 443 98.46 -36.12 -20.19
C THR J 443 98.16 -35.25 -21.43
N LYS J 444 98.12 -35.93 -22.57
CA LYS J 444 98.00 -35.36 -23.94
C LYS J 444 96.61 -35.72 -24.41
N LEU J 445 95.71 -34.74 -24.36
CA LEU J 445 94.33 -34.88 -24.86
C LEU J 445 94.12 -34.03 -26.13
N LEU J 446 93.06 -34.38 -26.84
CA LEU J 446 92.78 -33.96 -28.23
C LEU J 446 91.34 -33.59 -28.37
N ALA J 447 91.11 -32.83 -29.41
CA ALA J 447 89.86 -32.10 -29.47
C ALA J 447 89.45 -31.75 -30.90
N LEU J 448 88.24 -31.23 -30.84
CA LEU J 448 87.58 -30.36 -31.81
C LEU J 448 86.89 -29.15 -31.07
N SER J 449 87.50 -28.00 -31.31
CA SER J 449 87.13 -26.62 -30.87
C SER J 449 85.77 -26.31 -31.43
N ALA J 450 84.91 -25.75 -30.58
CA ALA J 450 83.54 -25.34 -30.95
C ALA J 450 83.53 -24.37 -32.11
N LYS J 451 84.60 -23.61 -32.34
CA LYS J 451 84.67 -22.86 -33.62
C LYS J 451 84.70 -23.90 -34.73
N GLY J 452 85.85 -24.47 -35.05
CA GLY J 452 85.79 -25.62 -35.94
C GLY J 452 87.05 -26.38 -35.92
N ARG J 453 87.68 -26.48 -34.77
CA ARG J 453 89.12 -26.61 -34.84
C ARG J 453 89.60 -27.91 -34.25
N LEU J 454 90.41 -28.67 -35.03
CA LEU J 454 91.16 -29.88 -34.57
C LEU J 454 92.49 -29.52 -33.90
N MET J 455 92.65 -29.76 -32.59
CA MET J 455 93.78 -29.19 -31.80
C MET J 455 94.08 -30.02 -30.56
N THR J 456 95.33 -29.96 -30.14
CA THR J 456 96.01 -31.04 -29.43
C THR J 456 96.64 -30.43 -28.23
N CYS J 457 96.15 -30.65 -27.04
CA CYS J 457 96.77 -29.94 -25.91
C CYS J 457 97.77 -30.84 -25.20
N SER J 458 99.00 -30.34 -24.98
CA SER J 458 100.02 -30.99 -24.12
C SER J 458 100.01 -30.26 -22.76
N LEU J 459 99.68 -31.00 -21.70
CA LEU J 459 99.60 -30.56 -20.27
C LEU J 459 100.91 -30.89 -19.54
N ASP J 460 101.04 -30.56 -18.24
CA ASP J 460 102.11 -31.04 -17.29
C ASP J 460 101.52 -31.21 -15.88
N MET J 471 119.19 -16.12 -15.92
CA MET J 471 118.32 -14.90 -16.06
C MET J 471 118.98 -13.81 -16.92
N THR J 472 118.37 -13.43 -18.06
CA THR J 472 118.88 -12.41 -19.05
C THR J 472 118.88 -11.02 -18.41
N THR J 473 119.66 -10.13 -19.03
CA THR J 473 119.74 -8.69 -18.71
C THR J 473 118.76 -7.96 -19.63
N GLU J 474 117.85 -7.17 -19.05
CA GLU J 474 116.97 -6.15 -19.69
C GLU J 474 115.70 -6.79 -20.30
N SER J 475 115.70 -8.05 -20.76
CA SER J 475 114.48 -8.80 -21.20
C SER J 475 113.79 -9.52 -20.00
N ALA J 476 114.47 -9.65 -18.85
CA ALA J 476 113.85 -9.68 -17.50
C ALA J 476 113.10 -8.36 -17.31
N GLY J 477 113.75 -7.23 -17.64
CA GLY J 477 113.21 -5.85 -17.63
C GLY J 477 111.99 -5.68 -18.53
N GLN J 478 112.05 -6.18 -19.76
CA GLN J 478 110.87 -6.19 -20.68
C GLN J 478 109.77 -7.07 -20.06
N LYS J 479 110.14 -8.19 -19.41
CA LYS J 479 109.22 -9.10 -18.69
C LYS J 479 108.43 -8.27 -17.69
N ILE J 480 109.14 -7.48 -16.88
CA ILE J 480 108.52 -6.61 -15.84
C ILE J 480 107.55 -5.64 -16.53
N LYS J 481 108.03 -4.99 -17.58
CA LYS J 481 107.19 -4.05 -18.31
C LYS J 481 105.87 -4.71 -18.64
N GLU J 482 105.96 -5.87 -19.28
CA GLU J 482 104.77 -6.61 -19.76
C GLU J 482 103.87 -6.95 -18.56
N LEU J 483 104.43 -7.47 -17.45
CA LEU J 483 103.62 -8.06 -16.34
C LEU J 483 102.75 -6.99 -15.67
N LEU J 484 103.30 -5.80 -15.41
CA LEU J 484 102.50 -4.63 -14.93
C LEU J 484 101.32 -4.40 -15.87
N SER J 485 101.63 -4.25 -17.16
CA SER J 485 100.65 -3.97 -18.25
C SER J 485 99.55 -5.03 -18.20
N GLY J 486 99.93 -6.27 -17.94
CA GLY J 486 98.90 -7.30 -17.79
C GLY J 486 98.01 -6.90 -16.66
N ILE J 487 98.62 -6.55 -15.54
CA ILE J 487 97.73 -6.27 -14.38
C ILE J 487 96.96 -4.97 -14.67
N GLY J 488 97.60 -4.04 -15.39
CA GLY J 488 97.01 -2.78 -15.88
C GLY J 488 95.84 -3.04 -16.79
N ASN J 489 95.90 -4.12 -17.53
CA ASN J 489 94.71 -4.61 -18.26
C ASN J 489 93.67 -5.18 -17.32
N ILE J 490 94.01 -6.05 -16.39
CA ILE J 490 92.99 -6.79 -15.61
C ILE J 490 92.20 -5.86 -14.71
N SER J 491 92.95 -5.09 -13.97
CA SER J 491 92.49 -4.42 -12.73
C SER J 491 91.22 -3.59 -13.00
N GLU J 492 91.26 -2.78 -14.06
CA GLU J 492 90.11 -2.00 -14.58
C GLU J 492 88.82 -2.82 -14.42
N ARG J 493 88.88 -4.05 -14.92
CA ARG J 493 87.71 -4.87 -15.25
C ARG J 493 87.23 -5.51 -13.95
N VAL J 494 88.15 -5.88 -13.08
CA VAL J 494 87.83 -6.25 -11.68
C VAL J 494 86.92 -5.16 -11.13
N SER J 495 87.44 -3.95 -11.23
CA SER J 495 86.86 -2.76 -10.59
C SER J 495 85.47 -2.60 -11.15
N PHE J 496 85.37 -2.69 -12.47
CA PHE J 496 84.08 -2.70 -13.14
C PHE J 496 83.13 -3.54 -12.29
N LEU J 497 83.54 -4.75 -12.04
CA LEU J 497 82.59 -5.74 -11.54
C LEU J 497 82.12 -5.39 -10.13
N LYS J 498 83.01 -4.85 -9.28
CA LYS J 498 82.62 -4.39 -7.91
C LYS J 498 81.42 -3.43 -7.95
N LYS J 499 81.46 -2.45 -8.84
CA LYS J 499 80.45 -1.36 -8.93
C LYS J 499 79.13 -2.01 -9.27
N ALA J 500 79.16 -2.96 -10.18
CA ALA J 500 78.01 -3.81 -10.48
C ALA J 500 77.54 -4.49 -9.19
N VAL J 501 78.49 -4.99 -8.41
CA VAL J 501 78.15 -5.68 -7.15
C VAL J 501 77.43 -4.67 -6.24
N ASP J 502 77.84 -3.41 -6.24
CA ASP J 502 77.19 -2.32 -5.46
C ASP J 502 75.73 -2.21 -5.83
N GLN J 503 75.48 -2.06 -7.11
CA GLN J 503 74.09 -1.91 -7.56
C GLN J 503 73.30 -3.08 -7.01
N ARG J 504 73.81 -4.29 -7.23
CA ARG J 504 73.13 -5.51 -6.75
C ARG J 504 72.78 -5.38 -5.27
N ASN J 505 73.77 -5.09 -4.45
CA ASN J 505 73.64 -5.09 -2.96
C ASN J 505 72.62 -4.03 -2.53
N LYS J 506 72.87 -2.76 -2.88
CA LYS J 506 71.98 -1.61 -2.58
C LYS J 506 70.56 -2.04 -2.90
N ALA J 507 70.39 -2.68 -4.04
CA ALA J 507 69.06 -3.10 -4.50
C ALA J 507 68.41 -4.06 -3.47
N LEU J 508 69.16 -5.03 -2.95
CA LEU J 508 68.60 -6.05 -2.01
C LEU J 508 68.03 -5.32 -0.79
N THR J 509 68.79 -4.38 -0.27
CA THR J 509 68.40 -3.59 0.93
C THR J 509 67.17 -2.78 0.58
N SER J 510 67.23 -2.10 -0.59
CA SER J 510 66.13 -1.32 -1.24
C SER J 510 64.90 -2.24 -1.23
N LEU J 511 65.04 -3.44 -1.78
CA LEU J 511 64.00 -4.46 -1.61
C LEU J 511 63.72 -4.74 -0.12
N ASN J 512 64.75 -4.86 0.70
CA ASN J 512 64.57 -5.29 2.11
C ASN J 512 63.59 -4.32 2.79
N GLU J 513 63.70 -3.02 2.52
CA GLU J 513 62.77 -2.06 3.15
C GLU J 513 61.36 -2.34 2.62
N ALA J 514 61.23 -2.73 1.36
CA ALA J 514 59.94 -3.12 0.75
C ALA J 514 59.30 -4.29 1.55
N MET J 515 60.07 -5.36 1.80
CA MET J 515 59.57 -6.57 2.53
C MET J 515 59.08 -6.18 3.92
N ASN J 516 59.86 -5.34 4.59
CA ASN J 516 59.56 -4.83 5.96
C ASN J 516 58.23 -4.05 5.96
N VAL J 517 58.05 -3.08 5.04
CA VAL J 517 56.81 -2.27 4.91
C VAL J 517 55.64 -3.21 4.68
N SER J 518 55.79 -4.07 3.67
CA SER J 518 54.73 -5.01 3.23
C SER J 518 54.26 -5.79 4.45
N CYS J 519 55.22 -6.41 5.14
CA CYS J 519 54.97 -7.36 6.25
C CYS J 519 54.22 -6.60 7.37
N ALA J 520 54.64 -5.37 7.70
CA ALA J 520 54.07 -4.53 8.78
C ALA J 520 52.59 -4.22 8.50
N LEU J 521 52.23 -4.00 7.23
CA LEU J 521 50.87 -3.61 6.83
C LEU J 521 49.94 -4.81 6.87
N LEU J 522 50.45 -5.95 6.42
CA LEU J 522 49.70 -7.22 6.34
C LEU J 522 49.46 -7.74 7.75
N SER J 523 50.38 -7.45 8.66
CA SER J 523 50.11 -7.55 10.12
C SER J 523 49.02 -6.53 10.46
N SER J 524 48.07 -6.96 11.30
CA SER J 524 47.19 -6.08 12.10
C SER J 524 47.74 -6.02 13.53
N GLY J 525 48.70 -5.12 13.74
CA GLY J 525 49.05 -4.57 15.07
C GLY J 525 47.97 -3.65 15.62
N THR J 526 46.90 -3.39 14.85
CA THR J 526 45.59 -2.77 15.22
C THR J 526 45.57 -1.26 14.94
N GLY J 527 46.71 -0.66 14.51
CA GLY J 527 46.85 0.75 14.04
C GLY J 527 47.78 0.85 12.84
N PRO J 528 47.38 1.42 11.66
CA PRO J 528 48.04 1.16 10.38
C PRO J 528 49.31 1.99 10.32
N ARG J 529 50.17 1.73 11.31
CA ARG J 529 51.28 2.62 11.74
C ARG J 529 52.10 2.96 10.52
N PRO J 530 52.63 1.94 9.81
CA PRO J 530 53.87 2.15 9.07
C PRO J 530 53.70 3.21 7.96
N ILE J 531 52.66 3.05 7.15
CA ILE J 531 52.15 4.07 6.17
C ILE J 531 50.62 4.16 6.41
N SER J 532 50.06 5.38 6.43
CA SER J 532 48.60 5.67 6.50
C SER J 532 48.24 6.59 5.32
N CYS J 533 46.99 6.59 4.88
CA CYS J 533 46.48 7.66 3.99
C CYS J 533 45.06 8.02 4.39
N THR J 534 44.86 9.27 4.76
CA THR J 534 43.55 9.82 5.18
C THR J 534 42.91 10.45 3.94
N THR J 535 41.58 10.32 3.80
CA THR J 535 40.73 11.03 2.79
C THR J 535 39.55 11.69 3.54
N SER J 536 39.10 12.82 3.00
CA SER J 536 38.26 13.81 3.73
C SER J 536 37.71 14.83 2.71
N THR J 537 36.55 15.45 2.93
CA THR J 537 35.83 16.13 1.83
C THR J 537 35.58 17.62 2.06
N THR J 538 35.70 18.32 0.94
CA THR J 538 36.00 19.77 0.81
C THR J 538 35.15 20.38 -0.30
N TRP J 539 34.15 21.16 -0.01
CA TRP J 539 33.41 21.77 -1.12
C TRP J 539 34.28 22.90 -1.65
N SER J 540 34.64 22.86 -2.93
CA SER J 540 35.28 23.96 -3.68
C SER J 540 34.21 24.74 -4.44
N ARG J 541 34.68 25.61 -5.34
CA ARG J 541 33.87 26.42 -6.26
C ARG J 541 34.72 26.57 -7.52
N LEU J 542 34.12 26.37 -8.70
CA LEU J 542 34.79 26.42 -10.03
C LEU J 542 33.86 27.05 -11.04
N GLN J 543 34.39 28.02 -11.78
CA GLN J 543 33.72 28.72 -12.91
C GLN J 543 32.33 29.27 -12.51
N THR J 544 31.47 28.49 -11.87
CA THR J 544 30.44 29.04 -10.94
C THR J 544 30.19 28.15 -9.76
N GLN J 545 30.32 26.85 -10.00
CA GLN J 545 29.41 25.84 -9.46
C GLN J 545 30.15 25.15 -8.35
N ASP J 546 29.39 24.70 -7.38
CA ASP J 546 29.97 24.10 -6.15
C ASP J 546 30.24 22.64 -6.49
N VAL J 547 31.44 22.19 -6.14
CA VAL J 547 32.06 20.92 -6.61
C VAL J 547 32.53 20.20 -5.36
N LEU J 548 32.66 18.91 -5.46
CA LEU J 548 33.08 18.15 -4.29
C LEU J 548 34.46 17.61 -4.54
N MET J 549 35.38 17.92 -3.64
CA MET J 549 36.76 17.40 -3.68
C MET J 549 37.03 16.52 -2.46
N ALA J 550 37.73 15.41 -2.69
CA ALA J 550 38.19 14.43 -1.67
C ALA J 550 39.71 14.54 -1.56
N THR J 551 40.18 15.00 -0.41
CA THR J 551 41.61 15.20 -0.13
C THR J 551 42.13 13.88 0.39
N CYS J 552 43.24 13.50 -0.19
CA CYS J 552 43.88 12.18 -0.04
C CYS J 552 45.30 12.45 0.48
N VAL J 553 45.47 12.27 1.78
CA VAL J 553 46.76 12.52 2.47
C VAL J 553 47.46 11.17 2.59
N LEU J 554 48.67 11.04 2.08
CA LEU J 554 49.59 9.96 2.48
C LEU J 554 50.53 10.48 3.57
N GLU J 555 50.65 9.79 4.72
CA GLU J 555 51.52 10.13 5.89
C GLU J 555 52.38 8.92 6.24
N ASN J 556 53.69 9.14 6.34
CA ASN J 556 54.71 8.17 6.80
C ASN J 556 54.93 8.41 8.30
N SER J 557 54.55 7.47 9.16
CA SER J 557 54.90 7.50 10.60
C SER J 557 56.26 6.79 10.78
N SER J 558 56.40 5.59 10.20
CA SER J 558 57.57 4.70 10.34
C SER J 558 58.82 5.27 9.69
N SER J 559 59.95 4.60 10.00
CA SER J 559 61.34 4.85 9.52
C SER J 559 61.44 4.79 7.99
N PHE J 560 60.74 3.83 7.41
CA PHE J 560 61.01 3.33 6.04
C PHE J 560 60.79 4.51 5.08
N SER J 561 61.78 4.83 4.23
CA SER J 561 61.70 5.86 3.15
C SER J 561 61.26 5.26 1.80
N LEU J 562 60.03 5.53 1.39
CA LEU J 562 59.43 4.91 0.19
C LEU J 562 60.21 5.50 -0.99
N ASP J 563 61.15 4.67 -1.38
CA ASP J 563 62.15 4.89 -2.44
C ASP J 563 61.38 4.96 -3.77
N GLN J 564 62.10 5.27 -4.84
CA GLN J 564 61.76 4.92 -6.24
C GLN J 564 61.47 3.42 -6.39
N GLY J 565 60.58 3.06 -7.31
CA GLY J 565 59.92 1.73 -7.37
C GLY J 565 58.51 1.78 -6.82
N TRP J 566 58.27 2.63 -5.85
CA TRP J 566 56.95 2.73 -5.22
C TRP J 566 56.08 3.69 -6.01
N THR J 567 54.76 3.44 -5.96
CA THR J 567 53.73 4.21 -6.70
C THR J 567 52.36 3.92 -6.09
N LEU J 568 51.55 4.94 -6.09
CA LEU J 568 50.23 5.02 -5.45
C LEU J 568 49.17 4.85 -6.54
N CYS J 569 48.18 4.00 -6.35
CA CYS J 569 46.95 4.07 -7.16
C CYS J 569 45.82 4.39 -6.23
N ILE J 570 44.96 5.29 -6.70
CA ILE J 570 43.63 5.54 -6.11
C ILE J 570 42.59 5.06 -7.10
N GLN J 571 41.50 4.53 -6.56
CA GLN J 571 40.41 4.08 -7.41
C GLN J 571 39.11 4.57 -6.80
N VAL J 572 38.28 5.15 -7.65
CA VAL J 572 37.08 5.97 -7.33
C VAL J 572 35.87 5.24 -7.82
N LEU J 573 35.26 4.49 -6.95
CA LEU J 573 34.21 3.60 -7.43
C LEU J 573 32.94 4.36 -7.30
N THR J 574 32.14 4.35 -8.35
CA THR J 574 30.75 4.85 -8.31
C THR J 574 29.98 3.96 -7.34
N SER J 575 28.67 4.15 -7.36
CA SER J 575 27.68 3.12 -6.97
C SER J 575 28.21 1.69 -7.31
N SER J 576 27.89 0.69 -6.49
CA SER J 576 28.11 -0.75 -6.75
C SER J 576 26.74 -1.32 -7.23
N CYS J 577 26.51 -2.61 -7.45
CA CYS J 577 25.26 -3.13 -8.12
C CYS J 577 25.36 -2.83 -9.65
N ALA J 578 26.15 -3.61 -10.40
CA ALA J 578 26.32 -3.53 -11.87
C ALA J 578 24.97 -3.73 -12.56
N LEU J 579 24.70 -2.86 -13.53
CA LEU J 579 23.34 -2.58 -14.06
C LEU J 579 22.99 -3.33 -15.34
N ASP J 580 21.73 -3.13 -15.72
CA ASP J 580 21.10 -3.40 -17.04
C ASP J 580 21.84 -2.65 -18.15
N LEU J 581 21.98 -1.33 -18.03
CA LEU J 581 22.84 -0.52 -18.94
C LEU J 581 24.09 -0.08 -18.16
N ASP J 582 25.15 -0.89 -18.25
CA ASP J 582 26.56 -0.45 -18.28
C ASP J 582 26.63 1.08 -18.47
N SER J 583 27.08 1.79 -17.44
CA SER J 583 27.22 3.28 -17.41
C SER J 583 28.28 3.74 -18.40
N ALA J 584 28.36 5.04 -18.61
CA ALA J 584 29.42 5.67 -19.42
C ALA J 584 30.83 5.48 -18.83
N CYS J 585 30.94 5.52 -17.47
CA CYS J 585 32.19 5.65 -16.62
C CYS J 585 31.91 4.82 -15.35
N SER J 586 32.37 3.58 -15.29
CA SER J 586 32.11 2.63 -14.18
C SER J 586 32.74 3.17 -12.90
N ALA J 587 33.99 3.63 -13.04
CA ALA J 587 34.89 4.13 -11.99
C ALA J 587 36.02 4.90 -12.65
N ILE J 588 36.74 5.70 -11.89
CA ILE J 588 38.01 6.29 -12.39
C ILE J 588 39.12 5.83 -11.45
N THR J 589 40.34 5.77 -11.99
CA THR J 589 41.58 5.50 -11.24
C THR J 589 42.66 6.55 -11.53
N TYR J 590 43.23 7.12 -10.47
CA TYR J 590 44.41 7.99 -10.57
C TYR J 590 45.56 7.32 -9.87
N THR J 591 46.70 7.59 -10.41
CA THR J 591 47.93 6.85 -10.13
C THR J 591 49.11 7.80 -10.20
N ILE J 592 49.95 7.83 -9.17
CA ILE J 592 51.10 8.75 -9.08
C ILE J 592 52.31 7.97 -8.59
N PRO J 593 53.55 8.30 -9.04
CA PRO J 593 54.74 7.75 -8.39
C PRO J 593 54.98 8.46 -7.04
N VAL J 594 55.23 7.71 -5.96
CA VAL J 594 55.71 8.26 -4.67
C VAL J 594 57.22 8.27 -4.77
N ASP J 595 57.85 9.39 -4.39
CA ASP J 595 59.32 9.57 -4.47
C ASP J 595 59.81 9.91 -3.06
N GLN J 596 60.69 9.06 -2.53
CA GLN J 596 61.64 9.44 -1.44
C GLN J 596 60.85 9.85 -0.21
N LEU J 597 59.65 9.32 0.02
CA LEU J 597 58.71 9.92 1.00
C LEU J 597 59.47 10.36 2.27
N GLY J 598 60.27 9.49 2.87
CA GLY J 598 60.98 9.73 4.14
C GLY J 598 60.06 9.49 5.34
N PRO J 599 60.62 9.19 6.54
CA PRO J 599 59.81 9.04 7.75
C PRO J 599 59.27 10.36 8.30
N GLY J 600 58.06 10.36 8.86
CA GLY J 600 57.29 11.57 9.25
C GLY J 600 56.58 12.22 8.05
N ALA J 601 57.25 12.33 6.90
CA ALA J 601 56.88 13.13 5.71
C ALA J 601 55.60 12.58 5.04
N ARG J 602 54.97 13.41 4.20
CA ARG J 602 53.57 13.20 3.73
C ARG J 602 53.35 13.83 2.33
N ARG J 603 52.41 13.28 1.54
CA ARG J 603 51.71 13.97 0.40
C ARG J 603 50.20 13.99 0.66
N GLU J 604 49.55 15.06 0.23
CA GLU J 604 48.09 15.26 0.12
C GLU J 604 47.78 15.27 -1.39
N VAL J 605 46.62 14.75 -1.79
CA VAL J 605 46.05 14.94 -3.16
C VAL J 605 44.55 15.11 -3.03
N THR J 606 44.03 16.11 -3.70
CA THR J 606 42.60 16.38 -3.81
C THR J 606 42.16 15.95 -5.20
N LEU J 607 41.00 15.35 -5.26
CA LEU J 607 40.38 15.06 -6.55
C LEU J 607 39.10 15.82 -6.69
N PRO J 608 38.55 15.85 -7.91
CA PRO J 608 37.10 15.76 -8.07
C PRO J 608 36.43 14.41 -7.72
N LEU J 609 35.24 14.43 -7.12
CA LEU J 609 34.22 13.36 -7.18
C LEU J 609 32.95 13.83 -7.86
N GLY J 610 32.89 15.11 -8.27
CA GLY J 610 31.65 15.91 -8.32
C GLY J 610 31.06 16.06 -9.73
N PRO J 611 29.78 16.50 -9.80
CA PRO J 611 29.09 16.54 -11.08
C PRO J 611 29.68 17.57 -12.08
N GLY J 612 29.89 17.14 -13.33
CA GLY J 612 29.90 17.98 -14.54
C GLY J 612 28.66 17.74 -15.43
N GLU J 613 28.39 16.46 -15.73
CA GLU J 613 27.14 15.96 -16.38
C GLU J 613 26.01 15.88 -15.33
N ASN J 614 24.79 16.29 -15.69
CA ASN J 614 23.46 16.14 -14.98
C ASN J 614 23.26 17.21 -13.88
N GLY J 615 24.34 17.80 -13.32
CA GLY J 615 24.40 18.12 -11.89
C GLY J 615 24.26 16.85 -11.03
N GLY J 616 24.68 15.67 -11.55
CA GLY J 616 24.31 14.30 -11.10
C GLY J 616 25.40 13.54 -10.34
N LEU J 617 25.31 13.60 -9.00
CA LEU J 617 26.22 12.95 -8.03
C LEU J 617 25.40 12.00 -7.18
N ASP J 618 25.72 10.72 -7.24
CA ASP J 618 24.96 9.68 -6.50
C ASP J 618 25.96 8.94 -5.63
N LEU J 619 25.44 8.45 -4.52
CA LEU J 619 26.19 7.98 -3.35
C LEU J 619 25.70 6.63 -2.91
N PRO J 620 26.26 6.25 -1.75
CA PRO J 620 27.73 6.18 -1.59
C PRO J 620 28.73 6.10 -2.76
N VAL J 621 29.68 7.01 -2.75
CA VAL J 621 30.91 6.89 -3.56
C VAL J 621 32.05 6.49 -2.62
N THR J 622 32.87 5.53 -3.04
CA THR J 622 34.03 5.09 -2.23
C THR J 622 35.31 5.27 -3.05
N VAL J 623 36.33 5.65 -2.30
CA VAL J 623 37.70 5.88 -2.81
C VAL J 623 38.64 5.01 -1.98
N SER J 624 39.14 3.94 -2.62
CA SER J 624 40.12 2.99 -2.06
C SER J 624 41.48 3.43 -2.62
N CYS J 625 42.42 3.60 -1.71
CA CYS J 625 43.80 4.07 -2.00
C CYS J 625 44.66 2.81 -1.90
N THR J 626 45.68 2.63 -2.73
CA THR J 626 46.51 1.38 -2.74
C THR J 626 47.89 1.68 -3.28
N LEU J 627 48.84 0.75 -3.10
CA LEU J 627 50.28 0.91 -3.47
C LEU J 627 50.78 -0.26 -4.29
N PHE J 628 51.47 0.06 -5.37
CA PHE J 628 52.23 -0.89 -6.20
C PHE J 628 53.72 -0.64 -5.92
N TYR J 629 54.51 -1.70 -5.76
CA TYR J 629 55.99 -1.68 -5.83
C TYR J 629 56.40 -2.35 -7.16
N SER J 630 57.22 -1.63 -7.95
CA SER J 630 57.79 -2.07 -9.25
C SER J 630 59.20 -2.63 -9.01
N LEU J 631 59.36 -3.91 -9.33
CA LEU J 631 60.60 -4.68 -9.11
C LEU J 631 61.67 -4.16 -10.10
N ARG J 632 61.31 -4.10 -11.39
CA ARG J 632 62.10 -3.63 -12.58
C ARG J 632 62.61 -2.21 -12.35
N GLU J 633 61.75 -1.33 -11.82
CA GLU J 633 61.98 0.13 -11.58
C GLU J 633 63.32 0.39 -10.87
N VAL J 634 63.77 -0.51 -9.97
CA VAL J 634 65.06 -0.36 -9.22
C VAL J 634 66.27 -0.62 -10.17
N VAL J 635 66.09 -1.33 -11.31
CA VAL J 635 67.14 -1.64 -12.34
C VAL J 635 66.92 -0.78 -13.60
N GLU J 659 55.28 -15.89 -15.28
CA GLU J 659 55.72 -14.68 -14.50
C GLU J 659 55.00 -13.43 -15.03
N GLN J 660 54.30 -12.72 -14.14
CA GLN J 660 53.99 -11.27 -14.27
C GLN J 660 54.19 -10.63 -12.88
N GLU J 661 54.62 -9.36 -12.87
CA GLU J 661 55.53 -8.74 -11.88
C GLU J 661 55.25 -7.26 -11.59
N GLY J 662 54.58 -7.08 -10.47
CA GLY J 662 54.98 -6.19 -9.37
C GLY J 662 54.47 -6.77 -8.07
N VAL J 663 54.25 -5.91 -7.11
CA VAL J 663 53.30 -6.16 -5.97
C VAL J 663 52.43 -4.92 -5.79
N CYS J 664 51.12 -5.10 -5.71
CA CYS J 664 50.17 -4.04 -5.31
C CYS J 664 49.74 -4.31 -3.89
N LEU J 665 49.70 -3.25 -3.09
CA LEU J 665 49.45 -3.41 -1.64
C LEU J 665 48.34 -2.46 -1.22
N PRO J 666 47.43 -2.97 -0.39
CA PRO J 666 46.17 -2.31 -0.12
C PRO J 666 46.23 -1.56 1.20
N LEU J 667 46.35 -0.26 1.01
CA LEU J 667 46.18 0.76 2.06
C LEU J 667 44.69 0.89 2.41
N SER J 668 44.29 2.08 2.81
CA SER J 668 42.95 2.43 3.28
C SER J 668 41.87 2.34 2.20
N ARG J 669 40.64 2.34 2.70
CA ARG J 669 39.39 2.25 1.91
C ARG J 669 38.25 2.97 2.67
N HIS J 670 37.89 4.14 2.15
CA HIS J 670 37.05 5.18 2.79
C HIS J 670 35.76 5.32 1.98
N THR J 671 34.64 5.35 2.70
CA THR J 671 33.29 5.56 2.14
C THR J 671 32.94 7.03 2.30
N VAL J 672 32.77 7.78 1.19
CA VAL J 672 32.16 9.13 1.21
C VAL J 672 30.65 8.95 1.12
N ASP J 673 29.96 9.39 2.17
CA ASP J 673 28.50 9.22 2.27
C ASP J 673 27.85 10.58 2.39
N MET J 674 26.51 10.58 2.39
CA MET J 674 25.64 11.78 2.27
C MET J 674 25.87 12.74 3.44
N LEU J 675 26.49 12.28 4.50
CA LEU J 675 26.82 13.18 5.61
C LEU J 675 27.99 14.11 5.27
N GLN J 676 29.08 13.64 4.67
CA GLN J 676 30.30 14.47 4.38
C GLN J 676 30.01 15.49 3.27
N CYS J 677 29.13 15.17 2.34
CA CYS J 677 28.82 15.97 1.12
C CYS J 677 27.71 16.99 1.42
N LEU J 678 27.23 17.06 2.65
CA LEU J 678 26.35 18.18 3.07
C LEU J 678 27.21 19.42 3.27
N ARG J 679 26.60 20.58 3.12
CA ARG J 679 27.30 21.88 3.32
C ARG J 679 26.23 22.89 3.77
N PHE J 680 26.52 23.65 4.83
CA PHE J 680 25.52 24.39 5.65
C PHE J 680 25.70 25.90 5.50
N PRO J 681 24.94 26.56 4.60
CA PRO J 681 25.19 27.97 4.32
C PRO J 681 24.54 28.86 5.39
N GLY J 682 23.41 28.44 5.99
CA GLY J 682 22.58 29.22 6.94
C GLY J 682 23.26 29.38 8.29
N LEU J 683 24.13 28.44 8.62
CA LEU J 683 24.95 28.46 9.85
C LEU J 683 26.22 29.35 9.69
N ALA J 684 26.93 29.36 8.55
CA ALA J 684 28.22 30.07 8.26
C ALA J 684 28.24 31.52 8.76
N THR J 697 21.68 21.40 -12.81
CA THR J 697 20.23 21.79 -12.79
C THR J 697 19.51 21.31 -14.07
N ARG J 698 18.61 20.32 -13.96
CA ARG J 698 17.56 19.98 -14.97
C ARG J 698 18.25 19.68 -16.29
N ASP J 699 18.74 18.45 -16.37
CA ASP J 699 19.69 17.93 -17.37
C ASP J 699 19.60 18.57 -18.75
N PRO J 700 20.75 19.03 -19.28
CA PRO J 700 20.81 19.59 -20.61
C PRO J 700 20.23 18.72 -21.73
N VAL J 701 20.58 17.43 -21.73
CA VAL J 701 20.00 16.41 -22.69
C VAL J 701 18.52 16.15 -22.40
N ALA J 702 18.01 16.04 -21.18
CA ALA J 702 16.56 15.85 -21.01
C ALA J 702 15.78 17.04 -21.56
N THR J 703 16.28 18.28 -21.38
CA THR J 703 15.57 19.54 -21.77
C THR J 703 15.61 19.73 -23.27
N PHE J 704 16.75 19.47 -23.81
CA PHE J 704 16.91 19.24 -25.24
C PHE J 704 15.62 18.72 -25.81
N LEU J 705 15.10 17.63 -25.21
CA LEU J 705 14.17 16.63 -25.83
C LEU J 705 12.68 17.00 -25.68
N GLU J 706 12.22 17.37 -24.48
CA GLU J 706 10.90 18.04 -24.28
C GLU J 706 10.72 19.12 -25.34
N THR J 707 11.75 19.94 -25.47
CA THR J 707 11.73 21.15 -26.29
C THR J 707 11.70 20.81 -27.76
N CYS J 708 12.60 19.96 -28.24
CA CYS J 708 12.59 19.54 -29.65
C CYS J 708 11.22 18.99 -30.06
N ARG J 709 10.53 18.29 -29.16
CA ARG J 709 9.35 17.47 -29.52
C ARG J 709 8.07 18.32 -29.74
N GLU J 710 7.77 19.27 -28.84
CA GLU J 710 6.43 19.91 -28.59
C GLU J 710 5.85 20.51 -29.90
N LEU J 726 3.70 21.19 -2.42
CA LEU J 726 3.83 19.71 -2.35
C LEU J 726 4.39 19.30 -0.97
N PRO J 727 4.15 18.07 -0.42
CA PRO J 727 4.64 17.69 0.92
C PRO J 727 6.14 17.36 0.90
N PRO J 728 6.83 17.42 2.07
CA PRO J 728 8.26 17.13 2.14
C PRO J 728 8.34 15.61 2.39
N SER J 729 9.36 14.97 1.82
CA SER J 729 9.65 13.54 2.09
C SER J 729 10.35 13.41 3.45
N VAL J 730 10.16 12.27 4.13
CA VAL J 730 10.58 12.02 5.53
C VAL J 730 11.24 10.65 5.66
N ALA J 731 12.14 10.55 6.63
CA ALA J 731 12.63 9.30 7.26
C ALA J 731 12.91 9.54 8.73
N SER J 732 12.81 8.49 9.55
CA SER J 732 13.21 8.53 10.99
C SER J 732 13.85 7.21 11.43
N ILE J 733 14.50 7.28 12.60
CA ILE J 733 14.97 6.13 13.42
C ILE J 733 14.55 6.41 14.89
N LYS J 734 14.51 5.39 15.78
CA LYS J 734 14.68 5.51 17.29
C LYS J 734 15.85 4.64 17.79
N VAL J 735 16.60 5.12 18.79
CA VAL J 735 17.92 4.52 19.20
C VAL J 735 18.06 4.60 20.74
N SER J 736 18.65 3.55 21.32
CA SER J 736 18.78 3.36 22.78
C SER J 736 19.75 4.41 23.34
N ALA J 737 19.25 5.24 24.26
CA ALA J 737 20.03 6.18 25.11
C ALA J 737 21.29 5.52 25.69
N GLU J 738 21.18 4.33 26.28
CA GLU J 738 22.30 3.51 26.85
C GLU J 738 23.37 3.24 25.79
N LEU J 739 22.94 2.76 24.62
CA LEU J 739 23.86 2.50 23.48
C LEU J 739 24.61 3.77 23.14
N LEU J 740 23.90 4.90 22.96
CA LEU J 740 24.53 6.18 22.48
C LEU J 740 25.48 6.72 23.56
N ARG J 741 25.10 6.61 24.84
CA ARG J 741 25.94 7.07 25.97
C ARG J 741 27.25 6.27 25.94
N ALA J 742 27.15 4.95 25.85
CA ALA J 742 28.34 4.06 25.86
C ALA J 742 29.25 4.34 24.65
N ALA J 743 28.70 4.46 23.43
CA ALA J 743 29.46 4.68 22.17
C ALA J 743 29.99 6.11 22.08
N LEU J 744 29.34 7.09 22.76
CA LEU J 744 29.92 8.42 23.08
C LEU J 744 30.56 8.31 24.49
N LYS J 745 30.72 9.37 25.29
CA LYS J 745 31.23 9.34 26.70
C LYS J 745 32.66 8.78 26.85
N ASP J 746 33.31 8.33 25.79
CA ASP J 746 34.79 8.25 25.71
C ASP J 746 35.30 9.49 24.97
N GLY J 747 34.41 10.14 24.23
CA GLY J 747 34.77 11.16 23.25
C GLY J 747 34.47 12.53 23.77
N HIS J 748 33.23 12.76 24.22
CA HIS J 748 32.58 14.08 24.11
C HIS J 748 32.18 14.62 25.49
N SER J 749 32.11 15.96 25.57
CA SER J 749 32.29 16.81 26.77
C SER J 749 31.07 16.66 27.68
N GLY J 750 29.89 16.62 27.07
CA GLY J 750 28.86 15.78 27.66
C GLY J 750 27.44 16.07 27.23
N VAL J 751 26.77 16.93 27.97
CA VAL J 751 25.40 16.64 28.53
C VAL J 751 24.55 15.91 27.50
N PRO J 752 24.23 16.60 26.38
CA PRO J 752 23.09 16.18 25.61
C PRO J 752 23.54 15.24 24.49
N LEU J 753 22.86 14.11 24.53
CA LEU J 753 22.82 13.11 23.42
C LEU J 753 22.57 13.75 22.06
N CYS J 754 21.51 14.55 21.95
CA CYS J 754 21.03 15.19 20.70
C CYS J 754 22.19 15.91 20.01
N CYS J 755 22.87 16.82 20.69
CA CYS J 755 24.02 17.59 20.10
C CYS J 755 25.28 16.71 19.93
N ALA J 756 25.59 15.80 20.85
CA ALA J 756 26.79 14.91 20.77
C ALA J 756 26.62 13.89 19.64
N THR J 757 25.42 13.30 19.54
CA THR J 757 24.93 12.43 18.43
C THR J 757 25.21 13.19 17.13
N LEU J 758 24.72 14.42 17.04
CA LEU J 758 24.87 15.22 15.82
C LEU J 758 26.36 15.37 15.51
N GLN J 759 27.16 15.69 16.54
CA GLN J 759 28.63 15.92 16.43
C GLN J 759 29.30 14.67 15.85
N TRP J 760 28.91 13.51 16.38
CA TRP J 760 29.39 12.16 15.97
C TRP J 760 29.00 11.85 14.50
N LEU J 761 27.76 12.14 14.04
CA LEU J 761 27.25 11.83 12.65
C LEU J 761 28.00 12.69 11.64
N LEU J 762 28.07 13.98 11.93
CA LEU J 762 28.81 14.86 11.04
C LEU J 762 30.31 14.69 11.25
N ALA J 763 30.76 13.82 12.16
CA ALA J 763 32.15 13.76 12.67
C ALA J 763 33.20 13.93 11.56
N GLU J 764 32.96 13.42 10.35
CA GLU J 764 33.97 13.46 9.25
C GLU J 764 33.79 14.71 8.38
N ASN J 765 32.63 15.39 8.53
CA ASN J 765 32.27 16.69 7.91
C ASN J 765 33.13 17.81 8.48
N ALA J 766 33.55 18.74 7.61
CA ALA J 766 34.41 19.89 7.92
C ALA J 766 33.81 20.74 9.04
N ALA J 767 32.53 21.11 8.91
CA ALA J 767 31.87 22.16 9.72
C ALA J 767 31.47 21.64 11.13
N VAL J 768 31.83 20.41 11.50
CA VAL J 768 31.43 19.77 12.78
C VAL J 768 31.82 20.61 13.99
N ASP J 769 33.02 21.22 13.99
CA ASP J 769 33.55 21.91 15.19
C ASP J 769 32.88 23.28 15.32
N VAL J 770 32.39 23.85 14.22
CA VAL J 770 31.47 25.02 14.28
C VAL J 770 30.14 24.60 14.99
N VAL J 771 29.53 23.46 14.61
CA VAL J 771 28.28 22.99 15.27
C VAL J 771 28.60 22.49 16.68
N ARG J 772 29.84 22.07 16.96
CA ARG J 772 30.27 21.69 18.35
C ARG J 772 30.27 22.94 19.24
N ALA J 773 30.86 24.03 18.73
CA ALA J 773 31.00 25.34 19.40
C ALA J 773 29.62 25.89 19.75
N ARG J 774 28.76 26.07 18.74
CA ARG J 774 27.33 26.37 18.99
C ARG J 774 26.62 25.02 18.93
N ALA J 775 26.72 24.24 20.02
CA ALA J 775 26.09 22.92 20.19
C ALA J 775 24.58 23.07 19.92
N LEU J 776 24.07 22.52 18.80
CA LEU J 776 22.78 22.94 18.18
C LEU J 776 21.70 21.87 18.18
N SER J 777 22.05 20.61 17.89
CA SER J 777 21.13 19.45 17.78
C SER J 777 20.20 19.58 16.56
N SER J 778 20.37 20.53 15.62
CA SER J 778 19.44 20.62 14.45
C SER J 778 19.85 21.67 13.43
N ILE J 779 19.85 21.29 12.15
CA ILE J 779 20.32 22.21 11.08
C ILE J 779 19.68 21.92 9.73
N GLN J 780 19.87 22.93 8.88
CA GLN J 780 19.51 23.02 7.45
C GLN J 780 20.79 23.24 6.67
N GLY J 781 21.38 22.12 6.33
CA GLY J 781 22.18 21.96 5.14
C GLY J 781 21.32 21.70 3.91
N VAL J 782 22.07 21.50 2.83
CA VAL J 782 21.65 21.41 1.42
C VAL J 782 22.61 20.39 0.79
N ALA J 783 22.08 19.43 0.02
CA ALA J 783 22.79 18.32 -0.64
C ALA J 783 23.46 18.82 -1.93
N PRO J 784 24.29 18.03 -2.62
CA PRO J 784 24.86 18.42 -3.92
C PRO J 784 23.88 18.71 -5.06
N ASP J 785 22.58 18.33 -4.88
CA ASP J 785 21.44 18.57 -5.82
C ASP J 785 20.56 19.77 -5.41
N GLY J 786 20.99 20.60 -4.44
CA GLY J 786 20.37 21.92 -4.18
C GLY J 786 19.19 21.84 -3.23
N ALA J 787 18.52 20.69 -3.16
CA ALA J 787 17.42 20.38 -2.21
C ALA J 787 17.88 20.61 -0.77
N ASN J 788 17.15 21.49 -0.11
CA ASN J 788 17.05 21.67 1.37
C ASN J 788 17.04 20.28 2.01
N VAL J 789 17.79 20.09 3.09
CA VAL J 789 17.63 18.84 3.87
C VAL J 789 17.90 19.11 5.36
N HIS J 790 16.80 19.28 6.07
CA HIS J 790 16.74 19.60 7.51
C HIS J 790 16.90 18.31 8.29
N LEU J 791 17.76 18.26 9.29
CA LEU J 791 17.80 17.08 10.19
C LEU J 791 17.75 17.54 11.65
N ILE J 792 16.79 16.98 12.40
CA ILE J 792 16.52 17.18 13.87
C ILE J 792 17.19 16.03 14.64
N VAL J 793 17.50 16.24 15.91
CA VAL J 793 17.83 15.15 16.88
C VAL J 793 17.18 15.53 18.20
N ARG J 794 16.61 14.55 18.88
CA ARG J 794 15.61 14.79 19.94
C ARG J 794 15.42 13.50 20.74
N GLU J 795 15.58 13.56 22.08
CA GLU J 795 15.22 12.42 22.99
C GLU J 795 13.71 12.18 22.96
N VAL J 796 13.31 10.93 22.80
CA VAL J 796 11.88 10.50 22.74
C VAL J 796 11.78 9.14 23.47
N ALA J 797 11.09 9.13 24.61
CA ALA J 797 10.88 7.96 25.48
C ALA J 797 9.59 7.28 25.04
N MET J 798 9.69 6.03 24.59
CA MET J 798 8.58 5.30 23.96
C MET J 798 8.10 4.12 24.84
N THR J 799 7.09 4.40 25.68
CA THR J 799 6.68 3.61 26.88
C THR J 799 6.26 2.18 26.50
N ASP J 800 5.58 2.01 25.36
CA ASP J 800 4.90 0.77 24.92
C ASP J 800 5.79 -0.03 23.93
N LEU J 801 7.10 0.25 23.85
CA LEU J 801 8.15 -0.63 23.25
C LEU J 801 8.50 -1.70 24.28
N CYS J 802 8.88 -1.27 25.49
CA CYS J 802 9.34 -2.13 26.60
C CYS J 802 8.25 -2.33 27.65
N PRO J 803 8.38 -3.39 28.49
CA PRO J 803 7.46 -3.64 29.61
C PRO J 803 7.72 -2.79 30.86
N ALA J 804 8.98 -2.41 31.10
CA ALA J 804 9.45 -1.69 32.30
C ALA J 804 9.54 -0.18 32.03
N GLY J 805 10.56 0.24 31.26
CA GLY J 805 10.92 1.65 31.01
C GLY J 805 11.49 1.81 29.61
N PRO J 806 11.03 2.78 28.78
CA PRO J 806 11.25 2.74 27.34
C PRO J 806 12.72 2.56 26.91
N ILE J 807 13.46 3.67 26.76
CA ILE J 807 14.80 3.87 27.39
C ILE J 807 15.09 5.37 27.56
N GLN J 808 14.15 6.21 27.19
CA GLN J 808 14.42 7.59 26.70
C GLN J 808 15.24 7.43 25.41
N ALA J 809 14.73 6.67 24.43
CA ALA J 809 15.34 6.43 23.11
C ALA J 809 15.48 7.76 22.35
N VAL J 810 16.61 8.00 21.68
CA VAL J 810 16.79 9.22 20.84
C VAL J 810 16.04 9.02 19.53
N GLU J 811 15.62 10.11 18.88
CA GLU J 811 15.19 10.07 17.45
C GLU J 811 15.97 11.10 16.66
N ILE J 812 16.71 10.53 15.71
CA ILE J 812 17.11 11.18 14.44
C ILE J 812 15.81 11.27 13.62
N GLN J 813 15.71 12.39 12.91
CA GLN J 813 14.80 12.66 11.77
C GLN J 813 15.65 13.08 10.56
N VAL J 814 15.11 12.88 9.38
CA VAL J 814 15.64 13.54 8.16
C VAL J 814 14.43 13.92 7.31
N GLU J 815 14.29 15.21 7.00
CA GLU J 815 13.24 15.72 6.09
C GLU J 815 14.01 16.27 4.89
N SER J 816 13.29 16.39 3.77
CA SER J 816 13.59 17.24 2.59
C SER J 816 12.42 17.09 1.61
N SER J 817 12.55 17.82 0.53
CA SER J 817 11.76 17.66 -0.70
C SER J 817 11.96 16.28 -1.36
N SER J 818 13.18 16.04 -1.89
CA SER J 818 13.48 14.95 -2.87
C SER J 818 13.66 13.64 -2.12
N LEU J 819 12.75 12.67 -2.33
CA LEU J 819 12.81 11.34 -1.66
C LEU J 819 14.21 10.76 -1.83
N ALA J 820 14.81 11.02 -3.01
CA ALA J 820 16.21 10.73 -3.38
C ALA J 820 17.16 10.99 -2.20
N ASP J 821 17.16 12.22 -1.73
CA ASP J 821 18.21 12.66 -0.79
C ASP J 821 17.98 12.04 0.56
N ILE J 822 16.73 11.76 0.84
CA ILE J 822 16.35 10.99 2.05
C ILE J 822 16.89 9.58 1.99
N CYS J 823 16.67 8.91 0.89
CA CYS J 823 17.21 7.55 0.62
C CYS J 823 18.73 7.54 0.85
N ARG J 824 19.46 8.46 0.22
CA ARG J 824 20.93 8.61 0.35
C ARG J 824 21.29 8.81 1.82
N ALA J 825 20.73 9.84 2.43
CA ALA J 825 21.05 10.14 3.81
C ALA J 825 20.83 8.86 4.63
N HIS J 826 19.61 8.31 4.62
CA HIS J 826 19.14 7.15 5.44
C HIS J 826 20.04 5.92 5.28
N HIS J 827 20.47 5.64 4.06
CA HIS J 827 21.58 4.69 3.77
C HIS J 827 22.73 4.98 4.71
N ALA J 828 23.29 6.20 4.64
CA ALA J 828 24.57 6.61 5.28
C ALA J 828 24.49 6.43 6.77
N VAL J 829 23.45 7.08 7.26
CA VAL J 829 22.91 7.06 8.62
C VAL J 829 22.83 5.63 9.18
N VAL J 830 22.22 4.65 8.47
CA VAL J 830 22.03 3.26 9.01
C VAL J 830 23.33 2.43 8.74
N GLY J 831 24.21 2.85 7.82
CA GLY J 831 25.63 2.45 7.75
C GLY J 831 26.37 2.69 9.07
N ARG J 832 26.09 3.84 9.69
CA ARG J 832 26.66 4.28 11.00
C ARG J 832 26.01 3.53 12.20
N MET J 833 24.70 3.28 12.21
CA MET J 833 23.98 2.57 13.33
C MET J 833 24.33 1.07 13.35
N GLN J 834 24.51 0.46 12.18
CA GLN J 834 25.24 -0.83 11.99
C GLN J 834 26.58 -0.80 12.76
N THR J 835 27.53 0.12 12.45
CA THR J 835 28.89 0.16 13.08
C THR J 835 28.74 0.25 14.59
N MET J 836 28.00 1.23 15.09
CA MET J 836 28.00 1.51 16.55
C MET J 836 27.35 0.35 17.33
N VAL J 837 26.33 -0.34 16.79
CA VAL J 837 25.64 -1.48 17.49
C VAL J 837 26.60 -2.69 17.49
N THR J 838 27.41 -2.87 16.45
CA THR J 838 28.44 -3.94 16.36
C THR J 838 29.58 -3.65 17.34
N GLU J 839 29.95 -2.39 17.51
CA GLU J 839 30.95 -2.03 18.54
C GLU J 839 30.45 -2.26 19.97
N GLN J 840 29.12 -2.29 20.25
CA GLN J 840 28.49 -2.45 21.62
C GLN J 840 27.65 -3.74 21.83
N ALA J 841 27.59 -4.66 20.87
CA ALA J 841 27.37 -6.10 21.17
C ALA J 841 28.71 -6.74 21.60
N THR J 842 29.88 -6.04 21.52
CA THR J 842 31.13 -6.38 22.30
C THR J 842 30.86 -6.06 23.77
N GLN J 843 30.55 -4.78 24.05
CA GLN J 843 30.14 -4.26 25.37
C GLN J 843 28.72 -4.72 25.76
N GLY J 844 28.02 -5.47 24.89
CA GLY J 844 26.91 -6.38 25.23
C GLY J 844 26.00 -5.79 26.27
N SER J 845 25.61 -4.53 26.06
CA SER J 845 24.50 -3.85 26.78
C SER J 845 23.24 -4.69 26.53
N SER J 846 22.66 -5.27 27.60
CA SER J 846 21.81 -6.51 27.58
C SER J 846 20.41 -6.30 27.00
N ALA J 847 20.09 -5.08 26.57
CA ALA J 847 19.04 -4.82 25.57
C ALA J 847 17.72 -5.23 26.15
N PRO J 848 16.89 -4.28 26.63
CA PRO J 848 15.71 -4.69 27.40
C PRO J 848 14.76 -5.53 26.53
N ASP J 849 13.86 -6.26 27.20
CA ASP J 849 13.07 -7.35 26.59
C ASP J 849 11.74 -6.72 26.19
N LEU J 850 11.35 -6.85 24.91
CA LEU J 850 10.33 -6.01 24.23
C LEU J 850 8.92 -6.62 24.37
N ARG J 851 7.89 -5.79 24.11
CA ARG J 851 6.44 -6.12 24.07
C ARG J 851 6.11 -7.09 22.91
N VAL J 852 4.85 -7.55 22.82
CA VAL J 852 4.39 -8.59 21.83
C VAL J 852 3.30 -8.02 20.89
N GLN J 853 2.20 -7.48 21.46
CA GLN J 853 1.13 -6.67 20.77
C GLN J 853 1.76 -5.87 19.63
N TYR J 854 2.82 -5.15 20.02
CA TYR J 854 3.70 -4.28 19.22
C TYR J 854 4.12 -4.88 17.87
N LEU J 855 4.86 -5.98 17.97
CA LEU J 855 5.60 -6.57 16.83
C LEU J 855 4.59 -7.22 15.90
N ARG J 856 3.45 -7.71 16.43
CA ARG J 856 2.32 -8.25 15.64
C ARG J 856 1.59 -7.14 14.87
N GLN J 857 1.38 -5.95 15.45
CA GLN J 857 0.83 -4.78 14.72
C GLN J 857 1.73 -4.49 13.52
N ILE J 858 3.03 -4.48 13.79
CA ILE J 858 4.08 -4.35 12.75
C ILE J 858 3.97 -5.54 11.77
N HIS J 859 3.82 -6.78 12.26
CA HIS J 859 3.78 -8.04 11.46
C HIS J 859 2.65 -8.02 10.40
N ALA J 860 1.43 -7.61 10.79
CA ALA J 860 0.23 -7.56 9.91
C ALA J 860 0.41 -6.44 8.88
N ASN J 861 0.87 -5.27 9.36
CA ASN J 861 1.16 -4.09 8.51
C ASN J 861 2.24 -4.47 7.48
N HIS J 862 3.16 -5.37 7.80
CA HIS J 862 4.16 -5.92 6.85
C HIS J 862 3.49 -6.88 5.85
N GLU J 863 2.83 -7.91 6.38
CA GLU J 863 2.43 -9.10 5.57
C GLU J 863 1.51 -8.67 4.42
N THR J 864 0.72 -7.60 4.61
CA THR J 864 -0.12 -7.00 3.54
C THR J 864 0.80 -6.41 2.49
N LEU J 865 1.80 -5.65 2.91
CA LEU J 865 2.65 -4.91 1.96
C LEU J 865 3.37 -5.92 1.06
N LEU J 866 3.84 -7.01 1.66
CA LEU J 866 4.63 -8.02 0.90
C LEU J 866 3.74 -8.64 -0.16
N ARG J 867 2.55 -9.08 0.27
CA ARG J 867 1.64 -9.93 -0.54
C ARG J 867 1.07 -9.08 -1.71
N GLU J 868 0.78 -7.81 -1.43
CA GLU J 868 0.56 -6.76 -2.44
C GLU J 868 1.72 -6.75 -3.45
N VAL J 869 2.94 -6.58 -2.97
CA VAL J 869 4.11 -6.40 -3.86
C VAL J 869 4.22 -7.67 -4.68
N GLN J 870 4.13 -8.82 -4.01
CA GLN J 870 4.29 -10.15 -4.67
C GLN J 870 3.45 -10.18 -5.95
N THR J 871 2.16 -9.88 -5.83
CA THR J 871 1.21 -9.89 -6.95
C THR J 871 1.62 -8.82 -7.96
N LEU J 872 2.15 -7.71 -7.47
CA LEU J 872 2.66 -6.64 -8.35
C LEU J 872 3.79 -7.18 -9.23
N ARG J 873 4.68 -7.98 -8.67
CA ARG J 873 5.83 -8.59 -9.40
C ARG J 873 5.30 -9.44 -10.55
N ASP J 874 4.32 -10.27 -10.26
CA ASP J 874 3.74 -11.20 -11.24
C ASP J 874 3.09 -10.42 -12.37
N ARG J 875 2.39 -9.36 -12.03
CA ARG J 875 1.79 -8.48 -13.04
C ARG J 875 2.90 -7.85 -13.87
N LEU J 876 4.12 -7.64 -13.34
CA LEU J 876 5.32 -7.16 -14.10
C LEU J 876 5.97 -8.25 -14.98
N CYS J 877 5.82 -9.51 -14.56
CA CYS J 877 6.31 -10.73 -15.27
C CYS J 877 5.48 -10.99 -16.54
N THR J 878 4.14 -10.99 -16.42
CA THR J 878 3.13 -11.44 -17.42
C THR J 878 2.60 -10.30 -18.32
N GLU J 879 3.12 -9.07 -18.17
CA GLU J 879 2.65 -7.78 -18.75
C GLU J 879 1.14 -7.59 -18.50
N ASP J 880 0.66 -8.01 -17.33
CA ASP J 880 -0.77 -7.92 -16.96
C ASP J 880 -1.09 -6.49 -16.56
N GLU J 881 -0.32 -5.94 -15.61
CA GLU J 881 -0.52 -4.58 -15.09
C GLU J 881 -0.18 -3.57 -16.20
N ALA J 882 1.11 -3.43 -16.45
CA ALA J 882 1.82 -2.22 -16.93
C ALA J 882 3.10 -2.13 -16.08
N SER J 883 4.20 -1.68 -16.67
CA SER J 883 5.50 -1.51 -15.98
C SER J 883 5.69 -0.03 -15.64
N SER J 884 4.98 0.86 -16.35
CA SER J 884 5.36 2.26 -16.69
C SER J 884 5.51 3.03 -15.40
N CYS J 885 4.43 3.07 -14.67
CA CYS J 885 4.27 3.97 -13.54
C CYS J 885 2.89 3.65 -13.01
N ALA J 886 2.60 4.22 -11.85
CA ALA J 886 1.63 3.76 -10.80
C ALA J 886 2.26 2.59 -10.03
N THR J 887 2.97 1.71 -10.74
CA THR J 887 3.94 0.75 -10.15
C THR J 887 5.06 1.56 -9.51
N ALA J 888 5.76 2.38 -10.31
CA ALA J 888 6.87 3.25 -9.90
C ALA J 888 6.46 4.01 -8.64
N GLN J 889 5.33 4.68 -8.73
CA GLN J 889 4.87 5.62 -7.66
C GLN J 889 4.12 4.89 -6.55
N ARG J 890 3.67 3.67 -6.80
CA ARG J 890 3.11 2.88 -5.70
C ARG J 890 4.23 2.31 -4.81
N LEU J 891 5.22 1.68 -5.42
CA LEU J 891 6.43 1.15 -4.72
C LEU J 891 7.13 2.27 -3.96
N LEU J 892 7.30 3.46 -4.55
CA LEU J 892 8.00 4.58 -3.85
C LEU J 892 7.18 5.08 -2.65
N GLN J 893 5.88 4.67 -2.56
CA GLN J 893 4.91 4.91 -1.44
C GLN J 893 4.99 3.82 -0.36
N VAL J 894 5.13 2.57 -0.81
CA VAL J 894 5.49 1.40 0.04
C VAL J 894 6.77 1.75 0.78
N TYR J 895 7.75 2.27 0.05
CA TYR J 895 9.08 2.65 0.58
C TYR J 895 8.88 3.65 1.70
N ARG J 896 8.21 4.75 1.34
CA ARG J 896 7.90 5.88 2.24
C ARG J 896 7.15 5.43 3.49
N GLN J 897 6.27 4.45 3.37
CA GLN J 897 5.53 3.95 4.56
C GLN J 897 6.47 3.46 5.66
N LEU J 898 7.48 2.70 5.26
CA LEU J 898 8.31 1.90 6.18
C LEU J 898 9.51 2.71 6.69
N ARG J 899 10.13 3.60 5.87
CA ARG J 899 11.36 4.41 6.20
C ARG J 899 11.09 5.29 7.41
N HIS J 900 9.82 5.46 7.81
CA HIS J 900 9.46 6.42 8.86
C HIS J 900 9.98 5.93 10.20
N PRO J 901 9.32 5.05 10.97
CA PRO J 901 9.96 4.44 12.16
C PRO J 901 10.67 3.10 11.89
N SER J 902 11.52 3.12 10.85
CA SER J 902 12.55 2.12 10.46
C SER J 902 13.42 1.79 11.67
N LEU J 903 13.37 0.55 12.14
CA LEU J 903 14.42 -0.04 13.01
C LEU J 903 14.62 0.84 14.24
N ILE J 904 13.63 0.83 15.13
CA ILE J 904 13.83 1.21 16.56
C ILE J 904 14.80 0.14 17.14
N LEU J 905 15.99 0.58 17.61
CA LEU J 905 17.19 -0.28 17.92
C LEU J 905 17.30 -0.40 19.46
N LEU J 906 16.84 -1.52 20.06
CA LEU J 906 16.72 -1.73 21.53
C LEU J 906 17.20 -3.14 21.86
N ALA K 30 -42.12 64.05 -53.07
CA ALA K 30 -42.14 62.55 -53.28
C ALA K 30 -40.74 61.96 -53.52
N PRO K 31 -39.76 62.56 -54.28
CA PRO K 31 -38.35 62.11 -54.28
C PRO K 31 -37.44 62.85 -53.27
N ARG K 32 -37.08 62.21 -52.14
CA ARG K 32 -36.40 62.88 -50.98
C ARG K 32 -34.96 63.26 -51.34
N VAL K 33 -34.43 62.66 -52.41
CA VAL K 33 -33.20 63.16 -53.08
C VAL K 33 -33.51 63.40 -54.57
N ARG K 34 -32.91 64.45 -55.10
CA ARG K 34 -33.05 64.85 -56.52
C ARG K 34 -31.65 65.14 -57.09
N TYR K 35 -31.33 64.49 -58.21
CA TYR K 35 -30.10 64.71 -58.98
C TYR K 35 -30.41 65.70 -60.07
N LEU K 36 -29.66 66.79 -60.11
CA LEU K 36 -29.95 67.91 -61.05
C LEU K 36 -28.73 68.37 -61.87
N ALA K 37 -27.53 67.80 -61.73
CA ALA K 37 -26.48 67.83 -62.77
C ALA K 37 -25.38 66.84 -62.41
N GLY K 38 -24.65 66.38 -63.43
CA GLY K 38 -23.53 65.44 -63.31
C GLY K 38 -22.30 65.97 -64.00
N PHE K 39 -21.15 65.91 -63.32
CA PHE K 39 -19.91 66.60 -63.72
C PHE K 39 -18.79 65.60 -63.90
N CYS K 40 -17.82 66.02 -64.72
CA CYS K 40 -16.57 65.30 -65.07
C CYS K 40 -15.81 65.07 -63.75
N CYS K 41 -15.37 63.83 -63.51
CA CYS K 41 -14.49 63.42 -62.38
C CYS K 41 -13.28 62.68 -62.96
N PRO K 42 -12.13 62.68 -62.26
CA PRO K 42 -11.05 61.76 -62.58
C PRO K 42 -11.42 60.40 -61.98
N LEU K 43 -10.51 59.44 -62.03
CA LEU K 43 -10.75 58.10 -61.44
C LEU K 43 -10.88 58.20 -59.91
N GLY K 44 -11.60 57.27 -59.27
CA GLY K 44 -11.92 57.28 -57.83
C GLY K 44 -13.07 58.22 -57.48
N GLY K 45 -12.89 59.51 -57.79
CA GLY K 45 -13.88 60.60 -57.67
C GLY K 45 -13.19 61.89 -57.31
N LEU K 46 -13.84 62.77 -56.55
CA LEU K 46 -13.30 64.10 -56.15
C LEU K 46 -12.58 64.02 -54.78
N ALA K 47 -11.41 64.68 -54.67
CA ALA K 47 -10.59 64.77 -53.42
C ALA K 47 -11.22 65.78 -52.45
N ALA K 48 -11.26 65.46 -51.15
CA ALA K 48 -11.93 66.25 -50.07
C ALA K 48 -11.21 67.58 -49.83
N GLY K 49 -11.82 68.49 -49.09
CA GLY K 49 -11.27 69.84 -48.89
C GLY K 49 -11.58 70.81 -50.03
N LYS K 50 -10.99 70.66 -51.24
CA LYS K 50 -10.79 71.78 -52.22
C LYS K 50 -12.07 72.22 -52.93
N PRO K 51 -12.98 71.32 -53.41
CA PRO K 51 -14.26 71.74 -53.97
C PRO K 51 -15.19 72.55 -53.03
N ARG K 52 -15.95 73.56 -53.51
CA ARG K 52 -16.88 74.43 -52.70
C ARG K 52 -18.30 74.47 -53.30
N VAL K 53 -19.33 74.55 -52.45
CA VAL K 53 -20.76 74.80 -52.80
C VAL K 53 -21.34 75.87 -51.86
N LEU K 54 -22.03 76.86 -52.42
CA LEU K 54 -22.57 78.07 -51.72
C LEU K 54 -23.95 78.42 -52.29
N CYS K 55 -25.01 78.38 -51.48
CA CYS K 55 -26.40 78.71 -51.89
C CYS K 55 -26.73 80.14 -51.44
N HIS K 56 -27.03 81.05 -52.39
CA HIS K 56 -27.30 82.49 -52.13
C HIS K 56 -28.73 82.68 -51.58
N GLU K 57 -29.75 82.63 -52.43
CA GLU K 57 -31.20 82.68 -52.06
C GLU K 57 -31.89 81.43 -52.60
N ALA K 58 -31.95 81.35 -53.94
CA ALA K 58 -32.26 80.18 -54.77
C ALA K 58 -30.99 79.73 -55.47
N GLU K 59 -30.31 80.64 -56.18
CA GLU K 59 -29.10 80.36 -57.00
C GLU K 59 -27.98 79.74 -56.13
N VAL K 60 -27.13 78.91 -56.75
CA VAL K 60 -26.07 78.10 -56.08
C VAL K 60 -24.80 78.20 -56.93
N PHE K 61 -23.70 78.55 -56.25
CA PHE K 61 -22.34 78.71 -56.81
C PHE K 61 -21.53 77.48 -56.46
N LEU K 62 -20.70 77.02 -57.40
CA LEU K 62 -20.02 75.72 -57.23
C LEU K 62 -18.63 75.75 -57.84
N SER K 63 -17.68 75.14 -57.13
CA SER K 63 -16.36 74.70 -57.64
C SER K 63 -16.15 73.23 -57.28
N THR K 64 -15.37 72.54 -58.12
CA THR K 64 -15.16 71.09 -58.08
C THR K 64 -13.70 70.75 -57.75
N GLY K 65 -12.92 71.71 -57.25
CA GLY K 65 -11.44 71.65 -57.26
C GLY K 65 -10.90 71.57 -58.68
N SER K 66 -11.63 72.16 -59.62
CA SER K 66 -11.29 72.24 -61.05
C SER K 66 -11.22 73.72 -61.44
N GLU K 67 -10.93 73.99 -62.72
CA GLU K 67 -10.64 75.33 -63.33
C GLU K 67 -11.92 76.17 -63.45
N LEU K 68 -13.07 75.66 -62.99
CA LEU K 68 -14.42 76.07 -63.43
C LEU K 68 -15.26 76.45 -62.20
N VAL K 69 -16.11 77.46 -62.36
CA VAL K 69 -17.15 77.87 -61.36
C VAL K 69 -18.49 77.94 -62.07
N TYR K 70 -19.47 77.26 -61.49
CA TYR K 70 -20.80 77.09 -62.10
C TYR K 70 -21.79 77.86 -61.27
N VAL K 71 -22.80 78.38 -61.94
CA VAL K 71 -23.95 79.08 -61.31
C VAL K 71 -25.21 78.35 -61.76
N TYR K 72 -26.03 77.88 -60.82
CA TYR K 72 -27.25 77.12 -61.16
C TYR K 72 -28.47 77.79 -60.55
N ASP K 73 -29.44 78.05 -61.41
CA ASP K 73 -30.76 78.59 -61.05
C ASP K 73 -31.52 77.45 -60.36
N GLN K 74 -31.27 77.21 -59.08
CA GLN K 74 -32.11 76.27 -58.26
C GLN K 74 -33.56 76.76 -58.37
N GLU K 75 -34.52 75.83 -58.56
CA GLU K 75 -35.85 75.96 -59.26
C GLU K 75 -35.74 75.16 -60.55
N GLY K 76 -34.71 75.52 -61.33
CA GLY K 76 -34.31 74.83 -62.56
C GLY K 76 -32.84 74.47 -62.49
N GLY K 77 -32.53 73.20 -62.37
CA GLY K 77 -31.13 72.74 -62.37
C GLY K 77 -30.43 72.97 -63.71
N LEU K 78 -30.91 73.88 -64.58
CA LEU K 78 -30.08 74.47 -65.66
C LEU K 78 -29.10 75.45 -65.03
N LEU K 79 -27.93 75.60 -65.65
CA LEU K 79 -26.91 76.63 -65.30
C LEU K 79 -27.43 78.00 -65.73
N THR K 80 -27.07 79.05 -65.00
CA THR K 80 -27.15 80.46 -65.47
C THR K 80 -25.89 80.76 -66.31
N ALA K 81 -24.69 80.49 -65.78
CA ALA K 81 -23.39 80.77 -66.43
C ALA K 81 -22.29 79.89 -65.83
N ALA K 82 -21.27 79.60 -66.63
CA ALA K 82 -20.04 78.93 -66.20
C ALA K 82 -18.86 79.88 -66.43
N PHE K 83 -17.87 79.84 -65.54
CA PHE K 83 -16.69 80.72 -65.57
C PHE K 83 -15.42 79.88 -65.57
N ARG K 84 -14.61 80.02 -66.62
CA ARG K 84 -13.24 79.46 -66.64
C ARG K 84 -12.30 80.43 -65.91
N PHE K 85 -11.69 79.95 -64.83
CA PHE K 85 -10.49 80.55 -64.17
C PHE K 85 -9.27 79.78 -64.63
N PRO K 86 -8.08 80.42 -64.80
CA PRO K 86 -6.84 79.65 -64.92
C PRO K 86 -6.46 79.04 -63.56
N ASP K 87 -5.75 77.91 -63.55
CA ASP K 87 -5.03 77.38 -62.37
C ASP K 87 -6.06 77.09 -61.26
N GLN K 88 -6.59 75.86 -61.28
CA GLN K 88 -7.77 75.35 -60.53
C GLN K 88 -8.15 76.16 -59.29
N VAL K 89 -9.43 76.44 -59.17
CA VAL K 89 -10.07 77.14 -58.01
C VAL K 89 -9.96 76.24 -56.77
N TRP K 90 -9.67 76.83 -55.62
CA TRP K 90 -9.54 76.13 -54.31
C TRP K 90 -10.61 76.57 -53.32
N HIS K 91 -11.23 77.73 -53.52
CA HIS K 91 -12.04 78.37 -52.46
C HIS K 91 -12.85 79.54 -52.99
N LEU K 92 -14.04 79.74 -52.41
CA LEU K 92 -15.00 80.82 -52.75
C LEU K 92 -15.50 81.53 -51.51
N GLU K 93 -15.97 82.76 -51.70
CA GLU K 93 -16.86 83.47 -50.75
C GLU K 93 -17.82 84.34 -51.57
N LEU K 94 -18.90 84.74 -50.91
CA LEU K 94 -19.92 85.61 -51.52
C LEU K 94 -20.33 86.72 -50.56
N LEU K 95 -20.64 87.89 -51.14
CA LEU K 95 -21.38 88.99 -50.51
C LEU K 95 -22.64 89.27 -51.32
N ALA K 96 -23.80 88.98 -50.73
CA ALA K 96 -25.14 89.29 -51.28
C ALA K 96 -25.35 90.80 -51.40
N PRO K 97 -24.98 91.65 -50.40
CA PRO K 97 -25.23 93.10 -50.48
C PRO K 97 -24.58 93.80 -51.68
N ARG K 98 -23.33 93.46 -51.99
CA ARG K 98 -22.50 94.11 -53.03
C ARG K 98 -22.67 93.41 -54.39
N ARG K 99 -23.33 92.24 -54.44
CA ARG K 99 -23.47 91.40 -55.65
C ARG K 99 -22.08 91.00 -56.15
N LEU K 100 -21.21 90.50 -55.25
CA LEU K 100 -19.80 90.14 -55.58
C LEU K 100 -19.48 88.71 -55.15
N LEU K 101 -18.70 88.01 -55.98
CA LEU K 101 -18.14 86.68 -55.69
C LEU K 101 -16.62 86.76 -55.69
N TYR K 102 -16.02 86.41 -54.56
CA TYR K 102 -14.56 86.31 -54.38
C TYR K 102 -14.15 84.87 -54.64
N ALA K 103 -13.13 84.66 -55.47
CA ALA K 103 -12.66 83.32 -55.86
C ALA K 103 -11.14 83.26 -55.70
N LEU K 104 -10.60 82.15 -55.21
CA LEU K 104 -9.14 81.96 -55.03
C LEU K 104 -8.63 80.92 -56.04
N CYS K 105 -7.74 81.34 -56.93
CA CYS K 105 -6.92 80.47 -57.82
C CYS K 105 -5.67 80.04 -57.07
N ALA K 106 -5.01 78.98 -57.53
CA ALA K 106 -3.99 78.21 -56.79
C ALA K 106 -2.66 78.99 -56.69
N ARG K 107 -1.96 79.20 -57.82
CA ARG K 107 -0.65 79.90 -57.90
C ARG K 107 -0.79 81.34 -58.40
N ARG K 108 -1.94 81.72 -58.98
CA ARG K 108 -2.35 83.15 -59.12
C ARG K 108 -3.11 83.56 -57.86
N GLY K 109 -3.68 84.77 -57.85
CA GLY K 109 -4.26 85.38 -56.64
C GLY K 109 -5.74 85.15 -56.49
N LEU K 110 -6.42 86.18 -56.01
CA LEU K 110 -7.87 86.23 -55.76
C LEU K 110 -8.52 87.04 -56.90
N TYR K 111 -9.56 86.51 -57.51
CA TYR K 111 -10.37 87.21 -58.55
C TYR K 111 -11.72 87.62 -57.94
N CYS K 112 -12.20 88.79 -58.34
CA CYS K 112 -13.40 89.44 -57.77
C CYS K 112 -14.33 89.78 -58.92
N LEU K 113 -15.41 89.00 -59.06
CA LEU K 113 -16.39 89.19 -60.15
C LEU K 113 -17.69 89.78 -59.62
N SER K 114 -18.25 90.71 -60.41
CA SER K 114 -19.62 91.26 -60.30
C SER K 114 -20.60 90.20 -60.81
N LEU K 115 -21.73 90.00 -60.13
CA LEU K 115 -22.66 88.86 -60.42
C LEU K 115 -23.70 89.22 -61.49
N ASP K 116 -23.72 90.45 -62.00
CA ASP K 116 -24.54 90.82 -63.18
C ASP K 116 -23.79 90.31 -64.43
N HIS K 117 -22.54 90.74 -64.59
CA HIS K 117 -21.50 90.20 -65.51
C HIS K 117 -21.96 90.20 -66.99
N PRO K 118 -21.66 91.25 -67.80
CA PRO K 118 -22.28 91.41 -69.13
C PRO K 118 -21.86 90.35 -70.18
N SER K 138 -21.58 80.77 -76.33
CA SER K 138 -21.60 79.65 -75.33
C SER K 138 -21.83 80.23 -73.92
N PRO K 139 -22.47 79.48 -72.98
CA PRO K 139 -22.53 79.92 -71.58
C PRO K 139 -21.22 79.83 -70.76
N VAL K 140 -20.10 79.41 -71.39
CA VAL K 140 -18.71 79.54 -70.88
C VAL K 140 -18.21 80.98 -71.10
N ILE K 141 -17.58 81.56 -70.07
CA ILE K 141 -16.86 82.86 -70.11
C ILE K 141 -15.48 82.62 -69.50
N PRO K 142 -14.37 82.95 -70.19
CA PRO K 142 -13.09 83.11 -69.51
C PRO K 142 -13.06 84.42 -68.71
N VAL K 143 -12.50 84.36 -67.48
CA VAL K 143 -12.08 85.59 -66.73
C VAL K 143 -10.83 86.18 -67.42
N ASP K 144 -10.84 87.50 -67.66
CA ASP K 144 -9.63 88.26 -68.06
C ASP K 144 -8.85 88.63 -66.79
N PRO K 145 -7.54 88.94 -66.87
CA PRO K 145 -6.79 89.39 -65.70
C PRO K 145 -7.21 90.75 -65.09
N ASP K 146 -8.13 91.50 -65.73
CA ASP K 146 -8.75 92.74 -65.17
C ASP K 146 -9.45 92.44 -63.82
N ALA K 147 -10.12 91.29 -63.68
CA ALA K 147 -10.85 90.88 -62.44
C ALA K 147 -9.86 90.47 -61.32
N CYS K 148 -8.56 90.30 -61.62
CA CYS K 148 -7.50 89.94 -60.63
C CYS K 148 -7.27 91.10 -59.65
N ILE K 149 -7.19 90.77 -58.36
CA ILE K 149 -6.82 91.67 -57.23
C ILE K 149 -5.82 90.89 -56.37
N LEU K 150 -4.92 91.60 -55.67
CA LEU K 150 -3.83 91.03 -54.83
C LEU K 150 -3.26 89.75 -55.45
N PRO K 151 -2.61 89.77 -56.65
CA PRO K 151 -1.86 88.61 -57.16
C PRO K 151 -0.59 88.33 -56.32
N ASP K 152 -0.80 87.87 -55.07
CA ASP K 152 0.22 87.41 -54.08
C ASP K 152 0.96 86.20 -54.67
N ALA K 153 0.20 85.30 -55.30
CA ALA K 153 0.66 84.09 -56.03
C ALA K 153 1.15 82.98 -55.09
N ALA K 154 1.12 83.20 -53.77
CA ALA K 154 1.45 82.22 -52.71
C ALA K 154 0.43 82.27 -51.56
N LEU K 155 -0.74 82.92 -51.73
CA LEU K 155 -1.85 82.87 -50.73
C LEU K 155 -2.61 81.53 -50.91
N CYS K 156 -2.99 80.86 -49.80
CA CYS K 156 -3.71 79.54 -49.73
C CYS K 156 -5.19 79.77 -49.44
N ALA K 157 -5.47 80.42 -48.32
CA ALA K 157 -6.83 80.59 -47.77
C ALA K 157 -7.21 82.07 -47.82
N PHE K 158 -8.50 82.33 -47.63
CA PHE K 158 -9.06 83.68 -47.35
C PHE K 158 -10.45 83.54 -46.69
N THR K 159 -10.82 84.49 -45.83
CA THR K 159 -12.18 84.64 -45.24
C THR K 159 -12.58 86.11 -45.24
N LEU K 160 -13.88 86.36 -45.09
CA LEU K 160 -14.45 87.71 -45.33
C LEU K 160 -15.30 88.13 -44.14
N LEU K 161 -15.12 89.39 -43.74
CA LEU K 161 -15.99 90.14 -42.79
C LEU K 161 -16.69 91.30 -43.54
N ASP K 162 -17.53 92.10 -42.87
CA ASP K 162 -18.41 93.12 -43.50
C ASP K 162 -17.59 94.18 -44.27
N SER K 163 -16.43 94.56 -43.73
CA SER K 163 -15.57 95.67 -44.23
C SER K 163 -14.08 95.29 -44.26
N VAL K 164 -13.71 94.05 -43.92
CA VAL K 164 -12.29 93.64 -43.76
C VAL K 164 -12.08 92.26 -44.41
N LEU K 165 -10.99 92.16 -45.16
CA LEU K 165 -10.47 90.91 -45.79
C LEU K 165 -9.42 90.32 -44.85
N VAL K 166 -9.43 89.00 -44.68
CA VAL K 166 -8.30 88.23 -44.07
C VAL K 166 -7.80 87.21 -45.10
N THR K 167 -6.47 87.13 -45.30
CA THR K 167 -5.80 86.07 -46.12
C THR K 167 -4.67 85.44 -45.30
N LEU K 168 -4.21 84.28 -45.80
CA LEU K 168 -3.23 83.40 -45.11
C LEU K 168 -2.21 82.96 -46.15
N VAL K 169 -0.98 83.45 -46.04
CA VAL K 169 0.06 83.38 -47.11
C VAL K 169 1.13 82.37 -46.67
N GLN K 170 1.54 81.51 -47.61
CA GLN K 170 2.70 80.62 -47.46
C GLN K 170 3.92 81.32 -48.08
N GLY K 171 5.08 81.08 -47.49
CA GLY K 171 6.39 81.55 -47.98
C GLY K 171 7.45 80.47 -47.74
N PRO K 172 8.55 80.78 -47.03
CA PRO K 172 9.27 79.79 -46.23
C PRO K 172 8.48 79.28 -45.01
N ALA K 173 9.09 78.38 -44.21
CA ALA K 173 8.51 77.61 -43.08
C ALA K 173 7.30 78.34 -42.49
N ARG K 174 7.51 79.47 -41.84
CA ARG K 174 6.42 80.17 -41.12
C ARG K 174 5.50 80.86 -42.12
N TRP K 175 4.23 80.48 -42.05
CA TRP K 175 3.10 81.15 -42.76
C TRP K 175 2.83 82.46 -42.03
N LYS K 176 2.33 83.46 -42.75
CA LYS K 176 1.92 84.77 -42.17
C LYS K 176 0.47 85.09 -42.58
N MET K 177 -0.34 85.56 -41.63
CA MET K 177 -1.71 86.10 -41.87
C MET K 177 -1.57 87.59 -42.21
N GLN K 178 -2.00 88.03 -43.42
CA GLN K 178 -2.02 89.47 -43.83
C GLN K 178 -3.47 89.94 -43.94
N LEU K 179 -3.69 91.21 -43.56
CA LEU K 179 -5.04 91.82 -43.37
C LEU K 179 -5.16 93.02 -44.32
N PHE K 180 -6.26 93.06 -45.08
CA PHE K 180 -6.50 94.08 -46.13
C PHE K 180 -7.87 94.73 -45.87
N GLU K 181 -7.94 96.03 -46.12
CA GLU K 181 -9.17 96.81 -45.90
C GLU K 181 -10.05 96.65 -47.13
N GLN K 182 -11.29 96.22 -46.96
CA GLN K 182 -12.26 95.99 -48.06
C GLN K 182 -13.04 97.29 -48.27
N PRO K 183 -13.15 97.86 -49.50
CA PRO K 183 -13.84 99.13 -49.71
C PRO K 183 -15.37 98.98 -49.57
N CYS K 184 -15.92 99.52 -48.47
CA CYS K 184 -17.38 99.53 -48.14
C CYS K 184 -18.19 100.30 -49.20
N PRO K 185 -17.75 101.47 -49.74
CA PRO K 185 -18.48 102.13 -50.82
C PRO K 185 -18.44 101.32 -52.12
N GLY K 186 -19.53 101.34 -52.88
CA GLY K 186 -19.51 100.92 -54.30
C GLY K 186 -18.48 101.72 -55.07
N GLU K 187 -17.31 101.13 -55.34
CA GLU K 187 -16.22 101.74 -56.13
C GLU K 187 -15.59 100.64 -57.01
N ASP K 188 -14.36 100.83 -57.50
CA ASP K 188 -13.58 99.69 -58.09
C ASP K 188 -13.28 98.71 -56.94
N PRO K 189 -13.58 97.38 -57.08
CA PRO K 189 -13.35 96.43 -56.00
C PRO K 189 -11.83 96.28 -55.75
N ARG K 190 -11.36 96.81 -54.63
CA ARG K 190 -9.92 97.07 -54.39
C ARG K 190 -9.46 96.40 -53.11
N PRO K 191 -8.16 96.02 -53.04
CA PRO K 191 -7.60 95.46 -51.81
C PRO K 191 -7.24 96.52 -50.76
N GLY K 192 -6.96 97.77 -51.19
CA GLY K 192 -6.44 98.83 -50.31
C GLY K 192 -5.02 98.54 -49.86
N GLY K 193 -4.55 99.31 -48.87
CA GLY K 193 -3.30 99.03 -48.16
C GLY K 193 -3.49 97.91 -47.16
N GLN K 194 -2.49 97.05 -47.02
CA GLN K 194 -2.48 95.97 -45.97
C GLN K 194 -2.34 96.65 -44.60
N ILE K 195 -3.26 96.36 -43.67
CA ILE K 195 -3.30 96.94 -42.29
C ILE K 195 -2.09 96.39 -41.52
N GLY K 196 -2.02 95.07 -41.45
CA GLY K 196 -1.19 94.30 -40.50
C GLY K 196 -0.61 93.07 -41.15
N GLU K 197 0.39 92.49 -40.49
CA GLU K 197 0.90 91.13 -40.77
C GLU K 197 1.29 90.49 -39.44
N VAL K 198 0.89 89.22 -39.23
CA VAL K 198 1.28 88.34 -38.08
C VAL K 198 2.00 87.12 -38.64
N GLU K 199 2.84 86.50 -37.81
CA GLU K 199 3.44 85.18 -38.10
C GLU K 199 2.74 84.11 -37.28
N LEU K 200 2.42 82.99 -37.92
CA LEU K 200 1.99 81.74 -37.24
C LEU K 200 3.27 80.92 -37.02
N SER K 201 4.07 81.33 -36.03
CA SER K 201 5.35 80.68 -35.61
C SER K 201 5.07 79.25 -35.13
N SER K 202 3.89 79.08 -34.51
CA SER K 202 3.30 77.79 -34.06
C SER K 202 3.30 76.78 -35.21
N TYR K 203 3.14 77.24 -36.44
CA TYR K 203 3.10 76.39 -37.65
C TYR K 203 4.45 76.39 -38.36
N THR K 204 5.00 75.19 -38.61
CA THR K 204 6.23 74.92 -39.38
C THR K 204 6.01 73.71 -40.29
N PRO K 205 5.84 73.90 -41.63
CA PRO K 205 5.59 72.79 -42.55
C PRO K 205 6.87 72.04 -42.90
N PRO K 206 6.94 70.69 -42.82
CA PRO K 206 8.03 69.94 -43.45
C PRO K 206 8.07 69.99 -45.00
N ALA K 207 6.90 70.00 -45.65
CA ALA K 207 6.69 70.44 -47.05
C ALA K 207 6.46 71.96 -47.08
N PRO K 216 -1.74 71.98 -51.81
CA PRO K 216 -1.09 70.87 -51.13
C PRO K 216 -1.97 69.62 -51.03
N HIS K 217 -1.64 68.71 -50.12
CA HIS K 217 -2.54 67.60 -49.71
C HIS K 217 -3.72 68.18 -48.92
N PHE K 218 -3.46 68.90 -47.82
CA PHE K 218 -4.49 69.70 -47.10
C PHE K 218 -4.21 71.21 -47.26
N LEU K 219 -5.29 72.00 -47.32
CA LEU K 219 -5.29 73.49 -47.32
C LEU K 219 -5.80 73.95 -45.95
N PRO K 220 -5.43 75.16 -45.47
CA PRO K 220 -5.91 75.66 -44.18
C PRO K 220 -7.37 76.15 -44.29
N VAL K 221 -8.05 76.32 -43.15
CA VAL K 221 -9.45 76.85 -43.14
C VAL K 221 -9.51 78.06 -42.20
N LEU K 222 -10.22 79.10 -42.64
CA LEU K 222 -10.39 80.37 -41.91
C LEU K 222 -11.84 80.54 -41.52
N CYS K 223 -12.09 80.72 -40.22
CA CYS K 223 -13.40 81.13 -39.67
C CYS K 223 -13.29 82.53 -39.09
N SER K 224 -14.40 83.27 -39.14
CA SER K 224 -14.59 84.63 -38.59
C SER K 224 -15.64 84.57 -37.48
N VAL K 225 -15.29 85.10 -36.31
CA VAL K 225 -16.15 85.05 -35.09
C VAL K 225 -16.32 86.48 -34.58
N SER K 226 -17.53 87.02 -34.65
CA SER K 226 -17.92 88.32 -34.04
C SER K 226 -18.56 88.07 -32.67
N PRO K 227 -18.51 89.04 -31.72
CA PRO K 227 -19.30 88.96 -30.49
C PRO K 227 -20.67 89.65 -30.70
N SER K 228 -21.66 89.30 -29.87
CA SER K 228 -23.06 89.82 -29.96
C SER K 228 -23.05 91.36 -29.85
N GLY K 229 -23.61 92.06 -30.85
CA GLY K 229 -23.74 93.54 -30.90
C GLY K 229 -23.28 94.15 -32.23
N SER K 230 -22.07 93.83 -32.68
CA SER K 230 -21.40 94.42 -33.88
C SER K 230 -22.21 94.13 -35.15
N GLY K 242 -19.81 85.96 -40.79
CA GLY K 242 -19.14 85.24 -39.68
C GLY K 242 -20.14 84.74 -38.66
N PHE K 243 -19.62 84.09 -37.60
CA PHE K 243 -20.41 83.44 -36.52
C PHE K 243 -20.50 84.39 -35.32
N THR K 244 -21.74 84.69 -34.88
CA THR K 244 -22.05 85.50 -33.68
C THR K 244 -22.01 84.59 -32.45
N LEU K 245 -21.03 84.76 -31.57
CA LEU K 245 -20.99 84.04 -30.27
C LEU K 245 -21.73 84.83 -29.19
N GLU K 246 -22.25 84.09 -28.20
CA GLU K 246 -22.70 84.58 -26.85
C GLU K 246 -21.46 85.05 -26.07
N ASP K 247 -21.63 86.13 -25.31
CA ASP K 247 -20.50 86.87 -24.66
C ASP K 247 -19.89 86.00 -23.55
N ALA K 248 -20.65 85.04 -22.97
CA ALA K 248 -20.19 84.08 -21.94
C ALA K 248 -18.99 83.28 -22.48
N LEU K 249 -19.20 82.48 -23.53
CA LEU K 249 -18.11 81.70 -24.17
C LEU K 249 -17.07 82.65 -24.78
N PHE K 250 -17.49 83.78 -25.36
CA PHE K 250 -16.61 84.73 -26.09
C PHE K 250 -15.49 85.23 -25.17
N GLY K 251 -15.87 85.76 -24.01
CA GLY K 251 -14.94 86.19 -22.94
C GLY K 251 -14.12 85.03 -22.41
N LEU K 252 -14.77 83.90 -22.14
CA LEU K 252 -14.13 82.65 -21.60
C LEU K 252 -12.92 82.25 -22.46
N LEU K 253 -13.04 82.42 -23.78
CA LEU K 253 -12.14 81.86 -24.83
C LEU K 253 -10.98 82.84 -25.09
N PHE K 254 -11.30 84.10 -25.36
CA PHE K 254 -10.31 85.11 -25.83
C PHE K 254 -9.86 86.01 -24.68
N GLY K 255 -10.44 85.84 -23.49
CA GLY K 255 -10.22 86.76 -22.36
C GLY K 255 -10.96 88.08 -22.56
N ALA K 256 -10.52 89.11 -21.84
CA ALA K 256 -11.25 90.37 -21.59
C ALA K 256 -11.00 91.39 -22.71
N ASP K 257 -9.81 91.37 -23.35
CA ASP K 257 -9.41 92.33 -24.42
C ASP K 257 -10.45 92.33 -25.53
N ALA K 258 -10.74 91.13 -26.08
CA ALA K 258 -11.69 90.90 -27.19
C ALA K 258 -13.11 91.34 -26.81
N THR K 259 -13.63 90.84 -25.68
CA THR K 259 -15.01 91.09 -25.14
C THR K 259 -15.22 92.59 -24.93
N LEU K 260 -14.17 93.28 -24.48
CA LEU K 260 -14.18 94.74 -24.19
C LEU K 260 -14.18 95.53 -25.50
N LEU K 261 -13.23 95.22 -26.39
CA LEU K 261 -13.03 95.93 -27.67
C LEU K 261 -14.24 95.72 -28.59
N GLN K 262 -15.04 94.66 -28.37
CA GLN K 262 -16.10 94.16 -29.29
C GLN K 262 -15.40 93.85 -30.63
N SER K 263 -14.21 93.22 -30.54
CA SER K 263 -13.28 92.89 -31.65
C SER K 263 -13.80 91.63 -32.34
N PRO K 264 -13.92 91.56 -33.68
CA PRO K 264 -14.05 90.27 -34.35
C PRO K 264 -12.69 89.56 -34.29
N VAL K 265 -12.72 88.24 -34.07
CA VAL K 265 -11.53 87.36 -33.95
C VAL K 265 -11.51 86.45 -35.19
N VAL K 266 -10.32 86.02 -35.63
CA VAL K 266 -10.11 85.14 -36.81
C VAL K 266 -9.43 83.84 -36.35
N LEU K 267 -10.07 82.69 -36.60
CA LEU K 267 -9.50 81.32 -36.34
C LEU K 267 -8.87 80.80 -37.65
N CYS K 268 -7.59 80.40 -37.62
CA CYS K 268 -6.88 79.75 -38.76
C CYS K 268 -6.46 78.33 -38.35
N GLY K 269 -7.20 77.31 -38.81
CA GLY K 269 -6.77 75.90 -38.75
C GLY K 269 -5.77 75.60 -39.86
N LEU K 270 -4.59 75.03 -39.53
CA LEU K 270 -3.49 74.74 -40.49
C LEU K 270 -3.29 73.23 -40.65
N PRO K 271 -2.55 72.79 -41.70
CA PRO K 271 -2.36 71.37 -42.01
C PRO K 271 -1.80 70.43 -40.94
N ASP K 272 -1.02 70.96 -39.99
CA ASP K 272 -0.54 70.25 -38.77
C ASP K 272 -1.75 69.73 -38.00
N GLY K 273 -2.77 70.57 -37.93
CA GLY K 273 -3.92 70.42 -37.03
C GLY K 273 -3.96 71.50 -35.96
N GLN K 274 -3.19 72.58 -36.09
CA GLN K 274 -3.16 73.69 -35.10
C GLN K 274 -4.14 74.78 -35.50
N LEU K 275 -5.03 75.14 -34.58
CA LEU K 275 -6.07 76.18 -34.79
C LEU K 275 -5.65 77.37 -33.92
N CYS K 276 -5.40 78.54 -34.55
CA CYS K 276 -4.79 79.75 -33.92
C CYS K 276 -5.76 80.95 -34.01
N CYS K 277 -6.08 81.61 -32.88
CA CYS K 277 -6.96 82.81 -32.79
C CYS K 277 -6.11 84.08 -32.86
N VAL K 278 -6.56 85.09 -33.62
CA VAL K 278 -5.92 86.44 -33.69
C VAL K 278 -7.01 87.52 -33.59
N ILE K 279 -6.81 88.55 -32.75
CA ILE K 279 -7.75 89.69 -32.48
C ILE K 279 -7.43 90.79 -33.51
N LEU K 280 -8.40 91.20 -34.32
CA LEU K 280 -8.15 92.11 -35.49
C LEU K 280 -7.96 93.56 -35.01
N LYS K 281 -8.66 93.98 -33.96
CA LYS K 281 -8.45 95.29 -33.28
C LYS K 281 -7.00 95.39 -32.80
N ALA K 282 -6.43 94.29 -32.27
CA ALA K 282 -5.02 94.21 -31.82
C ALA K 282 -4.04 94.14 -33.01
N LEU K 283 -4.43 93.56 -34.15
CA LEU K 283 -3.59 93.57 -35.40
C LEU K 283 -3.67 94.97 -36.07
N VAL K 284 -2.88 95.93 -35.57
CA VAL K 284 -2.60 97.24 -36.22
C VAL K 284 -1.12 97.58 -35.97
N THR K 285 -0.27 97.29 -36.96
CA THR K 285 1.22 97.35 -36.90
C THR K 285 1.73 98.27 -38.04
N LEU K 296 1.25 87.94 -30.22
CA LEU K 296 -0.04 88.46 -30.77
C LEU K 296 -0.98 87.29 -31.13
N VAL K 297 -0.55 86.39 -32.03
CA VAL K 297 -1.33 85.18 -32.46
C VAL K 297 -1.30 84.16 -31.31
N LYS K 298 -2.47 83.62 -30.94
CA LYS K 298 -2.64 82.67 -29.81
C LYS K 298 -2.92 81.28 -30.38
N ILE K 299 -2.52 80.23 -29.68
CA ILE K 299 -2.68 78.80 -30.09
C ILE K 299 -3.58 78.16 -29.03
N LEU K 300 -4.59 77.42 -29.47
CA LEU K 300 -5.72 77.07 -28.59
C LEU K 300 -5.63 75.62 -28.17
N HIS K 301 -5.76 74.71 -29.13
CA HIS K 301 -5.91 73.27 -28.81
C HIS K 301 -4.94 72.38 -29.58
N HIS K 302 -4.80 72.50 -30.90
CA HIS K 302 -3.91 71.60 -31.68
C HIS K 302 -4.46 70.18 -31.67
N LEU K 303 -5.40 69.90 -32.56
CA LEU K 303 -5.62 68.51 -33.05
C LEU K 303 -4.31 68.05 -33.68
N GLU K 304 -3.91 66.79 -33.53
CA GLU K 304 -2.62 66.30 -34.08
C GLU K 304 -2.70 66.09 -35.59
N GLU K 305 -3.90 65.90 -36.12
CA GLU K 305 -4.21 65.55 -37.52
C GLU K 305 -4.77 66.77 -38.22
N PRO K 306 -4.80 66.84 -39.58
CA PRO K 306 -5.17 68.06 -40.29
C PRO K 306 -6.59 68.55 -39.98
N VAL K 307 -6.81 69.83 -40.21
CA VAL K 307 -8.10 70.53 -39.94
C VAL K 307 -8.86 70.61 -41.27
N ILE K 308 -10.19 70.46 -41.17
CA ILE K 308 -11.12 70.35 -42.34
C ILE K 308 -12.19 71.43 -42.26
N PHE K 309 -12.89 71.48 -41.13
CA PHE K 309 -14.09 72.29 -40.85
C PHE K 309 -13.88 73.08 -39.54
N ILE K 310 -14.27 74.36 -39.55
CA ILE K 310 -14.49 75.19 -38.32
C ILE K 310 -15.88 75.82 -38.45
N GLY K 311 -16.64 75.89 -37.37
CA GLY K 311 -17.95 76.56 -37.37
C GLY K 311 -18.40 76.91 -35.98
N ALA K 312 -19.73 76.93 -35.77
CA ALA K 312 -20.40 77.09 -34.47
C ALA K 312 -21.79 76.44 -34.51
N LEU K 313 -22.35 76.15 -33.34
CA LEU K 313 -23.69 75.53 -33.20
C LEU K 313 -24.52 76.30 -32.17
N LYS K 314 -25.84 76.14 -32.22
CA LYS K 314 -26.75 76.60 -31.15
C LYS K 314 -27.24 75.36 -30.43
N THR K 315 -26.43 74.93 -29.47
CA THR K 315 -26.77 73.87 -28.50
C THR K 315 -27.75 74.49 -27.49
N GLU K 316 -28.60 73.69 -26.84
CA GLU K 316 -29.68 74.14 -25.91
C GLU K 316 -30.64 75.08 -26.67
N PRO K 317 -31.32 74.64 -27.78
CA PRO K 317 -32.13 75.55 -28.61
C PRO K 317 -33.56 75.82 -28.08
N GLN K 318 -33.65 76.46 -26.90
CA GLN K 318 -34.89 76.59 -26.08
C GLN K 318 -35.36 78.05 -26.10
N PRO K 328 -38.84 83.20 -37.84
CA PRO K 328 -37.45 82.84 -37.54
C PRO K 328 -36.47 84.01 -37.73
N ASP K 329 -35.35 83.97 -36.99
CA ASP K 329 -34.22 84.95 -37.06
C ASP K 329 -32.98 84.22 -37.62
N GLU K 330 -32.17 84.93 -38.42
CA GLU K 330 -31.03 84.34 -39.18
C GLU K 330 -29.80 84.27 -38.26
N ASP K 331 -29.34 85.41 -37.69
CA ASP K 331 -28.19 85.48 -36.74
C ASP K 331 -28.63 84.88 -35.39
N VAL K 332 -28.27 83.63 -35.13
CA VAL K 332 -28.63 82.88 -33.89
C VAL K 332 -27.37 82.87 -33.00
N HIS K 333 -27.55 83.19 -31.72
CA HIS K 333 -26.44 83.45 -30.78
C HIS K 333 -25.88 82.09 -30.33
N CYS K 334 -24.79 81.65 -30.96
CA CYS K 334 -24.23 80.26 -30.93
C CYS K 334 -23.62 79.94 -29.54
N ASP K 335 -24.00 78.79 -28.95
CA ASP K 335 -23.62 78.35 -27.57
C ASP K 335 -22.35 77.46 -27.56
N CYS K 336 -22.20 76.54 -28.52
CA CYS K 336 -21.06 75.58 -28.68
C CYS K 336 -20.12 76.10 -29.80
N LEU K 337 -18.84 75.67 -29.85
CA LEU K 337 -17.89 75.93 -30.99
C LEU K 337 -17.42 74.59 -31.55
N VAL K 338 -17.32 74.42 -32.89
CA VAL K 338 -16.95 73.11 -33.52
C VAL K 338 -15.77 73.31 -34.47
N ALA K 339 -14.85 72.34 -34.45
CA ALA K 339 -13.73 72.16 -35.39
C ALA K 339 -13.63 70.67 -35.77
N PHE K 340 -13.06 70.36 -36.96
CA PHE K 340 -12.76 68.98 -37.41
C PHE K 340 -11.27 68.76 -37.58
N GLY K 341 -10.85 67.58 -37.15
CA GLY K 341 -9.81 66.80 -37.80
C GLY K 341 -10.38 65.90 -38.88
N HIS K 342 -9.45 65.33 -39.68
CA HIS K 342 -9.63 64.49 -40.89
C HIS K 342 -9.76 63.03 -40.48
N HIS K 343 -8.75 62.51 -39.77
CA HIS K 343 -8.74 61.13 -39.21
C HIS K 343 -9.85 61.04 -38.14
N GLY K 344 -10.75 62.01 -38.05
CA GLY K 344 -12.04 61.86 -37.36
C GLY K 344 -11.92 62.26 -35.92
N ARG K 345 -10.89 63.04 -35.55
CA ARG K 345 -10.91 63.81 -34.28
C ARG K 345 -11.90 64.97 -34.46
N MET K 346 -12.93 65.01 -33.62
CA MET K 346 -13.84 66.18 -33.47
C MET K 346 -13.54 66.86 -32.13
N LEU K 347 -13.53 68.18 -32.15
CA LEU K 347 -13.33 69.02 -30.95
C LEU K 347 -14.69 69.63 -30.63
N ALA K 348 -15.16 69.52 -29.38
CA ALA K 348 -16.39 70.20 -28.85
C ALA K 348 -16.03 71.08 -27.64
N ILE K 349 -16.50 72.34 -27.64
CA ILE K 349 -16.30 73.39 -26.60
C ILE K 349 -17.68 73.85 -26.13
N LYS K 350 -17.82 74.17 -24.85
CA LYS K 350 -19.01 74.91 -24.32
C LYS K 350 -18.65 75.70 -23.05
N ALA K 351 -19.50 76.65 -22.67
CA ALA K 351 -19.46 77.37 -21.38
C ALA K 351 -20.12 76.49 -20.29
N SER K 352 -19.42 76.29 -19.17
CA SER K 352 -19.78 75.37 -18.04
C SER K 352 -20.31 76.17 -16.84
N TRP K 353 -19.52 77.14 -16.35
CA TRP K 353 -19.74 78.03 -15.17
C TRP K 353 -20.09 77.24 -13.89
N ASP K 354 -19.45 76.09 -13.69
CA ASP K 354 -19.90 75.04 -12.73
C ASP K 354 -18.84 74.84 -11.62
N GLU K 355 -19.30 74.57 -10.37
CA GLU K 355 -18.60 73.92 -9.22
C GLU K 355 -17.71 74.93 -8.48
N SER K 356 -17.24 76.00 -9.17
CA SER K 356 -16.55 77.18 -8.60
C SER K 356 -17.38 78.47 -8.77
N GLY K 357 -18.50 78.39 -9.49
CA GLY K 357 -19.36 79.52 -9.88
C GLY K 357 -18.66 80.48 -10.81
N LYS K 358 -17.70 80.00 -11.62
CA LYS K 358 -16.83 80.82 -12.55
C LYS K 358 -16.89 80.13 -13.92
N LEU K 359 -16.84 80.89 -15.02
CA LEU K 359 -16.85 80.36 -16.41
C LEU K 359 -15.55 79.56 -16.62
N VAL K 360 -15.69 78.28 -16.95
CA VAL K 360 -14.56 77.36 -17.29
C VAL K 360 -14.91 76.74 -18.64
N PRO K 361 -13.96 76.59 -19.60
CA PRO K 361 -14.30 76.02 -20.91
C PRO K 361 -14.39 74.49 -20.82
N GLU K 362 -15.59 73.91 -21.02
CA GLU K 362 -15.86 72.45 -21.05
C GLU K 362 -15.45 71.94 -22.43
N LEU K 363 -14.31 71.26 -22.50
CA LEU K 363 -13.84 70.56 -23.72
C LEU K 363 -14.25 69.09 -23.64
N ARG K 364 -14.69 68.57 -24.77
CA ARG K 364 -14.52 67.15 -25.15
C ARG K 364 -13.49 67.11 -26.27
N GLU K 365 -12.98 65.91 -26.53
CA GLU K 365 -12.42 65.53 -27.83
C GLU K 365 -13.00 64.17 -28.20
N TYR K 366 -13.85 64.15 -29.22
CA TYR K 366 -14.42 62.90 -29.77
C TYR K 366 -13.42 62.30 -30.77
N CYS K 367 -13.41 60.97 -30.86
CA CYS K 367 -12.71 60.21 -31.93
C CYS K 367 -13.78 59.41 -32.73
N LEU K 368 -14.31 60.08 -33.75
CA LEU K 368 -15.40 59.58 -34.62
C LEU K 368 -14.80 58.68 -35.68
N PRO K 369 -15.49 57.59 -36.11
CA PRO K 369 -15.10 56.85 -37.31
C PRO K 369 -14.84 57.65 -38.62
N GLY K 370 -13.98 57.12 -39.49
CA GLY K 370 -13.88 57.45 -40.93
C GLY K 370 -13.02 58.68 -41.16
N PRO K 371 -12.23 58.74 -42.27
CA PRO K 371 -11.57 59.99 -42.69
C PRO K 371 -12.59 61.04 -43.17
N VAL K 372 -12.88 62.02 -42.32
CA VAL K 372 -13.95 63.04 -42.50
C VAL K 372 -13.50 63.97 -43.67
N LEU K 373 -14.34 64.16 -44.71
CA LEU K 373 -13.99 64.84 -46.01
C LEU K 373 -14.55 66.27 -46.10
N CYS K 374 -15.62 66.52 -45.35
CA CYS K 374 -16.45 67.74 -45.41
C CYS K 374 -17.52 67.68 -44.31
N ALA K 375 -17.95 68.85 -43.82
CA ALA K 375 -19.05 69.00 -42.85
C ALA K 375 -19.67 70.38 -42.92
N ALA K 376 -20.87 70.49 -42.33
CA ALA K 376 -21.68 71.72 -42.22
C ALA K 376 -22.62 71.60 -41.03
N CYS K 377 -23.22 72.73 -40.67
CA CYS K 377 -24.10 72.90 -39.50
C CYS K 377 -25.56 73.09 -39.96
N GLY K 378 -26.51 72.51 -39.21
CA GLY K 378 -27.96 72.70 -39.42
C GLY K 378 -28.63 73.12 -38.15
N GLY K 379 -29.85 73.66 -38.28
CA GLY K 379 -30.68 74.22 -37.21
C GLY K 379 -30.90 73.25 -36.04
N GLY K 380 -30.46 73.62 -34.83
CA GLY K 380 -30.84 72.99 -33.54
C GLY K 380 -29.77 72.05 -33.00
N GLY K 381 -28.51 72.48 -33.01
CA GLY K 381 -27.34 71.71 -32.54
C GLY K 381 -27.15 70.41 -33.33
N ARG K 382 -27.16 70.47 -34.67
CA ARG K 382 -26.96 69.31 -35.60
C ARG K 382 -25.83 69.63 -36.59
N VAL K 383 -24.88 68.68 -36.79
CA VAL K 383 -23.76 68.75 -37.79
C VAL K 383 -23.89 67.58 -38.75
N TYR K 384 -23.87 67.86 -40.06
CA TYR K 384 -23.84 66.85 -41.14
C TYR K 384 -22.41 66.78 -41.64
N HIS K 385 -21.78 65.62 -41.46
CA HIS K 385 -20.40 65.33 -41.94
C HIS K 385 -20.39 64.07 -42.78
N SER K 386 -19.29 63.84 -43.47
CA SER K 386 -19.21 62.79 -44.49
C SER K 386 -17.91 62.02 -44.36
N THR K 387 -18.02 60.70 -44.47
CA THR K 387 -16.90 59.74 -44.67
C THR K 387 -17.05 59.14 -46.07
N PRO K 388 -15.98 58.71 -46.79
CA PRO K 388 -16.10 58.22 -48.17
C PRO K 388 -16.94 56.93 -48.32
N SER K 389 -17.33 56.34 -47.19
CA SER K 389 -18.42 55.35 -47.05
C SER K 389 -19.78 56.02 -47.11
N ASP K 390 -20.09 56.85 -46.11
CA ASP K 390 -21.48 57.27 -45.75
C ASP K 390 -21.51 58.76 -45.41
N LEU K 391 -22.66 59.39 -45.57
CA LEU K 391 -22.97 60.74 -45.05
C LEU K 391 -23.70 60.59 -43.72
N CYS K 392 -23.04 60.99 -42.64
CA CYS K 392 -23.54 60.85 -41.25
C CYS K 392 -23.88 62.24 -40.69
N VAL K 393 -24.56 62.20 -39.56
CA VAL K 393 -25.09 63.38 -38.83
C VAL K 393 -24.75 63.20 -37.34
N VAL K 394 -24.63 64.30 -36.61
CA VAL K 394 -24.29 64.33 -35.15
C VAL K 394 -25.21 65.36 -34.48
N ASP K 395 -25.93 64.93 -33.42
CA ASP K 395 -26.76 65.81 -32.54
C ASP K 395 -25.98 66.09 -31.24
N LEU K 396 -25.57 67.35 -31.06
CA LEU K 396 -24.97 67.89 -29.81
C LEU K 396 -26.13 68.22 -28.83
N SER K 397 -27.29 68.61 -29.37
CA SER K 397 -28.45 69.21 -28.65
C SER K 397 -28.97 68.27 -27.55
N ARG K 398 -29.27 68.85 -26.40
CA ARG K 398 -29.70 68.18 -25.16
C ARG K 398 -31.11 68.65 -24.76
N PRO K 408 -22.50 69.17 -18.77
CA PRO K 408 -23.44 70.00 -19.57
C PRO K 408 -23.85 69.35 -20.90
N GLU K 409 -22.90 69.20 -21.83
CA GLU K 409 -23.17 68.92 -23.27
C GLU K 409 -23.50 67.44 -23.47
N GLU K 410 -22.54 66.54 -23.23
CA GLU K 410 -22.50 65.22 -23.91
C GLU K 410 -21.29 64.42 -23.45
N GLY K 411 -21.50 63.17 -23.02
CA GLY K 411 -20.42 62.20 -22.78
C GLY K 411 -19.84 61.67 -24.10
N PRO K 412 -20.55 60.75 -24.80
CA PRO K 412 -20.15 60.30 -26.15
C PRO K 412 -20.78 61.06 -27.33
N GLY K 413 -20.11 61.14 -28.49
CA GLY K 413 -20.66 61.74 -29.73
C GLY K 413 -21.17 60.69 -30.71
N GLY K 414 -22.25 59.95 -30.36
CA GLY K 414 -22.81 58.79 -31.07
C GLY K 414 -23.79 59.20 -32.16
N LEU K 415 -23.69 58.58 -33.35
CA LEU K 415 -23.98 59.24 -34.67
C LEU K 415 -24.64 58.25 -35.64
N PRO K 416 -25.81 58.56 -36.28
CA PRO K 416 -26.31 57.79 -37.43
C PRO K 416 -25.88 58.29 -38.81
N PRO K 417 -25.73 57.41 -39.85
CA PRO K 417 -25.83 57.84 -41.25
C PRO K 417 -27.24 58.24 -41.70
N MET K 418 -27.27 58.83 -42.89
CA MET K 418 -28.49 59.15 -43.65
C MET K 418 -28.60 58.23 -44.87
N LEU K 419 -27.84 57.13 -44.92
CA LEU K 419 -27.83 56.16 -46.05
C LEU K 419 -27.64 56.88 -47.39
N CYS K 420 -26.99 58.04 -47.38
CA CYS K 420 -26.58 58.77 -48.61
C CYS K 420 -25.13 58.40 -48.83
N PRO K 421 -24.59 58.50 -50.06
CA PRO K 421 -23.23 58.04 -50.33
C PRO K 421 -22.22 59.08 -49.85
N ALA K 422 -20.98 58.86 -50.25
CA ALA K 422 -19.90 59.84 -50.14
C ALA K 422 -20.29 61.12 -50.87
N SER K 423 -20.86 62.06 -50.12
CA SER K 423 -20.88 63.50 -50.46
C SER K 423 -19.66 64.15 -49.84
N LEU K 424 -18.75 64.67 -50.64
CA LEU K 424 -17.79 65.73 -50.18
C LEU K 424 -18.32 67.10 -50.56
N ASN K 425 -17.74 68.16 -50.00
CA ASN K 425 -18.19 69.55 -50.18
C ASN K 425 -19.72 69.67 -50.05
N ILE K 426 -20.20 69.58 -48.82
CA ILE K 426 -21.64 69.74 -48.44
C ILE K 426 -21.90 71.24 -48.31
N CYS K 427 -23.18 71.62 -48.29
CA CYS K 427 -23.69 72.99 -47.99
C CYS K 427 -25.14 72.90 -47.47
N SER K 428 -25.54 73.80 -46.56
CA SER K 428 -26.86 73.81 -45.89
C SER K 428 -27.53 75.18 -46.09
N VAL K 429 -28.82 75.18 -46.44
CA VAL K 429 -29.77 76.34 -46.35
C VAL K 429 -30.91 75.94 -45.40
N VAL K 430 -31.19 76.75 -44.38
CA VAL K 430 -32.17 76.42 -43.31
C VAL K 430 -33.53 77.00 -43.75
N SER K 431 -34.54 76.15 -44.01
CA SER K 431 -35.82 76.53 -44.66
C SER K 431 -36.75 77.22 -43.64
N LEU K 432 -37.12 76.55 -42.52
CA LEU K 432 -38.00 77.06 -41.43
C LEU K 432 -39.35 77.52 -42.00
N SER K 433 -39.98 76.64 -42.79
CA SER K 433 -41.18 76.93 -43.62
C SER K 433 -42.44 76.96 -42.74
N GLY K 441 -43.02 70.67 -43.32
CA GLY K 441 -41.74 71.29 -43.74
C GLY K 441 -40.54 70.86 -42.90
N GLY K 442 -39.36 70.79 -43.51
CA GLY K 442 -38.09 70.39 -42.88
C GLY K 442 -36.88 70.97 -43.59
N THR K 443 -35.68 70.66 -43.09
CA THR K 443 -34.41 71.31 -43.50
C THR K 443 -33.97 70.74 -44.86
N LYS K 444 -33.39 71.61 -45.68
CA LYS K 444 -33.06 71.31 -47.10
C LYS K 444 -31.59 71.64 -47.34
N LEU K 445 -30.79 70.61 -47.63
CA LEU K 445 -29.32 70.76 -47.85
C LEU K 445 -28.95 70.41 -49.30
N LEU K 446 -27.76 70.88 -49.69
CA LEU K 446 -27.17 70.79 -51.05
C LEU K 446 -25.81 70.14 -50.94
N ALA K 447 -25.53 69.16 -51.80
CA ALA K 447 -24.27 68.39 -51.75
C ALA K 447 -23.65 68.29 -53.14
N LEU K 448 -22.39 67.89 -53.16
CA LEU K 448 -21.73 67.26 -54.33
C LEU K 448 -21.31 65.85 -53.90
N SER K 449 -22.02 64.80 -54.36
CA SER K 449 -21.63 63.36 -54.18
C SER K 449 -20.29 63.09 -54.89
N ALA K 450 -19.48 62.20 -54.30
CA ALA K 450 -18.05 61.96 -54.62
C ALA K 450 -17.79 61.68 -56.11
N LYS K 451 -18.75 61.06 -56.80
CA LYS K 451 -18.64 60.62 -58.21
C LYS K 451 -18.65 61.84 -59.14
N GLY K 452 -19.21 62.97 -58.68
CA GLY K 452 -19.22 64.23 -59.43
C GLY K 452 -20.61 64.54 -59.93
N ARG K 453 -21.57 64.62 -59.01
CA ARG K 453 -23.01 64.93 -59.27
C ARG K 453 -23.60 65.77 -58.15
N LEU K 454 -24.20 66.92 -58.49
CA LEU K 454 -24.95 67.68 -57.46
C LEU K 454 -26.29 67.01 -57.19
N MET K 455 -26.69 67.07 -55.93
CA MET K 455 -28.02 66.60 -55.50
C MET K 455 -28.50 67.41 -54.31
N THR K 456 -29.79 67.31 -54.05
CA THR K 456 -30.55 68.15 -53.10
C THR K 456 -31.32 67.21 -52.18
N CYS K 457 -31.08 67.26 -50.88
CA CYS K 457 -31.80 66.41 -49.92
C CYS K 457 -32.81 67.23 -49.11
N SER K 458 -34.09 66.86 -49.21
CA SER K 458 -35.21 67.33 -48.35
C SER K 458 -35.44 66.31 -47.23
N LEU K 459 -35.25 66.75 -45.98
CA LEU K 459 -35.12 65.88 -44.78
C LEU K 459 -36.36 66.07 -43.91
N ASP K 460 -36.63 65.12 -42.99
CA ASP K 460 -37.66 65.19 -41.91
C ASP K 460 -37.06 64.69 -40.57
N GLU K 474 -33.77 34.87 -43.62
CA GLU K 474 -32.74 34.78 -44.71
C GLU K 474 -31.76 35.96 -44.56
N SER K 475 -32.18 37.16 -44.97
CA SER K 475 -31.31 38.36 -45.10
C SER K 475 -30.74 38.73 -43.73
N ALA K 476 -31.60 38.84 -42.70
CA ALA K 476 -31.22 39.04 -41.28
C ALA K 476 -30.42 37.84 -40.77
N GLY K 477 -30.83 36.62 -41.15
CA GLY K 477 -30.10 35.37 -40.90
C GLY K 477 -28.60 35.50 -41.20
N GLN K 478 -28.24 35.99 -42.39
CA GLN K 478 -26.82 36.16 -42.87
C GLN K 478 -26.19 37.46 -42.32
N LYS K 479 -26.96 38.54 -42.19
CA LYS K 479 -26.40 39.83 -41.75
C LYS K 479 -26.01 39.75 -40.27
N ILE K 480 -26.72 39.00 -39.43
CA ILE K 480 -26.30 38.74 -38.01
C ILE K 480 -24.90 38.09 -38.05
N LYS K 481 -24.74 37.07 -38.88
CA LYS K 481 -23.51 36.26 -38.94
C LYS K 481 -22.33 37.11 -39.41
N GLU K 482 -22.53 37.96 -40.44
CA GLU K 482 -21.44 38.77 -41.09
C GLU K 482 -20.89 39.76 -40.06
N LEU K 483 -21.80 40.46 -39.35
CA LEU K 483 -21.44 41.40 -38.24
C LEU K 483 -20.77 40.61 -37.10
N LEU K 484 -21.24 39.39 -36.81
CA LEU K 484 -20.57 38.54 -35.79
C LEU K 484 -19.13 38.20 -36.23
N SER K 485 -18.87 37.91 -37.52
CA SER K 485 -17.52 37.67 -38.11
C SER K 485 -16.62 38.90 -37.93
N GLY K 486 -17.13 40.10 -38.27
CA GLY K 486 -16.45 41.38 -38.02
C GLY K 486 -16.07 41.56 -36.56
N ILE K 487 -17.00 41.31 -35.62
CA ILE K 487 -16.80 41.39 -34.13
C ILE K 487 -15.67 40.42 -33.75
N GLY K 488 -15.69 39.19 -34.29
CA GLY K 488 -14.62 38.19 -34.08
C GLY K 488 -13.27 38.72 -34.52
N ASN K 489 -13.19 39.18 -35.78
CA ASN K 489 -11.96 39.72 -36.44
C ASN K 489 -11.45 40.90 -35.62
N ILE K 490 -12.34 41.87 -35.42
CA ILE K 490 -12.00 43.15 -34.75
C ILE K 490 -11.45 42.85 -33.35
N SER K 491 -12.18 42.04 -32.57
CA SER K 491 -11.92 41.79 -31.12
C SER K 491 -10.61 41.01 -30.98
N GLU K 492 -10.38 40.08 -31.90
CA GLU K 492 -9.10 39.32 -32.05
C GLU K 492 -7.94 40.31 -32.16
N ARG K 493 -8.02 41.26 -33.09
CA ARG K 493 -6.88 42.19 -33.30
C ARG K 493 -6.81 43.19 -32.13
N VAL K 494 -7.92 43.50 -31.45
CA VAL K 494 -7.95 44.34 -30.21
C VAL K 494 -7.07 43.66 -29.16
N SER K 495 -7.28 42.34 -28.95
CA SER K 495 -6.50 41.52 -27.99
C SER K 495 -5.01 41.55 -28.41
N PHE K 496 -4.72 41.39 -29.72
CA PHE K 496 -3.32 41.47 -30.27
C PHE K 496 -2.67 42.79 -29.87
N LEU K 497 -3.36 43.92 -30.09
CA LEU K 497 -2.76 45.24 -29.79
C LEU K 497 -2.62 45.43 -28.28
N LYS K 498 -3.52 44.85 -27.48
CA LYS K 498 -3.41 44.84 -25.98
C LYS K 498 -2.10 44.21 -25.50
N LYS K 499 -1.67 43.15 -26.18
CA LYS K 499 -0.47 42.38 -25.80
C LYS K 499 0.81 43.09 -26.28
N ALA K 500 0.80 43.72 -27.45
CA ALA K 500 1.90 44.61 -27.86
C ALA K 500 2.04 45.77 -26.85
N VAL K 501 0.92 46.27 -26.31
CA VAL K 501 0.90 47.28 -25.21
C VAL K 501 1.61 46.71 -23.95
N ASP K 502 1.30 45.49 -23.47
CA ASP K 502 2.03 44.91 -22.30
C ASP K 502 3.51 44.77 -22.58
N GLN K 503 3.87 44.28 -23.77
CA GLN K 503 5.27 44.27 -24.22
C GLN K 503 5.86 45.66 -23.95
N ARG K 504 5.42 46.68 -24.70
CA ARG K 504 6.02 48.06 -24.68
C ARG K 504 6.11 48.55 -23.23
N ASN K 505 5.10 48.20 -22.44
CA ASN K 505 4.91 48.71 -21.06
C ASN K 505 6.00 48.18 -20.17
N LYS K 506 6.24 46.88 -20.23
CA LYS K 506 7.35 46.27 -19.48
C LYS K 506 8.67 46.87 -19.96
N ALA K 507 8.93 46.91 -21.29
CA ALA K 507 10.22 47.33 -21.92
C ALA K 507 10.62 48.71 -21.39
N LEU K 508 9.62 49.57 -21.38
CA LEU K 508 9.54 50.83 -20.61
C LEU K 508 9.86 50.62 -19.10
N THR K 509 9.23 49.72 -18.32
CA THR K 509 9.50 49.59 -16.85
C THR K 509 10.98 49.36 -16.58
N SER K 510 11.45 48.30 -17.20
CA SER K 510 12.83 47.84 -17.00
C SER K 510 13.75 48.91 -17.59
N LEU K 511 13.41 49.46 -18.75
CA LEU K 511 14.17 50.63 -19.23
C LEU K 511 14.41 51.57 -18.05
N ASN K 512 13.40 51.88 -17.22
CA ASN K 512 13.52 52.87 -16.09
C ASN K 512 14.72 52.47 -15.23
N GLU K 513 14.69 51.23 -14.75
CA GLU K 513 15.71 50.77 -13.78
C GLU K 513 17.06 50.95 -14.45
N ALA K 514 17.17 50.81 -15.77
CA ALA K 514 18.45 50.90 -16.53
C ALA K 514 19.08 52.26 -16.38
N MET K 515 18.29 53.32 -16.63
CA MET K 515 18.81 54.70 -16.54
C MET K 515 19.08 54.96 -15.06
N ASN K 516 18.23 54.50 -14.09
CA ASN K 516 18.43 54.80 -12.63
C ASN K 516 19.79 54.22 -12.20
N VAL K 517 20.08 52.99 -12.66
CA VAL K 517 21.33 52.25 -12.36
C VAL K 517 22.51 52.93 -13.08
N SER K 518 22.40 53.18 -14.38
CA SER K 518 23.42 53.85 -15.23
C SER K 518 23.83 55.21 -14.63
N CYS K 519 22.84 56.08 -14.31
CA CYS K 519 22.99 57.37 -13.55
C CYS K 519 23.79 57.10 -12.25
N ALA K 520 23.43 56.08 -11.47
CA ALA K 520 24.02 55.75 -10.15
C ALA K 520 25.50 55.40 -10.34
N LEU K 521 25.78 54.54 -11.30
CA LEU K 521 27.14 54.07 -11.58
C LEU K 521 27.94 55.12 -12.34
N LEU K 522 27.47 55.69 -13.43
CA LEU K 522 28.25 56.75 -14.15
C LEU K 522 28.52 57.95 -13.23
N SER K 523 27.47 58.54 -12.64
CA SER K 523 27.51 59.70 -11.70
C SER K 523 27.95 59.18 -10.33
N SER K 524 27.92 60.04 -9.30
CA SER K 524 28.38 59.69 -7.94
C SER K 524 29.86 59.34 -8.03
N GLY K 525 30.69 60.33 -8.36
CA GLY K 525 32.14 60.20 -8.24
C GLY K 525 32.52 60.06 -6.79
N THR K 526 31.89 59.12 -6.10
CA THR K 526 31.95 58.92 -4.64
C THR K 526 32.63 57.56 -4.42
N GLY K 527 32.83 57.19 -3.16
CA GLY K 527 33.27 55.84 -2.75
C GLY K 527 32.16 54.81 -2.97
N PRO K 528 31.03 54.92 -2.23
CA PRO K 528 30.02 53.87 -2.21
C PRO K 528 29.11 53.88 -3.46
N ARG K 529 29.29 52.85 -4.28
CA ARG K 529 28.45 52.61 -5.47
C ARG K 529 27.49 51.47 -5.14
N PRO K 530 26.29 51.50 -5.75
CA PRO K 530 25.19 50.60 -5.39
C PRO K 530 25.43 49.13 -5.77
N ILE K 531 25.91 48.92 -6.99
CA ILE K 531 26.36 47.60 -7.53
C ILE K 531 27.92 47.64 -7.50
N SER K 532 28.59 46.60 -6.98
CA SER K 532 30.07 46.50 -6.88
C SER K 532 30.56 45.11 -7.28
N CYS K 533 31.80 45.06 -7.82
CA CYS K 533 32.50 43.83 -8.27
C CYS K 533 33.92 43.80 -7.67
N THR K 534 34.09 43.15 -6.52
CA THR K 534 35.40 42.96 -5.83
C THR K 534 36.12 41.81 -6.51
N THR K 535 37.37 41.95 -6.97
CA THR K 535 38.18 40.77 -7.41
C THR K 535 39.25 40.52 -6.37
N SER K 536 39.23 39.33 -5.73
CA SER K 536 40.34 38.84 -4.86
C SER K 536 41.17 37.83 -5.68
N THR K 537 42.20 37.20 -5.11
CA THR K 537 42.85 35.94 -5.60
C THR K 537 42.91 34.95 -4.42
N THR K 538 43.21 33.68 -4.72
CA THR K 538 43.30 32.55 -3.76
C THR K 538 44.25 31.52 -4.41
N TRP K 539 45.02 30.77 -3.62
CA TRP K 539 45.70 29.56 -4.10
C TRP K 539 44.80 28.37 -3.80
N SER K 540 44.49 27.54 -4.80
CA SER K 540 43.79 26.23 -4.61
C SER K 540 44.69 25.11 -5.09
N ARG K 541 44.36 23.91 -4.64
CA ARG K 541 45.05 22.65 -4.98
C ARG K 541 44.06 21.73 -5.69
N LEU K 542 44.48 21.19 -6.83
CA LEU K 542 43.78 20.20 -7.71
C LEU K 542 44.66 18.99 -7.96
N GLN K 543 44.05 17.83 -8.07
CA GLN K 543 44.83 16.61 -8.34
C GLN K 543 46.07 16.66 -7.43
N THR K 544 47.18 17.20 -7.91
CA THR K 544 48.37 17.55 -7.09
C THR K 544 48.67 19.06 -7.12
N GLN K 545 48.55 19.73 -8.29
CA GLN K 545 49.19 21.06 -8.56
C GLN K 545 48.56 22.10 -7.66
N ASP K 546 49.30 23.17 -7.38
CA ASP K 546 48.73 24.39 -6.78
C ASP K 546 48.28 25.28 -7.94
N VAL K 547 47.16 25.99 -7.71
CA VAL K 547 46.44 26.78 -8.75
C VAL K 547 45.80 28.05 -8.20
N LEU K 548 45.64 29.05 -9.10
CA LEU K 548 45.28 30.48 -8.81
C LEU K 548 43.84 30.76 -9.22
N MET K 549 42.95 31.03 -8.26
CA MET K 549 41.51 31.34 -8.50
C MET K 549 41.27 32.86 -8.35
N ALA K 550 40.61 33.50 -9.31
CA ALA K 550 40.00 34.84 -9.16
C ALA K 550 38.58 34.64 -8.63
N THR K 551 38.34 34.86 -7.33
CA THR K 551 36.97 35.01 -6.73
C THR K 551 36.47 36.42 -7.03
N CYS K 552 35.63 36.58 -8.07
CA CYS K 552 35.03 37.87 -8.59
C CYS K 552 33.65 37.93 -7.89
N VAL K 553 33.46 38.83 -6.94
CA VAL K 553 32.20 38.89 -6.15
C VAL K 553 31.46 40.07 -6.72
N LEU K 554 30.27 39.85 -7.23
CA LEU K 554 29.35 40.94 -7.51
C LEU K 554 28.43 41.12 -6.30
N GLU K 555 28.22 42.36 -5.89
CA GLU K 555 27.43 42.77 -4.70
C GLU K 555 26.47 43.88 -5.10
N ASN K 556 25.27 43.86 -4.56
CA ASN K 556 24.18 44.82 -4.87
C ASN K 556 23.79 45.55 -3.58
N SER K 557 24.42 46.69 -3.29
CA SER K 557 24.12 47.50 -2.08
C SER K 557 22.79 48.30 -2.19
N SER K 558 22.27 48.55 -3.40
CA SER K 558 21.06 49.40 -3.69
C SER K 558 19.76 48.58 -3.83
N SER K 559 18.70 49.22 -4.34
CA SER K 559 17.32 48.71 -4.56
C SER K 559 17.02 48.31 -6.02
N PHE K 560 17.91 48.60 -6.98
CA PHE K 560 17.60 48.70 -8.44
C PHE K 560 17.23 47.35 -9.08
N SER K 561 17.66 46.25 -8.46
CA SER K 561 17.26 44.85 -8.76
C SER K 561 17.52 44.51 -10.24
N LEU K 562 18.74 44.12 -10.63
CA LEU K 562 19.12 43.84 -12.05
C LEU K 562 18.29 42.68 -12.59
N ASP K 563 17.23 43.01 -13.34
CA ASP K 563 16.01 42.20 -13.62
C ASP K 563 16.35 40.97 -14.46
N GLN K 564 17.06 41.21 -15.57
CA GLN K 564 17.00 40.48 -16.86
C GLN K 564 17.12 41.52 -17.94
N GLY K 565 17.52 41.02 -19.07
CA GLY K 565 18.21 41.87 -20.05
C GLY K 565 19.55 42.28 -19.51
N TRP K 566 19.93 41.75 -18.33
CA TRP K 566 21.09 42.21 -17.53
C TRP K 566 22.14 41.13 -17.56
N THR K 567 23.36 41.46 -17.89
CA THR K 567 24.31 40.37 -18.02
C THR K 567 25.64 40.93 -17.61
N LEU K 568 26.73 40.13 -17.58
CA LEU K 568 28.07 40.44 -16.94
C LEU K 568 29.31 39.87 -17.70
N CYS K 569 30.36 40.62 -18.01
CA CYS K 569 31.31 40.19 -19.08
C CYS K 569 32.80 40.35 -18.81
N ILE K 570 33.29 39.36 -18.09
CA ILE K 570 34.62 39.35 -17.46
C ILE K 570 35.59 39.17 -18.58
N GLN K 571 36.69 39.87 -18.62
CA GLN K 571 37.63 39.65 -19.76
C GLN K 571 39.03 39.72 -19.22
N VAL K 572 39.76 38.62 -19.36
CA VAL K 572 40.93 38.23 -18.51
C VAL K 572 42.13 38.48 -19.42
N LEU K 573 42.70 39.64 -19.30
CA LEU K 573 43.77 40.11 -20.19
C LEU K 573 45.08 39.57 -19.66
N THR K 574 45.90 39.08 -20.58
CA THR K 574 47.29 38.66 -20.36
C THR K 574 48.21 39.88 -20.26
N SER K 575 49.50 39.55 -20.13
CA SER K 575 50.71 40.29 -20.61
C SER K 575 50.37 41.02 -21.92
N SER K 576 50.33 42.34 -21.84
CA SER K 576 49.71 43.25 -22.84
C SER K 576 50.84 43.96 -23.63
N CYS K 577 51.28 43.37 -24.74
CA CYS K 577 52.33 43.91 -25.67
C CYS K 577 52.27 43.18 -27.03
N ALA K 578 52.80 43.85 -28.06
CA ALA K 578 52.48 43.66 -29.50
C ALA K 578 53.45 42.65 -30.14
N LEU K 579 53.36 41.37 -29.74
CA LEU K 579 54.35 40.33 -30.14
C LEU K 579 54.14 39.92 -31.60
N ASP K 580 55.25 39.62 -32.29
CA ASP K 580 55.35 39.54 -33.78
C ASP K 580 54.68 38.24 -34.26
N LEU K 581 54.99 37.10 -33.63
CA LEU K 581 54.37 35.77 -33.94
C LEU K 581 52.92 35.79 -33.47
N ASP K 582 52.79 36.01 -32.16
CA ASP K 582 51.58 36.19 -31.29
C ASP K 582 51.80 35.26 -30.09
N SER K 583 50.84 35.20 -29.17
CA SER K 583 50.65 34.05 -28.26
C SER K 583 49.41 33.29 -28.72
N ALA K 584 49.40 31.98 -28.51
CA ALA K 584 48.23 31.13 -28.74
C ALA K 584 46.97 31.89 -28.30
N CYS K 585 46.93 32.32 -27.03
CA CYS K 585 45.75 32.99 -26.42
C CYS K 585 46.07 34.39 -25.90
N SER K 586 45.61 35.37 -26.69
CA SER K 586 45.46 36.82 -26.38
C SER K 586 44.84 37.03 -24.99
N ALA K 587 43.77 36.30 -24.66
CA ALA K 587 42.95 36.51 -23.46
C ALA K 587 41.76 35.55 -23.51
N ILE K 588 41.02 35.43 -22.39
CA ILE K 588 39.73 34.69 -22.24
C ILE K 588 38.60 35.65 -21.98
N THR K 589 37.36 35.31 -22.31
CA THR K 589 36.21 36.22 -22.08
C THR K 589 34.99 35.55 -21.52
N TYR K 590 34.88 35.39 -20.21
CA TYR K 590 33.75 34.65 -19.63
C TYR K 590 32.49 35.51 -19.77
N THR K 591 31.26 35.01 -19.53
CA THR K 591 30.05 35.85 -19.38
C THR K 591 29.00 35.13 -18.60
N ILE K 592 28.08 35.87 -18.06
CA ILE K 592 26.95 35.28 -17.34
C ILE K 592 25.75 36.16 -17.46
N PRO K 593 24.57 35.55 -17.48
CA PRO K 593 23.34 36.27 -17.23
C PRO K 593 23.11 36.42 -15.71
N VAL K 594 22.99 37.66 -15.30
CA VAL K 594 22.50 37.98 -13.96
C VAL K 594 21.00 38.05 -14.10
N ASP K 595 20.34 37.44 -13.16
CA ASP K 595 18.92 37.02 -13.35
C ASP K 595 18.02 37.94 -12.53
N GLN K 596 18.13 37.98 -11.22
CA GLN K 596 17.18 38.78 -10.41
C GLN K 596 17.97 39.68 -9.50
N LEU K 597 18.83 39.13 -8.66
CA LEU K 597 19.80 39.91 -7.84
C LEU K 597 19.11 41.09 -7.17
N GLY K 598 18.19 40.82 -6.27
CA GLY K 598 17.51 41.85 -5.48
C GLY K 598 18.48 42.66 -4.61
N PRO K 599 17.95 43.62 -3.82
CA PRO K 599 18.80 44.45 -2.98
C PRO K 599 19.59 43.65 -1.92
N GLY K 600 20.80 44.14 -1.63
CA GLY K 600 21.68 43.53 -0.65
C GLY K 600 22.32 42.24 -1.13
N ALA K 601 21.78 41.57 -2.15
CA ALA K 601 22.24 40.22 -2.56
C ALA K 601 23.51 40.30 -3.41
N ARG K 602 24.09 39.14 -3.69
CA ARG K 602 25.50 38.99 -4.12
C ARG K 602 25.69 37.62 -4.77
N ARG K 603 26.77 37.48 -5.51
CA ARG K 603 27.23 36.14 -5.98
C ARG K 603 28.75 36.16 -6.23
N GLU K 604 29.39 34.98 -6.07
CA GLU K 604 30.86 34.67 -6.18
C GLU K 604 31.11 33.81 -7.44
N VAL K 605 32.07 34.19 -8.29
CA VAL K 605 32.42 33.48 -9.56
C VAL K 605 33.89 33.10 -9.50
N THR K 606 34.26 31.83 -9.45
CA THR K 606 35.69 31.42 -9.38
C THR K 606 36.13 30.95 -10.75
N LEU K 607 37.25 31.44 -11.19
CA LEU K 607 37.79 30.93 -12.46
C LEU K 607 39.32 30.99 -12.48
N PRO K 608 40.02 30.14 -13.28
CA PRO K 608 41.47 30.14 -13.40
C PRO K 608 42.18 31.29 -14.08
N LEU K 609 43.30 31.64 -13.47
CA LEU K 609 44.47 32.30 -14.08
C LEU K 609 45.59 31.27 -14.21
N GLY K 610 45.39 30.07 -13.65
CA GLY K 610 46.45 29.29 -13.02
C GLY K 610 47.42 28.74 -14.04
N PRO K 611 48.64 28.38 -13.59
CA PRO K 611 49.81 28.23 -14.46
C PRO K 611 49.49 27.66 -15.86
N GLY K 612 49.85 28.40 -16.93
CA GLY K 612 49.69 28.02 -18.35
C GLY K 612 50.80 27.08 -18.82
N GLU K 613 50.59 25.77 -18.63
CA GLU K 613 51.31 24.63 -19.29
C GLU K 613 52.68 24.34 -18.61
N ASN K 614 53.51 25.37 -18.38
CA ASN K 614 54.85 25.29 -17.72
C ASN K 614 55.12 26.61 -16.98
N GLY K 615 54.47 26.77 -15.82
CA GLY K 615 54.48 27.99 -15.00
C GLY K 615 54.16 29.23 -15.80
N GLY K 616 53.38 29.09 -16.88
CA GLY K 616 53.29 30.09 -17.97
C GLY K 616 52.36 31.24 -17.60
N LEU K 617 52.86 32.19 -16.82
CA LEU K 617 52.09 33.23 -16.09
C LEU K 617 52.99 34.48 -16.04
N ASP K 618 53.09 35.28 -17.13
CA ASP K 618 53.74 36.63 -17.15
C ASP K 618 52.78 37.59 -16.44
N LEU K 619 53.22 38.43 -15.48
CA LEU K 619 52.27 38.98 -14.45
C LEU K 619 52.42 40.47 -14.24
N PRO K 620 51.97 41.18 -15.29
CA PRO K 620 50.73 41.93 -15.18
C PRO K 620 49.58 41.09 -15.78
N VAL K 621 48.55 40.79 -15.03
CA VAL K 621 47.35 40.11 -15.61
C VAL K 621 46.10 40.75 -14.99
N THR K 622 45.23 41.33 -15.82
CA THR K 622 44.10 42.19 -15.34
C THR K 622 42.81 41.44 -15.60
N VAL K 623 41.96 41.34 -14.57
CA VAL K 623 40.52 41.02 -14.78
C VAL K 623 39.81 42.38 -14.93
N SER K 624 39.02 42.52 -16.00
CA SER K 624 38.13 43.68 -16.22
C SER K 624 36.70 43.14 -16.35
N CYS K 625 35.84 43.54 -15.39
CA CYS K 625 34.39 43.23 -15.33
C CYS K 625 33.61 44.30 -16.09
N THR K 626 32.56 43.90 -16.79
CA THR K 626 31.53 44.84 -17.28
C THR K 626 30.15 44.20 -17.05
N LEU K 627 29.14 45.06 -17.12
CA LEU K 627 27.70 44.79 -17.28
C LEU K 627 27.25 45.22 -18.67
N PHE K 628 26.13 44.72 -19.13
CA PHE K 628 25.71 44.86 -20.53
C PHE K 628 24.20 44.74 -20.61
N TYR K 629 23.61 45.82 -21.09
CA TYR K 629 22.16 45.98 -21.06
C TYR K 629 21.65 46.10 -22.47
N SER K 630 20.62 45.31 -22.77
CA SER K 630 19.96 45.19 -24.09
C SER K 630 18.48 44.87 -23.88
N LEU K 631 17.61 45.70 -24.46
CA LEU K 631 16.17 45.44 -24.45
C LEU K 631 15.83 44.44 -25.53
N ARG K 632 16.56 44.41 -26.68
CA ARG K 632 16.36 43.44 -27.80
C ARG K 632 16.00 42.06 -27.24
N GLU K 633 16.53 41.76 -26.04
CA GLU K 633 16.07 40.66 -25.16
C GLU K 633 14.59 40.83 -24.86
N VAL K 634 14.18 41.82 -24.03
CA VAL K 634 12.74 41.91 -23.64
C VAL K 634 11.92 42.22 -24.91
N VAL K 635 12.08 43.41 -25.50
CA VAL K 635 11.41 43.88 -26.76
C VAL K 635 12.31 44.92 -27.45
N GLY K 636 12.45 44.89 -28.79
CA GLY K 636 13.42 45.67 -29.60
C GLY K 636 12.93 47.06 -30.07
N GLY K 637 12.32 47.13 -31.27
CA GLY K 637 11.54 48.29 -31.79
C GLY K 637 11.36 48.24 -33.30
N GLN K 660 19.68 51.00 -31.57
CA GLN K 660 18.73 50.09 -30.87
C GLN K 660 19.41 48.72 -30.52
N GLU K 661 20.58 48.75 -29.86
CA GLU K 661 21.51 47.59 -29.68
C GLU K 661 21.64 47.15 -28.21
N GLY K 662 22.65 47.74 -27.50
CA GLY K 662 22.91 47.60 -26.05
C GLY K 662 23.97 48.57 -25.47
N VAL K 663 24.20 48.39 -24.15
CA VAL K 663 24.94 49.21 -23.14
C VAL K 663 26.11 48.41 -22.54
N CYS K 664 27.32 48.97 -22.44
CA CYS K 664 28.42 48.33 -21.68
C CYS K 664 28.90 49.35 -20.63
N LEU K 665 28.59 49.08 -19.35
CA LEU K 665 28.93 49.91 -18.16
C LEU K 665 30.11 49.31 -17.39
N PRO K 666 31.32 49.90 -17.42
CA PRO K 666 32.47 49.22 -16.87
C PRO K 666 32.43 49.32 -15.35
N LEU K 667 33.21 48.49 -14.70
CA LEU K 667 33.03 48.09 -13.28
C LEU K 667 34.37 47.44 -12.85
N SER K 668 34.85 47.63 -11.62
CA SER K 668 36.02 46.91 -11.04
C SER K 668 37.02 46.40 -12.09
N ARG K 669 38.05 47.19 -12.40
CA ARG K 669 39.16 46.77 -13.28
C ARG K 669 40.35 46.61 -12.34
N HIS K 670 40.55 45.40 -11.85
CA HIS K 670 41.62 45.00 -10.92
C HIS K 670 42.78 44.39 -11.74
N THR K 671 44.00 44.46 -11.22
CA THR K 671 45.21 43.83 -11.81
C THR K 671 45.85 42.87 -10.78
N VAL K 672 46.59 41.88 -11.27
CA VAL K 672 47.31 40.86 -10.47
C VAL K 672 48.82 40.90 -10.86
N ASP K 673 49.67 40.72 -9.83
CA ASP K 673 50.92 41.48 -9.56
C ASP K 673 52.18 40.65 -9.82
N MET K 674 52.29 39.55 -9.09
CA MET K 674 53.55 38.87 -8.65
C MET K 674 53.60 38.97 -7.14
N LEU K 675 53.32 40.16 -6.64
CA LEU K 675 53.36 40.43 -5.19
C LEU K 675 52.15 39.81 -4.47
N GLN K 676 51.09 39.46 -5.17
CA GLN K 676 49.95 38.71 -4.57
C GLN K 676 50.18 37.20 -4.75
N CYS K 677 50.96 36.81 -5.77
CA CYS K 677 51.13 35.43 -6.33
C CYS K 677 52.28 34.68 -5.67
N LEU K 678 52.99 35.36 -4.78
CA LEU K 678 54.01 34.72 -3.92
C LEU K 678 53.31 34.01 -2.78
N ARG K 679 53.91 32.91 -2.34
CA ARG K 679 53.40 32.09 -1.22
C ARG K 679 54.58 31.69 -0.35
N PHE K 680 54.38 31.76 0.99
CA PHE K 680 55.41 31.76 2.06
C PHE K 680 55.23 30.52 2.95
N PRO K 681 55.80 29.35 2.58
CA PRO K 681 55.47 28.09 3.22
C PRO K 681 56.23 27.84 4.53
N GLY K 682 57.47 28.33 4.63
CA GLY K 682 58.31 28.33 5.84
C GLY K 682 57.69 29.17 6.93
N LEU K 683 57.24 30.38 6.58
CA LEU K 683 56.59 31.30 7.55
C LEU K 683 55.18 30.81 7.91
N ALA K 684 54.52 30.06 7.04
CA ALA K 684 53.06 29.75 7.09
C ALA K 684 52.61 29.43 8.51
N PRO K 685 51.38 29.85 8.91
CA PRO K 685 50.87 29.61 10.26
C PRO K 685 50.94 28.15 10.76
N PRO K 686 50.37 27.13 10.05
CA PRO K 686 50.22 25.79 10.62
C PRO K 686 51.52 25.04 10.97
N HIS K 687 52.63 25.34 10.29
CA HIS K 687 53.92 24.58 10.35
C HIS K 687 53.68 23.11 9.98
N THR K 688 52.81 22.89 9.00
CA THR K 688 52.31 21.56 8.52
C THR K 688 53.05 21.21 7.21
N ARG K 689 53.35 19.92 7.04
CA ARG K 689 54.17 19.41 5.91
C ARG K 689 53.32 19.47 4.63
N ALA K 690 53.49 20.55 3.85
CA ALA K 690 52.99 20.71 2.46
C ALA K 690 54.15 20.41 1.49
N PRO K 691 53.97 19.60 0.42
CA PRO K 691 55.07 19.26 -0.49
C PRO K 691 55.56 20.48 -1.31
N SER K 692 56.88 20.57 -1.52
CA SER K 692 57.58 21.72 -2.19
C SER K 692 57.33 21.65 -3.70
N PRO K 693 57.03 22.78 -4.41
CA PRO K 693 56.39 22.75 -5.73
C PRO K 693 57.23 22.08 -6.82
N LEU K 694 58.44 22.60 -7.00
CA LEU K 694 59.43 22.11 -8.00
C LEU K 694 58.67 21.82 -9.30
N GLY K 695 58.17 22.90 -9.94
CA GLY K 695 57.46 22.88 -11.25
C GLY K 695 58.32 22.30 -12.39
N PRO K 696 57.76 22.01 -13.60
CA PRO K 696 58.33 20.99 -14.48
C PRO K 696 59.71 21.43 -14.99
N THR K 697 60.68 20.51 -14.90
CA THR K 697 62.15 20.77 -15.07
C THR K 697 62.43 21.25 -16.51
N ARG K 698 61.56 20.86 -17.46
CA ARG K 698 61.52 21.31 -18.89
C ARG K 698 60.03 21.51 -19.30
N ASP K 699 59.78 22.10 -20.46
CA ASP K 699 58.45 22.06 -21.14
C ASP K 699 58.30 20.64 -21.69
N PRO K 700 57.08 20.05 -21.77
CA PRO K 700 56.89 18.80 -22.52
C PRO K 700 57.34 18.81 -24.00
N VAL K 701 57.14 19.93 -24.71
CA VAL K 701 57.65 20.11 -26.11
C VAL K 701 59.19 20.14 -26.09
N ALA K 702 59.78 20.79 -25.09
CA ALA K 702 61.25 20.88 -24.90
C ALA K 702 61.84 19.49 -24.62
N THR K 703 61.30 18.74 -23.66
CA THR K 703 61.79 17.38 -23.31
C THR K 703 61.81 16.55 -24.58
N PHE K 704 60.65 16.59 -25.24
CA PHE K 704 60.39 15.93 -26.53
C PHE K 704 61.57 16.21 -27.47
N LEU K 705 61.96 17.48 -27.61
CA LEU K 705 62.95 17.87 -28.63
C LEU K 705 64.35 17.38 -28.25
N GLU K 706 64.75 17.56 -26.99
CA GLU K 706 66.08 17.10 -26.49
C GLU K 706 66.23 15.59 -26.68
N THR K 707 65.20 14.82 -26.30
CA THR K 707 65.25 13.34 -26.37
C THR K 707 65.30 12.90 -27.85
N CYS K 708 64.40 13.40 -28.71
CA CYS K 708 64.39 13.06 -30.17
C CYS K 708 65.73 13.41 -30.84
N ARG K 709 66.49 14.39 -30.32
CA ARG K 709 67.77 14.90 -30.90
C ARG K 709 68.97 14.50 -30.01
N GLU K 710 69.49 13.26 -30.12
CA GLU K 710 70.81 12.81 -29.54
C GLU K 710 71.34 11.62 -30.36
N LEU K 726 76.10 29.52 -9.88
CA LEU K 726 75.58 30.66 -10.68
C LEU K 726 75.02 31.72 -9.73
N PRO K 727 75.16 33.06 -9.99
CA PRO K 727 74.77 34.07 -8.99
C PRO K 727 73.25 34.32 -8.87
N PRO K 728 72.75 34.82 -7.71
CA PRO K 728 71.35 35.23 -7.60
C PRO K 728 71.21 36.63 -8.24
N SER K 729 70.28 36.76 -9.20
CA SER K 729 69.95 38.06 -9.84
C SER K 729 69.20 38.94 -8.81
N VAL K 730 69.51 40.23 -8.81
CA VAL K 730 69.08 41.19 -7.75
C VAL K 730 68.46 42.42 -8.43
N ALA K 731 67.56 43.05 -7.69
CA ALA K 731 67.10 44.44 -7.89
C ALA K 731 66.75 45.03 -6.54
N SER K 732 66.74 46.35 -6.46
CA SER K 732 66.40 47.06 -5.21
C SER K 732 65.91 48.47 -5.56
N ILE K 733 65.29 49.13 -4.57
CA ILE K 733 64.85 50.56 -4.62
C ILE K 733 65.22 51.19 -3.26
N LYS K 734 65.51 52.51 -3.23
CA LYS K 734 65.47 53.36 -2.01
C LYS K 734 64.29 54.33 -2.14
N VAL K 735 63.71 54.76 -1.02
CA VAL K 735 62.55 55.69 -1.05
C VAL K 735 62.51 56.48 0.26
N SER K 736 62.07 57.74 0.17
CA SER K 736 62.00 58.73 1.28
C SER K 736 61.16 58.16 2.43
N ALA K 737 61.69 58.16 3.66
CA ALA K 737 61.00 57.85 4.93
C ALA K 737 59.80 58.79 5.14
N GLU K 738 59.95 60.08 4.80
CA GLU K 738 58.87 61.12 4.91
C GLU K 738 57.69 60.71 4.01
N LEU K 739 57.92 60.35 2.75
CA LEU K 739 56.88 59.86 1.80
C LEU K 739 56.17 58.65 2.43
N LEU K 740 56.96 57.64 2.80
CA LEU K 740 56.44 56.35 3.35
C LEU K 740 55.72 56.64 4.67
N ARG K 741 56.28 57.52 5.52
CA ARG K 741 55.64 57.93 6.81
C ARG K 741 54.24 58.45 6.49
N ALA K 742 54.16 59.55 5.72
CA ALA K 742 52.93 60.31 5.39
C ALA K 742 51.88 59.39 4.73
N ALA K 743 52.31 58.44 3.89
CA ALA K 743 51.42 57.48 3.20
C ALA K 743 50.94 56.35 4.12
N LEU K 744 51.83 55.79 4.98
CA LEU K 744 51.47 54.70 5.94
C LEU K 744 50.82 55.27 7.18
N LYS K 745 50.90 56.58 7.42
CA LYS K 745 49.99 57.28 8.37
C LYS K 745 48.57 57.10 7.82
N ASP K 746 47.55 57.30 8.67
CA ASP K 746 46.41 56.37 8.87
C ASP K 746 47.07 55.16 9.56
N GLY K 747 47.98 55.52 10.47
CA GLY K 747 49.09 54.70 10.92
C GLY K 747 48.55 53.64 11.81
N HIS K 748 48.65 52.44 11.29
CA HIS K 748 47.82 51.27 11.68
C HIS K 748 48.14 50.96 13.15
N SER K 749 49.40 50.66 13.43
CA SER K 749 50.07 50.58 14.76
C SER K 749 51.58 50.50 14.45
N GLY K 750 52.36 49.83 15.27
CA GLY K 750 53.48 49.02 14.77
C GLY K 750 54.68 49.83 14.37
N VAL K 751 55.78 49.12 14.19
CA VAL K 751 57.08 49.79 13.96
C VAL K 751 56.97 50.56 12.65
N PRO K 752 57.34 51.86 12.74
CA PRO K 752 57.28 52.86 11.68
C PRO K 752 57.33 52.41 10.22
N LEU K 753 58.45 51.77 9.90
CA LEU K 753 58.97 51.54 8.53
C LEU K 753 59.60 50.16 8.55
N CYS K 754 59.86 49.62 7.36
CA CYS K 754 60.32 48.24 7.09
C CYS K 754 59.19 47.21 7.34
N CYS K 755 58.64 47.10 8.57
CA CYS K 755 57.54 46.16 8.88
C CYS K 755 56.21 46.70 8.33
N ALA K 756 55.90 47.98 8.57
CA ALA K 756 54.72 48.70 8.02
C ALA K 756 54.82 48.82 6.49
N THR K 757 56.01 49.07 5.93
CA THR K 757 56.32 48.98 4.46
C THR K 757 55.89 47.61 3.93
N LEU K 758 56.30 46.53 4.61
CA LEU K 758 55.92 45.13 4.26
C LEU K 758 54.39 44.95 4.29
N GLN K 759 53.71 45.48 5.32
CA GLN K 759 52.23 45.35 5.47
C GLN K 759 51.54 45.96 4.24
N TRP K 760 52.03 47.11 3.75
CA TRP K 760 51.50 47.81 2.56
C TRP K 760 51.89 47.10 1.25
N LEU K 761 53.10 46.52 1.10
CA LEU K 761 53.56 45.83 -0.17
C LEU K 761 52.83 44.48 -0.36
N LEU K 762 52.38 43.85 0.73
CA LEU K 762 51.56 42.61 0.74
C LEU K 762 50.15 42.86 1.29
N ALA K 763 49.64 44.10 1.27
CA ALA K 763 48.31 44.46 1.78
C ALA K 763 47.23 43.65 1.04
N GLU K 764 47.51 43.26 -0.21
CA GLU K 764 46.57 42.55 -1.12
C GLU K 764 46.70 41.03 -0.93
N ASN K 765 47.92 40.54 -0.65
CA ASN K 765 48.22 39.12 -0.28
C ASN K 765 47.39 38.73 0.96
N ALA K 766 46.87 37.51 1.02
CA ALA K 766 46.07 36.99 2.16
C ALA K 766 46.95 36.89 3.41
N ALA K 767 48.23 36.57 3.23
CA ALA K 767 49.24 36.31 4.29
C ALA K 767 49.94 37.62 4.69
N VAL K 768 49.16 38.66 4.90
CA VAL K 768 49.65 39.98 5.38
C VAL K 768 49.43 40.05 6.88
N ASP K 769 48.29 39.54 7.39
CA ASP K 769 47.93 39.68 8.83
C ASP K 769 48.80 38.72 9.67
N VAL K 770 49.25 37.60 9.11
CA VAL K 770 50.26 36.72 9.77
C VAL K 770 51.59 37.50 9.91
N VAL K 771 52.03 38.26 8.89
CA VAL K 771 53.27 39.11 8.98
C VAL K 771 52.98 40.35 9.86
N ARG K 772 51.72 40.83 9.98
CA ARG K 772 51.34 41.89 10.98
C ARG K 772 51.62 41.39 12.40
N ALA K 773 51.17 40.17 12.72
CA ALA K 773 51.35 39.51 14.04
C ALA K 773 52.85 39.31 14.32
N ARG K 774 53.56 38.58 13.44
CA ARG K 774 55.01 38.28 13.67
C ARG K 774 55.87 39.52 13.41
N ALA K 775 55.30 40.59 12.83
CA ALA K 775 55.92 41.92 12.55
C ALA K 775 57.30 41.72 11.93
N LEU K 776 57.34 40.97 10.83
CA LEU K 776 58.57 40.44 10.21
C LEU K 776 58.92 41.35 9.04
N SER K 777 60.13 41.88 9.01
CA SER K 777 60.61 42.89 8.02
C SER K 777 61.34 42.22 6.84
N SER K 778 61.49 40.90 6.80
CA SER K 778 62.26 40.21 5.72
C SER K 778 61.87 38.73 5.65
N ILE K 779 61.47 38.24 4.46
CA ILE K 779 60.91 36.87 4.26
C ILE K 779 61.28 36.34 2.87
N GLN K 780 61.18 35.02 2.76
CA GLN K 780 61.62 34.19 1.63
C GLN K 780 60.42 33.40 1.13
N GLY K 781 59.69 34.00 0.18
CA GLY K 781 58.55 33.36 -0.49
C GLY K 781 59.01 32.54 -1.65
N VAL K 782 58.05 31.87 -2.27
CA VAL K 782 58.34 30.98 -3.43
C VAL K 782 58.01 31.74 -4.74
N ALA K 783 56.95 31.48 -5.52
CA ALA K 783 56.68 32.10 -6.86
C ALA K 783 55.60 31.28 -7.55
N PRO K 784 55.08 31.70 -8.71
CA PRO K 784 54.42 30.77 -9.60
C PRO K 784 55.33 29.75 -10.32
N ASP K 785 56.56 30.11 -10.70
CA ASP K 785 57.48 29.17 -11.43
C ASP K 785 58.47 28.46 -10.48
N GLY K 786 58.16 28.35 -9.18
CA GLY K 786 58.76 27.35 -8.24
C GLY K 786 60.07 27.81 -7.62
N ALA K 787 60.85 28.64 -8.32
CA ALA K 787 62.04 29.36 -7.82
C ALA K 787 61.71 30.09 -6.52
N ASN K 788 62.73 30.23 -5.67
CA ASN K 788 62.71 31.02 -4.43
C ASN K 788 62.97 32.48 -4.80
N VAL K 789 62.52 33.38 -3.95
CA VAL K 789 62.85 34.83 -4.04
C VAL K 789 62.74 35.39 -2.60
N HIS K 790 63.85 36.02 -2.17
CA HIS K 790 64.02 36.61 -0.82
C HIS K 790 63.91 38.12 -0.95
N LEU K 791 63.01 38.71 -0.15
CA LEU K 791 62.77 40.16 -0.18
C LEU K 791 62.99 40.73 1.21
N ILE K 792 63.90 41.70 1.30
CA ILE K 792 64.23 42.44 2.54
C ILE K 792 63.68 43.85 2.38
N VAL K 793 63.25 44.43 3.50
CA VAL K 793 63.09 45.89 3.65
C VAL K 793 63.86 46.28 4.92
N ARG K 794 64.50 47.44 4.90
CA ARG K 794 65.36 47.95 6.01
C ARG K 794 65.54 49.46 5.81
N GLU K 795 66.14 50.13 6.81
CA GLU K 795 66.47 51.58 6.75
C GLU K 795 67.94 51.75 6.36
N VAL K 796 68.20 52.62 5.38
CA VAL K 796 69.55 53.00 4.86
C VAL K 796 69.53 54.52 4.60
N ALA K 797 70.14 55.29 5.50
CA ALA K 797 70.31 56.76 5.40
C ALA K 797 71.45 57.06 4.43
N MET K 798 71.24 57.96 3.47
CA MET K 798 72.20 58.20 2.36
C MET K 798 72.52 59.70 2.27
N THR K 799 73.74 60.09 2.74
CA THR K 799 74.16 61.49 3.07
C THR K 799 74.71 62.20 1.83
N ASP K 800 75.37 61.52 0.88
CA ASP K 800 75.85 62.13 -0.40
C ASP K 800 74.79 61.93 -1.53
N LEU K 801 73.51 61.73 -1.18
CA LEU K 801 72.34 61.99 -2.07
C LEU K 801 71.86 63.44 -1.85
N CYS K 802 71.53 63.77 -0.60
CA CYS K 802 70.92 65.05 -0.16
C CYS K 802 72.05 65.99 0.28
N PRO K 803 71.84 67.33 0.32
CA PRO K 803 72.88 68.27 0.76
C PRO K 803 73.04 68.36 2.29
N ALA K 804 71.95 68.23 3.06
CA ALA K 804 71.90 68.39 4.53
C ALA K 804 71.60 67.06 5.24
N GLY K 805 70.39 66.54 5.07
CA GLY K 805 69.84 65.40 5.84
C GLY K 805 69.76 64.13 5.02
N PRO K 806 70.55 63.07 5.32
CA PRO K 806 70.24 61.72 4.82
C PRO K 806 68.96 61.15 5.45
N ILE K 807 67.89 61.05 4.67
CA ILE K 807 66.47 61.03 5.18
C ILE K 807 66.17 59.81 6.10
N GLN K 808 67.03 58.78 6.17
CA GLN K 808 66.75 57.41 6.70
C GLN K 808 65.79 56.73 5.72
N ALA K 809 66.11 56.83 4.42
CA ALA K 809 65.36 56.28 3.27
C ALA K 809 65.22 54.76 3.43
N VAL K 810 64.02 54.21 3.26
CA VAL K 810 63.78 52.75 3.38
C VAL K 810 64.21 52.10 2.06
N GLU K 811 65.15 51.15 2.11
CA GLU K 811 65.54 50.35 0.92
C GLU K 811 64.73 49.05 0.92
N ILE K 812 64.33 48.63 -0.29
CA ILE K 812 63.63 47.36 -0.61
C ILE K 812 64.55 46.55 -1.52
N GLN K 813 64.94 45.34 -1.11
CA GLN K 813 65.72 44.37 -1.94
C GLN K 813 64.79 43.26 -2.46
N VAL K 814 65.17 42.66 -3.59
CA VAL K 814 64.65 41.33 -4.04
C VAL K 814 65.83 40.55 -4.63
N GLU K 815 66.01 39.30 -4.20
CA GLU K 815 67.14 38.43 -4.61
C GLU K 815 66.57 37.09 -5.01
N SER K 816 66.93 36.55 -6.17
CA SER K 816 66.36 35.27 -6.67
C SER K 816 67.26 34.67 -7.73
N SER K 817 67.16 33.35 -7.92
CA SER K 817 67.77 32.59 -9.03
C SER K 817 67.31 33.17 -10.37
N SER K 818 65.99 33.38 -10.48
CA SER K 818 65.26 33.69 -11.74
C SER K 818 65.26 35.20 -11.97
N LEU K 819 65.86 35.66 -13.08
CA LEU K 819 65.90 37.11 -13.43
C LEU K 819 64.50 37.55 -13.91
N ALA K 820 63.73 36.68 -14.55
CA ALA K 820 62.32 36.95 -14.93
C ALA K 820 61.46 37.31 -13.70
N ASP K 821 61.54 36.58 -12.56
CA ASP K 821 60.70 36.79 -11.33
C ASP K 821 60.99 38.17 -10.72
N ILE K 822 62.25 38.59 -10.80
CA ILE K 822 62.79 39.91 -10.36
C ILE K 822 62.16 41.01 -11.25
N CYS K 823 62.19 40.80 -12.58
CA CYS K 823 61.61 41.74 -13.58
C CYS K 823 60.13 41.94 -13.28
N ARG K 824 59.41 40.85 -12.95
CA ARG K 824 57.95 40.87 -12.64
C ARG K 824 57.70 41.61 -11.33
N ALA K 825 58.41 41.24 -10.24
CA ALA K 825 58.23 41.80 -8.87
C ALA K 825 58.63 43.28 -8.85
N HIS K 826 59.68 43.66 -9.61
CA HIS K 826 60.10 45.07 -9.88
C HIS K 826 58.95 45.81 -10.60
N HIS K 827 58.43 45.25 -11.70
CA HIS K 827 57.31 45.81 -12.49
C HIS K 827 56.14 46.15 -11.55
N ALA K 828 55.73 45.19 -10.72
CA ALA K 828 54.59 45.31 -9.77
C ALA K 828 54.85 46.39 -8.71
N VAL K 829 56.03 46.32 -8.09
CA VAL K 829 56.45 47.20 -6.96
C VAL K 829 56.57 48.66 -7.49
N VAL K 830 57.20 48.93 -8.68
CA VAL K 830 57.42 50.32 -9.27
C VAL K 830 56.11 50.95 -9.76
N GLY K 831 55.17 50.10 -10.22
CA GLY K 831 53.74 50.43 -10.36
C GLY K 831 53.15 50.93 -9.04
N ARG K 832 53.39 50.17 -7.96
CA ARG K 832 52.95 50.50 -6.59
C ARG K 832 53.57 51.81 -6.05
N MET K 833 54.81 52.16 -6.49
CA MET K 833 55.62 53.37 -6.14
C MET K 833 55.31 54.59 -7.03
N GLN K 834 54.88 54.40 -8.27
CA GLN K 834 54.11 55.41 -9.05
C GLN K 834 52.82 55.82 -8.33
N THR K 835 52.02 54.85 -7.84
CA THR K 835 50.73 55.01 -7.08
C THR K 835 50.91 55.94 -5.88
N MET K 836 51.75 55.51 -4.94
CA MET K 836 52.04 56.15 -3.63
C MET K 836 52.65 57.55 -3.88
N VAL K 837 53.55 57.71 -4.87
CA VAL K 837 54.30 58.99 -5.16
C VAL K 837 53.34 60.02 -5.80
N THR K 838 52.47 59.63 -6.73
CA THR K 838 51.46 60.55 -7.35
C THR K 838 50.32 60.84 -6.37
N GLU K 839 50.01 59.94 -5.42
CA GLU K 839 49.06 60.15 -4.29
C GLU K 839 49.61 61.20 -3.30
N GLN K 840 50.92 61.15 -3.02
CA GLN K 840 51.59 62.04 -2.04
C GLN K 840 51.99 63.38 -2.69
N ALA K 841 52.44 63.40 -3.96
CA ALA K 841 52.76 64.62 -4.73
C ALA K 841 51.47 65.40 -4.99
N THR K 842 51.56 66.74 -4.96
CA THR K 842 50.44 67.72 -4.87
C THR K 842 49.97 67.94 -3.41
N GLN K 843 50.49 67.19 -2.42
CA GLN K 843 50.23 67.38 -0.96
C GLN K 843 51.53 67.57 -0.17
N GLY K 844 52.47 66.62 -0.29
CA GLY K 844 53.79 66.66 0.39
C GLY K 844 54.73 67.67 -0.22
N SER K 845 55.79 68.00 0.53
CA SER K 845 56.91 68.90 0.14
C SER K 845 58.01 68.12 -0.62
N SER K 846 59.14 68.76 -1.01
CA SER K 846 60.28 68.21 -1.82
C SER K 846 61.63 68.49 -1.16
N ALA K 847 62.50 67.46 -1.02
CA ALA K 847 63.86 67.57 -0.45
C ALA K 847 64.77 68.26 -1.48
N PRO K 848 65.81 69.02 -1.03
CA PRO K 848 66.81 69.57 -1.94
C PRO K 848 67.86 68.49 -2.28
N ASP K 849 68.55 68.66 -3.40
CA ASP K 849 69.62 67.75 -3.89
C ASP K 849 71.00 68.39 -3.61
N LEU K 850 72.07 67.61 -3.77
CA LEU K 850 73.48 68.10 -3.85
C LEU K 850 73.70 68.79 -5.20
N ARG K 851 73.08 68.27 -6.27
CA ARG K 851 73.14 68.77 -7.67
C ARG K 851 74.42 68.25 -8.36
N VAL K 852 75.37 67.71 -7.59
CA VAL K 852 76.79 67.59 -7.99
C VAL K 852 77.27 66.21 -7.53
N GLN K 853 78.34 65.71 -8.15
CA GLN K 853 79.12 64.49 -7.77
C GLN K 853 78.45 63.19 -8.23
N TYR K 854 77.26 62.86 -7.72
CA TYR K 854 76.67 61.50 -7.83
C TYR K 854 75.59 61.42 -8.93
N LEU K 855 74.86 62.52 -9.17
CA LEU K 855 74.02 62.65 -10.39
C LEU K 855 74.94 62.55 -11.63
N ARG K 856 76.17 63.08 -11.55
CA ARG K 856 77.18 63.04 -12.66
C ARG K 856 77.86 61.66 -12.72
N GLN K 857 78.14 61.01 -11.56
CA GLN K 857 78.53 59.55 -11.49
C GLN K 857 77.50 58.71 -12.27
N ILE K 858 76.22 58.94 -11.97
CA ILE K 858 75.05 58.24 -12.61
C ILE K 858 75.02 58.61 -14.12
N HIS K 859 75.30 59.87 -14.53
CA HIS K 859 75.33 60.34 -15.95
C HIS K 859 76.40 59.62 -16.79
N ALA K 860 77.66 59.57 -16.31
CA ALA K 860 78.80 58.90 -16.97
C ALA K 860 78.51 57.39 -17.13
N ASN K 861 78.07 56.70 -16.05
CA ASN K 861 77.79 55.24 -16.06
C ASN K 861 76.55 54.91 -16.91
N HIS K 862 75.60 55.85 -17.11
CA HIS K 862 74.46 55.72 -18.07
C HIS K 862 74.93 55.93 -19.51
N GLU K 863 75.79 56.92 -19.75
CA GLU K 863 76.27 57.28 -21.12
C GLU K 863 77.08 56.12 -21.72
N THR K 864 78.01 55.51 -20.95
CA THR K 864 78.84 54.35 -21.39
C THR K 864 77.92 53.21 -21.85
N LEU K 865 76.89 52.88 -21.06
CA LEU K 865 75.93 51.79 -21.34
C LEU K 865 75.06 52.16 -22.56
N LEU K 866 74.68 53.44 -22.70
CA LEU K 866 73.86 53.89 -23.85
C LEU K 866 74.64 53.67 -25.16
N ARG K 867 75.91 54.09 -25.22
CA ARG K 867 76.83 53.85 -26.39
C ARG K 867 76.92 52.37 -26.71
N GLU K 868 77.11 51.57 -25.66
CA GLU K 868 77.24 50.10 -25.75
C GLU K 868 75.97 49.53 -26.41
N VAL K 869 74.77 49.92 -25.94
CA VAL K 869 73.47 49.40 -26.47
C VAL K 869 73.33 49.86 -27.94
N GLN K 870 73.73 51.10 -28.27
CA GLN K 870 73.63 51.67 -29.65
C GLN K 870 74.50 50.87 -30.63
N THR K 871 75.77 50.63 -30.27
CA THR K 871 76.71 49.81 -31.08
C THR K 871 76.15 48.38 -31.23
N LEU K 872 75.60 47.82 -30.13
CA LEU K 872 74.96 46.47 -30.10
C LEU K 872 73.78 46.42 -31.09
N ARG K 873 72.92 47.45 -31.12
CA ARG K 873 71.74 47.50 -32.04
C ARG K 873 72.24 47.58 -33.49
N ASP K 874 73.30 48.35 -33.77
CA ASP K 874 73.87 48.44 -35.14
C ASP K 874 74.44 47.09 -35.59
N ARG K 875 75.14 46.38 -34.70
CA ARG K 875 75.66 45.03 -35.00
C ARG K 875 74.50 44.04 -35.23
N LEU K 876 73.42 44.08 -34.42
CA LEU K 876 72.20 43.22 -34.55
C LEU K 876 71.51 43.52 -35.89
N CYS K 877 71.53 44.78 -36.35
CA CYS K 877 70.98 45.18 -37.68
C CYS K 877 71.85 44.60 -38.81
N THR K 878 73.19 44.62 -38.67
CA THR K 878 74.14 44.18 -39.73
C THR K 878 74.13 42.64 -39.88
N GLU K 879 73.95 41.88 -38.79
CA GLU K 879 73.70 40.41 -38.77
C GLU K 879 74.95 39.69 -39.29
N ASP K 880 76.04 39.78 -38.52
CA ASP K 880 77.41 39.35 -38.90
C ASP K 880 77.58 37.84 -38.62
N GLU K 881 77.68 37.42 -37.34
CA GLU K 881 77.91 36.01 -36.88
C GLU K 881 77.65 35.92 -35.34
N ALA K 882 77.35 34.73 -34.80
CA ALA K 882 76.89 34.47 -33.39
C ALA K 882 75.60 35.27 -33.16
N SER K 883 74.54 34.90 -33.88
CA SER K 883 73.39 35.76 -34.28
C SER K 883 72.94 36.66 -33.12
N SER K 884 72.47 36.10 -31.99
CA SER K 884 72.16 36.87 -30.75
C SER K 884 72.12 35.97 -29.50
N CYS K 885 73.30 35.60 -28.98
CA CYS K 885 73.51 34.84 -27.72
C CYS K 885 74.33 35.70 -26.74
N ALA K 886 75.54 36.11 -27.14
CA ALA K 886 76.41 37.07 -26.38
C ALA K 886 75.68 38.42 -26.21
N THR K 887 74.96 38.89 -27.24
CA THR K 887 74.13 40.13 -27.21
C THR K 887 73.07 40.01 -26.10
N ALA K 888 72.33 38.90 -26.07
CA ALA K 888 71.28 38.58 -25.06
C ALA K 888 71.88 38.60 -23.65
N GLN K 889 73.01 37.90 -23.47
CA GLN K 889 73.64 37.68 -22.14
C GLN K 889 74.38 38.93 -21.66
N ARG K 890 74.71 39.85 -22.58
CA ARG K 890 75.32 41.17 -22.24
C ARG K 890 74.23 42.20 -21.91
N LEU K 891 73.10 42.19 -22.61
CA LEU K 891 71.95 43.11 -22.34
C LEU K 891 71.28 42.79 -20.98
N LEU K 892 71.26 41.52 -20.55
CA LEU K 892 70.82 41.13 -19.17
C LEU K 892 71.83 41.64 -18.13
N GLN K 893 73.14 41.67 -18.44
CA GLN K 893 74.20 42.24 -17.56
C GLN K 893 73.94 43.75 -17.41
N VAL K 894 73.61 44.44 -18.51
CA VAL K 894 73.19 45.87 -18.56
C VAL K 894 72.04 46.05 -17.54
N TYR K 895 71.03 45.19 -17.68
CA TYR K 895 69.80 45.24 -16.86
C TYR K 895 70.18 45.11 -15.38
N ARG K 896 70.94 44.06 -15.05
CA ARG K 896 71.37 43.74 -13.65
C ARG K 896 72.11 44.93 -13.05
N GLN K 897 73.02 45.50 -13.84
CA GLN K 897 73.86 46.67 -13.46
C GLN K 897 72.95 47.78 -12.92
N LEU K 898 71.95 48.09 -13.75
CA LEU K 898 71.09 49.29 -13.59
C LEU K 898 70.11 49.08 -12.45
N ARG K 899 69.62 47.86 -12.26
CA ARG K 899 68.45 47.63 -11.37
C ARG K 899 68.83 47.81 -9.90
N HIS K 900 70.09 47.55 -9.51
CA HIS K 900 70.49 47.33 -8.10
C HIS K 900 70.18 48.57 -7.25
N PRO K 901 70.74 49.77 -7.53
CA PRO K 901 70.05 51.01 -7.16
C PRO K 901 69.20 51.46 -8.37
N SER K 902 67.90 51.65 -8.14
CA SER K 902 66.94 52.09 -9.16
C SER K 902 65.97 53.05 -8.48
N LEU K 903 66.01 54.31 -8.90
CA LEU K 903 65.01 55.35 -8.53
C LEU K 903 65.00 55.51 -7.01
N ILE K 904 66.07 56.07 -6.50
CA ILE K 904 66.07 56.66 -5.13
C ILE K 904 65.11 57.87 -5.17
N LEU K 905 63.85 57.71 -4.71
CA LEU K 905 62.75 58.71 -4.87
C LEU K 905 62.76 59.64 -3.66
N LEU K 906 63.21 60.89 -3.82
CA LEU K 906 63.46 61.81 -2.68
C LEU K 906 62.97 63.21 -3.07
N ARG L 19 91.88 -74.41 -6.57
CA ARG L 19 92.11 -73.69 -7.87
C ARG L 19 92.12 -74.65 -9.06
N ARG L 20 93.13 -75.51 -9.16
CA ARG L 20 93.35 -76.35 -10.35
C ARG L 20 92.21 -77.37 -10.43
N ALA L 21 91.82 -77.89 -9.25
CA ALA L 21 90.65 -78.78 -8.99
C ALA L 21 89.37 -78.13 -9.54
N TRP L 22 89.28 -76.79 -9.54
CA TRP L 22 88.23 -76.04 -10.27
C TRP L 22 88.32 -76.28 -11.80
N ALA L 23 89.33 -75.78 -12.52
CA ALA L 23 89.43 -76.01 -13.98
C ALA L 23 89.18 -77.49 -14.29
N GLU L 24 89.60 -78.39 -13.41
CA GLU L 24 89.50 -79.86 -13.65
C GLU L 24 88.07 -80.38 -13.44
N LEU L 25 87.22 -79.79 -12.60
CA LEU L 25 85.76 -80.16 -12.60
C LEU L 25 85.02 -79.61 -13.84
N LEU L 26 85.73 -79.01 -14.81
CA LEU L 26 85.19 -78.24 -15.96
C LEU L 26 85.58 -78.82 -17.34
N ALA L 27 86.83 -79.26 -17.53
CA ALA L 27 87.50 -79.43 -18.85
C ALA L 27 86.50 -79.87 -19.93
N GLY L 28 86.03 -81.13 -19.80
CA GLY L 28 85.10 -81.78 -20.74
C GLY L 28 83.69 -81.91 -20.17
N ARG L 29 83.28 -81.01 -19.29
CA ARG L 29 81.84 -80.79 -19.02
C ARG L 29 81.25 -80.14 -20.29
N VAL L 30 82.10 -79.45 -21.05
CA VAL L 30 81.83 -78.82 -22.37
C VAL L 30 81.52 -79.93 -23.41
N LYS L 31 80.60 -79.67 -24.34
CA LYS L 31 80.18 -80.59 -25.44
C LYS L 31 80.12 -79.79 -26.76
N ARG L 32 81.18 -79.03 -27.05
CA ARG L 32 81.10 -77.57 -27.39
C ARG L 32 79.98 -77.19 -28.39
N GLU L 33 79.82 -77.80 -29.58
CA GLU L 33 78.78 -77.38 -30.59
C GLU L 33 77.84 -78.55 -30.95
N LYS L 34 78.24 -79.45 -31.86
CA LYS L 34 77.45 -80.66 -32.20
C LYS L 34 76.08 -80.26 -32.79
N TYR L 35 76.06 -79.52 -33.91
CA TYR L 35 74.81 -79.17 -34.66
C TYR L 35 74.39 -80.39 -35.50
N ASN L 36 75.23 -80.76 -36.46
CA ASN L 36 75.15 -81.96 -37.35
C ASN L 36 73.71 -82.12 -37.84
N PRO L 37 73.25 -81.36 -38.86
CA PRO L 37 71.81 -81.24 -39.11
C PRO L 37 71.11 -82.60 -39.35
N GLU L 38 71.77 -83.48 -40.11
CA GLU L 38 71.63 -84.97 -40.19
C GLU L 38 71.18 -85.59 -38.86
N ARG L 39 71.86 -85.23 -37.78
CA ARG L 39 71.72 -85.80 -36.42
C ARG L 39 70.50 -85.19 -35.75
N ALA L 40 70.13 -83.96 -36.12
CA ALA L 40 68.86 -83.33 -35.67
C ALA L 40 67.67 -84.27 -36.00
N GLN L 41 67.66 -84.86 -37.20
CA GLN L 41 66.55 -85.76 -37.64
C GLN L 41 66.59 -87.04 -36.81
N LYS L 42 67.77 -87.54 -36.48
CA LYS L 42 67.95 -88.78 -35.68
C LYS L 42 67.33 -88.52 -34.31
N LEU L 43 67.63 -87.37 -33.72
CA LEU L 43 67.06 -86.90 -32.43
C LEU L 43 65.53 -86.88 -32.53
N LYS L 44 65.04 -86.22 -33.56
CA LYS L 44 63.60 -86.08 -33.86
C LYS L 44 62.97 -87.47 -33.90
N GLU L 45 63.59 -88.39 -34.64
CA GLU L 45 63.11 -89.78 -34.82
C GLU L 45 63.11 -90.50 -33.48
N SER L 46 64.18 -90.33 -32.71
CA SER L 46 64.31 -90.92 -31.36
C SER L 46 63.27 -90.27 -30.44
N ALA L 47 63.02 -88.97 -30.58
CA ALA L 47 61.95 -88.23 -29.88
C ALA L 47 60.59 -88.88 -30.15
N VAL L 48 60.29 -89.06 -31.42
CA VAL L 48 59.03 -89.66 -31.92
C VAL L 48 58.90 -91.05 -31.30
N ARG L 49 59.98 -91.82 -31.36
CA ARG L 49 60.03 -93.24 -30.87
C ARG L 49 59.62 -93.25 -29.41
N LEU L 50 60.16 -92.31 -28.64
CA LEU L 50 59.85 -92.13 -27.20
C LEU L 50 58.34 -91.97 -27.02
N LEU L 51 57.80 -90.98 -27.71
CA LEU L 51 56.39 -90.56 -27.45
C LEU L 51 55.45 -91.69 -27.88
N ARG L 52 55.75 -92.30 -29.02
CA ARG L 52 54.95 -93.42 -29.55
C ARG L 52 55.10 -94.65 -28.66
N SER L 53 56.24 -94.83 -27.99
CA SER L 53 56.44 -95.94 -27.03
C SER L 53 55.44 -95.82 -25.88
N HIS L 54 55.11 -94.59 -25.45
CA HIS L 54 54.09 -94.33 -24.40
C HIS L 54 52.68 -94.23 -24.99
N GLN L 55 52.57 -94.13 -26.31
CA GLN L 55 51.30 -94.12 -27.08
C GLN L 55 50.55 -95.42 -26.83
N ASP L 56 49.22 -95.33 -26.82
CA ASP L 56 48.22 -96.44 -26.72
C ASP L 56 46.99 -96.01 -27.54
N LEU L 57 46.30 -96.98 -28.14
CA LEU L 57 45.12 -96.74 -29.00
C LEU L 57 43.83 -96.97 -28.24
N ASN L 58 43.85 -97.86 -27.24
CA ASN L 58 42.62 -98.34 -26.55
C ASN L 58 41.99 -97.16 -25.78
N ALA L 59 42.77 -96.46 -24.93
CA ALA L 59 42.33 -95.22 -24.24
C ALA L 59 42.04 -94.12 -25.26
N LEU L 60 42.83 -94.07 -26.34
CA LEU L 60 42.75 -93.08 -27.46
C LEU L 60 41.36 -93.09 -28.08
N LEU L 61 40.91 -94.29 -28.44
CA LEU L 61 39.57 -94.54 -29.02
C LEU L 61 38.48 -94.17 -27.98
N LEU L 62 38.71 -94.45 -26.68
CA LEU L 62 37.75 -94.14 -25.57
C LEU L 62 37.63 -92.61 -25.35
N GLU L 63 38.53 -91.78 -25.91
CA GLU L 63 38.59 -90.30 -25.69
C GLU L 63 37.35 -89.61 -26.29
N SER L 91 39.17 -87.31 -33.37
CA SER L 91 38.41 -88.17 -34.33
C SER L 91 39.30 -88.58 -35.51
N SER L 92 39.58 -87.65 -36.44
CA SER L 92 40.39 -87.88 -37.68
C SER L 92 41.80 -88.38 -37.32
N PHE L 93 42.38 -87.78 -36.27
CA PHE L 93 43.59 -88.26 -35.54
C PHE L 93 43.48 -89.74 -35.15
N ILE L 94 42.34 -90.17 -34.60
CA ILE L 94 42.15 -91.54 -34.03
C ILE L 94 42.20 -92.55 -35.19
N GLY L 95 41.63 -92.19 -36.35
CA GLY L 95 41.80 -92.86 -37.67
C GLY L 95 43.25 -92.96 -38.15
N SER L 96 44.00 -91.86 -38.13
CA SER L 96 45.46 -91.85 -38.46
C SER L 96 46.25 -92.71 -37.46
N ALA L 97 45.85 -92.75 -36.18
CA ALA L 97 46.47 -93.62 -35.14
C ALA L 97 46.27 -95.10 -35.50
N LEU L 98 45.05 -95.50 -35.88
CA LEU L 98 44.76 -96.90 -36.34
C LEU L 98 45.56 -97.16 -37.63
N GLN L 99 45.73 -96.18 -38.54
CA GLN L 99 46.63 -96.27 -39.75
C GLN L 99 48.07 -96.58 -39.32
N ASP L 100 48.57 -95.89 -38.27
CA ASP L 100 49.93 -96.07 -37.68
C ASP L 100 50.08 -97.53 -37.22
N GLN L 101 49.11 -98.01 -36.41
CA GLN L 101 49.09 -99.39 -35.87
C GLN L 101 49.08 -100.40 -37.04
N ALA L 102 48.26 -100.14 -38.07
CA ALA L 102 48.10 -101.03 -39.26
C ALA L 102 49.42 -101.11 -40.03
N SER L 103 50.10 -99.98 -40.23
CA SER L 103 51.42 -99.91 -40.91
C SER L 103 52.46 -100.72 -40.12
N ARG L 104 52.44 -100.69 -38.78
CA ARG L 104 53.31 -101.52 -37.90
C ARG L 104 53.02 -103.02 -38.09
N LEU L 105 51.76 -103.43 -37.90
CA LEU L 105 51.37 -104.87 -37.78
C LEU L 105 51.26 -105.55 -39.14
N GLY L 106 51.19 -104.79 -40.26
CA GLY L 106 50.89 -105.33 -41.60
C GLY L 106 49.55 -106.04 -41.65
N VAL L 107 48.52 -105.43 -41.05
CA VAL L 107 47.09 -105.89 -41.05
C VAL L 107 46.29 -104.81 -41.77
N PRO L 108 45.28 -105.12 -42.62
CA PRO L 108 44.40 -104.06 -43.17
C PRO L 108 43.64 -103.40 -42.01
N VAL L 109 43.51 -102.07 -42.06
CA VAL L 109 43.12 -101.19 -40.90
C VAL L 109 41.78 -101.66 -40.31
N GLY L 110 40.88 -102.14 -41.19
CA GLY L 110 39.56 -102.68 -40.85
C GLY L 110 39.58 -103.73 -39.76
N ILE L 111 40.48 -104.72 -39.86
CA ILE L 111 40.63 -105.84 -38.89
C ILE L 111 40.91 -105.26 -37.50
N LEU L 112 41.93 -104.40 -37.39
CA LEU L 112 42.36 -103.81 -36.09
C LEU L 112 41.23 -102.93 -35.55
N SER L 113 40.64 -102.09 -36.40
CA SER L 113 39.52 -101.18 -36.01
C SER L 113 38.36 -102.00 -35.42
N ALA L 114 37.95 -103.08 -36.10
CA ALA L 114 36.87 -104.01 -35.68
C ALA L 114 37.21 -104.69 -34.34
N GLY L 115 38.39 -105.31 -34.27
CA GLY L 115 38.91 -105.98 -33.05
C GLY L 115 38.92 -105.04 -31.87
N MET L 116 39.46 -103.84 -32.08
CA MET L 116 39.63 -102.79 -31.03
C MET L 116 38.26 -102.28 -30.59
N VAL L 117 37.34 -102.04 -31.53
CA VAL L 117 35.94 -101.58 -31.21
C VAL L 117 35.26 -102.67 -30.35
N ALA L 118 35.37 -103.95 -30.75
CA ALA L 118 34.76 -105.12 -30.07
C ALA L 118 35.29 -105.24 -28.63
N SER L 119 36.60 -105.16 -28.46
CA SER L 119 37.28 -105.22 -27.15
C SER L 119 36.86 -104.02 -26.26
N SER L 120 36.74 -102.80 -26.81
CA SER L 120 36.25 -101.62 -26.03
C SER L 120 34.78 -101.80 -25.61
N VAL L 121 33.97 -102.43 -26.46
CA VAL L 121 32.57 -102.82 -26.13
C VAL L 121 32.59 -103.80 -24.93
N GLY L 122 33.45 -104.82 -24.96
CA GLY L 122 33.68 -105.78 -23.86
C GLY L 122 34.06 -105.09 -22.57
N GLN L 123 34.95 -104.07 -22.64
CA GLN L 123 35.37 -103.19 -21.51
C GLN L 123 34.13 -102.53 -20.89
N ILE L 124 33.31 -101.89 -21.72
CA ILE L 124 32.13 -101.06 -21.31
C ILE L 124 31.25 -101.91 -20.37
N CYS L 125 31.08 -103.18 -20.72
CA CYS L 125 30.27 -104.19 -20.00
C CYS L 125 31.20 -105.12 -19.21
N VAL L 139 23.72 -96.18 -18.99
CA VAL L 139 23.58 -94.70 -18.79
C VAL L 139 24.79 -94.05 -19.47
N GLU L 140 25.93 -94.01 -18.79
CA GLU L 140 27.22 -93.52 -19.30
C GLU L 140 27.79 -94.59 -20.24
N GLN L 141 27.32 -95.85 -20.07
CA GLN L 141 27.50 -96.98 -21.02
C GLN L 141 27.07 -96.45 -22.41
N ARG L 142 25.88 -95.86 -22.44
CA ARG L 142 25.23 -95.27 -23.65
C ARG L 142 26.07 -94.14 -24.25
N LYS L 143 26.56 -93.21 -23.43
CA LYS L 143 27.35 -92.03 -23.88
C LYS L 143 28.64 -92.49 -24.55
N LYS L 144 29.42 -93.32 -23.85
CA LYS L 144 30.73 -93.87 -24.34
C LYS L 144 30.48 -94.58 -25.67
N LEU L 145 29.43 -95.38 -25.70
CA LEU L 145 29.04 -96.15 -26.91
C LEU L 145 28.68 -95.21 -28.06
N SER L 146 27.93 -94.12 -27.81
CA SER L 146 27.53 -93.14 -28.85
C SER L 146 28.78 -92.60 -29.58
N SER L 147 29.77 -92.16 -28.81
CA SER L 147 31.04 -91.59 -29.33
C SER L 147 31.85 -92.68 -30.05
N LEU L 148 31.94 -93.88 -29.47
CA LEU L 148 32.52 -95.12 -30.09
C LEU L 148 31.91 -95.34 -31.48
N LEU L 149 30.60 -95.15 -31.59
CA LEU L 149 29.83 -95.42 -32.82
C LEU L 149 29.97 -94.28 -33.82
N GLU L 150 30.11 -93.04 -33.35
CA GLU L 150 30.45 -91.88 -34.22
C GLU L 150 31.81 -92.14 -34.85
N PHE L 151 32.76 -92.67 -34.07
CA PHE L 151 34.11 -93.03 -34.57
C PHE L 151 33.98 -94.21 -35.56
N ALA L 152 33.21 -95.24 -35.23
CA ALA L 152 32.96 -96.41 -36.10
C ALA L 152 32.28 -95.95 -37.41
N GLN L 153 31.42 -94.91 -37.35
CA GLN L 153 30.79 -94.27 -38.54
C GLN L 153 31.84 -93.60 -39.43
N TYR L 154 32.75 -92.82 -38.84
CA TYR L 154 33.91 -92.24 -39.56
C TYR L 154 34.73 -93.35 -40.22
N LEU L 155 35.01 -94.44 -39.49
CA LEU L 155 35.77 -95.63 -39.99
C LEU L 155 35.07 -96.18 -41.25
N LEU L 156 33.76 -96.39 -41.15
CA LEU L 156 32.93 -96.98 -42.24
C LEU L 156 32.83 -95.99 -43.42
N ALA L 157 32.70 -94.70 -43.13
CA ALA L 157 32.73 -93.60 -44.14
C ALA L 157 34.05 -93.62 -44.92
N HIS L 158 35.18 -93.94 -44.27
CA HIS L 158 36.53 -94.02 -44.91
C HIS L 158 36.87 -95.46 -45.36
N SER L 159 35.98 -96.44 -45.19
CA SER L 159 36.17 -97.90 -45.54
C SER L 159 37.37 -98.48 -44.78
N MET L 160 37.48 -98.14 -43.50
CA MET L 160 38.57 -98.55 -42.57
C MET L 160 37.99 -99.47 -41.50
N PHE L 161 37.11 -100.39 -41.92
CA PHE L 161 36.28 -101.22 -41.01
C PHE L 161 35.85 -102.49 -41.73
N SER L 162 36.32 -103.64 -41.24
CA SER L 162 35.94 -105.01 -41.70
C SER L 162 34.79 -105.50 -40.82
N ARG L 163 33.57 -105.31 -41.30
CA ARG L 163 32.29 -105.65 -40.63
C ARG L 163 32.21 -107.16 -40.42
N LEU L 164 32.82 -107.96 -41.29
CA LEU L 164 32.75 -109.45 -41.21
C LEU L 164 33.63 -109.96 -40.08
N SER L 165 34.90 -109.54 -40.00
CA SER L 165 35.79 -109.80 -38.83
C SER L 165 35.14 -109.23 -37.57
N PHE L 166 34.41 -108.11 -37.69
CA PHE L 166 33.67 -107.46 -36.58
C PHE L 166 32.57 -108.40 -36.07
N CYS L 167 31.76 -108.98 -36.95
CA CYS L 167 30.74 -110.02 -36.61
C CYS L 167 31.42 -111.20 -35.93
N GLN L 168 32.51 -111.69 -36.53
CA GLN L 168 33.27 -112.87 -36.04
C GLN L 168 33.75 -112.59 -34.61
N GLU L 169 34.39 -111.45 -34.43
CA GLU L 169 34.96 -110.95 -33.14
C GLU L 169 33.83 -110.80 -32.10
N LEU L 170 32.68 -110.27 -32.52
CA LEU L 170 31.48 -110.10 -31.64
C LEU L 170 31.02 -111.44 -31.11
N TRP L 171 30.97 -112.46 -31.98
CA TRP L 171 30.58 -113.83 -31.57
C TRP L 171 31.72 -114.52 -30.82
N LYS L 172 32.96 -114.05 -30.95
CA LYS L 172 34.07 -114.49 -30.06
C LYS L 172 33.83 -113.97 -28.64
N ILE L 173 33.27 -112.77 -28.50
CA ILE L 173 32.92 -112.16 -27.18
C ILE L 173 31.67 -112.88 -26.63
N GLN L 174 30.50 -112.60 -27.22
CA GLN L 174 29.20 -113.33 -27.08
C GLN L 174 28.58 -113.25 -25.67
N SER L 175 29.32 -112.89 -24.59
CA SER L 175 28.96 -113.16 -23.17
C SER L 175 28.67 -111.85 -22.44
N SER L 176 29.59 -110.90 -22.51
CA SER L 176 29.41 -109.49 -22.05
C SER L 176 28.27 -108.78 -22.82
N LEU L 177 28.04 -109.12 -24.11
CA LEU L 177 27.10 -108.39 -25.02
C LEU L 177 25.68 -108.42 -24.43
N LEU L 178 25.16 -107.24 -24.05
CA LEU L 178 23.70 -107.00 -23.76
C LEU L 178 22.96 -106.78 -25.08
N LEU L 179 21.62 -106.76 -25.02
CA LEU L 179 20.74 -106.55 -26.21
C LEU L 179 20.78 -105.07 -26.63
N GLU L 180 20.84 -104.13 -25.66
CA GLU L 180 20.94 -102.67 -25.91
C GLU L 180 22.07 -102.38 -26.93
N ALA L 181 23.27 -102.94 -26.69
CA ALA L 181 24.52 -102.79 -27.49
C ALA L 181 24.27 -103.14 -28.96
N VAL L 182 23.80 -104.36 -29.17
CA VAL L 182 23.57 -104.91 -30.54
C VAL L 182 22.42 -104.12 -31.21
N TRP L 183 21.40 -103.66 -30.45
CA TRP L 183 20.32 -102.79 -31.00
C TRP L 183 20.92 -101.47 -31.51
N HIS L 184 21.82 -100.85 -30.74
CA HIS L 184 22.49 -99.59 -31.14
C HIS L 184 23.35 -99.85 -32.39
N LEU L 185 24.02 -101.01 -32.47
CA LEU L 185 24.77 -101.43 -33.69
C LEU L 185 23.84 -101.35 -34.90
N HIS L 186 22.65 -101.92 -34.77
CA HIS L 186 21.64 -102.00 -35.85
C HIS L 186 21.18 -100.58 -36.20
N VAL L 187 20.77 -99.80 -35.20
CA VAL L 187 20.04 -98.51 -35.39
C VAL L 187 21.00 -97.45 -35.95
N GLN L 188 22.28 -97.52 -35.56
CA GLN L 188 23.33 -96.62 -36.09
C GLN L 188 23.87 -97.19 -37.42
N GLY L 189 23.23 -98.21 -38.02
CA GLY L 189 23.55 -98.75 -39.36
C GLY L 189 24.96 -99.32 -39.48
N ILE L 190 25.55 -99.75 -38.36
CA ILE L 190 26.95 -100.26 -38.29
C ILE L 190 26.93 -101.69 -38.80
N VAL L 191 26.19 -102.58 -38.13
CA VAL L 191 25.95 -104.00 -38.55
C VAL L 191 24.45 -104.27 -38.39
N SER L 192 23.83 -104.84 -39.41
CA SER L 192 22.41 -105.29 -39.36
C SER L 192 22.33 -106.51 -38.44
N LEU L 193 21.29 -106.54 -37.60
CA LEU L 193 20.76 -107.73 -36.86
C LEU L 193 20.90 -109.00 -37.72
N GLN L 194 20.49 -108.94 -38.99
CA GLN L 194 20.54 -110.05 -39.99
C GLN L 194 22.00 -110.45 -40.29
N GLU L 195 22.87 -109.50 -40.62
CA GLU L 195 24.29 -109.77 -41.00
C GLU L 195 25.04 -110.43 -39.82
N LEU L 196 24.79 -109.93 -38.61
CA LEU L 196 25.40 -110.45 -37.35
C LEU L 196 24.98 -111.93 -37.18
N LEU L 197 23.68 -112.23 -37.14
CA LEU L 197 23.18 -113.62 -36.88
C LEU L 197 23.57 -114.54 -38.04
N GLU L 198 23.72 -114.02 -39.28
CA GLU L 198 24.24 -114.74 -40.49
C GLU L 198 25.79 -114.59 -40.57
N SER L 199 26.49 -114.73 -39.44
CA SER L 199 27.97 -114.88 -39.33
C SER L 199 28.36 -115.70 -38.09
N HIS L 200 27.41 -116.31 -37.36
CA HIS L 200 27.65 -117.16 -36.18
C HIS L 200 27.77 -118.61 -36.64
N PRO L 201 28.74 -119.39 -36.14
CA PRO L 201 28.81 -120.82 -36.49
C PRO L 201 27.59 -121.60 -35.95
N ASP L 202 27.44 -121.62 -34.63
CA ASP L 202 26.39 -122.38 -33.88
C ASP L 202 25.10 -121.56 -33.87
N MET L 203 24.21 -121.84 -34.84
CA MET L 203 22.87 -121.20 -34.94
C MET L 203 22.03 -121.51 -33.68
N HIS L 204 22.16 -122.70 -33.06
CA HIS L 204 21.53 -123.07 -31.74
C HIS L 204 21.99 -122.09 -30.65
N ALA L 205 23.29 -121.74 -30.60
CA ALA L 205 23.87 -120.83 -29.58
C ALA L 205 23.29 -119.42 -29.74
N VAL L 206 23.20 -118.90 -30.99
CA VAL L 206 22.53 -117.60 -31.37
C VAL L 206 21.12 -117.61 -30.78
N GLY L 207 20.38 -118.68 -31.10
CA GLY L 207 18.99 -118.91 -30.64
C GLY L 207 18.85 -118.83 -29.13
N SER L 208 19.67 -119.61 -28.41
CA SER L 208 19.65 -119.70 -26.92
C SER L 208 19.94 -118.33 -26.32
N TRP L 209 20.96 -117.66 -26.87
CA TRP L 209 21.40 -116.30 -26.46
C TRP L 209 20.25 -115.29 -26.59
N LEU L 210 19.64 -115.24 -27.77
CA LEU L 210 18.51 -114.32 -28.06
C LEU L 210 17.33 -114.65 -27.15
N PHE L 211 17.04 -115.95 -26.93
CA PHE L 211 15.96 -116.42 -26.03
C PHE L 211 16.17 -115.85 -24.61
N ARG L 212 17.38 -116.02 -24.06
CA ARG L 212 17.74 -115.49 -22.71
C ARG L 212 17.52 -113.98 -22.69
N ASN L 213 18.06 -113.28 -23.69
CA ASN L 213 18.06 -111.80 -23.78
C ASN L 213 16.61 -111.28 -23.81
N LEU L 214 15.77 -111.89 -24.64
CA LEU L 214 14.36 -111.45 -24.86
C LEU L 214 13.52 -111.79 -23.61
N CYS L 215 13.75 -112.95 -23.00
CA CYS L 215 13.07 -113.36 -21.74
C CYS L 215 13.41 -112.36 -20.62
N CYS L 216 14.66 -111.93 -20.53
CA CYS L 216 15.12 -110.87 -19.59
C CYS L 216 14.46 -109.53 -19.96
N LEU L 217 14.36 -109.22 -21.27
CA LEU L 217 13.84 -107.91 -21.80
C LEU L 217 12.41 -107.71 -21.33
N CYS L 218 11.58 -108.73 -21.55
CA CYS L 218 10.11 -108.66 -21.30
C CYS L 218 9.83 -108.47 -19.80
N GLU L 219 10.68 -109.01 -18.93
CA GLU L 219 10.67 -108.71 -17.47
C GLU L 219 11.10 -107.26 -17.23
N GLN L 220 12.20 -106.83 -17.88
CA GLN L 220 12.75 -105.44 -17.79
C GLN L 220 11.71 -104.39 -18.26
N MET L 221 10.73 -104.74 -19.11
CA MET L 221 9.70 -103.79 -19.64
C MET L 221 8.80 -103.19 -18.52
N GLU L 222 8.68 -103.81 -17.34
CA GLU L 222 7.87 -103.27 -16.21
C GLU L 222 8.77 -102.80 -15.05
N ALA L 223 10.06 -102.51 -15.31
CA ALA L 223 11.02 -101.99 -14.30
C ALA L 223 10.81 -100.47 -14.14
N SER L 224 10.78 -99.73 -15.24
CA SER L 224 10.35 -98.30 -15.29
C SER L 224 9.90 -97.96 -16.71
N CYS L 225 9.12 -96.89 -16.88
CA CYS L 225 8.49 -96.53 -18.19
C CYS L 225 9.56 -96.04 -19.18
N GLN L 226 10.55 -95.26 -18.70
CA GLN L 226 11.64 -94.66 -19.55
C GLN L 226 12.57 -95.75 -20.08
N HIS L 227 12.85 -96.78 -19.26
CA HIS L 227 13.49 -98.06 -19.69
C HIS L 227 12.54 -98.80 -20.66
N ALA L 228 11.24 -98.92 -20.30
CA ALA L 228 10.19 -99.63 -21.08
C ALA L 228 9.99 -99.04 -22.48
N ASP L 229 10.16 -97.72 -22.65
CA ASP L 229 10.09 -96.99 -23.96
C ASP L 229 11.13 -97.56 -24.92
N VAL L 230 12.38 -97.54 -24.48
CA VAL L 230 13.56 -97.95 -25.29
C VAL L 230 13.44 -99.46 -25.56
N ALA L 231 13.00 -100.24 -24.56
CA ALA L 231 12.77 -101.71 -24.64
C ALA L 231 11.66 -102.03 -25.66
N ARG L 232 10.53 -101.34 -25.59
CA ARG L 232 9.40 -101.50 -26.55
C ARG L 232 9.88 -101.16 -27.96
N ALA L 233 10.70 -100.10 -28.12
CA ALA L 233 11.25 -99.66 -29.41
C ALA L 233 12.10 -100.78 -30.02
N MET L 234 13.09 -101.29 -29.27
CA MET L 234 14.03 -102.32 -29.79
C MET L 234 13.28 -103.64 -29.99
N LEU L 235 12.32 -103.99 -29.12
CA LEU L 235 11.44 -105.18 -29.28
C LEU L 235 10.73 -105.09 -30.64
N SER L 236 10.15 -103.93 -30.98
CA SER L 236 9.44 -103.68 -32.27
C SER L 236 10.42 -103.82 -33.46
N ASP L 237 11.62 -103.23 -33.35
CA ASP L 237 12.69 -103.28 -34.39
C ASP L 237 13.09 -104.74 -34.65
N PHE L 238 13.31 -105.49 -33.58
CA PHE L 238 13.78 -106.90 -33.63
C PHE L 238 12.73 -107.76 -34.32
N VAL L 239 11.49 -107.72 -33.81
CA VAL L 239 10.35 -108.56 -34.31
C VAL L 239 10.08 -108.21 -35.78
N GLN L 240 10.19 -106.93 -36.17
CA GLN L 240 9.97 -106.43 -37.57
C GLN L 240 10.98 -107.11 -38.51
N MET L 241 12.26 -107.08 -38.15
CA MET L 241 13.37 -107.77 -38.86
C MET L 241 13.01 -109.26 -39.02
N PHE L 242 12.62 -109.90 -37.92
CA PHE L 242 12.36 -111.37 -37.87
C PHE L 242 11.19 -111.74 -38.82
N VAL L 243 10.06 -111.03 -38.73
CA VAL L 243 8.85 -111.33 -39.56
C VAL L 243 9.20 -111.17 -41.05
N LEU L 244 9.89 -110.09 -41.45
CA LEU L 244 10.37 -109.83 -42.84
C LEU L 244 11.15 -111.04 -43.37
N ARG L 245 12.09 -111.55 -42.58
CA ARG L 245 12.97 -112.70 -42.92
C ARG L 245 12.11 -113.97 -43.08
N GLY L 246 11.18 -114.22 -42.15
CA GLY L 246 10.26 -115.38 -42.16
C GLY L 246 9.16 -115.23 -43.20
N VAL L 265 16.51 -120.17 -38.56
CA VAL L 265 17.07 -119.39 -37.42
C VAL L 265 15.93 -118.59 -36.79
N THR L 266 15.51 -117.56 -37.51
CA THR L 266 14.50 -116.56 -37.11
C THR L 266 13.23 -117.29 -36.64
N VAL L 267 12.80 -118.25 -37.44
CA VAL L 267 11.56 -119.03 -37.20
C VAL L 267 11.74 -119.86 -35.91
N ASP L 268 12.94 -120.39 -35.66
CA ASP L 268 13.28 -121.19 -34.43
C ASP L 268 13.14 -120.30 -33.19
N VAL L 269 13.62 -119.06 -33.27
CA VAL L 269 13.55 -118.06 -32.16
C VAL L 269 12.08 -117.84 -31.79
N LEU L 270 11.25 -117.54 -32.78
CA LEU L 270 9.83 -117.20 -32.55
C LEU L 270 9.11 -118.44 -32.03
N GLN L 271 9.41 -119.61 -32.62
CA GLN L 271 8.92 -120.93 -32.13
C GLN L 271 9.28 -121.10 -30.65
N ARG L 272 10.52 -120.84 -30.27
CA ARG L 272 10.99 -121.01 -28.87
C ARG L 272 10.21 -120.09 -27.93
N MET L 273 10.07 -118.82 -28.29
CA MET L 273 9.31 -117.82 -27.47
C MET L 273 7.86 -118.30 -27.30
N LEU L 274 7.23 -118.64 -28.42
CA LEU L 274 5.84 -119.19 -28.50
C LEU L 274 5.71 -120.41 -27.58
N ILE L 275 6.65 -121.36 -27.70
CA ILE L 275 6.56 -122.67 -26.99
C ILE L 275 6.70 -122.42 -25.48
N PHE L 276 7.64 -121.54 -25.09
CA PHE L 276 7.82 -121.10 -23.67
C PHE L 276 6.47 -120.60 -23.16
N ALA L 277 5.85 -119.68 -23.91
CA ALA L 277 4.56 -119.03 -23.54
C ALA L 277 3.47 -120.08 -23.38
N LEU L 278 3.33 -120.97 -24.36
CA LEU L 278 2.25 -122.01 -24.40
C LEU L 278 2.39 -122.93 -23.20
N ASP L 279 3.62 -123.40 -22.94
CA ASP L 279 3.88 -124.37 -21.84
C ASP L 279 3.62 -123.67 -20.51
N ALA L 280 3.99 -122.39 -20.37
CA ALA L 280 3.71 -121.58 -19.15
C ALA L 280 2.21 -121.52 -18.91
N LEU L 281 1.45 -121.22 -19.96
CA LEU L 281 -0.02 -121.06 -19.87
C LEU L 281 -0.66 -122.43 -19.66
N ALA L 282 -0.33 -123.39 -20.53
CA ALA L 282 -0.93 -124.75 -20.60
C ALA L 282 -0.58 -125.56 -19.34
N ALA L 283 0.62 -125.35 -18.81
CA ALA L 283 1.02 -125.76 -17.45
C ALA L 283 0.70 -124.60 -16.49
N GLY L 284 -0.59 -124.30 -16.36
CA GLY L 284 -1.20 -123.57 -15.22
C GLY L 284 -0.90 -122.08 -15.16
N VAL L 285 0.32 -121.72 -14.74
CA VAL L 285 0.60 -120.59 -13.79
C VAL L 285 0.32 -119.20 -14.41
N GLN L 286 -0.37 -118.35 -13.62
CA GLN L 286 -0.89 -117.01 -14.01
C GLN L 286 -1.02 -115.98 -12.86
N GLU L 287 -1.05 -116.33 -11.55
CA GLU L 287 -0.85 -115.33 -10.42
C GLU L 287 0.36 -114.43 -10.68
N GLU L 288 1.30 -115.01 -11.42
CA GLU L 288 2.48 -114.50 -12.14
C GLU L 288 2.57 -112.98 -12.21
N SER L 289 3.80 -112.54 -11.97
CA SER L 289 4.37 -111.24 -12.39
C SER L 289 5.37 -111.51 -13.54
N SER L 290 6.37 -112.37 -13.32
CA SER L 290 7.57 -112.59 -14.18
C SER L 290 7.19 -113.17 -15.56
N THR L 291 6.85 -114.47 -15.62
CA THR L 291 6.45 -115.21 -16.84
C THR L 291 5.20 -114.58 -17.46
N HIS L 292 4.27 -114.14 -16.62
CA HIS L 292 3.04 -113.41 -17.05
C HIS L 292 3.41 -112.20 -17.88
N LYS L 293 4.28 -111.32 -17.35
CA LYS L 293 4.71 -110.06 -18.03
C LYS L 293 5.50 -110.40 -19.31
N ILE L 294 6.30 -111.47 -19.29
CA ILE L 294 7.09 -111.90 -20.48
C ILE L 294 6.15 -112.25 -21.63
N VAL L 295 5.20 -113.14 -21.34
CA VAL L 295 4.21 -113.68 -22.31
C VAL L 295 3.31 -112.52 -22.79
N ARG L 296 2.84 -111.69 -21.85
CA ARG L 296 2.02 -110.47 -22.12
C ARG L 296 2.70 -109.62 -23.18
N CYS L 297 3.96 -109.28 -22.91
CA CYS L 297 4.77 -108.38 -23.77
C CYS L 297 4.96 -109.03 -25.15
N TRP L 298 5.21 -110.34 -25.19
CA TRP L 298 5.47 -111.00 -26.49
C TRP L 298 4.20 -111.03 -27.34
N PHE L 299 3.05 -111.30 -26.72
CA PHE L 299 1.74 -111.23 -27.40
C PHE L 299 1.38 -109.78 -27.74
N GLY L 300 1.73 -108.81 -26.88
CA GLY L 300 1.53 -107.38 -27.14
C GLY L 300 2.22 -106.93 -28.42
N VAL L 301 3.46 -107.39 -28.64
CA VAL L 301 4.27 -107.10 -29.87
C VAL L 301 3.70 -107.93 -31.02
N PHE L 302 3.24 -109.14 -30.75
CA PHE L 302 2.56 -109.99 -31.74
C PHE L 302 1.36 -109.21 -32.32
N SER L 303 0.68 -108.39 -31.48
CA SER L 303 -0.46 -107.53 -31.89
C SER L 303 0.02 -106.52 -32.92
N GLY L 304 -0.20 -106.85 -34.20
CA GLY L 304 0.33 -106.08 -35.33
C GLY L 304 -0.53 -104.85 -35.59
N HIS L 305 -0.31 -103.80 -34.81
CA HIS L 305 -0.77 -102.40 -35.08
C HIS L 305 0.46 -101.55 -35.44
N THR L 306 1.61 -101.78 -34.77
CA THR L 306 2.96 -101.26 -35.15
C THR L 306 3.49 -102.08 -36.32
N LEU L 307 3.35 -103.42 -36.26
CA LEU L 307 3.93 -104.38 -37.25
C LEU L 307 3.09 -104.39 -38.54
N GLY L 308 1.79 -104.66 -38.44
CA GLY L 308 0.83 -104.71 -39.55
C GLY L 308 0.80 -103.44 -40.38
N SER L 309 1.09 -102.30 -39.75
CA SER L 309 1.38 -101.00 -40.42
C SER L 309 2.76 -101.04 -41.12
N VAL L 310 3.82 -101.45 -40.41
CA VAL L 310 5.23 -101.36 -40.93
C VAL L 310 5.47 -102.37 -42.06
N ILE L 311 5.05 -103.64 -41.90
CA ILE L 311 5.37 -104.77 -42.82
C ILE L 311 4.15 -105.07 -43.70
N SER L 312 4.38 -105.20 -45.02
CA SER L 312 3.43 -105.70 -46.04
C SER L 312 2.88 -107.06 -45.60
N THR L 313 1.60 -107.32 -45.85
CA THR L 313 0.87 -108.51 -45.36
C THR L 313 1.18 -109.73 -46.25
N ASP L 314 2.23 -109.70 -47.08
CA ASP L 314 2.64 -110.85 -47.94
C ASP L 314 3.33 -111.93 -47.11
N PRO L 315 4.53 -111.72 -46.48
CA PRO L 315 5.12 -112.73 -45.58
C PRO L 315 4.52 -112.75 -44.16
N LEU L 316 3.78 -111.69 -43.81
CA LEU L 316 3.09 -111.51 -42.50
C LEU L 316 1.97 -112.54 -42.36
N LYS L 317 1.10 -112.68 -43.36
CA LYS L 317 -0.03 -113.65 -43.33
C LYS L 317 0.49 -115.09 -43.30
N ARG L 318 1.57 -115.36 -44.06
CA ARG L 318 2.28 -116.68 -44.04
C ARG L 318 2.71 -116.96 -42.60
N PHE L 319 3.40 -116.00 -41.98
CA PHE L 319 3.95 -116.10 -40.60
C PHE L 319 2.78 -116.41 -39.63
N PHE L 320 1.65 -115.71 -39.76
CA PHE L 320 0.48 -115.83 -38.84
C PHE L 320 -0.17 -117.20 -38.99
N SER L 321 -0.33 -117.63 -40.24
CA SER L 321 -0.91 -118.96 -40.55
C SER L 321 -0.01 -120.03 -39.94
N HIS L 322 1.32 -119.91 -40.11
CA HIS L 322 2.30 -120.83 -39.52
C HIS L 322 2.18 -120.81 -38.00
N THR L 323 2.04 -119.61 -37.45
CA THR L 323 1.96 -119.40 -35.99
C THR L 323 0.78 -120.19 -35.46
N LEU L 324 -0.37 -120.03 -36.10
CA LEU L 324 -1.59 -120.76 -35.68
C LEU L 324 -1.41 -122.27 -35.93
N THR L 325 -0.72 -122.68 -37.00
CA THR L 325 -0.38 -124.10 -37.27
C THR L 325 0.39 -124.67 -36.08
N GLN L 326 1.44 -123.96 -35.67
CA GLN L 326 2.30 -124.38 -34.53
C GLN L 326 1.46 -124.39 -33.24
N ILE L 327 0.57 -123.40 -33.05
CA ILE L 327 -0.31 -123.31 -31.83
C ILE L 327 -1.10 -124.62 -31.73
N LEU L 328 -1.84 -124.97 -32.77
CA LEU L 328 -2.81 -126.09 -32.72
C LEU L 328 -2.10 -127.44 -32.83
N THR L 329 -0.96 -127.54 -33.54
CA THR L 329 -0.19 -128.80 -33.77
C THR L 329 0.70 -129.16 -32.57
N HIS L 330 1.60 -128.24 -32.19
CA HIS L 330 2.74 -128.45 -31.26
C HIS L 330 2.23 -129.00 -29.91
N SER L 331 2.85 -130.08 -29.42
CA SER L 331 2.50 -130.79 -28.16
C SER L 331 1.02 -131.22 -28.18
N PRO L 332 0.58 -132.09 -29.13
CA PRO L 332 -0.84 -132.48 -29.25
C PRO L 332 -1.23 -133.59 -28.26
N VAL L 333 -1.10 -133.26 -26.97
CA VAL L 333 -1.42 -134.14 -25.81
C VAL L 333 -2.89 -133.85 -25.51
N LEU L 334 -3.55 -134.72 -24.73
CA LEU L 334 -5.01 -134.64 -24.43
C LEU L 334 -5.75 -134.89 -25.76
N LYS L 335 -5.23 -135.83 -26.56
CA LYS L 335 -5.80 -136.25 -27.86
C LYS L 335 -6.94 -137.24 -27.65
N ALA L 336 -7.27 -137.58 -26.41
CA ALA L 336 -8.53 -138.25 -26.01
C ALA L 336 -9.70 -137.64 -26.81
N SER L 337 -10.37 -138.45 -27.63
CA SER L 337 -11.75 -138.19 -28.14
C SER L 337 -12.66 -137.90 -26.93
N ASP L 338 -12.39 -138.59 -25.81
CA ASP L 338 -12.91 -138.36 -24.42
C ASP L 338 -12.35 -137.02 -23.92
N ALA L 339 -12.55 -135.96 -24.71
CA ALA L 339 -12.24 -134.55 -24.37
C ALA L 339 -13.55 -133.78 -24.40
N VAL L 340 -14.62 -134.40 -23.89
CA VAL L 340 -16.03 -133.98 -24.12
C VAL L 340 -16.44 -132.98 -23.02
N GLN L 341 -16.25 -133.34 -21.74
CA GLN L 341 -16.46 -132.42 -20.57
C GLN L 341 -15.35 -131.37 -20.54
N MET L 342 -14.20 -131.63 -21.19
CA MET L 342 -13.10 -130.64 -21.37
C MET L 342 -13.59 -129.37 -22.12
N GLN L 343 -14.65 -129.48 -22.95
CA GLN L 343 -15.30 -128.35 -23.68
C GLN L 343 -15.70 -127.21 -22.73
N ARG L 344 -16.43 -127.57 -21.66
CA ARG L 344 -16.99 -126.66 -20.62
C ARG L 344 -15.84 -125.90 -19.90
N GLU L 345 -14.63 -126.48 -19.81
CA GLU L 345 -13.41 -125.84 -19.24
C GLU L 345 -12.61 -125.07 -20.31
N TRP L 346 -12.74 -125.43 -21.61
CA TRP L 346 -12.14 -124.70 -22.76
C TRP L 346 -13.09 -123.64 -23.35
N SER L 347 -14.17 -123.36 -22.64
CA SER L 347 -15.07 -122.20 -22.86
C SER L 347 -14.25 -120.91 -23.01
N PHE L 348 -14.74 -119.99 -23.84
CA PHE L 348 -14.11 -118.68 -24.18
C PHE L 348 -13.60 -117.91 -22.96
N ALA L 349 -14.41 -117.70 -21.90
CA ALA L 349 -14.00 -116.93 -20.70
C ALA L 349 -13.04 -117.72 -19.81
N ARG L 350 -13.27 -119.01 -19.61
CA ARG L 350 -12.33 -119.88 -18.85
C ARG L 350 -11.03 -120.05 -19.65
N THR L 351 -11.08 -119.93 -20.98
CA THR L 351 -9.88 -119.75 -21.85
C THR L 351 -9.17 -118.45 -21.45
N HIS L 352 -7.84 -118.46 -21.35
CA HIS L 352 -7.08 -117.35 -20.72
C HIS L 352 -7.16 -116.12 -21.61
N PRO L 353 -7.24 -114.94 -20.97
CA PRO L 353 -7.49 -113.68 -21.69
C PRO L 353 -6.39 -113.40 -22.73
N LEU L 354 -5.18 -113.87 -22.43
CA LEU L 354 -4.01 -113.76 -23.31
C LEU L 354 -4.27 -114.53 -24.61
N LEU L 355 -4.82 -115.73 -24.50
CA LEU L 355 -5.14 -116.58 -25.69
C LEU L 355 -6.23 -115.91 -26.50
N THR L 356 -7.31 -115.44 -25.87
CA THR L 356 -8.42 -114.78 -26.58
C THR L 356 -7.89 -113.53 -27.30
N SER L 357 -7.03 -112.77 -26.65
CA SER L 357 -6.43 -111.52 -27.21
C SER L 357 -5.58 -111.89 -28.44
N LEU L 358 -4.73 -112.92 -28.29
CA LEU L 358 -3.90 -113.49 -29.38
C LEU L 358 -4.78 -113.79 -30.60
N TYR L 359 -5.87 -114.52 -30.36
CA TYR L 359 -6.75 -115.03 -31.44
C TYR L 359 -7.49 -113.84 -32.06
N ARG L 360 -7.91 -112.86 -31.26
CA ARG L 360 -8.52 -111.59 -31.76
C ARG L 360 -7.54 -110.91 -32.72
N ARG L 361 -6.26 -110.84 -32.36
CA ARG L 361 -5.23 -110.22 -33.23
C ARG L 361 -5.23 -110.94 -34.58
N LEU L 362 -5.10 -112.26 -34.54
CA LEU L 362 -5.10 -113.14 -35.74
C LEU L 362 -6.37 -112.90 -36.58
N PHE L 363 -7.53 -112.80 -35.91
CA PHE L 363 -8.85 -112.60 -36.57
C PHE L 363 -8.90 -111.24 -37.26
N VAL L 364 -8.37 -110.19 -36.66
CA VAL L 364 -8.32 -108.83 -37.28
C VAL L 364 -7.39 -108.88 -38.50
N MET L 365 -6.22 -109.49 -38.35
CA MET L 365 -5.11 -109.41 -39.34
C MET L 365 -5.34 -110.38 -40.51
N LEU L 366 -6.35 -111.28 -40.47
CA LEU L 366 -6.66 -112.25 -41.56
C LEU L 366 -8.14 -112.15 -41.96
N SER L 367 -8.59 -113.02 -42.88
CA SER L 367 -9.98 -113.08 -43.46
C SER L 367 -10.70 -114.38 -43.05
N ALA L 368 -12.01 -114.26 -42.78
CA ALA L 368 -12.86 -115.23 -42.03
C ALA L 368 -12.89 -116.60 -42.72
N GLU L 369 -13.38 -116.62 -43.96
CA GLU L 369 -13.60 -117.87 -44.74
C GLU L 369 -12.23 -118.47 -45.11
N GLU L 370 -11.18 -117.64 -45.25
CA GLU L 370 -9.75 -118.06 -45.41
C GLU L 370 -9.33 -118.91 -44.19
N LEU L 371 -9.57 -118.42 -42.97
CA LEU L 371 -9.30 -119.17 -41.70
C LEU L 371 -10.10 -120.46 -41.63
N VAL L 372 -11.40 -120.42 -41.99
CA VAL L 372 -12.35 -121.59 -41.96
C VAL L 372 -11.79 -122.70 -42.86
N GLY L 373 -11.38 -122.33 -44.09
CA GLY L 373 -10.70 -123.21 -45.05
C GLY L 373 -9.44 -123.80 -44.46
N HIS L 374 -8.63 -122.93 -43.82
CA HIS L 374 -7.37 -123.32 -43.14
C HIS L 374 -7.65 -124.35 -42.03
N LEU L 375 -8.72 -124.16 -41.25
CA LEU L 375 -9.14 -125.10 -40.17
C LEU L 375 -9.51 -126.47 -40.73
N GLN L 376 -10.45 -126.50 -41.70
CA GLN L 376 -10.92 -127.75 -42.36
C GLN L 376 -9.66 -128.49 -42.87
N GLU L 377 -8.77 -127.79 -43.59
CA GLU L 377 -7.49 -128.33 -44.14
C GLU L 377 -6.67 -128.96 -43.01
N VAL L 378 -6.36 -128.21 -41.96
CA VAL L 378 -5.47 -128.64 -40.84
C VAL L 378 -6.04 -129.86 -40.11
N LEU L 379 -7.35 -129.84 -39.82
CA LEU L 379 -8.05 -130.89 -39.04
C LEU L 379 -8.05 -132.21 -39.83
N GLU L 380 -8.41 -132.16 -41.13
CA GLU L 380 -8.34 -133.32 -42.07
C GLU L 380 -6.89 -133.78 -42.21
N THR L 381 -5.91 -132.85 -42.18
CA THR L 381 -4.48 -133.11 -42.45
C THR L 381 -3.89 -133.96 -41.32
N GLN L 382 -3.90 -133.40 -40.11
CA GLN L 382 -2.93 -133.75 -39.04
C GLN L 382 -3.64 -133.78 -37.69
N GLU L 383 -2.92 -134.29 -36.68
CA GLU L 383 -3.29 -134.27 -35.24
C GLU L 383 -3.51 -132.82 -34.78
N VAL L 384 -3.99 -132.69 -33.55
CA VAL L 384 -4.58 -131.45 -32.98
C VAL L 384 -4.28 -131.43 -31.48
N HIS L 385 -4.10 -130.23 -30.95
CA HIS L 385 -4.18 -129.95 -29.51
C HIS L 385 -5.60 -129.48 -29.20
N TRP L 386 -6.41 -130.33 -28.57
CA TRP L 386 -7.88 -130.16 -28.47
C TRP L 386 -8.22 -128.86 -27.70
N GLN L 387 -7.48 -128.53 -26.64
CA GLN L 387 -7.66 -127.29 -25.82
C GLN L 387 -7.76 -126.07 -26.73
N ARG L 388 -6.69 -125.82 -27.49
CA ARG L 388 -6.53 -124.60 -28.31
C ARG L 388 -7.59 -124.58 -29.42
N VAL L 389 -7.84 -125.69 -30.12
CA VAL L 389 -8.83 -125.70 -31.25
C VAL L 389 -10.23 -125.40 -30.67
N LEU L 390 -10.66 -126.02 -29.57
CA LEU L 390 -12.07 -125.83 -29.08
C LEU L 390 -12.23 -124.41 -28.52
N SER L 391 -11.25 -123.91 -27.78
CA SER L 391 -11.23 -122.50 -27.32
C SER L 391 -11.19 -121.54 -28.53
N PHE L 392 -10.43 -121.88 -29.58
CA PHE L 392 -10.32 -121.12 -30.85
C PHE L 392 -11.67 -121.07 -31.59
N VAL L 393 -12.44 -122.16 -31.54
CA VAL L 393 -13.77 -122.23 -32.22
C VAL L 393 -14.80 -121.44 -31.38
N SER L 394 -14.71 -121.46 -30.04
CA SER L 394 -15.50 -120.56 -29.14
C SER L 394 -15.25 -119.09 -29.55
N ALA L 395 -13.98 -118.76 -29.82
CA ALA L 395 -13.54 -117.42 -30.28
C ALA L 395 -14.09 -117.13 -31.68
N LEU L 396 -13.90 -118.05 -32.64
CA LEU L 396 -14.45 -117.97 -34.03
C LEU L 396 -15.92 -117.55 -33.95
N VAL L 397 -16.69 -118.35 -33.21
CA VAL L 397 -18.17 -118.19 -33.09
C VAL L 397 -18.45 -116.76 -32.63
N VAL L 398 -17.83 -116.30 -31.53
CA VAL L 398 -18.19 -115.02 -30.88
C VAL L 398 -17.69 -113.84 -31.73
N CYS L 399 -16.41 -113.79 -32.10
CA CYS L 399 -15.79 -112.62 -32.76
C CYS L 399 -16.28 -112.47 -34.21
N PHE L 400 -16.18 -113.51 -35.03
CA PHE L 400 -16.45 -113.39 -36.50
C PHE L 400 -17.92 -113.14 -36.78
N PRO L 401 -18.23 -112.52 -37.94
CA PRO L 401 -19.60 -112.14 -38.26
C PRO L 401 -20.36 -113.39 -38.70
N GLU L 402 -21.16 -113.92 -37.78
CA GLU L 402 -22.12 -115.06 -37.92
C GLU L 402 -21.51 -116.13 -38.85
N ALA L 403 -20.28 -116.52 -38.54
CA ALA L 403 -19.62 -117.67 -39.18
C ALA L 403 -20.15 -119.00 -38.59
N GLN L 404 -21.23 -119.03 -37.77
CA GLN L 404 -21.93 -120.25 -37.25
C GLN L 404 -22.40 -121.13 -38.43
N GLN L 405 -22.86 -120.50 -39.52
CA GLN L 405 -23.27 -121.19 -40.78
C GLN L 405 -22.04 -121.61 -41.62
N LEU L 406 -20.96 -120.80 -41.64
CA LEU L 406 -19.66 -121.12 -42.30
C LEU L 406 -19.01 -122.34 -41.62
N LEU L 407 -19.26 -122.52 -40.31
CA LEU L 407 -18.91 -123.72 -39.48
C LEU L 407 -19.80 -124.92 -39.89
N GLU L 408 -21.12 -124.78 -39.78
CA GLU L 408 -22.11 -125.86 -40.02
C GLU L 408 -21.94 -126.45 -41.43
N ASP L 409 -21.47 -125.64 -42.40
CA ASP L 409 -21.08 -126.02 -43.78
C ASP L 409 -20.02 -127.16 -43.78
N TRP L 410 -18.78 -126.90 -43.39
CA TRP L 410 -17.71 -127.95 -43.35
C TRP L 410 -18.05 -129.02 -42.31
N VAL L 411 -18.89 -128.71 -41.30
CA VAL L 411 -19.43 -129.73 -40.33
C VAL L 411 -20.19 -130.80 -41.12
N ALA L 412 -21.17 -130.38 -41.93
CA ALA L 412 -21.96 -131.27 -42.82
C ALA L 412 -21.06 -131.96 -43.86
N ARG L 413 -20.04 -131.28 -44.40
CA ARG L 413 -19.07 -131.87 -45.38
C ARG L 413 -18.33 -133.04 -44.73
N LEU L 414 -17.73 -132.80 -43.55
CA LEU L 414 -17.03 -133.86 -42.76
C LEU L 414 -18.00 -134.98 -42.37
N MET L 415 -19.23 -134.66 -41.95
CA MET L 415 -20.30 -135.66 -41.67
C MET L 415 -20.45 -136.60 -42.87
N ALA L 416 -20.72 -136.03 -44.05
CA ALA L 416 -20.94 -136.77 -45.33
C ALA L 416 -19.72 -137.65 -45.67
N GLN L 417 -18.51 -137.08 -45.60
CA GLN L 417 -17.22 -137.78 -45.90
C GLN L 417 -17.04 -138.96 -44.92
N ALA L 418 -17.30 -138.73 -43.62
CA ALA L 418 -17.22 -139.73 -42.52
C ALA L 418 -18.22 -140.88 -42.74
N PHE L 419 -19.46 -140.61 -43.14
CA PHE L 419 -20.50 -141.66 -43.37
C PHE L 419 -20.20 -142.43 -44.66
N GLU L 420 -19.63 -141.77 -45.68
CA GLU L 420 -19.19 -142.42 -46.96
C GLU L 420 -18.06 -143.41 -46.70
N SER L 421 -17.00 -142.97 -46.02
CA SER L 421 -15.81 -143.80 -45.69
C SER L 421 -16.10 -144.74 -44.50
N CYS L 422 -17.19 -144.51 -43.76
CA CYS L 422 -17.56 -145.11 -42.45
C CYS L 422 -16.39 -144.94 -41.46
N GLN L 423 -15.82 -143.72 -41.48
CA GLN L 423 -14.87 -143.15 -40.50
C GLN L 423 -15.71 -142.57 -39.36
N LEU L 424 -15.33 -142.86 -38.11
CA LEU L 424 -15.91 -142.26 -36.87
C LEU L 424 -15.03 -141.07 -36.38
N ASP L 425 -13.75 -140.96 -36.75
CA ASP L 425 -12.79 -139.89 -36.32
C ASP L 425 -13.33 -138.50 -36.68
N SER L 426 -13.53 -138.26 -37.98
CA SER L 426 -14.09 -137.00 -38.55
C SER L 426 -15.50 -136.73 -37.99
N MET L 427 -16.29 -137.79 -37.79
CA MET L 427 -17.63 -137.72 -37.12
C MET L 427 -17.45 -137.10 -35.73
N VAL L 428 -16.51 -137.63 -34.92
CA VAL L 428 -16.26 -137.15 -33.52
C VAL L 428 -15.85 -135.67 -33.62
N THR L 429 -15.00 -135.32 -34.62
CA THR L 429 -14.51 -133.93 -34.87
C THR L 429 -15.72 -132.99 -35.03
N ALA L 430 -16.62 -133.32 -35.95
CA ALA L 430 -17.86 -132.55 -36.23
C ALA L 430 -18.71 -132.43 -34.95
N PHE L 431 -18.96 -133.56 -34.26
CA PHE L 431 -19.81 -133.67 -33.03
C PHE L 431 -19.32 -132.68 -31.95
N LEU L 432 -18.02 -132.73 -31.63
CA LEU L 432 -17.43 -131.86 -30.56
C LEU L 432 -17.41 -130.39 -31.02
N VAL L 433 -17.11 -130.12 -32.30
CA VAL L 433 -17.15 -128.75 -32.90
C VAL L 433 -18.55 -128.13 -32.68
N VAL L 434 -19.65 -128.89 -32.89
CA VAL L 434 -21.07 -128.41 -32.74
C VAL L 434 -21.42 -128.22 -31.25
N ARG L 435 -21.03 -129.16 -30.40
CA ARG L 435 -21.27 -129.09 -28.94
C ARG L 435 -20.55 -127.86 -28.34
N GLN L 436 -19.45 -127.40 -28.97
CA GLN L 436 -18.71 -126.15 -28.59
C GLN L 436 -19.43 -124.91 -29.14
N ALA L 437 -19.79 -124.86 -30.44
CA ALA L 437 -20.52 -123.73 -31.08
C ALA L 437 -21.83 -123.45 -30.34
N ALA L 438 -22.45 -124.48 -29.75
CA ALA L 438 -23.68 -124.43 -28.91
C ALA L 438 -23.57 -123.42 -27.74
N LEU L 439 -22.47 -123.44 -26.98
CA LEU L 439 -22.33 -122.67 -25.72
C LEU L 439 -21.68 -121.30 -26.02
N LEU L 446 -29.76 -124.59 -27.73
CA LEU L 446 -29.94 -126.03 -28.13
C LEU L 446 -29.46 -126.28 -29.58
N SER L 447 -28.37 -125.67 -30.07
CA SER L 447 -27.89 -125.77 -31.50
C SER L 447 -27.39 -127.19 -31.79
N TYR L 448 -26.94 -127.94 -30.77
CA TYR L 448 -26.64 -129.40 -30.86
C TYR L 448 -27.91 -130.16 -31.28
N ALA L 449 -29.01 -129.96 -30.53
CA ALA L 449 -30.34 -130.53 -30.84
C ALA L 449 -30.79 -130.10 -32.23
N ASP L 450 -30.50 -128.85 -32.63
CA ASP L 450 -30.85 -128.26 -33.95
C ASP L 450 -30.14 -129.05 -35.06
N TRP L 451 -28.82 -129.23 -34.93
CA TRP L 451 -27.99 -129.99 -35.89
C TRP L 451 -28.33 -131.50 -35.86
N PHE L 452 -28.76 -132.04 -34.70
CA PHE L 452 -29.16 -133.47 -34.52
C PHE L 452 -30.45 -133.72 -35.31
N LYS L 453 -31.46 -132.87 -35.13
CA LYS L 453 -32.76 -132.91 -35.88
C LYS L 453 -32.54 -132.56 -37.36
N ALA L 454 -31.51 -131.75 -37.69
CA ALA L 454 -31.08 -131.42 -39.07
C ALA L 454 -30.41 -132.65 -39.74
N SER L 455 -29.66 -133.45 -38.99
CA SER L 455 -29.18 -134.78 -39.46
C SER L 455 -30.41 -135.70 -39.69
N PHE L 456 -31.43 -135.70 -38.81
CA PHE L 456 -32.68 -136.54 -38.89
C PHE L 456 -33.45 -136.34 -40.21
N GLY L 457 -33.32 -135.17 -40.86
CA GLY L 457 -33.80 -134.89 -42.23
C GLY L 457 -32.74 -135.25 -43.27
N SER L 458 -32.82 -136.46 -43.84
CA SER L 458 -32.12 -136.94 -45.06
C SER L 458 -30.65 -137.34 -44.80
N THR L 459 -30.13 -137.25 -43.55
CA THR L 459 -28.76 -137.68 -43.14
C THR L 459 -28.84 -138.90 -42.20
N ARG L 460 -29.59 -138.83 -41.09
CA ARG L 460 -29.64 -139.85 -40.00
C ARG L 460 -30.56 -141.03 -40.37
N GLY L 461 -31.50 -140.89 -41.31
CA GLY L 461 -32.26 -142.03 -41.87
C GLY L 461 -31.34 -143.05 -42.54
N TYR L 462 -30.43 -142.56 -43.39
CA TYR L 462 -29.51 -143.34 -44.26
C TYR L 462 -28.20 -142.54 -44.43
N HIS L 463 -27.44 -142.42 -43.32
CA HIS L 463 -26.08 -141.81 -43.22
C HIS L 463 -25.19 -142.30 -44.38
N GLY L 464 -25.01 -143.62 -44.50
CA GLY L 464 -24.35 -144.30 -45.63
C GLY L 464 -25.38 -145.02 -46.48
N CYS L 465 -24.92 -145.77 -47.47
CA CYS L 465 -25.76 -146.65 -48.34
C CYS L 465 -26.25 -147.87 -47.52
N SER L 466 -25.34 -148.60 -46.85
CA SER L 466 -25.67 -149.66 -45.87
C SER L 466 -26.20 -149.01 -44.59
N LYS L 467 -27.25 -149.56 -43.97
CA LYS L 467 -27.84 -149.03 -42.70
C LYS L 467 -26.94 -149.34 -41.49
N LYS L 468 -25.75 -149.91 -41.72
CA LYS L 468 -24.68 -150.04 -40.69
C LYS L 468 -24.06 -148.69 -40.30
N ALA L 469 -24.20 -147.63 -41.09
CA ALA L 469 -23.85 -146.25 -40.65
C ALA L 469 -24.62 -145.89 -39.38
N LEU L 470 -25.91 -146.29 -39.28
CA LEU L 470 -26.77 -146.15 -38.05
C LEU L 470 -26.07 -146.88 -36.89
N VAL L 471 -25.64 -148.13 -37.13
CA VAL L 471 -24.96 -148.98 -36.10
C VAL L 471 -23.61 -148.35 -35.71
N PHE L 472 -22.93 -147.63 -36.60
CA PHE L 472 -21.64 -146.94 -36.30
C PHE L 472 -21.89 -145.66 -35.49
N LEU L 473 -22.97 -144.91 -35.78
CA LEU L 473 -23.50 -143.86 -34.85
C LEU L 473 -23.57 -144.47 -33.44
N PHE L 474 -24.22 -145.64 -33.35
CA PHE L 474 -24.62 -146.29 -32.07
C PHE L 474 -23.37 -146.81 -31.36
N THR L 475 -22.37 -147.31 -32.10
CA THR L 475 -21.02 -147.68 -31.57
C THR L 475 -20.34 -146.43 -30.99
N PHE L 476 -20.36 -145.34 -31.75
CA PHE L 476 -19.77 -144.04 -31.31
C PHE L 476 -20.53 -143.51 -30.09
N LEU L 477 -21.88 -143.59 -30.08
CA LEU L 477 -22.72 -143.13 -28.94
C LEU L 477 -22.50 -144.05 -27.73
N SER L 478 -22.17 -145.34 -27.94
CA SER L 478 -21.73 -146.28 -26.87
C SER L 478 -20.33 -145.91 -26.36
N GLU L 479 -19.51 -145.28 -27.20
CA GLU L 479 -18.20 -144.65 -26.85
C GLU L 479 -18.36 -143.22 -26.30
N LEU L 480 -19.58 -142.65 -26.21
CA LEU L 480 -19.79 -141.23 -25.80
C LEU L 480 -20.64 -141.11 -24.53
N VAL L 481 -21.88 -141.64 -24.51
CA VAL L 481 -22.90 -141.38 -23.44
C VAL L 481 -22.40 -141.91 -22.09
N PRO L 482 -21.66 -143.05 -21.95
CA PRO L 482 -21.08 -143.39 -20.66
C PRO L 482 -19.83 -142.57 -20.31
N PHE L 483 -19.09 -142.08 -21.31
CA PHE L 483 -17.74 -141.46 -21.16
C PHE L 483 -17.86 -139.93 -21.22
N GLU L 484 -17.87 -139.30 -20.04
CA GLU L 484 -17.78 -137.84 -19.78
C GLU L 484 -19.16 -137.18 -19.90
N SER L 485 -20.06 -137.78 -20.68
CA SER L 485 -21.53 -137.79 -20.45
C SER L 485 -22.07 -136.43 -20.00
N PRO L 486 -22.06 -135.40 -20.88
CA PRO L 486 -22.75 -134.15 -20.57
C PRO L 486 -24.25 -134.37 -20.34
N ARG L 487 -24.84 -133.81 -19.27
CA ARG L 487 -26.25 -133.99 -18.80
C ARG L 487 -27.25 -133.79 -19.95
N TYR L 488 -27.27 -132.57 -20.50
CA TYR L 488 -28.26 -132.04 -21.49
C TYR L 488 -28.10 -132.85 -22.80
N LEU L 489 -26.86 -133.20 -23.16
CA LEU L 489 -26.53 -133.94 -24.41
C LEU L 489 -26.95 -135.43 -24.28
N GLN L 490 -27.01 -136.01 -23.07
CA GLN L 490 -27.63 -137.36 -22.84
C GLN L 490 -29.11 -137.32 -23.29
N VAL L 491 -29.86 -136.34 -22.78
CA VAL L 491 -31.34 -136.24 -22.99
C VAL L 491 -31.58 -135.83 -24.47
N HIS L 492 -30.67 -135.10 -25.13
CA HIS L 492 -30.72 -134.77 -26.58
C HIS L 492 -30.43 -136.03 -27.43
N ILE L 493 -29.54 -136.92 -26.96
CA ILE L 493 -29.31 -138.25 -27.61
C ILE L 493 -30.56 -139.12 -27.44
N LEU L 494 -31.31 -138.99 -26.34
CA LEU L 494 -32.59 -139.71 -26.15
C LEU L 494 -33.69 -139.19 -27.09
N HIS L 495 -33.98 -137.89 -27.01
CA HIS L 495 -35.30 -137.29 -27.37
C HIS L 495 -35.64 -137.57 -28.84
N PRO L 496 -34.79 -137.28 -29.84
CA PRO L 496 -34.71 -138.09 -31.07
C PRO L 496 -33.73 -139.26 -30.90
N PRO L 497 -33.96 -140.46 -31.51
CA PRO L 497 -32.99 -141.56 -31.38
C PRO L 497 -31.68 -141.22 -32.11
N TYR L 503 -32.18 -151.21 -39.41
CA TYR L 503 -33.57 -151.67 -39.20
C TYR L 503 -34.16 -151.05 -37.92
N ARG L 504 -35.49 -151.21 -37.77
CA ARG L 504 -36.28 -150.83 -36.56
C ARG L 504 -35.80 -151.64 -35.36
N SER L 505 -35.47 -152.92 -35.53
CA SER L 505 -34.85 -153.80 -34.49
C SER L 505 -33.60 -153.14 -33.90
N LEU L 506 -32.69 -152.69 -34.77
CA LEU L 506 -31.38 -152.05 -34.43
C LEU L 506 -31.67 -150.72 -33.71
N LEU L 507 -32.61 -149.93 -34.23
CA LEU L 507 -33.02 -148.62 -33.63
C LEU L 507 -33.53 -148.85 -32.20
N THR L 508 -34.41 -149.85 -31.96
CA THR L 508 -34.92 -150.18 -30.59
C THR L 508 -33.79 -150.69 -29.69
N ASP L 509 -32.91 -151.56 -30.21
CA ASP L 509 -31.74 -152.12 -29.45
C ASP L 509 -30.89 -150.94 -28.93
N TYR L 510 -30.68 -149.94 -29.77
CA TYR L 510 -29.86 -148.75 -29.46
C TYR L 510 -30.60 -147.78 -28.50
N ILE L 511 -31.92 -147.61 -28.63
CA ILE L 511 -32.76 -146.82 -27.66
C ILE L 511 -32.60 -147.48 -26.29
N SER L 512 -32.68 -148.82 -26.23
CA SER L 512 -32.54 -149.60 -24.97
C SER L 512 -31.14 -149.36 -24.38
N LEU L 513 -30.09 -149.47 -25.21
CA LEU L 513 -28.68 -149.19 -24.80
C LEU L 513 -28.56 -147.75 -24.29
N ALA L 514 -29.22 -146.77 -24.96
CA ALA L 514 -29.23 -145.34 -24.56
C ALA L 514 -29.78 -145.21 -23.13
N LYS L 515 -30.87 -145.92 -22.83
CA LYS L 515 -31.49 -145.89 -21.48
C LYS L 515 -30.64 -146.68 -20.47
N THR L 516 -29.87 -147.68 -20.90
CA THR L 516 -28.89 -148.39 -20.01
C THR L 516 -27.83 -147.37 -19.55
N ARG L 517 -27.27 -146.67 -20.53
CA ARG L 517 -26.30 -145.55 -20.34
C ARG L 517 -26.91 -144.53 -19.37
N LEU L 518 -28.17 -144.14 -19.59
CA LEU L 518 -28.93 -143.20 -18.72
C LEU L 518 -28.92 -143.68 -17.26
N ALA L 519 -29.27 -144.95 -17.03
CA ALA L 519 -29.34 -145.55 -15.67
C ALA L 519 -27.98 -145.38 -14.98
N ASP L 520 -26.91 -145.73 -15.71
CA ASP L 520 -25.50 -145.61 -15.25
C ASP L 520 -25.21 -144.16 -14.82
N LEU L 521 -25.63 -143.17 -15.63
CA LEU L 521 -25.29 -141.75 -15.41
C LEU L 521 -26.13 -141.15 -14.28
N LYS L 522 -27.43 -141.49 -14.20
CA LYS L 522 -28.34 -141.06 -13.08
C LYS L 522 -27.77 -141.56 -11.75
N VAL L 523 -27.21 -142.77 -11.76
CA VAL L 523 -26.44 -143.32 -10.60
C VAL L 523 -25.22 -142.40 -10.33
N SER L 524 -24.41 -142.13 -11.35
CA SER L 524 -23.13 -141.36 -11.25
C SER L 524 -23.36 -139.85 -11.02
N GLU L 542 -54.70 -126.89 -8.14
CA GLU L 542 -55.79 -126.62 -9.13
C GLU L 542 -57.08 -126.15 -8.44
N PRO L 543 -57.69 -126.81 -7.40
CA PRO L 543 -58.88 -126.27 -6.74
C PRO L 543 -58.63 -125.01 -5.89
N HIS L 544 -57.38 -124.51 -5.83
CA HIS L 544 -56.99 -123.17 -5.32
C HIS L 544 -57.16 -122.06 -6.39
N SER L 545 -56.70 -122.26 -7.65
CA SER L 545 -56.79 -121.26 -8.76
C SER L 545 -58.24 -121.14 -9.25
N GLN L 546 -58.92 -122.29 -9.42
CA GLN L 546 -60.38 -122.37 -9.73
C GLN L 546 -61.22 -121.73 -8.62
N ALA L 547 -61.07 -122.16 -7.36
CA ALA L 547 -61.80 -121.58 -6.18
C ALA L 547 -61.63 -120.06 -6.11
N LEU L 548 -60.43 -119.57 -6.43
CA LEU L 548 -60.14 -118.12 -6.53
C LEU L 548 -60.98 -117.48 -7.64
N GLN L 549 -60.98 -118.03 -8.85
CA GLN L 549 -61.79 -117.50 -9.99
C GLN L 549 -63.28 -117.53 -9.62
N ASP L 550 -63.74 -118.57 -8.88
CA ASP L 550 -65.15 -118.71 -8.41
C ASP L 550 -65.50 -117.59 -7.42
N VAL L 551 -64.71 -117.43 -6.36
CA VAL L 551 -65.03 -116.42 -5.31
C VAL L 551 -64.85 -114.97 -5.88
N GLU L 552 -63.89 -114.72 -6.79
CA GLU L 552 -63.70 -113.44 -7.57
C GLU L 552 -65.03 -112.98 -8.17
N LYS L 553 -65.62 -113.87 -8.98
CA LYS L 553 -66.89 -113.65 -9.70
C LYS L 553 -68.01 -113.44 -8.68
N ALA L 554 -68.14 -114.32 -7.66
CA ALA L 554 -69.18 -114.23 -6.60
C ALA L 554 -69.19 -112.81 -6.07
N ILE L 555 -68.00 -112.25 -5.88
CA ILE L 555 -67.84 -110.93 -5.24
C ILE L 555 -68.16 -109.79 -6.22
N MET L 556 -67.61 -109.81 -7.42
CA MET L 556 -67.87 -108.73 -8.42
C MET L 556 -69.35 -108.68 -8.79
N VAL L 557 -70.03 -109.82 -8.74
CA VAL L 557 -71.52 -109.90 -8.83
C VAL L 557 -72.19 -109.38 -7.56
N PHE L 558 -71.80 -109.87 -6.39
CA PHE L 558 -72.34 -109.37 -5.11
C PHE L 558 -72.38 -107.83 -5.10
N GLU L 559 -71.26 -107.22 -5.51
CA GLU L 559 -70.98 -105.75 -5.55
C GLU L 559 -72.08 -105.01 -6.36
N HIS L 560 -72.32 -105.36 -7.64
CA HIS L 560 -73.36 -104.75 -8.53
C HIS L 560 -74.75 -105.04 -7.96
N THR L 561 -74.85 -106.08 -7.12
CA THR L 561 -76.00 -106.44 -6.25
C THR L 561 -75.73 -105.93 -4.84
N GLY L 562 -76.44 -106.48 -3.85
CA GLY L 562 -75.91 -106.84 -2.53
C GLY L 562 -76.25 -108.28 -2.26
N ASN L 563 -76.43 -108.62 -0.98
CA ASN L 563 -77.13 -109.83 -0.45
C ASN L 563 -76.76 -111.09 -1.25
N ILE L 564 -75.51 -111.52 -1.06
CA ILE L 564 -74.91 -112.88 -1.20
C ILE L 564 -75.32 -113.62 -2.49
N PRO L 565 -74.51 -113.51 -3.58
CA PRO L 565 -74.64 -114.42 -4.73
C PRO L 565 -74.91 -115.86 -4.26
N VAL L 566 -76.05 -116.41 -4.68
CA VAL L 566 -76.74 -117.54 -4.01
C VAL L 566 -76.27 -118.89 -4.60
N THR L 567 -75.73 -118.92 -5.82
CA THR L 567 -74.92 -120.05 -6.34
C THR L 567 -73.96 -120.56 -5.26
N VAL L 568 -73.25 -119.62 -4.66
CA VAL L 568 -72.17 -119.90 -3.68
C VAL L 568 -72.82 -120.40 -2.37
N MET L 569 -73.92 -119.77 -1.94
CA MET L 569 -74.66 -120.15 -0.71
C MET L 569 -75.15 -121.60 -0.82
N GLU L 570 -75.53 -122.01 -2.04
CA GLU L 570 -75.93 -123.40 -2.28
C GLU L 570 -74.70 -124.29 -2.13
N ALA L 571 -73.68 -124.06 -2.97
CA ALA L 571 -72.39 -124.78 -2.97
C ALA L 571 -71.91 -124.99 -1.52
N SER L 572 -72.19 -124.01 -0.64
CA SER L 572 -72.00 -124.10 0.84
C SER L 572 -72.61 -125.39 1.42
N ILE L 573 -73.93 -125.53 1.50
CA ILE L 573 -74.58 -126.53 2.40
C ILE L 573 -74.41 -127.96 1.84
N PHE L 574 -74.34 -128.12 0.50
CA PHE L 574 -74.36 -129.44 -0.21
C PHE L 574 -73.12 -129.71 -1.08
N ARG L 575 -72.12 -128.81 -1.17
CA ARG L 575 -70.75 -129.13 -1.66
C ARG L 575 -69.74 -128.71 -0.56
N ARG L 576 -69.80 -129.35 0.62
CA ARG L 576 -68.98 -129.04 1.86
C ARG L 576 -67.48 -129.14 1.60
N PRO L 577 -66.97 -130.22 0.95
CA PRO L 577 -65.57 -130.27 0.52
C PRO L 577 -65.13 -129.11 -0.39
N TYR L 578 -65.82 -128.91 -1.51
CA TYR L 578 -65.56 -127.76 -2.42
C TYR L 578 -65.86 -126.46 -1.67
N TYR L 579 -66.81 -126.45 -0.73
CA TYR L 579 -67.07 -125.25 0.12
C TYR L 579 -65.80 -124.87 0.85
N VAL L 580 -65.09 -125.82 1.46
CA VAL L 580 -63.85 -125.50 2.24
C VAL L 580 -62.71 -125.17 1.26
N SER L 581 -62.54 -125.92 0.16
CA SER L 581 -61.55 -125.60 -0.91
C SER L 581 -61.85 -124.24 -1.59
N HIS L 582 -63.10 -123.73 -1.55
CA HIS L 582 -63.56 -122.38 -2.05
C HIS L 582 -63.39 -121.30 -0.97
N PHE L 583 -63.78 -121.62 0.27
CA PHE L 583 -63.90 -120.67 1.40
C PHE L 583 -62.51 -120.22 1.88
N LEU L 584 -61.47 -120.96 1.52
CA LEU L 584 -60.06 -120.64 1.88
C LEU L 584 -59.54 -119.49 1.02
N PRO L 585 -59.68 -119.45 -0.34
CA PRO L 585 -59.44 -118.20 -1.09
C PRO L 585 -60.38 -117.01 -0.83
N ALA L 586 -61.54 -117.22 -0.17
CA ALA L 586 -62.42 -116.16 0.41
C ALA L 586 -61.78 -115.53 1.67
N LEU L 587 -61.04 -116.33 2.47
CA LEU L 587 -60.19 -115.88 3.61
C LEU L 587 -58.76 -115.50 3.17
N LEU L 588 -58.36 -115.77 1.92
CA LEU L 588 -57.10 -115.20 1.34
C LEU L 588 -57.26 -113.68 1.19
N THR L 589 -57.17 -112.94 2.31
CA THR L 589 -56.84 -111.48 2.39
C THR L 589 -55.78 -111.24 3.49
N PRO L 590 -54.74 -112.10 3.68
CA PRO L 590 -53.76 -111.89 4.76
C PRO L 590 -52.79 -110.78 4.33
N ARG L 591 -53.29 -109.57 4.17
CA ARG L 591 -52.68 -108.51 3.33
C ARG L 591 -52.93 -107.19 4.05
N VAL L 592 -52.43 -106.09 3.47
CA VAL L 592 -52.81 -104.69 3.79
C VAL L 592 -54.36 -104.62 3.79
N LEU L 593 -54.98 -104.66 4.99
CA LEU L 593 -56.44 -104.38 5.20
C LEU L 593 -56.66 -102.88 5.26
N PRO L 594 -57.35 -102.26 4.26
CA PRO L 594 -57.37 -100.80 4.17
C PRO L 594 -58.14 -100.16 5.34
N LYS L 595 -57.90 -98.86 5.51
CA LYS L 595 -58.63 -97.94 6.42
C LYS L 595 -60.15 -98.15 6.29
N VAL L 596 -60.63 -98.24 5.04
CA VAL L 596 -62.07 -98.29 4.64
C VAL L 596 -62.41 -99.76 4.36
N PRO L 597 -63.51 -100.34 4.91
CA PRO L 597 -63.91 -101.69 4.50
C PRO L 597 -64.34 -101.71 3.02
N ASP L 598 -63.83 -102.68 2.25
CA ASP L 598 -64.00 -102.78 0.77
C ASP L 598 -64.44 -104.18 0.37
N SER L 599 -64.69 -104.33 -0.92
CA SER L 599 -65.41 -105.45 -1.54
C SER L 599 -65.26 -106.77 -0.79
N ARG L 600 -64.03 -107.30 -0.78
CA ARG L 600 -63.77 -108.59 -0.12
C ARG L 600 -64.26 -108.51 1.32
N VAL L 601 -63.88 -107.42 1.95
CA VAL L 601 -64.09 -107.18 3.40
C VAL L 601 -65.59 -107.30 3.67
N ALA L 602 -66.41 -106.53 2.97
CA ALA L 602 -67.88 -106.48 3.16
C ALA L 602 -68.50 -107.83 2.77
N PHE L 603 -67.96 -108.53 1.77
CA PHE L 603 -68.46 -109.88 1.41
C PHE L 603 -68.28 -110.86 2.59
N ILE L 604 -67.08 -110.85 3.18
CA ILE L 604 -66.70 -111.71 4.34
C ILE L 604 -67.59 -111.31 5.53
N GLU L 605 -67.82 -110.01 5.73
CA GLU L 605 -68.75 -109.46 6.74
C GLU L 605 -70.15 -110.08 6.54
N SER L 606 -70.64 -110.10 5.31
CA SER L 606 -71.98 -110.64 4.98
C SER L 606 -72.04 -112.14 5.32
N LEU L 607 -70.96 -112.88 5.04
CA LEU L 607 -70.87 -114.32 5.37
C LEU L 607 -70.95 -114.53 6.89
N LYS L 608 -70.13 -113.82 7.65
CA LYS L 608 -70.05 -114.01 9.12
C LYS L 608 -71.37 -113.56 9.78
N ARG L 609 -72.08 -112.60 9.19
CA ARG L 609 -73.47 -112.24 9.63
C ARG L 609 -74.46 -113.32 9.22
N ALA L 610 -74.19 -114.03 8.11
CA ALA L 610 -74.96 -115.20 7.67
C ALA L 610 -74.69 -116.43 8.57
N ASP L 611 -73.82 -116.30 9.59
CA ASP L 611 -73.57 -117.34 10.63
C ASP L 611 -72.80 -118.52 10.00
N LYS L 612 -72.19 -118.32 8.83
CA LYS L 612 -71.23 -119.27 8.20
C LYS L 612 -69.85 -118.86 8.73
N ILE L 613 -68.75 -119.41 8.21
CA ILE L 613 -67.35 -119.09 8.69
C ILE L 613 -67.25 -119.62 10.12
N PRO L 614 -66.97 -120.92 10.36
CA PRO L 614 -66.60 -121.39 11.70
C PRO L 614 -65.41 -120.58 12.23
N PRO L 615 -65.47 -120.10 13.49
CA PRO L 615 -64.68 -118.94 13.92
C PRO L 615 -63.16 -119.17 13.94
N SER L 616 -62.72 -120.44 13.98
CA SER L 616 -61.31 -120.87 13.91
C SER L 616 -60.61 -120.16 12.75
N LEU L 617 -61.17 -120.31 11.56
CA LEU L 617 -60.55 -119.89 10.28
C LEU L 617 -60.53 -118.35 10.23
N TYR L 618 -61.58 -117.72 10.77
CA TYR L 618 -61.69 -116.24 10.80
C TYR L 618 -60.64 -115.66 11.76
N SER L 619 -60.49 -116.25 12.94
CA SER L 619 -59.48 -115.81 13.93
C SER L 619 -58.08 -115.92 13.31
N THR L 620 -57.79 -117.04 12.64
CA THR L 620 -56.49 -117.28 11.96
C THR L 620 -56.26 -116.22 10.88
N TYR L 621 -57.30 -115.95 10.08
CA TYR L 621 -57.31 -114.93 9.01
C TYR L 621 -56.89 -113.56 9.60
N CYS L 622 -57.58 -113.12 10.66
CA CYS L 622 -57.31 -111.85 11.38
C CYS L 622 -55.84 -111.78 11.81
N GLN L 623 -55.34 -112.86 12.41
CA GLN L 623 -53.95 -112.92 12.96
C GLN L 623 -52.95 -112.77 11.81
N ALA L 624 -53.08 -113.57 10.75
CA ALA L 624 -52.22 -113.55 9.54
C ALA L 624 -52.13 -112.13 8.95
N CYS L 625 -53.28 -111.45 8.81
CA CYS L 625 -53.41 -110.06 8.25
C CYS L 625 -52.58 -109.06 9.07
N SER L 626 -52.63 -109.17 10.40
CA SER L 626 -51.86 -108.32 11.33
C SER L 626 -50.37 -108.34 10.93
N ALA L 627 -49.87 -109.51 10.52
CA ALA L 627 -48.62 -109.70 9.74
C ALA L 627 -47.39 -109.25 10.56
N GLU L 648 -17.53 -109.98 -3.88
CA GLU L 648 -16.38 -110.39 -4.74
C GLU L 648 -16.83 -110.56 -6.20
N PRO L 649 -17.74 -111.52 -6.52
CA PRO L 649 -18.13 -111.74 -7.93
C PRO L 649 -18.87 -110.54 -8.56
N LEU L 650 -19.65 -109.80 -7.78
CA LEU L 650 -20.44 -108.63 -8.29
C LEU L 650 -19.47 -107.49 -8.64
N GLY L 651 -18.48 -107.23 -7.77
CA GLY L 651 -17.36 -106.33 -8.05
C GLY L 651 -16.62 -106.74 -9.32
N GLN L 652 -16.40 -108.05 -9.48
CA GLN L 652 -15.73 -108.64 -10.67
C GLN L 652 -16.55 -108.29 -11.93
N LEU L 653 -17.87 -108.53 -11.92
CA LEU L 653 -18.82 -108.14 -13.02
C LEU L 653 -18.62 -106.66 -13.37
N THR L 654 -18.75 -105.83 -12.33
CA THR L 654 -18.76 -104.35 -12.45
C THR L 654 -17.50 -103.92 -13.22
N ALA L 655 -16.37 -104.61 -13.01
CA ALA L 655 -15.13 -104.39 -13.79
C ALA L 655 -15.45 -104.47 -15.28
N ALA L 656 -15.98 -105.61 -15.71
CA ALA L 656 -16.22 -105.85 -17.15
C ALA L 656 -17.19 -104.80 -17.67
N LEU L 657 -18.09 -104.33 -16.84
CA LEU L 657 -19.15 -103.38 -17.25
C LEU L 657 -18.58 -101.97 -17.40
N GLY L 658 -17.72 -101.54 -16.47
CA GLY L 658 -16.90 -100.33 -16.63
C GLY L 658 -16.14 -100.38 -17.94
N GLU L 659 -15.55 -101.54 -18.26
CA GLU L 659 -14.79 -101.79 -19.51
C GLU L 659 -15.73 -101.63 -20.72
N LEU L 660 -16.97 -102.11 -20.61
CA LEU L 660 -17.97 -102.00 -21.71
C LEU L 660 -18.30 -100.54 -21.94
N ARG L 661 -18.55 -99.84 -20.84
CA ARG L 661 -18.86 -98.40 -20.85
C ARG L 661 -17.73 -97.64 -21.52
N ALA L 662 -16.48 -98.07 -21.27
CA ALA L 662 -15.29 -97.53 -21.97
C ALA L 662 -15.45 -97.78 -23.46
N SER L 663 -15.59 -99.04 -23.88
CA SER L 663 -15.61 -99.49 -25.30
C SER L 663 -16.81 -98.89 -26.07
N MET L 664 -17.80 -98.33 -25.36
CA MET L 664 -18.87 -97.50 -25.97
C MET L 664 -18.31 -96.25 -26.66
N THR L 665 -17.04 -95.85 -26.40
CA THR L 665 -16.31 -94.72 -27.06
C THR L 665 -16.76 -94.55 -28.52
N ASP L 666 -16.69 -95.64 -29.26
CA ASP L 666 -17.01 -95.76 -30.70
C ASP L 666 -17.59 -97.17 -30.90
N PRO L 667 -18.93 -97.35 -30.82
CA PRO L 667 -19.54 -98.70 -30.94
C PRO L 667 -19.64 -99.26 -32.39
N SER L 668 -19.02 -98.60 -33.37
CA SER L 668 -18.71 -99.13 -34.73
C SER L 668 -17.67 -100.26 -34.67
N GLN L 669 -16.80 -100.32 -33.64
CA GLN L 669 -16.01 -101.54 -33.30
C GLN L 669 -16.97 -102.55 -32.68
N ARG L 670 -16.61 -103.82 -32.76
CA ARG L 670 -17.59 -104.91 -32.73
C ARG L 670 -16.95 -105.99 -31.84
N ASP L 671 -15.82 -106.49 -32.31
CA ASP L 671 -14.84 -107.38 -31.62
C ASP L 671 -14.78 -107.11 -30.11
N VAL L 672 -14.43 -105.88 -29.70
CA VAL L 672 -14.22 -105.52 -28.25
C VAL L 672 -15.42 -106.02 -27.47
N ILE L 673 -16.58 -105.74 -28.04
CA ILE L 673 -17.87 -105.71 -27.32
C ILE L 673 -18.35 -107.15 -27.24
N SER L 674 -18.35 -107.89 -28.36
CA SER L 674 -18.65 -109.35 -28.38
C SER L 674 -17.91 -110.02 -27.24
N ALA L 675 -16.62 -109.71 -27.19
CA ALA L 675 -15.67 -110.31 -26.25
C ALA L 675 -16.06 -109.92 -24.83
N GLN L 676 -16.19 -108.62 -24.58
CA GLN L 676 -16.58 -108.09 -23.26
C GLN L 676 -17.88 -108.76 -22.81
N VAL L 677 -18.81 -108.92 -23.74
CA VAL L 677 -20.16 -109.45 -23.42
C VAL L 677 -20.05 -110.94 -23.11
N ALA L 678 -19.26 -111.70 -23.86
CA ALA L 678 -18.94 -113.11 -23.57
C ALA L 678 -18.43 -113.20 -22.13
N VAL L 679 -17.47 -112.34 -21.79
CA VAL L 679 -16.88 -112.22 -20.42
C VAL L 679 -18.01 -112.04 -19.40
N ILE L 680 -18.87 -111.05 -19.64
CA ILE L 680 -19.93 -110.63 -18.69
C ILE L 680 -20.91 -111.79 -18.53
N SER L 681 -21.25 -112.46 -19.62
CA SER L 681 -22.19 -113.62 -19.62
C SER L 681 -21.63 -114.72 -18.74
N GLU L 682 -20.33 -115.00 -18.88
CA GLU L 682 -19.65 -116.07 -18.11
C GLU L 682 -19.61 -115.73 -16.62
N ARG L 683 -19.26 -114.50 -16.31
CA ARG L 683 -19.21 -113.95 -14.93
C ARG L 683 -20.61 -114.00 -14.30
N LEU L 684 -21.61 -113.71 -15.13
CA LEU L 684 -23.02 -113.71 -14.68
C LEU L 684 -23.45 -115.15 -14.37
N ARG L 685 -23.10 -116.08 -15.24
CA ARG L 685 -23.33 -117.55 -15.05
C ARG L 685 -22.61 -118.00 -13.79
N ALA L 686 -21.47 -117.38 -13.44
CA ALA L 686 -20.71 -117.66 -12.18
C ALA L 686 -21.50 -117.21 -10.94
N VAL L 687 -21.82 -115.91 -10.84
CA VAL L 687 -22.65 -115.37 -9.71
C VAL L 687 -23.98 -116.15 -9.67
N LEU L 688 -24.48 -116.57 -10.84
CA LEU L 688 -25.63 -117.49 -11.02
C LEU L 688 -25.19 -118.95 -10.80
N GLY L 689 -24.69 -119.32 -9.62
CA GLY L 689 -24.03 -120.62 -9.36
C GLY L 689 -24.41 -121.73 -10.34
N HIS L 690 -23.48 -122.17 -11.20
CA HIS L 690 -23.59 -123.36 -12.10
C HIS L 690 -22.22 -123.59 -12.77
N PRO L 709 -38.03 -119.06 -8.56
CA PRO L 709 -37.28 -118.04 -7.82
C PRO L 709 -38.11 -116.78 -7.49
N ARG L 710 -38.46 -116.58 -6.20
CA ARG L 710 -39.21 -115.44 -5.60
C ARG L 710 -38.28 -114.63 -4.67
N LEU L 711 -38.53 -113.33 -4.51
CA LEU L 711 -38.00 -112.49 -3.41
C LEU L 711 -36.47 -112.74 -3.28
N GLU L 712 -35.75 -112.97 -4.39
CA GLU L 712 -34.29 -113.31 -4.42
C GLU L 712 -33.52 -112.00 -4.43
N PRO L 713 -32.84 -111.59 -3.32
CA PRO L 713 -32.14 -110.31 -3.30
C PRO L 713 -30.94 -110.31 -4.27
N ARG L 714 -30.25 -111.45 -4.36
CA ARG L 714 -28.98 -111.55 -5.10
C ARG L 714 -29.28 -111.43 -6.61
N GLU L 715 -30.32 -112.09 -7.13
CA GLU L 715 -30.68 -111.96 -8.56
C GLU L 715 -31.22 -110.54 -8.81
N HIS L 716 -31.93 -109.96 -7.85
CA HIS L 716 -32.45 -108.56 -7.89
C HIS L 716 -31.26 -107.60 -8.08
N MET L 717 -30.14 -107.83 -7.39
CA MET L 717 -28.90 -107.01 -7.52
C MET L 717 -28.21 -107.24 -8.86
N ALA L 718 -28.10 -108.47 -9.32
CA ALA L 718 -27.58 -108.81 -10.67
C ALA L 718 -28.35 -108.05 -11.75
N VAL L 719 -29.69 -108.12 -11.70
CA VAL L 719 -30.58 -107.55 -12.76
C VAL L 719 -30.48 -106.03 -12.70
N ASP L 720 -30.52 -105.44 -11.49
CA ASP L 720 -30.29 -104.00 -11.27
C ASP L 720 -29.04 -103.63 -12.07
N LEU L 721 -27.93 -104.34 -11.79
CA LEU L 721 -26.60 -104.03 -12.37
C LEU L 721 -26.63 -104.11 -13.89
N LEU L 722 -27.36 -105.07 -14.44
CA LEU L 722 -27.48 -105.27 -15.91
C LEU L 722 -28.28 -104.15 -16.57
N LEU L 723 -29.52 -103.96 -16.13
CA LEU L 723 -30.48 -102.94 -16.68
C LEU L 723 -29.78 -101.58 -16.65
N THR L 724 -29.24 -101.26 -15.47
CA THR L 724 -28.59 -99.96 -15.15
C THR L 724 -27.38 -99.77 -16.06
N SER L 725 -26.50 -100.76 -16.09
CA SER L 725 -25.38 -100.78 -17.07
C SER L 725 -25.94 -100.34 -18.43
N PHE L 726 -26.97 -101.03 -18.89
CA PHE L 726 -27.50 -100.96 -20.27
C PHE L 726 -28.01 -99.55 -20.56
N CYS L 727 -28.83 -99.01 -19.66
CA CYS L 727 -29.52 -97.70 -19.80
C CYS L 727 -28.46 -96.60 -19.93
N GLN L 728 -27.41 -96.64 -19.10
CA GLN L 728 -26.30 -95.66 -19.17
C GLN L 728 -25.51 -95.89 -20.45
N ASN L 729 -25.21 -97.15 -20.77
CA ASN L 729 -24.56 -97.53 -22.04
C ASN L 729 -25.36 -96.92 -23.18
N LEU L 730 -26.67 -97.06 -23.12
CA LEU L 730 -27.55 -96.39 -24.08
C LEU L 730 -27.40 -94.87 -23.92
N MET L 731 -27.39 -94.36 -22.68
CA MET L 731 -27.19 -92.90 -22.44
C MET L 731 -25.96 -92.46 -23.21
N ALA L 732 -24.85 -93.15 -23.01
CA ALA L 732 -23.62 -92.92 -23.79
C ALA L 732 -23.97 -92.91 -25.28
N ALA L 733 -24.52 -94.00 -25.79
CA ALA L 733 -24.75 -94.27 -27.22
C ALA L 733 -25.54 -93.13 -27.87
N SER L 734 -26.62 -92.74 -27.19
CA SER L 734 -27.55 -91.66 -27.60
C SER L 734 -26.82 -90.33 -27.58
N SER L 735 -26.01 -90.06 -26.54
CA SER L 735 -25.22 -88.82 -26.39
C SER L 735 -24.34 -88.59 -27.61
N VAL L 736 -23.89 -89.68 -28.24
CA VAL L 736 -23.04 -89.62 -29.46
C VAL L 736 -23.97 -89.46 -30.66
N ALA L 737 -24.95 -90.35 -30.87
CA ALA L 737 -25.22 -90.77 -32.26
C ALA L 737 -26.59 -91.35 -32.56
N PRO L 738 -26.83 -91.50 -33.88
CA PRO L 738 -27.96 -92.25 -34.41
C PRO L 738 -27.96 -93.73 -34.02
N PRO L 739 -29.13 -94.35 -33.69
CA PRO L 739 -29.21 -95.79 -33.43
C PRO L 739 -29.02 -96.65 -34.71
N GLU L 740 -29.05 -96.04 -35.90
CA GLU L 740 -28.63 -96.68 -37.18
C GLU L 740 -27.14 -97.07 -37.13
N ARG L 741 -26.26 -96.14 -36.75
CA ARG L 741 -24.78 -96.33 -36.72
C ARG L 741 -24.27 -96.69 -35.33
N GLN L 742 -25.14 -96.79 -34.32
CA GLN L 742 -24.76 -97.32 -32.98
C GLN L 742 -24.16 -98.73 -33.11
N GLY L 743 -24.71 -99.58 -33.98
CA GLY L 743 -24.28 -100.98 -34.18
C GLY L 743 -24.99 -101.91 -33.20
N PRO L 744 -24.93 -103.25 -33.41
CA PRO L 744 -25.76 -104.19 -32.66
C PRO L 744 -25.16 -104.49 -31.29
N TRP L 745 -24.58 -103.48 -30.64
CA TRP L 745 -23.89 -103.62 -29.34
C TRP L 745 -24.89 -104.07 -28.25
N ALA L 746 -26.09 -103.51 -28.27
CA ALA L 746 -27.21 -103.91 -27.40
C ALA L 746 -27.72 -105.25 -27.90
N ALA L 747 -27.93 -105.34 -29.22
CA ALA L 747 -28.41 -106.55 -29.91
C ALA L 747 -27.54 -107.74 -29.46
N LEU L 748 -26.28 -107.49 -29.09
CA LEU L 748 -25.41 -108.50 -28.46
C LEU L 748 -25.59 -108.46 -26.96
N PHE L 749 -25.61 -107.27 -26.34
CA PHE L 749 -25.85 -107.14 -24.89
C PHE L 749 -27.01 -108.07 -24.49
N VAL L 750 -28.09 -108.09 -25.28
CA VAL L 750 -29.31 -108.89 -24.98
C VAL L 750 -29.07 -110.41 -25.08
N ARG L 751 -28.09 -110.89 -25.84
CA ARG L 751 -27.73 -112.34 -25.79
C ARG L 751 -27.28 -112.72 -24.38
N THR L 752 -26.87 -111.78 -23.52
CA THR L 752 -26.65 -111.99 -22.06
C THR L 752 -27.98 -112.29 -21.37
N MET L 753 -29.01 -111.52 -21.73
CA MET L 753 -30.34 -111.53 -21.07
C MET L 753 -31.17 -112.69 -21.63
N CYS L 754 -30.65 -113.41 -22.63
CA CYS L 754 -31.03 -114.81 -22.96
C CYS L 754 -30.67 -115.76 -21.80
N GLY L 755 -30.91 -117.06 -21.96
CA GLY L 755 -30.67 -118.09 -20.93
C GLY L 755 -31.47 -117.81 -19.67
N ARG L 756 -30.94 -118.17 -18.49
CA ARG L 756 -31.62 -118.06 -17.16
C ARG L 756 -31.61 -116.63 -16.58
N VAL L 757 -31.36 -115.61 -17.40
CA VAL L 757 -31.36 -114.15 -17.05
C VAL L 757 -32.76 -113.58 -17.34
N LEU L 758 -33.24 -113.83 -18.56
CA LEU L 758 -34.60 -113.56 -19.08
C LEU L 758 -35.69 -113.56 -18.00
N PRO L 759 -35.96 -114.65 -17.23
CA PRO L 759 -37.09 -114.67 -16.28
C PRO L 759 -37.01 -113.57 -15.21
N ALA L 760 -35.81 -113.41 -14.65
CA ALA L 760 -35.50 -112.39 -13.63
C ALA L 760 -35.66 -111.00 -14.25
N VAL L 761 -35.11 -110.80 -15.46
CA VAL L 761 -35.18 -109.52 -16.21
C VAL L 761 -36.65 -109.10 -16.27
N LEU L 762 -37.49 -110.00 -16.74
CA LEU L 762 -38.91 -109.72 -17.05
C LEU L 762 -39.70 -109.56 -15.74
N THR L 763 -39.40 -110.31 -14.67
CA THR L 763 -40.06 -110.10 -13.35
C THR L 763 -39.69 -108.72 -12.81
N ARG L 764 -38.44 -108.30 -13.03
CA ARG L 764 -37.99 -106.96 -12.60
C ARG L 764 -38.72 -105.90 -13.43
N LEU L 765 -38.84 -106.09 -14.75
CA LEU L 765 -39.57 -105.17 -15.67
C LEU L 765 -41.05 -105.11 -15.27
N CYS L 766 -41.63 -106.20 -14.76
CA CYS L 766 -43.04 -106.22 -14.27
C CYS L 766 -43.13 -105.33 -13.02
N GLN L 767 -42.22 -105.49 -12.05
CA GLN L 767 -42.09 -104.56 -10.89
C GLN L 767 -42.04 -103.08 -11.34
N LEU L 768 -41.30 -102.75 -12.44
CA LEU L 768 -41.08 -101.35 -12.97
C LEU L 768 -42.40 -100.74 -13.46
N LEU L 769 -42.83 -101.20 -14.63
CA LEU L 769 -43.79 -100.49 -15.52
C LEU L 769 -45.18 -100.73 -14.95
N ARG L 770 -45.44 -101.95 -14.46
CA ARG L 770 -46.76 -102.33 -13.90
C ARG L 770 -47.06 -101.46 -12.67
N HIS L 771 -46.12 -101.26 -11.73
CA HIS L 771 -46.37 -100.59 -10.42
C HIS L 771 -45.73 -99.20 -10.38
N GLN L 772 -44.43 -99.14 -10.67
CA GLN L 772 -43.55 -98.02 -10.27
C GLN L 772 -43.17 -97.18 -11.49
N GLY L 773 -43.86 -97.38 -12.63
CA GLY L 773 -43.56 -96.79 -13.95
C GLY L 773 -43.37 -95.28 -13.89
N PRO L 774 -44.35 -94.50 -13.39
CA PRO L 774 -44.27 -93.04 -13.48
C PRO L 774 -42.97 -92.41 -12.94
N SER L 775 -42.44 -93.01 -11.86
CA SER L 775 -41.24 -92.57 -11.09
C SER L 775 -40.02 -92.40 -12.01
N LEU L 776 -39.93 -93.16 -13.11
CA LEU L 776 -38.81 -93.10 -14.06
C LEU L 776 -38.81 -91.76 -14.77
N SER L 777 -37.62 -91.33 -15.15
CA SER L 777 -37.36 -90.08 -15.91
C SER L 777 -36.85 -90.50 -17.28
N ALA L 778 -36.59 -89.51 -18.14
CA ALA L 778 -36.26 -89.66 -19.59
C ALA L 778 -35.29 -90.82 -19.86
N PRO L 779 -34.15 -90.93 -19.15
CA PRO L 779 -33.12 -91.90 -19.55
C PRO L 779 -33.54 -93.35 -19.27
N HIS L 780 -34.08 -93.58 -18.07
CA HIS L 780 -34.65 -94.88 -17.65
C HIS L 780 -35.68 -95.35 -18.68
N VAL L 781 -36.61 -94.48 -19.00
CA VAL L 781 -37.78 -94.87 -19.83
C VAL L 781 -37.29 -95.09 -21.27
N LEU L 782 -36.41 -94.25 -21.84
CA LEU L 782 -35.89 -94.47 -23.25
C LEU L 782 -35.19 -95.85 -23.29
N GLY L 783 -34.41 -96.15 -22.25
CA GLY L 783 -33.74 -97.46 -22.04
C GLY L 783 -34.69 -98.63 -22.08
N LEU L 784 -35.70 -98.60 -21.20
CA LEU L 784 -36.66 -99.70 -20.99
C LEU L 784 -37.48 -99.96 -22.25
N ALA L 785 -37.64 -98.98 -23.14
CA ALA L 785 -38.34 -99.15 -24.44
C ALA L 785 -37.42 -99.77 -25.50
N ALA L 786 -36.20 -99.26 -25.69
CA ALA L 786 -35.20 -99.83 -26.65
C ALA L 786 -34.89 -101.28 -26.27
N LEU L 787 -34.93 -101.62 -24.97
CA LEU L 787 -34.96 -103.03 -24.46
C LEU L 787 -36.15 -103.81 -25.03
N ALA L 788 -37.40 -103.34 -24.87
CA ALA L 788 -38.65 -104.06 -25.29
C ALA L 788 -38.65 -104.24 -26.82
N VAL L 789 -37.97 -103.36 -27.57
CA VAL L 789 -37.73 -103.53 -29.04
C VAL L 789 -36.87 -104.78 -29.28
N HIS L 790 -35.76 -104.90 -28.56
CA HIS L 790 -34.74 -105.94 -28.81
C HIS L 790 -35.18 -107.29 -28.24
N LEU L 791 -36.03 -107.29 -27.21
CA LEU L 791 -36.72 -108.52 -26.71
C LEU L 791 -37.64 -109.04 -27.83
N GLY L 792 -38.45 -108.14 -28.41
CA GLY L 792 -39.39 -108.42 -29.51
C GLY L 792 -38.69 -108.78 -30.82
N GLU L 793 -37.43 -108.39 -31.03
CA GLU L 793 -36.63 -108.66 -32.26
C GLU L 793 -36.23 -110.15 -32.35
N SER L 794 -36.03 -110.80 -31.20
CA SER L 794 -35.51 -112.19 -31.10
C SER L 794 -36.46 -113.13 -30.33
N ARG L 795 -37.77 -112.79 -30.17
CA ARG L 795 -38.82 -113.70 -29.59
C ARG L 795 -38.92 -114.97 -30.45
N SER L 796 -38.50 -114.88 -31.73
CA SER L 796 -38.15 -116.01 -32.64
C SER L 796 -37.39 -117.10 -31.88
N ALA L 797 -36.37 -116.73 -31.09
CA ALA L 797 -35.53 -117.64 -30.30
C ALA L 797 -36.16 -118.03 -28.96
N LEU L 798 -36.86 -117.10 -28.32
CA LEU L 798 -37.20 -117.13 -26.87
C LEU L 798 -38.50 -117.87 -26.66
N PRO L 799 -38.83 -118.34 -25.44
CA PRO L 799 -40.09 -119.04 -25.20
C PRO L 799 -41.32 -118.13 -25.20
N GLU L 800 -42.50 -118.76 -25.13
CA GLU L 800 -43.81 -118.08 -24.89
C GLU L 800 -43.84 -117.65 -23.41
N VAL L 801 -44.81 -116.80 -23.05
CA VAL L 801 -45.05 -116.34 -21.64
C VAL L 801 -46.56 -116.30 -21.35
N ASP L 802 -46.95 -116.79 -20.17
CA ASP L 802 -48.34 -116.77 -19.62
C ASP L 802 -48.28 -116.19 -18.19
N VAL L 803 -49.38 -115.60 -17.71
CA VAL L 803 -49.51 -114.92 -16.37
C VAL L 803 -50.50 -115.69 -15.50
N GLY L 804 -51.81 -115.48 -15.70
CA GLY L 804 -52.92 -116.14 -15.00
C GLY L 804 -53.28 -117.47 -15.66
N PRO L 805 -53.83 -117.47 -16.90
CA PRO L 805 -54.19 -118.71 -17.60
C PRO L 805 -53.02 -119.41 -18.32
N PRO L 813 -46.18 -115.00 -26.41
CA PRO L 813 -44.84 -114.59 -26.90
C PRO L 813 -44.29 -113.32 -26.20
N VAL L 814 -43.20 -112.71 -26.69
CA VAL L 814 -42.66 -111.42 -26.12
C VAL L 814 -43.60 -110.27 -26.41
N PRO L 815 -44.03 -110.05 -27.68
CA PRO L 815 -44.97 -108.97 -27.99
C PRO L 815 -46.16 -108.92 -26.99
N ALA L 816 -46.65 -110.09 -26.54
CA ALA L 816 -47.78 -110.28 -25.60
C ALA L 816 -47.55 -109.58 -24.25
N LEU L 817 -46.30 -109.58 -23.77
CA LEU L 817 -45.86 -108.96 -22.49
C LEU L 817 -46.53 -107.61 -22.27
N PHE L 818 -46.35 -106.71 -23.22
CA PHE L 818 -46.60 -105.26 -23.01
C PHE L 818 -48.10 -105.01 -23.08
N ASP L 819 -48.81 -105.77 -23.92
CA ASP L 819 -50.29 -105.74 -23.99
C ASP L 819 -50.84 -106.22 -22.64
N SER L 820 -50.31 -107.29 -22.04
CA SER L 820 -50.73 -107.76 -20.69
C SER L 820 -50.29 -106.78 -19.60
N LEU L 821 -49.12 -106.16 -19.79
CA LEU L 821 -48.49 -105.13 -18.93
C LEU L 821 -49.44 -103.97 -18.70
N LEU L 822 -49.87 -103.34 -19.80
CA LEU L 822 -50.36 -101.95 -19.79
C LEU L 822 -51.80 -101.86 -19.31
N THR L 823 -51.91 -101.38 -18.07
CA THR L 823 -53.03 -100.55 -17.61
C THR L 823 -53.17 -99.37 -18.58
N CYS L 824 -54.36 -98.82 -18.54
CA CYS L 824 -54.63 -97.46 -19.03
C CYS L 824 -55.37 -96.72 -17.91
N ARG L 825 -55.47 -97.29 -16.70
CA ARG L 825 -56.57 -96.99 -15.74
C ARG L 825 -56.28 -95.78 -14.87
N THR L 826 -55.02 -95.31 -14.81
CA THR L 826 -54.67 -93.94 -14.34
C THR L 826 -54.18 -93.08 -15.51
N ARG L 827 -54.44 -91.77 -15.42
CA ARG L 827 -53.90 -90.72 -16.31
C ARG L 827 -52.38 -90.63 -16.23
N ASP L 828 -51.84 -90.76 -15.02
CA ASP L 828 -50.41 -90.96 -14.74
C ASP L 828 -49.87 -91.97 -15.75
N SER L 829 -50.43 -93.18 -15.71
CA SER L 829 -50.00 -94.34 -16.51
C SER L 829 -50.20 -94.05 -18.00
N LEU L 830 -51.15 -93.20 -18.37
CA LEU L 830 -51.41 -92.83 -19.79
C LEU L 830 -50.30 -91.92 -20.30
N PHE L 831 -49.92 -90.90 -19.53
CA PHE L 831 -48.70 -90.12 -19.83
C PHE L 831 -47.53 -91.08 -20.01
N PHE L 832 -47.33 -91.92 -19.01
CA PHE L 832 -46.22 -92.91 -19.02
C PHE L 832 -46.38 -93.92 -20.15
N CYS L 833 -47.59 -94.46 -20.35
CA CYS L 833 -47.90 -95.42 -21.44
C CYS L 833 -47.61 -94.73 -22.77
N LEU L 834 -47.89 -93.43 -22.88
CA LEU L 834 -47.52 -92.66 -24.11
C LEU L 834 -46.02 -92.71 -24.25
N LYS L 835 -45.32 -92.25 -23.23
CA LYS L 835 -43.85 -92.20 -23.25
C LYS L 835 -43.28 -93.52 -23.73
N PHE L 836 -43.74 -94.60 -23.12
CA PHE L 836 -43.14 -95.95 -23.24
C PHE L 836 -43.19 -96.42 -24.69
N CYS L 837 -44.39 -96.37 -25.25
CA CYS L 837 -44.69 -96.79 -26.64
C CYS L 837 -44.18 -95.73 -27.62
N THR L 838 -44.22 -94.44 -27.27
CA THR L 838 -43.60 -93.34 -28.04
C THR L 838 -42.14 -93.73 -28.33
N ALA L 839 -41.43 -94.03 -27.25
CA ALA L 839 -40.00 -94.37 -27.27
C ALA L 839 -39.81 -95.67 -28.04
N ALA L 840 -40.61 -96.69 -27.72
CA ALA L 840 -40.61 -98.03 -28.36
C ALA L 840 -40.66 -97.85 -29.87
N ILE L 841 -41.68 -97.14 -30.32
CA ILE L 841 -42.01 -97.02 -31.76
C ILE L 841 -40.89 -96.20 -32.40
N SER L 842 -40.52 -95.08 -31.81
CA SER L 842 -39.47 -94.21 -32.39
C SER L 842 -38.14 -94.97 -32.45
N TYR L 843 -37.76 -95.76 -31.41
CA TYR L 843 -36.48 -96.54 -31.44
C TYR L 843 -36.58 -97.58 -32.57
N SER L 844 -37.72 -98.28 -32.70
CA SER L 844 -37.88 -99.34 -33.73
C SER L 844 -37.79 -98.71 -35.13
N LEU L 845 -38.38 -97.53 -35.30
CA LEU L 845 -38.34 -96.76 -36.58
C LEU L 845 -36.90 -96.34 -36.90
N CYS L 846 -36.13 -95.86 -35.93
CA CYS L 846 -34.73 -95.41 -36.12
C CYS L 846 -33.76 -96.59 -36.34
N LYS L 847 -34.04 -97.80 -35.80
CA LYS L 847 -33.19 -99.01 -36.02
C LYS L 847 -33.47 -99.56 -37.43
N PHE L 848 -34.75 -99.64 -37.84
CA PHE L 848 -35.22 -100.22 -39.13
C PHE L 848 -35.39 -99.17 -40.25
N SER L 849 -35.08 -97.87 -40.05
CA SER L 849 -34.97 -96.83 -41.13
C SER L 849 -33.81 -97.17 -42.07
N SER L 850 -32.78 -97.82 -41.51
CA SER L 850 -31.66 -98.46 -42.24
C SER L 850 -32.20 -99.47 -43.28
N GLN L 851 -33.25 -100.23 -42.93
CA GLN L 851 -33.87 -101.27 -43.79
C GLN L 851 -35.08 -100.67 -44.52
N SER L 852 -35.24 -101.02 -45.81
CA SER L 852 -36.48 -100.78 -46.59
C SER L 852 -37.64 -101.63 -46.04
N ARG L 853 -37.33 -102.69 -45.28
CA ARG L 853 -38.22 -103.72 -44.66
C ARG L 853 -39.31 -103.11 -43.75
N ASP L 854 -40.58 -103.54 -43.93
CA ASP L 854 -41.71 -103.35 -42.96
C ASP L 854 -41.65 -104.55 -41.99
N THR L 855 -40.62 -104.58 -41.14
CA THR L 855 -40.41 -105.54 -40.02
C THR L 855 -41.16 -105.06 -38.76
N LEU L 856 -41.61 -103.82 -38.73
CA LEU L 856 -41.92 -103.09 -37.48
C LEU L 856 -43.16 -103.68 -36.80
N CYS L 857 -44.18 -104.04 -37.59
CA CYS L 857 -45.45 -104.67 -37.12
C CYS L 857 -45.19 -106.08 -36.55
N SER L 858 -44.08 -106.72 -36.93
CA SER L 858 -43.65 -108.07 -36.49
C SER L 858 -42.81 -107.96 -35.21
N CYS L 859 -41.74 -107.15 -35.23
CA CYS L 859 -40.76 -106.93 -34.11
C CYS L 859 -41.49 -106.46 -32.85
N LEU L 860 -42.38 -105.50 -33.06
CA LEU L 860 -43.25 -104.89 -32.04
C LEU L 860 -44.65 -105.46 -32.21
N SER L 861 -45.40 -105.60 -31.13
CA SER L 861 -46.83 -105.98 -31.21
C SER L 861 -47.63 -104.87 -31.90
N PRO L 862 -48.78 -105.18 -32.53
CA PRO L 862 -49.70 -104.14 -32.99
C PRO L 862 -50.46 -103.47 -31.84
N GLY L 863 -50.87 -104.25 -30.80
CA GLY L 863 -51.71 -103.87 -29.63
C GLY L 863 -51.24 -102.60 -28.94
N LEU L 864 -49.93 -102.37 -28.97
CA LEU L 864 -49.28 -101.11 -28.54
C LEU L 864 -49.41 -99.98 -29.56
N ILE L 865 -49.17 -100.20 -30.86
CA ILE L 865 -49.34 -99.09 -31.85
C ILE L 865 -50.80 -98.62 -31.81
N LYS L 866 -51.73 -99.55 -31.56
CA LYS L 866 -53.18 -99.28 -31.26
C LYS L 866 -53.32 -98.38 -30.03
N LYS L 867 -52.69 -98.70 -28.90
CA LYS L 867 -52.74 -97.82 -27.70
C LYS L 867 -52.15 -96.45 -28.04
N PHE L 868 -51.10 -96.39 -28.86
CA PHE L 868 -50.48 -95.10 -29.24
C PHE L 868 -51.53 -94.21 -29.93
N GLN L 869 -52.10 -94.68 -31.06
CA GLN L 869 -53.14 -93.94 -31.85
C GLN L 869 -54.29 -93.53 -30.92
N PHE L 870 -54.79 -94.50 -30.15
CA PHE L 870 -55.91 -94.33 -29.19
C PHE L 870 -55.61 -93.18 -28.25
N LEU L 871 -54.41 -93.15 -27.71
CA LEU L 871 -54.02 -92.08 -26.76
C LEU L 871 -53.86 -90.75 -27.51
N MET L 872 -53.43 -90.78 -28.77
CA MET L 872 -53.25 -89.55 -29.56
C MET L 872 -54.59 -88.84 -29.83
N PHE L 873 -55.61 -89.54 -30.29
CA PHE L 873 -56.99 -88.98 -30.44
C PHE L 873 -57.56 -88.54 -29.09
N ARG L 874 -57.23 -89.31 -28.06
CA ARG L 874 -57.82 -89.17 -26.73
C ARG L 874 -57.19 -88.01 -25.96
N LEU L 875 -56.00 -87.52 -26.32
CA LEU L 875 -55.35 -86.42 -25.54
C LEU L 875 -54.79 -85.29 -26.43
N PHE L 876 -54.83 -85.36 -27.76
CA PHE L 876 -54.49 -84.26 -28.70
C PHE L 876 -55.57 -84.10 -29.76
N SER L 877 -56.53 -83.18 -29.52
CA SER L 877 -57.59 -82.75 -30.48
C SER L 877 -56.99 -82.62 -31.89
N GLU L 878 -55.79 -82.01 -31.98
CA GLU L 878 -55.06 -81.76 -33.26
C GLU L 878 -54.84 -83.05 -34.07
N ALA L 879 -54.67 -84.20 -33.40
CA ALA L 879 -54.54 -85.55 -34.02
C ALA L 879 -55.72 -85.95 -34.93
N ARG L 880 -56.95 -85.58 -34.58
CA ARG L 880 -58.20 -86.05 -35.26
C ARG L 880 -58.35 -85.29 -36.58
N GLN L 881 -57.65 -84.14 -36.71
CA GLN L 881 -57.82 -83.09 -37.75
C GLN L 881 -56.58 -82.99 -38.67
N PRO L 882 -56.38 -83.93 -39.61
CA PRO L 882 -55.25 -83.87 -40.53
C PRO L 882 -55.39 -83.03 -41.80
N HIS L 897 -35.11 -89.91 -35.10
CA HIS L 897 -35.51 -88.70 -34.34
C HIS L 897 -35.81 -89.10 -32.88
N LEU L 898 -34.74 -89.18 -32.05
CA LEU L 898 -34.71 -89.36 -30.56
C LEU L 898 -34.10 -88.11 -29.90
N PRO L 899 -34.84 -86.98 -29.77
CA PRO L 899 -34.65 -86.07 -28.64
C PRO L 899 -35.23 -86.67 -27.35
N SER L 900 -34.54 -86.46 -26.19
CA SER L 900 -34.90 -86.85 -24.79
C SER L 900 -35.84 -85.80 -24.18
N ALA L 901 -36.77 -85.33 -25.02
CA ALA L 901 -37.53 -84.06 -24.89
C ALA L 901 -38.89 -84.37 -24.27
N ASP L 902 -39.68 -83.32 -24.09
CA ASP L 902 -41.10 -83.37 -23.72
C ASP L 902 -41.89 -84.17 -24.74
N TRP L 903 -42.93 -84.75 -24.22
CA TRP L 903 -43.61 -85.96 -24.75
C TRP L 903 -44.61 -85.50 -25.77
N GLN L 904 -45.13 -84.31 -25.51
CA GLN L 904 -46.10 -83.61 -26.36
C GLN L 904 -45.41 -83.41 -27.72
N ARG L 905 -44.25 -82.74 -27.72
CA ARG L 905 -43.38 -82.46 -28.90
C ARG L 905 -43.10 -83.78 -29.63
N ALA L 906 -42.72 -84.79 -28.86
CA ALA L 906 -42.33 -86.13 -29.36
C ALA L 906 -43.48 -86.79 -30.14
N ALA L 907 -44.66 -86.92 -29.51
CA ALA L 907 -45.81 -87.69 -30.04
C ALA L 907 -46.28 -87.12 -31.36
N LEU L 908 -46.26 -85.78 -31.46
CA LEU L 908 -46.75 -85.01 -32.62
C LEU L 908 -45.72 -85.02 -33.75
N SER L 909 -44.43 -84.88 -33.46
CA SER L 909 -43.34 -85.11 -34.45
C SER L 909 -43.47 -86.53 -35.02
N LEU L 910 -43.82 -87.49 -34.18
CA LEU L 910 -44.04 -88.88 -34.61
C LEU L 910 -45.24 -88.98 -35.55
N TRP L 911 -46.39 -88.41 -35.19
CA TRP L 911 -47.58 -88.37 -36.06
C TRP L 911 -47.23 -87.88 -37.45
N THR L 912 -46.66 -86.68 -37.52
CA THR L 912 -46.24 -86.00 -38.78
C THR L 912 -45.37 -86.98 -39.59
N HIS L 913 -44.54 -87.79 -38.91
CA HIS L 913 -43.62 -88.80 -39.51
C HIS L 913 -44.36 -89.63 -40.54
N ARG L 914 -43.79 -89.73 -41.75
CA ARG L 914 -44.38 -90.43 -42.93
C ARG L 914 -44.53 -91.89 -42.57
N THR L 915 -43.43 -92.53 -42.23
CA THR L 915 -43.32 -94.01 -42.15
C THR L 915 -44.30 -94.58 -41.15
N PHE L 916 -44.61 -93.87 -40.05
CA PHE L 916 -45.71 -94.28 -39.14
C PHE L 916 -47.03 -94.32 -39.93
N ARG L 917 -47.27 -93.35 -40.81
CA ARG L 917 -48.48 -93.33 -41.69
C ARG L 917 -48.44 -94.54 -42.62
N GLU L 918 -47.32 -94.74 -43.34
CA GLU L 918 -47.11 -95.90 -44.26
C GLU L 918 -47.34 -97.22 -43.50
N VAL L 919 -47.06 -97.24 -42.20
CA VAL L 919 -47.26 -98.40 -41.28
C VAL L 919 -48.75 -98.63 -40.98
N LEU L 920 -49.47 -97.59 -40.56
CA LEU L 920 -50.94 -97.67 -40.26
C LEU L 920 -51.66 -98.46 -41.35
N LYS L 921 -51.22 -98.32 -42.61
CA LYS L 921 -51.88 -98.81 -43.85
C LYS L 921 -51.91 -100.34 -43.91
N GLU L 922 -51.14 -101.06 -43.08
CA GLU L 922 -51.33 -102.52 -42.86
C GLU L 922 -52.25 -102.67 -41.65
N GLU L 923 -53.54 -102.89 -41.91
CA GLU L 923 -54.62 -102.50 -40.97
C GLU L 923 -55.17 -103.73 -40.25
N ASP L 924 -54.25 -104.47 -39.64
CA ASP L 924 -54.44 -105.09 -38.31
C ASP L 924 -54.02 -104.07 -37.22
N VAL L 925 -53.63 -102.84 -37.60
CA VAL L 925 -53.09 -101.74 -36.73
C VAL L 925 -53.97 -100.48 -36.71
N HIS L 926 -54.94 -100.34 -37.62
CA HIS L 926 -55.70 -99.08 -37.86
C HIS L 926 -56.85 -98.87 -36.86
N LEU L 927 -56.98 -99.78 -35.88
CA LEU L 927 -57.84 -99.63 -34.67
C LEU L 927 -59.31 -99.69 -35.07
N THR L 928 -59.87 -100.89 -34.99
CA THR L 928 -61.31 -101.10 -35.11
C THR L 928 -62.01 -100.26 -34.07
N TYR L 929 -63.26 -99.96 -34.38
CA TYR L 929 -64.30 -99.57 -33.40
C TYR L 929 -64.20 -100.44 -32.14
N GLN L 930 -64.00 -101.76 -32.23
CA GLN L 930 -64.05 -102.62 -31.00
C GLN L 930 -62.72 -102.57 -30.22
N ASP L 931 -61.59 -102.40 -30.88
CA ASP L 931 -60.28 -102.22 -30.20
C ASP L 931 -60.34 -100.98 -29.32
N TRP L 932 -60.72 -99.89 -29.97
CA TRP L 932 -61.02 -98.58 -29.35
C TRP L 932 -61.92 -98.77 -28.12
N LEU L 933 -62.99 -99.56 -28.27
CA LEU L 933 -63.91 -99.80 -27.13
C LEU L 933 -63.09 -100.38 -25.99
N HIS L 934 -62.39 -101.49 -26.25
CA HIS L 934 -61.71 -102.25 -25.17
C HIS L 934 -60.70 -101.39 -24.44
N LEU L 935 -60.04 -100.45 -25.09
CA LEU L 935 -59.16 -99.47 -24.38
C LEU L 935 -60.01 -98.49 -23.60
N GLU L 936 -60.99 -97.86 -24.26
CA GLU L 936 -61.77 -96.75 -23.68
C GLU L 936 -62.54 -97.25 -22.45
N LEU L 937 -62.85 -98.54 -22.42
CA LEU L 937 -63.59 -99.17 -21.30
C LEU L 937 -62.62 -99.42 -20.15
N GLU L 938 -61.34 -99.64 -20.46
CA GLU L 938 -60.23 -99.82 -19.46
C GLU L 938 -60.19 -98.59 -18.52
N ILE L 939 -60.24 -97.38 -19.09
CA ILE L 939 -59.94 -96.08 -18.39
C ILE L 939 -60.96 -95.87 -17.28
N GLN L 940 -60.52 -95.20 -16.22
CA GLN L 940 -61.43 -94.70 -15.18
C GLN L 940 -61.65 -93.21 -15.37
N PRO L 941 -62.83 -92.69 -14.94
CA PRO L 941 -63.05 -91.24 -14.79
C PRO L 941 -62.28 -90.66 -13.59
N GLU L 942 -62.08 -91.54 -12.60
CA GLU L 942 -61.63 -91.27 -11.20
C GLU L 942 -60.33 -90.47 -11.29
N ALA L 943 -59.38 -91.05 -12.00
CA ALA L 943 -58.23 -90.38 -12.63
C ALA L 943 -58.58 -90.22 -14.10
N ASP L 944 -58.43 -89.01 -14.61
CA ASP L 944 -58.55 -88.79 -16.06
C ASP L 944 -57.73 -87.60 -16.51
N ALA L 945 -57.01 -87.78 -17.62
CA ALA L 945 -56.18 -86.77 -18.33
C ALA L 945 -57.06 -85.81 -19.14
N LEU L 946 -58.37 -86.10 -19.26
CA LEU L 946 -59.43 -85.14 -19.73
C LEU L 946 -60.54 -85.02 -18.66
N SER L 947 -61.22 -83.88 -18.63
CA SER L 947 -62.09 -83.41 -17.51
C SER L 947 -63.34 -84.28 -17.37
N ASP L 948 -64.35 -83.87 -18.08
CA ASP L 948 -65.60 -84.61 -18.42
C ASP L 948 -65.94 -84.14 -19.83
N THR L 949 -65.93 -82.82 -20.01
CA THR L 949 -66.04 -82.10 -21.30
C THR L 949 -65.20 -82.80 -22.38
N GLU L 950 -63.88 -82.74 -22.31
CA GLU L 950 -63.04 -83.25 -23.42
C GLU L 950 -63.24 -84.77 -23.55
N ARG L 951 -63.61 -85.45 -22.46
CA ARG L 951 -64.07 -86.85 -22.54
C ARG L 951 -65.22 -86.95 -23.55
N GLN L 952 -66.32 -86.23 -23.31
CA GLN L 952 -67.54 -86.30 -24.17
C GLN L 952 -67.20 -85.85 -25.58
N ASP L 953 -66.43 -84.78 -25.72
CA ASP L 953 -66.08 -84.23 -27.06
C ASP L 953 -65.32 -85.31 -27.84
N PHE L 954 -64.38 -85.96 -27.18
CA PHE L 954 -63.59 -87.07 -27.78
C PHE L 954 -64.52 -88.21 -28.15
N HIS L 955 -65.42 -88.60 -27.23
CA HIS L 955 -66.49 -89.60 -27.47
C HIS L 955 -67.31 -89.30 -28.72
N GLN L 956 -67.86 -88.09 -28.83
CA GLN L 956 -68.76 -87.70 -29.93
C GLN L 956 -67.93 -87.63 -31.21
N TRP L 957 -66.66 -87.19 -31.12
CA TRP L 957 -65.70 -87.31 -32.25
C TRP L 957 -65.67 -88.74 -32.79
N ALA L 958 -65.23 -89.66 -31.93
CA ALA L 958 -64.78 -91.01 -32.36
C ALA L 958 -66.01 -91.88 -32.71
N ILE L 959 -67.17 -91.69 -32.08
CA ILE L 959 -68.47 -92.24 -32.55
C ILE L 959 -68.81 -91.67 -33.95
N HIS L 960 -68.63 -90.36 -34.22
CA HIS L 960 -68.91 -89.68 -35.53
C HIS L 960 -67.59 -89.43 -36.34
N GLU L 961 -66.62 -90.38 -36.22
CA GLU L 961 -65.60 -90.97 -37.19
C GLU L 961 -65.87 -92.47 -37.49
N HIS L 962 -66.32 -93.31 -36.51
CA HIS L 962 -66.50 -94.80 -36.58
C HIS L 962 -67.89 -95.23 -37.12
N PHE L 963 -68.76 -94.29 -37.50
CA PHE L 963 -69.99 -94.56 -38.27
C PHE L 963 -69.81 -94.50 -39.75
N LEU L 964 -68.77 -93.81 -40.15
CA LEU L 964 -68.58 -93.39 -41.54
C LEU L 964 -67.98 -94.56 -42.34
N PRO L 965 -66.90 -95.27 -41.88
CA PRO L 965 -66.23 -96.28 -42.70
C PRO L 965 -66.81 -97.70 -42.56
N GLU L 966 -66.33 -98.53 -43.47
CA GLU L 966 -66.80 -99.90 -43.74
C GLU L 966 -66.17 -100.80 -42.68
N SER L 967 -66.87 -101.88 -42.37
CA SER L 967 -66.41 -102.99 -41.51
C SER L 967 -65.17 -103.66 -42.12
N SER L 968 -64.87 -103.42 -43.40
CA SER L 968 -63.55 -103.71 -44.05
C SER L 968 -62.45 -102.74 -43.60
N ALA L 969 -62.48 -101.44 -44.00
CA ALA L 969 -61.30 -100.53 -43.96
C ALA L 969 -60.87 -100.21 -42.52
N SER L 970 -61.83 -100.13 -41.59
CA SER L 970 -61.68 -100.40 -40.14
C SER L 970 -62.75 -101.42 -39.72
N GLY L 971 -62.90 -101.71 -38.42
CA GLY L 971 -64.10 -102.39 -37.86
C GLY L 971 -65.37 -101.55 -37.99
N GLY L 972 -65.21 -100.25 -38.28
CA GLY L 972 -66.17 -99.23 -38.81
C GLY L 972 -67.60 -99.67 -39.02
N CYS L 973 -68.52 -99.32 -38.10
CA CYS L 973 -69.98 -99.61 -38.23
C CYS L 973 -70.59 -98.59 -39.21
N ASP L 974 -70.74 -98.97 -40.48
CA ASP L 974 -71.40 -98.13 -41.52
C ASP L 974 -72.70 -97.56 -40.93
N GLY L 975 -73.07 -96.31 -41.26
CA GLY L 975 -74.04 -95.50 -40.48
C GLY L 975 -74.81 -96.23 -39.41
N ASP L 976 -75.31 -97.44 -39.73
CA ASP L 976 -76.07 -98.31 -38.83
C ASP L 976 -75.65 -98.05 -37.40
N LEU L 977 -76.60 -97.56 -36.65
CA LEU L 977 -76.47 -97.38 -35.20
C LEU L 977 -76.66 -98.71 -34.50
N GLN L 978 -77.49 -99.58 -35.06
CA GLN L 978 -77.58 -101.02 -34.74
C GLN L 978 -76.18 -101.64 -34.72
N ALA L 979 -75.34 -101.38 -35.74
CA ALA L 979 -74.00 -102.00 -35.94
C ALA L 979 -73.08 -101.62 -34.78
N ALA L 980 -72.98 -100.30 -34.56
CA ALA L 980 -72.33 -99.67 -33.39
C ALA L 980 -72.84 -100.29 -32.10
N CYS L 981 -74.14 -100.25 -31.90
CA CYS L 981 -74.86 -100.72 -30.68
C CYS L 981 -74.53 -102.21 -30.38
N THR L 982 -74.56 -103.06 -31.40
CA THR L 982 -74.26 -104.51 -31.29
C THR L 982 -72.84 -104.72 -30.78
N ILE L 983 -71.85 -104.21 -31.53
CA ILE L 983 -70.38 -104.31 -31.24
C ILE L 983 -70.14 -103.80 -29.82
N LEU L 984 -70.83 -102.72 -29.45
CA LEU L 984 -70.66 -102.01 -28.18
C LEU L 984 -71.23 -102.80 -27.01
N VAL L 985 -72.42 -103.38 -27.12
CA VAL L 985 -72.93 -104.26 -26.02
C VAL L 985 -72.02 -105.51 -25.94
N ASN L 986 -71.55 -106.05 -27.08
CA ASN L 986 -70.51 -107.13 -27.16
C ASN L 986 -69.25 -106.77 -26.35
N ALA L 987 -68.57 -105.65 -26.69
CA ALA L 987 -67.38 -105.10 -25.98
C ALA L 987 -67.69 -104.92 -24.49
N LEU L 988 -68.91 -104.48 -24.13
CA LEU L 988 -69.25 -104.24 -22.72
C LEU L 988 -69.30 -105.58 -21.95
N MET L 989 -69.97 -106.61 -22.46
CA MET L 989 -69.95 -107.95 -21.80
C MET L 989 -68.51 -108.47 -21.72
N ASP L 990 -67.83 -108.58 -22.88
CA ASP L 990 -66.45 -109.12 -23.10
C ASP L 990 -65.50 -108.57 -22.03
N PHE L 991 -65.73 -107.32 -21.64
CA PHE L 991 -64.91 -106.57 -20.69
C PHE L 991 -65.35 -106.89 -19.28
N HIS L 992 -66.64 -106.72 -19.00
CA HIS L 992 -67.23 -106.97 -17.67
C HIS L 992 -66.96 -108.39 -17.23
N GLN L 993 -67.16 -109.34 -18.14
CA GLN L 993 -66.96 -110.77 -17.82
C GLN L 993 -65.56 -111.20 -18.27
N SER L 994 -64.59 -110.29 -18.30
CA SER L 994 -63.15 -110.54 -18.60
C SER L 994 -62.31 -110.45 -17.33
N SER L 995 -61.02 -110.71 -17.49
CA SER L 995 -59.97 -110.60 -16.43
C SER L 995 -59.79 -109.13 -16.03
N ARG L 996 -59.94 -108.21 -16.98
CA ARG L 996 -59.44 -106.82 -16.85
C ARG L 996 -60.19 -106.07 -15.76
N SER L 997 -61.47 -106.41 -15.56
CA SER L 997 -62.44 -105.82 -14.61
C SER L 997 -62.03 -106.01 -13.14
N TYR L 998 -61.16 -106.99 -12.88
CA TYR L 998 -60.77 -107.43 -11.52
C TYR L 998 -59.82 -106.39 -10.90
N ASP L 999 -60.09 -106.00 -9.64
CA ASP L 999 -59.57 -104.77 -8.96
C ASP L 999 -58.57 -105.13 -7.85
N HIS L 1000 -57.27 -105.24 -8.13
CA HIS L 1000 -56.25 -105.62 -7.10
C HIS L 1000 -56.07 -104.50 -6.08
N SER L 1001 -55.20 -104.72 -5.09
CA SER L 1001 -54.70 -103.68 -4.14
C SER L 1001 -53.16 -103.54 -4.20
N GLU L 1002 -52.44 -104.45 -4.87
CA GLU L 1002 -50.96 -104.62 -4.78
C GLU L 1002 -50.59 -105.92 -5.53
N ASN L 1003 -49.29 -106.29 -5.60
CA ASN L 1003 -48.84 -107.68 -5.90
C ASN L 1003 -49.41 -108.59 -4.78
N SER L 1004 -50.73 -108.73 -4.69
CA SER L 1004 -51.46 -109.52 -3.67
C SER L 1004 -52.24 -110.70 -4.31
N ASP L 1005 -52.46 -110.60 -5.64
CA ASP L 1005 -53.36 -111.39 -6.52
C ASP L 1005 -54.83 -111.30 -6.06
N LEU L 1006 -55.14 -110.44 -5.10
CA LEU L 1006 -56.48 -110.40 -4.47
C LEU L 1006 -57.33 -109.52 -5.37
N VAL L 1007 -58.29 -110.16 -6.05
CA VAL L 1007 -59.15 -109.54 -7.09
C VAL L 1007 -60.04 -108.47 -6.45
N PHE L 1008 -60.39 -108.62 -5.16
CA PHE L 1008 -60.76 -107.51 -4.23
C PHE L 1008 -61.84 -106.63 -4.88
N GLY L 1009 -63.02 -107.20 -5.08
CA GLY L 1009 -64.16 -106.50 -5.71
C GLY L 1009 -63.97 -106.30 -7.19
N GLY L 1010 -64.62 -105.24 -7.69
CA GLY L 1010 -64.91 -105.03 -9.12
C GLY L 1010 -64.91 -103.59 -9.51
N ARG L 1011 -63.83 -103.14 -10.16
CA ARG L 1011 -63.77 -101.75 -10.66
C ARG L 1011 -64.87 -101.62 -11.71
N THR L 1012 -65.18 -100.38 -12.05
CA THR L 1012 -66.34 -99.97 -12.88
C THR L 1012 -65.71 -99.54 -14.22
N GLY L 1013 -64.97 -98.43 -14.32
CA GLY L 1013 -64.29 -98.06 -15.58
C GLY L 1013 -65.10 -97.04 -16.35
N ASN L 1014 -66.33 -97.37 -16.81
CA ASN L 1014 -67.08 -96.54 -17.80
C ASN L 1014 -68.61 -96.70 -17.72
N GLU L 1015 -69.28 -95.59 -17.49
CA GLU L 1015 -70.73 -95.38 -17.72
C GLU L 1015 -70.95 -94.31 -18.79
N ASP L 1016 -69.96 -93.43 -19.04
CA ASP L 1016 -69.86 -92.53 -20.24
C ASP L 1016 -70.43 -93.26 -21.46
N ILE L 1017 -69.83 -94.41 -21.72
CA ILE L 1017 -70.14 -95.23 -22.91
C ILE L 1017 -71.57 -95.76 -22.81
N ILE L 1018 -72.04 -96.01 -21.61
CA ILE L 1018 -73.44 -96.47 -21.49
C ILE L 1018 -74.37 -95.27 -21.73
N SER L 1019 -73.96 -94.00 -21.55
CA SER L 1019 -74.80 -92.82 -21.96
C SER L 1019 -74.64 -92.47 -23.47
N ARG L 1020 -73.54 -92.87 -24.15
CA ARG L 1020 -73.47 -92.80 -25.66
C ARG L 1020 -74.43 -93.82 -26.26
N LEU L 1021 -74.56 -94.98 -25.64
CA LEU L 1021 -75.58 -95.99 -26.03
C LEU L 1021 -77.03 -95.46 -25.90
N GLN L 1022 -77.39 -94.82 -24.77
CA GLN L 1022 -78.70 -94.15 -24.50
C GLN L 1022 -79.08 -93.23 -25.64
N GLU L 1023 -78.11 -92.52 -26.24
CA GLU L 1023 -78.30 -91.81 -27.55
C GLU L 1023 -79.11 -92.71 -28.53
N MET L 1024 -78.38 -93.71 -29.02
CA MET L 1024 -78.62 -94.32 -30.34
C MET L 1024 -79.83 -95.23 -30.18
N VAL L 1025 -80.09 -95.67 -28.95
CA VAL L 1025 -81.33 -96.43 -28.65
C VAL L 1025 -82.53 -95.53 -28.98
N ALA L 1026 -82.60 -94.36 -28.33
CA ALA L 1026 -83.74 -93.46 -28.55
C ALA L 1026 -83.76 -93.04 -30.04
N ASP L 1027 -82.59 -92.86 -30.73
CA ASP L 1027 -82.50 -92.56 -32.21
C ASP L 1027 -83.26 -93.60 -33.06
N LEU L 1028 -82.80 -94.85 -32.99
CA LEU L 1028 -83.36 -95.96 -33.77
C LEU L 1028 -84.83 -96.17 -33.41
N GLU L 1029 -85.21 -95.93 -32.15
CA GLU L 1029 -86.60 -96.13 -31.63
C GLU L 1029 -87.56 -95.21 -32.37
N LEU L 1030 -87.22 -93.92 -32.42
CA LEU L 1030 -88.02 -92.90 -33.12
C LEU L 1030 -88.01 -93.19 -34.64
N GLN L 1031 -86.87 -93.60 -35.21
CA GLN L 1031 -86.75 -93.83 -36.68
C GLN L 1031 -87.69 -94.99 -37.08
N GLN L 1032 -87.80 -96.04 -36.27
CA GLN L 1032 -88.70 -97.22 -36.51
C GLN L 1032 -90.19 -96.80 -36.51
N ASP L 1033 -90.61 -95.86 -35.64
CA ASP L 1033 -92.04 -95.56 -35.36
C ASP L 1033 -92.63 -94.69 -36.47
N SER L 1043 -94.00 -103.11 -35.60
CA SER L 1043 -94.27 -104.53 -35.98
C SER L 1043 -93.00 -105.38 -35.84
N GLN L 1044 -91.90 -104.90 -36.45
CA GLN L 1044 -90.56 -105.54 -36.37
C GLN L 1044 -90.00 -105.35 -34.95
N GLU L 1045 -88.99 -106.17 -34.63
CA GLU L 1045 -88.49 -106.38 -33.26
C GLU L 1045 -86.99 -106.05 -33.22
N HIS L 1046 -86.41 -106.14 -32.01
CA HIS L 1046 -85.08 -105.58 -31.68
C HIS L 1046 -83.97 -106.60 -31.91
N PHE L 1047 -82.77 -106.08 -32.12
CA PHE L 1047 -81.49 -106.85 -32.18
C PHE L 1047 -80.95 -107.18 -30.79
N LEU L 1048 -81.36 -106.41 -29.77
CA LEU L 1048 -80.93 -106.59 -28.36
C LEU L 1048 -81.05 -108.04 -27.96
N PHE L 1049 -82.26 -108.57 -28.15
CA PHE L 1049 -82.68 -109.85 -27.56
C PHE L 1049 -81.98 -110.97 -28.36
N GLU L 1050 -81.65 -110.76 -29.65
CA GLU L 1050 -80.75 -111.63 -30.47
C GLU L 1050 -79.37 -111.71 -29.82
N ILE L 1051 -78.79 -110.54 -29.54
CA ILE L 1051 -77.45 -110.42 -28.88
C ILE L 1051 -77.51 -111.17 -27.54
N PHE L 1052 -78.55 -110.91 -26.71
CA PHE L 1052 -78.74 -111.53 -25.36
C PHE L 1052 -78.72 -113.05 -25.49
N ARG L 1053 -79.52 -113.55 -26.43
CA ARG L 1053 -79.65 -115.00 -26.66
C ARG L 1053 -78.28 -115.57 -27.10
N ARG L 1054 -77.52 -114.89 -27.97
CA ARG L 1054 -76.19 -115.39 -28.44
C ARG L 1054 -75.23 -115.56 -27.29
N ARG L 1055 -75.19 -114.59 -26.38
CA ARG L 1055 -74.23 -114.63 -25.25
C ARG L 1055 -74.66 -115.70 -24.24
N LEU L 1056 -75.95 -115.73 -23.85
CA LEU L 1056 -76.53 -116.78 -22.96
C LEU L 1056 -76.33 -118.20 -23.52
N GLN L 1057 -76.29 -118.35 -24.85
CA GLN L 1057 -76.07 -119.63 -25.59
C GLN L 1057 -74.58 -120.00 -25.57
N ALA L 1058 -73.69 -119.04 -25.90
CA ALA L 1058 -72.20 -119.18 -26.03
C ALA L 1058 -71.52 -119.48 -24.69
N LEU L 1059 -72.15 -119.13 -23.57
CA LEU L 1059 -71.76 -119.60 -22.21
C LEU L 1059 -71.85 -121.13 -22.16
N THR L 1060 -71.27 -121.72 -21.12
CA THR L 1060 -71.45 -123.15 -20.76
C THR L 1060 -72.90 -123.33 -20.26
N SER L 1061 -73.46 -124.52 -20.49
CA SER L 1061 -74.76 -124.98 -19.91
C SER L 1061 -74.54 -125.72 -18.57
N GLY L 1062 -73.35 -125.62 -17.96
CA GLY L 1062 -72.96 -126.36 -16.74
C GLY L 1062 -73.58 -125.81 -15.47
N TRP L 1063 -73.49 -126.62 -14.41
CA TRP L 1063 -73.90 -126.34 -13.01
C TRP L 1063 -72.75 -125.94 -12.12
N SER L 1064 -71.54 -126.12 -12.65
CA SER L 1064 -70.28 -125.50 -12.19
C SER L 1064 -70.60 -124.08 -11.72
N VAL L 1065 -70.14 -123.75 -10.51
CA VAL L 1065 -70.41 -122.46 -9.84
C VAL L 1065 -69.83 -121.30 -10.70
N ALA L 1066 -68.69 -121.48 -11.42
CA ALA L 1066 -68.07 -120.51 -12.37
C ALA L 1066 -69.07 -120.08 -13.45
N ALA L 1067 -69.63 -121.04 -14.18
CA ALA L 1067 -70.67 -120.85 -15.24
C ALA L 1067 -71.94 -120.17 -14.70
N SER L 1068 -72.52 -120.68 -13.59
CA SER L 1068 -73.73 -120.11 -12.94
C SER L 1068 -73.51 -118.62 -12.61
N LEU L 1069 -72.45 -118.30 -11.87
CA LEU L 1069 -72.15 -116.90 -11.48
C LEU L 1069 -71.75 -116.03 -12.67
N GLN L 1070 -71.10 -116.59 -13.70
CA GLN L 1070 -70.83 -115.88 -14.96
C GLN L 1070 -72.13 -115.46 -15.64
N ARG L 1071 -73.07 -116.40 -15.81
CA ARG L 1071 -74.44 -116.14 -16.32
C ARG L 1071 -75.15 -115.05 -15.47
N GLN L 1072 -75.13 -115.19 -14.14
CA GLN L 1072 -75.73 -114.24 -13.18
C GLN L 1072 -75.23 -112.83 -13.45
N ARG L 1073 -73.92 -112.69 -13.50
CA ARG L 1073 -73.25 -111.42 -13.82
C ARG L 1073 -73.75 -110.90 -15.15
N GLU L 1074 -73.82 -111.74 -16.17
CA GLU L 1074 -74.26 -111.26 -17.50
C GLU L 1074 -75.71 -110.74 -17.43
N LEU L 1075 -76.60 -111.35 -16.66
CA LEU L 1075 -77.99 -110.82 -16.56
C LEU L 1075 -78.09 -109.57 -15.72
N LEU L 1076 -77.19 -109.37 -14.76
CA LEU L 1076 -77.14 -108.11 -14.00
C LEU L 1076 -76.52 -106.98 -14.83
N MET L 1077 -75.78 -107.32 -15.89
CA MET L 1077 -75.33 -106.38 -16.96
C MET L 1077 -76.53 -105.98 -17.83
N TYR L 1078 -77.39 -106.96 -18.14
CA TYR L 1078 -78.60 -106.78 -18.99
C TYR L 1078 -79.53 -105.81 -18.28
N LYS L 1079 -79.97 -106.20 -17.08
CA LYS L 1079 -80.80 -105.35 -16.19
C LYS L 1079 -80.30 -103.92 -16.22
N ARG L 1080 -78.99 -103.72 -16.00
CA ARG L 1080 -78.36 -102.38 -16.08
C ARG L 1080 -78.68 -101.71 -17.42
N ILE L 1081 -78.29 -102.31 -18.53
CA ILE L 1081 -78.31 -101.58 -19.82
C ILE L 1081 -79.77 -101.22 -20.15
N LEU L 1082 -80.75 -102.06 -19.77
CA LEU L 1082 -82.20 -101.82 -20.04
C LEU L 1082 -82.80 -100.69 -19.18
N LEU L 1083 -82.69 -100.71 -17.84
CA LEU L 1083 -83.17 -99.59 -17.00
C LEU L 1083 -82.73 -98.26 -17.61
N ARG L 1084 -81.47 -98.20 -18.04
CA ARG L 1084 -80.85 -96.97 -18.56
C ARG L 1084 -81.42 -96.58 -19.92
N LEU L 1085 -81.85 -97.55 -20.72
CA LEU L 1085 -82.39 -97.27 -22.08
C LEU L 1085 -83.88 -97.02 -21.98
N PRO L 1086 -84.50 -96.31 -22.97
CA PRO L 1086 -85.93 -96.03 -22.89
C PRO L 1086 -86.77 -97.30 -22.65
N SER L 1087 -87.86 -97.16 -21.87
CA SER L 1087 -88.89 -98.19 -21.57
C SER L 1087 -89.60 -98.70 -22.83
N SER L 1088 -89.42 -98.03 -23.99
CA SER L 1088 -90.09 -98.27 -25.29
C SER L 1088 -89.26 -99.14 -26.26
N VAL L 1089 -88.05 -99.59 -25.87
CA VAL L 1089 -87.37 -100.78 -26.49
C VAL L 1089 -88.21 -102.04 -26.25
N LEU L 1090 -88.88 -102.10 -25.08
CA LEU L 1090 -89.58 -103.29 -24.54
C LEU L 1090 -90.95 -103.43 -25.21
N CYS L 1091 -91.80 -102.41 -25.09
CA CYS L 1091 -93.22 -102.36 -25.54
C CYS L 1091 -93.38 -101.52 -26.82
N GLY L 1092 -92.32 -101.38 -27.64
CA GLY L 1092 -92.31 -100.58 -28.88
C GLY L 1092 -92.87 -99.20 -28.66
N SER L 1093 -93.55 -98.67 -29.67
CA SER L 1093 -94.29 -97.39 -29.58
C SER L 1093 -95.48 -97.45 -30.53
N SER L 1094 -96.65 -97.00 -30.08
CA SER L 1094 -97.87 -96.88 -30.92
C SER L 1094 -98.19 -98.26 -31.52
N PHE L 1095 -98.62 -99.18 -30.64
CA PHE L 1095 -99.32 -100.45 -30.98
C PHE L 1095 -100.45 -100.15 -31.97
N GLN L 1096 -100.35 -100.63 -33.22
CA GLN L 1096 -101.22 -100.17 -34.35
C GLN L 1096 -102.67 -100.63 -34.15
N ALA L 1097 -102.92 -101.95 -34.06
CA ALA L 1097 -104.25 -102.55 -33.84
C ALA L 1097 -104.07 -103.84 -33.04
N GLU L 1098 -105.16 -104.59 -32.81
CA GLU L 1098 -105.16 -105.92 -32.15
C GLU L 1098 -104.40 -106.96 -32.99
N GLN L 1099 -104.30 -106.78 -34.32
CA GLN L 1099 -103.57 -107.70 -35.25
C GLN L 1099 -102.06 -107.53 -35.08
N PRO L 1100 -101.45 -106.35 -35.37
CA PRO L 1100 -100.03 -106.12 -35.07
C PRO L 1100 -99.77 -105.82 -33.57
N ILE L 1101 -100.02 -106.83 -32.71
CA ILE L 1101 -99.95 -106.77 -31.21
C ILE L 1101 -98.92 -107.80 -30.69
N THR L 1102 -98.38 -107.54 -29.50
CA THR L 1102 -97.45 -108.44 -28.73
C THR L 1102 -96.24 -108.78 -29.63
N ALA L 1103 -95.62 -107.76 -30.22
CA ALA L 1103 -94.33 -107.83 -30.96
C ALA L 1103 -93.24 -107.32 -30.03
N ARG L 1104 -92.24 -108.14 -29.75
CA ARG L 1104 -91.03 -107.75 -29.00
C ARG L 1104 -91.28 -107.94 -27.49
N CYS L 1105 -92.50 -107.68 -27.01
CA CYS L 1105 -92.93 -108.08 -25.64
C CYS L 1105 -92.74 -109.59 -25.50
N GLU L 1106 -93.06 -110.34 -26.56
CA GLU L 1106 -92.78 -111.79 -26.67
C GLU L 1106 -91.28 -112.06 -26.41
N GLN L 1107 -90.41 -111.30 -27.08
CA GLN L 1107 -88.93 -111.42 -26.91
C GLN L 1107 -88.56 -111.22 -25.44
N PHE L 1108 -89.07 -110.13 -24.87
CA PHE L 1108 -88.90 -109.79 -23.45
C PHE L 1108 -89.32 -111.00 -22.61
N PHE L 1109 -90.56 -111.50 -22.78
CA PHE L 1109 -91.15 -112.56 -21.93
C PHE L 1109 -90.29 -113.83 -21.99
N HIS L 1110 -89.76 -114.19 -23.18
CA HIS L 1110 -88.79 -115.30 -23.38
C HIS L 1110 -87.58 -115.04 -22.49
N LEU L 1111 -86.97 -113.84 -22.63
CA LEU L 1111 -85.76 -113.41 -21.84
C LEU L 1111 -86.09 -113.47 -20.35
N VAL L 1112 -87.32 -113.13 -19.94
CA VAL L 1112 -87.71 -113.16 -18.50
C VAL L 1112 -87.72 -114.61 -18.04
N ASN L 1113 -88.63 -115.42 -18.62
CA ASN L 1113 -88.95 -116.78 -18.09
C ASN L 1113 -87.69 -117.65 -18.14
N SER L 1114 -87.00 -117.68 -19.29
CA SER L 1114 -85.80 -118.55 -19.51
C SER L 1114 -84.72 -118.25 -18.46
N GLU L 1115 -84.46 -116.97 -18.19
CA GLU L 1115 -83.22 -116.52 -17.51
C GLU L 1115 -83.55 -115.67 -16.27
N MET L 1116 -84.13 -114.48 -16.44
CA MET L 1116 -84.17 -113.41 -15.40
C MET L 1116 -84.98 -113.84 -14.19
N ARG L 1117 -85.88 -114.80 -14.36
CA ARG L 1117 -86.51 -115.59 -13.29
C ARG L 1117 -85.44 -116.32 -12.45
N ASN L 1118 -84.47 -116.97 -13.10
CA ASN L 1118 -83.32 -117.68 -12.47
C ASN L 1118 -82.52 -116.72 -11.57
N PHE L 1119 -82.07 -115.58 -12.11
CA PHE L 1119 -80.97 -114.72 -11.58
C PHE L 1119 -81.45 -113.39 -10.95
N CYS L 1120 -82.08 -112.45 -11.68
CA CYS L 1120 -82.44 -111.06 -11.23
C CYS L 1120 -83.62 -110.98 -10.23
N SER L 1121 -84.18 -112.12 -9.83
CA SER L 1121 -85.39 -112.25 -8.97
C SER L 1121 -85.06 -112.02 -7.50
N HIS L 1122 -86.12 -112.00 -6.70
CA HIS L 1122 -86.15 -112.52 -5.31
C HIS L 1122 -87.62 -112.75 -4.86
N GLY L 1123 -87.87 -113.86 -4.15
CA GLY L 1123 -89.05 -114.15 -3.29
C GLY L 1123 -90.26 -114.63 -4.07
N GLY L 1124 -90.03 -115.35 -5.18
CA GLY L 1124 -91.05 -115.66 -6.22
C GLY L 1124 -91.44 -114.44 -7.05
N ALA L 1125 -90.57 -113.41 -7.15
CA ALA L 1125 -90.82 -112.09 -7.79
C ALA L 1125 -89.55 -111.46 -8.33
N LEU L 1126 -89.75 -110.41 -9.14
CA LEU L 1126 -88.69 -109.70 -9.90
C LEU L 1126 -88.17 -108.50 -9.08
N THR L 1127 -87.42 -107.60 -9.72
CA THR L 1127 -86.88 -106.30 -9.22
C THR L 1127 -87.94 -105.19 -9.31
N GLN L 1128 -87.98 -104.28 -8.33
CA GLN L 1128 -88.79 -103.02 -8.35
C GLN L 1128 -88.55 -102.27 -9.66
N ASP L 1129 -87.27 -102.02 -9.94
CA ASP L 1129 -86.70 -101.32 -11.12
C ASP L 1129 -87.35 -101.78 -12.44
N ILE L 1130 -87.25 -103.07 -12.75
CA ILE L 1130 -87.69 -103.64 -14.06
C ILE L 1130 -89.22 -103.55 -14.14
N THR L 1131 -89.93 -103.82 -13.04
CA THR L 1131 -91.40 -103.70 -12.95
C THR L 1131 -91.82 -102.30 -13.41
N ALA L 1132 -91.24 -101.29 -12.78
CA ALA L 1132 -91.55 -99.87 -13.09
C ALA L 1132 -91.14 -99.54 -14.54
N HIS L 1133 -89.92 -99.90 -14.94
CA HIS L 1133 -89.36 -99.57 -16.28
C HIS L 1133 -90.10 -100.30 -17.40
N PHE L 1134 -90.83 -101.37 -17.08
CA PHE L 1134 -91.76 -102.09 -18.00
C PHE L 1134 -93.11 -101.33 -18.11
N PHE L 1135 -93.73 -101.05 -16.97
CA PHE L 1135 -95.11 -100.48 -16.92
C PHE L 1135 -95.11 -99.08 -17.52
N ARG L 1136 -94.00 -98.35 -17.37
CA ARG L 1136 -93.70 -97.10 -18.11
C ARG L 1136 -94.03 -97.23 -19.61
N GLY L 1137 -93.30 -98.10 -20.32
CA GLY L 1137 -93.33 -98.22 -21.79
C GLY L 1137 -94.65 -98.80 -22.27
N LEU L 1138 -95.25 -99.69 -21.46
CA LEU L 1138 -96.62 -100.26 -21.66
C LEU L 1138 -97.63 -99.11 -21.73
N LEU L 1139 -97.71 -98.31 -20.66
CA LEU L 1139 -98.73 -97.24 -20.57
C LEU L 1139 -98.41 -96.13 -21.58
N ASN L 1140 -97.13 -95.89 -21.93
CA ASN L 1140 -96.72 -94.94 -23.02
C ASN L 1140 -97.29 -95.37 -24.38
N ALA L 1141 -96.95 -96.55 -24.87
CA ALA L 1141 -97.44 -97.03 -26.18
C ALA L 1141 -98.97 -97.25 -26.17
N CYS L 1142 -99.62 -97.52 -25.02
CA CYS L 1142 -101.09 -97.82 -24.91
C CYS L 1142 -101.97 -96.56 -24.81
N LEU L 1143 -101.67 -95.63 -23.91
CA LEU L 1143 -102.34 -94.29 -23.84
C LEU L 1143 -102.07 -93.52 -25.14
N ARG L 1144 -100.85 -93.59 -25.68
CA ARG L 1144 -100.51 -92.92 -26.96
C ARG L 1144 -101.33 -93.54 -28.10
N SER L 1145 -101.56 -94.85 -28.07
CA SER L 1145 -102.49 -95.55 -28.99
C SER L 1145 -103.94 -95.35 -28.55
N ARG L 1146 -104.87 -95.82 -29.37
CA ARG L 1146 -106.33 -95.74 -29.13
C ARG L 1146 -106.78 -97.03 -28.45
N ASP L 1147 -107.90 -96.97 -27.73
CA ASP L 1147 -108.40 -98.06 -26.87
C ASP L 1147 -107.29 -98.38 -25.88
N PRO L 1148 -106.89 -97.38 -25.04
CA PRO L 1148 -105.84 -97.63 -24.06
C PRO L 1148 -106.24 -98.72 -23.07
N SER L 1149 -107.37 -98.54 -22.35
CA SER L 1149 -107.87 -99.44 -21.27
C SER L 1149 -108.00 -100.88 -21.80
N LEU L 1150 -108.58 -101.01 -22.99
CA LEU L 1150 -108.94 -102.33 -23.60
C LEU L 1150 -107.67 -103.07 -24.01
N MET L 1151 -106.71 -102.39 -24.65
CA MET L 1151 -105.43 -103.00 -25.08
C MET L 1151 -104.57 -103.36 -23.85
N VAL L 1152 -104.56 -102.50 -22.82
CA VAL L 1152 -103.87 -102.78 -21.52
C VAL L 1152 -104.43 -104.08 -20.94
N ASP L 1153 -105.76 -104.19 -20.81
CA ASP L 1153 -106.44 -105.40 -20.26
C ASP L 1153 -106.13 -106.63 -21.13
N PHE L 1154 -106.06 -106.45 -22.45
CA PHE L 1154 -105.67 -107.48 -23.45
C PHE L 1154 -104.25 -108.03 -23.12
N ILE L 1155 -103.22 -107.16 -23.00
CA ILE L 1155 -101.78 -107.56 -22.77
C ILE L 1155 -101.64 -108.17 -21.36
N LEU L 1156 -102.28 -107.60 -20.32
CA LEU L 1156 -102.20 -108.12 -18.92
C LEU L 1156 -103.06 -109.38 -18.74
N ALA L 1157 -103.95 -109.70 -19.69
CA ALA L 1157 -104.64 -111.01 -19.74
C ALA L 1157 -103.73 -112.03 -20.46
N LYS L 1158 -102.96 -111.61 -21.49
CA LYS L 1158 -101.86 -112.41 -22.13
C LYS L 1158 -100.87 -112.86 -21.05
N CYS L 1159 -100.55 -111.96 -20.13
CA CYS L 1159 -99.48 -112.15 -19.11
C CYS L 1159 -99.90 -113.20 -18.06
N GLN L 1160 -101.21 -113.36 -17.80
CA GLN L 1160 -101.71 -114.45 -16.92
C GLN L 1160 -101.26 -115.81 -17.47
N THR L 1161 -101.03 -115.95 -18.79
CA THR L 1161 -100.51 -117.17 -19.47
C THR L 1161 -98.99 -117.12 -19.75
N LYS L 1162 -98.43 -115.98 -20.22
CA LYS L 1162 -97.11 -115.90 -20.95
C LYS L 1162 -95.92 -115.61 -20.01
N CYS L 1163 -96.02 -114.56 -19.18
CA CYS L 1163 -94.98 -114.14 -18.18
C CYS L 1163 -95.64 -113.70 -16.87
N PRO L 1164 -96.18 -114.63 -16.04
CA PRO L 1164 -96.96 -114.27 -14.84
C PRO L 1164 -96.14 -113.62 -13.71
N LEU L 1165 -94.82 -113.75 -13.81
CA LEU L 1165 -93.80 -113.08 -12.95
C LEU L 1165 -94.06 -111.57 -12.90
N ILE L 1166 -94.40 -110.94 -14.02
CA ILE L 1166 -94.70 -109.47 -14.09
C ILE L 1166 -95.89 -109.17 -13.17
N LEU L 1167 -96.94 -109.99 -13.22
CA LEU L 1167 -98.15 -109.80 -12.36
C LEU L 1167 -97.80 -110.03 -10.90
N THR L 1168 -97.00 -111.07 -10.61
CA THR L 1168 -96.52 -111.42 -9.26
C THR L 1168 -95.69 -110.26 -8.71
N SER L 1169 -94.79 -109.70 -9.52
CA SER L 1169 -93.93 -108.53 -9.17
C SER L 1169 -94.80 -107.29 -8.93
N ALA L 1170 -95.84 -107.09 -9.75
CA ALA L 1170 -96.83 -106.02 -9.57
C ALA L 1170 -97.51 -106.17 -8.21
N LEU L 1171 -97.81 -107.41 -7.78
CA LEU L 1171 -98.40 -107.72 -6.44
C LEU L 1171 -97.50 -107.17 -5.34
N VAL L 1172 -96.19 -107.33 -5.48
CA VAL L 1172 -95.17 -106.93 -4.46
C VAL L 1172 -94.95 -105.41 -4.52
N TRP L 1173 -94.77 -104.86 -5.74
CA TRP L 1173 -94.37 -103.44 -5.97
C TRP L 1173 -95.58 -102.48 -6.17
N TRP L 1174 -96.81 -102.93 -5.86
CA TRP L 1174 -98.04 -102.14 -6.13
C TRP L 1174 -98.02 -100.76 -5.47
N PRO L 1175 -97.62 -100.64 -4.19
CA PRO L 1175 -97.52 -99.33 -3.54
C PRO L 1175 -96.66 -98.30 -4.29
N SER L 1176 -95.63 -98.73 -5.04
CA SER L 1176 -94.67 -97.85 -5.75
C SER L 1176 -95.19 -97.42 -7.12
N LEU L 1177 -95.91 -98.29 -7.81
CA LEU L 1177 -96.33 -98.06 -9.22
C LEU L 1177 -97.58 -97.20 -9.27
N GLU L 1178 -98.60 -97.61 -8.50
CA GLU L 1178 -99.95 -96.99 -8.39
C GLU L 1178 -99.88 -95.47 -8.52
N PRO L 1179 -99.06 -94.74 -7.72
CA PRO L 1179 -98.91 -93.30 -7.90
C PRO L 1179 -98.52 -92.88 -9.33
N VAL L 1180 -97.47 -93.51 -9.87
CA VAL L 1180 -96.88 -93.18 -11.21
C VAL L 1180 -97.92 -93.54 -12.28
N LEU L 1181 -98.53 -94.73 -12.19
CA LEU L 1181 -99.66 -95.21 -13.06
C LEU L 1181 -100.78 -94.15 -13.10
N LEU L 1182 -101.30 -93.76 -11.93
CA LEU L 1182 -102.45 -92.82 -11.78
C LEU L 1182 -102.12 -91.47 -12.43
N CYS L 1183 -100.92 -90.94 -12.14
CA CYS L 1183 -100.35 -89.69 -12.71
C CYS L 1183 -100.45 -89.68 -14.24
N ARG L 1184 -99.75 -90.63 -14.87
CA ARG L 1184 -99.53 -90.69 -16.34
C ARG L 1184 -100.85 -90.98 -17.05
N TRP L 1185 -101.76 -91.66 -16.34
CA TRP L 1185 -103.12 -92.03 -16.81
C TRP L 1185 -104.00 -90.79 -16.85
N ARG L 1186 -104.20 -90.18 -15.69
CA ARG L 1186 -105.08 -89.00 -15.52
C ARG L 1186 -104.59 -87.84 -16.37
N ARG L 1187 -103.27 -87.61 -16.48
CA ARG L 1187 -102.70 -86.51 -17.31
C ARG L 1187 -103.36 -86.51 -18.70
N HIS L 1188 -103.48 -87.68 -19.33
CA HIS L 1188 -103.79 -87.81 -20.78
C HIS L 1188 -105.24 -88.20 -21.00
N CYS L 1189 -105.77 -89.13 -20.21
CA CYS L 1189 -107.13 -89.69 -20.37
C CYS L 1189 -107.83 -89.79 -19.01
N GLN L 1190 -109.02 -89.20 -18.91
CA GLN L 1190 -109.82 -89.08 -17.65
C GLN L 1190 -110.73 -90.29 -17.44
N SER L 1191 -110.64 -91.34 -18.28
CA SER L 1191 -111.22 -92.67 -17.99
C SER L 1191 -110.65 -93.19 -16.67
N PRO L 1192 -111.36 -94.10 -15.95
CA PRO L 1192 -110.77 -94.77 -14.79
C PRO L 1192 -109.78 -95.86 -15.24
N LEU L 1193 -109.04 -96.46 -14.28
CA LEU L 1193 -107.95 -97.41 -14.60
C LEU L 1193 -108.56 -98.67 -15.21
N PRO L 1194 -107.91 -99.33 -16.20
CA PRO L 1194 -108.42 -100.58 -16.75
C PRO L 1194 -108.55 -101.67 -15.68
N ARG L 1195 -109.37 -102.67 -15.98
CA ARG L 1195 -109.92 -103.62 -14.99
C ARG L 1195 -108.83 -104.54 -14.45
N GLU L 1196 -107.78 -104.85 -15.23
CA GLU L 1196 -106.68 -105.73 -14.77
C GLU L 1196 -105.88 -105.03 -13.66
N LEU L 1197 -105.60 -103.73 -13.80
CA LEU L 1197 -104.90 -102.94 -12.74
C LEU L 1197 -105.83 -102.80 -11.51
N GLN L 1198 -107.13 -102.66 -11.74
CA GLN L 1198 -108.15 -102.71 -10.66
C GLN L 1198 -108.09 -104.07 -9.96
N LYS L 1199 -107.89 -105.16 -10.71
CA LYS L 1199 -107.79 -106.54 -10.15
C LYS L 1199 -106.57 -106.66 -9.26
N LEU L 1200 -105.45 -106.01 -9.59
CA LEU L 1200 -104.22 -106.04 -8.76
C LEU L 1200 -104.54 -105.45 -7.39
N GLN L 1201 -105.11 -104.25 -7.38
CA GLN L 1201 -105.58 -103.57 -6.15
C GLN L 1201 -106.58 -104.47 -5.44
N GLU L 1202 -107.46 -105.15 -6.18
CA GLU L 1202 -108.52 -106.02 -5.59
C GLU L 1202 -107.87 -107.20 -4.83
N GLY L 1203 -106.87 -107.86 -5.44
CA GLY L 1203 -106.10 -108.93 -4.79
C GLY L 1203 -105.40 -108.43 -3.54
N ARG L 1204 -104.76 -107.24 -3.62
CA ARG L 1204 -104.12 -106.52 -2.48
C ARG L 1204 -105.12 -106.41 -1.33
N GLN L 1205 -106.31 -105.86 -1.65
CA GLN L 1205 -107.40 -105.57 -0.68
C GLN L 1205 -107.86 -106.88 -0.06
N PHE L 1206 -108.10 -107.90 -0.89
CA PHE L 1206 -108.50 -109.27 -0.48
C PHE L 1206 -107.53 -109.80 0.57
N ALA L 1207 -106.24 -109.72 0.27
CA ALA L 1207 -105.17 -110.23 1.15
C ALA L 1207 -105.20 -109.48 2.48
N SER L 1208 -105.29 -108.15 2.45
CA SER L 1208 -105.30 -107.31 3.68
C SER L 1208 -106.56 -107.60 4.52
N ASP L 1209 -107.72 -107.84 3.87
CA ASP L 1209 -108.99 -108.16 4.57
C ASP L 1209 -108.92 -109.56 5.17
N PHE L 1210 -108.38 -110.52 4.42
CA PHE L 1210 -108.06 -111.89 4.86
C PHE L 1210 -107.29 -111.79 6.18
N LEU L 1211 -106.15 -111.10 6.14
CA LEU L 1211 -105.22 -110.93 7.30
C LEU L 1211 -105.73 -109.76 8.15
N SER L 1212 -106.91 -109.94 8.75
CA SER L 1212 -107.61 -108.95 9.60
C SER L 1212 -108.75 -109.68 10.32
N PRO L 1213 -109.39 -109.07 11.35
CA PRO L 1213 -110.68 -109.56 11.84
C PRO L 1213 -111.70 -109.66 10.70
N GLU L 1214 -112.32 -110.83 10.51
CA GLU L 1214 -113.08 -111.21 9.29
C GLU L 1214 -114.32 -110.31 9.16
N ALA L 1215 -114.17 -109.19 8.44
CA ALA L 1215 -115.26 -108.27 8.04
C ALA L 1215 -115.92 -108.81 6.77
N ALA L 1216 -115.14 -109.46 5.89
CA ALA L 1216 -115.61 -110.01 4.59
C ALA L 1216 -114.85 -111.29 4.22
N SER L 1217 -115.48 -112.14 3.41
CA SER L 1217 -114.88 -113.36 2.80
C SER L 1217 -115.04 -113.34 1.28
N PRO L 1218 -114.42 -112.39 0.53
CA PRO L 1218 -114.48 -112.41 -0.93
C PRO L 1218 -113.49 -113.41 -1.52
N ALA L 1219 -113.73 -113.80 -2.77
CA ALA L 1219 -112.96 -114.79 -3.54
C ALA L 1219 -112.52 -114.17 -4.87
N PRO L 1220 -111.26 -113.65 -5.01
CA PRO L 1220 -110.79 -113.15 -6.30
C PRO L 1220 -110.44 -114.29 -7.27
N ASN L 1221 -110.63 -114.06 -8.57
CA ASN L 1221 -110.87 -115.14 -9.57
C ASN L 1221 -109.59 -115.86 -9.95
N PRO L 1222 -108.50 -115.17 -10.41
CA PRO L 1222 -107.26 -115.87 -10.73
C PRO L 1222 -106.58 -116.29 -9.40
N ASP L 1223 -106.63 -117.59 -9.12
CA ASP L 1223 -106.44 -118.12 -7.74
C ASP L 1223 -104.95 -118.05 -7.40
N TRP L 1224 -104.10 -118.67 -8.23
CA TRP L 1224 -102.61 -118.60 -8.18
C TRP L 1224 -102.11 -117.19 -7.86
N LEU L 1225 -102.71 -116.18 -8.49
CA LEU L 1225 -102.28 -114.76 -8.38
C LEU L 1225 -102.78 -114.18 -7.05
N SER L 1226 -104.03 -114.42 -6.65
CA SER L 1226 -104.60 -113.95 -5.34
C SER L 1226 -103.90 -114.66 -4.17
N ALA L 1227 -103.48 -115.90 -4.41
CA ALA L 1227 -102.67 -116.71 -3.48
C ALA L 1227 -101.29 -116.08 -3.29
N ALA L 1228 -100.63 -115.70 -4.39
CA ALA L 1228 -99.31 -115.01 -4.35
C ALA L 1228 -99.44 -113.72 -3.52
N ALA L 1229 -100.49 -112.94 -3.77
CA ALA L 1229 -100.88 -111.76 -2.96
C ALA L 1229 -100.91 -112.11 -1.48
N LEU L 1230 -101.70 -113.13 -1.11
CA LEU L 1230 -101.88 -113.59 0.29
C LEU L 1230 -100.51 -114.02 0.88
N HIS L 1231 -99.62 -114.60 0.08
CA HIS L 1231 -98.23 -114.97 0.48
C HIS L 1231 -97.43 -113.72 0.84
N PHE L 1232 -97.44 -112.69 -0.01
CA PHE L 1232 -96.65 -111.44 0.19
C PHE L 1232 -97.20 -110.67 1.39
N ALA L 1233 -98.47 -110.90 1.73
CA ALA L 1233 -99.12 -110.31 2.93
C ALA L 1233 -98.71 -111.09 4.18
N ILE L 1234 -98.72 -112.43 4.12
CA ILE L 1234 -98.31 -113.24 5.31
C ILE L 1234 -96.78 -113.08 5.47
N GLN L 1235 -96.05 -112.69 4.40
CA GLN L 1235 -94.58 -112.37 4.36
C GLN L 1235 -94.19 -111.30 5.40
N GLN L 1236 -95.09 -110.39 5.83
CA GLN L 1236 -94.79 -109.36 6.87
C GLN L 1236 -95.72 -109.53 8.08
N VAL L 1237 -95.64 -110.70 8.73
CA VAL L 1237 -96.54 -111.11 9.85
C VAL L 1237 -95.71 -111.75 10.95
N ARG L 1238 -96.14 -111.53 12.19
CA ARG L 1238 -95.54 -112.11 13.41
C ARG L 1238 -95.92 -113.59 13.51
N GLU L 1239 -95.09 -114.39 14.18
CA GLU L 1239 -95.26 -115.86 14.32
C GLU L 1239 -96.56 -116.21 15.07
N GLU L 1240 -96.86 -115.45 16.14
CA GLU L 1240 -97.97 -115.71 17.12
C GLU L 1240 -99.33 -115.71 16.43
N ASN L 1241 -99.56 -114.69 15.58
CA ASN L 1241 -100.89 -114.33 14.99
C ASN L 1241 -101.16 -115.17 13.72
N ILE L 1242 -100.17 -115.84 13.12
CA ILE L 1242 -100.34 -116.64 11.86
C ILE L 1242 -101.35 -117.77 12.12
N ARG L 1243 -101.22 -118.47 13.25
CA ARG L 1243 -102.17 -119.53 13.70
C ARG L 1243 -103.61 -119.02 13.74
N LYS L 1244 -103.84 -117.90 14.42
CA LYS L 1244 -105.20 -117.30 14.63
C LYS L 1244 -105.77 -116.84 13.28
N GLN L 1245 -104.97 -116.13 12.47
CA GLN L 1245 -105.34 -115.59 11.12
C GLN L 1245 -105.86 -116.72 10.23
N LEU L 1246 -105.03 -117.77 10.05
CA LEU L 1246 -105.25 -118.85 9.05
C LEU L 1246 -106.03 -120.04 9.68
N LYS L 1247 -106.57 -119.93 10.91
CA LYS L 1247 -107.70 -120.80 11.37
C LYS L 1247 -109.00 -120.39 10.64
N LYS L 1248 -109.03 -119.17 10.09
CA LYS L 1248 -110.11 -118.61 9.24
C LYS L 1248 -109.86 -118.95 7.75
N LEU L 1249 -108.80 -119.71 7.41
CA LEU L 1249 -108.49 -120.26 6.05
C LEU L 1249 -109.12 -121.65 5.88
N ASP L 1250 -109.88 -122.13 6.87
CA ASP L 1250 -110.61 -123.43 6.84
C ASP L 1250 -111.91 -123.28 6.03
N CYS L 1251 -112.13 -122.16 5.33
CA CYS L 1251 -113.30 -121.89 4.44
C CYS L 1251 -112.82 -121.26 3.12
N GLU L 1252 -111.69 -121.70 2.56
CA GLU L 1252 -111.18 -121.31 1.21
C GLU L 1252 -111.11 -122.52 0.27
N ARG L 1253 -110.73 -122.28 -0.99
CA ARG L 1253 -110.87 -123.24 -2.12
C ARG L 1253 -109.51 -123.88 -2.42
N GLU L 1254 -109.54 -124.90 -3.27
CA GLU L 1254 -108.53 -125.99 -3.35
C GLU L 1254 -107.27 -125.41 -3.99
N GLU L 1255 -107.38 -124.98 -5.26
CA GLU L 1255 -106.25 -124.51 -6.09
C GLU L 1255 -105.64 -123.28 -5.40
N LEU L 1256 -106.48 -122.41 -4.82
CA LEU L 1256 -106.02 -121.24 -4.00
C LEU L 1256 -105.03 -121.73 -2.92
N LEU L 1257 -105.45 -122.68 -2.09
CA LEU L 1257 -104.64 -123.18 -0.95
C LEU L 1257 -103.38 -123.92 -1.46
N VAL L 1258 -103.48 -124.59 -2.60
CA VAL L 1258 -102.36 -125.33 -3.24
C VAL L 1258 -101.27 -124.34 -3.69
N PHE L 1259 -101.62 -123.34 -4.51
CA PHE L 1259 -100.66 -122.29 -4.98
C PHE L 1259 -100.05 -121.58 -3.77
N LEU L 1260 -100.87 -121.28 -2.75
CA LEU L 1260 -100.45 -120.60 -1.48
C LEU L 1260 -99.38 -121.47 -0.80
N PHE L 1261 -99.61 -122.78 -0.71
CA PHE L 1261 -98.65 -123.73 -0.12
C PHE L 1261 -97.33 -123.69 -0.91
N PHE L 1262 -97.43 -123.78 -2.24
CA PHE L 1262 -96.25 -123.74 -3.15
C PHE L 1262 -95.43 -122.48 -2.88
N PHE L 1263 -96.07 -121.31 -2.78
CA PHE L 1263 -95.36 -120.01 -2.64
C PHE L 1263 -94.75 -119.91 -1.23
N SER L 1264 -95.41 -120.43 -0.18
CA SER L 1264 -94.87 -120.48 1.22
C SER L 1264 -93.63 -121.39 1.28
N LEU L 1265 -93.68 -122.47 0.50
CA LEU L 1265 -92.58 -123.47 0.30
C LEU L 1265 -91.40 -122.87 -0.49
N MET L 1266 -91.68 -122.22 -1.64
CA MET L 1266 -90.74 -121.33 -2.39
C MET L 1266 -90.01 -120.39 -1.43
N GLY L 1267 -90.76 -119.79 -0.50
CA GLY L 1267 -90.29 -118.89 0.56
C GLY L 1267 -89.37 -119.57 1.57
N LEU L 1268 -89.74 -120.76 2.07
CA LEU L 1268 -88.86 -121.59 2.95
C LEU L 1268 -87.52 -121.77 2.24
N LEU L 1269 -87.58 -122.08 0.95
CA LEU L 1269 -86.38 -122.42 0.14
C LEU L 1269 -85.58 -121.17 -0.23
N SER L 1270 -86.19 -119.99 -0.31
CA SER L 1270 -85.47 -118.69 -0.46
C SER L 1270 -84.78 -118.31 0.85
N SER L 1271 -85.45 -118.47 2.00
CA SER L 1271 -84.98 -118.02 3.33
C SER L 1271 -83.85 -118.91 3.84
N HIS L 1272 -84.08 -120.24 3.79
CA HIS L 1272 -83.15 -121.32 4.22
C HIS L 1272 -81.82 -121.18 3.46
N LEU L 1273 -81.92 -120.65 2.24
CA LEU L 1273 -80.79 -120.41 1.35
C LEU L 1273 -80.22 -119.00 1.57
N THR L 1274 -80.91 -117.96 1.09
CA THR L 1274 -80.35 -116.60 0.87
C THR L 1274 -80.29 -115.88 2.23
N SER L 1275 -79.59 -114.73 2.31
CA SER L 1275 -79.32 -113.91 3.54
C SER L 1275 -80.43 -114.05 4.58
N ASN L 1276 -80.08 -114.57 5.77
CA ASN L 1276 -80.98 -114.63 6.96
C ASN L 1276 -81.05 -113.22 7.61
N SER L 1277 -80.56 -112.14 6.96
CA SER L 1277 -80.97 -110.73 7.18
C SER L 1277 -82.49 -110.65 7.39
N THR L 1278 -83.23 -111.46 6.62
CA THR L 1278 -84.68 -111.73 6.79
C THR L 1278 -84.94 -112.63 8.02
N THR L 1279 -84.28 -113.79 8.20
CA THR L 1279 -84.49 -114.82 9.26
C THR L 1279 -85.94 -115.29 9.23
N ASP L 1280 -86.36 -115.79 8.09
CA ASP L 1280 -87.73 -116.29 7.89
C ASP L 1280 -87.70 -117.80 7.99
N LEU L 1281 -86.53 -118.39 8.24
CA LEU L 1281 -86.43 -119.87 8.22
C LEU L 1281 -87.39 -120.46 9.24
N PRO L 1282 -87.44 -120.00 10.52
CA PRO L 1282 -88.40 -120.54 11.49
C PRO L 1282 -89.85 -120.25 11.08
N LYS L 1283 -90.07 -119.04 10.54
CA LYS L 1283 -91.40 -118.53 10.15
C LYS L 1283 -91.92 -119.24 8.90
N ALA L 1284 -91.13 -119.38 7.84
CA ALA L 1284 -91.54 -120.06 6.58
C ALA L 1284 -91.89 -121.51 6.87
N PHE L 1285 -91.09 -122.15 7.75
CA PHE L 1285 -91.29 -123.54 8.26
C PHE L 1285 -92.63 -123.63 9.01
N HIS L 1286 -92.85 -122.75 9.99
CA HIS L 1286 -94.12 -122.64 10.77
C HIS L 1286 -95.31 -122.43 9.82
N VAL L 1287 -95.16 -121.55 8.82
CA VAL L 1287 -96.20 -121.25 7.79
C VAL L 1287 -96.59 -122.55 7.10
N CYS L 1288 -95.63 -123.16 6.41
CA CYS L 1288 -95.87 -124.37 5.57
C CYS L 1288 -96.41 -125.50 6.46
N ALA L 1289 -95.98 -125.58 7.72
CA ALA L 1289 -96.50 -126.55 8.73
C ALA L 1289 -98.01 -126.32 8.96
N ALA L 1290 -98.42 -125.07 9.19
CA ALA L 1290 -99.83 -124.68 9.41
C ALA L 1290 -100.64 -124.99 8.14
N ILE L 1291 -100.08 -124.69 6.95
CA ILE L 1291 -100.71 -124.97 5.62
C ILE L 1291 -101.02 -126.47 5.55
N LEU L 1292 -100.04 -127.31 5.90
CA LEU L 1292 -100.12 -128.80 5.81
C LEU L 1292 -101.11 -129.34 6.85
N GLU L 1293 -101.18 -128.77 8.06
CA GLU L 1293 -102.19 -129.16 9.08
C GLU L 1293 -103.60 -128.96 8.48
N CYS L 1294 -103.82 -127.83 7.80
CA CYS L 1294 -105.12 -127.52 7.15
C CYS L 1294 -105.40 -128.47 5.97
N LEU L 1295 -104.41 -128.66 5.10
CA LEU L 1295 -104.48 -129.62 3.95
C LEU L 1295 -104.71 -131.06 4.48
N GLU L 1296 -104.23 -131.42 5.69
CA GLU L 1296 -104.46 -132.76 6.30
C GLU L 1296 -105.92 -132.92 6.73
N LYS L 1297 -106.46 -131.89 7.40
CA LYS L 1297 -107.86 -131.87 7.93
C LYS L 1297 -108.84 -132.15 6.77
N ARG L 1298 -108.74 -131.31 5.74
CA ARG L 1298 -109.47 -131.46 4.46
C ARG L 1298 -108.42 -131.84 3.40
N LYS L 1299 -108.44 -133.11 2.98
CA LYS L 1299 -107.34 -133.77 2.22
C LYS L 1299 -107.21 -133.15 0.83
N ILE L 1300 -106.00 -132.71 0.45
CA ILE L 1300 -105.69 -131.97 -0.82
C ILE L 1300 -104.43 -132.52 -1.48
N SER L 1301 -104.45 -132.71 -2.80
CA SER L 1301 -103.33 -133.25 -3.61
C SER L 1301 -102.28 -132.15 -3.79
N TRP L 1302 -101.36 -132.06 -2.85
CA TRP L 1302 -100.11 -131.28 -2.99
C TRP L 1302 -99.08 -132.06 -3.82
N LEU L 1303 -99.31 -133.35 -4.10
CA LEU L 1303 -98.28 -134.23 -4.71
C LEU L 1303 -98.06 -133.84 -6.18
N ALA L 1304 -99.08 -133.24 -6.82
CA ALA L 1304 -99.01 -132.68 -8.19
C ALA L 1304 -97.93 -131.58 -8.25
N LEU L 1305 -97.68 -130.84 -7.15
CA LEU L 1305 -96.65 -129.77 -7.11
C LEU L 1305 -95.25 -130.36 -7.33
N PHE L 1306 -95.05 -131.61 -6.95
CA PHE L 1306 -93.75 -132.30 -7.04
C PHE L 1306 -93.68 -132.99 -8.40
N GLN L 1307 -94.81 -133.56 -8.83
CA GLN L 1307 -95.00 -134.06 -10.22
C GLN L 1307 -95.16 -132.84 -11.17
N LEU L 1308 -94.11 -132.04 -11.34
CA LEU L 1308 -94.16 -130.83 -12.20
C LEU L 1308 -93.58 -131.14 -13.57
N THR L 1309 -94.38 -130.84 -14.59
CA THR L 1309 -94.03 -130.86 -16.03
C THR L 1309 -94.01 -129.40 -16.53
N GLU L 1310 -93.54 -129.19 -17.76
CA GLU L 1310 -93.57 -127.87 -18.45
C GLU L 1310 -94.97 -127.62 -19.04
N SER L 1311 -95.63 -128.68 -19.57
CA SER L 1311 -96.94 -128.58 -20.29
C SER L 1311 -98.10 -129.25 -19.52
N ASP L 1312 -98.00 -129.43 -18.19
CA ASP L 1312 -99.19 -129.64 -17.31
C ASP L 1312 -99.91 -128.30 -17.25
N LEU L 1313 -100.90 -128.11 -18.13
CA LEU L 1313 -101.49 -126.78 -18.38
C LEU L 1313 -102.41 -126.36 -17.23
N ARG L 1314 -102.72 -127.22 -16.26
CA ARG L 1314 -103.40 -126.77 -15.03
C ARG L 1314 -102.42 -125.99 -14.14
N LEU L 1315 -101.25 -126.56 -13.83
CA LEU L 1315 -100.27 -125.96 -12.87
C LEU L 1315 -98.89 -125.77 -13.49
N GLY L 1316 -98.30 -126.83 -14.04
CA GLY L 1316 -96.90 -126.89 -14.49
C GLY L 1316 -96.49 -125.81 -15.48
N ARG L 1317 -97.43 -125.22 -16.24
CA ARG L 1317 -97.17 -124.07 -17.14
C ARG L 1317 -96.84 -122.81 -16.31
N LEU L 1318 -97.63 -122.54 -15.25
CA LEU L 1318 -97.47 -121.35 -14.35
C LEU L 1318 -96.17 -121.47 -13.55
N LEU L 1319 -96.12 -122.45 -12.65
CA LEU L 1319 -95.20 -122.43 -11.48
C LEU L 1319 -93.76 -122.66 -11.93
N LEU L 1320 -93.57 -123.46 -12.98
CA LEU L 1320 -92.24 -123.70 -13.60
C LEU L 1320 -91.76 -122.42 -14.30
N ARG L 1321 -92.67 -121.52 -14.68
CA ARG L 1321 -92.35 -120.20 -15.29
C ARG L 1321 -92.45 -119.05 -14.27
N VAL L 1322 -92.91 -119.30 -13.02
CA VAL L 1322 -92.83 -118.32 -11.89
C VAL L 1322 -91.49 -118.52 -11.17
N ALA L 1323 -91.32 -119.67 -10.52
CA ALA L 1323 -90.18 -119.94 -9.60
C ALA L 1323 -88.95 -120.33 -10.41
N PRO L 1324 -87.73 -119.93 -9.96
CA PRO L 1324 -86.49 -120.30 -10.66
C PRO L 1324 -86.05 -121.77 -10.56
N ASP L 1325 -85.06 -122.14 -11.37
CA ASP L 1325 -84.47 -123.50 -11.49
C ASP L 1325 -83.77 -123.89 -10.20
N GLN L 1326 -83.00 -122.94 -9.66
CA GLN L 1326 -82.17 -123.12 -8.46
C GLN L 1326 -83.06 -123.73 -7.37
N HIS L 1327 -84.28 -123.19 -7.24
CA HIS L 1327 -85.31 -123.60 -6.25
C HIS L 1327 -86.01 -124.90 -6.66
N THR L 1328 -86.47 -124.97 -7.91
CA THR L 1328 -87.11 -126.17 -8.55
C THR L 1328 -86.42 -127.43 -8.05
N ARG L 1329 -85.09 -127.38 -8.14
CA ARG L 1329 -84.22 -128.52 -7.86
C ARG L 1329 -84.33 -128.94 -6.41
N LEU L 1330 -84.49 -128.01 -5.48
CA LEU L 1330 -84.24 -128.27 -4.04
C LEU L 1330 -85.52 -128.61 -3.27
N LEU L 1331 -86.69 -128.56 -3.92
CA LEU L 1331 -87.98 -129.19 -3.50
C LEU L 1331 -87.78 -130.37 -2.54
N PRO L 1332 -87.15 -131.48 -2.99
CA PRO L 1332 -87.06 -132.68 -2.17
C PRO L 1332 -86.60 -132.42 -0.73
N PHE L 1333 -85.57 -131.58 -0.64
CA PHE L 1333 -85.06 -130.99 0.61
C PHE L 1333 -86.26 -130.66 1.53
N ALA L 1334 -87.16 -129.81 1.01
CA ALA L 1334 -88.32 -129.28 1.74
C ALA L 1334 -89.32 -130.39 2.01
N PHE L 1335 -89.66 -131.16 0.97
CA PHE L 1335 -90.66 -132.26 1.05
C PHE L 1335 -90.32 -133.13 2.26
N TYR L 1336 -89.06 -133.56 2.38
CA TYR L 1336 -88.62 -134.49 3.44
C TYR L 1336 -88.53 -133.76 4.77
N SER L 1337 -87.92 -132.58 4.80
CA SER L 1337 -87.76 -131.79 6.05
C SER L 1337 -89.12 -131.47 6.68
N LEU L 1338 -90.22 -131.52 5.90
CA LEU L 1338 -91.59 -131.21 6.38
C LEU L 1338 -92.40 -132.48 6.59
N LEU L 1339 -92.58 -133.31 5.55
CA LEU L 1339 -93.46 -134.53 5.55
C LEU L 1339 -92.85 -135.65 6.40
N SER L 1340 -91.56 -135.60 6.75
CA SER L 1340 -90.96 -136.45 7.81
C SER L 1340 -91.65 -136.18 9.15
N TYR L 1341 -92.04 -134.93 9.41
CA TYR L 1341 -92.74 -134.48 10.63
C TYR L 1341 -94.26 -134.59 10.48
N PHE L 1342 -94.85 -133.93 9.48
CA PHE L 1342 -96.31 -133.64 9.40
C PHE L 1342 -96.94 -134.32 8.16
N HIS L 1343 -97.79 -135.31 8.42
CA HIS L 1343 -98.55 -136.13 7.45
C HIS L 1343 -99.52 -137.04 8.24
N GLU L 1344 -100.78 -137.11 7.83
CA GLU L 1344 -101.82 -137.98 8.46
C GLU L 1344 -101.93 -139.27 7.65
N ASP L 1345 -102.02 -140.39 8.37
CA ASP L 1345 -101.65 -141.74 7.88
C ASP L 1345 -102.87 -142.42 7.25
N ALA L 1346 -102.63 -143.23 6.20
CA ALA L 1346 -103.61 -144.13 5.53
C ALA L 1346 -104.64 -143.34 4.70
N ALA L 1347 -104.63 -142.00 4.73
CA ALA L 1347 -105.55 -141.09 4.00
C ALA L 1347 -104.80 -140.33 2.89
N ILE L 1348 -103.59 -139.82 3.19
CA ILE L 1348 -102.71 -139.01 2.31
C ILE L 1348 -101.59 -139.89 1.73
N ARG L 1349 -101.30 -141.01 2.39
CA ARG L 1349 -100.41 -142.08 1.88
C ARG L 1349 -101.17 -142.74 0.72
N GLU L 1350 -101.07 -142.15 -0.47
CA GLU L 1350 -101.86 -142.56 -1.67
C GLU L 1350 -100.92 -142.89 -2.83
N GLU L 1351 -101.47 -143.10 -4.02
CA GLU L 1351 -100.92 -144.02 -5.05
C GLU L 1351 -99.58 -143.50 -5.57
N ALA L 1352 -99.47 -142.23 -5.99
CA ALA L 1352 -98.22 -141.62 -6.48
C ALA L 1352 -97.24 -141.29 -5.34
N PHE L 1353 -97.66 -141.36 -4.07
CA PHE L 1353 -96.85 -141.00 -2.87
C PHE L 1353 -95.51 -141.77 -2.82
N LEU L 1354 -95.51 -143.09 -3.07
CA LEU L 1354 -94.27 -143.95 -3.04
C LEU L 1354 -93.37 -143.56 -4.21
N HIS L 1355 -93.91 -143.51 -5.44
CA HIS L 1355 -93.17 -143.04 -6.64
C HIS L 1355 -92.47 -141.73 -6.29
N VAL L 1356 -93.24 -140.79 -5.76
CA VAL L 1356 -92.80 -139.40 -5.43
C VAL L 1356 -91.68 -139.47 -4.38
N ALA L 1357 -91.92 -140.11 -3.22
CA ALA L 1357 -90.97 -140.18 -2.08
C ALA L 1357 -89.67 -140.87 -2.53
N VAL L 1358 -89.77 -141.92 -3.35
CA VAL L 1358 -88.59 -142.68 -3.90
C VAL L 1358 -87.78 -141.77 -4.81
N ASP L 1359 -88.43 -141.17 -5.81
CA ASP L 1359 -87.81 -140.23 -6.78
C ASP L 1359 -87.05 -139.15 -6.01
N MET L 1360 -87.69 -138.66 -4.94
CA MET L 1360 -87.16 -137.55 -4.13
C MET L 1360 -85.95 -138.00 -3.31
N TYR L 1361 -85.99 -139.20 -2.73
CA TYR L 1361 -84.84 -139.80 -2.01
C TYR L 1361 -83.63 -139.81 -2.96
N LEU L 1362 -83.86 -140.31 -4.17
CA LEU L 1362 -82.79 -140.46 -5.19
C LEU L 1362 -82.24 -139.07 -5.52
N LYS L 1363 -83.11 -138.09 -5.74
CA LYS L 1363 -82.69 -136.74 -6.18
C LYS L 1363 -81.90 -136.04 -5.08
N LEU L 1364 -82.37 -136.12 -3.83
CA LEU L 1364 -81.71 -135.55 -2.62
C LEU L 1364 -80.27 -136.10 -2.53
N VAL L 1365 -80.16 -137.41 -2.69
CA VAL L 1365 -78.85 -138.12 -2.60
C VAL L 1365 -77.94 -137.64 -3.74
N GLN L 1366 -78.42 -137.63 -4.99
CA GLN L 1366 -77.64 -137.23 -6.21
C GLN L 1366 -76.99 -135.86 -6.01
N LEU L 1367 -77.78 -134.92 -5.47
CA LEU L 1367 -77.41 -133.49 -5.38
C LEU L 1367 -76.22 -133.32 -4.44
N PHE L 1368 -76.33 -133.82 -3.19
CA PHE L 1368 -75.28 -133.75 -2.15
C PHE L 1368 -73.92 -134.07 -2.77
N VAL L 1369 -73.94 -135.11 -3.60
CA VAL L 1369 -72.81 -135.56 -4.46
C VAL L 1369 -72.78 -134.65 -5.68
N ASN L 1391 -77.35 -132.36 9.81
CA ASN L 1391 -78.68 -132.05 9.20
C ASN L 1391 -78.94 -132.95 7.98
N PRO L 1392 -78.19 -132.83 6.85
CA PRO L 1392 -78.60 -133.44 5.58
C PRO L 1392 -78.74 -134.97 5.56
N VAL L 1393 -77.73 -135.61 6.13
CA VAL L 1393 -77.63 -137.09 6.30
C VAL L 1393 -78.77 -137.59 7.22
N GLU L 1394 -79.15 -136.83 8.26
CA GLU L 1394 -80.33 -137.14 9.12
C GLU L 1394 -81.58 -137.24 8.23
N LEU L 1395 -81.75 -136.27 7.33
CA LEU L 1395 -82.95 -136.22 6.45
C LEU L 1395 -82.95 -137.46 5.55
N ILE L 1396 -81.81 -137.80 4.96
CA ILE L 1396 -81.69 -138.97 4.03
C ILE L 1396 -82.03 -140.24 4.83
N THR L 1397 -81.46 -140.41 6.02
CA THR L 1397 -81.72 -141.56 6.93
C THR L 1397 -83.22 -141.67 7.27
N LYS L 1398 -83.84 -140.55 7.68
CA LYS L 1398 -85.27 -140.54 8.08
C LYS L 1398 -86.14 -140.91 6.86
N ALA L 1399 -85.79 -140.40 5.67
CA ALA L 1399 -86.46 -140.73 4.39
C ALA L 1399 -86.37 -142.24 4.14
N ARG L 1400 -85.17 -142.80 4.30
CA ARG L 1400 -84.91 -144.24 4.10
C ARG L 1400 -85.80 -145.07 5.02
N LEU L 1401 -85.77 -144.79 6.33
CA LEU L 1401 -86.54 -145.51 7.37
C LEU L 1401 -88.04 -145.38 7.06
N PHE L 1402 -88.48 -144.17 6.68
CA PHE L 1402 -89.88 -143.84 6.28
C PHE L 1402 -90.31 -144.81 5.15
N LEU L 1403 -89.56 -144.82 4.03
CA LEU L 1403 -89.86 -145.64 2.83
C LEU L 1403 -89.92 -147.14 3.21
N LEU L 1404 -88.94 -147.61 3.99
CA LEU L 1404 -88.83 -149.03 4.40
C LEU L 1404 -89.99 -149.42 5.35
N GLN L 1405 -90.55 -148.47 6.12
CA GLN L 1405 -91.76 -148.71 6.95
C GLN L 1405 -92.99 -148.82 6.06
N LEU L 1406 -93.13 -147.92 5.07
CA LEU L 1406 -94.33 -147.88 4.18
C LEU L 1406 -94.45 -149.15 3.35
N ILE L 1407 -93.35 -149.58 2.71
CA ILE L 1407 -93.34 -150.60 1.61
C ILE L 1407 -94.07 -151.88 2.03
N PRO L 1408 -93.89 -152.47 3.25
CA PRO L 1408 -94.70 -153.62 3.68
C PRO L 1408 -96.22 -153.41 3.83
N ARG L 1409 -96.67 -152.17 4.10
CA ARG L 1409 -98.11 -151.81 4.29
C ARG L 1409 -98.79 -151.48 2.95
N CYS L 1410 -97.98 -151.07 1.96
CA CYS L 1410 -98.40 -150.55 0.63
C CYS L 1410 -99.24 -151.59 -0.12
N PRO L 1411 -100.40 -151.22 -0.70
CA PRO L 1411 -101.08 -152.09 -1.65
C PRO L 1411 -100.39 -152.17 -3.02
N LYS L 1412 -100.93 -153.05 -3.88
CA LYS L 1412 -100.31 -153.53 -5.15
C LYS L 1412 -100.22 -152.39 -6.18
N LYS L 1413 -101.23 -151.51 -6.22
CA LYS L 1413 -101.45 -150.48 -7.28
C LYS L 1413 -100.32 -149.44 -7.33
N SER L 1414 -99.77 -149.03 -6.18
CA SER L 1414 -98.83 -147.88 -6.07
C SER L 1414 -97.40 -148.28 -6.45
N PHE L 1415 -97.25 -149.12 -7.47
CA PHE L 1415 -95.96 -149.67 -7.96
C PHE L 1415 -95.86 -149.59 -9.49
N SER L 1416 -96.85 -148.97 -10.14
CA SER L 1416 -97.07 -149.04 -11.61
C SER L 1416 -95.77 -148.70 -12.35
N HIS L 1417 -95.12 -147.59 -11.98
CA HIS L 1417 -93.88 -147.06 -12.62
C HIS L 1417 -92.70 -147.02 -11.64
N VAL L 1418 -92.79 -147.65 -10.47
CA VAL L 1418 -91.65 -147.74 -9.51
C VAL L 1418 -90.54 -148.56 -10.16
N ALA L 1419 -90.91 -149.63 -10.90
CA ALA L 1419 -90.00 -150.46 -11.73
C ALA L 1419 -89.29 -149.58 -12.76
N GLU L 1420 -90.06 -148.74 -13.46
CA GLU L 1420 -89.57 -147.80 -14.50
C GLU L 1420 -88.52 -146.88 -13.89
N LEU L 1421 -88.89 -146.25 -12.77
CA LEU L 1421 -88.05 -145.36 -11.90
C LEU L 1421 -86.69 -146.04 -11.62
N LEU L 1422 -86.78 -147.23 -11.01
CA LEU L 1422 -85.59 -147.95 -10.50
C LEU L 1422 -84.74 -148.40 -11.70
N ALA L 1423 -85.38 -148.77 -12.83
CA ALA L 1423 -84.72 -149.14 -14.10
C ALA L 1423 -83.95 -147.94 -14.66
N ASP L 1424 -84.48 -146.72 -14.53
CA ASP L 1424 -83.81 -145.49 -15.03
C ASP L 1424 -82.57 -145.24 -14.19
N ARG L 1425 -82.70 -145.19 -12.85
CA ARG L 1425 -81.59 -144.74 -11.99
C ARG L 1425 -81.50 -145.41 -10.61
N GLY L 1426 -82.34 -146.41 -10.30
CA GLY L 1426 -82.49 -146.96 -8.94
C GLY L 1426 -81.26 -147.69 -8.43
N ASP L 1427 -81.36 -148.24 -7.22
CA ASP L 1427 -80.38 -149.16 -6.59
C ASP L 1427 -79.09 -148.45 -6.15
N CYS L 1428 -79.06 -147.11 -6.16
CA CYS L 1428 -78.00 -146.29 -5.50
C CYS L 1428 -78.07 -146.52 -3.98
N ASP L 1429 -79.30 -146.61 -3.48
CA ASP L 1429 -79.69 -147.32 -2.23
C ASP L 1429 -80.29 -148.66 -2.66
N PRO L 1430 -79.50 -149.75 -2.69
CA PRO L 1430 -80.00 -151.03 -3.20
C PRO L 1430 -81.10 -151.73 -2.36
N GLU L 1431 -81.07 -151.58 -1.02
CA GLU L 1431 -81.98 -152.29 -0.07
C GLU L 1431 -83.44 -151.96 -0.39
N VAL L 1432 -83.71 -150.66 -0.56
CA VAL L 1432 -85.08 -150.14 -0.77
C VAL L 1432 -85.53 -150.59 -2.18
N SER L 1433 -84.68 -150.57 -3.20
CA SER L 1433 -85.03 -151.12 -4.55
C SER L 1433 -85.37 -152.61 -4.45
N ALA L 1434 -84.60 -153.37 -3.67
CA ALA L 1434 -84.82 -154.81 -3.46
C ALA L 1434 -86.18 -155.05 -2.78
N ALA L 1435 -86.48 -154.30 -1.70
CA ALA L 1435 -87.76 -154.41 -0.94
C ALA L 1435 -88.93 -154.02 -1.87
N LEU L 1436 -88.79 -152.95 -2.65
CA LEU L 1436 -89.84 -152.47 -3.60
C LEU L 1436 -90.08 -153.55 -4.67
N GLN L 1437 -89.03 -154.14 -5.23
CA GLN L 1437 -89.16 -155.20 -6.28
C GLN L 1437 -89.78 -156.46 -5.68
N SER L 1438 -89.45 -156.79 -4.43
CA SER L 1438 -90.06 -157.94 -3.68
C SER L 1438 -91.57 -157.71 -3.52
N ARG L 1439 -91.98 -156.51 -3.07
CA ARG L 1439 -93.41 -156.15 -2.88
C ARG L 1439 -94.10 -156.03 -4.24
N GLN L 1440 -93.39 -155.68 -5.33
CA GLN L 1440 -93.97 -155.63 -6.70
C GLN L 1440 -94.24 -157.07 -7.19
N GLN L 1441 -93.31 -158.00 -6.93
CA GLN L 1441 -93.52 -159.44 -7.24
C GLN L 1441 -94.69 -159.96 -6.39
N ALA L 1442 -94.85 -159.48 -5.14
CA ALA L 1442 -96.05 -159.75 -4.29
C ALA L 1442 -97.30 -159.15 -4.95
N ALA L 1443 -97.19 -157.98 -5.59
CA ALA L 1443 -98.25 -157.35 -6.41
C ALA L 1443 -98.34 -158.07 -7.77
N UNK M 1 -49.30 -109.77 -8.61
CA UNK M 1 -50.54 -109.33 -9.29
C UNK M 1 -50.52 -109.91 -10.70
N UNK M 2 -49.46 -109.56 -11.44
CA UNK M 2 -49.06 -110.15 -12.74
C UNK M 2 -47.77 -110.95 -12.51
N UNK M 3 -47.89 -112.13 -11.91
CA UNK M 3 -46.77 -113.09 -11.75
C UNK M 3 -46.58 -113.86 -13.06
N UNK M 4 -45.39 -113.74 -13.68
CA UNK M 4 -44.99 -114.39 -14.96
C UNK M 4 -44.85 -115.92 -14.78
N UNK M 5 -44.96 -116.66 -15.89
CA UNK M 5 -44.69 -118.10 -16.01
C UNK M 5 -44.21 -118.36 -17.44
N UNK M 6 -42.88 -118.37 -17.65
CA UNK M 6 -42.19 -118.51 -18.96
C UNK M 6 -42.27 -119.96 -19.44
N UNK M 7 -41.80 -120.23 -20.67
CA UNK M 7 -41.99 -121.52 -21.39
C UNK M 7 -40.65 -122.11 -21.87
N UNK M 8 -40.72 -123.25 -22.58
CA UNK M 8 -39.67 -123.98 -23.34
C UNK M 8 -38.26 -123.84 -22.72
N UNK M 9 -38.19 -124.07 -21.41
CA UNK M 9 -36.99 -124.01 -20.53
C UNK M 9 -36.70 -122.55 -20.17
N GLU M 10 -30.60 -89.81 -5.46
CA GLU M 10 -29.13 -89.60 -5.34
C GLU M 10 -28.52 -89.52 -6.74
N PRO M 11 -28.59 -88.36 -7.43
CA PRO M 11 -27.93 -88.16 -8.73
C PRO M 11 -26.43 -88.50 -8.70
N THR M 12 -26.05 -89.69 -9.22
CA THR M 12 -24.66 -90.13 -9.47
C THR M 12 -24.36 -90.02 -10.97
N GLU M 13 -23.11 -90.24 -11.36
CA GLU M 13 -22.57 -89.81 -12.67
C GLU M 13 -22.17 -90.99 -13.54
N VAL M 14 -22.14 -90.70 -14.84
CA VAL M 14 -21.75 -91.58 -15.97
C VAL M 14 -20.37 -91.13 -16.48
N PHE M 15 -19.59 -92.09 -16.95
CA PHE M 15 -18.12 -92.01 -17.09
C PHE M 15 -17.69 -92.47 -18.50
N THR M 16 -18.58 -92.39 -19.49
CA THR M 16 -18.50 -93.11 -20.79
C THR M 16 -17.67 -92.28 -21.81
N VAL M 17 -17.72 -92.62 -23.12
CA VAL M 17 -17.04 -91.97 -24.31
C VAL M 17 -16.40 -90.64 -23.93
N GLY M 18 -17.24 -89.63 -23.67
CA GLY M 18 -16.96 -88.39 -22.93
C GLY M 18 -17.61 -88.60 -21.57
N PRO M 19 -16.83 -88.79 -20.46
CA PRO M 19 -17.42 -88.93 -19.12
C PRO M 19 -18.23 -87.68 -18.80
N LYS M 20 -19.37 -87.50 -19.51
CA LYS M 20 -20.17 -86.25 -19.51
C LYS M 20 -21.17 -86.30 -18.35
N THR M 21 -21.01 -87.27 -17.43
CA THR M 21 -21.59 -87.26 -16.06
C THR M 21 -23.09 -87.03 -16.20
N PHE M 22 -23.73 -87.85 -17.03
CA PHE M 22 -25.18 -87.83 -17.32
C PHE M 22 -25.86 -88.08 -15.99
N SER M 23 -26.16 -86.99 -15.26
CA SER M 23 -26.76 -87.04 -13.91
C SER M 23 -27.78 -88.17 -13.97
N TRP M 24 -27.34 -89.36 -13.60
CA TRP M 24 -28.11 -90.61 -13.71
C TRP M 24 -28.62 -90.97 -12.32
N THR M 25 -29.84 -91.51 -12.20
CA THR M 25 -30.55 -91.76 -10.92
C THR M 25 -31.22 -93.15 -10.98
N PRO M 26 -31.38 -93.96 -9.89
CA PRO M 26 -31.81 -95.36 -10.03
C PRO M 26 -33.32 -95.58 -9.84
N PHE M 27 -33.74 -96.84 -9.85
CA PHE M 27 -35.15 -97.26 -9.56
C PHE M 27 -35.21 -98.02 -8.24
N PRO M 28 -35.65 -97.38 -7.15
CA PRO M 28 -35.72 -98.04 -5.84
C PRO M 28 -37.03 -98.79 -5.65
N PRO M 29 -37.07 -100.11 -5.26
CA PRO M 29 -38.30 -100.79 -4.88
C PRO M 29 -38.47 -101.07 -3.39
N ASP M 30 -39.61 -101.67 -3.07
CA ASP M 30 -39.88 -102.44 -1.83
C ASP M 30 -39.69 -103.93 -2.15
N LEU M 31 -40.14 -104.86 -1.26
CA LEU M 31 -40.08 -106.35 -1.43
C LEU M 31 -41.48 -107.01 -1.26
N TRP M 32 -41.73 -108.11 -2.00
CA TRP M 32 -43.05 -108.70 -2.36
C TRP M 32 -43.13 -110.16 -1.94
N UNK M 33 -42.24 -112.04 -8.17
CA UNK M 33 -40.84 -112.23 -8.68
C UNK M 33 -40.54 -113.66 -9.22
N UNK M 34 -41.56 -114.47 -9.61
CA UNK M 34 -41.51 -115.94 -9.91
C UNK M 34 -41.09 -116.22 -11.36
N UNK M 35 -40.61 -117.45 -11.60
CA UNK M 35 -40.27 -117.98 -12.94
C UNK M 35 -40.70 -119.44 -13.02
N UNK M 36 -41.97 -119.70 -12.71
CA UNK M 36 -42.59 -121.05 -12.65
C UNK M 36 -42.79 -121.57 -14.09
N UNK M 37 -41.75 -122.18 -14.66
CA UNK M 37 -41.67 -122.73 -16.04
C UNK M 37 -42.00 -124.23 -16.04
N UNK M 38 -42.01 -124.87 -17.23
CA UNK M 38 -42.29 -126.30 -17.46
C UNK M 38 -40.99 -127.07 -17.76
N UNK M 39 -40.30 -126.78 -18.87
CA UNK M 39 -39.07 -127.48 -19.34
C UNK M 39 -37.82 -126.83 -18.74
N MET N 20 8.67 52.23 -1.20
CA MET N 20 9.88 52.49 -0.31
C MET N 20 9.81 53.85 0.38
N ALA N 21 10.72 54.10 1.34
CA ALA N 21 10.85 55.38 2.07
C ALA N 21 11.44 56.40 1.11
N VAL N 22 12.58 56.03 0.52
CA VAL N 22 13.31 56.84 -0.50
C VAL N 22 12.55 56.75 -1.83
N THR N 23 12.57 57.83 -2.65
CA THR N 23 11.91 58.01 -3.99
C THR N 23 12.87 57.62 -5.14
N GLU N 24 14.00 56.99 -4.82
CA GLU N 24 14.80 56.08 -5.69
C GLU N 24 13.85 54.99 -6.21
N ALA N 25 13.25 54.28 -5.24
CA ALA N 25 12.47 53.02 -5.36
C ALA N 25 10.96 53.31 -5.27
N SER N 26 10.51 54.10 -4.29
CA SER N 26 9.08 54.52 -4.14
C SER N 26 8.59 55.25 -5.40
N LEU N 27 9.43 56.02 -6.12
CA LEU N 27 9.07 56.70 -7.41
C LEU N 27 8.74 55.67 -8.47
N LEU N 28 9.65 54.71 -8.65
CA LEU N 28 9.49 53.59 -9.63
C LEU N 28 8.27 52.78 -9.22
N ARG N 29 8.13 52.42 -7.92
CA ARG N 29 7.06 51.51 -7.38
C ARG N 29 5.70 52.18 -7.52
N GLN N 30 5.61 53.51 -7.50
CA GLN N 30 4.33 54.24 -7.59
C GLN N 30 4.14 54.76 -9.03
N CYS N 31 5.19 55.17 -9.80
CA CYS N 31 5.08 55.71 -11.22
C CYS N 31 5.93 54.93 -12.20
N PRO N 32 5.67 53.66 -12.59
CA PRO N 32 6.68 52.83 -13.21
C PRO N 32 7.25 53.58 -14.42
N LEU N 33 6.43 54.43 -15.06
CA LEU N 33 6.55 54.91 -16.46
C LEU N 33 7.20 56.30 -16.47
N LEU N 34 8.05 56.52 -15.48
CA LEU N 34 8.79 57.77 -15.36
C LEU N 34 10.27 57.43 -15.38
N LEU N 35 10.85 57.82 -16.51
CA LEU N 35 12.18 57.50 -17.02
C LEU N 35 12.97 58.78 -17.06
N PRO N 36 13.96 58.85 -16.21
CA PRO N 36 15.05 59.80 -16.37
C PRO N 36 15.94 59.82 -17.62
N GLN N 37 15.69 60.83 -18.45
CA GLN N 37 16.41 61.12 -19.70
C GLN N 37 17.77 61.63 -19.35
N ASN N 38 17.84 62.70 -18.57
CA ASN N 38 19.14 63.33 -18.26
C ASN N 38 19.76 62.58 -17.10
N ARG N 39 21.10 62.67 -17.06
CA ARG N 39 21.99 61.94 -16.14
C ARG N 39 21.69 62.34 -14.68
N SER N 40 21.88 63.62 -14.39
CA SER N 40 21.31 64.28 -13.19
C SER N 40 19.81 64.08 -13.31
N LYS N 41 19.21 63.30 -12.43
CA LYS N 41 17.80 62.91 -12.65
C LYS N 41 16.92 64.17 -12.58
N THR N 42 16.83 64.90 -13.70
CA THR N 42 16.26 66.28 -13.74
C THR N 42 15.11 66.40 -14.74
N VAL N 43 15.22 65.76 -15.89
CA VAL N 43 14.10 65.64 -16.86
C VAL N 43 13.57 64.23 -16.65
N TYR N 44 12.35 64.08 -16.16
CA TYR N 44 11.62 62.80 -16.26
C TYR N 44 10.72 62.99 -17.47
N GLU N 45 10.30 61.89 -18.07
CA GLU N 45 9.42 61.91 -19.27
C GLU N 45 8.73 60.56 -19.34
N GLY N 46 7.83 60.46 -20.28
CA GLY N 46 7.14 59.20 -20.54
C GLY N 46 5.74 59.33 -20.07
N PHE N 47 5.29 58.51 -19.14
CA PHE N 47 3.83 58.40 -18.89
C PHE N 47 3.45 58.43 -17.42
N ILE N 48 2.14 58.53 -17.22
CA ILE N 48 1.46 58.35 -15.93
C ILE N 48 0.18 57.57 -16.12
N SER N 49 -0.05 56.66 -15.20
CA SER N 49 -1.17 55.70 -15.19
C SER N 49 -2.33 56.26 -14.38
N ALA N 50 -3.53 55.91 -14.78
CA ALA N 50 -4.75 56.62 -14.39
C ALA N 50 -5.98 55.92 -14.92
N GLN N 51 -6.57 55.05 -14.10
CA GLN N 51 -7.90 54.48 -14.40
C GLN N 51 -7.76 53.81 -15.78
N GLY N 52 -6.91 52.78 -15.85
CA GLY N 52 -6.66 51.95 -17.04
C GLY N 52 -6.44 52.82 -18.23
N ARG N 53 -5.69 53.89 -18.02
CA ARG N 53 -5.43 54.93 -19.04
C ARG N 53 -4.08 55.57 -18.74
N ASP N 54 -3.14 55.43 -19.66
CA ASP N 54 -1.78 55.97 -19.50
C ASP N 54 -1.82 57.27 -20.29
N PHE N 55 -1.12 58.32 -19.83
CA PHE N 55 -1.01 59.60 -20.56
C PHE N 55 0.42 60.09 -20.67
N HIS N 56 0.69 60.90 -21.68
CA HIS N 56 2.01 61.56 -21.85
C HIS N 56 2.23 62.51 -20.67
N LEU N 57 3.52 62.81 -20.42
CA LEU N 57 4.07 63.76 -19.40
C LEU N 57 5.53 64.09 -19.77
N ARG N 58 5.94 65.36 -19.61
CA ARG N 58 7.35 65.86 -19.85
C ARG N 58 7.68 66.92 -18.81
N ILE N 59 8.28 66.53 -17.67
CA ILE N 59 8.30 67.24 -16.33
C ILE N 59 9.75 67.64 -16.04
N VAL N 60 10.15 68.84 -16.44
CA VAL N 60 11.55 69.36 -16.37
C VAL N 60 11.74 70.05 -15.03
N LEU N 61 12.79 69.70 -14.28
CA LEU N 61 13.18 70.35 -12.98
C LEU N 61 14.26 71.39 -13.26
N PRO N 62 14.61 72.32 -12.32
CA PRO N 62 15.71 73.26 -12.53
C PRO N 62 17.07 72.56 -12.32
N GLU N 63 18.17 73.32 -12.27
CA GLU N 63 19.54 72.73 -12.11
C GLU N 63 19.68 72.08 -10.72
N ASP N 64 18.88 72.49 -9.75
CA ASP N 64 18.67 71.79 -8.45
C ASP N 64 17.28 71.16 -8.43
N LEU N 65 17.03 70.35 -7.43
CA LEU N 65 15.72 69.73 -7.22
C LEU N 65 14.84 70.75 -6.50
N GLN N 66 14.15 71.58 -7.26
CA GLN N 66 13.18 72.57 -6.73
C GLN N 66 11.92 72.54 -7.60
N LEU N 67 10.73 72.45 -6.98
CA LEU N 67 9.41 72.50 -7.68
C LEU N 67 8.79 73.90 -7.59
N LYS N 68 9.37 74.79 -6.78
CA LYS N 68 9.10 76.26 -6.78
C LYS N 68 9.17 76.80 -8.20
N ASN N 69 10.23 76.42 -8.92
CA ASN N 69 10.33 76.54 -10.39
C ASN N 69 10.37 75.14 -10.98
N ALA N 70 9.41 74.82 -11.83
CA ALA N 70 9.39 73.58 -12.63
C ALA N 70 8.53 73.82 -13.89
N ARG N 71 8.96 73.31 -15.04
CA ARG N 71 8.11 73.27 -16.26
C ARG N 71 7.35 71.94 -16.21
N LEU N 72 5.99 71.96 -16.28
CA LEU N 72 5.14 70.74 -16.47
C LEU N 72 4.33 70.87 -17.77
N LEU N 73 4.83 70.27 -18.86
CA LEU N 73 4.14 70.22 -20.18
C LEU N 73 3.48 68.86 -20.37
N CYS N 74 2.52 68.85 -21.30
CA CYS N 74 1.54 67.75 -21.43
C CYS N 74 1.29 67.46 -22.91
N SER N 75 0.60 66.34 -23.10
CA SER N 75 -0.39 66.06 -24.17
C SER N 75 -1.53 67.06 -24.10
N TRP N 76 -2.02 67.47 -25.26
CA TRP N 76 -3.21 68.34 -25.38
C TRP N 76 -4.43 67.55 -24.87
N GLN N 77 -4.37 66.22 -24.98
CA GLN N 77 -5.31 65.27 -24.32
C GLN N 77 -5.28 65.49 -22.80
N LEU N 78 -4.10 65.57 -22.19
CA LEU N 78 -3.96 65.83 -20.73
C LEU N 78 -4.50 67.23 -20.36
N ARG N 79 -4.30 68.28 -21.20
CA ARG N 79 -4.81 69.69 -20.94
C ARG N 79 -6.33 69.67 -20.86
N THR N 80 -6.97 68.96 -21.79
CA THR N 80 -8.44 68.65 -21.78
C THR N 80 -8.89 68.04 -20.46
N ILE N 81 -8.13 67.15 -19.86
CA ILE N 81 -8.64 66.43 -18.67
C ILE N 81 -8.25 67.23 -17.42
N LEU N 82 -7.26 68.11 -17.50
CA LEU N 82 -6.94 69.02 -16.36
C LEU N 82 -7.52 70.42 -16.54
N SER N 83 -8.56 70.54 -17.38
CA SER N 83 -9.63 71.61 -17.38
C SER N 83 -9.95 72.11 -15.98
N GLY N 84 -9.80 73.42 -15.74
CA GLY N 84 -10.07 74.12 -14.46
C GLY N 84 -9.53 73.42 -13.22
N TYR N 85 -8.33 72.86 -13.33
CA TYR N 85 -7.46 72.52 -12.18
C TYR N 85 -6.03 73.05 -12.45
N HIS N 86 -5.83 73.91 -13.46
CA HIS N 86 -4.54 74.48 -13.93
C HIS N 86 -3.84 75.20 -12.78
N ARG N 87 -4.64 76.00 -12.08
CA ARG N 87 -4.33 76.74 -10.82
C ARG N 87 -4.15 75.79 -9.62
N ILE N 88 -5.01 74.77 -9.45
CA ILE N 88 -4.94 73.80 -8.32
C ILE N 88 -3.56 73.16 -8.33
N VAL N 89 -3.17 72.71 -9.50
CA VAL N 89 -1.91 71.96 -9.68
C VAL N 89 -0.74 72.94 -9.63
N GLN N 90 -0.87 74.16 -10.17
CA GLN N 90 0.15 75.23 -9.98
C GLN N 90 0.39 75.44 -8.47
N GLN N 91 -0.66 75.50 -7.62
CA GLN N 91 -0.58 75.54 -6.11
C GLN N 91 0.21 74.33 -5.62
N ARG N 92 -0.19 73.16 -6.12
CA ARG N 92 0.32 71.85 -5.67
C ARG N 92 1.86 71.84 -5.94
N MET N 93 2.31 72.31 -7.10
CA MET N 93 3.76 72.40 -7.49
C MET N 93 4.59 73.23 -6.48
N GLN N 94 4.13 74.43 -6.09
CA GLN N 94 4.86 75.38 -5.20
C GLN N 94 4.80 74.89 -3.73
N HIS N 95 3.68 74.28 -3.25
CA HIS N 95 3.47 73.85 -1.82
C HIS N 95 3.97 72.41 -1.54
N SER N 96 4.23 71.62 -2.59
CA SER N 96 4.61 70.18 -2.52
C SER N 96 6.10 70.00 -2.22
N PRO N 97 6.49 69.07 -1.31
CA PRO N 97 7.91 68.91 -0.96
C PRO N 97 8.77 68.32 -2.09
N ASP N 98 8.34 67.13 -2.52
CA ASP N 98 9.08 66.17 -3.35
C ASP N 98 8.30 66.00 -4.66
N LEU N 99 8.94 65.41 -5.66
CA LEU N 99 8.30 65.03 -6.95
C LEU N 99 7.36 63.84 -6.72
N MET N 100 7.76 62.89 -5.87
CA MET N 100 6.96 61.73 -5.39
C MET N 100 5.54 62.15 -5.06
N SER N 101 5.47 63.03 -4.08
CA SER N 101 4.21 63.47 -3.45
C SER N 101 3.35 64.15 -4.53
N PHE N 102 4.01 64.90 -5.41
CA PHE N 102 3.37 65.63 -6.53
C PHE N 102 2.63 64.64 -7.41
N MET N 103 3.29 63.52 -7.71
CA MET N 103 2.73 62.47 -8.60
C MET N 103 1.57 61.76 -7.91
N MET N 104 1.69 61.44 -6.60
CA MET N 104 0.56 60.87 -5.78
C MET N 104 -0.67 61.76 -5.96
N GLU N 105 -0.49 63.06 -5.74
CA GLU N 105 -1.57 64.09 -5.85
C GLU N 105 -2.11 64.15 -7.29
N LEU N 106 -1.24 64.09 -8.30
CA LEU N 106 -1.63 64.32 -9.72
C LEU N 106 -2.45 63.14 -10.24
N LYS N 107 -2.15 61.95 -9.73
CA LYS N 107 -2.98 60.73 -9.88
C LYS N 107 -4.33 60.84 -9.15
N MET N 108 -4.34 60.99 -7.82
CA MET N 108 -5.57 61.24 -7.01
C MET N 108 -6.49 62.23 -7.74
N LEU N 109 -5.90 63.32 -8.26
CA LEU N 109 -6.54 64.45 -8.97
C LEU N 109 -7.11 64.05 -10.33
N LEU N 110 -6.33 63.38 -11.18
CA LEU N 110 -6.86 62.78 -12.44
C LEU N 110 -8.05 61.88 -12.12
N GLU N 111 -7.94 60.98 -11.13
CA GLU N 111 -9.01 60.03 -10.77
C GLU N 111 -10.28 60.85 -10.49
N VAL N 112 -10.16 61.93 -9.74
CA VAL N 112 -11.29 62.85 -9.41
C VAL N 112 -11.87 63.46 -10.70
N ALA N 113 -11.03 64.09 -11.54
CA ALA N 113 -11.42 64.77 -12.78
C ALA N 113 -12.24 63.81 -13.65
N LEU N 114 -11.73 62.59 -13.82
CA LEU N 114 -12.33 61.61 -14.74
C LEU N 114 -13.60 61.01 -14.12
N LYS N 115 -13.62 60.70 -12.83
CA LYS N 115 -14.84 60.15 -12.18
C LYS N 115 -15.97 61.18 -12.20
N ASN N 116 -15.69 62.48 -12.31
CA ASN N 116 -16.75 63.51 -12.53
C ASN N 116 -17.20 63.47 -13.99
N ARG N 117 -16.24 63.39 -14.90
CA ARG N 117 -16.45 63.27 -16.38
C ARG N 117 -16.72 61.80 -16.70
N GLN N 118 -17.51 61.07 -15.91
CA GLN N 118 -17.61 59.59 -15.99
C GLN N 118 -18.45 59.15 -17.19
N GLU N 119 -18.83 60.05 -18.12
CA GLU N 119 -19.73 59.79 -19.27
C GLU N 119 -18.91 59.56 -20.58
N LEU N 120 -17.57 59.34 -20.50
CA LEU N 120 -16.64 59.07 -21.66
C LEU N 120 -16.23 57.59 -21.80
N TYR N 121 -16.59 56.67 -20.86
CA TYR N 121 -15.94 55.34 -20.59
C TYR N 121 -16.79 54.15 -21.09
N ALA N 122 -16.30 52.91 -20.92
CA ALA N 122 -17.04 51.61 -21.03
C ALA N 122 -17.06 51.03 -22.46
N LEU N 123 -16.05 50.21 -22.81
CA LEU N 123 -15.96 49.35 -24.04
C LEU N 123 -16.35 47.91 -23.68
N PRO N 124 -17.34 47.25 -24.32
CA PRO N 124 -17.66 45.85 -24.01
C PRO N 124 -16.61 44.81 -24.41
N PRO N 125 -16.62 43.57 -23.85
CA PRO N 125 -15.72 42.50 -24.29
C PRO N 125 -16.34 41.75 -25.48
N PRO N 126 -16.06 42.11 -26.77
CA PRO N 126 -16.78 41.48 -27.89
C PRO N 126 -16.71 39.95 -28.03
N PRO N 127 -15.57 39.26 -27.76
CA PRO N 127 -15.55 37.79 -27.82
C PRO N 127 -16.55 37.06 -26.88
N GLN N 128 -16.83 37.60 -25.67
CA GLN N 128 -17.85 37.08 -24.71
C GLN N 128 -19.25 37.54 -25.12
N PHE N 129 -19.46 38.85 -25.27
CA PHE N 129 -20.76 39.54 -25.10
C PHE N 129 -21.66 39.32 -26.34
N TYR N 130 -21.41 40.01 -27.46
CA TYR N 130 -22.33 40.27 -28.61
C TYR N 130 -22.90 38.92 -29.10
N SER N 131 -22.02 37.95 -29.29
CA SER N 131 -22.30 36.54 -29.69
C SER N 131 -23.13 35.82 -28.63
N SER N 132 -22.63 35.73 -27.39
CA SER N 132 -23.29 35.05 -26.23
C SER N 132 -24.70 35.61 -26.07
N LEU N 133 -24.83 36.91 -26.27
CA LEU N 133 -26.16 37.55 -26.24
C LEU N 133 -26.99 37.08 -27.44
N ILE N 134 -26.41 36.97 -28.64
CA ILE N 134 -27.11 36.43 -29.84
C ILE N 134 -27.48 34.96 -29.62
N GLU N 135 -26.55 34.19 -29.06
CA GLU N 135 -26.76 32.78 -28.60
C GLU N 135 -27.98 32.66 -27.66
N GLU N 136 -28.04 33.45 -26.57
CA GLU N 136 -29.06 33.32 -25.49
C GLU N 136 -30.43 33.77 -26.02
N ILE N 137 -30.45 34.78 -26.90
CA ILE N 137 -31.70 35.24 -27.59
C ILE N 137 -32.17 34.18 -28.59
N GLY N 138 -31.26 33.47 -29.26
CA GLY N 138 -31.59 32.28 -30.06
C GLY N 138 -32.23 31.20 -29.18
N THR N 139 -31.67 30.99 -27.98
CA THR N 139 -32.21 30.08 -26.92
C THR N 139 -33.66 30.44 -26.62
N LEU N 140 -33.95 31.72 -26.45
CA LEU N 140 -35.33 32.19 -26.23
C LEU N 140 -36.16 31.92 -27.49
N GLY N 141 -35.75 32.49 -28.62
CA GLY N 141 -36.56 32.60 -29.84
C GLY N 141 -36.80 34.06 -30.21
N TRP N 142 -36.91 34.33 -31.50
CA TRP N 142 -36.77 35.69 -32.09
C TRP N 142 -38.09 36.48 -32.06
N ASP N 143 -39.22 35.78 -32.15
CA ASP N 143 -40.61 36.27 -31.86
C ASP N 143 -40.73 37.00 -30.50
N LYS N 144 -39.88 36.74 -29.50
CA LYS N 144 -40.00 37.33 -28.13
C LYS N 144 -39.54 38.79 -28.13
N LEU N 145 -38.29 39.04 -28.55
CA LEU N 145 -37.59 40.35 -28.51
C LEU N 145 -38.48 41.45 -29.13
N VAL N 146 -38.61 42.56 -28.42
CA VAL N 146 -39.39 43.76 -28.85
C VAL N 146 -38.49 44.99 -28.97
N TYR N 147 -37.48 45.14 -28.11
CA TYR N 147 -36.54 46.27 -28.14
C TYR N 147 -35.14 45.85 -27.68
N ALA N 148 -34.08 46.28 -28.38
CA ALA N 148 -32.66 46.23 -27.96
C ALA N 148 -32.03 47.58 -28.27
N ASP N 149 -31.40 48.21 -27.28
CA ASP N 149 -30.84 49.57 -27.43
C ASP N 149 -29.63 49.49 -28.36
N THR N 150 -29.28 50.58 -29.07
CA THR N 150 -28.11 50.60 -30.01
C THR N 150 -26.80 50.41 -29.23
N CYS N 151 -26.79 50.68 -27.91
CA CYS N 151 -25.68 50.28 -27.00
C CYS N 151 -25.86 48.83 -26.52
N PHE N 152 -27.00 48.19 -26.85
CA PHE N 152 -27.33 46.78 -26.55
C PHE N 152 -27.40 46.61 -25.03
N SER N 153 -27.54 47.71 -24.30
CA SER N 153 -27.45 47.80 -22.83
C SER N 153 -28.83 47.43 -22.32
N THR N 154 -29.83 48.16 -22.79
CA THR N 154 -31.23 47.78 -22.61
C THR N 154 -31.62 46.81 -23.72
N ILE N 155 -32.43 45.85 -23.32
CA ILE N 155 -33.34 45.09 -24.20
C ILE N 155 -34.70 45.02 -23.50
N LYS N 156 -35.73 44.66 -24.25
CA LYS N 156 -37.08 44.37 -23.72
C LYS N 156 -37.65 43.13 -24.40
N LEU N 157 -38.29 42.28 -23.62
CA LEU N 157 -38.80 40.97 -24.07
C LEU N 157 -40.28 40.91 -23.78
N LYS N 158 -40.94 40.02 -24.50
CA LYS N 158 -42.39 39.79 -24.47
C LYS N 158 -42.65 38.38 -23.99
N ALA N 159 -43.68 38.23 -23.15
CA ALA N 159 -44.33 36.94 -22.86
C ALA N 159 -45.84 37.12 -22.94
N GLU N 160 -46.55 36.01 -23.11
CA GLU N 160 -48.02 35.93 -23.14
C GLU N 160 -48.48 35.22 -21.85
N ASP N 161 -49.66 35.58 -21.35
CA ASP N 161 -50.39 34.80 -20.32
C ASP N 161 -51.16 33.68 -21.03
N ALA N 162 -51.64 32.71 -20.25
CA ALA N 162 -52.61 31.68 -20.69
C ALA N 162 -53.87 32.38 -21.23
N SER N 163 -54.22 33.55 -20.67
CA SER N 163 -55.34 34.43 -21.11
C SER N 163 -55.10 35.00 -22.51
N GLY N 164 -53.84 35.16 -22.94
CA GLY N 164 -53.44 35.87 -24.17
C GLY N 164 -53.28 37.36 -23.92
N ARG N 165 -52.58 37.72 -22.82
CA ARG N 165 -52.20 39.10 -22.43
C ARG N 165 -50.69 39.26 -22.57
N GLU N 166 -50.23 40.36 -23.16
CA GLU N 166 -48.78 40.68 -23.29
C GLU N 166 -48.29 41.24 -21.96
N HIS N 167 -47.22 40.65 -21.43
CA HIS N 167 -46.46 41.13 -20.24
C HIS N 167 -45.01 41.35 -20.72
N LEU N 168 -44.50 42.58 -20.59
CA LEU N 168 -43.10 42.91 -20.99
C LEU N 168 -42.17 42.75 -19.78
N ILE N 169 -40.89 42.61 -20.09
CA ILE N 169 -39.77 42.71 -19.11
C ILE N 169 -38.68 43.55 -19.77
N THR N 170 -38.31 44.64 -19.12
CA THR N 170 -37.09 45.41 -19.46
C THR N 170 -35.91 44.76 -18.75
N LEU N 171 -34.81 44.55 -19.49
CA LEU N 171 -33.48 44.27 -18.89
C LEU N 171 -32.55 45.43 -19.21
N LYS N 172 -31.66 45.71 -18.26
CA LYS N 172 -30.47 46.57 -18.42
C LYS N 172 -29.25 45.70 -18.17
N LEU N 173 -28.28 45.78 -19.06
CA LEU N 173 -27.12 44.85 -19.13
C LEU N 173 -25.87 45.61 -18.73
N LYS N 174 -24.95 44.89 -18.07
CA LYS N 174 -23.61 45.41 -17.72
C LYS N 174 -22.63 45.04 -18.84
N ALA N 175 -21.39 45.53 -18.75
CA ALA N 175 -20.25 45.21 -19.67
C ALA N 175 -20.05 43.70 -19.76
N LYS N 176 -20.18 43.02 -18.61
CA LYS N 176 -20.24 41.55 -18.51
C LYS N 176 -21.67 41.21 -18.13
N TYR N 177 -22.46 40.79 -19.11
CA TYR N 177 -23.84 40.33 -18.90
C TYR N 177 -23.80 39.01 -18.13
N PRO N 178 -23.14 37.92 -18.62
CA PRO N 178 -23.28 36.61 -17.99
C PRO N 178 -22.69 36.52 -16.58
N ALA N 179 -21.67 37.33 -16.27
CA ALA N 179 -21.02 37.40 -14.94
C ALA N 179 -22.03 37.87 -13.90
N GLU N 180 -22.46 39.14 -14.00
CA GLU N 180 -23.31 39.85 -13.00
C GLU N 180 -24.78 39.78 -13.45
N SER N 181 -25.71 40.10 -12.55
CA SER N 181 -27.18 40.14 -12.80
C SER N 181 -27.49 41.28 -13.77
N PRO N 182 -28.39 41.10 -14.76
CA PRO N 182 -28.98 42.23 -15.48
C PRO N 182 -30.16 42.79 -14.68
N ASP N 183 -30.26 44.12 -14.61
CA ASP N 183 -31.35 44.79 -13.86
C ASP N 183 -32.68 44.52 -14.57
N TYR N 184 -33.60 43.85 -13.89
CA TYR N 184 -34.89 43.35 -14.43
C TYR N 184 -36.06 44.20 -13.91
N PHE N 185 -36.75 44.86 -14.82
CA PHE N 185 -37.83 45.82 -14.52
C PHE N 185 -39.07 45.36 -15.24
N VAL N 186 -40.15 45.39 -14.51
CA VAL N 186 -41.39 44.71 -14.94
C VAL N 186 -42.53 45.28 -14.10
N ASP N 187 -43.71 45.40 -14.70
CA ASP N 187 -44.84 46.25 -14.21
C ASP N 187 -45.51 45.59 -12.99
N PHE N 188 -45.74 44.28 -13.03
CA PHE N 188 -46.71 43.56 -12.15
C PHE N 188 -46.36 43.80 -10.67
N PRO N 189 -47.37 43.81 -9.75
CA PRO N 189 -47.26 44.45 -8.45
C PRO N 189 -46.43 43.73 -7.39
N VAL N 190 -46.43 42.38 -7.35
CA VAL N 190 -45.64 41.63 -6.32
C VAL N 190 -44.17 41.69 -6.74
N PRO N 191 -43.21 41.78 -5.78
CA PRO N 191 -41.83 42.10 -6.13
C PRO N 191 -41.20 40.92 -6.88
N PHE N 192 -40.68 41.19 -8.08
CA PHE N 192 -40.10 40.16 -8.97
C PHE N 192 -38.69 39.81 -8.48
N CYS N 193 -38.44 38.51 -8.38
CA CYS N 193 -37.20 37.89 -7.86
C CYS N 193 -36.58 37.08 -9.00
N ALA N 194 -35.35 37.38 -9.41
CA ALA N 194 -34.60 36.63 -10.44
C ALA N 194 -33.33 36.05 -9.83
N SER N 195 -33.34 34.73 -9.54
CA SER N 195 -32.18 33.92 -9.11
C SER N 195 -31.15 33.98 -10.22
N TRP N 196 -30.32 35.02 -10.15
CA TRP N 196 -29.18 35.21 -11.09
C TRP N 196 -27.96 34.50 -10.52
N THR N 197 -27.41 33.58 -11.31
CA THR N 197 -26.07 32.98 -11.20
C THR N 197 -25.28 33.48 -12.41
N PRO N 198 -23.93 33.43 -12.42
CA PRO N 198 -23.17 33.52 -13.67
C PRO N 198 -23.49 32.44 -14.72
N GLN N 199 -24.02 31.28 -14.29
CA GLN N 199 -24.45 30.16 -15.18
C GLN N 199 -25.85 30.42 -15.75
N SER N 200 -26.74 31.13 -15.02
CA SER N 200 -28.13 31.44 -15.44
C SER N 200 -28.09 32.35 -16.68
N SER N 201 -29.15 32.31 -17.50
CA SER N 201 -29.25 33.02 -18.79
C SER N 201 -30.65 33.63 -18.95
N LEU N 202 -30.91 34.15 -20.13
CA LEU N 202 -32.15 34.88 -20.50
C LEU N 202 -33.33 33.93 -20.36
N ILE N 203 -33.11 32.69 -20.78
CA ILE N 203 -34.12 31.59 -20.68
C ILE N 203 -34.45 31.30 -19.20
N SER N 204 -33.48 31.34 -18.27
CA SER N 204 -33.71 31.11 -16.81
C SER N 204 -34.72 32.13 -16.29
N ILE N 205 -34.33 33.39 -16.39
CA ILE N 205 -35.13 34.56 -15.93
C ILE N 205 -36.46 34.60 -16.69
N TYR N 206 -36.54 34.16 -17.96
CA TYR N 206 -37.80 34.11 -18.75
C TYR N 206 -38.79 33.12 -18.13
N SER N 207 -38.32 31.94 -17.71
CA SER N 207 -39.15 30.92 -17.04
C SER N 207 -39.68 31.47 -15.71
N GLN N 208 -38.81 32.17 -14.98
CA GLN N 208 -39.15 32.83 -13.69
C GLN N 208 -40.28 33.84 -13.97
N PHE N 209 -40.17 34.57 -15.08
CA PHE N 209 -41.14 35.62 -15.51
C PHE N 209 -42.50 34.97 -15.80
N LEU N 210 -42.51 33.86 -16.52
CA LEU N 210 -43.76 33.08 -16.79
C LEU N 210 -44.38 32.58 -15.48
N ALA N 211 -43.54 32.17 -14.51
CA ALA N 211 -43.98 31.71 -13.18
C ALA N 211 -44.72 32.85 -12.46
N ALA N 212 -44.14 34.04 -12.46
CA ALA N 212 -44.78 35.24 -11.88
C ALA N 212 -46.10 35.58 -12.61
N ILE N 213 -46.16 35.41 -13.95
CA ILE N 213 -47.38 35.68 -14.78
C ILE N 213 -48.54 34.79 -14.31
N GLU N 214 -48.33 33.47 -14.24
CA GLU N 214 -49.37 32.45 -13.84
C GLU N 214 -49.83 32.53 -12.34
N SER N 215 -48.97 32.99 -11.44
CA SER N 215 -49.41 33.14 -10.02
C SER N 215 -50.47 34.23 -9.95
N LEU N 216 -50.46 35.12 -10.95
CA LEU N 216 -51.44 36.23 -11.05
C LEU N 216 -52.48 35.92 -12.14
N LYS N 217 -52.46 34.72 -12.72
CA LYS N 217 -53.28 34.44 -13.94
C LYS N 217 -54.76 34.63 -13.57
N ALA N 218 -55.17 34.12 -12.40
CA ALA N 218 -56.56 34.28 -11.94
C ALA N 218 -56.77 35.76 -11.62
N PHE N 219 -55.80 36.35 -10.93
CA PHE N 219 -55.81 37.81 -10.56
C PHE N 219 -56.06 38.73 -11.79
N TRP N 220 -55.31 38.61 -12.89
CA TRP N 220 -55.48 39.42 -14.14
C TRP N 220 -56.89 39.29 -14.70
N ASP N 221 -57.44 38.06 -14.73
CA ASP N 221 -58.82 37.73 -15.21
C ASP N 221 -59.86 38.50 -14.37
N VAL N 222 -59.80 38.42 -13.03
CA VAL N 222 -60.72 39.16 -12.09
C VAL N 222 -60.66 40.67 -12.41
N MET N 223 -59.44 41.23 -12.57
CA MET N 223 -59.17 42.68 -12.88
C MET N 223 -59.67 43.08 -14.27
N ASP N 224 -59.41 42.27 -15.32
CA ASP N 224 -59.89 42.51 -16.71
C ASP N 224 -61.42 42.48 -16.74
N GLU N 225 -62.04 41.54 -16.01
CA GLU N 225 -63.51 41.39 -15.81
C GLU N 225 -64.12 42.67 -15.22
N ILE N 226 -63.58 43.14 -14.08
CA ILE N 226 -63.98 44.42 -13.42
C ILE N 226 -63.83 45.56 -14.46
N ASP N 227 -62.65 45.70 -15.11
CA ASP N 227 -62.32 46.79 -16.07
C ASP N 227 -63.26 46.81 -17.29
N GLU N 228 -63.76 45.66 -17.74
CA GLU N 228 -64.71 45.60 -18.89
C GLU N 228 -66.13 46.02 -18.45
N LYS N 229 -66.70 45.38 -17.40
CA LYS N 229 -68.18 45.37 -17.09
C LYS N 229 -68.67 46.50 -16.16
N THR N 230 -67.75 47.24 -15.51
CA THR N 230 -68.05 48.25 -14.45
C THR N 230 -67.37 49.59 -14.79
N TRP N 231 -67.94 50.69 -14.31
CA TRP N 231 -67.41 52.07 -14.46
C TRP N 231 -66.23 52.26 -13.50
N VAL N 232 -65.06 51.76 -13.93
CA VAL N 232 -63.77 52.03 -13.24
C VAL N 232 -63.51 53.53 -13.32
N LEU N 233 -63.08 54.10 -12.20
CA LEU N 233 -63.01 55.56 -12.00
C LEU N 233 -61.55 56.00 -11.83
N GLU N 234 -60.81 55.38 -10.90
CA GLU N 234 -59.64 56.03 -10.25
C GLU N 234 -58.34 55.23 -10.36
N PRO N 235 -58.22 54.11 -11.09
CA PRO N 235 -57.16 54.00 -12.09
C PRO N 235 -57.79 54.13 -13.48
N GLU N 236 -57.14 54.91 -14.33
CA GLU N 236 -57.57 55.27 -15.71
C GLU N 236 -56.47 54.78 -16.64
N LYS N 237 -56.77 53.83 -17.53
CA LYS N 237 -55.79 52.88 -18.13
C LYS N 237 -54.90 52.33 -17.01
N PRO N 238 -55.42 51.47 -16.10
CA PRO N 238 -54.58 50.91 -15.03
C PRO N 238 -53.41 50.08 -15.55
N PRO N 239 -52.22 50.04 -14.88
CA PRO N 239 -51.11 49.20 -15.32
C PRO N 239 -51.44 47.77 -14.91
N ARG N 240 -50.45 46.87 -14.94
CA ARG N 240 -50.63 45.54 -14.31
C ARG N 240 -50.30 45.63 -12.81
N SER N 241 -49.63 46.70 -12.36
CA SER N 241 -49.20 46.92 -10.95
C SER N 241 -50.38 47.28 -10.01
N ALA N 242 -51.52 47.74 -10.52
CA ALA N 242 -52.62 48.23 -9.65
C ALA N 242 -53.37 47.02 -9.08
N THR N 243 -53.52 47.02 -7.75
CA THR N 243 -54.29 46.03 -6.94
C THR N 243 -55.60 46.66 -6.41
N ALA N 244 -55.67 48.00 -6.36
CA ALA N 244 -56.85 48.81 -5.97
C ALA N 244 -57.63 49.26 -7.21
N ARG N 245 -58.97 49.27 -7.15
CA ARG N 245 -59.86 49.63 -8.30
C ARG N 245 -61.08 50.43 -7.81
N ARG N 246 -61.00 51.75 -7.83
CA ARG N 246 -62.15 52.62 -7.48
C ARG N 246 -63.22 52.52 -8.57
N ILE N 247 -64.21 51.67 -8.33
CA ILE N 247 -65.41 51.48 -9.17
C ILE N 247 -66.41 52.57 -8.77
N ALA N 248 -67.12 53.13 -9.74
CA ALA N 248 -68.30 53.98 -9.49
C ALA N 248 -69.57 53.12 -9.59
N LEU N 249 -70.62 53.52 -8.87
CA LEU N 249 -71.94 52.85 -8.87
C LEU N 249 -73.03 53.89 -8.58
N GLY N 250 -74.14 53.78 -9.30
CA GLY N 250 -75.08 54.90 -9.53
C GLY N 250 -74.30 56.14 -9.99
N ASN N 251 -74.50 57.26 -9.32
CA ASN N 251 -73.70 58.50 -9.48
C ASN N 251 -73.50 59.13 -8.09
N ASN N 252 -72.34 59.76 -7.89
CA ASN N 252 -71.96 60.44 -6.62
C ASN N 252 -71.97 59.48 -5.41
N VAL N 253 -71.77 58.18 -5.63
CA VAL N 253 -71.20 57.23 -4.62
C VAL N 253 -70.21 56.34 -5.36
N SER N 254 -69.11 55.96 -4.70
CA SER N 254 -68.02 55.12 -5.26
C SER N 254 -67.65 54.02 -4.26
N ILE N 255 -67.03 52.94 -4.75
CA ILE N 255 -66.46 51.83 -3.94
C ILE N 255 -65.00 51.66 -4.35
N ASN N 256 -64.05 51.76 -3.42
CA ASN N 256 -62.61 51.44 -3.70
C ASN N 256 -62.32 50.03 -3.17
N ILE N 257 -61.70 49.20 -4.04
CA ILE N 257 -61.58 47.72 -3.96
C ILE N 257 -60.09 47.38 -4.11
N GLU N 258 -59.47 46.91 -3.03
CA GLU N 258 -58.14 46.28 -3.07
C GLU N 258 -58.32 44.76 -3.04
N VAL N 259 -57.70 44.05 -3.98
CA VAL N 259 -57.85 42.58 -4.17
C VAL N 259 -56.51 41.93 -3.80
N ASP N 260 -56.55 40.74 -3.18
CA ASP N 260 -55.37 39.92 -2.84
C ASP N 260 -54.96 39.15 -4.11
N PRO N 261 -53.73 39.33 -4.70
CA PRO N 261 -53.41 38.72 -6.01
C PRO N 261 -53.33 37.18 -6.11
N ARG N 262 -53.04 36.56 -4.96
CA ARG N 262 -52.96 35.09 -4.73
C ARG N 262 -54.36 34.50 -4.49
N HIS N 263 -55.32 35.27 -3.97
CA HIS N 263 -56.74 34.87 -3.76
C HIS N 263 -57.67 35.91 -4.38
N PRO N 264 -57.71 36.10 -5.72
CA PRO N 264 -58.44 37.21 -6.33
C PRO N 264 -59.97 37.05 -6.36
N THR N 265 -60.41 35.87 -6.79
CA THR N 265 -61.81 35.37 -6.71
C THR N 265 -62.36 35.46 -5.27
N MET N 266 -61.51 35.28 -4.23
CA MET N 266 -61.82 35.36 -2.77
C MET N 266 -62.29 36.80 -2.42
N LEU N 267 -62.86 36.99 -1.20
CA LEU N 267 -63.46 38.28 -0.75
C LEU N 267 -62.35 39.33 -0.61
N PRO N 268 -62.45 40.49 -1.32
CA PRO N 268 -61.52 41.62 -1.11
C PRO N 268 -61.98 42.54 0.03
N GLU N 269 -61.04 43.24 0.65
CA GLU N 269 -61.37 44.45 1.45
C GLU N 269 -61.90 45.50 0.48
N CYS N 270 -63.13 45.95 0.72
CA CYS N 270 -63.88 46.94 -0.09
C CYS N 270 -64.58 47.92 0.87
N PHE N 271 -64.67 49.20 0.48
CA PHE N 271 -65.43 50.22 1.24
C PHE N 271 -65.87 51.37 0.32
N PHE N 272 -66.73 52.22 0.88
CA PHE N 272 -67.68 53.12 0.18
C PHE N 272 -67.27 54.58 0.39
N LEU N 273 -67.28 55.38 -0.69
CA LEU N 273 -67.17 56.86 -0.67
C LEU N 273 -68.51 57.45 -1.12
N GLY N 274 -68.89 58.60 -0.53
CA GLY N 274 -69.96 59.47 -1.03
C GLY N 274 -70.79 60.07 0.08
N ALA N 275 -72.07 60.24 -0.19
CA ALA N 275 -73.04 60.86 0.72
C ALA N 275 -73.39 59.83 1.80
N ASP N 276 -73.32 60.24 3.07
CA ASP N 276 -73.38 59.33 4.26
C ASP N 276 -74.77 58.69 4.39
N HIS N 277 -75.84 59.31 3.88
CA HIS N 277 -77.22 58.73 3.80
C HIS N 277 -77.32 57.63 2.73
N VAL N 278 -76.46 57.64 1.71
CA VAL N 278 -76.43 56.65 0.59
C VAL N 278 -75.54 55.44 0.94
N VAL N 279 -74.44 55.67 1.63
CA VAL N 279 -73.44 54.63 2.02
C VAL N 279 -74.02 53.66 3.06
N LYS N 280 -74.88 54.15 4.00
CA LYS N 280 -75.41 53.40 5.21
C LYS N 280 -76.06 52.07 4.79
N PRO N 281 -77.16 52.04 3.98
CA PRO N 281 -77.77 50.75 3.63
C PRO N 281 -76.82 49.79 2.88
N LEU N 282 -75.85 50.32 2.11
CA LEU N 282 -74.88 49.55 1.27
C LEU N 282 -73.89 48.80 2.17
N GLY N 283 -73.23 49.52 3.08
CA GLY N 283 -72.43 48.93 4.17
C GLY N 283 -73.23 47.89 4.97
N ILE N 284 -74.47 48.23 5.35
CA ILE N 284 -75.38 47.38 6.21
C ILE N 284 -75.70 46.07 5.44
N LYS N 285 -75.97 46.14 4.13
CA LYS N 285 -76.31 44.98 3.25
C LYS N 285 -75.04 44.17 2.93
N LEU N 286 -73.89 44.82 2.72
CA LEU N 286 -72.57 44.13 2.63
C LEU N 286 -72.36 43.27 3.89
N SER N 287 -72.57 43.80 5.14
CA SER N 287 -72.44 43.07 6.45
C SER N 287 -73.40 41.86 6.56
N ARG N 288 -74.65 41.99 6.07
CA ARG N 288 -75.63 40.86 5.97
C ARG N 288 -75.12 39.77 5.01
N ASN N 289 -74.67 40.16 3.81
CA ASN N 289 -74.52 39.27 2.64
C ASN N 289 -73.05 38.90 2.34
N ILE N 290 -72.08 39.26 3.20
CA ILE N 290 -70.62 38.98 3.02
C ILE N 290 -70.32 37.47 3.15
N HIS N 291 -71.14 36.69 3.89
CA HIS N 291 -71.09 35.19 3.99
C HIS N 291 -71.61 34.50 2.71
N LEU N 292 -72.37 35.20 1.85
CA LEU N 292 -72.90 34.72 0.52
C LEU N 292 -71.88 35.01 -0.61
N TRP N 293 -70.70 35.56 -0.29
CA TRP N 293 -69.49 35.52 -1.13
C TRP N 293 -69.08 34.06 -1.35
N ASP N 294 -68.64 33.73 -2.56
CA ASP N 294 -68.26 32.36 -2.96
C ASP N 294 -67.14 32.46 -4.00
N PRO N 295 -65.96 31.83 -3.83
CA PRO N 295 -64.83 32.05 -4.77
C PRO N 295 -64.85 31.21 -6.07
N GLU N 296 -66.00 30.59 -6.40
CA GLU N 296 -66.30 29.84 -7.66
C GLU N 296 -66.72 30.84 -8.76
N ASN N 297 -67.53 31.84 -8.38
CA ASN N 297 -67.96 32.97 -9.23
C ASN N 297 -66.79 33.96 -9.36
N SER N 298 -66.96 34.97 -10.22
CA SER N 298 -66.06 36.14 -10.33
C SER N 298 -66.31 37.10 -9.16
N VAL N 299 -65.39 38.06 -9.00
CA VAL N 299 -65.54 39.23 -8.08
C VAL N 299 -66.86 39.96 -8.38
N LEU N 300 -67.15 40.28 -9.65
CA LEU N 300 -68.41 41.01 -10.04
C LEU N 300 -69.65 40.14 -9.78
N GLN N 301 -69.63 38.86 -10.15
CA GLN N 301 -70.80 37.93 -9.99
C GLN N 301 -71.05 37.63 -8.50
N ASN N 302 -70.07 37.85 -7.61
CA ASN N 302 -70.29 37.80 -6.13
C ASN N 302 -70.76 39.15 -5.58
N LEU N 303 -70.24 40.30 -6.07
CA LEU N 303 -70.60 41.65 -5.54
C LEU N 303 -72.05 42.02 -5.89
N LYS N 304 -72.49 41.72 -7.13
CA LYS N 304 -73.87 41.97 -7.62
C LYS N 304 -74.91 41.25 -6.72
N ASP N 305 -74.66 40.01 -6.23
CA ASP N 305 -75.55 39.20 -5.34
C ASP N 305 -75.31 39.51 -3.84
N VAL N 306 -74.14 40.02 -3.44
CA VAL N 306 -73.82 40.45 -2.03
C VAL N 306 -74.57 41.77 -1.76
N LEU N 307 -74.25 42.81 -2.52
CA LEU N 307 -74.84 44.17 -2.38
C LEU N 307 -76.20 44.28 -3.12
N GLU N 308 -76.62 43.25 -3.87
CA GLU N 308 -77.96 43.14 -4.53
C GLU N 308 -78.15 44.30 -5.54
N ILE N 309 -77.09 44.66 -6.28
CA ILE N 309 -77.05 45.81 -7.24
C ILE N 309 -76.52 45.33 -8.59
N ASP N 310 -76.64 46.23 -9.57
CA ASP N 310 -75.86 46.23 -10.82
C ASP N 310 -74.85 47.38 -10.73
N PHE N 311 -73.87 47.38 -11.64
CA PHE N 311 -72.89 48.47 -11.90
C PHE N 311 -73.23 49.11 -13.26
N PRO N 312 -73.12 50.46 -13.44
CA PRO N 312 -73.41 51.11 -14.72
C PRO N 312 -72.19 50.91 -15.64
N ALA N 313 -72.42 50.89 -16.95
CA ALA N 313 -71.36 50.74 -17.97
C ALA N 313 -70.96 52.13 -18.49
N ARG N 314 -70.08 52.79 -17.73
CA ARG N 314 -69.29 53.99 -18.11
C ARG N 314 -70.22 55.18 -18.28
N ALA N 315 -70.96 55.49 -17.22
CA ALA N 315 -71.64 56.79 -17.15
C ALA N 315 -70.68 57.95 -17.56
N ILE N 316 -69.36 57.71 -17.83
CA ILE N 316 -68.29 58.58 -18.48
C ILE N 316 -68.83 59.36 -19.70
N LEU N 317 -69.37 58.69 -20.72
CA LEU N 317 -69.62 59.30 -22.07
C LEU N 317 -70.88 60.20 -22.07
N GLU N 318 -71.91 59.94 -21.23
CA GLU N 318 -73.16 60.76 -21.08
C GLU N 318 -72.93 61.93 -20.11
N LYS N 319 -72.24 61.70 -18.99
CA LYS N 319 -71.88 62.70 -17.94
C LYS N 319 -70.44 63.19 -18.20
N SER N 320 -70.16 63.71 -19.40
CA SER N 320 -68.80 64.14 -19.88
C SER N 320 -68.40 65.49 -19.27
N ASP N 321 -69.36 66.33 -18.85
CA ASP N 321 -69.16 67.50 -17.95
C ASP N 321 -70.40 67.70 -17.05
N PHE N 322 -70.46 66.96 -15.91
CA PHE N 322 -71.45 67.09 -14.79
C PHE N 322 -70.88 68.01 -13.67
N THR N 323 -69.74 68.68 -13.94
CA THR N 323 -68.78 69.28 -12.96
C THR N 323 -68.70 68.41 -11.68
N MET N 324 -68.01 67.26 -11.79
CA MET N 324 -67.57 66.42 -10.66
C MET N 324 -66.20 66.93 -10.19
N ASP N 325 -66.02 68.25 -10.16
CA ASP N 325 -64.83 68.96 -9.63
C ASP N 325 -65.17 69.52 -8.27
N CYS N 326 -64.11 69.69 -7.48
CA CYS N 326 -64.15 70.09 -6.07
C CYS N 326 -65.24 71.12 -5.79
N GLY N 327 -65.52 72.02 -6.74
CA GLY N 327 -66.43 73.15 -6.53
C GLY N 327 -65.96 74.09 -5.42
N ILE N 328 -64.74 73.93 -4.83
CA ILE N 328 -63.96 74.97 -4.08
C ILE N 328 -62.88 75.47 -5.04
N CYS N 329 -61.93 74.59 -5.39
CA CYS N 329 -60.77 74.85 -6.28
C CYS N 329 -61.14 74.52 -7.75
N TYR N 330 -62.17 73.79 -8.20
CA TYR N 330 -62.74 73.46 -9.53
C TYR N 330 -61.84 72.53 -10.35
N ALA N 331 -60.98 71.79 -9.65
CA ALA N 331 -60.07 70.80 -10.23
C ALA N 331 -60.37 69.42 -9.65
N TYR N 332 -60.25 68.43 -10.52
CA TYR N 332 -60.02 67.02 -10.16
C TYR N 332 -58.51 66.81 -10.05
N GLN N 333 -58.08 65.86 -9.22
CA GLN N 333 -56.64 65.57 -8.97
C GLN N 333 -55.98 66.82 -8.38
N LEU N 334 -56.26 67.10 -7.12
CA LEU N 334 -55.39 67.97 -6.31
C LEU N 334 -54.48 67.05 -5.47
N ASP N 335 -53.24 66.88 -5.92
CA ASP N 335 -52.15 66.23 -5.16
C ASP N 335 -52.54 64.80 -4.75
N GLY N 336 -52.97 63.99 -5.71
CA GLY N 336 -53.42 62.61 -5.45
C GLY N 336 -54.86 62.52 -4.99
N THR N 337 -55.35 63.50 -4.22
CA THR N 337 -56.70 63.45 -3.64
C THR N 337 -57.75 63.54 -4.74
N ILE N 338 -58.94 63.02 -4.43
CA ILE N 338 -60.09 62.90 -5.35
C ILE N 338 -61.22 63.71 -4.70
N PRO N 339 -62.20 64.20 -5.48
CA PRO N 339 -63.47 64.63 -4.90
C PRO N 339 -64.27 63.48 -4.27
N ASP N 340 -64.24 63.43 -2.93
CA ASP N 340 -64.82 62.34 -2.12
C ASP N 340 -65.83 62.90 -1.12
N GLN N 341 -65.44 63.94 -0.38
CA GLN N 341 -66.33 64.59 0.61
C GLN N 341 -67.46 65.28 -0.13
N VAL N 342 -68.70 64.96 0.22
CA VAL N 342 -69.92 65.43 -0.48
C VAL N 342 -70.85 66.07 0.53
N CYS N 343 -71.99 66.52 0.04
CA CYS N 343 -73.04 67.11 0.87
C CYS N 343 -74.08 66.03 1.18
N ASP N 344 -74.58 66.03 2.41
CA ASP N 344 -75.72 65.18 2.82
C ASP N 344 -77.01 65.89 2.44
N ASN N 345 -77.21 66.09 1.14
CA ASN N 345 -78.33 66.89 0.61
C ASN N 345 -78.64 66.43 -0.81
N SER N 346 -79.92 66.32 -1.12
CA SER N 346 -80.39 65.90 -2.45
C SER N 346 -80.21 67.01 -3.48
N GLN N 347 -80.21 68.27 -3.03
CA GLN N 347 -80.32 69.45 -3.93
C GLN N 347 -78.93 70.01 -4.28
N CYS N 348 -77.90 69.67 -3.50
CA CYS N 348 -76.52 70.14 -3.73
C CYS N 348 -75.72 68.99 -4.32
N GLY N 349 -75.49 67.95 -3.53
CA GLY N 349 -74.66 66.80 -3.92
C GLY N 349 -73.27 67.17 -4.40
N GLN N 350 -72.74 68.32 -3.95
CA GLN N 350 -71.54 68.91 -4.56
C GLN N 350 -70.33 68.25 -3.93
N PRO N 351 -69.47 67.54 -4.68
CA PRO N 351 -68.24 67.05 -4.08
C PRO N 351 -67.23 68.17 -3.76
N PHE N 352 -66.23 67.80 -2.98
CA PHE N 352 -65.17 68.69 -2.48
C PHE N 352 -63.90 67.88 -2.36
N HIS N 353 -62.66 68.22 -1.82
CA HIS N 353 -61.37 67.61 -1.33
C HIS N 353 -61.25 67.79 0.19
N GLN N 354 -60.49 66.88 0.82
CA GLN N 354 -60.07 67.01 2.26
C GLN N 354 -59.43 68.40 2.53
N ILE N 355 -58.53 68.86 1.67
CA ILE N 355 -57.68 70.06 1.94
C ILE N 355 -58.61 71.28 1.81
N CYS N 356 -59.34 71.34 0.68
CA CYS N 356 -60.26 72.45 0.34
C CYS N 356 -61.32 72.62 1.43
N LEU N 357 -62.03 71.56 1.80
CA LEU N 357 -63.17 71.64 2.76
C LEU N 357 -62.67 72.00 4.17
N TYR N 358 -61.48 71.53 4.54
CA TYR N 358 -60.86 71.85 5.84
C TYR N 358 -60.44 73.34 5.87
N GLU N 359 -59.78 73.85 4.82
CA GLU N 359 -59.32 75.27 4.75
C GLU N 359 -60.49 76.23 4.56
N TRP N 360 -61.65 75.70 4.14
CA TRP N 360 -62.93 76.45 4.15
C TRP N 360 -63.53 76.50 5.56
N LEU N 361 -63.80 75.34 6.20
CA LEU N 361 -64.60 75.29 7.46
C LEU N 361 -63.78 75.79 8.67
N ARG N 362 -62.45 75.67 8.66
CA ARG N 362 -61.61 76.31 9.70
C ARG N 362 -61.57 77.84 9.59
N GLY N 363 -61.60 78.41 8.38
CA GLY N 363 -61.51 79.86 8.13
C GLY N 363 -62.72 80.62 8.64
N LEU N 364 -63.91 80.04 8.51
CA LEU N 364 -65.17 80.72 8.92
C LEU N 364 -65.33 80.72 10.44
N LEU N 365 -66.04 81.72 10.93
CA LEU N 365 -66.52 81.88 12.33
C LEU N 365 -67.38 80.66 12.74
N THR N 366 -68.48 80.45 12.01
CA THR N 366 -69.67 79.61 12.33
C THR N 366 -69.27 78.17 12.65
N SER N 367 -68.28 77.71 11.91
CA SER N 367 -67.69 76.36 12.01
C SER N 367 -67.30 76.06 13.44
N ARG N 368 -67.71 74.86 13.91
CA ARG N 368 -67.50 74.33 15.28
C ARG N 368 -66.89 72.93 15.18
N GLN N 369 -65.74 72.74 15.84
CA GLN N 369 -64.93 71.50 15.81
C GLN N 369 -65.12 70.80 17.18
N SER N 370 -65.62 69.57 17.13
CA SER N 370 -65.23 68.50 18.07
C SER N 370 -63.76 68.09 17.75
N PHE N 371 -63.32 66.86 17.99
CA PHE N 371 -61.87 66.59 18.27
C PHE N 371 -60.98 66.74 17.02
N ASN N 372 -61.16 65.82 16.07
CA ASN N 372 -60.51 65.79 14.73
C ASN N 372 -61.62 65.70 13.66
N ILE N 373 -62.73 66.40 13.92
CA ILE N 373 -63.93 66.59 13.05
C ILE N 373 -64.21 68.11 13.05
N ILE N 374 -64.73 68.65 11.94
CA ILE N 374 -65.32 70.01 11.85
C ILE N 374 -66.74 69.87 11.35
N PHE N 375 -67.72 70.34 12.06
CA PHE N 375 -69.07 70.52 11.52
C PHE N 375 -69.15 71.93 10.95
N GLY N 376 -69.81 72.06 9.80
CA GLY N 376 -70.03 73.38 9.23
C GLY N 376 -71.12 73.39 8.21
N GLU N 377 -71.19 74.50 7.47
CA GLU N 377 -72.19 74.69 6.41
C GLU N 377 -71.54 74.35 5.08
N CYS N 378 -72.25 73.60 4.25
CA CYS N 378 -71.83 73.37 2.86
C CYS N 378 -71.75 74.74 2.19
N PRO N 379 -70.64 75.04 1.52
CA PRO N 379 -70.52 76.32 0.81
C PRO N 379 -71.71 76.68 -0.10
N TYR N 380 -72.23 75.74 -0.87
CA TYR N 380 -73.20 76.08 -1.93
C TYR N 380 -74.60 76.25 -1.32
N CYS N 381 -75.00 75.36 -0.40
CA CYS N 381 -76.41 75.26 0.05
C CYS N 381 -76.62 75.63 1.51
N SER N 382 -75.53 75.80 2.29
CA SER N 382 -75.58 76.18 3.72
C SER N 382 -76.41 75.19 4.54
N LYS N 383 -76.07 73.90 4.43
CA LYS N 383 -76.65 72.80 5.22
C LYS N 383 -75.53 72.14 6.02
N PRO N 384 -75.86 71.46 7.13
CA PRO N 384 -74.84 70.83 7.95
C PRO N 384 -74.03 69.78 7.18
N ILE N 385 -72.72 69.96 7.14
CA ILE N 385 -71.79 69.03 6.48
C ILE N 385 -70.68 68.71 7.48
N THR N 386 -70.26 67.46 7.51
CA THR N 386 -69.28 66.97 8.49
C THR N 386 -68.02 66.53 7.77
N LEU N 387 -66.87 66.92 8.32
CA LEU N 387 -65.56 66.53 7.79
C LEU N 387 -64.77 65.84 8.89
N LYS N 388 -64.38 64.54 8.66
CA LYS N 388 -63.52 63.74 9.56
C LYS N 388 -62.15 63.63 8.91
N MET N 389 -61.16 64.29 9.51
CA MET N 389 -59.77 64.24 9.03
C MET N 389 -59.21 62.83 9.26
N MET O 1 -52.08 76.76 -5.98
CA MET O 1 -52.41 75.61 -6.89
C MET O 1 -53.85 75.67 -7.34
N GLN O 2 -54.71 75.86 -6.35
CA GLN O 2 -56.18 75.90 -6.47
C GLN O 2 -56.53 77.08 -7.42
N ARG O 3 -55.77 78.21 -7.32
CA ARG O 3 -55.80 79.46 -8.16
C ARG O 3 -55.80 79.09 -9.64
N ALA O 4 -54.82 78.27 -10.04
CA ALA O 4 -54.72 77.65 -11.38
C ALA O 4 -56.01 76.89 -11.74
N SER O 5 -56.55 76.02 -10.87
CA SER O 5 -57.69 75.11 -11.24
C SER O 5 -59.01 75.86 -11.39
N ARG O 6 -59.27 76.86 -10.55
CA ARG O 6 -60.39 77.82 -10.71
C ARG O 6 -60.24 78.67 -11.99
N LEU O 7 -59.11 79.39 -12.09
CA LEU O 7 -58.75 80.40 -13.16
C LEU O 7 -58.84 79.72 -14.54
N LYS O 8 -58.43 78.44 -14.62
CA LYS O 8 -58.52 77.55 -15.81
C LYS O 8 -59.94 77.40 -16.36
N ARG O 9 -60.91 77.08 -15.51
CA ARG O 9 -62.37 77.00 -15.85
C ARG O 9 -62.94 78.38 -16.11
N GLU O 10 -62.57 79.32 -15.25
CA GLU O 10 -63.02 80.74 -15.29
C GLU O 10 -62.53 81.47 -16.57
N LEU O 11 -61.22 81.60 -16.88
CA LEU O 11 -60.67 82.20 -18.14
C LEU O 11 -61.34 81.63 -19.40
N HIS O 12 -61.42 80.31 -19.42
CA HIS O 12 -62.05 79.46 -20.48
C HIS O 12 -63.56 79.75 -20.53
N MET O 13 -64.26 79.69 -19.38
CA MET O 13 -65.71 79.99 -19.21
C MET O 13 -66.03 81.48 -19.53
N LEU O 14 -65.12 82.47 -19.37
CA LEU O 14 -65.33 83.93 -19.68
C LEU O 14 -64.99 84.28 -21.16
N ALA O 15 -64.23 83.42 -21.85
CA ALA O 15 -64.05 83.42 -23.33
C ALA O 15 -65.25 82.75 -24.04
N THR O 16 -65.82 81.64 -23.49
CA THR O 16 -66.88 80.73 -24.08
C THR O 16 -68.33 81.12 -23.67
N GLU O 17 -68.60 81.50 -22.42
CA GLU O 17 -69.98 81.81 -21.90
C GLU O 17 -69.93 82.93 -20.83
N PRO O 18 -69.45 84.18 -21.14
CA PRO O 18 -69.48 85.28 -20.16
C PRO O 18 -70.92 85.82 -20.01
N PRO O 19 -71.26 86.49 -18.88
CA PRO O 19 -72.62 87.02 -18.68
C PRO O 19 -72.98 88.19 -19.60
N PRO O 20 -74.29 88.49 -19.83
CA PRO O 20 -74.71 89.55 -20.76
C PRO O 20 -74.32 91.00 -20.39
N GLY O 21 -73.78 91.73 -21.37
CA GLY O 21 -73.10 93.03 -21.19
C GLY O 21 -71.70 92.90 -20.61
N ILE O 22 -71.12 91.69 -20.52
CA ILE O 22 -69.83 91.46 -19.78
C ILE O 22 -68.90 90.55 -20.58
N THR O 23 -67.60 90.86 -20.45
CA THR O 23 -66.47 90.07 -20.95
C THR O 23 -65.39 90.08 -19.87
N CYS O 24 -64.54 89.03 -19.82
CA CYS O 24 -63.30 88.97 -18.99
C CYS O 24 -62.24 88.08 -19.69
N TRP O 25 -61.05 88.64 -19.95
CA TRP O 25 -59.88 87.98 -20.62
C TRP O 25 -58.62 88.18 -19.78
N GLN O 26 -57.64 87.27 -19.93
CA GLN O 26 -56.32 87.40 -19.24
C GLN O 26 -55.60 88.59 -19.91
N ASP O 27 -55.30 89.59 -19.09
CA ASP O 27 -54.87 90.95 -19.49
C ASP O 27 -53.61 90.80 -20.36
N LYS O 28 -53.50 91.60 -21.43
CA LYS O 28 -52.38 91.62 -22.44
C LYS O 28 -51.17 92.42 -21.89
N ASP O 29 -51.43 93.45 -21.09
CA ASP O 29 -50.44 94.12 -20.20
C ASP O 29 -50.05 93.12 -19.09
N GLN O 30 -51.04 92.59 -18.36
CA GLN O 30 -50.85 91.76 -17.13
C GLN O 30 -51.34 90.33 -17.40
N MET O 31 -50.43 89.40 -17.69
CA MET O 31 -50.73 87.97 -18.05
C MET O 31 -50.85 87.08 -16.77
N ASP O 32 -51.40 87.64 -15.67
CA ASP O 32 -51.67 87.01 -14.33
C ASP O 32 -53.07 87.43 -13.82
N ASP O 33 -53.33 88.75 -13.83
CA ASP O 33 -54.64 89.40 -13.53
C ASP O 33 -55.53 89.50 -14.79
N LEU O 34 -56.81 89.72 -14.53
CA LEU O 34 -57.91 89.62 -15.52
C LEU O 34 -58.38 91.05 -15.88
N ARG O 35 -58.66 91.34 -17.16
CA ARG O 35 -59.38 92.58 -17.58
C ARG O 35 -60.81 92.22 -17.96
N ALA O 36 -61.77 92.95 -17.40
CA ALA O 36 -63.22 92.82 -17.67
C ALA O 36 -63.68 94.06 -18.42
N GLN O 37 -64.74 93.92 -19.21
CA GLN O 37 -65.50 95.10 -19.70
C GLN O 37 -66.98 94.87 -19.40
N ILE O 38 -67.57 95.73 -18.55
CA ILE O 38 -69.02 95.77 -18.19
C ILE O 38 -69.62 96.99 -18.89
N LEU O 39 -70.56 96.74 -19.81
CA LEU O 39 -71.12 97.75 -20.74
C LEU O 39 -72.36 98.32 -20.05
N GLY O 40 -72.50 99.64 -20.06
CA GLY O 40 -73.33 100.39 -19.11
C GLY O 40 -74.75 99.89 -19.06
N GLY O 41 -75.20 99.47 -17.87
CA GLY O 41 -76.52 98.89 -17.61
C GLY O 41 -77.62 99.63 -18.34
N ALA O 42 -78.59 98.90 -18.88
CA ALA O 42 -79.72 99.45 -19.68
C ALA O 42 -80.66 100.25 -18.78
N ASN O 43 -81.12 101.41 -19.25
CA ASN O 43 -81.97 102.40 -18.51
C ASN O 43 -81.30 102.78 -17.18
N THR O 44 -79.98 103.05 -17.24
CA THR O 44 -79.16 103.69 -16.18
C THR O 44 -78.39 104.80 -16.89
N PRO O 45 -77.82 105.80 -16.18
CA PRO O 45 -77.09 106.87 -16.85
C PRO O 45 -75.78 106.41 -17.55
N TYR O 46 -75.39 105.16 -17.27
CA TYR O 46 -74.17 104.45 -17.72
C TYR O 46 -74.34 103.89 -19.15
N GLU O 47 -75.58 103.88 -19.68
CA GLU O 47 -75.92 103.67 -21.13
C GLU O 47 -74.91 104.39 -22.05
N LYS O 48 -74.28 103.65 -23.00
CA LYS O 48 -73.27 104.04 -24.05
C LYS O 48 -71.84 104.07 -23.49
N GLY O 49 -71.65 103.55 -22.27
CA GLY O 49 -70.36 103.46 -21.59
C GLY O 49 -69.84 102.03 -21.58
N VAL O 50 -68.53 101.88 -21.80
CA VAL O 50 -67.77 100.60 -21.67
C VAL O 50 -66.81 100.76 -20.48
N PHE O 51 -67.12 100.11 -19.33
CA PHE O 51 -66.44 100.26 -18.00
C PHE O 51 -65.41 99.14 -17.84
N LYS O 52 -64.12 99.49 -17.91
CA LYS O 52 -62.98 98.57 -17.67
C LYS O 52 -62.84 98.34 -16.16
N LEU O 53 -62.68 97.08 -15.73
CA LEU O 53 -62.37 96.66 -14.32
C LEU O 53 -61.10 95.80 -14.35
N GLU O 54 -60.20 96.00 -13.37
CA GLU O 54 -59.13 95.03 -13.06
C GLU O 54 -59.64 94.16 -11.90
N VAL O 55 -59.61 92.84 -12.14
CA VAL O 55 -59.95 91.74 -11.21
C VAL O 55 -58.61 91.12 -10.78
N ILE O 56 -58.21 91.40 -9.54
CA ILE O 56 -57.00 90.82 -8.90
C ILE O 56 -57.43 89.54 -8.19
N ILE O 57 -56.80 88.45 -8.61
CA ILE O 57 -57.04 87.14 -7.99
C ILE O 57 -56.04 87.04 -6.86
N PRO O 58 -56.54 86.85 -5.63
CA PRO O 58 -55.67 86.61 -4.49
C PRO O 58 -54.93 85.27 -4.62
N GLU O 59 -53.87 85.07 -3.84
CA GLU O 59 -53.07 83.81 -3.81
C GLU O 59 -53.88 82.62 -3.26
N ARG O 60 -54.63 82.76 -2.16
CA ARG O 60 -55.39 81.63 -1.55
C ARG O 60 -56.81 81.54 -2.10
N TYR O 61 -57.14 82.37 -3.10
CA TYR O 61 -58.30 82.20 -4.01
C TYR O 61 -58.47 80.75 -4.45
N PRO O 62 -59.53 80.05 -3.99
CA PRO O 62 -60.88 80.58 -4.03
C PRO O 62 -61.32 80.74 -2.55
N PHE O 63 -60.42 80.69 -1.56
CA PHE O 63 -60.75 80.90 -0.13
C PHE O 63 -60.94 82.39 0.16
N GLU O 64 -60.49 83.26 -0.76
CA GLU O 64 -60.65 84.74 -0.72
C GLU O 64 -61.33 85.19 -2.00
N PRO O 65 -62.14 86.27 -1.94
CA PRO O 65 -62.86 86.78 -3.10
C PRO O 65 -61.95 87.45 -4.09
N PRO O 66 -62.45 87.82 -5.28
CA PRO O 66 -61.65 88.61 -6.20
C PRO O 66 -61.59 90.06 -5.68
N GLN O 67 -60.60 90.82 -6.18
CA GLN O 67 -60.33 92.22 -5.77
C GLN O 67 -60.48 93.14 -6.99
N ILE O 68 -61.61 93.82 -7.09
CA ILE O 68 -62.07 94.48 -8.33
C ILE O 68 -62.16 95.99 -8.08
N ARG O 69 -61.74 96.78 -9.07
CA ARG O 69 -61.88 98.26 -9.10
C ARG O 69 -62.36 98.70 -10.48
N PHE O 70 -63.10 99.81 -10.57
CA PHE O 70 -63.50 100.48 -11.84
C PHE O 70 -62.34 101.37 -12.32
N LEU O 71 -61.71 100.97 -13.42
CA LEU O 71 -60.50 101.60 -14.00
C LEU O 71 -60.94 102.75 -14.91
N THR O 72 -62.09 102.59 -15.56
CA THR O 72 -62.93 103.69 -16.09
C THR O 72 -63.55 104.43 -14.89
N PRO O 73 -63.32 105.76 -14.75
CA PRO O 73 -64.04 106.59 -13.76
C PRO O 73 -65.57 106.46 -13.81
N ILE O 74 -66.20 106.30 -12.64
CA ILE O 74 -67.66 106.00 -12.46
C ILE O 74 -68.26 106.86 -11.33
N TYR O 75 -69.32 107.59 -11.65
CA TYR O 75 -70.05 108.51 -10.74
C TYR O 75 -71.18 107.73 -10.09
N HIS O 76 -70.99 107.26 -8.85
CA HIS O 76 -71.83 106.18 -8.29
C HIS O 76 -71.82 106.23 -6.76
N PRO O 77 -72.96 105.97 -6.02
CA PRO O 77 -72.99 105.86 -4.55
C PRO O 77 -72.04 104.87 -3.86
N ASN O 78 -71.93 103.64 -4.39
CA ASN O 78 -71.08 102.50 -3.90
C ASN O 78 -69.72 102.45 -4.62
N ILE O 79 -69.32 103.48 -5.39
CA ILE O 79 -67.98 103.57 -6.05
C ILE O 79 -67.44 104.99 -5.84
N ASP O 80 -66.23 105.09 -5.29
CA ASP O 80 -65.55 106.37 -4.98
C ASP O 80 -64.69 106.84 -6.18
N SER O 81 -63.97 107.95 -6.01
CA SER O 81 -63.13 108.64 -7.04
C SER O 81 -61.89 107.83 -7.45
N ALA O 82 -61.56 106.75 -6.71
CA ALA O 82 -60.47 105.80 -6.99
C ALA O 82 -60.99 104.40 -7.41
N GLY O 83 -62.31 104.23 -7.62
CA GLY O 83 -62.89 103.01 -8.22
C GLY O 83 -63.17 101.92 -7.19
N ARG O 84 -63.06 102.22 -5.90
CA ARG O 84 -63.31 101.25 -4.80
C ARG O 84 -64.80 100.93 -4.76
N ILE O 85 -65.11 99.63 -4.63
CA ILE O 85 -66.46 99.03 -4.77
C ILE O 85 -66.96 98.66 -3.38
N CYS O 86 -68.13 99.17 -3.01
CA CYS O 86 -68.92 98.68 -1.86
C CYS O 86 -69.68 97.44 -2.33
N LEU O 87 -69.10 96.27 -2.06
CA LEU O 87 -69.71 94.98 -2.40
C LEU O 87 -69.47 93.99 -1.26
N ASP O 88 -70.55 93.34 -0.82
CA ASP O 88 -70.58 92.20 0.13
C ASP O 88 -69.72 91.03 -0.40
N VAL O 89 -69.87 90.58 -1.64
CA VAL O 89 -69.12 89.37 -2.14
C VAL O 89 -67.67 89.73 -2.58
N LEU O 90 -67.23 91.00 -2.42
CA LEU O 90 -65.79 91.40 -2.44
C LEU O 90 -65.15 91.18 -1.04
N LYS O 91 -65.90 90.99 0.07
CA LYS O 91 -65.37 90.66 1.44
C LYS O 91 -65.79 89.24 1.87
N LEU O 92 -65.14 88.76 2.91
CA LEU O 92 -65.34 87.39 3.45
C LEU O 92 -66.43 87.45 4.51
N PRO O 93 -66.96 86.31 5.01
CA PRO O 93 -67.94 86.29 6.12
C PRO O 93 -67.36 86.95 7.36
N PRO O 94 -68.20 87.08 8.40
CA PRO O 94 -69.46 87.82 8.31
C PRO O 94 -69.68 89.24 7.70
N LYS O 95 -68.67 90.10 7.49
CA LYS O 95 -68.85 91.45 6.85
C LYS O 95 -69.33 91.31 5.40
N GLY O 96 -68.77 90.30 4.72
CA GLY O 96 -69.06 90.00 3.32
C GLY O 96 -69.77 88.67 3.09
N ALA O 97 -69.79 88.28 1.81
CA ALA O 97 -70.62 87.20 1.23
C ALA O 97 -69.87 86.43 0.14
N TRP O 98 -68.54 86.56 0.03
CA TRP O 98 -67.76 85.62 -0.81
C TRP O 98 -67.80 84.22 -0.19
N ARG O 99 -67.91 83.21 -1.05
CA ARG O 99 -67.63 81.80 -0.71
C ARG O 99 -67.38 81.04 -2.02
N PRO O 100 -66.88 79.79 -1.96
CA PRO O 100 -66.54 79.04 -3.18
C PRO O 100 -67.70 78.57 -4.08
N SER O 101 -68.94 78.61 -3.58
CA SER O 101 -70.18 78.44 -4.40
C SER O 101 -70.31 79.52 -5.49
N LEU O 102 -69.55 80.64 -5.39
CA LEU O 102 -69.44 81.77 -6.37
C LEU O 102 -68.19 81.66 -7.26
N ASN O 103 -68.09 82.59 -8.24
CA ASN O 103 -66.99 82.70 -9.22
C ASN O 103 -66.97 84.10 -9.85
N ILE O 104 -65.91 84.42 -10.63
CA ILE O 104 -65.56 85.80 -11.15
C ILE O 104 -66.74 86.33 -11.97
N ALA O 105 -67.39 85.47 -12.74
CA ALA O 105 -68.60 85.81 -13.52
C ALA O 105 -69.76 86.25 -12.62
N THR O 106 -70.11 85.50 -11.56
CA THR O 106 -71.32 85.70 -10.71
C THR O 106 -71.23 87.08 -10.03
N VAL O 107 -70.00 87.44 -9.64
CA VAL O 107 -69.65 88.75 -9.05
C VAL O 107 -69.67 89.83 -10.15
N LEU O 108 -69.12 89.59 -11.36
CA LEU O 108 -69.11 90.62 -12.44
C LEU O 108 -70.55 90.87 -12.91
N THR O 109 -71.46 89.87 -12.81
CA THR O 109 -72.93 90.01 -13.00
C THR O 109 -73.52 90.93 -11.90
N SER O 110 -73.15 90.66 -10.65
CA SER O 110 -73.52 91.44 -9.44
C SER O 110 -72.96 92.88 -9.53
N ILE O 111 -71.82 93.09 -10.23
CA ILE O 111 -71.24 94.43 -10.56
C ILE O 111 -72.16 95.15 -11.57
N GLN O 112 -72.56 94.54 -12.70
CA GLN O 112 -73.48 95.22 -13.66
C GLN O 112 -74.83 95.49 -12.97
N LEU O 113 -75.28 94.58 -12.06
CA LEU O 113 -76.47 94.74 -11.16
C LEU O 113 -76.32 96.02 -10.30
N LEU O 114 -75.14 96.24 -9.68
CA LEU O 114 -74.88 97.45 -8.82
C LEU O 114 -74.76 98.72 -9.72
N MET O 115 -74.21 98.67 -10.96
CA MET O 115 -74.15 99.83 -11.91
C MET O 115 -75.57 100.32 -12.22
N SER O 116 -76.48 99.38 -12.48
CA SER O 116 -77.91 99.67 -12.71
C SER O 116 -78.64 100.09 -11.43
N GLU O 117 -78.34 99.45 -10.29
CA GLU O 117 -79.04 99.62 -8.97
C GLU O 117 -78.04 100.06 -7.90
N PRO O 118 -77.55 101.32 -7.83
CA PRO O 118 -76.74 101.73 -6.69
C PRO O 118 -77.46 101.53 -5.36
N ASN O 119 -76.73 101.13 -4.33
CA ASN O 119 -77.30 100.93 -2.98
C ASN O 119 -77.01 102.24 -2.23
N PRO O 120 -78.05 102.99 -1.79
CA PRO O 120 -77.84 104.18 -0.97
C PRO O 120 -77.54 103.91 0.53
N ASP O 121 -77.66 102.64 1.03
CA ASP O 121 -77.38 102.19 2.43
C ASP O 121 -75.92 101.68 2.65
N ASP O 122 -75.06 101.68 1.61
CA ASP O 122 -73.59 101.46 1.68
C ASP O 122 -72.90 102.59 0.90
N PRO O 123 -73.09 103.88 1.29
CA PRO O 123 -72.49 104.98 0.53
C PRO O 123 -70.98 105.07 0.78
N LEU O 124 -70.18 105.08 -0.28
CA LEU O 124 -68.75 105.52 -0.29
C LEU O 124 -68.72 107.01 -0.57
N MET O 125 -69.61 107.42 -1.47
CA MET O 125 -69.85 108.81 -1.82
C MET O 125 -71.25 109.18 -1.30
N ALA O 126 -71.28 109.92 -0.18
CA ALA O 126 -72.51 110.52 0.43
C ALA O 126 -73.15 111.59 -0.47
N ASP O 127 -72.35 112.43 -1.18
CA ASP O 127 -72.80 113.44 -2.20
C ASP O 127 -73.60 112.75 -3.32
N ILE O 128 -73.08 111.66 -3.91
CA ILE O 128 -73.69 110.86 -5.02
C ILE O 128 -74.85 109.99 -4.46
N SER O 129 -74.78 109.35 -3.26
CA SER O 129 -75.85 108.50 -2.62
C SER O 129 -77.12 109.30 -2.28
N SER O 130 -76.90 110.52 -1.76
CA SER O 130 -77.87 111.63 -1.57
C SER O 130 -78.42 112.14 -2.92
N GLU O 131 -77.57 112.46 -3.89
CA GLU O 131 -77.97 113.00 -5.23
C GLU O 131 -78.83 111.96 -5.98
N PHE O 132 -78.34 110.71 -6.07
CA PHE O 132 -79.03 109.48 -6.52
C PHE O 132 -80.46 109.41 -5.97
N LYS O 133 -80.62 109.66 -4.68
CA LYS O 133 -81.90 109.53 -3.93
C LYS O 133 -82.78 110.79 -4.14
N TYR O 134 -82.24 112.01 -3.88
CA TYR O 134 -83.01 113.27 -3.63
C TYR O 134 -83.09 114.16 -4.90
N ASN O 135 -82.08 114.10 -5.78
CA ASN O 135 -82.10 114.68 -7.16
C ASN O 135 -81.55 113.61 -8.13
N LYS O 136 -82.36 112.56 -8.39
CA LYS O 136 -82.07 111.44 -9.35
C LYS O 136 -81.55 112.04 -10.66
N PRO O 137 -82.24 113.02 -11.31
CA PRO O 137 -81.80 113.54 -12.60
C PRO O 137 -80.41 114.20 -12.58
N ALA O 138 -80.05 114.93 -11.52
CA ALA O 138 -78.70 115.52 -11.37
C ALA O 138 -77.67 114.38 -11.28
N PHE O 139 -77.93 113.31 -10.50
CA PHE O 139 -77.04 112.11 -10.46
C PHE O 139 -76.93 111.52 -11.86
N LEU O 140 -78.09 111.28 -12.49
CA LEU O 140 -78.21 110.61 -13.81
C LEU O 140 -77.54 111.52 -14.88
N LYS O 141 -77.71 112.86 -14.83
CA LYS O 141 -77.01 113.87 -15.69
C LYS O 141 -75.49 113.72 -15.56
N ASN O 142 -75.01 113.77 -14.32
CA ASN O 142 -73.56 113.82 -13.99
C ASN O 142 -72.91 112.48 -14.37
N ALA O 143 -73.60 111.36 -14.13
CA ALA O 143 -73.15 109.96 -14.41
C ALA O 143 -73.17 109.66 -15.91
N ARG O 144 -74.07 110.31 -16.64
CA ARG O 144 -74.22 110.20 -18.13
C ARG O 144 -73.15 111.08 -18.80
N GLN O 145 -72.88 112.30 -18.30
CA GLN O 145 -71.73 113.18 -18.69
C GLN O 145 -70.41 112.44 -18.40
N TRP O 146 -70.35 111.77 -17.24
CA TRP O 146 -69.25 110.86 -16.79
C TRP O 146 -69.02 109.76 -17.81
N THR O 147 -70.10 109.14 -18.25
CA THR O 147 -70.15 108.04 -19.25
C THR O 147 -69.68 108.59 -20.62
N GLU O 148 -69.93 109.88 -20.96
CA GLU O 148 -69.57 110.56 -22.25
C GLU O 148 -68.07 110.99 -22.29
N LYS O 149 -67.43 111.34 -21.16
CA LYS O 149 -66.00 111.79 -21.11
C LYS O 149 -65.02 110.63 -20.84
N HIS O 150 -65.42 109.63 -20.02
CA HIS O 150 -64.52 108.57 -19.43
C HIS O 150 -64.84 107.14 -19.94
N ALA O 151 -66.13 106.74 -20.06
CA ALA O 151 -66.60 105.40 -20.54
C ALA O 151 -66.87 105.35 -22.06
N ARG O 152 -66.79 106.49 -22.76
CA ARG O 152 -66.85 106.64 -24.25
C ARG O 152 -65.43 106.47 -24.83
N GLN O 153 -65.21 106.84 -26.09
CA GLN O 153 -64.28 106.14 -27.00
C GLN O 153 -63.70 107.15 -28.01
N MET P 1 -101.63 119.56 -7.99
CA MET P 1 -101.50 120.98 -7.49
C MET P 1 -100.14 121.18 -6.77
N ASP P 2 -99.06 120.57 -7.30
CA ASP P 2 -97.68 120.56 -6.73
C ASP P 2 -96.77 121.59 -7.43
N GLN P 3 -97.01 121.88 -8.72
CA GLN P 3 -96.05 122.59 -9.62
C GLN P 3 -96.03 124.11 -9.33
N LYS P 4 -96.96 124.65 -8.50
CA LYS P 4 -96.95 126.04 -7.96
C LYS P 4 -96.33 126.10 -6.55
N ILE P 5 -95.64 125.03 -6.12
CA ILE P 5 -94.68 125.01 -4.95
C ILE P 5 -93.25 124.73 -5.45
N LEU P 6 -93.07 124.12 -6.63
CA LEU P 6 -91.73 123.86 -7.26
C LEU P 6 -91.17 125.13 -7.94
N SER P 7 -92.01 126.06 -8.42
CA SER P 7 -91.61 127.40 -8.96
C SER P 7 -91.45 128.45 -7.84
N LEU P 8 -91.77 128.09 -6.58
CA LEU P 8 -91.61 128.94 -5.36
C LEU P 8 -90.31 128.58 -4.61
N ALA P 9 -90.00 127.28 -4.46
CA ALA P 9 -88.79 126.75 -3.76
C ALA P 9 -87.51 126.90 -4.61
N ALA P 10 -87.60 127.33 -5.88
CA ALA P 10 -86.47 127.52 -6.83
C ALA P 10 -85.90 128.94 -6.78
N GLU P 11 -86.73 129.96 -6.47
CA GLU P 11 -86.40 131.41 -6.59
C GLU P 11 -85.72 131.90 -5.30
N LYS P 12 -86.46 131.98 -4.18
CA LYS P 12 -85.98 132.48 -2.85
C LYS P 12 -86.58 131.64 -1.71
N THR P 13 -86.21 131.89 -0.43
CA THR P 13 -86.65 131.16 0.80
C THR P 13 -87.40 132.11 1.78
N ALA P 14 -88.63 131.75 2.19
CA ALA P 14 -89.47 132.40 3.22
C ALA P 14 -89.97 133.81 2.79
N ASP P 15 -90.11 134.09 1.48
CA ASP P 15 -90.73 135.34 0.92
C ASP P 15 -91.98 135.02 0.07
N LYS P 16 -92.01 133.89 -0.66
CA LYS P 16 -93.16 133.40 -1.49
C LYS P 16 -93.67 132.02 -1.02
N LEU P 17 -92.85 131.17 -0.37
CA LEU P 17 -93.28 129.86 0.20
C LEU P 17 -94.18 130.10 1.42
N GLN P 18 -93.69 130.86 2.41
CA GLN P 18 -94.41 131.22 3.67
C GLN P 18 -95.80 131.82 3.37
N GLU P 19 -95.95 132.57 2.28
CA GLU P 19 -97.25 133.14 1.80
C GLU P 19 -98.12 132.04 1.15
N PHE P 20 -97.54 131.01 0.51
CA PHE P 20 -98.30 129.84 -0.03
C PHE P 20 -98.83 128.95 1.10
N LEU P 21 -98.13 128.82 2.25
CA LEU P 21 -98.55 127.97 3.41
C LEU P 21 -99.81 128.56 4.07
N GLN P 22 -99.94 129.89 4.11
CA GLN P 22 -101.07 130.64 4.75
C GLN P 22 -102.22 130.89 3.76
N THR P 23 -101.98 130.86 2.44
CA THR P 23 -103.02 131.07 1.36
C THR P 23 -103.72 129.74 1.00
N LEU P 24 -103.01 128.60 0.99
CA LEU P 24 -103.63 127.27 0.73
C LEU P 24 -104.48 126.88 1.96
N ARG P 25 -103.86 126.56 3.11
CA ARG P 25 -104.50 126.44 4.47
C ARG P 25 -105.54 125.30 4.56
N GLU P 26 -105.92 124.65 3.44
CA GLU P 26 -107.16 123.83 3.30
C GLU P 26 -106.96 122.44 3.92
N GLY P 27 -105.81 121.81 3.65
CA GLY P 27 -105.48 120.46 4.17
C GLY P 27 -104.27 119.90 3.45
N ASP P 28 -103.32 119.33 4.21
CA ASP P 28 -102.13 118.60 3.70
C ASP P 28 -102.34 117.09 3.93
N LEU P 29 -103.60 116.62 3.85
CA LEU P 29 -104.01 115.18 3.93
C LEU P 29 -104.34 114.67 2.51
N THR P 30 -105.08 115.47 1.72
CA THR P 30 -105.43 115.19 0.29
C THR P 30 -104.30 115.62 -0.67
N ASN P 31 -103.34 116.45 -0.23
CA ASN P 31 -102.23 117.00 -1.06
C ASN P 31 -100.97 116.09 -1.03
N LEU P 32 -101.01 114.98 -0.27
CA LEU P 32 -99.90 113.97 -0.13
C LEU P 32 -100.38 112.56 -0.51
N LEU P 33 -101.45 112.04 0.13
CA LEU P 33 -102.04 110.67 -0.08
C LEU P 33 -102.36 110.41 -1.57
N GLN P 34 -102.95 111.41 -2.25
CA GLN P 34 -103.36 111.34 -3.69
C GLN P 34 -102.20 111.77 -4.61
N ASN P 35 -101.32 112.68 -4.17
CA ASN P 35 -100.13 113.17 -4.93
C ASN P 35 -98.98 112.13 -4.88
N GLN P 36 -99.06 111.10 -4.03
CA GLN P 36 -98.21 109.88 -4.03
C GLN P 36 -98.88 108.74 -4.82
N ALA P 37 -100.22 108.62 -4.75
CA ALA P 37 -101.04 107.65 -5.51
C ALA P 37 -100.93 107.87 -7.03
N VAL P 38 -100.56 109.08 -7.50
CA VAL P 38 -100.29 109.42 -8.94
C VAL P 38 -98.79 109.21 -9.27
N LYS P 39 -97.86 109.79 -8.49
CA LYS P 39 -96.39 109.74 -8.73
C LYS P 39 -95.65 109.96 -7.40
N GLY P 40 -95.01 108.92 -6.83
CA GLY P 40 -94.28 108.95 -5.55
C GLY P 40 -93.17 109.98 -5.51
N LYS P 41 -92.48 110.21 -6.63
CA LYS P 41 -91.40 111.24 -6.81
C LYS P 41 -91.99 112.66 -6.80
N VAL P 42 -93.33 112.84 -6.79
CA VAL P 42 -94.06 114.15 -6.56
C VAL P 42 -94.41 114.30 -5.05
N ALA P 43 -94.31 113.25 -4.23
CA ALA P 43 -94.45 113.29 -2.74
C ALA P 43 -93.08 113.41 -2.03
N GLY P 44 -91.98 113.65 -2.76
CA GLY P 44 -90.60 113.80 -2.25
C GLY P 44 -89.87 115.08 -2.66
N ALA P 45 -90.31 115.79 -3.72
CA ALA P 45 -89.86 117.15 -4.11
C ALA P 45 -90.87 118.22 -3.64
N LEU P 46 -92.08 117.80 -3.24
CA LEU P 46 -93.10 118.61 -2.49
C LEU P 46 -92.62 118.84 -1.05
N LEU P 47 -92.20 117.77 -0.35
CA LEU P 47 -91.67 117.84 1.05
C LEU P 47 -90.30 118.54 1.08
N ARG P 48 -89.46 118.41 0.03
CA ARG P 48 -88.16 119.16 -0.11
C ARG P 48 -88.41 120.63 -0.53
N ALA P 49 -89.67 121.04 -0.76
CA ALA P 49 -90.11 122.44 -0.95
C ALA P 49 -90.88 122.97 0.28
N ILE P 50 -91.80 122.19 0.90
CA ILE P 50 -92.62 122.59 2.10
C ILE P 50 -91.70 122.85 3.31
N PHE P 51 -90.72 121.96 3.55
CA PHE P 51 -89.74 122.05 4.67
C PHE P 51 -88.77 123.23 4.41
N LYS P 52 -88.38 123.52 3.15
CA LYS P 52 -87.53 124.71 2.76
C LYS P 52 -88.31 126.01 2.99
N GLY P 53 -89.61 126.00 2.69
CA GLY P 53 -90.55 127.14 2.86
C GLY P 53 -90.90 127.45 4.31
N SER P 54 -90.88 126.44 5.21
CA SER P 54 -91.38 126.51 6.61
C SER P 54 -90.23 126.36 7.62
N PRO P 55 -89.20 127.25 7.66
CA PRO P 55 -88.13 127.15 8.65
C PRO P 55 -88.60 127.43 10.10
N CYS P 56 -87.84 126.94 11.08
CA CYS P 56 -88.19 126.92 12.53
C CYS P 56 -87.80 128.24 13.24
N SER P 57 -87.42 129.29 12.50
CA SER P 57 -87.16 130.65 13.01
C SER P 57 -88.47 131.44 13.25
N GLU P 58 -89.61 130.99 12.69
CA GLU P 58 -90.96 131.62 12.84
C GLU P 58 -92.02 130.58 13.22
N GLU P 59 -93.21 131.04 13.67
CA GLU P 59 -94.30 130.21 14.29
C GLU P 59 -95.25 129.63 13.21
N ALA P 60 -95.48 130.34 12.09
CA ALA P 60 -96.30 129.89 10.94
C ALA P 60 -95.45 129.08 9.93
N GLY P 61 -94.27 128.61 10.35
CA GLY P 61 -93.55 127.46 9.78
C GLY P 61 -93.51 126.26 10.71
N THR P 62 -93.51 126.44 12.04
CA THR P 62 -93.34 125.37 13.08
C THR P 62 -94.63 124.56 13.29
N LEU P 63 -95.81 125.21 13.29
CA LEU P 63 -97.14 124.52 13.35
C LEU P 63 -97.52 123.94 11.97
N ARG P 64 -96.96 124.46 10.87
CA ARG P 64 -96.98 123.80 9.52
C ARG P 64 -96.09 122.56 9.58
N ARG P 65 -94.84 122.72 10.04
CA ARG P 65 -93.86 121.62 10.30
C ARG P 65 -94.45 120.57 11.26
N ARG P 66 -95.22 120.98 12.29
CA ARG P 66 -95.84 120.08 13.31
C ARG P 66 -97.12 119.42 12.75
N LYS P 67 -97.76 119.98 11.70
CA LYS P 67 -98.97 119.42 11.02
C LYS P 67 -98.58 118.46 9.88
N ILE P 68 -97.60 118.83 9.03
CA ILE P 68 -97.06 118.00 7.89
C ILE P 68 -96.49 116.66 8.41
N TYR P 69 -95.86 116.63 9.62
CA TYR P 69 -95.23 115.42 10.22
C TYR P 69 -96.28 114.45 10.81
N THR P 70 -97.28 114.93 11.57
CA THR P 70 -98.34 114.11 12.22
C THR P 70 -99.19 113.36 11.18
N CYS P 71 -99.44 113.99 10.01
CA CYS P 71 -100.12 113.37 8.84
C CYS P 71 -99.14 112.45 8.09
N CYS P 72 -97.85 112.84 7.94
CA CYS P 72 -96.76 112.04 7.29
C CYS P 72 -96.36 110.80 8.13
N ILE P 73 -96.52 110.85 9.48
CA ILE P 73 -96.37 109.69 10.42
C ILE P 73 -97.62 108.79 10.32
N GLN P 74 -98.82 109.38 10.15
CA GLN P 74 -100.12 108.67 10.06
C GLN P 74 -100.24 107.88 8.74
N LEU P 75 -99.72 108.40 7.61
CA LEU P 75 -99.90 107.80 6.24
C LEU P 75 -98.92 106.66 5.96
N VAL P 76 -97.68 106.72 6.49
CA VAL P 76 -96.68 105.60 6.41
C VAL P 76 -97.14 104.40 7.24
N GLU P 77 -98.03 104.61 8.24
CA GLU P 77 -98.63 103.55 9.10
C GLU P 77 -99.98 103.07 8.52
N SER P 78 -100.90 104.01 8.32
CA SER P 78 -102.30 103.76 7.86
C SER P 78 -102.29 103.08 6.48
N GLY P 79 -101.71 103.76 5.48
CA GLY P 79 -101.67 103.32 4.07
C GLY P 79 -100.82 102.07 3.87
N ASP P 80 -101.12 101.31 2.80
CA ASP P 80 -100.34 100.15 2.31
C ASP P 80 -99.63 100.59 1.01
N LEU P 81 -98.80 101.63 1.14
CA LEU P 81 -98.04 102.32 0.04
C LEU P 81 -96.77 101.53 -0.31
N GLN P 82 -96.17 101.83 -1.48
CA GLN P 82 -94.94 101.19 -2.05
C GLN P 82 -93.76 101.40 -1.08
N LYS P 83 -92.80 100.47 -1.07
CA LYS P 83 -91.64 100.45 -0.12
C LYS P 83 -90.46 101.34 -0.59
N GLU P 84 -90.46 101.86 -1.83
CA GLU P 84 -89.45 102.83 -2.37
C GLU P 84 -89.81 104.28 -1.95
N ILE P 85 -91.10 104.60 -1.69
CA ILE P 85 -91.57 105.95 -1.22
C ILE P 85 -91.56 106.02 0.32
N VAL P 86 -91.84 104.93 1.07
CA VAL P 86 -91.70 104.88 2.57
C VAL P 86 -90.22 105.11 2.92
N SER P 87 -89.29 104.56 2.14
CA SER P 87 -87.82 104.79 2.23
C SER P 87 -87.49 106.25 1.88
N GLU P 88 -88.18 106.83 0.89
CA GLU P 88 -88.02 108.27 0.51
C GLU P 88 -88.55 109.15 1.64
N ILE P 89 -89.82 109.01 2.05
CA ILE P 89 -90.50 109.85 3.11
C ILE P 89 -89.76 109.74 4.45
N ILE P 90 -89.46 108.52 4.95
CA ILE P 90 -88.70 108.31 6.22
C ILE P 90 -87.27 108.84 6.00
N GLY P 91 -86.75 108.87 4.76
CA GLY P 91 -85.47 109.52 4.37
C GLY P 91 -85.54 111.04 4.22
N LEU P 92 -86.67 111.68 4.56
CA LEU P 92 -86.87 113.15 4.73
C LEU P 92 -87.19 113.51 6.20
N LEU P 93 -87.90 112.64 6.96
CA LEU P 93 -88.16 112.78 8.43
C LEU P 93 -86.85 112.68 9.22
N MET P 94 -85.94 111.79 8.80
CA MET P 94 -84.58 111.61 9.40
C MET P 94 -83.70 112.83 9.06
N LEU P 95 -83.66 113.25 7.78
CA LEU P 95 -82.88 114.43 7.29
C LEU P 95 -83.43 115.75 7.88
N GLU P 96 -84.65 115.76 8.43
CA GLU P 96 -85.29 116.93 9.11
C GLU P 96 -85.89 116.48 10.45
N ALA P 97 -85.03 116.18 11.44
CA ALA P 97 -85.36 116.11 12.90
C ALA P 97 -84.23 116.74 13.73
N HIS P 98 -83.44 117.64 13.13
CA HIS P 98 -82.15 118.17 13.66
C HIS P 98 -82.37 119.45 14.48
N HIS P 99 -83.10 120.43 13.92
CA HIS P 99 -83.18 121.82 14.45
C HIS P 99 -84.61 122.15 14.96
N PHE P 100 -85.12 121.33 15.89
CA PHE P 100 -86.43 121.52 16.58
C PHE P 100 -86.23 122.22 17.93
N PRO P 101 -87.05 123.24 18.30
CA PRO P 101 -87.17 123.64 19.71
C PRO P 101 -87.95 122.61 20.55
N GLY P 102 -88.06 122.86 21.86
CA GLY P 102 -88.37 121.86 22.90
C GLY P 102 -89.79 121.31 22.84
N PRO P 103 -90.83 122.08 23.23
CA PRO P 103 -92.18 121.53 23.41
C PRO P 103 -92.93 120.91 22.21
N LEU P 104 -92.45 120.98 20.96
CA LEU P 104 -93.07 120.28 19.78
C LEU P 104 -92.64 118.80 19.74
N LEU P 105 -91.36 118.49 19.99
CA LEU P 105 -90.81 117.11 19.86
C LEU P 105 -91.37 116.19 20.97
N VAL P 106 -91.60 116.69 22.19
CA VAL P 106 -92.24 115.91 23.30
C VAL P 106 -93.69 115.55 22.92
N GLU P 107 -94.42 116.44 22.23
CA GLU P 107 -95.81 116.18 21.73
C GLU P 107 -95.76 115.14 20.59
N LEU P 108 -94.81 115.26 19.64
CA LEU P 108 -94.60 114.25 18.55
C LEU P 108 -94.25 112.88 19.19
N ALA P 109 -93.43 112.88 20.24
CA ALA P 109 -93.07 111.68 21.01
C ALA P 109 -94.30 111.13 21.75
N ASN P 110 -95.21 111.98 22.20
CA ASN P 110 -96.52 111.58 22.79
C ASN P 110 -97.41 110.91 21.72
N GLU P 111 -97.40 111.39 20.48
CA GLU P 111 -98.06 110.72 19.31
C GLU P 111 -97.45 109.32 19.12
N PHE P 112 -96.12 109.24 19.26
CA PHE P 112 -95.36 107.96 19.16
C PHE P 112 -95.77 107.03 20.30
N ILE P 113 -95.88 107.53 21.53
CA ILE P 113 -96.40 106.80 22.74
C ILE P 113 -97.80 106.23 22.42
N SER P 114 -98.68 107.08 21.86
CA SER P 114 -100.06 106.70 21.48
C SER P 114 -100.05 105.55 20.45
N ALA P 115 -99.14 105.63 19.46
CA ALA P 115 -98.94 104.60 18.43
C ALA P 115 -98.53 103.26 19.08
N VAL P 116 -97.57 103.27 20.03
CA VAL P 116 -97.03 102.05 20.71
C VAL P 116 -98.06 101.45 21.67
N ARG P 117 -98.99 102.23 22.23
CA ARG P 117 -99.96 101.68 23.20
C ARG P 117 -100.93 100.75 22.47
N GLU P 118 -101.66 101.30 21.50
CA GLU P 118 -102.83 100.63 20.86
C GLU P 118 -102.59 100.52 19.35
N GLY P 119 -102.43 101.68 18.67
CA GLY P 119 -102.55 101.86 17.20
C GLY P 119 -101.85 100.78 16.40
N SER P 120 -102.42 100.32 15.28
CA SER P 120 -101.92 99.15 14.50
C SER P 120 -100.60 99.52 13.79
N LEU P 121 -99.46 99.12 14.38
CA LEU P 121 -98.10 99.47 13.91
C LEU P 121 -97.62 98.38 12.92
N VAL P 122 -98.33 98.29 11.79
CA VAL P 122 -98.13 97.32 10.67
C VAL P 122 -96.68 97.39 10.14
N ASN P 123 -96.02 98.56 10.22
CA ASN P 123 -94.58 98.73 9.90
C ASN P 123 -93.86 99.46 11.05
N GLY P 124 -92.71 98.94 11.49
CA GLY P 124 -91.80 99.62 12.44
C GLY P 124 -90.96 100.72 11.80
N LYS P 125 -91.18 101.10 10.53
CA LYS P 125 -90.49 102.26 9.88
C LYS P 125 -90.97 103.60 10.46
N SER P 126 -92.17 103.65 11.03
CA SER P 126 -92.73 104.84 11.74
C SER P 126 -91.96 105.14 13.02
N LEU P 127 -91.42 104.11 13.71
CA LEU P 127 -90.62 104.18 14.97
C LEU P 127 -89.16 104.54 14.67
N GLU P 128 -88.74 104.65 13.38
CA GLU P 128 -87.37 105.08 12.96
C GLU P 128 -87.09 106.52 13.40
N LEU P 129 -88.11 107.37 13.54
CA LEU P 129 -87.93 108.76 14.04
C LEU P 129 -87.70 108.77 15.57
N LEU P 130 -88.03 107.72 16.34
CA LEU P 130 -87.91 107.70 17.84
C LEU P 130 -86.46 107.76 18.31
N PRO P 131 -85.47 107.09 17.67
CA PRO P 131 -84.06 107.37 17.94
C PRO P 131 -83.57 108.83 17.82
N ILE P 132 -83.73 109.49 16.66
CA ILE P 132 -83.10 110.83 16.35
C ILE P 132 -83.70 111.94 17.24
N ILE P 133 -85.00 111.89 17.54
CA ILE P 133 -85.70 112.90 18.40
C ILE P 133 -85.20 112.78 19.85
N LEU P 134 -84.93 111.56 20.36
CA LEU P 134 -84.36 111.34 21.72
C LEU P 134 -82.90 111.86 21.79
N THR P 135 -82.19 111.89 20.65
CA THR P 135 -80.87 112.58 20.52
C THR P 135 -81.08 114.10 20.60
N ALA P 136 -81.97 114.64 19.75
CA ALA P 136 -82.21 116.09 19.53
C ALA P 136 -82.84 116.74 20.78
N LEU P 137 -83.56 115.95 21.60
CA LEU P 137 -84.08 116.35 22.93
C LEU P 137 -82.92 116.53 23.92
N ALA P 138 -81.95 115.60 23.91
CA ALA P 138 -80.82 115.54 24.89
C ALA P 138 -79.85 116.72 24.66
N THR P 139 -79.61 117.13 23.41
CA THR P 139 -78.65 118.20 23.03
C THR P 139 -79.17 119.60 23.45
N LYS P 140 -80.49 119.80 23.56
CA LYS P 140 -81.10 121.07 24.08
C LYS P 140 -81.13 121.01 25.60
N LYS P 141 -80.11 121.58 26.27
CA LYS P 141 -79.96 121.63 27.75
C LYS P 141 -80.52 122.98 28.22
N GLU P 142 -81.84 123.12 28.13
CA GLU P 142 -82.60 124.34 28.54
C GLU P 142 -84.04 123.95 28.87
N ASN P 143 -84.67 124.65 29.82
CA ASN P 143 -86.04 124.36 30.34
C ASN P 143 -87.06 124.78 29.26
N LEU P 144 -87.87 123.83 28.76
CA LEU P 144 -88.63 123.95 27.47
C LEU P 144 -89.88 124.82 27.64
N LEU P 151 -88.38 121.42 33.34
CA LEU P 151 -87.71 120.15 32.91
C LEU P 151 -86.72 120.49 31.78
N SER P 152 -85.45 120.06 31.90
CA SER P 152 -84.41 120.15 30.82
C SER P 152 -84.60 119.01 29.80
N GLY P 153 -83.71 118.89 28.81
CA GLY P 153 -83.79 117.87 27.74
C GLY P 153 -83.73 116.44 28.27
N GLU P 154 -82.73 116.16 29.12
CA GLU P 154 -82.44 114.79 29.65
C GLU P 154 -83.60 114.31 30.52
N GLU P 155 -84.19 115.21 31.34
CA GLU P 155 -85.34 114.92 32.25
C GLU P 155 -86.56 114.49 31.41
N CYS P 156 -86.89 115.25 30.34
CA CYS P 156 -88.00 114.95 29.39
C CYS P 156 -87.73 113.58 28.73
N LYS P 157 -86.48 113.33 28.30
CA LYS P 157 -86.00 112.03 27.70
C LYS P 157 -86.27 110.87 28.68
N LYS P 158 -85.92 111.00 29.96
CA LYS P 158 -86.02 109.89 30.95
C LYS P 158 -87.50 109.52 31.19
N GLN P 159 -88.37 110.52 31.41
CA GLN P 159 -89.84 110.34 31.55
C GLN P 159 -90.40 109.74 30.25
N LEU P 160 -89.87 110.16 29.09
CA LEU P 160 -90.32 109.67 27.74
C LEU P 160 -90.00 108.17 27.63
N ILE P 161 -88.77 107.76 27.97
CA ILE P 161 -88.33 106.34 27.94
C ILE P 161 -89.14 105.54 28.98
N ASN P 162 -89.44 106.13 30.16
CA ASN P 162 -90.29 105.51 31.22
C ASN P 162 -91.69 105.20 30.63
N THR P 163 -92.30 106.18 29.96
CA THR P 163 -93.66 106.04 29.36
C THR P 163 -93.64 105.04 28.20
N LEU P 164 -92.56 104.98 27.40
CA LEU P 164 -92.38 103.97 26.31
C LEU P 164 -92.38 102.58 26.93
N CYS P 165 -91.53 102.41 27.95
CA CYS P 165 -91.24 101.11 28.60
C CYS P 165 -92.49 100.58 29.34
N SER P 166 -93.22 101.44 30.06
CA SER P 166 -94.34 101.04 30.96
C SER P 166 -95.56 100.57 30.15
N GLY P 167 -95.93 101.33 29.10
CA GLY P 167 -96.99 100.96 28.14
C GLY P 167 -96.63 99.69 27.39
N ARG P 168 -97.62 98.87 27.02
CA ARG P 168 -97.36 97.51 26.47
C ARG P 168 -96.82 97.65 25.04
N TRP P 169 -95.90 96.75 24.68
CA TRP P 169 -95.16 96.75 23.38
C TRP P 169 -95.83 95.79 22.40
N ASP P 170 -95.96 96.24 21.14
CA ASP P 170 -96.47 95.47 19.96
C ASP P 170 -95.71 94.13 19.82
N GLN P 171 -96.36 92.99 20.06
CA GLN P 171 -95.72 91.65 20.30
C GLN P 171 -95.00 91.15 19.04
N GLN P 172 -95.51 91.52 17.86
CA GLN P 172 -94.96 91.15 16.53
C GLN P 172 -93.61 91.87 16.32
N TYR P 173 -93.48 93.13 16.80
CA TYR P 173 -92.38 94.11 16.56
C TYR P 173 -91.64 94.47 17.88
N VAL P 174 -91.66 93.60 18.92
CA VAL P 174 -90.87 93.80 20.19
C VAL P 174 -89.38 93.72 19.86
N ILE P 175 -88.98 92.72 19.08
CA ILE P 175 -87.62 92.56 18.48
C ILE P 175 -87.21 93.83 17.75
N GLN P 176 -88.13 94.39 16.94
CA GLN P 176 -87.89 95.52 16.00
C GLN P 176 -87.73 96.81 16.80
N LEU P 177 -88.63 97.09 17.76
CA LEU P 177 -88.47 98.22 18.73
C LEU P 177 -87.15 98.06 19.52
N THR P 178 -86.77 96.82 19.91
CA THR P 178 -85.50 96.54 20.65
C THR P 178 -84.29 96.87 19.76
N SER P 179 -84.43 96.73 18.43
CA SER P 179 -83.38 97.08 17.42
C SER P 179 -83.11 98.60 17.32
N MET P 180 -84.00 99.47 17.82
CA MET P 180 -83.87 100.96 17.72
C MET P 180 -83.07 101.50 18.91
N PHE P 181 -83.34 100.93 20.10
CA PHE P 181 -82.62 101.10 21.38
C PHE P 181 -81.11 100.82 21.21
N LYS P 182 -80.74 99.96 20.23
CA LYS P 182 -79.35 99.49 19.96
C LYS P 182 -78.42 100.67 19.63
N ASP P 183 -78.95 101.62 18.86
CA ASP P 183 -78.16 102.71 18.23
C ASP P 183 -78.18 103.94 19.14
N VAL P 184 -79.26 104.15 19.91
CA VAL P 184 -79.38 105.24 20.94
C VAL P 184 -78.63 104.84 22.22
N PRO P 185 -77.96 105.77 22.96
CA PRO P 185 -77.32 105.45 24.24
C PRO P 185 -78.26 105.44 25.44
N LEU P 186 -78.07 104.48 26.34
CA LEU P 186 -78.87 104.29 27.58
C LEU P 186 -77.94 104.28 28.80
N THR P 187 -78.53 104.45 29.98
CA THR P 187 -77.90 104.20 31.30
C THR P 187 -78.18 102.74 31.70
N ALA P 188 -77.77 102.34 32.91
CA ALA P 188 -77.95 100.98 33.49
C ALA P 188 -79.43 100.69 33.76
N GLU P 189 -80.16 101.63 34.36
CA GLU P 189 -81.61 101.44 34.68
C GLU P 189 -82.43 101.38 33.38
N GLU P 190 -82.06 102.17 32.36
CA GLU P 190 -82.73 102.21 31.03
C GLU P 190 -82.62 100.82 30.37
N VAL P 191 -81.39 100.28 30.24
CA VAL P 191 -81.14 98.92 29.65
C VAL P 191 -81.85 97.86 30.50
N GLU P 192 -81.83 97.97 31.84
CA GLU P 192 -82.53 97.02 32.75
C GLU P 192 -84.01 96.98 32.36
N PHE P 193 -84.66 98.16 32.24
CA PHE P 193 -86.11 98.24 31.94
C PHE P 193 -86.41 97.68 30.54
N VAL P 194 -85.60 98.05 29.52
CA VAL P 194 -85.86 97.64 28.09
C VAL P 194 -85.74 96.11 27.98
N VAL P 195 -84.73 95.55 28.64
CA VAL P 195 -84.45 94.09 28.56
C VAL P 195 -85.49 93.33 29.40
N GLU P 196 -85.94 93.83 30.56
CA GLU P 196 -86.88 93.09 31.47
C GLU P 196 -88.29 93.06 30.87
N LYS P 197 -88.67 94.08 30.10
CA LYS P 197 -89.94 94.06 29.33
C LYS P 197 -89.79 93.09 28.15
N ALA P 198 -88.69 93.18 27.40
CA ALA P 198 -88.37 92.23 26.30
C ALA P 198 -88.33 90.78 26.85
N LEU P 199 -88.00 90.56 28.14
CA LEU P 199 -87.99 89.22 28.84
C LEU P 199 -89.39 88.83 29.35
N SER P 200 -90.18 89.79 29.81
CA SER P 200 -91.64 89.59 30.08
C SER P 200 -92.34 89.11 28.79
N MET P 201 -91.89 89.59 27.61
CA MET P 201 -92.44 89.26 26.25
C MET P 201 -92.09 87.82 25.78
N PHE P 202 -91.21 87.07 26.47
CA PHE P 202 -90.73 85.73 26.01
C PHE P 202 -91.85 84.67 26.13
N SER P 203 -92.69 84.74 27.17
CA SER P 203 -93.78 83.76 27.44
C SER P 203 -94.83 83.82 26.32
N LYS P 204 -95.28 85.04 25.94
CA LYS P 204 -96.42 85.31 25.02
C LYS P 204 -95.96 85.37 23.55
N MET P 205 -94.97 84.57 23.14
CA MET P 205 -94.52 84.51 21.72
C MET P 205 -94.25 83.05 21.34
N ASN P 206 -94.17 82.82 20.03
CA ASN P 206 -93.77 81.53 19.40
C ASN P 206 -92.26 81.34 19.62
N LEU P 207 -91.79 80.09 19.53
CA LEU P 207 -90.39 79.65 19.83
C LEU P 207 -89.36 80.35 18.93
N GLN P 208 -89.55 80.32 17.60
CA GLN P 208 -88.41 80.42 16.65
C GLN P 208 -88.08 81.87 16.26
N GLU P 209 -88.79 82.89 16.77
CA GLU P 209 -88.35 84.32 16.70
C GLU P 209 -87.49 84.66 17.92
N ILE P 210 -87.35 83.76 18.91
CA ILE P 210 -86.55 84.01 20.16
C ILE P 210 -85.08 84.18 19.80
N PRO P 211 -84.43 83.33 18.95
CA PRO P 211 -83.00 83.46 18.69
C PRO P 211 -82.48 84.82 18.22
N PRO P 212 -83.05 85.45 17.16
CA PRO P 212 -82.54 86.75 16.74
C PRO P 212 -82.82 87.82 17.81
N LEU P 213 -83.97 87.75 18.49
CA LEU P 213 -84.34 88.64 19.64
C LEU P 213 -83.29 88.52 20.75
N VAL P 214 -82.86 87.29 21.08
CA VAL P 214 -81.79 87.03 22.10
C VAL P 214 -80.51 87.73 21.60
N TYR P 215 -80.20 87.61 20.29
CA TYR P 215 -79.03 88.29 19.66
C TYR P 215 -79.17 89.81 19.86
N GLN P 216 -80.36 90.36 19.59
CA GLN P 216 -80.68 91.81 19.71
C GLN P 216 -80.56 92.25 21.18
N LEU P 217 -80.93 91.39 22.14
CA LEU P 217 -80.81 91.70 23.59
C LEU P 217 -79.34 91.84 23.96
N LEU P 218 -78.48 91.03 23.33
CA LEU P 218 -77.08 90.82 23.77
C LEU P 218 -76.15 91.91 23.23
N VAL P 219 -76.33 92.40 21.99
CA VAL P 219 -75.59 93.59 21.43
C VAL P 219 -75.91 94.86 22.25
N LEU P 220 -77.09 94.93 22.90
CA LEU P 220 -77.43 95.94 23.96
C LEU P 220 -76.76 95.61 25.30
N SER P 221 -76.95 94.38 25.79
CA SER P 221 -76.47 93.86 27.10
C SER P 221 -74.95 94.01 27.28
N SER P 222 -74.15 93.96 26.20
CA SER P 222 -72.66 94.13 26.16
C SER P 222 -72.25 95.51 26.71
N LYS P 223 -73.10 96.54 26.58
CA LYS P 223 -72.89 97.93 27.09
C LYS P 223 -73.83 98.18 28.29
N GLY P 224 -73.86 97.23 29.24
CA GLY P 224 -74.60 97.37 30.51
C GLY P 224 -74.95 96.03 31.08
N SER P 225 -76.25 95.74 31.16
CA SER P 225 -76.81 94.60 31.93
C SER P 225 -76.67 93.32 31.12
N ARG P 226 -75.98 92.36 31.69
CA ARG P 226 -75.56 91.08 31.07
C ARG P 226 -76.03 89.91 31.94
N LYS P 227 -75.86 90.02 33.27
CA LYS P 227 -76.42 89.13 34.32
C LYS P 227 -77.90 88.85 34.04
N SER P 228 -78.68 89.93 33.89
CA SER P 228 -80.15 89.93 33.65
C SER P 228 -80.50 89.07 32.43
N VAL P 229 -79.75 89.24 31.33
CA VAL P 229 -79.95 88.53 30.03
C VAL P 229 -79.89 87.03 30.30
N LEU P 230 -78.78 86.59 30.88
CA LEU P 230 -78.51 85.16 31.11
C LEU P 230 -79.51 84.62 32.13
N GLU P 231 -79.67 85.30 33.28
CA GLU P 231 -80.67 84.95 34.33
C GLU P 231 -82.01 84.61 33.65
N GLY P 232 -82.45 85.53 32.80
CA GLY P 232 -83.75 85.48 32.12
C GLY P 232 -83.84 84.31 31.16
N ILE P 233 -82.90 84.25 30.21
CA ILE P 233 -82.85 83.18 29.16
C ILE P 233 -82.91 81.83 29.89
N ILE P 234 -82.10 81.68 30.93
CA ILE P 234 -81.87 80.39 31.65
C ILE P 234 -83.13 80.02 32.44
N ALA P 235 -83.68 80.91 33.28
CA ALA P 235 -84.93 80.64 34.03
C ALA P 235 -86.05 80.28 33.04
N PHE P 236 -86.13 81.02 31.92
CA PHE P 236 -87.22 80.88 30.91
C PHE P 236 -87.17 79.48 30.29
N PHE P 237 -86.01 79.10 29.77
CA PHE P 237 -85.83 77.79 29.08
C PHE P 237 -85.86 76.66 30.10
N SER P 238 -85.42 76.88 31.34
CA SER P 238 -85.59 75.90 32.43
C SER P 238 -87.07 75.55 32.53
N ALA P 239 -87.89 76.60 32.67
CA ALA P 239 -89.37 76.52 32.72
C ALA P 239 -89.91 75.73 31.51
N LEU P 240 -89.48 76.09 30.32
CA LEU P 240 -90.00 75.45 29.08
C LEU P 240 -89.55 74.00 28.98
N ASP P 241 -88.34 73.70 29.43
CA ASP P 241 -87.84 72.30 29.46
C ASP P 241 -88.69 71.50 30.46
N LYS P 242 -89.06 72.12 31.59
CA LYS P 242 -89.95 71.50 32.61
C LYS P 242 -91.30 71.14 31.96
N GLN P 243 -91.86 72.08 31.18
CA GLN P 243 -93.11 71.90 30.36
C GLN P 243 -92.98 70.62 29.53
N HIS P 244 -91.90 70.46 28.76
CA HIS P 244 -91.67 69.27 27.89
C HIS P 244 -91.72 67.97 28.71
N ASN P 245 -91.04 67.97 29.86
CA ASN P 245 -90.87 66.78 30.74
C ASN P 245 -92.21 66.36 31.35
N GLU P 246 -92.93 67.34 31.90
CA GLU P 246 -94.25 67.09 32.55
C GLU P 246 -95.34 66.84 31.50
N GLU P 247 -95.20 67.34 30.25
CA GLU P 247 -96.10 66.95 29.11
C GLU P 247 -95.78 65.51 28.70
N GLN P 248 -94.49 65.12 28.74
CA GLN P 248 -94.03 63.73 28.40
C GLN P 248 -94.61 62.75 29.45
N SER P 249 -94.58 63.11 30.75
CA SER P 249 -95.11 62.30 31.89
C SER P 249 -96.64 62.11 31.76
N PRO P 260 -93.29 68.39 20.21
CA PRO P 260 -92.81 69.64 20.82
C PRO P 260 -91.30 69.70 21.17
N SER P 261 -90.52 68.64 20.90
CA SER P 261 -89.04 68.54 21.04
C SER P 261 -88.30 69.06 19.79
N GLY P 262 -88.73 68.65 18.60
CA GLY P 262 -88.03 68.90 17.33
C GLY P 262 -88.01 70.34 16.86
N GLU P 263 -88.72 71.27 17.51
CA GLU P 263 -88.56 72.75 17.34
C GLU P 263 -87.69 73.29 18.49
N LEU P 264 -88.07 72.91 19.73
CA LEU P 264 -87.45 73.27 21.03
C LEU P 264 -85.93 73.05 21.00
N ARG P 265 -85.50 71.85 20.64
CA ARG P 265 -84.07 71.47 20.70
C ARG P 265 -83.27 72.32 19.73
N HIS P 266 -83.83 72.59 18.54
CA HIS P 266 -83.17 73.32 17.44
C HIS P 266 -82.93 74.76 17.89
N VAL P 267 -83.99 75.38 18.39
CA VAL P 267 -83.96 76.79 18.88
C VAL P 267 -82.98 76.88 20.06
N GLU P 268 -83.00 75.90 20.97
CA GLU P 268 -82.10 75.84 22.15
C GLU P 268 -80.66 75.82 21.67
N GLY P 269 -80.33 74.90 20.77
CA GLY P 269 -78.99 74.79 20.16
C GLY P 269 -78.51 76.13 19.62
N THR P 270 -79.37 76.78 18.84
CA THR P 270 -79.07 78.08 18.17
C THR P 270 -78.82 79.15 19.24
N ILE P 271 -79.63 79.18 20.30
CA ILE P 271 -79.48 80.17 21.41
C ILE P 271 -78.17 79.90 22.15
N ILE P 272 -77.86 78.63 22.45
CA ILE P 272 -76.58 78.25 23.11
C ILE P 272 -75.45 78.76 22.21
N LEU P 273 -75.55 78.56 20.89
CA LEU P 273 -74.50 78.97 19.92
C LEU P 273 -74.33 80.50 19.93
N HIS P 274 -75.44 81.23 19.91
CA HIS P 274 -75.45 82.72 19.98
C HIS P 274 -74.68 83.18 21.24
N ILE P 275 -75.00 82.67 22.45
CA ILE P 275 -74.40 83.12 23.75
C ILE P 275 -72.93 82.67 23.81
N VAL P 276 -72.59 81.53 23.20
CA VAL P 276 -71.17 81.10 23.12
C VAL P 276 -70.40 82.09 22.23
N PHE P 277 -70.97 82.48 21.09
CA PHE P 277 -70.37 83.47 20.16
C PHE P 277 -70.24 84.85 20.79
N ALA P 278 -71.13 85.18 21.72
CA ALA P 278 -71.08 86.46 22.47
C ALA P 278 -69.97 86.39 23.53
N ILE P 279 -69.85 85.25 24.24
CA ILE P 279 -68.78 85.02 25.24
C ILE P 279 -67.43 85.04 24.53
N LYS P 280 -67.40 84.66 23.26
CA LYS P 280 -66.19 84.73 22.42
C LYS P 280 -65.68 86.16 22.20
N LEU P 281 -66.50 87.18 22.40
CA LEU P 281 -66.14 88.62 22.20
C LEU P 281 -66.15 89.42 23.52
N ASP P 282 -66.62 88.81 24.64
CA ASP P 282 -66.75 89.44 26.00
C ASP P 282 -66.57 88.36 27.06
N TYR P 283 -65.33 88.14 27.49
CA TYR P 283 -64.96 87.03 28.41
C TYR P 283 -65.54 87.27 29.82
N GLU P 284 -65.84 88.54 30.11
CA GLU P 284 -66.40 89.06 31.39
C GLU P 284 -67.73 88.33 31.65
N LEU P 285 -68.56 88.30 30.61
CA LEU P 285 -69.88 87.63 30.58
C LEU P 285 -69.66 86.17 30.93
N GLY P 286 -68.69 85.57 30.26
CA GLY P 286 -68.18 84.25 30.64
C GLY P 286 -68.08 84.16 32.14
N ARG P 287 -67.30 85.05 32.73
CA ARG P 287 -66.99 84.97 34.19
C ARG P 287 -68.27 85.22 35.00
N GLU P 288 -69.11 86.18 34.60
CA GLU P 288 -70.38 86.51 35.30
C GLU P 288 -71.36 85.36 35.17
N LEU P 289 -71.33 84.70 34.01
CA LEU P 289 -72.07 83.43 33.75
C LEU P 289 -71.69 82.38 34.79
N VAL P 290 -70.40 82.12 34.96
CA VAL P 290 -69.94 81.02 35.88
C VAL P 290 -70.33 81.39 37.31
N LYS P 291 -70.10 82.65 37.68
CA LYS P 291 -70.43 83.21 39.02
C LYS P 291 -71.90 82.97 39.30
N HIS P 292 -72.78 83.32 38.34
CA HIS P 292 -74.25 83.06 38.42
C HIS P 292 -74.49 81.56 38.67
N LEU P 293 -73.82 80.66 37.94
CA LEU P 293 -74.05 79.20 37.97
C LEU P 293 -73.23 78.49 39.07
N LYS P 294 -72.68 79.23 40.04
CA LYS P 294 -71.92 78.65 41.18
C LYS P 294 -72.81 77.73 42.00
N VAL P 295 -72.27 76.60 42.47
CA VAL P 295 -72.85 75.82 43.60
C VAL P 295 -72.75 76.68 44.87
N GLY P 296 -71.54 77.00 45.36
CA GLY P 296 -71.29 77.70 46.65
C GLY P 296 -71.71 76.87 47.86
N GLN P 297 -72.78 77.28 48.55
CA GLN P 297 -73.55 76.44 49.52
C GLN P 297 -74.44 75.46 48.71
N GLN P 298 -74.79 74.29 49.26
CA GLN P 298 -75.32 73.11 48.48
C GLN P 298 -76.75 73.37 47.96
N GLY P 299 -77.48 74.34 48.53
CA GLY P 299 -78.84 74.77 48.14
C GLY P 299 -78.94 75.61 46.86
N ASP P 300 -77.94 76.45 46.53
CA ASP P 300 -77.96 77.44 45.38
C ASP P 300 -77.93 76.66 44.03
N SER P 301 -77.06 75.63 43.91
CA SER P 301 -76.89 74.74 42.72
C SER P 301 -78.22 74.07 42.30
N ASN P 302 -79.07 73.76 43.28
CA ASN P 302 -80.35 73.00 43.16
C ASN P 302 -81.44 73.89 42.51
N ASN P 303 -81.24 75.23 42.44
CA ASN P 303 -82.11 76.21 41.72
C ASN P 303 -81.34 77.00 40.64
N ASN P 304 -79.99 76.96 40.65
CA ASN P 304 -79.13 77.60 39.62
C ASN P 304 -79.24 76.81 38.32
N LEU P 305 -78.86 75.52 38.39
CA LEU P 305 -78.49 74.64 37.25
C LEU P 305 -79.69 73.81 36.78
N SER P 306 -79.56 73.37 35.53
CA SER P 306 -80.62 72.73 34.70
C SER P 306 -80.00 71.83 33.64
N PRO P 307 -80.78 70.95 32.99
CA PRO P 307 -80.36 70.37 31.73
C PRO P 307 -80.02 71.42 30.64
N PHE P 308 -80.53 72.65 30.68
CA PHE P 308 -80.14 73.68 29.67
C PHE P 308 -78.81 74.38 30.03
N SER P 309 -78.68 74.85 31.27
CA SER P 309 -77.45 75.54 31.74
C SER P 309 -76.24 74.60 31.63
N ILE P 310 -76.38 73.34 32.05
CA ILE P 310 -75.36 72.26 31.80
C ILE P 310 -75.05 72.26 30.32
N ALA P 311 -76.09 72.10 29.49
CA ALA P 311 -75.95 72.16 28.02
C ALA P 311 -75.08 73.38 27.73
N LEU P 312 -75.48 74.54 28.26
CA LEU P 312 -74.74 75.81 28.04
C LEU P 312 -73.26 75.63 28.40
N LEU P 313 -72.97 75.19 29.62
CA LEU P 313 -71.58 75.04 30.16
C LEU P 313 -70.76 74.10 29.29
N LEU P 314 -71.23 72.88 29.08
CA LEU P 314 -70.52 71.87 28.28
C LEU P 314 -70.26 72.43 26.90
N SER P 315 -71.08 73.35 26.39
CA SER P 315 -70.80 74.07 25.12
C SER P 315 -69.69 75.10 25.32
N VAL P 316 -69.64 75.76 26.46
CA VAL P 316 -68.61 76.81 26.71
C VAL P 316 -67.24 76.15 26.74
N THR P 317 -67.18 74.92 27.26
CA THR P 317 -66.02 73.98 27.24
C THR P 317 -65.24 74.15 25.93
N ARG P 318 -65.95 74.32 24.81
CA ARG P 318 -65.35 74.57 23.46
C ARG P 318 -64.27 75.66 23.53
N ILE P 319 -64.45 76.71 24.31
CA ILE P 319 -63.46 77.83 24.32
C ILE P 319 -62.40 77.53 25.38
N GLN P 320 -61.13 77.61 24.98
CA GLN P 320 -59.97 77.02 25.72
C GLN P 320 -60.00 77.49 27.18
N ARG P 321 -60.33 78.76 27.40
CA ARG P 321 -60.04 79.39 28.70
C ARG P 321 -60.83 78.69 29.80
N PHE P 322 -62.10 78.38 29.59
CA PHE P 322 -63.05 78.06 30.71
C PHE P 322 -63.23 76.58 30.86
N GLN P 323 -62.61 75.82 29.97
CA GLN P 323 -62.60 74.34 30.06
C GLN P 323 -62.47 73.90 31.53
N ASP P 324 -61.34 74.29 32.11
CA ASP P 324 -60.84 73.87 33.44
C ASP P 324 -61.88 74.14 34.52
N GLN P 325 -62.31 75.41 34.62
CA GLN P 325 -63.10 75.98 35.73
C GLN P 325 -64.44 75.25 35.71
N VAL P 326 -64.98 75.17 34.49
CA VAL P 326 -66.31 74.65 34.13
C VAL P 326 -66.34 73.19 34.54
N LEU P 327 -65.32 72.45 34.11
CA LEU P 327 -65.23 71.01 34.38
C LEU P 327 -65.10 70.79 35.89
N ASP P 328 -64.24 71.56 36.58
CA ASP P 328 -64.13 71.42 38.05
C ASP P 328 -65.52 71.64 38.62
N LEU P 329 -66.05 72.80 38.27
CA LEU P 329 -67.40 73.29 38.63
C LEU P 329 -68.37 72.11 38.56
N LEU P 330 -68.53 71.54 37.38
CA LEU P 330 -69.50 70.44 37.16
C LEU P 330 -69.09 69.29 38.05
N LYS P 331 -67.80 68.97 37.98
CA LYS P 331 -67.26 67.87 38.79
C LYS P 331 -67.77 68.04 40.23
N THR P 332 -67.41 69.08 40.97
CA THR P 332 -67.79 69.19 42.41
C THR P 332 -69.30 69.26 42.50
N SER P 333 -69.90 70.08 41.64
CA SER P 333 -71.36 70.13 41.46
C SER P 333 -71.83 68.69 41.54
N VAL P 334 -71.18 67.81 40.79
CA VAL P 334 -71.60 66.39 40.72
C VAL P 334 -71.52 65.72 42.09
N VAL P 335 -70.48 65.97 42.85
CA VAL P 335 -70.20 65.14 44.06
C VAL P 335 -71.19 65.53 45.14
N LYS P 336 -71.29 66.85 45.32
CA LYS P 336 -72.31 67.50 46.15
C LYS P 336 -73.58 66.69 45.89
N SER P 337 -73.97 66.61 44.62
CA SER P 337 -75.18 65.88 44.16
C SER P 337 -75.33 64.56 44.94
N PHE P 338 -74.23 63.82 45.05
CA PHE P 338 -74.24 62.52 45.73
C PHE P 338 -74.23 62.69 47.21
N LYS P 339 -73.53 63.67 47.73
CA LYS P 339 -73.56 63.85 49.20
C LYS P 339 -74.98 64.15 49.62
N ASP P 340 -75.70 64.88 48.78
CA ASP P 340 -77.09 65.30 49.07
C ASP P 340 -77.94 64.05 49.17
N LEU P 341 -77.90 63.28 48.10
CA LEU P 341 -78.56 61.96 48.03
C LEU P 341 -78.28 61.17 49.31
N GLN P 342 -77.06 60.67 49.50
CA GLN P 342 -76.74 59.59 50.48
C GLN P 342 -77.40 59.89 51.84
N LEU P 343 -77.22 61.15 52.24
CA LEU P 343 -77.55 61.75 53.55
C LEU P 343 -79.04 61.60 53.83
N LEU P 344 -79.77 61.85 52.77
CA LEU P 344 -81.23 62.02 52.73
C LEU P 344 -81.87 60.64 52.81
N GLN P 345 -81.22 59.58 52.32
CA GLN P 345 -81.74 58.20 52.49
C GLN P 345 -81.61 57.76 53.95
N GLY P 346 -80.44 58.05 54.52
CA GLY P 346 -79.97 57.38 55.75
C GLY P 346 -80.94 57.58 56.89
N SER P 347 -81.29 58.85 57.09
CA SER P 347 -82.24 59.34 58.10
C SER P 347 -83.67 59.32 57.55
N LYS P 348 -84.65 59.13 58.43
CA LYS P 348 -86.10 59.43 58.21
C LYS P 348 -86.31 60.95 58.16
N PHE P 349 -85.55 61.65 58.99
CA PHE P 349 -85.81 63.05 59.39
C PHE P 349 -85.92 63.98 58.17
N LEU P 350 -84.88 64.00 57.35
CA LEU P 350 -84.71 64.99 56.24
C LEU P 350 -85.70 64.71 55.10
N GLN P 351 -86.07 63.44 54.88
CA GLN P 351 -86.91 62.93 53.75
C GLN P 351 -88.29 63.61 53.82
N ASN P 352 -88.87 63.57 55.03
CA ASN P 352 -90.11 64.28 55.45
C ASN P 352 -90.11 65.63 54.74
N LEU P 353 -89.04 66.40 55.01
CA LEU P 353 -89.00 67.89 55.00
C LEU P 353 -88.73 68.34 53.57
N VAL P 354 -87.68 67.77 52.99
CA VAL P 354 -87.20 68.10 51.64
C VAL P 354 -88.06 67.36 50.63
N PRO P 355 -88.58 68.06 49.58
CA PRO P 355 -89.09 67.43 48.36
C PRO P 355 -87.98 67.16 47.33
N HIS P 356 -87.88 65.91 46.88
CA HIS P 356 -86.67 65.35 46.24
C HIS P 356 -86.41 66.14 44.96
N ARG P 357 -85.35 66.96 44.98
CA ARG P 357 -85.04 67.96 43.95
C ARG P 357 -84.07 67.31 42.98
N SER P 358 -84.20 67.65 41.70
CA SER P 358 -83.46 67.03 40.57
C SER P 358 -81.97 66.97 40.95
N TYR P 359 -81.39 65.78 40.81
CA TYR P 359 -79.95 65.51 41.02
C TYR P 359 -79.25 65.66 39.68
N VAL P 360 -78.06 66.22 39.73
CA VAL P 360 -77.29 66.57 38.50
C VAL P 360 -76.87 65.27 37.80
N SER P 361 -76.98 64.10 38.47
CA SER P 361 -76.99 62.73 37.86
C SER P 361 -77.93 62.73 36.65
N THR P 362 -79.21 62.71 36.95
CA THR P 362 -80.30 62.58 35.95
C THR P 362 -80.27 63.75 34.95
N MET P 363 -79.95 65.00 35.36
CA MET P 363 -79.98 66.18 34.47
C MET P 363 -78.99 66.00 33.29
N ILE P 364 -77.72 65.65 33.54
CA ILE P 364 -76.66 65.58 32.49
C ILE P 364 -77.01 64.48 31.49
N LEU P 365 -77.53 63.33 31.96
CA LEU P 365 -77.94 62.16 31.12
C LEU P 365 -78.94 62.60 30.05
N GLU P 366 -79.91 63.40 30.48
CA GLU P 366 -80.91 64.00 29.57
C GLU P 366 -80.17 64.90 28.57
N VAL P 367 -79.08 65.56 28.97
CA VAL P 367 -78.23 66.41 28.06
C VAL P 367 -77.65 65.57 26.92
N VAL P 368 -77.08 64.42 27.28
CA VAL P 368 -76.46 63.44 26.34
C VAL P 368 -77.54 63.02 25.34
N LYS P 369 -78.70 62.61 25.88
CA LYS P 369 -79.89 62.14 25.12
C LYS P 369 -80.27 63.15 24.04
N ASN P 370 -80.24 64.44 24.38
CA ASN P 370 -80.78 65.54 23.55
C ASN P 370 -79.66 66.20 22.77
N SER P 371 -78.44 65.65 22.81
CA SER P 371 -77.44 65.90 21.75
C SER P 371 -77.71 65.09 20.48
N VAL P 372 -78.71 64.18 20.45
CA VAL P 372 -79.11 63.37 19.26
C VAL P 372 -79.58 64.28 18.12
N HIS P 373 -80.39 65.31 18.45
CA HIS P 373 -80.76 66.43 17.54
C HIS P 373 -79.48 67.12 17.11
N SER P 374 -78.36 66.66 17.67
CA SER P 374 -77.00 66.71 17.08
C SER P 374 -76.47 68.11 17.39
N TRP P 375 -76.48 68.48 18.67
CA TRP P 375 -75.61 69.58 19.16
C TRP P 375 -74.25 68.92 19.49
N ASP P 376 -73.23 69.11 18.61
CA ASP P 376 -71.90 68.40 18.57
C ASP P 376 -70.73 69.37 18.93
N HIS P 377 -71.09 70.51 19.51
CA HIS P 377 -70.24 71.33 20.43
C HIS P 377 -70.22 70.63 21.79
N VAL P 378 -71.41 70.24 22.29
CA VAL P 378 -71.69 69.62 23.62
C VAL P 378 -70.72 68.46 23.93
N THR P 379 -70.67 67.50 23.01
CA THR P 379 -70.25 66.10 23.28
C THR P 379 -68.80 66.04 23.82
N GLN P 380 -67.91 66.94 23.38
CA GLN P 380 -66.49 66.84 23.76
C GLN P 380 -66.31 66.99 25.26
N GLY P 381 -67.03 67.95 25.83
CA GLY P 381 -67.07 68.16 27.27
C GLY P 381 -67.68 66.97 27.99
N LEU P 382 -68.72 66.33 27.44
CA LEU P 382 -69.38 65.15 28.08
C LEU P 382 -68.41 63.98 28.19
N VAL P 383 -67.72 63.68 27.10
CA VAL P 383 -66.65 62.64 27.09
C VAL P 383 -65.64 63.05 28.15
N GLU P 384 -65.19 64.30 28.07
CA GLU P 384 -64.19 64.90 28.97
C GLU P 384 -64.59 64.68 30.43
N LEU P 385 -65.82 65.04 30.75
CA LEU P 385 -66.33 64.91 32.14
C LEU P 385 -66.32 63.44 32.56
N GLY P 386 -66.94 62.57 31.75
CA GLY P 386 -67.16 61.15 32.11
C GLY P 386 -65.86 60.47 32.48
N PHE P 387 -64.81 60.74 31.70
CA PHE P 387 -63.41 60.28 31.97
C PHE P 387 -62.90 60.91 33.28
N ILE P 388 -62.98 62.22 33.44
CA ILE P 388 -62.43 62.92 34.64
C ILE P 388 -62.97 62.24 35.87
N LEU P 389 -64.25 61.97 35.83
CA LEU P 389 -64.92 61.30 36.95
C LEU P 389 -64.26 59.96 37.14
N MET P 390 -64.07 59.17 36.08
CA MET P 390 -63.48 57.81 36.20
C MET P 390 -62.03 57.89 36.68
N ASP P 391 -61.35 58.99 36.32
CA ASP P 391 -60.00 59.29 36.81
C ASP P 391 -60.14 59.50 38.31
N SER P 392 -60.70 60.62 38.71
CA SER P 392 -60.53 61.15 40.07
C SER P 392 -60.90 60.07 41.13
N TYR P 393 -62.10 59.47 41.11
CA TYR P 393 -62.69 58.60 42.18
C TYR P 393 -62.67 57.12 41.77
N GLY P 394 -61.61 56.64 41.08
CA GLY P 394 -61.41 55.18 40.88
C GLY P 394 -61.26 54.46 42.23
N PRO P 395 -61.64 53.17 42.40
CA PRO P 395 -61.23 52.39 43.57
C PRO P 395 -59.71 52.15 43.64
N LYS P 396 -58.98 53.02 44.37
CA LYS P 396 -57.57 52.87 44.84
C LYS P 396 -57.55 52.59 46.35
N LYS P 397 -58.61 53.03 47.05
CA LYS P 397 -59.10 52.52 48.38
C LYS P 397 -59.12 50.98 48.36
N VAL P 398 -59.74 50.37 47.33
CA VAL P 398 -59.68 48.91 47.03
C VAL P 398 -58.69 48.75 45.83
N LEU P 399 -57.47 48.25 46.05
CA LEU P 399 -56.45 48.01 44.96
C LEU P 399 -56.60 46.58 44.41
N PRO P 408 -66.77 51.46 54.18
CA PRO P 408 -67.62 52.38 54.97
C PRO P 408 -68.85 52.83 54.16
N SER P 409 -69.32 54.07 54.32
CA SER P 409 -70.16 54.76 53.31
C SER P 409 -69.48 56.04 52.79
N LEU P 410 -68.84 56.89 53.63
CA LEU P 410 -68.57 58.30 53.24
C LEU P 410 -67.42 58.41 52.20
N SER P 411 -66.31 57.68 52.34
CA SER P 411 -65.16 57.74 51.39
C SER P 411 -65.27 56.74 50.24
N ARG P 412 -66.16 55.72 50.35
CA ARG P 412 -66.35 54.62 49.36
C ARG P 412 -67.51 54.98 48.41
N MET P 413 -68.75 55.17 48.91
CA MET P 413 -70.02 55.14 48.10
C MET P 413 -70.16 56.41 47.23
N PRO P 414 -69.88 57.67 47.66
CA PRO P 414 -70.08 58.86 46.79
C PRO P 414 -68.96 59.08 45.76
N ASN P 415 -68.12 58.06 45.67
CA ASN P 415 -66.86 57.99 44.92
C ASN P 415 -66.81 56.63 44.18
N GLN P 416 -67.75 55.70 44.45
CA GLN P 416 -68.32 54.76 43.46
C GLN P 416 -69.22 55.56 42.54
N HIS P 417 -70.09 56.39 43.08
CA HIS P 417 -71.22 56.92 42.30
C HIS P 417 -70.73 57.98 41.30
N ALA P 418 -69.48 58.51 41.36
CA ALA P 418 -68.88 59.49 40.37
C ALA P 418 -68.49 58.90 38.99
N CYS P 419 -67.67 57.85 38.95
CA CYS P 419 -67.36 57.02 37.75
C CYS P 419 -68.57 56.21 37.24
N LYS P 420 -69.53 55.73 38.10
CA LYS P 420 -70.73 54.90 37.70
C LYS P 420 -71.64 55.77 36.85
N LEU P 421 -71.64 57.07 37.18
CA LEU P 421 -71.98 58.15 36.22
C LEU P 421 -70.99 58.18 35.03
N GLY P 422 -69.69 58.47 35.24
CA GLY P 422 -68.64 58.49 34.19
C GLY P 422 -68.93 57.44 33.14
N ALA P 423 -69.13 56.22 33.61
CA ALA P 423 -69.46 54.99 32.85
C ALA P 423 -70.75 55.21 32.05
N ASN P 424 -71.82 55.64 32.68
CA ASN P 424 -73.08 55.80 31.95
C ASN P 424 -72.89 56.95 30.96
N ILE P 425 -72.18 58.03 31.30
CA ILE P 425 -71.98 59.21 30.38
C ILE P 425 -71.33 58.70 29.09
N LEU P 426 -70.22 57.98 29.22
CA LEU P 426 -69.39 57.56 28.06
C LEU P 426 -70.05 56.42 27.29
N LEU P 427 -70.75 55.52 27.99
CA LEU P 427 -71.62 54.45 27.41
C LEU P 427 -72.65 55.11 26.47
N GLU P 428 -73.25 56.23 26.87
CA GLU P 428 -74.29 56.90 26.06
C GLU P 428 -73.73 57.78 24.96
N THR P 429 -72.63 58.49 25.18
CA THR P 429 -71.97 59.22 24.06
C THR P 429 -71.48 58.23 22.97
N PHE P 430 -70.97 57.05 23.33
CA PHE P 430 -70.64 55.92 22.41
C PHE P 430 -71.90 55.37 21.69
N LYS P 431 -73.01 55.05 22.40
CA LYS P 431 -74.27 54.42 21.87
C LYS P 431 -75.15 55.39 21.09
N ILE P 432 -74.85 56.69 21.16
CA ILE P 432 -75.59 57.79 20.48
C ILE P 432 -74.70 58.44 19.40
N HIS P 433 -73.43 58.72 19.70
CA HIS P 433 -72.54 59.46 18.77
C HIS P 433 -71.54 58.50 18.10
N GLU P 434 -71.76 58.32 16.80
CA GLU P 434 -71.17 57.29 15.90
C GLU P 434 -69.80 57.76 15.39
N MET P 435 -69.73 59.04 15.06
CA MET P 435 -68.50 59.80 14.75
C MET P 435 -67.45 59.61 15.87
N ILE P 436 -67.84 59.75 17.14
CA ILE P 436 -66.92 59.89 18.31
C ILE P 436 -66.27 58.54 18.64
N ARG P 437 -67.07 57.48 18.64
CA ARG P 437 -66.83 56.24 19.45
C ARG P 437 -65.46 55.61 19.08
N GLN P 438 -64.70 56.15 18.10
CA GLN P 438 -63.26 55.88 17.80
C GLN P 438 -62.30 56.45 18.85
N GLU P 439 -62.45 57.73 19.20
CA GLU P 439 -61.61 58.41 20.22
C GLU P 439 -62.00 57.93 21.63
N ILE P 440 -63.28 57.59 21.83
CA ILE P 440 -63.83 57.11 23.13
C ILE P 440 -63.07 55.84 23.44
N LEU P 441 -63.13 54.85 22.55
CA LEU P 441 -62.59 53.49 22.85
C LEU P 441 -61.06 53.56 22.76
N GLU P 442 -60.47 54.36 21.86
CA GLU P 442 -59.01 54.73 21.92
C GLU P 442 -58.64 55.12 23.37
N GLN P 443 -59.32 56.13 23.91
CA GLN P 443 -58.95 56.71 25.22
C GLN P 443 -59.26 55.68 26.34
N VAL P 444 -60.28 54.81 26.23
CA VAL P 444 -60.56 53.77 27.28
C VAL P 444 -59.32 52.90 27.47
N LEU P 445 -58.76 52.33 26.39
CA LEU P 445 -57.65 51.32 26.49
C LEU P 445 -56.30 52.02 26.72
N ASN P 446 -56.16 53.23 26.21
CA ASN P 446 -55.12 54.18 26.67
C ASN P 446 -54.94 54.00 28.19
N ARG P 447 -56.03 53.97 28.97
CA ARG P 447 -56.03 53.93 30.46
C ARG P 447 -56.02 52.50 31.02
N VAL P 448 -56.63 51.53 30.31
CA VAL P 448 -56.73 50.11 30.78
C VAL P 448 -55.32 49.52 30.79
N VAL P 449 -54.55 49.80 29.75
CA VAL P 449 -53.33 49.01 29.44
C VAL P 449 -52.17 49.37 30.39
N THR P 450 -51.44 50.41 30.08
CA THR P 450 -50.01 50.50 30.48
C THR P 450 -49.86 50.91 31.93
N ARG P 451 -50.85 51.66 32.44
CA ARG P 451 -51.28 51.70 33.86
C ARG P 451 -51.16 50.28 34.42
N ALA P 452 -52.24 49.74 35.00
CA ALA P 452 -52.13 48.69 36.04
C ALA P 452 -51.00 49.03 37.07
N SER P 453 -50.78 50.34 37.39
CA SER P 453 -50.22 50.80 38.68
C SER P 453 -51.43 51.09 39.62
N SER P 454 -52.42 51.89 39.18
CA SER P 454 -53.75 52.06 39.84
C SER P 454 -54.78 51.18 39.15
N PRO P 455 -55.64 50.42 39.89
CA PRO P 455 -56.59 49.46 39.29
C PRO P 455 -57.59 50.11 38.32
N ILE P 456 -58.39 49.28 37.63
CA ILE P 456 -59.18 49.70 36.43
C ILE P 456 -60.33 48.73 36.13
N SER P 457 -60.84 48.00 37.13
CA SER P 457 -62.01 47.07 36.99
C SER P 457 -63.25 47.82 36.42
N HIS P 458 -63.53 49.04 36.90
CA HIS P 458 -64.57 49.96 36.38
C HIS P 458 -64.34 50.25 34.86
N PHE P 459 -63.09 50.47 34.42
CA PHE P 459 -62.75 50.76 33.01
C PHE P 459 -63.00 49.53 32.16
N LEU P 460 -62.56 48.36 32.66
CA LEU P 460 -62.80 47.04 32.03
C LEU P 460 -64.30 46.78 31.84
N ASP P 461 -65.14 47.18 32.80
CA ASP P 461 -66.60 46.90 32.74
C ASP P 461 -67.25 47.99 31.84
N LEU P 462 -66.67 49.21 31.71
CA LEU P 462 -67.02 50.19 30.63
C LEU P 462 -66.70 49.59 29.25
N LEU P 463 -65.43 49.24 29.05
CA LEU P 463 -64.89 48.66 27.81
C LEU P 463 -65.78 47.53 27.32
N SER P 464 -66.05 46.57 28.22
CA SER P 464 -66.97 45.41 28.05
C SER P 464 -68.30 45.88 27.40
N ASN P 465 -69.03 46.86 27.97
CA ASN P 465 -70.40 47.23 27.55
C ASN P 465 -70.33 48.08 26.26
N ILE P 466 -69.24 48.86 26.08
CA ILE P 466 -68.87 49.55 24.79
C ILE P 466 -68.83 48.55 23.63
N VAL P 467 -67.98 47.54 23.75
CA VAL P 467 -67.66 46.62 22.63
C VAL P 467 -68.86 45.65 22.45
N MET P 468 -69.52 45.15 23.52
CA MET P 468 -70.70 44.23 23.49
C MET P 468 -71.90 44.79 22.70
N TYR P 469 -72.25 46.06 22.90
CA TYR P 469 -73.29 46.76 22.10
C TYR P 469 -72.91 46.67 20.61
N ALA P 470 -71.73 47.19 20.19
CA ALA P 470 -71.30 47.32 18.77
C ALA P 470 -69.81 47.01 18.62
N PRO P 471 -69.36 45.73 18.50
CA PRO P 471 -67.94 45.43 18.34
C PRO P 471 -67.40 46.01 17.02
N LEU P 472 -68.28 46.26 16.04
CA LEU P 472 -67.99 46.68 14.65
C LEU P 472 -67.02 47.87 14.65
N VAL P 473 -67.18 48.77 15.62
CA VAL P 473 -66.23 49.89 15.85
C VAL P 473 -64.79 49.39 15.91
N LEU P 474 -64.59 48.31 16.65
CA LEU P 474 -63.27 47.80 17.10
C LEU P 474 -62.39 47.52 15.87
N GLN P 475 -63.01 47.35 14.69
CA GLN P 475 -62.32 47.00 13.41
C GLN P 475 -61.63 48.24 12.78
N SER P 476 -62.11 49.45 13.05
CA SER P 476 -61.42 50.72 12.70
C SER P 476 -60.30 51.02 13.72
N CYS P 477 -60.45 50.54 14.97
CA CYS P 477 -59.58 50.80 16.13
C CYS P 477 -58.64 49.60 16.42
N SER P 478 -58.32 48.76 15.44
CA SER P 478 -57.41 47.61 15.65
C SER P 478 -55.99 48.08 16.00
N SER P 479 -55.55 49.29 15.53
CA SER P 479 -54.18 49.90 15.64
C SER P 479 -53.67 49.81 17.08
N LYS P 480 -54.43 50.42 17.98
CA LYS P 480 -54.30 50.28 19.46
C LYS P 480 -54.33 48.79 19.88
N VAL P 481 -55.20 47.90 19.32
CA VAL P 481 -55.33 46.48 19.82
C VAL P 481 -54.03 45.73 19.51
N THR P 482 -53.41 45.98 18.35
CA THR P 482 -52.07 45.44 17.93
C THR P 482 -50.92 45.88 18.86
N GLU P 483 -50.93 47.14 19.33
CA GLU P 483 -49.93 47.69 20.29
C GLU P 483 -50.37 47.45 21.75
N ALA P 484 -51.52 46.80 22.02
CA ALA P 484 -51.98 46.31 23.36
C ALA P 484 -51.37 44.94 23.65
N PHE P 485 -51.29 44.13 22.60
CA PHE P 485 -50.57 42.83 22.61
C PHE P 485 -49.07 43.13 22.85
N ASP P 486 -48.52 44.26 22.36
CA ASP P 486 -47.12 44.73 22.59
C ASP P 486 -46.67 44.54 24.03
N TYR P 487 -47.50 45.02 24.95
CA TYR P 487 -47.22 45.15 26.39
C TYR P 487 -47.96 44.02 27.14
N LEU P 488 -48.52 43.02 26.45
CA LEU P 488 -49.34 41.90 26.99
C LEU P 488 -48.46 40.81 27.63
N SER P 489 -47.24 41.18 28.02
CA SER P 489 -46.33 40.40 28.89
C SER P 489 -46.02 41.16 30.20
N PHE P 490 -46.16 42.49 30.23
CA PHE P 490 -45.91 43.38 31.39
C PHE P 490 -47.22 43.77 32.10
N LEU P 491 -48.36 43.71 31.41
CA LEU P 491 -49.68 43.82 32.05
C LEU P 491 -49.87 42.56 32.87
N PRO P 492 -50.52 42.65 34.04
CA PRO P 492 -50.75 41.46 34.87
C PRO P 492 -51.90 40.60 34.36
N LEU P 493 -52.20 39.50 35.05
CA LEU P 493 -53.13 38.42 34.60
C LEU P 493 -54.54 38.92 34.26
N GLN P 494 -55.09 39.88 35.02
CA GLN P 494 -56.55 40.21 35.05
C GLN P 494 -56.86 41.25 33.99
N THR P 495 -56.00 42.27 33.76
CA THR P 495 -56.09 43.24 32.62
C THR P 495 -56.26 42.41 31.33
N VAL P 496 -55.23 41.61 31.06
CA VAL P 496 -55.04 40.79 29.84
C VAL P 496 -56.17 39.75 29.74
N GLN P 497 -56.39 38.93 30.80
CA GLN P 497 -57.44 37.89 30.86
C GLN P 497 -58.78 38.44 30.34
N ARG P 498 -59.12 39.70 30.68
CA ARG P 498 -60.42 40.32 30.33
C ARG P 498 -60.32 41.13 29.04
N LEU P 499 -59.40 42.10 28.92
CA LEU P 499 -59.09 42.87 27.68
C LEU P 499 -59.32 41.99 26.44
N LEU P 500 -58.80 40.75 26.49
CA LEU P 500 -58.88 39.79 25.36
C LEU P 500 -60.25 39.10 25.25
N LYS P 501 -60.97 38.77 26.34
CA LYS P 501 -62.36 38.22 26.24
C LYS P 501 -63.18 39.18 25.36
N ALA P 502 -63.03 40.49 25.62
CA ALA P 502 -63.59 41.63 24.85
C ALA P 502 -63.16 41.56 23.38
N VAL P 503 -61.86 41.62 23.14
CA VAL P 503 -61.31 41.76 21.76
C VAL P 503 -61.76 40.61 20.83
N GLN P 504 -61.75 39.34 21.29
CA GLN P 504 -61.64 38.08 20.47
C GLN P 504 -62.69 37.99 19.35
N PRO P 505 -63.95 38.46 19.54
CA PRO P 505 -64.86 38.78 18.43
C PRO P 505 -64.28 39.40 17.16
N LEU P 506 -63.25 40.20 17.34
CA LEU P 506 -62.36 40.61 16.24
C LEU P 506 -61.73 39.43 15.49
N LEU P 507 -61.11 38.49 16.22
CA LEU P 507 -60.12 37.51 15.67
C LEU P 507 -60.82 36.30 15.04
N LYS P 508 -62.12 36.11 15.28
CA LYS P 508 -63.01 35.27 14.44
C LYS P 508 -63.11 35.89 13.04
N VAL P 509 -63.32 37.22 12.93
CA VAL P 509 -63.41 37.99 11.63
C VAL P 509 -62.01 38.29 11.07
N SER P 510 -61.23 39.19 11.68
CA SER P 510 -59.84 39.54 11.28
C SER P 510 -58.91 38.36 11.59
N MET P 511 -57.80 38.26 10.85
CA MET P 511 -56.89 37.09 10.90
C MET P 511 -55.43 37.54 11.07
N SER P 512 -54.99 38.57 10.34
CA SER P 512 -53.65 39.23 10.48
C SER P 512 -53.39 39.53 11.96
N MET P 513 -54.41 40.00 12.65
CA MET P 513 -54.39 40.27 14.11
C MET P 513 -54.25 38.97 14.91
N ARG P 514 -54.86 37.85 14.48
CA ARG P 514 -54.74 36.52 15.17
C ARG P 514 -53.30 35.98 14.99
N ASP P 515 -52.66 36.20 13.82
CA ASP P 515 -51.21 35.87 13.57
C ASP P 515 -50.27 36.88 14.27
N CYS P 516 -50.77 38.05 14.68
CA CYS P 516 -50.09 38.90 15.69
C CYS P 516 -50.20 38.28 17.09
N LEU P 517 -51.39 37.80 17.50
CA LEU P 517 -51.73 37.28 18.87
C LEU P 517 -50.93 36.02 19.24
N ILE P 518 -51.12 34.87 18.57
CA ILE P 518 -50.53 33.58 19.05
C ILE P 518 -49.00 33.77 19.04
N LEU P 519 -48.47 34.54 18.06
CA LEU P 519 -47.08 35.09 17.95
C LEU P 519 -46.63 35.74 19.28
N VAL P 520 -47.45 36.64 19.85
CA VAL P 520 -47.18 37.39 21.12
C VAL P 520 -47.24 36.48 22.36
N LEU P 521 -48.31 35.68 22.47
CA LEU P 521 -48.51 34.68 23.56
C LEU P 521 -47.33 33.70 23.58
N ARG P 522 -46.89 33.20 22.40
CA ARG P 522 -45.74 32.24 22.21
C ARG P 522 -44.46 32.96 22.71
N LYS P 523 -44.19 34.20 22.28
CA LYS P 523 -42.94 34.96 22.60
C LYS P 523 -42.90 35.40 24.06
N ALA P 524 -44.07 35.53 24.69
CA ALA P 524 -44.27 35.64 26.14
C ALA P 524 -43.98 34.29 26.86
N MET P 525 -44.32 33.11 26.30
CA MET P 525 -44.15 31.78 26.99
C MET P 525 -42.68 31.61 27.38
N PHE P 526 -41.77 32.13 26.57
CA PHE P 526 -40.30 32.01 26.75
C PHE P 526 -39.81 33.32 27.35
N ALA P 527 -40.42 33.76 28.44
CA ALA P 527 -40.11 35.07 29.07
C ALA P 527 -39.30 34.88 30.35
N ASN P 528 -38.84 36.03 30.89
CA ASN P 528 -38.21 36.30 32.22
C ASN P 528 -39.34 36.48 33.24
N GLN P 529 -40.18 37.48 32.99
CA GLN P 529 -41.31 37.90 33.85
C GLN P 529 -42.29 36.71 33.95
N LEU P 530 -42.78 36.44 35.16
CA LEU P 530 -43.51 35.18 35.53
C LEU P 530 -44.95 35.29 35.04
N ASP P 531 -45.52 36.49 35.15
CA ASP P 531 -46.77 36.99 34.52
C ASP P 531 -46.88 36.69 33.02
N ALA P 532 -45.79 36.75 32.24
CA ALA P 532 -45.81 36.58 30.77
C ALA P 532 -46.15 35.12 30.40
N ARG P 533 -45.63 34.13 31.16
CA ARG P 533 -45.92 32.67 30.99
C ARG P 533 -47.45 32.49 31.11
N LYS P 534 -48.02 33.12 32.13
CA LYS P 534 -49.43 33.01 32.55
C LYS P 534 -50.32 33.81 31.60
N SER P 535 -49.82 34.93 31.04
CA SER P 535 -50.49 35.68 29.95
C SER P 535 -50.63 34.76 28.74
N ALA P 536 -49.56 34.03 28.42
CA ALA P 536 -49.52 33.04 27.31
C ALA P 536 -50.62 31.99 27.51
N VAL P 537 -50.62 31.30 28.67
CA VAL P 537 -51.62 30.27 29.10
C VAL P 537 -53.02 30.83 28.84
N ALA P 538 -53.29 32.01 29.39
CA ALA P 538 -54.62 32.66 29.42
C ALA P 538 -55.09 33.01 28.00
N GLY P 539 -54.21 33.50 27.11
CA GLY P 539 -54.59 33.82 25.72
C GLY P 539 -54.83 32.54 24.95
N PHE P 540 -53.96 31.56 25.20
CA PHE P 540 -54.01 30.21 24.63
C PHE P 540 -55.23 29.46 25.17
N LEU P 541 -55.42 29.34 26.50
CA LEU P 541 -56.62 28.67 27.11
C LEU P 541 -57.90 29.29 26.52
N LEU P 542 -57.94 30.59 26.19
CA LEU P 542 -59.17 31.27 25.70
C LEU P 542 -59.33 31.12 24.18
N LEU P 543 -58.22 31.17 23.42
CA LEU P 543 -58.19 30.75 21.99
C LEU P 543 -58.71 29.32 21.84
N LEU P 544 -58.32 28.39 22.72
CA LEU P 544 -58.82 26.97 22.77
C LEU P 544 -60.31 26.86 23.23
N LYS P 545 -60.79 27.78 24.08
CA LYS P 545 -62.16 27.78 24.68
C LYS P 545 -63.21 28.21 23.64
N ASN P 546 -63.15 29.47 23.17
CA ASN P 546 -64.21 30.18 22.39
C ASN P 546 -63.84 30.25 20.89
N PHE P 547 -62.71 29.65 20.47
CA PHE P 547 -62.23 29.55 19.05
C PHE P 547 -62.42 28.11 18.53
N LYS P 548 -63.58 27.55 18.94
CA LYS P 548 -64.60 26.81 18.13
C LYS P 548 -65.22 25.74 19.04
N VAL P 549 -66.47 25.33 18.80
CA VAL P 549 -67.20 24.28 19.58
C VAL P 549 -66.90 22.87 18.99
N LEU P 550 -66.72 22.75 17.65
CA LEU P 550 -66.46 21.52 16.83
C LEU P 550 -67.69 20.60 16.84
N TYR P 575 -65.02 30.76 9.59
CA TYR P 575 -63.95 30.02 8.85
C TYR P 575 -64.16 28.51 9.02
N ASN P 576 -63.38 27.73 8.26
CA ASN P 576 -63.46 26.24 8.17
C ASN P 576 -63.15 25.65 9.56
N SER P 577 -63.86 24.59 9.95
CA SER P 577 -63.66 23.76 11.18
C SER P 577 -62.26 23.13 11.21
N VAL P 578 -61.80 22.61 10.06
CA VAL P 578 -60.47 21.96 9.87
C VAL P 578 -59.30 22.94 10.15
N ALA P 579 -59.42 24.24 9.86
CA ALA P 579 -58.40 25.27 10.21
C ALA P 579 -58.60 25.78 11.65
N ASN P 580 -59.42 25.11 12.49
CA ASN P 580 -59.56 25.39 13.95
C ASN P 580 -59.23 24.15 14.80
N GLU P 581 -59.78 22.96 14.46
CA GLU P 581 -59.48 21.65 15.13
C GLU P 581 -57.97 21.34 15.05
N THR P 582 -57.26 21.78 13.98
CA THR P 582 -55.77 21.68 13.81
C THR P 582 -55.02 22.76 14.61
N PHE P 583 -55.54 23.99 14.59
CA PHE P 583 -54.95 25.22 15.18
C PHE P 583 -54.97 25.13 16.72
N CYS P 584 -56.03 24.53 17.29
CA CYS P 584 -56.20 24.16 18.72
C CYS P 584 -55.22 23.05 19.12
N LEU P 585 -55.03 22.04 18.27
CA LEU P 585 -54.03 20.95 18.49
C LEU P 585 -52.60 21.46 18.27
N GLU P 586 -52.40 22.57 17.54
CA GLU P 586 -51.07 23.24 17.27
C GLU P 586 -50.62 23.92 18.58
N ILE P 587 -51.43 24.86 19.04
CA ILE P 587 -51.22 25.62 20.29
C ILE P 587 -51.17 24.61 21.47
N MET P 588 -52.04 23.57 21.53
CA MET P 588 -52.10 22.61 22.66
C MET P 588 -50.79 21.81 22.73
N ASP P 589 -50.14 21.56 21.60
CA ASP P 589 -48.76 20.99 21.59
C ASP P 589 -47.76 21.98 22.21
N SER P 590 -47.85 23.30 21.91
CA SER P 590 -47.04 24.38 22.53
C SER P 590 -47.36 24.54 24.04
N LEU P 591 -48.54 24.09 24.50
CA LEU P 591 -48.96 23.98 25.94
C LEU P 591 -48.35 22.75 26.63
N ARG P 592 -47.90 21.71 25.93
CA ARG P 592 -47.19 20.56 26.57
C ARG P 592 -45.78 20.97 27.00
N ARG P 593 -45.25 22.07 26.44
CA ARG P 593 -44.15 22.88 27.02
C ARG P 593 -44.62 23.50 28.34
N CYS P 594 -45.79 24.15 28.34
CA CYS P 594 -46.37 24.79 29.55
C CYS P 594 -46.76 23.73 30.58
N LEU P 595 -47.23 22.55 30.18
CA LEU P 595 -47.45 21.40 31.11
C LEU P 595 -46.11 20.97 31.71
N SER P 596 -45.00 21.18 31.00
CA SER P 596 -43.63 21.07 31.56
C SER P 596 -43.27 22.29 32.43
N GLN P 597 -43.70 23.51 32.09
CA GLN P 597 -43.25 24.75 32.79
C GLN P 597 -43.70 24.67 34.26
N GLN P 598 -43.08 25.49 35.10
CA GLN P 598 -43.28 25.74 36.56
C GLN P 598 -44.76 25.65 37.04
N ALA P 599 -44.93 25.43 38.37
CA ALA P 599 -46.15 24.97 39.12
C ALA P 599 -47.42 25.77 38.80
N ASP P 600 -47.34 27.06 39.04
CA ASP P 600 -48.42 28.07 38.90
C ASP P 600 -48.98 28.04 37.48
N VAL P 601 -48.09 28.00 36.50
CA VAL P 601 -48.41 28.08 35.04
C VAL P 601 -49.09 26.76 34.66
N ARG P 602 -48.68 25.65 35.29
CA ARG P 602 -49.36 24.35 35.09
C ARG P 602 -50.77 24.46 35.66
N LEU P 603 -50.86 24.92 36.90
CA LEU P 603 -52.10 25.01 37.71
C LEU P 603 -53.23 25.63 36.88
N MET P 604 -52.90 26.72 36.22
CA MET P 604 -53.79 27.53 35.34
C MET P 604 -54.30 26.70 34.16
N LEU P 605 -53.51 25.73 33.70
CA LEU P 605 -53.94 24.79 32.64
C LEU P 605 -54.90 23.76 33.22
N TYR P 606 -54.66 23.18 34.42
CA TYR P 606 -55.59 22.18 35.04
C TYR P 606 -56.98 22.83 35.16
N GLU P 607 -57.00 24.11 35.58
CA GLU P 607 -58.23 24.88 35.88
C GLU P 607 -58.93 25.39 34.59
N GLY P 608 -58.22 25.97 33.61
CA GLY P 608 -58.81 26.56 32.38
C GLY P 608 -59.27 25.55 31.36
N PHE P 609 -58.64 24.36 31.35
CA PHE P 609 -58.96 23.26 30.40
C PHE P 609 -60.38 22.74 30.67
N TYR P 610 -60.92 22.78 31.88
CA TYR P 610 -62.34 22.39 32.13
C TYR P 610 -63.28 23.30 31.33
N ASP P 611 -63.03 24.60 31.26
CA ASP P 611 -63.91 25.49 30.46
C ASP P 611 -63.63 25.29 28.97
N VAL P 612 -62.38 25.03 28.56
CA VAL P 612 -62.03 24.70 27.14
C VAL P 612 -62.89 23.51 26.71
N LEU P 613 -62.95 22.46 27.53
CA LEU P 613 -63.83 21.25 27.37
C LEU P 613 -65.31 21.64 27.24
N ARG P 614 -65.81 22.52 28.10
CA ARG P 614 -67.26 22.89 28.05
C ARG P 614 -67.56 23.59 26.72
N ARG P 615 -66.74 24.58 26.32
CA ARG P 615 -66.99 25.43 25.13
C ARG P 615 -66.51 24.74 23.82
N ASN P 616 -65.60 23.76 23.89
CA ASN P 616 -64.99 22.99 22.76
C ASN P 616 -64.98 21.48 23.13
N SER P 617 -66.07 20.73 22.85
CA SER P 617 -66.31 19.35 23.36
C SER P 617 -65.39 18.32 22.69
N GLN P 618 -65.24 18.43 21.36
CA GLN P 618 -64.55 17.44 20.48
C GLN P 618 -63.05 17.30 20.76
N LEU P 619 -62.36 18.28 21.38
CA LEU P 619 -60.91 18.18 21.74
C LEU P 619 -60.73 17.33 23.00
N ALA P 620 -61.82 16.92 23.68
CA ALA P 620 -61.84 15.98 24.83
C ALA P 620 -60.78 14.90 24.66
N ASN P 621 -60.87 14.09 23.60
CA ASN P 621 -60.03 12.88 23.35
C ASN P 621 -58.52 13.21 23.38
N SER P 622 -58.12 14.34 22.75
CA SER P 622 -56.72 14.83 22.61
C SER P 622 -56.23 15.32 23.96
N VAL P 623 -57.05 16.18 24.55
CA VAL P 623 -56.74 16.83 25.85
C VAL P 623 -56.59 15.74 26.90
N MET P 624 -57.38 14.65 26.85
CA MET P 624 -57.34 13.54 27.85
C MET P 624 -55.93 12.93 27.84
N GLN P 625 -55.40 12.69 26.65
CA GLN P 625 -54.06 12.07 26.48
C GLN P 625 -52.98 13.08 26.88
N THR P 626 -53.16 14.39 26.59
CA THR P 626 -52.29 15.51 27.04
C THR P 626 -52.09 15.44 28.57
N LEU P 627 -53.17 15.16 29.32
CA LEU P 627 -53.21 15.10 30.81
C LEU P 627 -52.67 13.73 31.24
N LEU P 628 -53.19 12.68 30.63
CA LEU P 628 -53.11 11.33 31.25
C LEU P 628 -51.66 10.87 31.24
N SER P 629 -50.90 11.25 30.20
CA SER P 629 -49.41 11.27 30.15
C SER P 629 -48.80 11.94 31.39
N GLN P 630 -49.24 13.16 31.71
CA GLN P 630 -48.74 13.97 32.85
C GLN P 630 -49.08 13.25 34.16
N LEU P 631 -50.22 12.52 34.25
CA LEU P 631 -50.55 11.65 35.42
C LEU P 631 -49.45 10.60 35.57
N LYS P 632 -49.16 9.87 34.49
CA LYS P 632 -48.43 8.58 34.58
C LYS P 632 -46.96 8.81 34.97
N GLN P 633 -46.42 10.02 34.77
CA GLN P 633 -45.09 10.49 35.26
C GLN P 633 -44.99 10.35 36.79
N PHE P 634 -46.15 10.31 37.48
CA PHE P 634 -46.26 10.16 38.96
C PHE P 634 -47.20 9.02 39.38
N TYR P 635 -47.93 8.36 38.47
CA TYR P 635 -48.72 7.15 38.83
C TYR P 635 -47.91 5.89 38.48
N GLU P 636 -47.79 4.99 39.45
CA GLU P 636 -47.13 3.66 39.36
C GLU P 636 -48.20 2.56 39.26
N PRO P 637 -48.65 2.13 38.06
CA PRO P 637 -49.85 1.28 37.94
C PRO P 637 -49.67 -0.22 38.23
N LYS P 638 -49.03 -0.57 39.35
CA LYS P 638 -48.90 -1.98 39.84
C LYS P 638 -49.72 -2.08 41.14
N PRO P 639 -50.75 -2.97 41.20
CA PRO P 639 -51.18 -3.53 42.49
C PRO P 639 -50.00 -4.09 43.33
N ASP P 640 -50.10 -3.97 44.66
CA ASP P 640 -49.07 -4.32 45.68
C ASP P 640 -47.77 -3.52 45.46
N LEU P 641 -47.88 -2.23 45.10
CA LEU P 641 -46.94 -1.15 45.47
C LEU P 641 -47.72 -0.10 46.28
N LEU P 642 -47.37 0.07 47.56
CA LEU P 642 -48.28 0.62 48.61
C LEU P 642 -48.42 2.14 48.52
N PRO P 643 -47.38 2.99 48.29
CA PRO P 643 -47.60 4.36 47.79
C PRO P 643 -47.96 4.28 46.32
N PRO P 644 -49.24 4.43 45.88
CA PRO P 644 -49.57 4.22 44.47
C PRO P 644 -49.05 5.35 43.59
N LEU P 645 -48.72 6.49 44.21
CA LEU P 645 -48.33 7.74 43.53
C LEU P 645 -46.92 8.12 43.97
N LYS P 646 -46.22 8.82 43.07
CA LYS P 646 -44.82 9.30 43.22
C LYS P 646 -44.89 10.79 43.60
N LEU P 647 -44.82 11.06 44.90
CA LEU P 647 -45.04 12.39 45.52
C LEU P 647 -43.72 13.18 45.52
N GLU P 648 -42.62 12.44 45.56
CA GLU P 648 -41.25 12.97 45.73
C GLU P 648 -40.71 13.45 44.37
N ALA P 649 -41.37 13.16 43.22
CA ALA P 649 -41.01 13.66 41.86
C ALA P 649 -41.81 14.92 41.47
N CYS P 650 -42.89 15.22 42.20
CA CYS P 650 -43.57 16.55 42.22
C CYS P 650 -42.66 17.62 42.86
N ILE P 651 -41.56 17.25 43.56
CA ILE P 651 -40.75 18.18 44.42
C ILE P 651 -39.39 18.40 43.73
N LEU P 652 -39.09 19.65 43.37
CA LEU P 652 -37.77 20.10 42.84
C LEU P 652 -37.01 20.72 44.00
N THR P 653 -35.90 20.10 44.42
CA THR P 653 -34.90 20.65 45.37
C THR P 653 -33.64 21.01 44.58
N GLN P 654 -33.27 22.28 44.62
CA GLN P 654 -32.00 22.85 44.06
C GLN P 654 -31.57 23.99 44.99
N GLY P 655 -30.27 24.10 45.33
CA GLY P 655 -29.68 25.14 46.23
C GLY P 655 -30.51 25.52 47.45
N ASP P 656 -31.12 24.53 48.15
CA ASP P 656 -32.11 24.63 49.28
C ASP P 656 -33.27 25.60 48.97
N LYS P 657 -33.73 25.62 47.71
CA LYS P 657 -35.04 26.18 47.29
C LYS P 657 -35.88 24.96 46.87
N ILE P 658 -36.80 24.49 47.73
CA ILE P 658 -37.58 23.22 47.57
C ILE P 658 -39.03 23.57 47.23
N SER P 659 -39.34 23.55 45.93
CA SER P 659 -40.63 23.96 45.32
C SER P 659 -41.42 22.71 44.92
N LEU P 660 -42.71 22.68 45.26
CA LEU P 660 -43.70 21.86 44.52
C LEU P 660 -43.86 22.49 43.13
N GLN P 661 -43.71 21.69 42.06
CA GLN P 661 -44.17 22.04 40.68
C GLN P 661 -44.83 20.79 40.10
N GLU P 662 -45.93 20.96 39.35
CA GLU P 662 -46.93 19.90 39.03
C GLU P 662 -47.66 19.57 40.34
N PRO P 663 -48.63 20.43 40.75
CA PRO P 663 -49.45 20.13 41.92
C PRO P 663 -50.45 19.01 41.62
N LEU P 664 -50.23 17.83 42.22
CA LEU P 664 -50.99 16.61 41.89
C LEU P 664 -52.43 16.63 42.42
N ASP P 665 -52.67 17.06 43.66
CA ASP P 665 -54.04 17.29 44.21
C ASP P 665 -54.92 18.08 43.22
N TYR P 666 -54.36 19.15 42.62
CA TYR P 666 -54.97 20.07 41.59
C TYR P 666 -55.10 19.41 40.21
N LEU P 667 -54.11 18.61 39.82
CA LEU P 667 -54.23 17.73 38.63
C LEU P 667 -55.46 16.80 38.80
N LEU P 668 -55.63 16.13 39.97
CA LEU P 668 -56.77 15.20 40.28
C LEU P 668 -58.11 15.93 40.25
N CYS P 669 -58.16 17.14 40.79
CA CYS P 669 -59.27 18.13 40.58
C CYS P 669 -59.68 18.11 39.09
N CYS P 670 -58.81 18.54 38.17
CA CYS P 670 -59.09 18.68 36.71
C CYS P 670 -59.54 17.34 36.13
N ILE P 671 -58.77 16.30 36.41
CA ILE P 671 -59.06 14.88 36.10
C ILE P 671 -60.50 14.55 36.52
N GLN P 672 -60.77 14.73 37.81
CA GLN P 672 -61.99 14.21 38.43
C GLN P 672 -63.19 14.94 37.82
N HIS P 673 -63.01 16.20 37.41
CA HIS P 673 -64.08 17.05 36.80
C HIS P 673 -64.32 16.71 35.33
N CYS P 674 -63.28 16.72 34.51
CA CYS P 674 -63.31 16.24 33.09
C CYS P 674 -63.99 14.85 33.06
N LEU P 675 -63.71 13.97 34.08
CA LEU P 675 -64.28 12.59 34.30
C LEU P 675 -65.81 12.60 34.34
N ALA P 676 -66.40 13.20 35.38
CA ALA P 676 -67.87 13.27 35.58
C ALA P 676 -68.53 13.93 34.34
N TRP P 677 -67.90 14.98 33.77
CA TRP P 677 -68.31 15.70 32.53
C TRP P 677 -68.43 14.73 31.36
N TYR P 678 -67.42 13.89 31.15
CA TYR P 678 -67.43 12.83 30.09
C TYR P 678 -68.52 11.77 30.36
N LYS P 679 -68.73 11.28 31.61
CA LYS P 679 -69.78 10.27 32.00
C LYS P 679 -71.17 10.75 31.61
N ASN P 680 -71.42 12.03 31.92
CA ASN P 680 -72.72 12.72 31.80
C ASN P 680 -72.96 13.22 30.34
N THR P 681 -72.16 14.16 29.76
CA THR P 681 -72.58 15.02 28.60
C THR P 681 -72.00 14.63 27.22
N VAL P 682 -70.76 14.13 27.10
CA VAL P 682 -70.13 13.78 25.79
C VAL P 682 -70.76 12.47 25.25
N ILE P 683 -70.82 11.37 26.05
CA ILE P 683 -71.25 9.97 25.65
C ILE P 683 -72.62 10.02 24.94
N PRO P 684 -73.72 10.61 25.49
CA PRO P 684 -74.94 10.88 24.72
C PRO P 684 -74.99 12.23 24.02
N GLU P 696 -63.33 5.70 24.82
CA GLU P 696 -64.08 4.54 25.40
C GLU P 696 -63.18 3.67 26.32
N ALA P 697 -61.87 3.57 26.07
CA ALA P 697 -60.91 2.68 26.79
C ALA P 697 -60.14 3.47 27.87
N PHE P 698 -59.81 4.75 27.63
CA PHE P 698 -59.03 5.59 28.57
C PHE P 698 -59.81 5.80 29.86
N TYR P 699 -61.13 6.05 29.80
CA TYR P 699 -61.99 6.35 30.98
C TYR P 699 -62.32 5.06 31.74
N GLU P 700 -62.56 3.93 31.07
CA GLU P 700 -62.79 2.61 31.73
C GLU P 700 -61.49 2.12 32.38
N ASP P 701 -60.33 2.51 31.84
CA ASP P 701 -59.01 2.34 32.52
C ASP P 701 -58.98 3.26 33.75
N LEU P 702 -59.33 4.55 33.62
CA LEU P 702 -59.20 5.58 34.70
C LEU P 702 -60.12 5.28 35.89
N ASP P 703 -61.28 4.64 35.69
CA ASP P 703 -62.10 4.01 36.75
C ASP P 703 -61.19 3.13 37.64
N ASP P 704 -60.50 2.20 36.99
CA ASP P 704 -59.58 1.22 37.63
C ASP P 704 -58.35 1.96 38.18
N ILE P 705 -57.89 3.06 37.55
CA ILE P 705 -56.76 3.94 38.03
C ILE P 705 -57.18 4.53 39.39
N LEU P 706 -58.35 5.17 39.47
CA LEU P 706 -58.83 5.80 40.72
C LEU P 706 -59.19 4.72 41.77
N GLU P 707 -59.84 3.61 41.40
CA GLU P 707 -60.12 2.45 42.29
C GLU P 707 -58.81 1.89 42.87
N SER P 708 -57.77 1.77 42.05
CA SER P 708 -56.43 1.28 42.48
C SER P 708 -55.75 2.33 43.38
N ILE P 709 -55.74 3.63 43.02
CA ILE P 709 -55.15 4.72 43.86
C ILE P 709 -55.93 4.75 45.19
N THR P 710 -57.23 4.49 45.13
CA THR P 710 -58.14 4.29 46.31
C THR P 710 -57.54 3.21 47.20
N ASN P 711 -57.62 1.97 46.73
CA ASN P 711 -57.44 0.75 47.55
C ASN P 711 -56.01 0.70 48.09
N ARG P 712 -55.03 1.21 47.34
CA ARG P 712 -53.57 1.17 47.69
C ARG P 712 -53.20 2.37 48.58
N MET P 713 -53.95 3.47 48.49
CA MET P 713 -53.69 4.65 49.35
C MET P 713 -54.32 4.43 50.73
N ILE P 714 -55.49 3.76 50.80
CA ILE P 714 -56.22 3.37 52.06
C ILE P 714 -55.18 2.82 53.04
N LYS P 715 -54.40 1.86 52.54
CA LYS P 715 -53.37 1.08 53.28
C LYS P 715 -51.99 1.70 52.97
N SER P 716 -51.83 3.04 53.07
CA SER P 716 -50.53 3.78 52.99
C SER P 716 -50.21 4.49 54.31
N GLU P 717 -49.45 3.86 55.23
CA GLU P 717 -49.52 4.12 56.69
C GLU P 717 -48.55 5.21 57.18
N LEU P 718 -48.35 6.32 56.44
CA LEU P 718 -47.37 7.41 56.74
C LEU P 718 -45.93 6.91 56.57
N GLU P 719 -45.72 5.62 56.84
CA GLU P 719 -44.54 4.81 56.46
C GLU P 719 -44.35 4.85 54.93
N ASP P 720 -45.44 4.93 54.14
CA ASP P 720 -45.37 4.95 52.65
C ASP P 720 -44.70 6.23 52.13
N PHE P 721 -44.94 7.38 52.77
CA PHE P 721 -44.52 8.73 52.31
C PHE P 721 -43.57 9.40 53.32
N GLU P 722 -42.95 8.61 54.20
CA GLU P 722 -41.95 9.03 55.23
C GLU P 722 -42.49 10.20 56.06
N LEU P 723 -43.53 9.98 56.87
CA LEU P 723 -44.24 11.05 57.62
C LEU P 723 -44.37 10.64 59.10
N ASP P 724 -44.35 11.65 59.99
CA ASP P 724 -44.75 11.59 61.43
C ASP P 724 -43.51 11.27 62.28
N LYS P 725 -42.82 10.19 61.94
CA LYS P 725 -41.72 9.59 62.75
C LYS P 725 -40.41 9.67 61.96
N SER P 726 -40.41 9.26 60.67
CA SER P 726 -39.26 9.38 59.73
C SER P 726 -39.10 10.82 59.24
N ALA P 727 -40.18 11.64 59.25
CA ALA P 727 -40.13 13.10 59.05
C ALA P 727 -40.70 13.81 60.27
N ASP P 728 -40.15 14.98 60.59
CA ASP P 728 -40.63 15.89 61.67
C ASP P 728 -40.92 17.28 61.09
N PHE P 729 -41.35 17.36 59.83
CA PHE P 729 -41.95 18.54 59.14
C PHE P 729 -41.32 19.85 59.65
N SER P 730 -40.00 19.85 59.81
CA SER P 730 -39.19 20.95 60.40
C SER P 730 -38.99 22.01 59.31
N GLN P 731 -39.60 23.19 59.44
CA GLN P 731 -40.03 24.03 58.27
C GLN P 731 -38.87 24.93 57.74
N SER P 732 -37.64 24.85 58.27
CA SER P 732 -36.41 25.51 57.73
C SER P 732 -35.67 24.56 56.77
N THR P 733 -35.51 23.30 57.21
CA THR P 733 -34.83 22.17 56.53
C THR P 733 -35.48 21.93 55.17
N SER P 734 -34.69 21.49 54.19
CA SER P 734 -35.14 20.97 52.86
C SER P 734 -36.18 19.86 53.03
N ILE P 735 -35.84 18.90 53.88
CA ILE P 735 -36.59 17.63 54.15
C ILE P 735 -37.99 17.98 54.68
N GLY P 736 -38.06 18.92 55.64
CA GLY P 736 -39.32 19.42 56.23
C GLY P 736 -40.18 20.12 55.20
N ILE P 737 -39.58 20.94 54.32
CA ILE P 737 -40.30 21.68 53.22
C ILE P 737 -40.90 20.63 52.27
N LYS P 738 -40.12 19.61 51.88
CA LYS P 738 -40.57 18.47 51.02
C LYS P 738 -41.77 17.74 51.68
N ASN P 739 -41.62 17.32 52.95
CA ASN P 739 -42.63 16.51 53.70
C ASN P 739 -43.92 17.33 53.90
N ASN P 740 -43.78 18.62 54.22
CA ASN P 740 -44.89 19.59 54.40
C ASN P 740 -45.67 19.76 53.08
N ILE P 741 -44.96 19.94 51.95
CA ILE P 741 -45.54 20.04 50.55
C ILE P 741 -46.36 18.77 50.28
N SER P 742 -45.81 17.59 50.60
CA SER P 742 -46.43 16.27 50.29
C SER P 742 -47.64 16.00 51.20
N ALA P 743 -47.61 16.33 52.50
CA ALA P 743 -48.78 16.12 53.40
C ALA P 743 -49.99 16.84 52.82
N PHE P 744 -49.85 18.10 52.38
CA PHE P 744 -50.89 18.92 51.68
C PHE P 744 -51.36 18.26 50.38
N LEU P 745 -50.41 17.84 49.53
CA LEU P 745 -50.69 17.08 48.27
C LEU P 745 -51.59 15.87 48.60
N VAL P 746 -51.18 15.04 49.56
CA VAL P 746 -51.88 13.79 50.02
C VAL P 746 -53.30 14.12 50.43
N MET P 747 -53.41 15.09 51.35
CA MET P 747 -54.67 15.61 51.94
C MET P 747 -55.67 15.95 50.80
N GLY P 748 -55.25 16.73 49.78
CA GLY P 748 -56.10 17.23 48.68
C GLY P 748 -56.47 16.15 47.68
N VAL P 749 -55.54 15.23 47.46
CA VAL P 749 -55.77 13.99 46.69
C VAL P 749 -56.80 13.13 47.43
N CYS P 750 -56.65 12.88 48.75
CA CYS P 750 -57.65 12.17 49.62
C CYS P 750 -59.04 12.77 49.35
N GLU P 751 -59.13 14.10 49.34
CA GLU P 751 -60.38 14.87 49.07
C GLU P 751 -60.92 14.56 47.66
N VAL P 752 -60.12 14.64 46.60
CA VAL P 752 -60.60 14.36 45.20
C VAL P 752 -61.23 12.95 45.15
N LEU P 753 -60.75 11.99 45.97
CA LEU P 753 -61.12 10.54 45.91
C LEU P 753 -62.28 10.20 46.87
N ILE P 754 -62.38 10.92 47.99
CA ILE P 754 -63.58 10.98 48.88
C ILE P 754 -64.79 11.34 48.02
N GLU P 755 -64.64 12.38 47.20
CA GLU P 755 -65.62 12.84 46.16
C GLU P 755 -66.01 11.68 45.25
N TYR P 756 -65.01 10.96 44.72
CA TYR P 756 -65.20 9.90 43.68
C TYR P 756 -65.95 8.70 44.27
N ASN P 757 -65.50 8.18 45.43
CA ASN P 757 -66.12 7.06 46.21
C ASN P 757 -67.61 7.36 46.46
N PHE P 758 -67.92 8.61 46.82
CA PHE P 758 -69.30 9.15 47.04
C PHE P 758 -70.03 9.21 45.68
N SER P 759 -69.37 9.74 44.63
CA SER P 759 -69.92 10.04 43.28
C SER P 759 -70.52 8.79 42.61
N ILE P 760 -69.75 7.69 42.51
CA ILE P 760 -70.13 6.50 41.70
C ILE P 760 -71.45 5.98 42.25
N SER P 761 -71.39 5.58 43.54
CA SER P 761 -72.42 4.82 44.29
C SER P 761 -73.53 5.76 44.77
N SER P 762 -74.77 5.27 44.72
CA SER P 762 -75.93 5.86 45.46
C SER P 762 -75.90 5.29 46.88
N PHE P 763 -74.94 5.73 47.69
CA PHE P 763 -74.86 5.50 49.15
C PHE P 763 -74.66 3.99 49.39
N SER P 764 -73.54 3.45 48.88
CA SER P 764 -73.09 2.02 49.00
C SER P 764 -72.11 1.89 50.16
N LYS P 765 -72.39 1.00 51.14
CA LYS P 765 -71.81 0.99 52.52
C LYS P 765 -70.29 0.76 52.50
N ASN P 766 -69.82 -0.03 51.52
CA ASN P 766 -68.39 -0.26 51.19
C ASN P 766 -67.69 1.07 50.85
N ARG P 767 -68.20 1.84 49.89
CA ARG P 767 -67.50 3.04 49.34
C ARG P 767 -67.61 4.19 50.34
N PHE P 768 -68.61 4.19 51.22
CA PHE P 768 -68.72 5.21 52.29
C PHE P 768 -67.73 4.81 53.41
N GLU P 769 -67.49 3.51 53.65
CA GLU P 769 -66.39 3.02 54.53
C GLU P 769 -65.03 3.41 53.91
N ASP P 770 -64.89 3.32 52.55
CA ASP P 770 -63.72 3.83 51.76
C ASP P 770 -63.52 5.32 52.11
N ILE P 771 -64.58 6.11 51.95
CA ILE P 771 -64.61 7.58 52.25
C ILE P 771 -64.12 7.82 53.68
N LEU P 772 -64.62 7.06 54.67
CA LEU P 772 -64.24 7.18 56.12
C LEU P 772 -62.71 7.04 56.25
N SER P 773 -62.16 6.01 55.63
CA SER P 773 -60.73 5.66 55.71
C SER P 773 -59.87 6.68 54.93
N LEU P 774 -60.32 7.19 53.79
CA LEU P 774 -59.68 8.31 53.03
C LEU P 774 -59.61 9.56 53.92
N PHE P 775 -60.70 9.85 54.64
CA PHE P 775 -60.75 10.99 55.61
C PHE P 775 -59.86 10.69 56.82
N MET P 776 -59.80 9.44 57.32
CA MET P 776 -58.89 9.05 58.41
C MET P 776 -57.45 9.35 57.99
N CYS P 777 -57.12 9.18 56.69
CA CYS P 777 -55.88 9.70 56.01
C CYS P 777 -55.77 11.23 56.08
N TYR P 778 -56.72 11.94 55.49
CA TYR P 778 -56.78 13.43 55.45
C TYR P 778 -56.59 13.99 56.86
N LYS P 779 -57.47 13.56 57.79
CA LYS P 779 -57.56 14.08 59.20
C LYS P 779 -56.25 13.80 59.93
N LYS P 780 -55.62 12.62 59.73
CA LYS P 780 -54.34 12.28 60.41
C LYS P 780 -53.27 13.30 59.96
N LEU P 781 -53.14 13.53 58.65
CA LEU P 781 -52.19 14.53 58.07
C LEU P 781 -52.53 15.94 58.57
N SER P 782 -53.83 16.26 58.64
CA SER P 782 -54.35 17.60 59.09
C SER P 782 -54.00 17.86 60.57
N ASP P 783 -54.36 16.96 61.51
CA ASP P 783 -54.13 17.10 62.99
C ASP P 783 -52.61 17.00 63.27
N ILE P 784 -51.86 16.33 62.40
CA ILE P 784 -50.36 16.28 62.40
C ILE P 784 -49.77 17.67 62.07
N LEU P 785 -50.20 18.33 60.98
CA LEU P 785 -49.69 19.68 60.63
C LEU P 785 -50.24 20.72 61.62
N ASN P 786 -51.38 20.45 62.27
CA ASN P 786 -51.93 21.29 63.39
C ASN P 786 -51.00 21.18 64.62
N GLU P 787 -50.55 19.97 64.96
CA GLU P 787 -49.55 19.72 66.06
C GLU P 787 -48.24 20.47 65.70
N LYS P 788 -47.80 20.45 64.43
CA LYS P 788 -46.60 21.16 63.88
C LYS P 788 -46.79 22.70 63.90
N ALA P 789 -47.99 23.19 63.62
CA ALA P 789 -48.33 24.64 63.63
C ALA P 789 -48.81 25.10 65.02
N GLY P 790 -49.02 24.17 65.96
CA GLY P 790 -49.29 24.44 67.39
C GLY P 790 -48.02 24.78 68.16
N LYS P 791 -46.85 24.56 67.54
CA LYS P 791 -45.50 24.90 68.05
C LYS P 791 -45.01 26.20 67.38
N ALA P 792 -44.98 26.24 66.04
CA ALA P 792 -44.51 27.40 65.24
C ALA P 792 -45.60 28.49 65.20
N LYS P 793 -45.22 29.67 64.70
CA LYS P 793 -46.13 30.85 64.60
C LYS P 793 -47.22 30.52 63.59
N THR P 794 -48.37 31.22 63.66
CA THR P 794 -49.57 31.01 62.79
C THR P 794 -49.43 31.84 61.49
N LYS P 795 -48.22 31.90 60.91
CA LYS P 795 -47.95 32.35 59.52
C LYS P 795 -48.15 31.18 58.53
N MET P 796 -48.27 29.93 59.01
CA MET P 796 -48.69 28.74 58.22
C MET P 796 -50.17 28.90 57.80
N ALA P 797 -50.40 29.76 56.80
CA ALA P 797 -51.67 29.92 56.03
C ALA P 797 -51.71 28.90 54.86
N ASN P 798 -50.69 28.04 54.76
CA ASN P 798 -50.54 26.93 53.77
C ASN P 798 -51.44 25.72 54.14
N LYS P 799 -51.79 25.54 55.43
CA LYS P 799 -52.81 24.53 55.86
C LYS P 799 -54.22 25.02 55.52
N THR P 800 -54.43 26.34 55.56
CA THR P 800 -55.69 27.03 55.18
C THR P 800 -55.70 27.30 53.65
N SER P 801 -54.75 26.76 52.88
CA SER P 801 -54.82 26.60 51.41
C SER P 801 -56.01 25.70 51.09
N ASP P 802 -56.82 26.16 50.15
CA ASP P 802 -58.14 25.62 49.75
C ASP P 802 -58.20 24.09 49.78
N SER P 803 -59.20 23.53 50.50
CA SER P 803 -59.81 22.19 50.29
C SER P 803 -60.53 22.16 48.93
N LEU P 804 -60.20 21.21 48.04
CA LEU P 804 -60.45 21.34 46.58
C LEU P 804 -61.84 20.78 46.25
N LEU P 805 -62.60 20.23 47.21
CA LEU P 805 -64.00 19.73 47.03
C LEU P 805 -64.78 20.81 46.26
N SER P 806 -65.49 20.46 45.17
CA SER P 806 -66.38 21.42 44.46
C SER P 806 -67.47 21.87 45.43
N MET P 807 -67.73 23.17 45.50
CA MET P 807 -68.83 23.74 46.30
C MET P 807 -70.09 22.92 46.07
N LYS P 808 -70.34 22.58 44.80
CA LYS P 808 -71.42 21.70 44.29
C LYS P 808 -71.56 20.42 45.14
N PHE P 809 -70.50 19.63 45.29
CA PHE P 809 -70.48 18.35 46.06
C PHE P 809 -70.81 18.65 47.51
N VAL P 810 -70.16 19.68 48.03
CA VAL P 810 -70.30 20.18 49.42
C VAL P 810 -71.81 20.25 49.68
N SER P 811 -72.48 20.98 48.80
CA SER P 811 -73.95 21.19 48.78
C SER P 811 -74.63 19.84 48.81
N SER P 812 -74.50 19.12 47.72
CA SER P 812 -75.16 17.81 47.51
C SER P 812 -74.81 16.89 48.69
N LEU P 813 -73.54 16.95 49.09
CA LEU P 813 -72.99 16.23 50.25
C LEU P 813 -73.79 16.59 51.49
N LEU P 814 -73.66 17.83 51.96
CA LEU P 814 -74.21 18.25 53.27
C LEU P 814 -75.71 17.95 53.27
N THR P 815 -76.37 18.11 52.13
CA THR P 815 -77.78 17.68 51.95
C THR P 815 -77.89 16.19 52.28
N ALA P 816 -77.02 15.36 51.72
CA ALA P 816 -77.00 13.90 51.97
C ALA P 816 -76.69 13.61 53.44
N LEU P 817 -75.86 14.43 54.06
CA LEU P 817 -75.38 14.22 55.44
C LEU P 817 -76.48 14.51 56.44
N PHE P 818 -77.08 15.70 56.33
CA PHE P 818 -78.01 16.28 57.31
C PHE P 818 -79.46 16.15 56.85
N ARG P 819 -79.73 15.99 55.54
CA ARG P 819 -81.11 15.92 54.94
C ARG P 819 -81.21 14.69 54.03
N ASP P 820 -81.02 13.49 54.62
CA ASP P 820 -81.37 12.14 54.07
C ASP P 820 -81.89 11.23 55.21
N SER P 821 -83.14 10.76 55.08
CA SER P 821 -83.84 9.84 56.01
C SER P 821 -84.24 8.51 55.32
N ILE P 822 -83.76 8.26 54.09
CA ILE P 822 -84.13 7.07 53.25
C ILE P 822 -83.37 5.87 53.82
N GLN P 823 -84.07 4.82 54.24
CA GLN P 823 -83.55 3.62 54.95
C GLN P 823 -82.37 2.95 54.21
N SER P 824 -82.38 2.96 52.87
CA SER P 824 -81.35 2.34 51.98
C SER P 824 -79.99 3.07 52.08
N HIS P 825 -80.00 4.38 52.23
CA HIS P 825 -78.77 5.23 52.31
C HIS P 825 -78.29 5.26 53.77
N GLN P 826 -79.21 5.13 54.76
CA GLN P 826 -79.04 5.52 56.20
C GLN P 826 -77.91 4.71 56.88
N GLU P 827 -77.68 3.43 56.52
CA GLU P 827 -76.58 2.62 57.14
C GLU P 827 -75.19 3.20 56.77
N SER P 828 -75.05 3.71 55.53
CA SER P 828 -73.80 4.29 54.94
C SER P 828 -73.50 5.68 55.52
N LEU P 829 -74.54 6.46 55.79
CA LEU P 829 -74.44 7.86 56.28
C LEU P 829 -74.17 7.84 57.80
N SER P 830 -74.68 6.84 58.57
CA SER P 830 -74.43 6.61 60.03
C SER P 830 -72.94 6.44 60.34
N VAL P 831 -72.15 6.14 59.31
CA VAL P 831 -70.66 6.09 59.26
C VAL P 831 -70.07 7.51 59.44
N LEU P 832 -70.52 8.45 58.59
CA LEU P 832 -69.99 9.84 58.47
C LEU P 832 -70.54 10.71 59.61
N ARG P 833 -71.70 10.32 60.16
CA ARG P 833 -72.50 10.99 61.23
C ARG P 833 -71.93 10.63 62.61
N SER P 834 -71.56 9.36 62.86
CA SER P 834 -70.69 8.95 64.00
C SER P 834 -69.34 9.68 63.91
N SER P 835 -68.89 9.98 62.68
CA SER P 835 -67.78 10.89 62.29
C SER P 835 -68.21 12.37 62.35
N ASN P 836 -67.94 13.00 63.46
CA ASN P 836 -68.40 14.39 63.78
C ASN P 836 -67.44 15.36 63.07
N GLU P 837 -66.18 14.98 62.97
CA GLU P 837 -65.10 15.79 62.34
C GLU P 837 -65.41 15.89 60.85
N PHE P 838 -65.94 14.84 60.21
CA PHE P 838 -66.26 14.93 58.76
C PHE P 838 -67.35 15.99 58.60
N MET P 839 -68.26 16.06 59.56
CA MET P 839 -69.35 17.05 59.55
C MET P 839 -68.76 18.46 59.56
N ARG P 840 -67.94 18.72 60.57
CA ARG P 840 -67.35 20.06 60.76
C ARG P 840 -66.36 20.34 59.63
N TYR P 841 -65.76 19.31 59.02
CA TYR P 841 -64.87 19.45 57.84
C TYR P 841 -65.69 20.07 56.69
N ALA P 842 -66.82 19.43 56.39
CA ALA P 842 -67.70 19.78 55.24
C ALA P 842 -68.15 21.24 55.35
N VAL P 843 -68.61 21.56 56.53
CA VAL P 843 -69.08 22.91 56.93
C VAL P 843 -67.95 23.87 56.67
N ASN P 844 -66.83 23.65 57.34
CA ASN P 844 -65.62 24.51 57.30
C ASN P 844 -65.31 24.86 55.84
N VAL P 845 -65.42 23.87 54.96
CA VAL P 845 -65.18 24.09 53.51
C VAL P 845 -66.25 25.01 52.98
N ALA P 846 -67.51 24.83 53.39
CA ALA P 846 -68.62 25.77 53.11
C ALA P 846 -68.21 27.20 53.46
N LEU P 847 -67.62 27.38 54.64
CA LEU P 847 -67.17 28.70 55.18
C LEU P 847 -66.06 29.26 54.31
N GLN P 848 -65.04 28.44 54.01
CA GLN P 848 -63.83 28.79 53.19
C GLN P 848 -64.22 29.32 51.81
N LYS P 849 -65.14 28.61 51.17
CA LYS P 849 -65.66 28.92 49.82
C LYS P 849 -66.40 30.25 49.86
N VAL P 850 -67.30 30.43 50.83
CA VAL P 850 -68.19 31.62 50.85
C VAL P 850 -67.30 32.83 51.10
N GLN P 851 -66.35 32.69 52.01
CA GLN P 851 -65.30 33.69 52.30
C GLN P 851 -64.61 34.09 51.00
N GLN P 852 -64.19 33.12 50.18
CA GLN P 852 -63.48 33.40 48.90
C GLN P 852 -64.35 34.38 48.08
N LEU P 853 -65.65 34.10 48.02
CA LEU P 853 -66.62 34.95 47.32
C LEU P 853 -66.64 36.36 47.93
N LYS P 854 -66.49 36.49 49.24
CA LYS P 854 -66.56 37.81 49.92
C LYS P 854 -65.39 38.67 49.48
N GLU P 855 -64.17 38.16 49.63
CA GLU P 855 -62.89 38.82 49.30
C GLU P 855 -62.91 39.31 47.86
N THR P 856 -63.08 38.35 46.96
CA THR P 856 -62.91 38.44 45.49
C THR P 856 -64.28 38.20 44.88
N GLY P 857 -64.46 38.61 43.61
CA GLY P 857 -65.74 38.43 42.89
C GLY P 857 -65.97 37.03 42.34
N HIS P 858 -65.33 35.97 42.86
CA HIS P 858 -65.57 34.55 42.44
C HIS P 858 -65.05 33.54 43.48
N VAL P 859 -65.55 32.29 43.41
CA VAL P 859 -65.21 31.15 44.31
C VAL P 859 -64.05 30.36 43.72
N SER P 860 -63.61 29.37 44.48
CA SER P 860 -62.36 28.58 44.27
C SER P 860 -62.53 27.50 43.20
N GLY P 861 -63.44 26.57 43.43
CA GLY P 861 -63.34 25.22 42.86
C GLY P 861 -63.80 25.22 41.42
N PRO P 862 -64.67 24.26 41.04
CA PRO P 862 -65.48 24.37 39.85
C PRO P 862 -66.62 25.40 39.97
N ASP P 863 -67.25 25.66 38.84
CA ASP P 863 -68.47 26.49 38.72
C ASP P 863 -68.13 27.87 39.31
N GLY P 864 -66.90 28.35 39.03
CA GLY P 864 -66.21 29.38 39.82
C GLY P 864 -66.74 30.78 39.61
N GLN P 865 -66.95 31.17 38.34
CA GLN P 865 -67.23 32.55 37.83
C GLN P 865 -68.61 32.64 37.15
N ASN P 866 -69.40 31.57 37.30
CA ASN P 866 -70.79 31.35 36.81
C ASN P 866 -71.74 31.60 37.99
N PRO P 867 -72.12 32.88 38.24
CA PRO P 867 -72.83 33.27 39.47
C PRO P 867 -74.06 32.42 39.87
N GLU P 868 -74.80 31.96 38.89
CA GLU P 868 -76.17 31.38 39.02
C GLU P 868 -76.08 30.08 39.79
N LYS P 869 -75.12 29.25 39.38
CA LYS P 869 -74.74 28.00 40.04
C LYS P 869 -74.43 28.26 41.51
N ILE P 870 -73.60 29.27 41.71
CA ILE P 870 -73.08 29.64 43.03
C ILE P 870 -74.32 29.92 43.88
N PHE P 871 -75.23 30.69 43.30
CA PHE P 871 -76.43 31.18 44.00
C PHE P 871 -77.26 29.99 44.44
N GLN P 872 -77.49 29.05 43.51
CA GLN P 872 -78.26 27.79 43.77
C GLN P 872 -77.63 27.05 44.97
N ASN P 873 -76.32 26.90 44.95
CA ASN P 873 -75.60 26.17 46.01
C ASN P 873 -75.84 26.89 47.34
N LEU P 874 -75.65 28.21 47.36
CA LEU P 874 -75.90 29.03 48.57
C LEU P 874 -77.32 28.81 49.08
N CYS P 875 -78.28 28.66 48.18
CA CYS P 875 -79.70 28.42 48.56
C CYS P 875 -79.79 27.06 49.25
N ASP P 876 -79.21 26.06 48.61
CA ASP P 876 -79.17 24.66 49.09
C ASP P 876 -78.51 24.67 50.49
N LEU P 877 -77.42 25.44 50.62
CA LEU P 877 -76.59 25.65 51.84
C LEU P 877 -77.48 26.13 52.96
N THR P 878 -78.04 27.33 52.77
CA THR P 878 -78.97 27.97 53.70
C THR P 878 -79.88 26.90 54.26
N ARG P 879 -80.45 26.07 53.38
CA ARG P 879 -81.56 25.14 53.72
C ARG P 879 -81.13 24.21 54.85
N VAL P 880 -79.93 23.68 54.72
CA VAL P 880 -79.40 22.69 55.68
C VAL P 880 -78.82 23.42 56.90
N LEU P 881 -78.16 24.57 56.71
CA LEU P 881 -77.51 25.36 57.78
C LEU P 881 -78.56 25.73 58.83
N LEU P 882 -79.68 26.28 58.36
CA LEU P 882 -80.83 26.61 59.21
C LEU P 882 -81.42 25.33 59.79
N TRP P 883 -81.61 24.29 58.98
CA TRP P 883 -82.30 23.01 59.36
C TRP P 883 -81.62 22.40 60.57
N ARG P 884 -80.30 22.20 60.52
CA ARG P 884 -79.53 21.70 61.69
C ARG P 884 -79.53 22.79 62.77
N TYR P 885 -79.41 24.10 62.42
CA TYR P 885 -79.38 25.21 63.43
C TYR P 885 -80.63 25.16 64.34
N THR P 886 -81.80 24.92 63.73
CA THR P 886 -83.14 24.94 64.39
C THR P 886 -83.39 23.60 65.14
N SER P 887 -83.68 22.51 64.41
CA SER P 887 -84.07 21.15 64.91
C SER P 887 -83.27 20.77 66.16
N ILE P 888 -81.97 21.04 66.08
CA ILE P 888 -80.97 20.82 67.15
C ILE P 888 -80.47 22.19 67.60
N PRO P 889 -80.67 22.62 68.87
CA PRO P 889 -80.01 23.83 69.40
C PRO P 889 -78.50 23.69 69.68
N THR P 890 -77.93 24.61 70.46
CA THR P 890 -76.52 24.58 70.99
C THR P 890 -76.47 23.96 72.40
N SER P 891 -77.55 24.03 73.20
CA SER P 891 -77.61 23.64 74.64
C SER P 891 -77.54 22.11 74.86
N VAL P 892 -77.74 21.30 73.81
CA VAL P 892 -77.79 19.80 73.85
C VAL P 892 -76.37 19.18 73.77
N GLU P 893 -75.33 19.95 73.40
CA GLU P 893 -73.89 19.51 73.23
C GLU P 893 -73.37 18.76 74.48
N GLU P 894 -72.52 17.73 74.30
CA GLU P 894 -72.02 16.81 75.37
C GLU P 894 -70.48 16.68 75.31
N SER P 895 -69.80 17.68 74.71
CA SER P 895 -68.42 17.58 74.15
C SER P 895 -67.36 18.36 74.96
N GLY P 896 -67.75 19.37 75.75
CA GLY P 896 -66.82 20.22 76.56
C GLY P 896 -66.39 21.47 75.80
N LYS P 897 -65.44 22.23 76.38
CA LYS P 897 -65.07 23.63 76.01
C LYS P 897 -64.40 23.67 74.62
N LYS P 898 -63.49 22.74 74.30
CA LYS P 898 -62.72 22.71 73.01
C LYS P 898 -63.68 22.50 71.83
N GLU P 899 -64.73 21.68 72.01
CA GLU P 899 -65.79 21.41 70.98
C GLU P 899 -66.97 22.41 71.12
N LYS P 900 -67.09 23.12 72.26
CA LYS P 900 -68.01 24.29 72.45
C LYS P 900 -67.51 25.53 71.66
N GLY P 901 -66.19 25.67 71.43
CA GLY P 901 -65.56 26.75 70.60
C GLY P 901 -65.74 26.60 69.09
N LYS P 902 -66.27 25.45 68.64
CA LYS P 902 -66.57 25.11 67.23
C LYS P 902 -67.72 24.06 67.16
N SER P 903 -68.79 24.19 67.98
CA SER P 903 -70.02 23.34 67.91
C SER P 903 -70.72 23.62 66.56
N ILE P 904 -71.35 22.59 66.02
CA ILE P 904 -71.65 22.54 64.56
C ILE P 904 -72.82 23.48 64.29
N SER P 905 -73.73 23.60 65.26
CA SER P 905 -74.78 24.65 65.35
C SER P 905 -74.16 26.02 65.00
N LEU P 906 -73.07 26.35 65.68
CA LEU P 906 -72.47 27.71 65.73
C LEU P 906 -71.90 28.01 64.37
N LEU P 907 -71.30 26.99 63.79
CA LEU P 907 -70.65 27.13 62.49
C LEU P 907 -71.74 27.21 61.42
N CYS P 908 -72.88 26.53 61.62
CA CYS P 908 -74.10 26.65 60.77
C CYS P 908 -74.54 28.11 60.76
N LEU P 909 -74.60 28.70 61.95
CA LEU P 909 -75.04 30.10 62.10
C LEU P 909 -74.05 31.08 61.44
N GLU P 910 -72.75 30.84 61.58
CA GLU P 910 -71.70 31.72 61.01
C GLU P 910 -71.72 31.67 59.49
N GLY P 911 -71.82 30.46 58.94
CA GLY P 911 -72.03 30.26 57.50
C GLY P 911 -73.17 31.13 57.07
N LEU P 912 -74.31 30.94 57.73
CA LEU P 912 -75.52 31.75 57.48
C LEU P 912 -75.10 33.23 57.41
N GLN P 913 -74.25 33.69 58.33
CA GLN P 913 -73.73 35.08 58.46
C GLN P 913 -73.15 35.62 57.14
N LYS P 914 -72.12 34.94 56.62
CA LYS P 914 -71.29 35.46 55.51
C LYS P 914 -72.13 35.55 54.24
N ILE P 915 -73.08 34.62 54.10
CA ILE P 915 -73.98 34.55 52.92
C ILE P 915 -74.69 35.90 52.88
N PHE P 916 -75.61 36.11 53.83
CA PHE P 916 -76.63 37.17 53.79
C PHE P 916 -75.91 38.46 53.47
N SER P 917 -74.69 38.60 54.03
CA SER P 917 -73.76 39.74 53.83
C SER P 917 -73.39 39.84 52.35
N ALA P 918 -72.71 38.82 51.86
CA ALA P 918 -72.18 38.76 50.48
C ALA P 918 -73.32 38.89 49.46
N VAL P 919 -74.46 38.24 49.72
CA VAL P 919 -75.66 38.35 48.83
C VAL P 919 -75.80 39.84 48.55
N GLN P 920 -75.85 40.65 49.62
CA GLN P 920 -76.18 42.11 49.58
C GLN P 920 -75.07 42.90 48.86
N GLN P 921 -73.89 42.32 48.54
CA GLN P 921 -72.85 42.93 47.68
C GLN P 921 -73.20 42.83 46.19
N PHE P 922 -73.45 41.61 45.70
CA PHE P 922 -73.51 41.28 44.25
C PHE P 922 -74.94 40.99 43.84
N TYR P 923 -75.52 39.97 44.46
CA TYR P 923 -76.82 39.36 44.09
C TYR P 923 -77.94 40.33 44.44
N GLN P 924 -77.78 41.59 44.03
CA GLN P 924 -78.63 42.71 44.46
C GLN P 924 -80.03 42.48 43.89
N PRO P 925 -80.20 42.07 42.60
CA PRO P 925 -81.53 41.73 42.07
C PRO P 925 -82.31 40.54 42.66
N LYS P 926 -81.61 39.49 43.03
CA LYS P 926 -82.17 38.12 43.12
C LYS P 926 -82.51 37.79 44.56
N ILE P 927 -82.52 38.79 45.41
CA ILE P 927 -82.59 38.55 46.86
C ILE P 927 -83.98 37.94 47.13
N GLN P 928 -84.96 38.32 46.30
CA GLN P 928 -86.31 37.69 46.22
C GLN P 928 -86.13 36.18 46.10
N GLN P 929 -85.36 35.72 45.12
CA GLN P 929 -85.22 34.28 44.73
C GLN P 929 -84.59 33.48 45.87
N PHE P 930 -83.66 34.14 46.56
CA PHE P 930 -82.87 33.58 47.68
C PHE P 930 -83.81 33.13 48.80
N LEU P 931 -84.87 33.89 48.98
CA LEU P 931 -85.92 33.68 50.01
C LEU P 931 -86.96 32.66 49.52
N ARG P 932 -87.28 32.71 48.21
CA ARG P 932 -88.22 31.78 47.52
C ARG P 932 -87.80 30.34 47.81
N ALA P 933 -86.49 30.13 47.77
CA ALA P 933 -85.83 28.87 48.18
C ALA P 933 -86.56 28.19 49.36
N LEU P 934 -87.04 28.97 50.35
CA LEU P 934 -87.00 28.54 51.77
C LEU P 934 -88.41 28.17 52.27
N VAL P 949 -97.35 36.20 49.13
CA VAL P 949 -96.34 36.42 50.22
C VAL P 949 -95.11 37.12 49.60
N SER P 950 -94.78 38.34 50.05
CA SER P 950 -93.73 39.26 49.49
C SER P 950 -92.40 39.10 50.25
N VAL P 951 -91.50 40.09 50.14
CA VAL P 951 -90.12 40.07 50.72
C VAL P 951 -90.21 40.11 52.25
N THR P 952 -91.16 40.90 52.78
CA THR P 952 -91.24 41.31 54.20
C THR P 952 -91.77 40.16 55.09
N GLN P 953 -92.80 39.39 54.72
CA GLN P 953 -93.33 38.23 55.52
C GLN P 953 -92.29 37.11 55.60
N ARG P 954 -91.65 36.81 54.46
CA ARG P 954 -90.60 35.76 54.35
C ARG P 954 -89.48 36.16 55.31
N THR P 955 -88.94 37.38 55.14
CA THR P 955 -87.83 37.95 55.96
C THR P 955 -88.25 37.96 57.45
N ALA P 956 -89.49 38.38 57.76
CA ALA P 956 -90.04 38.43 59.14
C ALA P 956 -90.00 37.04 59.77
N PHE P 957 -90.54 36.03 59.06
CA PHE P 957 -90.61 34.63 59.57
C PHE P 957 -89.20 34.11 59.83
N GLN P 958 -88.25 34.46 58.96
CA GLN P 958 -86.82 34.09 59.12
C GLN P 958 -86.21 34.86 60.30
N ILE P 959 -86.58 36.14 60.49
CA ILE P 959 -86.05 37.01 61.58
C ILE P 959 -86.47 36.40 62.91
N ARG P 960 -87.74 35.99 63.00
CA ARG P 960 -88.36 35.34 64.18
C ARG P 960 -87.45 34.21 64.69
N GLN P 961 -86.80 33.45 63.80
CA GLN P 961 -86.06 32.22 64.21
C GLN P 961 -84.80 32.64 64.97
N PHE P 962 -84.04 33.62 64.48
CA PHE P 962 -82.84 34.17 65.19
C PHE P 962 -83.30 34.92 66.43
N GLN P 963 -84.44 35.62 66.34
CA GLN P 963 -85.01 36.43 67.43
C GLN P 963 -85.34 35.50 68.61
N ARG P 964 -86.09 34.43 68.36
CA ARG P 964 -86.47 33.44 69.41
C ARG P 964 -85.19 32.78 69.95
N SER P 965 -84.20 32.51 69.08
CA SER P 965 -82.90 31.90 69.47
C SER P 965 -82.14 32.81 70.45
N LEU P 966 -82.06 34.12 70.17
CA LEU P 966 -81.36 35.13 71.02
C LEU P 966 -82.06 35.21 72.37
N LEU P 967 -83.42 35.27 72.39
CA LEU P 967 -84.30 35.23 73.61
C LEU P 967 -83.92 33.99 74.45
N ASN P 968 -83.94 32.81 73.82
CA ASN P 968 -83.71 31.49 74.49
C ASN P 968 -82.25 31.41 74.93
N LEU P 969 -81.29 31.95 74.14
CA LEU P 969 -79.85 32.05 74.49
C LEU P 969 -79.70 32.83 75.80
N LEU P 970 -80.24 34.04 75.81
CA LEU P 970 -79.97 35.00 76.90
C LEU P 970 -80.77 34.53 78.14
N SER P 971 -82.11 34.43 78.11
CA SER P 971 -83.00 34.27 79.31
C SER P 971 -82.59 33.11 80.21
N SER P 972 -82.20 31.97 79.64
CA SER P 972 -81.91 30.69 80.34
C SER P 972 -80.75 30.85 81.34
N GLN P 973 -79.53 31.10 80.85
CA GLN P 973 -78.28 31.23 81.66
C GLN P 973 -77.88 32.71 81.82
N GLU P 974 -77.21 33.07 82.93
CA GLU P 974 -76.32 34.27 83.08
C GLU P 974 -74.85 33.83 83.34
N GLU P 975 -74.63 32.76 84.15
CA GLU P 975 -73.31 32.20 84.61
C GLU P 975 -72.16 32.49 83.61
N ASP P 976 -72.15 31.82 82.44
CA ASP P 976 -71.10 31.92 81.39
C ASP P 976 -71.81 31.87 80.03
N PHE P 977 -72.52 32.97 79.69
CA PHE P 977 -73.34 33.07 78.46
C PHE P 977 -72.46 33.10 77.21
N ASN P 978 -72.94 32.44 76.14
CA ASN P 978 -72.19 32.32 74.87
C ASN P 978 -72.20 33.69 74.18
N SER P 979 -71.12 34.44 74.41
CA SER P 979 -70.90 35.81 73.89
C SER P 979 -70.97 35.80 72.36
N LYS P 980 -70.23 34.90 71.70
CA LYS P 980 -70.11 34.88 70.22
C LYS P 980 -71.43 34.44 69.59
N GLU P 981 -72.13 33.45 70.18
CA GLU P 981 -73.44 32.94 69.70
C GLU P 981 -74.44 34.10 69.63
N ALA P 982 -74.57 34.80 70.76
CA ALA P 982 -75.37 36.02 70.91
C ALA P 982 -74.91 37.06 69.87
N LEU P 983 -73.58 37.29 69.79
CA LEU P 983 -72.90 38.32 68.94
C LEU P 983 -73.32 38.19 67.48
N LEU P 984 -73.31 36.98 66.93
CA LEU P 984 -73.63 36.81 65.50
C LEU P 984 -75.11 36.48 65.32
N LEU P 985 -75.86 36.09 66.37
CA LEU P 985 -77.35 36.14 66.31
C LEU P 985 -77.76 37.57 65.95
N VAL P 986 -77.07 38.52 66.58
CA VAL P 986 -77.19 39.99 66.34
C VAL P 986 -76.70 40.33 64.92
N THR P 987 -75.47 39.99 64.55
CA THR P 987 -74.92 40.32 63.20
C THR P 987 -75.93 39.85 62.14
N VAL P 988 -76.63 38.75 62.40
CA VAL P 988 -77.70 38.23 61.51
C VAL P 988 -78.91 39.14 61.54
N LEU P 989 -79.51 39.34 62.72
CA LEU P 989 -80.76 40.14 62.89
C LEU P 989 -80.51 41.52 62.27
N THR P 990 -79.26 41.97 62.34
CA THR P 990 -78.72 43.14 61.59
C THR P 990 -78.96 43.01 60.09
N SER P 991 -78.46 41.94 59.48
CA SER P 991 -78.36 41.78 58.01
C SER P 991 -79.77 41.72 57.40
N LEU P 992 -80.65 40.94 58.04
CA LEU P 992 -82.11 40.81 57.74
C LEU P 992 -82.76 42.18 57.73
N SER P 993 -82.32 43.05 58.65
CA SER P 993 -82.89 44.40 58.90
C SER P 993 -82.64 45.35 57.71
N LYS P 994 -81.51 45.24 57.01
CA LYS P 994 -81.17 46.18 55.89
C LYS P 994 -82.13 45.96 54.72
N LEU P 995 -82.70 44.75 54.64
CA LEU P 995 -83.79 44.38 53.71
C LEU P 995 -85.06 45.23 53.97
N LEU P 996 -85.62 45.16 55.19
CA LEU P 996 -87.06 45.40 55.53
C LEU P 996 -87.52 46.80 55.09
N GLU P 997 -88.77 46.88 54.60
CA GLU P 997 -89.37 48.19 54.22
C GLU P 997 -89.56 48.97 55.51
N PRO P 998 -88.97 50.19 55.62
CA PRO P 998 -88.88 50.88 56.91
C PRO P 998 -90.21 51.10 57.66
N SER P 999 -91.35 51.19 56.96
CA SER P 999 -92.71 51.47 57.50
C SER P 999 -93.59 50.22 57.57
N SER P 1000 -93.05 49.04 57.19
CA SER P 1000 -93.76 47.75 57.27
C SER P 1000 -94.16 47.52 58.73
N PRO P 1001 -95.33 46.88 59.03
CA PRO P 1001 -95.67 46.50 60.40
C PRO P 1001 -94.61 45.62 61.10
N GLN P 1002 -94.00 44.70 60.32
CA GLN P 1002 -93.05 43.68 60.81
C GLN P 1002 -91.73 44.37 61.19
N PHE P 1003 -91.33 45.42 60.44
CA PHE P 1003 -90.18 46.30 60.77
C PHE P 1003 -90.42 46.95 62.14
N VAL P 1004 -91.62 47.48 62.31
CA VAL P 1004 -91.97 48.34 63.48
C VAL P 1004 -92.04 47.40 64.72
N GLN P 1005 -92.64 46.20 64.63
CA GLN P 1005 -92.72 45.24 65.78
C GLN P 1005 -91.30 44.69 66.09
N MET P 1006 -90.42 44.56 65.07
CA MET P 1006 -88.95 44.29 65.21
C MET P 1006 -88.27 45.39 66.05
N LEU P 1007 -88.36 46.66 65.63
CA LEU P 1007 -87.83 47.84 66.38
C LEU P 1007 -88.36 47.85 67.82
N SER P 1008 -89.67 47.60 68.01
CA SER P 1008 -90.37 47.54 69.34
C SER P 1008 -89.73 46.46 70.22
N TRP P 1009 -89.59 45.24 69.66
CA TRP P 1009 -88.97 44.09 70.36
C TRP P 1009 -87.53 44.47 70.78
N THR P 1010 -86.71 45.04 69.87
CA THR P 1010 -85.29 45.41 70.13
C THR P 1010 -85.22 46.40 71.29
N SER P 1011 -86.04 47.45 71.19
CA SER P 1011 -86.20 48.51 72.22
C SER P 1011 -86.48 47.84 73.58
N LYS P 1012 -87.45 46.91 73.62
CA LYS P 1012 -87.94 46.21 74.85
C LYS P 1012 -86.77 45.45 75.52
N ILE P 1013 -85.98 44.73 74.73
CA ILE P 1013 -84.86 43.91 75.27
C ILE P 1013 -83.73 44.81 75.74
N CYS P 1014 -83.45 45.91 75.01
CA CYS P 1014 -82.47 46.95 75.41
C CYS P 1014 -82.96 47.60 76.72
N LYS P 1015 -84.28 47.77 76.93
CA LYS P 1015 -84.87 48.45 78.12
C LYS P 1015 -84.96 47.51 79.35
N GLU P 1016 -84.94 46.17 79.19
CA GLU P 1016 -85.22 45.18 80.28
C GLU P 1016 -83.92 44.62 80.88
N ASN P 1017 -83.05 44.06 80.02
CA ASN P 1017 -81.96 43.12 80.38
C ASN P 1017 -80.62 43.87 80.50
N SER P 1018 -79.69 43.34 81.31
CA SER P 1018 -78.38 43.95 81.68
C SER P 1018 -77.24 43.49 80.76
N ARG P 1019 -76.75 42.25 80.90
CA ARG P 1019 -75.74 41.54 80.05
C ARG P 1019 -74.37 42.23 80.08
N GLU P 1020 -73.46 41.75 80.93
CA GLU P 1020 -72.18 42.45 81.19
C GLU P 1020 -71.12 42.07 80.13
N ASP P 1021 -71.48 41.45 79.00
CA ASP P 1021 -70.59 41.30 77.80
C ASP P 1021 -70.64 42.59 76.97
N ALA P 1022 -69.48 43.23 76.68
CA ALA P 1022 -69.33 44.66 76.28
C ALA P 1022 -69.87 44.95 74.86
N LEU P 1023 -69.36 44.20 73.89
CA LEU P 1023 -69.62 44.47 72.45
C LEU P 1023 -71.06 44.06 72.15
N PHE P 1024 -71.58 43.03 72.86
CA PHE P 1024 -73.00 42.58 72.87
C PHE P 1024 -73.89 43.78 73.18
N CYS P 1025 -73.57 44.49 74.27
CA CYS P 1025 -74.33 45.69 74.78
C CYS P 1025 -74.26 46.78 73.71
N LYS P 1026 -73.04 47.11 73.30
CA LYS P 1026 -72.75 48.01 72.14
C LYS P 1026 -73.66 47.66 70.96
N SER P 1027 -73.74 46.38 70.61
CA SER P 1027 -74.37 45.91 69.36
C SER P 1027 -75.90 46.05 69.40
N LEU P 1028 -76.59 45.59 70.46
CA LEU P 1028 -78.09 45.68 70.56
C LEU P 1028 -78.51 47.15 70.57
N MET P 1029 -77.63 48.03 71.08
CA MET P 1029 -77.73 49.51 70.88
C MET P 1029 -77.56 49.86 69.38
N ASN P 1030 -76.46 49.50 68.69
CA ASN P 1030 -76.17 49.87 67.27
C ASN P 1030 -77.36 49.53 66.38
N LEU P 1031 -77.82 48.27 66.48
CA LEU P 1031 -79.12 47.74 65.95
C LEU P 1031 -80.25 48.75 66.20
N LEU P 1032 -80.51 49.04 67.48
CA LEU P 1032 -81.67 49.84 67.94
C LEU P 1032 -81.62 51.24 67.28
N PHE P 1033 -80.42 51.83 67.20
CA PHE P 1033 -80.16 53.15 66.56
C PHE P 1033 -80.46 53.09 65.07
N SER P 1034 -79.84 52.13 64.38
CA SER P 1034 -80.02 51.91 62.93
C SER P 1034 -81.51 51.63 62.62
N LEU P 1035 -82.25 50.94 63.50
CA LEU P 1035 -83.72 50.73 63.37
C LEU P 1035 -84.44 52.08 63.54
N HIS P 1036 -84.10 52.83 64.59
CA HIS P 1036 -84.81 54.06 65.02
C HIS P 1036 -84.67 55.18 63.95
N VAL P 1037 -83.46 55.40 63.36
CA VAL P 1037 -83.06 56.46 62.37
C VAL P 1037 -83.98 56.47 61.14
N SER P 1038 -84.41 55.31 60.69
CA SER P 1038 -85.29 55.13 59.52
C SER P 1038 -86.76 55.39 59.88
N TYR P 1039 -87.11 55.45 61.18
CA TYR P 1039 -88.51 55.54 61.69
C TYR P 1039 -88.86 56.98 62.12
N LYS P 1040 -87.90 57.69 62.72
CA LYS P 1040 -87.96 59.12 63.18
C LYS P 1040 -86.56 59.60 63.60
N SER P 1041 -86.35 60.90 63.73
CA SER P 1041 -85.05 61.48 64.17
C SER P 1041 -84.73 61.02 65.58
N PRO P 1042 -83.44 60.80 65.91
CA PRO P 1042 -83.05 60.13 67.15
C PRO P 1042 -82.52 61.10 68.21
N VAL P 1043 -83.36 61.95 68.79
CA VAL P 1043 -82.95 62.91 69.86
C VAL P 1043 -83.58 62.50 71.20
N ILE P 1044 -84.80 61.93 71.17
CA ILE P 1044 -85.58 61.47 72.33
C ILE P 1044 -84.77 60.38 73.04
N LEU P 1045 -84.25 59.45 72.25
CA LEU P 1045 -83.44 58.35 72.79
C LEU P 1045 -82.13 58.91 73.36
N LEU P 1046 -81.48 59.88 72.68
CA LEU P 1046 -80.17 60.47 73.12
C LEU P 1046 -80.30 61.19 74.46
N ARG P 1047 -81.35 62.01 74.61
CA ARG P 1047 -81.66 62.69 75.89
C ARG P 1047 -81.82 61.64 77.01
N ASP P 1048 -82.59 60.55 76.76
CA ASP P 1048 -82.86 59.43 77.71
C ASP P 1048 -81.51 58.81 78.16
N LEU P 1049 -80.60 58.55 77.22
CA LEU P 1049 -79.22 58.01 77.45
C LEU P 1049 -78.33 58.99 78.24
N SER P 1050 -78.29 60.28 77.87
CA SER P 1050 -77.54 61.33 78.62
C SER P 1050 -78.01 61.41 80.07
N GLN P 1051 -79.32 61.31 80.31
CA GLN P 1051 -79.96 61.26 81.66
C GLN P 1051 -79.53 59.98 82.44
N ASP P 1052 -79.40 58.81 81.80
CA ASP P 1052 -78.88 57.56 82.44
C ASP P 1052 -77.39 57.72 82.80
N ILE P 1053 -76.59 58.30 81.90
CA ILE P 1053 -75.15 58.65 82.11
C ILE P 1053 -75.02 59.58 83.34
N HIS P 1054 -75.83 60.67 83.40
CA HIS P 1054 -75.92 61.65 84.52
C HIS P 1054 -76.24 60.94 85.83
N GLY P 1055 -77.20 60.02 85.80
CA GLY P 1055 -77.57 59.16 86.94
C GLY P 1055 -76.43 58.26 87.41
N HIS P 1056 -75.68 57.66 86.48
CA HIS P 1056 -74.70 56.57 86.74
C HIS P 1056 -73.35 57.14 87.20
N LEU P 1057 -72.77 58.08 86.45
CA LEU P 1057 -71.37 58.52 86.64
C LEU P 1057 -71.22 59.67 87.64
N GLY P 1058 -72.31 60.38 88.01
CA GLY P 1058 -72.35 61.34 89.15
C GLY P 1058 -72.60 62.77 88.69
N ASP P 1059 -71.59 63.65 88.82
CA ASP P 1059 -71.63 65.13 88.54
C ASP P 1059 -70.27 65.78 88.90
N ILE P 1060 -69.92 66.93 88.29
CA ILE P 1060 -68.75 67.80 88.63
C ILE P 1060 -68.78 68.19 90.12
N ASP P 1061 -69.95 68.62 90.66
CA ASP P 1061 -70.15 69.34 91.96
C ASP P 1061 -69.82 68.48 93.22
N GLN P 1062 -69.87 67.13 93.15
CA GLN P 1062 -69.75 66.14 94.27
C GLN P 1062 -70.96 66.19 95.25
N ASP P 1063 -72.07 66.84 94.89
CA ASP P 1063 -73.32 66.88 95.71
C ASP P 1063 -74.53 67.12 94.80
N VAL P 1064 -74.89 66.14 93.96
CA VAL P 1064 -76.23 66.03 93.28
C VAL P 1064 -76.65 64.54 93.24
N GLU P 1065 -77.85 64.23 93.76
CA GLU P 1065 -78.44 62.87 93.80
C GLU P 1065 -79.25 62.66 92.52
N VAL P 1066 -78.81 61.73 91.67
CA VAL P 1066 -79.46 61.39 90.38
C VAL P 1066 -79.34 59.87 90.18
N GLU P 1067 -80.43 59.18 89.78
CA GLU P 1067 -80.39 57.77 89.30
C GLU P 1067 -81.62 57.46 88.42
N LYS P 1068 -81.36 57.05 87.17
CA LYS P 1068 -82.36 56.92 86.06
C LYS P 1068 -82.04 55.65 85.25
N THR P 1069 -81.80 54.55 85.96
CA THR P 1069 -81.74 53.15 85.45
C THR P 1069 -82.92 52.86 84.51
N ASN P 1070 -84.12 53.29 84.89
CA ASN P 1070 -85.43 52.95 84.25
C ASN P 1070 -85.39 53.10 82.72
N HIS P 1071 -84.66 54.08 82.16
CA HIS P 1071 -84.70 54.36 80.70
C HIS P 1071 -84.15 53.16 79.90
N PHE P 1072 -82.86 52.79 80.00
CA PHE P 1072 -82.24 51.70 79.19
C PHE P 1072 -81.41 50.78 80.10
N ALA P 1073 -81.72 49.48 80.10
CA ALA P 1073 -81.10 48.46 80.99
C ALA P 1073 -79.73 48.00 80.48
N ILE P 1074 -79.44 48.11 79.17
CA ILE P 1074 -78.11 47.76 78.54
C ILE P 1074 -77.24 49.02 78.51
N VAL P 1075 -77.00 49.54 79.71
CA VAL P 1075 -76.19 50.73 80.08
C VAL P 1075 -75.77 50.42 81.53
N ASN P 1076 -74.49 50.25 81.81
CA ASN P 1076 -73.96 49.92 83.16
C ASN P 1076 -72.94 50.99 83.50
N LEU P 1077 -72.44 50.99 84.73
CA LEU P 1077 -71.21 51.77 85.07
C LEU P 1077 -70.06 51.21 84.21
N ARG P 1078 -69.94 49.88 84.13
CA ARG P 1078 -68.88 49.15 83.36
C ARG P 1078 -69.01 49.41 81.86
N THR P 1079 -70.24 49.34 81.37
CA THR P 1079 -70.63 49.53 79.95
C THR P 1079 -70.41 51.01 79.62
N ALA P 1080 -71.28 51.88 80.14
CA ALA P 1080 -71.60 53.23 79.60
C ALA P 1080 -70.36 54.10 79.34
N ALA P 1081 -69.24 53.89 80.04
CA ALA P 1081 -68.16 54.91 80.18
C ALA P 1081 -67.38 55.11 78.87
N PRO P 1082 -66.70 54.09 78.27
CA PRO P 1082 -66.13 54.22 76.92
C PRO P 1082 -67.06 53.62 75.85
N THR P 1083 -68.29 53.21 76.21
CA THR P 1083 -69.27 52.46 75.38
C THR P 1083 -70.35 53.44 74.90
N VAL P 1084 -71.41 53.61 75.70
CA VAL P 1084 -72.71 54.18 75.25
C VAL P 1084 -72.59 55.72 75.22
N CYS P 1085 -71.58 56.31 75.92
CA CYS P 1085 -71.01 57.70 75.74
C CYS P 1085 -70.72 57.95 74.26
N LEU P 1086 -69.85 57.13 73.68
CA LEU P 1086 -69.39 57.30 72.28
C LEU P 1086 -70.60 57.25 71.36
N LEU P 1087 -71.45 56.23 71.56
CA LEU P 1087 -72.61 55.93 70.68
C LEU P 1087 -73.55 57.13 70.67
N VAL P 1088 -73.92 57.61 71.85
CA VAL P 1088 -74.93 58.69 71.96
C VAL P 1088 -74.34 59.94 71.26
N LEU P 1089 -73.02 60.16 71.36
CA LEU P 1089 -72.35 61.38 70.83
C LEU P 1089 -72.32 61.32 69.30
N SER P 1090 -71.89 60.20 68.75
CA SER P 1090 -71.83 59.97 67.29
C SER P 1090 -73.19 60.19 66.65
N GLN P 1091 -74.28 59.80 67.33
CA GLN P 1091 -75.67 59.93 66.79
C GLN P 1091 -76.08 61.41 66.79
N ALA P 1092 -75.62 62.18 67.77
CA ALA P 1092 -75.79 63.66 67.80
C ALA P 1092 -75.00 64.29 66.65
N GLU P 1093 -73.73 63.91 66.39
CA GLU P 1093 -72.81 64.47 65.32
C GLU P 1093 -73.56 64.52 63.99
N LYS P 1094 -74.16 63.38 63.64
CA LYS P 1094 -75.01 63.14 62.45
C LYS P 1094 -76.25 64.04 62.50
N VAL P 1095 -77.04 63.99 63.59
CA VAL P 1095 -78.29 64.79 63.79
C VAL P 1095 -77.96 66.26 63.52
N LEU P 1096 -76.85 66.73 64.08
CA LEU P 1096 -76.38 68.13 63.89
C LEU P 1096 -75.96 68.35 62.43
N GLU P 1097 -75.32 67.39 61.77
CA GLU P 1097 -74.96 67.55 60.35
C GLU P 1097 -76.25 67.66 59.51
N GLU P 1098 -77.29 66.86 59.81
CA GLU P 1098 -78.64 66.86 59.15
C GLU P 1098 -79.19 68.29 59.17
N VAL P 1099 -79.21 68.86 60.37
CA VAL P 1099 -79.81 70.19 60.66
C VAL P 1099 -78.94 71.25 59.99
N ASP P 1100 -77.62 71.09 59.95
CA ASP P 1100 -76.76 72.17 59.41
C ASP P 1100 -76.91 72.24 57.89
N TRP P 1101 -76.95 71.11 57.17
CA TRP P 1101 -77.22 71.14 55.71
C TRP P 1101 -78.62 71.75 55.47
N LEU P 1102 -79.64 71.42 56.30
CA LEU P 1102 -81.02 72.02 56.23
C LEU P 1102 -80.93 73.55 56.22
N ILE P 1103 -80.23 74.09 57.22
CA ILE P 1103 -80.06 75.56 57.44
C ILE P 1103 -79.35 76.16 56.22
N THR P 1104 -78.25 75.54 55.79
CA THR P 1104 -77.42 75.91 54.62
C THR P 1104 -78.32 76.09 53.40
N LYS P 1105 -79.20 75.13 53.15
CA LYS P 1105 -80.15 75.13 52.02
C LYS P 1105 -81.21 76.23 52.20
N LEU P 1106 -81.74 76.43 53.42
CA LEU P 1106 -82.75 77.50 53.74
C LEU P 1106 -82.16 78.88 53.42
N LYS P 1107 -80.90 79.10 53.76
CA LYS P 1107 -80.19 80.39 53.53
C LYS P 1107 -79.93 80.63 52.02
N GLY P 1108 -79.85 79.56 51.23
CA GLY P 1108 -79.71 79.61 49.76
C GLY P 1108 -80.85 80.39 49.13
N GLN P 1109 -82.10 80.01 49.46
CA GLN P 1109 -83.36 80.43 48.78
C GLN P 1109 -83.42 81.96 48.69
N VAL P 1110 -83.06 82.64 49.79
CA VAL P 1110 -83.11 84.12 49.95
C VAL P 1110 -81.77 84.55 50.57
N PRO P 1126 -92.74 76.16 54.01
CA PRO P 1126 -91.50 76.23 53.21
C PRO P 1126 -90.26 76.54 54.08
N ASN P 1127 -90.42 77.55 54.94
CA ASN P 1127 -89.45 78.07 55.95
C ASN P 1127 -89.99 77.79 57.36
N GLN P 1128 -91.23 78.20 57.67
CA GLN P 1128 -91.79 78.26 59.05
C GLN P 1128 -91.80 76.88 59.73
N PRO P 1129 -92.34 75.80 59.12
CA PRO P 1129 -92.22 74.45 59.70
C PRO P 1129 -90.78 73.93 59.78
N VAL P 1130 -89.90 74.38 58.86
CA VAL P 1130 -88.46 73.99 58.76
C VAL P 1130 -87.72 74.48 60.03
N GLU P 1131 -87.82 75.77 60.34
CA GLU P 1131 -87.21 76.39 61.54
C GLU P 1131 -87.76 75.71 62.82
N LYS P 1132 -89.09 75.48 62.91
CA LYS P 1132 -89.79 74.87 64.09
C LYS P 1132 -89.21 73.49 64.42
N ALA P 1133 -89.11 72.59 63.43
CA ALA P 1133 -88.54 71.24 63.64
C ALA P 1133 -87.03 71.33 63.97
N ILE P 1134 -86.24 72.19 63.30
CA ILE P 1134 -84.80 72.51 63.60
C ILE P 1134 -84.66 72.79 65.09
N ILE P 1135 -85.51 73.71 65.57
CA ILE P 1135 -85.48 74.26 66.95
C ILE P 1135 -85.88 73.16 67.95
N MET P 1136 -86.93 72.37 67.64
CA MET P 1136 -87.35 71.22 68.48
C MET P 1136 -86.19 70.23 68.64
N GLN P 1137 -85.55 69.82 67.52
CA GLN P 1137 -84.31 68.97 67.52
C GLN P 1137 -83.26 69.60 68.46
N LEU P 1138 -82.90 70.85 68.17
CA LEU P 1138 -81.80 71.56 68.86
C LEU P 1138 -82.11 71.61 70.37
N GLY P 1139 -83.37 71.89 70.77
CA GLY P 1139 -83.84 71.97 72.17
C GLY P 1139 -83.83 70.64 72.90
N THR P 1140 -84.24 69.56 72.23
CA THR P 1140 -84.27 68.17 72.77
C THR P 1140 -82.81 67.70 72.95
N LEU P 1141 -81.94 67.88 71.94
CA LEU P 1141 -80.51 67.46 72.06
C LEU P 1141 -79.77 68.49 72.93
N LEU P 1142 -80.36 69.64 73.24
CA LEU P 1142 -79.77 70.51 74.28
C LEU P 1142 -80.01 69.91 75.67
N THR P 1143 -81.17 69.29 75.89
CA THR P 1143 -81.47 68.48 77.10
C THR P 1143 -80.51 67.28 77.19
N PHE P 1144 -80.16 66.69 76.04
CA PHE P 1144 -79.03 65.72 75.90
C PHE P 1144 -77.67 66.35 76.31
N PHE P 1145 -77.21 67.49 75.73
CA PHE P 1145 -75.84 68.05 75.92
C PHE P 1145 -75.68 68.53 77.37
N HIS P 1146 -76.64 69.31 77.90
CA HIS P 1146 -76.83 69.70 79.32
C HIS P 1146 -76.63 68.48 80.28
N GLU P 1147 -77.27 67.29 80.09
CA GLU P 1147 -77.21 66.11 81.04
C GLU P 1147 -75.84 65.41 81.05
N LEU P 1148 -75.08 65.46 79.93
CA LEU P 1148 -73.67 64.95 79.85
C LEU P 1148 -72.71 66.00 80.43
N VAL P 1149 -72.94 67.30 80.17
CA VAL P 1149 -72.13 68.45 80.68
C VAL P 1149 -72.23 68.50 82.22
N GLN P 1150 -73.38 68.22 82.85
CA GLN P 1150 -73.51 68.15 84.35
C GLN P 1150 -72.59 67.02 84.87
N THR P 1151 -72.63 65.83 84.24
CA THR P 1151 -72.02 64.55 84.71
C THR P 1151 -70.51 64.68 84.91
N ALA P 1152 -69.93 63.77 85.69
CA ALA P 1152 -68.47 63.59 85.85
C ALA P 1152 -67.97 62.51 84.88
N LEU P 1153 -67.58 62.90 83.64
CA LEU P 1153 -67.23 61.96 82.53
C LEU P 1153 -65.74 61.60 82.53
N PRO P 1154 -65.34 60.30 82.32
CA PRO P 1154 -63.94 59.92 82.08
C PRO P 1154 -63.21 60.58 80.89
N SER P 1155 -61.89 60.76 81.04
CA SER P 1155 -61.11 61.92 80.54
C SER P 1155 -60.19 61.58 79.35
N GLY P 1156 -60.63 60.74 78.43
CA GLY P 1156 -59.84 60.37 77.23
C GLY P 1156 -60.22 61.23 76.04
N SER P 1157 -60.65 60.57 74.96
CA SER P 1157 -61.53 61.18 73.94
C SER P 1157 -63.02 61.08 74.36
N CYS P 1158 -63.45 60.40 75.46
CA CYS P 1158 -64.88 60.28 75.90
C CYS P 1158 -65.46 61.68 76.19
N VAL P 1159 -64.73 62.43 77.00
CA VAL P 1159 -64.94 63.88 77.30
C VAL P 1159 -64.58 64.76 76.08
N ASP P 1160 -63.46 64.50 75.37
CA ASP P 1160 -62.92 65.40 74.31
C ASP P 1160 -63.80 65.39 73.05
N THR P 1161 -64.42 64.25 72.74
CA THR P 1161 -65.47 64.11 71.70
C THR P 1161 -66.69 64.95 72.08
N LEU P 1162 -67.15 64.94 73.35
CA LEU P 1162 -68.27 65.80 73.84
C LEU P 1162 -67.92 67.27 73.57
N LEU P 1163 -66.74 67.72 74.03
CA LEU P 1163 -66.19 69.11 73.87
C LEU P 1163 -66.28 69.56 72.41
N LYS P 1164 -65.66 68.78 71.53
CA LYS P 1164 -65.55 69.03 70.07
C LYS P 1164 -66.96 69.09 69.46
N ASP P 1165 -67.92 68.29 69.95
CA ASP P 1165 -69.34 68.27 69.45
C ASP P 1165 -70.14 69.45 70.00
N LEU P 1166 -69.79 69.92 71.20
CA LEU P 1166 -70.35 71.17 71.78
C LEU P 1166 -69.83 72.38 70.98
N CYS P 1167 -68.58 72.37 70.44
CA CYS P 1167 -68.08 73.36 69.43
C CYS P 1167 -69.06 73.43 68.25
N LYS P 1168 -69.41 72.26 67.73
CA LYS P 1168 -70.27 72.12 66.54
C LYS P 1168 -71.70 72.53 66.90
N MET P 1169 -72.18 72.17 68.12
CA MET P 1169 -73.52 72.60 68.65
C MET P 1169 -73.64 74.12 68.43
N TYR P 1170 -72.68 74.90 68.96
CA TYR P 1170 -72.70 76.39 68.95
C TYR P 1170 -72.52 76.87 67.51
N THR P 1171 -71.65 76.26 66.69
CA THR P 1171 -71.42 76.68 65.29
C THR P 1171 -72.78 76.68 64.56
N THR P 1172 -73.53 75.60 64.72
CA THR P 1172 -74.83 75.40 64.03
C THR P 1172 -75.82 76.46 64.50
N LEU P 1173 -75.80 76.78 65.79
CA LEU P 1173 -76.65 77.83 66.38
C LEU P 1173 -76.21 79.19 65.84
N THR P 1174 -74.89 79.44 65.68
CA THR P 1174 -74.33 80.70 65.09
C THR P 1174 -74.87 80.91 63.69
N ALA P 1175 -74.93 79.83 62.92
CA ALA P 1175 -75.46 79.84 61.54
C ALA P 1175 -76.97 80.11 61.55
N LEU P 1176 -77.75 79.42 62.41
CA LEU P 1176 -79.23 79.61 62.60
C LEU P 1176 -79.49 81.12 62.86
N VAL P 1177 -78.74 81.70 63.81
CA VAL P 1177 -78.71 83.15 64.21
C VAL P 1177 -78.53 83.99 62.96
N ARG P 1178 -77.49 83.70 62.18
CA ARG P 1178 -77.14 84.51 61.00
C ARG P 1178 -78.22 84.42 59.94
N TYR P 1179 -79.01 83.34 59.92
CA TYR P 1179 -80.16 83.23 59.00
C TYR P 1179 -81.27 84.15 59.48
N TYR P 1180 -81.57 84.15 60.79
CA TYR P 1180 -82.65 85.00 61.35
C TYR P 1180 -82.25 86.48 61.22
N LEU P 1181 -80.95 86.81 61.15
CA LEU P 1181 -80.50 88.18 60.80
C LEU P 1181 -80.97 88.55 59.37
N GLN P 1182 -80.95 87.61 58.43
CA GLN P 1182 -81.38 87.89 57.03
C GLN P 1182 -82.88 88.19 56.99
N VAL P 1183 -83.68 87.55 57.86
CA VAL P 1183 -85.18 87.64 57.94
C VAL P 1183 -85.59 88.95 58.66
N CYS P 1184 -85.16 89.10 59.92
CA CYS P 1184 -85.70 90.06 60.93
C CYS P 1184 -85.40 91.53 60.57
N GLN P 1185 -84.24 91.83 59.97
CA GLN P 1185 -83.90 93.16 59.37
C GLN P 1185 -84.99 93.59 58.35
N SER P 1186 -85.50 92.67 57.52
CA SER P 1186 -86.46 92.98 56.41
C SER P 1186 -87.86 93.21 56.98
N SER P 1187 -88.30 92.36 57.89
CA SER P 1187 -89.71 92.17 58.33
C SER P 1187 -89.89 92.54 59.81
N GLY P 1188 -89.29 91.76 60.73
CA GLY P 1188 -89.47 91.87 62.20
C GLY P 1188 -90.13 90.62 62.78
N GLY P 1189 -89.40 89.90 63.66
CA GLY P 1189 -89.76 88.56 64.15
C GLY P 1189 -88.82 88.10 65.24
N ILE P 1190 -87.97 87.11 64.94
CA ILE P 1190 -87.32 86.21 65.94
C ILE P 1190 -88.47 85.62 66.73
N PRO P 1191 -89.24 84.67 66.16
CA PRO P 1191 -90.44 84.17 66.84
C PRO P 1191 -90.09 83.57 68.22
N LYS P 1192 -91.08 83.43 69.11
CA LYS P 1192 -90.88 83.15 70.56
C LYS P 1192 -90.08 81.85 70.77
N ASN P 1193 -90.19 80.88 69.85
CA ASN P 1193 -89.39 79.62 69.83
C ASN P 1193 -87.88 79.95 69.75
N MET P 1194 -87.40 80.89 68.92
CA MET P 1194 -85.96 81.29 68.80
C MET P 1194 -85.50 82.10 70.03
N GLU P 1195 -86.30 83.02 70.56
CA GLU P 1195 -85.93 83.79 71.78
C GLU P 1195 -85.75 82.80 72.93
N LYS P 1196 -86.71 81.86 73.08
CA LYS P 1196 -86.72 80.72 74.07
C LYS P 1196 -85.44 79.88 73.91
N LEU P 1197 -85.09 79.52 72.67
CA LEU P 1197 -83.83 78.81 72.31
C LEU P 1197 -82.59 79.54 72.85
N VAL P 1198 -82.47 80.86 72.58
CA VAL P 1198 -81.24 81.63 72.94
C VAL P 1198 -81.18 81.75 74.47
N LYS P 1199 -82.31 82.08 75.14
CA LYS P 1199 -82.50 81.99 76.63
C LYS P 1199 -82.04 80.62 77.17
N LEU P 1200 -82.48 79.51 76.54
CA LEU P 1200 -82.24 78.11 77.01
C LEU P 1200 -80.73 77.80 76.86
N SER P 1201 -80.07 78.29 75.80
CA SER P 1201 -78.60 78.19 75.54
C SER P 1201 -77.81 78.97 76.60
N GLY P 1202 -78.35 80.09 77.07
CA GLY P 1202 -77.79 80.87 78.19
C GLY P 1202 -77.97 80.20 79.54
N SER P 1203 -79.19 79.75 79.90
CA SER P 1203 -79.56 79.25 81.26
C SER P 1203 -78.99 77.84 81.51
N HIS P 1204 -79.22 76.89 80.60
CA HIS P 1204 -78.90 75.44 80.75
C HIS P 1204 -77.44 75.14 80.34
N LEU P 1205 -77.02 75.55 79.14
CA LEU P 1205 -75.74 75.08 78.52
C LEU P 1205 -74.55 75.98 78.93
N THR P 1206 -74.52 77.27 78.53
CA THR P 1206 -73.29 78.15 78.50
C THR P 1206 -72.56 78.16 79.86
N PRO P 1207 -73.18 78.44 81.04
CA PRO P 1207 -72.47 78.41 82.33
C PRO P 1207 -71.97 77.02 82.78
N LEU P 1208 -72.67 75.95 82.42
CA LEU P 1208 -72.25 74.54 82.68
C LEU P 1208 -71.03 74.20 81.79
N CYS P 1209 -70.90 74.79 80.58
CA CYS P 1209 -69.64 74.79 79.75
C CYS P 1209 -68.47 75.19 80.65
N TYR P 1210 -68.59 76.35 81.31
CA TYR P 1210 -67.49 76.98 82.07
C TYR P 1210 -67.24 76.14 83.32
N SER P 1211 -68.28 75.58 83.96
CA SER P 1211 -68.15 74.64 85.12
C SER P 1211 -67.41 73.36 84.71
N PHE P 1212 -67.71 72.82 83.52
CA PHE P 1212 -67.10 71.56 83.01
C PHE P 1212 -65.67 71.81 82.47
N ILE P 1213 -65.42 72.91 81.71
CA ILE P 1213 -64.08 73.28 81.14
C ILE P 1213 -63.06 73.29 82.29
N SER P 1214 -63.40 74.02 83.35
CA SER P 1214 -62.57 74.20 84.56
C SER P 1214 -62.39 72.85 85.28
N TYR P 1215 -63.43 72.01 85.32
CA TYR P 1215 -63.44 70.67 85.98
C TYR P 1215 -62.41 69.71 85.33
N VAL P 1216 -62.31 69.73 83.99
CA VAL P 1216 -61.35 68.92 83.19
C VAL P 1216 -59.93 69.52 83.20
N GLN P 1217 -59.81 70.83 82.94
CA GLN P 1217 -58.52 71.60 82.91
C GLN P 1217 -57.74 71.37 84.22
N ASN P 1218 -58.34 71.67 85.39
CA ASN P 1218 -57.81 71.47 86.79
C ASN P 1218 -57.53 69.96 86.98
N LYS P 1219 -58.42 69.11 86.49
CA LYS P 1219 -58.31 67.62 86.52
C LYS P 1219 -57.05 67.20 85.75
N SER P 1220 -56.07 66.67 86.47
CA SER P 1220 -54.69 66.31 86.00
C SER P 1220 -54.11 65.14 86.81
N LYS P 1221 -54.03 63.93 86.24
CA LYS P 1221 -53.49 62.70 86.89
C LYS P 1221 -52.41 62.07 85.99
N PRO P 1233 -40.36 57.61 79.90
CA PRO P 1233 -41.77 57.20 79.79
C PRO P 1233 -42.59 57.87 78.67
N ALA P 1234 -42.25 59.12 78.30
CA ALA P 1234 -42.88 59.91 77.23
C ALA P 1234 -41.81 60.40 76.24
N VAL P 1235 -41.87 59.97 74.96
CA VAL P 1235 -41.03 60.50 73.85
C VAL P 1235 -41.42 61.97 73.64
N VAL P 1236 -40.42 62.87 73.61
CA VAL P 1236 -40.55 64.36 73.81
C VAL P 1236 -41.48 64.95 72.73
N ALA P 1237 -41.23 64.59 71.46
CA ALA P 1237 -41.93 65.09 70.26
C ALA P 1237 -43.39 64.65 70.32
N THR P 1238 -43.63 63.35 70.54
CA THR P 1238 -44.98 62.73 70.67
C THR P 1238 -45.72 63.34 71.88
N ALA P 1239 -45.00 63.58 73.01
CA ALA P 1239 -45.55 64.22 74.24
C ALA P 1239 -46.05 65.63 73.90
N MET P 1240 -45.22 66.41 73.18
CA MET P 1240 -45.56 67.79 72.73
C MET P 1240 -46.75 67.74 71.74
N ALA P 1241 -46.74 66.81 70.77
CA ALA P 1241 -47.84 66.58 69.81
C ALA P 1241 -49.13 66.24 70.57
N ARG P 1242 -49.10 65.38 71.61
CA ARG P 1242 -50.27 64.96 72.45
C ARG P 1242 -50.91 66.20 73.08
N VAL P 1243 -50.09 66.96 73.78
CA VAL P 1243 -50.57 68.12 74.59
C VAL P 1243 -50.99 69.26 73.64
N LEU P 1244 -50.30 69.50 72.52
CA LEU P 1244 -50.65 70.55 71.50
C LEU P 1244 -51.81 70.09 70.62
N ARG P 1245 -52.24 68.82 70.69
CA ARG P 1245 -53.57 68.36 70.20
C ARG P 1245 -54.62 68.76 71.26
N GLU P 1246 -54.35 68.48 72.55
CA GLU P 1246 -55.28 68.73 73.70
C GLU P 1246 -55.53 70.23 73.94
N THR P 1247 -54.69 71.14 73.40
CA THR P 1247 -54.71 72.62 73.66
C THR P 1247 -55.81 73.33 72.85
N LYS P 1248 -56.18 72.80 71.69
CA LYS P 1248 -57.01 73.49 70.66
C LYS P 1248 -58.49 73.54 71.06
N PRO P 1249 -59.10 72.45 71.60
CA PRO P 1249 -60.57 72.33 71.60
C PRO P 1249 -61.29 73.27 72.60
N ILE P 1250 -60.66 73.56 73.74
CA ILE P 1250 -61.12 74.52 74.78
C ILE P 1250 -61.04 75.94 74.19
N PRO P 1251 -59.88 76.45 73.66
CA PRO P 1251 -59.82 77.72 72.93
C PRO P 1251 -60.91 77.87 71.87
N ASN P 1252 -61.16 76.83 71.07
CA ASN P 1252 -62.12 76.89 69.95
C ASN P 1252 -63.54 76.67 70.47
N LEU P 1253 -63.76 76.17 71.70
CA LEU P 1253 -65.09 76.27 72.38
C LEU P 1253 -65.33 77.72 72.77
N ILE P 1254 -64.34 78.40 73.37
CA ILE P 1254 -64.41 79.85 73.72
C ILE P 1254 -64.75 80.63 72.44
N PHE P 1255 -63.99 80.44 71.37
CA PHE P 1255 -64.13 81.10 70.03
C PHE P 1255 -65.55 80.96 69.47
N ALA P 1256 -66.03 79.72 69.48
CA ALA P 1256 -67.36 79.32 68.98
C ALA P 1256 -68.48 80.03 69.76
N ILE P 1257 -68.45 79.96 71.11
CA ILE P 1257 -69.42 80.64 72.03
C ILE P 1257 -69.26 82.16 71.83
N GLU P 1258 -68.03 82.70 71.71
CA GLU P 1258 -67.74 84.16 71.56
C GLU P 1258 -68.38 84.70 70.28
N GLN P 1259 -68.28 83.95 69.19
CA GLN P 1259 -68.90 84.30 67.90
C GLN P 1259 -70.43 84.09 68.01
N TYR P 1260 -70.96 83.13 68.79
CA TYR P 1260 -72.43 82.96 69.10
C TYR P 1260 -72.92 84.28 69.70
N GLU P 1261 -72.33 84.59 70.84
CA GLU P 1261 -72.62 85.79 71.67
C GLU P 1261 -72.40 87.02 70.77
N LYS P 1262 -71.31 87.03 70.01
CA LYS P 1262 -70.94 88.17 69.13
C LYS P 1262 -72.05 88.37 68.10
N PHE P 1263 -72.53 87.32 67.46
CA PHE P 1263 -73.55 87.45 66.38
C PHE P 1263 -74.94 87.62 67.03
N LEU P 1264 -75.11 87.24 68.31
CA LEU P 1264 -76.31 87.62 69.10
C LEU P 1264 -76.31 89.15 69.32
N ILE P 1265 -75.13 89.79 69.48
CA ILE P 1265 -75.00 91.29 69.58
C ILE P 1265 -75.57 91.92 68.30
N HIS P 1266 -75.11 91.48 67.12
CA HIS P 1266 -75.55 91.99 65.79
C HIS P 1266 -77.06 91.80 65.61
N LEU P 1267 -77.62 90.67 66.07
CA LEU P 1267 -79.10 90.40 66.08
C LEU P 1267 -79.82 91.37 67.04
N SER P 1268 -79.32 91.48 68.29
CA SER P 1268 -79.84 92.35 69.38
C SER P 1268 -80.04 93.79 68.86
N LYS P 1269 -79.01 94.32 68.19
CA LYS P 1269 -78.96 95.72 67.68
C LYS P 1269 -79.94 95.84 66.50
N LYS P 1270 -79.82 94.96 65.50
CA LYS P 1270 -80.59 95.02 64.21
C LYS P 1270 -81.75 93.99 64.24
N SER P 1271 -82.39 93.81 65.39
CA SER P 1271 -83.82 93.39 65.47
C SER P 1271 -84.54 94.04 66.66
N LYS P 1272 -83.87 94.91 67.43
CA LYS P 1272 -84.39 95.78 68.52
C LYS P 1272 -84.96 94.93 69.67
N VAL P 1273 -84.32 93.81 69.98
CA VAL P 1273 -84.55 92.97 71.20
C VAL P 1273 -83.17 92.49 71.69
N SER P 1274 -82.63 93.05 72.79
CA SER P 1274 -81.29 92.68 73.32
C SER P 1274 -81.39 91.27 73.92
N LEU P 1275 -81.00 90.24 73.16
CA LEU P 1275 -80.92 88.81 73.62
C LEU P 1275 -79.69 88.60 74.50
N MET P 1276 -78.86 89.64 74.63
CA MET P 1276 -77.81 89.77 75.67
C MET P 1276 -78.38 89.94 77.10
N GLN P 1277 -79.71 90.14 77.29
CA GLN P 1277 -80.40 90.15 78.63
C GLN P 1277 -80.43 88.73 79.25
N HIS P 1278 -80.54 87.69 78.42
CA HIS P 1278 -80.69 86.27 78.84
C HIS P 1278 -79.29 85.72 79.17
N MET P 1279 -78.29 86.06 78.33
CA MET P 1279 -76.87 85.60 78.37
C MET P 1279 -75.99 86.52 79.23
N LYS P 1280 -75.00 85.91 79.90
CA LYS P 1280 -74.10 86.52 80.91
C LYS P 1280 -72.83 87.06 80.21
N LEU P 1281 -72.06 87.92 80.90
CA LEU P 1281 -70.74 88.46 80.46
C LEU P 1281 -69.71 87.33 80.47
N SER P 1282 -68.72 87.44 79.58
CA SER P 1282 -67.76 86.35 79.30
C SER P 1282 -66.90 86.10 80.54
N THR P 1283 -67.05 84.88 81.09
CA THR P 1283 -66.13 84.24 82.08
C THR P 1283 -64.75 84.10 81.44
N SER P 1284 -63.77 84.70 82.11
CA SER P 1284 -62.38 84.93 81.64
C SER P 1284 -61.44 84.29 82.68
N ARG P 1285 -60.25 83.81 82.27
CA ARG P 1285 -59.39 82.91 83.10
C ARG P 1285 -57.96 83.47 83.22
N ASP P 1286 -57.42 83.40 84.44
CA ASP P 1286 -55.99 83.60 84.78
C ASP P 1286 -55.47 82.31 85.44
N PHE P 1287 -54.21 81.98 85.16
CA PHE P 1287 -53.50 80.73 85.57
C PHE P 1287 -52.83 80.93 86.93
N LYS P 1288 -52.33 79.85 87.53
CA LYS P 1288 -51.20 79.91 88.50
C LYS P 1288 -50.21 78.78 88.21
N ILE P 1289 -49.02 78.92 88.80
CA ILE P 1289 -47.99 77.87 89.04
C ILE P 1289 -47.80 77.84 90.57
N LYS P 1290 -47.73 76.64 91.17
CA LYS P 1290 -47.67 76.43 92.66
C LYS P 1290 -46.22 76.13 93.10
N GLY P 1291 -45.99 75.87 94.40
CA GLY P 1291 -44.66 75.64 95.00
C GLY P 1291 -44.19 74.19 94.94
N ASN P 1292 -44.67 73.42 93.96
CA ASN P 1292 -44.28 72.01 93.68
C ASN P 1292 -43.06 71.96 92.75
N ILE P 1293 -42.81 73.01 91.92
CA ILE P 1293 -41.66 73.14 90.94
C ILE P 1293 -40.31 72.97 91.67
N LEU P 1294 -40.24 73.39 92.94
CA LEU P 1294 -39.03 73.44 93.80
C LEU P 1294 -38.67 72.03 94.31
N ASP P 1295 -39.67 71.20 94.63
CA ASP P 1295 -39.53 69.75 94.99
C ASP P 1295 -38.85 68.99 93.84
N MET P 1296 -39.37 69.14 92.61
CA MET P 1296 -39.13 68.20 91.49
C MET P 1296 -37.76 68.52 90.85
N VAL P 1297 -37.51 69.79 90.50
CA VAL P 1297 -36.27 70.27 89.85
C VAL P 1297 -35.16 70.29 90.91
N ASP Q 45 -24.15 0.67 2.39
CA ASP Q 45 -22.86 -0.01 2.77
C ASP Q 45 -22.19 0.74 3.96
N SER Q 46 -22.97 1.32 4.88
CA SER Q 46 -22.52 1.86 6.20
C SER Q 46 -23.34 1.24 7.34
N ILE Q 47 -22.75 1.07 8.55
CA ILE Q 47 -23.47 0.56 9.76
C ILE Q 47 -24.60 1.50 10.13
N PHE Q 48 -24.41 2.81 9.90
CA PHE Q 48 -25.43 3.87 10.10
C PHE Q 48 -26.74 3.47 9.38
N VAL Q 49 -26.74 3.47 8.04
CA VAL Q 49 -27.92 3.19 7.17
C VAL Q 49 -28.49 1.79 7.47
N LYS Q 50 -27.61 0.77 7.63
CA LYS Q 50 -27.98 -0.64 7.96
C LYS Q 50 -28.80 -0.70 9.24
N LEU Q 51 -28.27 -0.11 10.32
CA LEU Q 51 -28.87 -0.19 11.69
C LEU Q 51 -30.12 0.70 11.75
N LEU Q 52 -30.18 1.78 10.95
CA LEU Q 52 -31.44 2.57 10.73
C LEU Q 52 -32.51 1.68 10.10
N LYS Q 53 -32.15 0.93 9.07
CA LYS Q 53 -33.09 0.00 8.40
C LYS Q 53 -33.54 -1.10 9.38
N ILE Q 54 -32.61 -1.66 10.18
CA ILE Q 54 -32.85 -2.67 11.26
C ILE Q 54 -33.86 -2.13 12.26
N SER Q 55 -33.61 -0.93 12.77
CA SER Q 55 -34.41 -0.28 13.85
C SER Q 55 -35.80 0.14 13.34
N GLY Q 56 -36.00 0.25 12.02
CA GLY Q 56 -37.30 0.39 11.35
C GLY Q 56 -37.53 1.78 10.76
N ILE Q 57 -36.53 2.35 10.10
CA ILE Q 57 -36.70 3.58 9.25
C ILE Q 57 -36.09 3.32 7.88
N ILE Q 58 -36.77 3.89 6.90
CA ILE Q 58 -36.39 3.92 5.46
C ILE Q 58 -35.58 5.21 5.28
N LEU Q 59 -34.29 5.08 4.95
CA LEU Q 59 -33.38 6.21 4.63
C LEU Q 59 -33.41 6.43 3.11
N LYS Q 60 -34.04 7.52 2.65
CA LYS Q 60 -34.22 7.79 1.19
C LYS Q 60 -33.00 8.53 0.66
N THR Q 61 -32.92 8.57 -0.67
CA THR Q 61 -31.89 9.31 -1.44
C THR Q 61 -31.74 10.72 -0.88
N GLY Q 62 -32.85 11.44 -0.75
CA GLY Q 62 -32.89 12.87 -0.36
C GLY Q 62 -33.72 13.81 -1.23
N GLU Q 63 -34.71 13.34 -2.01
CA GLU Q 63 -35.51 14.20 -2.95
C GLU Q 63 -36.94 14.46 -2.43
N SER Q 64 -37.45 13.62 -1.52
CA SER Q 64 -38.74 13.80 -0.82
C SER Q 64 -38.62 13.21 0.59
N GLN Q 65 -39.45 13.66 1.54
CA GLN Q 65 -39.43 13.35 3.00
C GLN Q 65 -39.26 11.84 3.24
N ASN Q 66 -38.32 11.45 4.13
CA ASN Q 66 -37.91 10.04 4.41
C ASN Q 66 -39.05 9.31 5.13
N GLN Q 67 -39.33 8.07 4.72
CA GLN Q 67 -40.42 7.24 5.32
C GLN Q 67 -39.90 6.68 6.63
N LEU Q 68 -40.81 6.16 7.45
CA LEU Q 68 -40.52 5.61 8.79
C LEU Q 68 -41.41 4.36 8.95
N ALA Q 69 -40.78 3.19 9.02
CA ALA Q 69 -41.44 1.86 9.01
C ALA Q 69 -42.16 1.59 10.34
N VAL Q 70 -41.67 2.15 11.45
CA VAL Q 70 -42.16 1.87 12.84
C VAL Q 70 -42.55 3.19 13.54
N ASP Q 71 -43.08 3.07 14.76
CA ASP Q 71 -43.33 4.20 15.71
C ASP Q 71 -41.99 4.87 16.05
N GLN Q 72 -42.02 6.18 16.34
CA GLN Q 72 -40.81 6.97 16.67
C GLN Q 72 -40.21 6.44 18.00
N ILE Q 73 -41.05 6.14 19.02
CA ILE Q 73 -40.61 5.63 20.36
C ILE Q 73 -39.97 4.25 20.16
N ALA Q 74 -40.65 3.38 19.41
CA ALA Q 74 -40.21 2.00 19.06
C ALA Q 74 -38.86 2.07 18.37
N PHE Q 75 -38.75 2.91 17.33
CA PHE Q 75 -37.50 3.18 16.58
C PHE Q 75 -36.38 3.51 17.58
N GLN Q 76 -36.61 4.55 18.40
CA GLN Q 76 -35.56 5.14 19.27
C GLN Q 76 -35.09 4.09 20.30
N LYS Q 77 -36.01 3.45 21.00
CA LYS Q 77 -35.66 2.44 22.04
C LYS Q 77 -35.01 1.22 21.39
N LYS Q 78 -35.47 0.80 20.20
CA LYS Q 78 -34.90 -0.37 19.46
C LYS Q 78 -33.47 -0.06 19.02
N LEU Q 79 -33.23 1.11 18.43
CA LEU Q 79 -31.87 1.55 18.01
C LEU Q 79 -30.96 1.60 19.25
N PHE Q 80 -31.46 2.14 20.37
CA PHE Q 80 -30.77 2.21 21.70
C PHE Q 80 -30.31 0.80 22.13
N GLN Q 81 -31.27 -0.12 22.31
CA GLN Q 81 -31.00 -1.47 22.87
C GLN Q 81 -30.20 -2.33 21.87
N THR Q 82 -30.35 -2.10 20.54
CA THR Q 82 -29.54 -2.78 19.48
C THR Q 82 -28.07 -2.34 19.56
N LEU Q 83 -27.80 -1.04 19.77
CA LEU Q 83 -26.41 -0.52 19.97
C LEU Q 83 -25.85 -1.00 21.31
N ARG Q 84 -26.69 -1.14 22.36
CA ARG Q 84 -26.32 -1.69 23.70
C ARG Q 84 -25.77 -3.11 23.56
N ARG Q 85 -26.56 -3.98 22.92
CA ARG Q 85 -26.30 -5.44 22.87
C ARG Q 85 -25.18 -5.78 21.87
N HIS Q 86 -24.83 -4.87 20.93
CA HIS Q 86 -23.72 -5.05 19.93
C HIS Q 86 -22.39 -5.07 20.69
N PRO Q 87 -21.44 -6.00 20.39
CA PRO Q 87 -20.11 -5.97 21.00
C PRO Q 87 -19.33 -4.76 20.47
N SER Q 88 -18.38 -4.26 21.25
CA SER Q 88 -17.81 -2.89 21.09
C SER Q 88 -18.97 -1.87 21.13
N TYR Q 89 -19.75 -1.85 22.22
CA TYR Q 89 -20.94 -0.95 22.45
C TYR Q 89 -20.50 0.51 22.63
N PRO Q 90 -19.47 0.86 23.44
CA PRO Q 90 -18.94 2.24 23.45
C PRO Q 90 -18.24 2.71 22.17
N LYS Q 91 -17.79 1.80 21.28
CA LYS Q 91 -16.99 2.09 20.06
C LYS Q 91 -17.82 2.08 18.77
N ILE Q 92 -18.99 1.42 18.76
CA ILE Q 92 -19.99 1.39 17.64
C ILE Q 92 -20.49 2.82 17.32
N ILE Q 93 -20.59 3.71 18.34
CA ILE Q 93 -21.18 5.08 18.17
C ILE Q 93 -20.20 5.93 17.36
N GLU Q 94 -18.88 5.73 17.50
CA GLU Q 94 -17.82 6.43 16.69
C GLU Q 94 -17.98 6.03 15.22
N GLU Q 95 -18.13 4.74 14.97
CA GLU Q 95 -18.35 4.16 13.60
C GLU Q 95 -19.71 4.65 13.08
N PHE Q 96 -20.73 4.67 13.95
CA PHE Q 96 -22.12 5.13 13.72
C PHE Q 96 -22.12 6.55 13.15
N VAL Q 97 -21.48 7.45 13.89
CA VAL Q 97 -21.41 8.91 13.58
C VAL Q 97 -20.42 9.17 12.42
N SER Q 98 -19.37 8.34 12.23
CA SER Q 98 -18.48 8.35 11.04
C SER Q 98 -19.29 8.04 9.76
N GLY Q 99 -20.10 6.98 9.79
CA GLY Q 99 -21.04 6.60 8.72
C GLY Q 99 -22.04 7.71 8.42
N LEU Q 100 -22.64 8.28 9.47
CA LEU Q 100 -23.61 9.42 9.38
C LEU Q 100 -22.91 10.61 8.71
N GLU Q 101 -21.73 11.01 9.19
CA GLU Q 101 -21.02 12.23 8.72
C GLU Q 101 -20.60 12.05 7.25
N SER Q 102 -20.18 10.85 6.87
CA SER Q 102 -19.83 10.51 5.46
C SER Q 102 -21.09 10.47 4.58
N TYR Q 103 -22.25 10.06 5.13
CA TYR Q 103 -23.56 9.98 4.43
C TYR Q 103 -24.04 11.39 4.08
N ILE Q 104 -24.00 12.28 5.07
CA ILE Q 104 -24.60 13.65 4.99
C ILE Q 104 -23.64 14.62 4.30
N GLU Q 105 -22.59 14.15 3.60
CA GLU Q 105 -21.64 15.01 2.86
C GLU Q 105 -22.30 15.59 1.59
N ASP Q 106 -23.29 14.91 1.01
CA ASP Q 106 -24.17 15.54 -0.02
C ASP Q 106 -25.18 16.44 0.70
N GLU Q 107 -25.45 17.62 0.13
CA GLU Q 107 -26.44 18.64 0.58
C GLU Q 107 -27.83 18.01 0.82
N ASP Q 108 -28.37 17.41 -0.22
CA ASP Q 108 -29.81 17.12 -0.34
C ASP Q 108 -30.19 15.94 0.55
N SER Q 109 -29.35 14.88 0.61
CA SER Q 109 -29.51 13.70 1.51
C SER Q 109 -29.63 14.15 2.96
N PHE Q 110 -28.67 14.99 3.37
CA PHE Q 110 -28.58 15.63 4.70
C PHE Q 110 -29.82 16.49 4.97
N ARG Q 111 -30.23 17.29 3.98
CA ARG Q 111 -31.38 18.22 4.12
C ARG Q 111 -32.67 17.40 4.28
N ASN Q 112 -32.81 16.30 3.56
CA ASN Q 112 -33.97 15.37 3.71
C ASN Q 112 -33.89 14.64 5.06
N CYS Q 113 -32.69 14.35 5.56
CA CYS Q 113 -32.45 13.75 6.90
C CYS Q 113 -32.83 14.75 8.01
N LEU Q 114 -32.75 16.06 7.75
CA LEU Q 114 -33.17 17.13 8.70
C LEU Q 114 -34.68 17.38 8.65
N LEU Q 115 -35.38 17.00 7.57
CA LEU Q 115 -36.80 17.34 7.33
C LEU Q 115 -37.71 16.34 8.03
N SER Q 116 -38.97 16.74 8.18
CA SER Q 116 -40.08 15.95 8.80
C SER Q 116 -40.12 14.55 8.17
N CYS Q 117 -40.20 13.51 9.00
CA CYS Q 117 -40.35 12.10 8.57
C CYS Q 117 -41.77 11.88 8.02
N GLU Q 118 -41.90 11.01 7.01
CA GLU Q 118 -43.20 10.49 6.51
C GLU Q 118 -43.65 9.34 7.44
N ARG Q 119 -44.84 9.48 8.04
CA ARG Q 119 -45.44 8.50 9.00
C ARG Q 119 -46.54 7.71 8.25
N LEU Q 120 -46.34 6.40 8.09
CA LEU Q 120 -47.18 5.52 7.21
C LEU Q 120 -48.55 5.28 7.86
N GLN Q 121 -48.61 5.03 9.17
CA GLN Q 121 -49.84 4.87 10.01
C GLN Q 121 -50.30 6.26 10.51
N SER Q 130 -49.75 11.59 10.12
CA SER Q 130 -48.97 11.20 8.91
C SER Q 130 -47.67 12.00 8.70
N TYR Q 131 -47.38 13.07 9.48
CA TYR Q 131 -46.03 13.69 9.64
C TYR Q 131 -45.51 13.49 11.08
N SER Q 132 -44.21 13.65 11.24
CA SER Q 132 -43.44 13.32 12.46
C SER Q 132 -42.19 14.22 12.52
N LYS Q 133 -41.35 14.03 13.54
CA LYS Q 133 -40.06 14.76 13.65
C LYS Q 133 -39.02 14.16 12.71
N SER Q 134 -37.93 14.89 12.51
CA SER Q 134 -36.79 14.53 11.60
C SER Q 134 -36.00 13.36 12.16
N LEU Q 135 -35.21 12.75 11.27
CA LEU Q 135 -34.32 11.60 11.59
C LEU Q 135 -33.21 12.06 12.54
N ILE Q 136 -32.62 13.22 12.29
CA ILE Q 136 -31.59 13.81 13.20
C ILE Q 136 -32.27 14.16 14.53
N LYS Q 137 -33.51 14.68 14.52
CA LYS Q 137 -34.29 14.98 15.75
C LYS Q 137 -34.53 13.70 16.56
N LEU Q 138 -34.92 12.62 15.91
CA LEU Q 138 -35.23 11.34 16.60
C LEU Q 138 -33.94 10.69 17.13
N LEU Q 139 -32.83 10.80 16.38
CA LEU Q 139 -31.44 10.46 16.83
C LEU Q 139 -31.04 11.26 18.07
N LEU Q 140 -31.41 12.53 18.07
CA LEU Q 140 -31.04 13.52 19.13
C LEU Q 140 -31.80 13.18 20.41
N GLY Q 141 -33.03 12.65 20.29
CA GLY Q 141 -33.80 12.02 21.38
C GLY Q 141 -33.01 10.92 22.06
N ILE Q 142 -32.04 10.30 21.36
CA ILE Q 142 -31.07 9.30 21.92
C ILE Q 142 -29.85 10.03 22.48
N ASP Q 143 -29.56 9.79 23.76
CA ASP Q 143 -28.67 10.62 24.62
C ASP Q 143 -27.20 10.29 24.39
N ILE Q 144 -26.87 9.03 24.07
CA ILE Q 144 -25.47 8.52 23.94
C ILE Q 144 -24.84 9.04 22.63
N LEU Q 145 -25.64 9.15 21.58
CA LEU Q 145 -25.26 9.74 20.27
C LEU Q 145 -25.21 11.26 20.43
N GLN Q 146 -26.14 11.82 21.22
CA GLN Q 146 -26.44 13.27 21.37
C GLN Q 146 -25.17 14.13 21.37
N PRO Q 147 -24.17 13.92 22.24
CA PRO Q 147 -23.06 14.89 22.38
C PRO Q 147 -22.18 14.92 21.13
N ALA Q 148 -21.88 13.72 20.64
CA ALA Q 148 -21.28 13.46 19.32
C ALA Q 148 -22.09 14.16 18.22
N ILE Q 149 -23.43 14.08 18.23
CA ILE Q 149 -24.26 14.71 17.14
C ILE Q 149 -24.09 16.23 17.25
N ILE Q 150 -24.12 16.76 18.47
CA ILE Q 150 -23.90 18.21 18.72
C ILE Q 150 -22.56 18.57 18.09
N LYS Q 151 -21.52 17.84 18.48
CA LYS Q 151 -20.13 18.09 18.02
C LYS Q 151 -20.15 18.23 16.51
N THR Q 152 -20.63 17.19 15.82
CA THR Q 152 -20.75 17.19 14.34
C THR Q 152 -21.61 18.36 13.91
N LEU Q 153 -22.76 18.56 14.54
CA LEU Q 153 -23.75 19.54 14.04
C LEU Q 153 -23.07 20.93 13.98
N PHE Q 154 -22.25 21.22 14.98
CA PHE Q 154 -21.57 22.51 15.18
C PHE Q 154 -20.33 22.63 14.31
N GLU Q 155 -19.74 21.49 13.96
CA GLU Q 155 -18.44 21.47 13.26
C GLU Q 155 -18.63 21.98 11.84
N LYS Q 156 -19.60 21.41 11.12
CA LYS Q 156 -19.80 21.59 9.67
C LYS Q 156 -20.53 22.89 9.32
N LEU Q 157 -21.27 23.50 10.24
CA LEU Q 157 -22.33 24.47 9.86
C LEU Q 157 -21.74 25.72 9.18
N PRO Q 158 -20.53 26.20 9.52
CA PRO Q 158 -19.91 27.30 8.78
C PRO Q 158 -19.69 27.13 7.26
N GLU Q 159 -19.88 25.92 6.73
CA GLU Q 159 -19.99 25.64 5.27
C GLU Q 159 -21.18 26.39 4.68
N TYR Q 160 -22.25 26.62 5.46
CA TYR Q 160 -23.58 27.13 5.00
C TYR Q 160 -23.79 28.61 5.36
N PHE Q 161 -22.69 29.34 5.57
CA PHE Q 161 -22.68 30.81 5.78
C PHE Q 161 -23.30 31.51 4.56
N PHE Q 162 -22.87 31.13 3.34
CA PHE Q 162 -23.02 31.89 2.08
C PHE Q 162 -23.98 31.17 1.12
N GLU Q 163 -24.13 29.85 1.27
CA GLU Q 163 -25.30 29.04 0.77
C GLU Q 163 -26.39 29.04 1.84
N ASN Q 164 -27.05 30.19 1.94
CA ASN Q 164 -28.42 30.40 2.46
C ASN Q 164 -29.34 30.54 1.24
N LYS Q 165 -30.61 30.12 1.35
CA LYS Q 165 -31.67 30.20 0.30
C LYS Q 165 -31.23 29.40 -0.95
N ASN Q 166 -31.19 28.08 -0.80
CA ASN Q 166 -30.72 27.12 -1.86
C ASN Q 166 -31.75 27.07 -2.99
N SER Q 167 -32.78 26.23 -2.84
CA SER Q 167 -33.62 25.65 -3.93
C SER Q 167 -35.08 26.05 -3.73
N ASP Q 168 -35.66 25.72 -2.56
CA ASP Q 168 -37.01 26.14 -2.10
C ASP Q 168 -36.88 27.33 -1.11
N GLU Q 169 -35.82 28.15 -1.22
CA GLU Q 169 -35.51 29.33 -0.37
C GLU Q 169 -35.71 28.96 1.13
N ILE Q 170 -34.95 27.95 1.59
CA ILE Q 170 -34.91 27.41 3.00
C ILE Q 170 -33.47 27.54 3.52
N ASN Q 171 -33.29 28.03 4.76
CA ASN Q 171 -31.97 28.31 5.37
C ASN Q 171 -31.56 27.10 6.20
N ILE Q 172 -30.60 26.33 5.68
CA ILE Q 172 -30.07 25.09 6.30
C ILE Q 172 -29.48 25.43 7.68
N PRO Q 173 -28.86 26.62 7.89
CA PRO Q 173 -28.55 27.08 9.24
C PRO Q 173 -29.73 27.15 10.22
N ARG Q 174 -30.87 27.68 9.76
CA ARG Q 174 -32.09 27.76 10.60
C ARG Q 174 -32.63 26.35 10.80
N LEU Q 175 -32.54 25.50 9.78
CA LEU Q 175 -32.96 24.07 9.87
C LEU Q 175 -32.18 23.39 10.98
N ILE Q 176 -30.86 23.49 10.91
CA ILE Q 176 -29.93 22.75 11.82
C ILE Q 176 -30.06 23.30 13.25
N VAL Q 177 -30.38 24.59 13.43
CA VAL Q 177 -30.63 25.19 14.77
C VAL Q 177 -32.00 24.76 15.29
N SER Q 178 -32.99 24.67 14.39
CA SER Q 178 -34.37 24.25 14.72
C SER Q 178 -34.41 22.75 15.01
N GLN Q 179 -33.32 22.01 14.77
CA GLN Q 179 -33.13 20.64 15.29
C GLN Q 179 -32.92 20.66 16.82
N LEU Q 180 -32.56 21.79 17.42
CA LEU Q 180 -32.25 21.88 18.86
C LEU Q 180 -33.37 22.52 19.66
N LYS Q 181 -34.43 23.00 19.01
CA LYS Q 181 -35.51 23.74 19.71
C LYS Q 181 -36.42 22.75 20.44
N TRP Q 182 -36.90 23.13 21.64
CA TRP Q 182 -37.78 22.35 22.55
C TRP Q 182 -37.22 20.94 22.82
N LEU Q 183 -35.92 20.76 23.07
CA LEU Q 183 -35.34 19.40 23.35
C LEU Q 183 -35.70 18.97 24.76
N ASP Q 184 -36.22 17.75 24.92
CA ASP Q 184 -36.94 17.28 26.14
C ASP Q 184 -35.91 16.73 27.14
N ARG Q 185 -34.73 16.31 26.65
CA ARG Q 185 -33.52 16.13 27.46
C ARG Q 185 -32.30 16.79 26.80
N VAL Q 186 -31.46 17.38 27.66
CA VAL Q 186 -30.11 17.91 27.33
C VAL Q 186 -29.10 17.26 28.30
N VAL Q 187 -28.09 16.59 27.75
CA VAL Q 187 -27.07 15.82 28.53
C VAL Q 187 -26.04 16.80 29.09
N ASP Q 188 -25.45 17.63 28.22
CA ASP Q 188 -24.45 18.66 28.59
C ASP Q 188 -24.91 20.00 28.01
N GLY Q 189 -25.17 20.95 28.90
CA GLY Q 189 -25.28 22.38 28.57
C GLY Q 189 -23.93 22.93 28.18
N LYS Q 190 -22.89 22.76 29.01
CA LYS Q 190 -21.65 23.60 28.99
C LYS Q 190 -20.87 23.39 27.68
N ASP Q 191 -20.73 22.14 27.24
CA ASP Q 191 -20.18 21.75 25.90
C ASP Q 191 -20.90 22.55 24.82
N LEU Q 192 -22.21 22.33 24.80
CA LEU Q 192 -23.24 22.93 23.92
C LEU Q 192 -23.04 24.46 23.92
N THR Q 193 -22.92 25.06 25.11
CA THR Q 193 -22.69 26.51 25.33
C THR Q 193 -21.40 26.96 24.65
N THR Q 194 -20.28 26.44 25.10
CA THR Q 194 -18.95 26.95 24.70
C THR Q 194 -18.85 26.84 23.19
N LYS Q 195 -19.39 25.78 22.61
CA LYS Q 195 -19.38 25.64 21.13
C LYS Q 195 -20.36 26.66 20.53
N ILE Q 196 -21.55 26.83 21.11
CA ILE Q 196 -22.56 27.76 20.54
C ILE Q 196 -21.95 29.18 20.61
N MET Q 197 -21.25 29.50 21.69
CA MET Q 197 -20.65 30.85 21.91
C MET Q 197 -19.51 31.09 20.93
N GLN Q 198 -18.60 30.12 20.73
CA GLN Q 198 -17.46 30.24 19.77
C GLN Q 198 -18.05 30.45 18.36
N LEU Q 199 -19.15 29.77 18.04
CA LEU Q 199 -19.85 29.87 16.73
C LEU Q 199 -20.32 31.31 16.56
N ILE Q 200 -20.99 31.77 17.61
CA ILE Q 200 -21.54 33.13 17.72
C ILE Q 200 -20.42 34.15 17.51
N SER Q 201 -19.25 33.90 18.11
CA SER Q 201 -18.06 34.79 18.09
C SER Q 201 -17.68 35.12 16.64
N ILE Q 202 -17.61 34.10 15.80
CA ILE Q 202 -17.05 34.21 14.43
C ILE Q 202 -18.15 34.57 13.44
N ALA Q 203 -19.37 34.02 13.55
CA ALA Q 203 -20.37 33.91 12.46
C ALA Q 203 -20.84 35.30 12.00
N PRO Q 204 -21.13 35.54 10.69
CA PRO Q 204 -21.82 36.76 10.26
C PRO Q 204 -23.25 36.94 10.81
N GLU Q 205 -23.78 38.14 10.58
CA GLU Q 205 -24.62 38.91 11.55
C GLU Q 205 -25.98 38.24 11.73
N ASN Q 206 -26.68 37.96 10.64
CA ASN Q 206 -28.11 37.56 10.70
C ASN Q 206 -28.16 36.15 11.29
N LEU Q 207 -27.15 35.33 10.98
CA LEU Q 207 -27.06 33.91 11.42
C LEU Q 207 -27.11 33.87 12.93
N GLN Q 208 -26.12 34.51 13.54
CA GLN Q 208 -25.94 34.61 15.00
C GLN Q 208 -27.10 35.39 15.62
N HIS Q 209 -27.56 36.42 14.94
CA HIS Q 209 -28.72 37.22 15.37
C HIS Q 209 -29.86 36.22 15.57
N ASP Q 210 -30.03 35.30 14.62
CA ASP Q 210 -31.13 34.32 14.68
C ASP Q 210 -30.88 33.34 15.81
N ILE Q 211 -29.64 32.93 16.02
CA ILE Q 211 -29.30 31.94 17.09
C ILE Q 211 -29.68 32.56 18.42
N ILE Q 212 -29.22 33.80 18.62
CA ILE Q 212 -29.54 34.68 19.77
C ILE Q 212 -31.05 34.57 19.98
N THR Q 213 -31.81 34.93 18.95
CA THR Q 213 -33.29 35.04 18.99
C THR Q 213 -33.89 33.68 19.40
N SER Q 214 -33.25 32.57 19.02
CA SER Q 214 -33.74 31.19 19.23
C SER Q 214 -33.18 30.60 20.53
N LEU Q 215 -32.29 31.31 21.21
CA LEU Q 215 -31.61 30.75 22.42
C LEU Q 215 -32.63 30.41 23.50
N PRO Q 216 -33.70 31.20 23.75
CA PRO Q 216 -34.70 30.83 24.74
C PRO Q 216 -35.39 29.46 24.55
N GLU Q 217 -35.64 29.01 23.31
CA GLU Q 217 -36.24 27.67 23.05
C GLU Q 217 -35.20 26.57 23.31
N ILE Q 218 -33.93 26.88 23.05
CA ILE Q 218 -32.79 25.92 23.05
C ILE Q 218 -32.43 25.58 24.51
N LEU Q 219 -32.07 26.58 25.33
CA LEU Q 219 -31.31 26.37 26.59
C LEU Q 219 -32.22 25.76 27.66
N GLY Q 220 -31.66 24.87 28.48
CA GLY Q 220 -32.30 24.31 29.68
C GLY Q 220 -32.10 25.21 30.89
N ASP Q 221 -32.74 24.90 32.01
CA ASP Q 221 -32.94 25.88 33.11
C ASP Q 221 -31.67 26.07 33.95
N SER Q 222 -30.81 25.05 34.03
CA SER Q 222 -29.52 25.08 34.78
C SER Q 222 -28.56 26.16 34.24
N GLN Q 223 -28.70 26.52 32.95
CA GLN Q 223 -27.67 27.20 32.12
C GLN Q 223 -28.19 28.52 31.57
N HIS Q 224 -29.11 29.15 32.30
CA HIS Q 224 -29.62 30.49 31.93
C HIS Q 224 -28.54 31.52 32.27
N ALA Q 225 -28.23 31.63 33.58
CA ALA Q 225 -27.41 32.68 34.24
C ALA Q 225 -25.99 32.75 33.63
N ASP Q 226 -25.38 31.58 33.49
CA ASP Q 226 -24.14 31.27 32.72
C ASP Q 226 -24.11 32.11 31.45
N VAL Q 227 -25.12 31.88 30.64
CA VAL Q 227 -25.23 32.44 29.27
C VAL Q 227 -25.35 33.95 29.42
N GLY Q 228 -26.19 34.36 30.36
CA GLY Q 228 -26.34 35.75 30.82
C GLY Q 228 -25.03 36.50 30.87
N LYS Q 229 -24.07 36.00 31.67
CA LYS Q 229 -22.76 36.68 31.95
C LYS Q 229 -21.96 36.88 30.65
N GLU Q 230 -21.92 35.80 29.87
CA GLU Q 230 -21.12 35.71 28.65
C GLU Q 230 -21.82 36.49 27.54
N LEU Q 231 -23.13 36.68 27.61
CA LEU Q 231 -23.82 37.63 26.72
C LEU Q 231 -23.47 39.06 27.08
N SER Q 232 -23.33 39.41 28.36
CA SER Q 232 -22.87 40.76 28.79
C SER Q 232 -21.43 40.96 28.33
N ASP Q 233 -20.67 39.87 28.37
CA ASP Q 233 -19.32 39.74 27.75
C ASP Q 233 -19.38 40.14 26.27
N LEU Q 234 -20.34 39.61 25.51
CA LEU Q 234 -20.51 39.91 24.06
C LEU Q 234 -20.99 41.33 23.86
N LEU Q 235 -21.72 41.85 24.85
CA LEU Q 235 -22.36 43.16 24.69
C LEU Q 235 -21.31 44.26 24.58
N ILE Q 236 -20.36 44.29 25.52
CA ILE Q 236 -19.25 45.31 25.53
C ILE Q 236 -18.36 45.08 24.31
N GLU Q 237 -18.29 43.83 23.86
CA GLU Q 237 -17.36 43.33 22.81
C GLU Q 237 -17.91 43.69 21.43
N ASN Q 238 -19.23 43.69 21.22
CA ASN Q 238 -19.83 44.23 19.97
C ASN Q 238 -21.10 44.99 20.26
N THR Q 239 -21.19 46.18 19.67
CA THR Q 239 -22.32 47.16 19.76
C THR Q 239 -23.47 46.70 18.85
N SER Q 240 -23.19 46.39 17.56
CA SER Q 240 -24.19 46.17 16.46
C SER Q 240 -25.37 45.29 16.95
N LEU Q 241 -25.01 44.28 17.73
CA LEU Q 241 -25.87 43.25 18.32
C LEU Q 241 -26.18 43.67 19.75
N THR Q 242 -26.74 44.85 19.92
CA THR Q 242 -27.18 45.31 21.26
C THR Q 242 -28.63 44.82 21.44
N VAL Q 243 -29.39 44.97 20.37
CA VAL Q 243 -30.87 44.87 20.35
C VAL Q 243 -31.29 43.43 20.67
N PRO Q 244 -30.70 42.42 20.02
CA PRO Q 244 -31.28 41.11 20.08
C PRO Q 244 -30.85 40.54 21.43
N ILE Q 245 -29.63 40.84 21.86
CA ILE Q 245 -29.10 40.55 23.21
C ILE Q 245 -30.12 41.00 24.22
N LEU Q 246 -30.49 42.25 24.11
CA LEU Q 246 -31.39 42.84 25.10
C LEU Q 246 -32.68 42.04 25.13
N ASP Q 247 -33.30 41.90 23.96
CA ASP Q 247 -34.53 41.12 23.74
C ASP Q 247 -34.34 39.76 24.41
N VAL Q 248 -33.18 39.15 24.22
CA VAL Q 248 -32.87 37.79 24.73
C VAL Q 248 -32.91 37.82 26.24
N LEU Q 249 -32.15 38.74 26.83
CA LEU Q 249 -31.93 38.81 28.30
C LEU Q 249 -33.31 38.91 28.97
N SER Q 250 -34.20 39.67 28.34
CA SER Q 250 -35.59 39.94 28.81
C SER Q 250 -36.54 38.75 28.56
N SER Q 251 -36.22 37.87 27.61
CA SER Q 251 -36.91 36.58 27.35
C SER Q 251 -36.10 35.40 27.91
N LEU Q 252 -35.10 35.61 28.79
CA LEU Q 252 -34.40 34.50 29.52
C LEU Q 252 -35.15 34.14 30.81
N ARG Q 253 -34.54 33.41 31.77
CA ARG Q 253 -34.91 33.36 33.21
C ARG Q 253 -33.65 33.70 34.04
N LEU Q 254 -33.63 34.84 34.74
CA LEU Q 254 -32.39 35.39 35.38
C LEU Q 254 -32.72 35.93 36.80
N ASP Q 255 -31.74 36.58 37.46
CA ASP Q 255 -31.85 37.27 38.76
C ASP Q 255 -31.76 38.79 38.55
N PRO Q 256 -32.66 39.57 39.18
CA PRO Q 256 -32.88 40.97 38.80
C PRO Q 256 -31.70 41.94 38.99
N ASN Q 257 -30.90 41.68 40.03
CA ASN Q 257 -29.58 42.27 40.40
C ASN Q 257 -28.63 42.33 39.20
N PHE Q 258 -28.46 41.19 38.55
CA PHE Q 258 -27.67 41.04 37.30
C PHE Q 258 -28.23 42.00 36.25
N LEU Q 259 -29.55 42.07 36.15
CA LEU Q 259 -30.23 42.92 35.15
C LEU Q 259 -29.99 44.41 35.43
N LEU Q 260 -29.93 44.81 36.69
CA LEU Q 260 -29.51 46.18 37.11
C LEU Q 260 -28.10 46.46 36.57
N LYS Q 261 -27.19 45.55 36.89
CA LYS Q 261 -25.76 45.62 36.47
C LYS Q 261 -25.74 45.90 34.96
N VAL Q 262 -26.21 44.96 34.11
CA VAL Q 262 -26.19 45.05 32.61
C VAL Q 262 -26.85 46.34 32.15
N ARG Q 263 -27.91 46.79 32.82
CA ARG Q 263 -28.66 48.03 32.45
C ARG Q 263 -27.75 49.25 32.62
N GLN Q 264 -26.93 49.29 33.67
CA GLN Q 264 -25.90 50.33 33.87
C GLN Q 264 -24.86 50.18 32.76
N LEU Q 265 -24.52 48.93 32.44
CA LEU Q 265 -23.55 48.54 31.39
C LEU Q 265 -24.13 48.77 30.00
N VAL Q 266 -25.43 49.01 29.88
CA VAL Q 266 -26.02 49.71 28.70
C VAL Q 266 -25.57 51.15 28.77
N MET Q 267 -25.92 51.74 29.91
CA MET Q 267 -26.10 53.20 30.07
C MET Q 267 -24.77 53.93 29.85
N ASP Q 268 -23.68 53.38 30.38
CA ASP Q 268 -22.28 53.88 30.26
C ASP Q 268 -21.82 54.02 28.78
N LYS Q 269 -22.22 53.10 27.87
CA LYS Q 269 -21.78 53.03 26.45
C LYS Q 269 -22.88 53.57 25.53
N LEU Q 270 -23.80 54.38 26.07
CA LEU Q 270 -25.01 54.72 25.31
C LEU Q 270 -24.70 55.85 24.32
N SER Q 271 -23.61 56.61 24.49
CA SER Q 271 -23.06 57.55 23.47
C SER Q 271 -22.57 56.81 22.22
N SER Q 272 -22.04 55.60 22.39
CA SER Q 272 -21.43 54.77 21.31
C SER Q 272 -22.47 54.11 20.39
N ILE Q 273 -23.78 54.17 20.70
CA ILE Q 273 -24.89 53.36 20.08
C ILE Q 273 -25.48 54.15 18.89
N ARG Q 274 -25.60 53.59 17.67
CA ARG Q 274 -26.28 54.27 16.52
C ARG Q 274 -27.79 54.34 16.78
N LEU Q 275 -28.43 55.42 16.32
CA LEU Q 275 -29.68 55.98 16.91
C LEU Q 275 -30.87 55.03 16.74
N GLU Q 276 -30.73 54.20 15.72
CA GLU Q 276 -31.77 53.35 15.09
C GLU Q 276 -32.23 52.42 16.22
N ASP Q 277 -31.27 52.00 17.04
CA ASP Q 277 -31.39 50.97 18.10
C ASP Q 277 -31.88 51.61 19.40
N LEU Q 278 -31.73 52.92 19.59
CA LEU Q 278 -32.04 53.60 20.87
C LEU Q 278 -33.46 53.35 21.36
N PRO Q 279 -34.47 53.29 20.49
CA PRO Q 279 -35.85 53.33 20.97
C PRO Q 279 -36.12 52.12 21.85
N VAL Q 280 -35.88 50.95 21.26
CA VAL Q 280 -36.05 49.62 21.90
C VAL Q 280 -35.09 49.47 23.09
N ILE Q 281 -33.91 50.13 23.02
CA ILE Q 281 -32.95 50.27 24.14
C ILE Q 281 -33.71 50.93 25.29
N ILE Q 282 -34.25 52.10 25.02
CA ILE Q 282 -34.80 53.00 26.06
C ILE Q 282 -36.14 52.45 26.49
N LYS Q 283 -36.88 51.81 25.58
CA LYS Q 283 -38.05 50.98 25.95
C LYS Q 283 -37.62 49.96 27.01
N PHE Q 284 -36.51 49.24 26.77
CA PHE Q 284 -35.95 48.24 27.73
C PHE Q 284 -35.64 48.90 29.08
N ILE Q 285 -35.02 50.10 29.07
CA ILE Q 285 -34.63 50.85 30.30
C ILE Q 285 -35.89 51.14 31.10
N LEU Q 286 -37.00 51.44 30.42
CA LEU Q 286 -38.25 51.94 31.03
C LEU Q 286 -39.25 50.78 31.23
N HIS Q 287 -38.83 49.53 31.02
CA HIS Q 287 -39.54 48.32 31.53
C HIS Q 287 -38.71 47.66 32.61
N SER Q 288 -37.38 47.78 32.53
CA SER Q 288 -36.47 47.45 33.65
C SER Q 288 -36.56 48.50 34.74
N VAL Q 289 -37.15 49.68 34.49
CA VAL Q 289 -37.28 50.72 35.55
C VAL Q 289 -38.32 50.19 36.55
N THR Q 290 -37.98 50.34 37.84
CA THR Q 290 -38.86 50.11 38.99
C THR Q 290 -39.52 51.44 39.32
N ALA Q 291 -40.38 51.45 40.34
CA ALA Q 291 -40.86 52.68 41.03
C ALA Q 291 -39.69 53.36 41.78
N MET Q 292 -38.68 52.58 42.21
CA MET Q 292 -37.61 52.96 43.18
C MET Q 292 -36.32 53.34 42.42
N ASP Q 293 -36.11 52.72 41.26
CA ASP Q 293 -34.99 53.00 40.34
C ASP Q 293 -35.40 54.12 39.38
N THR Q 294 -36.31 54.99 39.81
CA THR Q 294 -36.91 55.97 38.91
C THR Q 294 -35.89 57.07 38.68
N LEU Q 295 -35.62 57.92 39.67
CA LEU Q 295 -34.82 59.18 39.49
C LEU Q 295 -33.40 58.81 39.11
N GLU Q 296 -32.85 57.79 39.78
CA GLU Q 296 -31.53 57.17 39.47
C GLU Q 296 -31.34 57.16 37.94
N VAL Q 297 -32.06 56.27 37.25
CA VAL Q 297 -31.93 56.05 35.78
C VAL Q 297 -32.30 57.35 35.06
N ILE Q 298 -33.29 58.06 35.57
CA ILE Q 298 -33.88 59.24 34.88
C ILE Q 298 -32.86 60.38 34.93
N SER Q 299 -32.26 60.64 36.08
CA SER Q 299 -31.20 61.66 36.25
C SER Q 299 -30.02 61.31 35.34
N GLU Q 300 -29.56 60.06 35.43
CA GLU Q 300 -28.49 59.48 34.58
C GLU Q 300 -28.90 59.56 33.10
N LEU Q 301 -30.13 59.14 32.83
CA LEU Q 301 -30.72 59.11 31.47
C LEU Q 301 -30.73 60.54 30.97
N ARG Q 302 -31.28 61.43 31.82
CA ARG Q 302 -31.51 62.86 31.53
C ARG Q 302 -30.15 63.55 31.28
N GLU Q 303 -29.09 63.09 31.95
CA GLU Q 303 -27.74 63.63 31.74
C GLU Q 303 -27.18 63.17 30.41
N LYS Q 304 -27.08 61.85 30.27
CA LYS Q 304 -26.23 61.20 29.25
C LYS Q 304 -26.79 61.45 27.86
N LEU Q 305 -28.11 61.36 27.76
CA LEU Q 305 -28.82 61.77 26.53
C LEU Q 305 -28.34 63.18 26.16
N ASP Q 306 -28.33 63.42 24.86
CA ASP Q 306 -27.69 64.61 24.27
C ASP Q 306 -28.72 65.29 23.39
N LEU Q 307 -29.04 64.64 22.26
CA LEU Q 307 -29.99 65.08 21.20
C LEU Q 307 -29.53 66.34 20.46
N GLN Q 308 -28.42 66.96 20.87
CA GLN Q 308 -27.61 67.90 20.05
C GLN Q 308 -26.73 67.06 19.12
N HIS Q 309 -26.29 65.90 19.61
CA HIS Q 309 -25.14 65.12 19.10
C HIS Q 309 -25.52 64.45 17.75
N CYS Q 310 -26.71 63.83 17.67
CA CYS Q 310 -27.24 62.91 16.60
C CYS Q 310 -27.22 63.50 15.16
N VAL Q 311 -27.38 64.82 15.03
CA VAL Q 311 -27.53 65.55 13.74
C VAL Q 311 -26.19 66.24 13.47
N SER Q 337 -30.47 63.23 7.89
CA SER Q 337 -31.83 63.03 7.30
C SER Q 337 -32.53 61.76 7.85
N SER Q 338 -31.78 60.67 8.06
CA SER Q 338 -32.24 59.47 8.82
C SER Q 338 -32.25 59.78 10.34
N GLY Q 339 -31.26 60.56 10.84
CA GLY Q 339 -31.14 61.06 12.22
C GLY Q 339 -32.43 61.68 12.75
N GLN Q 340 -32.92 62.73 12.06
CA GLN Q 340 -34.15 63.49 12.39
C GLN Q 340 -35.36 62.53 12.50
N SER Q 341 -35.53 61.62 11.53
CA SER Q 341 -36.68 60.68 11.45
C SER Q 341 -36.69 59.78 12.68
N CYS Q 342 -35.56 59.17 13.02
CA CYS Q 342 -35.49 58.27 14.21
C CYS Q 342 -35.52 59.08 15.51
N ILE Q 343 -35.06 60.35 15.53
CA ILE Q 343 -35.21 61.27 16.71
C ILE Q 343 -36.70 61.38 16.99
N ILE Q 344 -37.46 61.65 15.93
CA ILE Q 344 -38.95 61.80 15.98
C ILE Q 344 -39.52 60.49 16.53
N LEU Q 345 -39.04 59.37 16.02
CA LEU Q 345 -39.54 58.02 16.35
C LEU Q 345 -39.13 57.67 17.78
N LEU Q 346 -37.96 58.11 18.21
CA LEU Q 346 -37.54 58.03 19.64
C LEU Q 346 -38.56 58.75 20.50
N PHE Q 347 -38.94 59.97 20.11
CA PHE Q 347 -39.89 60.83 20.87
C PHE Q 347 -41.27 60.18 20.92
N ASP Q 348 -41.68 59.56 19.81
CA ASP Q 348 -42.92 58.73 19.76
C ASP Q 348 -42.82 57.65 20.85
N VAL Q 349 -41.70 56.96 20.87
CA VAL Q 349 -41.46 55.85 21.82
C VAL Q 349 -41.41 56.42 23.24
N ILE Q 350 -40.79 57.58 23.47
CA ILE Q 350 -40.72 58.17 24.84
C ILE Q 350 -42.12 58.63 25.22
N LYS Q 351 -42.83 59.25 24.28
CA LYS Q 351 -44.25 59.67 24.48
C LYS Q 351 -45.00 58.45 25.04
N SER Q 352 -44.95 57.31 24.33
CA SER Q 352 -45.66 56.04 24.68
C SER Q 352 -45.21 55.53 26.05
N ALA Q 353 -43.93 55.59 26.37
CA ALA Q 353 -43.41 55.28 27.72
C ALA Q 353 -44.17 56.15 28.73
N ILE Q 354 -43.93 57.46 28.69
CA ILE Q 354 -44.28 58.43 29.78
C ILE Q 354 -45.79 58.69 29.77
N ARG Q 355 -46.40 58.64 28.57
CA ARG Q 355 -47.87 58.58 28.32
C ARG Q 355 -48.45 57.56 29.28
N TYR Q 356 -47.73 56.45 29.37
CA TYR Q 356 -48.25 55.11 29.68
C TYR Q 356 -47.82 54.65 31.08
N GLU Q 357 -46.97 55.39 31.81
CA GLU Q 357 -46.81 55.20 33.30
C GLU Q 357 -46.50 56.54 34.01
N LYS Q 358 -47.49 57.02 34.78
CA LYS Q 358 -47.51 58.21 35.71
C LYS Q 358 -46.32 58.19 36.69
N THR Q 359 -45.92 56.98 37.09
CA THR Q 359 -44.64 56.67 37.76
C THR Q 359 -43.55 57.59 37.21
N ILE Q 360 -43.36 57.61 35.87
CA ILE Q 360 -42.26 58.34 35.16
C ILE Q 360 -42.59 59.82 35.22
N SER Q 361 -43.80 60.19 34.80
CA SER Q 361 -44.24 61.60 34.64
C SER Q 361 -43.96 62.34 35.96
N GLU Q 362 -44.52 61.85 37.07
CA GLU Q 362 -44.38 62.48 38.41
C GLU Q 362 -42.89 62.66 38.72
N ALA Q 363 -42.18 61.55 38.72
CA ALA Q 363 -40.76 61.49 39.10
C ALA Q 363 -39.93 62.27 38.08
N TRP Q 364 -40.31 62.24 36.79
CA TRP Q 364 -39.60 62.95 35.69
C TRP Q 364 -39.52 64.44 36.06
N ILE Q 365 -40.69 64.99 36.38
CA ILE Q 365 -40.89 66.40 36.78
C ILE Q 365 -40.08 66.67 38.04
N LYS Q 366 -40.27 65.83 39.06
CA LYS Q 366 -39.63 65.97 40.39
C LYS Q 366 -38.11 65.94 40.21
N ALA Q 367 -37.66 65.36 39.09
CA ALA Q 367 -36.27 65.39 38.63
C ALA Q 367 -35.94 66.63 37.78
N ILE Q 368 -36.89 67.41 37.24
CA ILE Q 368 -36.59 68.67 36.47
C ILE Q 368 -36.69 69.88 37.41
N GLU Q 369 -37.68 69.91 38.30
CA GLU Q 369 -37.75 70.90 39.40
C GLU Q 369 -36.49 70.82 40.28
N ASN Q 370 -35.91 69.64 40.51
CA ASN Q 370 -34.69 69.46 41.37
C ASN Q 370 -33.46 69.94 40.56
N THR Q 371 -33.65 70.26 39.26
CA THR Q 371 -32.78 71.07 38.35
C THR Q 371 -33.38 72.47 38.10
N ALA Q 372 -33.72 73.19 39.17
CA ALA Q 372 -33.92 74.68 39.20
C ALA Q 372 -32.63 75.38 39.65
N SER Q 373 -31.71 74.60 40.25
CA SER Q 373 -30.39 75.03 40.79
C SER Q 373 -29.59 75.67 39.64
N VAL Q 374 -29.21 74.83 38.68
CA VAL Q 374 -28.38 75.16 37.49
C VAL Q 374 -29.22 76.05 36.57
N SER Q 375 -28.66 77.14 36.07
CA SER Q 375 -29.17 77.86 34.87
C SER Q 375 -29.06 76.94 33.64
N GLU Q 376 -28.06 76.06 33.62
CA GLU Q 376 -27.73 75.06 32.56
C GLU Q 376 -28.52 73.73 32.73
N HIS Q 377 -29.82 73.76 32.42
CA HIS Q 377 -30.70 72.59 32.05
C HIS Q 377 -31.23 72.79 30.63
N LYS Q 378 -31.37 71.70 29.89
CA LYS Q 378 -31.10 71.68 28.44
C LYS Q 378 -32.39 71.46 27.67
N VAL Q 379 -32.27 71.61 26.34
CA VAL Q 379 -33.34 71.54 25.29
C VAL Q 379 -34.33 70.42 25.66
N PHE Q 380 -33.80 69.27 26.08
CA PHE Q 380 -34.61 68.05 26.37
C PHE Q 380 -35.65 68.34 27.45
N ASP Q 381 -35.26 69.04 28.51
CA ASP Q 381 -36.08 69.36 29.71
C ASP Q 381 -37.32 70.17 29.30
N LEU Q 382 -37.17 71.20 28.41
CA LEU Q 382 -38.24 72.06 27.80
C LEU Q 382 -39.20 71.20 26.98
N VAL Q 383 -38.65 70.55 25.95
CA VAL Q 383 -39.37 69.78 24.90
C VAL Q 383 -40.16 68.69 25.62
N MET Q 384 -39.51 68.05 26.60
CA MET Q 384 -40.06 67.01 27.50
C MET Q 384 -41.23 67.56 28.32
N LEU Q 385 -41.13 68.76 28.88
CA LEU Q 385 -42.25 69.41 29.62
C LEU Q 385 -43.46 69.60 28.72
N PHE Q 386 -43.22 70.26 27.58
CA PHE Q 386 -44.27 70.56 26.57
C PHE Q 386 -44.97 69.21 26.31
N ILE Q 387 -44.18 68.14 26.14
CA ILE Q 387 -44.65 66.75 25.85
C ILE Q 387 -45.57 66.26 26.96
N ILE Q 388 -45.16 66.34 28.22
CA ILE Q 388 -45.97 65.73 29.32
C ILE Q 388 -47.28 66.53 29.46
N TYR Q 389 -47.28 67.85 29.19
CA TYR Q 389 -48.48 68.73 29.17
C TYR Q 389 -49.38 68.31 28.00
N SER Q 390 -48.80 68.05 26.80
CA SER Q 390 -49.47 67.61 25.54
C SER Q 390 -50.18 66.27 25.77
N THR Q 391 -49.47 65.30 26.36
CA THR Q 391 -49.98 63.94 26.65
C THR Q 391 -50.70 63.88 28.00
N ASN Q 392 -49.98 64.09 29.11
CA ASN Q 392 -50.47 63.67 30.44
C ASN Q 392 -51.26 64.83 31.07
N THR Q 393 -52.41 64.45 31.61
CA THR Q 393 -53.58 65.32 31.85
C THR Q 393 -53.70 65.65 33.34
N GLN Q 394 -53.49 64.64 34.21
CA GLN Q 394 -53.61 64.70 35.70
C GLN Q 394 -52.59 65.70 36.28
N THR Q 395 -51.60 66.08 35.49
CA THR Q 395 -50.34 66.74 35.88
C THR Q 395 -50.35 68.21 35.41
N LYS Q 396 -51.42 68.65 34.73
CA LYS Q 396 -51.35 69.86 33.89
C LYS Q 396 -51.02 71.07 34.78
N LYS Q 397 -51.79 71.22 35.86
CA LYS Q 397 -51.56 72.19 36.97
C LYS Q 397 -50.11 72.07 37.48
N TYR Q 398 -49.62 70.84 37.71
CA TYR Q 398 -48.29 70.60 38.32
C TYR Q 398 -47.23 71.07 37.33
N ILE Q 399 -47.38 70.79 36.03
CA ILE Q 399 -46.40 71.26 35.01
C ILE Q 399 -46.41 72.77 35.01
N ASP Q 400 -47.62 73.36 34.99
CA ASP Q 400 -47.77 74.83 34.89
C ASP Q 400 -47.15 75.45 36.15
N ARG Q 401 -47.48 74.91 37.34
CA ARG Q 401 -46.90 75.34 38.65
C ARG Q 401 -45.39 75.33 38.57
N VAL Q 402 -44.83 74.20 38.18
CA VAL Q 402 -43.35 74.00 38.10
C VAL Q 402 -42.75 74.95 37.07
N LEU Q 403 -43.38 75.07 35.90
CA LEU Q 403 -42.88 75.95 34.81
C LEU Q 403 -42.93 77.41 35.30
N ARG Q 404 -43.98 77.83 36.03
CA ARG Q 404 -44.15 79.23 36.51
C ARG Q 404 -43.14 79.54 37.62
N ASN Q 405 -42.93 78.62 38.57
CA ASN Q 405 -41.95 78.78 39.68
C ASN Q 405 -40.53 78.72 39.12
N LYS Q 406 -40.31 78.05 37.97
CA LYS Q 406 -39.02 77.97 37.23
C LYS Q 406 -38.77 79.26 36.44
N ILE Q 407 -39.78 79.72 35.70
CA ILE Q 407 -39.64 80.83 34.72
C ILE Q 407 -39.51 82.18 35.42
N ARG Q 408 -40.27 82.40 36.50
CA ARG Q 408 -40.14 83.62 37.33
C ARG Q 408 -38.72 83.72 37.87
N SER Q 409 -38.18 82.57 38.31
CA SER Q 409 -36.86 82.46 38.99
C SER Q 409 -35.73 83.03 38.11
N GLY Q 410 -36.03 83.49 36.89
CA GLY Q 410 -35.03 83.98 35.93
C GLY Q 410 -34.40 82.83 35.17
N CYS Q 411 -34.84 81.57 35.39
CA CYS Q 411 -34.59 80.44 34.46
C CYS Q 411 -35.54 80.64 33.26
N ILE Q 412 -35.90 79.57 32.55
CA ILE Q 412 -35.95 79.44 31.07
C ILE Q 412 -36.16 80.79 30.37
N GLN Q 413 -35.26 81.13 29.45
CA GLN Q 413 -35.20 82.42 28.70
C GLN Q 413 -34.93 82.12 27.23
N GLU Q 414 -34.88 83.19 26.42
CA GLU Q 414 -34.70 83.20 24.95
C GLU Q 414 -33.76 82.08 24.51
N GLN Q 415 -32.50 82.15 24.97
CA GLN Q 415 -31.34 81.35 24.49
C GLN Q 415 -31.77 79.89 24.36
N LEU Q 416 -32.58 79.40 25.32
CA LEU Q 416 -33.08 78.00 25.40
C LEU Q 416 -34.10 77.77 24.29
N LEU Q 417 -35.07 78.66 24.20
CA LEU Q 417 -36.13 78.59 23.16
C LEU Q 417 -35.54 78.72 21.76
N GLN Q 418 -34.54 79.58 21.56
CA GLN Q 418 -33.91 79.77 20.22
C GLN Q 418 -33.42 78.39 19.76
N SER Q 419 -32.58 77.76 20.56
CA SER Q 419 -31.95 76.44 20.27
C SER Q 419 -33.02 75.35 20.12
N THR Q 420 -34.02 75.32 21.02
CA THR Q 420 -35.12 74.32 21.04
C THR Q 420 -35.84 74.34 19.70
N PHE Q 421 -36.34 75.51 19.32
CA PHE Q 421 -37.23 75.72 18.15
C PHE Q 421 -36.41 75.78 16.85
N SER Q 422 -35.10 76.10 16.87
CA SER Q 422 -34.23 76.08 15.66
C SER Q 422 -33.81 74.65 15.32
N VAL Q 423 -33.67 73.78 16.32
CA VAL Q 423 -33.20 72.36 16.17
C VAL Q 423 -34.42 71.40 16.12
N HIS Q 424 -35.25 71.35 17.17
CA HIS Q 424 -36.25 70.27 17.41
C HIS Q 424 -37.64 70.69 16.89
N TYR Q 425 -37.69 71.35 15.74
CA TYR Q 425 -38.87 72.11 15.23
C TYR Q 425 -39.94 71.18 14.69
N LEU Q 426 -39.55 70.05 14.11
CA LEU Q 426 -40.49 69.02 13.64
C LEU Q 426 -41.05 68.20 14.80
N VAL Q 427 -40.29 68.00 15.88
CA VAL Q 427 -40.77 67.29 17.12
C VAL Q 427 -41.87 68.13 17.74
N LEU Q 428 -41.67 69.44 17.68
CA LEU Q 428 -42.55 70.46 18.27
C LEU Q 428 -43.74 70.73 17.33
N LYS Q 429 -43.57 70.67 16.01
CA LYS Q 429 -44.70 70.78 15.04
C LYS Q 429 -45.68 69.59 15.17
N ASP Q 430 -45.23 68.46 15.75
CA ASP Q 430 -46.02 67.29 16.29
C ASP Q 430 -47.05 67.79 17.31
N MET Q 431 -46.55 68.56 18.28
CA MET Q 431 -47.21 68.94 19.56
C MET Q 431 -47.71 70.40 19.39
N CYS Q 432 -48.43 70.73 18.31
CA CYS Q 432 -48.71 72.16 17.98
C CYS Q 432 -49.71 72.72 18.99
N SER Q 433 -50.79 71.98 19.24
CA SER Q 433 -51.81 72.15 20.32
C SER Q 433 -51.22 72.61 21.65
N SER Q 434 -50.35 71.78 22.22
CA SER Q 434 -49.80 71.92 23.58
C SER Q 434 -49.01 73.22 23.68
N ILE Q 435 -48.18 73.51 22.67
CA ILE Q 435 -47.45 74.81 22.57
C ILE Q 435 -48.43 75.95 22.78
N LEU Q 436 -49.42 76.06 21.90
CA LEU Q 436 -50.27 77.27 21.83
C LEU Q 436 -51.23 77.27 23.03
N SER Q 437 -51.62 76.08 23.55
CA SER Q 437 -52.38 75.90 24.83
C SER Q 437 -51.60 76.54 26.00
N LEU Q 438 -50.30 76.26 26.05
CA LEU Q 438 -49.40 76.78 27.11
C LEU Q 438 -49.22 78.30 26.93
N ALA Q 439 -49.07 78.79 25.69
CA ALA Q 439 -48.89 80.23 25.38
C ALA Q 439 -50.11 81.03 25.84
N GLN Q 440 -51.32 80.56 25.51
CA GLN Q 440 -52.61 81.15 25.99
C GLN Q 440 -52.64 81.18 27.54
N SER Q 441 -52.32 80.06 28.22
CA SER Q 441 -52.34 79.94 29.71
C SER Q 441 -51.30 80.89 30.33
N LEU Q 442 -50.20 81.20 29.63
CA LEU Q 442 -49.20 82.21 30.07
C LEU Q 442 -49.69 83.64 29.86
N LEU Q 443 -50.50 83.95 28.84
CA LEU Q 443 -51.01 85.34 28.62
C LEU Q 443 -51.98 85.78 29.72
N HIS Q 444 -52.69 84.85 30.37
CA HIS Q 444 -53.74 85.11 31.40
C HIS Q 444 -53.17 85.37 32.80
N SER Q 445 -51.87 85.12 33.06
CA SER Q 445 -51.19 85.43 34.34
C SER Q 445 -50.74 86.89 34.37
N LEU Q 446 -50.24 87.34 35.52
CA LEU Q 446 -49.58 88.66 35.72
C LEU Q 446 -48.10 88.46 35.41
N ASP Q 447 -47.21 89.40 35.75
CA ASP Q 447 -45.75 89.14 35.79
C ASP Q 447 -45.27 89.09 34.33
N GLN Q 448 -44.85 90.24 33.79
CA GLN Q 448 -44.37 90.45 32.39
C GLN Q 448 -43.42 89.32 31.95
N SER Q 449 -42.63 88.71 32.84
CA SER Q 449 -41.76 87.54 32.54
C SER Q 449 -42.60 86.38 32.02
N ILE Q 450 -43.71 86.05 32.68
CA ILE Q 450 -44.63 84.95 32.27
C ILE Q 450 -45.25 85.32 30.91
N ILE Q 451 -45.78 86.53 30.80
CA ILE Q 451 -46.59 86.96 29.62
C ILE Q 451 -45.62 87.14 28.45
N SER Q 452 -44.37 87.58 28.72
CA SER Q 452 -43.24 87.66 27.75
C SER Q 452 -43.02 86.27 27.15
N PHE Q 453 -43.02 85.23 27.97
CA PHE Q 453 -42.86 83.82 27.49
C PHE Q 453 -44.09 83.35 26.70
N GLY Q 454 -45.31 83.64 27.17
CA GLY Q 454 -46.56 83.42 26.42
C GLY Q 454 -46.49 84.05 25.04
N SER Q 455 -45.88 85.24 24.91
CA SER Q 455 -45.58 85.97 23.64
C SER Q 455 -44.59 85.17 22.77
N LEU Q 456 -43.44 84.88 23.35
CA LEU Q 456 -42.28 84.29 22.67
C LEU Q 456 -42.64 82.91 22.11
N LEU Q 457 -43.43 82.16 22.86
CA LEU Q 457 -43.88 80.80 22.48
C LEU Q 457 -44.62 80.88 21.15
N TYR Q 458 -45.56 81.82 21.03
CA TYR Q 458 -46.22 82.20 19.76
C TYR Q 458 -45.15 82.62 18.74
N LYS Q 459 -44.26 83.56 19.09
CA LYS Q 459 -43.25 84.14 18.16
C LYS Q 459 -42.53 83.02 17.39
N TYR Q 460 -41.99 82.04 18.12
CA TYR Q 460 -41.08 81.00 17.54
C TYR Q 460 -41.87 79.99 16.71
N ALA Q 461 -43.06 79.60 17.18
CA ALA Q 461 -44.03 78.76 16.44
C ALA Q 461 -44.35 79.43 15.09
N PHE Q 462 -44.57 80.75 15.06
CA PHE Q 462 -44.92 81.53 13.84
C PHE Q 462 -43.73 81.65 12.89
N LYS Q 463 -42.60 82.08 13.43
CA LYS Q 463 -41.32 82.20 12.68
C LYS Q 463 -41.06 80.86 11.95
N PHE Q 464 -41.14 79.75 12.68
CA PHE Q 464 -40.57 78.46 12.25
C PHE Q 464 -41.62 77.60 11.57
N PHE Q 465 -42.79 77.39 12.17
CA PHE Q 465 -43.72 76.35 11.65
C PHE Q 465 -44.25 76.74 10.26
N ASP Q 466 -44.83 75.73 9.60
CA ASP Q 466 -45.53 75.74 8.28
C ASP Q 466 -46.66 76.77 8.27
N THR Q 467 -47.33 76.90 7.12
CA THR Q 467 -48.48 77.83 6.91
C THR Q 467 -49.70 77.44 7.77
N TYR Q 468 -50.01 76.13 8.00
CA TYR Q 468 -51.17 75.60 8.83
C TYR Q 468 -51.08 76.12 10.26
N CYS Q 469 -49.95 75.79 10.89
CA CYS Q 469 -49.67 76.16 12.29
C CYS Q 469 -49.53 77.70 12.37
N GLN Q 470 -49.01 78.42 11.34
CA GLN Q 470 -48.94 79.92 11.30
C GLN Q 470 -50.35 80.51 11.40
N GLN Q 471 -51.28 80.00 10.57
CA GLN Q 471 -52.70 80.39 10.61
C GLN Q 471 -53.26 80.14 12.01
N GLU Q 472 -52.98 78.97 12.62
CA GLU Q 472 -53.47 78.60 13.99
C GLU Q 472 -52.87 79.57 15.03
N VAL Q 473 -51.60 79.96 14.89
CA VAL Q 473 -50.91 80.93 15.80
C VAL Q 473 -51.63 82.28 15.75
N VAL Q 474 -51.73 82.86 14.55
CA VAL Q 474 -52.32 84.20 14.36
C VAL Q 474 -53.78 84.13 14.86
N GLY Q 475 -54.43 82.96 14.73
CA GLY Q 475 -55.75 82.58 15.30
C GLY Q 475 -55.93 82.86 16.79
N ALA Q 476 -55.06 82.30 17.65
CA ALA Q 476 -55.10 82.52 19.12
C ALA Q 476 -54.90 84.01 19.46
N LEU Q 477 -54.05 84.74 18.73
CA LEU Q 477 -53.80 86.18 18.98
C LEU Q 477 -55.00 87.04 18.59
N VAL Q 478 -55.61 86.77 17.45
CA VAL Q 478 -56.88 87.45 17.04
C VAL Q 478 -57.96 87.07 18.07
N THR Q 479 -58.00 85.82 18.63
CA THR Q 479 -58.94 85.39 19.73
C THR Q 479 -58.73 86.33 20.93
N HIS Q 480 -57.49 86.60 21.31
CA HIS Q 480 -57.18 87.55 22.41
C HIS Q 480 -57.66 88.97 22.08
N ILE Q 481 -57.40 89.51 20.87
CA ILE Q 481 -57.76 90.91 20.50
C ILE Q 481 -59.28 91.13 20.55
N CYS Q 482 -60.06 90.34 19.78
CA CYS Q 482 -61.56 90.46 19.67
C CYS Q 482 -62.21 90.27 21.05
N SER Q 483 -61.59 89.43 21.88
CA SER Q 483 -62.24 88.71 22.98
C SER Q 483 -61.79 89.23 24.36
N GLY Q 484 -60.49 89.17 24.63
CA GLY Q 484 -59.94 89.24 25.99
C GLY Q 484 -60.07 90.60 26.66
N ASN Q 485 -59.50 90.70 27.85
CA ASN Q 485 -59.46 91.95 28.67
C ASN Q 485 -58.15 92.64 28.30
N GLU Q 486 -57.93 93.88 28.72
CA GLU Q 486 -56.96 94.80 28.03
C GLU Q 486 -55.56 94.18 28.00
N ALA Q 487 -55.15 93.54 29.11
CA ALA Q 487 -53.82 92.93 29.28
C ALA Q 487 -53.51 91.99 28.12
N GLU Q 488 -54.43 91.04 27.89
CA GLU Q 488 -54.37 90.06 26.78
C GLU Q 488 -54.29 90.85 25.47
N VAL Q 489 -55.19 91.83 25.31
CA VAL Q 489 -55.35 92.66 24.07
C VAL Q 489 -54.00 93.35 23.79
N ASP Q 490 -53.47 94.04 24.81
CA ASP Q 490 -52.21 94.84 24.72
C ASP Q 490 -51.10 93.93 24.21
N THR Q 491 -50.90 92.83 24.93
CA THR Q 491 -49.88 91.78 24.71
C THR Q 491 -49.90 91.36 23.24
N ALA Q 492 -51.06 90.85 22.84
CA ALA Q 492 -51.27 90.27 21.50
C ALA Q 492 -50.99 91.37 20.46
N LEU Q 493 -51.34 92.64 20.75
CA LEU Q 493 -51.16 93.75 19.76
C LEU Q 493 -49.66 93.99 19.54
N ASP Q 494 -48.92 94.05 20.65
CA ASP Q 494 -47.44 94.16 20.64
C ASP Q 494 -46.88 93.01 19.82
N VAL Q 495 -47.36 91.78 20.05
CA VAL Q 495 -46.88 90.57 19.33
C VAL Q 495 -47.14 90.71 17.84
N LEU Q 496 -48.34 91.11 17.41
CA LEU Q 496 -48.61 91.23 15.96
C LEU Q 496 -47.68 92.30 15.37
N LEU Q 497 -47.53 93.39 16.12
CA LEU Q 497 -46.62 94.52 15.80
C LEU Q 497 -45.18 94.01 15.60
N GLU Q 498 -44.70 93.15 16.49
CA GLU Q 498 -43.38 92.47 16.42
C GLU Q 498 -43.29 91.61 15.15
N LEU Q 499 -44.27 90.74 14.90
CA LEU Q 499 -44.22 89.70 13.84
C LEU Q 499 -44.23 90.35 12.45
N VAL Q 500 -44.82 91.53 12.32
CA VAL Q 500 -44.96 92.18 11.00
C VAL Q 500 -43.67 92.93 10.60
N VAL Q 501 -42.96 93.59 11.52
CA VAL Q 501 -41.63 94.22 11.24
C VAL Q 501 -40.59 93.12 10.98
N LEU Q 502 -40.79 91.96 11.63
CA LEU Q 502 -40.04 90.66 11.56
C LEU Q 502 -40.14 90.09 10.13
N ASN Q 503 -41.35 89.66 9.73
CA ASN Q 503 -41.63 88.98 8.45
C ASN Q 503 -42.92 89.57 7.87
N PRO Q 504 -42.83 90.61 7.01
CA PRO Q 504 -44.04 91.20 6.42
C PRO Q 504 -44.81 90.18 5.55
N SER Q 505 -44.05 89.52 4.68
CA SER Q 505 -44.51 88.47 3.73
C SER Q 505 -45.32 87.37 4.44
N ALA Q 506 -44.92 86.92 5.62
CA ALA Q 506 -45.55 85.76 6.30
C ALA Q 506 -46.94 86.18 6.80
N MET Q 507 -47.03 87.36 7.41
CA MET Q 507 -48.30 87.87 7.96
C MET Q 507 -49.24 88.26 6.81
N MET Q 508 -48.67 88.68 5.67
CA MET Q 508 -49.38 88.98 4.41
C MET Q 508 -50.37 87.87 4.03
N MET Q 509 -50.03 86.62 4.31
CA MET Q 509 -50.83 85.43 3.92
C MET Q 509 -52.13 85.42 4.72
N ASN Q 510 -52.00 85.75 6.01
CA ASN Q 510 -53.05 85.63 7.03
C ASN Q 510 -53.60 87.03 7.37
N ALA Q 511 -53.29 88.07 6.56
CA ALA Q 511 -53.62 89.49 6.83
C ALA Q 511 -55.13 89.72 6.79
N VAL Q 512 -55.87 88.80 6.14
CA VAL Q 512 -57.35 88.73 6.20
C VAL Q 512 -57.83 88.60 7.65
N PHE Q 513 -57.18 87.79 8.48
CA PHE Q 513 -57.57 87.56 9.91
C PHE Q 513 -57.21 88.80 10.75
N VAL Q 514 -56.22 89.62 10.35
CA VAL Q 514 -55.90 90.94 10.99
C VAL Q 514 -57.02 91.94 10.67
N LYS Q 515 -57.52 91.93 9.43
CA LYS Q 515 -58.72 92.75 9.06
C LYS Q 515 -59.99 92.20 9.77
N GLY Q 516 -60.07 90.92 10.16
CA GLY Q 516 -61.24 90.27 10.81
C GLY Q 516 -61.58 90.80 12.21
N ILE Q 517 -60.71 91.65 12.76
CA ILE Q 517 -60.85 92.36 14.06
C ILE Q 517 -61.80 93.56 13.88
N LEU Q 518 -61.99 94.01 12.64
CA LEU Q 518 -62.76 95.24 12.34
C LEU Q 518 -64.24 94.97 12.50
N ASP Q 519 -64.65 93.69 12.57
CA ASP Q 519 -65.99 93.26 13.06
C ASP Q 519 -66.32 93.90 14.40
N TYR Q 520 -65.39 93.86 15.36
CA TYR Q 520 -65.61 94.09 16.82
C TYR Q 520 -64.75 95.28 17.31
N LEU Q 521 -64.68 96.36 16.51
CA LEU Q 521 -64.06 97.69 16.84
C LEU Q 521 -64.80 98.32 18.02
N ASP Q 522 -66.09 98.00 18.18
CA ASP Q 522 -66.96 98.40 19.31
C ASP Q 522 -66.56 97.73 20.65
N ASN Q 523 -65.60 96.79 20.70
CA ASN Q 523 -65.18 96.07 21.95
C ASN Q 523 -63.76 96.49 22.36
N ILE Q 524 -63.21 97.61 21.83
CA ILE Q 524 -61.75 97.95 21.87
C ILE Q 524 -61.54 99.48 21.92
N SER Q 525 -60.49 99.92 22.62
CA SER Q 525 -60.25 101.31 23.12
C SER Q 525 -59.30 102.09 22.18
N PRO Q 526 -59.41 103.45 22.06
CA PRO Q 526 -58.64 104.27 21.10
C PRO Q 526 -57.12 104.13 21.03
N GLN Q 527 -56.47 104.00 22.19
CA GLN Q 527 -55.06 103.55 22.40
C GLN Q 527 -54.77 102.33 21.51
N GLN Q 528 -55.54 101.27 21.74
CA GLN Q 528 -55.43 99.95 21.06
C GLN Q 528 -55.78 100.14 19.58
N ILE Q 529 -56.73 101.02 19.31
CA ILE Q 529 -57.14 101.35 17.92
C ILE Q 529 -55.99 102.07 17.22
N ARG Q 530 -55.30 103.03 17.85
CA ARG Q 530 -54.14 103.72 17.22
C ARG Q 530 -53.08 102.68 16.84
N LYS Q 531 -52.78 101.77 17.76
CA LYS Q 531 -51.75 100.70 17.60
C LYS Q 531 -52.18 99.75 16.48
N LEU Q 532 -53.45 99.33 16.46
CA LEU Q 532 -54.01 98.40 15.45
C LEU Q 532 -53.90 99.02 14.06
N PHE Q 533 -54.35 100.27 13.91
CA PHE Q 533 -54.30 100.97 12.60
C PHE Q 533 -52.84 101.18 12.20
N TYR Q 534 -51.95 101.41 13.17
CA TYR Q 534 -50.48 101.50 12.92
C TYR Q 534 -49.95 100.16 12.38
N VAL Q 535 -50.25 99.04 13.04
CA VAL Q 535 -49.75 97.66 12.68
C VAL Q 535 -50.29 97.29 11.28
N LEU Q 536 -51.59 97.46 11.02
CA LEU Q 536 -52.18 97.15 9.69
C LEU Q 536 -51.53 98.05 8.62
N SER Q 537 -51.39 99.33 8.93
CA SER Q 537 -50.92 100.38 7.99
C SER Q 537 -49.44 100.16 7.64
N THR Q 538 -48.60 99.73 8.58
CA THR Q 538 -47.15 99.45 8.33
C THR Q 538 -46.99 98.10 7.60
N LEU Q 539 -47.90 97.14 7.82
CA LEU Q 539 -47.98 95.87 7.04
C LEU Q 539 -48.20 96.22 5.56
N ALA Q 540 -49.19 97.10 5.31
CA ALA Q 540 -49.57 97.58 3.97
C ALA Q 540 -48.44 98.43 3.38
N PHE Q 541 -47.74 99.23 4.18
CA PHE Q 541 -46.58 100.06 3.74
C PHE Q 541 -45.28 99.38 4.15
N SER Q 542 -45.24 98.07 4.02
CA SER Q 542 -44.06 97.34 3.50
C SER Q 542 -44.10 97.47 1.96
N LYS Q 543 -43.00 97.91 1.34
CA LYS Q 543 -42.92 98.39 -0.07
C LYS Q 543 -43.22 97.26 -1.08
N GLN Q 544 -42.69 96.05 -0.86
CA GLN Q 544 -42.79 94.84 -1.75
C GLN Q 544 -44.24 94.33 -1.87
N ASN Q 545 -45.04 94.55 -0.83
CA ASN Q 545 -46.44 94.08 -0.69
C ASN Q 545 -47.41 95.18 -1.15
N GLU Q 546 -47.02 96.04 -2.12
CA GLU Q 546 -47.86 97.07 -2.78
C GLU Q 546 -48.55 96.48 -4.02
N ALA Q 547 -48.19 95.25 -4.42
CA ALA Q 547 -48.99 94.34 -5.28
C ALA Q 547 -50.32 93.97 -4.59
N SER Q 548 -50.25 93.63 -3.30
CA SER Q 548 -51.39 93.34 -2.39
C SER Q 548 -51.82 94.63 -1.67
N SER Q 549 -52.37 95.57 -2.44
CA SER Q 549 -52.95 96.85 -1.94
C SER Q 549 -54.35 96.61 -1.37
N HIS Q 550 -54.78 95.35 -1.27
CA HIS Q 550 -56.19 94.95 -1.10
C HIS Q 550 -56.66 95.39 0.28
N ILE Q 551 -55.84 95.08 1.30
CA ILE Q 551 -56.08 95.45 2.73
C ILE Q 551 -56.12 96.99 2.82
N GLN Q 552 -55.19 97.66 2.13
CA GLN Q 552 -55.02 99.15 2.14
C GLN Q 552 -56.33 99.79 1.66
N ASP Q 553 -56.87 99.29 0.55
CA ASP Q 553 -58.07 99.83 -0.12
C ASP Q 553 -59.32 99.52 0.72
N ASP Q 554 -59.41 98.33 1.34
CA ASP Q 554 -60.49 97.96 2.29
C ASP Q 554 -60.52 98.97 3.44
N MET Q 555 -59.35 99.26 4.00
CA MET Q 555 -59.22 100.17 5.16
C MET Q 555 -59.61 101.60 4.73
N HIS Q 556 -59.05 102.11 3.62
CA HIS Q 556 -59.47 103.39 2.97
C HIS Q 556 -60.99 103.48 2.94
N LEU Q 557 -61.61 102.40 2.46
CA LEU Q 557 -63.09 102.24 2.34
C LEU Q 557 -63.75 102.39 3.72
N VAL Q 558 -63.37 101.55 4.69
CA VAL Q 558 -64.06 101.47 6.02
C VAL Q 558 -63.86 102.81 6.74
N ILE Q 559 -62.77 103.52 6.43
CA ILE Q 559 -62.47 104.89 6.94
C ILE Q 559 -63.56 105.87 6.51
N ARG Q 560 -63.76 105.99 5.19
CA ARG Q 560 -64.78 106.93 4.64
C ARG Q 560 -66.17 106.51 5.15
N LYS Q 561 -66.41 105.19 5.34
CA LYS Q 561 -67.68 104.62 5.90
C LYS Q 561 -67.86 105.09 7.36
N GLN Q 562 -66.84 104.93 8.19
CA GLN Q 562 -66.95 105.27 9.64
C GLN Q 562 -67.07 106.79 9.79
N LEU Q 563 -66.30 107.58 9.03
CA LEU Q 563 -66.39 109.08 8.95
C LEU Q 563 -67.81 109.52 8.61
N SER Q 564 -68.44 108.81 7.68
CA SER Q 564 -69.79 109.12 7.14
C SER Q 564 -70.90 108.57 8.06
N SER Q 565 -70.58 108.02 9.24
CA SER Q 565 -71.56 107.85 10.34
C SER Q 565 -71.77 109.21 11.03
N THR Q 566 -73.01 109.47 11.44
CA THR Q 566 -73.46 110.64 12.26
C THR Q 566 -72.84 110.62 13.66
N VAL Q 567 -72.70 109.41 14.21
CA VAL Q 567 -72.50 109.16 15.66
C VAL Q 567 -71.02 109.49 15.95
N PHE Q 568 -70.75 110.23 17.03
CA PHE Q 568 -69.40 110.79 17.32
C PHE Q 568 -68.40 109.66 17.60
N LYS Q 569 -68.85 108.61 18.32
CA LYS Q 569 -68.06 107.39 18.69
C LYS Q 569 -67.40 106.72 17.46
N TYR Q 570 -68.14 106.60 16.36
CA TYR Q 570 -67.68 105.94 15.11
C TYR Q 570 -66.79 106.90 14.32
N LYS Q 571 -67.14 108.20 14.20
CA LYS Q 571 -66.35 109.25 13.47
C LYS Q 571 -64.94 109.34 14.08
N LEU Q 572 -64.88 109.32 15.41
CA LEU Q 572 -63.64 109.28 16.21
C LEU Q 572 -62.74 108.10 15.76
N ILE Q 573 -63.27 106.87 15.59
CA ILE Q 573 -62.49 105.64 15.19
C ILE Q 573 -61.83 105.93 13.85
N GLY Q 574 -62.65 106.41 12.93
CA GLY Q 574 -62.23 106.83 11.58
C GLY Q 574 -61.11 107.84 11.67
N ILE Q 575 -61.27 108.91 12.45
CA ILE Q 575 -60.30 110.04 12.48
C ILE Q 575 -58.93 109.47 12.89
N ILE Q 576 -58.89 108.62 13.92
CA ILE Q 576 -57.63 108.05 14.48
C ILE Q 576 -56.92 107.27 13.37
N GLY Q 577 -57.63 106.29 12.80
CA GLY Q 577 -57.12 105.43 11.71
C GLY Q 577 -56.59 106.27 10.57
N ALA Q 578 -57.34 107.31 10.20
CA ALA Q 578 -57.05 108.19 9.04
C ALA Q 578 -55.71 108.87 9.25
N VAL Q 579 -55.53 109.49 10.42
CA VAL Q 579 -54.31 110.31 10.67
C VAL Q 579 -53.10 109.35 10.80
N THR Q 580 -53.24 108.18 11.47
CA THR Q 580 -52.19 107.12 11.58
C THR Q 580 -51.72 106.69 10.18
N MET Q 581 -52.69 106.37 9.33
CA MET Q 581 -52.47 105.92 7.95
C MET Q 581 -51.77 107.02 7.16
N ALA Q 582 -52.25 108.27 7.26
CA ALA Q 582 -51.63 109.47 6.62
C ALA Q 582 -50.15 109.52 7.00
N GLY Q 583 -49.90 109.41 8.30
CA GLY Q 583 -48.56 109.51 8.88
C GLY Q 583 -47.61 108.44 8.37
N ILE Q 584 -48.06 107.18 8.32
CA ILE Q 584 -47.20 106.03 7.92
C ILE Q 584 -46.93 106.10 6.42
N MET Q 585 -47.93 106.48 5.61
CA MET Q 585 -47.75 106.53 4.14
C MET Q 585 -46.98 107.81 3.74
N ALA Q 586 -46.94 108.82 4.62
CA ALA Q 586 -46.13 110.07 4.44
C ALA Q 586 -44.69 109.88 4.97
N ALA Q 587 -44.39 108.81 5.75
CA ALA Q 587 -43.05 108.26 6.10
C ALA Q 587 -42.30 109.22 7.04
N ASP Q 604 -45.00 111.62 -5.45
CA ASP Q 604 -45.95 112.76 -5.65
C ASP Q 604 -47.41 112.30 -5.60
N GLU Q 605 -47.75 111.09 -6.07
CA GLU Q 605 -49.12 110.50 -6.00
C GLU Q 605 -49.51 110.20 -4.54
N GLN Q 606 -48.54 109.76 -3.73
CA GLN Q 606 -48.71 109.48 -2.28
C GLN Q 606 -49.01 110.81 -1.58
N CYS Q 607 -48.38 111.92 -2.01
CA CYS Q 607 -48.64 113.31 -1.53
C CYS Q 607 -50.10 113.69 -1.79
N THR Q 608 -50.59 113.39 -2.99
CA THR Q 608 -51.99 113.67 -3.40
C THR Q 608 -52.94 112.77 -2.59
N GLN Q 609 -52.51 111.53 -2.27
CA GLN Q 609 -53.30 110.55 -1.49
C GLN Q 609 -53.50 111.06 -0.06
N VAL Q 610 -52.41 111.44 0.62
CA VAL Q 610 -52.48 112.01 2.01
C VAL Q 610 -53.24 113.34 1.96
N THR Q 611 -53.02 114.17 0.93
CA THR Q 611 -53.73 115.46 0.71
C THR Q 611 -55.23 115.19 0.79
N SER Q 612 -55.69 114.27 -0.06
CA SER Q 612 -57.13 113.92 -0.21
C SER Q 612 -57.67 113.40 1.12
N LEU Q 613 -56.94 112.50 1.76
CA LEU Q 613 -57.41 111.84 3.00
C LEU Q 613 -57.51 112.88 4.13
N LEU Q 614 -56.48 113.71 4.30
CA LEU Q 614 -56.47 114.73 5.36
C LEU Q 614 -57.52 115.82 5.05
N GLN Q 615 -57.72 116.17 3.78
CA GLN Q 615 -58.78 117.15 3.36
C GLN Q 615 -60.17 116.56 3.69
N LEU Q 616 -60.41 115.26 3.43
CA LEU Q 616 -61.77 114.64 3.62
C LEU Q 616 -62.04 114.47 5.11
N VAL Q 617 -61.04 114.08 5.90
CA VAL Q 617 -61.22 114.01 7.38
C VAL Q 617 -61.48 115.42 7.91
N HIS Q 618 -60.73 116.44 7.44
CA HIS Q 618 -60.91 117.87 7.82
C HIS Q 618 -62.34 118.32 7.44
N SER Q 619 -62.85 117.83 6.31
CA SER Q 619 -64.17 118.23 5.78
C SER Q 619 -65.32 117.56 6.57
N CYS Q 620 -65.29 116.23 6.77
CA CYS Q 620 -66.23 115.45 7.63
C CYS Q 620 -66.22 116.00 9.06
N SER Q 621 -65.02 116.32 9.56
CA SER Q 621 -64.77 116.78 10.94
C SER Q 621 -64.92 118.30 11.13
N GLU Q 622 -65.19 119.12 10.09
CA GLU Q 622 -65.30 120.62 10.19
C GLU Q 622 -66.48 120.97 11.12
N GLN Q 623 -67.62 120.28 10.99
CA GLN Q 623 -68.95 120.67 11.56
C GLN Q 623 -68.95 120.46 13.08
N SER Q 624 -68.51 119.29 13.52
CA SER Q 624 -68.33 118.94 14.95
C SER Q 624 -67.07 119.62 15.51
N PRO Q 625 -67.15 120.40 16.61
CA PRO Q 625 -65.95 120.96 17.24
C PRO Q 625 -65.04 119.89 17.85
N GLN Q 626 -65.64 118.87 18.51
CA GLN Q 626 -64.97 117.71 19.19
C GLN Q 626 -64.10 116.95 18.19
N ALA Q 627 -64.66 116.69 17.01
CA ALA Q 627 -63.96 116.02 15.89
C ALA Q 627 -62.81 116.92 15.38
N SER Q 628 -63.06 118.22 15.12
CA SER Q 628 -62.06 119.16 14.52
C SER Q 628 -60.86 119.30 15.45
N ALA Q 629 -61.10 119.45 16.75
CA ALA Q 629 -60.02 119.56 17.76
C ALA Q 629 -59.21 118.27 17.77
N LEU Q 630 -59.85 117.08 17.71
CA LEU Q 630 -59.14 115.76 17.71
C LEU Q 630 -58.31 115.62 16.45
N TYR Q 631 -58.84 116.06 15.29
CA TYR Q 631 -58.09 116.12 14.01
C TYR Q 631 -56.81 116.94 14.24
N TYR Q 632 -56.96 118.18 14.72
CA TYR Q 632 -55.83 119.16 14.87
C TYR Q 632 -54.82 118.59 15.89
N ASP Q 633 -55.31 118.00 16.99
CA ASP Q 633 -54.49 117.34 18.06
C ASP Q 633 -53.66 116.18 17.47
N GLU Q 634 -54.32 115.24 16.78
CA GLU Q 634 -53.66 114.03 16.19
C GLU Q 634 -52.65 114.46 15.12
N PHE Q 635 -53.00 115.43 14.27
CA PHE Q 635 -52.13 115.92 13.17
C PHE Q 635 -50.93 116.68 13.78
N ALA Q 636 -51.15 117.42 14.86
CA ALA Q 636 -50.06 118.08 15.62
C ALA Q 636 -49.12 116.99 16.19
N ASN Q 637 -49.66 115.91 16.79
CA ASN Q 637 -48.88 114.71 17.26
C ASN Q 637 -47.99 114.20 16.13
N LEU Q 638 -48.57 114.03 14.93
CA LEU Q 638 -47.87 113.53 13.72
C LEU Q 638 -46.71 114.45 13.37
N ILE Q 639 -46.95 115.77 13.27
CA ILE Q 639 -45.93 116.77 12.83
C ILE Q 639 -44.82 116.85 13.90
N GLN Q 640 -45.18 116.75 15.18
CA GLN Q 640 -44.23 116.79 16.33
C GLN Q 640 -43.29 115.58 16.27
N HIS Q 641 -43.81 114.34 16.20
CA HIS Q 641 -43.00 113.11 16.40
C HIS Q 641 -42.26 112.69 15.12
N GLU Q 642 -42.92 112.66 13.95
CA GLU Q 642 -42.37 112.03 12.71
C GLU Q 642 -41.93 113.08 11.70
N LYS Q 643 -40.65 113.01 11.30
CA LYS Q 643 -40.05 113.83 10.21
C LYS Q 643 -40.28 113.07 8.91
N LEU Q 644 -41.11 113.64 8.03
CA LEU Q 644 -41.50 113.03 6.74
C LEU Q 644 -41.58 114.12 5.67
N ASP Q 645 -40.91 113.91 4.53
CA ASP Q 645 -41.17 114.56 3.23
C ASP Q 645 -41.73 115.97 3.42
N PRO Q 646 -40.88 117.01 3.65
CA PRO Q 646 -41.35 118.39 3.77
C PRO Q 646 -42.16 118.93 2.57
N LYS Q 647 -42.33 118.19 1.46
CA LYS Q 647 -43.24 118.57 0.34
C LYS Q 647 -44.68 118.53 0.84
N ALA Q 648 -45.06 117.47 1.58
CA ALA Q 648 -46.36 117.29 2.27
C ALA Q 648 -46.61 118.47 3.22
N LEU Q 649 -45.59 118.80 4.02
CA LEU Q 649 -45.62 119.90 5.03
C LEU Q 649 -45.78 121.24 4.30
N GLU Q 650 -45.04 121.47 3.21
CA GLU Q 650 -45.11 122.69 2.34
C GLU Q 650 -46.53 122.84 1.79
N TRP Q 651 -47.15 121.71 1.39
CA TRP Q 651 -48.56 121.68 0.91
C TRP Q 651 -49.51 122.14 2.03
N VAL Q 652 -49.49 121.46 3.19
CA VAL Q 652 -50.49 121.66 4.29
C VAL Q 652 -50.27 123.03 4.95
N GLY Q 653 -49.03 123.50 5.08
CA GLY Q 653 -48.65 124.75 5.76
C GLY Q 653 -49.31 125.97 5.13
N HIS Q 654 -49.28 126.05 3.79
CA HIS Q 654 -49.91 127.14 3.00
C HIS Q 654 -51.44 127.14 3.19
N THR Q 655 -52.04 125.98 3.47
CA THR Q 655 -53.48 125.85 3.84
C THR Q 655 -53.70 126.39 5.26
N ILE Q 656 -53.02 125.78 6.24
CA ILE Q 656 -53.30 125.92 7.70
C ILE Q 656 -52.99 127.37 8.14
N CYS Q 657 -51.85 127.97 7.76
CA CYS Q 657 -51.45 129.35 8.15
C CYS Q 657 -52.50 130.36 7.68
N ASN Q 658 -52.89 130.27 6.40
CA ASN Q 658 -53.84 131.22 5.76
C ASN Q 658 -55.24 130.99 6.35
N ASP Q 659 -55.63 129.73 6.62
CA ASP Q 659 -56.93 129.35 7.23
C ASP Q 659 -57.00 129.88 8.67
N PHE Q 660 -55.89 129.83 9.43
CA PHE Q 660 -55.78 130.44 10.78
C PHE Q 660 -55.90 131.97 10.68
N GLN Q 661 -55.16 132.63 9.77
CA GLN Q 661 -55.07 134.12 9.67
C GLN Q 661 -56.42 134.71 9.23
N ASP Q 662 -57.28 133.96 8.53
CA ASP Q 662 -58.68 134.35 8.14
C ASP Q 662 -59.70 133.92 9.22
N ALA Q 663 -59.47 132.81 9.94
CA ALA Q 663 -60.47 132.24 10.89
C ALA Q 663 -60.66 133.19 12.08
N PHE Q 664 -59.56 133.45 12.81
CA PHE Q 664 -59.52 134.07 14.16
C PHE Q 664 -58.96 135.50 14.08
N VAL Q 665 -57.84 135.70 13.37
CA VAL Q 665 -57.10 137.00 13.26
C VAL Q 665 -57.95 137.97 12.43
N VAL Q 666 -58.32 139.12 13.00
CA VAL Q 666 -59.12 140.21 12.37
C VAL Q 666 -58.34 141.54 12.42
N ASP Q 667 -58.93 142.63 11.89
CA ASP Q 667 -58.42 144.02 11.97
C ASP Q 667 -58.51 144.55 13.42
N SER Q 668 -57.63 145.48 13.81
CA SER Q 668 -57.53 146.06 15.18
C SER Q 668 -58.38 147.33 15.35
N CYS Q 669 -59.52 147.50 14.65
CA CYS Q 669 -60.52 148.57 14.96
C CYS Q 669 -61.28 148.15 16.23
N VAL Q 670 -61.39 149.06 17.21
CA VAL Q 670 -61.67 148.79 18.67
C VAL Q 670 -63.07 148.18 18.88
N VAL Q 671 -64.06 148.46 18.00
CA VAL Q 671 -65.45 147.87 17.99
C VAL Q 671 -65.44 146.60 17.13
N PRO Q 672 -65.68 145.39 17.70
CA PRO Q 672 -66.05 144.23 16.92
C PRO Q 672 -67.58 144.18 16.76
N GLU Q 673 -68.07 143.33 15.86
CA GLU Q 673 -69.46 143.37 15.33
C GLU Q 673 -70.34 142.42 16.14
N GLY Q 674 -71.62 142.77 16.27
CA GLY Q 674 -72.60 142.12 17.17
C GLY Q 674 -73.00 143.05 18.30
N ASP Q 675 -74.22 142.87 18.84
CA ASP Q 675 -74.79 143.60 20.01
C ASP Q 675 -74.72 142.69 21.25
N PHE Q 676 -73.76 142.93 22.17
CA PHE Q 676 -73.44 142.07 23.35
C PHE Q 676 -73.68 142.84 24.66
N PRO Q 677 -74.24 142.19 25.73
CA PRO Q 677 -74.54 142.88 26.98
C PRO Q 677 -73.30 142.97 27.89
N PHE Q 678 -72.20 143.48 27.32
CA PHE Q 678 -70.81 143.38 27.86
C PHE Q 678 -69.91 144.39 27.15
N PRO Q 679 -69.10 145.19 27.89
CA PRO Q 679 -68.27 146.23 27.28
C PRO Q 679 -67.05 145.66 26.55
N VAL Q 680 -67.19 145.38 25.24
CA VAL Q 680 -66.17 144.63 24.45
C VAL Q 680 -65.05 145.62 24.06
N LYS Q 681 -63.82 145.34 24.52
CA LYS Q 681 -62.58 146.12 24.21
C LYS Q 681 -61.51 145.15 23.71
N ALA Q 682 -60.32 145.68 23.39
CA ALA Q 682 -59.10 144.91 23.02
C ALA Q 682 -58.13 144.87 24.21
N LEU Q 683 -58.25 143.84 25.07
CA LEU Q 683 -57.54 143.70 26.39
C LEU Q 683 -56.28 142.81 26.28
N TYR Q 684 -55.45 142.78 27.35
CA TYR Q 684 -54.22 141.96 27.60
C TYR Q 684 -53.18 142.11 26.47
N GLY Q 685 -53.04 143.30 25.90
CA GLY Q 685 -51.88 143.67 25.07
C GLY Q 685 -50.64 143.77 25.93
N LEU Q 686 -49.46 143.71 25.29
CA LEU Q 686 -48.18 144.07 25.95
C LEU Q 686 -48.02 145.60 26.00
N GLU Q 687 -48.52 146.31 24.99
CA GLU Q 687 -48.47 147.80 24.72
C GLU Q 687 -47.04 148.32 24.40
N GLU Q 688 -45.99 147.49 24.38
CA GLU Q 688 -44.63 147.87 23.86
C GLU Q 688 -44.62 147.75 22.32
N TYR Q 689 -45.45 146.86 21.77
CA TYR Q 689 -45.82 146.76 20.32
C TYR Q 689 -46.44 148.08 19.82
N ASP Q 690 -46.50 148.21 18.48
CA ASP Q 690 -47.17 149.35 17.79
C ASP Q 690 -48.69 149.16 17.90
N THR Q 691 -49.40 150.03 18.65
CA THR Q 691 -50.87 149.92 18.94
C THR Q 691 -51.69 150.31 17.70
N GLN Q 692 -51.09 151.01 16.72
CA GLN Q 692 -51.69 151.41 15.40
C GLN Q 692 -51.46 150.34 14.32
N ASP Q 693 -51.60 149.05 14.65
CA ASP Q 693 -51.35 147.89 13.75
C ASP Q 693 -52.70 147.36 13.23
N GLY Q 694 -52.65 146.28 12.43
CA GLY Q 694 -53.83 145.54 11.93
C GLY Q 694 -54.19 144.33 12.79
N ILE Q 695 -53.20 143.65 13.38
CA ILE Q 695 -53.37 142.26 13.92
C ILE Q 695 -54.02 142.35 15.31
N ALA Q 696 -55.26 141.86 15.42
CA ALA Q 696 -56.00 141.58 16.68
C ALA Q 696 -56.61 140.16 16.59
N ILE Q 697 -57.36 139.73 17.61
CA ILE Q 697 -58.03 138.39 17.68
C ILE Q 697 -59.51 138.60 18.00
N ASN Q 698 -60.41 138.09 17.15
CA ASN Q 698 -61.89 138.20 17.31
C ASN Q 698 -62.39 137.00 18.11
N LEU Q 699 -62.04 136.91 19.39
CA LEU Q 699 -62.33 135.73 20.27
C LEU Q 699 -63.79 135.79 20.76
N LEU Q 700 -64.22 136.89 21.40
CA LEU Q 700 -65.57 137.02 22.05
C LEU Q 700 -66.69 137.09 21.01
N PRO Q 701 -66.59 137.86 19.89
CA PRO Q 701 -67.64 137.81 18.87
C PRO Q 701 -67.81 136.41 18.22
N LEU Q 702 -66.71 135.66 18.02
CA LEU Q 702 -66.74 134.23 17.61
C LEU Q 702 -67.48 133.39 18.68
N LEU Q 703 -67.19 133.59 19.98
CA LEU Q 703 -67.86 132.87 21.12
C LEU Q 703 -69.38 133.12 21.10
N PHE Q 704 -69.84 134.37 20.90
CA PHE Q 704 -71.29 134.69 20.92
C PHE Q 704 -71.97 134.20 19.64
N SER Q 705 -71.33 134.39 18.48
CA SER Q 705 -71.80 133.91 17.15
C SER Q 705 -71.82 132.37 17.13
N GLN Q 706 -70.92 131.73 17.89
CA GLN Q 706 -70.86 130.26 18.13
C GLN Q 706 -72.14 129.82 18.87
N ASP Q 707 -72.58 130.57 19.90
CA ASP Q 707 -73.87 130.28 20.61
C ASP Q 707 -74.99 131.08 19.95
N SER Q 726 -65.44 126.66 15.14
CA SER Q 726 -64.29 127.58 14.89
C SER Q 726 -63.53 127.92 16.20
N PRO Q 727 -64.15 128.39 17.31
CA PRO Q 727 -63.38 128.86 18.48
C PRO Q 727 -62.90 127.86 19.56
N LEU Q 728 -63.45 126.65 19.70
CA LEU Q 728 -62.97 125.59 20.66
C LEU Q 728 -61.65 124.97 20.17
N CYS Q 729 -61.37 125.05 18.87
CA CYS Q 729 -60.20 124.45 18.18
C CYS Q 729 -59.00 125.40 18.13
N LEU Q 730 -59.03 126.59 18.75
CA LEU Q 730 -57.98 127.65 18.54
C LEU Q 730 -56.62 127.11 18.98
N ALA Q 731 -56.50 126.66 20.24
CA ALA Q 731 -55.24 126.16 20.85
C ALA Q 731 -54.61 125.06 20.02
N PRO Q 732 -55.29 123.91 19.77
CA PRO Q 732 -54.68 122.84 18.96
C PRO Q 732 -54.31 123.28 17.53
N TYR Q 733 -55.11 124.14 16.88
CA TYR Q 733 -54.84 124.65 15.50
C TYR Q 733 -53.56 125.50 15.53
N PHE Q 734 -53.38 126.31 16.56
CA PHE Q 734 -52.15 127.13 16.69
C PHE Q 734 -50.96 126.22 17.00
N ARG Q 735 -51.15 125.17 17.81
CA ARG Q 735 -50.12 124.13 18.07
C ARG Q 735 -49.68 123.53 16.72
N LEU Q 736 -50.64 123.23 15.86
CA LEU Q 736 -50.40 122.65 14.51
C LEU Q 736 -49.58 123.64 13.66
N LEU Q 737 -50.04 124.91 13.57
CA LEU Q 737 -49.37 126.03 12.82
C LEU Q 737 -47.91 126.13 13.27
N ARG Q 738 -47.73 126.33 14.58
CA ARG Q 738 -46.41 126.41 15.26
C ARG Q 738 -45.51 125.26 14.80
N LEU Q 739 -45.99 124.01 14.90
CA LEU Q 739 -45.19 122.78 14.62
C LEU Q 739 -44.82 122.71 13.13
N CYS Q 740 -45.76 123.02 12.24
CA CYS Q 740 -45.49 123.09 10.77
C CYS Q 740 -44.40 124.12 10.47
N VAL Q 741 -44.47 125.31 11.08
CA VAL Q 741 -43.49 126.43 10.83
C VAL Q 741 -42.13 126.00 11.41
N GLU Q 742 -42.10 125.39 12.61
CA GLU Q 742 -40.89 124.80 13.25
C GLU Q 742 -40.21 123.82 12.28
N ARG Q 743 -40.99 122.89 11.71
CA ARG Q 743 -40.53 121.80 10.79
C ARG Q 743 -40.05 122.38 9.45
N GLN Q 744 -40.64 123.50 8.98
CA GLN Q 744 -40.29 124.12 7.67
C GLN Q 744 -39.01 124.95 7.80
N HIS Q 745 -39.05 126.04 8.60
CA HIS Q 745 -38.00 127.10 8.70
C HIS Q 745 -37.00 126.80 9.85
N ASN Q 746 -37.02 125.60 10.44
CA ASN Q 746 -36.08 125.12 11.51
C ASN Q 746 -36.23 126.01 12.76
N GLY Q 747 -37.48 126.22 13.19
CA GLY Q 747 -37.85 126.96 14.41
C GLY Q 747 -37.80 128.48 14.27
N ASN Q 748 -37.85 129.05 13.06
CA ASN Q 748 -37.91 130.53 12.84
C ASN Q 748 -39.39 130.97 12.86
N LEU Q 749 -39.84 131.64 13.93
CA LEU Q 749 -41.23 132.14 14.16
C LEU Q 749 -41.27 133.68 14.03
N GLU Q 750 -40.49 134.27 13.10
CA GLU Q 750 -40.56 135.72 12.69
C GLU Q 750 -41.91 136.03 12.02
N GLU Q 751 -42.65 134.99 11.60
CA GLU Q 751 -44.01 135.05 11.01
C GLU Q 751 -45.04 135.28 12.12
N ILE Q 752 -44.92 134.54 13.24
CA ILE Q 752 -45.94 134.47 14.34
C ILE Q 752 -45.64 135.52 15.41
N ASP Q 753 -44.38 135.85 15.70
CA ASP Q 753 -43.91 136.77 16.78
C ASP Q 753 -44.64 138.14 16.83
N GLY Q 754 -45.46 138.51 15.83
CA GLY Q 754 -46.48 139.56 15.95
C GLY Q 754 -47.69 139.13 16.80
N LEU Q 755 -47.89 137.83 17.08
CA LEU Q 755 -49.17 137.24 17.59
C LEU Q 755 -49.25 137.31 19.13
N LEU Q 756 -48.12 137.24 19.85
CA LEU Q 756 -48.06 137.47 21.32
C LEU Q 756 -48.04 138.98 21.64
N ASP Q 757 -47.93 139.87 20.64
CA ASP Q 757 -48.09 141.35 20.79
C ASP Q 757 -49.57 141.76 20.82
N CYS Q 758 -50.46 140.97 20.20
CA CYS Q 758 -51.89 141.33 19.94
C CYS Q 758 -52.65 141.46 21.26
N PRO Q 759 -53.64 142.37 21.34
CA PRO Q 759 -54.70 142.22 22.34
C PRO Q 759 -55.65 141.08 21.92
N ILE Q 760 -56.61 140.78 22.79
CA ILE Q 760 -57.73 139.82 22.54
C ILE Q 760 -59.04 140.61 22.78
N PHE Q 761 -59.94 140.64 21.80
CA PHE Q 761 -61.30 141.24 21.92
C PHE Q 761 -62.05 140.44 22.98
N LEU Q 762 -62.14 140.98 24.21
CA LEU Q 762 -62.79 140.35 25.39
C LEU Q 762 -63.74 141.37 26.04
N THR Q 763 -64.61 140.85 26.92
CA THR Q 763 -65.40 141.61 27.92
C THR Q 763 -64.40 142.28 28.88
N ASP Q 764 -64.81 143.28 29.65
CA ASP Q 764 -64.12 143.68 30.91
C ASP Q 764 -64.29 142.52 31.90
N LEU Q 765 -63.29 141.61 31.96
CA LEU Q 765 -63.29 140.32 32.71
C LEU Q 765 -63.02 140.57 34.20
N GLU Q 766 -62.09 141.51 34.48
CA GLU Q 766 -61.31 141.70 35.74
C GLU Q 766 -62.23 141.74 36.98
N PRO Q 767 -63.38 142.45 36.99
CA PRO Q 767 -64.37 142.30 38.07
C PRO Q 767 -65.37 141.16 37.80
N GLY Q 768 -65.53 140.25 38.76
CA GLY Q 768 -66.68 139.31 38.84
C GLY Q 768 -67.51 139.50 40.10
N GLU Q 769 -67.55 140.72 40.64
CA GLU Q 769 -68.14 141.09 41.97
C GLU Q 769 -69.15 142.27 41.86
N LYS Q 770 -68.94 143.24 40.95
CA LYS Q 770 -69.88 144.36 40.66
C LYS Q 770 -71.10 143.83 39.90
N LEU Q 771 -70.92 142.87 38.99
CA LEU Q 771 -72.00 142.07 38.33
C LEU Q 771 -72.21 140.74 39.10
N GLU Q 772 -72.23 140.80 40.44
CA GLU Q 772 -72.58 139.69 41.36
C GLU Q 772 -74.11 139.69 41.56
N SER Q 773 -74.69 138.50 41.67
CA SER Q 773 -76.16 138.21 41.76
C SER Q 773 -76.88 138.63 40.46
N MET Q 774 -76.50 137.99 39.34
CA MET Q 774 -77.30 137.86 38.07
C MET Q 774 -76.87 136.55 37.35
N SER Q 775 -76.80 135.43 38.11
CA SER Q 775 -76.11 134.14 37.80
C SER Q 775 -76.82 133.37 36.69
N ALA Q 776 -76.77 133.93 35.48
CA ALA Q 776 -77.45 133.45 34.25
C ALA Q 776 -76.45 132.64 33.41
N LYS Q 777 -76.76 132.44 32.12
CA LYS Q 777 -75.84 131.94 31.05
C LYS Q 777 -74.60 132.86 30.89
N GLU Q 778 -74.70 134.16 31.24
CA GLU Q 778 -73.60 135.17 31.33
C GLU Q 778 -72.35 134.56 32.00
N ARG Q 779 -72.54 133.93 33.18
CA ARG Q 779 -71.46 133.32 34.01
C ARG Q 779 -70.80 132.19 33.23
N SER Q 780 -71.56 131.29 32.61
CA SER Q 780 -71.05 130.17 31.77
C SER Q 780 -70.20 130.73 30.61
N PHE Q 781 -70.70 131.75 29.89
CA PHE Q 781 -69.97 132.45 28.78
C PHE Q 781 -68.65 132.97 29.32
N MET Q 782 -68.68 133.70 30.45
CA MET Q 782 -67.48 134.37 31.04
C MET Q 782 -66.46 133.30 31.47
N CYS Q 783 -66.88 132.25 32.19
CA CYS Q 783 -65.98 131.20 32.75
C CYS Q 783 -65.31 130.45 31.59
N SER Q 784 -66.09 130.03 30.59
CA SER Q 784 -65.60 129.37 29.35
C SER Q 784 -64.67 130.32 28.57
N LEU Q 785 -64.98 131.63 28.52
CA LEU Q 785 -64.20 132.67 27.77
C LEU Q 785 -62.77 132.73 28.35
N ILE Q 786 -62.69 132.92 29.67
CA ILE Q 786 -61.41 132.98 30.44
C ILE Q 786 -60.68 131.65 30.25
N PHE Q 787 -61.41 130.51 30.33
CA PHE Q 787 -60.88 129.12 30.24
C PHE Q 787 -60.12 128.95 28.91
N LEU Q 788 -60.80 129.26 27.81
CA LEU Q 788 -60.21 129.16 26.44
C LEU Q 788 -59.08 130.20 26.27
N THR Q 789 -59.21 131.43 26.81
CA THR Q 789 -58.13 132.46 26.81
C THR Q 789 -56.87 131.89 27.50
N LEU Q 790 -57.01 131.25 28.66
CA LEU Q 790 -55.89 130.61 29.44
C LEU Q 790 -55.25 129.47 28.64
N ASN Q 791 -56.06 128.60 28.03
CA ASN Q 791 -55.54 127.48 27.21
C ASN Q 791 -54.74 128.07 26.04
N TRP Q 792 -55.26 129.13 25.39
CA TRP Q 792 -54.59 129.92 24.30
C TRP Q 792 -53.22 130.42 24.78
N PHE Q 793 -53.22 131.11 25.92
CA PHE Q 793 -52.02 131.73 26.54
C PHE Q 793 -51.04 130.60 26.92
N ARG Q 794 -51.52 129.48 27.48
CA ARG Q 794 -50.70 128.28 27.84
C ARG Q 794 -50.00 127.73 26.59
N GLU Q 795 -50.69 127.72 25.45
CA GLU Q 795 -50.10 127.19 24.19
C GLU Q 795 -49.10 128.21 23.60
N ILE Q 796 -49.35 129.52 23.74
CA ILE Q 796 -48.35 130.59 23.41
C ILE Q 796 -47.08 130.30 24.23
N VAL Q 797 -47.22 130.06 25.54
CA VAL Q 797 -46.08 129.84 26.48
C VAL Q 797 -45.34 128.53 26.10
N ASN Q 798 -46.08 127.48 25.72
CA ASN Q 798 -45.51 126.22 25.15
C ASN Q 798 -44.69 126.52 23.89
N ALA Q 799 -45.11 127.48 23.06
CA ALA Q 799 -44.40 127.89 21.82
C ALA Q 799 -43.08 128.62 22.13
N PHE Q 800 -43.13 129.74 22.84
CA PHE Q 800 -42.03 130.74 22.97
C PHE Q 800 -41.18 130.56 24.24
N CYS Q 801 -41.30 129.43 24.96
CA CYS Q 801 -40.45 129.08 26.14
C CYS Q 801 -38.99 128.86 25.74
N GLN Q 802 -38.81 128.06 24.68
CA GLN Q 802 -37.48 127.61 24.20
C GLN Q 802 -36.72 128.77 23.52
N GLU Q 803 -37.39 129.85 23.08
CA GLU Q 803 -36.75 131.00 22.40
C GLU Q 803 -35.82 131.74 23.38
N THR Q 804 -34.64 132.13 22.90
CA THR Q 804 -33.49 132.67 23.69
C THR Q 804 -33.43 134.21 23.61
N SER Q 805 -34.14 134.85 22.66
CA SER Q 805 -34.22 136.32 22.49
C SER Q 805 -34.76 136.92 23.80
N PRO Q 806 -34.10 137.97 24.35
CA PRO Q 806 -34.42 138.43 25.70
C PRO Q 806 -35.75 139.20 25.79
N GLU Q 807 -36.06 140.06 24.81
CA GLU Q 807 -37.35 140.82 24.73
C GLU Q 807 -38.52 139.82 24.67
N MET Q 808 -38.36 138.70 23.94
CA MET Q 808 -39.39 137.63 23.81
C MET Q 808 -39.63 136.97 25.18
N LYS Q 809 -38.57 136.69 25.94
CA LYS Q 809 -38.65 136.17 27.33
C LYS Q 809 -39.46 137.14 28.20
N GLY Q 810 -39.17 138.45 28.12
CA GLY Q 810 -39.90 139.53 28.82
C GLY Q 810 -41.39 139.49 28.52
N LYS Q 811 -41.74 139.33 27.24
CA LYS Q 811 -43.15 139.25 26.78
C LYS Q 811 -43.79 137.98 27.35
N VAL Q 812 -43.08 136.83 27.31
CA VAL Q 812 -43.53 135.52 27.88
C VAL Q 812 -43.81 135.70 29.38
N LEU Q 813 -42.96 136.43 30.10
CA LEU Q 813 -43.16 136.70 31.56
C LEU Q 813 -44.38 137.62 31.77
N THR Q 814 -44.58 138.64 30.90
CA THR Q 814 -45.79 139.51 30.91
C THR Q 814 -47.04 138.62 30.71
N ARG Q 815 -46.94 137.60 29.84
CA ARG Q 815 -48.00 136.58 29.59
C ARG Q 815 -48.23 135.67 30.81
N LEU Q 816 -47.18 135.18 31.50
CA LEU Q 816 -47.30 134.36 32.75
C LEU Q 816 -48.04 135.16 33.84
N LYS Q 817 -47.74 136.46 34.01
CA LYS Q 817 -48.45 137.37 34.96
C LYS Q 817 -49.94 137.44 34.60
N HIS Q 818 -50.25 137.63 33.31
CA HIS Q 818 -51.64 137.59 32.74
C HIS Q 818 -52.29 136.23 33.07
N ILE Q 819 -51.56 135.12 32.89
CA ILE Q 819 -52.03 133.71 33.17
C ILE Q 819 -52.48 133.63 34.63
N VAL Q 820 -51.60 134.00 35.56
CA VAL Q 820 -51.87 133.78 37.02
C VAL Q 820 -53.01 134.69 37.47
N GLU Q 821 -53.09 135.95 36.99
CA GLU Q 821 -54.16 136.90 37.43
C GLU Q 821 -55.51 136.43 36.87
N LEU Q 822 -55.56 135.99 35.61
CA LEU Q 822 -56.80 135.42 35.02
C LEU Q 822 -57.14 134.06 35.67
N GLN Q 823 -56.14 133.29 36.14
CA GLN Q 823 -56.37 132.02 36.90
C GLN Q 823 -57.09 132.35 38.21
N ILE Q 824 -56.67 133.43 38.91
CA ILE Q 824 -57.33 133.95 40.13
C ILE Q 824 -58.78 134.34 39.78
N ILE Q 825 -58.97 135.05 38.66
CA ILE Q 825 -60.32 135.52 38.19
C ILE Q 825 -61.18 134.28 37.86
N LEU Q 826 -60.63 133.23 37.23
CA LEU Q 826 -61.38 131.99 36.87
C LEU Q 826 -61.81 131.24 38.14
N GLU Q 827 -60.87 131.00 39.06
CA GLU Q 827 -61.15 130.22 40.30
C GLU Q 827 -62.18 130.98 41.16
N LYS Q 828 -62.17 132.33 41.17
CA LYS Q 828 -63.21 133.14 41.86
C LYS Q 828 -64.56 132.95 41.15
N TYR Q 829 -64.61 132.96 39.80
CA TYR Q 829 -65.87 132.74 39.03
C TYR Q 829 -66.44 131.34 39.30
N LEU Q 830 -65.58 130.31 39.38
CA LEU Q 830 -65.97 128.90 39.70
C LEU Q 830 -66.40 128.77 41.18
N ALA Q 831 -65.84 129.61 42.07
CA ALA Q 831 -66.19 129.64 43.51
C ALA Q 831 -67.60 130.21 43.70
N VAL Q 832 -67.92 131.33 43.02
CA VAL Q 832 -69.24 132.06 43.12
C VAL Q 832 -70.32 131.24 42.41
N THR Q 833 -70.04 130.74 41.20
CA THR Q 833 -70.97 129.91 40.38
C THR Q 833 -70.59 128.43 40.62
N PRO Q 834 -71.35 127.68 41.45
CA PRO Q 834 -70.84 126.44 42.07
C PRO Q 834 -70.68 125.24 41.13
N ASP Q 835 -71.74 124.88 40.38
CA ASP Q 835 -71.83 123.61 39.59
C ASP Q 835 -71.75 123.85 38.07
N TYR Q 836 -71.87 125.10 37.58
CA TYR Q 836 -71.92 125.44 36.12
C TYR Q 836 -70.48 125.32 35.56
N VAL Q 837 -70.05 124.08 35.25
CA VAL Q 837 -68.66 123.74 34.79
C VAL Q 837 -68.68 123.61 33.26
N PRO Q 838 -67.75 124.25 32.52
CA PRO Q 838 -67.50 123.85 31.14
C PRO Q 838 -66.60 122.61 31.09
N PRO Q 839 -67.09 121.40 30.70
CA PRO Q 839 -66.22 120.36 30.13
C PRO Q 839 -65.87 120.62 28.64
N LEU Q 840 -64.58 120.87 28.33
CA LEU Q 840 -64.04 121.23 26.97
C LEU Q 840 -62.91 120.25 26.53
N GLY Q 841 -63.00 118.96 26.86
CA GLY Q 841 -62.03 117.90 26.45
C GLY Q 841 -60.74 117.93 27.25
N LEU Q 916 -63.21 121.09 43.30
CA LEU Q 916 -63.48 121.47 41.87
C LEU Q 916 -62.21 122.05 41.19
N LEU Q 917 -61.27 122.69 41.91
CA LEU Q 917 -59.95 123.19 41.39
C LEU Q 917 -59.03 122.01 41.02
N LEU Q 918 -58.92 120.97 41.87
CA LEU Q 918 -58.04 119.76 41.66
C LEU Q 918 -58.48 118.99 40.39
N HIS Q 919 -59.80 118.87 40.12
CA HIS Q 919 -60.38 118.17 38.95
C HIS Q 919 -60.16 119.05 37.69
N ASN Q 920 -60.35 120.38 37.79
CA ASN Q 920 -60.10 121.35 36.67
C ASN Q 920 -58.60 121.40 36.35
N SER Q 921 -57.71 121.38 37.37
CA SER Q 921 -56.24 121.57 37.24
C SER Q 921 -55.60 120.51 36.34
N HIS Q 922 -56.02 119.23 36.41
CA HIS Q 922 -55.28 118.04 35.89
C HIS Q 922 -55.71 117.66 34.46
N ALA Q 923 -57.01 117.40 34.24
CA ALA Q 923 -57.55 116.77 33.02
C ALA Q 923 -58.05 117.83 32.04
N PHE Q 924 -58.82 118.78 32.56
CA PHE Q 924 -59.71 119.68 31.80
C PHE Q 924 -58.85 120.72 31.07
N PHE Q 925 -57.82 121.28 31.70
CA PHE Q 925 -56.87 122.23 31.05
C PHE Q 925 -55.96 121.46 30.11
N ARG Q 926 -55.23 122.20 29.27
CA ARG Q 926 -54.13 121.69 28.42
C ARG Q 926 -52.99 121.26 29.35
N GLU Q 927 -52.34 120.14 29.08
CA GLU Q 927 -51.12 119.67 29.79
C GLU Q 927 -49.92 120.36 29.13
N LEU Q 928 -49.08 121.08 29.88
CA LEU Q 928 -47.93 121.85 29.30
C LEU Q 928 -46.82 120.88 28.90
N ASP Q 929 -45.80 121.42 28.22
CA ASP Q 929 -44.56 120.72 27.76
C ASP Q 929 -43.64 120.48 28.97
N ILE Q 930 -42.44 119.93 28.74
CA ILE Q 930 -41.30 119.91 29.70
C ILE Q 930 -40.26 120.99 29.31
N GLU Q 931 -40.12 121.35 28.03
CA GLU Q 931 -39.19 122.42 27.56
C GLU Q 931 -39.73 123.82 27.93
N VAL Q 932 -41.02 123.91 28.30
CA VAL Q 932 -41.68 125.08 28.99
C VAL Q 932 -40.95 125.39 30.32
N PHE Q 933 -40.39 124.39 31.02
CA PHE Q 933 -39.57 124.57 32.26
C PHE Q 933 -38.17 125.13 31.94
N SER Q 934 -37.89 125.51 30.67
CA SER Q 934 -36.82 126.49 30.29
C SER Q 934 -37.12 127.90 30.86
N ILE Q 935 -38.36 128.19 31.31
CA ILE Q 935 -38.73 129.36 32.19
C ILE Q 935 -37.93 129.33 33.51
N LEU Q 936 -37.82 128.17 34.20
CA LEU Q 936 -37.30 128.04 35.61
C LEU Q 936 -35.84 128.53 35.76
N HIS Q 937 -35.07 128.67 34.66
CA HIS Q 937 -33.66 129.21 34.59
C HIS Q 937 -33.59 130.70 35.01
N CYS Q 938 -34.60 131.52 34.71
CA CYS Q 938 -34.69 132.97 35.07
C CYS Q 938 -34.81 133.11 36.59
N GLY Q 939 -34.10 134.10 37.17
CA GLY Q 939 -33.97 134.32 38.62
C GLY Q 939 -35.21 134.98 39.23
N LEU Q 940 -35.30 134.91 40.56
CA LEU Q 940 -36.46 135.38 41.37
C LEU Q 940 -36.42 136.93 41.49
N VAL Q 941 -37.61 137.55 41.44
CA VAL Q 941 -37.90 138.92 41.94
C VAL Q 941 -39.05 138.79 42.98
N THR Q 942 -38.73 138.37 44.23
CA THR Q 942 -39.65 138.16 45.40
C THR Q 942 -40.19 139.53 45.83
N LYS Q 943 -41.51 139.68 45.89
CA LYS Q 943 -42.21 141.00 45.99
C LYS Q 943 -42.16 141.61 47.39
N PHE Q 944 -41.95 140.82 48.45
CA PHE Q 944 -42.02 141.31 49.86
C PHE Q 944 -40.67 141.91 50.34
N ILE Q 945 -39.54 141.17 50.27
CA ILE Q 945 -38.22 141.56 50.91
C ILE Q 945 -37.47 142.65 50.07
N LEU Q 946 -37.24 142.46 48.76
CA LEU Q 946 -36.46 143.35 47.84
C LEU Q 946 -35.02 143.54 48.35
N LEU Q 960 -39.33 136.59 37.02
CA LEU Q 960 -40.10 135.42 37.55
C LEU Q 960 -40.45 135.69 39.02
N GLY Q 961 -41.72 135.94 39.33
CA GLY Q 961 -42.23 136.10 40.72
C GLY Q 961 -42.45 134.77 41.44
N PRO Q 962 -42.82 134.77 42.75
CA PRO Q 962 -43.25 133.55 43.46
C PRO Q 962 -44.44 132.76 42.89
N PRO Q 963 -45.63 133.35 42.56
CA PRO Q 963 -46.80 132.53 42.22
C PRO Q 963 -46.69 131.83 40.84
N GLU Q 964 -46.01 132.48 39.86
CA GLU Q 964 -45.61 131.85 38.57
C GLU Q 964 -44.63 130.68 38.83
N LEU Q 965 -43.74 130.77 39.82
CA LEU Q 965 -42.91 129.61 40.28
C LEU Q 965 -43.81 128.50 40.88
N LEU Q 966 -44.81 128.83 41.73
CA LEU Q 966 -45.82 127.88 42.32
C LEU Q 966 -46.48 127.07 41.18
N PHE Q 967 -46.96 127.77 40.14
CA PHE Q 967 -47.60 127.23 38.90
C PHE Q 967 -46.71 126.14 38.28
N LEU Q 968 -45.47 126.49 37.92
CA LEU Q 968 -44.50 125.59 37.23
C LEU Q 968 -44.17 124.39 38.13
N LEU Q 969 -43.89 124.62 39.43
CA LEU Q 969 -43.51 123.53 40.36
C LEU Q 969 -44.70 122.58 40.55
N GLU Q 970 -45.91 123.12 40.74
CA GLU Q 970 -47.16 122.31 40.85
C GLU Q 970 -47.28 121.39 39.63
N ASP Q 971 -47.04 121.91 38.41
CA ASP Q 971 -47.12 121.10 37.16
C ASP Q 971 -46.04 120.02 37.14
N LEU Q 972 -44.76 120.40 37.26
CA LEU Q 972 -43.62 119.45 37.13
C LEU Q 972 -43.80 118.34 38.18
N SER Q 973 -44.20 118.73 39.39
CA SER Q 973 -44.50 117.83 40.53
C SER Q 973 -45.62 116.85 40.17
N GLN Q 974 -46.79 117.35 39.75
CA GLN Q 974 -47.99 116.52 39.50
C GLN Q 974 -47.76 115.65 38.27
N LYS Q 975 -46.85 116.03 37.36
CA LYS Q 975 -46.36 115.19 36.23
C LYS Q 975 -45.57 113.98 36.76
N LEU Q 976 -44.56 114.27 37.54
CA LEU Q 976 -43.56 113.24 37.94
C LEU Q 976 -44.16 112.33 39.00
N GLU Q 977 -45.06 112.86 39.82
CA GLU Q 977 -45.95 112.09 40.74
C GLU Q 977 -46.50 110.88 40.00
N SER Q 978 -47.35 111.16 39.01
CA SER Q 978 -48.15 110.15 38.26
C SER Q 978 -47.19 109.25 37.48
N MET Q 979 -46.15 109.84 36.86
CA MET Q 979 -45.20 109.11 35.98
C MET Q 979 -44.45 108.05 36.80
N LEU Q 980 -43.73 108.49 37.81
CA LEU Q 980 -42.59 107.72 38.36
C LEU Q 980 -43.07 106.75 39.46
N THR Q 981 -44.34 106.82 39.87
CA THR Q 981 -44.95 105.93 40.90
C THR Q 981 -45.74 104.81 40.20
N PHE Q 1001 -53.12 113.02 31.40
CA PHE Q 1001 -51.65 112.90 31.15
C PHE Q 1001 -51.39 112.12 29.87
N SER Q 1002 -51.48 112.80 28.72
CA SER Q 1002 -51.17 112.26 27.38
C SER Q 1002 -49.68 112.46 27.06
N HIS Q 1003 -49.22 113.73 27.06
CA HIS Q 1003 -47.93 114.16 26.47
C HIS Q 1003 -46.76 113.67 27.33
N LEU Q 1004 -46.96 113.58 28.64
CA LEU Q 1004 -45.96 112.97 29.55
C LEU Q 1004 -45.82 111.47 29.28
N GLN Q 1005 -46.93 110.75 29.08
CA GLN Q 1005 -46.98 109.24 29.08
C GLN Q 1005 -46.33 108.69 27.79
N GLN Q 1006 -46.37 109.47 26.70
CA GLN Q 1006 -45.68 109.16 25.40
C GLN Q 1006 -44.16 109.37 25.52
N ARG Q 1007 -43.71 110.15 26.50
CA ARG Q 1007 -42.29 110.16 26.94
C ARG Q 1007 -42.04 108.98 27.89
N SER Q 1008 -40.87 108.32 27.76
CA SER Q 1008 -40.38 107.20 28.62
C SER Q 1008 -39.92 107.73 29.99
N ALA Q 1009 -40.18 106.97 31.07
CA ALA Q 1009 -39.90 107.33 32.48
C ALA Q 1009 -38.40 107.61 32.69
N GLN Q 1010 -37.56 106.75 32.13
CA GLN Q 1010 -36.09 106.89 32.18
C GLN Q 1010 -35.67 108.23 31.54
N GLU Q 1011 -36.27 108.63 30.40
CA GLU Q 1011 -35.95 109.91 29.69
C GLU Q 1011 -36.36 111.11 30.57
N ILE Q 1012 -37.49 110.99 31.28
CA ILE Q 1012 -38.12 112.02 32.17
C ILE Q 1012 -37.12 112.36 33.30
N VAL Q 1013 -36.60 111.32 33.97
CA VAL Q 1013 -35.62 111.46 35.08
C VAL Q 1013 -34.32 112.09 34.52
N HIS Q 1014 -33.85 111.64 33.35
CA HIS Q 1014 -32.65 112.18 32.65
C HIS Q 1014 -32.82 113.69 32.39
N CYS Q 1015 -33.98 114.09 31.87
CA CYS Q 1015 -34.23 115.49 31.45
C CYS Q 1015 -34.41 116.39 32.69
N VAL Q 1016 -35.08 115.91 33.75
CA VAL Q 1016 -35.31 116.67 35.03
C VAL Q 1016 -33.96 117.08 35.64
N PHE Q 1017 -32.93 116.25 35.51
CA PHE Q 1017 -31.63 116.48 36.20
C PHE Q 1017 -30.93 117.74 35.65
N GLN Q 1018 -30.93 117.98 34.34
CA GLN Q 1018 -30.46 119.26 33.72
C GLN Q 1018 -31.38 120.41 34.16
N LEU Q 1019 -32.70 120.17 34.19
CA LEU Q 1019 -33.77 121.21 34.19
C LEU Q 1019 -34.28 121.55 35.61
N LEU Q 1020 -33.82 120.86 36.68
CA LEU Q 1020 -34.16 121.16 38.10
C LEU Q 1020 -32.93 121.75 38.82
N THR Q 1021 -31.87 120.94 39.00
CA THR Q 1021 -30.86 121.12 40.10
C THR Q 1021 -30.16 122.49 40.01
N PRO Q 1022 -29.42 122.87 38.92
CA PRO Q 1022 -28.53 124.03 38.97
C PRO Q 1022 -29.19 125.40 38.77
N MET Q 1023 -30.53 125.48 38.78
CA MET Q 1023 -31.33 126.74 38.81
C MET Q 1023 -32.35 126.78 39.96
N CYS Q 1024 -32.83 125.64 40.50
CA CYS Q 1024 -33.78 125.55 41.65
C CYS Q 1024 -33.02 125.60 42.99
N ASN Q 1025 -31.76 125.15 43.02
CA ASN Q 1025 -30.86 125.29 44.20
C ASN Q 1025 -30.68 126.79 44.54
N HIS Q 1026 -30.61 127.67 43.53
CA HIS Q 1026 -30.55 129.16 43.68
C HIS Q 1026 -31.77 129.64 44.47
N LEU Q 1027 -32.93 129.15 44.05
CA LEU Q 1027 -34.28 129.53 44.58
C LEU Q 1027 -34.45 128.88 45.96
N GLU Q 1028 -33.94 127.65 46.18
CA GLU Q 1028 -33.87 126.95 47.52
C GLU Q 1028 -33.08 127.83 48.51
N ASN Q 1029 -31.91 128.34 48.09
CA ASN Q 1029 -31.05 129.25 48.90
C ASN Q 1029 -31.82 130.56 49.19
N ILE Q 1030 -32.48 131.16 48.17
CA ILE Q 1030 -33.33 132.39 48.31
C ILE Q 1030 -34.47 132.11 49.32
N HIS Q 1031 -35.12 130.92 49.28
CA HIS Q 1031 -36.18 130.49 50.26
C HIS Q 1031 -35.62 130.38 51.71
N ASN Q 1032 -34.44 129.75 51.90
CA ASN Q 1032 -33.71 129.69 53.21
C ASN Q 1032 -33.44 131.12 53.72
N TYR Q 1033 -33.01 132.04 52.83
CA TYR Q 1033 -32.73 133.47 53.14
C TYR Q 1033 -34.02 134.21 53.56
N PHE Q 1034 -35.17 134.00 52.88
CA PHE Q 1034 -36.49 134.59 53.25
C PHE Q 1034 -36.95 134.05 54.61
N GLN Q 1035 -36.94 132.72 54.81
CA GLN Q 1035 -37.52 132.07 56.03
C GLN Q 1035 -36.59 132.29 57.24
N CYS Q 1036 -35.28 132.62 57.03
CA CYS Q 1036 -34.33 133.18 58.05
C CYS Q 1036 -34.87 134.49 58.68
N LEU Q 1037 -35.59 135.32 57.90
CA LEU Q 1037 -36.15 136.65 58.31
C LEU Q 1037 -37.63 136.49 58.73
N LYS Q 1051 -48.36 140.69 52.72
CA LYS Q 1051 -47.28 140.11 53.59
C LYS Q 1051 -47.58 138.64 54.00
N VAL Q 1052 -48.84 138.27 54.28
CA VAL Q 1052 -49.24 136.89 54.70
C VAL Q 1052 -49.24 135.97 53.46
N GLN Q 1053 -49.77 136.46 52.33
CA GLN Q 1053 -49.98 135.68 51.07
C GLN Q 1053 -48.63 135.27 50.47
N GLU Q 1054 -47.64 136.18 50.47
CA GLU Q 1054 -46.23 135.94 50.00
C GLU Q 1054 -45.63 134.76 50.77
N TYR Q 1055 -45.74 134.82 52.11
CA TYR Q 1055 -45.27 133.76 53.05
C TYR Q 1055 -45.98 132.44 52.74
N HIS Q 1056 -47.32 132.45 52.60
CA HIS Q 1056 -48.16 131.27 52.22
C HIS Q 1056 -47.65 130.64 50.91
N ILE Q 1057 -47.37 131.46 49.89
CA ILE Q 1057 -46.87 131.00 48.56
C ILE Q 1057 -45.47 130.40 48.74
N MET Q 1058 -44.55 131.13 49.37
CA MET Q 1058 -43.10 130.78 49.38
C MET Q 1058 -42.85 129.56 50.27
N SER Q 1059 -43.68 129.34 51.31
CA SER Q 1059 -43.74 128.08 52.11
C SER Q 1059 -44.10 126.88 51.22
N SER Q 1060 -45.07 127.04 50.31
CA SER Q 1060 -45.62 125.96 49.44
C SER Q 1060 -44.66 125.63 48.29
N CYS Q 1061 -44.03 126.64 47.64
CA CYS Q 1061 -42.85 126.49 46.72
C CYS Q 1061 -41.81 125.57 47.39
N TYR Q 1062 -41.46 125.93 48.65
CA TYR Q 1062 -40.41 125.29 49.49
C TYR Q 1062 -40.76 123.81 49.73
N GLN Q 1063 -42.01 123.53 50.13
CA GLN Q 1063 -42.60 122.17 50.32
C GLN Q 1063 -42.46 121.34 49.03
N ARG Q 1064 -42.93 121.90 47.91
CA ARG Q 1064 -42.92 121.16 46.62
C ARG Q 1064 -41.49 120.94 46.15
N LEU Q 1065 -40.58 121.91 46.35
CA LEU Q 1065 -39.14 121.79 45.99
C LEU Q 1065 -38.55 120.57 46.72
N LEU Q 1066 -38.81 120.43 48.03
CA LEU Q 1066 -38.33 119.27 48.86
C LEU Q 1066 -38.98 117.97 48.33
N GLN Q 1067 -40.27 118.03 48.01
CA GLN Q 1067 -41.03 116.88 47.43
C GLN Q 1067 -40.47 116.50 46.05
N ILE Q 1068 -40.17 117.49 45.20
CA ILE Q 1068 -39.56 117.30 43.83
C ILE Q 1068 -38.26 116.52 44.00
N PHE Q 1069 -37.41 116.98 44.91
CA PHE Q 1069 -36.07 116.37 45.13
C PHE Q 1069 -36.29 114.95 45.67
N HIS Q 1070 -37.21 114.73 46.63
CA HIS Q 1070 -37.59 113.38 47.18
C HIS Q 1070 -37.94 112.43 46.04
N GLY Q 1071 -38.95 112.83 45.25
CA GLY Q 1071 -39.49 112.04 44.14
C GLY Q 1071 -38.40 111.72 43.12
N LEU Q 1072 -37.52 112.68 42.83
CA LEU Q 1072 -36.44 112.57 41.82
C LEU Q 1072 -35.41 111.55 42.29
N PHE Q 1073 -34.93 111.66 43.53
CA PHE Q 1073 -33.81 110.85 44.09
C PHE Q 1073 -34.39 109.52 44.67
N ALA Q 1074 -35.69 109.45 44.99
CA ALA Q 1074 -36.40 108.20 45.38
C ALA Q 1074 -36.80 107.35 44.16
N TRP Q 1075 -36.39 107.73 42.93
CA TRP Q 1075 -36.42 106.93 41.67
C TRP Q 1075 -35.94 105.49 41.93
N SER Q 1076 -36.76 104.47 41.58
CA SER Q 1076 -36.48 103.00 41.72
C SER Q 1076 -35.55 102.46 40.63
N GLY Q 1077 -35.11 103.32 39.67
CA GLY Q 1077 -34.11 103.04 38.61
C GLY Q 1077 -32.68 103.38 39.01
N PHE Q 1078 -32.45 103.89 40.22
CA PHE Q 1078 -31.13 103.98 40.90
C PHE Q 1078 -30.87 102.74 41.78
N SER Q 1079 -31.83 101.83 41.89
CA SER Q 1079 -31.60 100.37 42.11
C SER Q 1079 -30.76 99.81 40.94
N GLN Q 1080 -31.11 100.20 39.71
CA GLN Q 1080 -30.43 99.77 38.46
C GLN Q 1080 -29.19 100.63 38.26
N PRO Q 1081 -28.04 100.02 37.87
CA PRO Q 1081 -26.77 100.74 37.82
C PRO Q 1081 -26.55 101.73 36.64
N GLU Q 1082 -27.22 101.53 35.51
CA GLU Q 1082 -27.05 102.32 34.25
C GLU Q 1082 -27.38 103.81 34.49
N ASN Q 1083 -28.37 104.09 35.35
CA ASN Q 1083 -28.89 105.43 35.72
C ASN Q 1083 -28.00 106.09 36.77
N GLN Q 1084 -27.16 105.32 37.48
CA GLN Q 1084 -26.36 105.80 38.62
C GLN Q 1084 -25.24 106.74 38.15
N ASN Q 1085 -24.80 106.69 36.88
CA ASN Q 1085 -23.91 107.71 36.24
C ASN Q 1085 -24.51 109.11 36.41
N LEU Q 1086 -25.80 109.21 36.04
CA LEU Q 1086 -26.63 110.44 36.19
C LEU Q 1086 -26.71 110.83 37.67
N LEU Q 1087 -26.98 109.87 38.57
CA LEU Q 1087 -27.09 110.06 40.05
C LEU Q 1087 -25.76 110.66 40.57
N TYR Q 1088 -24.61 110.23 40.06
CA TYR Q 1088 -23.27 110.73 40.47
C TYR Q 1088 -23.10 112.19 40.05
N SER Q 1089 -23.46 112.55 38.81
CA SER Q 1089 -23.48 113.96 38.34
C SER Q 1089 -24.50 114.78 39.17
N ALA Q 1090 -25.63 114.18 39.58
CA ALA Q 1090 -26.67 114.81 40.45
C ALA Q 1090 -26.09 115.15 41.83
N LEU Q 1091 -25.36 114.22 42.46
CA LEU Q 1091 -24.72 114.44 43.77
C LEU Q 1091 -23.52 115.41 43.60
N HIS Q 1092 -22.87 115.43 42.42
CA HIS Q 1092 -21.83 116.44 42.02
C HIS Q 1092 -22.41 117.87 42.04
N VAL Q 1093 -23.73 118.07 41.94
CA VAL Q 1093 -24.40 119.39 42.15
C VAL Q 1093 -24.79 119.59 43.63
N LEU Q 1094 -25.26 118.56 44.39
CA LEU Q 1094 -25.65 118.69 45.84
C LEU Q 1094 -24.42 118.94 46.73
N SER Q 1095 -23.35 118.15 46.53
CA SER Q 1095 -22.02 118.31 47.16
C SER Q 1095 -21.36 119.64 46.75
N SER Q 1096 -21.46 120.05 45.47
CA SER Q 1096 -20.86 121.29 44.88
C SER Q 1096 -21.71 122.54 45.15
N ARG Q 1097 -22.83 122.41 45.89
CA ARG Q 1097 -23.66 123.58 46.30
C ARG Q 1097 -23.00 124.30 47.50
N LEU Q 1098 -22.17 123.60 48.29
CA LEU Q 1098 -21.34 124.17 49.40
C LEU Q 1098 -19.97 124.62 48.88
N LYS Q 1099 -19.16 123.74 48.26
CA LYS Q 1099 -17.77 124.04 47.81
C LYS Q 1099 -17.42 123.26 46.52
N GLN Q 1100 -16.88 123.96 45.48
CA GLN Q 1100 -16.40 123.39 44.18
C GLN Q 1100 -14.88 123.11 44.22
N GLY Q 1101 -14.38 122.33 43.24
CA GLY Q 1101 -12.98 121.90 43.13
C GLY Q 1101 -12.74 120.46 43.60
N GLU Q 1102 -13.67 119.86 44.37
CA GLU Q 1102 -13.60 118.44 44.85
C GLU Q 1102 -14.07 117.51 43.71
N HIS Q 1103 -13.14 117.04 42.87
CA HIS Q 1103 -13.41 116.21 41.65
C HIS Q 1103 -12.91 114.78 41.86
N SER Q 1104 -13.62 113.81 41.25
CA SER Q 1104 -13.45 112.33 41.41
C SER Q 1104 -13.67 111.90 42.86
N GLN Q 1105 -14.77 112.35 43.50
CA GLN Q 1105 -15.10 112.05 44.93
C GLN Q 1105 -15.80 110.68 45.02
N PRO Q 1106 -15.59 109.89 46.12
CA PRO Q 1106 -16.30 108.62 46.29
C PRO Q 1106 -17.81 108.82 46.55
N LEU Q 1107 -18.59 107.79 46.28
CA LEU Q 1107 -20.06 107.69 46.50
C LEU Q 1107 -20.48 108.16 47.91
N GLU Q 1108 -19.92 107.57 48.99
CA GLU Q 1108 -20.33 107.87 50.40
C GLU Q 1108 -19.93 109.31 50.78
N GLU Q 1109 -18.82 109.82 50.22
CA GLU Q 1109 -18.40 111.25 50.39
C GLU Q 1109 -19.47 112.18 49.81
N LEU Q 1110 -19.98 111.88 48.61
CA LEU Q 1110 -21.05 112.66 47.94
C LEU Q 1110 -22.32 112.58 48.81
N LEU Q 1111 -22.64 111.40 49.38
CA LEU Q 1111 -23.81 111.19 50.29
C LEU Q 1111 -23.66 112.16 51.48
N SER Q 1112 -22.53 112.09 52.17
CA SER Q 1112 -22.24 112.92 53.38
C SER Q 1112 -22.26 114.41 53.00
N GLN Q 1113 -21.64 114.81 51.88
CA GLN Q 1113 -21.61 116.22 51.36
C GLN Q 1113 -23.05 116.72 51.16
N SER Q 1114 -23.85 115.93 50.42
CA SER Q 1114 -25.23 116.28 50.00
C SER Q 1114 -26.11 116.46 51.25
N VAL Q 1115 -26.05 115.53 52.20
CA VAL Q 1115 -26.86 115.59 53.45
C VAL Q 1115 -26.37 116.75 54.32
N HIS Q 1116 -25.06 117.06 54.33
CA HIS Q 1116 -24.46 118.19 55.07
C HIS Q 1116 -24.99 119.52 54.48
N TYR Q 1117 -25.13 119.60 53.16
CA TYR Q 1117 -25.78 120.74 52.46
C TYR Q 1117 -27.27 120.79 52.87
N LEU Q 1118 -27.99 119.66 52.83
CA LEU Q 1118 -29.47 119.60 52.98
C LEU Q 1118 -29.95 119.72 54.44
N GLN Q 1119 -29.17 119.26 55.43
CA GLN Q 1119 -29.60 119.23 56.85
C GLN Q 1119 -29.77 120.67 57.37
N ASN Q 1120 -28.91 121.61 56.92
CA ASN Q 1120 -28.86 123.06 57.29
C ASN Q 1120 -30.08 123.87 56.82
N PHE Q 1121 -31.14 123.24 56.28
CA PHE Q 1121 -32.45 123.90 55.97
C PHE Q 1121 -33.44 123.72 57.14
N HIS Q 1122 -33.08 123.03 58.24
CA HIS Q 1122 -34.03 122.63 59.33
C HIS Q 1122 -34.59 123.86 60.08
N GLN Q 1123 -33.82 124.93 60.23
CA GLN Q 1123 -34.27 126.21 60.86
C GLN Q 1123 -35.32 126.95 59.99
N SER Q 1124 -35.25 126.89 58.64
CA SER Q 1124 -36.03 127.73 57.68
C SER Q 1124 -37.34 127.06 57.18
N ILE Q 1125 -37.84 126.00 57.84
CA ILE Q 1125 -39.12 125.28 57.49
C ILE Q 1125 -40.29 125.98 58.20
N PRO Q 1126 -41.29 126.52 57.48
CA PRO Q 1126 -42.42 127.19 58.12
C PRO Q 1126 -43.58 126.32 58.65
N SER Q 1127 -43.85 125.19 57.99
CA SER Q 1127 -45.00 124.27 58.22
C SER Q 1127 -44.52 122.81 58.22
N PHE Q 1128 -45.33 121.91 58.79
CA PHE Q 1128 -44.99 120.49 59.07
C PHE Q 1128 -44.48 119.76 57.81
N GLN Q 1129 -45.19 119.93 56.71
CA GLN Q 1129 -45.16 119.04 55.51
C GLN Q 1129 -43.74 119.07 54.92
N CYS Q 1130 -43.12 120.28 54.79
CA CYS Q 1130 -41.74 120.53 54.27
C CYS Q 1130 -40.72 119.69 55.06
N ALA Q 1131 -40.83 119.75 56.39
CA ALA Q 1131 -40.00 118.98 57.35
C ALA Q 1131 -40.14 117.47 57.07
N LEU Q 1132 -41.35 116.92 56.98
CA LEU Q 1132 -41.53 115.45 56.75
C LEU Q 1132 -40.93 115.08 55.38
N TYR Q 1133 -41.15 115.88 54.32
CA TYR Q 1133 -40.59 115.65 52.95
C TYR Q 1133 -39.05 115.62 53.02
N LEU Q 1134 -38.45 116.63 53.69
CA LEU Q 1134 -36.97 116.71 53.87
C LEU Q 1134 -36.46 115.46 54.62
N ILE Q 1135 -37.17 114.97 55.65
CA ILE Q 1135 -36.77 113.78 56.47
C ILE Q 1135 -36.83 112.52 55.60
N ARG Q 1136 -37.88 112.37 54.81
CA ARG Q 1136 -38.02 111.21 53.91
C ARG Q 1136 -36.93 111.29 52.83
N LEU Q 1137 -36.63 112.48 52.33
CA LEU Q 1137 -35.51 112.77 51.37
C LEU Q 1137 -34.19 112.28 51.97
N LEU Q 1138 -33.87 112.73 53.20
CA LEU Q 1138 -32.56 112.43 53.84
C LEU Q 1138 -32.49 110.93 54.15
N MET Q 1139 -33.61 110.30 54.49
CA MET Q 1139 -33.72 108.83 54.72
C MET Q 1139 -33.37 108.07 53.44
N VAL Q 1140 -33.99 108.47 52.32
CA VAL Q 1140 -33.82 107.80 50.98
C VAL Q 1140 -32.41 108.03 50.44
N ILE Q 1141 -31.75 109.11 50.82
CA ILE Q 1141 -30.31 109.33 50.48
C ILE Q 1141 -29.44 108.49 51.44
N LEU Q 1142 -29.66 108.58 52.77
CA LEU Q 1142 -28.75 108.02 53.81
C LEU Q 1142 -28.81 106.48 53.85
N GLU Q 1143 -29.91 105.87 53.40
CA GLU Q 1143 -30.03 104.38 53.27
C GLU Q 1143 -29.12 103.80 52.15
N LYS Q 1144 -28.53 104.60 51.22
CA LYS Q 1144 -27.62 104.12 50.12
C LYS Q 1144 -26.30 103.53 50.65
N SER Q 1145 -25.78 104.03 51.79
CA SER Q 1145 -24.49 103.66 52.44
C SER Q 1145 -24.47 102.16 52.81
N GLN Q 1150 -25.86 103.67 62.17
CA GLN Q 1150 -24.81 104.73 62.06
C GLN Q 1150 -25.42 106.10 61.75
N ASN Q 1151 -26.17 106.22 60.65
CA ASN Q 1151 -26.92 107.46 60.24
C ASN Q 1151 -28.36 107.39 60.76
N LYS Q 1152 -28.74 106.24 61.34
CA LYS Q 1152 -29.89 106.03 62.26
C LYS Q 1152 -30.06 107.22 63.21
N GLU Q 1153 -28.98 107.58 63.91
CA GLU Q 1153 -28.83 108.80 64.76
C GLU Q 1153 -29.28 110.09 64.03
N LYS Q 1154 -28.75 110.37 62.82
CA LYS Q 1154 -29.06 111.60 62.01
C LYS Q 1154 -30.57 111.70 61.81
N ILE Q 1155 -31.21 110.60 61.41
CA ILE Q 1155 -32.67 110.51 61.09
C ILE Q 1155 -33.48 110.63 62.39
N ALA Q 1156 -33.11 109.89 63.44
CA ALA Q 1156 -33.73 109.92 64.79
C ALA Q 1156 -33.65 111.33 65.37
N SER Q 1157 -32.45 111.93 65.39
CA SER Q 1157 -32.18 113.31 65.89
C SER Q 1157 -33.03 114.33 65.13
N LEU Q 1158 -33.06 114.22 63.80
CA LEU Q 1158 -33.75 115.20 62.91
C LEU Q 1158 -35.25 115.02 63.09
N ALA Q 1159 -35.72 113.76 63.12
CA ALA Q 1159 -37.12 113.38 63.41
C ALA Q 1159 -37.54 113.96 64.77
N ARG Q 1160 -36.72 113.81 65.81
CA ARG Q 1160 -36.97 114.37 67.16
C ARG Q 1160 -37.02 115.92 67.11
N GLN Q 1161 -36.06 116.59 66.45
CA GLN Q 1161 -36.02 118.09 66.30
C GLN Q 1161 -37.39 118.59 65.82
N PHE Q 1162 -37.84 118.01 64.69
CA PHE Q 1162 -39.09 118.36 63.98
C PHE Q 1162 -40.34 117.72 64.61
N LEU Q 1163 -40.24 116.79 65.56
CA LEU Q 1163 -41.38 116.47 66.47
C LEU Q 1163 -41.48 117.57 67.56
N CYS Q 1164 -40.35 118.15 67.99
CA CYS Q 1164 -40.22 119.01 69.20
C CYS Q 1164 -40.47 120.51 68.92
N ARG Q 1165 -40.43 120.96 67.67
CA ARG Q 1165 -40.73 122.38 67.31
C ARG Q 1165 -42.21 122.64 67.59
N VAL Q 1166 -42.67 123.90 67.51
CA VAL Q 1166 -44.02 124.35 67.97
C VAL Q 1166 -45.09 124.11 66.87
N TRP Q 1167 -44.80 124.48 65.61
CA TRP Q 1167 -45.63 124.26 64.37
C TRP Q 1167 -47.01 124.95 64.45
N PRO Q 1168 -47.20 126.15 63.84
CA PRO Q 1168 -48.47 126.89 63.92
C PRO Q 1168 -49.60 126.37 63.01
N ASN Q 1176 -52.87 123.32 60.16
CA ASN Q 1176 -52.60 122.30 61.23
C ASN Q 1176 -51.93 121.06 60.59
N ILE Q 1177 -51.68 120.01 61.39
CA ILE Q 1177 -50.96 118.75 61.02
C ILE Q 1177 -51.95 117.59 60.93
N SER Q 1178 -52.02 116.94 59.77
CA SER Q 1178 -52.86 115.73 59.55
C SER Q 1178 -52.29 114.56 60.37
N ASN Q 1179 -53.19 113.63 60.71
CA ASN Q 1179 -52.92 112.42 61.56
C ASN Q 1179 -51.89 111.51 60.88
N ASP Q 1180 -52.00 111.33 59.56
CA ASP Q 1180 -51.22 110.33 58.78
C ASP Q 1180 -49.85 110.92 58.39
N GLN Q 1181 -49.73 112.24 58.19
CA GLN Q 1181 -48.41 112.95 58.11
C GLN Q 1181 -47.60 112.56 59.36
N LEU Q 1182 -48.24 112.68 60.52
CA LEU Q 1182 -47.65 112.48 61.88
C LEU Q 1182 -47.34 110.99 62.13
N HIS Q 1183 -48.19 110.07 61.65
CA HIS Q 1183 -47.97 108.60 61.64
C HIS Q 1183 -46.64 108.30 60.91
N ALA Q 1184 -46.49 108.84 59.69
CA ALA Q 1184 -45.31 108.69 58.80
C ALA Q 1184 -44.05 109.16 59.54
N LEU Q 1185 -44.12 110.32 60.18
CA LEU Q 1185 -42.96 110.91 60.92
C LEU Q 1185 -42.58 110.05 62.13
N LEU Q 1186 -43.57 109.50 62.86
CA LEU Q 1186 -43.31 108.71 64.10
C LEU Q 1186 -42.68 107.35 63.76
N CYS Q 1187 -43.20 106.67 62.74
CA CYS Q 1187 -42.63 105.37 62.27
C CYS Q 1187 -41.25 105.62 61.62
N ILE Q 1188 -40.95 106.85 61.13
CA ILE Q 1188 -39.58 107.25 60.66
C ILE Q 1188 -38.66 107.40 61.87
N TYR Q 1189 -39.11 108.06 62.96
CA TYR Q 1189 -38.34 108.27 64.22
C TYR Q 1189 -38.00 106.90 64.86
N LEU Q 1190 -39.02 106.07 65.14
CA LEU Q 1190 -38.90 104.90 66.04
C LEU Q 1190 -38.07 103.77 65.41
N GLU Q 1191 -38.19 103.53 64.08
CA GLU Q 1191 -37.35 102.58 63.29
C GLU Q 1191 -35.84 102.88 63.44
N HIS Q 1192 -35.49 104.16 63.31
CA HIS Q 1192 -34.09 104.67 63.09
C HIS Q 1192 -33.44 105.07 64.42
N THR Q 1193 -34.18 105.22 65.52
CA THR Q 1193 -33.62 105.36 66.90
C THR Q 1193 -32.86 104.07 67.28
N GLU Q 1194 -31.87 104.23 68.16
CA GLU Q 1194 -30.92 103.19 68.66
C GLU Q 1194 -31.67 102.02 69.32
N SER Q 1195 -32.62 102.34 70.22
CA SER Q 1195 -33.41 101.40 71.05
C SER Q 1195 -34.89 101.81 71.01
N ILE Q 1196 -35.75 100.92 70.53
CA ILE Q 1196 -37.20 101.23 70.38
C ILE Q 1196 -37.85 101.20 71.78
N LEU Q 1197 -37.43 100.31 72.70
CA LEU Q 1197 -38.07 100.13 74.04
C LEU Q 1197 -37.82 101.37 74.94
N LYS Q 1198 -36.68 102.08 74.80
CA LYS Q 1198 -36.35 103.32 75.57
C LYS Q 1198 -36.87 104.59 74.86
N ALA Q 1199 -37.07 104.59 73.54
CA ALA Q 1199 -37.91 105.58 72.83
C ALA Q 1199 -39.38 105.49 73.32
N ILE Q 1200 -39.93 104.27 73.56
CA ILE Q 1200 -41.34 104.00 74.06
C ILE Q 1200 -41.52 104.49 75.52
N GLU Q 1201 -40.66 104.07 76.46
CA GLU Q 1201 -40.76 104.41 77.91
C GLU Q 1201 -40.64 105.93 78.11
N GLU Q 1202 -39.77 106.58 77.31
CA GLU Q 1202 -39.58 108.05 77.15
C GLU Q 1202 -40.94 108.72 76.87
N ILE Q 1203 -41.60 108.31 75.79
CA ILE Q 1203 -42.81 109.00 75.22
C ILE Q 1203 -44.09 108.51 75.96
N ALA Q 1204 -44.06 107.41 76.74
CA ALA Q 1204 -45.16 106.97 77.65
C ALA Q 1204 -44.98 107.49 79.09
N GLY Q 1205 -43.90 108.28 79.38
CA GLY Q 1205 -43.81 109.24 80.51
C GLY Q 1205 -43.87 110.69 80.03
N VAL Q 1206 -44.41 110.91 78.80
CA VAL Q 1206 -44.90 112.19 78.21
C VAL Q 1206 -46.40 112.04 77.82
N GLY Q 1207 -46.83 110.86 77.32
CA GLY Q 1207 -48.23 110.39 77.24
C GLY Q 1207 -49.03 110.61 78.52
N VAL Q 1208 -48.38 110.65 79.70
CA VAL Q 1208 -49.00 110.93 81.04
C VAL Q 1208 -49.21 112.45 81.23
N PRO Q 1209 -48.18 113.35 81.21
CA PRO Q 1209 -48.40 114.80 81.37
C PRO Q 1209 -49.16 115.57 80.26
N GLU Q 1210 -49.71 114.88 79.27
CA GLU Q 1210 -50.79 115.45 78.41
C GLU Q 1210 -52.09 115.62 79.21
N LEU Q 1211 -52.38 114.74 80.18
CA LEU Q 1211 -53.57 114.83 81.10
C LEU Q 1211 -53.36 115.87 82.20
N ILE Q 1212 -52.19 115.78 82.87
CA ILE Q 1212 -51.92 116.51 84.14
C ILE Q 1212 -51.71 117.99 83.77
N ASN Q 1213 -50.94 118.30 82.72
CA ASN Q 1213 -50.70 119.69 82.21
C ASN Q 1213 -51.84 120.16 81.30
N SER Q 1214 -51.93 119.62 80.08
CA SER Q 1214 -52.71 120.24 78.97
C SER Q 1214 -54.19 119.88 79.09
N PRO Q 1215 -55.13 120.87 79.14
CA PRO Q 1215 -56.57 120.60 79.01
C PRO Q 1215 -57.10 120.54 77.56
N SER Q 1220 -49.67 119.91 72.61
CA SER Q 1220 -49.52 120.53 73.95
C SER Q 1220 -49.24 119.45 75.01
N SER Q 1221 -47.95 119.25 75.34
CA SER Q 1221 -47.43 118.29 76.36
C SER Q 1221 -46.04 118.73 76.83
N THR Q 1222 -45.15 117.81 77.24
CA THR Q 1222 -43.66 118.01 77.30
C THR Q 1222 -42.99 117.34 76.08
N PHE Q 1223 -43.60 117.47 74.89
CA PHE Q 1223 -43.15 116.93 73.56
C PHE Q 1223 -44.19 117.27 72.48
N PRO Q 1224 -44.24 118.51 71.90
CA PRO Q 1224 -45.41 118.97 71.14
C PRO Q 1224 -45.58 118.29 69.78
N THR Q 1225 -46.66 118.61 69.07
CA THR Q 1225 -47.38 117.71 68.13
C THR Q 1225 -47.85 116.47 68.91
N LEU Q 1226 -48.47 116.68 70.09
CA LEU Q 1226 -49.10 115.61 70.93
C LEU Q 1226 -50.38 116.18 71.55
N THR Q 1227 -51.28 116.74 70.73
CA THR Q 1227 -52.66 117.16 71.13
C THR Q 1227 -53.49 115.94 71.56
N ARG Q 1228 -54.68 116.19 72.14
CA ARG Q 1228 -55.73 115.18 72.51
C ARG Q 1228 -56.23 114.44 71.27
N HIS Q 1229 -56.30 115.13 70.14
CA HIS Q 1229 -56.49 114.56 68.78
C HIS Q 1229 -55.34 113.58 68.51
N THR Q 1230 -54.10 114.09 68.55
CA THR Q 1230 -52.81 113.46 68.12
C THR Q 1230 -52.40 112.24 68.99
N PHE Q 1231 -52.95 112.08 70.21
CA PHE Q 1231 -52.62 110.95 71.12
C PHE Q 1231 -52.96 109.58 70.49
N VAL Q 1232 -54.07 109.49 69.76
CA VAL Q 1232 -54.53 108.24 69.09
C VAL Q 1232 -53.41 107.70 68.19
N VAL Q 1233 -52.83 108.56 67.35
CA VAL Q 1233 -51.77 108.20 66.34
C VAL Q 1233 -50.48 107.83 67.07
N PHE Q 1234 -50.07 108.58 68.10
CA PHE Q 1234 -48.90 108.24 68.94
C PHE Q 1234 -49.10 106.85 69.57
N PHE Q 1235 -50.30 106.61 70.11
CA PHE Q 1235 -50.71 105.32 70.72
C PHE Q 1235 -50.62 104.20 69.68
N ARG Q 1236 -51.30 104.37 68.53
CA ARG Q 1236 -51.31 103.40 67.40
C ARG Q 1236 -49.87 103.08 66.97
N VAL Q 1237 -49.05 104.08 66.65
CA VAL Q 1237 -47.68 103.92 66.07
C VAL Q 1237 -46.77 103.16 67.05
N MET Q 1238 -46.68 103.63 68.29
CA MET Q 1238 -45.91 102.98 69.38
C MET Q 1238 -46.30 101.49 69.49
N MET Q 1239 -47.61 101.15 69.54
CA MET Q 1239 -48.14 99.77 69.78
C MET Q 1239 -47.79 98.86 68.60
N ALA Q 1240 -47.98 99.39 67.37
CA ALA Q 1240 -47.48 98.86 66.09
C ALA Q 1240 -45.97 98.59 66.17
N GLU Q 1241 -45.17 99.61 66.49
CA GLU Q 1241 -43.68 99.55 66.59
C GLU Q 1241 -43.27 98.48 67.62
N LEU Q 1242 -43.99 98.40 68.75
CA LEU Q 1242 -43.77 97.45 69.88
C LEU Q 1242 -43.96 96.01 69.40
N GLU Q 1243 -45.13 95.72 68.80
CA GLU Q 1243 -45.50 94.36 68.33
C GLU Q 1243 -44.53 93.93 67.19
N LYS Q 1244 -44.11 94.87 66.34
CA LYS Q 1244 -43.11 94.70 65.22
C LYS Q 1244 -41.74 94.35 65.80
N THR Q 1245 -41.32 95.09 66.82
CA THR Q 1245 -40.00 94.92 67.48
C THR Q 1245 -39.93 93.58 68.19
N VAL Q 1246 -41.01 93.19 68.86
CA VAL Q 1246 -41.05 91.99 69.74
C VAL Q 1246 -41.09 90.72 68.86
N LYS Q 1247 -41.69 90.79 67.68
CA LYS Q 1247 -41.78 89.62 66.78
C LYS Q 1247 -40.40 89.28 66.18
N LYS Q 1248 -39.45 90.22 66.13
CA LYS Q 1248 -38.05 90.00 65.65
C LYS Q 1248 -37.17 89.30 66.72
N ILE Q 1249 -37.71 89.02 67.91
CA ILE Q 1249 -37.05 88.17 68.94
C ILE Q 1249 -37.06 86.73 68.43
N GLU Q 1250 -35.92 86.05 68.52
CA GLU Q 1250 -35.79 84.60 68.26
C GLU Q 1250 -35.79 83.90 69.62
N PRO Q 1251 -36.53 82.78 69.83
CA PRO Q 1251 -36.30 81.92 70.98
C PRO Q 1251 -35.04 81.08 70.72
N GLY Q 1252 -34.27 80.82 71.78
CA GLY Q 1252 -32.95 80.20 71.69
C GLY Q 1252 -33.05 78.68 71.61
N THR Q 1253 -32.14 78.01 72.32
CA THR Q 1253 -32.13 76.54 72.57
C THR Q 1253 -31.71 76.33 74.04
N ALA Q 1254 -31.81 75.09 74.58
CA ALA Q 1254 -31.28 74.70 75.90
C ALA Q 1254 -29.74 74.69 75.87
N ALA Q 1255 -29.15 74.26 74.72
CA ALA Q 1255 -27.69 74.25 74.43
C ALA Q 1255 -27.08 75.66 74.45
N ASP Q 1256 -27.86 76.72 74.13
CA ASP Q 1256 -27.42 78.15 74.14
C ASP Q 1256 -27.12 78.57 75.59
N SER Q 1257 -26.15 79.49 75.76
CA SER Q 1257 -25.65 79.94 77.09
C SER Q 1257 -26.79 80.59 77.90
N GLN Q 1258 -26.69 80.50 79.22
CA GLN Q 1258 -27.62 81.12 80.20
C GLN Q 1258 -27.57 82.67 80.11
N GLN Q 1259 -26.42 83.25 79.71
CA GLN Q 1259 -26.26 84.72 79.46
C GLN Q 1259 -27.29 85.21 78.44
N ILE Q 1260 -27.38 84.53 77.30
CA ILE Q 1260 -28.29 84.88 76.17
C ILE Q 1260 -29.75 84.63 76.61
N HIS Q 1261 -30.03 83.58 77.40
CA HIS Q 1261 -31.37 83.32 78.03
C HIS Q 1261 -31.78 84.54 78.88
N GLU Q 1262 -30.90 84.98 79.79
CA GLU Q 1262 -31.22 86.09 80.74
C GLU Q 1262 -31.34 87.42 79.98
N GLU Q 1263 -30.51 87.71 78.96
CA GLU Q 1263 -30.57 88.99 78.16
C GLU Q 1263 -31.89 89.04 77.39
N LYS Q 1264 -32.33 87.91 76.83
CA LYS Q 1264 -33.64 87.81 76.13
C LYS Q 1264 -34.78 87.89 77.15
N LEU Q 1265 -34.67 87.27 78.34
CA LEU Q 1265 -35.70 87.34 79.45
C LEU Q 1265 -35.82 88.79 79.93
N LEU Q 1266 -34.68 89.50 80.07
CA LEU Q 1266 -34.60 90.96 80.33
C LEU Q 1266 -35.30 91.74 79.21
N TYR Q 1267 -34.96 91.46 77.94
CA TYR Q 1267 -35.56 92.12 76.75
C TYR Q 1267 -37.08 91.84 76.67
N TRP Q 1268 -37.53 90.62 77.02
CA TRP Q 1268 -38.97 90.27 77.14
C TRP Q 1268 -39.64 91.10 78.24
N ASN Q 1269 -39.02 91.19 79.42
CA ASN Q 1269 -39.63 91.88 80.59
C ASN Q 1269 -39.70 93.39 80.28
N MET Q 1270 -38.72 93.96 79.54
CA MET Q 1270 -38.73 95.37 79.03
C MET Q 1270 -39.98 95.60 78.17
N ALA Q 1271 -40.25 94.68 77.24
CA ALA Q 1271 -41.46 94.71 76.38
C ALA Q 1271 -42.76 94.51 77.23
N VAL Q 1272 -42.81 93.64 78.27
CA VAL Q 1272 -44.00 93.29 79.12
C VAL Q 1272 -44.38 94.48 80.04
N ARG Q 1273 -43.37 95.19 80.58
CA ARG Q 1273 -43.56 96.47 81.33
C ARG Q 1273 -43.96 97.61 80.36
N ASP Q 1274 -43.36 97.78 79.16
CA ASP Q 1274 -43.77 98.78 78.11
C ASP Q 1274 -45.24 98.54 77.72
N PHE Q 1275 -45.62 97.28 77.51
CA PHE Q 1275 -47.03 96.80 77.31
C PHE Q 1275 -47.93 97.16 78.49
N SER Q 1276 -47.59 96.86 79.76
CA SER Q 1276 -48.44 97.23 80.93
C SER Q 1276 -48.56 98.77 81.02
N ILE Q 1277 -47.47 99.54 80.80
CA ILE Q 1277 -47.42 101.04 80.75
C ILE Q 1277 -48.41 101.55 79.69
N LEU Q 1278 -48.42 100.92 78.51
CA LEU Q 1278 -49.30 101.33 77.40
C LEU Q 1278 -50.76 100.97 77.73
N ILE Q 1279 -51.03 99.77 78.26
CA ILE Q 1279 -52.40 99.29 78.65
C ILE Q 1279 -52.96 100.22 79.74
N ASN Q 1280 -52.17 100.59 80.75
CA ASN Q 1280 -52.62 101.42 81.90
C ASN Q 1280 -53.09 102.82 81.46
N LEU Q 1281 -52.75 103.27 80.25
CA LEU Q 1281 -53.23 104.56 79.65
C LEU Q 1281 -54.74 104.47 79.33
N ILE Q 1282 -55.34 103.28 79.19
CA ILE Q 1282 -56.73 103.14 78.66
C ILE Q 1282 -57.73 103.90 79.52
N LYS Q 1283 -57.62 103.85 80.86
CA LYS Q 1283 -58.71 104.27 81.80
C LYS Q 1283 -59.01 105.76 81.66
N VAL Q 1284 -57.93 106.52 81.57
CA VAL Q 1284 -57.92 108.01 81.48
C VAL Q 1284 -58.14 108.46 80.02
N PHE Q 1285 -57.81 107.62 79.01
CA PHE Q 1285 -58.10 107.82 77.56
C PHE Q 1285 -59.07 106.74 77.01
N ASP Q 1286 -60.36 106.86 77.32
CA ASP Q 1286 -61.44 106.01 76.74
C ASP Q 1286 -61.97 106.70 75.47
N SER Q 1287 -61.73 106.12 74.29
CA SER Q 1287 -62.31 106.58 73.00
C SER Q 1287 -62.44 105.39 72.04
N HIS Q 1288 -63.07 105.60 70.89
CA HIS Q 1288 -63.26 104.58 69.80
C HIS Q 1288 -61.90 104.06 69.29
N PRO Q 1289 -60.99 104.91 68.73
CA PRO Q 1289 -59.83 104.38 67.99
C PRO Q 1289 -58.72 103.76 68.85
N VAL Q 1290 -58.57 104.26 70.08
CA VAL Q 1290 -57.56 103.83 71.09
C VAL Q 1290 -57.96 102.43 71.63
N LEU Q 1291 -59.26 102.18 71.85
CA LEU Q 1291 -59.79 100.82 72.21
C LEU Q 1291 -59.54 99.86 71.02
N HIS Q 1292 -59.85 100.27 69.78
CA HIS Q 1292 -59.65 99.45 68.55
C HIS Q 1292 -58.17 99.03 68.42
N VAL Q 1293 -57.23 99.95 68.66
CA VAL Q 1293 -55.75 99.70 68.63
C VAL Q 1293 -55.41 98.60 69.65
N CYS Q 1294 -55.84 98.70 70.92
CA CYS Q 1294 -55.38 97.83 72.06
C CYS Q 1294 -56.02 96.42 72.03
N LEU Q 1295 -57.33 96.30 71.69
CA LEU Q 1295 -58.01 94.99 71.44
C LEU Q 1295 -57.23 94.23 70.35
N LYS Q 1296 -56.94 94.92 69.25
CA LYS Q 1296 -56.12 94.49 68.09
C LYS Q 1296 -54.69 94.14 68.52
N TYR Q 1297 -53.89 95.11 68.96
CA TYR Q 1297 -52.43 94.86 69.21
C TYR Q 1297 -52.23 94.10 70.51
N GLY Q 1298 -53.24 94.00 71.40
CA GLY Q 1298 -53.21 93.13 72.60
C GLY Q 1298 -52.92 91.71 72.19
N ARG Q 1299 -53.83 91.13 71.41
CA ARG Q 1299 -53.71 89.74 70.90
C ARG Q 1299 -52.51 89.59 69.96
N LEU Q 1300 -52.14 90.62 69.16
CA LEU Q 1300 -50.99 90.55 68.18
C LEU Q 1300 -49.65 90.47 68.93
N PHE Q 1301 -49.59 91.06 70.13
CA PHE Q 1301 -48.42 91.02 71.03
C PHE Q 1301 -48.43 89.71 71.83
N VAL Q 1302 -49.61 89.24 72.32
CA VAL Q 1302 -49.85 87.91 72.99
C VAL Q 1302 -49.27 86.78 72.12
N GLU Q 1303 -49.43 86.87 70.80
CA GLU Q 1303 -48.94 85.90 69.78
C GLU Q 1303 -47.41 85.91 69.63
N ALA Q 1304 -46.75 87.07 69.70
CA ALA Q 1304 -45.26 87.19 69.74
C ALA Q 1304 -44.71 86.48 70.98
N PHE Q 1305 -45.41 86.64 72.13
CA PHE Q 1305 -45.20 85.98 73.45
C PHE Q 1305 -45.44 84.45 73.32
N LEU Q 1306 -46.43 83.99 72.53
CA LEU Q 1306 -46.74 82.54 72.29
C LEU Q 1306 -45.69 81.84 71.42
N LYS Q 1307 -45.10 82.53 70.42
CA LYS Q 1307 -44.16 81.92 69.43
C LYS Q 1307 -42.69 82.07 69.80
N GLN Q 1308 -42.26 83.16 70.46
CA GLN Q 1308 -40.83 83.53 70.57
C GLN Q 1308 -40.38 83.75 72.02
N CYS Q 1309 -41.28 83.66 73.01
CA CYS Q 1309 -40.98 83.51 74.46
C CYS Q 1309 -41.16 82.04 74.86
N MET Q 1310 -42.32 81.43 74.62
CA MET Q 1310 -42.72 80.12 75.21
C MET Q 1310 -41.74 79.00 74.83
N PRO Q 1311 -41.10 78.95 73.63
CA PRO Q 1311 -39.93 78.08 73.39
C PRO Q 1311 -38.66 78.37 74.23
N LEU Q 1312 -38.23 79.64 74.38
CA LEU Q 1312 -37.18 80.10 75.35
C LEU Q 1312 -37.54 79.71 76.81
N LEU Q 1313 -38.82 79.76 77.21
CA LEU Q 1313 -39.29 79.46 78.60
C LEU Q 1313 -39.19 77.96 78.93
N ASP Q 1314 -39.52 77.01 78.04
CA ASP Q 1314 -39.36 75.55 78.33
C ASP Q 1314 -37.87 75.20 78.50
N PHE Q 1315 -36.96 75.82 77.72
CA PHE Q 1315 -35.47 75.67 77.85
C PHE Q 1315 -35.01 76.24 79.21
N SER Q 1316 -35.19 77.56 79.42
CA SER Q 1316 -34.75 78.31 80.62
C SER Q 1316 -35.93 78.43 81.60
N PHE Q 1317 -36.24 77.33 82.31
CA PHE Q 1317 -37.20 77.25 83.46
C PHE Q 1317 -36.51 76.67 84.70
N ARG Q 1318 -35.75 75.57 84.58
CA ARG Q 1318 -35.10 74.89 85.74
C ARG Q 1318 -33.96 75.77 86.29
N LYS Q 1319 -33.36 76.62 85.44
CA LYS Q 1319 -32.30 77.61 85.78
C LYS Q 1319 -32.95 78.94 86.18
N HIS Q 1320 -33.65 79.58 85.25
CA HIS Q 1320 -34.24 80.95 85.40
C HIS Q 1320 -35.75 80.81 85.61
N ARG Q 1321 -36.21 80.13 86.67
CA ARG Q 1321 -37.67 79.99 86.93
C ARG Q 1321 -38.25 81.30 87.44
N GLU Q 1322 -37.67 81.88 88.49
CA GLU Q 1322 -38.14 83.13 89.17
C GLU Q 1322 -38.31 84.29 88.17
N ASP Q 1323 -37.33 84.53 87.26
CA ASP Q 1323 -37.31 85.56 86.17
C ASP Q 1323 -38.59 85.42 85.32
N VAL Q 1324 -38.82 84.18 84.86
CA VAL Q 1324 -39.92 83.77 83.95
C VAL Q 1324 -41.26 83.87 84.68
N LEU Q 1325 -41.39 83.35 85.91
CA LEU Q 1325 -42.62 83.46 86.77
C LEU Q 1325 -42.95 84.95 86.98
N SER Q 1326 -41.95 85.82 87.25
CA SER Q 1326 -42.07 87.31 87.35
C SER Q 1326 -42.58 87.94 86.04
N LEU Q 1327 -41.94 87.61 84.91
CA LEU Q 1327 -42.32 88.02 83.52
C LEU Q 1327 -43.80 87.67 83.23
N LEU Q 1328 -44.26 86.46 83.64
CA LEU Q 1328 -45.63 85.92 83.39
C LEU Q 1328 -46.66 86.57 84.35
N GLU Q 1329 -46.35 86.73 85.64
CA GLU Q 1329 -47.25 87.43 86.61
C GLU Q 1329 -47.31 88.93 86.31
N THR Q 1330 -46.32 89.53 85.61
CA THR Q 1330 -46.34 90.94 85.09
C THR Q 1330 -47.37 91.02 83.96
N PHE Q 1331 -47.31 90.09 83.00
CA PHE Q 1331 -48.30 89.95 81.90
C PHE Q 1331 -49.70 89.63 82.48
N GLN Q 1332 -49.84 88.77 83.51
CA GLN Q 1332 -51.15 88.43 84.15
C GLN Q 1332 -51.94 89.69 84.60
N LEU Q 1333 -51.26 90.72 85.11
CA LEU Q 1333 -51.89 91.95 85.67
C LEU Q 1333 -52.56 92.80 84.57
N ASP Q 1334 -52.09 92.71 83.32
CA ASP Q 1334 -52.64 93.41 82.13
C ASP Q 1334 -53.45 92.41 81.27
N THR Q 1335 -53.14 91.09 81.31
CA THR Q 1335 -54.04 89.94 80.93
C THR Q 1335 -55.45 90.21 81.49
N ARG Q 1336 -55.53 90.43 82.81
CA ARG Q 1336 -56.80 90.68 83.54
C ARG Q 1336 -57.48 91.93 82.98
N LEU Q 1337 -56.73 92.98 82.62
CA LEU Q 1337 -57.27 94.25 82.04
C LEU Q 1337 -57.79 94.03 80.61
N LEU Q 1338 -57.16 93.15 79.82
CA LEU Q 1338 -57.68 92.74 78.49
C LEU Q 1338 -58.99 91.92 78.65
N HIS Q 1339 -59.14 91.05 79.68
CA HIS Q 1339 -60.41 90.32 80.02
C HIS Q 1339 -61.54 91.29 80.45
N HIS Q 1340 -61.18 92.36 81.19
CA HIS Q 1340 -62.08 93.45 81.67
C HIS Q 1340 -62.52 94.33 80.50
N LEU Q 1341 -61.57 94.72 79.61
CA LEU Q 1341 -61.73 95.41 78.29
C LEU Q 1341 -62.69 94.62 77.40
N CYS Q 1342 -62.58 93.29 77.39
CA CYS Q 1342 -63.50 92.38 76.68
C CYS Q 1342 -64.92 92.46 77.28
N GLY Q 1343 -65.04 92.50 78.62
CA GLY Q 1343 -66.21 92.97 79.38
C GLY Q 1343 -66.86 94.26 78.81
N HIS Q 1344 -66.07 95.35 78.61
CA HIS Q 1344 -66.50 96.69 78.11
C HIS Q 1344 -67.02 96.64 76.65
N SER Q 1345 -66.34 95.93 75.75
CA SER Q 1345 -66.79 95.75 74.34
C SER Q 1345 -68.08 94.90 74.27
N LYS Q 1346 -68.40 94.08 75.29
CA LYS Q 1346 -69.69 93.31 75.46
C LYS Q 1346 -70.81 94.23 75.97
N ILE Q 1347 -70.58 94.92 77.10
CA ILE Q 1347 -71.65 95.65 77.86
C ILE Q 1347 -72.12 96.86 77.03
N HIS Q 1348 -71.20 97.80 76.69
CA HIS Q 1348 -71.26 98.72 75.51
C HIS Q 1348 -71.32 97.79 74.30
N GLN Q 1349 -72.51 97.43 73.81
CA GLN Q 1349 -72.70 96.37 72.76
C GLN Q 1349 -72.06 96.91 71.45
N ASP Q 1350 -70.72 97.18 71.46
CA ASP Q 1350 -69.99 98.03 70.49
C ASP Q 1350 -69.29 97.08 69.50
N THR Q 1351 -69.78 97.13 68.26
CA THR Q 1351 -69.48 96.18 67.17
C THR Q 1351 -67.99 96.33 66.77
N ARG Q 1352 -67.48 97.57 66.58
CA ARG Q 1352 -66.08 97.91 66.19
C ARG Q 1352 -65.04 97.28 67.12
N LEU Q 1353 -65.39 97.17 68.41
CA LEU Q 1353 -64.59 96.51 69.47
C LEU Q 1353 -64.74 94.98 69.36
N THR Q 1354 -65.99 94.48 69.27
CA THR Q 1354 -66.37 93.04 69.49
C THR Q 1354 -65.87 92.14 68.34
N GLN Q 1355 -65.41 92.74 67.22
CA GLN Q 1355 -64.76 92.09 66.04
C GLN Q 1355 -63.55 91.24 66.42
N HIS Q 1356 -62.64 91.81 67.22
CA HIS Q 1356 -61.29 91.25 67.55
C HIS Q 1356 -61.35 90.50 68.88
N VAL Q 1357 -62.52 90.53 69.52
CA VAL Q 1357 -62.83 89.87 70.81
C VAL Q 1357 -62.66 88.37 70.66
N PRO Q 1358 -63.48 87.61 69.87
CA PRO Q 1358 -63.41 86.15 69.90
C PRO Q 1358 -61.99 85.58 69.81
N LEU Q 1359 -61.12 86.24 69.03
CA LEU Q 1359 -59.68 85.92 68.83
C LEU Q 1359 -58.84 86.30 70.03
N LEU Q 1360 -59.11 87.49 70.61
CA LEU Q 1360 -58.46 87.98 71.85
C LEU Q 1360 -58.59 86.85 72.87
N LYS Q 1361 -59.84 86.46 73.19
CA LYS Q 1361 -60.24 85.44 74.22
C LYS Q 1361 -59.59 84.07 73.98
N LYS Q 1362 -59.67 83.59 72.74
CA LYS Q 1362 -59.02 82.35 72.26
C LYS Q 1362 -57.48 82.49 72.35
N THR Q 1363 -56.87 83.60 71.90
CA THR Q 1363 -55.38 83.80 71.88
C THR Q 1363 -54.84 83.85 73.31
N LEU Q 1364 -55.61 84.48 74.22
CA LEU Q 1364 -55.34 84.52 75.68
C LEU Q 1364 -55.47 83.10 76.27
N GLU Q 1365 -56.54 82.33 76.02
CA GLU Q 1365 -56.72 80.94 76.52
C GLU Q 1365 -55.67 80.01 75.89
N LEU Q 1366 -55.14 80.31 74.70
CA LEU Q 1366 -53.97 79.59 74.14
C LEU Q 1366 -52.77 79.74 75.08
N LEU Q 1367 -52.48 80.98 75.51
CA LEU Q 1367 -51.32 81.31 76.38
C LEU Q 1367 -51.48 80.65 77.78
N VAL Q 1368 -52.71 80.59 78.33
CA VAL Q 1368 -53.06 79.86 79.61
C VAL Q 1368 -52.61 78.39 79.46
N CYS Q 1369 -53.12 77.70 78.46
CA CYS Q 1369 -52.91 76.23 78.29
C CYS Q 1369 -51.51 75.96 77.71
N ARG Q 1370 -50.85 76.93 77.06
CA ARG Q 1370 -49.42 76.84 76.68
C ARG Q 1370 -48.55 76.84 77.95
N VAL Q 1371 -48.95 77.55 79.02
CA VAL Q 1371 -48.25 77.49 80.35
C VAL Q 1371 -48.38 76.06 80.91
N LYS Q 1372 -49.56 75.44 80.81
CA LYS Q 1372 -49.81 74.03 81.25
C LYS Q 1372 -48.88 73.09 80.46
N ALA Q 1373 -48.73 73.35 79.16
CA ALA Q 1373 -47.84 72.58 78.25
C ALA Q 1373 -46.38 72.75 78.70
N MET Q 1374 -45.99 73.97 79.10
CA MET Q 1374 -44.64 74.26 79.63
C MET Q 1374 -44.38 73.40 80.89
N LEU Q 1375 -45.32 73.38 81.84
CA LEU Q 1375 -45.20 72.60 83.11
C LEU Q 1375 -45.19 71.10 82.79
N THR Q 1376 -45.89 70.66 81.73
CA THR Q 1376 -45.90 69.24 81.27
C THR Q 1376 -44.49 68.86 80.79
N LEU Q 1377 -43.85 69.71 79.97
CA LEU Q 1377 -42.47 69.53 79.43
C LEU Q 1377 -41.40 69.59 80.54
N ASN Q 1378 -41.67 70.26 81.67
CA ASN Q 1378 -40.75 70.37 82.84
C ASN Q 1378 -41.15 69.35 83.94
N ASN Q 1379 -42.14 68.48 83.68
CA ASN Q 1379 -42.51 67.22 84.39
C ASN Q 1379 -43.35 67.51 85.65
N CYS Q 1380 -44.01 68.68 85.72
CA CYS Q 1380 -44.79 69.18 86.90
C CYS Q 1380 -46.20 69.58 86.46
N ARG Q 1381 -46.86 68.80 85.60
CA ARG Q 1381 -48.21 69.16 85.08
C ARG Q 1381 -49.21 69.25 86.25
N GLU Q 1382 -48.90 68.52 87.33
CA GLU Q 1382 -49.53 68.54 88.69
C GLU Q 1382 -49.39 69.89 89.41
N ALA Q 1383 -48.58 70.84 88.92
CA ALA Q 1383 -48.36 72.19 89.51
C ALA Q 1383 -49.23 73.26 88.83
N PHE Q 1384 -49.73 73.03 87.61
CA PHE Q 1384 -50.63 73.98 86.91
C PHE Q 1384 -51.96 74.07 87.67
N TRP Q 1385 -52.13 75.16 88.42
CA TRP Q 1385 -53.45 75.58 88.94
C TRP Q 1385 -54.12 76.48 87.90
N LEU Q 1386 -55.46 76.51 87.91
CA LEU Q 1386 -56.32 77.46 87.16
C LEU Q 1386 -57.53 77.80 88.07
N GLY Q 1387 -58.16 78.92 87.77
CA GLY Q 1387 -59.25 79.49 88.57
C GLY Q 1387 -59.70 80.77 87.92
N ASN Q 1388 -60.96 81.11 88.13
CA ASN Q 1388 -61.65 82.19 87.37
C ASN Q 1388 -61.19 83.55 87.92
N LEU Q 1389 -61.41 84.60 87.11
CA LEU Q 1389 -61.07 86.01 87.40
C LEU Q 1389 -62.38 86.81 87.54
N LYS Q 1390 -62.44 87.68 88.55
CA LYS Q 1390 -63.56 88.63 88.81
C LYS Q 1390 -63.79 89.54 87.58
N ASN Q 1391 -65.04 89.63 87.10
CA ASN Q 1391 -65.43 90.46 85.92
C ASN Q 1391 -65.49 91.93 86.37
N ARG Q 1392 -64.44 92.68 86.04
CA ARG Q 1392 -64.31 94.14 86.30
C ARG Q 1392 -64.71 94.94 85.04
N ASP Q 1393 -64.97 96.23 85.22
CA ASP Q 1393 -64.83 97.24 84.13
C ASP Q 1393 -63.31 97.53 84.01
N LEU Q 1394 -62.88 98.43 83.11
CA LEU Q 1394 -61.44 98.73 82.82
C LEU Q 1394 -60.69 99.19 84.09
N GLN Q 1395 -61.30 100.15 84.80
CA GLN Q 1395 -60.76 100.82 86.01
C GLN Q 1395 -60.48 99.77 87.10
N GLY Q 1396 -61.37 98.79 87.25
CA GLY Q 1396 -61.37 97.85 88.37
C GLY Q 1396 -62.58 98.10 89.23
N GLU Q 1397 -63.71 97.51 88.85
CA GLU Q 1397 -64.97 97.40 89.65
C GLU Q 1397 -65.33 95.91 89.72
N GLU Q 1398 -66.51 95.56 90.24
CA GLU Q 1398 -67.10 94.19 90.14
C GLU Q 1398 -68.48 94.36 89.51
N ILE Q 1399 -68.56 94.27 88.18
CA ILE Q 1399 -69.76 94.69 87.40
C ILE Q 1399 -70.80 93.57 87.49
N LYS Q 1400 -71.85 93.77 88.30
CA LYS Q 1400 -72.88 92.76 88.73
C LYS Q 1400 -74.19 93.48 89.08
ZN ZN T . 69.43 -66.07 -4.14
ZN ZN U . 118.49 -29.12 35.73
ZN ZN V . 117.44 -32.68 21.00
ZN ZN W . -60.20 70.97 -4.09
ZN ZN X . -74.42 71.38 -0.10
#